data_4UWE
#
_entry.id   4UWE
#
_cell.length_a   1.000
_cell.length_b   1.000
_cell.length_c   1.000
_cell.angle_alpha   90.00
_cell.angle_beta   90.00
_cell.angle_gamma   90.00
#
_symmetry.space_group_name_H-M   'P 1'
#
_entity_poly.entity_id   1
_entity_poly.type   'polypeptide(L)'
_entity_poly.pdbx_seq_one_letter_code
;MGDGGEGEDEVQFLRTDDEVVLQCSATVLKEQLKLCLAAEGFGNRLCFLEPTSNAQNVPPDLAICCFTLEQSLSVRALQE
MLANTVEAGVESSQGGGHRTLLYGHAILLRHAHSRMYLSCLTTSRSMTDKLAFDVGLQEDATGEACWWTMHPASKQRSEG
EKVRVGDDLILVSVSSERYLHLSTASGELQVDASFMQTLWNMNPICSCCEEGYVTGGHVLRLFHGHMDECLTISAADSDD
QRRLVYYEGGAVCTHARSLWRLEPLRISWSGSHLRWGQPLRIRHVTTGRYLALTEDQGLVVVDACKAHTKATSFCFRVSK
EKLDTAPKRDVEGMGPPEIKYGESLCFVQHVASGLWLTYAAPDPKALRLGVLKKKAILHQEGHMDDALFLTRCQQEESQA
ARMIHSTAGLYNQFIKGLDSFSGKPRGSGPPAGPALPIEAVILSLQDLIGYFEPPSEELQHEEKQSKLRSLRNRQSLFQE
EGMLSLVLNCIDRLNVYTTAAHFAEYAGEEAAESWKEIVNLLYELLASLIRGN(UNK)(UNK)(UNK)(UNK)(UNK)
(UNK)(UNK)(UNK)(UNK)(UNK)(UNK)(UNK)(UNK)(UNK)(UNK)(UNK)(UNK)(UNK)(UNK)(UNK)(UNK)
(UNK)(UNK)(UNK)(UNK)(UNK)(UNK)(UNK)(UNK)(UNK)(UNK)(UNK)(UNK)(UNK)(UNK)(UNK)(UNK)
(UNK)(UNK)(UNK)(UNK)(UNK)(UNK)(UNK)(UNK)(UNK)(UNK)(UNK)(UNK)(UNK)(UNK)(UNK)(UNK)
(UNK)(UNK)(UNK)(UNK)(UNK)(UNK)(UNK)(UNK)(UNK)(UNK)(UNK)(UNK)(UNK)(UNK)(UNK)(UNK)
(UNK)(UNK)(UNK)(UNK)(UNK)(UNK)(UNK)(UNK)(UNK)(UNK)(UNK)(UNK)(UNK)(UNK)(UNK)(UNK)
(UNK)(UNK)(UNK)(UNK)(UNK)(UNK)(UNK)(UNK)(UNK)(UNK)(UNK)(UNK)(UNK)(UNK)(UNK)(UNK)
(UNK)(UNK)(UNK)(UNK)(UNK)(UNK)(UNK)(UNK)(UNK)(UNK)(UNK)(UNK)(UNK)(UNK)FVGRAEGSTQ
YGKWYFEVMVDEVVPFLTAQATHLRVGWALTEGYSPYPGGGEGWGGNGVGDDLYSYGFDGLHLWTGHVARPVTSPGQHLL
APEDVVSCCLDLSVPSISFRINGCPVQGVFEAFNLDGLFFPVVSFSAGVKVRFLLGGRHGEFKFLPPPGYAPCHEAVLPR
ERLRLEPIKEYRREGPRGPHLVGPSRCLSHTDFVPCPVDTVQIVLPPHLERIREKLAENIHELWALTRIEQGWTYGPVRD
DNKRLHPCLVNFHSLPEPERNYNLQMSGETLKTLLALGCHVGMADEKAEDNLKKTKLPKTYMMSNGYKPAPLDLSHVRLT
PAQTTLVDRLAENGHNVWARDRVAQGWSYSAVQDIPARRNPRLVPYRLLDEATKRSNRDSLCQAVRTLLGYGYNIEPPDQ
EPSQVENQSRWDRVRIFRAEKSYTVQSGRWYFEFEAVTTGEMRVGWARPELRPDVELGADELAYVFNGHRGQRWHLGSEP
FGRPWQSGDVVGCMIDLTENTIIFTLNGEVLMSDSGSETAFREIEIGDGFLPVCSLGPGQVGHLNLGQDVSSLRFFAICG
LQEGFEPFAINMQRPVTTWFSKSLPQFEPVPPEHPHYEVARMDGTVDTPPCLRLAHRTWGSQNSLVEMLFLRLSLPVQFH
QHFRCTAGATPLAPPGLQPPAEDEARAAEPDPDYENLRRSAGGWGEAEGGKEGTAKEGTPGGTPQPGVEAQPVRAENEKD
ATTEKNKKRGFLFKAKKAAMMTQPPATPALPRLPHDVVPADNRDDPEIILNTTTYYYSVRVFAGQEPSCVWVGWVTPDYH
QHDMNFDLSKVRAVTVTMGDEQGNVHSSLKCSNCYMVWGGDFVSPGQQGRISHTDLVIGCLVDLATGLMTFTANGKESNT
FFQVEPNTKLFPAVFVLPTHQNVIQFELGKQKN(UNK)(UNK)(UNK)(UNK)(UNK)(UNK)(UNK)(UNK)(UNK)
(UNK)(UNK)(UNK)(UNK)(UNK)(UNK)(UNK)(UNK)(UNK)(UNK)(UNK)(UNK)(UNK)(UNK)(UNK)(UNK)
(UNK)(UNK)(UNK)(UNK)(UNK)(UNK)(UNK)(UNK)(UNK)(UNK)(UNK)(UNK)(UNK)(UNK)(UNK)(UNK)
(UNK)(UNK)(UNK)(UNK)(UNK)(UNK)(UNK)(UNK)(UNK)(UNK)(UNK)(UNK)(UNK)(UNK)(UNK)(UNK)
(UNK)(UNK)(UNK)(UNK)(UNK)(UNK)(UNK)(UNK)(UNK)(UNK)(UNK)(UNK)(UNK)(UNK)(UNK)(UNK)
(UNK)(UNK)(UNK)(UNK)(UNK)(UNK)(UNK)(UNK)(UNK)(UNK)(UNK)(UNK)(UNK)(UNK)(UNK)(UNK)
(UNK)(UNK)(UNK)(UNK)(UNK)(UNK)(UNK)(UNK)(UNK)(UNK)(UNK)(UNK)(UNK)(UNK)(UNK)(UNK)
(UNK)(UNK)(UNK)(UNK)(UNK)(UNK)(UNK)(UNK)(UNK)(UNK)(UNK)(UNK)(UNK)(UNK)(UNK)(UNK)
(UNK)(UNK)(UNK)(UNK)(UNK)(UNK)(UNK)(UNK)(UNK)(UNK)(UNK)(UNK)(UNK)(UNK)(UNK)(UNK)
(UNK)(UNK)(UNK)(UNK)(UNK)(UNK)(UNK)(UNK)(UNK)(UNK)(UNK)(UNK)(UNK)(UNK)(UNK)(UNK)
(UNK)(UNK)(UNK)(UNK)(UNK)(UNK)(UNK)(UNK)(UNK)(UNK)(UNK)(UNK)(UNK)(UNK)(UNK)(UNK)
(UNK)(UNK)(UNK)(UNK)(UNK)(UNK)(UNK)(UNK)(UNK)(UNK)(UNK)(UNK)(UNK)(UNK)(UNK)(UNK)
(UNK)(UNK)(UNK)(UNK)(UNK)(UNK)(UNK)(UNK)(UNK)(UNK)(UNK)(UNK)(UNK)(UNK)(UNK)(UNK)
(UNK)(UNK)(UNK)(UNK)(UNK)(UNK)(UNK)(UNK)(UNK)(UNK)(UNK)(UNK)(UNK)(UNK)(UNK)(UNK)
(UNK)(UNK)(UNK)(UNK)(UNK)(UNK)(UNK)(UNK)(UNK)(UNK)(UNK)(UNK)(UNK)(UNK)(UNK)(UNK)
(UNK)(UNK)(UNK)(UNK)(UNK)(UNK)(UNK)(UNK)(UNK)(UNK)(UNK)(UNK)(UNK)(UNK)(UNK)(UNK)
(UNK)(UNK)(UNK)(UNK)(UNK)(UNK)(UNK)(UNK)(UNK)(UNK)(UNK)(UNK)(UNK)(UNK)(UNK)(UNK)
(UNK)(UNK)(UNK)(UNK)(UNK)(UNK)(UNK)(UNK)(UNK)(UNK)(UNK)(UNK)(UNK)(UNK)(UNK)(UNK)
(UNK)(UNK)(UNK)(UNK)(UNK)(UNK)(UNK)(UNK)(UNK)(UNK)(UNK)(UNK)(UNK)(UNK)(UNK)(UNK)
(UNK)(UNK)(UNK)(UNK)(UNK)(UNK)(UNK)(UNK)(UNK)(UNK)(UNK)(UNK)(UNK)(UNK)(UNK)(UNK)
(UNK)(UNK)(UNK)(UNK)(UNK)(UNK)(UNK)(UNK)(UNK)(UNK)(UNK)(UNK)(UNK)(UNK)(UNK)(UNK)
(UNK)(UNK)(UNK)(UNK)(UNK)(UNK)(UNK)(UNK)(UNK)(UNK)(UNK)(UNK)(UNK)(UNK)(UNK)(UNK)
(UNK)(UNK)(UNK)(UNK)(UNK)(UNK)(UNK)(UNK)(UNK)(UNK)(UNK)(UNK)(UNK)(UNK)(UNK)(UNK)
(UNK)(UNK)(UNK)(UNK)(UNK)(UNK)(UNK)(UNK)(UNK)(UNK)(UNK)(UNK)(UNK)(UNK)(UNK)(UNK)
(UNK)(UNK)(UNK)(UNK)(UNK)(UNK)(UNK)(UNK)(UNK)(UNK)(UNK)(UNK)(UNK)(UNK)(UNK)(UNK)
(UNK)(UNK)(UNK)(UNK)(UNK)(UNK)(UNK)(UNK)(UNK)(UNK)(UNK)(UNK)(UNK)(UNK)(UNK)(UNK)
(UNK)(UNK)(UNK)(UNK)(UNK)(UNK)(UNK)(UNK)(UNK)(UNK)(UNK)(UNK)(UNK)(UNK)(UNK)(UNK)
(UNK)(UNK)(UNK)(UNK)(UNK)(UNK)(UNK)(UNK)(UNK)(UNK)(UNK)(UNK)(UNK)(UNK)(UNK)(UNK)
(UNK)(UNK)(UNK)(UNK)(UNK)(UNK)(UNK)(UNK)(UNK)(UNK)(UNK)(UNK)(UNK)(UNK)(UNK)(UNK)
(UNK)(UNK)(UNK)(UNK)(UNK)(UNK)(UNK)(UNK)(UNK)(UNK)(UNK)(UNK)(UNK)(UNK)(UNK)(UNK)
(UNK)(UNK)(UNK)(UNK)(UNK)(UNK)(UNK)(UNK)(UNK)(UNK)(UNK)(UNK)(UNK)(UNK)(UNK)(UNK)
(UNK)(UNK)(UNK)(UNK)(UNK)(UNK)(UNK)(UNK)(UNK)(UNK)(UNK)(UNK)(UNK)(UNK)(UNK)(UNK)
(UNK)(UNK)(UNK)(UNK)(UNK)(UNK)(UNK)(UNK)(UNK)(UNK)(UNK)(UNK)(UNK)(UNK)(UNK)(UNK)
(UNK)(UNK)(UNK)(UNK)(UNK)(UNK)(UNK)(UNK)(UNK)(UNK)(UNK)(UNK)(UNK)(UNK)(UNK)(UNK)
(UNK)(UNK)(UNK)(UNK)(UNK)(UNK)(UNK)(UNK)(UNK)(UNK)(UNK)(UNK)(UNK)(UNK)(UNK)(UNK)
(UNK)(UNK)(UNK)(UNK)(UNK)(UNK)(UNK)(UNK)(UNK)(UNK)(UNK)(UNK)(UNK)(UNK)(UNK)(UNK)
(UNK)(UNK)(UNK)(UNK)(UNK)(UNK)(UNK)(UNK)(UNK)(UNK)(UNK)(UNK)(UNK)(UNK)(UNK)(UNK)
(UNK)(UNK)(UNK)(UNK)(UNK)(UNK)(UNK)(UNK)(UNK)(UNK)(UNK)(UNK)(UNK)(UNK)(UNK)(UNK)
(UNK)(UNK)(UNK)(UNK)(UNK)(UNK)(UNK)(UNK)(UNK)(UNK)(UNK)(UNK)(UNK)(UNK)(UNK)(UNK)
(UNK)(UNK)(UNK)(UNK)(UNK)(UNK)(UNK)(UNK)(UNK)(UNK)(UNK)(UNK)(UNK)(UNK)(UNK)(UNK)
(UNK)(UNK)(UNK)(UNK)(UNK)(UNK)(UNK)(UNK)(UNK)(UNK)(UNK)(UNK)(UNK)(UNK)(UNK)(UNK)
(UNK)(UNK)(UNK)(UNK)(UNK)(UNK)(UNK)(UNK)(UNK)(UNK)(UNK)(UNK)(UNK)(UNK)(UNK)(UNK)
(UNK)(UNK)(UNK)(UNK)(UNK)(UNK)(UNK)(UNK)(UNK)(UNK)(UNK)(UNK)(UNK)(UNK)(UNK)(UNK)
(UNK)(UNK)(UNK)(UNK)(UNK)(UNK)(UNK)(UNK)(UNK)(UNK)(UNK)(UNK)(UNK)(UNK)(UNK)(UNK)
(UNK)(UNK)(UNK)(UNK)(UNK)(UNK)(UNK)(UNK)(UNK)(UNK)(UNK)(UNK)(UNK)(UNK)(UNK)(UNK)
(UNK)(UNK)(UNK)(UNK)(UNK)(UNK)(UNK)(UNK)(UNK)(UNK)(UNK)(UNK)(UNK)(UNK)(UNK)(UNK)
(UNK)(UNK)(UNK)(UNK)(UNK)(UNK)(UNK)(UNK)(UNK)(UNK)(UNK)(UNK)(UNK)(UNK)(UNK)(UNK)
(UNK)(UNK)(UNK)(UNK)(UNK)(UNK)(UNK)(UNK)(UNK)(UNK)(UNK)(UNK)(UNK)(UNK)(UNK)(UNK)
(UNK)(UNK)(UNK)(UNK)(UNK)(UNK)(UNK)(UNK)(UNK)(UNK)(UNK)(UNK)(UNK)(UNK)(UNK)(UNK)
(UNK)(UNK)(UNK)(UNK)(UNK)(UNK)(UNK)(UNK)(UNK)(UNK)(UNK)(UNK)(UNK)(UNK)(UNK)(UNK)
(UNK)(UNK)(UNK)(UNK)(UNK)(UNK)(UNK)(UNK)(UNK)(UNK)(UNK)(UNK)(UNK)(UNK)(UNK)(UNK)
(UNK)(UNK)(UNK)(UNK)(UNK)(UNK)(UNK)(UNK)(UNK)(UNK)(UNK)(UNK)(UNK)(UNK)(UNK)(UNK)
(UNK)(UNK)(UNK)(UNK)(UNK)(UNK)(UNK)(UNK)(UNK)(UNK)(UNK)(UNK)(UNK)(UNK)(UNK)(UNK)
(UNK)(UNK)(UNK)(UNK)(UNK)(UNK)(UNK)(UNK)(UNK)(UNK)(UNK)(UNK)(UNK)(UNK)(UNK)(UNK)
(UNK)(UNK)(UNK)(UNK)(UNK)(UNK)(UNK)(UNK)(UNK)(UNK)(UNK)(UNK)(UNK)(UNK)(UNK)(UNK)
(UNK)(UNK)(UNK)(UNK)(UNK)(UNK)(UNK)(UNK)(UNK)(UNK)(UNK)(UNK)(UNK)(UNK)(UNK)(UNK)
(UNK)(UNK)(UNK)(UNK)(UNK)(UNK)(UNK)(UNK)(UNK)(UNK)(UNK)(UNK)(UNK)(UNK)(UNK)(UNK)
(UNK)(UNK)(UNK)(UNK)(UNK)(UNK)(UNK)(UNK)(UNK)(UNK)(UNK)(UNK)(UNK)(UNK)(UNK)(UNK)
(UNK)(UNK)(UNK)(UNK)(UNK)(UNK)(UNK)(UNK)(UNK)(UNK)(UNK)(UNK)(UNK)(UNK)(UNK)(UNK)
(UNK)(UNK)(UNK)(UNK)(UNK)(UNK)(UNK)(UNK)(UNK)(UNK)(UNK)(UNK)(UNK)(UNK)(UNK)(UNK)
(UNK)(UNK)(UNK)(UNK)(UNK)(UNK)(UNK)(UNK)(UNK)(UNK)(UNK)(UNK)(UNK)(UNK)(UNK)(UNK)
(UNK)(UNK)(UNK)(UNK)(UNK)(UNK)(UNK)(UNK)(UNK)(UNK)(UNK)(UNK)(UNK)(UNK)(UNK)(UNK)
(UNK)(UNK)(UNK)(UNK)(UNK)(UNK)(UNK)(UNK)(UNK)(UNK)(UNK)(UNK)(UNK)(UNK)(UNK)(UNK)
(UNK)(UNK)(UNK)(UNK)(UNK)(UNK)(UNK)(UNK)(UNK)(UNK)(UNK)(UNK)(UNK)(UNK)(UNK)(UNK)
(UNK)(UNK)(UNK)(UNK)(UNK)(UNK)(UNK)(UNK)(UNK)(UNK)(UNK)(UNK)(UNK)(UNK)(UNK)(UNK)
(UNK)(UNK)(UNK)(UNK)(UNK)(UNK)(UNK)(UNK)(UNK)(UNK)(UNK)(UNK)(UNK)(UNK)(UNK)(UNK)
(UNK)(UNK)(UNK)(UNK)(UNK)(UNK)(UNK)(UNK)(UNK)(UNK)(UNK)(UNK)(UNK)(UNK)(UNK)(UNK)
(UNK)(UNK)(UNK)(UNK)(UNK)(UNK)(UNK)(UNK)(UNK)(UNK)(UNK)(UNK)(UNK)(UNK)(UNK)(UNK)
(UNK)(UNK)(UNK)(UNK)(UNK)(UNK)(UNK)(UNK)(UNK)(UNK)(UNK)(UNK)(UNK)(UNK)(UNK)(UNK)
(UNK)(UNK)(UNK)(UNK)(UNK)(UNK)(UNK)(UNK)(UNK)(UNK)(UNK)(UNK)(UNK)(UNK)(UNK)(UNK)
(UNK)(UNK)(UNK)(UNK)(UNK)(UNK)(UNK)(UNK)(UNK)(UNK)(UNK)(UNK)(UNK)(UNK)(UNK)(UNK)
(UNK)(UNK)(UNK)(UNK)(UNK)(UNK)(UNK)(UNK)(UNK)(UNK)(UNK)(UNK)(UNK)(UNK)(UNK)(UNK)
(UNK)(UNK)(UNK)(UNK)(UNK)(UNK)(UNK)(UNK)(UNK)(UNK)(UNK)(UNK)(UNK)(UNK)(UNK)(UNK)
(UNK)NFDPRPVETLNVIIPEKLDSFINKFAEYTHEKWAFDKIQNNWSYGENVDEELKTHPMLRPYKTFSEKDKEIYRWP
IKESLKAMIAWEWTIEKAREGEEERTEKKKTRKISQTAQTYDPREGYNPQPPDLSGVTLSRELQAMAEQLAENYHNTWGR
KKKQELEAKGGGTHPLLVPYDTLTAKEKARDREKAQELLKFLQMNGYAVTR(UNK)(UNK)(UNK)(UNK)(UNK)
(UNK)(UNK)(UNK)(UNK)(UNK)(UNK)(UNK)(UNK)(UNK)(UNK)(UNK)(UNK)(UNK)(UNK)(UNK)(UNK)
(UNK)(UNK)(UNK)(UNK)(UNK)(UNK)(UNK)(UNK)(UNK)(UNK)(UNK)(UNK)(UNK)(UNK)(UNK)(UNK)
(UNK)(UNK)(UNK)(UNK)(UNK)(UNK)(UNK)(UNK)(UNK)(UNK)(UNK)(UNK)(UNK)(UNK)(UNK)(UNK)
(UNK)(UNK)(UNK)(UNK)(UNK)(UNK)(UNK)(UNK)(UNK)(UNK)(UNK)(UNK)(UNK)(UNK)(UNK)(UNK)
(UNK)(UNK)(UNK)(UNK)(UNK)(UNK)(UNK)(UNK)(UNK)(UNK)(UNK)(UNK)(UNK)(UNK)(UNK)(UNK)
(UNK)(UNK)(UNK)(UNK)(UNK)(UNK)(UNK)(UNK)(UNK)(UNK)(UNK)(UNK)(UNK)(UNK)(UNK)(UNK)
(UNK)(UNK)(UNK)(UNK)(UNK)(UNK)(UNK)(UNK)(UNK)(UNK)(UNK)(UNK)(UNK)(UNK)(UNK)(UNK)
(UNK)(UNK)(UNK)(UNK)(UNK)(UNK)(UNK)(UNK)(UNK)(UNK)(UNK)(UNK)(UNK)(UNK)(UNK)(UNK)
(UNK)(UNK)(UNK)(UNK)(UNK)(UNK)(UNK)(UNK)(UNK)(UNK)(UNK)(UNK)(UNK)(UNK)(UNK)(UNK)
(UNK)(UNK)(UNK)(UNK)(UNK)(UNK)(UNK)(UNK)(UNK)(UNK)(UNK)(UNK)(UNK)(UNK)(UNK)(UNK)
(UNK)(UNK)(UNK)(UNK)(UNK)(UNK)(UNK)(UNK)(UNK)(UNK)(UNK)(UNK)(UNK)(UNK)(UNK)(UNK)
(UNK)(UNK)(UNK)(UNK)(UNK)(UNK)(UNK)(UNK)(UNK)(UNK)(UNK)(UNK)(UNK)(UNK)(UNK)(UNK)
(UNK)(UNK)(UNK)(UNK)(UNK)(UNK)(UNK)(UNK)(UNK)(UNK)(UNK)(UNK)(UNK)(UNK)(UNK)(UNK)
(UNK)(UNK)(UNK)(UNK)(UNK)(UNK)(UNK)(UNK)(UNK)(UNK)(UNK)(UNK)(UNK)(UNK)(UNK)(UNK)
(UNK)(UNK)(UNK)(UNK)(UNK)(UNK)(UNK)(UNK)(UNK)(UNK)(UNK)(UNK)(UNK)(UNK)(UNK)(UNK)
(UNK)(UNK)(UNK)(UNK)(UNK)(UNK)(UNK)(UNK)(UNK)(UNK)(UNK)(UNK)(UNK)(UNK)(UNK)(UNK)
(UNK)(UNK)(UNK)(UNK)(UNK)(UNK)(UNK)(UNK)(UNK)(UNK)(UNK)(UNK)(UNK)(UNK)(UNK)(UNK)
(UNK)(UNK)(UNK)(UNK)(UNK)(UNK)(UNK)(UNK)(UNK)(UNK)(UNK)(UNK)(UNK)(UNK)(UNK)(UNK)
(UNK)(UNK)(UNK)(UNK)(UNK)(UNK)(UNK)(UNK)(UNK)(UNK)(UNK)(UNK)(UNK)(UNK)(UNK)(UNK)
(UNK)(UNK)(UNK)(UNK)(UNK)(UNK)(UNK)(UNK)(UNK)(UNK)(UNK)(UNK)(UNK)(UNK)(UNK)(UNK)
(UNK)(UNK)(UNK)(UNK)(UNK)(UNK)(UNK)(UNK)(UNK)(UNK)(UNK)(UNK)(UNK)(UNK)(UNK)(UNK)
(UNK)(UNK)(UNK)(UNK)(UNK)(UNK)(UNK)(UNK)(UNK)(UNK)(UNK)(UNK)(UNK)(UNK)(UNK)(UNK)
(UNK)(UNK)(UNK)(UNK)(UNK)(UNK)(UNK)(UNK)(UNK)(UNK)(UNK)(UNK)(UNK)(UNK)(UNK)(UNK)
(UNK)(UNK)(UNK)(UNK)(UNK)(UNK)(UNK)(UNK)(UNK)(UNK)(UNK)(UNK)(UNK)(UNK)(UNK)(UNK)
(UNK)(UNK)(UNK)(UNK)(UNK)(UNK)(UNK)(UNK)(UNK)(UNK)(UNK)(UNK)(UNK)(UNK)(UNK)(UNK)
(UNK)(UNK)(UNK)(UNK)(UNK)(UNK)(UNK)(UNK)(UNK)(UNK)(UNK)(UNK)(UNK)(UNK)(UNK)(UNK)
(UNK)(UNK)(UNK)(UNK)(UNK)(UNK)(UNK)(UNK)(UNK)(UNK)(UNK)(UNK)(UNK)(UNK)(UNK)(UNK)
(UNK)(UNK)(UNK)(UNK)(UNK)(UNK)(UNK)(UNK)(UNK)(UNK)(UNK)(UNK)(UNK)(UNK)(UNK)(UNK)
(UNK)(UNK)(UNK)(UNK)(UNK)(UNK)(UNK)(UNK)(UNK)(UNK)(UNK)(UNK)(UNK)(UNK)(UNK)(UNK)
(UNK)(UNK)(UNK)(UNK)(UNK)(UNK)(UNK)(UNK)(UNK)(UNK)(UNK)(UNK)(UNK)(UNK)(UNK)(UNK)
(UNK)(UNK)(UNK)(UNK)(UNK)(UNK)(UNK)(UNK)(UNK)(UNK)(UNK)(UNK)(UNK)(UNK)(UNK)(UNK)
(UNK)(UNK)(UNK)(UNK)(UNK)(UNK)(UNK)(UNK)(UNK)(UNK)(UNK)(UNK)(UNK)(UNK)(UNK)(UNK)
(UNK)(UNK)(UNK)(UNK)(UNK)(UNK)(UNK)(UNK)(UNK)(UNK)(UNK)(UNK)(UNK)(UNK)(UNK)(UNK)
(UNK)(UNK)(UNK)(UNK)(UNK)(UNK)(UNK)(UNK)(UNK)(UNK)(UNK)(UNK)(UNK)(UNK)(UNK)(UNK)
(UNK)(UNK)(UNK)(UNK)(UNK)(UNK)(UNK)(UNK)(UNK)(UNK)(UNK)(UNK)(UNK)(UNK)(UNK)(UNK)
(UNK)(UNK)(UNK)(UNK)(UNK)(UNK)(UNK)(UNK)(UNK)(UNK)(UNK)(UNK)(UNK)(UNK)(UNK)(UNK)
(UNK)(UNK)(UNK)(UNK)(UNK)(UNK)(UNK)(UNK)(UNK)(UNK)(UNK)(UNK)(UNK)(UNK)(UNK)(UNK)
(UNK)(UNK)(UNK)(UNK)(UNK)(UNK)(UNK)(UNK)(UNK)(UNK)(UNK)(UNK)(UNK)(UNK)(UNK)(UNK)
(UNK)(UNK)(UNK)(UNK)(UNK)(UNK)(UNK)(UNK)(UNK)(UNK)(UNK)(UNK)(UNK)(UNK)(UNK)(UNK)
(UNK)(UNK)(UNK)(UNK)(UNK)(UNK)(UNK)(UNK)(UNK)(UNK)(UNK)(UNK)(UNK)(UNK)(UNK)(UNK)
(UNK)(UNK)(UNK)(UNK)(UNK)(UNK)(UNK)(UNK)(UNK)(UNK)(UNK)(UNK)(UNK)(UNK)(UNK)(UNK)
(UNK)(UNK)(UNK)(UNK)(UNK)(UNK)(UNK)(UNK)(UNK)(UNK)(UNK)(UNK)(UNK)(UNK)(UNK)(UNK)
(UNK)(UNK)(UNK)(UNK)(UNK)(UNK)(UNK)(UNK)(UNK)(UNK)(UNK)(UNK)(UNK)(UNK)(UNK)(UNK)
(UNK)(UNK)(UNK)(UNK)(UNK)(UNK)(UNK)(UNK)(UNK)(UNK)(UNK)(UNK)(UNK)(UNK)(UNK)(UNK)
(UNK)(UNK)(UNK)(UNK)(UNK)(UNK)(UNK)(UNK)(UNK)(UNK)(UNK)(UNK)(UNK)(UNK)(UNK)(UNK)
(UNK)(UNK)(UNK)(UNK)(UNK)(UNK)(UNK)(UNK)(UNK)(UNK)(UNK)(UNK)(UNK)(UNK)(UNK)(UNK)
(UNK)(UNK)(UNK)(UNK)(UNK)(UNK)(UNK)(UNK)(UNK)(UNK)(UNK)(UNK)(UNK)(UNK)(UNK)(UNK)
(UNK)(UNK)(UNK)(UNK)(UNK)(UNK)(UNK)(UNK)(UNK)(UNK)(UNK)(UNK)(UNK)(UNK)(UNK)(UNK)
(UNK)(UNK)(UNK)(UNK)(UNK)(UNK)(UNK)(UNK)(UNK)(UNK)(UNK)(UNK)(UNK)(UNK)(UNK)(UNK)
(UNK)(UNK)(UNK)(UNK)(UNK)(UNK)(UNK)(UNK)(UNK)(UNK)(UNK)(UNK)(UNK)(UNK)(UNK)(UNK)
(UNK)(UNK)(UNK)(UNK)(UNK)(UNK)(UNK)(UNK)(UNK)(UNK)(UNK)(UNK)(UNK)(UNK)(UNK)(UNK)
(UNK)(UNK)(UNK)(UNK)(UNK)(UNK)(UNK)(UNK)(UNK)(UNK)(UNK)(UNK)(UNK)(UNK)(UNK)(UNK)
(UNK)(UNK)(UNK)(UNK)(UNK)(UNK)(UNK)(UNK)(UNK)(UNK)(UNK)(UNK)(UNK)(UNK)(UNK)(UNK)
(UNK)(UNK)(UNK)(UNK)(UNK)(UNK)(UNK)(UNK)(UNK)(UNK)(UNK)(UNK)(UNK)(UNK)(UNK)(UNK)
(UNK)(UNK)(UNK)(UNK)(UNK)(UNK)(UNK)(UNK)(UNK)(UNK)(UNK)(UNK)(UNK)(UNK)(UNK)(UNK)
(UNK)(UNK)(UNK)(UNK)(UNK)(UNK)(UNK)(UNK)(UNK)(UNK)(UNK)(UNK)(UNK)(UNK)(UNK)(UNK)
(UNK)(UNK)(UNK)(UNK)(UNK)(UNK)(UNK)(UNK)(UNK)(UNK)(UNK)(UNK)(UNK)(UNK)(UNK)(UNK)
(UNK)(UNK)(UNK)(UNK)(UNK)(UNK)(UNK)(UNK)(UNK)(UNK)(UNK)(UNK)(UNK)(UNK)(UNK)(UNK)
(UNK)(UNK)(UNK)(UNK)(UNK)(UNK)(UNK)(UNK)(UNK)(UNK)(UNK)(UNK)(UNK)(UNK)(UNK)(UNK)
(UNK)(UNK)(UNK)(UNK)(UNK)(UNK)(UNK)(UNK)(UNK)(UNK)(UNK)(UNK)(UNK)(UNK)(UNK)(UNK)
(UNK)(UNK)(UNK)(UNK)(UNK)(UNK)(UNK)(UNK)(UNK)(UNK)(UNK)(UNK)(UNK)(UNK)(UNK)(UNK)
(UNK)(UNK)(UNK)(UNK)(UNK)(UNK)(UNK)(UNK)(UNK)(UNK)(UNK)(UNK)(UNK)(UNK)(UNK)(UNK)
(UNK)(UNK)(UNK)(UNK)(UNK)(UNK)(UNK)(UNK)(UNK)(UNK)(UNK)(UNK)(UNK)(UNK)(UNK)(UNK)
(UNK)(UNK)(UNK)(UNK)(UNK)(UNK)(UNK)(UNK)(UNK)(UNK)(UNK)(UNK)(UNK)(UNK)(UNK)(UNK)
(UNK)(UNK)(UNK)(UNK)(UNK)(UNK)(UNK)(UNK)(UNK)(UNK)(UNK)(UNK)(UNK)(UNK)(UNK)(UNK)
(UNK)(UNK)(UNK)(UNK)(UNK)(UNK)(UNK)(UNK)(UNK)(UNK)(UNK)(UNK)(UNK)(UNK)(UNK)(UNK)
(UNK)(UNK)(UNK)(UNK)(UNK)(UNK)(UNK)(UNK)(UNK)(UNK)(UNK)(UNK)(UNK)(UNK)(UNK)(UNK)
(UNK)(UNK)(UNK)(UNK)(UNK)(UNK)(UNK)(UNK)(UNK)(UNK)(UNK)(UNK)(UNK)(UNK)(UNK)(UNK)
(UNK)(UNK)(UNK)(UNK)(UNK)(UNK)(UNK)(UNK)(UNK)(UNK)(UNK)(UNK)(UNK)(UNK)(UNK)(UNK)
(UNK)(UNK)(UNK)(UNK)(UNK)(UNK)(UNK)(UNK)(UNK)(UNK)(UNK)(UNK)(UNK)(UNK)(UNK)(UNK)
(UNK)(UNK)(UNK)(UNK)(UNK)(UNK)(UNK)(UNK)(UNK)(UNK)(UNK)(UNK)(UNK)(UNK)(UNK)(UNK)
(UNK)(UNK)(UNK)(UNK)(UNK)(UNK)(UNK)(UNK)(UNK)(UNK)(UNK)(UNK)(UNK)(UNK)(UNK)(UNK)
(UNK)(UNK)(UNK)(UNK)(UNK)(UNK)(UNK)(UNK)(UNK)(UNK)(UNK)(UNK)(UNK)(UNK)(UNK)(UNK)
(UNK)(UNK)(UNK)(UNK)(UNK)(UNK)(UNK)(UNK)(UNK)(UNK)(UNK)(UNK)(UNK)(UNK)(UNK)(UNK)
(UNK)(UNK)(UNK)(UNK)(UNK)(UNK)(UNK)(UNK)(UNK)(UNK)(UNK)(UNK)(UNK)(UNK)(UNK)(UNK)
(UNK)(UNK)(UNK)(UNK)(UNK)(UNK)(UNK)(UNK)(UNK)(UNK)(UNK)(UNK)(UNK)(UNK)(UNK)(UNK)
(UNK)(UNK)(UNK)(UNK)(UNK)(UNK)(UNK)(UNK)(UNK)(UNK)(UNK)(UNK)(UNK)(UNK)(UNK)(UNK)
(UNK)(UNK)(UNK)(UNK)(UNK)(UNK)(UNK)(UNK)(UNK)(UNK)(UNK)(UNK)(UNK)(UNK)(UNK)(UNK)
(UNK)(UNK)(UNK)(UNK)(UNK)(UNK)(UNK)(UNK)(UNK)(UNK)(UNK)(UNK)(UNK)(UNK)(UNK)(UNK)
(UNK)(UNK)(UNK)(UNK)(UNK)(UNK)(UNK)(UNK)(UNK)(UNK)(UNK)(UNK)(UNK)(UNK)(UNK)(UNK)
(UNK)(UNK)(UNK)(UNK)(UNK)(UNK)(UNK)(UNK)(UNK)(UNK)(UNK)(UNK)(UNK)(UNK)(UNK)(UNK)
(UNK)(UNK)(UNK)(UNK)(UNK)(UNK)(UNK)(UNK)(UNK)(UNK)(UNK)(UNK)(UNK)(UNK)(UNK)(UNK)
(UNK)(UNK)(UNK)(UNK)(UNK)(UNK)(UNK)(UNK)(UNK)(UNK)(UNK)(UNK)(UNK)(UNK)(UNK)(UNK)
(UNK)(UNK)(UNK)(UNK)(UNK)(UNK)(UNK)(UNK)(UNK)(UNK)(UNK)(UNK)(UNK)(UNK)(UNK)(UNK)
(UNK)(UNK)(UNK)(UNK)(UNK)(UNK)(UNK)(UNK)(UNK)(UNK)(UNK)(UNK)(UNK)(UNK)(UNK)(UNK)
(UNK)(UNK)(UNK)(UNK)(UNK)(UNK)(UNK)(UNK)(UNK)(UNK)(UNK)(UNK)(UNK)(UNK)(UNK)(UNK)
(UNK)(UNK)(UNK)(UNK)(UNK)(UNK)(UNK)(UNK)(UNK)(UNK)(UNK)(UNK)(UNK)(UNK)(UNK)(UNK)
(UNK)(UNK)(UNK)(UNK)(UNK)(UNK)(UNK)(UNK)(UNK)(UNK)(UNK)(UNK)(UNK)(UNK)(UNK)(UNK)
(UNK)(UNK)(UNK)(UNK)(UNK)(UNK)(UNK)(UNK)(UNK)(UNK)(UNK)(UNK)(UNK)(UNK)(UNK)(UNK)
(UNK)(UNK)(UNK)(UNK)(UNK)(UNK)(UNK)(UNK)(UNK)(UNK)(UNK)(UNK)(UNK)(UNK)(UNK)(UNK)
(UNK)(UNK)(UNK)(UNK)(UNK)(UNK)(UNK)(UNK)(UNK)(UNK)(UNK)(UNK)(UNK)(UNK)(UNK)(UNK)
(UNK)(UNK)(UNK)(UNK)(UNK)(UNK)(UNK)(UNK)(UNK)(UNK)(UNK)(UNK)(UNK)(UNK)(UNK)(UNK)
(UNK)(UNK)(UNK)(UNK)(UNK)(UNK)(UNK)(UNK)(UNK)(UNK)(UNK)(UNK)(UNK)(UNK)(UNK)(UNK)
(UNK)(UNK)(UNK)(UNK)(UNK)(UNK)(UNK)(UNK)(UNK)(UNK)(UNK)(UNK)(UNK)(UNK)(UNK)(UNK)
(UNK)(UNK)(UNK)(UNK)(UNK)(UNK)(UNK)(UNK)(UNK)(UNK)(UNK)(UNK)(UNK)(UNK)(UNK)(UNK)
(UNK)(UNK)(UNK)(UNK)(UNK)(UNK)(UNK)(UNK)(UNK)(UNK)(UNK)(UNK)(UNK)(UNK)(UNK)(UNK)
(UNK)(UNK)(UNK)(UNK)(UNK)(UNK)(UNK)(UNK)(UNK)(UNK)(UNK)(UNK)(UNK)(UNK)(UNK)(UNK)
(UNK)(UNK)(UNK)(UNK)(UNK)(UNK)(UNK)(UNK)(UNK)(UNK)(UNK)(UNK)(UNK)(UNK)(UNK)(UNK)
(UNK)(UNK)(UNK)(UNK)(UNK)(UNK)(UNK)(UNK)(UNK)(UNK)(UNK)(UNK)(UNK)(UNK)(UNK)(UNK)
(UNK)(UNK)(UNK)(UNK)(UNK)(UNK)(UNK)(UNK)(UNK)(UNK)(UNK)(UNK)(UNK)(UNK)(UNK)(UNK)
(UNK)(UNK)(UNK)(UNK)(UNK)(UNK)(UNK)(UNK)(UNK)(UNK)(UNK)(UNK)(UNK)(UNK)(UNK)(UNK)
(UNK)(UNK)(UNK)(UNK)(UNK)(UNK)(UNK)(UNK)(UNK)(UNK)(UNK)(UNK)(UNK)(UNK)(UNK)(UNK)
(UNK)(UNK)(UNK)(UNK)(UNK)(UNK)(UNK)(UNK)(UNK)(UNK)(UNK)(UNK)(UNK)(UNK)(UNK)(UNK)
(UNK)(UNK)(UNK)(UNK)(UNK)(UNK)(UNK)(UNK)(UNK)(UNK)(UNK)(UNK)(UNK)(UNK)(UNK)(UNK)
(UNK)(UNK)(UNK)(UNK)(UNK)(UNK)(UNK)(UNK)(UNK)(UNK)(UNK)(UNK)(UNK)(UNK)(UNK)(UNK)
(UNK)(UNK)(UNK)(UNK)(UNK)(UNK)(UNK)(UNK)(UNK)(UNK)(UNK)(UNK)(UNK)(UNK)(UNK)(UNK)
(UNK)(UNK)(UNK)(UNK)(UNK)(UNK)(UNK)(UNK)(UNK)(UNK)(UNK)(UNK)(UNK)(UNK)(UNK)(UNK)
(UNK)(UNK)(UNK)(UNK)(UNK)(UNK)(UNK)(UNK)(UNK)(UNK)(UNK)(UNK)(UNK)(UNK)(UNK)(UNK)
(UNK)(UNK)(UNK)(UNK)(UNK)(UNK)(UNK)(UNK)(UNK)(UNK)(UNK)(UNK)(UNK)(UNK)(UNK)(UNK)
(UNK)(UNK)(UNK)(UNK)(UNK)(UNK)(UNK)(UNK)(UNK)(UNK)(UNK)(UNK)(UNK)(UNK)(UNK)(UNK)
(UNK)(UNK)(UNK)(UNK)(UNK)(UNK)(UNK)(UNK)(UNK)(UNK)(UNK)(UNK)(UNK)(UNK)(UNK)(UNK)
(UNK)(UNK)(UNK)(UNK)(UNK)(UNK)(UNK)(UNK)(UNK)(UNK)(UNK)(UNK)(UNK)(UNK)(UNK)(UNK)
(UNK)(UNK)(UNK)(UNK)(UNK)(UNK)(UNK)(UNK)(UNK)(UNK)(UNK)(UNK)(UNK)(UNK)(UNK)(UNK)
(UNK)(UNK)(UNK)(UNK)(UNK)(UNK)(UNK)(UNK)(UNK)(UNK)(UNK)(UNK)(UNK)(UNK)(UNK)(UNK)
(UNK)(UNK)(UNK)(UNK)(UNK)(UNK)(UNK)(UNK)(UNK)(UNK)(UNK)(UNK)(UNK)(UNK)(UNK)(UNK)
(UNK)(UNK)(UNK)(UNK)(UNK)(UNK)(UNK)(UNK)(UNK)(UNK)(UNK)(UNK)(UNK)(UNK)(UNK)(UNK)
(UNK)(UNK)(UNK)(UNK)(UNK)(UNK)(UNK)(UNK)(UNK)(UNK)(UNK)(UNK)(UNK)(UNK)(UNK)(UNK)
(UNK)(UNK)(UNK)(UNK)(UNK)(UNK)(UNK)(UNK)(UNK)(UNK)(UNK)(UNK)(UNK)(UNK)(UNK)(UNK)
(UNK)(UNK)(UNK)(UNK)(UNK)(UNK)(UNK)(UNK)(UNK)(UNK)(UNK)(UNK)(UNK)(UNK)(UNK)(UNK)
(UNK)(UNK)(UNK)(UNK)(UNK)(UNK)(UNK)(UNK)(UNK)(UNK)(UNK)(UNK)(UNK)(UNK)(UNK)(UNK)
(UNK)(UNK)(UNK)(UNK)(UNK)(UNK)(UNK)(UNK)(UNK)(UNK)(UNK)(UNK)(UNK)(UNK)(UNK)(UNK)
(UNK)(UNK)(UNK)(UNK)(UNK)(UNK)(UNK)(UNK)(UNK)(UNK)(UNK)(UNK)(UNK)(UNK)(UNK)(UNK)
(UNK)(UNK)(UNK)(UNK)(UNK)(UNK)(UNK)(UNK)(UNK)(UNK)(UNK)(UNK)(UNK)(UNK)(UNK)(UNK)
(UNK)(UNK)(UNK)(UNK)(UNK)(UNK)(UNK)(UNK)(UNK)(UNK)(UNK)(UNK)(UNK)(UNK)(UNK)(UNK)
(UNK)(UNK)(UNK)(UNK)(UNK)(UNK)(UNK)(UNK)(UNK)(UNK)(UNK)(UNK)(UNK)(UNK)(UNK)(UNK)
(UNK)(UNK)(UNK)(UNK)(UNK)(UNK)(UNK)(UNK)(UNK)(UNK)(UNK)(UNK)(UNK)(UNK)(UNK)(UNK)
(UNK)(UNK)(UNK)(UNK)(UNK)(UNK)(UNK)(UNK)(UNK)(UNK)(UNK)(UNK)(UNK)(UNK)(UNK)(UNK)
(UNK)(UNK)(UNK)(UNK)(UNK)(UNK)(UNK)(UNK)(UNK)(UNK)(UNK)(UNK)(UNK)(UNK)(UNK)(UNK)
(UNK)(UNK)(UNK)(UNK)(UNK)(UNK)(UNK)(UNK)(UNK)(UNK)(UNK)(UNK)(UNK)(UNK)(UNK)(UNK)
(UNK)(UNK)(UNK)(UNK)(UNK)(UNK)(UNK)(UNK)(UNK)(UNK)(UNK)(UNK)(UNK)(UNK)(UNK)(UNK)
(UNK)(UNK)(UNK)(UNK)(UNK)(UNK)(UNK)(UNK)(UNK)(UNK)(UNK)(UNK)(UNK)
;
_entity_poly.pdbx_strand_id   A,B,C,D
#
# COMPACT_ATOMS: atom_id res chain seq x y z
N ASP A 9 -11.87 -6.68 21.97
CA ASP A 9 -11.58 -6.49 23.39
C ASP A 9 -11.66 -7.81 24.16
N GLU A 10 -10.84 -7.95 25.18
CA GLU A 10 -10.79 -9.20 25.95
C GLU A 10 -11.85 -9.28 27.04
N VAL A 11 -12.88 -8.46 26.97
CA VAL A 11 -13.92 -8.52 28.00
C VAL A 11 -14.79 -9.74 27.80
N GLN A 12 -15.06 -10.39 28.92
CA GLN A 12 -16.10 -11.38 29.04
C GLN A 12 -16.58 -11.24 30.48
N PHE A 13 -17.69 -10.53 30.66
CA PHE A 13 -18.26 -10.28 31.99
C PHE A 13 -19.76 -10.03 31.86
N LEU A 14 -20.49 -10.29 32.94
CA LEU A 14 -21.92 -9.98 32.99
C LEU A 14 -22.17 -8.67 33.72
N ARG A 15 -23.13 -7.90 33.23
CA ARG A 15 -23.48 -6.63 33.87
C ARG A 15 -24.98 -6.49 34.07
N THR A 16 -25.35 -5.56 34.94
CA THR A 16 -26.75 -5.24 35.19
C THR A 16 -27.45 -4.90 33.88
N ASP A 17 -28.70 -5.33 33.77
CA ASP A 17 -29.56 -5.13 32.58
C ASP A 17 -29.18 -6.04 31.41
N ASP A 18 -28.17 -6.89 31.58
CA ASP A 18 -27.91 -7.94 30.60
C ASP A 18 -29.01 -9.00 30.75
N GLU A 19 -29.39 -9.62 29.63
CA GLU A 19 -30.39 -10.67 29.68
C GLU A 19 -29.72 -12.04 29.68
N VAL A 20 -30.14 -12.91 30.61
CA VAL A 20 -29.49 -14.21 30.76
C VAL A 20 -30.47 -15.37 30.92
N VAL A 21 -29.94 -16.58 30.80
CA VAL A 21 -30.67 -17.78 31.19
C VAL A 21 -29.85 -18.52 32.24
N LEU A 22 -30.54 -19.23 33.13
CA LEU A 22 -29.85 -20.04 34.13
C LEU A 22 -29.86 -21.50 33.68
N GLN A 23 -28.68 -22.00 33.32
CA GLN A 23 -28.58 -23.35 32.76
C GLN A 23 -27.86 -24.32 33.69
N CYS A 24 -28.41 -25.53 33.80
CA CYS A 24 -27.74 -26.62 34.49
C CYS A 24 -27.65 -27.81 33.55
N SER A 25 -26.97 -28.86 34.00
CA SER A 25 -26.89 -30.08 33.22
C SER A 25 -27.27 -31.28 34.08
N ALA A 26 -27.95 -32.24 33.46
CA ALA A 26 -28.22 -33.52 34.09
C ALA A 26 -27.83 -34.62 33.12
N THR A 27 -27.37 -35.74 33.64
CA THR A 27 -27.09 -36.87 32.76
C THR A 27 -28.28 -37.83 32.77
N VAL A 28 -28.84 -38.04 31.58
CA VAL A 28 -29.97 -38.95 31.41
C VAL A 28 -29.73 -39.79 30.15
N LEU A 29 -30.06 -41.08 30.22
CA LEU A 29 -29.75 -42.05 29.17
C LEU A 29 -28.29 -41.94 28.74
N LYS A 30 -27.39 -42.00 29.72
CA LYS A 30 -25.95 -41.71 29.56
C LYS A 30 -25.65 -40.59 28.55
N GLU A 31 -26.50 -39.56 28.58
CA GLU A 31 -26.33 -38.39 27.75
C GLU A 31 -26.31 -37.14 28.61
N GLN A 32 -25.62 -36.09 28.16
CA GLN A 32 -25.70 -34.83 28.85
C GLN A 32 -26.91 -34.05 28.37
N LEU A 33 -27.76 -33.65 29.31
CA LEU A 33 -28.95 -32.87 28.99
C LEU A 33 -28.83 -31.49 29.60
N LYS A 34 -28.84 -30.46 28.75
CA LYS A 34 -28.82 -29.09 29.23
C LYS A 34 -30.24 -28.60 29.44
N LEU A 35 -30.47 -27.96 30.57
CA LEU A 35 -31.80 -27.44 30.90
C LEU A 35 -31.71 -26.01 31.40
N CYS A 36 -32.69 -25.18 31.06
CA CYS A 36 -32.72 -23.80 31.50
C CYS A 36 -33.90 -23.54 32.43
N LEU A 37 -33.67 -22.69 33.43
CA LEU A 37 -34.74 -22.31 34.35
C LEU A 37 -35.84 -21.57 33.60
N ALA A 38 -37.07 -22.03 33.79
CA ALA A 38 -38.20 -21.44 33.07
C ALA A 38 -39.44 -21.37 33.94
N ALA A 39 -40.28 -20.38 33.66
CA ALA A 39 -41.55 -20.21 34.37
C ALA A 39 -42.45 -19.33 33.52
N GLU A 40 -43.75 -19.62 33.55
CA GLU A 40 -44.70 -18.82 32.78
C GLU A 40 -45.05 -17.55 33.53
N GLY A 41 -45.18 -17.69 34.85
CA GLY A 41 -45.55 -16.57 35.70
C GLY A 41 -47.06 -16.52 35.89
N PHE A 42 -47.76 -16.05 34.87
CA PHE A 42 -49.21 -16.03 34.88
C PHE A 42 -49.76 -17.45 34.72
N GLY A 43 -50.69 -17.82 35.60
CA GLY A 43 -51.24 -19.17 35.58
C GLY A 43 -50.42 -20.13 36.42
N ASN A 44 -49.12 -19.92 36.44
CA ASN A 44 -48.22 -20.77 37.23
C ASN A 44 -46.94 -20.02 37.60
N ARG A 45 -46.73 -19.83 38.89
CA ARG A 45 -45.56 -19.11 39.40
C ARG A 45 -44.32 -20.00 39.43
N LEU A 46 -44.55 -21.29 39.62
CA LEU A 46 -43.48 -22.25 39.87
C LEU A 46 -42.57 -22.46 38.67
N CYS A 47 -41.27 -22.51 38.96
CA CYS A 47 -40.28 -22.74 37.92
C CYS A 47 -40.19 -24.21 37.55
N PHE A 48 -39.75 -24.46 36.32
CA PHE A 48 -39.48 -25.80 35.84
C PHE A 48 -38.23 -25.73 34.98
N LEU A 49 -37.89 -26.84 34.31
CA LEU A 49 -36.73 -26.85 33.44
C LEU A 49 -37.10 -27.15 32.00
N GLU A 50 -36.64 -26.30 31.10
CA GLU A 50 -36.82 -26.51 29.67
C GLU A 50 -35.54 -27.08 29.09
N PRO A 51 -35.56 -28.37 28.73
CA PRO A 51 -34.41 -29.00 28.07
C PRO A 51 -34.06 -28.28 26.78
N THR A 52 -32.78 -27.98 26.59
CA THR A 52 -32.33 -27.16 25.48
C THR A 52 -31.49 -27.96 24.50
N SER A 53 -31.08 -29.16 24.91
CA SER A 53 -30.08 -29.95 24.22
C SER A 53 -30.41 -30.27 22.76
N ASN A 54 -31.62 -30.76 22.51
CA ASN A 54 -31.99 -31.15 21.16
C ASN A 54 -32.71 -30.02 20.42
N ALA A 55 -32.09 -28.84 20.44
CA ALA A 55 -32.64 -27.66 19.78
C ALA A 55 -32.78 -27.88 18.27
N GLN A 56 -31.88 -28.66 17.70
CA GLN A 56 -31.90 -28.92 16.26
C GLN A 56 -33.17 -29.66 15.84
N ASN A 57 -33.60 -30.61 16.67
CA ASN A 57 -34.81 -31.36 16.41
C ASN A 57 -36.04 -30.56 16.85
N VAL A 58 -36.04 -30.21 18.14
CA VAL A 58 -37.14 -29.46 18.71
C VAL A 58 -36.66 -28.18 19.38
N PRO A 59 -37.06 -27.02 18.82
CA PRO A 59 -36.77 -25.72 19.42
C PRO A 59 -37.41 -25.60 20.81
N PRO A 60 -36.60 -25.28 21.83
CA PRO A 60 -37.14 -25.06 23.17
C PRO A 60 -37.94 -23.76 23.28
N ASP A 61 -38.75 -23.64 24.32
CA ASP A 61 -39.53 -22.42 24.56
C ASP A 61 -38.68 -21.40 25.32
N LEU A 62 -37.94 -20.58 24.57
CA LEU A 62 -36.92 -19.72 25.16
C LEU A 62 -37.46 -18.42 25.77
N ALA A 63 -38.60 -17.95 25.28
CA ALA A 63 -39.18 -16.68 25.72
C ALA A 63 -39.37 -16.64 27.24
N ILE A 64 -39.73 -17.78 27.81
CA ILE A 64 -39.98 -17.88 29.25
C ILE A 64 -38.71 -18.20 30.02
N CYS A 65 -37.60 -18.40 29.30
CA CYS A 65 -36.34 -18.73 29.95
C CYS A 65 -35.54 -17.48 30.28
N CYS A 66 -35.84 -16.38 29.59
CA CYS A 66 -35.04 -15.16 29.72
C CYS A 66 -35.28 -14.42 31.03
N PHE A 67 -34.19 -14.01 31.65
CA PHE A 67 -34.24 -13.17 32.85
C PHE A 67 -33.33 -11.95 32.66
N THR A 68 -33.69 -10.84 33.30
CA THR A 68 -32.87 -9.65 33.26
C THR A 68 -32.21 -9.42 34.62
N LEU A 69 -30.92 -9.10 34.59
CA LEU A 69 -30.21 -8.78 35.82
C LEU A 69 -30.57 -7.36 36.24
N GLU A 70 -31.62 -7.24 37.03
CA GLU A 70 -32.12 -5.93 37.47
C GLU A 70 -31.13 -5.21 38.35
N GLN A 71 -30.51 -5.95 39.25
CA GLN A 71 -29.67 -5.34 40.25
C GLN A 71 -28.60 -6.31 40.76
N SER A 72 -27.42 -5.77 41.02
CA SER A 72 -26.35 -6.52 41.65
C SER A 72 -25.63 -5.66 42.69
N LEU A 73 -25.82 -6.04 43.96
CA LEU A 73 -25.20 -5.38 45.12
C LEU A 73 -24.55 -6.45 45.99
N SER A 74 -23.75 -6.05 46.97
CA SER A 74 -22.66 -6.90 47.46
C SER A 74 -23.03 -7.90 48.53
N VAL A 75 -22.61 -7.58 49.76
CA VAL A 75 -22.95 -8.38 50.93
C VAL A 75 -23.29 -7.50 52.12
N ARG A 76 -22.28 -6.83 52.68
CA ARG A 76 -22.55 -5.91 53.79
C ARG A 76 -23.47 -4.87 53.20
N ALA A 77 -23.07 -4.36 52.05
CA ALA A 77 -23.82 -3.30 51.41
C ALA A 77 -25.18 -3.82 51.05
N LEU A 78 -25.26 -5.04 50.55
CA LEU A 78 -26.54 -5.54 50.10
C LEU A 78 -27.51 -5.61 51.28
N GLN A 79 -27.03 -6.16 52.38
CA GLN A 79 -27.89 -6.33 53.54
C GLN A 79 -28.30 -4.98 54.06
N GLU A 80 -27.31 -4.09 54.11
CA GLU A 80 -27.50 -2.80 54.73
C GLU A 80 -28.54 -2.11 53.89
N MET A 81 -28.43 -2.29 52.60
CA MET A 81 -29.30 -1.70 51.61
C MET A 81 -30.74 -2.16 51.69
N LEU A 82 -30.98 -3.45 51.86
CA LEU A 82 -32.37 -3.90 52.01
C LEU A 82 -32.89 -3.31 53.29
N ALA A 83 -31.97 -3.30 54.26
CA ALA A 83 -32.31 -2.92 55.58
C ALA A 83 -32.78 -1.49 55.49
N ASN A 84 -32.11 -0.68 54.68
CA ASN A 84 -32.33 0.76 54.58
C ASN A 84 -33.35 1.14 53.52
N THR A 85 -33.73 0.16 52.71
CA THR A 85 -34.88 0.27 51.87
C THR A 85 -36.01 0.36 52.86
N VAL A 86 -35.95 -0.49 53.90
CA VAL A 86 -36.85 -0.23 55.02
C VAL A 86 -36.45 1.07 55.75
N GLU A 87 -35.14 1.21 56.01
CA GLU A 87 -34.50 2.40 56.58
C GLU A 87 -34.50 3.59 55.65
N ALA A 88 -34.18 3.38 54.37
CA ALA A 88 -34.50 4.43 53.43
C ALA A 88 -35.62 3.82 52.61
N GLY A 89 -36.84 3.68 53.15
CA GLY A 89 -37.56 4.63 54.01
C GLY A 89 -37.35 6.06 53.56
N VAL A 90 -38.02 6.46 52.49
CA VAL A 90 -38.66 5.53 51.54
C VAL A 90 -38.66 6.16 50.15
N GLU A 91 -39.10 5.39 49.16
CA GLU A 91 -39.39 5.88 47.82
C GLU A 91 -38.18 6.35 47.00
N SER A 92 -36.97 6.08 47.49
CA SER A 92 -35.76 6.51 46.79
C SER A 92 -35.19 5.38 45.91
N SER A 93 -35.07 5.66 44.62
CA SER A 93 -34.59 4.68 43.65
C SER A 93 -33.38 5.16 42.88
N GLN A 94 -32.22 4.55 43.10
CA GLN A 94 -31.03 4.92 42.36
C GLN A 94 -30.38 3.69 41.74
N GLY A 95 -30.02 3.83 40.47
CA GLY A 95 -29.33 2.76 39.77
C GLY A 95 -27.95 3.20 39.34
N GLY A 96 -27.01 2.27 39.37
CA GLY A 96 -25.66 2.53 38.91
C GLY A 96 -25.47 1.96 37.51
N GLY A 97 -24.75 2.70 36.66
CA GLY A 97 -24.50 2.29 35.29
C GLY A 97 -23.96 0.88 35.19
N HIS A 98 -24.45 0.14 34.18
CA HIS A 98 -24.24 -1.31 34.00
C HIS A 98 -23.13 -1.94 34.81
N ARG A 99 -23.35 -2.08 36.11
CA ARG A 99 -22.35 -2.63 37.02
C ARG A 99 -22.06 -4.10 36.72
N THR A 100 -20.78 -4.42 36.61
CA THR A 100 -20.34 -5.80 36.46
C THR A 100 -20.67 -6.59 37.72
N LEU A 101 -21.13 -7.82 37.55
CA LEU A 101 -21.44 -8.67 38.69
C LEU A 101 -20.15 -9.06 39.41
N LEU A 102 -20.14 -8.93 40.73
CA LEU A 102 -19.02 -9.44 41.52
C LEU A 102 -19.48 -10.68 42.28
N TYR A 103 -18.53 -11.43 42.82
CA TYR A 103 -18.82 -12.75 43.39
C TYR A 103 -19.31 -12.74 44.84
N GLY A 104 -19.39 -11.55 45.45
CA GLY A 104 -19.99 -11.44 46.77
C GLY A 104 -21.43 -11.02 46.60
N HIS A 105 -21.73 -10.51 45.41
CA HIS A 105 -22.97 -9.80 45.15
C HIS A 105 -24.25 -10.63 45.25
N ALA A 106 -25.32 -9.97 45.68
CA ALA A 106 -26.66 -10.54 45.60
C ALA A 106 -27.36 -9.99 44.36
N ILE A 107 -28.15 -10.84 43.70
CA ILE A 107 -28.67 -10.48 42.40
C ILE A 107 -30.21 -10.58 42.31
N LEU A 108 -30.81 -9.59 41.65
CA LEU A 108 -32.24 -9.58 41.40
C LEU A 108 -32.53 -9.96 39.95
N LEU A 109 -33.24 -11.05 39.75
CA LEU A 109 -33.55 -11.53 38.40
C LEU A 109 -35.00 -11.30 38.03
N ARG A 110 -35.24 -10.42 37.06
CA ARG A 110 -36.61 -10.18 36.59
C ARG A 110 -36.93 -11.04 35.39
N HIS A 111 -38.06 -11.74 35.48
CA HIS A 111 -38.58 -12.50 34.36
C HIS A 111 -38.93 -11.56 33.22
N ALA A 112 -38.41 -11.82 32.04
CA ALA A 112 -38.63 -10.93 30.89
C ALA A 112 -40.10 -10.84 30.52
N HIS A 113 -40.77 -11.98 30.43
CA HIS A 113 -42.17 -12.03 30.02
C HIS A 113 -43.11 -11.45 31.07
N SER A 114 -43.13 -12.07 32.25
CA SER A 114 -44.11 -11.76 33.28
C SER A 114 -43.73 -10.54 34.11
N ARG A 115 -42.47 -10.14 34.02
CA ARG A 115 -41.92 -9.03 34.81
C ARG A 115 -41.99 -9.32 36.31
N MET A 116 -42.14 -10.59 36.65
CA MET A 116 -42.02 -11.03 38.03
C MET A 116 -40.57 -11.35 38.32
N TYR A 117 -40.26 -11.67 39.56
CA TYR A 117 -38.89 -11.88 39.96
C TYR A 117 -38.66 -13.28 40.49
N LEU A 118 -37.54 -13.89 40.11
CA LEU A 118 -37.18 -15.21 40.61
C LEU A 118 -37.04 -15.17 42.12
N SER A 119 -37.74 -16.07 42.79
CA SER A 119 -37.80 -16.05 44.24
C SER A 119 -37.82 -17.45 44.85
N CYS A 120 -37.37 -17.54 46.10
CA CYS A 120 -37.49 -18.77 46.87
C CYS A 120 -38.83 -18.76 47.59
N LEU A 121 -39.72 -19.66 47.20
CA LEU A 121 -41.06 -19.67 47.77
C LEU A 121 -41.10 -20.36 49.12
N THR A 122 -42.13 -20.04 49.91
CA THR A 122 -42.32 -20.65 51.21
C THR A 122 -42.86 -22.07 51.06
N THR A 123 -43.68 -22.27 50.03
CA THR A 123 -44.30 -23.57 49.77
C THR A 123 -43.29 -24.63 49.34
N SER A 124 -43.72 -25.89 49.36
CA SER A 124 -42.89 -27.00 48.91
C SER A 124 -43.75 -28.06 48.23
N ARG A 125 -43.33 -28.52 47.06
CA ARG A 125 -44.00 -29.64 46.42
C ARG A 125 -43.06 -30.83 46.32
N SER A 126 -43.21 -31.74 47.28
CA SER A 126 -42.34 -32.90 47.44
C SER A 126 -42.88 -33.77 48.56
N MET A 127 -41.99 -34.47 49.26
CA MET A 127 -42.39 -35.24 50.42
C MET A 127 -42.66 -34.32 51.61
N LYS A 130 -39.57 -32.74 53.54
CA LYS A 130 -38.33 -32.33 52.89
C LYS A 130 -37.97 -30.89 53.21
N LEU A 131 -36.68 -30.61 53.28
CA LEU A 131 -36.19 -29.31 53.70
C LEU A 131 -36.14 -28.37 52.50
N ALA A 132 -36.38 -28.93 51.32
CA ALA A 132 -36.38 -28.17 50.08
C ALA A 132 -37.55 -27.19 49.99
N PHE A 133 -37.31 -26.05 49.36
CA PHE A 133 -38.36 -25.08 49.09
C PHE A 133 -38.55 -24.91 47.58
N ASP A 134 -39.78 -24.64 47.16
CA ASP A 134 -40.06 -24.41 45.75
C ASP A 134 -39.41 -23.12 45.28
N VAL A 135 -38.91 -23.12 44.05
CA VAL A 135 -38.44 -21.88 43.44
C VAL A 135 -39.46 -21.48 42.37
N GLY A 136 -39.69 -20.18 42.25
CA GLY A 136 -40.69 -19.67 41.34
C GLY A 136 -40.68 -18.17 41.25
N LEU A 137 -41.71 -17.60 40.63
CA LEU A 137 -41.77 -16.15 40.44
C LEU A 137 -42.60 -15.47 41.51
N GLN A 138 -42.07 -14.35 42.02
CA GLN A 138 -42.80 -13.51 42.96
C GLN A 138 -43.26 -12.24 42.25
N GLU A 139 -44.49 -11.82 42.52
CA GLU A 139 -45.09 -10.69 41.82
C GLU A 139 -44.39 -9.36 42.09
N ASP A 140 -43.79 -9.22 43.28
CA ASP A 140 -43.11 -7.97 43.63
C ASP A 140 -41.72 -8.21 44.25
N ALA A 141 -40.87 -7.19 44.20
CA ALA A 141 -39.46 -7.34 44.56
C ALA A 141 -39.16 -7.13 46.04
N THR A 142 -40.19 -6.89 46.84
CA THR A 142 -39.99 -6.66 48.28
C THR A 142 -39.56 -7.95 48.98
N GLY A 143 -38.74 -7.81 50.01
CA GLY A 143 -38.31 -8.94 50.81
C GLY A 143 -36.97 -9.53 50.38
N GLU A 144 -36.50 -10.52 51.13
CA GLU A 144 -35.24 -11.18 50.83
C GLU A 144 -35.38 -12.30 49.79
N ALA A 145 -36.61 -12.80 49.66
CA ALA A 145 -36.90 -13.98 48.84
C ALA A 145 -36.45 -13.85 47.39
N CYS A 146 -36.45 -12.63 46.87
CA CYS A 146 -36.13 -12.40 45.46
C CYS A 146 -34.62 -12.30 45.22
N TRP A 147 -33.86 -12.16 46.29
CA TRP A 147 -32.42 -11.98 46.17
C TRP A 147 -31.64 -13.27 46.25
N TRP A 148 -30.60 -13.37 45.44
CA TRP A 148 -29.74 -14.54 45.40
C TRP A 148 -28.28 -14.12 45.33
N THR A 149 -27.45 -14.68 46.20
CA THR A 149 -26.02 -14.43 46.15
C THR A 149 -25.35 -15.44 45.24
N MET A 150 -24.41 -14.98 44.43
CA MET A 150 -23.59 -15.89 43.62
C MET A 150 -22.30 -16.18 44.37
N HIS A 151 -21.75 -17.38 44.17
CA HIS A 151 -20.48 -17.75 44.79
C HIS A 151 -19.67 -18.63 43.85
N PRO A 152 -18.32 -18.50 43.89
CA PRO A 152 -17.43 -19.25 43.00
C PRO A 152 -17.55 -20.76 43.15
N ALA A 153 -17.58 -21.47 42.02
CA ALA A 153 -17.64 -22.93 42.04
C ALA A 153 -16.31 -23.52 42.46
N SER A 154 -15.21 -22.85 42.10
CA SER A 154 -13.89 -23.37 42.36
C SER A 154 -12.96 -22.31 42.98
N LYS A 155 -11.72 -22.72 43.25
CA LYS A 155 -10.71 -21.83 43.81
C LYS A 155 -10.29 -20.78 42.79
N GLN A 156 -10.61 -21.03 41.52
CA GLN A 156 -10.25 -20.14 40.43
C GLN A 156 -10.82 -18.74 40.61
N ARG A 157 -12.01 -18.66 41.20
CA ARG A 157 -12.63 -17.37 41.50
C ARG A 157 -12.69 -17.13 43.00
N SER A 158 -12.63 -15.86 43.40
CA SER A 158 -12.82 -15.48 44.79
C SER A 158 -13.91 -14.41 44.85
N GLU A 159 -14.49 -14.19 46.02
CA GLU A 159 -15.53 -13.18 46.15
C GLU A 159 -14.91 -11.79 46.04
N GLY A 160 -15.61 -10.89 45.36
CA GLY A 160 -15.06 -9.58 45.07
C GLY A 160 -14.55 -9.52 43.64
N GLU A 161 -14.35 -10.70 43.04
CA GLU A 161 -13.95 -10.79 41.65
C GLU A 161 -15.17 -10.70 40.74
N LYS A 162 -14.96 -10.24 39.50
CA LYS A 162 -16.03 -10.13 38.52
C LYS A 162 -16.47 -11.51 38.04
N VAL A 163 -17.77 -11.69 37.88
CA VAL A 163 -18.31 -12.94 37.35
C VAL A 163 -18.07 -13.02 35.85
N ARG A 164 -17.54 -14.15 35.39
CA ARG A 164 -17.29 -14.33 33.98
C ARG A 164 -18.27 -15.33 33.35
N VAL A 165 -18.87 -14.93 32.24
CA VAL A 165 -19.66 -15.84 31.40
C VAL A 165 -18.89 -17.14 31.17
N GLY A 166 -19.56 -18.27 31.40
CA GLY A 166 -18.91 -19.55 31.28
C GLY A 166 -18.51 -20.11 32.63
N ASP A 167 -18.42 -19.23 33.63
CA ASP A 167 -18.11 -19.67 34.98
C ASP A 167 -19.26 -20.47 35.56
N ASP A 168 -18.93 -21.62 36.14
CA ASP A 168 -19.88 -22.36 36.95
C ASP A 168 -20.17 -21.53 38.21
N LEU A 169 -21.44 -21.46 38.59
CA LEU A 169 -21.82 -20.68 39.75
C LEU A 169 -22.61 -21.50 40.76
N ILE A 170 -22.56 -21.09 42.02
CA ILE A 170 -23.53 -21.57 42.99
C ILE A 170 -24.40 -20.37 43.36
N LEU A 171 -25.70 -20.61 43.51
CA LEU A 171 -26.63 -19.53 43.83
C LEU A 171 -27.34 -19.83 45.14
N VAL A 172 -27.18 -18.92 46.10
CA VAL A 172 -27.77 -19.09 47.42
C VAL A 172 -28.92 -18.10 47.65
N SER A 173 -30.07 -18.62 48.03
CA SER A 173 -31.20 -17.77 48.39
C SER A 173 -30.84 -16.96 49.62
N VAL A 174 -31.16 -15.67 49.61
CA VAL A 174 -30.85 -14.82 50.75
C VAL A 174 -31.79 -15.14 51.91
N SER A 175 -33.04 -15.44 51.58
CA SER A 175 -34.03 -15.83 52.59
C SER A 175 -33.71 -17.18 53.21
N SER A 176 -33.75 -18.24 52.41
CA SER A 176 -33.63 -19.60 52.92
C SER A 176 -32.19 -20.02 53.23
N GLU A 177 -31.23 -19.30 52.64
CA GLU A 177 -29.81 -19.64 52.75
C GLU A 177 -29.51 -21.00 52.13
N ARG A 178 -30.41 -21.44 51.25
CA ARG A 178 -30.26 -22.72 50.59
C ARG A 178 -29.98 -22.52 49.11
N TYR A 179 -29.40 -23.51 48.48
CA TYR A 179 -28.88 -23.36 47.13
C TYR A 179 -29.95 -23.59 46.07
N LEU A 180 -29.89 -22.81 45.00
CA LEU A 180 -30.66 -23.11 43.80
C LEU A 180 -30.19 -24.49 43.36
N HIS A 181 -31.11 -25.44 43.32
CA HIS A 181 -30.73 -26.84 43.17
C HIS A 181 -31.51 -27.55 42.07
N LEU A 182 -30.82 -28.41 41.33
CA LEU A 182 -31.48 -29.31 40.41
C LEU A 182 -31.74 -30.64 41.10
N SER A 183 -33.01 -30.96 41.30
CA SER A 183 -33.37 -32.21 41.96
C SER A 183 -34.00 -33.18 40.98
N THR A 184 -33.99 -34.46 41.33
CA THR A 184 -34.65 -35.47 40.54
C THR A 184 -35.99 -35.84 41.17
N ALA A 185 -37.03 -35.11 40.80
CA ALA A 185 -38.38 -35.54 41.10
C ALA A 185 -38.58 -36.87 40.39
N SER A 186 -39.32 -37.79 41.00
CA SER A 186 -39.57 -39.07 40.37
C SER A 186 -40.34 -38.86 39.07
N GLY A 187 -39.73 -39.24 37.95
CA GLY A 187 -40.37 -39.10 36.66
C GLY A 187 -39.83 -37.95 35.82
N GLU A 188 -39.31 -36.92 36.48
CA GLU A 188 -38.83 -35.74 35.75
C GLU A 188 -37.89 -34.84 36.56
N LEU A 189 -37.06 -34.08 35.85
CA LEU A 189 -36.15 -33.13 36.48
C LEU A 189 -36.90 -31.94 37.05
N GLN A 190 -36.51 -31.51 38.24
CA GLN A 190 -37.19 -30.42 38.96
C GLN A 190 -36.19 -29.41 39.50
N VAL A 191 -36.65 -28.19 39.77
CA VAL A 191 -35.82 -27.21 40.45
C VAL A 191 -36.39 -26.93 41.84
N ASP A 192 -35.49 -26.83 42.82
CA ASP A 192 -35.88 -26.42 44.16
C ASP A 192 -34.77 -25.61 44.81
N ALA A 193 -35.08 -25.02 45.96
CA ALA A 193 -34.06 -24.49 46.84
C ALA A 193 -33.72 -25.58 47.85
N SER A 194 -32.54 -26.15 47.76
CA SER A 194 -32.16 -27.21 48.69
C SER A 194 -30.78 -27.00 49.28
N PHE A 195 -30.40 -27.93 50.14
CA PHE A 195 -29.13 -27.87 50.81
C PHE A 195 -28.00 -28.42 49.95
N MET A 196 -28.35 -29.28 49.01
CA MET A 196 -27.37 -29.80 48.07
C MET A 196 -27.12 -28.76 46.98
N GLN A 197 -25.88 -28.69 46.52
CA GLN A 197 -25.46 -27.67 45.59
C GLN A 197 -25.59 -28.13 44.14
N THR A 198 -25.89 -27.19 43.25
CA THR A 198 -25.92 -27.47 41.81
C THR A 198 -25.23 -26.34 41.06
N LEU A 199 -24.30 -26.71 40.20
CA LEU A 199 -23.58 -25.72 39.40
C LEU A 199 -24.48 -25.17 38.31
N TRP A 200 -24.49 -23.85 38.16
CA TRP A 200 -25.30 -23.20 37.16
C TRP A 200 -24.49 -22.28 36.27
N ASN A 201 -24.87 -22.22 35.00
CA ASN A 201 -24.27 -21.28 34.06
C ASN A 201 -25.23 -20.15 33.74
N MET A 202 -24.85 -18.94 34.11
CA MET A 202 -25.64 -17.77 33.77
C MET A 202 -25.26 -17.30 32.36
N ASN A 203 -25.87 -17.93 31.37
CA ASN A 203 -25.56 -17.63 29.96
C ASN A 203 -26.23 -16.36 29.47
N PRO A 204 -25.43 -15.41 28.98
CA PRO A 204 -25.90 -14.12 28.46
C PRO A 204 -26.71 -14.28 27.17
N ILE A 205 -27.97 -13.83 27.20
CA ILE A 205 -28.86 -14.00 26.07
C ILE A 205 -28.42 -13.26 24.81
N CYS A 206 -27.97 -12.01 24.99
CA CYS A 206 -27.56 -11.20 23.85
C CYS A 206 -26.58 -10.08 24.21
N SER A 207 -25.87 -9.61 23.20
CA SER A 207 -25.01 -8.43 23.31
C SER A 207 -25.88 -7.18 23.35
N CYS A 208 -25.32 -6.07 23.85
CA CYS A 208 -26.06 -4.82 23.91
C CYS A 208 -26.47 -4.42 22.50
N CYS A 209 -27.68 -3.90 22.36
CA CYS A 209 -28.28 -3.71 21.04
C CYS A 209 -28.40 -2.26 20.56
N GLU A 210 -27.39 -1.41 19.57
CA GLU A 210 -27.54 -0.17 18.83
C GLU A 210 -29.02 0.09 18.60
N GLU A 211 -29.44 1.32 18.83
CA GLU A 211 -30.84 1.69 18.69
C GLU A 211 -31.32 1.46 17.26
N GLY A 212 -32.54 0.94 17.12
CA GLY A 212 -33.15 0.75 15.82
C GLY A 212 -32.69 -0.48 15.05
N TYR A 213 -31.88 -1.31 15.68
CA TYR A 213 -31.38 -2.50 14.99
C TYR A 213 -32.04 -3.78 15.46
N VAL A 214 -32.42 -4.61 14.50
CA VAL A 214 -33.07 -5.88 14.78
C VAL A 214 -32.13 -6.86 15.47
N THR A 215 -32.60 -7.42 16.57
CA THR A 215 -31.85 -8.47 17.26
C THR A 215 -32.72 -9.72 17.33
N GLY A 216 -32.10 -10.85 17.67
CA GLY A 216 -32.86 -12.06 17.86
C GLY A 216 -33.69 -11.96 19.12
N GLY A 217 -34.79 -12.71 19.16
CA GLY A 217 -35.66 -12.71 20.33
C GLY A 217 -36.70 -11.61 20.31
N HIS A 218 -36.54 -10.66 19.40
CA HIS A 218 -37.48 -9.57 19.26
C HIS A 218 -38.78 -10.00 18.59
N VAL A 219 -39.91 -9.48 19.07
CA VAL A 219 -41.19 -9.71 18.42
C VAL A 219 -41.47 -8.57 17.45
N LEU A 220 -41.76 -8.91 16.19
CA LEU A 220 -41.94 -7.89 15.16
C LEU A 220 -43.05 -8.24 14.18
N ARG A 221 -43.21 -7.37 13.18
CA ARG A 221 -44.12 -7.63 12.08
C ARG A 221 -43.37 -7.42 10.76
N LEU A 222 -43.69 -8.24 9.77
CA LEU A 222 -43.07 -8.15 8.45
C LEU A 222 -44.03 -7.48 7.48
N PHE A 223 -43.68 -6.29 7.00
CA PHE A 223 -44.59 -5.54 6.12
C PHE A 223 -44.13 -5.54 4.66
N HIS A 224 -45.09 -5.73 3.74
CA HIS A 224 -44.79 -5.74 2.32
C HIS A 224 -45.30 -4.50 1.62
N GLY A 225 -44.37 -3.66 1.14
CA GLY A 225 -44.71 -2.38 0.55
C GLY A 225 -45.24 -1.43 1.60
N HIS A 226 -44.80 -0.17 1.61
CA HIS A 226 -45.30 0.75 2.61
C HIS A 226 -46.81 0.93 2.43
N MET A 227 -47.53 -0.02 3.00
CA MET A 227 -48.96 0.07 3.22
C MET A 227 -49.19 -0.68 4.51
N ASP A 228 -50.43 -0.76 4.96
CA ASP A 228 -50.74 -1.63 6.09
C ASP A 228 -50.97 -3.05 5.59
N GLU A 229 -49.90 -3.71 5.16
CA GLU A 229 -49.98 -5.10 4.70
C GLU A 229 -48.81 -5.91 5.27
N CYS A 230 -49.12 -6.98 5.99
CA CYS A 230 -48.09 -7.73 6.70
C CYS A 230 -48.23 -9.25 6.59
N LEU A 231 -47.17 -9.96 6.96
CA LEU A 231 -47.20 -11.42 6.98
C LEU A 231 -47.98 -11.91 8.18
N THR A 232 -48.90 -12.84 7.93
CA THR A 232 -49.83 -13.30 8.96
C THR A 232 -50.40 -14.68 8.62
N ILE A 233 -50.93 -15.37 9.62
CA ILE A 233 -51.75 -16.55 9.39
C ILE A 233 -53.22 -16.18 9.61
N SER A 234 -54.13 -17.04 9.18
CA SER A 234 -55.57 -16.75 9.28
C SER A 234 -56.03 -16.60 10.73
N ALA A 235 -57.29 -16.22 10.90
CA ALA A 235 -57.82 -15.90 12.23
C ALA A 235 -58.63 -17.02 12.85
N ALA A 236 -58.72 -16.97 14.18
CA ALA A 236 -59.66 -17.78 14.96
C ALA A 236 -59.65 -19.27 14.63
N ASP A 237 -60.81 -19.78 14.21
CA ASP A 237 -60.94 -21.18 13.83
C ASP A 237 -61.21 -21.31 12.34
N SER A 238 -60.25 -20.86 11.52
CA SER A 238 -60.40 -20.86 10.07
C SER A 238 -60.28 -22.27 9.48
N ASP A 239 -60.72 -22.41 8.24
CA ASP A 239 -60.59 -23.67 7.52
C ASP A 239 -59.11 -24.03 7.35
N ASP A 240 -58.28 -22.99 7.31
CA ASP A 240 -56.82 -23.16 7.19
C ASP A 240 -56.23 -24.05 8.27
N GLN A 241 -56.91 -24.13 9.41
CA GLN A 241 -56.38 -24.73 10.63
C GLN A 241 -55.17 -23.91 11.09
N ARG A 242 -55.13 -22.65 10.67
CA ARG A 242 -54.08 -21.70 11.03
C ARG A 242 -52.70 -22.10 10.50
N ARG A 243 -52.66 -23.02 9.55
CA ARG A 243 -51.40 -23.56 9.01
C ARG A 243 -50.76 -22.67 7.97
N LEU A 244 -51.59 -22.05 7.14
CA LEU A 244 -51.11 -21.35 5.94
C LEU A 244 -50.73 -19.91 6.25
N VAL A 245 -49.87 -19.35 5.41
CA VAL A 245 -49.32 -18.00 5.62
C VAL A 245 -49.79 -17.04 4.54
N TYR A 246 -50.03 -15.78 4.92
CA TYR A 246 -50.62 -14.82 4.01
C TYR A 246 -50.04 -13.41 4.14
N TYR A 247 -50.15 -12.64 3.06
CA TYR A 247 -49.96 -11.20 3.14
C TYR A 247 -51.35 -10.57 3.26
N GLU A 248 -51.62 -9.95 4.39
CA GLU A 248 -52.94 -9.39 4.62
C GLU A 248 -52.86 -7.95 5.10
N GLY A 249 -53.84 -7.16 4.70
CA GLY A 249 -53.89 -5.75 5.06
C GLY A 249 -55.06 -5.40 5.94
N GLY A 250 -55.25 -4.12 6.17
CA GLY A 250 -56.33 -3.65 7.02
C GLY A 250 -56.00 -3.77 8.49
N ALA A 251 -56.94 -4.32 9.26
CA ALA A 251 -56.85 -4.31 10.71
C ALA A 251 -55.81 -5.29 11.28
N VAL A 252 -55.45 -6.29 10.50
CA VAL A 252 -54.56 -7.36 10.97
C VAL A 252 -53.22 -6.81 11.46
N CYS A 253 -52.77 -5.70 10.88
CA CYS A 253 -51.52 -5.07 11.27
C CYS A 253 -51.55 -4.62 12.72
N THR A 254 -52.74 -4.55 13.29
CA THR A 254 -52.92 -4.22 14.70
C THR A 254 -53.07 -5.49 15.53
N HIS A 255 -53.53 -6.56 14.89
CA HIS A 255 -53.89 -7.80 15.59
C HIS A 255 -52.68 -8.67 15.96
N ALA A 256 -52.91 -9.58 16.90
CA ALA A 256 -51.85 -10.43 17.44
C ALA A 256 -51.35 -11.47 16.45
N ARG A 257 -52.20 -11.83 15.49
CA ARG A 257 -51.87 -12.87 14.53
C ARG A 257 -50.67 -12.51 13.67
N SER A 258 -50.39 -11.23 13.51
CA SER A 258 -49.35 -10.79 12.59
C SER A 258 -47.98 -10.72 13.26
N LEU A 259 -47.92 -11.10 14.53
CA LEU A 259 -46.69 -10.98 15.30
C LEU A 259 -45.82 -12.22 15.18
N TRP A 260 -44.52 -12.00 14.99
CA TRP A 260 -43.56 -13.09 14.87
C TRP A 260 -42.38 -12.88 15.80
N ARG A 261 -41.80 -13.97 16.27
CA ARG A 261 -40.58 -13.88 17.06
C ARG A 261 -39.41 -14.47 16.28
N LEU A 262 -38.33 -13.70 16.18
CA LEU A 262 -37.14 -14.17 15.48
C LEU A 262 -36.21 -14.91 16.42
N GLU A 263 -35.85 -16.14 16.03
CA GLU A 263 -35.04 -17.00 16.88
C GLU A 263 -33.81 -17.53 16.13
N PRO A 264 -32.66 -16.90 16.35
CA PRO A 264 -31.38 -17.39 15.81
C PRO A 264 -31.09 -18.80 16.33
N LEU A 265 -30.29 -19.57 15.59
CA LEU A 265 -30.03 -20.94 16.01
C LEU A 265 -28.89 -21.01 17.03
N ARG A 266 -29.15 -20.45 18.20
CA ARG A 266 -28.22 -20.45 19.32
C ARG A 266 -28.96 -19.96 20.56
N ILE A 267 -28.45 -20.29 21.74
CA ILE A 267 -29.08 -19.87 22.99
C ILE A 267 -28.37 -18.65 23.57
N SER A 268 -27.08 -18.82 23.86
CA SER A 268 -26.25 -17.72 24.32
C SER A 268 -26.21 -16.64 23.25
N TRP A 269 -26.46 -15.40 23.66
CA TRP A 269 -26.51 -14.26 22.75
C TRP A 269 -27.43 -14.49 21.56
N SER A 270 -28.59 -15.09 21.83
CA SER A 270 -29.64 -15.18 20.82
C SER A 270 -30.13 -13.78 20.50
N GLY A 271 -30.00 -12.89 21.47
CA GLY A 271 -30.44 -11.52 21.34
C GLY A 271 -29.39 -10.59 20.76
N SER A 272 -28.37 -11.16 20.13
CA SER A 272 -27.37 -10.35 19.43
C SER A 272 -27.99 -9.76 18.17
N HIS A 273 -27.31 -8.77 17.58
CA HIS A 273 -27.77 -8.18 16.34
C HIS A 273 -27.91 -9.26 15.27
N LEU A 274 -29.00 -9.22 14.52
CA LEU A 274 -29.18 -10.13 13.40
C LEU A 274 -28.30 -9.69 12.25
N ARG A 275 -27.73 -10.66 11.55
CA ARG A 275 -26.92 -10.37 10.39
C ARG A 275 -27.54 -10.93 9.12
N TRP A 276 -27.23 -10.28 7.99
CA TRP A 276 -27.68 -10.76 6.70
C TRP A 276 -27.14 -12.15 6.42
N GLY A 277 -28.01 -13.07 6.07
CA GLY A 277 -27.60 -14.44 5.79
C GLY A 277 -27.57 -15.33 7.01
N GLN A 278 -27.80 -14.75 8.19
CA GLN A 278 -27.84 -15.54 9.41
C GLN A 278 -29.08 -16.42 9.43
N PRO A 279 -28.88 -17.73 9.65
CA PRO A 279 -30.05 -18.60 9.77
C PRO A 279 -30.84 -18.28 11.03
N LEU A 280 -32.16 -18.30 10.92
CA LEU A 280 -33.02 -18.08 12.07
C LEU A 280 -34.31 -18.85 11.91
N ARG A 281 -35.01 -19.03 13.02
CA ARG A 281 -36.34 -19.60 13.00
C ARG A 281 -37.34 -18.47 13.17
N ILE A 282 -38.46 -18.56 12.49
CA ILE A 282 -39.52 -17.57 12.64
C ILE A 282 -40.70 -18.21 13.36
N ARG A 283 -40.88 -17.86 14.63
CA ARG A 283 -41.94 -18.45 15.43
C ARG A 283 -43.17 -17.55 15.49
N HIS A 284 -44.32 -18.14 15.20
CA HIS A 284 -45.59 -17.46 15.38
C HIS A 284 -45.87 -17.37 16.88
N VAL A 285 -46.11 -16.16 17.39
CA VAL A 285 -46.20 -15.96 18.83
C VAL A 285 -47.44 -16.59 19.47
N THR A 286 -48.61 -16.34 18.89
CA THR A 286 -49.87 -16.76 19.50
C THR A 286 -50.08 -18.27 19.40
N THR A 287 -49.72 -18.84 18.27
CA THR A 287 -49.91 -20.28 18.07
C THR A 287 -48.69 -21.08 18.50
N GLY A 288 -47.53 -20.44 18.49
CA GLY A 288 -46.30 -21.10 18.92
C GLY A 288 -45.71 -22.01 17.86
N ARG A 289 -46.27 -21.95 16.65
CA ARG A 289 -45.80 -22.77 15.54
C ARG A 289 -44.75 -22.02 14.72
N TYR A 290 -44.00 -22.77 13.91
CA TYR A 290 -42.85 -22.21 13.21
C TYR A 290 -43.04 -22.16 11.70
N LEU A 291 -42.65 -21.03 11.11
CA LEU A 291 -42.62 -20.90 9.66
C LEU A 291 -41.69 -21.95 9.08
N ALA A 292 -42.16 -22.69 8.09
CA ALA A 292 -41.38 -23.79 7.55
C ALA A 292 -41.75 -24.12 6.12
N LEU A 293 -40.83 -24.77 5.42
CA LEU A 293 -41.13 -25.34 4.11
C LEU A 293 -41.39 -26.82 4.25
N THR A 294 -42.53 -27.27 3.74
CA THR A 294 -42.90 -28.68 3.77
C THR A 294 -42.92 -29.19 2.33
N GLU A 295 -42.50 -30.45 2.13
CA GLU A 295 -42.41 -31.02 0.79
C GLU A 295 -43.78 -31.08 0.11
N ASP A 296 -44.75 -31.71 0.77
CA ASP A 296 -46.10 -31.82 0.23
C ASP A 296 -46.85 -30.48 0.26
N GLN A 297 -46.80 -29.82 1.41
CA GLN A 297 -47.67 -28.68 1.67
C GLN A 297 -47.11 -27.34 1.19
N GLY A 298 -45.77 -27.24 1.15
CA GLY A 298 -45.14 -25.99 0.75
C GLY A 298 -44.92 -25.09 1.95
N LEU A 299 -45.11 -23.79 1.76
CA LEU A 299 -44.96 -22.85 2.87
C LEU A 299 -46.11 -22.96 3.86
N VAL A 300 -45.79 -23.39 5.08
CA VAL A 300 -46.75 -23.33 6.17
C VAL A 300 -46.10 -22.99 7.49
N VAL A 301 -46.92 -23.03 8.55
CA VAL A 301 -46.45 -22.90 9.91
C VAL A 301 -46.67 -24.25 10.60
N VAL A 302 -45.64 -24.75 11.27
CA VAL A 302 -45.64 -26.13 11.76
C VAL A 302 -45.33 -26.21 13.27
N ASP A 303 -45.88 -27.23 13.92
CA ASP A 303 -45.64 -27.47 15.35
C ASP A 303 -44.14 -27.56 15.67
N ALA A 304 -43.80 -27.28 16.92
CA ALA A 304 -42.40 -27.25 17.36
C ALA A 304 -41.73 -28.62 17.24
N CYS A 305 -42.55 -29.67 17.31
CA CYS A 305 -42.04 -31.04 17.21
C CYS A 305 -41.42 -31.31 15.84
N LYS A 306 -42.03 -30.78 14.80
CA LYS A 306 -41.60 -31.01 13.43
C LYS A 306 -40.70 -29.89 12.92
N ALA A 307 -40.31 -28.98 13.81
CA ALA A 307 -39.59 -27.78 13.42
C ALA A 307 -38.08 -27.97 13.35
N HIS A 308 -37.64 -29.08 12.74
CA HIS A 308 -36.22 -29.33 12.55
C HIS A 308 -35.61 -28.25 11.66
N THR A 309 -34.29 -28.05 11.79
CA THR A 309 -33.63 -26.86 11.26
C THR A 309 -33.77 -26.66 9.75
N LYS A 310 -33.82 -27.73 8.97
CA LYS A 310 -33.85 -27.61 7.53
C LYS A 310 -35.19 -27.08 7.01
N ALA A 311 -36.28 -27.56 7.58
CA ALA A 311 -37.60 -27.06 7.21
C ALA A 311 -37.82 -25.66 7.75
N THR A 312 -37.14 -25.34 8.85
CA THR A 312 -37.47 -24.15 9.64
C THR A 312 -36.56 -22.94 9.41
N SER A 313 -35.30 -23.16 9.03
CA SER A 313 -34.34 -22.07 8.93
C SER A 313 -34.59 -21.12 7.76
N PHE A 314 -34.72 -19.84 8.07
CA PHE A 314 -34.77 -18.78 7.06
C PHE A 314 -33.66 -17.77 7.33
N CYS A 315 -33.49 -16.81 6.42
CA CYS A 315 -32.51 -15.75 6.63
C CYS A 315 -32.93 -14.47 5.91
N PHE A 316 -32.41 -13.33 6.36
CA PHE A 316 -32.67 -12.07 5.69
C PHE A 316 -31.55 -11.76 4.71
N ARG A 317 -31.94 -11.25 3.55
CA ARG A 317 -31.04 -11.15 2.42
C ARG A 317 -31.10 -9.78 1.78
N VAL A 318 -29.92 -9.18 1.56
CA VAL A 318 -29.85 -7.83 1.00
C VAL A 318 -30.56 -7.78 -0.34
N SER A 319 -30.37 -8.80 -1.16
CA SER A 319 -31.11 -8.93 -2.41
C SER A 319 -31.27 -10.39 -2.83
N LYS A 320 -31.40 -10.62 -4.13
CA LYS A 320 -31.76 -11.96 -4.62
C LYS A 320 -30.59 -12.80 -5.14
N GLU A 321 -29.48 -12.14 -5.50
CA GLU A 321 -28.22 -12.86 -5.66
C GLU A 321 -27.96 -13.62 -4.36
N LYS A 322 -27.27 -14.75 -4.48
CA LYS A 322 -27.13 -15.66 -3.35
C LYS A 322 -26.50 -15.02 -2.10
N LEU A 323 -25.50 -14.13 -2.19
CA LEU A 323 -24.49 -14.03 -3.25
C LEU A 323 -23.68 -15.33 -3.37
N ASP A 324 -23.25 -15.97 -2.26
CA ASP A 324 -23.35 -15.51 -0.86
C ASP A 324 -22.43 -14.34 -0.43
N THR A 325 -21.21 -14.20 -0.98
CA THR A 325 -20.53 -15.19 -1.81
C THR A 325 -19.89 -16.19 -0.84
N ALA A 326 -19.89 -15.77 0.42
CA ALA A 326 -19.36 -16.56 1.52
C ALA A 326 -19.97 -16.06 2.83
N PRO A 327 -20.17 -16.97 3.79
CA PRO A 327 -20.62 -16.62 5.13
C PRO A 327 -19.45 -16.33 6.08
N LYS A 328 -19.44 -15.16 6.72
CA LYS A 328 -18.36 -14.82 7.64
C LYS A 328 -18.46 -15.63 8.93
N ARG A 329 -17.63 -15.31 9.91
CA ARG A 329 -17.59 -16.10 11.13
C ARG A 329 -18.07 -15.35 12.36
N ASP A 330 -19.01 -15.99 13.04
CA ASP A 330 -19.75 -15.44 14.17
C ASP A 330 -18.88 -14.88 15.30
N VAL A 331 -19.28 -13.72 15.81
CA VAL A 331 -18.75 -13.20 17.05
C VAL A 331 -19.86 -13.35 18.09
N GLU A 332 -19.50 -13.81 19.28
CA GLU A 332 -20.53 -14.19 20.25
C GLU A 332 -21.19 -12.99 20.91
N GLY A 333 -20.47 -11.87 20.99
CA GLY A 333 -21.03 -10.66 21.58
C GLY A 333 -22.21 -10.11 20.80
N MET A 334 -22.59 -8.87 21.09
CA MET A 334 -23.69 -8.21 20.39
C MET A 334 -23.49 -8.26 18.88
N GLY A 335 -22.23 -8.12 18.45
CA GLY A 335 -21.90 -8.18 17.04
C GLY A 335 -22.17 -6.88 16.32
N PRO A 336 -21.77 -6.79 15.04
CA PRO A 336 -22.08 -5.62 14.23
C PRO A 336 -23.57 -5.52 13.95
N PRO A 337 -24.15 -4.33 14.18
CA PRO A 337 -25.55 -4.02 13.84
C PRO A 337 -25.73 -3.88 12.32
N GLU A 338 -26.52 -4.76 11.72
CA GLU A 338 -26.66 -4.80 10.27
C GLU A 338 -28.04 -4.36 9.78
N ILE A 339 -29.09 -4.87 10.41
CA ILE A 339 -30.45 -4.62 9.96
C ILE A 339 -31.19 -3.62 10.84
N LYS A 340 -31.75 -2.58 10.21
CA LYS A 340 -32.51 -1.58 10.94
C LYS A 340 -34.02 -1.77 10.76
N TYR A 341 -34.79 -1.43 11.78
CA TYR A 341 -36.24 -1.46 11.69
C TYR A 341 -36.74 -0.32 10.81
N GLY A 342 -37.60 -0.63 9.85
CA GLY A 342 -38.14 0.37 8.95
C GLY A 342 -37.20 0.75 7.83
N GLU A 343 -35.94 1.00 8.18
CA GLU A 343 -34.94 1.42 7.21
C GLU A 343 -34.60 0.32 6.20
N SER A 344 -34.28 -0.87 6.70
CA SER A 344 -33.76 -1.94 5.87
C SER A 344 -34.84 -2.70 5.09
N LEU A 345 -34.59 -2.90 3.80
CA LEU A 345 -35.42 -3.75 2.97
C LEU A 345 -34.82 -5.17 2.97
N CYS A 346 -35.63 -6.15 3.34
CA CYS A 346 -35.12 -7.51 3.49
C CYS A 346 -35.86 -8.52 2.62
N PHE A 347 -35.10 -9.35 1.91
CA PHE A 347 -35.66 -10.51 1.24
C PHE A 347 -35.54 -11.72 2.18
N VAL A 348 -36.65 -12.39 2.45
CA VAL A 348 -36.61 -13.59 3.28
C VAL A 348 -36.35 -14.80 2.39
N GLN A 349 -35.33 -15.59 2.74
CA GLN A 349 -34.96 -16.75 1.95
C GLN A 349 -34.91 -18.02 2.79
N HIS A 350 -35.49 -19.09 2.27
CA HIS A 350 -35.34 -20.39 2.91
C HIS A 350 -33.90 -20.84 2.74
N VAL A 351 -33.25 -21.16 3.85
CA VAL A 351 -31.84 -21.51 3.83
C VAL A 351 -31.56 -22.76 2.99
N ALA A 352 -32.21 -23.86 3.34
CA ALA A 352 -31.99 -25.13 2.66
C ALA A 352 -32.30 -25.08 1.17
N SER A 353 -33.49 -24.56 0.84
CA SER A 353 -33.95 -24.56 -0.54
C SER A 353 -33.36 -23.42 -1.36
N GLY A 354 -33.22 -22.25 -0.74
CA GLY A 354 -32.76 -21.07 -1.44
C GLY A 354 -33.95 -20.36 -2.05
N LEU A 355 -35.14 -20.84 -1.73
CA LEU A 355 -36.38 -20.27 -2.23
C LEU A 355 -36.70 -18.95 -1.55
N TRP A 356 -37.40 -18.08 -2.27
CA TRP A 356 -37.72 -16.76 -1.75
C TRP A 356 -39.14 -16.66 -1.23
N LEU A 357 -39.32 -15.99 -0.10
CA LEU A 357 -40.65 -15.70 0.41
C LEU A 357 -41.33 -14.73 -0.55
N THR A 358 -42.49 -15.13 -1.06
CA THR A 358 -43.22 -14.29 -1.98
C THR A 358 -44.73 -14.53 -1.85
N TYR A 359 -45.49 -13.86 -2.71
CA TYR A 359 -46.94 -14.01 -2.73
C TYR A 359 -47.38 -14.76 -3.97
N ALA A 360 -48.38 -15.61 -3.80
CA ALA A 360 -48.99 -16.28 -4.94
C ALA A 360 -49.94 -15.29 -5.61
N ALA A 361 -51.08 -15.08 -4.95
CA ALA A 361 -52.08 -14.10 -5.37
C ALA A 361 -53.26 -14.14 -4.42
N PRO A 362 -54.05 -13.06 -4.40
CA PRO A 362 -55.41 -13.26 -3.93
C PRO A 362 -56.16 -13.97 -5.03
N ASP A 363 -57.46 -14.19 -4.89
CA ASP A 363 -58.11 -14.99 -5.89
C ASP A 363 -58.52 -14.23 -7.16
N PRO A 364 -58.72 -12.89 -7.11
CA PRO A 364 -59.04 -11.83 -6.15
C PRO A 364 -60.50 -11.42 -6.34
N LYS A 365 -61.24 -12.34 -6.97
CA LYS A 365 -62.65 -12.14 -7.27
C LYS A 365 -63.46 -13.43 -7.14
N ALA A 366 -62.79 -14.57 -6.95
CA ALA A 366 -63.47 -15.86 -6.94
C ALA A 366 -63.25 -16.75 -5.70
N LEU A 367 -64.32 -16.87 -4.91
CA LEU A 367 -64.60 -17.83 -3.81
C LEU A 367 -63.96 -17.53 -2.44
N ARG A 368 -64.60 -16.57 -1.77
CA ARG A 368 -64.27 -15.93 -0.48
C ARG A 368 -64.48 -14.44 -0.73
N LEU A 369 -64.55 -14.13 -2.02
CA LEU A 369 -64.19 -12.84 -2.60
C LEU A 369 -65.41 -11.96 -2.90
N GLY A 370 -65.25 -10.64 -2.97
CA GLY A 370 -63.97 -9.93 -2.91
C GLY A 370 -63.57 -9.41 -1.54
N VAL A 371 -62.26 -9.48 -1.28
CA VAL A 371 -61.62 -9.09 -0.02
C VAL A 371 -60.12 -9.08 -0.31
N LEU A 372 -59.34 -8.20 0.32
CA LEU A 372 -57.89 -8.28 0.14
C LEU A 372 -57.31 -9.45 0.96
N LYS A 373 -56.50 -10.29 0.31
CA LYS A 373 -55.80 -11.40 0.99
C LYS A 373 -54.93 -12.21 0.02
N LYS A 374 -53.61 -12.12 0.17
CA LYS A 374 -52.70 -12.89 -0.69
C LYS A 374 -52.04 -14.04 0.06
N LYS A 375 -51.89 -15.19 -0.59
CA LYS A 375 -51.19 -16.31 0.05
C LYS A 375 -49.68 -16.17 -0.09
N ALA A 376 -48.98 -16.44 0.99
CA ALA A 376 -47.52 -16.42 0.99
C ALA A 376 -46.97 -17.79 0.61
N ILE A 377 -46.07 -17.82 -0.36
CA ILE A 377 -45.41 -19.05 -0.75
C ILE A 377 -43.91 -18.85 -0.94
N LEU A 378 -43.20 -19.95 -1.13
CA LEU A 378 -41.81 -19.90 -1.54
C LEU A 378 -41.70 -20.20 -3.03
N HIS A 379 -40.95 -19.37 -3.74
CA HIS A 379 -40.70 -19.64 -5.15
C HIS A 379 -39.23 -19.39 -5.47
N GLN A 380 -38.76 -19.99 -6.55
CA GLN A 380 -37.37 -19.87 -6.96
C GLN A 380 -37.04 -18.43 -7.36
N GLU A 381 -37.92 -17.84 -8.16
CA GLU A 381 -37.72 -16.49 -8.64
C GLU A 381 -38.25 -15.45 -7.66
N GLY A 382 -39.50 -15.62 -7.26
CA GLY A 382 -40.19 -14.61 -6.47
C GLY A 382 -40.47 -13.41 -7.36
N HIS A 383 -40.69 -12.26 -6.76
CA HIS A 383 -40.93 -11.03 -7.53
C HIS A 383 -39.94 -9.94 -7.13
N MET A 384 -39.91 -8.87 -7.92
CA MET A 384 -39.00 -7.74 -7.65
C MET A 384 -39.37 -7.03 -6.36
N ASP A 385 -40.67 -7.00 -6.04
CA ASP A 385 -41.17 -6.26 -4.88
C ASP A 385 -41.12 -7.08 -3.58
N ASP A 386 -40.45 -8.23 -3.62
CA ASP A 386 -40.48 -9.17 -2.51
C ASP A 386 -39.91 -8.63 -1.20
N ALA A 387 -39.06 -7.59 -1.29
CA ALA A 387 -38.40 -7.03 -0.12
C ALA A 387 -39.37 -6.54 0.95
N LEU A 388 -39.17 -6.96 2.18
CA LEU A 388 -39.99 -6.53 3.31
C LEU A 388 -39.22 -5.57 4.22
N PHE A 389 -39.94 -4.81 5.03
CA PHE A 389 -39.30 -4.05 6.09
C PHE A 389 -39.87 -4.46 7.44
N LEU A 390 -39.09 -4.29 8.50
CA LEU A 390 -39.52 -4.70 9.83
C LEU A 390 -39.50 -3.57 10.85
N THR A 391 -40.60 -3.39 11.58
CA THR A 391 -40.67 -2.43 12.67
C THR A 391 -41.09 -3.10 13.97
N ARG A 392 -40.34 -2.85 15.04
CA ARG A 392 -40.65 -3.43 16.34
C ARG A 392 -41.93 -2.84 16.94
N CYS A 393 -42.78 -3.70 17.49
CA CYS A 393 -44.02 -3.24 18.12
C CYS A 393 -43.77 -2.50 19.45
N GLN A 394 -44.31 -3.03 20.55
CA GLN A 394 -44.14 -2.44 21.88
C GLN A 394 -44.24 -3.54 22.93
N GLN A 395 -43.77 -2.83 24.29
CA GLN A 395 -43.77 -3.87 25.31
C GLN A 395 -45.18 -4.31 25.72
N GLU A 396 -46.09 -3.36 25.89
CA GLU A 396 -47.44 -3.68 26.35
C GLU A 396 -48.17 -4.62 25.40
N GLU A 397 -47.91 -4.48 24.11
CA GLU A 397 -48.56 -5.30 23.10
C GLU A 397 -47.87 -6.65 22.98
N SER A 398 -46.54 -6.62 23.04
CA SER A 398 -45.73 -7.84 22.99
C SER A 398 -46.03 -8.76 24.17
N GLN A 399 -46.09 -8.18 25.37
CA GLN A 399 -46.37 -8.97 26.57
C GLN A 399 -47.78 -9.51 26.53
N ALA A 400 -48.72 -8.69 26.09
CA ALA A 400 -50.11 -9.11 25.93
C ALA A 400 -50.19 -10.29 24.98
N ALA A 401 -49.39 -10.23 23.92
CA ALA A 401 -49.37 -11.27 22.89
C ALA A 401 -49.00 -12.64 23.45
N ARG A 402 -47.96 -12.68 24.27
CA ARG A 402 -47.54 -13.93 24.90
C ARG A 402 -48.55 -14.33 25.97
N MET A 403 -49.13 -13.34 26.64
CA MET A 403 -50.20 -13.60 27.60
C MET A 403 -51.31 -14.38 26.92
N ILE A 404 -51.70 -13.95 25.73
CA ILE A 404 -52.67 -14.67 24.91
C ILE A 404 -52.26 -16.11 24.71
N HIS A 405 -51.01 -16.29 24.30
CA HIS A 405 -50.44 -17.59 23.99
C HIS A 405 -50.63 -18.58 25.13
N SER A 406 -50.13 -18.22 26.31
CA SER A 406 -50.24 -19.09 27.48
C SER A 406 -51.69 -19.25 27.92
N THR A 407 -52.43 -18.13 27.89
CA THR A 407 -53.84 -18.11 28.26
C THR A 407 -54.66 -19.07 27.40
N ALA A 408 -54.50 -18.96 26.09
CA ALA A 408 -55.18 -19.84 25.17
C ALA A 408 -54.80 -21.29 25.42
N GLY A 409 -53.51 -21.54 25.62
CA GLY A 409 -53.00 -22.87 25.88
C GLY A 409 -53.58 -23.50 27.12
N LEU A 410 -53.68 -22.72 28.19
CA LEU A 410 -54.16 -23.23 29.47
C LEU A 410 -55.64 -23.63 29.41
N TYR A 411 -56.48 -22.70 28.94
CA TYR A 411 -57.91 -22.94 28.87
C TYR A 411 -58.24 -24.06 27.90
N ASN A 412 -57.52 -24.13 26.80
CA ASN A 412 -57.70 -25.20 25.82
C ASN A 412 -57.43 -26.56 26.44
N GLN A 413 -56.38 -26.65 27.25
CA GLN A 413 -56.12 -27.88 27.97
C GLN A 413 -57.20 -28.08 29.04
N PHE A 414 -57.62 -26.98 29.66
CA PHE A 414 -58.66 -27.04 30.68
C PHE A 414 -59.95 -27.60 30.08
N ILE A 415 -60.40 -27.00 28.98
CA ILE A 415 -61.63 -27.47 28.34
C ILE A 415 -61.45 -28.84 27.70
N LYS A 416 -60.22 -29.17 27.31
CA LYS A 416 -59.94 -30.48 26.74
C LYS A 416 -60.14 -31.56 27.79
N GLY A 417 -59.70 -31.27 29.01
CA GLY A 417 -59.90 -32.17 30.13
C GLY A 417 -61.37 -32.37 30.42
N LEU A 418 -62.13 -31.27 30.44
CA LEU A 418 -63.57 -31.32 30.67
C LEU A 418 -64.29 -32.15 29.62
N ASP A 419 -63.87 -32.01 28.37
CA ASP A 419 -64.49 -32.74 27.26
C ASP A 419 -64.30 -34.24 27.41
N SER A 420 -63.13 -34.64 27.92
CA SER A 420 -62.80 -36.05 28.06
C SER A 420 -63.75 -36.77 29.02
N PHE A 421 -63.88 -36.25 30.24
CA PHE A 421 -64.68 -36.93 31.25
C PHE A 421 -66.16 -36.53 31.23
N SER A 422 -66.61 -35.88 30.16
CA SER A 422 -68.02 -35.52 30.08
C SER A 422 -68.88 -36.72 29.69
N GLY A 423 -68.34 -37.62 28.87
CA GLY A 423 -69.04 -38.86 28.53
C GLY A 423 -69.51 -39.55 29.80
N LYS A 424 -68.77 -39.25 30.85
CA LYS A 424 -68.99 -39.70 32.21
C LYS A 424 -70.08 -38.83 32.92
N PRO A 425 -71.11 -39.46 33.53
CA PRO A 425 -72.13 -38.77 34.34
C PRO A 425 -72.49 -39.31 35.75
N ARG A 426 -72.24 -38.49 36.79
CA ARG A 426 -72.76 -38.60 38.18
C ARG A 426 -72.57 -39.95 38.88
N GLY A 427 -71.76 -39.94 39.95
CA GLY A 427 -71.46 -41.17 40.67
C GLY A 427 -70.07 -41.22 41.28
N SER A 428 -69.75 -42.39 41.82
CA SER A 428 -68.57 -42.65 42.65
C SER A 428 -67.69 -43.80 42.16
N GLY A 429 -66.39 -43.56 41.95
CA GLY A 429 -65.43 -44.59 41.57
C GLY A 429 -63.99 -44.09 41.56
N PRO A 430 -62.98 -44.99 41.62
CA PRO A 430 -61.56 -44.59 41.58
C PRO A 430 -60.84 -44.72 40.23
N PRO A 431 -60.58 -43.58 39.56
CA PRO A 431 -59.84 -43.55 38.30
C PRO A 431 -58.52 -42.77 38.36
N ALA A 432 -57.57 -43.10 37.47
CA ALA A 432 -56.31 -42.39 37.40
C ALA A 432 -56.19 -41.63 36.08
N GLY A 433 -56.00 -40.32 36.17
CA GLY A 433 -55.81 -39.49 34.99
C GLY A 433 -55.22 -38.15 35.38
N PRO A 434 -54.61 -37.45 34.41
CA PRO A 434 -54.09 -36.11 34.68
C PRO A 434 -55.20 -35.18 35.14
N ALA A 435 -54.99 -34.54 36.29
CA ALA A 435 -55.99 -33.63 36.83
C ALA A 435 -56.05 -32.35 36.01
N LEU A 436 -57.22 -31.72 36.00
CA LEU A 436 -57.39 -30.41 35.38
C LEU A 436 -56.46 -29.42 36.08
N PRO A 437 -55.70 -28.64 35.32
CA PRO A 437 -54.91 -27.57 35.94
C PRO A 437 -55.80 -26.59 36.69
N ILE A 438 -56.26 -27.01 37.86
CA ILE A 438 -57.13 -26.20 38.71
C ILE A 438 -56.38 -25.00 39.28
N GLU A 439 -55.20 -25.27 39.84
CA GLU A 439 -54.39 -24.21 40.44
C GLU A 439 -54.00 -23.15 39.41
N ALA A 440 -53.68 -23.60 38.21
CA ALA A 440 -53.23 -22.71 37.15
C ALA A 440 -54.36 -21.84 36.64
N VAL A 441 -55.52 -22.45 36.46
CA VAL A 441 -56.66 -21.73 35.91
C VAL A 441 -57.13 -20.68 36.92
N ILE A 442 -57.10 -20.99 38.20
CA ILE A 442 -57.50 -20.03 39.23
C ILE A 442 -56.58 -18.80 39.21
N LEU A 443 -55.28 -19.04 39.24
CA LEU A 443 -54.28 -17.96 39.18
C LEU A 443 -54.45 -17.15 37.90
N SER A 444 -54.48 -17.84 36.77
CA SER A 444 -54.64 -17.22 35.46
C SER A 444 -55.86 -16.30 35.41
N LEU A 445 -56.98 -16.77 35.93
CA LEU A 445 -58.19 -15.97 36.01
C LEU A 445 -57.93 -14.79 36.94
N GLN A 446 -57.30 -15.05 38.08
CA GLN A 446 -57.00 -14.02 39.08
C GLN A 446 -56.15 -12.88 38.50
N ASP A 447 -55.03 -13.23 37.87
CA ASP A 447 -54.11 -12.22 37.35
C ASP A 447 -54.64 -11.52 36.11
N LEU A 448 -55.52 -12.20 35.36
CA LEU A 448 -56.16 -11.58 34.21
C LEU A 448 -57.16 -10.53 34.67
N ILE A 449 -57.94 -10.84 35.70
CA ILE A 449 -58.88 -9.89 36.27
C ILE A 449 -58.16 -8.61 36.71
N GLY A 450 -57.03 -8.80 37.39
CA GLY A 450 -56.22 -7.68 37.83
C GLY A 450 -55.66 -6.89 36.66
N TYR A 451 -55.31 -7.60 35.59
CA TYR A 451 -54.79 -6.97 34.39
C TYR A 451 -55.84 -6.07 33.74
N PHE A 452 -57.10 -6.50 33.80
CA PHE A 452 -58.19 -5.78 33.16
C PHE A 452 -58.86 -4.77 34.10
N GLU A 453 -58.40 -4.72 35.35
CA GLU A 453 -58.88 -3.72 36.31
C GLU A 453 -58.69 -2.32 35.75
N PRO A 454 -59.77 -1.51 35.75
CA PRO A 454 -59.67 -0.10 35.38
C PRO A 454 -58.65 0.62 36.26
N PRO A 455 -58.01 1.68 35.74
CA PRO A 455 -57.00 2.45 36.48
C PRO A 455 -57.53 2.97 37.81
N SER A 456 -58.84 3.30 37.85
CA SER A 456 -59.67 3.55 39.05
C SER A 456 -60.07 5.03 39.22
N GLU A 457 -59.96 5.52 40.45
CA GLU A 457 -60.38 6.86 40.82
C GLU A 457 -59.32 7.57 41.64
N GLU A 458 -58.21 6.88 41.82
CA GLU A 458 -57.25 7.19 42.88
C GLU A 458 -55.84 7.26 42.31
N LEU A 459 -55.25 8.44 42.14
CA LEU A 459 -55.65 9.73 42.72
C LEU A 459 -57.05 10.33 42.40
N GLN A 460 -57.56 10.21 41.18
CA GLN A 460 -56.77 9.94 39.98
C GLN A 460 -57.01 11.14 39.09
N HIS A 461 -56.40 11.14 37.91
CA HIS A 461 -56.65 12.17 36.89
C HIS A 461 -56.11 13.56 37.26
N GLU A 462 -55.54 14.28 36.30
CA GLU A 462 -55.52 13.88 34.89
C GLU A 462 -54.64 12.66 34.60
N GLU A 463 -53.37 12.70 35.03
CA GLU A 463 -52.44 11.58 34.85
C GLU A 463 -53.10 10.20 35.01
N LYS A 464 -52.71 9.27 34.14
CA LYS A 464 -53.30 7.93 34.05
C LYS A 464 -54.78 8.00 33.63
N GLN A 465 -55.16 9.10 32.96
CA GLN A 465 -56.47 9.20 32.34
C GLN A 465 -56.55 8.30 31.12
N SER A 466 -55.45 8.25 30.39
CA SER A 466 -55.38 7.55 29.12
C SER A 466 -55.18 6.05 29.31
N LYS A 467 -55.18 5.63 30.57
CA LYS A 467 -55.09 4.21 30.91
C LYS A 467 -56.30 3.46 30.36
N LEU A 468 -57.42 4.15 30.26
CA LEU A 468 -58.62 3.59 29.64
C LEU A 468 -58.33 3.19 28.19
N ARG A 469 -57.48 3.96 27.52
CA ARG A 469 -57.06 3.64 26.16
C ARG A 469 -56.28 2.32 26.14
N SER A 470 -55.32 2.20 27.05
CA SER A 470 -54.50 1.01 27.14
C SER A 470 -55.34 -0.21 27.45
N LEU A 471 -56.26 -0.06 28.42
CA LEU A 471 -57.17 -1.15 28.76
C LEU A 471 -57.95 -1.59 27.53
N ARG A 472 -58.61 -0.64 26.89
CA ARG A 472 -59.39 -0.88 25.69
C ARG A 472 -58.56 -1.58 24.61
N ASN A 473 -57.34 -1.10 24.42
CA ASN A 473 -56.41 -1.74 23.49
C ASN A 473 -56.14 -3.17 23.92
N ARG A 474 -55.70 -3.32 25.15
CA ARG A 474 -55.39 -4.64 25.70
C ARG A 474 -56.61 -5.53 25.66
N GLN A 475 -57.78 -4.97 25.99
CA GLN A 475 -59.04 -5.69 25.82
C GLN A 475 -59.18 -6.17 24.38
N SER A 476 -59.10 -5.22 23.45
CA SER A 476 -59.24 -5.49 22.02
C SER A 476 -58.30 -6.58 21.52
N LEU A 477 -57.06 -6.56 22.01
CA LEU A 477 -56.06 -7.56 21.64
C LEU A 477 -56.55 -8.95 22.03
N PHE A 478 -57.05 -9.08 23.26
CA PHE A 478 -57.62 -10.34 23.73
C PHE A 478 -58.84 -10.72 22.90
N GLN A 479 -59.77 -9.78 22.73
CA GLN A 479 -61.01 -10.01 21.97
C GLN A 479 -60.74 -10.55 20.57
N GLU A 480 -59.82 -9.91 19.86
CA GLU A 480 -59.50 -10.27 18.49
C GLU A 480 -58.92 -11.67 18.40
N GLU A 481 -58.26 -12.11 19.47
CA GLU A 481 -57.70 -13.45 19.54
C GLU A 481 -58.76 -14.47 19.96
N GLY A 482 -59.97 -13.98 20.20
CA GLY A 482 -61.10 -14.84 20.53
C GLY A 482 -61.07 -15.35 21.96
N MET A 483 -60.60 -14.51 22.88
CA MET A 483 -60.51 -14.87 24.28
C MET A 483 -61.89 -14.96 24.92
N LEU A 484 -62.83 -14.20 24.40
CA LEU A 484 -64.20 -14.21 24.91
C LEU A 484 -64.83 -15.57 24.69
N SER A 485 -64.86 -16.01 23.42
CA SER A 485 -65.36 -17.33 23.05
C SER A 485 -64.72 -18.41 23.92
N LEU A 486 -63.41 -18.28 24.15
CA LEU A 486 -62.66 -19.22 24.98
C LEU A 486 -63.18 -19.23 26.42
N VAL A 487 -63.36 -18.04 26.99
CA VAL A 487 -63.92 -17.91 28.33
C VAL A 487 -65.34 -18.46 28.38
N LEU A 488 -66.13 -18.12 27.37
CA LEU A 488 -67.50 -18.60 27.24
C LEU A 488 -67.55 -20.13 27.15
N ASN A 489 -66.60 -20.71 26.42
CA ASN A 489 -66.51 -22.16 26.30
C ASN A 489 -66.34 -22.82 27.67
N CYS A 490 -65.43 -22.26 28.47
CA CYS A 490 -65.21 -22.74 29.82
C CYS A 490 -66.47 -22.66 30.66
N ILE A 491 -67.14 -21.52 30.58
CA ILE A 491 -68.38 -21.29 31.30
C ILE A 491 -69.44 -22.33 30.95
N ASP A 492 -69.76 -22.44 29.67
CA ASP A 492 -70.76 -23.37 29.16
C ASP A 492 -70.50 -24.82 29.60
N ARG A 493 -69.25 -25.24 29.49
CA ARG A 493 -68.89 -26.62 29.82
C ARG A 493 -69.01 -26.87 31.33
N LEU A 494 -68.67 -25.86 32.13
CA LEU A 494 -68.83 -25.95 33.57
C LEU A 494 -70.30 -25.89 33.95
N ASN A 495 -71.09 -25.15 33.18
CA ASN A 495 -72.51 -24.96 33.45
C ASN A 495 -73.36 -26.22 33.32
N VAL A 496 -72.86 -27.19 32.56
CA VAL A 496 -73.56 -28.46 32.35
C VAL A 496 -73.90 -29.09 33.69
N TYR A 497 -72.96 -29.05 34.62
CA TYR A 497 -73.19 -29.49 35.98
C TYR A 497 -73.89 -28.38 36.76
N THR A 498 -75.07 -28.70 37.29
CA THR A 498 -75.86 -27.75 38.05
C THR A 498 -75.14 -27.29 39.31
N THR A 499 -74.95 -28.23 40.25
CA THR A 499 -74.24 -27.96 41.49
C THR A 499 -72.73 -28.01 41.25
N ALA A 500 -72.28 -29.16 40.74
CA ALA A 500 -70.89 -29.42 40.36
C ALA A 500 -70.87 -30.86 39.87
N ALA A 501 -69.70 -31.47 39.90
CA ALA A 501 -69.63 -32.93 39.87
C ALA A 501 -70.31 -33.39 41.15
N HIS A 502 -71.46 -34.03 41.02
CA HIS A 502 -72.29 -34.38 42.18
C HIS A 502 -71.54 -35.24 43.19
N PHE A 503 -70.59 -36.03 42.70
CA PHE A 503 -69.81 -36.98 43.52
C PHE A 503 -68.32 -36.94 43.17
N ALA A 504 -67.61 -37.98 43.60
CA ALA A 504 -66.16 -38.10 43.47
C ALA A 504 -65.64 -38.15 42.02
N GLU A 505 -66.20 -39.04 41.18
CA GLU A 505 -65.78 -39.06 39.77
C GLU A 505 -66.58 -38.00 39.01
N TYR A 506 -66.31 -37.87 37.71
CA TYR A 506 -66.96 -36.89 36.82
C TYR A 506 -66.36 -35.52 37.02
N ALA A 507 -65.15 -35.59 37.58
CA ALA A 507 -64.21 -34.54 37.88
C ALA A 507 -63.42 -35.25 38.95
N GLY A 508 -62.51 -34.55 39.62
CA GLY A 508 -61.88 -35.12 40.79
C GLY A 508 -62.77 -34.83 41.97
N GLU A 509 -62.53 -35.49 43.10
CA GLU A 509 -63.18 -35.08 44.34
C GLU A 509 -62.69 -33.68 44.70
N GLU A 510 -61.39 -33.49 44.55
CA GLU A 510 -60.77 -32.19 44.82
C GLU A 510 -61.12 -31.16 43.75
N ALA A 511 -61.38 -31.63 42.53
CA ALA A 511 -61.71 -30.73 41.44
C ALA A 511 -63.08 -30.09 41.67
N ALA A 512 -63.98 -30.85 42.27
CA ALA A 512 -65.33 -30.37 42.56
C ALA A 512 -65.31 -29.20 43.54
N GLU A 513 -64.33 -29.22 44.44
CA GLU A 513 -64.17 -28.16 45.44
C GLU A 513 -64.05 -26.79 44.78
N SER A 514 -63.35 -26.74 43.65
CA SER A 514 -62.97 -25.47 43.03
C SER A 514 -63.96 -24.98 41.97
N TRP A 515 -65.00 -25.76 41.70
CA TRP A 515 -65.92 -25.44 40.61
C TRP A 515 -66.55 -24.06 40.73
N LYS A 516 -67.09 -23.75 41.91
CA LYS A 516 -67.81 -22.49 42.07
C LYS A 516 -66.86 -21.31 41.95
N GLU A 517 -65.68 -21.43 42.54
CA GLU A 517 -64.64 -20.41 42.39
C GLU A 517 -64.40 -20.12 40.90
N ILE A 518 -64.00 -21.16 40.18
CA ILE A 518 -63.64 -21.06 38.77
C ILE A 518 -64.73 -20.42 37.91
N VAL A 519 -65.92 -21.02 37.91
CA VAL A 519 -67.09 -20.42 37.25
C VAL A 519 -67.25 -18.98 37.68
N ASN A 520 -67.02 -18.73 38.96
CA ASN A 520 -67.18 -17.38 39.48
C ASN A 520 -66.09 -16.43 38.99
N LEU A 521 -64.92 -16.95 38.69
CA LEU A 521 -63.85 -16.11 38.19
C LEU A 521 -63.97 -15.90 36.67
N LEU A 522 -64.54 -16.89 35.97
CA LEU A 522 -64.72 -16.81 34.52
C LEU A 522 -65.62 -15.65 34.11
N TYR A 523 -66.81 -15.56 34.71
CA TYR A 523 -67.74 -14.47 34.43
C TYR A 523 -67.14 -13.12 34.81
N GLU A 524 -66.40 -13.08 35.92
CA GLU A 524 -65.76 -11.83 36.36
C GLU A 524 -64.72 -11.43 35.33
N LEU A 525 -64.08 -12.43 34.74
CA LEU A 525 -63.16 -12.19 33.63
C LEU A 525 -63.95 -11.68 32.43
N LEU A 526 -64.97 -12.44 32.03
CA LEU A 526 -65.82 -12.07 30.91
C LEU A 526 -66.32 -10.65 31.06
N ALA A 527 -66.75 -10.32 32.28
CA ALA A 527 -67.09 -8.96 32.65
C ALA A 527 -65.99 -8.00 32.24
N SER A 528 -64.80 -8.22 32.80
CA SER A 528 -63.66 -7.33 32.60
C SER A 528 -63.26 -7.16 31.14
N LEU A 529 -63.51 -8.19 30.33
CA LEU A 529 -63.21 -8.13 28.91
C LEU A 529 -64.09 -7.11 28.22
N ILE A 530 -65.33 -7.02 28.66
CA ILE A 530 -66.31 -6.11 28.07
C ILE A 530 -66.25 -4.74 28.71
N ARG A 531 -66.08 -4.72 30.03
CA ARG A 531 -66.09 -3.49 30.84
C ARG A 531 -65.30 -2.33 30.23
N GLY A 532 -65.81 -1.12 30.43
CA GLY A 532 -65.26 0.04 29.75
C GLY A 532 -66.09 0.31 28.51
N ASN A 533 -67.20 1.02 28.70
CA ASN A 533 -68.14 1.28 27.62
C ASN A 533 -67.52 2.07 26.46
N UNK A 590 -64.76 -5.00 22.29
CA UNK A 590 -65.45 -3.73 22.48
C UNK A 590 -66.97 -3.91 22.33
N UNK A 591 -67.63 -2.89 21.80
CA UNK A 591 -69.08 -2.90 21.71
C UNK A 591 -69.60 -4.03 20.82
N UNK A 592 -68.92 -4.29 19.71
CA UNK A 592 -69.30 -5.36 18.79
C UNK A 592 -69.16 -6.75 19.43
N UNK A 593 -68.08 -6.90 20.18
CA UNK A 593 -67.82 -8.14 20.88
C UNK A 593 -68.98 -8.28 21.85
N UNK A 594 -69.35 -7.17 22.44
CA UNK A 594 -70.41 -7.13 23.41
C UNK A 594 -71.72 -7.58 22.78
N UNK A 595 -72.01 -7.15 21.56
CA UNK A 595 -73.21 -7.57 20.83
C UNK A 595 -73.26 -9.06 20.50
N UNK A 596 -72.12 -9.61 20.10
CA UNK A 596 -72.08 -11.04 19.83
C UNK A 596 -72.33 -11.76 21.15
N UNK A 597 -71.74 -11.19 22.18
CA UNK A 597 -71.78 -11.70 23.51
C UNK A 597 -73.23 -11.71 23.92
N UNK A 598 -73.92 -10.68 23.49
CA UNK A 598 -75.34 -10.40 23.70
C UNK A 598 -76.29 -11.41 23.07
N UNK A 599 -76.02 -11.87 21.85
CA UNK A 599 -76.80 -13.01 21.34
C UNK A 599 -76.52 -14.24 22.22
N UNK A 600 -75.23 -14.39 22.51
CA UNK A 600 -74.80 -15.53 23.30
C UNK A 600 -75.46 -15.43 24.67
N UNK A 601 -75.86 -14.22 25.03
CA UNK A 601 -76.30 -13.86 26.36
C UNK A 601 -77.79 -13.64 26.45
N UNK A 602 -78.48 -13.74 25.33
CA UNK A 602 -79.86 -14.18 25.30
C UNK A 602 -79.73 -15.62 25.78
N UNK A 603 -78.72 -16.31 25.22
CA UNK A 603 -78.45 -17.63 25.77
C UNK A 603 -78.09 -17.46 27.25
N UNK A 604 -77.37 -16.40 27.56
CA UNK A 604 -76.92 -16.13 28.92
C UNK A 604 -78.06 -15.87 29.90
N UNK A 605 -79.09 -15.17 29.45
CA UNK A 605 -80.27 -14.89 30.25
C UNK A 605 -80.94 -16.19 30.53
N UNK A 606 -80.96 -17.04 29.51
CA UNK A 606 -81.57 -18.34 29.69
C UNK A 606 -80.79 -19.07 30.78
N UNK A 607 -79.47 -18.98 30.73
CA UNK A 607 -78.61 -19.62 31.72
C UNK A 607 -78.84 -19.08 33.13
N UNK A 608 -79.02 -17.77 33.21
CA UNK A 608 -79.22 -17.05 34.46
C UNK A 608 -80.49 -17.57 35.10
N UNK A 609 -75.47 -14.80 39.79
CA UNK A 609 -75.42 -13.65 40.67
C UNK A 609 -74.38 -12.68 40.14
N UNK A 610 -73.12 -13.02 40.37
CA UNK A 610 -72.03 -12.20 39.92
C UNK A 610 -72.12 -12.15 38.40
N UNK A 611 -72.51 -13.26 37.82
CA UNK A 611 -72.71 -13.30 36.39
C UNK A 611 -73.81 -12.29 36.08
N UNK A 612 -74.79 -12.20 36.96
CA UNK A 612 -75.89 -11.27 36.76
C UNK A 612 -75.43 -9.83 36.73
N UNK A 613 -74.54 -9.48 37.64
CA UNK A 613 -73.96 -8.15 37.69
C UNK A 613 -73.17 -7.89 36.41
N UNK A 614 -72.46 -8.90 35.96
CA UNK A 614 -71.66 -8.76 34.76
C UNK A 614 -72.59 -8.45 33.61
N UNK A 615 -73.71 -9.15 33.56
CA UNK A 615 -74.68 -8.97 32.49
C UNK A 615 -75.22 -7.56 32.52
N UNK A 616 -75.51 -7.08 33.72
CA UNK A 616 -76.05 -5.74 33.85
C UNK A 616 -75.03 -4.73 33.36
N UNK A 617 -73.78 -4.96 33.70
CA UNK A 617 -72.71 -4.07 33.27
C UNK A 617 -72.61 -4.06 31.76
N UNK A 618 -72.74 -5.25 31.15
CA UNK A 618 -72.68 -5.37 29.71
C UNK A 618 -73.83 -4.61 29.08
N UNK A 619 -75.00 -4.70 29.68
CA UNK A 619 -76.17 -4.00 29.18
C UNK A 619 -75.93 -2.50 29.24
N UNK A 620 -75.19 -2.04 30.23
CA UNK A 620 -74.92 -0.61 30.29
C UNK A 620 -74.20 -0.16 29.02
N UNK A 621 -73.25 -0.97 28.56
CA UNK A 621 -72.49 -0.67 27.35
C UNK A 621 -73.25 -0.64 26.01
N UNK A 622 -74.18 -1.58 25.83
CA UNK A 622 -74.73 -1.93 24.51
C UNK A 622 -75.54 -0.87 23.75
N UNK A 623 -75.44 -0.91 22.42
CA UNK A 623 -76.22 -0.06 21.51
C UNK A 623 -77.69 -0.49 21.38
N UNK A 624 -78.53 0.48 21.00
CA UNK A 624 -79.97 0.30 20.93
C UNK A 624 -80.35 -1.06 20.35
N UNK A 625 -79.60 -1.48 19.33
CA UNK A 625 -79.81 -2.78 18.74
C UNK A 625 -79.53 -3.86 19.78
N UNK A 626 -78.50 -3.65 20.57
CA UNK A 626 -78.13 -4.63 21.58
C UNK A 626 -79.31 -4.72 22.53
N UNK A 627 -79.86 -3.57 22.88
CA UNK A 627 -81.03 -3.56 23.72
C UNK A 627 -82.21 -4.20 23.00
N UNK A 628 -82.36 -3.89 21.72
CA UNK A 628 -83.55 -4.31 20.99
C UNK A 628 -83.69 -5.82 20.90
N UNK A 629 -82.59 -6.49 20.61
CA UNK A 629 -82.62 -7.94 20.46
C UNK A 629 -82.97 -8.63 21.76
N UNK A 630 -82.48 -8.05 22.85
CA UNK A 630 -82.79 -8.53 24.20
C UNK A 630 -84.28 -8.36 24.44
N UNK A 631 -84.83 -7.47 23.61
CA UNK A 631 -86.10 -6.75 23.76
C UNK A 631 -87.48 -7.44 23.75
N UNK A 632 -87.72 -8.43 22.90
CA UNK A 632 -89.07 -9.00 22.77
C UNK A 632 -89.19 -10.49 23.11
N UNK A 633 -88.37 -11.28 22.44
CA UNK A 633 -88.01 -12.60 22.92
C UNK A 633 -87.22 -12.32 24.19
N UNK A 634 -86.39 -11.28 24.12
CA UNK A 634 -85.71 -10.72 25.27
C UNK A 634 -86.67 -9.92 26.14
N UNK A 635 -87.84 -9.59 25.60
CA UNK A 635 -88.98 -9.12 26.40
C UNK A 635 -89.45 -10.20 27.33
N UNK A 636 -89.53 -11.41 26.77
CA UNK A 636 -89.80 -12.59 27.56
C UNK A 636 -88.64 -12.76 28.53
N UNK A 637 -87.45 -12.43 28.04
CA UNK A 637 -86.24 -12.52 28.84
C UNK A 637 -86.33 -11.58 30.03
N UNK A 638 -86.93 -10.43 29.79
CA UNK A 638 -87.27 -9.37 30.74
C UNK A 638 -88.30 -9.77 31.78
N UNK A 639 -89.29 -10.54 31.36
CA UNK A 639 -90.22 -11.14 32.30
C UNK A 639 -89.36 -12.03 33.17
N UNK A 640 -88.41 -12.70 32.53
CA UNK A 640 -87.46 -13.58 33.22
C UNK A 640 -86.63 -12.80 34.22
N UNK A 641 -86.24 -11.58 33.84
CA UNK A 641 -85.51 -10.66 34.70
C UNK A 641 -86.32 -10.24 35.92
N UNK A 642 -87.61 -9.98 35.73
CA UNK A 642 -88.49 -9.67 36.84
C UNK A 642 -88.52 -10.88 37.76
N UNK A 643 -88.54 -12.05 37.14
CA UNK A 643 -88.52 -13.30 37.87
C UNK A 643 -87.26 -13.43 38.69
N UNK A 644 -86.14 -13.03 38.10
CA UNK A 644 -84.84 -13.06 38.75
C UNK A 644 -84.83 -12.12 39.94
N UNK A 645 -85.50 -10.99 39.76
CA UNK A 645 -85.64 -10.00 40.82
C UNK A 645 -86.41 -10.60 41.98
N UNK A 646 -87.48 -11.32 41.69
CA UNK A 646 -88.22 -11.97 42.76
C UNK A 646 -87.28 -12.97 43.41
N UNK A 647 -86.56 -13.68 42.56
CA UNK A 647 -85.65 -14.73 42.98
C UNK A 647 -84.53 -14.17 43.83
N UNK A 648 -83.95 -13.05 43.42
CA UNK A 648 -82.98 -12.44 44.30
C UNK A 648 -83.64 -12.34 45.65
N PHE A 649 -87.62 -14.22 68.24
CA PHE A 649 -87.59 -13.50 66.97
C PHE A 649 -88.24 -14.34 65.87
N VAL A 650 -88.51 -13.70 64.73
CA VAL A 650 -89.09 -14.38 63.58
C VAL A 650 -88.14 -14.26 62.38
N GLY A 651 -87.85 -15.39 61.75
CA GLY A 651 -86.90 -15.42 60.66
C GLY A 651 -87.38 -16.14 59.41
N ARG A 652 -87.34 -15.43 58.28
CA ARG A 652 -87.69 -16.02 56.99
C ARG A 652 -86.43 -16.31 56.18
N ALA A 653 -86.51 -17.28 55.27
CA ALA A 653 -85.37 -17.64 54.45
C ALA A 653 -85.18 -16.67 53.28
N GLU A 654 -84.20 -16.95 52.43
CA GLU A 654 -83.80 -16.02 51.36
C GLU A 654 -84.50 -16.29 50.02
N GLY A 655 -84.86 -17.54 49.78
CA GLY A 655 -85.52 -17.87 48.54
C GLY A 655 -86.84 -18.56 48.78
N SER A 656 -87.60 -18.78 47.70
CA SER A 656 -88.95 -19.31 47.80
C SER A 656 -89.46 -19.93 46.49
N THR A 657 -90.53 -20.71 46.58
CA THR A 657 -91.18 -21.24 45.38
C THR A 657 -92.54 -20.57 45.17
N GLN A 658 -92.71 -19.96 44.00
CA GLN A 658 -93.90 -19.14 43.70
C GLN A 658 -95.26 -19.86 43.66
N TYR A 659 -95.31 -21.03 43.04
CA TYR A 659 -96.60 -21.69 42.79
C TYR A 659 -96.59 -23.21 42.92
N GLY A 660 -97.77 -23.79 43.15
CA GLY A 660 -97.90 -25.24 43.24
C GLY A 660 -97.19 -25.96 44.41
N LYS A 661 -96.67 -27.16 44.18
CA LYS A 661 -96.24 -28.01 45.31
C LYS A 661 -94.76 -27.92 45.69
N TRP A 662 -94.49 -27.52 46.93
CA TRP A 662 -93.14 -27.62 47.49
C TRP A 662 -93.18 -28.09 48.91
N TYR A 663 -91.98 -28.30 49.43
CA TYR A 663 -91.80 -28.92 50.71
C TYR A 663 -90.43 -28.53 51.22
N PHE A 664 -90.31 -28.41 52.53
CA PHE A 664 -89.03 -28.18 53.16
C PHE A 664 -89.10 -28.86 54.52
N GLU A 665 -87.95 -29.15 55.10
CA GLU A 665 -87.95 -29.84 56.38
C GLU A 665 -87.19 -29.04 57.43
N VAL A 666 -87.62 -29.19 58.68
CA VAL A 666 -87.02 -28.47 59.78
C VAL A 666 -86.64 -29.46 60.88
N MET A 667 -85.34 -29.68 61.05
CA MET A 667 -84.85 -30.63 62.04
C MET A 667 -84.30 -29.92 63.27
N VAL A 668 -84.90 -30.20 64.42
CA VAL A 668 -84.44 -29.62 65.68
C VAL A 668 -83.15 -30.28 66.15
N ASP A 669 -82.06 -29.50 66.16
CA ASP A 669 -80.78 -30.01 66.62
C ASP A 669 -80.79 -30.18 68.13
N GLU A 670 -81.28 -29.16 68.84
CA GLU A 670 -81.39 -29.23 70.31
C GLU A 670 -82.27 -28.12 70.87
N VAL A 671 -82.81 -28.36 72.06
CA VAL A 671 -83.64 -27.39 72.77
C VAL A 671 -83.06 -27.18 74.17
N VAL A 672 -83.34 -26.03 74.77
CA VAL A 672 -82.99 -25.72 76.16
C VAL A 672 -83.59 -26.77 77.13
N PRO A 673 -83.22 -26.72 78.43
CA PRO A 673 -83.73 -27.80 79.29
C PRO A 673 -85.25 -27.81 79.53
N PHE A 674 -86.00 -26.97 78.79
CA PHE A 674 -87.45 -26.86 78.92
C PHE A 674 -87.87 -26.25 80.26
N LEU A 675 -88.52 -25.10 80.20
CA LEU A 675 -88.91 -24.36 81.39
C LEU A 675 -90.11 -24.98 82.11
N THR A 676 -90.36 -24.54 83.34
CA THR A 676 -91.37 -25.15 84.19
C THR A 676 -92.80 -24.82 83.76
N ALA A 677 -92.94 -23.90 82.83
CA ALA A 677 -94.26 -23.52 82.34
C ALA A 677 -94.52 -24.12 80.96
N GLN A 678 -94.78 -23.27 79.98
CA GLN A 678 -95.04 -23.71 78.61
C GLN A 678 -93.79 -23.59 77.74
N ALA A 679 -93.01 -22.53 77.95
CA ALA A 679 -91.80 -22.25 77.18
C ALA A 679 -90.81 -23.42 77.21
N THR A 680 -89.96 -23.56 76.20
CA THR A 680 -89.85 -22.61 75.08
C THR A 680 -90.38 -23.19 73.77
N HIS A 681 -90.80 -22.30 72.87
CA HIS A 681 -91.46 -22.73 71.63
C HIS A 681 -90.61 -22.51 70.39
N LEU A 682 -90.66 -23.48 69.48
CA LEU A 682 -89.97 -23.40 68.20
C LEU A 682 -91.01 -23.49 67.08
N ARG A 683 -91.79 -22.43 66.93
CA ARG A 683 -92.91 -22.43 65.98
C ARG A 683 -92.44 -22.39 64.53
N VAL A 684 -92.99 -23.28 63.70
CA VAL A 684 -92.59 -23.39 62.32
C VAL A 684 -93.76 -23.21 61.36
N GLY A 685 -93.50 -22.67 60.18
CA GLY A 685 -94.55 -22.45 59.21
C GLY A 685 -94.12 -21.74 57.93
N TRP A 686 -95.02 -20.92 57.39
CA TRP A 686 -94.77 -20.21 56.14
C TRP A 686 -95.36 -18.80 56.24
N ALA A 687 -94.72 -17.81 55.61
CA ALA A 687 -95.13 -16.41 55.79
C ALA A 687 -94.73 -15.48 54.65
N LEU A 688 -95.65 -14.60 54.27
CA LEU A 688 -95.37 -13.52 53.32
C LEU A 688 -94.31 -12.57 53.89
N THR A 689 -93.88 -11.61 53.08
CA THR A 689 -92.72 -10.77 53.43
C THR A 689 -93.06 -9.58 54.30
N GLU A 690 -94.35 -9.23 54.39
CA GLU A 690 -94.76 -8.21 55.35
C GLU A 690 -94.91 -8.85 56.73
N GLY A 691 -94.63 -10.13 56.81
CA GLY A 691 -94.73 -10.87 58.05
C GLY A 691 -93.81 -10.38 59.14
N GLY A 706 -94.93 -15.34 67.45
CA GLY A 706 -94.07 -15.74 66.34
C GLY A 706 -94.83 -15.88 65.03
N VAL A 707 -94.55 -16.98 64.32
CA VAL A 707 -95.15 -17.22 63.02
C VAL A 707 -96.67 -17.41 63.07
N GLY A 708 -97.41 -16.39 62.66
CA GLY A 708 -98.85 -16.48 62.65
C GLY A 708 -99.48 -15.46 63.56
N ASP A 709 -98.68 -14.49 64.01
CA ASP A 709 -99.19 -13.44 64.89
C ASP A 709 -99.80 -12.30 64.08
N ASP A 710 -99.81 -12.44 62.76
CA ASP A 710 -100.39 -11.42 61.90
C ASP A 710 -101.06 -12.00 60.65
N LEU A 711 -101.47 -11.10 59.76
CA LEU A 711 -102.21 -11.47 58.55
C LEU A 711 -101.32 -12.08 57.47
N TYR A 712 -100.02 -12.13 57.71
CA TYR A 712 -99.08 -12.55 56.67
C TYR A 712 -98.42 -13.90 56.94
N SER A 713 -98.78 -14.56 58.05
CA SER A 713 -98.09 -15.79 58.43
C SER A 713 -98.99 -16.87 59.04
N TYR A 714 -98.50 -18.11 58.99
CA TYR A 714 -99.20 -19.27 59.55
C TYR A 714 -98.19 -20.27 60.10
N GLY A 715 -98.39 -20.78 61.30
CA GLY A 715 -97.43 -21.69 61.91
C GLY A 715 -97.91 -22.58 63.05
N PHE A 716 -97.15 -23.65 63.31
CA PHE A 716 -97.49 -24.62 64.35
C PHE A 716 -96.49 -24.57 65.51
N ASP A 717 -97.02 -24.67 66.73
CA ASP A 717 -96.18 -24.57 67.93
C ASP A 717 -95.65 -25.93 68.39
N GLY A 718 -94.39 -25.96 68.80
CA GLY A 718 -93.75 -27.20 69.21
C GLY A 718 -94.24 -27.78 70.53
N LEU A 719 -94.57 -26.91 71.48
CA LEU A 719 -94.98 -27.36 72.80
C LEU A 719 -96.45 -27.07 73.10
N HIS A 720 -96.97 -25.96 72.57
CA HIS A 720 -98.37 -25.61 72.77
C HIS A 720 -99.25 -26.54 71.95
N LEU A 721 -98.69 -27.03 70.84
CA LEU A 721 -99.33 -28.00 69.96
C LEU A 721 -100.55 -27.46 69.25
N TRP A 722 -100.64 -26.15 69.14
CA TRP A 722 -101.73 -25.51 68.38
C TRP A 722 -101.20 -24.91 67.09
N THR A 723 -101.87 -25.20 65.98
CA THR A 723 -101.53 -24.58 64.71
C THR A 723 -102.22 -23.21 64.63
N GLY A 724 -101.43 -22.16 64.56
CA GLY A 724 -101.96 -20.80 64.53
C GLY A 724 -102.07 -20.23 63.14
N HIS A 725 -103.26 -19.74 62.80
CA HIS A 725 -103.48 -19.14 61.50
C HIS A 725 -103.99 -17.73 61.67
N VAL A 726 -103.06 -16.78 61.72
CA VAL A 726 -103.42 -15.39 61.89
C VAL A 726 -104.24 -15.32 63.17
N ALA A 727 -103.66 -14.78 64.25
CA ALA A 727 -104.41 -14.74 65.49
C ALA A 727 -105.66 -13.92 65.21
N ARG A 728 -106.81 -14.44 65.63
CA ARG A 728 -108.06 -13.96 65.10
C ARG A 728 -108.05 -14.26 63.59
N PRO A 729 -108.88 -15.26 63.07
CA PRO A 729 -109.87 -15.83 63.98
C PRO A 729 -109.56 -17.17 64.65
N VAL A 730 -108.43 -17.83 64.41
CA VAL A 730 -108.29 -19.15 65.03
C VAL A 730 -106.86 -19.66 65.21
N THR A 731 -106.56 -20.06 66.45
CA THR A 731 -105.41 -20.90 66.76
C THR A 731 -105.96 -22.11 67.51
N SER A 732 -105.67 -23.31 67.03
CA SER A 732 -106.34 -24.51 67.55
C SER A 732 -105.45 -25.75 67.57
N PRO A 733 -105.74 -26.71 68.49
CA PRO A 733 -104.96 -27.93 68.67
C PRO A 733 -104.75 -28.75 67.40
N GLY A 734 -103.55 -29.31 67.24
CA GLY A 734 -103.22 -30.09 66.05
C GLY A 734 -102.66 -31.46 66.37
N GLN A 735 -101.39 -31.52 66.75
CA GLN A 735 -100.71 -32.79 66.93
C GLN A 735 -99.98 -32.91 68.26
N HIS A 736 -99.01 -33.84 68.30
CA HIS A 736 -98.32 -34.20 69.52
C HIS A 736 -97.04 -33.39 69.73
N LEU A 737 -96.37 -33.64 70.85
CA LEU A 737 -95.22 -32.86 71.27
C LEU A 737 -94.03 -32.98 70.33
N LEU A 738 -93.33 -31.86 70.15
CA LEU A 738 -92.10 -31.83 69.38
C LEU A 738 -90.90 -31.61 70.31
N ALA A 739 -89.75 -32.14 69.92
CA ALA A 739 -88.57 -32.17 70.79
C ALA A 739 -87.33 -32.31 69.91
N PRO A 740 -86.11 -32.22 70.50
CA PRO A 740 -84.91 -32.44 69.68
C PRO A 740 -84.94 -33.76 68.89
N GLU A 741 -84.27 -33.76 67.74
CA GLU A 741 -84.20 -34.88 66.79
C GLU A 741 -85.45 -35.01 65.91
N ASP A 742 -86.51 -34.27 66.25
CA ASP A 742 -87.72 -34.31 65.44
C ASP A 742 -87.54 -33.56 64.12
N VAL A 743 -88.03 -34.17 63.05
CA VAL A 743 -88.00 -33.53 61.73
C VAL A 743 -89.41 -33.20 61.25
N VAL A 744 -89.74 -31.92 61.23
CA VAL A 744 -91.05 -31.47 60.76
C VAL A 744 -91.01 -31.09 59.30
N SER A 745 -91.79 -31.78 58.48
CA SER A 745 -91.87 -31.48 57.06
C SER A 745 -93.08 -30.61 56.77
N CYS A 746 -92.84 -29.48 56.11
CA CYS A 746 -93.93 -28.60 55.75
C CYS A 746 -94.18 -28.69 54.25
N CYS A 747 -95.22 -29.43 53.88
CA CYS A 747 -95.61 -29.50 52.49
C CYS A 747 -96.78 -28.56 52.21
N LEU A 748 -96.50 -27.56 51.40
CA LEU A 748 -97.52 -26.63 50.95
C LEU A 748 -97.96 -27.00 49.53
N ASP A 749 -98.98 -27.84 49.40
CA ASP A 749 -99.57 -28.10 48.10
C ASP A 749 -100.27 -26.86 47.58
N LEU A 750 -100.04 -26.53 46.31
CA LEU A 750 -100.59 -25.34 45.67
C LEU A 750 -102.10 -25.26 45.50
N SER A 751 -102.71 -26.40 45.15
CA SER A 751 -104.04 -26.43 44.55
C SER A 751 -105.24 -25.89 45.33
N VAL A 752 -105.34 -26.19 46.63
CA VAL A 752 -106.55 -25.84 47.37
C VAL A 752 -106.83 -24.32 47.49
N PRO A 753 -105.78 -23.43 47.74
CA PRO A 753 -104.47 -24.03 48.05
C PRO A 753 -104.50 -24.73 49.40
N SER A 754 -103.88 -25.90 49.45
CA SER A 754 -103.88 -26.74 50.64
C SER A 754 -102.50 -26.98 51.22
N ILE A 755 -102.32 -26.67 52.50
CA ILE A 755 -101.01 -26.80 53.14
C ILE A 755 -101.03 -27.72 54.35
N SER A 756 -100.10 -28.68 54.38
CA SER A 756 -100.09 -29.71 55.41
C SER A 756 -98.70 -29.94 56.00
N PHE A 757 -98.66 -30.44 57.23
CA PHE A 757 -97.41 -30.79 57.89
C PHE A 757 -97.22 -32.31 57.97
N ARG A 758 -95.98 -32.74 58.07
CA ARG A 758 -95.66 -34.12 58.40
C ARG A 758 -94.64 -34.13 59.54
N ILE A 759 -94.87 -34.99 60.53
CA ILE A 759 -93.98 -35.06 61.68
C ILE A 759 -93.27 -36.40 61.72
N ASN A 760 -91.96 -36.37 61.50
CA ASN A 760 -91.14 -37.57 61.37
C ASN A 760 -91.69 -38.51 60.30
N GLY A 761 -92.21 -37.92 59.22
CA GLY A 761 -92.72 -38.68 58.10
C GLY A 761 -94.22 -38.89 58.12
N CYS A 762 -94.85 -38.63 59.26
CA CYS A 762 -96.28 -38.88 59.43
C CYS A 762 -97.12 -37.64 59.16
N PRO A 763 -97.95 -37.68 58.11
CA PRO A 763 -98.85 -36.59 57.75
C PRO A 763 -99.83 -36.23 58.87
N VAL A 764 -99.98 -34.94 59.14
CA VAL A 764 -100.88 -34.46 60.18
C VAL A 764 -102.24 -34.13 59.59
N GLN A 765 -102.39 -34.44 58.30
CA GLN A 765 -103.52 -34.05 57.44
C GLN A 765 -103.42 -32.59 57.02
N GLY A 766 -104.16 -32.23 55.98
CA GLY A 766 -104.29 -30.85 55.56
C GLY A 766 -104.93 -30.05 56.66
N VAL A 767 -104.23 -29.03 57.13
CA VAL A 767 -104.71 -28.22 58.25
C VAL A 767 -105.88 -27.34 57.79
N PHE A 768 -105.64 -26.47 56.82
CA PHE A 768 -106.71 -25.67 56.23
C PHE A 768 -106.47 -25.45 54.74
N GLU A 769 -107.47 -24.89 54.07
CA GLU A 769 -107.36 -24.57 52.65
C GLU A 769 -107.73 -23.11 52.39
N ALA A 770 -107.41 -22.63 51.19
CA ALA A 770 -107.72 -21.26 50.76
C ALA A 770 -107.12 -20.19 51.68
N PHE A 771 -105.79 -20.19 51.80
CA PHE A 771 -105.11 -19.23 52.67
C PHE A 771 -104.94 -17.86 52.00
N ASN A 772 -104.31 -16.93 52.71
CA ASN A 772 -103.99 -15.62 52.13
C ASN A 772 -102.66 -15.70 51.42
N LEU A 773 -102.73 -16.16 50.18
CA LEU A 773 -101.57 -16.64 49.47
C LEU A 773 -101.29 -15.72 48.30
N ASP A 774 -102.06 -14.65 48.29
CA ASP A 774 -101.88 -13.51 47.42
C ASP A 774 -100.47 -12.94 47.55
N GLY A 775 -99.47 -13.67 47.08
CA GLY A 775 -98.12 -13.16 47.12
C GLY A 775 -97.05 -14.16 47.47
N LEU A 776 -96.03 -13.68 48.16
CA LEU A 776 -94.82 -14.46 48.33
C LEU A 776 -94.51 -14.80 49.76
N PHE A 777 -94.66 -16.07 50.09
CA PHE A 777 -94.26 -16.56 51.39
C PHE A 777 -92.78 -16.82 51.40
N PHE A 778 -92.34 -17.35 52.53
CA PHE A 778 -90.95 -17.68 52.78
C PHE A 778 -91.00 -18.71 53.87
N PRO A 779 -90.11 -19.71 53.84
CA PRO A 779 -90.15 -20.65 54.95
C PRO A 779 -89.71 -19.93 56.22
N VAL A 780 -90.59 -19.91 57.21
CA VAL A 780 -90.37 -19.09 58.39
C VAL A 780 -90.48 -19.90 59.68
N VAL A 781 -89.51 -19.69 60.56
CA VAL A 781 -89.51 -20.29 61.87
C VAL A 781 -89.21 -19.20 62.89
N SER A 782 -89.98 -19.18 63.96
CA SER A 782 -89.77 -18.19 65.02
C SER A 782 -89.23 -18.90 66.26
N PHE A 783 -88.27 -18.29 66.93
CA PHE A 783 -87.55 -18.96 68.00
C PHE A 783 -87.65 -18.27 69.35
N SER A 784 -87.61 -19.07 70.41
CA SER A 784 -87.47 -18.57 71.78
C SER A 784 -86.29 -19.28 72.43
N ALA A 785 -85.46 -18.52 73.15
CA ALA A 785 -84.35 -19.11 73.89
C ALA A 785 -83.18 -19.44 72.98
N GLY A 786 -82.12 -20.01 73.56
CA GLY A 786 -80.98 -20.48 72.80
C GLY A 786 -81.07 -21.91 72.31
N VAL A 787 -81.94 -22.15 71.34
CA VAL A 787 -82.05 -23.47 70.72
C VAL A 787 -81.28 -23.50 69.40
N LYS A 788 -81.24 -24.66 68.77
CA LYS A 788 -80.50 -24.82 67.52
C LYS A 788 -81.26 -25.73 66.55
N VAL A 789 -81.34 -25.31 65.29
CA VAL A 789 -82.15 -26.00 64.29
C VAL A 789 -81.48 -26.03 62.92
N ARG A 790 -81.52 -27.18 62.26
CA ARG A 790 -81.01 -27.31 60.90
C ARG A 790 -82.15 -27.29 59.88
N PHE A 791 -81.89 -26.73 58.71
CA PHE A 791 -82.92 -26.56 57.68
C PHE A 791 -82.62 -27.31 56.40
N LEU A 792 -83.65 -27.97 55.86
CA LEU A 792 -83.56 -28.63 54.56
C LEU A 792 -84.59 -28.04 53.61
N LEU A 793 -84.14 -27.16 52.71
CA LEU A 793 -85.04 -26.40 51.85
C LEU A 793 -85.43 -27.14 50.58
N GLY A 794 -84.75 -28.25 50.30
CA GLY A 794 -85.07 -29.05 49.13
C GLY A 794 -84.27 -28.66 47.89
N GLY A 795 -84.54 -29.34 46.78
CA GLY A 795 -85.56 -30.38 46.73
C GLY A 795 -85.05 -31.75 47.13
N ARG A 796 -83.74 -31.84 47.32
CA ARG A 796 -83.12 -33.10 47.74
C ARG A 796 -82.78 -33.07 49.24
N HIS A 797 -83.44 -33.94 49.99
CA HIS A 797 -83.22 -34.02 51.43
C HIS A 797 -82.39 -35.26 51.79
N GLY A 798 -81.61 -35.16 52.87
CA GLY A 798 -80.78 -36.26 53.32
C GLY A 798 -81.60 -37.35 53.97
N PHE A 851 -108.08 -7.56 88.61
CA PHE A 851 -107.91 -7.97 89.99
C PHE A 851 -108.39 -9.40 90.21
N VAL A 852 -107.48 -10.27 90.65
CA VAL A 852 -107.86 -11.61 91.07
C VAL A 852 -107.49 -11.83 92.51
N PRO A 853 -108.27 -11.25 93.43
CA PRO A 853 -108.00 -11.42 94.87
C PRO A 853 -108.22 -12.86 95.30
N CYS A 854 -107.17 -13.45 95.89
CA CYS A 854 -107.26 -14.81 96.40
C CYS A 854 -106.91 -14.81 97.87
N PRO A 855 -107.93 -14.89 98.73
CA PRO A 855 -107.70 -14.97 100.18
C PRO A 855 -106.96 -16.26 100.52
N VAL A 856 -106.20 -16.26 101.61
CA VAL A 856 -105.51 -17.49 102.02
C VAL A 856 -106.54 -18.53 102.41
N ASP A 857 -106.44 -19.72 101.79
CA ASP A 857 -107.36 -20.81 102.08
C ASP A 857 -107.02 -21.44 103.43
N THR A 858 -107.96 -21.33 104.37
CA THR A 858 -107.75 -21.85 105.71
C THR A 858 -108.78 -22.92 106.06
N VAL A 859 -109.35 -23.55 105.04
CA VAL A 859 -110.43 -24.50 105.23
C VAL A 859 -109.96 -25.77 105.95
N GLN A 860 -108.67 -26.04 105.90
CA GLN A 860 -108.12 -27.25 106.49
C GLN A 860 -107.16 -26.95 107.65
N ILE A 861 -107.22 -25.75 108.18
CA ILE A 861 -106.36 -25.35 109.29
C ILE A 861 -106.96 -25.72 110.63
N VAL A 862 -106.19 -26.43 111.44
CA VAL A 862 -106.60 -26.75 112.81
C VAL A 862 -105.89 -25.83 113.79
N LEU A 863 -106.66 -25.17 114.64
CA LEU A 863 -106.11 -24.30 115.66
C LEU A 863 -105.59 -25.12 116.83
N PRO A 864 -104.28 -25.02 117.10
CA PRO A 864 -103.64 -25.75 118.20
C PRO A 864 -104.13 -25.26 119.55
N PRO A 865 -104.12 -26.14 120.58
CA PRO A 865 -104.59 -25.86 121.93
C PRO A 865 -103.96 -24.63 122.58
N HIS A 866 -102.73 -24.30 122.19
CA HIS A 866 -102.01 -23.17 122.78
C HIS A 866 -102.69 -21.82 122.54
N LEU A 867 -103.63 -21.78 121.60
CA LEU A 867 -104.29 -20.54 121.21
C LEU A 867 -105.70 -20.38 121.78
N GLU A 868 -106.20 -21.40 122.45
CA GLU A 868 -107.55 -21.35 123.00
C GLU A 868 -107.69 -20.26 124.05
N ARG A 869 -106.63 -20.03 124.82
CA ARG A 869 -106.63 -19.00 125.85
C ARG A 869 -106.79 -17.60 125.25
N ILE A 870 -106.13 -17.37 124.10
CA ILE A 870 -106.24 -16.10 123.40
C ILE A 870 -107.65 -15.89 122.85
N ARG A 871 -108.16 -16.90 122.15
CA ARG A 871 -109.50 -16.83 121.54
C ARG A 871 -110.55 -16.47 122.58
N GLU A 872 -110.49 -17.14 123.73
CA GLU A 872 -111.41 -16.87 124.82
C GLU A 872 -111.24 -15.45 125.38
N LYS A 873 -109.98 -15.05 125.57
CA LYS A 873 -109.67 -13.75 126.15
C LYS A 873 -110.01 -12.61 125.19
N LEU A 874 -109.63 -12.76 123.93
CA LEU A 874 -109.89 -11.75 122.93
C LEU A 874 -111.39 -11.63 122.63
N ALA A 875 -112.09 -12.75 122.64
CA ALA A 875 -113.52 -12.76 122.41
C ALA A 875 -114.25 -11.99 123.51
N GLU A 876 -113.83 -12.22 124.75
CA GLU A 876 -114.39 -11.51 125.89
C GLU A 876 -114.15 -10.01 125.74
N ASN A 877 -112.98 -9.66 125.22
CA ASN A 877 -112.63 -8.25 125.01
C ASN A 877 -113.44 -7.61 123.89
N ILE A 878 -113.51 -8.30 122.75
CA ILE A 878 -114.36 -7.87 121.64
C ILE A 878 -115.76 -7.57 122.13
N HIS A 879 -116.22 -8.43 123.02
CA HIS A 879 -117.56 -8.31 123.57
C HIS A 879 -117.75 -7.09 124.46
N GLU A 880 -116.85 -6.92 125.41
CA GLU A 880 -116.88 -5.79 126.34
C GLU A 880 -116.88 -4.48 125.58
N LEU A 881 -116.12 -4.46 124.48
CA LEU A 881 -116.13 -3.33 123.57
C LEU A 881 -117.51 -3.14 122.96
N TRP A 882 -118.08 -4.22 122.43
CA TRP A 882 -119.41 -4.19 121.84
C TRP A 882 -120.44 -3.74 122.87
N ALA A 883 -120.25 -4.17 124.12
CA ALA A 883 -121.20 -3.86 125.19
C ALA A 883 -121.20 -2.38 125.53
N LEU A 884 -120.04 -1.73 125.40
CA LEU A 884 -119.86 -0.36 125.83
C LEU A 884 -120.59 0.64 124.95
N THR A 885 -120.47 0.43 123.64
CA THR A 885 -121.12 1.29 122.66
C THR A 885 -122.63 1.18 122.78
N ARG A 886 -123.12 -0.03 122.98
CA ARG A 886 -124.53 -0.30 123.17
C ARG A 886 -125.08 0.59 124.30
N ILE A 887 -124.37 0.63 125.42
CA ILE A 887 -124.73 1.54 126.50
C ILE A 887 -124.63 2.99 126.03
N GLU A 888 -123.47 3.35 125.50
CA GLU A 888 -123.22 4.69 124.96
C GLU A 888 -124.34 5.16 124.03
N GLN A 889 -124.90 4.22 123.28
CA GLN A 889 -126.02 4.53 122.38
C GLN A 889 -127.32 4.70 123.16
N GLY A 890 -127.36 4.20 124.38
CA GLY A 890 -128.56 4.29 125.21
C GLY A 890 -129.20 2.95 125.48
N TRP A 891 -128.49 1.86 125.20
CA TRP A 891 -128.99 0.53 125.52
C TRP A 891 -128.60 0.17 126.95
N THR A 892 -129.42 -0.64 127.60
CA THR A 892 -129.10 -1.16 128.92
C THR A 892 -129.44 -2.63 128.98
N TYR A 893 -128.91 -3.33 129.98
CA TYR A 893 -129.23 -4.73 130.15
C TYR A 893 -130.66 -4.89 130.66
N GLY A 894 -131.31 -5.97 130.23
CA GLY A 894 -132.65 -6.30 130.67
C GLY A 894 -132.92 -7.76 130.37
N PRO A 895 -133.98 -8.31 130.96
CA PRO A 895 -134.31 -9.73 130.75
C PRO A 895 -134.86 -10.00 129.35
N VAL A 896 -135.68 -9.10 128.84
CA VAL A 896 -136.33 -9.27 127.54
C VAL A 896 -135.84 -8.23 126.54
N ARG A 897 -135.44 -8.69 125.35
CA ARG A 897 -134.97 -7.79 124.30
C ARG A 897 -136.10 -6.89 123.80
N ASP A 898 -135.78 -5.63 123.61
CA ASP A 898 -136.74 -4.66 123.08
C ASP A 898 -136.02 -3.57 122.29
N ASP A 899 -136.51 -3.31 121.08
CA ASP A 899 -135.97 -2.23 120.27
C ASP A 899 -136.41 -0.87 120.81
N ASN A 900 -137.68 -0.79 121.22
CA ASN A 900 -138.28 0.46 121.67
C ASN A 900 -137.85 0.91 123.06
N LYS A 901 -137.54 -0.05 123.92
CA LYS A 901 -137.06 0.27 125.26
C LYS A 901 -135.54 0.25 125.29
N ARG A 902 -134.94 -0.17 124.18
CA ARG A 902 -133.50 -0.35 124.07
C ARG A 902 -132.95 -1.22 125.19
N LEU A 903 -133.52 -2.43 125.31
CA LEU A 903 -133.07 -3.40 126.28
C LEU A 903 -132.31 -4.52 125.58
N HIS A 904 -131.07 -4.75 125.98
CA HIS A 904 -130.30 -5.85 125.40
C HIS A 904 -129.87 -6.82 126.49
N PRO A 905 -130.49 -8.02 126.49
CA PRO A 905 -130.30 -9.11 127.44
C PRO A 905 -128.87 -9.62 127.53
N CYS A 906 -127.89 -8.79 127.25
CA CYS A 906 -126.53 -9.24 127.33
C CYS A 906 -125.82 -8.77 128.59
N LEU A 907 -125.04 -9.69 129.15
CA LEU A 907 -124.44 -9.49 130.46
C LEU A 907 -122.99 -9.03 130.38
N VAL A 908 -122.54 -8.43 131.47
CA VAL A 908 -121.15 -8.03 131.64
C VAL A 908 -120.25 -9.26 131.72
N ASN A 909 -120.59 -10.18 132.60
CA ASN A 909 -119.94 -11.49 132.66
C ASN A 909 -120.07 -12.21 131.33
N PHE A 910 -118.99 -12.23 130.56
CA PHE A 910 -119.01 -12.82 129.21
C PHE A 910 -119.22 -14.32 129.26
N HIS A 911 -118.78 -14.94 130.35
CA HIS A 911 -118.93 -16.37 130.54
C HIS A 911 -120.40 -16.80 130.54
N SER A 912 -121.28 -15.84 130.80
CA SER A 912 -122.72 -16.09 130.90
C SER A 912 -123.42 -16.26 129.55
N LEU A 913 -122.74 -15.91 128.46
CA LEU A 913 -123.34 -16.10 127.13
C LEU A 913 -123.32 -17.57 126.73
N PRO A 914 -124.41 -18.02 126.08
CA PRO A 914 -124.45 -19.31 125.38
C PRO A 914 -123.29 -19.46 124.41
N GLU A 915 -123.06 -20.69 123.94
CA GLU A 915 -122.02 -20.95 122.94
C GLU A 915 -122.30 -20.33 121.57
N PRO A 916 -123.56 -20.32 121.11
CA PRO A 916 -123.85 -19.58 119.88
C PRO A 916 -123.55 -18.08 119.99
N GLU A 917 -123.82 -17.50 121.15
CA GLU A 917 -123.58 -16.07 121.36
C GLU A 917 -122.09 -15.74 121.42
N ARG A 918 -121.31 -16.63 122.05
CA ARG A 918 -119.85 -16.46 122.10
C ARG A 918 -119.24 -16.64 120.72
N ASN A 919 -119.83 -17.51 119.92
CA ASN A 919 -119.30 -17.82 118.59
C ASN A 919 -119.32 -16.63 117.64
N TYR A 920 -120.17 -15.66 117.91
CA TYR A 920 -120.20 -14.45 117.09
C TYR A 920 -118.86 -13.72 117.18
N ASN A 921 -118.24 -13.79 118.36
CA ASN A 921 -116.95 -13.15 118.59
C ASN A 921 -115.79 -14.07 118.27
N LEU A 922 -115.95 -15.36 118.57
CA LEU A 922 -114.88 -16.34 118.40
C LEU A 922 -114.57 -16.66 116.94
N GLN A 923 -115.60 -16.65 116.10
CA GLN A 923 -115.45 -17.10 114.71
C GLN A 923 -114.46 -16.23 113.92
N MET A 924 -114.63 -14.91 113.98
CA MET A 924 -113.76 -14.00 113.25
C MET A 924 -112.34 -14.04 113.79
N SER A 925 -112.20 -14.24 115.09
CA SER A 925 -110.89 -14.37 115.73
C SER A 925 -110.19 -15.63 115.24
N GLY A 926 -110.96 -16.73 115.17
CA GLY A 926 -110.43 -17.99 114.70
C GLY A 926 -110.01 -17.91 113.24
N GLU A 927 -110.80 -17.20 112.43
CA GLU A 927 -110.49 -16.99 111.02
C GLU A 927 -109.19 -16.22 110.85
N THR A 928 -108.99 -15.23 111.71
CA THR A 928 -107.78 -14.41 111.70
C THR A 928 -106.54 -15.25 112.03
N LEU A 929 -106.64 -16.03 113.10
CA LEU A 929 -105.56 -16.90 113.55
C LEU A 929 -105.20 -17.98 112.54
N LYS A 930 -106.16 -18.35 111.69
CA LYS A 930 -106.00 -19.49 110.78
C LYS A 930 -105.09 -19.19 109.59
N THR A 931 -105.10 -17.94 109.17
CA THR A 931 -104.23 -17.47 108.09
C THR A 931 -102.79 -17.38 108.59
N LEU A 932 -102.62 -16.68 109.71
CA LEU A 932 -101.31 -16.53 110.37
C LEU A 932 -100.56 -17.84 110.53
N LEU A 933 -101.28 -18.90 110.90
CA LEU A 933 -100.66 -20.21 111.01
C LEU A 933 -100.34 -20.74 109.63
N ALA A 934 -101.30 -20.60 108.71
CA ALA A 934 -101.14 -21.06 107.34
C ALA A 934 -99.98 -20.36 106.65
N LEU A 935 -99.71 -19.12 107.07
CA LEU A 935 -98.59 -18.35 106.53
C LEU A 935 -97.27 -18.78 107.16
N GLY A 936 -97.36 -19.59 108.21
CA GLY A 936 -96.17 -20.12 108.86
C GLY A 936 -95.62 -19.25 109.96
N CYS A 937 -96.48 -18.48 110.62
CA CYS A 937 -96.05 -17.66 111.75
C CYS A 937 -95.76 -18.50 112.98
N HIS A 938 -94.71 -18.13 113.70
CA HIS A 938 -94.39 -18.80 114.95
C HIS A 938 -95.23 -18.19 116.08
N VAL A 939 -95.91 -19.04 116.84
CA VAL A 939 -96.80 -18.57 117.89
C VAL A 939 -96.46 -19.19 119.25
N GLY A 940 -96.08 -18.34 120.20
CA GLY A 940 -95.69 -18.82 121.52
C GLY A 940 -96.21 -18.01 122.69
N MET A 941 -96.63 -18.73 123.73
CA MET A 941 -96.98 -18.11 125.00
C MET A 941 -95.69 -17.83 125.79
N ALA A 942 -95.65 -16.68 126.45
CA ALA A 942 -94.47 -16.32 127.23
C ALA A 942 -94.81 -16.15 128.71
N ASP A 943 -93.79 -16.10 129.55
CA ASP A 943 -93.98 -16.10 131.00
C ASP A 943 -94.27 -14.72 131.58
N GLU A 944 -93.72 -13.66 130.98
CA GLU A 944 -93.84 -12.32 131.53
C GLU A 944 -94.31 -11.27 130.54
N LYS A 945 -94.92 -11.69 129.43
CA LYS A 945 -95.33 -10.74 128.40
C LYS A 945 -96.76 -10.26 128.60
N ALA A 946 -97.41 -10.73 129.65
CA ALA A 946 -98.78 -10.33 129.93
C ALA A 946 -98.84 -9.51 131.22
N GLU A 947 -97.72 -8.91 131.59
CA GLU A 947 -97.66 -8.00 132.73
C GLU A 947 -97.05 -6.67 132.32
N ASP A 948 -97.55 -5.58 132.90
CA ASP A 948 -96.94 -4.26 132.71
C ASP A 948 -96.97 -3.52 134.04
N ASN A 949 -95.83 -3.54 134.72
CA ASN A 949 -95.71 -3.00 136.08
C ASN A 949 -96.05 -1.52 136.22
N LEU A 950 -96.36 -0.87 135.11
CA LEU A 950 -96.66 0.55 135.09
C LEU A 950 -98.15 0.87 135.27
N LYS A 951 -99.01 -0.11 135.02
CA LYS A 951 -100.47 0.09 135.04
C LYS A 951 -100.92 1.16 134.04
N LYS A 952 -100.51 1.09 132.79
CA LYS A 952 -100.67 2.25 131.91
C LYS A 952 -101.56 2.09 130.66
N THR A 953 -101.73 0.82 130.27
CA THR A 953 -102.58 0.40 129.17
C THR A 953 -103.69 -0.49 129.75
N LYS A 954 -104.80 -0.59 129.03
CA LYS A 954 -106.05 -1.09 129.59
C LYS A 954 -106.12 -2.53 130.12
N LEU A 955 -105.54 -3.52 129.43
CA LEU A 955 -105.74 -4.90 129.86
C LEU A 955 -104.52 -5.82 129.95
N PRO A 956 -103.58 -5.50 130.92
CA PRO A 956 -102.58 -6.55 131.18
C PRO A 956 -102.67 -7.04 132.62
N LYS A 957 -102.73 -8.35 132.89
CA LYS A 957 -102.77 -8.74 134.28
C LYS A 957 -102.61 -7.55 135.24
N THR A 958 -101.76 -6.58 134.89
CA THR A 958 -101.39 -5.54 135.86
C THR A 958 -102.01 -4.14 135.76
N TYR A 959 -102.85 -3.85 134.77
CA TYR A 959 -103.35 -2.47 134.65
C TYR A 959 -104.48 -2.20 135.66
N MET A 960 -104.56 -0.97 136.14
CA MET A 960 -105.39 -0.61 137.30
C MET A 960 -106.90 -0.80 137.09
N MET A 961 -107.64 -0.70 138.20
CA MET A 961 -109.09 -0.84 138.19
C MET A 961 -109.76 0.20 137.30
N SER A 962 -109.19 1.40 137.28
CA SER A 962 -109.76 2.49 136.51
C SER A 962 -109.65 2.28 135.01
N ASN A 963 -108.85 1.31 134.59
CA ASN A 963 -108.60 1.16 133.17
C ASN A 963 -109.77 0.51 132.43
N GLY A 964 -110.64 -0.18 133.15
CA GLY A 964 -111.81 -0.77 132.54
C GLY A 964 -112.72 0.21 131.82
N TYR A 965 -112.73 1.46 132.28
CA TYR A 965 -113.67 2.46 131.76
C TYR A 965 -113.13 3.37 130.66
N LYS A 966 -111.82 3.38 130.45
CA LYS A 966 -111.25 4.07 129.30
C LYS A 966 -111.84 3.49 128.02
N PRO A 967 -111.92 4.30 126.94
CA PRO A 967 -112.41 3.78 125.66
C PRO A 967 -111.39 2.84 125.00
N ALA A 968 -111.87 1.94 124.15
CA ALA A 968 -111.00 0.93 123.53
C ALA A 968 -109.77 1.44 122.75
N PRO A 969 -109.89 2.52 121.94
CA PRO A 969 -108.72 2.95 121.16
C PRO A 969 -107.64 3.70 121.97
N LEU A 970 -108.03 4.38 123.05
CA LEU A 970 -107.05 5.02 123.91
C LEU A 970 -106.10 3.96 124.47
N ASP A 971 -106.69 2.85 124.91
CA ASP A 971 -105.90 1.72 125.39
C ASP A 971 -104.97 1.21 124.29
N LEU A 972 -105.58 0.73 123.21
CA LEU A 972 -104.85 0.19 122.07
C LEU A 972 -103.72 1.10 121.63
N SER A 973 -103.96 2.40 121.69
CA SER A 973 -102.95 3.38 121.30
C SER A 973 -101.81 3.50 122.31
N HIS A 974 -101.94 2.85 123.45
CA HIS A 974 -100.80 2.78 124.38
C HIS A 974 -99.90 1.60 123.99
N VAL A 975 -100.36 0.74 123.08
CA VAL A 975 -99.57 -0.41 122.63
C VAL A 975 -98.79 -0.08 121.36
N ARG A 976 -97.53 -0.47 121.31
CA ARG A 976 -96.70 -0.19 120.14
C ARG A 976 -96.20 -1.46 119.46
N LEU A 977 -96.06 -1.38 118.15
CA LEU A 977 -95.70 -2.53 117.35
C LEU A 977 -94.34 -2.35 116.69
N THR A 978 -93.58 -3.42 116.59
CA THR A 978 -92.27 -3.38 115.94
C THR A 978 -92.48 -3.25 114.41
N PRO A 979 -91.40 -3.17 113.63
CA PRO A 979 -91.65 -3.17 112.18
C PRO A 979 -92.07 -4.56 111.69
N ALA A 980 -91.57 -5.58 112.37
CA ALA A 980 -92.02 -6.95 112.16
C ALA A 980 -93.53 -7.05 112.37
N GLN A 981 -94.03 -6.32 113.37
CA GLN A 981 -95.43 -6.44 113.73
C GLN A 981 -96.36 -5.73 112.76
N THR A 982 -95.84 -4.72 112.06
CA THR A 982 -96.64 -3.87 111.17
C THR A 982 -96.72 -4.45 109.77
N THR A 983 -95.69 -5.20 109.38
CA THR A 983 -95.68 -5.91 108.11
C THR A 983 -96.60 -7.13 108.24
N LEU A 984 -96.62 -7.70 109.43
CA LEU A 984 -97.61 -8.69 109.79
C LEU A 984 -98.98 -8.03 109.76
N VAL A 985 -98.98 -6.74 110.11
CA VAL A 985 -100.19 -5.93 110.08
C VAL A 985 -100.52 -5.54 108.64
N ASP A 986 -99.52 -5.33 107.81
CA ASP A 986 -99.82 -5.00 106.42
C ASP A 986 -100.26 -6.24 105.65
N ARG A 987 -99.98 -7.43 106.17
CA ARG A 987 -100.27 -8.68 105.45
C ARG A 987 -101.72 -9.18 105.59
N LEU A 988 -102.18 -9.47 106.81
CA LEU A 988 -103.55 -9.96 106.99
C LEU A 988 -104.57 -8.84 106.75
N ALA A 989 -104.10 -7.59 106.80
CA ALA A 989 -104.96 -6.46 106.45
C ALA A 989 -105.31 -6.57 104.98
N GLU A 990 -104.28 -6.87 104.18
CA GLU A 990 -104.46 -7.15 102.77
C GLU A 990 -105.32 -8.38 102.55
N ASN A 991 -105.05 -9.43 103.33
CA ASN A 991 -105.82 -10.66 103.24
C ASN A 991 -107.28 -10.42 103.62
N GLY A 992 -107.47 -9.58 104.63
CA GLY A 992 -108.79 -9.17 105.02
C GLY A 992 -109.40 -8.61 103.76
N HIS A 993 -108.54 -8.13 102.88
CA HIS A 993 -108.97 -7.72 101.56
C HIS A 993 -109.47 -8.91 100.78
N ASN A 994 -108.73 -10.02 100.82
CA ASN A 994 -109.14 -11.23 100.10
C ASN A 994 -110.42 -11.86 100.63
N VAL A 995 -110.50 -11.92 101.96
CA VAL A 995 -111.67 -12.45 102.63
C VAL A 995 -112.83 -11.54 102.29
N TRP A 996 -112.54 -10.25 102.27
CA TRP A 996 -113.54 -9.25 102.00
C TRP A 996 -114.10 -9.46 100.63
N ALA A 997 -113.22 -9.74 99.69
CA ALA A 997 -113.59 -9.98 98.30
C ALA A 997 -114.46 -11.22 98.18
N ARG A 998 -114.10 -12.28 98.91
CA ARG A 998 -114.91 -13.49 98.87
C ARG A 998 -116.31 -13.19 99.39
N ASP A 999 -116.35 -12.41 100.48
CA ASP A 999 -117.60 -12.06 101.11
C ASP A 999 -118.44 -11.26 100.14
N ARG A 1000 -117.79 -10.34 99.43
CA ARG A 1000 -118.46 -9.47 98.47
C ARG A 1000 -119.03 -10.31 97.34
N VAL A 1001 -118.29 -11.30 96.89
CA VAL A 1001 -118.78 -12.13 95.81
C VAL A 1001 -120.03 -12.85 96.31
N ALA A 1002 -119.96 -13.37 97.52
CA ALA A 1002 -121.11 -14.12 98.03
C ALA A 1002 -122.31 -13.19 98.13
N GLN A 1003 -122.07 -11.98 98.60
CA GLN A 1003 -123.10 -10.97 98.79
C GLN A 1003 -123.75 -10.56 97.48
N GLY A 1004 -122.94 -10.39 96.45
CA GLY A 1004 -123.39 -10.05 95.13
C GLY A 1004 -124.24 -11.17 94.58
N TRP A 1005 -123.81 -12.40 94.85
CA TRP A 1005 -124.53 -13.54 94.39
C TRP A 1005 -125.89 -13.52 95.01
N SER A 1006 -125.94 -13.21 96.31
CA SER A 1006 -127.23 -13.16 96.98
C SER A 1006 -128.10 -12.05 96.39
N TYR A 1007 -127.50 -10.89 96.19
CA TYR A 1007 -128.10 -9.81 95.41
C TYR A 1007 -127.64 -9.96 93.96
N SER A 1008 -128.11 -11.00 93.29
CA SER A 1008 -127.75 -11.23 91.90
C SER A 1008 -126.23 -11.31 91.76
N ALA A 1015 -121.48 -7.45 91.53
CA ALA A 1015 -122.15 -7.57 92.82
C ALA A 1015 -121.83 -6.36 93.70
N ARG A 1016 -122.16 -5.17 93.20
CA ARG A 1016 -121.95 -3.94 93.94
C ARG A 1016 -120.49 -3.49 93.88
N ARG A 1017 -120.15 -2.48 94.67
CA ARG A 1017 -118.82 -1.89 94.65
C ARG A 1017 -118.06 -2.23 95.92
N ASN A 1018 -116.82 -2.70 95.75
CA ASN A 1018 -116.00 -3.12 96.86
C ASN A 1018 -114.73 -2.30 97.05
N PRO A 1019 -114.52 -1.84 98.29
CA PRO A 1019 -113.38 -0.99 98.64
C PRO A 1019 -112.02 -1.66 98.47
N ARG A 1020 -111.93 -2.93 98.84
CA ARG A 1020 -110.67 -3.67 98.82
C ARG A 1020 -110.07 -3.78 97.43
N LEU A 1021 -110.93 -3.93 96.42
CA LEU A 1021 -110.48 -4.17 95.06
C LEU A 1021 -109.59 -3.03 94.56
N VAL A 1022 -108.55 -3.40 93.83
CA VAL A 1022 -107.46 -2.50 93.47
C VAL A 1022 -106.34 -2.85 94.44
N PRO A 1023 -105.57 -3.90 94.12
CA PRO A 1023 -104.73 -4.50 95.15
C PRO A 1023 -104.65 -3.62 96.40
N TYR A 1024 -104.54 -4.25 97.56
CA TYR A 1024 -104.53 -3.55 98.84
C TYR A 1024 -103.45 -2.47 98.90
N ARG A 1025 -102.29 -2.79 98.33
CA ARG A 1025 -101.13 -1.90 98.39
C ARG A 1025 -101.29 -0.65 97.52
N LEU A 1026 -102.35 -0.61 96.71
CA LEU A 1026 -102.62 0.55 95.87
C LEU A 1026 -103.73 1.41 96.48
N LEU A 1027 -104.25 0.97 97.63
CA LEU A 1027 -105.24 1.72 98.36
C LEU A 1027 -104.60 2.87 99.12
N ASP A 1028 -105.37 3.93 99.36
CA ASP A 1028 -104.91 5.02 100.21
C ASP A 1028 -105.11 4.65 101.68
N GLU A 1029 -104.60 5.48 102.58
CA GLU A 1029 -104.70 5.23 104.01
C GLU A 1029 -106.15 5.13 104.48
N ALA A 1030 -106.98 6.05 104.00
CA ALA A 1030 -108.40 6.07 104.35
C ALA A 1030 -109.10 4.79 103.93
N THR A 1031 -108.71 4.27 102.77
CA THR A 1031 -109.30 3.05 102.24
C THR A 1031 -108.76 1.81 102.95
N LYS A 1032 -107.52 1.90 103.42
CA LYS A 1032 -106.87 0.79 104.13
C LYS A 1032 -107.33 0.67 105.58
N ARG A 1033 -107.90 1.76 106.11
CA ARG A 1033 -108.10 1.92 107.55
C ARG A 1033 -108.87 0.78 108.22
N SER A 1034 -109.98 0.36 107.63
CA SER A 1034 -110.83 -0.66 108.22
C SER A 1034 -110.10 -1.98 108.45
N ASN A 1035 -109.41 -2.45 107.42
CA ASN A 1035 -108.65 -3.69 107.51
C ASN A 1035 -107.36 -3.53 108.31
N ARG A 1036 -106.76 -2.35 108.22
CA ARG A 1036 -105.52 -2.06 108.94
C ARG A 1036 -105.75 -2.06 110.45
N ASP A 1037 -106.88 -1.49 110.87
CA ASP A 1037 -107.22 -1.40 112.29
C ASP A 1037 -107.64 -2.72 112.89
N SER A 1038 -108.40 -3.52 112.13
CA SER A 1038 -108.89 -4.81 112.59
C SER A 1038 -107.75 -5.71 113.06
N LEU A 1039 -106.66 -5.67 112.32
CA LEU A 1039 -105.50 -6.54 112.54
C LEU A 1039 -104.50 -5.94 113.53
N CYS A 1040 -104.22 -4.65 113.40
CA CYS A 1040 -103.44 -3.92 114.40
C CYS A 1040 -103.96 -4.30 115.78
N GLN A 1041 -105.28 -4.39 115.88
CA GLN A 1041 -105.97 -4.81 117.10
C GLN A 1041 -105.59 -6.22 117.54
N ALA A 1042 -105.76 -7.20 116.64
CA ALA A 1042 -105.49 -8.61 116.98
C ALA A 1042 -104.04 -8.81 117.40
N VAL A 1043 -103.13 -8.15 116.70
CA VAL A 1043 -101.70 -8.23 116.99
C VAL A 1043 -101.36 -7.58 118.32
N ARG A 1044 -101.95 -6.42 118.58
CA ARG A 1044 -101.71 -5.70 119.83
C ARG A 1044 -102.28 -6.46 121.04
N THR A 1045 -103.42 -7.12 120.85
CA THR A 1045 -104.03 -7.92 121.89
C THR A 1045 -103.21 -9.18 122.16
N LEU A 1046 -102.56 -9.69 121.11
CA LEU A 1046 -101.67 -10.83 121.24
C LEU A 1046 -100.48 -10.49 122.11
N LEU A 1047 -99.92 -9.30 121.87
CA LEU A 1047 -98.79 -8.80 122.64
C LEU A 1047 -99.14 -8.62 124.11
N GLY A 1048 -100.22 -7.89 124.35
CA GLY A 1048 -100.66 -7.59 125.69
C GLY A 1048 -101.06 -8.80 126.50
N TYR A 1049 -101.49 -9.86 125.82
CA TYR A 1049 -101.99 -11.03 126.54
C TYR A 1049 -100.94 -12.12 126.74
N GLY A 1050 -99.71 -11.83 126.35
CA GLY A 1050 -98.60 -12.72 126.65
C GLY A 1050 -98.13 -13.61 125.52
N TYR A 1051 -98.54 -13.29 124.30
CA TYR A 1051 -98.16 -14.08 123.13
C TYR A 1051 -97.17 -13.34 122.25
N ASN A 1052 -96.20 -14.09 121.71
CA ASN A 1052 -95.24 -13.54 120.77
C ASN A 1052 -95.42 -14.20 119.41
N ILE A 1053 -95.71 -13.38 118.39
CA ILE A 1053 -95.83 -13.88 117.04
C ILE A 1053 -94.60 -13.50 116.21
N ARG A 1073 -106.81 8.27 65.88
CA ARG A 1073 -106.37 8.30 67.27
C ARG A 1073 -107.38 7.60 68.18
N ILE A 1074 -106.92 6.61 68.93
CA ILE A 1074 -107.77 5.86 69.85
C ILE A 1074 -107.84 6.49 71.23
N PHE A 1075 -109.04 6.57 71.79
CA PHE A 1075 -109.22 7.04 73.16
C PHE A 1075 -109.87 5.94 74.01
N ARG A 1076 -109.44 5.83 75.26
CA ARG A 1076 -109.94 4.78 76.16
C ARG A 1076 -110.77 5.36 77.31
N ALA A 1077 -111.64 4.53 77.88
CA ALA A 1077 -112.56 4.96 78.93
C ALA A 1077 -111.85 5.16 80.27
N GLU A 1078 -112.38 6.04 81.11
CA GLU A 1078 -111.81 6.25 82.44
C GLU A 1078 -111.90 4.99 83.27
N LYS A 1079 -113.08 4.40 83.29
CA LYS A 1079 -113.38 3.29 84.17
C LYS A 1079 -113.35 1.97 83.41
N SER A 1080 -112.81 0.95 84.06
CA SER A 1080 -112.69 -0.37 83.47
C SER A 1080 -113.56 -1.36 84.23
N TYR A 1081 -114.79 -0.95 84.53
CA TYR A 1081 -115.75 -1.81 85.21
C TYR A 1081 -115.87 -3.14 84.48
N THR A 1082 -115.41 -4.20 85.12
CA THR A 1082 -115.00 -5.35 84.38
C THR A 1082 -116.14 -5.71 83.46
N VAL A 1083 -115.76 -5.83 82.20
CA VAL A 1083 -116.63 -6.21 81.09
C VAL A 1083 -116.45 -7.69 80.79
N GLN A 1084 -115.29 -8.20 81.17
CA GLN A 1084 -114.88 -9.58 80.91
C GLN A 1084 -115.96 -10.63 81.26
N SER A 1085 -116.79 -10.33 82.25
CA SER A 1085 -117.83 -11.27 82.67
C SER A 1085 -119.13 -10.56 83.04
N GLY A 1086 -120.26 -11.15 82.65
CA GLY A 1086 -121.56 -10.59 82.91
C GLY A 1086 -122.06 -9.78 81.73
N ARG A 1087 -123.07 -8.93 81.96
CA ARG A 1087 -123.56 -8.06 80.91
C ARG A 1087 -123.08 -6.63 81.11
N TRP A 1088 -122.48 -6.07 80.07
CA TRP A 1088 -122.00 -4.69 80.12
C TRP A 1088 -122.54 -3.89 78.95
N TYR A 1089 -122.94 -2.65 79.23
CA TYR A 1089 -123.46 -1.77 78.20
C TYR A 1089 -123.15 -0.31 78.49
N PHE A 1090 -122.97 0.45 77.42
CA PHE A 1090 -122.81 1.90 77.54
C PHE A 1090 -123.39 2.56 76.29
N GLU A 1091 -123.51 3.88 76.32
CA GLU A 1091 -123.95 4.62 75.14
C GLU A 1091 -122.93 5.69 74.77
N PHE A 1092 -122.93 6.08 73.52
CA PHE A 1092 -121.96 7.07 73.05
C PHE A 1092 -122.60 8.06 72.08
N GLU A 1093 -122.62 9.33 72.49
CA GLU A 1093 -123.11 10.40 71.64
C GLU A 1093 -121.94 11.04 70.91
N ALA A 1094 -121.98 10.99 69.58
CA ALA A 1094 -120.86 11.48 68.79
C ALA A 1094 -121.24 12.68 67.94
N VAL A 1095 -120.36 13.69 67.97
CA VAL A 1095 -120.48 14.85 67.11
C VAL A 1095 -119.34 14.80 66.08
N THR A 1096 -119.59 14.14 64.96
CA THR A 1096 -118.51 13.89 64.00
C THR A 1096 -118.94 14.01 62.55
N THR A 1097 -117.98 14.30 61.68
CA THR A 1097 -118.19 14.33 60.25
C THR A 1097 -117.05 13.60 59.54
N GLY A 1098 -117.08 12.27 59.62
CA GLY A 1098 -116.03 11.45 59.04
C GLY A 1098 -115.98 10.07 59.68
N GLU A 1099 -114.84 9.40 59.58
CA GLU A 1099 -114.69 8.05 60.12
C GLU A 1099 -114.53 8.06 61.64
N MET A 1100 -115.30 7.21 62.31
CA MET A 1100 -115.23 7.08 63.76
C MET A 1100 -115.73 5.71 64.19
N ARG A 1101 -114.92 5.01 65.00
CA ARG A 1101 -115.26 3.66 65.41
C ARG A 1101 -115.48 3.55 66.91
N VAL A 1102 -116.59 2.95 67.30
CA VAL A 1102 -116.96 2.81 68.71
C VAL A 1102 -117.13 1.34 69.08
N GLY A 1103 -116.53 0.94 70.20
CA GLY A 1103 -116.63 -0.43 70.68
C GLY A 1103 -115.72 -0.73 71.85
N TRP A 1104 -115.09 -1.90 71.81
CA TRP A 1104 -114.16 -2.31 72.87
C TRP A 1104 -112.83 -2.78 72.29
N ALA A 1105 -111.76 -2.65 73.09
CA ALA A 1105 -110.44 -3.09 72.68
C ALA A 1105 -109.68 -3.77 73.81
N ARG A 1106 -108.72 -4.62 73.46
CA ARG A 1106 -107.88 -5.31 74.43
C ARG A 1106 -106.76 -4.40 74.90
N PRO A 1107 -106.19 -4.66 76.10
CA PRO A 1107 -105.16 -3.79 76.68
C PRO A 1107 -103.91 -3.60 75.84
N GLU A 1108 -103.69 -4.46 74.84
CA GLU A 1108 -102.45 -4.43 74.08
C GLU A 1108 -102.52 -3.63 72.78
N LEU A 1109 -103.71 -3.13 72.44
CA LEU A 1109 -103.91 -2.45 71.17
C LEU A 1109 -103.22 -1.09 71.14
N ARG A 1110 -102.57 -0.80 70.02
CA ARG A 1110 -101.84 0.45 69.83
C ARG A 1110 -102.78 1.64 69.63
N PRO A 1111 -102.55 2.73 70.39
CA PRO A 1111 -103.38 3.93 70.36
C PRO A 1111 -103.32 4.69 69.04
N ASP A 1112 -102.36 4.38 68.17
CA ASP A 1112 -102.14 5.17 66.96
C ASP A 1112 -102.61 4.47 65.69
N VAL A 1113 -103.33 3.35 65.85
CA VAL A 1113 -103.92 2.66 64.71
C VAL A 1113 -105.44 2.67 64.82
N GLU A 1114 -106.12 2.27 63.76
CA GLU A 1114 -107.58 2.23 63.76
C GLU A 1114 -108.07 1.08 64.64
N LEU A 1115 -109.15 1.32 65.38
CA LEU A 1115 -109.78 0.27 66.17
C LEU A 1115 -110.37 -0.78 65.22
N GLY A 1116 -110.07 -2.05 65.49
CA GLY A 1116 -110.59 -3.13 64.66
C GLY A 1116 -109.68 -3.46 63.49
N ALA A 1117 -108.60 -2.68 63.33
CA ALA A 1117 -107.62 -2.96 62.30
C ALA A 1117 -106.87 -4.25 62.62
N ASP A 1118 -106.64 -4.48 63.92
CA ASP A 1118 -105.99 -5.70 64.36
C ASP A 1118 -106.99 -6.68 64.99
N GLU A 1119 -106.45 -7.70 65.65
CA GLU A 1119 -107.25 -8.73 66.32
C GLU A 1119 -107.63 -8.34 67.75
N LEU A 1120 -107.29 -7.12 68.15
CA LEU A 1120 -107.39 -6.74 69.55
C LEU A 1120 -108.62 -5.91 69.88
N ALA A 1121 -109.52 -5.74 68.90
CA ALA A 1121 -110.66 -4.85 69.08
C ALA A 1121 -111.90 -5.28 68.30
N TYR A 1122 -113.07 -4.98 68.87
CA TYR A 1122 -114.35 -5.20 68.22
C TYR A 1122 -115.15 -3.89 68.21
N VAL A 1123 -115.26 -3.26 67.04
CA VAL A 1123 -115.92 -1.96 66.95
C VAL A 1123 -116.85 -1.84 65.74
N PHE A 1124 -117.59 -0.74 65.68
CA PHE A 1124 -118.43 -0.41 64.54
C PHE A 1124 -118.13 1.01 64.07
N ASN A 1125 -117.89 1.17 62.78
CA ASN A 1125 -117.57 2.48 62.21
C ASN A 1125 -118.82 3.19 61.69
N GLY A 1126 -118.94 4.46 62.01
CA GLY A 1126 -120.09 5.25 61.62
C GLY A 1126 -120.11 5.67 60.16
N HIS A 1127 -118.95 6.02 59.63
CA HIS A 1127 -118.87 6.50 58.25
C HIS A 1127 -119.08 5.39 57.24
N ARG A 1128 -118.69 4.17 57.59
CA ARG A 1128 -118.72 3.05 56.67
C ARG A 1128 -119.97 2.20 56.77
N GLY A 1129 -120.53 2.11 57.97
CA GLY A 1129 -121.63 1.19 58.22
C GLY A 1129 -121.11 -0.23 58.24
N GLN A 1130 -119.86 -0.38 58.65
CA GLN A 1130 -119.19 -1.67 58.70
C GLN A 1130 -118.65 -1.96 60.09
N ARG A 1131 -118.70 -3.22 60.51
CA ARG A 1131 -118.15 -3.63 61.78
C ARG A 1131 -116.69 -4.03 61.60
N TRP A 1132 -115.84 -3.70 62.57
CA TRP A 1132 -114.42 -3.92 62.37
C TRP A 1132 -113.79 -4.83 63.41
N HIS A 1133 -113.14 -5.87 62.90
CA HIS A 1133 -112.28 -6.77 63.64
C HIS A 1133 -111.36 -7.39 62.62
N LEU A 1134 -110.08 -7.05 62.70
CA LEU A 1134 -109.09 -7.47 61.70
C LEU A 1134 -109.48 -6.88 60.34
N GLY A 1135 -110.05 -5.69 60.36
CA GLY A 1135 -110.37 -4.97 59.15
C GLY A 1135 -111.31 -5.67 58.17
N SER A 1136 -112.44 -6.18 58.66
CA SER A 1136 -113.42 -6.81 57.76
C SER A 1136 -114.82 -6.93 58.37
N GLU A 1137 -115.81 -6.85 57.47
CA GLU A 1137 -117.24 -7.18 57.65
C GLU A 1137 -118.16 -5.98 57.78
N PRO A 1138 -119.25 -5.97 57.00
CA PRO A 1138 -120.32 -4.97 57.05
C PRO A 1138 -121.37 -5.31 58.10
N PHE A 1139 -122.15 -4.32 58.54
CA PHE A 1139 -123.16 -4.56 59.55
C PHE A 1139 -124.37 -3.64 59.42
N GLY A 1140 -124.37 -2.55 60.19
CA GLY A 1140 -125.55 -1.69 60.29
C GLY A 1140 -125.48 -0.42 59.47
N ARG A 1141 -126.46 0.46 59.70
CA ARG A 1141 -126.56 1.73 58.97
C ARG A 1141 -125.56 2.76 59.49
N PRO A 1142 -124.99 3.54 58.57
CA PRO A 1142 -124.00 4.59 58.89
C PRO A 1142 -124.57 5.68 59.80
N TRP A 1143 -123.71 6.31 60.60
CA TRP A 1143 -124.15 7.40 61.46
C TRP A 1143 -123.15 8.56 61.49
N GLN A 1144 -123.56 9.67 62.08
CA GLN A 1144 -122.71 10.86 62.16
C GLN A 1144 -123.04 11.74 63.37
N SER A 1145 -122.77 13.04 63.24
CA SER A 1145 -122.98 14.00 64.32
C SER A 1145 -124.42 14.02 64.83
N GLY A 1146 -124.56 13.93 66.15
CA GLY A 1146 -125.86 13.95 66.79
C GLY A 1146 -126.38 12.56 67.12
N ASP A 1147 -125.90 11.56 66.41
CA ASP A 1147 -126.35 10.19 66.61
C ASP A 1147 -125.80 9.60 67.91
N VAL A 1148 -126.64 8.84 68.61
CA VAL A 1148 -126.25 8.16 69.84
C VAL A 1148 -126.20 6.66 69.62
N VAL A 1149 -125.01 6.09 69.76
CA VAL A 1149 -124.84 4.65 69.59
C VAL A 1149 -124.80 3.92 70.92
N GLY A 1150 -125.67 2.93 71.07
CA GLY A 1150 -125.64 2.05 72.23
C GLY A 1150 -124.76 0.87 71.93
N CYS A 1151 -124.02 0.41 72.93
CA CYS A 1151 -123.07 -0.68 72.74
C CYS A 1151 -123.15 -1.66 73.90
N MET A 1152 -123.53 -2.91 73.61
CA MET A 1152 -123.77 -3.89 74.66
C MET A 1152 -123.00 -5.20 74.44
N ILE A 1153 -122.40 -5.69 75.52
CA ILE A 1153 -121.73 -6.99 75.53
C ILE A 1153 -122.42 -7.95 76.49
N ASP A 1154 -122.85 -9.10 75.98
CA ASP A 1154 -123.39 -10.16 76.82
C ASP A 1154 -122.42 -11.32 76.86
N LEU A 1155 -121.73 -11.50 77.99
CA LEU A 1155 -120.69 -12.51 78.11
C LEU A 1155 -121.24 -13.92 77.95
N THR A 1156 -122.21 -14.27 78.78
CA THR A 1156 -122.79 -15.61 78.79
C THR A 1156 -123.32 -16.00 77.41
N GLU A 1157 -123.97 -15.04 76.74
CA GLU A 1157 -124.48 -15.25 75.40
C GLU A 1157 -123.36 -15.19 74.37
N ASN A 1158 -122.22 -14.63 74.76
CA ASN A 1158 -121.05 -14.47 73.90
C ASN A 1158 -121.34 -13.60 72.67
N THR A 1159 -121.95 -12.44 72.88
CA THR A 1159 -122.35 -11.59 71.76
C THR A 1159 -121.98 -10.12 71.94
N ILE A 1160 -121.71 -9.45 70.82
CA ILE A 1160 -121.49 -8.01 70.79
C ILE A 1160 -122.47 -7.36 69.83
N ILE A 1161 -123.34 -6.50 70.34
CA ILE A 1161 -124.36 -5.90 69.49
C ILE A 1161 -124.41 -4.37 69.64
N PHE A 1162 -124.62 -3.69 68.52
CA PHE A 1162 -124.67 -2.24 68.51
C PHE A 1162 -126.06 -1.74 68.17
N THR A 1163 -126.42 -0.57 68.68
CA THR A 1163 -127.68 0.08 68.34
C THR A 1163 -127.43 1.46 67.75
N LEU A 1164 -128.50 2.21 67.49
CA LEU A 1164 -128.38 3.52 66.87
C LEU A 1164 -129.67 4.34 66.98
N ASN A 1165 -129.64 5.34 67.86
CA ASN A 1165 -130.77 6.25 68.07
C ASN A 1165 -132.07 5.55 68.47
N GLY A 1166 -131.95 4.51 69.28
CA GLY A 1166 -133.12 3.79 69.77
C GLY A 1166 -133.48 2.60 68.91
N GLU A 1167 -132.72 2.40 67.83
CA GLU A 1167 -132.96 1.28 66.93
C GLU A 1167 -131.77 0.33 66.92
N VAL A 1168 -132.03 -0.95 67.16
CA VAL A 1168 -131.00 -1.97 67.10
C VAL A 1168 -130.49 -2.15 65.68
N LEU A 1169 -129.17 -2.18 65.52
CA LEU A 1169 -128.56 -2.39 64.20
C LEU A 1169 -128.58 -3.86 63.82
N MET A 1170 -128.73 -4.12 62.52
CA MET A 1170 -128.84 -5.49 62.02
C MET A 1170 -128.27 -5.63 60.61
N SER A 1171 -127.99 -6.86 60.21
CA SER A 1171 -127.36 -7.12 58.91
C SER A 1171 -128.37 -7.07 57.77
N ASP A 1172 -127.88 -7.31 56.54
CA ASP A 1172 -128.73 -7.29 55.36
C ASP A 1172 -129.74 -8.44 55.37
N SER A 1173 -129.41 -9.50 56.10
CA SER A 1173 -130.30 -10.65 56.22
C SER A 1173 -131.32 -10.43 57.34
N GLY A 1174 -131.16 -9.34 58.07
CA GLY A 1174 -132.08 -9.01 59.15
C GLY A 1174 -131.70 -9.65 60.47
N SER A 1175 -130.51 -10.24 60.51
CA SER A 1175 -130.01 -10.89 61.73
C SER A 1175 -129.41 -9.87 62.69
N GLU A 1176 -129.37 -10.20 63.97
CA GLU A 1176 -128.85 -9.29 64.98
C GLU A 1176 -127.45 -9.71 65.45
N THR A 1177 -126.82 -8.82 66.23
CA THR A 1177 -125.47 -8.99 66.78
C THR A 1177 -124.37 -8.83 65.72
N ALA A 1178 -123.30 -8.13 66.08
CA ALA A 1178 -122.19 -7.89 65.17
C ALA A 1178 -121.08 -8.93 65.33
N PHE A 1179 -120.73 -9.24 66.57
CA PHE A 1179 -119.64 -10.19 66.84
C PHE A 1179 -120.04 -11.27 67.85
N ARG A 1180 -119.52 -12.47 67.67
CA ARG A 1180 -119.81 -13.58 68.58
C ARG A 1180 -118.54 -14.32 68.97
N GLU A 1181 -118.66 -15.19 69.98
CA GLU A 1181 -117.56 -16.01 70.54
C GLU A 1181 -116.58 -15.21 71.40
N ILE A 1182 -117.10 -14.45 72.37
CA ILE A 1182 -116.26 -13.56 73.16
C ILE A 1182 -116.25 -13.88 74.66
N GLU A 1183 -115.96 -15.14 75.01
CA GLU A 1183 -116.06 -15.59 76.39
C GLU A 1183 -114.97 -15.01 77.31
N ILE A 1184 -114.70 -15.72 78.41
CA ILE A 1184 -113.80 -15.23 79.45
C ILE A 1184 -112.32 -15.29 79.05
N GLY A 1185 -111.51 -14.52 79.76
CA GLY A 1185 -110.08 -14.49 79.51
C GLY A 1185 -109.64 -13.20 78.82
N ASP A 1186 -110.54 -12.62 78.04
CA ASP A 1186 -110.23 -11.40 77.28
C ASP A 1186 -110.78 -10.16 77.95
N GLY A 1187 -109.94 -9.13 78.05
CA GLY A 1187 -110.36 -7.86 78.59
C GLY A 1187 -111.01 -7.00 77.52
N PHE A 1188 -112.10 -6.34 77.88
CA PHE A 1188 -112.82 -5.47 76.95
C PHE A 1188 -112.98 -4.07 77.51
N LEU A 1189 -112.05 -3.18 77.21
CA LEU A 1189 -112.17 -1.78 77.63
C LEU A 1189 -112.86 -0.97 76.56
N PRO A 1190 -113.94 -0.25 76.93
CA PRO A 1190 -114.67 0.64 76.02
C PRO A 1190 -113.72 1.67 75.38
N VAL A 1191 -113.75 1.76 74.05
CA VAL A 1191 -112.82 2.61 73.32
C VAL A 1191 -113.48 3.34 72.17
N CYS A 1192 -112.82 4.40 71.70
CA CYS A 1192 -113.32 5.18 70.57
C CYS A 1192 -112.17 5.61 69.65
N SER A 1193 -112.31 5.33 68.36
CA SER A 1193 -111.30 5.75 67.39
C SER A 1193 -111.82 6.88 66.52
N LEU A 1194 -111.16 8.03 66.58
CA LEU A 1194 -111.64 9.20 65.85
C LEU A 1194 -110.67 9.73 64.80
N GLY A 1195 -111.12 9.73 63.55
CA GLY A 1195 -110.50 10.53 62.51
C GLY A 1195 -110.94 11.97 62.73
N PRO A 1196 -110.20 12.93 62.17
CA PRO A 1196 -110.04 14.34 62.53
C PRO A 1196 -110.39 14.77 63.96
N GLY A 1197 -110.46 16.09 64.14
CA GLY A 1197 -110.63 16.70 65.44
C GLY A 1197 -112.07 17.01 65.78
N GLN A 1198 -112.90 15.99 65.70
CA GLN A 1198 -114.29 16.08 66.14
C GLN A 1198 -114.36 15.83 67.63
N VAL A 1199 -115.55 15.57 68.16
CA VAL A 1199 -115.70 15.35 69.58
C VAL A 1199 -116.80 14.33 69.89
N GLY A 1200 -116.54 13.46 70.86
CA GLY A 1200 -117.50 12.47 71.27
C GLY A 1200 -117.81 12.55 72.76
N HIS A 1201 -118.97 12.03 73.14
CA HIS A 1201 -119.41 12.03 74.53
C HIS A 1201 -119.71 10.62 75.00
N LEU A 1202 -118.98 10.17 76.02
CA LEU A 1202 -119.10 8.80 76.50
C LEU A 1202 -119.88 8.69 77.82
N ASN A 1203 -120.86 7.80 77.83
CA ASN A 1203 -121.62 7.51 79.04
C ASN A 1203 -121.58 6.01 79.34
N LEU A 1204 -120.84 5.64 80.38
CA LEU A 1204 -120.60 4.24 80.69
C LEU A 1204 -121.75 3.58 81.46
N GLY A 1205 -122.76 4.36 81.82
CA GLY A 1205 -123.90 3.83 82.54
C GLY A 1205 -123.96 4.25 83.98
N GLN A 1206 -124.86 3.67 84.76
CA GLN A 1206 -125.79 2.65 84.27
C GLN A 1206 -127.03 3.27 83.64
N ASP A 1207 -127.18 4.58 83.77
CA ASP A 1207 -128.31 5.28 83.18
C ASP A 1207 -128.03 5.62 81.72
N VAL A 1208 -128.56 4.80 80.82
CA VAL A 1208 -128.46 5.06 79.39
C VAL A 1208 -129.84 5.18 78.77
N SER A 1209 -129.91 5.77 77.58
CA SER A 1209 -131.18 5.96 76.89
C SER A 1209 -131.77 4.64 76.43
N ASN A 1420 -70.57 10.92 78.22
CA ASN A 1420 -71.95 10.48 78.09
C ASN A 1420 -72.26 9.36 79.05
N ARG A 1421 -71.62 9.36 80.23
CA ARG A 1421 -71.88 8.31 81.21
C ARG A 1421 -72.05 8.85 82.63
N ASP A 1422 -72.38 7.98 83.59
CA ASP A 1422 -72.58 8.31 85.00
C ASP A 1422 -72.17 7.11 85.88
N ASP A 1423 -72.17 7.31 87.20
CA ASP A 1423 -71.79 6.32 88.21
C ASP A 1423 -72.96 5.45 88.67
N PRO A 1424 -73.00 4.17 88.27
CA PRO A 1424 -74.12 3.33 88.69
C PRO A 1424 -74.10 2.77 90.12
N GLU A 1425 -73.20 3.25 90.97
CA GLU A 1425 -73.16 2.80 92.36
C GLU A 1425 -74.08 3.60 93.26
N ILE A 1426 -74.64 4.69 92.74
CA ILE A 1426 -75.53 5.57 93.47
C ILE A 1426 -76.74 4.92 94.14
N ILE A 1427 -77.64 4.37 93.34
CA ILE A 1427 -78.89 3.80 93.81
C ILE A 1427 -78.86 2.41 94.50
N LEU A 1428 -80.06 1.99 94.90
CA LEU A 1428 -80.33 0.66 95.44
C LEU A 1428 -81.21 -0.07 94.44
N ASN A 1429 -80.88 -1.32 94.14
CA ASN A 1429 -81.61 -2.10 93.14
C ASN A 1429 -83.07 -2.34 93.52
N THR A 1430 -83.29 -2.72 94.76
CA THR A 1430 -84.60 -3.14 95.22
C THR A 1430 -85.58 -2.00 95.10
N THR A 1431 -85.07 -0.84 95.44
CA THR A 1431 -85.82 0.38 95.75
C THR A 1431 -86.58 0.92 94.54
N THR A 1432 -87.81 1.39 94.77
CA THR A 1432 -88.68 1.91 93.72
C THR A 1432 -88.31 3.37 93.50
N TYR A 1433 -87.77 3.69 92.32
CA TYR A 1433 -87.32 5.06 92.07
C TYR A 1433 -88.09 5.82 91.03
N TYR A 1434 -88.15 7.09 91.31
CA TYR A 1434 -88.76 8.11 90.47
C TYR A 1434 -87.67 9.10 90.06
N TYR A 1435 -87.18 8.97 88.83
CA TYR A 1435 -86.07 9.79 88.32
C TYR A 1435 -86.41 10.90 87.35
N SER A 1436 -85.69 12.00 87.37
CA SER A 1436 -85.86 13.05 86.38
C SER A 1436 -84.62 13.20 85.51
N VAL A 1437 -84.79 13.06 84.20
CA VAL A 1437 -83.69 13.18 83.25
C VAL A 1437 -83.86 14.39 82.36
N ARG A 1438 -82.80 15.19 82.33
CA ARG A 1438 -82.75 16.42 81.57
C ARG A 1438 -81.79 16.36 80.39
N VAL A 1439 -82.36 16.39 79.20
CA VAL A 1439 -81.61 16.35 77.94
C VAL A 1439 -82.00 17.56 77.10
N PHE A 1440 -81.10 18.53 77.00
CA PHE A 1440 -81.42 19.77 76.31
C PHE A 1440 -81.94 19.53 74.91
N ALA A 1441 -83.18 19.96 74.70
CA ALA A 1441 -83.92 19.79 73.47
C ALA A 1441 -83.20 20.32 72.24
N GLY A 1442 -82.42 21.38 72.39
CA GLY A 1442 -81.97 22.13 71.23
C GLY A 1442 -81.20 21.30 70.21
N GLN A 1443 -80.31 20.40 70.64
CA GLN A 1443 -79.68 19.48 69.69
C GLN A 1443 -80.01 18.02 70.04
N GLU A 1444 -80.65 17.32 69.11
CA GLU A 1444 -80.98 15.90 69.33
C GLU A 1444 -79.76 14.96 69.42
N PRO A 1445 -78.70 15.11 68.53
CA PRO A 1445 -78.96 15.93 67.33
C PRO A 1445 -79.99 15.30 66.40
N SER A 1446 -79.91 13.98 66.22
CA SER A 1446 -80.95 13.24 65.53
C SER A 1446 -81.59 12.05 66.28
N CYS A 1447 -80.79 11.32 67.08
CA CYS A 1447 -81.29 10.14 67.81
C CYS A 1447 -80.73 10.05 69.24
N VAL A 1448 -81.64 9.93 70.21
CA VAL A 1448 -81.31 9.84 71.63
C VAL A 1448 -81.80 8.51 72.21
N TRP A 1449 -80.91 7.82 72.92
CA TRP A 1449 -81.27 6.53 73.50
C TRP A 1449 -81.48 6.61 75.00
N VAL A 1450 -82.68 6.32 75.50
CA VAL A 1450 -82.95 6.49 76.93
C VAL A 1450 -83.41 5.20 77.63
N GLY A 1451 -82.78 4.83 78.76
CA GLY A 1451 -83.25 3.63 79.45
C GLY A 1451 -82.41 3.30 80.65
N TRP A 1452 -82.18 2.01 80.89
CA TRP A 1452 -81.43 1.56 82.04
C TRP A 1452 -80.41 0.46 81.72
N VAL A 1453 -79.30 0.43 82.47
CA VAL A 1453 -78.30 -0.61 82.29
C VAL A 1453 -77.89 -1.17 83.63
N THR A 1454 -77.22 -2.32 83.60
CA THR A 1454 -76.63 -2.90 84.79
C THR A 1454 -75.43 -2.05 85.19
N PRO A 1455 -75.02 -2.15 86.52
CA PRO A 1455 -73.88 -1.29 86.86
C PRO A 1455 -72.68 -1.68 86.00
N ASP A 1456 -72.52 -2.97 85.75
CA ASP A 1456 -71.41 -3.47 84.96
C ASP A 1456 -71.43 -2.96 83.52
N TYR A 1457 -72.61 -2.89 82.90
CA TYR A 1457 -72.67 -2.49 81.50
C TYR A 1457 -72.24 -1.04 81.33
N HIS A 1458 -71.74 -0.73 80.12
CA HIS A 1458 -71.32 0.62 79.73
C HIS A 1458 -70.91 0.60 78.27
N GLN A 1459 -70.79 1.79 77.67
CA GLN A 1459 -70.35 1.81 76.28
C GLN A 1459 -68.85 1.96 76.30
N HIS A 1460 -68.19 0.93 75.80
CA HIS A 1460 -66.74 0.84 75.76
C HIS A 1460 -66.06 1.89 74.89
N ASP A 1461 -66.75 2.30 73.83
CA ASP A 1461 -66.24 3.23 72.84
C ASP A 1461 -67.38 3.92 72.10
N MET A 1462 -67.06 4.88 71.23
CA MET A 1462 -68.08 5.60 70.46
C MET A 1462 -68.80 4.69 69.44
N ASN A 1463 -68.22 3.52 69.17
CA ASN A 1463 -68.79 2.50 68.32
C ASN A 1463 -69.91 1.73 69.02
N PHE A 1464 -70.05 1.93 70.33
CA PHE A 1464 -71.04 1.27 71.14
C PHE A 1464 -72.24 2.18 71.37
N ASP A 1465 -73.36 1.55 71.66
CA ASP A 1465 -74.66 2.19 71.76
C ASP A 1465 -75.53 1.55 72.81
N LEU A 1466 -76.18 2.36 73.62
CA LEU A 1466 -77.12 1.87 74.64
C LEU A 1466 -78.07 0.79 74.09
N SER A 1467 -78.57 0.91 72.86
CA SER A 1467 -79.45 -0.11 72.31
C SER A 1467 -78.76 -1.45 72.02
N LYS A 1468 -77.44 -1.41 71.90
CA LYS A 1468 -76.65 -2.62 71.76
C LYS A 1468 -76.73 -3.50 73.01
N VAL A 1469 -76.66 -2.86 74.17
CA VAL A 1469 -76.67 -3.57 75.45
C VAL A 1469 -78.01 -4.21 75.80
N ARG A 1470 -77.97 -5.42 76.34
CA ARG A 1470 -79.18 -6.09 76.78
C ARG A 1470 -79.56 -5.74 78.23
N ALA A 1471 -80.02 -4.52 78.43
CA ALA A 1471 -80.50 -4.09 79.74
C ALA A 1471 -81.95 -3.64 79.62
N VAL A 1472 -82.14 -2.38 79.26
CA VAL A 1472 -83.45 -1.85 78.89
C VAL A 1472 -83.36 -0.53 78.12
N THR A 1473 -83.87 -0.45 76.89
CA THR A 1473 -83.68 0.81 76.15
C THR A 1473 -84.82 1.28 75.23
N VAL A 1474 -85.27 2.53 75.37
CA VAL A 1474 -86.21 3.08 74.40
C VAL A 1474 -85.46 4.08 73.51
N THR A 1475 -85.49 3.88 72.21
CA THR A 1475 -84.81 4.84 71.34
C THR A 1475 -85.85 5.82 70.83
N MET A 1476 -85.50 7.11 70.86
CA MET A 1476 -86.39 8.16 70.38
C MET A 1476 -85.61 9.11 69.45
N GLY A 1477 -86.18 9.44 68.30
CA GLY A 1477 -85.48 10.30 67.34
C GLY A 1477 -86.10 11.69 67.16
N ASP A 1478 -85.57 12.42 66.18
CA ASP A 1478 -86.06 13.73 65.80
C ASP A 1478 -87.48 13.67 65.23
N ASN A 1491 -88.75 5.72 64.41
CA ASN A 1491 -89.81 5.70 65.41
C ASN A 1491 -89.37 5.46 66.84
N CYS A 1492 -90.30 5.64 67.77
CA CYS A 1492 -90.04 5.36 69.17
C CYS A 1492 -90.03 3.85 69.28
N TYR A 1493 -88.94 3.27 69.79
CA TYR A 1493 -88.88 1.81 69.79
C TYR A 1493 -88.22 1.21 71.01
N MET A 1494 -88.87 0.17 71.52
CA MET A 1494 -88.41 -0.57 72.68
C MET A 1494 -87.36 -1.62 72.32
N VAL A 1495 -86.29 -1.65 73.10
CA VAL A 1495 -85.22 -2.61 72.89
C VAL A 1495 -84.80 -3.29 74.19
N TRP A 1496 -85.63 -4.23 74.64
CA TRP A 1496 -85.35 -4.95 75.87
C TRP A 1496 -85.16 -6.45 75.61
N GLY A 1497 -84.09 -7.01 76.13
CA GLY A 1497 -83.79 -8.42 75.95
C GLY A 1497 -83.70 -8.81 74.50
N ILE A 1509 -90.67 9.10 63.85
CA ILE A 1509 -89.64 9.59 64.77
C ILE A 1509 -90.25 10.55 65.77
N SER A 1510 -90.13 10.22 67.05
CA SER A 1510 -90.65 11.05 68.11
C SER A 1510 -89.75 12.22 68.47
N HIS A 1511 -90.19 13.44 68.15
CA HIS A 1511 -89.40 14.60 68.49
C HIS A 1511 -89.12 14.66 69.97
N THR A 1512 -87.83 14.63 70.28
CA THR A 1512 -87.36 14.66 71.64
C THR A 1512 -86.57 15.94 71.83
N ASP A 1513 -86.96 16.71 72.84
CA ASP A 1513 -86.32 17.98 73.16
C ASP A 1513 -85.01 17.72 73.92
N LEU A 1514 -84.27 18.79 74.20
CA LEU A 1514 -83.01 18.76 74.93
C LEU A 1514 -83.12 17.95 76.23
N VAL A 1515 -84.17 18.22 76.98
CA VAL A 1515 -84.39 17.55 78.24
C VAL A 1515 -85.41 16.43 78.10
N ILE A 1516 -85.06 15.27 78.63
CA ILE A 1516 -85.97 14.12 78.63
C ILE A 1516 -85.86 13.46 80.00
N GLY A 1517 -86.98 13.03 80.54
CA GLY A 1517 -86.96 12.43 81.85
C GLY A 1517 -87.07 10.93 81.73
N CYS A 1518 -86.23 10.26 82.49
CA CYS A 1518 -86.20 8.79 82.48
C CYS A 1518 -86.79 8.33 83.80
N LEU A 1519 -87.82 7.48 83.74
CA LEU A 1519 -88.49 7.04 84.96
C LEU A 1519 -88.40 5.54 85.18
N VAL A 1520 -87.84 5.15 86.33
CA VAL A 1520 -87.73 3.74 86.68
C VAL A 1520 -88.51 3.36 87.92
N ASP A 1521 -89.56 2.57 87.76
CA ASP A 1521 -90.36 2.11 88.88
C ASP A 1521 -90.12 0.63 89.12
N LEU A 1522 -89.29 0.32 90.10
CA LEU A 1522 -88.96 -1.09 90.35
C LEU A 1522 -89.96 -1.75 91.27
N ALA A 1523 -90.83 -0.97 91.89
CA ALA A 1523 -91.86 -1.55 92.73
C ALA A 1523 -92.83 -2.29 91.82
N THR A 1524 -93.14 -1.67 90.68
CA THR A 1524 -94.01 -2.29 89.70
C THR A 1524 -93.22 -3.00 88.58
N GLY A 1525 -91.94 -2.64 88.43
CA GLY A 1525 -91.11 -3.25 87.41
C GLY A 1525 -91.41 -2.65 86.06
N LEU A 1526 -91.59 -1.34 86.00
CA LEU A 1526 -91.90 -0.66 84.75
C LEU A 1526 -90.89 0.46 84.45
N MET A 1527 -90.68 0.72 83.16
CA MET A 1527 -89.80 1.79 82.70
C MET A 1527 -90.46 2.62 81.59
N THR A 1528 -90.49 3.92 81.84
CA THR A 1528 -91.11 4.93 80.96
C THR A 1528 -90.26 6.17 80.75
N PHE A 1529 -90.64 6.96 79.74
CA PHE A 1529 -90.03 8.26 79.50
C PHE A 1529 -91.06 9.39 79.55
N THR A 1530 -90.57 10.56 79.92
CA THR A 1530 -91.34 11.79 79.98
C THR A 1530 -90.68 12.83 79.08
N ALA A 1531 -91.40 13.34 78.10
CA ALA A 1531 -90.80 14.32 77.19
C ALA A 1531 -91.62 15.60 77.22
N ASN A 1532 -90.95 16.72 77.49
CA ASN A 1532 -91.58 18.04 77.57
C ASN A 1532 -92.70 18.08 78.60
N GLY A 1533 -92.53 17.34 79.69
CA GLY A 1533 -93.50 17.29 80.76
C GLY A 1533 -94.66 16.34 80.46
N LYS A 1534 -94.63 15.63 79.34
CA LYS A 1534 -95.72 14.73 79.01
C LYS A 1534 -95.31 13.28 79.09
N GLU A 1535 -96.24 12.43 79.49
CA GLU A 1535 -95.97 11.01 79.62
C GLU A 1535 -95.93 10.39 78.24
N SER A 1536 -94.85 9.67 77.92
CA SER A 1536 -94.74 9.04 76.60
C SER A 1536 -95.25 7.60 76.60
N ASN A 1537 -95.61 7.11 77.79
CA ASN A 1537 -96.20 5.81 78.11
C ASN A 1537 -95.13 4.82 78.53
N THR A 1538 -95.56 3.71 79.13
CA THR A 1538 -94.65 2.67 79.55
C THR A 1538 -94.06 2.02 78.32
N PHE A 1539 -92.74 1.87 78.29
CA PHE A 1539 -92.10 1.26 77.16
C PHE A 1539 -91.66 -0.13 77.51
N PHE A 1540 -91.20 -0.31 78.74
CA PHE A 1540 -90.70 -1.62 79.11
C PHE A 1540 -91.19 -2.14 80.45
N GLN A 1541 -91.21 -3.46 80.59
CA GLN A 1541 -91.48 -4.04 81.88
C GLN A 1541 -90.21 -4.74 82.31
N VAL A 1542 -89.29 -3.96 82.85
CA VAL A 1542 -88.02 -4.46 83.38
C VAL A 1542 -88.30 -5.58 84.36
N GLU A 1543 -87.40 -6.55 84.45
CA GLU A 1543 -87.64 -7.65 85.33
C GLU A 1543 -87.35 -7.25 86.76
N PRO A 1544 -88.07 -7.85 87.70
CA PRO A 1544 -87.88 -7.52 89.09
C PRO A 1544 -86.60 -8.15 89.60
N ASN A 1545 -86.14 -7.63 90.74
CA ASN A 1545 -84.91 -8.04 91.41
C ASN A 1545 -83.63 -7.77 90.60
N THR A 1546 -83.72 -6.95 89.54
CA THR A 1546 -82.55 -6.60 88.76
C THR A 1546 -82.11 -5.21 89.16
N LYS A 1547 -80.95 -4.77 88.70
CA LYS A 1547 -80.48 -3.44 89.00
C LYS A 1547 -79.92 -2.81 87.73
N LEU A 1548 -80.46 -1.65 87.38
CA LEU A 1548 -80.02 -0.93 86.20
C LEU A 1548 -79.79 0.53 86.52
N PHE A 1549 -79.04 1.20 85.65
CA PHE A 1549 -78.74 2.62 85.79
C PHE A 1549 -78.89 3.33 84.45
N PRO A 1550 -79.17 4.70 84.51
CA PRO A 1550 -79.34 5.34 83.20
C PRO A 1550 -78.07 5.35 82.35
N ALA A 1551 -78.24 5.18 81.03
CA ALA A 1551 -77.14 5.24 80.09
C ALA A 1551 -77.64 5.80 78.77
N VAL A 1552 -76.84 6.68 78.20
CA VAL A 1552 -77.18 7.23 76.91
C VAL A 1552 -75.96 7.08 76.03
N PHE A 1553 -76.17 6.49 74.87
CA PHE A 1553 -75.06 6.31 73.97
C PHE A 1553 -75.14 7.25 72.80
N VAL A 1554 -74.06 8.01 72.73
CA VAL A 1554 -73.74 8.94 71.68
C VAL A 1554 -72.25 8.85 71.48
N LEU A 1555 -71.82 9.16 70.27
CA LEU A 1555 -70.40 9.34 69.95
C LEU A 1555 -70.25 10.70 69.29
N PRO A 1556 -70.97 10.85 68.12
CA PRO A 1556 -70.96 12.23 67.59
C PRO A 1556 -71.85 13.09 68.48
N THR A 1557 -71.60 14.38 68.53
CA THR A 1557 -70.57 15.04 67.74
C THR A 1557 -69.28 14.96 68.53
N HIS A 1558 -68.15 14.93 67.83
CA HIS A 1558 -66.91 15.02 68.55
C HIS A 1558 -67.05 13.95 69.61
N GLN A 1559 -66.95 14.44 70.83
CA GLN A 1559 -67.01 13.68 72.07
C GLN A 1559 -68.13 14.31 72.86
N ASN A 1560 -69.37 13.97 72.48
CA ASN A 1560 -70.55 14.61 73.06
C ASN A 1560 -70.63 14.46 74.59
N VAL A 1561 -71.31 15.44 75.22
CA VAL A 1561 -71.44 15.54 76.68
C VAL A 1561 -72.90 15.54 77.10
N ILE A 1562 -73.26 14.59 77.96
CA ILE A 1562 -74.62 14.44 78.45
C ILE A 1562 -74.73 14.55 79.96
N GLN A 1563 -75.62 15.43 80.43
CA GLN A 1563 -75.73 15.60 81.88
C GLN A 1563 -76.84 14.75 82.44
N PHE A 1564 -76.61 14.22 83.63
CA PHE A 1564 -77.55 13.38 84.35
C PHE A 1564 -77.85 13.99 85.73
N GLU A 1565 -79.12 14.32 85.96
CA GLU A 1565 -79.54 14.95 87.22
C GLU A 1565 -80.67 14.22 87.91
N LEU A 1566 -80.47 13.83 89.16
CA LEU A 1566 -81.56 13.20 89.91
C LEU A 1566 -82.68 14.22 90.16
N GLY A 1567 -83.93 13.87 89.89
CA GLY A 1567 -85.02 14.80 90.17
C GLY A 1567 -85.54 14.45 91.55
N LYS A 1568 -85.91 13.17 91.66
CA LYS A 1568 -86.37 12.65 92.93
C LYS A 1568 -86.37 11.14 92.98
N GLN A 1569 -86.61 10.62 94.18
CA GLN A 1569 -86.68 9.18 94.35
C GLN A 1569 -87.62 8.82 95.48
N LYS A 1570 -88.20 7.64 95.35
CA LYS A 1570 -89.11 7.04 96.28
C LYS A 1570 -88.51 5.74 96.80
N ASN A 1571 -88.04 5.81 98.04
CA ASN A 1571 -87.42 4.70 98.73
C ASN A 1571 -88.46 3.65 99.15
N UNK A 2124 -77.48 -5.10 45.30
CA UNK A 2124 -77.38 -5.77 43.99
C UNK A 2124 -78.62 -5.46 43.15
N UNK A 2125 -79.76 -5.60 43.80
CA UNK A 2125 -81.07 -5.36 43.18
C UNK A 2125 -81.13 -3.92 42.64
N UNK A 2126 -80.71 -3.01 43.50
CA UNK A 2126 -80.69 -1.58 43.20
C UNK A 2126 -79.84 -1.31 41.94
N UNK A 2127 -78.67 -1.93 41.95
CA UNK A 2127 -77.70 -1.83 40.86
C UNK A 2127 -78.34 -2.29 39.54
N UNK A 2128 -78.99 -3.43 39.63
CA UNK A 2128 -79.69 -4.05 38.49
C UNK A 2128 -80.73 -3.09 37.92
N UNK A 2129 -81.49 -2.51 38.83
CA UNK A 2129 -82.55 -1.56 38.50
C UNK A 2129 -81.96 -0.37 37.74
N UNK A 2130 -80.87 0.13 38.28
CA UNK A 2130 -80.14 1.27 37.70
C UNK A 2130 -79.72 0.95 36.27
N UNK A 2131 -79.16 -0.23 36.12
CA UNK A 2131 -78.68 -0.73 34.82
C UNK A 2131 -79.83 -0.75 33.82
N UNK A 2132 -80.95 -1.29 34.27
CA UNK A 2132 -82.18 -1.39 33.47
C UNK A 2132 -82.61 -0.01 32.98
N UNK A 2133 -82.60 0.92 33.93
CA UNK A 2133 -82.99 2.31 33.67
C UNK A 2133 -82.10 2.91 32.58
N UNK A 2134 -80.81 2.67 32.74
CA UNK A 2134 -79.79 3.15 31.81
C UNK A 2134 -80.07 2.62 30.39
N UNK A 2135 -80.35 1.33 30.35
CA UNK A 2135 -80.65 0.62 29.10
C UNK A 2135 -81.85 1.27 28.41
N UNK A 2136 -82.87 1.51 29.21
CA UNK A 2136 -84.12 2.13 28.76
C UNK A 2136 -83.83 3.49 28.13
N UNK A 2137 -83.03 4.26 28.84
CA UNK A 2137 -82.62 5.61 28.43
C UNK A 2137 -81.93 5.54 27.06
N UNK A 2138 -81.02 4.59 26.96
CA UNK A 2138 -80.24 4.36 25.73
C UNK A 2138 -81.18 4.08 24.57
N UNK A 2139 -86.16 5.50 21.97
CA UNK A 2139 -86.90 5.95 23.13
C UNK A 2139 -88.22 5.20 23.22
N UNK A 2140 -88.88 5.03 22.09
CA UNK A 2140 -90.16 4.35 22.08
C UNK A 2140 -90.03 2.90 22.52
N UNK A 2141 -88.97 2.24 22.07
CA UNK A 2141 -88.71 0.86 22.47
C UNK A 2141 -88.43 0.75 23.95
N UNK A 2142 -87.67 1.72 24.46
CA UNK A 2142 -87.32 1.72 25.87
C UNK A 2142 -88.63 1.85 26.59
N UNK A 2143 -89.51 2.67 26.04
CA UNK A 2143 -90.83 2.93 26.58
C UNK A 2143 -91.72 1.68 26.61
N UNK A 2144 -91.67 0.87 25.58
CA UNK A 2144 -92.41 -0.39 25.56
C UNK A 2144 -91.89 -1.34 26.65
N UNK A 2145 -90.57 -1.39 26.78
CA UNK A 2145 -89.99 -2.25 27.80
C UNK A 2145 -90.47 -1.76 29.14
N UNK A 2146 -90.52 -0.44 29.25
CA UNK A 2146 -90.91 0.24 30.45
C UNK A 2146 -92.35 -0.07 30.79
N UNK A 2147 -93.20 -0.11 29.79
CA UNK A 2147 -94.60 -0.40 29.98
C UNK A 2147 -94.72 -1.81 30.51
N UNK A 2148 -93.96 -2.74 29.95
CA UNK A 2148 -94.04 -4.11 30.43
C UNK A 2148 -93.64 -4.15 31.89
N UNK A 2149 -92.59 -3.41 32.21
CA UNK A 2149 -92.07 -3.33 33.58
C UNK A 2149 -93.07 -2.73 34.56
N UNK A 2150 -93.74 -1.68 34.12
CA UNK A 2150 -94.72 -0.96 34.90
C UNK A 2150 -95.85 -1.92 35.17
N UNK A 2151 -96.17 -2.73 34.16
CA UNK A 2151 -97.23 -3.69 34.28
C UNK A 2151 -96.89 -4.68 35.35
N UNK A 2152 -95.63 -5.13 35.33
CA UNK A 2152 -95.18 -6.08 36.34
C UNK A 2152 -95.28 -5.45 37.73
N UNK A 2153 -94.90 -4.19 37.81
CA UNK A 2153 -94.93 -3.47 39.08
C UNK A 2153 -96.35 -3.33 39.61
N UNK A 2154 -81.89 0.56 57.21
CA UNK A 2154 -82.86 0.91 56.19
C UNK A 2154 -82.18 1.68 55.07
N UNK A 2155 -80.87 1.84 55.19
CA UNK A 2155 -80.10 2.56 54.20
C UNK A 2155 -80.17 1.87 52.84
N UNK A 2156 -80.14 0.54 52.87
CA UNK A 2156 -80.24 -0.22 51.65
C UNK A 2156 -81.58 0.10 51.04
N UNK A 2157 -82.59 0.20 51.90
CA UNK A 2157 -83.94 0.48 51.46
C UNK A 2157 -84.02 1.84 50.79
N UNK A 2158 -83.35 2.83 51.37
CA UNK A 2158 -83.34 4.17 50.82
C UNK A 2158 -82.70 4.12 49.45
N UNK A 2159 -81.61 3.38 49.34
CA UNK A 2159 -80.91 3.29 48.08
C UNK A 2159 -81.83 2.68 47.02
N UNK A 2160 -82.55 1.64 47.41
CA UNK A 2160 -83.44 0.97 46.47
C UNK A 2160 -84.52 1.92 46.03
N UNK A 2161 -85.08 2.68 46.96
CA UNK A 2161 -86.15 3.58 46.63
C UNK A 2161 -85.64 4.61 45.64
N UNK A 2162 -84.43 5.10 45.89
CA UNK A 2162 -83.84 6.11 45.03
C UNK A 2162 -83.64 5.56 43.63
N UNK A 2163 -83.15 4.34 43.55
CA UNK A 2163 -82.89 3.75 42.25
C UNK A 2163 -84.21 3.63 41.52
N UNK A 2164 -85.25 3.22 42.26
CA UNK A 2164 -86.54 3.00 41.65
C UNK A 2164 -87.09 4.30 41.11
N UNK A 2165 -86.92 5.35 41.87
CA UNK A 2165 -87.41 6.65 41.46
C UNK A 2165 -86.70 7.10 40.20
N UNK A 2166 -85.38 6.87 40.16
CA UNK A 2166 -84.61 7.28 39.02
C UNK A 2166 -85.10 6.52 37.80
N UNK A 2167 -85.39 5.24 37.98
CA UNK A 2167 -85.85 4.41 36.88
C UNK A 2167 -87.19 4.90 36.35
N UNK A 2168 -88.07 5.27 37.27
CA UNK A 2168 -89.38 5.77 36.88
C UNK A 2168 -89.21 7.05 36.10
N UNK A 2169 -88.30 7.90 36.54
CA UNK A 2169 -88.03 9.16 35.88
C UNK A 2169 -87.52 8.93 34.46
N UNK A 2170 -86.65 7.94 34.32
CA UNK A 2170 -86.11 7.57 33.00
C UNK A 2170 -87.22 7.08 32.08
N UNK A 2171 -88.13 6.30 32.65
CA UNK A 2171 -89.24 5.78 31.88
C UNK A 2171 -90.09 6.95 31.42
N UNK A 2172 -90.21 7.94 32.29
CA UNK A 2172 -90.96 9.16 32.00
C UNK A 2172 -90.33 9.96 30.87
N UNK A 2173 -89.00 10.04 30.88
CA UNK A 2173 -88.32 10.74 29.80
C UNK A 2173 -88.63 9.99 28.52
N UNK A 2174 -88.60 8.66 28.63
CA UNK A 2174 -88.99 7.80 27.52
C UNK A 2174 -90.24 8.33 26.84
N UNK A 2175 -94.63 11.04 26.13
CA UNK A 2175 -95.71 11.67 26.86
C UNK A 2175 -96.83 10.75 27.34
N UNK A 2176 -97.33 9.85 26.50
CA UNK A 2176 -98.44 8.99 26.92
C UNK A 2176 -98.04 8.01 28.03
N UNK A 2177 -96.89 7.41 27.85
CA UNK A 2177 -96.40 6.46 28.82
C UNK A 2177 -96.21 7.25 30.08
N UNK A 2178 -95.73 8.48 29.92
CA UNK A 2178 -95.45 9.34 31.05
C UNK A 2178 -96.69 9.71 31.85
N UNK A 2179 -97.79 10.01 31.16
CA UNK A 2179 -99.02 10.34 31.85
C UNK A 2179 -99.46 9.11 32.61
N UNK A 2180 -99.32 7.96 31.98
CA UNK A 2180 -99.76 6.74 32.61
C UNK A 2180 -98.97 6.55 33.88
N UNK A 2181 -97.67 6.79 33.79
CA UNK A 2181 -96.77 6.60 34.90
C UNK A 2181 -97.10 7.54 36.04
N UNK A 2182 -97.41 8.78 35.69
CA UNK A 2182 -97.70 9.77 36.69
C UNK A 2182 -98.93 9.32 37.44
N UNK A 2183 -99.93 8.85 36.69
CA UNK A 2183 -101.17 8.41 37.33
C UNK A 2183 -100.89 7.24 38.26
N UNK A 2184 -100.07 6.30 37.82
CA UNK A 2184 -99.78 5.13 38.62
C UNK A 2184 -99.09 5.56 39.91
N UNK A 2185 -98.18 6.52 39.77
CA UNK A 2185 -97.59 7.16 40.91
C UNK A 2185 -98.74 7.96 41.49
N UNK A 2186 -98.63 8.36 42.75
CA UNK A 2186 -99.78 8.93 43.43
C UNK A 2186 -100.23 10.15 42.63
N UNK A 2187 -99.27 10.91 42.12
CA UNK A 2187 -99.60 12.06 41.30
C UNK A 2187 -100.15 13.12 42.24
N UNK A 2188 -101.20 12.76 42.96
CA UNK A 2188 -101.69 13.61 44.03
C UNK A 2188 -100.75 13.38 45.20
N UNK A 2189 -100.33 12.14 45.34
CA UNK A 2189 -99.38 11.78 46.37
C UNK A 2189 -98.09 12.54 46.11
N UNK A 2190 -97.73 12.68 44.85
CA UNK A 2190 -96.51 13.40 44.50
C UNK A 2190 -96.61 14.86 44.92
N UNK A 2191 -97.77 15.45 44.71
CA UNK A 2191 -98.01 16.84 45.10
C UNK A 2191 -97.90 16.97 46.60
N UNK A 2192 -98.45 15.99 47.30
CA UNK A 2192 -98.41 15.99 48.75
C UNK A 2192 -96.96 15.92 49.22
N UNK A 2193 -96.17 15.10 48.54
CA UNK A 2193 -94.77 14.94 48.85
C UNK A 2193 -94.02 16.24 48.65
N UNK A 2194 -94.35 16.92 47.57
CA UNK A 2194 -93.71 18.18 47.27
C UNK A 2194 -94.02 19.13 48.40
N UNK A 2195 -95.26 19.10 48.84
CA UNK A 2195 -95.70 19.99 49.90
C UNK A 2195 -94.93 19.70 51.18
N UNK A 2196 -94.75 18.41 51.48
CA UNK A 2196 -94.05 18.00 52.68
C UNK A 2196 -92.65 18.61 52.75
N UNK A 2197 -81.87 12.46 49.53
CA UNK A 2197 -82.54 11.69 48.49
C UNK A 2197 -84.02 12.05 48.39
N UNK A 2198 -84.58 12.50 49.51
CA UNK A 2198 -85.98 12.91 49.55
C UNK A 2198 -86.11 14.08 48.59
N UNK A 2199 -85.04 14.88 48.58
CA UNK A 2199 -84.90 15.94 47.62
C UNK A 2199 -84.91 15.32 46.24
N UNK A 2200 -84.31 14.13 46.12
CA UNK A 2200 -84.29 13.43 44.85
C UNK A 2200 -85.68 13.05 44.34
N UNK A 2201 -86.56 12.63 45.26
CA UNK A 2201 -87.97 12.38 44.97
C UNK A 2201 -88.71 13.66 44.57
N UNK A 2202 -88.36 14.75 45.24
CA UNK A 2202 -88.95 16.02 44.90
C UNK A 2202 -88.54 16.29 43.47
N UNK A 2203 -87.31 15.93 43.17
CA UNK A 2203 -86.69 16.05 41.87
C UNK A 2203 -87.36 15.23 40.79
N UNK A 2204 -87.80 14.02 41.12
CA UNK A 2204 -88.63 13.17 40.25
C UNK A 2204 -90.00 13.77 39.95
N UNK A 2205 -90.59 14.42 40.95
CA UNK A 2205 -91.83 15.16 40.72
C UNK A 2205 -91.49 16.29 39.76
N UNK A 2206 -90.31 16.82 39.99
CA UNK A 2206 -89.76 17.92 39.26
C UNK A 2206 -89.63 17.45 37.83
N UNK A 2207 -89.30 16.18 37.68
CA UNK A 2207 -89.18 15.36 36.47
C UNK A 2207 -90.46 15.09 35.67
N UNK A 2208 -91.59 14.91 36.35
CA UNK A 2208 -92.87 14.96 35.63
C UNK A 2208 -93.02 16.39 35.11
N UNK A 2209 -92.65 17.31 35.97
CA UNK A 2209 -92.65 18.72 35.60
C UNK A 2209 -91.70 18.88 34.42
N UNK A 2210 -90.71 18.02 34.41
CA UNK A 2210 -89.62 17.81 33.47
C UNK A 2210 -90.00 17.31 32.08
N UNK A 2211 -90.97 16.42 31.99
CA UNK A 2211 -91.58 16.10 30.71
C UNK A 2211 -92.26 17.38 30.26
N UNK A 2212 -92.87 18.03 31.26
CA UNK A 2212 -93.54 19.28 30.97
C UNK A 2212 -92.50 20.22 30.39
N UNK A 2213 -91.28 20.12 30.90
CA UNK A 2213 -90.21 21.02 30.56
C UNK A 2213 -89.26 20.53 29.47
N UNK A 2214 -89.49 19.34 28.94
CA UNK A 2214 -89.06 18.93 27.62
C UNK A 2214 -89.88 19.78 26.69
N UNK A 2215 -91.17 19.90 27.05
CA UNK A 2215 -92.00 20.85 26.35
C UNK A 2215 -91.37 22.21 26.59
N UNK A 2216 -91.01 21.71 28.16
CA UNK A 2216 -90.35 22.96 28.49
C UNK A 2216 -89.10 23.19 27.65
N UNK A 2217 -88.35 22.13 27.41
CA UNK A 2217 -87.12 22.18 26.64
C UNK A 2217 -87.46 22.56 25.23
N UNK A 2218 -88.56 22.00 24.73
CA UNK A 2218 -88.97 22.37 23.38
C UNK A 2218 -89.31 23.86 23.34
N UNK A 2219 -90.00 24.30 24.38
CA UNK A 2219 -90.39 25.69 24.47
C UNK A 2219 -89.15 26.55 24.49
N UNK A 2220 -88.14 26.08 25.19
CA UNK A 2220 -86.84 26.72 25.35
C UNK A 2220 -86.06 26.85 24.06
N UNK A 2221 -86.08 25.81 23.24
CA UNK A 2221 -85.44 25.89 21.95
C UNK A 2221 -86.15 26.98 21.18
N UNK A 2222 -87.47 27.00 21.32
CA UNK A 2222 -88.27 27.99 20.62
C UNK A 2222 -87.88 29.39 21.06
N UNK A 2223 -87.68 29.56 22.37
CA UNK A 2223 -87.31 30.84 22.95
C UNK A 2223 -85.95 31.28 22.44
N UNK A 2224 -85.04 30.33 22.35
CA UNK A 2224 -83.69 30.64 21.93
C UNK A 2224 -83.83 31.21 20.54
N UNK A 2225 -84.69 30.59 19.74
CA UNK A 2225 -85.03 31.18 18.46
C UNK A 2225 -83.78 31.53 17.66
N UNK A 2226 -59.42 71.73 -75.92
CA UNK A 2226 -58.75 72.53 -76.94
C UNK A 2226 -57.37 71.96 -77.28
N UNK A 2227 -56.45 72.82 -77.65
CA UNK A 2227 -55.09 72.40 -78.00
C UNK A 2227 -54.42 71.76 -76.80
N UNK A 2228 -54.65 72.35 -75.63
CA UNK A 2228 -54.12 71.80 -74.39
C UNK A 2228 -54.70 70.42 -74.18
N UNK A 2229 -55.98 70.26 -74.50
CA UNK A 2229 -56.66 68.97 -74.38
C UNK A 2229 -56.03 67.92 -75.29
N UNK A 2230 -55.71 68.32 -76.51
CA UNK A 2230 -55.07 67.43 -77.46
C UNK A 2230 -53.72 67.02 -76.90
N UNK A 2231 -53.03 68.00 -76.30
CA UNK A 2231 -51.73 67.75 -75.72
C UNK A 2231 -51.85 66.74 -74.59
N UNK A 2232 -52.90 66.88 -73.80
CA UNK A 2232 -53.18 65.98 -72.70
C UNK A 2232 -53.42 64.57 -73.20
N UNK A 2233 -54.17 64.45 -74.30
CA UNK A 2233 -54.44 63.14 -74.87
C UNK A 2233 -53.13 62.52 -75.33
N UNK A 2234 -52.28 63.35 -75.92
CA UNK A 2234 -50.98 62.91 -76.40
C UNK A 2234 -50.11 62.42 -75.25
N UNK A 2235 -50.18 63.13 -74.12
CA UNK A 2235 -49.46 62.78 -72.90
C UNK A 2235 -49.94 61.46 -72.35
N UNK A 2236 -51.26 61.23 -72.43
CA UNK A 2236 -51.86 59.98 -72.01
C UNK A 2236 -51.32 58.86 -72.88
N UNK A 2237 -51.20 59.15 -74.17
CA UNK A 2237 -50.64 58.21 -75.13
C UNK A 2237 -49.19 57.89 -74.76
N UNK A 2238 -48.46 58.93 -74.35
CA UNK A 2238 -47.08 58.80 -73.93
C UNK A 2238 -46.96 57.90 -72.71
N UNK A 2239 -47.91 58.05 -71.79
CA UNK A 2239 -47.93 57.24 -70.58
C UNK A 2239 -49.23 57.43 -69.80
N UNK A 2240 -49.88 78.36 -64.25
CA UNK A 2240 -48.63 78.19 -63.55
C UNK A 2240 -48.87 77.94 -62.06
N UNK A 2241 -48.39 78.85 -61.21
CA UNK A 2241 -48.56 78.72 -59.77
C UNK A 2241 -50.04 78.73 -59.41
N UNK A 2242 -50.81 79.54 -60.11
CA UNK A 2242 -52.25 79.58 -59.96
C UNK A 2242 -52.89 78.25 -60.36
N UNK A 2243 -52.37 77.64 -61.41
CA UNK A 2243 -52.87 76.35 -61.85
C UNK A 2243 -52.62 75.38 -60.72
N UNK A 2244 -51.47 75.53 -60.09
CA UNK A 2244 -51.07 74.72 -58.95
C UNK A 2244 -52.02 74.90 -57.77
N UNK A 2245 -52.42 76.12 -57.51
CA UNK A 2245 -53.37 76.40 -56.45
C UNK A 2245 -54.70 75.72 -56.75
N UNK A 2246 -55.10 75.77 -58.01
CA UNK A 2246 -56.35 75.12 -58.41
C UNK A 2246 -56.27 73.62 -58.17
N UNK A 2247 -55.13 73.06 -58.53
CA UNK A 2247 -54.92 71.63 -58.37
C UNK A 2247 -54.98 71.30 -56.89
N UNK A 2248 -54.42 72.17 -56.06
CA UNK A 2248 -54.42 72.01 -54.61
C UNK A 2248 -55.82 72.03 -54.02
N UNK A 2249 -56.67 72.92 -54.52
CA UNK A 2249 -58.05 72.96 -54.07
C UNK A 2249 -58.70 71.65 -54.45
N UNK A 2250 -58.37 71.19 -55.65
CA UNK A 2250 -58.96 69.97 -56.16
C UNK A 2250 -58.54 68.84 -55.23
N UNK A 2251 -57.30 68.92 -54.77
CA UNK A 2251 -56.68 67.98 -53.85
C UNK A 2251 -57.32 67.95 -52.47
N UNK A 2252 -57.70 69.12 -51.96
CA UNK A 2252 -58.44 69.18 -50.69
C UNK A 2252 -59.77 68.50 -50.89
N UNK A 2253 -60.34 68.72 -52.08
CA UNK A 2253 -61.62 68.11 -52.42
C UNK A 2253 -61.42 66.61 -52.40
N UNK A 2254 -60.28 66.19 -52.93
CA UNK A 2254 -59.90 64.81 -53.02
C UNK A 2254 -59.75 64.20 -51.63
N UNK A 2255 -59.18 64.95 -50.69
CA UNK A 2255 -59.05 64.51 -49.32
C UNK A 2255 -60.41 64.30 -48.67
N UNK A 2256 -61.34 65.22 -48.94
CA UNK A 2256 -62.68 65.05 -48.42
C UNK A 2256 -63.31 63.80 -49.02
N UNK A 2257 -63.05 63.61 -50.30
CA UNK A 2257 -63.59 62.50 -51.04
C UNK A 2257 -63.04 61.22 -50.45
N UNK A 2258 -61.77 61.30 -50.06
CA UNK A 2258 -61.02 60.22 -49.45
C UNK A 2258 -61.58 59.83 -48.10
N UNK A 2259 -61.99 60.83 -47.34
CA UNK A 2259 -62.67 60.59 -46.08
C UNK A 2259 -63.98 59.86 -46.37
N UNK A 2260 -64.66 60.28 -47.42
CA UNK A 2260 -65.89 59.64 -47.83
C UNK A 2260 -65.61 58.17 -48.21
N UNK A 2261 -64.48 57.96 -48.87
CA UNK A 2261 -64.03 56.64 -49.29
C UNK A 2261 -63.73 55.74 -48.10
N UNK A 2262 -63.12 56.32 -47.07
CA UNK A 2262 -62.81 55.60 -45.85
C UNK A 2262 -64.12 55.19 -45.21
N UNK A 2263 -65.11 56.08 -45.29
CA UNK A 2263 -66.43 55.79 -44.77
C UNK A 2263 -67.07 54.63 -45.53
N UNK A 2264 -66.95 54.64 -46.86
CA UNK A 2264 -67.44 53.67 -47.73
C UNK A 2264 -66.69 52.52 -47.41
N UNK A 2265 -49.15 63.92 -43.87
CA UNK A 2265 -50.19 64.69 -43.20
C UNK A 2265 -51.03 65.43 -44.24
N UNK A 2266 -51.56 66.58 -43.87
CA UNK A 2266 -52.33 67.38 -44.79
C UNK A 2266 -51.37 67.72 -45.91
N UNK A 2267 -50.14 68.03 -45.52
CA UNK A 2267 -49.11 68.37 -46.48
C UNK A 2267 -48.85 67.20 -47.39
N UNK A 2268 -48.84 65.98 -46.85
CA UNK A 2268 -48.61 64.80 -47.66
C UNK A 2268 -49.72 64.60 -48.68
N UNK A 2269 -50.96 64.81 -48.25
CA UNK A 2269 -52.08 64.64 -49.14
C UNK A 2269 -51.95 65.64 -50.26
N UNK A 2270 -51.54 66.85 -49.88
CA UNK A 2270 -51.40 67.94 -50.84
C UNK A 2270 -50.35 67.61 -51.88
N UNK A 2271 -49.24 67.01 -51.41
CA UNK A 2271 -48.16 66.55 -52.29
C UNK A 2271 -48.56 65.43 -53.25
N UNK A 2272 -49.37 64.49 -52.76
CA UNK A 2272 -49.88 63.45 -53.63
C UNK A 2272 -50.72 64.14 -54.69
N UNK A 2273 -51.48 65.13 -54.24
CA UNK A 2273 -52.35 65.87 -55.13
C UNK A 2273 -51.50 66.55 -56.19
N UNK A 2274 -50.38 67.13 -55.78
CA UNK A 2274 -49.50 67.84 -56.68
C UNK A 2274 -48.91 66.91 -57.72
N UNK A 2275 -48.51 65.72 -57.29
CA UNK A 2275 -47.92 64.80 -58.23
C UNK A 2275 -48.99 64.44 -59.24
N UNK A 2276 -50.21 64.22 -58.75
CA UNK A 2276 -51.30 63.84 -59.62
C UNK A 2276 -51.58 64.93 -60.63
N UNK A 2277 -51.55 66.17 -60.18
CA UNK A 2277 -51.81 67.32 -61.02
C UNK A 2277 -50.75 67.44 -62.10
N UNK A 2278 -49.49 67.19 -61.73
CA UNK A 2278 -48.42 67.26 -62.69
C UNK A 2278 -48.64 66.21 -63.76
N UNK A 2279 -49.06 65.03 -63.31
CA UNK A 2279 -49.30 63.94 -64.25
C UNK A 2279 -50.42 64.33 -65.21
N UNK A 2280 -51.45 64.97 -64.67
CA UNK A 2280 -52.59 65.40 -65.45
C UNK A 2280 -52.19 66.45 -66.48
N UNK A 2281 -51.33 67.37 -66.07
CA UNK A 2281 -50.90 68.43 -66.95
C UNK A 2281 -50.18 67.75 -68.09
N UNK A 2282 -49.36 66.76 -67.74
CA UNK A 2282 -48.70 65.96 -68.73
C UNK A 2282 -49.67 64.90 -69.20
N UNK A 2283 -55.22 69.59 -68.53
CA UNK A 2283 -56.06 68.73 -67.72
C UNK A 2283 -57.00 69.54 -66.83
N UNK A 2284 -56.99 70.86 -67.00
CA UNK A 2284 -57.85 71.75 -66.22
C UNK A 2284 -59.30 71.44 -66.51
N UNK A 2285 -59.61 71.16 -67.78
CA UNK A 2285 -60.97 70.80 -68.19
C UNK A 2285 -61.41 69.49 -67.53
N UNK A 2286 -60.49 68.55 -67.44
CA UNK A 2286 -60.75 67.27 -66.78
C UNK A 2286 -61.04 67.52 -65.30
N UNK A 2287 -60.28 68.43 -64.71
CA UNK A 2287 -60.47 68.78 -63.32
C UNK A 2287 -61.86 69.38 -63.14
N UNK A 2288 -62.28 70.18 -64.11
CA UNK A 2288 -63.61 70.78 -64.12
C UNK A 2288 -64.73 69.74 -64.23
N UNK A 2289 -64.51 68.72 -65.04
CA UNK A 2289 -65.46 67.62 -65.17
C UNK A 2289 -65.56 66.88 -63.84
N UNK A 2290 -64.40 66.75 -63.21
CA UNK A 2290 -64.29 66.10 -61.92
C UNK A 2290 -65.11 66.92 -60.93
N UNK A 2291 -65.03 68.23 -61.09
CA UNK A 2291 -65.77 69.20 -60.30
C UNK A 2291 -67.27 69.07 -60.47
N UNK A 2292 -67.72 68.83 -61.70
CA UNK A 2292 -69.12 68.58 -61.96
C UNK A 2292 -69.56 67.30 -61.24
N UNK A 2293 -68.68 66.30 -61.29
CA UNK A 2293 -68.94 65.05 -60.61
C UNK A 2293 -69.04 65.29 -59.11
N UNK A 2294 -68.20 66.20 -58.63
CA UNK A 2294 -68.14 66.64 -57.24
C UNK A 2294 -69.40 67.37 -56.80
N UNK A 2295 -69.97 68.16 -57.71
CA UNK A 2295 -71.23 68.83 -57.49
C UNK A 2295 -72.30 67.76 -57.33
N UNK A 2296 -72.18 66.74 -58.16
CA UNK A 2296 -73.10 65.61 -58.09
C UNK A 2296 -72.95 64.99 -56.71
N UNK A 2297 -71.71 64.90 -56.26
CA UNK A 2297 -71.38 64.35 -54.95
C UNK A 2297 -71.97 65.17 -53.80
N UNK A 2298 -71.93 66.49 -53.92
CA UNK A 2298 -72.52 67.37 -52.94
C UNK A 2298 -74.02 67.15 -52.90
N UNK A 2299 -74.60 66.95 -54.08
CA UNK A 2299 -76.03 66.68 -54.19
C UNK A 2299 -76.36 65.38 -53.49
N UNK A 2300 -75.48 64.40 -53.65
CA UNK A 2300 -75.60 63.09 -53.00
C UNK A 2300 -75.53 63.22 -51.49
N UNK A 2301 -74.64 64.11 -51.03
CA UNK A 2301 -74.50 64.40 -49.60
C UNK A 2301 -75.80 64.99 -49.10
N UNK A 2302 -76.39 65.87 -49.91
CA UNK A 2302 -77.66 66.49 -49.57
C UNK A 2302 -78.73 65.40 -49.46
N UNK A 2303 -78.69 64.44 -50.38
CA UNK A 2303 -79.62 63.33 -50.36
C UNK A 2303 -79.47 62.46 -49.11
N UNK A 2304 -88.72 66.51 -41.65
CA UNK A 2304 -88.10 65.21 -41.80
C UNK A 2304 -86.78 65.32 -42.56
N UNK A 2305 -86.88 65.33 -43.88
CA UNK A 2305 -85.69 65.36 -44.73
C UNK A 2305 -84.89 66.61 -44.44
N UNK A 2306 -85.59 67.72 -44.27
CA UNK A 2306 -84.92 68.98 -43.95
C UNK A 2306 -84.20 68.90 -42.62
N UNK A 2307 -84.82 68.24 -41.64
CA UNK A 2307 -84.21 68.08 -40.34
C UNK A 2307 -82.94 67.27 -40.46
N UNK A 2308 -82.99 66.23 -41.28
CA UNK A 2308 -81.84 65.38 -41.49
C UNK A 2308 -80.74 66.20 -42.13
N UNK A 2309 -81.14 67.04 -43.07
CA UNK A 2309 -80.19 67.88 -43.79
C UNK A 2309 -79.51 68.80 -42.79
N UNK A 2310 -80.29 69.34 -41.88
CA UNK A 2310 -79.77 70.24 -40.87
C UNK A 2310 -78.76 69.54 -39.97
N UNK A 2311 -79.08 68.30 -39.57
CA UNK A 2311 -78.15 67.55 -38.73
C UNK A 2311 -76.85 67.29 -39.47
N UNK A 2312 -76.98 66.96 -40.75
CA UNK A 2312 -75.82 66.68 -41.57
C UNK A 2312 -74.96 67.92 -41.67
N UNK A 2313 -75.62 69.07 -41.81
CA UNK A 2313 -74.95 70.35 -41.90
C UNK A 2313 -74.20 70.67 -40.63
N UNK A 2314 -74.83 70.37 -39.49
CA UNK A 2314 -74.20 70.63 -38.22
C UNK A 2314 -72.96 69.79 -38.18
N UNK A 2315 -73.08 68.56 -38.65
CA UNK A 2315 -71.96 67.63 -38.67
C UNK A 2315 -70.82 68.12 -39.55
N UNK A 2316 -71.16 68.66 -40.71
CA UNK A 2316 -70.17 69.20 -41.63
C UNK A 2316 -69.45 70.36 -40.97
N UNK A 2317 -70.19 71.20 -40.27
CA UNK A 2317 -69.61 72.32 -39.57
C UNK A 2317 -68.65 71.81 -38.51
N UNK A 2318 -65.37 69.47 -43.60
CA UNK A 2318 -66.52 68.67 -44.01
C UNK A 2318 -67.52 69.56 -44.75
N UNK A 2319 -68.38 70.21 -43.98
CA UNK A 2319 -69.32 71.16 -44.55
C UNK A 2319 -68.46 72.24 -45.17
N UNK A 2320 -67.37 72.55 -44.49
CA UNK A 2320 -66.43 73.54 -44.98
C UNK A 2320 -65.91 73.04 -46.30
N UNK A 2321 -65.65 71.74 -46.37
CA UNK A 2321 -65.10 71.15 -47.58
C UNK A 2321 -66.08 71.33 -48.74
N UNK A 2322 -67.35 71.12 -48.47
CA UNK A 2322 -68.42 71.29 -49.47
C UNK A 2322 -68.52 72.73 -49.96
N UNK A 2323 -68.38 73.68 -49.03
CA UNK A 2323 -68.35 75.09 -49.40
C UNK A 2323 -67.14 75.41 -50.29
N UNK A 2324 -66.02 74.79 -49.95
CA UNK A 2324 -64.80 74.94 -50.72
C UNK A 2324 -65.03 74.39 -52.12
N UNK A 2325 -65.80 73.32 -52.18
CA UNK A 2325 -66.19 72.68 -53.44
C UNK A 2325 -67.04 73.62 -54.28
N UNK A 2326 -67.96 74.32 -53.63
CA UNK A 2326 -68.76 75.31 -54.33
C UNK A 2326 -67.86 76.41 -54.88
N UNK A 2327 -66.85 76.78 -54.09
CA UNK A 2327 -65.88 77.79 -54.51
C UNK A 2327 -65.11 77.33 -55.74
N UNK A 2328 -64.75 76.05 -55.74
CA UNK A 2328 -64.06 75.43 -56.87
C UNK A 2328 -64.93 75.42 -58.10
N UNK A 2329 -66.22 75.19 -57.89
CA UNK A 2329 -67.21 75.20 -58.95
C UNK A 2329 -67.26 76.59 -59.57
N UNK A 2330 -67.18 77.60 -58.70
CA UNK A 2330 -67.14 78.98 -59.14
C UNK A 2330 -65.89 79.24 -59.96
N UNK A 2331 -64.79 78.66 -59.53
CA UNK A 2331 -63.52 78.77 -60.24
C UNK A 2331 -63.66 78.16 -61.62
N UNK A 2332 -64.36 77.04 -61.69
CA UNK A 2332 -64.64 76.35 -62.94
C UNK A 2332 -65.49 77.22 -63.86
N UNK A 2333 -66.47 77.91 -63.27
CA UNK A 2333 -67.33 78.81 -64.04
C UNK A 2333 -66.46 79.90 -64.62
N UNK A 2334 -65.52 80.38 -63.81
CA UNK A 2334 -64.56 81.37 -64.26
C UNK A 2334 -63.65 80.78 -65.33
N UNK A 2335 -69.86 68.64 -74.13
CA UNK A 2335 -69.00 69.69 -73.60
C UNK A 2335 -69.84 70.75 -72.89
N UNK A 2336 -70.17 71.82 -73.59
CA UNK A 2336 -70.96 72.89 -73.01
C UNK A 2336 -72.37 72.40 -72.65
N UNK A 2337 -72.97 71.60 -73.51
CA UNK A 2337 -74.31 71.07 -73.26
C UNK A 2337 -74.34 70.16 -72.05
N UNK A 2338 -73.32 69.32 -71.94
CA UNK A 2338 -73.21 68.41 -70.82
C UNK A 2338 -73.04 69.24 -69.56
N UNK A 2339 -72.24 70.29 -69.68
CA UNK A 2339 -71.95 71.15 -68.56
C UNK A 2339 -73.25 71.76 -68.10
N UNK A 2340 -74.09 72.13 -69.05
CA UNK A 2340 -75.44 72.69 -68.84
C UNK A 2340 -76.46 71.73 -68.19
N UNK A 2341 -76.42 70.46 -68.57
CA UNK A 2341 -77.25 69.47 -67.91
C UNK A 2341 -76.79 69.43 -66.45
N UNK A 2342 -75.47 69.54 -66.32
CA UNK A 2342 -74.81 69.55 -65.03
C UNK A 2342 -75.30 70.74 -64.25
N UNK A 2343 -75.50 71.82 -64.98
CA UNK A 2343 -76.04 73.10 -64.53
C UNK A 2343 -77.48 73.04 -64.03
N UNK A 2344 -78.32 72.24 -64.69
CA UNK A 2344 -79.65 71.94 -64.19
C UNK A 2344 -79.53 71.17 -62.85
N UNK A 2345 -78.56 70.26 -62.83
CA UNK A 2345 -78.32 69.51 -61.60
C UNK A 2345 -77.93 70.53 -60.54
N UNK A 2346 -77.16 71.51 -60.97
CA UNK A 2346 -76.64 72.59 -60.16
C UNK A 2346 -77.73 73.48 -59.58
N UNK A 2347 -78.77 73.74 -60.37
CA UNK A 2347 -79.94 74.49 -59.91
C UNK A 2347 -80.65 73.72 -58.82
N UNK A 2348 -80.75 72.40 -59.03
CA UNK A 2348 -81.35 71.58 -57.97
C UNK A 2348 -80.49 71.70 -56.72
N UNK A 2349 -79.18 71.70 -56.93
CA UNK A 2349 -78.21 71.78 -55.86
C UNK A 2349 -78.37 73.09 -55.13
N UNK A 2350 -78.63 74.15 -55.87
CA UNK A 2350 -78.80 75.47 -55.32
C UNK A 2350 -79.98 75.48 -54.40
N UNK A 2351 -81.09 74.88 -54.82
CA UNK A 2351 -82.25 74.87 -53.94
C UNK A 2351 -81.92 74.11 -52.64
N UNK A 2352 -81.26 72.96 -52.80
CA UNK A 2352 -80.97 72.13 -51.64
C UNK A 2352 -80.06 72.90 -50.69
N UNK A 2353 -79.14 73.62 -51.30
CA UNK A 2353 -78.12 74.40 -50.63
C UNK A 2353 -78.72 75.53 -49.84
N UNK A 2354 -79.72 76.17 -50.41
CA UNK A 2354 -80.40 77.24 -49.71
C UNK A 2354 -81.02 76.62 -48.48
N UNK A 2355 -81.64 75.46 -48.65
CA UNK A 2355 -82.29 74.85 -47.50
C UNK A 2355 -81.24 74.59 -46.42
N UNK A 2356 -80.12 74.04 -46.84
CA UNK A 2356 -79.07 73.68 -45.90
C UNK A 2356 -78.51 74.90 -45.18
N UNK A 2357 -78.32 75.99 -45.91
CA UNK A 2357 -77.79 77.22 -45.34
C UNK A 2357 -78.73 77.79 -44.31
N UNK A 2358 -80.03 77.76 -44.60
CA UNK A 2358 -80.99 78.29 -43.64
C UNK A 2358 -80.89 77.45 -42.38
N UNK A 2359 -80.80 76.14 -42.58
CA UNK A 2359 -80.76 75.24 -41.43
C UNK A 2359 -79.53 75.51 -40.60
N UNK A 2360 -78.42 75.73 -41.30
CA UNK A 2360 -77.14 75.96 -40.66
C UNK A 2360 -77.16 77.25 -39.85
N UNK A 2361 -77.77 78.29 -40.41
CA UNK A 2361 -77.84 79.55 -39.70
C UNK A 2361 -78.64 79.35 -38.43
N UNK A 2362 -79.74 78.62 -38.56
CA UNK A 2362 -80.59 78.40 -37.40
C UNK A 2362 -79.80 77.64 -36.33
N UNK A 2363 -79.04 76.64 -36.76
CA UNK A 2363 -78.27 75.83 -35.84
C UNK A 2363 -77.21 76.66 -35.13
N UNK A 2364 -76.56 77.54 -35.87
CA UNK A 2364 -75.52 78.38 -35.31
C UNK A 2364 -76.14 79.29 -34.26
N UNK A 2365 -77.32 79.81 -34.58
CA UNK A 2365 -78.03 80.68 -33.65
C UNK A 2365 -78.38 79.94 -32.37
N UNK A 2366 -78.82 78.69 -32.52
CA UNK A 2366 -79.11 77.85 -31.38
C UNK A 2366 -77.84 77.13 -30.96
N UNK A 2367 -65.94 82.64 -34.99
CA UNK A 2367 -65.48 81.28 -34.82
C UNK A 2367 -65.91 80.42 -36.01
N UNK A 2368 -66.19 79.14 -35.74
CA UNK A 2368 -66.57 78.23 -36.81
C UNK A 2368 -67.85 78.69 -37.47
N UNK A 2369 -68.80 79.13 -36.66
CA UNK A 2369 -70.09 79.58 -37.18
C UNK A 2369 -69.88 80.80 -38.07
N UNK A 2370 -69.01 81.71 -37.63
CA UNK A 2370 -68.70 82.92 -38.40
C UNK A 2370 -68.06 82.57 -39.73
N UNK A 2371 -67.16 81.61 -39.70
CA UNK A 2371 -66.48 81.19 -40.91
C UNK A 2371 -67.52 80.63 -41.87
N UNK A 2372 -68.45 79.86 -41.32
CA UNK A 2372 -69.51 79.27 -42.11
C UNK A 2372 -70.37 80.34 -42.76
N UNK A 2373 -70.70 81.39 -42.00
CA UNK A 2373 -71.50 82.49 -42.54
C UNK A 2373 -70.76 83.19 -43.67
N UNK A 2374 -69.46 83.39 -43.49
CA UNK A 2374 -68.67 84.04 -44.53
C UNK A 2374 -68.69 83.19 -45.79
N UNK A 2375 -68.55 81.88 -45.59
CA UNK A 2375 -68.53 80.95 -46.69
C UNK A 2375 -69.87 81.01 -47.43
N UNK A 2376 -70.95 81.12 -46.67
CA UNK A 2376 -72.29 81.20 -47.23
C UNK A 2376 -72.48 82.46 -48.06
N UNK A 2377 -71.94 83.58 -47.58
CA UNK A 2377 -72.00 84.81 -48.34
C UNK A 2377 -71.24 84.66 -49.64
N UNK A 2378 -70.09 84.01 -49.55
CA UNK A 2378 -69.26 83.79 -50.72
C UNK A 2378 -70.05 82.94 -51.71
N UNK A 2379 -70.76 81.96 -51.17
CA UNK A 2379 -71.57 81.06 -51.96
C UNK A 2379 -72.70 81.78 -52.68
N UNK A 2380 -73.34 82.71 -52.00
CA UNK A 2380 -74.39 83.51 -52.61
C UNK A 2380 -73.82 84.34 -53.75
N UNK A 2381 -72.63 84.90 -53.53
CA UNK A 2381 -72.00 85.69 -54.58
C UNK A 2381 -71.70 84.80 -55.79
N UNK A 2382 -71.25 83.59 -55.49
CA UNK A 2382 -70.92 82.63 -56.52
C UNK A 2382 -72.16 82.28 -57.31
N UNK A 2383 -73.27 82.14 -56.61
CA UNK A 2383 -74.55 81.82 -57.23
C UNK A 2383 -74.97 82.94 -58.16
N UNK A 2384 -74.79 84.18 -57.73
CA UNK A 2384 -75.13 85.30 -58.59
C UNK A 2384 -74.27 85.28 -59.85
N UNK A 2385 -72.99 84.97 -59.66
CA UNK A 2385 -72.08 84.93 -60.80
C UNK A 2385 -72.50 83.83 -61.77
N UNK A 2386 -72.92 82.69 -61.23
CA UNK A 2386 -73.38 81.56 -62.03
C UNK A 2386 -74.63 81.92 -62.81
N UNK A 2387 -75.53 82.65 -62.17
CA UNK A 2387 -76.75 83.06 -62.85
C UNK A 2387 -76.36 83.95 -64.00
N UNK A 2388 -75.39 84.82 -63.76
CA UNK A 2388 -74.92 85.73 -64.80
C UNK A 2388 -74.34 84.95 -65.96
N UNK A 2389 -73.57 83.92 -65.65
CA UNK A 2389 -72.96 83.07 -66.69
C UNK A 2389 -74.03 82.36 -67.51
N UNK A 2390 -75.06 81.87 -66.83
CA UNK A 2390 -76.13 81.16 -67.50
C UNK A 2390 -76.80 82.14 -68.45
N UNK A 2391 -76.96 83.38 -67.97
CA UNK A 2391 -77.49 84.45 -68.79
C UNK A 2391 -76.35 85.06 -69.60
N UNK A 2392 -81.62 73.33 -70.69
CA UNK A 2392 -82.53 72.35 -70.10
C UNK A 2392 -83.86 73.01 -69.77
N UNK A 2393 -84.76 73.06 -70.75
CA UNK A 2393 -86.13 73.52 -70.49
C UNK A 2393 -86.95 72.58 -69.59
N UNK A 2394 -86.87 71.28 -69.86
CA UNK A 2394 -87.53 70.26 -69.04
C UNK A 2394 -86.89 70.18 -67.66
N UNK A 2395 -85.58 70.27 -67.67
CA UNK A 2395 -84.80 70.26 -66.46
C UNK A 2395 -85.27 71.47 -65.68
N UNK A 2396 -85.49 72.55 -66.42
CA UNK A 2396 -85.92 73.82 -65.85
C UNK A 2396 -87.27 73.71 -65.18
N UNK A 2397 -88.21 73.01 -65.80
CA UNK A 2397 -89.51 72.77 -65.19
C UNK A 2397 -89.39 71.96 -63.90
N UNK A 2398 -88.54 70.95 -63.92
CA UNK A 2398 -88.34 70.16 -62.70
C UNK A 2398 -87.75 71.05 -61.62
N UNK A 2399 -86.82 71.90 -62.02
CA UNK A 2399 -86.12 72.80 -61.13
C UNK A 2399 -87.12 73.77 -60.52
N UNK A 2400 -88.07 74.20 -61.33
CA UNK A 2400 -89.15 75.09 -60.93
C UNK A 2400 -90.07 74.45 -59.89
N UNK A 2401 -90.39 73.18 -60.07
CA UNK A 2401 -91.18 72.48 -59.05
C UNK A 2401 -90.37 72.44 -57.75
N UNK A 2402 -89.07 72.20 -57.90
CA UNK A 2402 -88.18 72.14 -56.75
C UNK A 2402 -88.18 73.47 -56.04
N UNK A 2403 -88.18 74.53 -56.84
CA UNK A 2403 -88.20 75.90 -56.38
C UNK A 2403 -89.47 76.23 -55.64
N UNK A 2404 -90.60 75.71 -56.11
CA UNK A 2404 -91.86 75.90 -55.42
C UNK A 2404 -91.76 75.25 -54.05
N UNK A 2405 -91.17 74.06 -54.00
CA UNK A 2405 -91.02 73.39 -52.71
C UNK A 2405 -90.14 74.23 -51.80
N UNK A 2406 -89.08 74.79 -52.37
CA UNK A 2406 -88.13 75.61 -51.63
C UNK A 2406 -88.81 76.86 -51.09
N UNK A 2407 -89.68 77.46 -51.88
CA UNK A 2407 -90.42 78.65 -51.49
C UNK A 2407 -91.33 78.33 -50.33
N UNK A 2408 -91.99 77.17 -50.39
CA UNK A 2408 -92.86 76.80 -49.29
C UNK A 2408 -92.01 76.67 -48.03
N UNK A 2409 -90.83 76.07 -48.20
CA UNK A 2409 -89.90 75.88 -47.08
C UNK A 2409 -89.43 77.21 -46.48
N UNK A 2410 -89.17 78.18 -47.35
CA UNK A 2410 -88.75 79.52 -46.95
C UNK A 2410 -89.87 80.19 -46.16
N UNK A 2411 -91.10 79.99 -46.61
CA UNK A 2411 -92.25 80.56 -45.92
C UNK A 2411 -92.31 79.96 -44.54
N UNK A 2412 -92.04 78.66 -44.48
CA UNK A 2412 -91.95 77.96 -43.20
C UNK A 2412 -91.06 78.73 -42.24
N UNK A 2413 -80.83 87.19 -47.40
CA UNK A 2413 -81.02 87.57 -48.79
C UNK A 2413 -81.32 86.34 -49.64
N UNK A 2414 -81.53 85.21 -48.98
CA UNK A 2414 -81.79 83.97 -49.69
C UNK A 2414 -83.08 84.08 -50.50
N UNK A 2415 -84.11 84.68 -49.92
CA UNK A 2415 -85.38 84.84 -50.60
C UNK A 2415 -85.23 85.71 -51.84
N UNK A 2416 -84.45 86.77 -51.70
CA UNK A 2416 -84.18 87.67 -52.82
C UNK A 2416 -83.44 86.93 -53.93
N UNK A 2417 -82.49 86.10 -53.52
CA UNK A 2417 -81.71 85.33 -54.48
C UNK A 2417 -82.65 84.41 -55.22
N UNK A 2418 -83.58 83.82 -54.49
CA UNK A 2418 -84.56 82.92 -55.07
C UNK A 2418 -85.44 83.63 -56.08
N UNK A 2419 -85.86 84.85 -55.74
CA UNK A 2419 -86.70 85.62 -56.64
C UNK A 2419 -85.91 85.91 -57.91
N UNK A 2420 -84.65 86.25 -57.74
CA UNK A 2420 -83.79 86.56 -58.88
C UNK A 2420 -83.64 85.34 -59.78
N UNK A 2421 -83.49 84.19 -59.15
CA UNK A 2421 -83.33 82.93 -59.88
C UNK A 2421 -84.60 82.65 -60.66
N UNK A 2422 -85.75 82.90 -60.03
CA UNK A 2422 -87.02 82.67 -60.66
C UNK A 2422 -87.14 83.56 -61.88
N UNK A 2423 -86.70 84.80 -61.75
CA UNK A 2423 -86.73 85.76 -62.85
C UNK A 2423 -85.83 85.32 -64.01
N UNK A 2424 -84.66 84.80 -63.67
CA UNK A 2424 -83.73 84.33 -64.69
C UNK A 2424 -84.38 83.17 -65.42
N UNK A 2425 -85.06 82.33 -64.64
CA UNK A 2425 -85.73 81.16 -65.18
C UNK A 2425 -86.78 81.63 -66.14
N UNK A 2426 -87.49 82.68 -65.76
CA UNK A 2426 -88.54 83.25 -66.59
C UNK A 2426 -87.98 83.76 -67.89
N UNK A 2427 -86.83 84.42 -67.83
CA UNK A 2427 -86.20 84.93 -69.05
C UNK A 2427 -85.83 83.77 -69.96
N UNK A 2428 -85.29 82.73 -69.35
CA UNK A 2428 -84.87 81.55 -70.12
C UNK A 2428 -86.09 80.94 -70.78
N UNK A 2429 -87.19 80.90 -70.04
CA UNK A 2429 -88.45 80.35 -70.50
C UNK A 2429 -88.98 81.13 -71.68
N UNK A 2430 -88.87 82.45 -71.60
CA UNK A 2430 -89.31 83.31 -72.68
C UNK A 2430 -88.48 83.01 -73.92
N UNK A 2431 -87.19 82.82 -73.72
CA UNK A 2431 -86.32 82.49 -74.85
C UNK A 2431 -86.73 81.15 -75.46
N UNK A 2432 -87.05 80.19 -74.62
CA UNK A 2432 -87.46 78.87 -75.05
C UNK A 2432 -88.75 78.94 -75.84
N UNK A 2433 -89.66 79.80 -75.38
CA UNK A 2433 -90.93 80.04 -76.03
C UNK A 2433 -90.73 80.65 -77.40
N UNK A 2434 -89.78 81.57 -77.50
CA UNK A 2434 -89.45 82.18 -78.78
C UNK A 2434 -88.95 81.08 -79.70
N UNK A 2435 -88.13 80.19 -79.16
CA UNK A 2435 -87.59 79.08 -79.94
C UNK A 2435 -88.72 78.18 -80.45
N UNK A 2436 -89.69 77.91 -79.59
CA UNK A 2436 -90.83 77.08 -79.94
C UNK A 2436 -91.64 77.74 -81.05
N UNK A 2437 -91.81 79.05 -80.95
CA UNK A 2437 -92.54 79.80 -81.95
C UNK A 2437 -91.84 79.70 -83.29
N UNK A 2438 -98.45 71.38 -79.85
CA UNK A 2438 -97.18 70.79 -80.25
C UNK A 2438 -96.31 70.58 -79.03
N UNK A 2439 -94.50 70.71 -79.02
CA UNK A 2439 -93.55 70.58 -77.93
C UNK A 2439 -93.62 71.90 -77.19
N UNK A 2440 -93.75 72.96 -77.97
CA UNK A 2440 -93.88 74.29 -77.43
C UNK A 2440 -95.14 74.32 -76.57
N UNK A 2441 -96.19 73.66 -77.05
CA UNK A 2441 -97.46 73.64 -76.32
C UNK A 2441 -97.33 72.97 -74.95
N UNK A 2442 -96.60 71.86 -74.90
CA UNK A 2442 -96.34 71.16 -73.65
C UNK A 2442 -95.51 72.05 -72.72
N UNK A 2443 -94.54 72.74 -73.31
CA UNK A 2443 -93.68 73.59 -72.53
C UNK A 2443 -94.58 74.63 -71.91
N UNK A 2444 -95.54 75.10 -72.69
CA UNK A 2444 -96.50 76.10 -72.29
C UNK A 2444 -97.41 75.65 -71.15
N UNK A 2445 -97.88 74.41 -71.19
CA UNK A 2445 -98.68 73.89 -70.08
C UNK A 2445 -97.85 73.82 -68.80
N UNK A 2446 -96.59 73.41 -68.96
CA UNK A 2446 -95.70 73.32 -67.80
C UNK A 2446 -95.52 74.73 -67.24
N UNK A 2447 -95.39 75.68 -68.16
CA UNK A 2447 -95.16 77.07 -67.84
C UNK A 2447 -96.35 77.60 -67.09
N UNK A 2448 -97.55 77.20 -67.50
CA UNK A 2448 -98.78 77.61 -66.84
C UNK A 2448 -98.85 77.09 -65.42
N UNK A 2449 -98.44 75.84 -65.20
CA UNK A 2449 -98.41 75.32 -63.83
C UNK A 2449 -97.41 76.14 -63.00
N UNK A 2450 -96.28 76.43 -63.63
CA UNK A 2450 -95.22 77.16 -62.94
C UNK A 2450 -95.75 78.53 -62.57
N UNK A 2451 -96.53 79.10 -63.47
CA UNK A 2451 -97.14 80.41 -63.34
C UNK A 2451 -98.15 80.46 -62.20
N UNK A 2452 -98.94 79.40 -62.05
CA UNK A 2452 -99.88 79.35 -60.93
C UNK A 2452 -99.08 79.35 -59.64
N UNK A 2453 -97.99 78.58 -59.65
CA UNK A 2453 -97.16 78.52 -58.46
C UNK A 2453 -96.58 79.91 -58.16
N UNK A 2454 -96.18 80.59 -59.22
CA UNK A 2454 -95.60 81.93 -59.14
C UNK A 2454 -96.59 82.94 -58.59
N UNK A 2455 -97.85 82.82 -59.01
CA UNK A 2455 -98.90 83.69 -58.52
C UNK A 2455 -99.09 83.47 -57.03
N UNK A 2456 -99.05 82.21 -56.61
CA UNK A 2456 -99.19 81.93 -55.18
C UNK A 2456 -98.03 82.57 -54.43
N UNK A 2457 -96.84 82.48 -55.02
CA UNK A 2457 -95.64 83.05 -54.43
C UNK A 2457 -95.75 84.58 -54.31
N UNK A 2458 -96.31 85.20 -55.34
CA UNK A 2458 -96.51 86.65 -55.36
C UNK A 2458 -97.48 87.05 -54.27
N UNK A 2459 -98.52 86.25 -54.10
CA UNK A 2459 -99.50 86.52 -53.06
C UNK A 2459 -98.79 86.46 -51.71
N UNK A 2460 -97.90 85.49 -51.58
CA UNK A 2460 -97.10 85.34 -50.36
C UNK A 2460 -96.17 86.53 -50.10
N UNK A 2461 -95.57 87.04 -51.17
CA UNK A 2461 -94.58 88.12 -51.09
C UNK A 2461 -94.90 89.17 -50.03
N UNK A 2462 -88.78 92.39 -54.83
CA UNK A 2462 -87.86 93.48 -55.10
C UNK A 2462 -87.94 93.90 -56.56
N UNK A 2463 -86.83 94.37 -57.12
CA UNK A 2463 -86.77 94.76 -58.51
C UNK A 2463 -87.07 93.50 -59.32
N UNK A 2464 -86.55 92.39 -58.83
CA UNK A 2464 -86.81 91.09 -59.42
C UNK A 2464 -88.30 90.83 -59.33
N UNK A 2465 -88.91 91.21 -58.22
CA UNK A 2465 -90.35 91.01 -58.05
C UNK A 2465 -91.15 91.78 -59.10
N UNK A 2466 -90.73 93.01 -59.36
CA UNK A 2466 -91.35 93.84 -60.39
C UNK A 2466 -91.19 93.22 -61.77
N UNK A 2467 -90.01 92.68 -62.02
CA UNK A 2467 -89.74 92.03 -63.30
C UNK A 2467 -90.67 90.84 -63.45
N UNK A 2468 -90.87 90.13 -62.34
CA UNK A 2468 -91.75 88.97 -62.29
C UNK A 2468 -93.19 89.37 -62.57
N UNK A 2469 -93.61 90.49 -62.03
CA UNK A 2469 -94.96 90.99 -62.27
C UNK A 2469 -95.11 91.29 -63.74
N UNK A 2470 -94.08 91.88 -64.34
CA UNK A 2470 -94.10 92.22 -65.75
C UNK A 2470 -94.23 90.94 -66.58
N UNK A 2471 -93.48 89.92 -66.17
CA UNK A 2471 -93.49 88.64 -66.86
C UNK A 2471 -94.88 88.04 -66.77
N UNK A 2472 -95.50 88.16 -65.62
CA UNK A 2472 -96.84 87.64 -65.40
C UNK A 2472 -97.83 88.33 -66.31
N UNK A 2473 -97.68 89.65 -66.46
CA UNK A 2473 -98.56 90.40 -67.34
C UNK A 2473 -98.38 89.93 -68.78
N UNK A 2474 -97.13 89.72 -69.17
CA UNK A 2474 -96.85 89.27 -70.51
C UNK A 2474 -97.49 87.92 -70.75
N UNK A 2475 -97.41 87.07 -69.74
CA UNK A 2475 -97.99 85.73 -69.78
C UNK A 2475 -99.50 85.78 -69.92
N UNK A 2476 -100.12 86.71 -69.20
CA UNK A 2476 -101.56 86.88 -69.28
C UNK A 2476 -101.91 87.31 -70.70
N UNK A 2477 -101.08 88.17 -71.26
CA UNK A 2477 -101.29 88.64 -72.62
C UNK A 2477 -101.20 87.46 -73.58
N UNK A 2478 -100.24 86.59 -73.34
CA UNK A 2478 -100.05 85.40 -74.16
C UNK A 2478 -101.26 84.47 -74.09
N UNK A 2479 -101.82 84.33 -72.89
CA UNK A 2479 -102.98 83.48 -72.69
C UNK A 2479 -103.92 84.06 -71.66
N UNK A 2480 -103.34 69.30 -68.65
CA UNK A 2480 -103.63 70.69 -68.33
C UNK A 2480 -102.62 71.25 -67.36
N UNK A 2481 -101.49 71.74 -67.87
CA UNK A 2481 -100.44 72.26 -67.00
C UNK A 2481 -100.96 73.45 -66.22
N UNK A 2482 -101.69 74.31 -66.89
CA UNK A 2482 -102.26 75.48 -66.24
C UNK A 2482 -103.25 75.03 -65.18
N UNK A 2483 -104.02 73.99 -65.48
CA UNK A 2483 -105.00 73.48 -64.54
C UNK A 2483 -104.32 72.97 -63.28
N UNK A 2484 -103.21 72.27 -63.48
CA UNK A 2484 -102.43 71.75 -62.36
C UNK A 2484 -101.85 72.87 -61.52
N UNK A 2485 -101.39 73.92 -62.20
CA UNK A 2485 -100.83 75.07 -61.50
C UNK A 2485 -101.92 75.68 -60.66
N UNK A 2486 -103.12 75.73 -61.22
CA UNK A 2486 -104.28 76.27 -60.55
C UNK A 2486 -104.62 75.46 -59.32
N UNK A 2487 -104.54 74.14 -59.44
CA UNK A 2487 -104.79 73.24 -58.32
C UNK A 2487 -103.77 73.47 -57.19
N UNK A 2488 -102.51 73.67 -57.58
CA UNK A 2488 -101.47 73.94 -56.60
C UNK A 2488 -101.79 75.25 -55.88
N UNK A 2489 -102.23 76.23 -56.66
CA UNK A 2489 -102.56 77.54 -56.14
C UNK A 2489 -103.69 77.38 -55.14
N UNK A 2490 -104.64 76.51 -55.48
CA UNK A 2490 -105.79 76.21 -54.64
C UNK A 2490 -105.39 75.57 -53.32
N UNK A 2491 -104.45 74.65 -53.37
CA UNK A 2491 -103.98 74.03 -52.14
C UNK A 2491 -103.35 75.13 -51.29
N UNK A 2492 -102.60 76.01 -51.95
CA UNK A 2492 -101.93 77.09 -51.22
C UNK A 2492 -102.95 78.01 -50.57
N UNK A 2493 -104.03 78.29 -51.28
CA UNK A 2493 -105.11 79.15 -50.80
C UNK A 2493 -105.81 78.53 -49.60
N UNK A 2494 -106.02 77.21 -49.67
CA UNK A 2494 -106.66 76.51 -48.58
C UNK A 2494 -105.77 76.65 -47.36
N UNK A 2495 -104.47 76.52 -47.58
CA UNK A 2495 -103.51 76.65 -46.49
C UNK A 2495 -103.56 78.05 -45.89
N UNK A 2496 -103.67 79.05 -46.76
CA UNK A 2496 -103.73 80.45 -46.35
C UNK A 2496 -104.97 80.70 -45.51
N UNK A 2497 -106.08 80.08 -45.90
CA UNK A 2497 -107.36 80.25 -45.21
C UNK A 2497 -107.20 80.28 -43.69
N UNK A 2498 -109.11 86.45 -51.39
CA UNK A 2498 -108.01 87.21 -51.93
C UNK A 2498 -107.94 87.11 -53.46
N UNK A 2499 -107.08 87.91 -54.06
CA UNK A 2499 -106.95 87.95 -55.51
C UNK A 2499 -106.52 86.60 -56.07
N UNK A 2500 -105.60 85.95 -55.38
CA UNK A 2500 -105.14 84.63 -55.77
C UNK A 2500 -106.30 83.65 -55.71
N UNK A 2501 -107.13 83.79 -54.68
CA UNK A 2501 -108.30 82.94 -54.51
C UNK A 2501 -109.26 83.13 -55.68
N UNK A 2502 -109.42 84.38 -56.10
CA UNK A 2502 -110.26 84.73 -57.23
C UNK A 2502 -109.73 84.12 -58.53
N UNK A 2503 -108.42 84.14 -58.67
CA UNK A 2503 -107.77 83.54 -59.83
C UNK A 2503 -108.06 82.04 -59.82
N UNK A 2504 -108.01 81.45 -58.62
CA UNK A 2504 -108.30 80.04 -58.44
C UNK A 2504 -109.73 79.72 -58.83
N UNK A 2505 -110.66 80.60 -58.48
CA UNK A 2505 -112.06 80.46 -58.86
C UNK A 2505 -112.23 80.52 -60.38
N UNK A 2506 -111.49 81.43 -61.00
CA UNK A 2506 -111.53 81.57 -62.45
C UNK A 2506 -111.04 80.26 -63.07
N UNK A 2507 -110.01 79.72 -62.44
CA UNK A 2507 -109.42 78.46 -62.88
C UNK A 2507 -110.42 77.33 -62.76
N UNK A 2508 -111.21 77.35 -61.69
CA UNK A 2508 -112.26 76.36 -61.46
C UNK A 2508 -113.33 76.46 -62.54
N UNK A 2509 -113.68 77.68 -62.91
CA UNK A 2509 -114.65 77.89 -63.98
C UNK A 2509 -114.10 77.34 -65.28
N UNK A 2510 -112.81 77.59 -65.49
CA UNK A 2510 -112.14 77.14 -66.69
C UNK A 2510 -112.18 75.62 -66.72
N UNK A 2511 -112.01 75.04 -65.54
CA UNK A 2511 -112.03 73.60 -65.34
C UNK A 2511 -113.40 73.00 -65.65
N UNK A 2512 -114.46 73.68 -65.25
CA UNK A 2512 -115.80 73.23 -65.58
C UNK A 2512 -115.97 73.26 -67.08
N UNK A 2513 -115.44 74.31 -67.71
CA UNK A 2513 -115.52 74.44 -69.16
C UNK A 2513 -114.77 73.29 -69.84
N UNK A 2514 -113.62 72.96 -69.28
CA UNK A 2514 -112.79 71.87 -69.78
C UNK A 2514 -113.51 70.55 -69.66
N UNK A 2515 -114.21 70.36 -68.55
CA UNK A 2515 -114.96 69.15 -68.32
C UNK A 2515 -116.04 69.06 -69.39
N UNK A 2516 -116.66 70.19 -69.68
CA UNK A 2516 -117.70 70.24 -70.70
C UNK A 2516 -117.12 69.85 -72.05
N UNK A 2517 -115.93 70.37 -72.34
CA UNK A 2517 -115.28 70.06 -73.61
C UNK A 2517 -114.95 68.58 -73.72
N UNK A 2518 -114.50 68.00 -72.61
CA UNK A 2518 -114.16 66.59 -72.56
C UNK A 2518 -115.40 65.75 -72.79
N UNK A 2519 -116.51 66.19 -72.23
CA UNK A 2519 -117.78 65.50 -72.35
C UNK A 2519 -118.91 66.35 -71.80
N UNK A 2520 -101.87 60.50 -72.97
CA UNK A 2520 -100.54 60.26 -72.42
C UNK A 2520 -100.63 59.69 -71.01
N UNK A 2521 -99.78 58.72 -70.71
CA UNK A 2521 -99.74 58.14 -69.38
C UNK A 2521 -99.32 59.18 -68.35
N UNK A 2522 -98.37 60.02 -68.75
CA UNK A 2522 -97.91 61.12 -67.91
C UNK A 2522 -99.05 62.11 -67.66
N UNK A 2523 -99.84 62.35 -68.70
CA UNK A 2523 -101.00 63.22 -68.60
C UNK A 2523 -101.99 62.63 -67.61
N UNK A 2524 -102.14 61.31 -67.67
CA UNK A 2524 -103.01 60.57 -66.77
C UNK A 2524 -102.53 60.72 -65.33
N UNK A 2525 -101.21 60.69 -65.16
CA UNK A 2525 -100.59 60.90 -63.85
C UNK A 2525 -100.87 62.30 -63.32
N UNK A 2526 -100.81 63.29 -64.22
CA UNK A 2526 -101.11 64.66 -63.84
C UNK A 2526 -102.56 64.73 -63.39
N UNK A 2527 -103.41 64.00 -64.12
CA UNK A 2527 -104.83 63.95 -63.80
C UNK A 2527 -105.03 63.34 -62.43
N UNK A 2528 -104.26 62.30 -62.13
CA UNK A 2528 -104.33 61.64 -60.83
C UNK A 2528 -103.91 62.59 -59.72
N UNK A 2529 -102.88 63.40 -59.97
CA UNK A 2529 -102.44 64.37 -58.98
C UNK A 2529 -103.53 65.40 -58.73
N UNK A 2530 -104.17 65.83 -59.81
CA UNK A 2530 -105.23 66.80 -59.70
C UNK A 2530 -106.36 66.20 -58.89
N UNK A 2531 -106.62 64.92 -59.13
CA UNK A 2531 -107.66 64.17 -58.44
C UNK A 2531 -107.38 64.08 -56.95
N UNK A 2532 -106.12 63.86 -56.59
CA UNK A 2532 -105.72 63.82 -55.20
C UNK A 2532 -105.96 65.17 -54.56
N UNK A 2533 -105.64 66.24 -55.29
CA UNK A 2533 -105.87 67.58 -54.78
C UNK A 2533 -107.37 67.79 -54.55
N UNK A 2534 -108.16 67.29 -55.47
CA UNK A 2534 -109.62 67.39 -55.41
C UNK A 2534 -110.16 66.65 -54.20
N UNK A 2535 -109.58 65.49 -53.93
CA UNK A 2535 -109.97 64.67 -52.79
C UNK A 2535 -109.65 65.41 -51.51
N UNK A 2536 -108.50 66.07 -51.47
CA UNK A 2536 -108.13 66.85 -50.31
C UNK A 2536 -109.14 67.96 -50.10
N UNK A 2537 -109.55 68.58 -51.20
CA UNK A 2537 -110.53 69.64 -51.15
C UNK A 2537 -111.86 69.14 -50.61
N UNK A 2538 -112.27 67.96 -51.05
CA UNK A 2538 -113.52 67.35 -50.59
C UNK A 2538 -113.44 67.08 -49.10
N UNK A 2539 -112.27 66.62 -48.64
CA UNK A 2539 -112.08 66.36 -47.23
C UNK A 2539 -112.21 67.66 -46.44
N UNK A 2540 -111.62 68.73 -46.97
CA UNK A 2540 -111.69 70.02 -46.29
C UNK A 2540 -113.15 70.45 -46.20
N UNK A 2541 -113.89 70.23 -47.27
CA UNK A 2541 -115.30 70.59 -47.33
C UNK A 2541 -116.14 69.83 -46.31
N UNK A 2542 -115.85 68.53 -46.16
CA UNK A 2542 -116.63 67.69 -45.24
C UNK A 2542 -116.33 66.20 -45.46
N UNK A 2543 -113.28 84.94 -45.69
CA UNK A 2543 -112.98 83.75 -46.48
C UNK A 2543 -114.26 83.10 -47.01
N UNK A 2544 -115.38 83.79 -46.85
CA UNK A 2544 -116.67 83.28 -47.33
C UNK A 2544 -116.66 83.13 -48.84
N UNK A 2545 -116.08 84.11 -49.52
CA UNK A 2545 -115.99 84.07 -50.97
C UNK A 2545 -115.14 82.88 -51.40
N UNK A 2546 -114.06 82.63 -50.66
CA UNK A 2546 -113.19 81.50 -50.94
C UNK A 2546 -113.92 80.18 -50.75
N UNK A 2547 -114.73 80.10 -49.71
CA UNK A 2547 -115.51 78.90 -49.44
C UNK A 2547 -116.49 78.67 -50.59
N UNK A 2548 -117.08 79.76 -51.06
CA UNK A 2548 -118.01 79.69 -52.17
C UNK A 2548 -117.30 79.19 -53.43
N UNK A 2549 -116.08 79.67 -53.63
CA UNK A 2549 -115.27 79.26 -54.77
C UNK A 2549 -114.99 77.77 -54.68
N UNK A 2550 -114.70 77.30 -53.48
CA UNK A 2550 -114.45 75.88 -53.24
C UNK A 2550 -115.68 75.06 -53.57
N UNK A 2551 -116.85 75.58 -53.18
CA UNK A 2551 -118.09 74.89 -53.47
C UNK A 2551 -118.30 74.81 -54.97
N UNK A 2552 -117.97 75.90 -55.67
CA UNK A 2552 -118.09 75.94 -57.12
C UNK A 2552 -117.18 74.90 -57.74
N UNK A 2553 -115.98 74.78 -57.21
CA UNK A 2553 -115.00 73.83 -57.70
C UNK A 2553 -115.53 72.41 -57.51
N UNK A 2554 -116.15 72.17 -56.36
CA UNK A 2554 -116.72 70.87 -56.06
C UNK A 2554 -117.83 70.54 -57.04
N UNK A 2555 -118.64 71.54 -57.37
CA UNK A 2555 -119.71 71.36 -58.33
C UNK A 2555 -119.13 71.02 -59.70
N UNK A 2556 -118.04 71.68 -60.04
CA UNK A 2556 -117.36 71.44 -61.31
C UNK A 2556 -116.84 70.01 -61.35
N UNK A 2557 -116.32 69.55 -60.22
CA UNK A 2557 -115.83 68.18 -60.10
C UNK A 2557 -116.96 67.18 -60.28
N UNK A 2558 -118.11 67.50 -59.71
CA UNK A 2558 -119.28 66.66 -59.85
C UNK A 2558 -119.66 66.59 -61.32
N UNK A 2559 -119.55 67.74 -61.99
CA UNK A 2559 -119.84 67.82 -63.41
C UNK A 2559 -118.90 66.95 -64.23
N UNK A 2560 -117.62 66.96 -63.85
CA UNK A 2560 -116.63 66.14 -64.52
C UNK A 2560 -116.97 64.67 -64.34
N UNK A 2561 -117.39 64.31 -63.13
CA UNK A 2561 -117.78 62.94 -62.83
C UNK A 2561 -118.96 62.54 -63.70
N UNK A 2562 -119.90 63.46 -63.85
CA UNK A 2562 -121.09 63.26 -64.68
C UNK A 2562 -120.70 63.04 -66.14
N UNK A 2563 -119.72 63.81 -66.60
CA UNK A 2563 -119.20 63.68 -67.96
C UNK A 2563 -118.60 62.29 -68.13
N UNK A 2564 -117.89 61.83 -67.09
CA UNK A 2564 -117.30 60.51 -67.10
C UNK A 2564 -118.40 59.44 -67.20
N UNK A 2565 -119.48 59.66 -66.47
CA UNK A 2565 -120.62 58.74 -66.51
C UNK A 2565 -121.21 58.70 -67.90
N UNK A 2566 -121.30 59.87 -68.54
CA UNK A 2566 -121.83 59.98 -69.89
C UNK A 2566 -120.94 59.20 -70.85
N UNK A 2567 -119.63 59.31 -70.65
CA UNK A 2567 -118.66 58.62 -71.48
C UNK A 2567 -119.08 57.18 -71.75
N UNK A 2568 -105.75 59.53 -61.77
CA UNK A 2568 -105.02 58.38 -61.25
C UNK A 2568 -105.93 57.44 -60.48
N UNK A 2569 -106.19 56.25 -61.04
CA UNK A 2569 -107.03 55.28 -60.39
C UNK A 2569 -106.40 54.89 -59.07
N UNK A 2570 -105.09 54.74 -59.10
CA UNK A 2570 -104.33 54.42 -57.90
C UNK A 2570 -104.48 55.54 -56.88
N UNK A 2571 -104.44 56.78 -57.34
CA UNK A 2571 -104.57 57.91 -56.42
C UNK A 2571 -105.92 57.87 -55.75
N UNK A 2572 -106.95 57.57 -56.54
CA UNK A 2572 -108.31 57.50 -56.01
C UNK A 2572 -108.41 56.40 -54.96
N UNK A 2573 -107.79 55.26 -55.25
CA UNK A 2573 -107.83 54.14 -54.34
C UNK A 2573 -107.15 54.52 -53.02
N UNK A 2574 -106.02 55.22 -53.14
CA UNK A 2574 -105.27 55.65 -51.97
C UNK A 2574 -106.11 56.59 -51.12
N UNK A 2575 -106.81 57.49 -51.79
CA UNK A 2575 -107.65 58.44 -51.08
C UNK A 2575 -108.75 57.70 -50.35
N UNK A 2576 -109.32 56.70 -51.00
CA UNK A 2576 -110.37 55.91 -50.38
C UNK A 2576 -109.85 55.20 -49.15
N UNK A 2577 -108.64 54.65 -49.25
CA UNK A 2577 -108.04 53.94 -48.14
C UNK A 2577 -107.82 54.89 -46.98
N UNK A 2578 -107.37 56.11 -47.29
CA UNK A 2578 -107.12 57.11 -46.26
C UNK A 2578 -108.42 57.46 -45.57
N UNK A 2579 -109.48 57.57 -46.36
CA UNK A 2579 -110.80 57.89 -45.84
C UNK A 2579 -111.30 56.80 -44.90
N UNK A 2580 -111.03 55.55 -45.26
CA UNK A 2580 -111.46 54.40 -44.46
C UNK A 2580 -111.25 54.63 -42.96
N UNK A 2581 -122.22 63.91 -48.40
CA UNK A 2581 -121.52 64.62 -49.47
C UNK A 2581 -120.29 63.84 -49.92
N UNK A 2582 -119.31 63.76 -49.03
CA UNK A 2582 -118.07 63.10 -49.35
C UNK A 2582 -118.32 61.64 -49.65
N UNK A 2583 -119.19 61.00 -48.88
CA UNK A 2583 -119.48 59.58 -49.08
C UNK A 2583 -120.11 59.37 -50.45
N UNK A 2584 -121.02 60.27 -50.82
CA UNK A 2584 -121.69 60.17 -52.11
C UNK A 2584 -120.66 60.33 -53.23
N UNK A 2585 -119.74 61.26 -53.04
CA UNK A 2585 -118.71 61.50 -54.05
C UNK A 2585 -117.88 60.24 -54.21
N UNK A 2586 -117.56 59.62 -53.08
CA UNK A 2586 -116.76 58.40 -53.09
C UNK A 2586 -117.49 57.28 -53.84
N UNK A 2587 -118.79 57.17 -53.60
CA UNK A 2587 -119.59 56.14 -54.27
C UNK A 2587 -119.58 56.39 -55.77
N UNK A 2588 -119.70 57.65 -56.16
CA UNK A 2588 -119.69 57.99 -57.57
C UNK A 2588 -118.35 57.62 -58.19
N UNK A 2589 -117.28 57.88 -57.47
CA UNK A 2589 -115.94 57.56 -57.95
C UNK A 2589 -115.81 56.05 -58.14
N UNK A 2590 -116.36 55.30 -57.19
CA UNK A 2590 -116.32 53.85 -57.26
C UNK A 2590 -117.06 53.35 -58.49
N UNK A 2591 -118.22 53.95 -58.75
CA UNK A 2591 -119.01 53.57 -59.90
C UNK A 2591 -118.23 53.86 -61.19
N UNK A 2592 -117.56 55.00 -61.22
CA UNK A 2592 -116.78 55.38 -62.39
C UNK A 2592 -115.67 54.38 -62.62
N UNK A 2593 -115.04 53.97 -61.53
CA UNK A 2593 -113.96 53.01 -61.61
C UNK A 2593 -114.47 51.69 -62.16
N UNK A 2594 -115.65 51.28 -61.70
CA UNK A 2594 -116.24 50.05 -62.16
C UNK A 2594 -116.51 50.12 -63.65
N UNK A 2595 -117.02 51.27 -64.09
CA UNK A 2595 -117.31 51.47 -65.50
C UNK A 2595 -116.03 51.38 -66.33
N UNK A 2596 -114.97 51.97 -65.81
CA UNK A 2596 -113.69 51.97 -66.51
C UNK A 2596 -113.19 50.54 -66.63
N UNK A 2597 -113.37 49.77 -65.57
CA UNK A 2597 -112.96 48.38 -65.55
C UNK A 2597 -113.73 47.58 -66.59
N UNK A 2598 -115.03 47.84 -66.68
CA UNK A 2598 -115.86 47.16 -67.67
C UNK A 2598 -115.38 47.49 -69.07
N UNK A 2599 -115.01 48.76 -69.25
CA UNK A 2599 -114.50 49.23 -70.54
C UNK A 2599 -113.20 48.54 -70.92
N UNK A 2600 -112.33 48.34 -69.94
CA UNK A 2600 -111.05 47.68 -70.20
C UNK A 2600 -111.25 46.41 -71.02
N UNK A 2601 -103.35 46.82 -73.50
CA UNK A 2601 -103.13 47.51 -72.24
C UNK A 2601 -103.15 46.55 -71.05
N UNK A 2602 -102.80 45.30 -71.32
CA UNK A 2602 -102.81 44.27 -70.28
C UNK A 2602 -101.84 44.56 -69.15
N UNK A 2603 -100.65 45.04 -69.48
CA UNK A 2603 -99.64 45.39 -68.48
C UNK A 2603 -100.04 46.56 -67.57
N UNK A 2604 -100.63 47.57 -68.17
CA UNK A 2604 -101.13 48.71 -67.43
C UNK A 2604 -102.22 48.17 -66.52
N UNK A 2605 -102.99 47.25 -67.08
CA UNK A 2605 -104.09 46.64 -66.34
C UNK A 2605 -103.54 45.93 -65.12
N UNK A 2606 -102.43 45.23 -65.27
CA UNK A 2606 -101.75 44.53 -64.19
C UNK A 2606 -101.19 45.44 -63.08
N UNK A 2607 -100.63 46.59 -63.48
CA UNK A 2607 -100.18 47.54 -62.46
C UNK A 2607 -101.40 48.02 -61.68
N UNK A 2608 -102.46 48.24 -62.44
CA UNK A 2608 -103.70 48.72 -61.89
C UNK A 2608 -104.19 47.67 -60.90
N UNK A 2609 -104.00 46.42 -61.27
CA UNK A 2609 -104.37 45.25 -60.49
C UNK A 2609 -103.61 45.14 -59.18
N UNK A 2610 -102.32 45.45 -59.19
CA UNK A 2610 -101.58 45.49 -57.93
C UNK A 2610 -102.16 46.59 -57.03
N UNK A 2611 -102.46 47.73 -57.64
CA UNK A 2611 -103.01 48.82 -56.86
C UNK A 2611 -104.34 48.37 -56.27
N UNK A 2612 -105.07 47.64 -57.12
CA UNK A 2612 -106.38 47.13 -56.82
C UNK A 2612 -106.37 46.13 -55.69
N UNK A 2613 -105.33 45.30 -55.65
CA UNK A 2613 -105.11 44.34 -54.59
C UNK A 2613 -104.90 45.06 -53.28
N UNK A 2614 -104.12 46.14 -53.33
CA UNK A 2614 -103.95 46.94 -52.12
C UNK A 2614 -105.30 47.51 -51.67
N UNK A 2615 -106.07 47.97 -52.66
CA UNK A 2615 -107.38 48.55 -52.42
C UNK A 2615 -108.32 47.52 -51.81
N UNK A 2616 -108.20 46.28 -52.29
CA UNK A 2616 -108.96 45.13 -51.83
C UNK A 2616 -108.64 44.78 -50.39
N UNK A 2617 -107.37 44.88 -50.03
CA UNK A 2617 -106.97 44.68 -48.65
C UNK A 2617 -107.64 45.75 -47.81
N UNK A 2618 -107.66 46.97 -48.36
CA UNK A 2618 -108.30 48.08 -47.67
C UNK A 2618 -109.78 47.77 -47.47
N UNK A 2619 -110.40 47.19 -48.50
CA UNK A 2619 -111.80 46.81 -48.48
C UNK A 2619 -112.10 45.74 -47.45
N UNK A 2620 -111.20 44.77 -47.33
CA UNK A 2620 -111.36 43.72 -46.35
C UNK A 2620 -111.31 44.35 -44.97
N UNK A 2621 -110.39 45.31 -44.80
CA UNK A 2621 -110.27 46.01 -43.53
C UNK A 2621 -111.55 46.76 -43.21
N UNK A 2622 -112.14 47.39 -44.22
CA UNK A 2622 -113.40 48.12 -44.06
C UNK A 2622 -114.53 47.17 -43.65
N UNK A 2623 -114.55 45.99 -44.26
CA UNK A 2623 -115.56 44.99 -43.94
C UNK A 2623 -115.40 44.59 -42.48
N UNK A 2624 -114.15 44.46 -42.06
CA UNK A 2624 -113.85 44.13 -40.68
C UNK A 2624 -112.37 43.85 -40.49
N UNK A 2625 -127.88 58.09 -44.74
CA UNK A 2625 -127.40 57.65 -46.04
C UNK A 2625 -126.90 56.22 -45.98
N UNK A 2626 -127.28 55.51 -44.92
CA UNK A 2626 -126.82 54.14 -44.71
C UNK A 2626 -127.29 53.23 -45.84
N UNK A 2627 -128.53 53.43 -46.27
CA UNK A 2627 -129.07 52.62 -47.35
C UNK A 2627 -128.28 52.85 -48.63
N UNK A 2628 -127.95 54.12 -48.89
CA UNK A 2628 -127.18 54.46 -50.08
C UNK A 2628 -125.82 53.79 -50.01
N UNK A 2629 -125.22 53.79 -48.83
CA UNK A 2629 -123.92 53.18 -48.64
C UNK A 2629 -123.99 51.69 -48.91
N UNK A 2630 -125.05 51.05 -48.43
CA UNK A 2630 -125.23 49.62 -48.63
C UNK A 2630 -125.38 49.32 -50.11
N UNK A 2631 -126.12 50.17 -50.81
CA UNK A 2631 -126.32 49.98 -52.24
C UNK A 2631 -124.99 50.08 -52.95
N UNK A 2632 -124.19 51.06 -52.53
CA UNK A 2632 -122.89 51.28 -53.13
C UNK A 2632 -122.01 50.06 -52.91
N UNK A 2633 -122.07 49.49 -51.72
CA UNK A 2633 -121.29 48.30 -51.40
C UNK A 2633 -121.70 47.11 -52.26
N UNK A 2634 -123.01 46.95 -52.46
CA UNK A 2634 -123.50 45.86 -53.31
C UNK A 2634 -123.00 46.06 -54.73
N UNK A 2635 -123.02 47.30 -55.18
CA UNK A 2635 -122.57 47.64 -56.52
C UNK A 2635 -121.10 47.29 -56.64
N UNK A 2636 -120.36 47.58 -55.58
CA UNK A 2636 -118.94 47.30 -55.52
C UNK A 2636 -118.66 45.82 -55.61
N UNK A 2637 -119.46 45.01 -54.91
CA UNK A 2637 -119.30 43.57 -54.96
C UNK A 2637 -119.54 43.10 -56.38
N UNK A 2638 -120.57 43.65 -57.02
CA UNK A 2638 -120.87 43.24 -58.39
C UNK A 2638 -119.70 43.59 -59.30
N UNK A 2639 -119.14 44.77 -59.08
CA UNK A 2639 -118.03 45.24 -59.89
C UNK A 2639 -116.82 44.34 -59.72
N UNK A 2640 -116.57 43.93 -58.49
CA UNK A 2640 -115.44 43.05 -58.21
C UNK A 2640 -115.65 41.74 -58.93
N UNK A 2641 -116.88 41.25 -58.90
CA UNK A 2641 -117.18 39.98 -59.56
C UNK A 2641 -116.91 40.11 -61.06
N UNK A 2642 -117.33 41.24 -61.61
CA UNK A 2642 -117.15 41.50 -63.03
C UNK A 2642 -115.68 41.55 -63.39
N UNK A 2643 -114.89 42.19 -62.54
CA UNK A 2643 -113.47 42.31 -62.75
C UNK A 2643 -112.83 40.93 -62.74
N UNK A 2644 -113.27 40.09 -61.81
CA UNK A 2644 -112.75 38.74 -61.72
C UNK A 2644 -113.07 37.98 -62.99
N UNK A 2645 -114.29 38.17 -63.50
CA UNK A 2645 -114.71 37.52 -64.72
C UNK A 2645 -113.85 37.95 -65.89
N UNK A 2646 -113.55 39.26 -65.95
CA UNK A 2646 -112.71 39.78 -67.01
C UNK A 2646 -111.32 39.16 -66.92
N UNK A 2647 -110.82 39.03 -65.70
CA UNK A 2647 -109.49 38.44 -65.49
C UNK A 2647 -109.48 37.00 -65.98
N UNK A 2648 -110.58 36.29 -65.71
CA UNK A 2648 -110.72 34.91 -66.16
C UNK A 2648 -109.44 34.10 -65.97
N UNK A 2649 -100.38 34.33 -64.32
CA UNK A 2649 -100.27 34.02 -62.91
C UNK A 2649 -100.59 35.24 -62.06
N UNK A 2650 -100.81 36.36 -62.72
CA UNK A 2650 -101.05 37.63 -62.04
C UNK A 2650 -102.31 37.50 -61.19
N UNK A 2651 -103.32 36.85 -61.75
CA UNK A 2651 -104.56 36.68 -61.02
C UNK A 2651 -104.26 35.89 -59.76
N UNK A 2652 -103.42 34.87 -59.89
CA UNK A 2652 -103.09 34.03 -58.75
C UNK A 2652 -102.35 34.81 -57.67
N UNK A 2653 -101.45 35.69 -58.08
CA UNK A 2653 -100.71 36.52 -57.13
C UNK A 2653 -101.67 37.45 -56.40
N UNK A 2654 -102.62 38.01 -57.16
CA UNK A 2654 -103.58 38.92 -56.59
C UNK A 2654 -104.36 38.17 -55.54
N UNK A 2655 -104.72 36.93 -55.87
CA UNK A 2655 -105.48 36.10 -54.95
C UNK A 2655 -104.70 35.82 -53.68
N UNK A 2656 -103.42 35.53 -53.80
CA UNK A 2656 -102.62 35.27 -52.62
C UNK A 2656 -102.59 36.51 -51.74
N UNK A 2657 -102.43 37.67 -52.36
CA UNK A 2657 -102.36 38.91 -51.59
C UNK A 2657 -103.68 39.16 -50.86
N UNK A 2658 -104.78 38.91 -51.58
CA UNK A 2658 -106.09 39.15 -51.02
C UNK A 2658 -106.27 38.23 -49.84
N UNK A 2659 -105.80 37.00 -50.00
CA UNK A 2659 -105.92 35.99 -48.98
C UNK A 2659 -105.18 36.39 -47.72
N UNK A 2660 -103.97 36.93 -47.89
CA UNK A 2660 -103.21 37.40 -46.74
C UNK A 2660 -103.91 38.56 -46.04
N UNK A 2661 -104.47 39.47 -46.84
CA UNK A 2661 -105.15 40.62 -46.26
C UNK A 2661 -106.31 40.09 -45.45
N UNK A 2662 -106.96 39.07 -46.01
CA UNK A 2662 -108.11 38.42 -45.42
C UNK A 2662 -107.79 37.73 -44.10
N UNK A 2663 -106.63 37.08 -44.04
CA UNK A 2663 -106.18 36.44 -42.81
C UNK A 2663 -105.96 37.50 -41.75
N UNK A 2664 -105.39 38.63 -42.17
CA UNK A 2664 -105.17 39.72 -41.24
C UNK A 2664 -106.51 40.21 -40.72
N UNK A 2665 -107.47 40.28 -41.63
CA UNK A 2665 -108.82 40.73 -41.30
C UNK A 2665 -109.47 39.77 -40.31
N UNK A 2666 -109.25 38.49 -40.52
CA UNK A 2666 -109.81 37.46 -39.65
C UNK A 2666 -109.23 37.63 -38.26
N UNK A 2667 -107.94 37.90 -38.21
CA UNK A 2667 -107.28 38.09 -36.93
C UNK A 2667 -107.91 39.28 -36.23
N UNK A 2668 -108.14 40.35 -36.99
CA UNK A 2668 -108.75 41.55 -36.42
C UNK A 2668 -110.15 41.28 -35.90
N UNK A 2669 -110.93 40.51 -36.66
CA UNK A 2669 -112.29 40.17 -36.29
C UNK A 2669 -112.29 39.37 -35.00
N UNK A 2670 -111.31 38.47 -34.88
CA UNK A 2670 -111.18 37.63 -33.71
C UNK A 2670 -110.34 38.34 -32.65
N UNK A 2671 -118.11 38.60 -44.25
CA UNK A 2671 -118.75 37.57 -43.45
C UNK A 2671 -118.69 36.22 -44.16
N UNK A 2672 -119.73 35.41 -43.99
CA UNK A 2672 -119.77 34.10 -44.61
C UNK A 2672 -119.74 34.25 -46.13
N UNK A 2673 -120.46 35.26 -46.62
CA UNK A 2673 -120.48 35.57 -48.05
C UNK A 2673 -119.10 35.99 -48.54
N UNK A 2674 -118.40 36.76 -47.73
CA UNK A 2674 -117.06 37.19 -48.07
C UNK A 2674 -116.17 35.96 -48.19
N UNK A 2675 -116.37 35.03 -47.26
CA UNK A 2675 -115.60 33.80 -47.23
C UNK A 2675 -115.88 33.03 -48.50
N UNK A 2676 -117.14 33.00 -48.92
CA UNK A 2676 -117.54 32.31 -50.13
C UNK A 2676 -116.88 32.93 -51.36
N UNK A 2677 -116.80 34.25 -51.41
CA UNK A 2677 -116.14 34.95 -52.50
C UNK A 2677 -114.65 34.60 -52.56
N UNK A 2678 -114.05 34.54 -51.37
CA UNK A 2678 -112.65 34.20 -51.27
C UNK A 2678 -112.47 32.81 -51.80
N UNK A 2679 -113.44 31.96 -51.48
CA UNK A 2679 -113.45 30.57 -51.90
C UNK A 2679 -113.55 30.46 -53.42
N UNK A 2680 -114.37 31.32 -54.03
CA UNK A 2680 -114.49 31.36 -55.48
C UNK A 2680 -113.15 31.75 -56.10
N UNK A 2681 -112.49 32.71 -55.49
CA UNK A 2681 -111.18 33.12 -55.96
C UNK A 2681 -110.19 31.96 -55.87
N UNK A 2682 -110.29 31.21 -54.77
CA UNK A 2682 -109.45 30.04 -54.52
C UNK A 2682 -109.70 28.97 -55.56
N UNK A 2683 -110.96 28.80 -55.93
CA UNK A 2683 -111.36 27.84 -56.93
C UNK A 2683 -110.72 28.23 -58.24
N UNK A 2684 -110.74 29.53 -58.51
CA UNK A 2684 -110.14 30.03 -59.74
C UNK A 2684 -108.65 29.73 -59.75
N UNK A 2685 -108.02 29.92 -58.59
CA UNK A 2685 -106.59 29.65 -58.46
C UNK A 2685 -106.29 28.18 -58.69
N UNK A 2686 -107.16 27.32 -58.16
CA UNK A 2686 -107.01 25.88 -58.31
C UNK A 2686 -107.13 25.51 -59.77
N UNK A 2687 -108.05 26.16 -60.46
CA UNK A 2687 -108.24 25.92 -61.89
C UNK A 2687 -106.98 26.33 -62.64
N UNK A 2688 -106.40 27.45 -62.22
CA UNK A 2688 -105.19 27.96 -62.84
C UNK A 2688 -104.08 26.96 -62.66
N UNK A 2689 -104.02 26.37 -61.46
CA UNK A 2689 -103.03 25.35 -61.14
C UNK A 2689 -102.99 25.19 -59.64
N UNK A 2690 -91.55 29.83 -63.18
CA UNK A 2690 -90.38 30.72 -63.17
C UNK A 2690 -90.54 31.82 -62.10
N UNK A 2691 -89.98 32.99 -62.39
CA UNK A 2691 -89.97 34.09 -61.43
C UNK A 2691 -91.34 34.63 -61.03
N UNK A 2692 -92.24 34.82 -62.00
CA UNK A 2692 -93.58 35.33 -61.70
C UNK A 2692 -94.37 34.35 -60.85
N UNK A 2693 -94.28 33.09 -61.22
CA UNK A 2693 -94.98 32.05 -60.51
C UNK A 2693 -94.41 32.07 -59.12
N UNK A 2694 -93.09 32.27 -59.02
CA UNK A 2694 -92.38 32.33 -57.75
C UNK A 2694 -92.77 33.49 -56.81
N UNK A 2695 -92.99 34.67 -57.37
CA UNK A 2695 -93.45 35.81 -56.59
C UNK A 2695 -94.83 35.44 -56.07
N UNK A 2696 -95.59 34.82 -56.97
CA UNK A 2696 -96.94 34.44 -56.63
C UNK A 2696 -96.84 33.47 -55.47
N UNK A 2697 -95.85 32.60 -55.53
CA UNK A 2697 -95.55 31.57 -54.53
C UNK A 2697 -95.16 32.10 -53.17
N UNK A 2698 -94.36 33.16 -53.13
CA UNK A 2698 -94.04 33.82 -51.86
C UNK A 2698 -95.30 34.43 -51.25
N UNK A 2699 -96.12 35.01 -52.13
CA UNK A 2699 -97.37 35.58 -51.67
C UNK A 2699 -98.19 34.43 -51.09
N UNK A 2700 -98.09 33.30 -51.76
CA UNK A 2700 -98.78 32.06 -51.43
C UNK A 2700 -98.34 31.55 -50.08
N UNK A 2701 -97.05 31.63 -49.78
CA UNK A 2701 -96.53 31.23 -48.49
C UNK A 2701 -97.13 32.11 -47.42
N UNK A 2702 -97.19 33.41 -47.69
CA UNK A 2702 -97.79 34.30 -46.70
C UNK A 2702 -99.25 33.91 -46.47
N UNK A 2703 -99.93 33.62 -47.57
CA UNK A 2703 -101.34 33.29 -47.55
C UNK A 2703 -101.55 32.01 -46.76
N UNK A 2704 -100.64 31.07 -46.96
CA UNK A 2704 -100.66 29.77 -46.31
C UNK A 2704 -100.49 29.91 -44.82
N UNK A 2705 -99.60 30.81 -44.42
CA UNK A 2705 -99.41 31.04 -43.01
C UNK A 2705 -100.71 31.58 -42.46
N UNK A 2706 -101.33 32.49 -43.20
CA UNK A 2706 -102.59 33.06 -42.75
C UNK A 2706 -103.67 32.00 -42.61
N UNK A 2707 -103.71 31.08 -43.57
CA UNK A 2707 -104.69 30.00 -43.58
C UNK A 2707 -104.48 29.07 -42.40
N UNK A 2708 -103.23 28.79 -42.09
CA UNK A 2708 -102.91 27.93 -40.97
C UNK A 2708 -103.37 28.60 -39.69
N UNK A 2709 -103.16 29.91 -39.62
CA UNK A 2709 -103.58 30.66 -38.44
C UNK A 2709 -105.08 30.57 -38.29
N UNK A 2710 -105.77 30.70 -39.42
CA UNK A 2710 -107.22 30.63 -39.41
C UNK A 2710 -107.71 29.26 -38.95
N UNK A 2711 -107.03 28.22 -39.39
CA UNK A 2711 -107.42 26.86 -39.03
C UNK A 2711 -107.53 26.73 -37.52
N UNK A 2712 -113.71 29.25 -41.38
CA UNK A 2712 -114.97 28.59 -41.69
C UNK A 2712 -114.73 27.23 -42.35
N UNK A 2713 -115.77 26.41 -42.37
CA UNK A 2713 -115.70 25.07 -42.93
C UNK A 2713 -115.39 25.10 -44.42
N UNK A 2714 -115.95 26.08 -45.10
CA UNK A 2714 -115.67 26.28 -46.51
C UNK A 2714 -114.19 26.60 -46.67
N UNK A 2715 -113.69 27.41 -45.75
CA UNK A 2715 -112.30 27.81 -45.79
C UNK A 2715 -111.48 26.54 -45.66
N UNK A 2716 -111.91 25.66 -44.77
CA UNK A 2716 -111.24 24.39 -44.52
C UNK A 2716 -111.23 23.46 -45.73
N UNK A 2717 -112.35 23.40 -46.46
CA UNK A 2717 -112.40 22.61 -47.68
C UNK A 2717 -111.45 23.18 -48.73
N UNK A 2718 -111.42 24.50 -48.81
CA UNK A 2718 -110.56 25.16 -49.76
C UNK A 2718 -109.16 24.76 -49.39
N UNK A 2719 -108.92 24.71 -48.08
CA UNK A 2719 -107.65 24.37 -47.50
C UNK A 2719 -107.18 22.95 -47.82
N UNK A 2720 -108.10 21.99 -47.79
CA UNK A 2720 -107.78 20.62 -48.19
C UNK A 2720 -107.41 20.58 -49.67
N UNK A 2721 -108.16 21.32 -50.48
CA UNK A 2721 -107.86 21.35 -51.91
C UNK A 2721 -106.46 21.92 -52.05
N UNK A 2722 -106.21 22.91 -51.21
CA UNK A 2722 -104.99 23.68 -51.16
C UNK A 2722 -103.82 22.80 -50.79
N UNK A 2723 -104.06 21.87 -49.87
CA UNK A 2723 -103.12 20.85 -49.44
C UNK A 2723 -102.76 19.88 -50.55
N UNK A 2724 -103.76 19.51 -51.35
CA UNK A 2724 -103.44 18.70 -52.53
C UNK A 2724 -102.55 19.52 -53.47
N UNK A 2725 -102.89 20.80 -53.55
CA UNK A 2725 -102.16 21.74 -54.38
C UNK A 2725 -100.75 21.83 -53.87
N UNK A 2726 -100.63 21.76 -52.54
CA UNK A 2726 -99.41 21.79 -51.77
C UNK A 2726 -98.52 20.59 -52.01
N UNK A 2727 -99.13 19.42 -52.14
CA UNK A 2727 -98.36 18.24 -52.49
C UNK A 2727 -97.79 18.53 -53.85
N UNK A 2728 -98.63 19.14 -54.71
CA UNK A 2728 -98.17 19.50 -56.05
C UNK A 2728 -97.00 20.50 -56.01
N UNK A 2729 -97.10 21.47 -55.12
CA UNK A 2729 -96.09 22.51 -54.92
C UNK A 2729 -94.79 21.90 -54.44
N UNK A 2730 -94.91 20.90 -53.57
CA UNK A 2730 -93.78 20.19 -53.04
C UNK A 2730 -93.08 19.47 -54.18
N UNK A 2731 -93.86 18.85 -55.05
CA UNK A 2731 -93.28 18.16 -56.19
C UNK A 2731 -92.55 19.18 -57.05
N UNK A 2732 -93.16 20.35 -57.20
CA UNK A 2732 -92.60 21.44 -57.98
C UNK A 2732 -91.28 21.96 -57.43
N UNK A 2733 -91.18 22.03 -56.10
CA UNK A 2733 -90.02 22.61 -55.47
C UNK A 2733 -89.96 24.09 -55.81
N ASN A 2734 -114.03 19.22 -47.49
CA ASN A 2734 -115.04 18.28 -47.06
C ASN A 2734 -115.84 17.72 -48.24
N PHE A 2735 -116.28 16.47 -48.11
CA PHE A 2735 -116.92 15.78 -49.22
C PHE A 2735 -118.20 15.06 -48.80
N ASP A 2736 -119.33 15.52 -49.32
CA ASP A 2736 -120.63 14.89 -49.06
C ASP A 2736 -121.30 14.53 -50.38
N PRO A 2737 -120.81 13.46 -51.03
CA PRO A 2737 -121.27 13.07 -52.37
C PRO A 2737 -122.74 12.67 -52.43
N ARG A 2738 -123.48 13.25 -53.36
CA ARG A 2738 -124.88 12.93 -53.55
C ARG A 2738 -125.16 12.60 -55.01
N PRO A 2739 -124.80 11.38 -55.44
CA PRO A 2739 -125.07 10.96 -56.82
C PRO A 2739 -126.57 10.99 -57.10
N VAL A 2740 -126.96 11.35 -58.32
CA VAL A 2740 -128.38 11.52 -58.64
C VAL A 2740 -129.12 10.18 -58.51
N GLU A 2741 -130.32 10.24 -57.95
CA GLU A 2741 -131.12 9.05 -57.69
C GLU A 2741 -131.70 8.46 -58.97
N THR A 2742 -131.31 7.22 -59.29
CA THR A 2742 -131.67 6.62 -60.57
C THR A 2742 -132.62 5.44 -60.45
N LEU A 2743 -132.96 5.05 -59.22
CA LEU A 2743 -133.70 3.82 -58.96
C LEU A 2743 -135.09 3.76 -59.61
N ASN A 2744 -135.79 4.89 -59.62
CA ASN A 2744 -137.13 4.92 -60.20
C ASN A 2744 -137.15 5.57 -61.59
N VAL A 2745 -135.97 5.79 -62.15
CA VAL A 2745 -135.85 6.37 -63.48
C VAL A 2745 -135.97 5.28 -64.55
N ILE A 2746 -136.90 5.47 -65.48
CA ILE A 2746 -137.14 4.48 -66.52
C ILE A 2746 -136.57 4.93 -67.87
N ILE A 2747 -135.75 4.08 -68.46
CA ILE A 2747 -135.21 4.33 -69.78
C ILE A 2747 -136.23 3.92 -70.82
N PRO A 2748 -136.56 4.82 -71.77
CA PRO A 2748 -137.50 4.51 -72.84
C PRO A 2748 -137.09 3.28 -73.64
N GLU A 2749 -138.05 2.48 -74.10
CA GLU A 2749 -137.76 1.22 -74.77
C GLU A 2749 -136.90 1.36 -76.01
N LYS A 2750 -136.94 2.52 -76.66
CA LYS A 2750 -136.22 2.67 -77.93
C LYS A 2750 -134.71 2.86 -77.73
N LEU A 2751 -134.26 2.99 -76.48
CA LEU A 2751 -132.83 3.09 -76.21
C LEU A 2751 -132.17 1.75 -75.94
N ASP A 2752 -132.97 0.69 -75.84
CA ASP A 2752 -132.44 -0.65 -75.58
C ASP A 2752 -131.48 -1.11 -76.67
N SER A 2753 -131.72 -0.67 -77.90
CA SER A 2753 -130.86 -1.01 -79.02
C SER A 2753 -129.49 -0.37 -78.87
N PHE A 2754 -129.47 0.91 -78.51
CA PHE A 2754 -128.21 1.62 -78.29
C PHE A 2754 -127.44 1.01 -77.12
N ILE A 2755 -128.18 0.65 -76.07
CA ILE A 2755 -127.60 0.10 -74.85
C ILE A 2755 -126.79 -1.17 -75.15
N ASN A 2756 -127.36 -2.06 -75.94
CA ASN A 2756 -126.68 -3.28 -76.33
C ASN A 2756 -125.51 -3.03 -77.27
N LYS A 2757 -125.68 -2.08 -78.19
CA LYS A 2757 -124.62 -1.73 -79.12
C LYS A 2757 -123.41 -1.13 -78.40
N PHE A 2758 -123.68 -0.24 -77.45
CA PHE A 2758 -122.62 0.39 -76.69
C PHE A 2758 -122.01 -0.59 -75.70
N ALA A 2759 -122.84 -1.52 -75.19
CA ALA A 2759 -122.35 -2.56 -74.31
C ALA A 2759 -121.39 -3.48 -75.04
N GLU A 2760 -121.75 -3.82 -76.28
CA GLU A 2760 -120.90 -4.63 -77.13
C GLU A 2760 -119.59 -3.91 -77.43
N TYR A 2761 -119.68 -2.61 -77.67
CA TYR A 2761 -118.50 -1.80 -77.94
C TYR A 2761 -117.52 -1.82 -76.78
N THR A 2762 -118.03 -1.54 -75.58
CA THR A 2762 -117.20 -1.48 -74.39
C THR A 2762 -116.53 -2.82 -74.12
N HIS A 2763 -117.23 -3.92 -74.43
CA HIS A 2763 -116.65 -5.24 -74.27
C HIS A 2763 -115.55 -5.45 -75.30
N GLU A 2764 -115.82 -5.08 -76.55
CA GLU A 2764 -114.87 -5.22 -77.63
C GLU A 2764 -113.58 -4.46 -77.35
N LYS A 2765 -113.73 -3.24 -76.82
CA LYS A 2765 -112.59 -2.41 -76.48
C LYS A 2765 -111.74 -3.08 -75.42
N TRP A 2766 -112.39 -3.62 -74.39
CA TRP A 2766 -111.72 -4.33 -73.32
C TRP A 2766 -111.02 -5.59 -73.85
N ALA A 2767 -111.73 -6.33 -74.69
CA ALA A 2767 -111.19 -7.56 -75.28
C ALA A 2767 -110.01 -7.25 -76.19
N PHE A 2768 -110.12 -6.20 -76.98
CA PHE A 2768 -109.03 -5.77 -77.86
C PHE A 2768 -107.76 -5.53 -77.06
N ASP A 2769 -107.88 -4.73 -76.01
CA ASP A 2769 -106.75 -4.38 -75.16
C ASP A 2769 -106.13 -5.60 -74.50
N LYS A 2770 -106.97 -6.55 -74.11
CA LYS A 2770 -106.50 -7.78 -73.49
C LYS A 2770 -105.73 -8.64 -74.49
N ILE A 2771 -106.24 -8.73 -75.70
CA ILE A 2771 -105.65 -9.57 -76.74
C ILE A 2771 -104.34 -8.98 -77.26
N GLN A 2772 -104.23 -7.65 -77.23
CA GLN A 2772 -102.97 -7.00 -77.61
C GLN A 2772 -101.89 -7.33 -76.58
N ASN A 2773 -102.31 -7.67 -75.37
CA ASN A 2773 -101.39 -8.13 -74.34
C ASN A 2773 -101.37 -9.66 -74.26
N ASN A 2774 -101.72 -10.29 -75.37
CA ASN A 2774 -101.69 -11.75 -75.52
C ASN A 2774 -102.50 -12.54 -74.50
N TRP A 2775 -103.60 -11.97 -74.05
CA TRP A 2775 -104.59 -12.74 -73.31
C TRP A 2775 -105.35 -13.59 -74.31
N SER A 2776 -105.89 -14.72 -73.87
CA SER A 2776 -106.69 -15.58 -74.73
C SER A 2776 -107.87 -16.12 -73.95
N TYR A 2777 -108.80 -16.80 -74.64
CA TYR A 2777 -109.90 -17.43 -73.94
C TYR A 2777 -109.38 -18.57 -73.08
N GLY A 2778 -110.01 -18.74 -71.91
CA GLY A 2778 -109.74 -19.86 -71.03
C GLY A 2778 -110.98 -20.03 -70.18
N GLU A 2779 -111.22 -21.23 -69.67
CA GLU A 2779 -112.44 -21.46 -68.92
C GLU A 2779 -112.41 -20.70 -67.59
N ASN A 2780 -111.21 -20.49 -67.06
CA ASN A 2780 -111.06 -19.74 -65.82
C ASN A 2780 -110.26 -18.46 -66.02
N VAL A 2781 -110.44 -17.51 -65.11
CA VAL A 2781 -109.58 -16.34 -65.06
C VAL A 2781 -108.25 -16.76 -64.45
N ASP A 2782 -107.17 -16.52 -65.17
CA ASP A 2782 -105.85 -16.96 -64.74
C ASP A 2782 -104.79 -15.91 -65.08
N GLU A 2783 -104.30 -15.22 -64.06
CA GLU A 2783 -103.38 -14.11 -64.25
C GLU A 2783 -102.01 -14.56 -64.77
N GLU A 2784 -101.61 -15.78 -64.43
CA GLU A 2784 -100.31 -16.28 -64.88
C GLU A 2784 -100.37 -16.71 -66.34
N LEU A 2785 -101.44 -17.43 -66.70
CA LEU A 2785 -101.62 -17.92 -68.06
C LEU A 2785 -102.27 -16.87 -68.95
N LYS A 2786 -102.75 -15.79 -68.32
CA LYS A 2786 -103.46 -14.73 -69.02
C LYS A 2786 -104.64 -15.26 -69.82
N THR A 2787 -105.54 -15.97 -69.14
CA THR A 2787 -106.77 -16.44 -69.76
C THR A 2787 -107.97 -15.75 -69.11
N HIS A 2788 -109.04 -15.59 -69.88
CA HIS A 2788 -110.28 -15.01 -69.37
C HIS A 2788 -111.47 -15.55 -70.15
N PRO A 2789 -112.48 -16.08 -69.45
CA PRO A 2789 -113.66 -16.72 -70.05
C PRO A 2789 -114.54 -15.76 -70.84
N MET A 2790 -114.36 -14.46 -70.64
CA MET A 2790 -115.15 -13.48 -71.36
C MET A 2790 -114.42 -12.95 -72.59
N LEU A 2791 -113.28 -13.54 -72.90
CA LEU A 2791 -112.58 -13.23 -74.14
C LEU A 2791 -113.21 -14.00 -75.28
N ARG A 2792 -114.41 -13.58 -75.65
CA ARG A 2792 -115.21 -14.21 -76.71
C ARG A 2792 -116.28 -13.22 -77.11
N PRO A 2793 -116.92 -13.42 -78.28
CA PRO A 2793 -117.94 -12.45 -78.73
C PRO A 2793 -119.03 -12.15 -77.70
N TYR A 2794 -119.38 -10.87 -77.61
CA TYR A 2794 -120.46 -10.38 -76.75
C TYR A 2794 -121.77 -11.09 -77.07
N LYS A 2795 -121.93 -11.47 -78.33
CA LYS A 2795 -123.14 -12.13 -78.80
C LYS A 2795 -123.32 -13.51 -78.20
N THR A 2796 -122.23 -14.10 -77.73
CA THR A 2796 -122.27 -15.46 -77.17
C THR A 2796 -122.50 -15.44 -75.66
N PHE A 2797 -122.69 -14.25 -75.11
CA PHE A 2797 -122.90 -14.10 -73.68
C PHE A 2797 -124.30 -14.49 -73.24
N SER A 2798 -124.44 -14.87 -71.98
CA SER A 2798 -125.75 -14.99 -71.37
C SER A 2798 -126.24 -13.58 -71.07
N GLU A 2799 -127.49 -13.47 -70.61
CA GLU A 2799 -128.03 -12.16 -70.26
C GLU A 2799 -127.32 -11.59 -69.05
N LYS A 2800 -126.92 -12.48 -68.14
CA LYS A 2800 -126.20 -12.08 -66.94
C LYS A 2800 -124.86 -11.44 -67.28
N ASP A 2801 -124.15 -12.04 -68.24
CA ASP A 2801 -122.82 -11.57 -68.63
C ASP A 2801 -122.91 -10.31 -69.49
N LYS A 2802 -123.98 -10.17 -70.27
CA LYS A 2802 -124.22 -8.95 -71.03
C LYS A 2802 -124.50 -7.79 -70.08
N GLU A 2803 -125.20 -8.11 -68.99
CA GLU A 2803 -125.61 -7.11 -68.01
C GLU A 2803 -124.40 -6.50 -67.29
N ILE A 2804 -123.29 -7.23 -67.29
CA ILE A 2804 -122.04 -6.73 -66.76
C ILE A 2804 -121.65 -5.42 -67.45
N TYR A 2805 -121.92 -5.36 -68.75
CA TYR A 2805 -121.60 -4.17 -69.54
C TYR A 2805 -122.78 -3.23 -69.68
N ARG A 2806 -124.00 -3.75 -69.54
CA ARG A 2806 -125.20 -2.96 -69.77
C ARG A 2806 -125.62 -2.12 -68.57
N TRP A 2807 -125.36 -2.62 -67.36
CA TRP A 2807 -125.73 -1.91 -66.13
C TRP A 2807 -125.06 -0.55 -65.99
N PRO A 2808 -123.73 -0.47 -66.24
CA PRO A 2808 -123.16 0.86 -66.04
C PRO A 2808 -123.66 1.88 -67.05
N ILE A 2809 -123.95 1.42 -68.26
CA ILE A 2809 -124.47 2.28 -69.32
C ILE A 2809 -125.88 2.75 -69.00
N LYS A 2810 -126.69 1.86 -68.43
CA LYS A 2810 -128.05 2.20 -68.05
C LYS A 2810 -128.07 3.18 -66.87
N GLU A 2811 -127.06 3.07 -66.01
CA GLU A 2811 -126.92 3.99 -64.88
C GLU A 2811 -126.56 5.39 -65.38
N SER A 2812 -125.75 5.44 -66.43
CA SER A 2812 -125.37 6.71 -67.04
C SER A 2812 -126.56 7.38 -67.70
N LEU A 2813 -127.31 6.61 -68.48
CA LEU A 2813 -128.48 7.11 -69.19
C LEU A 2813 -129.59 7.56 -68.23
N LYS A 2814 -129.72 6.85 -67.12
CA LYS A 2814 -130.75 7.19 -66.12
C LYS A 2814 -130.41 8.50 -65.44
N ALA A 2815 -129.12 8.78 -65.31
CA ALA A 2815 -128.67 10.04 -64.74
C ALA A 2815 -129.02 11.20 -65.66
N MET A 2816 -128.80 11.00 -66.97
CA MET A 2816 -129.10 12.01 -67.98
C MET A 2816 -130.61 12.28 -68.04
N ILE A 2817 -131.40 11.22 -67.96
CA ILE A 2817 -132.85 11.34 -67.97
C ILE A 2817 -133.35 12.02 -66.71
N ALA A 2818 -132.72 11.73 -65.58
CA ALA A 2818 -133.07 12.34 -64.30
C ALA A 2818 -132.81 13.84 -64.34
N TRP A 2819 -131.76 14.24 -65.06
CA TRP A 2819 -131.44 15.65 -65.24
C TRP A 2819 -132.33 16.28 -66.30
N GLU A 2820 -133.25 15.48 -66.83
CA GLU A 2820 -134.19 15.92 -67.87
C GLU A 2820 -133.47 16.42 -69.11
N TRP A 2821 -132.40 15.72 -69.48
CA TRP A 2821 -131.77 15.90 -70.78
C TRP A 2821 -132.58 15.13 -71.81
N THR A 2822 -132.55 15.59 -73.07
CA THR A 2822 -133.26 14.88 -74.12
C THR A 2822 -132.28 14.06 -74.97
N ILE A 2823 -132.66 12.82 -75.25
CA ILE A 2823 -131.86 11.93 -76.09
C ILE A 2823 -132.69 11.42 -77.25
N GLU A 2824 -132.45 11.95 -78.44
CA GLU A 2824 -133.28 11.62 -79.60
C GLU A 2824 -132.46 11.31 -80.86
N LYS A 2825 -132.84 10.24 -81.55
CA LYS A 2825 -132.20 9.83 -82.78
C LYS A 2825 -132.53 10.80 -83.92
N ALA A 2826 -131.64 11.77 -84.13
CA ALA A 2826 -131.88 12.82 -85.12
C ALA A 2826 -131.35 12.44 -86.50
N ARG A 2827 -130.31 11.60 -86.53
CA ARG A 2827 -129.68 11.22 -87.78
C ARG A 2827 -129.49 9.72 -87.91
N GLU A 2828 -129.11 9.27 -89.10
CA GLU A 2828 -128.65 7.90 -89.29
C GLU A 2828 -127.24 7.78 -88.72
N GLY A 2829 -126.89 6.59 -88.26
CA GLY A 2829 -125.57 6.36 -87.70
C GLY A 2829 -124.47 6.45 -88.75
N GLU A 2830 -123.24 6.64 -88.32
CA GLU A 2830 -122.10 6.72 -89.22
C GLU A 2830 -121.84 5.39 -89.94
N TYR A 2855 -111.19 -15.60 -81.91
CA TYR A 2855 -111.90 -14.36 -81.63
C TYR A 2855 -110.99 -13.15 -81.89
N ASN A 2856 -111.43 -12.27 -82.78
CA ASN A 2856 -110.62 -11.14 -83.21
C ASN A 2856 -111.42 -9.84 -83.24
N PRO A 2857 -111.59 -9.21 -82.07
CA PRO A 2857 -112.35 -7.95 -81.94
C PRO A 2857 -111.64 -6.75 -82.54
N GLN A 2858 -112.33 -6.04 -83.42
CA GLN A 2858 -111.85 -4.79 -83.97
C GLN A 2858 -112.90 -3.71 -83.77
N PRO A 2859 -112.95 -3.15 -82.55
CA PRO A 2859 -113.96 -2.13 -82.23
C PRO A 2859 -113.71 -0.84 -82.98
N PRO A 2860 -114.77 -0.05 -83.25
CA PRO A 2860 -114.62 1.23 -83.93
C PRO A 2860 -113.72 2.19 -83.17
N ASP A 2861 -113.02 3.05 -83.90
CA ASP A 2861 -112.15 4.05 -83.28
C ASP A 2861 -112.91 5.33 -82.99
N LEU A 2862 -112.86 5.78 -81.74
CA LEU A 2862 -113.60 6.97 -81.32
C LEU A 2862 -112.68 8.18 -81.20
N SER A 2863 -111.47 8.06 -81.73
CA SER A 2863 -110.49 9.14 -81.67
C SER A 2863 -110.92 10.34 -82.51
N GLY A 2864 -111.58 10.08 -83.63
CA GLY A 2864 -111.94 11.12 -84.57
C GLY A 2864 -113.30 11.77 -84.33
N VAL A 2865 -113.95 11.41 -83.24
CA VAL A 2865 -115.25 11.99 -82.91
C VAL A 2865 -115.09 13.25 -82.06
N THR A 2866 -115.55 14.38 -82.59
CA THR A 2866 -115.43 15.64 -81.88
C THR A 2866 -116.74 16.04 -81.21
N LEU A 2867 -116.66 16.30 -79.91
CA LEU A 2867 -117.82 16.78 -79.17
C LEU A 2867 -117.83 18.31 -79.15
N SER A 2868 -119.02 18.88 -79.26
CA SER A 2868 -119.18 20.33 -79.15
C SER A 2868 -118.78 20.77 -77.75
N ARG A 2869 -118.56 22.06 -77.55
CA ARG A 2869 -118.23 22.57 -76.23
C ARG A 2869 -119.37 22.28 -75.26
N GLU A 2870 -120.58 22.34 -75.78
CA GLU A 2870 -121.76 22.10 -74.95
C GLU A 2870 -121.83 20.64 -74.51
N LEU A 2871 -121.49 19.73 -75.42
CA LEU A 2871 -121.48 18.31 -75.08
C LEU A 2871 -120.33 17.99 -74.13
N GLN A 2872 -119.21 18.69 -74.30
CA GLN A 2872 -118.07 18.54 -73.40
C GLN A 2872 -118.45 19.04 -72.01
N ALA A 2873 -119.28 20.08 -71.97
CA ALA A 2873 -119.78 20.62 -70.71
C ALA A 2873 -120.70 19.63 -70.01
N MET A 2874 -121.54 18.95 -70.79
CA MET A 2874 -122.45 17.95 -70.26
C MET A 2874 -121.69 16.73 -69.76
N ALA A 2875 -120.53 16.48 -70.37
CA ALA A 2875 -119.66 15.39 -69.96
C ALA A 2875 -119.11 15.65 -68.56
N GLU A 2876 -118.95 16.92 -68.21
CA GLU A 2876 -118.45 17.32 -66.90
C GLU A 2876 -119.44 16.98 -65.80
N GLN A 2877 -120.73 17.13 -66.08
CA GLN A 2877 -121.76 16.80 -65.11
C GLN A 2877 -121.85 15.28 -64.93
N LEU A 2878 -121.67 14.56 -66.03
CA LEU A 2878 -121.64 13.10 -65.99
C LEU A 2878 -120.43 12.61 -65.21
N ALA A 2879 -119.28 13.20 -65.49
CA ALA A 2879 -118.03 12.83 -64.81
C ALA A 2879 -118.12 13.10 -63.31
N GLU A 2880 -118.72 14.23 -62.96
CA GLU A 2880 -118.89 14.58 -61.55
C GLU A 2880 -119.78 13.58 -60.82
N ASN A 2881 -120.80 13.08 -61.52
CA ASN A 2881 -121.73 12.12 -60.95
C ASN A 2881 -121.08 10.74 -60.79
N TYR A 2882 -120.20 10.41 -61.72
CA TYR A 2882 -119.40 9.20 -61.61
C TYR A 2882 -118.56 9.24 -60.34
N HIS A 2883 -117.94 10.40 -60.09
CA HIS A 2883 -117.10 10.61 -58.93
C HIS A 2883 -117.91 10.58 -57.64
N ASN A 2884 -119.10 11.16 -57.67
CA ASN A 2884 -119.99 11.16 -56.51
C ASN A 2884 -120.51 9.75 -56.20
N THR A 2885 -120.71 8.96 -57.25
CA THR A 2885 -121.16 7.58 -57.10
C THR A 2885 -120.06 6.73 -56.47
N TRP A 2886 -118.84 6.90 -56.97
CA TRP A 2886 -117.69 6.22 -56.39
C TRP A 2886 -117.47 6.68 -54.95
N GLY A 2887 -117.55 7.98 -54.73
CA GLY A 2887 -117.32 8.56 -53.43
C GLY A 2887 -118.28 8.07 -52.37
N ARG A 2888 -119.56 8.04 -52.70
CA ARG A 2888 -120.58 7.56 -51.79
C ARG A 2888 -120.40 6.08 -51.49
N LYS A 2889 -120.05 5.31 -52.52
CA LYS A 2889 -119.82 3.88 -52.36
C LYS A 2889 -118.55 3.63 -51.56
N LYS A 2890 -117.54 4.48 -51.76
CA LYS A 2890 -116.27 4.36 -51.07
C LYS A 2890 -116.41 4.64 -49.57
N LYS A 2891 -117.22 5.65 -49.24
CA LYS A 2891 -117.47 6.01 -47.84
C LYS A 2891 -118.13 4.86 -47.11
N GLN A 2892 -119.05 4.18 -47.77
CA GLN A 2892 -119.76 3.06 -47.20
C GLN A 2892 -118.85 1.83 -47.09
N GLU A 2893 -117.95 1.67 -48.04
CA GLU A 2893 -116.99 0.58 -48.02
C GLU A 2893 -116.03 0.74 -46.84
N LEU A 2894 -115.54 1.97 -46.65
CA LEU A 2894 -114.60 2.28 -45.58
C LEU A 2894 -115.20 2.04 -44.20
N GLU A 2895 -116.44 2.50 -44.00
CA GLU A 2895 -117.12 2.33 -42.72
C GLU A 2895 -117.40 0.85 -42.43
N ALA A 2896 -117.69 0.09 -43.47
CA ALA A 2896 -117.96 -1.33 -43.33
C ALA A 2896 -116.70 -2.09 -42.95
N LYS A 2897 -115.54 -1.52 -43.26
CA LYS A 2897 -114.27 -2.20 -43.02
C LYS A 2897 -113.51 -1.63 -41.82
N GLY A 2898 -114.18 -0.78 -41.05
CA GLY A 2898 -113.61 -0.29 -39.80
C GLY A 2898 -113.25 1.18 -39.78
N GLY A 2899 -113.55 1.88 -40.86
CA GLY A 2899 -113.24 3.29 -40.95
C GLY A 2899 -111.97 3.55 -41.75
N GLY A 2900 -111.53 4.80 -41.78
CA GLY A 2900 -110.36 5.18 -42.55
C GLY A 2900 -110.67 6.27 -43.55
N THR A 2901 -109.71 6.58 -44.42
CA THR A 2901 -109.89 7.66 -45.38
C THR A 2901 -109.35 7.31 -46.77
N HIS A 2902 -109.60 8.21 -47.72
CA HIS A 2902 -109.11 8.07 -49.09
C HIS A 2902 -108.85 9.47 -49.64
N PRO A 2903 -107.68 9.67 -50.25
CA PRO A 2903 -107.27 11.01 -50.72
C PRO A 2903 -108.17 11.60 -51.80
N LEU A 2904 -108.93 10.74 -52.48
CA LEU A 2904 -109.80 11.21 -53.57
C LEU A 2904 -111.21 11.51 -53.09
N LEU A 2905 -111.44 11.40 -51.79
CA LEU A 2905 -112.74 11.74 -51.21
C LEU A 2905 -112.85 13.25 -51.02
N VAL A 2906 -112.79 13.97 -52.15
CA VAL A 2906 -112.94 15.42 -52.17
C VAL A 2906 -113.90 15.77 -53.31
N PRO A 2907 -114.46 16.98 -53.30
CA PRO A 2907 -115.35 17.37 -54.40
C PRO A 2907 -114.66 17.27 -55.77
N TYR A 2908 -115.43 16.89 -56.79
CA TYR A 2908 -114.90 16.68 -58.14
C TYR A 2908 -114.13 17.88 -58.68
N ASP A 2909 -114.63 19.08 -58.41
CA ASP A 2909 -114.02 20.29 -58.91
C ASP A 2909 -112.66 20.58 -58.29
N THR A 2910 -112.37 19.96 -57.15
CA THR A 2910 -111.10 20.17 -56.46
C THR A 2910 -110.05 19.15 -56.91
N LEU A 2911 -110.48 18.15 -57.67
CA LEU A 2911 -109.56 17.17 -58.22
C LEU A 2911 -108.62 17.83 -59.22
N THR A 2912 -107.45 17.22 -59.41
CA THR A 2912 -106.52 17.67 -60.44
C THR A 2912 -107.00 17.18 -61.80
N ALA A 2913 -106.41 17.70 -62.86
CA ALA A 2913 -106.77 17.29 -64.21
C ALA A 2913 -106.50 15.80 -64.42
N LYS A 2914 -105.40 15.33 -63.82
CA LYS A 2914 -105.04 13.92 -63.88
C LYS A 2914 -106.06 13.06 -63.16
N GLU A 2915 -106.57 13.54 -62.03
CA GLU A 2915 -107.51 12.79 -61.23
C GLU A 2915 -108.92 12.78 -61.84
N LYS A 2916 -109.18 13.75 -62.70
CA LYS A 2916 -110.49 13.83 -63.36
C LYS A 2916 -110.57 13.00 -64.64
N ALA A 2917 -109.39 12.63 -65.16
CA ALA A 2917 -109.28 12.01 -66.48
C ALA A 2917 -110.17 10.78 -66.70
N ARG A 2918 -110.17 9.87 -65.74
CA ARG A 2918 -110.90 8.62 -65.86
C ARG A 2918 -112.41 8.84 -65.96
N ASP A 2919 -112.93 9.74 -65.15
CA ASP A 2919 -114.35 10.07 -65.16
C ASP A 2919 -114.72 10.81 -66.44
N ARG A 2920 -113.81 11.68 -66.88
CA ARG A 2920 -114.03 12.45 -68.10
C ARG A 2920 -114.04 11.55 -69.32
N GLU A 2921 -113.15 10.55 -69.34
CA GLU A 2921 -113.06 9.64 -70.47
C GLU A 2921 -114.31 8.77 -70.58
N LYS A 2922 -114.85 8.34 -69.44
CA LYS A 2922 -116.06 7.53 -69.44
C LYS A 2922 -117.25 8.33 -69.97
N ALA A 2923 -117.34 9.58 -69.54
CA ALA A 2923 -118.41 10.47 -69.99
C ALA A 2923 -118.27 10.79 -71.47
N GLN A 2924 -117.03 11.00 -71.91
CA GLN A 2924 -116.75 11.29 -73.32
C GLN A 2924 -117.16 10.13 -74.21
N GLU A 2925 -116.72 8.93 -73.84
CA GLU A 2925 -116.99 7.71 -74.61
C GLU A 2925 -118.48 7.50 -74.85
N LEU A 2926 -119.30 7.75 -73.83
CA LEU A 2926 -120.74 7.59 -73.96
C LEU A 2926 -121.35 8.59 -74.93
N LEU A 2927 -120.98 9.86 -74.76
CA LEU A 2927 -121.50 10.92 -75.62
C LEU A 2927 -120.99 10.80 -77.05
N LYS A 2928 -119.78 10.29 -77.20
CA LYS A 2928 -119.20 10.08 -78.53
C LYS A 2928 -119.95 8.99 -79.28
N PHE A 2929 -120.25 7.90 -78.59
CA PHE A 2929 -120.92 6.76 -79.22
C PHE A 2929 -122.38 7.09 -79.53
N LEU A 2930 -122.99 7.92 -78.68
CA LEU A 2930 -124.33 8.42 -78.94
C LEU A 2930 -124.35 9.25 -80.22
N GLN A 2931 -123.38 10.15 -80.33
CA GLN A 2931 -123.28 11.03 -81.47
C GLN A 2931 -123.01 10.24 -82.76
N MET A 2932 -122.16 9.22 -82.66
CA MET A 2932 -121.80 8.40 -83.81
C MET A 2932 -122.99 7.59 -84.31
N ASN A 2933 -123.89 7.24 -83.39
CA ASN A 2933 -125.09 6.48 -83.75
C ASN A 2933 -126.25 7.40 -84.09
N GLY A 2934 -125.96 8.69 -84.22
CA GLY A 2934 -126.92 9.66 -84.72
C GLY A 2934 -127.84 10.29 -83.68
N TYR A 2935 -127.46 10.20 -82.41
CA TYR A 2935 -128.28 10.75 -81.34
C TYR A 2935 -127.89 12.19 -81.00
N ALA A 2936 -128.90 13.04 -80.86
CA ALA A 2936 -128.69 14.40 -80.38
C ALA A 2936 -128.97 14.48 -78.89
N VAL A 2937 -128.01 14.98 -78.13
CA VAL A 2937 -128.20 15.09 -76.68
C VAL A 2937 -128.24 16.56 -76.27
N THR A 2938 -129.40 16.98 -75.76
CA THR A 2938 -129.61 18.37 -75.37
C THR A 2938 -130.22 18.45 -73.97
N ARG A 2939 -130.17 19.63 -73.37
CA ARG A 2939 -130.78 19.85 -72.07
C ARG A 2939 -131.63 21.12 -72.04
N UNK A 2940 -88.10 24.31 -51.27
CA UNK A 2940 -89.34 24.48 -50.54
C UNK A 2940 -89.06 24.58 -49.05
N UNK A 2941 -87.88 25.08 -48.72
CA UNK A 2941 -87.45 25.14 -47.34
C UNK A 2941 -88.41 26.02 -46.55
N UNK A 2942 -88.83 27.13 -47.14
CA UNK A 2942 -89.73 28.03 -46.46
C UNK A 2942 -91.07 27.35 -46.16
N UNK A 2943 -91.57 26.60 -47.13
CA UNK A 2943 -92.84 25.90 -46.94
C UNK A 2943 -92.71 24.87 -45.83
N UNK A 2944 -91.59 24.17 -45.82
CA UNK A 2944 -91.37 23.14 -44.82
C UNK A 2944 -91.36 23.81 -43.46
N UNK A 2945 -90.71 24.97 -43.42
CA UNK A 2945 -90.59 25.73 -42.18
C UNK A 2945 -91.95 26.16 -41.69
N UNK A 2946 -92.81 26.61 -42.60
CA UNK A 2946 -94.14 27.05 -42.22
C UNK A 2946 -94.90 25.88 -41.64
N UNK A 2947 -94.78 24.72 -42.27
CA UNK A 2947 -95.50 23.57 -41.78
C UNK A 2947 -95.02 23.21 -40.37
N UNK A 2948 -93.70 23.26 -40.18
CA UNK A 2948 -93.11 22.91 -38.90
C UNK A 2948 -93.57 23.87 -37.81
N UNK A 2949 -93.63 25.15 -38.16
CA UNK A 2949 -94.06 26.18 -37.23
C UNK A 2949 -95.49 25.96 -36.83
N UNK A 2950 -96.30 25.58 -37.81
CA UNK A 2950 -97.70 25.31 -37.56
C UNK A 2950 -97.81 24.14 -36.60
N UNK A 2951 -96.97 23.14 -36.80
CA UNK A 2951 -96.95 21.97 -35.94
C UNK A 2951 -96.59 22.35 -34.51
N UNK A 2952 -95.61 23.25 -34.38
CA UNK A 2952 -95.19 23.74 -33.07
C UNK A 2952 -96.33 24.48 -32.39
N UNK A 2953 -97.05 25.28 -33.17
CA UNK A 2953 -98.18 26.03 -32.66
C UNK A 2953 -99.24 25.09 -32.17
N UNK A 2954 -99.43 24.01 -32.91
CA UNK A 2954 -100.39 22.97 -32.57
C UNK A 2954 -100.00 22.30 -31.26
N UNK A 2955 -98.71 22.08 -31.09
CA UNK A 2955 -98.17 21.50 -29.87
C UNK A 2955 -98.45 22.43 -28.70
N UNK A 2956 -98.29 23.73 -28.96
CA UNK A 2956 -98.57 24.76 -27.98
C UNK A 2956 -100.05 24.72 -27.58
N UNK A 2957 -100.92 24.54 -28.56
CA UNK A 2957 -102.35 24.44 -28.32
C UNK A 2957 -102.64 23.23 -27.46
N UNK A 2958 -101.94 22.13 -27.74
CA UNK A 2958 -102.08 20.89 -26.99
C UNK A 2958 -101.14 20.89 -25.80
N UNK A 2959 -108.89 21.45 -36.13
CA UNK A 2959 -108.49 20.96 -37.44
C UNK A 2959 -107.05 20.44 -37.43
N UNK A 2960 -106.54 20.16 -36.24
CA UNK A 2960 -105.17 19.68 -36.08
C UNK A 2960 -104.94 18.34 -36.77
N UNK A 2961 -105.91 17.44 -36.68
CA UNK A 2961 -105.82 16.14 -37.33
C UNK A 2961 -105.75 16.34 -38.83
N UNK A 2962 -106.52 17.29 -39.32
CA UNK A 2962 -106.52 17.63 -40.74
C UNK A 2962 -105.16 18.17 -41.16
N UNK A 2963 -104.57 18.98 -40.30
CA UNK A 2963 -103.26 19.54 -40.58
C UNK A 2963 -102.27 18.40 -40.67
N UNK A 2964 -102.43 17.43 -39.77
CA UNK A 2964 -101.56 16.26 -39.73
C UNK A 2964 -101.68 15.44 -41.01
N UNK A 2965 -102.90 15.29 -41.49
CA UNK A 2965 -103.14 14.58 -42.74
C UNK A 2965 -102.49 15.31 -43.91
N UNK A 2966 -102.59 16.63 -43.88
CA UNK A 2966 -101.99 17.45 -44.94
C UNK A 2966 -100.50 17.20 -44.90
N UNK A 2967 -99.96 17.13 -43.69
CA UNK A 2967 -98.54 16.90 -43.48
C UNK A 2967 -98.11 15.56 -44.01
N UNK A 2968 -98.92 14.53 -43.78
CA UNK A 2968 -98.63 13.19 -44.26
C UNK A 2968 -98.60 13.21 -45.78
N UNK A 2969 -99.56 13.93 -46.37
CA UNK A 2969 -99.64 14.02 -47.82
C UNK A 2969 -98.37 14.68 -48.36
N UNK A 2970 -97.93 15.73 -47.67
CA UNK A 2970 -96.74 16.44 -48.07
C UNK A 2970 -95.53 15.52 -48.01
N UNK A 2971 -95.46 14.72 -46.95
CA UNK A 2971 -94.34 13.83 -46.78
C UNK A 2971 -94.34 12.81 -47.92
N UNK A 2972 -95.52 12.32 -48.26
CA UNK A 2972 -95.62 11.33 -49.32
C UNK A 2972 -95.17 11.92 -50.65
N UNK A 2973 -95.58 13.16 -50.89
CA UNK A 2973 -95.24 13.84 -52.12
C UNK A 2973 -93.72 14.02 -52.20
N UNK A 2974 -93.13 14.36 -51.06
CA UNK A 2974 -91.69 14.55 -50.98
C UNK A 2974 -90.95 13.24 -51.27
N UNK A 2975 -91.50 12.15 -50.75
CA UNK A 2975 -90.92 10.83 -50.97
C UNK A 2975 -90.97 10.51 -52.45
N UNK A 2976 -92.09 10.86 -53.09
CA UNK A 2976 -92.25 10.63 -54.51
C UNK A 2976 -91.21 11.44 -55.28
N UNK A 2977 -90.99 12.66 -54.83
CA UNK A 2977 -90.02 13.55 -55.46
C UNK A 2977 -88.62 12.96 -55.35
N UNK A 2978 -88.30 12.41 -54.19
CA UNK A 2978 -86.99 11.82 -53.95
C UNK A 2978 -85.88 12.73 -54.48
N UNK A 2979 -84.31 22.03 -42.23
CA UNK A 2979 -83.91 20.78 -41.62
C UNK A 2979 -83.97 20.85 -40.11
N UNK A 2980 -83.40 21.92 -39.55
CA UNK A 2980 -83.38 22.12 -38.11
C UNK A 2980 -84.82 22.17 -37.65
N UNK A 2981 -85.64 22.79 -38.49
CA UNK A 2981 -87.06 22.83 -38.26
C UNK A 2981 -87.53 21.39 -38.24
N UNK A 2982 -86.95 20.57 -39.10
CA UNK A 2982 -87.33 19.17 -39.18
C UNK A 2982 -87.07 18.43 -37.87
N UNK A 2983 -85.92 18.70 -37.27
CA UNK A 2983 -85.55 18.13 -35.98
C UNK A 2983 -86.50 18.61 -34.88
N UNK A 2984 -86.87 19.89 -34.95
CA UNK A 2984 -87.80 20.44 -33.97
C UNK A 2984 -89.11 19.69 -34.11
N UNK A 2985 -89.50 19.45 -35.36
CA UNK A 2985 -90.73 18.78 -35.67
C UNK A 2985 -90.69 17.38 -35.10
N UNK A 2986 -89.53 16.73 -35.21
CA UNK A 2986 -89.33 15.38 -34.68
C UNK A 2986 -89.46 15.33 -33.17
N UNK A 2987 -88.91 16.32 -32.48
CA UNK A 2987 -89.08 16.38 -31.01
C UNK A 2987 -90.56 16.56 -30.67
N UNK A 2988 -91.21 17.41 -31.44
CA UNK A 2988 -92.61 17.71 -31.22
C UNK A 2988 -93.37 16.42 -31.40
N UNK A 2989 -92.90 15.64 -32.37
CA UNK A 2989 -93.43 14.33 -32.74
C UNK A 2989 -93.29 13.26 -31.65
N UNK A 2990 -92.15 13.24 -30.95
CA UNK A 2990 -92.02 12.35 -29.82
C UNK A 2990 -93.05 12.77 -28.78
N UNK A 2991 -93.20 14.09 -28.62
CA UNK A 2991 -94.19 14.59 -27.67
C UNK A 2991 -95.59 14.13 -28.09
N UNK A 2992 -95.83 14.16 -29.38
CA UNK A 2992 -97.09 13.77 -30.00
C UNK A 2992 -97.38 12.29 -29.81
N UNK A 2993 -96.34 11.47 -29.89
CA UNK A 2993 -96.44 10.04 -29.64
C UNK A 2993 -96.86 9.82 -28.20
N UNK A 2994 -96.27 10.60 -27.30
CA UNK A 2994 -96.65 10.50 -25.90
C UNK A 2994 -98.12 10.85 -25.76
N UNK A 2995 -98.52 11.88 -26.52
CA UNK A 2995 -99.90 12.35 -26.53
C UNK A 2995 -100.85 11.26 -27.03
N UNK A 2996 -100.47 10.56 -28.09
CA UNK A 2996 -101.35 9.53 -28.61
C UNK A 2996 -101.48 8.53 -27.51
N UNK A 2997 -100.35 8.20 -26.91
CA UNK A 2997 -100.26 7.10 -25.99
C UNK A 2997 -101.23 7.37 -24.85
N UNK A 2998 -101.31 8.63 -24.42
CA UNK A 2998 -102.42 8.99 -23.56
C UNK A 2998 -103.07 10.22 -24.16
N UNK A 2999 -104.16 10.05 -24.90
CA UNK A 2999 -105.45 9.51 -24.51
C UNK A 2999 -105.76 8.07 -24.88
N UNK A 3000 -104.75 7.37 -25.41
CA UNK A 3000 -104.92 6.01 -25.92
C UNK A 3000 -105.59 6.05 -27.30
N UNK A 3001 -100.26 11.30 -38.95
CA UNK A 3001 -100.05 10.35 -37.88
C UNK A 3001 -99.14 9.22 -38.33
N UNK A 3002 -99.73 8.09 -38.71
CA UNK A 3002 -98.95 6.95 -39.16
C UNK A 3002 -98.20 7.38 -40.40
N UNK A 3003 -98.87 8.20 -41.20
CA UNK A 3003 -98.28 8.75 -42.40
C UNK A 3003 -97.09 9.60 -41.96
N UNK A 3004 -97.27 10.32 -40.85
CA UNK A 3004 -96.18 11.17 -40.37
C UNK A 3004 -94.96 10.33 -40.02
N UNK A 3005 -95.18 9.19 -39.36
CA UNK A 3005 -94.09 8.30 -39.01
C UNK A 3005 -93.39 7.73 -40.25
N UNK A 3006 -94.17 7.35 -41.25
CA UNK A 3006 -93.58 6.82 -42.48
C UNK A 3006 -92.74 7.90 -43.15
N UNK A 3007 -93.26 9.11 -43.13
CA UNK A 3007 -92.61 10.25 -43.73
C UNK A 3007 -91.30 10.49 -43.02
N UNK A 3008 -91.33 10.33 -41.71
CA UNK A 3008 -90.15 10.50 -40.89
C UNK A 3008 -89.09 9.48 -41.27
N UNK A 3009 -89.49 8.24 -41.49
CA UNK A 3009 -88.54 7.23 -41.92
C UNK A 3009 -87.92 7.57 -43.29
N UNK A 3010 -88.76 8.03 -44.20
CA UNK A 3010 -88.26 8.40 -45.52
C UNK A 3010 -87.27 9.55 -45.38
N UNK A 3011 -87.61 10.46 -44.49
CA UNK A 3011 -86.84 11.65 -44.20
C UNK A 3011 -85.49 11.26 -43.64
N UNK A 3012 -85.50 10.24 -42.80
CA UNK A 3012 -84.29 9.68 -42.22
C UNK A 3012 -83.39 9.11 -43.29
N UNK A 3013 -83.96 8.40 -44.25
CA UNK A 3013 -83.15 7.90 -45.34
C UNK A 3013 -82.54 9.08 -46.10
N UNK A 3014 -83.35 10.11 -46.30
CA UNK A 3014 -82.90 11.29 -47.02
C UNK A 3014 -81.76 11.96 -46.28
N UNK A 3015 -81.86 12.00 -44.95
CA UNK A 3015 -80.88 12.57 -44.06
C UNK A 3015 -79.57 11.81 -44.09
N UNK A 3016 -79.67 10.49 -44.13
CA UNK A 3016 -78.48 9.66 -44.22
C UNK A 3016 -77.80 10.01 -45.51
N UNK A 3017 -78.61 10.22 -46.55
CA UNK A 3017 -78.09 10.61 -47.84
C UNK A 3017 -77.38 11.98 -47.81
N UNK A 3018 -77.98 12.93 -47.11
CA UNK A 3018 -77.44 14.27 -47.01
C UNK A 3018 -76.20 14.26 -46.13
N UNK A 3019 -70.25 15.00 -35.89
CA UNK A 3019 -70.34 14.58 -34.50
C UNK A 3019 -71.63 15.10 -33.87
N UNK A 3020 -71.86 16.38 -34.11
CA UNK A 3020 -73.05 17.08 -33.61
C UNK A 3020 -74.32 16.38 -34.10
N UNK A 3021 -74.35 16.19 -35.41
CA UNK A 3021 -75.46 15.60 -36.12
C UNK A 3021 -75.60 14.19 -35.62
N UNK A 3022 -74.47 13.52 -35.43
CA UNK A 3022 -74.52 12.24 -34.80
C UNK A 3022 -75.07 12.48 -33.40
N UNK A 3023 -74.53 13.48 -32.72
CA UNK A 3023 -74.96 13.77 -31.35
C UNK A 3023 -76.42 14.21 -31.21
N UNK A 3024 -76.83 15.11 -32.10
CA UNK A 3024 -78.19 15.60 -32.05
C UNK A 3024 -79.09 14.42 -32.34
N UNK A 3025 -78.65 13.60 -33.28
CA UNK A 3025 -79.46 12.49 -33.71
C UNK A 3025 -79.65 11.57 -32.55
N UNK A 3026 -78.57 11.34 -31.80
CA UNK A 3026 -78.60 10.44 -30.66
C UNK A 3026 -79.54 10.96 -29.59
N UNK A 3027 -79.48 12.25 -29.33
CA UNK A 3027 -80.37 12.81 -28.30
C UNK A 3027 -81.82 12.60 -28.72
N UNK A 3028 -82.08 12.86 -30.00
CA UNK A 3028 -83.43 12.77 -30.50
C UNK A 3028 -83.90 11.33 -30.35
N UNK A 3029 -83.01 10.41 -30.68
CA UNK A 3029 -83.31 9.00 -30.65
C UNK A 3029 -83.63 8.57 -29.25
N UNK A 3030 -82.85 9.06 -28.29
CA UNK A 3030 -83.08 8.70 -26.90
C UNK A 3030 -84.45 9.18 -26.46
N UNK A 3031 -84.80 10.40 -26.84
CA UNK A 3031 -86.08 10.93 -26.42
C UNK A 3031 -87.18 10.06 -27.02
N UNK A 3032 -87.00 9.71 -28.29
CA UNK A 3032 -88.00 8.93 -29.00
C UNK A 3032 -88.18 7.57 -28.36
N UNK A 3033 -87.07 6.97 -27.95
CA UNK A 3033 -87.07 5.67 -27.31
C UNK A 3033 -87.80 5.72 -25.98
N UNK A 3034 -87.57 6.80 -25.23
CA UNK A 3034 -88.25 6.95 -23.97
C UNK A 3034 -89.74 7.04 -24.24
N UNK A 3035 -90.11 7.78 -25.28
CA UNK A 3035 -91.51 7.95 -25.63
C UNK A 3035 -92.14 6.60 -25.98
N UNK A 3036 -91.40 5.80 -26.76
CA UNK A 3036 -91.89 4.50 -27.18
C UNK A 3036 -92.09 3.61 -25.97
N UNK A 3037 -91.15 3.70 -25.04
CA UNK A 3037 -91.16 2.88 -23.84
C UNK A 3037 -91.11 3.77 -22.60
N UNK A 3038 -89.44 -0.08 -35.22
CA UNK A 3038 -88.63 -0.93 -36.07
C UNK A 3038 -87.65 -0.11 -36.90
N UNK A 3039 -88.20 0.66 -37.82
CA UNK A 3039 -87.38 1.50 -38.71
C UNK A 3039 -86.62 2.47 -37.83
N UNK A 3040 -87.29 2.97 -36.81
CA UNK A 3040 -86.66 3.88 -35.89
C UNK A 3040 -85.49 3.13 -35.25
N UNK A 3041 -85.70 1.87 -34.94
CA UNK A 3041 -84.66 1.05 -34.32
C UNK A 3041 -83.42 0.88 -35.21
N UNK A 3042 -83.64 0.66 -36.49
CA UNK A 3042 -82.56 0.56 -37.48
C UNK A 3042 -81.81 1.89 -37.61
N UNK A 3043 -82.58 2.96 -37.57
CA UNK A 3043 -82.03 4.29 -37.67
C UNK A 3043 -81.14 4.43 -36.46
N UNK A 3044 -81.62 3.90 -35.35
CA UNK A 3044 -80.95 3.87 -34.07
C UNK A 3044 -79.63 3.11 -34.08
N UNK A 3045 -79.57 1.98 -34.80
CA UNK A 3045 -78.31 1.26 -35.03
C UNK A 3045 -77.31 2.06 -35.87
N UNK A 3046 -77.84 2.73 -36.89
CA UNK A 3046 -76.98 3.60 -37.69
C UNK A 3046 -76.44 4.64 -36.72
N UNK A 3047 -77.32 5.03 -35.81
CA UNK A 3047 -77.11 5.99 -34.75
C UNK A 3047 -76.05 5.60 -33.71
N UNK A 3048 -75.97 4.31 -33.37
CA UNK A 3048 -74.91 3.73 -32.55
C UNK A 3048 -73.56 3.80 -33.27
N UNK A 3049 -73.60 3.56 -34.57
CA UNK A 3049 -72.38 3.78 -35.35
C UNK A 3049 -72.02 5.26 -35.22
N UNK A 3050 -73.06 6.08 -35.29
CA UNK A 3050 -72.96 7.52 -35.18
C UNK A 3050 -72.42 7.94 -33.83
N UNK A 3051 -72.74 7.14 -32.81
CA UNK A 3051 -72.28 7.17 -31.41
C UNK A 3051 -70.80 6.85 -31.19
N UNK A 3052 -70.26 5.89 -31.93
CA UNK A 3052 -68.82 5.74 -31.96
C UNK A 3052 -68.29 7.04 -32.56
N UNK A 3053 -69.03 7.52 -33.55
CA UNK A 3053 -68.72 8.77 -34.21
C UNK A 3053 -68.74 9.90 -33.19
N UNK A 3054 -69.67 9.79 -32.25
CA UNK A 3054 -69.91 10.68 -31.12
C UNK A 3054 -68.80 10.68 -30.09
N UNK A 3055 -68.21 9.53 -29.83
CA UNK A 3055 -67.04 9.49 -28.98
C UNK A 3055 -65.99 10.31 -29.70
N UNK A 3056 -65.94 10.12 -31.02
CA UNK A 3056 -65.00 10.90 -31.83
C UNK A 3056 -65.29 12.40 -31.76
N UNK A 3057 -66.57 12.74 -31.79
CA UNK A 3057 -67.06 14.11 -31.74
C UNK A 3057 -66.69 14.73 -30.42
N UNK A 3058 -66.75 13.92 -29.38
CA UNK A 3058 -66.38 14.30 -28.03
C UNK A 3058 -64.91 14.62 -27.97
N UNK A 3059 -64.10 13.82 -28.65
CA UNK A 3059 -62.68 14.11 -28.75
C UNK A 3059 -62.48 15.44 -29.46
N UNK A 3060 -63.28 15.66 -30.50
CA UNK A 3060 -63.25 16.90 -31.26
C UNK A 3060 -63.61 18.09 -30.38
N UNK A 3061 -64.57 17.87 -29.50
CA UNK A 3061 -65.03 18.85 -28.53
C UNK A 3061 -63.92 19.17 -27.55
N UNK A 3062 -63.19 18.15 -27.14
CA UNK A 3062 -62.09 18.35 -26.22
C UNK A 3062 -61.09 19.22 -26.94
N UNK A 3063 -60.90 18.95 -28.23
CA UNK A 3063 -59.98 19.74 -29.03
C UNK A 3063 -60.39 21.21 -29.12
N UNK A 3064 -61.68 21.45 -29.33
CA UNK A 3064 -62.18 22.82 -29.46
C UNK A 3064 -63.61 22.83 -29.99
N UNK A 3065 -69.40 29.74 -29.33
CA UNK A 3065 -69.69 29.71 -30.76
C UNK A 3065 -70.65 28.58 -31.09
N UNK A 3066 -71.24 28.65 -32.28
CA UNK A 3066 -72.23 27.65 -32.66
C UNK A 3066 -71.65 26.25 -32.73
N UNK A 3067 -70.48 26.11 -33.34
CA UNK A 3067 -69.93 24.77 -33.51
C UNK A 3067 -69.66 24.15 -32.16
N UNK A 3068 -69.04 24.93 -31.28
CA UNK A 3068 -68.68 24.42 -29.97
C UNK A 3068 -69.95 24.07 -29.23
N UNK A 3069 -70.93 24.94 -29.34
CA UNK A 3069 -72.15 24.77 -28.60
C UNK A 3069 -72.81 23.48 -29.03
N UNK A 3070 -72.84 23.28 -30.34
CA UNK A 3070 -73.51 22.14 -30.90
C UNK A 3070 -72.81 20.89 -30.41
N UNK A 3071 -71.49 20.89 -30.43
CA UNK A 3071 -70.77 19.70 -30.04
C UNK A 3071 -71.04 19.36 -28.58
N UNK A 3072 -71.04 20.37 -27.73
CA UNK A 3072 -71.26 20.12 -26.31
C UNK A 3072 -72.66 19.57 -26.08
N UNK A 3073 -73.63 20.18 -26.76
CA UNK A 3073 -75.00 19.81 -26.52
C UNK A 3073 -75.12 18.37 -26.93
N UNK A 3074 -74.51 18.06 -28.07
CA UNK A 3074 -74.67 16.74 -28.63
C UNK A 3074 -74.10 15.75 -27.67
N UNK A 3075 -72.91 16.02 -27.13
CA UNK A 3075 -72.30 15.05 -26.25
C UNK A 3075 -73.15 14.80 -25.01
N UNK A 3076 -73.65 15.87 -24.40
CA UNK A 3076 -74.41 15.67 -23.18
C UNK A 3076 -75.64 14.86 -23.50
N UNK A 3077 -76.29 15.24 -24.59
CA UNK A 3077 -77.56 14.66 -24.91
C UNK A 3077 -77.34 13.20 -25.15
N UNK A 3078 -76.26 12.90 -25.86
CA UNK A 3078 -75.96 11.54 -26.25
C UNK A 3078 -75.69 10.64 -25.07
N UNK A 3079 -74.92 11.14 -24.10
CA UNK A 3079 -74.61 10.29 -22.95
C UNK A 3079 -75.93 10.02 -22.24
N UNK A 3080 -76.73 11.07 -22.11
CA UNK A 3080 -77.95 10.94 -21.33
C UNK A 3080 -78.82 9.92 -22.02
N UNK A 3081 -78.85 10.02 -23.34
CA UNK A 3081 -79.68 9.20 -24.20
C UNK A 3081 -79.29 7.75 -24.16
N UNK A 3082 -78.00 7.46 -24.12
CA UNK A 3082 -77.52 6.09 -24.00
C UNK A 3082 -77.93 5.48 -22.67
N UNK A 3083 -77.81 6.29 -21.63
CA UNK A 3083 -78.21 5.80 -20.32
C UNK A 3083 -79.69 5.48 -20.41
N UNK A 3084 -80.39 6.40 -21.07
CA UNK A 3084 -81.83 6.33 -21.16
C UNK A 3084 -82.19 5.07 -21.88
N UNK A 3085 -81.44 4.74 -22.92
CA UNK A 3085 -81.64 3.57 -23.75
C UNK A 3085 -81.45 2.24 -23.02
N UNK A 3086 -80.43 2.13 -22.16
CA UNK A 3086 -80.34 0.90 -21.35
C UNK A 3086 -81.54 0.83 -20.39
N UNK A 3087 -81.78 2.00 -19.82
CA UNK A 3087 -82.86 2.12 -18.86
C UNK A 3087 -84.16 1.80 -19.57
N UNK A 3088 -84.14 1.94 -20.88
CA UNK A 3088 -85.30 1.90 -21.76
C UNK A 3088 -85.43 0.62 -22.54
N UNK A 3089 -84.46 -0.26 -22.45
CA UNK A 3089 -84.67 -1.69 -22.57
C UNK A 3089 -85.53 -2.00 -21.35
N UNK A 3090 -85.13 -1.41 -20.22
CA UNK A 3090 -86.01 -1.53 -19.08
C UNK A 3090 -87.35 -0.87 -19.43
N UNK A 3091 -87.27 0.22 -20.20
CA UNK A 3091 -88.45 0.98 -20.60
C UNK A 3091 -89.36 0.16 -21.49
N UNK A 3092 -88.77 -0.65 -22.36
CA UNK A 3092 -89.52 -1.53 -23.24
C UNK A 3092 -90.25 -2.53 -22.39
N UNK A 3093 -89.57 -3.04 -21.36
CA UNK A 3093 -90.26 -3.97 -20.48
C UNK A 3093 -91.45 -3.26 -19.82
N UNK A 3094 -91.22 -2.02 -19.40
CA UNK A 3094 -92.25 -1.22 -18.76
C UNK A 3094 -93.43 -0.97 -19.69
N UNK A 3095 -93.10 -0.72 -20.95
CA UNK A 3095 -94.05 -0.45 -22.02
C UNK A 3095 -94.90 -1.67 -22.24
N UNK A 3096 -94.27 -2.83 -22.21
CA UNK A 3096 -94.98 -4.08 -22.37
C UNK A 3096 -95.97 -4.20 -21.22
N UNK A 3097 -95.52 -3.85 -20.02
CA UNK A 3097 -96.40 -3.90 -18.86
C UNK A 3097 -97.59 -2.96 -19.04
N UNK A 3098 -97.34 -1.76 -19.54
CA UNK A 3098 -98.41 -0.78 -19.76
C UNK A 3098 -99.41 -1.29 -20.78
N UNK A 3099 -98.87 -1.93 -21.83
CA UNK A 3099 -99.68 -2.49 -22.90
C UNK A 3099 -100.58 -3.58 -22.37
N UNK A 3100 -100.04 -4.38 -21.46
CA UNK A 3100 -100.80 -5.46 -20.86
C UNK A 3100 -102.16 -4.95 -20.40
N UNK A 3101 -85.40 -6.80 -2.04
CA UNK A 3101 -85.27 -6.03 -3.27
C UNK A 3101 -84.96 -6.96 -4.45
N UNK A 3102 -83.75 -7.50 -4.48
CA UNK A 3102 -83.35 -8.40 -5.54
C UNK A 3102 -84.24 -9.63 -5.51
N UNK A 3103 -84.54 -10.09 -4.32
CA UNK A 3103 -85.43 -11.23 -4.14
C UNK A 3103 -86.81 -10.90 -4.67
N UNK A 3104 -87.26 -9.68 -4.41
CA UNK A 3104 -88.55 -9.24 -4.89
C UNK A 3104 -88.57 -9.27 -6.41
N UNK A 3105 -87.46 -8.84 -7.00
CA UNK A 3105 -87.28 -8.84 -8.44
C UNK A 3105 -87.31 -10.25 -9.02
N UNK A 3106 -86.69 -11.18 -8.32
CA UNK A 3106 -86.72 -12.59 -8.72
C UNK A 3106 -88.14 -13.09 -8.70
N UNK A 3107 -88.88 -12.67 -7.68
CA UNK A 3107 -90.28 -13.03 -7.55
C UNK A 3107 -91.09 -12.48 -8.72
N UNK A 3108 -90.78 -11.26 -9.10
CA UNK A 3108 -91.42 -10.62 -10.23
C UNK A 3108 -91.13 -11.37 -11.52
N UNK A 3109 -89.89 -11.83 -11.64
CA UNK A 3109 -89.47 -12.60 -12.81
C UNK A 3109 -90.27 -13.89 -12.86
N UNK A 3110 -90.46 -14.50 -11.71
CA UNK A 3110 -91.24 -15.72 -11.60
C UNK A 3110 -92.69 -15.47 -12.01
N UNK A 3111 -93.23 -14.33 -11.59
CA UNK A 3111 -94.62 -13.97 -11.90
C UNK A 3111 -94.77 -13.63 -13.38
N UNK A 3112 -93.13 -9.05 -26.31
CA UNK A 3112 -92.84 -9.30 -24.91
C UNK A 3112 -91.39 -9.74 -24.73
N UNK A 3113 -91.18 -11.04 -24.48
CA UNK A 3113 -89.85 -11.59 -24.37
C UNK A 3113 -89.14 -11.42 -25.71
N UNK A 3114 -89.88 -11.63 -26.78
CA UNK A 3114 -89.39 -11.44 -28.14
C UNK A 3114 -89.01 -9.98 -28.36
N UNK A 3115 -89.82 -9.07 -27.83
CA UNK A 3115 -89.56 -7.65 -27.93
C UNK A 3115 -88.24 -7.34 -27.23
N UNK A 3116 -88.04 -7.98 -26.08
CA UNK A 3116 -86.82 -7.85 -25.32
C UNK A 3116 -85.62 -8.35 -26.11
N UNK A 3117 -85.80 -9.47 -26.81
CA UNK A 3117 -84.76 -10.02 -27.66
C UNK A 3117 -84.42 -9.03 -28.78
N UNK A 3118 -85.46 -8.39 -29.33
CA UNK A 3118 -85.29 -7.40 -30.37
C UNK A 3118 -84.49 -6.21 -29.84
N UNK A 3119 -84.78 -5.82 -28.61
CA UNK A 3119 -84.08 -4.73 -27.97
C UNK A 3119 -82.61 -5.10 -27.79
N UNK A 3120 -82.37 -6.35 -27.42
CA UNK A 3120 -81.03 -6.85 -27.25
C UNK A 3120 -80.28 -6.78 -28.57
N UNK A 3121 -80.99 -7.12 -29.64
CA UNK A 3121 -80.44 -7.08 -30.99
C UNK A 3121 -80.07 -5.65 -31.36
N UNK A 3122 -80.93 -4.71 -31.01
CA UNK A 3122 -80.65 -3.30 -31.27
C UNK A 3122 -79.41 -2.85 -30.52
N UNK A 3123 -79.28 -3.33 -29.29
CA UNK A 3123 -78.10 -3.03 -28.47
C UNK A 3123 -76.83 -3.58 -29.10
N UNK A 3124 -76.93 -4.79 -29.63
CA UNK A 3124 -75.79 -5.46 -30.23
C UNK A 3124 -74.87 -6.02 -29.15
N UNK A 3125 -68.88 -5.36 -20.76
CA UNK A 3125 -68.35 -4.09 -21.26
C UNK A 3125 -68.88 -2.91 -20.46
N UNK A 3126 -69.80 -3.18 -19.54
CA UNK A 3126 -70.42 -2.11 -18.77
C UNK A 3126 -69.49 -1.29 -17.87
N UNK A 3127 -68.62 -1.94 -17.11
CA UNK A 3127 -67.72 -1.22 -16.20
C UNK A 3127 -66.67 -0.34 -16.88
N UNK A 3128 -66.07 -0.88 -17.94
CA UNK A 3128 -65.14 -0.15 -18.77
C UNK A 3128 -65.89 0.98 -19.45
N UNK A 3129 -67.12 0.67 -19.84
CA UNK A 3129 -67.96 1.64 -20.53
C UNK A 3129 -68.14 2.78 -19.56
N UNK A 3130 -68.30 2.41 -18.31
CA UNK A 3130 -68.46 3.30 -17.16
C UNK A 3130 -67.25 4.20 -16.91
N UNK A 3131 -66.04 3.66 -17.07
CA UNK A 3131 -64.81 4.48 -17.05
C UNK A 3131 -64.75 5.48 -18.21
N UNK A 3132 -65.19 5.02 -19.38
CA UNK A 3132 -65.28 5.90 -20.54
C UNK A 3132 -66.28 6.98 -20.17
N UNK A 3133 -67.30 6.55 -19.43
CA UNK A 3133 -68.39 7.36 -18.94
C UNK A 3133 -67.90 8.41 -17.99
N UNK A 3134 -66.94 8.06 -17.15
CA UNK A 3134 -66.29 8.98 -16.25
C UNK A 3134 -65.55 10.04 -17.04
N UNK A 3135 -64.88 9.64 -18.12
CA UNK A 3135 -64.23 10.64 -18.96
C UNK A 3135 -65.30 11.58 -19.52
N UNK A 3136 -66.42 10.98 -19.94
CA UNK A 3136 -67.53 11.73 -20.51
C UNK A 3136 -68.10 12.70 -19.49
N UNK A 3137 -68.15 12.25 -18.25
CA UNK A 3137 -68.66 13.01 -17.12
C UNK A 3137 -67.78 14.20 -16.84
N UNK A 3138 -66.47 14.01 -16.97
CA UNK A 3138 -65.55 15.12 -16.82
C UNK A 3138 -65.83 16.14 -17.91
N UNK A 3139 -66.08 15.64 -19.12
CA UNK A 3139 -66.41 16.55 -20.21
C UNK A 3139 -67.71 17.31 -19.89
N UNK A 3140 -68.65 16.60 -19.29
CA UNK A 3140 -69.94 17.13 -18.87
C UNK A 3140 -69.80 18.21 -17.81
N UNK A 3141 -68.86 18.01 -16.90
CA UNK A 3141 -68.53 18.98 -15.88
C UNK A 3141 -67.98 20.22 -16.54
N UNK A 3142 -67.17 19.99 -17.56
CA UNK A 3142 -66.63 21.10 -18.34
C UNK A 3142 -67.78 21.87 -18.97
N UNK A 3143 -68.77 21.13 -19.45
CA UNK A 3143 -69.94 21.73 -20.09
C UNK A 3143 -70.87 22.51 -19.16
N UNK A 3144 -71.63 21.97 -19.73
CA UNK A 3144 -72.83 22.66 -19.32
C UNK A 3144 -72.36 23.89 -18.60
N UNK A 3145 -75.97 21.97 -21.83
CA UNK A 3145 -77.01 22.99 -21.75
C UNK A 3145 -77.87 22.80 -20.50
N UNK A 3146 -78.92 23.60 -20.37
CA UNK A 3146 -79.91 23.39 -19.33
C UNK A 3146 -80.40 21.97 -19.54
N UNK A 3147 -80.49 21.60 -20.82
CA UNK A 3147 -80.85 20.25 -21.22
C UNK A 3147 -79.77 19.32 -20.69
N UNK A 3148 -78.52 19.78 -20.72
CA UNK A 3148 -77.42 18.96 -20.22
C UNK A 3148 -77.61 18.67 -18.74
N UNK A 3149 -78.03 19.69 -17.98
CA UNK A 3149 -78.30 19.52 -16.56
C UNK A 3149 -79.44 18.54 -16.31
N UNK A 3150 -80.48 18.64 -17.13
CA UNK A 3150 -81.62 17.74 -17.01
C UNK A 3150 -81.15 16.32 -17.26
N UNK A 3151 -80.27 16.18 -18.23
CA UNK A 3151 -79.68 14.89 -18.61
C UNK A 3151 -78.84 14.32 -17.48
N UNK A 3152 -78.11 15.17 -16.75
CA UNK A 3152 -77.36 14.76 -15.57
C UNK A 3152 -78.31 14.25 -14.49
N UNK A 3153 -79.43 14.93 -14.35
CA UNK A 3153 -80.47 14.51 -13.42
C UNK A 3153 -80.96 13.13 -13.84
N UNK A 3154 -81.08 12.96 -15.14
CA UNK A 3154 -81.48 11.71 -15.77
C UNK A 3154 -80.48 10.59 -15.53
N UNK A 3155 -79.20 10.92 -15.55
CA UNK A 3155 -78.14 9.97 -15.28
C UNK A 3155 -78.32 9.53 -13.87
N UNK A 3156 -78.64 10.48 -13.00
CA UNK A 3156 -78.87 10.15 -11.59
C UNK A 3156 -80.06 9.20 -11.46
N UNK A 3157 -81.11 9.46 -12.22
CA UNK A 3157 -82.31 8.61 -12.23
C UNK A 3157 -82.01 7.19 -12.72
N UNK A 3158 -81.16 7.10 -13.73
CA UNK A 3158 -80.73 5.80 -14.25
C UNK A 3158 -79.93 5.06 -13.20
N UNK A 3159 -79.09 5.79 -12.49
CA UNK A 3159 -78.25 5.21 -11.46
C UNK A 3159 -79.22 4.63 -10.46
N UNK A 3160 -80.30 5.36 -10.23
CA UNK A 3160 -81.44 4.85 -9.48
C UNK A 3160 -82.13 3.77 -10.30
N UNK A 3161 -79.62 -8.52 -15.95
CA UNK A 3161 -80.10 -9.24 -14.77
C UNK A 3161 -79.44 -8.71 -13.50
N UNK A 3162 -79.25 -9.59 -12.53
CA UNK A 3162 -78.70 -9.20 -11.24
C UNK A 3162 -77.28 -8.64 -11.37
N UNK A 3163 -76.49 -9.28 -12.22
CA UNK A 3163 -75.13 -8.82 -12.44
C UNK A 3163 -75.20 -7.42 -13.03
N UNK A 3164 -76.15 -7.22 -13.94
CA UNK A 3164 -76.29 -5.94 -14.60
C UNK A 3164 -76.64 -4.85 -13.59
N UNK A 3165 -77.55 -5.17 -12.67
CA UNK A 3165 -77.95 -4.20 -11.66
C UNK A 3165 -76.76 -3.84 -10.78
N UNK A 3166 -75.97 -4.86 -10.44
CA UNK A 3166 -74.78 -4.64 -9.61
C UNK A 3166 -73.79 -3.73 -10.32
N UNK A 3167 -73.61 -3.96 -11.61
CA UNK A 3167 -72.69 -3.17 -12.38
C UNK A 3167 -73.16 -1.73 -12.36
N UNK A 3168 -74.46 -1.54 -12.52
CA UNK A 3168 -75.00 -0.19 -12.54
C UNK A 3168 -74.75 0.52 -11.21
N UNK A 3169 -74.96 -0.20 -10.12
CA UNK A 3169 -74.75 0.41 -8.80
C UNK A 3169 -73.29 0.79 -8.62
N UNK A 3170 -72.40 -0.07 -9.08
CA UNK A 3170 -70.96 0.17 -9.00
C UNK A 3170 -70.58 1.39 -9.82
N UNK A 3171 -71.21 1.51 -10.98
CA UNK A 3171 -70.98 2.62 -11.88
C UNK A 3171 -71.39 3.85 -11.14
N UNK A 3172 -72.51 3.74 -10.44
CA UNK A 3172 -73.06 4.82 -9.64
C UNK A 3172 -72.12 5.28 -8.54
N UNK A 3173 -71.49 4.33 -7.84
CA UNK A 3173 -70.51 4.67 -6.82
C UNK A 3173 -69.29 5.38 -7.40
N UNK A 3174 -68.87 4.89 -8.56
CA UNK A 3174 -67.73 5.49 -9.22
C UNK A 3174 -68.13 6.92 -9.54
N UNK A 3175 -69.37 7.03 -9.99
CA UNK A 3175 -69.91 8.28 -10.47
C UNK A 3175 -69.87 9.22 -9.30
N UNK A 3176 -70.21 8.70 -8.13
CA UNK A 3176 -70.22 9.44 -6.87
C UNK A 3176 -68.87 9.98 -6.39
N UNK A 3177 -67.78 9.22 -6.52
CA UNK A 3177 -66.46 9.83 -6.25
C UNK A 3177 -66.13 10.91 -7.31
N UNK A 3178 -66.43 10.51 -8.53
CA UNK A 3178 -66.18 11.41 -9.63
C UNK A 3178 -67.07 12.62 -9.42
N UNK A 3179 -68.05 12.49 -8.52
CA UNK A 3179 -69.14 13.41 -8.32
C UNK A 3179 -69.11 14.12 -6.99
N UNK A 3180 -68.10 13.86 -6.19
CA UNK A 3180 -67.45 14.83 -5.36
C UNK A 3180 -66.85 15.80 -6.36
N UNK A 3181 -66.26 15.21 -7.42
CA UNK A 3181 -65.91 16.09 -8.52
C UNK A 3181 -67.20 16.70 -9.11
N UNK A 3182 -68.29 15.91 -9.13
CA UNK A 3182 -69.55 16.41 -9.65
C UNK A 3182 -70.10 17.50 -8.78
N UNK A 3183 -69.79 17.44 -7.50
CA UNK A 3183 -70.22 18.43 -6.54
C UNK A 3183 -69.57 19.73 -6.93
N UNK A 3184 -68.28 19.67 -7.24
CA UNK A 3184 -67.63 20.90 -7.65
C UNK A 3184 -68.35 21.40 -8.90
N UNK A 3185 -68.63 20.48 -9.80
CA UNK A 3185 -69.24 20.85 -11.08
C UNK A 3185 -70.62 21.48 -10.92
N UNK A 3186 -71.41 20.92 -10.00
CA UNK A 3186 -72.76 21.34 -9.67
C UNK A 3186 -72.77 22.71 -9.05
N UNK A 3187 -71.78 22.97 -8.21
CA UNK A 3187 -71.68 24.27 -7.60
C UNK A 3187 -71.47 25.22 -8.75
N UNK A 3188 -70.63 24.81 -9.68
CA UNK A 3188 -70.36 25.64 -10.85
C UNK A 3188 -71.63 25.90 -11.67
N UNK A 3189 -72.43 24.86 -11.86
CA UNK A 3189 -73.67 24.97 -12.62
C UNK A 3189 -74.66 25.91 -11.95
N UNK A 3190 -74.76 25.84 -10.63
CA UNK A 3190 -75.74 26.65 -9.93
C UNK A 3190 -75.05 27.53 -8.90
N UNK A 3191 -82.17 26.82 -12.25
CA UNK A 3191 -82.21 25.68 -13.16
C UNK A 3191 -81.19 24.63 -12.75
N UNK A 3192 -79.92 25.04 -12.68
CA UNK A 3192 -78.85 24.14 -12.28
C UNK A 3192 -79.14 23.69 -10.85
N UNK A 3193 -79.58 24.66 -10.06
CA UNK A 3193 -79.96 24.40 -8.69
C UNK A 3193 -81.12 23.43 -8.70
N UNK A 3194 -82.03 23.60 -9.66
CA UNK A 3194 -83.19 22.74 -9.74
C UNK A 3194 -82.77 21.30 -9.97
N UNK A 3195 -81.81 21.11 -10.86
CA UNK A 3195 -81.32 19.78 -11.15
C UNK A 3195 -80.65 19.19 -9.91
N UNK A 3196 -79.89 20.00 -9.20
CA UNK A 3196 -79.23 19.50 -8.00
C UNK A 3196 -80.28 19.05 -7.00
N UNK A 3197 -81.33 19.85 -6.87
CA UNK A 3197 -82.40 19.58 -5.93
C UNK A 3197 -83.12 18.28 -6.29
N UNK A 3198 -83.35 18.09 -7.58
CA UNK A 3198 -84.00 16.88 -8.05
C UNK A 3198 -83.15 15.66 -7.73
N UNK A 3199 -81.84 15.80 -7.91
CA UNK A 3199 -80.92 14.70 -7.61
C UNK A 3199 -80.99 14.37 -6.13
N UNK A 3200 -81.06 15.41 -5.31
CA UNK A 3200 -81.15 15.25 -3.87
C UNK A 3200 -82.43 14.51 -3.53
N UNK A 3201 -83.50 14.86 -4.22
CA UNK A 3201 -84.80 14.23 -4.02
C UNK A 3201 -84.75 12.75 -4.37
N UNK A 3202 -84.06 12.44 -5.46
CA UNK A 3202 -83.91 11.06 -5.88
C UNK A 3202 -83.16 10.29 -4.82
N UNK A 3203 -82.12 10.93 -4.28
CA UNK A 3203 -81.31 10.33 -3.22
C UNK A 3203 -80.05 11.15 -3.03
N UNK A 3204 -75.36 6.65 -0.68
CA UNK A 3204 -74.50 7.80 -0.89
C UNK A 3204 -74.91 8.92 0.04
N UNK A 3205 -75.04 8.58 1.31
CA UNK A 3205 -75.59 9.52 2.28
C UNK A 3205 -74.77 10.79 2.45
N UNK A 3206 -73.44 10.66 2.52
CA UNK A 3206 -72.58 11.82 2.71
C UNK A 3206 -72.62 12.79 1.54
N UNK A 3207 -72.59 12.23 0.35
CA UNK A 3207 -72.63 13.01 -0.86
C UNK A 3207 -73.96 13.71 -0.82
N UNK A 3208 -74.97 12.96 -0.40
CA UNK A 3208 -76.32 13.46 -0.39
C UNK A 3208 -76.38 14.66 0.52
N UNK A 3209 -75.78 14.56 1.69
CA UNK A 3209 -75.78 15.65 2.66
C UNK A 3209 -75.10 16.90 2.12
N UNK A 3210 -73.95 16.74 1.47
CA UNK A 3210 -73.27 17.93 0.94
C UNK A 3210 -74.11 18.59 -0.13
N UNK A 3211 -74.70 17.73 -0.95
CA UNK A 3211 -75.50 18.19 -2.06
C UNK A 3211 -76.68 18.95 -1.50
N UNK A 3212 -77.19 18.44 -0.39
CA UNK A 3212 -78.32 19.00 0.34
C UNK A 3212 -78.02 20.36 0.92
N UNK A 3213 -76.83 20.55 1.45
CA UNK A 3213 -76.44 21.86 1.92
C UNK A 3213 -76.48 22.80 0.73
N UNK A 3214 -75.96 22.32 -0.40
CA UNK A 3214 -75.96 23.16 -1.59
C UNK A 3214 -77.40 23.54 -2.00
N UNK A 3215 -78.28 22.54 -1.92
CA UNK A 3215 -79.67 22.69 -2.29
C UNK A 3215 -80.39 23.66 -1.39
N UNK A 3216 -80.04 23.62 -0.12
CA UNK A 3216 -80.60 24.50 0.88
C UNK A 3216 -80.19 25.93 0.56
N UNK A 3217 -78.93 26.10 0.18
CA UNK A 3217 -78.45 27.42 -0.16
C UNK A 3217 -79.31 27.89 -1.32
N UNK A 3218 -79.57 26.96 -2.21
CA UNK A 3218 -80.51 27.20 -3.30
C UNK A 3218 -81.96 27.31 -2.84
N UNK A 3219 -86.87 27.92 -3.80
CA UNK A 3219 -87.06 27.15 -2.58
C UNK A 3219 -88.23 26.17 -2.72
N UNK A 3220 -89.03 26.34 -3.76
CA UNK A 3220 -90.14 25.44 -4.02
C UNK A 3220 -89.61 24.03 -4.28
N UNK A 3221 -88.55 23.95 -5.05
CA UNK A 3221 -87.95 22.67 -5.37
C UNK A 3221 -87.41 22.03 -4.10
N UNK A 3222 -86.80 22.84 -3.25
CA UNK A 3222 -86.25 22.33 -2.00
C UNK A 3222 -87.38 21.77 -1.14
N UNK A 3223 -88.50 22.47 -1.13
CA UNK A 3223 -89.67 22.05 -0.38
C UNK A 3223 -90.21 20.72 -0.89
N UNK A 3224 -90.24 20.59 -2.21
CA UNK A 3224 -90.72 19.37 -2.81
C UNK A 3224 -89.80 18.25 -2.38
N UNK A 3225 -88.51 18.56 -2.36
CA UNK A 3225 -87.48 17.60 -1.96
C UNK A 3225 -87.64 17.15 -0.51
N UNK A 3226 -87.96 18.10 0.37
CA UNK A 3226 -88.18 17.79 1.77
C UNK A 3226 -89.37 16.86 1.88
N UNK A 3227 -90.39 17.13 1.09
CA UNK A 3227 -91.59 16.30 1.09
C UNK A 3227 -91.27 14.88 0.60
N UNK A 3228 -90.41 14.81 -0.41
CA UNK A 3228 -89.98 13.54 -0.95
C UNK A 3228 -89.23 12.77 0.11
N UNK A 3229 -88.44 13.50 0.88
CA UNK A 3229 -87.66 12.93 1.96
C UNK A 3229 -88.60 12.35 3.00
N UNK A 3230 -89.67 13.07 3.30
CA UNK A 3230 -90.65 12.59 4.26
C UNK A 3230 -91.27 11.30 3.76
N UNK A 3231 -91.57 11.28 2.47
CA UNK A 3231 -92.18 10.09 1.87
C UNK A 3231 -91.23 8.92 1.99
N UNK A 3232 -89.95 9.20 1.76
CA UNK A 3232 -88.91 8.18 1.83
C UNK A 3232 -88.81 7.63 3.24
N UNK A 3233 -88.89 8.51 4.22
CA UNK A 3233 -88.82 8.09 5.61
C UNK A 3233 -90.01 7.18 5.91
N UNK A 3234 -91.18 7.56 5.42
CA UNK A 3234 -92.36 6.74 5.66
C UNK A 3234 -92.18 5.37 5.05
N UNK A 3235 -91.61 5.33 3.84
CA UNK A 3235 -91.39 4.06 3.17
C UNK A 3235 -90.44 3.20 3.97
N UNK A 3236 -89.40 3.82 4.49
CA UNK A 3236 -88.39 3.12 5.27
C UNK A 3236 -89.02 2.53 6.51
N UNK A 3237 -89.91 3.29 7.13
CA UNK A 3237 -90.59 2.83 8.33
C UNK A 3237 -89.60 2.61 9.46
N UNK A 3238 -78.85 2.72 8.12
CA UNK A 3238 -80.07 3.10 7.42
C UNK A 3238 -80.89 4.04 8.30
N UNK A 3239 -81.26 3.56 9.48
CA UNK A 3239 -82.06 4.32 10.42
C UNK A 3239 -81.32 5.57 10.85
N UNK A 3240 -80.01 5.45 10.99
CA UNK A 3240 -79.17 6.60 11.28
C UNK A 3240 -79.31 7.56 10.13
N UNK A 3241 -79.37 7.01 8.93
CA UNK A 3241 -79.48 7.84 7.74
C UNK A 3241 -80.78 8.63 7.80
N UNK A 3242 -81.84 7.96 8.22
CA UNK A 3242 -83.16 8.57 8.35
C UNK A 3242 -83.15 9.68 9.39
N UNK A 3243 -82.46 9.42 10.49
CA UNK A 3243 -82.37 10.40 11.55
C UNK A 3243 -81.66 11.63 11.02
N UNK A 3244 -80.61 11.39 10.25
CA UNK A 3244 -79.84 12.47 9.67
C UNK A 3244 -80.69 13.28 8.71
N UNK A 3245 -81.51 12.58 7.95
CA UNK A 3245 -82.37 13.22 6.98
C UNK A 3245 -83.33 14.11 7.75
N UNK A 3246 -83.84 13.60 8.85
CA UNK A 3246 -84.80 14.35 9.63
C UNK A 3246 -84.15 15.62 10.15
N UNK A 3247 -82.92 15.50 10.63
CA UNK A 3247 -82.22 16.66 11.16
C UNK A 3247 -81.97 17.72 10.09
N UNK A 3248 -81.59 17.25 8.91
CA UNK A 3248 -81.30 18.15 7.81
C UNK A 3248 -82.59 18.87 7.46
N UNK A 3249 -83.67 18.11 7.49
CA UNK A 3249 -84.97 18.61 7.15
C UNK A 3249 -85.33 19.70 8.13
N UNK A 3250 -85.05 19.46 9.40
CA UNK A 3250 -85.38 20.45 10.41
C UNK A 3250 -84.60 21.73 10.16
N UNK A 3251 -83.33 21.61 9.82
CA UNK A 3251 -82.55 22.83 9.58
C UNK A 3251 -83.12 23.59 8.38
N UNK A 3252 -83.46 22.84 7.34
CA UNK A 3252 -83.95 23.43 6.12
C UNK A 3252 -85.25 24.15 6.44
N UNK A 3253 -86.05 23.52 7.28
CA UNK A 3253 -87.35 24.02 7.71
C UNK A 3253 -87.23 25.31 8.50
N UNK A 3254 -86.22 25.38 9.36
CA UNK A 3254 -85.96 26.60 10.11
C UNK A 3254 -85.61 27.72 9.15
N UNK A 3255 -84.80 27.40 8.14
CA UNK A 3255 -84.45 28.40 7.14
C UNK A 3255 -85.70 28.87 6.39
N UNK A 3256 -86.58 27.92 6.10
CA UNK A 3256 -87.84 28.17 5.40
C UNK A 3256 -88.74 29.07 6.22
N UNK A 3257 -88.73 28.85 7.52
CA UNK A 3257 -89.49 29.64 8.47
C UNK A 3257 -88.97 31.07 8.44
N UNK A 3258 -87.67 31.21 8.39
CA UNK A 3258 -87.10 32.54 8.31
C UNK A 3258 -87.59 33.19 7.03
N UNK A 3259 -87.61 32.37 5.98
CA UNK A 3259 -87.83 32.81 4.61
C UNK A 3259 -89.19 33.45 4.41
N UNK A 3260 -90.20 32.88 5.06
CA UNK A 3260 -91.58 33.31 4.88
C UNK A 3260 -92.20 32.73 3.62
N UNK A 3261 -92.26 30.79 1.07
CA UNK A 3261 -93.44 31.64 1.01
C UNK A 3261 -94.31 31.41 2.22
N UNK A 3262 -94.87 32.50 2.74
CA UNK A 3262 -95.66 32.44 3.96
C UNK A 3262 -96.84 31.52 3.69
N UNK A 3263 -97.44 31.66 2.52
CA UNK A 3263 -98.46 30.70 2.11
C UNK A 3263 -97.86 29.35 1.67
N UNK A 3264 -96.76 29.43 0.94
CA UNK A 3264 -96.08 28.23 0.49
C UNK A 3264 -95.64 27.52 1.76
N UNK A 3265 -95.18 28.33 2.70
CA UNK A 3265 -94.68 27.82 3.95
C UNK A 3265 -95.78 27.10 4.71
N UNK A 3266 -96.99 27.67 4.71
CA UNK A 3266 -98.14 27.06 5.37
C UNK A 3266 -98.55 25.73 4.73
N UNK A 3267 -98.52 25.66 3.40
CA UNK A 3267 -98.85 24.40 2.74
C UNK A 3267 -97.79 23.36 3.13
N UNK A 3268 -96.56 23.83 3.19
CA UNK A 3268 -95.42 23.01 3.54
C UNK A 3268 -95.59 22.49 4.96
N UNK A 3269 -96.11 23.35 5.81
CA UNK A 3269 -96.38 23.05 7.21
C UNK A 3269 -97.44 21.98 7.32
N UNK A 3270 -98.45 22.05 6.46
CA UNK A 3270 -99.47 21.01 6.46
C UNK A 3270 -98.81 19.69 6.09
N UNK A 3271 -97.94 19.74 5.09
CA UNK A 3271 -97.26 18.54 4.67
C UNK A 3271 -96.41 17.98 5.81
N UNK A 3272 -95.77 18.88 6.53
CA UNK A 3272 -94.89 18.57 7.64
C UNK A 3272 -95.66 17.93 8.77
N UNK A 3273 -96.87 18.43 9.02
CA UNK A 3273 -97.72 17.89 10.05
C UNK A 3273 -98.06 16.47 9.67
N UNK A 3274 -98.35 16.27 8.39
CA UNK A 3274 -98.66 14.92 7.94
C UNK A 3274 -97.48 14.02 8.19
N UNK A 3275 -96.29 14.53 7.89
CA UNK A 3275 -95.06 13.76 8.05
C UNK A 3275 -94.81 13.41 9.51
N UNK A 3276 -95.07 14.36 10.39
CA UNK A 3276 -94.88 14.17 11.81
C UNK A 3276 -95.81 13.10 12.28
N UNK A 3277 -97.04 13.14 11.78
CA UNK A 3277 -98.04 12.16 12.15
C UNK A 3277 -97.58 10.77 11.73
N UNK A 3278 -97.02 10.69 10.52
CA UNK A 3278 -96.53 9.41 10.03
C UNK A 3278 -95.41 8.90 10.91
N UNK A 3279 -94.53 9.81 11.32
CA UNK A 3279 -93.42 9.45 12.16
C UNK A 3279 -93.91 8.92 13.49
N UNK A 3280 -94.94 9.58 14.02
CA UNK A 3280 -95.51 9.18 15.30
C UNK A 3280 -96.10 7.79 15.18
N UNK A 3281 -96.76 7.54 14.06
CA UNK A 3281 -97.38 6.25 13.84
C UNK A 3281 -96.29 5.18 13.77
N UNK A 3282 -95.21 5.49 13.10
CA UNK A 3282 -94.13 4.53 12.95
C UNK A 3282 -93.57 4.21 14.33
N UNK A 3283 -93.43 5.25 15.13
CA UNK A 3283 -92.87 5.14 16.47
C UNK A 3283 -92.41 6.53 16.91
N UNK A 3284 -85.03 8.70 18.34
CA UNK A 3284 -86.10 8.98 19.30
C UNK A 3284 -86.19 10.45 19.65
N UNK A 3285 -85.21 10.93 20.41
CA UNK A 3285 -85.28 12.29 20.96
C UNK A 3285 -85.32 13.31 19.84
N UNK A 3286 -84.51 13.10 18.82
CA UNK A 3286 -84.48 14.01 17.69
C UNK A 3286 -85.85 14.01 17.03
N UNK A 3287 -86.46 12.85 16.95
CA UNK A 3287 -87.77 12.72 16.33
C UNK A 3287 -88.80 13.52 17.10
N UNK A 3288 -88.72 13.45 18.42
CA UNK A 3288 -89.62 14.21 19.29
C UNK A 3288 -89.41 15.70 19.10
N UNK A 3289 -88.16 16.11 18.96
CA UNK A 3289 -87.83 17.50 18.74
C UNK A 3289 -88.46 17.96 17.42
N UNK A 3290 -88.41 17.07 16.43
CA UNK A 3290 -89.03 17.30 15.13
C UNK A 3290 -90.55 17.44 15.19
N UNK A 3291 -91.18 16.62 16.02
CA UNK A 3291 -92.61 16.71 16.24
C UNK A 3291 -92.92 18.06 16.86
N UNK A 3292 -92.04 18.48 17.76
CA UNK A 3292 -92.19 19.75 18.42
C UNK A 3292 -92.12 20.86 17.38
N UNK A 3293 -91.20 20.68 16.43
CA UNK A 3293 -91.01 21.65 15.36
C UNK A 3293 -92.28 21.73 14.54
N UNK A 3294 -92.88 20.58 14.27
CA UNK A 3294 -94.12 20.54 13.51
C UNK A 3294 -95.23 21.29 14.24
N UNK A 3295 -95.29 21.09 15.56
CA UNK A 3295 -96.30 21.76 16.36
C UNK A 3295 -96.10 23.26 16.31
N UNK A 3296 -94.83 23.67 16.36
CA UNK A 3296 -94.48 25.09 16.31
C UNK A 3296 -94.91 25.68 14.98
N UNK A 3297 -94.69 24.92 13.91
CA UNK A 3297 -95.06 25.37 12.58
C UNK A 3297 -96.56 25.54 12.50
N UNK A 3298 -97.29 24.61 13.09
CA UNK A 3298 -98.74 24.68 13.07
C UNK A 3298 -99.18 25.93 13.81
N UNK A 3299 -98.52 26.20 14.93
CA UNK A 3299 -98.87 27.37 15.73
C UNK A 3299 -98.62 28.63 14.93
N UNK A 3300 -97.50 28.66 14.21
CA UNK A 3300 -97.15 29.82 13.41
C UNK A 3300 -98.19 30.03 12.34
N UNK A 3301 -98.63 28.95 11.72
CA UNK A 3301 -99.64 29.04 10.68
C UNK A 3301 -100.94 29.60 11.24
N UNK A 3302 -101.30 29.13 12.43
CA UNK A 3302 -102.53 29.58 13.08
C UNK A 3302 -102.52 31.09 13.26
N UNK A 3303 -101.38 31.61 13.71
CA UNK A 3303 -101.21 33.04 13.91
C UNK A 3303 -101.50 33.83 12.64
N UNK A 3304 -100.18 23.97 38.59
CA UNK A 3304 -101.11 24.98 39.06
C UNK A 3304 -100.40 26.28 39.38
N UNK A 3305 -101.04 27.40 39.06
CA UNK A 3305 -100.51 28.72 39.34
C UNK A 3305 -100.36 28.81 40.85
N UNK A 3306 -101.31 28.19 41.53
CA UNK A 3306 -101.25 28.08 42.97
C UNK A 3306 -99.99 27.30 43.30
N UNK A 3307 -99.68 26.31 42.48
CA UNK A 3307 -98.49 25.51 42.73
C UNK A 3307 -97.24 26.39 42.64
N UNK A 3308 -97.20 27.26 41.65
CA UNK A 3308 -96.08 28.16 41.46
C UNK A 3308 -95.96 29.11 42.64
N UNK A 3309 -97.11 29.57 43.14
CA UNK A 3309 -97.13 30.45 44.31
C UNK A 3309 -96.58 29.75 45.55
N UNK A 3310 -96.95 28.47 45.70
CA UNK A 3310 -96.49 27.65 46.80
C UNK A 3310 -94.98 27.51 46.68
N UNK A 3311 -94.54 27.39 45.44
CA UNK A 3311 -93.12 27.27 45.12
C UNK A 3311 -92.38 28.52 45.53
N UNK A 3312 -93.00 29.67 45.28
CA UNK A 3312 -92.44 30.94 45.66
C UNK A 3312 -92.32 31.00 47.19
N UNK A 3313 -93.34 30.50 47.88
CA UNK A 3313 -93.31 30.45 49.33
C UNK A 3313 -92.17 29.57 49.82
N UNK A 3314 -91.98 28.44 49.15
CA UNK A 3314 -90.91 27.53 49.51
C UNK A 3314 -89.57 28.22 49.32
N UNK A 3315 -89.47 28.99 48.24
CA UNK A 3315 -88.24 29.71 47.93
C UNK A 3315 -87.96 30.72 49.02
N UNK A 3316 -89.00 31.41 49.44
CA UNK A 3316 -88.87 32.42 50.48
C UNK A 3316 -88.40 31.75 51.76
N UNK A 3317 -88.96 30.58 52.04
CA UNK A 3317 -88.61 29.85 53.25
C UNK A 3317 -87.15 29.47 53.20
N UNK A 3318 -86.70 29.02 52.04
CA UNK A 3318 -85.31 28.62 51.89
C UNK A 3318 -84.41 29.82 52.12
N UNK A 3319 -84.79 30.96 51.59
CA UNK A 3319 -84.00 32.16 51.72
C UNK A 3319 -83.91 32.54 53.19
N UNK A 3320 -85.02 32.40 53.88
CA UNK A 3320 -85.09 32.70 55.31
C UNK A 3320 -84.20 31.78 56.12
N UNK A 3321 -84.20 30.50 55.77
CA UNK A 3321 -83.41 29.51 56.48
C UNK A 3321 -81.98 29.94 56.29
N UNK A 3322 -81.69 30.39 55.07
CA UNK A 3322 -80.43 31.02 54.76
C UNK A 3322 -80.12 32.06 55.83
N UNK A 3323 -79.23 20.15 54.22
CA UNK A 3323 -77.85 20.61 54.07
C UNK A 3323 -77.58 21.10 52.65
N UNK A 3324 -76.36 20.88 52.18
CA UNK A 3324 -75.96 21.35 50.87
C UNK A 3324 -76.83 20.68 49.82
N UNK A 3325 -77.07 19.40 50.00
CA UNK A 3325 -77.89 18.65 49.06
C UNK A 3325 -79.31 19.22 49.05
N UNK A 3326 -79.83 19.56 50.21
CA UNK A 3326 -81.18 20.08 50.27
C UNK A 3326 -81.24 21.39 49.50
N UNK A 3327 -80.23 22.22 49.71
CA UNK A 3327 -80.22 23.52 49.07
C UNK A 3327 -80.19 23.31 47.56
N UNK A 3328 -79.39 22.35 47.13
CA UNK A 3328 -79.25 22.05 45.71
C UNK A 3328 -80.55 21.56 45.07
N UNK A 3329 -81.28 20.70 45.79
CA UNK A 3329 -82.55 20.22 45.29
C UNK A 3329 -83.52 21.39 45.14
N UNK A 3330 -83.49 22.27 46.13
CA UNK A 3330 -84.39 23.39 46.09
C UNK A 3330 -84.06 24.22 44.86
N UNK A 3331 -82.76 24.36 44.62
CA UNK A 3331 -82.28 25.14 43.49
C UNK A 3331 -82.70 24.56 42.16
N UNK A 3332 -82.65 23.24 42.04
CA UNK A 3332 -83.06 22.57 40.82
C UNK A 3332 -84.53 22.84 40.59
N UNK A 3333 -85.30 22.77 41.67
CA UNK A 3333 -86.73 23.02 41.56
C UNK A 3333 -86.95 24.43 41.06
N UNK A 3334 -86.18 25.36 41.62
CA UNK A 3334 -86.33 26.75 41.26
C UNK A 3334 -86.05 26.93 39.79
N UNK A 3335 -85.00 26.27 39.30
CA UNK A 3335 -84.63 26.39 37.90
C UNK A 3335 -85.72 25.86 37.00
N UNK A 3336 -86.28 24.71 37.37
CA UNK A 3336 -87.29 24.12 36.53
C UNK A 3336 -88.42 25.10 36.45
N UNK A 3337 -88.74 25.69 37.60
CA UNK A 3337 -89.84 26.62 37.71
C UNK A 3337 -89.64 27.85 36.85
N UNK A 3338 -88.44 28.39 36.86
CA UNK A 3338 -88.17 29.57 36.08
C UNK A 3338 -88.36 29.23 34.63
N UNK A 3339 -87.87 28.06 34.24
CA UNK A 3339 -87.96 27.68 32.85
C UNK A 3339 -89.43 27.58 32.45
N UNK A 3340 -90.22 26.98 33.32
CA UNK A 3340 -91.63 26.77 33.06
C UNK A 3340 -92.39 28.08 32.93
N UNK A 3341 -92.05 29.05 33.78
CA UNK A 3341 -92.78 30.32 33.83
C UNK A 3341 -93.06 30.89 32.44
N UNK A 3342 -92.90 39.81 41.37
CA UNK A 3342 -92.56 38.44 41.73
C UNK A 3342 -91.16 38.13 41.26
N UNK A 3343 -90.91 38.41 39.99
CA UNK A 3343 -89.61 38.17 39.41
C UNK A 3343 -88.60 39.02 40.15
N UNK A 3344 -88.99 40.24 40.49
CA UNK A 3344 -88.10 41.17 41.17
C UNK A 3344 -87.68 40.65 42.55
N UNK A 3345 -88.64 40.12 43.30
CA UNK A 3345 -88.36 39.57 44.61
C UNK A 3345 -87.43 38.40 44.41
N UNK A 3346 -87.69 37.64 43.35
CA UNK A 3346 -86.89 36.47 43.07
C UNK A 3346 -85.45 36.87 42.81
N UNK A 3347 -85.26 37.95 42.07
CA UNK A 3347 -83.94 38.48 41.76
C UNK A 3347 -83.21 38.95 43.00
N UNK A 3348 -83.94 39.62 43.88
CA UNK A 3348 -83.32 40.11 45.11
C UNK A 3348 -82.85 38.90 45.88
N UNK A 3349 -83.68 37.86 45.86
CA UNK A 3349 -83.40 36.63 46.58
C UNK A 3349 -82.15 35.97 46.02
N UNK A 3350 -82.03 35.96 44.70
CA UNK A 3350 -80.90 35.37 44.04
C UNK A 3350 -79.64 36.11 44.46
N UNK A 3351 -79.74 37.43 44.52
CA UNK A 3351 -78.60 38.25 44.91
C UNK A 3351 -78.17 37.91 46.33
N UNK A 3352 -79.15 37.75 47.22
CA UNK A 3352 -78.85 37.44 48.61
C UNK A 3352 -78.17 36.08 48.70
N UNK A 3353 -78.65 35.12 47.93
CA UNK A 3353 -78.08 33.78 47.94
C UNK A 3353 -76.64 33.81 47.45
N UNK A 3354 -76.39 34.62 46.43
CA UNK A 3354 -75.04 34.75 45.91
C UNK A 3354 -74.13 35.35 46.98
N UNK A 3355 -74.63 36.33 47.69
CA UNK A 3355 -73.84 36.95 48.76
C UNK A 3355 -73.52 35.92 49.81
N UNK A 3356 -74.50 35.07 50.10
CA UNK A 3356 -74.34 34.00 51.09
C UNK A 3356 -73.27 32.99 50.68
N UNK A 3357 -73.24 32.63 49.40
CA UNK A 3357 -72.21 31.72 48.91
C UNK A 3357 -71.99 30.50 49.80
N UNK A 3358 -70.74 23.43 48.05
CA UNK A 3358 -71.90 24.14 47.54
C UNK A 3358 -71.78 24.32 46.03
N UNK A 3359 -70.80 23.65 45.44
CA UNK A 3359 -70.47 23.85 44.03
C UNK A 3359 -71.59 23.48 43.07
N UNK A 3360 -72.25 22.36 43.33
CA UNK A 3360 -73.33 21.92 42.44
C UNK A 3360 -74.46 22.93 42.45
N UNK A 3361 -74.76 23.42 43.64
CA UNK A 3361 -75.80 24.42 43.83
C UNK A 3361 -75.42 25.69 43.11
N UNK A 3362 -74.13 26.03 43.19
CA UNK A 3362 -73.65 27.23 42.53
C UNK A 3362 -73.85 27.09 41.03
N UNK A 3363 -73.60 25.89 40.50
CA UNK A 3363 -73.80 25.61 39.08
C UNK A 3363 -75.26 25.74 38.67
N UNK A 3364 -76.16 25.24 39.51
CA UNK A 3364 -77.58 25.37 39.22
C UNK A 3364 -77.96 26.85 39.20
N UNK A 3365 -77.37 27.60 40.12
CA UNK A 3365 -77.59 29.02 40.25
C UNK A 3365 -77.13 29.73 39.00
N UNK A 3366 -76.01 29.26 38.48
CA UNK A 3366 -75.43 29.79 37.28
C UNK A 3366 -76.38 29.53 36.13
N UNK A 3367 -76.97 28.35 36.11
CA UNK A 3367 -77.91 28.03 35.06
C UNK A 3367 -79.05 29.02 35.13
N UNK A 3368 -79.53 29.31 36.33
CA UNK A 3368 -80.63 30.26 36.48
C UNK A 3368 -80.26 31.67 36.00
N UNK A 3369 -79.06 32.09 36.36
CA UNK A 3369 -78.61 33.41 36.01
C UNK A 3369 -78.55 33.49 34.50
N UNK A 3370 -78.07 32.41 33.92
CA UNK A 3370 -77.88 32.33 32.49
C UNK A 3370 -79.21 32.43 31.78
N UNK A 3371 -80.22 31.76 32.30
CA UNK A 3371 -81.53 31.82 31.67
C UNK A 3371 -82.04 33.25 31.72
N UNK A 3372 -81.87 33.90 32.87
CA UNK A 3372 -82.38 35.26 32.95
C UNK A 3372 -81.67 36.13 31.94
N UNK A 3373 -80.36 35.94 31.83
CA UNK A 3373 -79.54 36.74 30.93
C UNK A 3373 -79.91 36.53 29.47
N UNK A 3374 -80.21 35.28 29.13
CA UNK A 3374 -80.61 34.92 27.78
C UNK A 3374 -81.93 35.59 27.44
N UNK A 3375 -82.81 35.63 28.42
CA UNK A 3375 -84.09 36.28 28.25
C UNK A 3375 -83.83 37.75 27.96
N UNK A 3376 -82.88 38.30 28.68
CA UNK A 3376 -82.46 39.70 28.48
C UNK A 3376 -81.90 39.95 27.07
N UNK A 3377 -81.14 39.00 26.55
CA UNK A 3377 -80.62 39.06 25.19
C UNK A 3377 -81.75 39.04 24.17
N UNK A 3378 -82.74 38.21 24.43
CA UNK A 3378 -83.89 38.15 23.55
C UNK A 3378 -84.54 39.50 23.57
N UNK A 3379 -84.58 40.08 24.76
CA UNK A 3379 -85.15 41.41 24.96
C UNK A 3379 -84.41 42.47 24.17
N UNK A 3380 -83.09 42.38 24.15
CA UNK A 3380 -82.30 43.34 23.39
C UNK A 3380 -82.66 43.20 21.93
N UNK A 3381 -82.79 41.95 21.48
CA UNK A 3381 -83.12 41.72 20.09
C UNK A 3381 -84.49 42.30 19.76
N UNK A 3382 -85.42 42.14 20.68
CA UNK A 3382 -86.78 42.65 20.52
C UNK A 3382 -86.79 44.16 20.44
N UNK A 3383 -85.98 44.78 21.27
CA UNK A 3383 -85.88 46.23 21.28
C UNK A 3383 -85.32 46.68 19.94
N UNK A 3384 -84.36 45.93 19.45
CA UNK A 3384 -83.74 46.24 18.16
C UNK A 3384 -84.81 46.18 17.11
N UNK A 3385 -85.66 45.18 17.21
CA UNK A 3385 -86.76 44.99 16.28
C UNK A 3385 -87.75 46.16 16.30
N UNK A 3386 -88.06 46.68 17.48
CA UNK A 3386 -88.89 47.89 17.62
C UNK A 3386 -88.25 49.15 17.03
N UNK A 3387 -86.94 49.27 17.24
CA UNK A 3387 -86.20 50.37 16.68
C UNK A 3387 -86.32 50.22 15.18
N UNK A 3388 -86.33 48.97 14.74
CA UNK A 3388 -86.49 48.52 13.38
C UNK A 3388 -87.84 48.89 12.78
N UNK A 3389 -88.90 48.78 13.55
CA UNK A 3389 -90.21 49.23 13.11
C UNK A 3389 -90.16 50.74 12.90
N UNK A 3390 -89.50 51.44 13.82
CA UNK A 3390 -89.37 52.87 13.66
C UNK A 3390 -88.59 53.18 12.37
N UNK A 3391 -87.57 52.38 12.14
CA UNK A 3391 -86.69 52.49 10.99
C UNK A 3391 -87.46 52.26 9.72
N UNK A 3392 -88.39 51.30 9.77
CA UNK A 3392 -89.26 50.95 8.68
C UNK A 3392 -90.17 52.10 8.33
N UNK A 3393 -90.67 52.79 9.36
CA UNK A 3393 -91.47 53.97 9.14
C UNK A 3393 -90.62 55.02 8.44
N UNK A 3394 -89.39 55.15 8.89
CA UNK A 3394 -88.47 56.11 8.29
C UNK A 3394 -88.23 55.76 6.83
N UNK A 3395 -88.10 54.47 6.57
CA UNK A 3395 -87.86 53.94 5.23
C UNK A 3395 -89.03 54.25 4.32
N UNK A 3396 -90.25 54.12 4.85
CA UNK A 3396 -91.44 54.43 4.08
C UNK A 3396 -91.44 55.91 3.73
N UNK A 3397 -91.06 56.74 4.68
CA UNK A 3397 -91.03 58.17 4.42
C UNK A 3397 -90.03 58.44 3.31
N UNK A 3398 -88.90 57.76 3.40
CA UNK A 3398 -87.83 57.93 2.42
C UNK A 3398 -88.29 57.50 1.03
N UNK A 3399 -89.03 56.41 0.96
CA UNK A 3399 -89.57 55.90 -0.30
C UNK A 3399 -90.55 56.89 -0.90
N UNK A 3400 -91.39 57.49 -0.06
CA UNK A 3400 -92.34 58.48 -0.54
C UNK A 3400 -91.54 59.65 -1.12
N UNK A 3401 -90.47 60.00 -0.43
CA UNK A 3401 -89.60 61.08 -0.86
C UNK A 3401 -88.94 60.77 -2.21
N UNK A 3402 -88.53 59.53 -2.39
CA UNK A 3402 -87.94 59.07 -3.63
C UNK A 3402 -88.94 59.17 -4.75
N UNK A 3403 -90.18 58.81 -4.45
CA UNK A 3403 -91.25 58.90 -5.43
C UNK A 3403 -91.43 60.35 -5.82
N UNK A 3404 -91.36 61.24 -4.83
CA UNK A 3404 -91.50 62.66 -5.05
C UNK A 3404 -90.38 63.19 -5.94
N UNK A 3405 -89.17 62.69 -5.72
CA UNK A 3405 -88.01 63.06 -6.52
C UNK A 3405 -88.20 62.61 -7.96
N UNK A 3406 -88.76 61.40 -8.12
CA UNK A 3406 -89.03 60.86 -9.44
C UNK A 3406 -90.04 61.76 -10.13
N UNK A 3407 -91.02 62.21 -9.38
CA UNK A 3407 -92.05 63.09 -9.91
C UNK A 3407 -91.45 64.41 -10.36
N UNK A 3408 -90.52 64.92 -9.58
CA UNK A 3408 -89.82 66.16 -9.90
C UNK A 3408 -89.05 65.99 -11.20
N UNK A 3409 -88.41 64.82 -11.33
CA UNK A 3409 -87.65 64.51 -12.52
C UNK A 3409 -88.49 64.76 -13.77
N UNK A 3410 -78.60 62.24 -12.95
CA UNK A 3410 -78.08 60.94 -12.54
C UNK A 3410 -78.96 59.83 -13.07
N UNK A 3411 -78.83 59.54 -14.37
CA UNK A 3411 -79.64 58.51 -15.00
C UNK A 3411 -79.37 57.14 -14.40
N UNK A 3412 -78.10 56.86 -14.14
CA UNK A 3412 -77.72 55.59 -13.52
C UNK A 3412 -78.33 55.49 -12.13
N UNK A 3413 -78.32 56.60 -11.41
CA UNK A 3413 -78.88 56.64 -10.07
C UNK A 3413 -80.37 56.34 -10.14
N UNK A 3414 -81.03 56.92 -11.13
CA UNK A 3414 -82.46 56.70 -11.30
C UNK A 3414 -82.73 55.23 -11.59
N UNK A 3415 -81.89 54.64 -12.42
CA UNK A 3415 -82.05 53.24 -12.77
C UNK A 3415 -81.88 52.37 -11.53
N UNK A 3416 -80.91 52.72 -10.70
CA UNK A 3416 -80.65 51.97 -9.47
C UNK A 3416 -81.86 52.07 -8.55
N UNK A 3417 -82.44 53.26 -8.46
CA UNK A 3417 -83.61 53.47 -7.62
C UNK A 3417 -84.76 52.62 -8.13
N UNK A 3418 -84.88 52.54 -9.44
CA UNK A 3418 -85.90 51.74 -10.09
C UNK A 3418 -85.74 50.26 -9.79
N UNK A 3419 -84.50 49.78 -9.78
CA UNK A 3419 -84.23 48.35 -9.63
C UNK A 3419 -84.25 47.85 -8.18
N UNK A 3420 -84.41 46.88 -5.62
CA UNK A 3420 -84.22 45.52 -5.18
C UNK A 3420 -83.55 45.49 -3.81
N UNK A 3421 -83.19 44.29 -3.37
CA UNK A 3421 -82.49 44.16 -2.11
C UNK A 3421 -81.18 44.89 -2.24
N UNK A 3422 -80.57 44.77 -3.42
CA UNK A 3422 -79.31 45.45 -3.69
C UNK A 3422 -79.50 46.95 -3.60
N UNK A 3423 -80.62 47.44 -4.14
CA UNK A 3423 -80.90 48.86 -4.09
C UNK A 3423 -81.06 49.34 -2.65
N UNK A 3424 -81.74 48.54 -1.86
CA UNK A 3424 -81.98 48.88 -0.47
C UNK A 3424 -80.63 48.96 0.21
N UNK A 3425 -79.77 48.02 -0.14
CA UNK A 3425 -78.45 47.93 0.44
C UNK A 3425 -77.66 49.18 0.10
N UNK A 3426 -77.77 49.64 -1.15
CA UNK A 3426 -77.08 50.84 -1.58
C UNK A 3426 -77.57 52.07 -0.82
N UNK A 3427 -78.88 52.16 -0.61
CA UNK A 3427 -79.42 53.29 0.14
C UNK A 3427 -78.89 53.26 1.55
N UNK A 3428 -78.83 52.04 2.10
CA UNK A 3428 -78.34 51.83 3.45
C UNK A 3428 -76.89 52.24 3.56
N UNK A 3429 -76.13 51.94 2.52
CA UNK A 3429 -74.72 52.28 2.42
C UNK A 3429 -74.52 53.79 2.39
N UNK A 3430 -75.38 54.49 1.67
CA UNK A 3430 -75.33 55.94 1.64
C UNK A 3430 -75.58 56.44 3.06
N UNK A 3431 -76.54 55.81 3.73
CA UNK A 3431 -76.87 56.18 5.09
C UNK A 3431 -75.68 55.97 6.02
N UNK A 3432 -74.96 54.87 5.81
CA UNK A 3432 -73.76 54.54 6.57
C UNK A 3432 -72.64 55.54 6.34
N UNK A 3433 -72.53 56.00 5.11
CA UNK A 3433 -71.56 57.03 4.77
C UNK A 3433 -71.92 58.28 5.52
N UNK A 3434 -73.21 58.56 5.59
CA UNK A 3434 -73.71 59.73 6.31
C UNK A 3434 -73.34 59.58 7.78
N UNK A 3435 -73.47 58.36 8.29
CA UNK A 3435 -72.98 58.01 9.61
C UNK A 3435 -71.47 57.85 9.56
N UNK A 3436 -83.45 63.03 4.55
CA UNK A 3436 -82.60 61.86 4.45
C UNK A 3436 -81.37 62.01 5.35
N UNK A 3437 -80.72 63.16 5.25
CA UNK A 3437 -79.53 63.46 6.05
C UNK A 3437 -79.84 63.43 7.54
N UNK A 3438 -81.01 63.95 7.90
CA UNK A 3438 -81.45 63.96 9.29
C UNK A 3438 -81.65 62.54 9.80
N UNK A 3439 -82.10 61.65 8.92
CA UNK A 3439 -82.34 60.26 9.28
C UNK A 3439 -81.02 59.52 9.52
N UNK A 3440 -79.96 59.96 8.85
CA UNK A 3440 -78.63 59.36 9.03
C UNK A 3440 -78.10 59.63 10.42
N UNK A 3441 -78.20 60.88 10.86
CA UNK A 3441 -77.77 61.27 12.19
C UNK A 3441 -78.62 60.59 13.26
N UNK A 3442 -79.88 60.34 12.92
CA UNK A 3442 -80.80 59.65 13.83
C UNK A 3442 -80.42 58.17 13.98
N UNK A 3443 -79.79 57.62 12.94
CA UNK A 3443 -79.33 56.24 12.98
C UNK A 3443 -78.07 56.12 13.83
N UNK A 3444 -77.22 57.15 13.77
CA UNK A 3444 -76.03 57.21 14.58
C UNK A 3444 -76.40 57.33 16.06
N UNK A 3445 -77.51 58.01 16.31
CA UNK A 3445 -78.02 58.16 17.68
C UNK A 3445 -78.61 56.84 18.16
N UNK A 3446 -79.37 56.19 17.29
CA UNK A 3446 -79.97 54.90 17.60
C UNK A 3446 -78.91 53.85 17.94
N UNK A 3447 -77.83 53.86 17.18
CA UNK A 3447 -76.72 52.93 17.42
C UNK A 3447 -75.99 53.28 18.70
N UNK A 3448 -75.78 54.57 18.94
CA UNK A 3448 -75.08 55.03 20.14
C UNK A 3448 -75.89 54.75 21.40
N UNK A 3449 -77.22 54.83 21.27
CA UNK A 3449 -78.11 54.49 22.37
C UNK A 3449 -78.02 53.00 22.67
N UNK A 3450 -77.85 52.21 21.61
CA UNK A 3450 -77.69 50.77 21.75
C UNK A 3450 -76.34 50.42 22.37
N UNK A 3451 -75.33 51.22 22.02
CA UNK A 3451 -73.99 51.06 22.59
C UNK A 3451 -74.02 51.37 24.09
N UNK A 3452 -74.80 52.39 24.46
CA UNK A 3452 -74.97 52.75 25.86
C UNK A 3452 -75.73 51.66 26.59
N UNK A 3453 -76.64 51.01 25.89
CA UNK A 3453 -77.43 49.92 26.46
C UNK A 3453 -76.56 48.69 26.67
N UNK A 3454 -75.67 48.42 25.72
CA UNK A 3454 -74.80 47.25 25.78
C UNK A 3454 -73.84 47.33 26.96
N UNK A 3455 -74.73 44.97 37.26
CA UNK A 3455 -75.53 44.24 36.28
C UNK A 3455 -74.79 42.99 35.81
N UNK A 3456 -74.64 42.87 34.49
CA UNK A 3456 -73.92 41.74 33.91
C UNK A 3456 -72.45 41.77 34.33
N UNK A 3457 -71.91 42.97 34.48
CA UNK A 3457 -70.55 43.15 34.95
C UNK A 3457 -70.43 42.71 36.40
N UNK A 3458 -71.48 43.00 37.18
CA UNK A 3458 -71.53 42.57 38.57
C UNK A 3458 -71.59 41.05 38.66
N UNK A 3459 -72.29 40.44 37.70
CA UNK A 3459 -72.38 38.99 37.63
C UNK A 3459 -71.02 38.40 37.30
N UNK A 3460 -70.29 39.07 36.40
CA UNK A 3460 -68.94 38.66 36.05
C UNK A 3460 -68.03 38.76 37.26
N UNK A 3461 -68.23 39.80 38.06
CA UNK A 3461 -67.46 40.00 39.28
C UNK A 3461 -67.75 38.91 40.29
N UNK A 3462 -69.01 38.50 40.38
CA UNK A 3462 -69.42 37.43 41.28
C UNK A 3462 -68.79 36.10 40.84
N UNK A 3463 -68.74 35.90 39.53
CA UNK A 3463 -68.10 34.72 38.98
C UNK A 3463 -66.60 34.74 39.27
N UNK A 3464 -66.02 35.92 39.24
CA UNK A 3464 -64.61 36.09 39.57
C UNK A 3464 -64.37 35.79 41.04
N UNK A 3465 -65.34 36.17 41.88
CA UNK A 3465 -65.27 35.90 43.30
C UNK A 3465 -65.36 34.39 43.56
N UNK A 3466 -66.15 33.71 42.74
CA UNK A 3466 -66.24 32.26 42.80
C UNK A 3466 -64.93 31.63 42.33
N UNK A 3467 -64.31 32.26 41.33
CA UNK A 3467 -63.06 31.78 40.78
C UNK A 3467 -61.92 31.88 41.79
N UNK A 3468 -62.07 32.77 42.76
CA UNK A 3468 -61.01 33.02 43.73
C UNK A 3468 -60.70 31.80 44.59
N UNK A 3469 -66.02 18.48 38.47
CA UNK A 3469 -65.84 19.93 38.38
C UNK A 3469 -66.06 20.39 36.96
N UNK A 3470 -66.28 19.44 36.07
CA UNK A 3470 -66.43 19.74 34.65
C UNK A 3470 -67.63 20.64 34.43
N UNK A 3471 -68.71 20.36 35.14
CA UNK A 3471 -69.91 21.16 34.98
C UNK A 3471 -69.59 22.58 35.39
N UNK A 3472 -68.83 22.71 36.47
CA UNK A 3472 -68.46 24.01 36.99
C UNK A 3472 -67.62 24.79 36.00
N UNK A 3473 -66.72 24.09 35.34
CA UNK A 3473 -65.88 24.68 34.31
C UNK A 3473 -66.72 25.16 33.14
N UNK A 3474 -67.70 24.35 32.79
CA UNK A 3474 -68.58 24.70 31.69
C UNK A 3474 -69.27 25.97 32.10
N UNK A 3475 -69.63 26.05 33.37
CA UNK A 3475 -70.29 27.21 33.92
C UNK A 3475 -69.44 28.46 33.86
N UNK A 3476 -68.15 28.32 34.16
CA UNK A 3476 -67.23 29.44 34.09
C UNK A 3476 -67.16 29.92 32.66
N UNK A 3477 -67.15 28.96 31.75
CA UNK A 3477 -67.09 29.28 30.32
C UNK A 3477 -68.34 30.05 29.92
N UNK A 3478 -69.48 29.63 30.45
CA UNK A 3478 -70.76 30.26 30.17
C UNK A 3478 -70.72 31.69 30.68
N UNK A 3479 -70.13 31.89 31.84
CA UNK A 3479 -70.00 33.20 32.42
C UNK A 3479 -69.15 34.08 31.53
N UNK A 3480 -68.06 33.53 31.03
CA UNK A 3480 -67.17 34.29 30.17
C UNK A 3480 -67.93 34.68 28.92
N UNK A 3481 -68.73 33.74 28.43
CA UNK A 3481 -69.52 33.94 27.23
C UNK A 3481 -70.52 35.06 27.43
N UNK A 3482 -71.13 35.09 28.59
CA UNK A 3482 -72.06 36.13 28.97
C UNK A 3482 -71.36 37.48 29.05
N UNK A 3483 -70.15 37.48 29.56
CA UNK A 3483 -69.37 38.70 29.65
C UNK A 3483 -69.14 39.21 28.25
N UNK A 3484 -68.85 38.29 27.32
CA UNK A 3484 -68.67 38.68 25.92
C UNK A 3484 -69.97 39.24 25.34
N UNK A 3485 -71.07 38.56 25.66
CA UNK A 3485 -72.44 38.89 25.24
C UNK A 3485 -72.49 39.66 23.95
N UNK A 3486 -73.39 40.62 23.90
CA UNK A 3486 -73.42 41.65 22.86
C UNK A 3486 -73.27 41.15 21.41
N UNK A 3487 -72.23 41.62 20.72
CA UNK A 3487 -72.14 41.49 19.29
C UNK A 3487 -72.14 40.03 18.88
N UNK A 3488 -71.48 39.19 19.68
CA UNK A 3488 -71.45 37.78 19.37
C UNK A 3488 -72.87 37.29 19.41
N UNK A 3489 -73.61 37.78 20.40
CA UNK A 3489 -74.99 37.34 20.56
C UNK A 3489 -75.82 37.74 19.35
N UNK A 3490 -75.61 38.96 18.87
CA UNK A 3490 -76.35 39.45 17.72
C UNK A 3490 -76.04 38.58 16.51
N UNK A 3491 -74.77 38.25 16.37
CA UNK A 3491 -74.34 37.45 15.24
C UNK A 3491 -75.01 36.09 15.30
N UNK A 3492 -75.07 35.52 16.49
CA UNK A 3492 -75.71 34.23 16.68
C UNK A 3492 -77.19 34.30 16.34
N UNK A 3493 -77.83 35.37 16.74
CA UNK A 3493 -79.24 35.56 16.47
C UNK A 3493 -79.48 35.60 14.98
N UNK A 3494 -78.57 36.28 14.28
CA UNK A 3494 -78.64 36.32 12.82
C UNK A 3494 -78.89 34.93 12.27
N UNK A 3495 -93.11 44.45 2.87
CA UNK A 3495 -93.64 44.88 4.16
C UNK A 3495 -92.84 44.26 5.30
N UNK A 3496 -93.36 43.16 5.85
CA UNK A 3496 -92.68 42.46 6.92
C UNK A 3496 -91.34 41.98 6.39
N UNK A 3497 -91.36 41.52 5.15
CA UNK A 3497 -90.16 41.04 4.50
C UNK A 3497 -89.18 42.19 4.40
N UNK A 3498 -89.70 43.37 4.09
CA UNK A 3498 -88.88 44.56 3.94
C UNK A 3498 -88.20 44.87 5.26
N UNK A 3499 -88.95 44.76 6.35
CA UNK A 3499 -88.43 45.00 7.68
C UNK A 3499 -87.34 44.00 8.02
N UNK A 3500 -87.54 42.75 7.63
CA UNK A 3500 -86.55 41.71 7.86
C UNK A 3500 -85.26 42.02 7.10
N UNK A 3501 -85.42 42.50 5.87
CA UNK A 3501 -84.28 42.86 5.03
C UNK A 3501 -83.55 44.03 5.67
N UNK A 3502 -84.32 44.93 6.24
CA UNK A 3502 -83.78 46.10 6.89
C UNK A 3502 -82.94 45.62 8.04
N UNK A 3503 -83.45 44.62 8.75
CA UNK A 3503 -82.74 44.05 9.88
C UNK A 3503 -81.42 43.44 9.43
N UNK A 3504 -81.43 42.70 8.33
CA UNK A 3504 -80.21 42.08 7.87
C UNK A 3504 -79.18 43.16 7.55
N UNK A 3505 -79.65 44.21 6.89
CA UNK A 3505 -78.76 45.28 6.47
C UNK A 3505 -78.15 45.98 7.68
N UNK A 3506 -79.00 46.22 8.65
CA UNK A 3506 -78.60 46.94 9.84
C UNK A 3506 -77.56 46.11 10.53
N UNK A 3507 -77.79 44.81 10.54
CA UNK A 3507 -76.91 43.89 11.21
C UNK A 3507 -75.56 43.96 10.57
N UNK A 3508 -75.53 43.96 9.24
CA UNK A 3508 -74.24 43.99 8.57
C UNK A 3508 -73.53 45.29 8.93
N UNK A 3509 -74.26 46.39 8.91
CA UNK A 3509 -73.62 47.67 9.17
C UNK A 3509 -73.05 47.71 10.57
N UNK A 3510 -66.42 46.68 13.07
CA UNK A 3510 -65.11 46.27 13.54
C UNK A 3510 -64.64 46.99 14.81
N UNK A 3511 -64.93 48.28 14.92
CA UNK A 3511 -64.47 49.07 16.07
C UNK A 3511 -65.03 48.62 17.42
N UNK A 3512 -66.31 48.27 17.43
CA UNK A 3512 -66.95 47.76 18.63
C UNK A 3512 -66.32 46.43 19.02
N UNK A 3513 -65.98 45.65 18.01
CA UNK A 3513 -65.29 44.39 18.17
C UNK A 3513 -63.92 44.60 18.78
N UNK A 3514 -63.25 45.67 18.37
CA UNK A 3514 -61.97 46.06 18.94
C UNK A 3514 -62.16 46.40 20.41
N UNK A 3515 -63.26 47.09 20.70
CA UNK A 3515 -63.56 47.41 22.09
C UNK A 3515 -63.74 46.12 22.87
N UNK A 3516 -64.40 45.14 22.26
CA UNK A 3516 -64.61 43.83 22.87
C UNK A 3516 -63.31 43.10 23.12
N UNK A 3517 -62.38 43.20 22.18
CA UNK A 3517 -61.06 42.62 22.31
C UNK A 3517 -60.32 43.26 23.48
N UNK A 3518 -60.49 44.56 23.63
CA UNK A 3518 -59.93 45.28 24.78
C UNK A 3518 -60.54 44.81 26.11
N UNK A 3519 -61.83 44.56 26.08
CA UNK A 3519 -62.54 44.04 27.23
C UNK A 3519 -61.97 42.67 27.56
N UNK A 3520 -61.63 41.94 26.49
CA UNK A 3520 -60.99 40.64 26.54
C UNK A 3520 -59.60 40.68 27.15
N UNK A 3521 -58.85 41.74 26.85
CA UNK A 3521 -57.56 41.99 27.47
C UNK A 3521 -57.79 42.22 28.95
N UNK A 3522 -58.86 42.92 29.26
CA UNK A 3522 -59.26 43.16 30.63
C UNK A 3522 -59.56 41.83 31.31
N UNK A 3523 -60.20 40.94 30.55
CA UNK A 3523 -60.53 39.59 30.98
C UNK A 3523 -59.29 38.76 31.26
N UNK A 3524 -58.28 38.93 30.43
CA UNK A 3524 -57.01 38.25 30.63
C UNK A 3524 -56.43 38.74 31.94
N UNK A 3525 -56.54 40.04 32.14
CA UNK A 3525 -55.99 40.63 33.35
C UNK A 3525 -56.72 40.03 34.54
N UNK A 3526 -58.02 39.86 34.39
CA UNK A 3526 -58.85 39.29 35.44
C UNK A 3526 -58.48 37.84 35.75
N UNK A 3527 -58.24 37.06 34.72
CA UNK A 3527 -57.89 35.66 34.92
C UNK A 3527 -56.61 35.67 35.70
N UNK A 3528 -55.73 36.61 35.36
CA UNK A 3528 -54.54 36.86 36.14
C UNK A 3528 -54.86 36.84 37.63
N UNK A 3529 -55.02 29.56 39.30
CA UNK A 3529 -55.58 30.83 38.88
C UNK A 3529 -56.62 30.62 37.78
N UNK A 3530 -57.23 31.71 37.32
CA UNK A 3530 -58.26 31.61 36.32
C UNK A 3530 -57.73 31.03 35.01
N UNK A 3531 -56.57 31.49 34.60
CA UNK A 3531 -55.95 31.02 33.36
C UNK A 3531 -55.61 29.54 33.43
N UNK A 3532 -55.05 29.15 34.56
CA UNK A 3532 -54.69 27.77 34.79
C UNK A 3532 -55.94 26.92 34.76
N UNK A 3533 -57.01 27.45 35.34
CA UNK A 3533 -58.28 26.77 35.38
C UNK A 3533 -58.83 26.56 33.98
N UNK A 3534 -58.70 27.56 33.13
CA UNK A 3534 -59.17 27.45 31.76
C UNK A 3534 -58.36 26.36 31.09
N UNK A 3535 -57.07 26.34 31.39
CA UNK A 3535 -56.18 25.37 30.79
C UNK A 3535 -56.61 23.97 31.19
N UNK A 3536 -56.92 23.82 32.46
CA UNK A 3536 -57.34 22.53 33.01
C UNK A 3536 -58.63 22.08 32.37
N UNK A 3537 -59.55 23.01 32.15
CA UNK A 3537 -60.82 22.66 31.51
C UNK A 3537 -60.56 22.17 30.10
N UNK A 3538 -59.66 22.84 29.41
CA UNK A 3538 -59.31 22.47 28.06
C UNK A 3538 -58.74 21.06 28.08
N UNK A 3539 -57.92 20.78 29.08
CA UNK A 3539 -57.30 19.48 29.29
C UNK A 3539 -58.32 18.37 29.57
N UNK A 3540 -59.33 18.70 30.36
CA UNK A 3540 -60.40 17.77 30.66
C UNK A 3540 -61.09 17.46 29.35
N UNK A 3541 -61.24 18.50 28.53
CA UNK A 3541 -61.85 18.38 27.23
C UNK A 3541 -61.05 17.44 26.33
N UNK A 3542 -59.73 17.56 26.38
CA UNK A 3542 -58.87 16.67 25.61
C UNK A 3542 -59.07 15.24 26.08
N UNK A 3543 -59.15 15.05 27.39
CA UNK A 3543 -59.42 13.75 28.01
C UNK A 3543 -59.05 13.75 29.48
N UNK A 3544 -68.76 20.69 20.49
CA UNK A 3544 -67.75 21.01 19.48
C UNK A 3544 -67.81 22.49 19.11
N UNK A 3545 -68.99 22.98 18.76
CA UNK A 3545 -69.15 24.37 18.41
C UNK A 3545 -68.82 25.24 19.60
N UNK A 3546 -69.28 24.83 20.77
CA UNK A 3546 -69.05 25.62 21.97
C UNK A 3546 -67.56 25.72 22.30
N UNK A 3547 -66.87 24.59 22.19
CA UNK A 3547 -65.45 24.56 22.48
C UNK A 3547 -64.75 25.42 21.47
N UNK A 3548 -65.20 25.35 20.24
CA UNK A 3548 -64.57 26.09 19.18
C UNK A 3548 -64.71 27.57 19.48
N UNK A 3549 -65.89 27.97 19.92
CA UNK A 3549 -66.13 29.37 20.24
C UNK A 3549 -65.23 29.83 21.39
N UNK A 3550 -65.09 28.98 22.40
CA UNK A 3550 -64.26 29.34 23.53
C UNK A 3550 -62.81 29.52 23.08
N UNK A 3551 -62.38 28.61 22.21
CA UNK A 3551 -61.02 28.63 21.69
C UNK A 3551 -60.82 29.89 20.88
N UNK A 3552 -61.83 30.24 20.12
CA UNK A 3552 -61.78 31.41 19.27
C UNK A 3552 -61.61 32.61 20.16
N UNK A 3553 -62.32 32.64 21.27
CA UNK A 3553 -62.23 33.75 22.19
C UNK A 3553 -60.84 33.87 22.80
N UNK A 3554 -60.26 32.73 23.18
CA UNK A 3554 -58.92 32.77 23.76
C UNK A 3554 -57.95 33.29 22.71
N UNK A 3555 -58.16 32.82 21.49
CA UNK A 3555 -57.31 33.15 20.37
C UNK A 3555 -57.40 34.64 20.13
N UNK A 3556 -58.60 35.16 20.29
CA UNK A 3556 -58.92 36.58 20.16
C UNK A 3556 -58.24 37.46 21.20
N UNK A 3557 -58.18 36.97 22.44
CA UNK A 3557 -57.42 37.69 23.46
C UNK A 3557 -55.95 37.70 23.03
N UNK A 3558 -55.54 36.56 22.50
CA UNK A 3558 -54.16 36.38 22.04
C UNK A 3558 -53.90 37.38 20.94
N UNK A 3559 -54.95 37.59 20.14
CA UNK A 3559 -55.04 38.53 19.01
C UNK A 3559 -54.95 40.00 19.40
N UNK A 3560 -55.58 40.35 20.51
CA UNK A 3560 -55.43 41.68 21.06
C UNK A 3560 -53.97 41.82 21.39
N UNK A 3561 -53.42 40.75 21.95
CA UNK A 3561 -52.01 40.77 22.28
C UNK A 3561 -51.15 40.96 21.03
N UNK A 3562 -51.52 40.28 19.95
CA UNK A 3562 -50.76 40.36 18.71
C UNK A 3562 -50.82 41.77 18.15
N UNK A 3563 -51.99 42.37 18.24
CA UNK A 3563 -52.22 43.71 17.73
C UNK A 3563 -51.35 44.68 18.48
N UNK A 3564 -36.22 54.25 18.94
CA UNK A 3564 -37.40 53.39 19.01
C UNK A 3564 -37.05 52.10 19.72
N UNK A 3565 -35.82 52.01 20.21
CA UNK A 3565 -35.35 50.78 20.81
C UNK A 3565 -36.23 50.48 22.00
N UNK A 3566 -36.58 51.52 22.75
CA UNK A 3566 -37.39 51.33 23.94
C UNK A 3566 -38.73 50.76 23.58
N UNK A 3567 -39.32 51.28 22.51
CA UNK A 3567 -40.63 50.82 22.08
C UNK A 3567 -40.56 49.35 21.67
N UNK A 3568 -39.50 48.99 20.96
CA UNK A 3568 -39.34 47.61 20.52
C UNK A 3568 -39.23 46.70 21.74
N UNK A 3569 -38.47 47.17 22.73
CA UNK A 3569 -38.26 46.40 23.94
C UNK A 3569 -39.58 46.19 24.65
N UNK A 3570 -40.39 47.23 24.67
CA UNK A 3570 -41.69 47.19 25.31
C UNK A 3570 -42.59 46.18 24.61
N UNK A 3571 -42.55 46.18 23.28
CA UNK A 3571 -43.38 45.25 22.54
C UNK A 3571 -42.96 43.84 22.90
N UNK A 3572 -41.66 43.64 22.96
CA UNK A 3572 -41.14 42.31 23.22
C UNK A 3572 -41.60 41.86 24.60
N UNK A 3573 -41.53 42.78 25.54
CA UNK A 3573 -41.86 42.47 26.91
C UNK A 3573 -43.33 42.09 27.00
N UNK A 3574 -44.17 42.82 26.30
CA UNK A 3574 -45.59 42.54 26.34
C UNK A 3574 -45.86 41.15 25.78
N UNK A 3575 -45.20 40.85 24.67
CA UNK A 3575 -45.46 39.57 24.03
C UNK A 3575 -45.06 38.49 25.01
N UNK A 3576 -43.92 38.69 25.66
CA UNK A 3576 -43.41 37.68 26.57
C UNK A 3576 -44.37 37.49 27.72
N UNK A 3577 -44.89 38.58 28.27
CA UNK A 3577 -45.78 38.48 29.41
C UNK A 3577 -47.03 37.71 29.03
N UNK A 3578 -47.57 38.01 27.85
CA UNK A 3578 -48.81 37.35 27.45
C UNK A 3578 -48.55 35.85 27.31
N UNK A 3579 -47.41 35.52 26.70
CA UNK A 3579 -47.07 34.14 26.48
C UNK A 3579 -46.90 33.39 27.78
N UNK A 3580 -46.25 34.03 28.73
CA UNK A 3580 -46.01 33.44 30.03
C UNK A 3580 -47.31 33.18 30.74
N UNK A 3581 -48.23 34.14 30.62
CA UNK A 3581 -49.55 34.02 31.22
C UNK A 3581 -50.29 32.84 30.62
N UNK A 3582 -50.17 32.68 29.31
CA UNK A 3582 -50.80 31.56 28.61
C UNK A 3582 -50.23 30.23 29.10
N UNK A 3583 -48.91 30.22 29.34
CA UNK A 3583 -48.22 29.04 29.84
C UNK A 3583 -49.02 28.27 30.88
N UNK A 3584 -51.43 23.76 26.91
CA UNK A 3584 -50.12 24.17 26.42
C UNK A 3584 -49.62 23.20 25.35
N UNK A 3585 -48.47 22.59 25.57
CA UNK A 3585 -47.90 21.70 24.57
C UNK A 3585 -48.93 20.62 24.37
N UNK A 3586 -49.54 20.22 25.48
CA UNK A 3586 -50.56 19.19 25.44
C UNK A 3586 -51.73 19.64 24.59
N UNK A 3587 -52.12 20.91 24.71
CA UNK A 3587 -53.24 21.40 23.95
C UNK A 3587 -52.93 21.31 22.47
N UNK A 3588 -51.70 21.66 22.14
CA UNK A 3588 -51.25 21.64 20.75
C UNK A 3588 -51.30 20.22 20.23
N UNK A 3589 -50.86 19.29 21.06
CA UNK A 3589 -50.84 17.89 20.68
C UNK A 3589 -52.24 17.39 20.43
N UNK A 3590 -53.19 17.81 21.26
CA UNK A 3590 -54.58 17.41 21.08
C UNK A 3590 -55.14 17.94 19.77
N UNK A 3591 -54.77 19.17 19.46
CA UNK A 3591 -55.22 19.78 18.22
C UNK A 3591 -54.68 18.96 17.08
N UNK A 3592 -53.43 18.53 17.19
CA UNK A 3592 -52.79 17.71 16.18
C UNK A 3592 -53.47 16.36 16.03
N UNK A 3593 -53.86 15.79 17.16
CA UNK A 3593 -54.52 14.50 17.19
C UNK A 3593 -55.82 14.62 16.42
N UNK A 3594 -56.48 15.74 16.61
CA UNK A 3594 -57.76 15.99 15.95
C UNK A 3594 -57.79 15.51 14.50
N UNK A 3595 -63.78 24.67 14.62
CA UNK A 3595 -63.62 23.47 13.81
C UNK A 3595 -62.15 23.11 13.69
N UNK A 3596 -61.80 22.46 12.59
CA UNK A 3596 -60.41 22.25 12.26
C UNK A 3596 -59.84 23.65 12.10
N UNK A 3597 -60.65 24.53 11.53
CA UNK A 3597 -60.29 25.93 11.40
C UNK A 3597 -60.11 26.56 12.77
N UNK A 3598 -60.94 26.17 13.73
CA UNK A 3598 -60.80 26.67 15.09
C UNK A 3598 -59.47 26.23 15.69
N UNK A 3599 -59.11 24.99 15.44
CA UNK A 3599 -57.88 24.45 15.96
C UNK A 3599 -56.81 25.29 15.35
N UNK A 3600 -56.98 25.59 14.08
CA UNK A 3600 -55.98 26.34 13.34
C UNK A 3600 -55.79 27.71 13.95
N UNK A 3601 -56.89 28.36 14.31
CA UNK A 3601 -56.82 29.66 14.93
C UNK A 3601 -56.11 29.61 16.27
N UNK A 3602 -56.41 28.57 17.05
CA UNK A 3602 -55.80 28.47 18.35
C UNK A 3602 -54.31 28.36 18.11
N UNK A 3603 -53.97 27.58 17.10
CA UNK A 3603 -52.59 27.32 16.75
C UNK A 3603 -51.88 28.59 16.32
N UNK A 3604 -52.55 29.41 15.55
CA UNK A 3604 -51.97 30.66 15.11
C UNK A 3604 -51.70 31.56 16.31
N UNK A 3605 -52.64 31.61 17.24
CA UNK A 3605 -52.44 32.45 18.40
C UNK A 3605 -51.22 31.94 19.17
N UNK A 3606 -51.13 30.63 19.26
CA UNK A 3606 -50.05 30.02 20.01
C UNK A 3606 -48.72 30.34 19.35
N UNK A 3607 -48.72 30.29 18.03
CA UNK A 3607 -47.51 30.52 17.28
C UNK A 3607 -47.09 31.93 17.59
N UNK A 3608 -48.02 32.86 17.57
CA UNK A 3608 -47.65 34.24 17.79
C UNK A 3608 -47.04 34.39 19.16
N UNK A 3609 -47.67 33.78 20.16
CA UNK A 3609 -47.19 33.98 21.50
C UNK A 3609 -45.79 33.44 21.62
N UNK A 3610 -45.55 32.25 21.10
CA UNK A 3610 -44.24 31.66 21.26
C UNK A 3610 -43.19 32.46 20.53
N UNK A 3611 -43.55 32.90 19.33
CA UNK A 3611 -42.61 33.53 18.42
C UNK A 3611 -42.13 34.75 19.14
N UNK A 3612 -43.03 35.39 19.87
CA UNK A 3612 -42.61 36.53 20.68
C UNK A 3612 -41.37 36.15 21.51
N UNK A 3613 -38.30 31.25 27.88
CA UNK A 3613 -38.50 31.85 26.56
C UNK A 3613 -39.39 30.97 25.69
N UNK A 3614 -39.91 31.54 24.61
CA UNK A 3614 -40.77 30.81 23.70
C UNK A 3614 -40.19 29.43 23.37
N UNK A 3615 -38.86 29.36 23.28
CA UNK A 3615 -38.20 28.11 22.99
C UNK A 3615 -38.05 27.29 24.25
N UNK A 3616 -38.01 27.93 25.42
CA UNK A 3616 -37.98 27.20 26.69
C UNK A 3616 -39.27 26.43 26.88
N UNK A 3617 -40.36 27.08 26.52
CA UNK A 3617 -41.68 26.49 26.55
C UNK A 3617 -41.65 25.35 25.57
N UNK A 3618 -40.98 25.59 24.45
CA UNK A 3618 -40.84 24.58 23.41
C UNK A 3618 -40.08 23.34 23.90
N UNK A 3619 -39.05 23.56 24.69
CA UNK A 3619 -38.25 22.52 25.31
C UNK A 3619 -39.11 21.73 26.27
N UNK A 3620 -39.97 22.43 26.99
CA UNK A 3620 -40.89 21.75 27.88
C UNK A 3620 -41.81 20.85 27.07
N UNK A 3621 -42.27 21.38 25.96
CA UNK A 3621 -43.16 20.64 25.08
C UNK A 3621 -42.43 19.42 24.56
N UNK A 3622 -41.16 19.62 24.27
CA UNK A 3622 -40.26 18.61 23.74
C UNK A 3622 -40.10 17.48 24.72
N UNK A 3623 -39.99 17.84 26.00
CA UNK A 3623 -39.92 16.88 27.08
C UNK A 3623 -41.21 16.07 27.17
N UNK A 3624 -42.34 16.76 27.00
CA UNK A 3624 -43.62 16.08 27.02
C UNK A 3624 -43.66 15.09 25.87
N UNK A 3625 -43.12 15.52 24.74
CA UNK A 3625 -43.07 14.70 23.54
C UNK A 3625 -42.21 13.47 23.76
N UNK A 3626 -41.12 13.65 24.47
CA UNK A 3626 -40.23 12.56 24.78
C UNK A 3626 -40.96 11.57 25.63
N UNK A 3627 -41.75 12.09 26.57
CA UNK A 3627 -42.53 11.23 27.44
C UNK A 3627 -43.52 10.43 26.60
N UNK A 3628 -44.12 11.09 25.63
CA UNK A 3628 -45.02 10.41 24.70
C UNK A 3628 -44.36 10.19 23.35
N UNK A 3629 -46.49 16.06 16.27
CA UNK A 3629 -47.42 15.00 16.58
C UNK A 3629 -47.36 14.00 15.47
N UNK A 3630 -47.62 12.74 15.79
CA UNK A 3630 -47.94 11.78 14.76
C UNK A 3630 -49.20 12.30 14.12
N UNK A 3631 -50.07 12.83 14.96
CA UNK A 3631 -51.25 13.50 14.53
C UNK A 3631 -50.77 14.66 13.71
N UNK A 3632 -49.66 15.24 14.11
CA UNK A 3632 -49.17 16.40 13.43
C UNK A 3632 -48.86 16.05 11.99
N UNK A 3633 -48.19 14.93 11.80
CA UNK A 3633 -47.78 14.45 10.50
C UNK A 3633 -48.98 14.13 9.67
N UNK A 3634 -49.95 13.52 10.33
CA UNK A 3634 -51.13 13.08 9.65
C UNK A 3634 -51.81 14.31 9.13
N UNK A 3635 -51.81 15.29 9.99
CA UNK A 3635 -52.48 16.53 9.80
C UNK A 3635 -51.83 17.18 8.61
N UNK A 3636 -50.52 17.04 8.56
CA UNK A 3636 -49.74 17.64 7.51
C UNK A 3636 -50.12 17.06 6.18
N UNK A 3637 -50.23 15.75 6.15
CA UNK A 3637 -50.56 15.10 4.90
C UNK A 3637 -51.91 15.63 4.49
N UNK A 3638 -52.78 15.70 5.49
CA UNK A 3638 -54.15 16.08 5.26
C UNK A 3638 -54.26 17.47 4.70
N UNK A 3639 -53.45 18.35 5.25
CA UNK A 3639 -53.43 19.74 4.90
C UNK A 3639 -52.96 19.88 3.48
N UNK A 3640 -51.95 19.09 3.16
CA UNK A 3640 -51.36 19.17 1.83
C UNK A 3640 -52.48 18.81 0.90
N UNK A 3641 -53.24 17.79 1.30
CA UNK A 3641 -54.46 17.46 0.63
C UNK A 3641 -55.28 18.71 0.33
N UNK A 3642 -55.51 22.59 -12.47
CA UNK A 3642 -56.33 22.12 -13.59
C UNK A 3642 -57.80 22.29 -13.27
N UNK A 3643 -58.28 21.46 -12.35
CA UNK A 3643 -59.68 21.50 -12.01
C UNK A 3643 -59.94 22.88 -11.48
N UNK A 3644 -59.01 23.40 -10.71
CA UNK A 3644 -59.16 24.72 -10.11
C UNK A 3644 -59.24 25.80 -11.18
N UNK A 3645 -58.42 25.70 -12.21
CA UNK A 3645 -58.43 26.68 -13.29
C UNK A 3645 -59.77 26.64 -14.03
N UNK A 3646 -60.27 25.43 -14.23
CA UNK A 3646 -61.55 25.26 -14.90
C UNK A 3646 -62.63 25.91 -14.07
N UNK A 3647 -62.52 25.71 -12.76
CA UNK A 3647 -63.49 26.27 -11.84
C UNK A 3647 -63.46 27.77 -11.91
N UNK A 3648 -62.26 28.34 -12.00
CA UNK A 3648 -62.12 29.78 -12.09
C UNK A 3648 -62.75 30.31 -13.37
N UNK A 3649 -62.55 29.61 -14.47
CA UNK A 3649 -63.15 30.03 -15.73
C UNK A 3649 -64.66 30.01 -15.61
N UNK A 3650 -65.16 28.96 -14.95
CA UNK A 3650 -66.60 28.80 -14.74
C UNK A 3650 -67.16 29.91 -13.89
N UNK A 3651 -66.40 30.31 -12.87
CA UNK A 3651 -66.81 31.38 -11.98
C UNK A 3651 -66.89 32.67 -12.78
N UNK A 3652 -65.92 32.84 -13.68
CA UNK A 3652 -65.89 34.02 -14.52
C UNK A 3652 -67.13 34.05 -15.39
N UNK A 3653 -67.50 32.89 -15.94
CA UNK A 3653 -68.69 32.78 -16.77
C UNK A 3653 -69.94 33.12 -15.97
N UNK A 3654 -69.99 32.65 -14.74
CA UNK A 3654 -71.11 32.91 -13.85
C UNK A 3654 -71.24 34.39 -13.56
N UNK A 3655 -70.09 35.03 -13.38
CA UNK A 3655 -70.06 36.47 -13.15
C UNK A 3655 -70.57 37.21 -14.38
N UNK A 3656 -70.19 36.73 -15.55
CA UNK A 3656 -70.65 37.36 -16.79
C UNK A 3656 -72.15 37.24 -16.84
N UNK A 3657 -72.65 36.08 -16.41
CA UNK A 3657 -74.07 35.85 -16.25
C UNK A 3657 -74.60 36.74 -15.14
N UNK A 3658 -58.53 27.40 4.19
CA UNK A 3658 -58.04 27.72 2.86
C UNK A 3658 -56.78 28.55 2.95
N UNK A 3659 -56.83 29.80 2.52
CA UNK A 3659 -55.63 30.63 2.56
C UNK A 3659 -55.20 30.78 4.01
N UNK A 3660 -56.17 31.03 4.87
CA UNK A 3660 -55.87 31.24 6.28
C UNK A 3660 -55.26 29.97 6.85
N UNK A 3661 -55.81 28.83 6.49
CA UNK A 3661 -55.33 27.57 7.03
C UNK A 3661 -53.90 27.32 6.60
N UNK A 3662 -53.61 27.62 5.34
CA UNK A 3662 -52.27 27.41 4.84
C UNK A 3662 -51.29 28.30 5.59
N UNK A 3663 -51.69 29.54 5.76
CA UNK A 3663 -50.78 30.48 6.39
C UNK A 3663 -50.52 29.94 7.78
N UNK A 3664 -51.57 29.45 8.42
CA UNK A 3664 -51.45 28.98 9.78
C UNK A 3664 -50.49 27.81 9.90
N UNK A 3665 -50.60 26.83 9.01
CA UNK A 3665 -49.69 25.69 9.10
C UNK A 3665 -48.25 26.13 8.87
N UNK A 3666 -48.05 26.99 7.86
CA UNK A 3666 -46.69 27.38 7.55
C UNK A 3666 -46.12 28.12 8.74
N UNK A 3667 -46.98 28.92 9.34
CA UNK A 3667 -46.65 29.77 10.46
C UNK A 3667 -46.27 28.94 11.66
N UNK A 3668 -46.97 27.84 11.86
CA UNK A 3668 -46.66 26.91 12.94
C UNK A 3668 -45.29 26.32 12.74
N UNK A 3669 -44.99 25.98 11.49
CA UNK A 3669 -43.67 25.44 11.22
C UNK A 3669 -42.66 26.53 11.57
N UNK A 3670 -42.98 27.76 11.22
CA UNK A 3670 -42.09 28.87 11.50
C UNK A 3670 -41.89 29.07 13.01
N UNK A 3671 -42.95 28.98 13.78
CA UNK A 3671 -42.84 29.18 15.21
C UNK A 3671 -41.94 28.09 15.74
N UNK A 3672 -42.13 26.87 15.25
CA UNK A 3672 -41.35 25.75 15.76
C UNK A 3672 -39.89 26.00 15.50
N UNK A 3673 -39.58 26.55 14.32
CA UNK A 3673 -38.20 26.90 13.98
C UNK A 3673 -37.41 27.50 15.17
N UNK A 3674 -32.88 26.75 18.19
CA UNK A 3674 -33.89 25.75 17.87
C UNK A 3674 -33.28 24.60 17.11
N UNK A 3675 -31.97 24.68 16.89
CA UNK A 3675 -31.30 23.70 16.07
C UNK A 3675 -31.36 22.29 16.64
N UNK A 3676 -31.13 22.16 17.94
CA UNK A 3676 -31.08 20.82 18.51
C UNK A 3676 -32.44 20.20 18.34
N UNK A 3677 -33.46 20.96 18.66
CA UNK A 3677 -34.80 20.42 18.62
C UNK A 3677 -35.14 20.03 17.19
N UNK A 3678 -34.82 20.90 16.24
CA UNK A 3678 -35.22 20.62 14.88
C UNK A 3678 -34.54 19.36 14.41
N UNK A 3679 -33.25 19.26 14.71
CA UNK A 3679 -32.47 18.16 14.20
C UNK A 3679 -32.98 16.85 14.77
N UNK A 3680 -33.11 16.79 16.09
CA UNK A 3680 -33.68 15.61 16.72
C UNK A 3680 -35.15 15.62 16.34
N UNK A 3681 -35.69 16.81 16.21
CA UNK A 3681 -37.03 17.00 15.74
C UNK A 3681 -37.06 16.40 14.35
N UNK A 3682 -35.99 16.62 13.61
CA UNK A 3682 -35.96 16.18 12.24
C UNK A 3682 -36.09 14.66 12.14
N UNK A 3683 -35.34 13.96 12.97
CA UNK A 3683 -35.38 12.50 12.95
C UNK A 3683 -36.75 12.03 13.38
N UNK A 3684 -37.27 12.70 14.41
CA UNK A 3684 -38.53 12.40 15.09
C UNK A 3684 -39.24 11.11 14.67
N UNK A 3685 -37.94 16.10 10.91
CA UNK A 3685 -37.21 15.35 9.89
C UNK A 3685 -38.20 14.87 8.80
N UNK A 3686 -38.99 13.89 9.18
CA UNK A 3686 -39.95 13.33 8.25
C UNK A 3686 -40.85 14.47 7.81
N UNK A 3687 -41.00 15.44 8.70
CA UNK A 3687 -41.69 16.68 8.43
C UNK A 3687 -41.01 17.47 7.33
N UNK A 3688 -39.68 17.41 7.30
CA UNK A 3688 -38.97 18.12 6.26
C UNK A 3688 -39.41 17.52 4.96
N UNK A 3689 -39.51 16.20 5.00
CA UNK A 3689 -39.87 15.49 3.82
C UNK A 3689 -41.24 15.98 3.40
N UNK A 3690 -42.09 16.15 4.39
CA UNK A 3690 -43.46 16.55 4.17
C UNK A 3690 -43.55 17.92 3.54
N UNK A 3691 -42.69 18.80 4.02
CA UNK A 3691 -42.70 20.14 3.55
C UNK A 3691 -42.37 20.08 2.10
N UNK A 3692 -41.38 19.27 1.81
CA UNK A 3692 -40.91 19.19 0.45
C UNK A 3692 -42.05 18.75 -0.43
N UNK A 3693 -42.79 17.77 0.03
CA UNK A 3693 -43.89 17.25 -0.77
C UNK A 3693 -44.99 18.26 -1.03
N UNK A 3694 -45.34 18.99 0.00
CA UNK A 3694 -46.40 19.95 -0.15
C UNK A 3694 -45.94 20.94 -1.18
N UNK A 3695 -44.66 21.25 -1.08
CA UNK A 3695 -44.06 22.22 -1.95
C UNK A 3695 -44.13 21.78 -3.38
N UNK A 3696 -43.86 20.52 -3.61
CA UNK A 3696 -43.88 20.00 -4.96
C UNK A 3696 -45.28 20.12 -5.51
N UNK A 3697 -46.24 19.83 -4.67
CA UNK A 3697 -47.62 19.87 -5.09
C UNK A 3697 -47.98 21.30 -5.49
N UNK A 3698 -47.49 22.20 -4.68
CA UNK A 3698 -47.76 23.59 -4.86
C UNK A 3698 -47.17 24.02 -6.17
N UNK A 3699 -46.00 23.49 -6.46
CA UNK A 3699 -45.24 23.86 -7.61
C UNK A 3699 -46.07 23.47 -8.79
N UNK A 3700 -46.65 22.30 -8.69
CA UNK A 3700 -47.44 21.82 -9.78
C UNK A 3700 -48.62 22.74 -10.03
N UNK A 3701 -49.27 23.15 -8.94
CA UNK A 3701 -50.45 23.97 -9.09
C UNK A 3701 -50.05 25.23 -9.81
N UNK A 3702 -48.91 25.75 -9.39
CA UNK A 3702 -48.40 26.99 -9.93
C UNK A 3702 -48.09 26.92 -11.39
N UNK A 3703 -47.47 25.84 -11.78
CA UNK A 3703 -47.07 25.66 -13.15
C UNK A 3703 -48.32 25.67 -13.98
N UNK A 3704 -49.34 25.03 -13.41
CA UNK A 3704 -50.61 24.93 -14.12
C UNK A 3704 -51.17 26.31 -14.37
N UNK A 3705 -51.11 27.12 -13.33
CA UNK A 3705 -51.66 28.44 -13.43
C UNK A 3705 -50.91 29.18 -14.53
N UNK A 3706 -49.61 28.98 -14.56
CA UNK A 3706 -48.78 29.68 -15.53
C UNK A 3706 -49.18 29.32 -16.94
N UNK A 3707 -49.36 28.03 -17.18
CA UNK A 3707 -49.67 27.62 -18.52
C UNK A 3707 -50.97 28.28 -18.89
N UNK A 3708 -51.90 28.27 -17.95
CA UNK A 3708 -53.22 28.80 -18.25
C UNK A 3708 -53.15 30.26 -18.61
N UNK A 3709 -52.40 31.01 -17.84
CA UNK A 3709 -52.32 32.43 -18.03
C UNK A 3709 -51.73 32.71 -19.38
N UNK A 3710 -50.69 31.95 -19.74
CA UNK A 3710 -50.03 32.09 -21.03
C UNK A 3710 -51.10 32.11 -22.11
N UNK A 3711 -59.71 39.88 -15.28
CA UNK A 3711 -58.37 39.60 -14.75
C UNK A 3711 -58.30 40.00 -13.29
N UNK A 3712 -59.38 40.55 -12.76
CA UNK A 3712 -59.41 40.89 -11.35
C UNK A 3712 -59.26 39.58 -10.61
N UNK A 3713 -59.93 38.56 -11.12
CA UNK A 3713 -59.88 37.24 -10.54
C UNK A 3713 -58.46 36.71 -10.59
N UNK A 3714 -57.81 36.95 -11.72
CA UNK A 3714 -56.45 36.47 -11.91
C UNK A 3714 -55.56 37.11 -10.87
N UNK A 3715 -55.75 38.41 -10.66
CA UNK A 3715 -54.95 39.14 -9.70
C UNK A 3715 -55.17 38.59 -8.30
N UNK A 3716 -56.42 38.29 -7.96
CA UNK A 3716 -56.70 37.75 -6.64
C UNK A 3716 -55.99 36.42 -6.45
N UNK A 3717 -56.05 35.60 -7.49
CA UNK A 3717 -55.42 34.30 -7.40
C UNK A 3717 -53.93 34.49 -7.21
N UNK A 3718 -53.37 35.42 -7.96
CA UNK A 3718 -51.95 35.64 -7.93
C UNK A 3718 -51.56 36.07 -6.53
N UNK A 3719 -52.36 36.94 -5.93
CA UNK A 3719 -52.06 37.44 -4.59
C UNK A 3719 -52.09 36.31 -3.56
N UNK A 3720 -53.09 35.46 -3.66
CA UNK A 3720 -53.21 34.40 -2.69
C UNK A 3720 -51.97 33.52 -2.84
N UNK A 3721 -51.61 33.26 -4.09
CA UNK A 3721 -50.51 32.38 -4.39
C UNK A 3721 -49.24 32.94 -3.83
N UNK A 3722 -49.05 34.24 -4.00
CA UNK A 3722 -47.83 34.88 -3.56
C UNK A 3722 -47.74 34.77 -2.07
N UNK A 3723 -48.85 34.99 -1.37
CA UNK A 3723 -48.82 34.93 0.07
C UNK A 3723 -48.42 33.53 0.52
N UNK A 3724 -49.03 32.54 -0.11
CA UNK A 3724 -48.76 31.18 0.30
C UNK A 3724 -47.30 30.90 0.06
N UNK A 3725 -46.82 31.36 -1.07
CA UNK A 3725 -45.47 31.06 -1.49
C UNK A 3725 -44.49 31.65 -0.51
N UNK A 3726 -44.74 32.88 -0.09
CA UNK A 3726 -43.82 33.54 0.79
C UNK A 3726 -43.77 32.78 2.11
N UNK A 3727 -44.95 32.41 2.60
CA UNK A 3727 -44.98 31.77 3.89
C UNK A 3727 -44.16 30.51 3.78
N UNK A 3728 -44.39 29.78 2.70
CA UNK A 3728 -43.77 28.47 2.54
C UNK A 3728 -42.26 28.58 2.44
N UNK A 3729 -41.79 29.53 1.67
CA UNK A 3729 -40.37 29.66 1.46
C UNK A 3729 -39.75 29.99 2.80
N UNK A 3730 -40.41 30.88 3.52
CA UNK A 3730 -39.85 31.35 4.76
C UNK A 3730 -39.70 30.16 5.68
N UNK A 3731 -40.74 29.34 5.71
CA UNK A 3731 -40.74 28.20 6.61
C UNK A 3731 -39.64 27.21 6.28
N UNK A 3732 -39.50 26.92 5.00
CA UNK A 3732 -38.51 25.94 4.61
C UNK A 3732 -37.17 26.49 5.02
N UNK A 3733 -36.98 27.78 4.82
CA UNK A 3733 -35.72 28.43 5.11
C UNK A 3733 -35.36 28.38 6.57
N UNK A 3734 -36.33 28.64 7.43
CA UNK A 3734 -36.07 28.56 8.86
C UNK A 3734 -35.71 27.13 9.21
N UNK A 3735 -36.41 26.18 8.61
CA UNK A 3735 -36.17 24.80 8.96
C UNK A 3735 -34.73 24.52 8.61
N UNK A 3736 -34.32 25.04 7.46
CA UNK A 3736 -32.96 24.86 6.97
C UNK A 3736 -31.87 25.48 7.82
N UNK A 3737 -32.10 26.70 8.31
CA UNK A 3737 -31.08 27.37 9.09
C UNK A 3737 -30.70 26.57 10.32
N UNK A 3738 -26.79 21.59 11.42
CA UNK A 3738 -27.96 20.94 10.87
C UNK A 3738 -27.56 20.09 9.69
N UNK A 3739 -26.29 19.75 9.64
CA UNK A 3739 -25.67 19.15 8.46
C UNK A 3739 -26.24 17.82 8.05
N UNK A 3740 -26.57 16.99 9.02
CA UNK A 3740 -27.21 15.73 8.72
C UNK A 3740 -28.52 16.07 8.07
N UNK A 3741 -29.14 17.10 8.62
CA UNK A 3741 -30.44 17.51 8.16
C UNK A 3741 -30.26 17.86 6.72
N UNK A 3742 -29.17 18.55 6.46
CA UNK A 3742 -28.79 19.05 5.17
C UNK A 3742 -28.54 17.97 4.15
N UNK A 3743 -27.90 16.88 4.54
CA UNK A 3743 -27.70 15.74 3.65
C UNK A 3743 -28.99 15.06 3.30
N UNK A 3744 -29.83 14.96 4.31
CA UNK A 3744 -31.15 14.41 4.09
C UNK A 3744 -31.84 15.32 3.11
N UNK A 3745 -31.57 16.59 3.32
CA UNK A 3745 -32.10 17.71 2.65
C UNK A 3745 -31.70 17.63 1.23
N UNK A 3746 -30.50 17.15 1.03
CA UNK A 3746 -29.81 16.89 -0.22
C UNK A 3746 -30.44 15.80 -1.05
N UNK A 3747 -30.90 14.74 -0.42
CA UNK A 3747 -31.73 13.79 -1.16
C UNK A 3747 -33.00 14.56 -1.52
N UNK A 3748 -33.44 15.26 -0.50
CA UNK A 3748 -34.62 16.07 -0.61
C UNK A 3748 -34.38 17.15 -1.64
N UNK A 3749 -33.13 17.26 -2.07
CA UNK A 3749 -32.49 18.39 -2.68
C UNK A 3749 -32.20 18.09 -4.12
N UNK A 3750 -32.20 16.80 -4.44
CA UNK A 3750 -32.55 16.34 -5.75
C UNK A 3750 -34.00 16.76 -5.89
N UNK A 3751 -34.76 16.53 -4.81
CA UNK A 3751 -36.14 16.98 -4.87
C UNK A 3751 -36.09 18.50 -5.06
N UNK A 3752 -35.08 19.09 -4.45
CA UNK A 3752 -34.88 20.52 -4.40
C UNK A 3752 -34.61 21.09 -5.75
N UNK A 3753 -33.77 20.39 -6.50
CA UNK A 3753 -33.40 20.82 -7.81
C UNK A 3753 -34.68 20.82 -8.58
N UNK A 3754 -35.51 19.81 -8.35
CA UNK A 3754 -36.77 19.76 -9.06
C UNK A 3754 -37.65 20.98 -8.77
N UNK A 3755 -37.77 21.34 -7.50
CA UNK A 3755 -38.61 22.47 -7.15
C UNK A 3755 -38.06 23.76 -7.74
N UNK A 3756 -36.74 23.84 -7.75
CA UNK A 3756 -36.00 24.98 -8.25
C UNK A 3756 -36.22 25.16 -9.72
N UNK A 3757 -36.30 24.03 -10.40
CA UNK A 3757 -36.59 23.93 -11.81
C UNK A 3757 -37.98 24.43 -12.05
N UNK A 3758 -38.86 24.10 -11.12
CA UNK A 3758 -40.22 24.59 -11.19
C UNK A 3758 -40.12 26.09 -11.14
N UNK A 3759 -39.23 26.54 -10.28
CA UNK A 3759 -38.99 27.95 -10.09
C UNK A 3759 -38.50 28.58 -11.38
N UNK A 3760 -37.66 27.87 -12.08
CA UNK A 3760 -37.12 28.25 -13.39
C UNK A 3760 -38.15 28.35 -14.50
N UNK A 3761 -39.11 27.44 -14.50
CA UNK A 3761 -40.23 27.50 -15.42
C UNK A 3761 -41.01 28.73 -15.09
N UNK A 3762 -41.09 28.97 -13.80
CA UNK A 3762 -41.76 30.11 -13.26
C UNK A 3762 -41.07 31.31 -13.81
N UNK A 3763 -39.76 31.21 -13.87
CA UNK A 3763 -38.90 32.26 -14.34
C UNK A 3763 -39.19 32.55 -15.78
N UNK A 3764 -39.36 31.51 -16.57
CA UNK A 3764 -39.64 31.70 -17.97
C UNK A 3764 -40.94 32.45 -18.08
N UNK A 3765 -41.90 32.03 -17.28
CA UNK A 3765 -43.20 32.63 -17.34
C UNK A 3765 -43.14 34.10 -16.94
N UNK A 3766 -42.32 34.36 -15.94
CA UNK A 3766 -42.12 35.66 -15.37
C UNK A 3766 -41.49 36.58 -16.38
N UNK A 3767 -40.58 36.01 -17.14
CA UNK A 3767 -39.88 36.73 -18.17
C UNK A 3767 -40.94 37.13 -19.15
N UNK A 3768 -41.81 36.19 -19.42
CA UNK A 3768 -42.85 36.41 -20.40
C UNK A 3768 -43.64 37.60 -19.92
N UNK A 3769 -43.92 37.62 -18.62
CA UNK A 3769 -44.46 38.79 -17.99
C UNK A 3769 -43.78 40.06 -18.48
N UNK A 3770 -48.63 44.73 -18.42
CA UNK A 3770 -47.92 45.78 -17.70
C UNK A 3770 -48.85 46.46 -16.70
N UNK A 3771 -50.04 45.89 -16.53
CA UNK A 3771 -50.99 46.40 -15.54
C UNK A 3771 -50.44 46.25 -14.13
N UNK A 3772 -49.72 45.14 -13.85
CA UNK A 3772 -49.42 44.61 -12.46
C UNK A 3772 -47.95 44.30 -11.95
N UNK A 3773 -47.14 45.34 -11.94
CA UNK A 3773 -45.74 45.26 -11.57
C UNK A 3773 -45.51 44.82 -10.14
N UNK A 3774 -46.34 45.27 -9.22
CA UNK A 3774 -46.15 44.93 -7.80
C UNK A 3774 -46.28 43.43 -7.48
N UNK A 3775 -47.26 42.78 -8.08
CA UNK A 3775 -47.41 41.33 -7.95
C UNK A 3775 -46.20 40.68 -8.56
N UNK A 3776 -45.75 41.23 -9.70
CA UNK A 3776 -44.54 40.66 -10.28
C UNK A 3776 -43.36 40.73 -9.28
N UNK A 3777 -43.27 41.86 -8.59
CA UNK A 3777 -42.23 42.11 -7.59
C UNK A 3777 -42.32 41.14 -6.43
N UNK A 3778 -43.52 40.82 -6.00
CA UNK A 3778 -43.70 39.84 -4.93
C UNK A 3778 -43.15 38.50 -5.35
N UNK A 3779 -43.42 38.12 -6.60
CA UNK A 3779 -42.87 36.85 -7.08
C UNK A 3779 -41.35 36.88 -7.03
N UNK A 3780 -40.79 38.01 -7.45
CA UNK A 3780 -39.34 38.16 -7.44
C UNK A 3780 -38.78 38.02 -6.03
N UNK A 3781 -39.45 38.60 -5.06
CA UNK A 3781 -39.02 38.53 -3.67
C UNK A 3781 -39.01 37.10 -3.17
N UNK A 3782 -40.03 36.34 -3.55
CA UNK A 3782 -40.07 34.94 -3.14
C UNK A 3782 -38.88 34.19 -3.73
N UNK A 3783 -38.58 34.48 -4.99
CA UNK A 3783 -37.44 33.83 -5.62
C UNK A 3783 -36.16 34.17 -4.89
N UNK A 3784 -36.05 35.41 -4.46
CA UNK A 3784 -34.88 35.87 -3.72
C UNK A 3784 -34.71 35.12 -2.40
N UNK A 3785 -35.81 34.91 -1.70
CA UNK A 3785 -35.74 34.16 -0.44
C UNK A 3785 -35.25 32.75 -0.72
N UNK A 3786 -35.75 32.17 -1.81
CA UNK A 3786 -35.33 30.82 -2.17
C UNK A 3786 -33.82 30.77 -2.44
N UNK A 3787 -33.33 31.80 -3.10
CA UNK A 3787 -31.89 31.91 -3.37
C UNK A 3787 -31.07 32.01 -2.10
N UNK A 3788 -31.58 32.76 -1.12
CA UNK A 3788 -30.91 32.85 0.18
C UNK A 3788 -30.84 31.48 0.83
N UNK A 3789 -31.93 30.73 0.74
CA UNK A 3789 -31.95 29.38 1.28
C UNK A 3789 -30.93 28.48 0.60
N UNK A 3790 -30.79 28.67 -0.70
CA UNK A 3790 -29.78 27.95 -1.48
C UNK A 3790 -28.37 28.27 -1.01
N UNK A 3791 -28.09 29.54 -0.73
CA UNK A 3791 -26.76 29.88 -0.23
C UNK A 3791 -26.60 29.18 1.08
N UNK A 3792 -27.70 29.18 1.81
CA UNK A 3792 -27.77 28.72 3.17
C UNK A 3792 -27.31 27.28 3.18
N UNK A 3793 -27.67 26.53 2.14
CA UNK A 3793 -27.10 25.21 1.98
C UNK A 3793 -25.58 25.22 2.23
N UNK A 3794 -18.65 20.17 -1.30
CA UNK A 3794 -20.03 19.73 -1.52
C UNK A 3794 -20.26 19.32 -2.97
N UNK A 3795 -19.94 18.06 -3.25
CA UNK A 3795 -19.99 17.54 -4.60
C UNK A 3795 -21.42 17.65 -5.09
N UNK A 3796 -22.36 17.35 -4.20
CA UNK A 3796 -23.77 17.37 -4.56
C UNK A 3796 -24.18 18.78 -4.96
N UNK A 3797 -23.76 19.78 -4.18
CA UNK A 3797 -24.15 21.14 -4.51
C UNK A 3797 -23.57 21.49 -5.86
N UNK A 3798 -22.32 21.11 -6.09
CA UNK A 3798 -21.70 21.45 -7.35
C UNK A 3798 -22.44 20.83 -8.53
N UNK A 3799 -22.80 19.56 -8.41
CA UNK A 3799 -23.50 18.89 -9.50
C UNK A 3799 -24.83 19.54 -9.76
N UNK A 3800 -25.50 19.85 -8.66
CA UNK A 3800 -26.81 20.38 -8.75
C UNK A 3800 -26.69 21.68 -9.49
N UNK A 3801 -25.69 22.49 -9.12
CA UNK A 3801 -25.59 23.80 -9.71
C UNK A 3801 -25.37 23.65 -11.18
N UNK A 3802 -24.45 22.77 -11.57
CA UNK A 3802 -24.15 22.71 -13.00
C UNK A 3802 -25.38 22.28 -13.77
N UNK A 3803 -26.08 21.27 -13.27
CA UNK A 3803 -27.23 20.75 -14.01
C UNK A 3803 -28.33 21.78 -14.10
N UNK A 3804 -28.52 22.46 -12.97
CA UNK A 3804 -29.59 23.41 -12.77
C UNK A 3804 -29.37 24.49 -13.81
N UNK A 3805 -28.11 24.82 -13.99
CA UNK A 3805 -27.67 25.73 -15.02
C UNK A 3805 -28.47 25.52 -16.31
N UNK A 3806 -28.91 27.13 -16.57
CA UNK A 3806 -29.51 26.32 -17.62
C UNK A 3806 -30.33 27.21 -18.55
N UNK A 3807 -31.43 26.68 -19.07
CA UNK A 3807 -32.36 27.52 -19.82
C UNK A 3807 -32.87 28.58 -18.86
N UNK A 3808 -32.95 28.18 -17.61
CA UNK A 3808 -33.20 29.09 -16.53
C UNK A 3808 -32.05 30.07 -16.56
N UNK A 3809 -30.85 29.61 -16.87
CA UNK A 3809 -29.71 30.51 -16.93
C UNK A 3809 -29.92 31.56 -18.01
N UNK A 3810 -30.49 31.15 -19.13
CA UNK A 3810 -30.86 32.02 -20.24
C UNK A 3810 -31.91 33.04 -19.84
N UNK A 3811 -32.87 32.60 -19.04
CA UNK A 3811 -33.87 33.47 -18.47
C UNK A 3811 -33.22 34.50 -17.56
N UNK A 3812 -32.20 34.03 -16.86
CA UNK A 3812 -31.39 34.83 -15.97
C UNK A 3812 -30.68 35.86 -16.81
N UNK A 3813 -30.28 35.41 -17.98
CA UNK A 3813 -29.60 36.20 -18.95
C UNK A 3813 -30.53 37.30 -19.36
N UNK A 3814 -31.81 36.96 -19.48
CA UNK A 3814 -32.89 37.91 -19.74
C UNK A 3814 -33.12 38.96 -18.64
N UNK A 3815 -33.02 38.52 -17.39
CA UNK A 3815 -33.08 39.46 -16.27
C UNK A 3815 -31.89 40.39 -16.41
N UNK A 3816 -30.80 39.79 -16.84
CA UNK A 3816 -29.54 40.44 -17.07
C UNK A 3816 -29.70 41.48 -18.14
N UNK A 3817 -30.50 41.14 -19.13
CA UNK A 3817 -30.87 41.99 -20.23
C UNK A 3817 -31.63 43.18 -19.72
N UNK A 3818 -32.51 42.95 -18.76
CA UNK A 3818 -33.24 44.03 -18.14
C UNK A 3818 -32.25 44.98 -17.47
N UNK A 3819 -31.25 44.41 -16.83
CA UNK A 3819 -30.18 45.20 -16.22
C UNK A 3819 -29.35 46.00 -17.23
N UNK A 3820 -29.06 45.35 -18.35
CA UNK A 3820 -28.31 45.94 -19.41
C UNK A 3820 -29.11 47.13 -19.87
N UNK A 3821 -30.42 46.93 -19.88
CA UNK A 3821 -31.42 47.91 -20.25
C UNK A 3821 -31.45 49.13 -19.35
N UNK A 3822 -31.31 48.95 -18.05
CA UNK A 3822 -31.15 50.11 -17.16
C UNK A 3822 -29.85 50.86 -17.46
N UNK A 3823 -28.80 50.09 -17.73
CA UNK A 3823 -27.53 50.71 -18.07
C UNK A 3823 -27.75 51.52 -19.32
N UNK A 3824 -28.57 50.94 -20.17
CA UNK A 3824 -29.00 51.44 -21.45
C UNK A 3824 -29.81 52.72 -21.37
N UNK A 3825 -30.64 52.83 -20.35
CA UNK A 3825 -31.40 54.02 -20.07
C UNK A 3825 -30.41 55.10 -19.73
N UNK A 3826 -29.39 54.73 -18.97
CA UNK A 3826 -28.34 55.71 -18.68
C UNK A 3826 -27.69 56.15 -20.00
N UNK A 3827 -27.48 55.17 -20.86
CA UNK A 3827 -26.86 55.38 -22.15
C UNK A 3827 -27.68 56.30 -23.05
N UNK A 3828 -29.00 56.13 -22.97
CA UNK A 3828 -30.00 56.91 -23.68
C UNK A 3828 -29.99 58.34 -23.23
N UNK A 3829 -29.81 58.51 -21.92
CA UNK A 3829 -29.69 59.84 -21.37
C UNK A 3829 -28.48 60.44 -22.02
N UNK A 3830 -27.41 59.65 -22.15
CA UNK A 3830 -26.22 60.15 -22.83
C UNK A 3830 -26.49 60.53 -24.27
N UNK A 3831 -27.25 59.69 -24.97
CA UNK A 3831 -27.63 59.93 -26.35
C UNK A 3831 -28.62 61.07 -26.44
N UNK A 3832 -29.80 60.80 -27.00
CA UNK A 3832 -30.79 61.88 -27.13
C UNK A 3832 -30.18 63.04 -27.90
N UNK A 3833 -31.00 63.83 -28.62
CA UNK A 3833 -32.34 64.29 -28.24
C UNK A 3833 -33.32 64.58 -29.37
N UNK A 3834 -34.60 64.48 -29.01
CA UNK A 3834 -35.71 64.92 -29.84
C UNK A 3834 -36.62 65.79 -28.97
N UNK A 3835 -37.24 66.79 -29.56
CA UNK A 3835 -38.05 67.74 -28.81
C UNK A 3835 -39.30 67.13 -28.14
N UNK A 3836 -39.61 67.60 -26.94
CA UNK A 3836 -40.83 67.24 -26.23
C UNK A 3836 -40.76 65.99 -25.33
N UNK A 3837 -39.63 65.30 -25.35
CA UNK A 3837 -39.42 64.20 -24.42
C UNK A 3837 -40.10 62.89 -24.82
N UNK A 3838 -40.74 62.89 -25.99
CA UNK A 3838 -41.44 61.70 -26.45
C UNK A 3838 -40.61 61.06 -27.55
N UNK A 3839 -40.28 59.80 -27.37
CA UNK A 3839 -39.36 59.14 -28.28
C UNK A 3839 -39.94 59.04 -29.67
N UNK A 3840 -39.05 59.07 -30.66
CA UNK A 3840 -39.31 58.38 -31.89
C UNK A 3840 -39.00 56.92 -31.62
N UNK A 3841 -39.92 56.04 -31.97
CA UNK A 3841 -39.72 54.62 -31.77
C UNK A 3841 -38.51 54.25 -32.62
N UNK A 3842 -38.42 54.91 -33.76
CA UNK A 3842 -37.29 54.79 -34.67
C UNK A 3842 -35.98 55.28 -34.06
N UNK A 3843 -36.05 56.34 -33.28
CA UNK A 3843 -34.86 56.85 -32.61
C UNK A 3843 -34.39 55.76 -31.67
N UNK A 3844 -35.38 55.11 -31.08
CA UNK A 3844 -35.14 54.01 -30.16
C UNK A 3844 -34.45 52.89 -30.90
N UNK A 3845 -34.93 52.64 -32.11
CA UNK A 3845 -34.36 51.62 -32.95
C UNK A 3845 -32.90 51.94 -33.27
N UNK A 3846 -32.62 53.21 -33.52
CA UNK A 3846 -31.26 53.66 -33.80
C UNK A 3846 -30.35 53.42 -32.61
N UNK A 3847 -30.89 53.68 -31.43
CA UNK A 3847 -30.15 53.43 -30.19
C UNK A 3847 -29.86 51.95 -30.03
N UNK A 3848 -30.85 51.17 -30.43
CA UNK A 3848 -30.75 49.73 -30.36
C UNK A 3848 -29.63 49.29 -31.28
N UNK A 3849 -29.57 49.95 -32.44
CA UNK A 3849 -28.57 49.65 -33.43
C UNK A 3849 -27.21 49.91 -32.83
N UNK A 3850 -27.11 51.00 -32.09
CA UNK A 3850 -25.86 51.32 -31.42
C UNK A 3850 -25.42 50.27 -30.40
N UNK A 3851 -26.34 49.79 -29.57
CA UNK A 3851 -25.98 48.73 -28.61
C UNK A 3851 -25.77 47.40 -29.32
N UNK A 3852 -25.02 46.44 -28.75
CA UNK A 3852 -24.98 45.18 -29.47
C UNK A 3852 -26.38 44.62 -29.56
N UNK A 3853 -27.11 44.69 -28.45
CA UNK A 3853 -28.56 44.45 -28.44
C UNK A 3853 -28.97 42.99 -28.43
N UNK A 3854 -30.26 42.80 -28.15
CA UNK A 3854 -30.89 41.55 -27.78
C UNK A 3854 -31.48 40.90 -29.01
N UNK A 3855 -30.96 41.32 -30.15
CA UNK A 3855 -31.41 40.90 -31.44
C UNK A 3855 -32.61 41.79 -31.57
N UNK A 3856 -33.15 41.85 -32.78
CA UNK A 3856 -34.27 42.75 -33.00
C UNK A 3856 -35.36 42.27 -32.09
N UNK A 3857 -35.52 40.96 -32.03
CA UNK A 3857 -36.65 40.45 -31.31
C UNK A 3857 -36.56 40.85 -29.87
N UNK A 3858 -35.43 40.59 -29.20
CA UNK A 3858 -35.47 40.83 -27.76
C UNK A 3858 -35.59 42.31 -27.55
N UNK A 3859 -34.84 43.07 -28.34
CA UNK A 3859 -34.77 44.47 -28.05
C UNK A 3859 -36.16 45.03 -28.20
N UNK A 3860 -36.76 44.62 -29.29
CA UNK A 3860 -38.00 45.15 -29.76
C UNK A 3860 -39.06 44.81 -28.77
N UNK A 3861 -38.99 43.58 -28.29
CA UNK A 3861 -39.97 43.04 -27.38
C UNK A 3861 -39.93 43.77 -26.08
N UNK A 3862 -38.73 44.00 -25.60
CA UNK A 3862 -38.58 44.68 -24.34
C UNK A 3862 -39.14 46.06 -24.55
N UNK A 3863 -38.84 46.58 -25.72
CA UNK A 3863 -39.18 47.92 -26.07
C UNK A 3863 -40.66 48.02 -26.02
N UNK A 3864 -41.32 47.05 -26.61
CA UNK A 3864 -42.74 47.10 -26.77
C UNK A 3864 -43.29 47.08 -25.37
N UNK A 3865 -42.72 46.21 -24.58
CA UNK A 3865 -43.29 45.95 -23.29
C UNK A 3865 -43.29 47.24 -22.52
N UNK A 3866 -42.17 47.97 -22.52
CA UNK A 3866 -42.18 49.26 -21.82
C UNK A 3866 -43.02 50.36 -22.47
N UNK A 3867 -42.80 50.50 -23.76
CA UNK A 3867 -43.04 51.72 -24.56
C UNK A 3867 -44.43 52.21 -24.90
N UNK A 3868 -45.36 51.33 -25.27
CA UNK A 3868 -46.43 51.84 -26.10
C UNK A 3868 -47.12 52.99 -25.39
N UNK A 3869 -47.44 52.79 -24.11
CA UNK A 3869 -47.66 53.85 -23.14
C UNK A 3869 -49.07 54.48 -22.95
N UNK A 3870 -50.04 54.27 -23.84
CA UNK A 3870 -49.85 53.72 -25.17
C UNK A 3870 -50.29 54.78 -26.18
N UNK A 3871 -49.74 54.73 -27.40
CA UNK A 3871 -49.95 55.74 -28.45
C UNK A 3871 -48.87 55.82 -29.54
N UNK A 3872 -47.74 55.15 -29.34
CA UNK A 3872 -46.80 54.91 -30.46
C UNK A 3872 -45.46 55.62 -30.28
N UNK A 3873 -45.44 56.63 -29.42
CA UNK A 3873 -44.18 57.23 -28.99
C UNK A 3873 -44.05 57.06 -27.47
N UNK A 3874 -42.90 56.55 -27.00
CA UNK A 3874 -42.61 56.49 -25.57
C UNK A 3874 -42.52 57.90 -24.98
N UNK A 3875 -41.90 57.94 -23.81
CA UNK A 3875 -41.30 59.11 -23.18
C UNK A 3875 -40.09 58.58 -22.42
N UNK A 3876 -38.98 59.30 -22.53
CA UNK A 3876 -37.74 58.85 -21.95
C UNK A 3876 -37.98 58.71 -20.47
N UNK A 3877 -38.77 59.63 -19.94
CA UNK A 3877 -39.11 59.63 -18.53
C UNK A 3877 -39.86 58.37 -18.15
N UNK A 3878 -40.75 57.92 -19.03
CA UNK A 3878 -41.50 56.70 -18.77
C UNK A 3878 -40.55 55.52 -18.70
N UNK A 3879 -39.61 55.51 -19.63
CA UNK A 3879 -38.66 54.41 -19.67
C UNK A 3879 -37.93 54.44 -18.35
N UNK A 3880 -37.61 55.64 -17.91
CA UNK A 3880 -36.89 55.87 -16.67
C UNK A 3880 -37.62 55.42 -15.42
N UNK A 3881 -38.93 55.64 -15.37
CA UNK A 3881 -39.75 55.18 -14.26
C UNK A 3881 -39.73 53.67 -14.24
N UNK A 3882 -39.81 53.10 -15.42
CA UNK A 3882 -39.82 51.66 -15.53
C UNK A 3882 -38.51 51.20 -14.94
N UNK A 3883 -37.47 51.93 -15.28
CA UNK A 3883 -36.11 51.65 -14.85
C UNK A 3883 -35.90 51.75 -13.35
N UNK A 3884 -36.54 52.71 -12.71
CA UNK A 3884 -36.52 52.86 -11.25
C UNK A 3884 -37.19 51.69 -10.56
N UNK A 3885 -38.31 51.28 -11.15
CA UNK A 3885 -38.98 50.11 -10.62
C UNK A 3885 -37.99 48.97 -10.76
N UNK A 3886 -37.31 49.01 -11.88
CA UNK A 3886 -36.36 48.00 -12.27
C UNK A 3886 -35.26 47.96 -11.25
N UNK A 3887 -34.85 49.10 -10.76
CA UNK A 3887 -33.83 49.27 -9.72
C UNK A 3887 -34.19 48.72 -8.36
N UNK A 3888 -35.45 48.90 -7.96
CA UNK A 3888 -35.87 48.25 -6.71
C UNK A 3888 -35.77 46.74 -6.95
N UNK A 3889 -36.20 46.40 -8.15
CA UNK A 3889 -36.25 45.04 -8.59
C UNK A 3889 -34.83 44.51 -8.56
N UNK A 3890 -33.93 45.41 -8.89
CA UNK A 3890 -32.50 45.25 -9.03
C UNK A 3890 -31.84 44.93 -7.72
N UNK A 3891 -32.24 45.60 -6.66
CA UNK A 3891 -31.70 45.26 -5.36
C UNK A 3891 -32.14 43.82 -5.12
N UNK A 3892 -33.38 43.56 -5.50
CA UNK A 3892 -33.87 42.21 -5.31
C UNK A 3892 -33.06 41.15 -6.07
N UNK A 3893 -32.72 41.45 -7.33
CA UNK A 3893 -31.98 40.53 -8.18
C UNK A 3893 -30.60 40.34 -7.60
N UNK A 3894 -30.07 41.44 -7.11
CA UNK A 3894 -28.71 41.53 -6.64
C UNK A 3894 -28.62 40.50 -5.56
N UNK A 3895 -29.69 40.38 -4.78
CA UNK A 3895 -29.81 39.20 -3.91
C UNK A 3895 -29.30 37.91 -4.59
CA UNK A 3896 -29.39 35.73 -6.41
C UNK A 3896 -28.07 36.07 -7.09
N UNK A 3897 -27.84 37.34 -7.41
CA UNK A 3897 -26.60 37.69 -8.10
C UNK A 3897 -25.41 37.42 -7.18
N UNK A 3898 -25.59 37.85 -5.96
CA UNK A 3898 -24.67 37.67 -4.87
C UNK A 3898 -24.60 36.21 -4.60
N UNK A 3899 -25.75 35.55 -4.71
CA UNK A 3899 -25.76 34.13 -4.43
C UNK A 3899 -24.77 33.48 -5.40
N UNK A 3900 -24.85 33.91 -6.64
CA UNK A 3900 -24.03 33.43 -7.72
C UNK A 3900 -22.56 33.70 -7.53
N UNK A 3901 -22.27 34.88 -7.02
CA UNK A 3901 -20.90 35.23 -6.77
C UNK A 3901 -20.34 34.32 -5.72
N UNK A 3902 -21.17 34.07 -4.73
CA UNK A 3902 -20.81 33.21 -3.63
C UNK A 3902 -20.56 31.86 -4.22
N UNK A 3903 -21.38 31.53 -5.20
CA UNK A 3903 -21.36 30.27 -5.86
C UNK A 3903 -20.03 30.12 -6.54
N UNK A 3904 -19.61 31.18 -7.20
CA UNK A 3904 -18.40 31.16 -7.97
C UNK A 3904 -17.31 30.87 -6.98
N UNK A 3905 -17.42 31.52 -5.84
CA UNK A 3905 -16.58 31.22 -4.71
C UNK A 3905 -16.44 29.71 -4.53
N UNK A 3906 -18.18 22.71 -17.16
CA UNK A 3906 -17.29 22.46 -16.04
C UNK A 3906 -17.27 23.71 -15.19
N UNK A 3907 -16.17 23.92 -14.48
CA UNK A 3907 -15.97 25.18 -13.79
C UNK A 3907 -16.00 26.22 -14.88
N UNK A 3908 -15.42 25.87 -16.01
CA UNK A 3908 -15.43 26.67 -17.21
C UNK A 3908 -16.82 26.89 -17.77
N UNK A 3909 -17.67 25.89 -17.71
CA UNK A 3909 -19.02 26.04 -18.22
C UNK A 3909 -19.69 27.09 -17.36
N UNK A 3910 -19.41 26.96 -16.08
CA UNK A 3910 -19.98 27.82 -15.10
C UNK A 3910 -19.52 29.19 -15.46
N UNK A 3911 -18.27 29.27 -15.84
CA UNK A 3911 -17.56 30.47 -16.24
C UNK A 3911 -18.11 31.16 -17.48
N UNK A 3912 -18.55 30.43 -18.49
CA UNK A 3912 -19.23 31.02 -19.65
C UNK A 3912 -20.56 31.61 -19.23
N UNK A 3913 -21.21 30.83 -18.38
CA UNK A 3913 -22.44 31.30 -17.79
C UNK A 3913 -22.09 32.59 -17.07
N UNK A 3914 -20.90 32.57 -16.51
CA UNK A 3914 -20.15 33.55 -15.76
C UNK A 3914 -19.69 34.79 -16.50
N UNK A 3915 -19.44 34.67 -17.79
CA UNK A 3915 -19.19 35.81 -18.65
C UNK A 3915 -20.48 36.56 -18.67
N UNK A 3916 -21.56 35.78 -18.82
CA UNK A 3916 -22.86 36.45 -18.73
C UNK A 3916 -22.93 37.05 -17.32
N UNK A 3917 -22.45 36.22 -16.42
CA UNK A 3917 -22.56 36.40 -15.01
C UNK A 3917 -21.81 37.62 -14.59
N UNK A 3918 -20.85 38.01 -15.41
CA UNK A 3918 -19.77 38.92 -15.11
C UNK A 3918 -20.07 40.26 -15.72
N UNK A 3919 -20.95 40.27 -16.71
CA UNK A 3919 -21.66 41.50 -16.97
C UNK A 3919 -22.48 41.76 -15.70
N UNK A 3920 -23.06 40.65 -15.24
CA UNK A 3920 -23.83 40.73 -14.03
C UNK A 3920 -22.89 41.19 -12.94
N UNK A 3921 -21.64 40.77 -13.07
CA UNK A 3921 -20.57 40.95 -12.13
C UNK A 3921 -20.20 42.38 -11.98
N UNK A 3922 -20.13 43.10 -13.08
CA UNK A 3922 -19.83 44.50 -13.01
C UNK A 3922 -20.97 45.11 -12.24
N UNK A 3923 -22.16 44.65 -12.60
CA UNK A 3923 -23.31 45.23 -11.96
C UNK A 3923 -23.20 45.01 -10.47
N UNK A 3924 -22.84 43.80 -10.07
CA UNK A 3924 -22.77 43.44 -8.68
C UNK A 3924 -21.68 44.19 -7.95
N UNK A 3925 -20.57 44.31 -8.62
CA UNK A 3925 -19.37 44.88 -8.09
C UNK A 3925 -19.75 46.27 -7.67
N UNK A 3926 -20.63 46.89 -8.43
CA UNK A 3926 -21.25 48.09 -7.96
C UNK A 3926 -22.75 48.01 -8.15
N UNK A 3927 -23.48 47.35 -7.25
CA UNK A 3927 -23.84 47.66 -5.89
C UNK A 3927 -22.75 47.74 -4.84
N UNK A 3928 -23.55 49.21 -1.07
CA UNK A 3928 -23.83 49.78 -2.38
C UNK A 3928 -24.43 51.13 -2.08
N UNK A 3929 -25.68 51.16 -1.64
CA UNK A 3929 -26.19 52.35 -1.01
C UNK A 3929 -25.46 52.52 0.31
N UNK A 3930 -25.35 51.40 1.01
CA UNK A 3930 -24.63 51.31 2.26
C UNK A 3930 -23.16 51.51 1.99
N UNK A 3931 -22.71 50.93 0.90
CA UNK A 3931 -21.32 51.02 0.54
C UNK A 3931 -21.06 52.49 0.32
N UNK A 3932 -22.03 53.13 -0.30
CA UNK A 3932 -21.93 54.53 -0.64
C UNK A 3932 -21.85 55.37 0.60
N UNK A 3933 -22.68 55.04 1.58
CA UNK A 3933 -22.69 55.80 2.80
C UNK A 3933 -21.33 55.66 3.44
N UNK A 3934 -20.81 54.45 3.41
CA UNK A 3934 -19.54 54.16 4.02
C UNK A 3934 -18.45 54.96 3.33
N UNK A 3935 -18.54 55.00 2.01
CA UNK A 3935 -17.56 55.65 1.19
C UNK A 3935 -17.57 57.13 1.50
N UNK A 3936 -18.76 57.65 1.66
CA UNK A 3936 -18.93 59.06 1.91
C UNK A 3936 -18.28 59.37 3.23
N UNK A 3937 -18.52 58.51 4.20
CA UNK A 3937 -17.99 58.75 5.52
C UNK A 3937 -16.48 58.75 5.45
N UNK A 3938 -15.93 57.80 4.68
CA UNK A 3938 -14.50 57.66 4.57
C UNK A 3938 -13.89 58.89 3.95
N UNK A 3939 -14.54 59.41 2.91
CA UNK A 3939 -14.00 60.58 2.26
C UNK A 3939 -14.02 61.72 3.26
N UNK A 3940 -15.15 61.86 3.95
CA UNK A 3940 -15.31 62.93 4.90
C UNK A 3940 -14.37 62.79 6.08
N UNK A 3941 -14.38 60.14 7.11
CA UNK A 3941 -12.98 60.49 7.03
C UNK A 3941 -12.14 59.21 6.98
N UNK A 3942 -11.32 59.13 5.94
CA UNK A 3942 -11.02 60.32 5.20
C UNK A 3942 -10.46 61.10 6.37
N UNK A 3943 -11.29 61.90 7.02
CA UNK A 3943 -10.94 62.36 8.34
C UNK A 3943 -10.90 61.12 9.20
N UNK A 3944 -11.89 60.27 8.97
CA UNK A 3944 -12.03 59.03 9.70
C UNK A 3944 -10.87 58.12 9.41
N UNK A 3945 -10.45 58.11 8.15
CA UNK A 3945 -9.34 57.30 7.70
C UNK A 3945 -8.06 57.76 8.36
N UNK A 3946 -7.93 59.08 8.49
CA UNK A 3946 -6.78 59.65 9.15
C UNK A 3946 -6.77 59.19 10.58
N UNK A 3947 -7.95 59.14 11.18
CA UNK A 3947 -8.12 58.67 12.54
C UNK A 3947 -7.72 57.21 12.68
N UNK A 3948 -8.07 56.43 11.68
CA UNK A 3948 -7.72 55.02 11.60
C UNK A 3948 -6.23 54.87 11.49
N UNK A 3949 -5.64 55.78 10.73
CA UNK A 3949 -4.21 55.82 10.51
C UNK A 3949 -3.60 56.08 11.85
N UNK A 3950 -4.26 56.93 12.61
CA UNK A 3950 -3.86 57.29 13.96
C UNK A 3950 -3.90 56.09 14.90
N UNK A 3951 -4.95 55.29 14.77
CA UNK A 3951 -5.08 54.09 15.56
C UNK A 3951 -3.90 53.21 15.21
N UNK A 3952 -3.60 53.18 13.92
CA UNK A 3952 -2.53 52.37 13.38
C UNK A 3952 -1.21 52.80 13.97
N UNK A 3953 -1.02 54.11 14.04
CA UNK A 3953 0.20 54.68 14.58
C UNK A 3953 0.34 54.30 16.04
N UNK A 3954 -0.78 54.36 16.76
CA UNK A 3954 -0.76 54.07 18.17
C UNK A 3954 -0.28 52.65 18.31
N UNK A 3955 -0.78 51.77 17.44
CA UNK A 3955 -0.25 50.42 17.34
C UNK A 3955 -0.04 49.76 18.69
N UNK A 3956 -7.56 42.53 20.10
CA UNK A 3956 -7.97 43.17 21.34
C UNK A 3956 -8.10 44.67 21.15
N UNK A 3957 -6.95 45.28 20.90
CA UNK A 3957 -6.85 46.72 20.71
C UNK A 3957 -7.73 47.03 19.53
N UNK A 3958 -7.69 46.13 18.55
CA UNK A 3958 -8.54 46.22 17.37
C UNK A 3958 -10.01 46.12 17.73
N UNK A 3959 -10.36 45.32 18.72
CA UNK A 3959 -11.75 45.20 19.09
C UNK A 3959 -12.18 46.56 19.54
N UNK A 3960 -11.31 47.20 20.30
CA UNK A 3960 -11.60 48.56 20.77
C UNK A 3960 -11.74 49.57 19.62
N UNK A 3961 -10.84 49.47 18.66
CA UNK A 3961 -10.89 50.37 17.52
C UNK A 3961 -12.19 50.17 16.75
N UNK A 3962 -12.63 48.93 16.63
CA UNK A 3962 -13.87 48.57 15.94
C UNK A 3962 -15.08 49.13 16.65
N UNK A 3963 -15.02 49.10 17.97
CA UNK A 3963 -16.08 49.67 18.75
C UNK A 3963 -16.13 51.12 18.40
N UNK A 3964 -14.96 51.72 18.32
CA UNK A 3964 -14.90 53.14 18.02
C UNK A 3964 -15.49 53.42 16.65
N UNK A 3965 -15.17 52.58 15.69
CA UNK A 3965 -15.64 52.81 14.34
C UNK A 3965 -17.14 52.80 14.39
N UNK A 3966 -17.71 51.83 15.09
CA UNK A 3966 -19.17 51.72 15.17
C UNK A 3966 -19.84 52.92 15.85
N UNK A 3967 -19.26 53.39 16.94
CA UNK A 3967 -19.83 54.52 17.64
C UNK A 3967 -19.77 55.72 16.72
N UNK A 3968 -18.66 55.80 16.01
CA UNK A 3968 -18.42 56.90 15.12
C UNK A 3968 -19.48 56.89 14.05
N UNK A 3969 -19.77 55.68 13.57
CA UNK A 3969 -20.72 55.48 12.50
C UNK A 3969 -22.07 55.93 12.97
N UNK A 3970 -22.42 55.58 14.20
CA UNK A 3970 -23.71 55.97 14.72
C UNK A 3970 -23.81 57.50 14.77
N UNK A 3971 -22.74 58.15 15.23
CA UNK A 3971 -22.76 59.60 15.30
C UNK A 3971 -22.90 60.23 13.93
N UNK A 3972 -22.15 59.66 12.99
CA UNK A 3972 -22.10 60.22 11.66
C UNK A 3972 -23.48 60.10 11.09
N UNK A 3973 -24.09 58.96 11.36
CA UNK A 3973 -25.38 58.66 10.81
C UNK A 3973 -26.39 59.63 11.34
N UNK A 3974 -26.33 59.92 12.63
CA UNK A 3974 -27.31 60.82 13.19
C UNK A 3974 -27.15 62.16 12.50
N UNK A 3975 -25.91 62.60 12.37
CA UNK A 3975 -25.69 63.93 11.80
C UNK A 3975 -26.17 63.99 10.36
N UNK A 3976 -25.90 62.92 9.62
CA UNK A 3976 -26.25 62.80 8.21
C UNK A 3976 -27.76 62.79 8.00
N UNK A 3977 -39.45 76.81 18.80
CA UNK A 3977 -40.13 75.79 18.02
C UNK A 3977 -39.66 75.83 16.56
N UNK A 3978 -40.44 76.50 15.72
CA UNK A 3978 -40.08 76.61 14.31
C UNK A 3978 -38.76 77.33 14.25
N UNK A 3979 -38.63 78.32 15.13
CA UNK A 3979 -37.39 79.09 15.23
C UNK A 3979 -36.27 78.16 15.62
N UNK A 3980 -36.54 77.24 16.54
CA UNK A 3980 -35.52 76.33 17.02
C UNK A 3980 -35.03 75.48 15.85
N UNK A 3981 -35.96 75.02 15.01
CA UNK A 3981 -35.64 74.24 13.83
C UNK A 3981 -34.80 75.00 12.81
N UNK A 3982 -35.15 76.27 12.62
CA UNK A 3982 -34.39 77.09 11.69
C UNK A 3982 -32.98 77.22 12.23
N UNK A 3983 -32.89 77.35 13.55
CA UNK A 3983 -31.63 77.50 14.23
C UNK A 3983 -30.82 76.26 14.00
N UNK A 3984 -31.47 75.11 14.06
CA UNK A 3984 -30.82 73.84 13.83
C UNK A 3984 -30.29 73.71 12.42
N UNK A 3985 -31.05 74.18 11.44
CA UNK A 3985 -30.58 74.14 10.05
C UNK A 3985 -29.35 75.03 9.91
N UNK A 3986 -29.44 76.18 10.55
CA UNK A 3986 -28.39 77.16 10.47
C UNK A 3986 -27.17 76.50 11.06
N UNK A 3987 -27.42 75.75 12.13
CA UNK A 3987 -26.43 75.02 12.91
C UNK A 3987 -25.71 73.93 12.14
N UNK A 3988 -26.44 73.19 11.30
CA UNK A 3988 -25.80 72.21 10.42
C UNK A 3988 -24.89 72.94 9.45
N UNK A 3989 -25.39 74.06 8.95
CA UNK A 3989 -24.59 74.83 8.00
C UNK A 3989 -23.32 75.23 8.73
N UNK A 3990 -23.49 75.58 10.00
CA UNK A 3990 -22.43 76.02 10.89
C UNK A 3990 -21.37 74.96 11.19
N UNK A 3991 -21.79 73.73 11.40
CA UNK A 3991 -20.84 72.65 11.62
C UNK A 3991 -20.03 72.54 10.35
N UNK A 3992 -20.73 72.67 9.23
CA UNK A 3992 -20.05 72.56 7.95
C UNK A 3992 -18.99 73.64 7.85
N UNK A 3993 -19.33 74.85 8.26
CA UNK A 3993 -18.40 75.97 8.24
C UNK A 3993 -17.22 75.76 9.18
N UNK A 3994 -17.51 75.19 10.35
CA UNK A 3994 -16.51 74.98 11.37
C UNK A 3994 -15.49 74.09 10.73
N UNK A 3995 -15.97 73.13 9.97
CA UNK A 3995 -15.12 72.49 8.99
C UNK A 3995 -14.91 73.60 7.97
N UNK A 3996 -14.25 74.67 8.37
CA UNK A 3996 -14.33 75.90 7.60
C UNK A 3996 -14.39 77.09 8.54
N UNK A 3997 -15.21 76.96 9.57
CA UNK A 3997 -15.38 78.06 10.50
C UNK A 3997 -14.04 78.34 11.15
N UNK A 3998 -13.34 77.29 11.51
CA UNK A 3998 -12.07 77.49 12.19
C UNK A 3998 -11.09 78.24 11.30
N UNK A 3999 -11.00 77.83 10.05
CA UNK A 3999 -10.01 78.45 9.18
C UNK A 3999 -10.35 79.92 9.07
N UNK A 4000 -11.64 80.21 8.88
CA UNK A 4000 -12.03 81.58 8.65
C UNK A 4000 -11.68 82.43 9.86
N UNK A 4001 -11.99 81.92 11.04
CA UNK A 4001 -11.78 82.72 12.23
C UNK A 4001 -10.29 82.99 12.39
N UNK A 4002 -9.47 81.99 12.14
CA UNK A 4002 -8.05 82.18 12.34
C UNK A 4002 -7.54 83.26 11.41
N UNK A 4003 -7.98 83.22 10.15
CA UNK A 4003 -7.50 84.22 9.22
C UNK A 4003 -7.93 85.61 9.64
N UNK A 4004 -9.17 85.73 10.08
CA UNK A 4004 -9.67 87.04 10.43
C UNK A 4004 -8.85 87.59 11.57
N UNK A 4005 -8.55 86.70 12.52
CA UNK A 4005 -7.80 87.09 13.70
C UNK A 4005 -6.38 87.56 13.33
N UNK A 4006 -5.73 86.82 12.45
CA UNK A 4006 -4.39 87.21 12.09
C UNK A 4006 -4.46 88.59 11.46
N UNK A 4007 -5.47 88.82 10.64
CA UNK A 4007 -5.59 90.14 10.00
C UNK A 4007 -5.77 91.28 11.00
N UNK A 4008 -6.63 91.09 12.00
CA UNK A 4008 -6.79 92.16 13.00
C UNK A 4008 -5.48 92.40 13.74
N UNK A 4009 -4.81 91.30 14.05
CA UNK A 4009 -3.56 91.39 14.80
C UNK A 4009 -2.57 92.18 13.97
N UNK A 4010 -2.56 91.93 12.68
CA UNK A 4010 -1.69 92.60 11.73
C UNK A 4010 -1.96 94.09 11.66
N UNK A 4011 -3.23 94.49 11.67
CA UNK A 4011 -3.54 95.91 11.67
C UNK A 4011 -3.01 96.55 12.95
N UNK A 4012 -3.17 95.83 14.05
CA UNK A 4012 -2.67 96.33 15.34
C UNK A 4012 -1.15 96.48 15.28
N UNK A 4013 -0.50 95.54 14.63
CA UNK A 4013 0.95 95.53 14.43
C UNK A 4013 1.40 96.71 13.60
N UNK A 4014 0.63 97.06 12.59
CA UNK A 4014 0.95 98.23 11.79
C UNK A 4014 0.91 99.43 12.71
N UNK A 4015 -0.11 99.49 13.54
CA UNK A 4015 -0.21 100.62 14.44
C UNK A 4015 1.03 100.67 15.32
N UNK A 4016 1.46 99.52 15.82
CA UNK A 4016 2.66 99.45 16.67
C UNK A 4016 3.99 99.82 16.00
N UNK A 4017 4.18 99.42 14.75
CA UNK A 4017 5.49 99.59 14.12
C UNK A 4017 5.57 98.92 12.74
N UNK A 4018 -11.67 104.01 8.99
CA UNK A 4018 -11.21 102.73 8.49
C UNK A 4018 -11.05 101.74 9.63
N UNK A 4019 -9.99 101.92 10.41
CA UNK A 4019 -9.69 101.00 11.50
C UNK A 4019 -10.81 101.01 12.51
N UNK A 4020 -11.32 102.20 12.83
CA UNK A 4020 -12.40 102.30 13.79
C UNK A 4020 -13.57 101.53 13.22
N UNK A 4021 -13.80 101.71 11.93
CA UNK A 4021 -14.74 100.87 11.20
C UNK A 4021 -14.18 99.48 11.28
N UNK A 4022 -12.85 99.41 11.15
CA UNK A 4022 -12.13 98.15 11.21
C UNK A 4022 -12.29 97.51 12.58
N UNK A 4023 -12.25 98.33 13.62
CA UNK A 4023 -12.32 97.83 14.98
C UNK A 4023 -13.64 97.10 15.18
N UNK A 4024 -14.69 97.65 14.59
CA UNK A 4024 -16.01 97.05 14.69
C UNK A 4024 -15.93 95.65 14.08
N UNK A 4025 -15.19 95.53 12.99
CA UNK A 4025 -15.07 94.26 12.31
C UNK A 4025 -14.46 93.24 13.25
N UNK A 4026 -13.47 93.68 14.01
CA UNK A 4026 -12.81 92.79 14.95
C UNK A 4026 -13.83 92.30 15.95
N UNK A 4027 -14.70 93.20 16.38
CA UNK A 4027 -15.74 92.85 17.33
C UNK A 4027 -16.64 91.81 16.69
N UNK A 4028 -16.92 91.98 15.40
CA UNK A 4028 -17.76 91.05 14.68
C UNK A 4028 -17.12 89.68 14.68
N UNK A 4029 -15.81 89.64 14.52
CA UNK A 4029 -15.08 88.39 14.40
C UNK A 4029 -15.26 87.55 15.66
N UNK A 4030 -15.21 88.21 16.81
CA UNK A 4030 -15.36 87.50 18.07
C UNK A 4030 -16.74 86.86 18.10
N UNK A 4031 -17.73 87.58 17.60
CA UNK A 4031 -19.11 87.12 17.65
C UNK A 4031 -19.23 85.82 16.88
N UNK A 4032 -18.52 85.73 15.76
CA UNK A 4032 -18.59 84.53 14.92
C UNK A 4032 -18.12 83.32 15.69
N UNK A 4033 -17.07 83.52 16.49
CA UNK A 4033 -16.41 82.41 17.13
C UNK A 4033 -17.33 81.64 18.07
N UNK A 4034 -18.16 82.36 18.81
CA UNK A 4034 -18.97 81.70 19.82
C UNK A 4034 -19.86 80.70 19.13
N UNK A 4035 -20.37 81.07 17.97
CA UNK A 4035 -21.28 80.21 17.24
C UNK A 4035 -20.57 78.92 16.88
N UNK A 4036 -19.32 79.04 16.47
CA UNK A 4036 -18.55 77.89 16.07
C UNK A 4036 -18.39 76.97 17.27
N UNK A 4037 -18.17 77.55 18.43
CA UNK A 4037 -17.94 76.77 19.63
C UNK A 4037 -19.15 75.92 19.97
N UNK A 4038 -20.34 76.50 19.84
CA UNK A 4038 -21.54 75.77 20.22
C UNK A 4038 -21.73 74.53 19.35
N UNK A 4039 -21.68 74.65 18.02
CA UNK A 4039 -21.94 73.45 17.20
C UNK A 4039 -20.88 72.36 17.40
N UNK A 4040 -19.65 72.82 17.43
CA UNK A 4040 -18.50 71.96 17.60
C UNK A 4040 -18.70 71.26 18.92
N UNK A 4041 -19.28 71.99 19.86
CA UNK A 4041 -19.57 71.41 21.15
C UNK A 4041 -20.49 70.24 20.90
N UNK A 4042 -21.45 70.39 20.01
CA UNK A 4042 -22.39 69.32 19.76
C UNK A 4042 -21.70 68.06 19.22
N UNK A 4043 -20.78 68.24 18.29
CA UNK A 4043 -20.04 67.09 17.74
C UNK A 4043 -19.19 66.38 18.81
N UNK A 4044 -18.56 67.22 19.62
CA UNK A 4044 -17.68 66.70 20.65
C UNK A 4044 -18.54 65.88 21.58
N UNK A 4045 -19.74 66.38 21.80
CA UNK A 4045 -20.73 65.77 22.66
C UNK A 4045 -21.16 64.40 22.16
N UNK A 4046 -21.36 64.26 20.86
CA UNK A 4046 -21.68 62.94 20.33
C UNK A 4046 -20.53 61.99 20.62
N UNK A 4047 -19.31 62.48 20.40
CA UNK A 4047 -18.16 61.61 20.64
C UNK A 4047 -18.14 61.18 22.10
N UNK A 4048 -18.43 62.14 22.97
CA UNK A 4048 -18.44 61.93 24.40
C UNK A 4048 -19.48 60.93 24.84
N UNK A 4049 -20.66 60.98 24.24
CA UNK A 4049 -21.73 60.05 24.57
C UNK A 4049 -21.27 58.66 24.20
N UNK A 4050 -20.61 58.54 23.06
CA UNK A 4050 -20.11 57.23 22.68
C UNK A 4050 -19.09 56.72 23.71
N UNK A 4051 -18.24 57.63 24.15
CA UNK A 4051 -17.21 57.29 25.12
C UNK A 4051 -17.88 56.84 26.41
N UNK A 4052 -18.96 57.51 26.77
CA UNK A 4052 -19.70 57.22 27.99
C UNK A 4052 -20.29 55.84 27.91
N UNK A 4053 -20.82 55.49 26.75
CA UNK A 4053 -21.38 54.17 26.56
C UNK A 4053 -20.29 53.11 26.73
N UNK A 4054 -19.11 53.39 26.18
CA UNK A 4054 -18.01 52.46 26.30
C UNK A 4054 -17.61 52.27 27.77
N UNK A 4055 -17.62 53.38 28.48
CA UNK A 4055 -17.25 53.41 29.86
C UNK A 4055 -18.24 52.53 30.60
N UNK A 4056 -19.48 52.67 30.20
CA UNK A 4056 -20.55 51.94 30.83
C UNK A 4056 -20.34 50.45 30.64
N UNK A 4057 -19.96 50.05 29.44
CA UNK A 4057 -19.74 48.63 29.20
C UNK A 4057 -18.61 48.13 30.09
N UNK A 4058 -17.58 48.94 30.19
CA UNK A 4058 -16.43 48.57 30.99
C UNK A 4058 -16.80 48.39 32.47
N UNK A 4059 -17.64 49.29 32.98
CA UNK A 4059 -18.11 49.20 34.37
C UNK A 4059 -18.97 47.98 34.55
N UNK A 4060 -19.78 47.75 33.54
CA UNK A 4060 -20.73 46.64 33.49
C UNK A 4060 -19.93 45.38 33.65
N UNK A 4061 -18.69 45.44 33.19
CA UNK A 4061 -17.76 44.40 33.50
C UNK A 4061 -17.66 44.30 35.03
N UNK A 4062 -17.66 45.40 35.78
CA UNK A 4062 -17.48 45.23 37.23
C UNK A 4062 -18.73 45.61 38.00
N UNK A 4063 -13.86 59.55 34.47
CA UNK A 4063 -13.39 59.28 35.82
C UNK A 4063 -14.54 58.87 36.75
N UNK A 4064 -14.36 57.76 37.43
CA UNK A 4064 -15.39 57.22 38.33
C UNK A 4064 -15.73 58.10 39.54
N UNK A 4065 -14.73 58.71 40.17
CA UNK A 4065 -14.97 59.37 41.44
C UNK A 4065 -15.99 60.46 41.21
N UNK A 4066 -15.80 61.23 40.15
CA UNK A 4066 -16.88 61.94 39.50
C UNK A 4066 -17.59 61.04 38.51
N UNK A 4067 -16.78 60.25 37.81
CA UNK A 4067 -17.31 59.34 36.83
C UNK A 4067 -18.21 58.35 37.55
N UNK A 4068 -17.74 57.90 38.72
CA UNK A 4068 -18.49 56.95 39.53
C UNK A 4068 -19.82 57.54 39.99
N UNK A 4069 -19.80 58.80 40.41
CA UNK A 4069 -21.03 59.44 40.84
C UNK A 4069 -22.00 59.51 39.68
N UNK A 4070 -21.47 59.84 38.50
CA UNK A 4070 -22.29 59.97 37.31
C UNK A 4070 -22.94 58.63 37.00
N UNK A 4071 -22.15 57.57 37.16
CA UNK A 4071 -22.63 56.21 36.93
C UNK A 4071 -23.73 55.81 37.91
N UNK A 4072 -23.56 56.18 39.17
CA UNK A 4072 -24.54 55.84 40.17
C UNK A 4072 -25.82 56.52 39.74
N UNK A 4073 -25.72 57.72 39.17
CA UNK A 4073 -26.90 58.36 38.61
C UNK A 4073 -28.12 57.46 38.77
N UNK A 4074 -31.00 56.91 40.04
CA UNK A 4074 -31.06 55.69 39.27
C UNK A 4074 -30.11 54.68 39.88
N UNK A 4075 -28.85 55.08 39.96
CA UNK A 4075 -27.83 54.16 40.34
C UNK A 4075 -28.16 53.64 41.72
N UNK A 4076 -28.63 54.51 42.61
CA UNK A 4076 -28.93 54.10 43.97
C UNK A 4076 -30.06 53.09 44.15
N UNK A 4077 -31.15 53.30 43.43
CA UNK A 4077 -32.28 52.38 43.49
C UNK A 4077 -31.77 51.07 42.95
N UNK A 4078 -30.97 51.22 41.91
CA UNK A 4078 -30.46 50.09 41.17
C UNK A 4078 -29.65 49.31 42.17
N UNK A 4079 -28.89 50.04 42.96
CA UNK A 4079 -27.96 49.50 43.92
C UNK A 4079 -28.69 48.72 44.97
N UNK A 4080 -29.79 49.26 45.47
CA UNK A 4080 -30.52 48.54 46.48
C UNK A 4080 -30.99 47.21 45.90
N UNK A 4081 -31.59 47.25 44.71
CA UNK A 4081 -32.13 46.00 44.14
C UNK A 4081 -31.01 45.00 43.88
N UNK A 4082 -29.90 45.59 43.47
CA UNK A 4082 -28.70 44.90 43.06
C UNK A 4082 -28.06 44.15 44.19
N UNK A 4083 -27.96 44.74 45.38
CA UNK A 4083 -27.49 43.94 46.53
C UNK A 4083 -28.57 42.90 46.66
N UNK A 4084 -29.77 43.45 46.68
CA UNK A 4084 -31.08 42.81 46.76
C UNK A 4084 -31.25 41.72 45.73
N UNK A 4085 -30.13 41.23 45.23
CA UNK A 4085 -29.81 39.81 45.12
C UNK A 4085 -28.89 39.50 43.98
N UNK A 4086 -28.70 40.51 43.18
CA UNK A 4086 -28.52 40.33 41.76
C UNK A 4086 -27.15 40.55 41.18
N UNK A 4087 -26.73 39.65 40.29
CA UNK A 4087 -25.66 40.02 39.38
C UNK A 4087 -26.11 40.69 38.08
N UNK A 4088 -25.34 40.49 37.03
CA UNK A 4088 -25.45 41.25 35.80
C UNK A 4088 -26.79 41.09 35.12
N UNK A 4089 -27.34 39.89 35.14
CA UNK A 4089 -28.45 39.59 34.28
C UNK A 4089 -29.58 40.54 34.60
N UNK A 4090 -29.81 40.78 35.89
CA UNK A 4090 -30.78 41.77 36.27
C UNK A 4090 -30.25 43.09 35.75
N UNK A 4091 -28.95 43.27 35.90
CA UNK A 4091 -28.28 44.45 35.41
C UNK A 4091 -28.37 44.50 33.90
N UNK A 4092 -28.25 43.34 33.29
CA UNK A 4092 -28.08 43.27 31.85
C UNK A 4092 -29.27 43.88 31.17
N UNK A 4093 -30.47 43.57 31.66
CA UNK A 4093 -31.65 44.10 31.02
C UNK A 4093 -31.57 45.61 31.14
N UNK A 4094 -31.19 46.08 32.31
CA UNK A 4094 -31.12 47.52 32.54
C UNK A 4094 -30.09 48.10 31.60
N UNK A 4095 -28.97 47.40 31.47
CA UNK A 4095 -27.88 47.85 30.62
C UNK A 4095 -28.29 47.92 29.16
N UNK A 4096 -29.06 46.95 28.71
CA UNK A 4096 -29.31 46.82 27.29
C UNK A 4096 -29.99 48.07 26.74
N UNK A 4097 -30.94 48.60 27.48
CA UNK A 4097 -31.66 49.78 27.03
C UNK A 4097 -32.64 49.41 25.92
N UNK A 4098 -29.52 66.15 37.29
CA UNK A 4098 -28.27 65.52 37.70
C UNK A 4098 -27.51 65.06 36.46
N UNK A 4099 -28.24 64.39 35.57
CA UNK A 4099 -27.62 63.81 34.39
C UNK A 4099 -27.03 64.94 33.61
N UNK A 4100 -27.75 66.05 33.57
CA UNK A 4100 -27.27 67.20 32.83
C UNK A 4100 -25.98 67.66 33.44
N UNK A 4101 -25.89 67.67 34.77
CA UNK A 4101 -24.65 68.15 35.41
C UNK A 4101 -23.46 67.25 35.07
N UNK A 4102 -23.68 65.94 35.12
CA UNK A 4102 -22.59 65.02 34.83
C UNK A 4102 -22.15 65.24 33.41
N UNK A 4103 -23.14 65.44 32.53
CA UNK A 4103 -22.93 65.65 31.11
C UNK A 4103 -22.14 66.92 30.83
N UNK A 4104 -22.47 67.97 31.57
CA UNK A 4104 -21.81 69.24 31.44
C UNK A 4104 -20.36 69.05 31.84
N UNK A 4105 -20.12 68.28 32.89
CA UNK A 4105 -18.76 68.00 33.32
C UNK A 4105 -17.98 67.26 32.23
N UNK A 4106 -18.66 66.32 31.60
CA UNK A 4106 -18.06 65.56 30.52
C UNK A 4106 -17.70 66.47 29.36
N UNK A 4107 -18.57 67.41 29.03
CA UNK A 4107 -18.30 68.38 27.97
C UNK A 4107 -17.12 69.26 28.35
N UNK A 4108 -17.07 69.59 29.64
CA UNK A 4108 -16.06 70.43 30.25
C UNK A 4108 -14.71 69.73 30.29
N UNK A 4109 -14.73 68.43 30.02
CA UNK A 4109 -13.50 67.71 29.68
C UNK A 4109 -12.61 68.44 28.67
N UNK A 4110 -11.65 67.72 28.09
CA UNK A 4110 -10.47 68.30 27.49
C UNK A 4110 -10.78 69.23 26.32
N UNK A 4111 -11.75 68.84 25.50
CA UNK A 4111 -12.02 69.57 24.28
C UNK A 4111 -12.49 71.00 24.51
N UNK A 4112 -13.38 71.19 25.48
CA UNK A 4112 -14.00 72.48 25.68
C UNK A 4112 -12.96 73.51 26.03
N UNK A 4113 -11.99 73.10 26.85
CA UNK A 4113 -10.99 74.03 27.35
C UNK A 4113 -10.24 74.61 26.17
N UNK A 4114 -9.99 73.78 25.17
CA UNK A 4114 -9.26 74.23 23.99
C UNK A 4114 -10.08 75.35 23.42
N UNK A 4115 -11.40 75.19 23.51
CA UNK A 4115 -12.29 76.26 23.11
C UNK A 4115 -12.06 77.46 24.01
N UNK A 4116 -11.85 77.20 25.29
CA UNK A 4116 -11.76 78.29 26.28
C UNK A 4116 -10.62 79.26 26.04
N UNK A 4117 -9.42 78.75 25.74
CA UNK A 4117 -8.33 79.64 25.43
C UNK A 4117 -8.73 80.38 24.17
N UNK A 4118 -9.27 79.64 23.21
CA UNK A 4118 -9.87 80.24 22.04
C UNK A 4118 -11.11 81.04 22.43
N UNK A 4119 -11.92 80.45 23.31
CA UNK A 4119 -13.11 81.13 23.79
C UNK A 4119 -12.72 82.37 24.54
N UNK A 4120 -11.67 82.25 25.35
CA UNK A 4120 -11.24 83.34 26.19
C UNK A 4120 -10.84 84.50 25.32
N UNK A 4121 -10.19 84.18 24.21
CA UNK A 4121 -9.72 85.21 23.32
C UNK A 4121 -10.94 85.97 22.87
N UNK A 4122 -12.03 85.25 22.63
CA UNK A 4122 -13.27 85.91 22.31
C UNK A 4122 -13.61 86.75 23.52
N UNK A 4123 -13.38 86.17 24.69
CA UNK A 4123 -13.64 86.87 25.94
C UNK A 4123 -12.76 88.10 26.06
N UNK A 4124 -11.50 87.94 25.65
CA UNK A 4124 -10.50 88.98 25.82
C UNK A 4124 -10.86 90.24 25.06
N UNK A 4125 -11.45 90.10 23.88
CA UNK A 4125 -11.73 91.24 23.04
C UNK A 4125 -12.62 92.15 23.86
N UNK A 4126 -13.50 91.54 24.64
CA UNK A 4126 -14.29 92.26 25.63
C UNK A 4126 -13.43 93.30 26.34
N UNK A 4127 -8.35 97.53 27.50
CA UNK A 4127 -8.97 96.47 28.29
C UNK A 4127 -9.46 95.34 27.38
N UNK A 4128 -10.67 95.47 26.89
CA UNK A 4128 -11.26 94.45 26.05
C UNK A 4128 -10.41 94.31 24.78
N UNK A 4129 -9.94 95.44 24.26
CA UNK A 4129 -9.23 95.45 22.99
C UNK A 4129 -7.91 94.67 22.97
N UNK A 4130 -7.13 94.78 24.04
CA UNK A 4130 -5.78 94.21 24.04
C UNK A 4130 -5.73 92.69 23.89
N UNK A 4131 -6.62 92.00 24.56
CA UNK A 4131 -6.59 90.54 24.64
C UNK A 4131 -6.77 89.82 23.30
N UNK A 4132 -7.64 90.35 22.44
CA UNK A 4132 -8.18 89.62 21.30
C UNK A 4132 -7.12 89.13 20.32
N UNK A 4133 -6.09 89.93 20.09
CA UNK A 4133 -5.08 89.58 19.10
C UNK A 4133 -4.39 88.27 19.48
N UNK A 4134 -4.18 88.07 20.77
CA UNK A 4134 -3.48 86.87 21.25
C UNK A 4134 -4.21 85.58 20.90
N UNK A 4135 -5.54 85.59 20.96
CA UNK A 4135 -6.30 84.37 20.81
C UNK A 4135 -6.01 83.77 19.44
N UNK A 4136 -5.95 84.62 18.43
CA UNK A 4136 -5.55 84.18 17.11
C UNK A 4136 -4.12 83.66 17.23
N UNK A 4137 -3.33 84.35 18.04
CA UNK A 4137 -1.95 83.97 18.22
C UNK A 4137 -1.97 82.56 18.77
N UNK A 4138 -2.92 82.31 19.65
CA UNK A 4138 -3.08 80.98 20.21
C UNK A 4138 -3.39 80.00 19.09
N UNK A 4139 -4.18 80.48 18.14
CA UNK A 4139 -4.75 79.63 17.09
C UNK A 4139 -3.73 78.94 16.19
N UNK A 4140 -2.64 79.61 15.90
CA UNK A 4140 -1.82 79.22 14.76
C UNK A 4140 -1.35 77.79 14.86
N UNK A 4141 -0.98 77.35 16.05
CA UNK A 4141 -0.50 75.98 16.22
C UNK A 4141 -1.57 74.97 15.84
N UNK A 4142 -2.82 75.26 16.18
CA UNK A 4142 -3.93 74.41 15.81
C UNK A 4142 -3.83 73.94 14.36
N UNK A 4143 -2.31 72.91 11.86
CA UNK A 4143 -2.38 71.74 10.99
C UNK A 4143 -1.05 70.99 10.98
N UNK A 4144 -0.27 71.19 9.93
CA UNK A 4144 1.05 70.58 9.85
C UNK A 4144 1.86 71.10 11.00
N UNK A 4145 1.68 72.39 11.29
CA UNK A 4145 2.34 73.04 12.40
C UNK A 4145 1.89 72.42 13.72
N UNK A 4146 0.60 72.10 13.82
CA UNK A 4146 0.07 71.49 15.02
C UNK A 4146 0.76 70.15 15.22
N UNK A 4147 0.93 69.43 14.11
CA UNK A 4147 1.56 68.13 14.13
C UNK A 4147 2.99 68.27 14.60
N UNK A 4148 3.67 69.30 14.10
CA UNK A 4148 5.04 69.54 14.46
C UNK A 4148 5.14 69.82 15.96
N UNK A 4149 4.19 70.58 16.48
CA UNK A 4149 4.15 70.90 17.90
C UNK A 4149 3.95 69.66 18.75
N UNK A 4150 3.07 68.79 18.28
CA UNK A 4150 2.79 67.56 18.98
C UNK A 4150 4.05 66.73 19.00
N UNK A 4151 4.76 66.76 17.88
CA UNK A 4151 6.01 66.03 17.70
C UNK A 4151 7.05 66.54 18.66
N UNK A 4152 7.10 67.85 18.83
CA UNK A 4152 8.02 68.47 19.76
C UNK A 4152 7.70 68.01 21.17
N UNK A 4153 6.42 67.96 21.47
CA UNK A 4153 5.99 67.53 22.80
C UNK A 4153 6.46 66.11 23.01
N UNK A 4154 6.32 65.29 21.97
CA UNK A 4154 6.72 63.90 22.03
C UNK A 4154 8.22 63.77 22.25
N UNK A 4155 8.96 64.66 21.58
CA UNK A 4155 10.41 64.59 21.47
C UNK A 4155 11.09 64.64 22.83
N UNK A 4156 10.57 65.46 23.74
CA UNK A 4156 11.16 65.59 25.06
C UNK A 4156 11.15 64.23 25.75
N UNK A 4157 10.06 63.49 25.59
CA UNK A 4157 10.02 62.09 25.99
C UNK A 4157 9.56 61.16 24.86
N UNK A 4158 9.96 66.49 28.94
CA UNK A 4158 9.13 66.38 30.13
C UNK A 4158 9.98 65.94 31.32
N UNK A 4159 9.64 64.82 31.94
CA UNK A 4159 10.43 64.37 33.08
C UNK A 4159 11.86 64.07 32.63
N UNK A 4160 12.02 63.40 31.49
CA UNK A 4160 13.36 63.19 30.95
C UNK A 4160 14.00 64.51 30.56
N UNK A 4161 13.21 65.38 29.94
CA UNK A 4161 13.61 66.77 29.78
C UNK A 4161 13.88 67.29 31.17
N UNK A 4162 12.80 67.48 31.94
CA UNK A 4162 12.90 67.78 33.35
C UNK A 4162 14.33 67.53 33.80
N UNK A 4163 14.90 66.45 33.28
CA UNK A 4163 16.27 66.08 33.59
C UNK A 4163 17.25 67.16 33.11
N UNK A 4164 17.02 67.68 31.91
CA UNK A 4164 17.87 68.75 31.38
C UNK A 4164 17.77 70.01 32.26
N UNK A 4165 16.56 70.29 32.71
CA UNK A 4165 16.34 71.43 33.59
C UNK A 4165 17.11 71.27 34.91
N UNK A 4166 17.07 70.07 35.45
CA UNK A 4166 17.80 69.78 36.69
C UNK A 4166 19.29 69.96 36.43
N UNK A 4167 19.71 69.52 35.25
CA UNK A 4167 21.10 69.53 34.84
C UNK A 4167 21.60 70.96 34.84
N UNK A 4168 20.74 71.89 34.42
CA UNK A 4168 21.07 73.30 34.56
C UNK A 4168 21.67 73.58 35.94
N UNK A 4169 20.80 73.82 36.92
CA UNK A 4169 21.14 74.02 38.32
C UNK A 4169 22.64 73.88 38.57
N UNK A 4170 23.28 72.87 37.97
CA UNK A 4170 24.74 72.78 38.12
C UNK A 4170 25.45 74.00 37.54
N UNK A 4171 24.96 74.41 36.36
CA UNK A 4171 25.55 75.56 35.70
C UNK A 4171 25.39 76.79 36.57
N UNK A 4172 24.24 76.86 37.23
CA UNK A 4172 23.84 77.92 38.14
C UNK A 4172 24.72 77.98 39.37
N UNK A 4173 25.09 76.83 39.90
CA UNK A 4173 26.00 76.83 41.03
C UNK A 4173 27.27 77.47 40.53
N UNK A 4174 27.70 77.10 39.33
CA UNK A 4174 28.91 77.72 38.81
C UNK A 4174 28.78 79.25 38.64
N UNK A 4175 27.63 79.69 38.14
CA UNK A 4175 27.37 81.11 37.93
C UNK A 4175 27.34 81.89 39.24
N UNK A 4176 26.78 81.25 40.26
CA UNK A 4176 26.67 81.80 41.60
C UNK A 4176 28.06 81.97 42.16
N UNK A 4177 28.91 80.99 41.90
CA UNK A 4177 30.30 81.06 42.33
C UNK A 4177 30.97 82.25 41.66
N UNK A 4178 30.68 82.44 40.37
CA UNK A 4178 31.23 83.57 39.65
C UNK A 4178 30.78 84.89 40.27
N UNK A 4179 29.50 84.95 40.65
CA UNK A 4179 28.95 86.13 41.28
C UNK A 4179 29.63 86.42 42.62
N UNK A 4180 29.89 85.36 43.38
CA UNK A 4180 30.56 85.50 44.66
C UNK A 4180 31.97 86.04 44.45
N UNK A 4181 32.64 85.55 43.41
CA UNK A 4181 33.99 86.02 43.10
C UNK A 4181 33.96 87.50 42.76
N UNK A 4182 32.93 87.90 42.01
CA UNK A 4182 32.77 89.30 41.65
C UNK A 4182 32.56 90.17 42.88
N UNK A 4183 31.76 89.66 43.81
CA UNK A 4183 31.46 90.39 45.04
C UNK A 4183 30.52 89.58 45.93
N UNK A 4184 22.49 87.46 49.70
CA UNK A 4184 22.09 86.07 49.66
C UNK A 4184 21.19 85.78 48.47
N UNK A 4185 19.88 85.84 48.69
CA UNK A 4185 18.93 85.48 47.65
C UNK A 4185 19.10 86.38 46.45
N UNK A 4186 19.29 87.66 46.71
CA UNK A 4186 19.46 88.63 45.63
C UNK A 4186 20.71 88.30 44.83
N UNK A 4187 21.77 87.95 45.53
CA UNK A 4187 23.01 87.63 44.85
C UNK A 4187 22.78 86.42 43.96
N UNK A 4188 22.06 85.45 44.48
CA UNK A 4188 21.81 84.24 43.73
C UNK A 4188 21.02 84.55 42.48
N UNK A 4189 20.02 85.42 42.62
CA UNK A 4189 19.20 85.76 41.47
C UNK A 4189 20.03 86.44 40.41
N UNK A 4190 20.92 87.33 40.85
CA UNK A 4190 21.75 88.06 39.90
C UNK A 4190 22.64 87.07 39.18
N UNK A 4191 23.18 86.13 39.94
CA UNK A 4191 24.10 85.16 39.38
C UNK A 4191 23.34 84.36 38.34
N UNK A 4192 22.12 83.98 38.66
CA UNK A 4192 21.33 83.17 37.74
C UNK A 4192 21.07 83.91 36.46
N UNK A 4193 20.71 85.19 36.57
CA UNK A 4193 20.40 85.93 35.37
C UNK A 4193 21.66 86.02 34.51
N UNK A 4194 22.78 86.28 35.17
CA UNK A 4194 24.03 86.47 34.45
C UNK A 4194 24.38 85.17 33.73
N UNK A 4195 24.16 84.06 34.41
CA UNK A 4195 24.44 82.74 33.88
C UNK A 4195 23.60 82.40 32.67
N UNK A 4196 22.34 82.82 32.71
CA UNK A 4196 21.41 82.51 31.64
C UNK A 4196 21.99 83.10 30.37
N UNK A 4197 22.59 84.28 30.49
CA UNK A 4197 23.40 84.83 29.41
C UNK A 4197 24.56 83.86 29.23
N UNK A 4198 24.95 83.65 27.98
CA UNK A 4198 25.97 82.66 27.64
C UNK A 4198 27.34 82.96 28.25
N UNK A 4199 27.69 84.24 28.30
CA UNK A 4199 29.04 84.66 28.63
C UNK A 4199 29.57 84.29 30.02
N UNK A 4200 28.74 84.40 31.05
CA UNK A 4200 29.27 84.27 32.41
C UNK A 4200 30.74 84.63 32.53
N UNK A 4201 31.27 84.58 33.74
CA UNK A 4201 32.69 84.82 33.99
C UNK A 4201 33.05 86.31 34.04
N UNK A 4202 32.05 87.17 34.05
CA UNK A 4202 32.28 88.61 34.04
C UNK A 4202 33.00 89.16 35.28
N UNK A 4203 32.63 88.66 36.46
CA UNK A 4203 32.94 89.30 37.72
C UNK A 4203 34.41 89.51 38.15
N UNK A 4204 35.26 88.51 37.94
CA UNK A 4204 36.62 88.54 38.52
C UNK A 4204 37.72 88.67 37.49
N UNK A 4205 38.66 89.58 37.75
CA UNK A 4205 39.68 89.93 36.77
C UNK A 4205 40.58 88.77 36.37
N UNK A 4206 41.04 87.98 37.34
CA UNK A 4206 40.91 88.25 38.77
C UNK A 4206 42.24 87.86 39.40
N UNK A 4207 42.53 88.42 40.58
CA UNK A 4207 43.79 88.13 41.27
C UNK A 4207 43.64 87.43 42.63
N UNK A 4208 46.51 81.26 34.46
CA UNK A 4208 45.80 82.40 35.02
C UNK A 4208 44.40 82.60 34.40
N UNK A 4209 44.33 83.18 33.19
CA UNK A 4209 45.04 82.79 31.99
C UNK A 4209 44.52 81.41 31.58
N UNK A 4210 45.39 80.41 31.56
CA UNK A 4210 44.97 79.10 31.14
C UNK A 4210 43.84 78.62 32.05
N UNK A 4211 43.94 78.91 33.35
CA UNK A 4211 42.90 78.50 34.31
C UNK A 4211 41.54 79.14 34.03
N UNK A 4212 41.54 80.43 33.72
CA UNK A 4212 40.29 81.10 33.36
C UNK A 4212 39.73 80.46 32.10
N UNK A 4213 40.61 80.15 31.16
CA UNK A 4213 40.19 79.54 29.91
C UNK A 4213 39.52 78.20 30.19
N UNK A 4214 40.11 77.44 31.13
CA UNK A 4214 39.60 76.15 31.54
C UNK A 4214 38.23 76.23 32.21
N UNK A 4215 38.02 77.25 33.03
CA UNK A 4215 36.70 77.46 33.62
C UNK A 4215 35.70 77.73 32.52
N UNK A 4216 36.13 78.51 31.53
CA UNK A 4216 35.28 78.85 30.42
C UNK A 4216 34.91 77.57 29.70
N UNK A 4217 35.89 76.69 29.57
CA UNK A 4217 35.71 75.40 28.92
C UNK A 4217 34.71 74.50 29.65
N UNK A 4218 34.75 74.49 30.98
CA UNK A 4218 33.77 73.73 31.75
C UNK A 4218 32.35 74.27 31.52
N UNK A 4219 32.25 75.60 31.49
CA UNK A 4219 30.95 76.21 31.26
C UNK A 4219 30.46 75.78 29.88
N UNK A 4220 31.40 75.74 28.93
CA UNK A 4220 31.14 75.36 27.56
C UNK A 4220 30.65 73.93 27.47
N UNK A 4221 31.25 73.04 28.25
CA UNK A 4221 30.82 71.65 28.29
C UNK A 4221 29.39 71.55 28.78
N UNK A 4222 29.07 72.34 29.82
CA UNK A 4222 27.69 72.32 30.31
C UNK A 4222 26.73 72.80 29.23
N UNK A 4223 27.15 73.82 28.50
CA UNK A 4223 26.35 74.36 27.40
C UNK A 4223 26.14 73.35 26.28
N UNK A 4224 27.20 72.60 25.97
CA UNK A 4224 27.17 71.61 24.92
C UNK A 4224 26.12 70.63 25.36
N UNK A 4225 26.13 70.33 26.66
CA UNK A 4225 25.19 69.38 27.22
C UNK A 4225 23.73 69.83 27.06
N UNK A 4226 23.45 71.10 27.34
CA UNK A 4226 22.08 71.59 27.14
C UNK A 4226 21.65 71.52 25.66
N UNK A 4227 22.59 71.88 24.77
CA UNK A 4227 22.29 71.87 23.36
C UNK A 4227 21.96 70.44 22.94
N UNK A 4228 22.73 69.51 23.50
CA UNK A 4228 22.57 68.09 23.25
C UNK A 4228 21.22 67.57 23.71
N UNK A 4229 20.74 68.04 24.86
CA UNK A 4229 19.42 67.67 25.34
C UNK A 4229 18.35 68.13 24.35
N UNK A 4230 18.50 69.35 23.85
CA UNK A 4230 17.53 69.83 22.86
C UNK A 4230 17.57 68.95 21.60
N UNK A 4231 18.78 68.60 21.19
CA UNK A 4231 18.98 67.79 20.00
C UNK A 4231 18.31 66.44 20.21
N UNK A 4232 18.45 65.91 21.41
CA UNK A 4232 17.89 64.64 21.80
C UNK A 4232 16.37 64.65 21.72
N UNK A 4233 15.74 65.73 22.18
CA UNK A 4233 14.29 65.83 22.04
C UNK A 4233 13.86 65.86 20.57
N UNK A 4234 14.62 66.58 19.75
CA UNK A 4234 14.30 66.63 18.33
C UNK A 4234 14.43 65.22 17.75
N UNK A 4235 15.44 64.53 18.22
CA UNK A 4235 15.77 63.18 17.79
C UNK A 4235 14.65 62.24 18.16
N UNK A 4236 14.07 62.44 19.34
CA UNK A 4236 12.98 61.63 19.81
C UNK A 4236 11.79 61.81 18.89
N UNK A 4237 11.51 63.06 18.51
CA UNK A 4237 10.40 63.28 17.60
C UNK A 4237 10.66 62.56 16.27
N UNK A 4238 11.90 62.66 15.79
CA UNK A 4238 12.26 62.03 14.52
C UNK A 4238 12.12 60.51 14.58
N UNK A 4239 12.53 59.96 15.71
CA UNK A 4239 12.49 58.53 15.96
C UNK A 4239 11.06 58.05 15.97
N UNK A 4240 10.18 58.85 16.56
CA UNK A 4240 8.77 58.54 16.60
C UNK A 4240 8.23 58.48 15.18
N UNK A 4241 8.66 59.43 14.37
CA UNK A 4241 8.22 59.44 12.99
C UNK A 4241 8.69 58.18 12.28
N UNK A 4242 9.93 57.81 12.57
CA UNK A 4242 10.53 56.64 11.97
C UNK A 4242 9.77 55.38 12.37
N UNK A 4243 9.33 55.34 13.62
CA UNK A 4243 8.55 54.23 14.15
C UNK A 4243 7.20 54.12 13.47
N UNK A 4244 6.59 55.28 13.23
CA UNK A 4244 5.32 55.29 12.53
C UNK A 4244 5.56 54.72 11.15
N UNK A 4245 6.68 55.11 10.55
CA UNK A 4245 7.00 54.64 9.21
C UNK A 4245 7.15 53.14 9.24
N UNK A 4246 7.81 52.66 10.28
CA UNK A 4246 7.90 51.24 10.57
C UNK A 4246 6.48 50.73 10.58
N UNK A 4247 5.65 51.37 11.38
CA UNK A 4247 4.24 51.04 11.31
C UNK A 4247 3.82 50.75 9.88
N UNK A 4248 4.28 51.56 8.93
CA UNK A 4248 3.96 51.30 7.53
C UNK A 4248 4.53 49.96 7.07
N UNK A 4249 5.76 49.70 7.49
CA UNK A 4249 6.44 48.48 7.12
C UNK A 4249 5.66 47.29 7.67
N UNK A 4250 5.15 47.50 8.88
CA UNK A 4250 4.37 46.53 9.63
C UNK A 4250 3.06 46.23 8.94
N UNK A 4251 2.48 47.27 8.36
CA UNK A 4251 1.24 47.12 7.62
C UNK A 4251 1.60 46.20 6.48
N UNK A 4252 2.74 46.46 5.87
CA UNK A 4252 3.14 45.64 4.75
C UNK A 4252 3.28 44.17 5.19
N UNK A 4253 3.87 43.95 6.35
CA UNK A 4253 4.01 42.60 6.88
C UNK A 4253 2.71 41.87 7.20
N UNK A 4254 1.77 42.59 7.79
CA UNK A 4254 0.58 42.01 8.40
C UNK A 4254 -0.01 40.81 7.68
N UNK A 4255 -1.42 39.41 -1.13
CA UNK A 4255 -1.74 40.83 -0.99
C UNK A 4255 -3.19 41.17 -1.30
N UNK A 4256 -3.53 41.18 -2.56
CA UNK A 4256 -4.62 41.96 -3.08
C UNK A 4256 -5.95 41.65 -2.43
N UNK A 4257 -6.22 40.40 -2.12
CA UNK A 4257 -7.44 40.05 -1.39
C UNK A 4257 -7.37 40.72 -0.01
N UNK A 4258 -6.16 40.73 0.54
CA UNK A 4258 -5.90 41.38 1.81
C UNK A 4258 -6.16 42.87 1.68
N UNK A 4259 -5.80 43.44 0.53
CA UNK A 4259 -6.07 44.84 0.16
C UNK A 4259 -7.57 45.13 0.10
N UNK A 4260 -8.38 44.10 -0.14
CA UNK A 4260 -9.79 44.12 0.26
C UNK A 4260 -10.11 44.09 1.80
N UNK A 4261 -9.39 43.23 2.50
CA UNK A 4261 -9.88 42.69 3.76
C UNK A 4261 -10.12 43.61 4.96
N UNK A 4262 -9.16 44.45 5.32
CA UNK A 4262 -9.31 45.20 6.56
C UNK A 4262 -10.48 46.11 6.42
N UNK A 4263 -10.50 46.82 5.31
CA UNK A 4263 -11.53 47.82 5.14
C UNK A 4263 -12.84 47.09 5.11
N UNK A 4264 -12.89 46.00 4.36
CA UNK A 4264 -14.18 45.39 4.15
C UNK A 4264 -14.77 44.97 5.49
N UNK A 4265 -13.95 44.36 6.33
CA UNK A 4265 -14.53 43.61 7.43
C UNK A 4265 -15.34 44.35 8.51
N UNK A 4266 -14.81 45.45 9.03
CA UNK A 4266 -15.32 46.00 10.28
C UNK A 4266 -16.65 46.68 10.04
N UNK A 4267 -16.66 47.51 9.00
CA UNK A 4267 -17.78 48.42 8.88
C UNK A 4267 -18.98 47.57 8.69
N UNK A 4268 -18.78 46.64 7.77
CA UNK A 4268 -19.89 45.95 7.23
C UNK A 4268 -20.48 45.20 8.33
N UNK A 4269 -19.69 44.45 9.06
CA UNK A 4269 -20.31 43.57 10.06
C UNK A 4269 -21.01 44.31 11.21
N UNK A 4270 -20.42 45.41 11.71
CA UNK A 4270 -21.16 46.15 12.76
C UNK A 4270 -22.50 46.78 12.28
N UNK A 4271 -22.45 47.35 11.07
CA UNK A 4271 -23.63 47.89 10.44
C UNK A 4271 -24.61 46.76 10.17
N UNK A 4272 -24.13 45.59 9.80
CA UNK A 4272 -25.02 44.52 9.44
C UNK A 4272 -25.78 44.22 10.68
N UNK A 4273 -25.06 44.17 11.80
CA UNK A 4273 -25.76 43.86 13.02
C UNK A 4273 -26.84 44.91 13.31
N UNK A 4274 -26.50 46.19 13.25
CA UNK A 4274 -27.49 47.20 13.64
C UNK A 4274 -28.66 47.08 12.71
N UNK A 4275 -28.35 46.85 11.44
CA UNK A 4275 -29.31 46.84 10.36
C UNK A 4275 -30.36 45.75 10.46
N UNK A 4276 -29.93 44.56 10.89
CA UNK A 4276 -30.81 43.41 11.20
C UNK A 4276 -30.94 42.35 10.11
N UNK A 4277 -24.30 31.46 10.86
CA UNK A 4277 -25.01 32.49 10.12
C UNK A 4277 -25.42 33.60 11.08
N UNK A 4278 -26.54 34.22 10.81
CA UNK A 4278 -26.93 35.38 11.56
C UNK A 4278 -27.03 34.95 13.00
N UNK A 4279 -27.36 33.70 13.25
CA UNK A 4279 -27.43 33.24 14.63
C UNK A 4279 -26.04 33.39 15.22
N UNK A 4280 -25.04 33.03 14.42
CA UNK A 4280 -23.68 33.10 14.91
C UNK A 4280 -23.36 34.54 15.22
N UNK A 4281 -23.74 35.44 14.33
CA UNK A 4281 -23.37 36.83 14.55
C UNK A 4281 -24.01 37.28 15.85
N UNK A 4282 -25.26 36.94 16.08
CA UNK A 4282 -25.94 37.48 17.24
C UNK A 4282 -25.27 36.98 18.49
N UNK A 4283 -24.98 35.68 18.51
CA UNK A 4283 -24.43 35.15 19.74
C UNK A 4283 -23.11 35.84 19.98
N UNK A 4284 -22.31 35.95 18.93
CA UNK A 4284 -20.98 36.49 19.10
C UNK A 4284 -21.02 37.94 19.57
N UNK A 4285 -21.90 38.73 18.99
CA UNK A 4285 -21.93 40.14 19.34
C UNK A 4285 -22.35 40.27 20.77
N UNK A 4286 -23.31 39.46 21.16
CA UNK A 4286 -23.81 39.55 22.51
C UNK A 4286 -22.69 39.17 23.46
N UNK A 4287 -21.92 38.17 23.10
CA UNK A 4287 -20.82 37.70 23.92
C UNK A 4287 -19.80 38.80 24.09
N UNK A 4288 -19.57 39.54 23.00
CA UNK A 4288 -18.69 40.71 22.95
C UNK A 4288 -18.45 41.38 24.29
N ASP B 9 20.18 -14.24 7.69
CA ASP B 9 21.62 -14.07 7.62
C ASP B 9 22.28 -15.33 7.04
N GLU B 10 23.39 -15.14 6.32
CA GLU B 10 24.06 -16.24 5.66
C GLU B 10 25.04 -17.00 6.56
N VAL B 11 24.91 -16.82 7.87
CA VAL B 11 25.83 -17.51 8.76
C VAL B 11 25.46 -18.98 8.87
N GLN B 12 26.51 -19.79 8.80
CA GLN B 12 26.46 -21.18 9.18
C GLN B 12 27.84 -21.47 9.73
N PHE B 13 27.95 -21.46 11.06
CA PHE B 13 29.22 -21.69 11.74
C PHE B 13 28.97 -22.24 13.15
N LEU B 14 29.95 -22.95 13.69
CA LEU B 14 29.87 -23.43 15.05
C LEU B 14 30.66 -22.54 15.99
N ARG B 15 30.14 -22.32 17.20
CA ARG B 15 30.82 -21.50 18.18
C ARG B 15 30.88 -22.18 19.54
N THR B 16 31.77 -21.67 20.39
CA THR B 16 31.90 -22.16 21.75
C THR B 16 30.56 -22.08 22.48
N ASP B 17 30.28 -23.09 23.31
CA ASP B 17 29.04 -23.24 24.08
C ASP B 17 27.84 -23.67 23.22
N ASP B 18 28.06 -23.89 21.93
CA ASP B 18 27.04 -24.55 21.11
C ASP B 18 27.00 -26.02 21.49
N GLU B 19 25.82 -26.63 21.43
CA GLU B 19 25.69 -28.05 21.74
C GLU B 19 25.67 -28.87 20.45
N VAL B 20 26.48 -29.91 20.39
CA VAL B 20 26.62 -30.70 19.18
C VAL B 20 26.60 -32.20 19.41
N VAL B 21 26.45 -32.95 18.32
CA VAL B 21 26.68 -34.38 18.31
C VAL B 21 27.76 -34.70 17.29
N LEU B 22 28.52 -35.76 17.55
CA LEU B 22 29.52 -36.21 16.58
C LEU B 22 28.98 -37.40 15.81
N GLN B 23 28.72 -37.19 14.53
CA GLN B 23 28.08 -38.20 13.70
C GLN B 23 29.00 -38.76 12.63
N CYS B 24 28.98 -40.08 12.48
CA CYS B 24 29.66 -40.73 11.36
C CYS B 24 28.66 -41.60 10.62
N SER B 25 29.09 -42.18 9.51
CA SER B 25 28.26 -43.10 8.77
C SER B 25 28.98 -44.41 8.50
N ALA B 26 28.24 -45.51 8.55
CA ALA B 26 28.74 -46.81 8.14
C ALA B 26 27.74 -47.42 7.19
N THR B 27 28.23 -48.20 6.22
CA THR B 27 27.32 -48.91 5.34
C THR B 27 27.13 -50.35 5.86
N VAL B 28 25.88 -50.69 6.17
CA VAL B 28 25.54 -52.03 6.64
C VAL B 28 24.26 -52.47 5.93
N LEU B 29 24.21 -53.75 5.55
CA LEU B 29 23.12 -54.29 4.72
C LEU B 29 22.86 -53.39 3.51
N LYS B 30 23.92 -53.09 2.77
CA LYS B 30 23.92 -52.08 1.68
C LYS B 30 23.02 -50.88 1.97
N GLU B 31 23.03 -50.44 3.23
CA GLU B 31 22.31 -49.25 3.65
C GLU B 31 23.26 -48.28 4.33
N GLN B 32 22.94 -47.00 4.28
CA GLN B 32 23.71 -46.03 5.05
C GLN B 32 23.16 -45.94 6.46
N LEU B 33 24.03 -46.14 7.43
CA LEU B 33 23.65 -46.06 8.84
C LEU B 33 24.36 -44.89 9.50
N LYS B 34 23.58 -43.93 9.99
CA LYS B 34 24.16 -42.81 10.72
C LYS B 34 24.26 -43.16 12.19
N LEU B 35 25.40 -42.85 12.80
CA LEU B 35 25.63 -43.14 14.21
C LEU B 35 26.23 -41.93 14.91
N CYS B 36 25.85 -41.71 16.16
CA CYS B 36 26.38 -40.59 16.93
C CYS B 36 27.20 -41.08 18.12
N LEU B 37 28.28 -40.35 18.42
CA LEU B 37 29.11 -40.69 19.56
C LEU B 37 28.30 -40.55 20.85
N ALA B 38 28.33 -41.59 21.68
CA ALA B 38 27.55 -41.59 22.90
C ALA B 38 28.29 -42.27 24.03
N ALA B 39 28.00 -41.84 25.26
CA ALA B 39 28.57 -42.41 26.46
C ALA B 39 27.70 -42.06 27.65
N GLU B 40 27.58 -42.97 28.60
CA GLU B 40 26.77 -42.70 29.78
C GLU B 40 27.58 -41.89 30.78
N GLY B 41 28.86 -42.21 30.89
CA GLY B 41 29.74 -41.54 31.83
C GLY B 41 29.79 -42.31 33.14
N PHE B 42 28.74 -42.16 33.94
CA PHE B 42 28.60 -42.89 35.19
C PHE B 42 28.30 -44.36 34.91
N GLY B 43 29.04 -45.25 35.53
CA GLY B 43 28.88 -46.67 35.31
C GLY B 43 29.73 -47.17 34.15
N ASN B 44 29.90 -46.32 33.14
CA ASN B 44 30.72 -46.66 31.98
C ASN B 44 31.26 -45.40 31.30
N ARG B 45 32.58 -45.27 31.29
CA ARG B 45 33.25 -44.11 30.69
C ARG B 45 33.34 -44.24 29.18
N LEU B 46 33.42 -45.48 28.72
CA LEU B 46 33.71 -45.76 27.31
C LEU B 46 32.60 -45.33 26.37
N CYS B 47 33.00 -44.74 25.25
CA CYS B 47 32.06 -44.31 24.23
C CYS B 47 31.61 -45.46 23.36
N PHE B 48 30.41 -45.31 22.80
CA PHE B 48 29.87 -46.26 21.84
C PHE B 48 29.15 -45.47 20.76
N LEU B 49 28.45 -46.16 19.87
CA LEU B 49 27.69 -45.46 18.83
C LEU B 49 26.21 -45.76 18.92
N GLU B 50 25.42 -44.70 18.93
CA GLU B 50 23.96 -44.81 18.90
C GLU B 50 23.48 -44.57 17.48
N PRO B 51 23.03 -45.64 16.81
CA PRO B 51 22.45 -45.51 15.46
C PRO B 51 21.25 -44.56 15.48
N THR B 52 21.22 -43.63 14.54
CA THR B 52 20.21 -42.57 14.52
C THR B 52 19.26 -42.72 13.34
N SER B 53 19.65 -43.56 12.39
CA SER B 53 19.00 -43.64 11.08
C SER B 53 17.50 -43.92 11.12
N ASN B 54 17.09 -44.94 11.89
CA ASN B 54 15.69 -45.31 11.93
C ASN B 54 14.95 -44.64 13.10
N ALA B 55 15.12 -43.33 13.19
CA ALA B 55 14.49 -42.53 14.24
C ALA B 55 12.97 -42.62 14.18
N GLN B 56 12.43 -42.76 12.96
CA GLN B 56 10.98 -42.83 12.77
C GLN B 56 10.40 -44.07 13.45
N ASN B 57 11.11 -45.19 13.36
CA ASN B 57 10.68 -46.42 13.99
C ASN B 57 11.05 -46.43 15.46
N VAL B 58 12.35 -46.28 15.72
CA VAL B 58 12.85 -46.28 17.08
C VAL B 58 13.65 -45.01 17.37
N PRO B 59 13.13 -44.17 18.28
CA PRO B 59 13.85 -42.98 18.75
C PRO B 59 15.17 -43.36 19.43
N PRO B 60 16.29 -42.79 18.96
CA PRO B 60 17.59 -43.03 19.60
C PRO B 60 17.70 -42.34 20.96
N ASP B 61 18.66 -42.77 21.77
CA ASP B 61 18.89 -42.18 23.09
C ASP B 61 19.80 -40.95 22.93
N LEU B 62 19.19 -39.80 22.70
CA LEU B 62 19.94 -38.59 22.32
C LEU B 62 20.58 -37.84 23.48
N ALA B 63 20.00 -37.98 24.67
CA ALA B 63 20.47 -37.25 25.85
C ALA B 63 21.96 -37.48 26.12
N ILE B 64 22.42 -38.70 25.86
CA ILE B 64 23.81 -39.07 26.09
C ILE B 64 24.68 -38.77 24.87
N CYS B 65 24.07 -38.28 23.80
CA CYS B 65 24.81 -37.98 22.58
C CYS B 65 25.31 -36.55 22.57
N CYS B 66 24.67 -35.69 23.37
CA CYS B 66 24.95 -34.27 23.34
C CYS B 66 26.28 -33.90 24.00
N PHE B 67 27.05 -33.06 23.31
CA PHE B 67 28.28 -32.50 23.85
C PHE B 67 28.26 -30.98 23.72
N THR B 68 28.94 -30.30 24.64
CA THR B 68 29.07 -28.85 24.56
C THR B 68 30.49 -28.46 24.19
N LEU B 69 30.63 -27.53 23.26
CA LEU B 69 31.93 -27.02 22.88
C LEU B 69 32.41 -26.04 23.95
N GLU B 70 33.10 -26.57 24.96
CA GLU B 70 33.57 -25.76 26.08
C GLU B 70 34.59 -24.73 25.67
N GLN B 71 35.49 -25.15 24.80
CA GLN B 71 36.63 -24.30 24.45
C GLN B 71 37.16 -24.63 23.07
N SER B 72 37.58 -23.59 22.35
CA SER B 72 38.26 -23.74 21.08
C SER B 72 39.43 -22.76 20.97
N LEU B 73 40.64 -23.31 20.99
CA LEU B 73 41.90 -22.56 20.87
C LEU B 73 42.75 -23.24 19.81
N SER B 74 43.83 -22.58 19.38
CA SER B 74 44.37 -22.80 18.03
C SER B 74 45.33 -23.95 17.88
N VAL B 75 46.62 -23.61 17.76
CA VAL B 75 47.68 -24.59 17.69
C VAL B 75 48.90 -24.16 18.49
N ARG B 76 49.60 -23.12 18.01
CA ARG B 76 50.73 -22.60 18.77
C ARG B 76 50.13 -22.13 20.07
N ALA B 77 49.05 -21.37 19.94
CA ALA B 77 48.42 -20.78 21.10
C ALA B 77 47.90 -21.88 21.98
N LEU B 78 47.30 -22.91 21.39
CA LEU B 78 46.69 -23.94 22.19
C LEU B 78 47.76 -24.64 23.03
N GLN B 79 48.88 -24.97 22.39
CA GLN B 79 49.93 -25.69 23.08
C GLN B 79 50.48 -24.80 24.17
N GLU B 80 50.69 -23.55 23.80
CA GLU B 80 51.38 -22.62 24.67
C GLU B 80 50.50 -22.48 25.88
N MET B 81 49.20 -22.45 25.62
CA MET B 81 48.17 -22.27 26.63
C MET B 81 48.08 -23.41 27.60
N LEU B 82 48.14 -24.65 27.14
CA LEU B 82 48.11 -25.77 28.08
C LEU B 82 49.38 -25.69 28.90
N ALA B 83 50.42 -25.32 28.18
CA ALA B 83 51.74 -25.30 28.73
C ALA B 83 51.70 -24.32 29.88
N ASN B 84 51.01 -23.20 29.68
CA ASN B 84 50.98 -22.09 30.62
C ASN B 84 49.86 -22.18 31.64
N THR B 85 48.96 -23.11 31.41
CA THR B 85 48.00 -23.53 32.41
C THR B 85 48.89 -24.14 33.46
N VAL B 86 49.85 -24.94 33.02
CA VAL B 86 50.90 -25.30 33.98
C VAL B 86 51.77 -24.07 34.35
N GLU B 87 52.16 -23.31 33.33
CA GLU B 87 52.86 -22.03 33.44
C GLU B 87 52.02 -20.92 34.02
N ALA B 88 50.77 -20.80 33.57
CA ALA B 88 49.88 -19.96 34.34
C ALA B 88 48.91 -20.97 34.93
N GLY B 89 49.32 -21.78 35.91
CA GLY B 89 50.16 -21.44 37.08
C GLY B 89 49.84 -20.06 37.63
N VAL B 90 48.71 -19.95 38.34
CA VAL B 90 47.65 -20.96 38.36
C VAL B 90 46.32 -20.27 38.63
N GLU B 91 45.25 -21.05 38.53
CA GLU B 91 43.90 -20.65 38.97
C GLU B 91 43.26 -19.53 38.16
N SER B 92 43.85 -19.18 37.01
CA SER B 92 43.29 -18.12 36.17
C SER B 92 42.40 -18.68 35.05
N SER B 93 41.15 -18.25 35.02
CA SER B 93 40.18 -18.73 34.05
C SER B 93 39.56 -17.59 33.24
N GLN B 94 39.86 -17.55 31.95
CA GLN B 94 39.27 -16.54 31.08
C GLN B 94 38.64 -17.16 29.86
N GLY B 95 37.42 -16.74 29.56
CA GLY B 95 36.72 -17.21 28.38
C GLY B 95 36.48 -16.06 27.42
N GLY B 96 36.53 -16.38 26.12
CA GLY B 96 36.22 -15.40 25.10
C GLY B 96 34.82 -15.63 24.57
N GLY B 97 34.10 -14.55 24.30
CA GLY B 97 32.73 -14.62 23.80
C GLY B 97 32.58 -15.52 22.59
N HIS B 98 31.49 -16.28 22.58
CA HIS B 98 31.23 -17.40 21.64
C HIS B 98 32.11 -17.44 20.39
N ARG B 99 33.37 -17.81 20.58
CA ARG B 99 34.33 -17.86 19.48
C ARG B 99 33.96 -18.93 18.46
N THR B 100 33.97 -18.53 17.19
CA THR B 100 33.75 -19.46 16.08
C THR B 100 34.93 -20.43 16.01
N LEU B 101 34.63 -21.71 15.75
CA LEU B 101 35.67 -22.70 15.63
C LEU B 101 36.49 -22.45 14.36
N LEU B 102 37.81 -22.47 14.48
CA LEU B 102 38.67 -22.42 13.32
C LEU B 102 39.30 -23.80 13.09
N TYR B 103 39.89 -24.01 11.91
CA TYR B 103 40.33 -25.34 11.50
C TYR B 103 41.72 -25.73 12.00
N GLY B 104 42.39 -24.84 12.72
CA GLY B 104 43.64 -25.20 13.34
C GLY B 104 43.37 -25.57 14.78
N HIS B 105 42.19 -25.16 15.25
CA HIS B 105 41.85 -25.16 16.66
C HIS B 105 41.77 -26.55 17.31
N ALA B 106 42.13 -26.59 18.59
CA ALA B 106 41.89 -27.75 19.43
C ALA B 106 40.62 -27.52 20.25
N ILE B 107 39.83 -28.57 20.45
CA ILE B 107 38.50 -28.40 21.02
C ILE B 107 38.25 -29.26 22.26
N LEU B 108 37.61 -28.66 23.26
CA LEU B 108 37.22 -29.37 24.46
C LEU B 108 35.72 -29.67 24.45
N LEU B 109 35.37 -30.95 24.47
CA LEU B 109 33.97 -31.37 24.41
C LEU B 109 33.48 -31.87 25.75
N ARG B 110 32.54 -31.16 26.37
CA ARG B 110 31.96 -31.59 27.62
C ARG B 110 30.68 -32.36 27.40
N HIS B 111 30.61 -33.55 27.99
CA HIS B 111 29.40 -34.34 27.97
C HIS B 111 28.29 -33.60 28.72
N ALA B 112 27.14 -33.43 28.07
CA ALA B 112 26.05 -32.66 28.66
C ALA B 112 25.53 -33.30 29.95
N HIS B 113 25.30 -34.60 29.90
CA HIS B 113 24.75 -35.32 31.05
C HIS B 113 25.75 -35.44 32.21
N SER B 114 26.87 -36.10 31.96
CA SER B 114 27.82 -36.46 33.01
C SER B 114 28.76 -35.32 33.37
N ARG B 115 28.83 -34.32 32.50
CA ARG B 115 29.74 -33.17 32.66
C ARG B 115 31.19 -33.61 32.65
N MET B 116 31.43 -34.82 32.12
CA MET B 116 32.79 -35.27 31.86
C MET B 116 33.19 -34.83 30.46
N TYR B 117 34.44 -35.08 30.10
CA TYR B 117 34.97 -34.59 28.83
C TYR B 117 35.42 -35.73 27.94
N LEU B 118 35.11 -35.61 26.65
CA LEU B 118 35.55 -36.62 25.68
C LEU B 118 37.07 -36.67 25.65
N SER B 119 37.60 -37.88 25.81
CA SER B 119 39.05 -38.05 25.95
C SER B 119 39.56 -39.30 25.26
N CYS B 120 40.83 -39.29 24.88
CA CYS B 120 41.49 -40.48 24.38
C CYS B 120 42.08 -41.24 25.56
N LEU B 121 41.54 -42.42 25.85
CA LEU B 121 41.96 -43.18 27.01
C LEU B 121 43.27 -43.95 26.75
N THR B 122 43.96 -44.29 27.83
CA THR B 122 45.19 -45.05 27.73
C THR B 122 44.89 -46.52 27.44
N THR B 123 43.77 -47.00 27.98
CA THR B 123 43.37 -48.39 27.81
C THR B 123 42.96 -48.71 26.37
N SER B 124 42.86 -50.01 26.08
CA SER B 124 42.42 -50.48 24.78
C SER B 124 41.59 -51.76 24.91
N ARG B 125 40.43 -51.80 24.26
CA ARG B 125 39.65 -53.03 24.22
C ARG B 125 39.58 -53.54 22.78
N SER B 126 40.45 -54.49 22.47
CA SER B 126 40.61 -55.04 21.13
C SER B 126 41.62 -56.18 21.19
N MET B 127 42.35 -56.39 20.11
CA MET B 127 43.42 -57.39 20.10
C MET B 127 44.62 -56.86 20.87
N LYS B 130 46.96 -54.14 19.18
CA LYS B 130 46.47 -53.08 18.30
C LYS B 130 46.92 -51.72 18.77
N LEU B 131 47.15 -50.82 17.82
CA LEU B 131 47.69 -49.50 18.10
C LEU B 131 46.56 -48.54 18.50
N ALA B 132 45.33 -49.02 18.35
CA ALA B 132 44.15 -48.23 18.68
C ALA B 132 44.01 -48.00 20.18
N PHE B 133 43.49 -46.83 20.55
CA PHE B 133 43.18 -46.53 21.93
C PHE B 133 41.68 -46.32 22.11
N ASP B 134 41.16 -46.67 23.28
CA ASP B 134 39.75 -46.47 23.57
C ASP B 134 39.44 -44.98 23.67
N VAL B 135 38.26 -44.60 23.19
CA VAL B 135 37.78 -43.24 23.40
C VAL B 135 36.66 -43.30 24.42
N GLY B 136 36.59 -42.29 25.29
CA GLY B 136 35.62 -42.30 26.36
C GLY B 136 35.63 -40.99 27.13
N LEU B 137 34.96 -40.98 28.28
CA LEU B 137 34.85 -39.76 29.07
C LEU B 137 35.88 -39.72 30.19
N GLN B 138 36.52 -38.56 30.36
CA GLN B 138 37.43 -38.33 31.47
C GLN B 138 36.76 -37.41 32.48
N GLU B 139 36.94 -37.72 33.75
CA GLU B 139 36.27 -36.99 34.84
C GLU B 139 36.70 -35.53 34.94
N ASP B 140 37.94 -35.23 34.58
CA ASP B 140 38.45 -33.86 34.67
C ASP B 140 39.19 -33.42 33.40
N ALA B 141 39.29 -32.11 33.20
CA ALA B 141 39.78 -31.54 31.94
C ALA B 141 41.30 -31.37 31.87
N THR B 142 42.00 -31.78 32.92
CA THR B 142 43.45 -31.65 32.93
C THR B 142 44.11 -32.59 31.93
N GLY B 143 45.24 -32.16 31.36
CA GLY B 143 45.99 -33.00 30.43
C GLY B 143 45.65 -32.76 28.97
N GLU B 144 46.37 -33.44 28.08
CA GLU B 144 46.17 -33.31 26.65
C GLU B 144 45.06 -34.22 26.14
N ALA B 145 44.75 -35.25 26.91
CA ALA B 145 43.85 -36.32 26.50
C ALA B 145 42.44 -35.82 26.11
N CYS B 146 42.01 -34.73 26.73
CA CYS B 146 40.66 -34.20 26.51
C CYS B 146 40.59 -33.33 25.26
N TRP B 147 41.74 -32.94 24.73
CA TRP B 147 41.78 -32.01 23.61
C TRP B 147 41.84 -32.73 22.26
N TRP B 148 41.13 -32.17 21.29
CA TRP B 148 41.10 -32.71 19.94
C TRP B 148 41.20 -31.59 18.91
N THR B 149 42.12 -31.74 17.97
CA THR B 149 42.22 -30.79 16.88
C THR B 149 41.33 -31.21 15.72
N MET B 150 40.64 -30.24 15.13
CA MET B 150 39.87 -30.49 13.93
C MET B 150 40.72 -30.15 12.71
N HIS B 151 40.50 -30.87 11.60
CA HIS B 151 41.21 -30.58 10.35
C HIS B 151 40.29 -30.81 9.16
N PRO B 152 40.48 -30.02 8.09
CA PRO B 152 39.64 -30.09 6.89
C PRO B 152 39.67 -31.45 6.20
N ALA B 153 38.50 -31.94 5.81
CA ALA B 153 38.41 -33.21 5.10
C ALA B 153 38.92 -33.08 3.67
N SER B 154 38.72 -31.91 3.08
CA SER B 154 39.08 -31.69 1.68
C SER B 154 39.85 -30.39 1.49
N LYS B 155 40.23 -30.12 0.23
CA LYS B 155 40.94 -28.90 -0.13
C LYS B 155 40.04 -27.67 0.01
N GLN B 156 38.74 -27.92 0.09
CA GLN B 156 37.74 -26.86 0.19
C GLN B 156 37.96 -25.97 1.43
N ARG B 157 38.44 -26.59 2.51
CA ARG B 157 38.76 -25.85 3.72
C ARG B 157 40.26 -25.84 3.97
N SER B 158 40.74 -24.78 4.60
CA SER B 158 42.13 -24.70 5.04
C SER B 158 42.16 -24.36 6.52
N GLU B 159 43.27 -24.62 7.19
CA GLU B 159 43.37 -24.30 8.61
C GLU B 159 43.42 -22.80 8.81
N GLY B 160 42.74 -22.31 9.84
CA GLY B 160 42.58 -20.89 10.06
C GLY B 160 41.21 -20.42 9.57
N GLU B 161 40.57 -21.25 8.76
CA GLU B 161 39.21 -20.97 8.29
C GLU B 161 38.19 -21.42 9.34
N LYS B 162 37.02 -20.78 9.34
CA LYS B 162 35.96 -21.13 10.26
C LYS B 162 35.33 -22.48 9.88
N VAL B 163 35.03 -23.29 10.89
CA VAL B 163 34.37 -24.57 10.66
C VAL B 163 32.90 -24.34 10.34
N ARG B 164 32.42 -24.97 9.27
CA ARG B 164 31.02 -24.85 8.88
C ARG B 164 30.24 -26.13 9.18
N VAL B 165 29.10 -25.99 9.84
CA VAL B 165 28.13 -27.07 9.98
C VAL B 165 27.90 -27.75 8.63
N GLY B 166 27.97 -29.08 8.63
CA GLY B 166 27.84 -29.83 7.40
C GLY B 166 29.18 -30.23 6.84
N ASP B 167 30.24 -29.55 7.27
CA ASP B 167 31.59 -29.91 6.85
C ASP B 167 31.99 -31.27 7.44
N ASP B 168 32.52 -32.12 6.58
CA ASP B 168 33.18 -33.34 7.04
C ASP B 168 34.45 -32.92 7.78
N LEU B 169 34.70 -33.56 8.91
CA LEU B 169 35.88 -33.22 9.72
C LEU B 169 36.74 -34.44 9.99
N ILE B 170 38.02 -34.20 10.23
CA ILE B 170 38.86 -35.21 10.87
C ILE B 170 39.21 -34.68 12.25
N LEU B 171 39.22 -35.57 13.24
CA LEU B 171 39.52 -35.18 14.61
C LEU B 171 40.73 -35.93 15.12
N VAL B 172 41.76 -35.19 15.52
CA VAL B 172 43.00 -35.79 16.00
C VAL B 172 43.17 -35.57 17.49
N SER B 173 43.40 -36.64 18.23
CA SER B 173 43.70 -36.55 19.64
C SER B 173 45.01 -35.81 19.83
N VAL B 174 45.06 -34.88 20.77
CA VAL B 174 46.28 -34.12 21.01
C VAL B 174 47.31 -35.01 21.70
N SER B 175 46.84 -35.87 22.59
CA SER B 175 47.71 -36.83 23.27
C SER B 175 48.28 -37.88 22.32
N SER B 176 47.40 -38.70 21.76
CA SER B 176 47.83 -39.86 20.98
C SER B 176 48.25 -39.50 19.56
N GLU B 177 47.82 -38.34 19.08
CA GLU B 177 48.04 -37.89 17.70
C GLU B 177 47.37 -38.83 16.70
N ARG B 178 46.37 -39.57 17.19
CA ARG B 178 45.65 -40.51 16.36
C ARG B 178 44.22 -40.03 16.16
N TYR B 179 43.58 -40.50 15.10
CA TYR B 179 42.31 -39.96 14.67
C TYR B 179 41.13 -40.58 15.41
N LEU B 180 40.13 -39.77 15.72
CA LEU B 180 38.84 -40.30 16.16
C LEU B 180 38.36 -41.18 15.01
N HIS B 181 38.16 -42.46 15.29
CA HIS B 181 37.95 -43.43 14.22
C HIS B 181 36.74 -44.32 14.47
N LEU B 182 36.02 -44.61 13.38
CA LEU B 182 34.97 -45.62 13.44
C LEU B 182 35.54 -46.95 12.99
N SER B 183 35.59 -47.90 13.92
CA SER B 183 36.13 -49.22 13.60
C SER B 183 35.02 -50.26 13.58
N THR B 184 35.28 -51.37 12.92
CA THR B 184 34.36 -52.50 12.91
C THR B 184 34.83 -53.57 13.88
N ALA B 185 34.41 -53.45 15.13
CA ALA B 185 34.54 -54.55 16.07
C ALA B 185 33.73 -55.69 15.51
N SER B 186 34.20 -56.93 15.69
CA SER B 186 33.46 -58.07 15.19
C SER B 186 32.11 -58.15 15.90
N GLY B 187 31.03 -58.03 15.11
CA GLY B 187 29.69 -58.10 15.66
C GLY B 187 29.00 -56.76 15.78
N GLU B 188 29.77 -55.67 15.90
CA GLU B 188 29.17 -54.35 16.08
C GLU B 188 30.13 -53.19 15.80
N LEU B 189 29.57 -52.04 15.45
CA LEU B 189 30.34 -50.84 15.19
C LEU B 189 30.92 -50.27 16.50
N GLN B 190 32.17 -49.83 16.45
CA GLN B 190 32.88 -49.35 17.63
C GLN B 190 33.59 -48.02 17.33
N VAL B 191 33.89 -47.26 18.38
CA VAL B 191 34.72 -46.08 18.23
C VAL B 191 36.07 -46.28 18.92
N ASP B 192 37.13 -45.84 18.26
CA ASP B 192 38.45 -45.84 18.88
C ASP B 192 39.26 -44.66 18.39
N ALA B 193 40.41 -44.45 19.02
CA ALA B 193 41.42 -43.56 18.47
C ALA B 193 42.39 -44.42 17.68
N SER B 194 42.37 -44.28 16.35
CA SER B 194 43.26 -45.09 15.54
C SER B 194 44.01 -44.27 14.50
N PHE B 195 44.84 -44.95 13.73
CA PHE B 195 45.64 -44.32 12.71
C PHE B 195 44.86 -44.11 11.42
N MET B 196 43.82 -44.91 11.23
CA MET B 196 42.96 -44.74 10.07
C MET B 196 41.97 -43.62 10.34
N GLN B 197 41.65 -42.86 9.30
CA GLN B 197 40.83 -41.67 9.44
C GLN B 197 39.34 -41.97 9.23
N THR B 198 38.50 -41.24 9.94
CA THR B 198 37.06 -41.33 9.75
C THR B 198 36.46 -39.93 9.70
N LEU B 199 35.66 -39.67 8.67
CA LEU B 199 35.01 -38.37 8.55
C LEU B 199 33.87 -38.24 9.54
N TRP B 200 33.82 -37.11 10.24
CA TRP B 200 32.78 -36.87 11.23
C TRP B 200 32.04 -35.57 10.96
N ASN B 201 30.75 -35.58 11.26
CA ASN B 201 29.94 -34.37 11.18
C ASN B 201 29.60 -33.87 12.58
N MET B 202 30.08 -32.69 12.92
CA MET B 202 29.75 -32.07 14.19
C MET B 202 28.42 -31.31 14.04
N ASN B 203 27.33 -32.05 14.17
CA ASN B 203 26.00 -31.49 13.99
C ASN B 203 25.51 -30.70 15.20
N PRO B 204 25.18 -29.42 15.00
CA PRO B 204 24.70 -28.52 16.05
C PRO B 204 23.33 -28.92 16.60
N ILE B 205 23.27 -29.20 17.89
CA ILE B 205 22.03 -29.68 18.51
C ILE B 205 20.88 -28.68 18.46
N CYS B 206 21.19 -27.42 18.73
CA CYS B 206 20.15 -26.39 18.75
C CYS B 206 20.68 -24.97 18.53
N SER B 207 19.78 -24.08 18.12
CA SER B 207 20.07 -22.66 18.02
C SER B 207 20.11 -22.04 19.41
N CYS B 208 20.72 -20.88 19.54
CA CYS B 208 20.80 -20.21 20.83
C CYS B 208 19.38 -19.93 21.31
N CYS B 209 19.16 -20.09 22.61
CA CYS B 209 17.80 -20.09 23.15
C CYS B 209 17.41 -18.88 23.99
N GLU B 210 16.57 -17.52 23.52
CA GLU B 210 15.91 -16.46 24.26
C GLU B 210 15.57 -16.98 25.65
N GLU B 211 15.84 -16.17 26.67
CA GLU B 211 15.57 -16.56 28.04
C GLU B 211 14.08 -16.86 28.25
N GLY B 212 13.80 -17.92 29.01
CA GLY B 212 12.43 -18.25 29.37
C GLY B 212 11.63 -18.96 28.30
N TYR B 213 12.27 -19.31 27.20
CA TYR B 213 11.57 -19.99 26.11
C TYR B 213 11.88 -21.48 26.03
N VAL B 214 10.83 -22.27 25.86
CA VAL B 214 10.95 -23.72 25.78
C VAL B 214 11.67 -24.13 24.50
N THR B 215 12.69 -24.98 24.65
CA THR B 215 13.38 -25.56 23.51
C THR B 215 13.26 -27.07 23.58
N GLY B 216 13.60 -27.75 22.49
CA GLY B 216 13.61 -29.19 22.51
C GLY B 216 14.79 -29.68 23.34
N GLY B 217 14.67 -30.89 23.88
CA GLY B 217 15.75 -31.47 24.66
C GLY B 217 15.70 -31.07 26.14
N HIS B 218 14.87 -30.08 26.46
CA HIS B 218 14.71 -29.62 27.82
C HIS B 218 13.88 -30.59 28.66
N VAL B 219 14.28 -30.77 29.91
CA VAL B 219 13.49 -31.57 30.85
C VAL B 219 12.58 -30.64 31.64
N LEU B 220 11.29 -30.94 31.64
CA LEU B 220 10.32 -30.06 32.27
C LEU B 220 9.20 -30.81 32.99
N ARG B 221 8.26 -30.05 33.53
CA ARG B 221 7.04 -30.61 34.12
C ARG B 221 5.83 -29.90 33.52
N LEU B 222 4.76 -30.67 33.30
CA LEU B 222 3.52 -30.11 32.76
C LEU B 222 2.49 -29.94 33.87
N PHE B 223 2.15 -28.69 34.19
CA PHE B 223 1.23 -28.43 35.31
C PHE B 223 -0.18 -28.04 34.85
N HIS B 224 -1.20 -28.58 35.51
CA HIS B 224 -2.58 -28.28 35.18
C HIS B 224 -3.24 -27.41 36.24
N GLY B 225 -3.57 -26.17 35.86
CA GLY B 225 -4.11 -25.19 36.79
C GLY B 225 -3.04 -24.78 37.79
N HIS B 226 -2.92 -23.48 38.06
CA HIS B 226 -1.91 -23.06 39.03
C HIS B 226 -2.22 -23.66 40.39
N MET B 227 -1.80 -24.91 40.55
CA MET B 227 -1.70 -25.60 41.82
C MET B 227 -0.51 -26.50 41.69
N ASP B 228 -0.19 -27.27 42.72
CA ASP B 228 0.84 -28.28 42.57
C ASP B 228 0.22 -29.54 42.01
N GLU B 229 -0.14 -29.51 40.73
CA GLU B 229 -0.70 -30.68 40.04
C GLU B 229 -0.07 -30.83 38.66
N CYS B 230 0.55 -31.99 38.40
CA CYS B 230 1.31 -32.16 37.17
C CYS B 230 1.08 -33.50 36.47
N LEU B 231 1.51 -33.61 35.21
CA LEU B 231 1.41 -34.86 34.49
C LEU B 231 2.49 -35.81 34.96
N THR B 232 2.09 -37.06 35.24
CA THR B 232 2.99 -38.04 35.84
C THR B 232 2.51 -39.46 35.58
N ILE B 233 3.39 -40.43 35.73
CA ILE B 233 3.00 -41.84 35.79
C ILE B 233 3.11 -42.30 37.24
N SER B 234 2.52 -43.46 37.55
CA SER B 234 2.50 -43.96 38.92
C SER B 234 3.90 -44.23 39.46
N ALA B 235 3.98 -44.59 40.75
CA ALA B 235 5.25 -44.72 41.43
C ALA B 235 5.72 -46.17 41.57
N ALA B 236 7.04 -46.32 41.73
CA ALA B 236 7.65 -47.58 42.15
C ALA B 236 7.23 -48.80 41.34
N ASP B 237 6.66 -49.78 42.03
CA ASP B 237 6.18 -51.00 41.40
C ASP B 237 4.66 -51.09 41.48
N SER B 238 3.98 -50.12 40.87
CA SER B 238 2.52 -50.05 40.92
C SER B 238 1.86 -51.11 40.05
N ASP B 239 0.56 -51.33 40.28
CA ASP B 239 -0.22 -52.25 39.48
C ASP B 239 -0.26 -51.76 38.03
N ASP B 240 -0.15 -50.45 37.85
CA ASP B 240 -0.13 -49.83 36.53
C ASP B 240 0.94 -50.40 35.61
N GLN B 241 2.00 -50.94 36.21
CA GLN B 241 3.23 -51.31 35.51
C GLN B 241 3.85 -50.04 34.92
N ARG B 242 3.52 -48.91 35.53
CA ARG B 242 4.06 -47.60 35.15
C ARG B 242 3.65 -47.16 33.74
N ARG B 243 2.63 -47.82 33.18
CA ARG B 243 2.21 -47.57 31.80
C ARG B 243 1.28 -46.36 31.67
N LEU B 244 0.41 -46.17 32.65
CA LEU B 244 -0.68 -45.21 32.56
C LEU B 244 -0.24 -43.81 33.01
N VAL B 245 -0.95 -42.79 32.52
CA VAL B 245 -0.59 -41.39 32.77
C VAL B 245 -1.64 -40.70 33.62
N TYR B 246 -1.20 -39.80 34.50
CA TYR B 246 -2.10 -39.19 35.47
C TYR B 246 -1.83 -37.71 35.71
N TYR B 247 -2.85 -36.99 36.16
CA TYR B 247 -2.65 -35.69 36.76
C TYR B 247 -2.64 -35.87 38.26
N GLU B 248 -1.50 -35.61 38.89
CA GLU B 248 -1.36 -35.85 40.31
C GLU B 248 -0.79 -34.63 41.02
N GLY B 249 -1.22 -34.43 42.26
CA GLY B 249 -0.78 -33.29 43.05
C GLY B 249 0.02 -33.70 44.27
N GLY B 250 0.30 -32.73 45.12
CA GLY B 250 1.06 -32.99 46.33
C GLY B 250 2.55 -33.08 46.06
N ALA B 251 3.18 -34.12 46.61
CA ALA B 251 4.64 -34.23 46.61
C ALA B 251 5.24 -34.58 45.25
N VAL B 252 4.43 -35.16 44.37
CA VAL B 252 4.92 -35.66 43.08
C VAL B 252 5.57 -34.55 42.24
N CYS B 253 5.11 -33.31 42.42
CA CYS B 253 5.67 -32.17 41.71
C CYS B 253 7.15 -31.97 42.04
N THR B 254 7.59 -32.59 43.12
CA THR B 254 9.00 -32.55 43.52
C THR B 254 9.71 -33.80 43.01
N HIS B 255 8.97 -34.88 42.82
CA HIS B 255 9.53 -36.19 42.50
C HIS B 255 9.97 -36.34 41.04
N ALA B 256 10.82 -37.34 40.80
CA ALA B 256 11.41 -37.58 39.48
C ALA B 256 10.40 -38.09 38.47
N ARG B 257 9.34 -38.73 38.96
CA ARG B 257 8.34 -39.34 38.08
C ARG B 257 7.64 -38.32 37.19
N SER B 258 7.59 -37.07 37.64
CA SER B 258 6.82 -36.06 36.93
C SER B 258 7.62 -35.36 35.84
N LEU B 259 8.86 -35.80 35.64
CA LEU B 259 9.76 -35.14 34.70
C LEU B 259 9.66 -35.73 33.31
N TRP B 260 9.61 -34.85 32.31
CA TRP B 260 9.51 -35.28 30.92
C TRP B 260 10.56 -34.58 30.07
N ARG B 261 11.02 -35.26 29.03
CA ARG B 261 11.93 -34.64 28.08
C ARG B 261 11.22 -34.45 26.73
N LEU B 262 11.29 -33.23 26.20
CA LEU B 262 10.68 -32.93 24.92
C LEU B 262 11.66 -33.18 23.78
N GLU B 263 11.23 -34.00 22.82
CA GLU B 263 12.09 -34.40 21.72
C GLU B 263 11.44 -34.14 20.37
N PRO B 264 11.81 -33.03 19.73
CA PRO B 264 11.37 -32.74 18.35
C PRO B 264 11.82 -33.83 17.39
N LEU B 265 11.13 -33.99 16.28
CA LEU B 265 11.47 -35.07 15.35
C LEU B 265 12.59 -34.65 14.41
N ARG B 266 13.76 -34.43 14.99
CA ARG B 266 14.97 -34.08 14.24
C ARG B 266 16.15 -34.18 15.19
N ILE B 267 17.36 -34.34 14.64
CA ILE B 267 18.56 -34.43 15.47
C ILE B 267 19.30 -33.10 15.52
N SER B 268 19.70 -32.61 14.35
CA SER B 268 20.31 -31.29 14.26
C SER B 268 19.33 -30.24 14.73
N TRP B 269 19.79 -29.36 15.60
CA TRP B 269 18.96 -28.31 16.20
C TRP B 269 17.67 -28.86 16.81
N SER B 270 17.78 -30.00 17.49
CA SER B 270 16.67 -30.51 18.28
C SER B 270 16.39 -29.53 19.43
N GLY B 271 17.44 -28.81 19.82
CA GLY B 271 17.36 -27.87 20.92
C GLY B 271 16.95 -26.47 20.48
N SER B 272 16.39 -26.35 19.28
CA SER B 272 15.84 -25.08 18.82
C SER B 272 14.58 -24.76 19.59
N HIS B 273 14.13 -23.51 19.51
CA HIS B 273 12.88 -23.10 20.13
C HIS B 273 11.73 -23.98 19.63
N LEU B 274 10.89 -24.41 20.56
CA LEU B 274 9.69 -25.16 20.18
C LEU B 274 8.67 -24.22 19.58
N ARG B 275 7.97 -24.67 18.55
CA ARG B 275 6.91 -23.86 17.96
C ARG B 275 5.56 -24.52 18.14
N TRP B 276 4.52 -23.70 18.15
CA TRP B 276 3.15 -24.18 18.23
C TRP B 276 2.84 -25.05 17.02
N GLY B 277 2.33 -26.25 17.27
CA GLY B 277 2.00 -27.16 16.19
C GLY B 277 3.16 -28.04 15.75
N GLN B 278 4.35 -27.79 16.31
CA GLN B 278 5.51 -28.62 16.00
C GLN B 278 5.33 -30.01 16.58
N PRO B 279 5.48 -31.04 15.75
CA PRO B 279 5.43 -32.40 16.28
C PRO B 279 6.62 -32.68 17.20
N LEU B 280 6.38 -33.36 18.30
CA LEU B 280 7.45 -33.74 19.19
C LEU B 280 7.11 -35.05 19.89
N ARG B 281 8.13 -35.69 20.43
CA ARG B 281 7.93 -36.86 21.27
C ARG B 281 8.08 -36.44 22.73
N ILE B 282 7.28 -37.02 23.60
CA ILE B 282 7.39 -36.74 25.02
C ILE B 282 7.94 -37.98 25.72
N ARG B 283 9.21 -37.90 26.13
CA ARG B 283 9.86 -39.04 26.76
C ARG B 283 9.85 -38.92 28.28
N HIS B 284 9.41 -39.99 28.93
CA HIS B 284 9.52 -40.08 30.39
C HIS B 284 10.98 -40.31 30.74
N VAL B 285 11.54 -39.46 31.60
CA VAL B 285 12.98 -39.50 31.86
C VAL B 285 13.44 -40.75 32.62
N THR B 286 12.77 -41.09 33.71
CA THR B 286 13.22 -42.16 34.59
C THR B 286 13.01 -43.53 33.96
N THR B 287 11.87 -43.72 33.31
CA THR B 287 11.55 -45.00 32.71
C THR B 287 12.05 -45.11 31.27
N GLY B 288 12.21 -43.96 30.61
CA GLY B 288 12.71 -43.93 29.25
C GLY B 288 11.65 -44.28 28.22
N ARG B 289 10.40 -44.38 28.68
CA ARG B 289 9.30 -44.72 27.78
C ARG B 289 8.64 -43.46 27.23
N TYR B 290 7.86 -43.60 26.18
CA TYR B 290 7.31 -42.47 25.44
C TYR B 290 5.80 -42.34 25.55
N LEU B 291 5.32 -41.12 25.78
CA LEU B 291 3.90 -40.84 25.76
C LEU B 291 3.35 -41.18 24.39
N ALA B 292 2.27 -41.94 24.36
CA ALA B 292 1.74 -42.42 23.08
C ALA B 292 0.26 -42.73 23.15
N LEU B 293 -0.39 -42.73 22.00
CA LEU B 293 -1.76 -43.22 21.90
C LEU B 293 -1.75 -44.64 21.34
N THR B 294 -2.40 -45.55 22.06
CA THR B 294 -2.50 -46.94 21.62
C THR B 294 -3.97 -47.22 21.29
N GLU B 295 -4.21 -48.05 20.28
CA GLU B 295 -5.57 -48.35 19.84
C GLU B 295 -6.38 -49.03 20.93
N ASP B 296 -5.87 -50.13 21.45
CA ASP B 296 -6.55 -50.86 22.51
C ASP B 296 -6.50 -50.12 23.86
N GLN B 297 -5.31 -49.66 24.23
CA GLN B 297 -5.07 -49.17 25.57
C GLN B 297 -5.40 -47.69 25.77
N GLY B 298 -5.29 -46.91 24.69
CA GLY B 298 -5.54 -45.48 24.78
C GLY B 298 -4.27 -44.73 25.13
N LEU B 299 -4.38 -43.70 25.97
CA LEU B 299 -3.21 -42.95 26.39
C LEU B 299 -2.34 -43.75 27.36
N VAL B 300 -1.13 -44.09 26.92
CA VAL B 300 -0.15 -44.65 27.82
C VAL B 300 1.26 -44.17 27.52
N VAL B 301 2.22 -44.74 28.24
CA VAL B 301 3.62 -44.54 27.98
C VAL B 301 4.20 -45.88 27.49
N VAL B 302 4.93 -45.84 26.39
CA VAL B 302 5.33 -47.06 25.69
C VAL B 302 6.85 -47.14 25.47
N ASP B 303 7.37 -48.37 25.42
CA ASP B 303 8.79 -48.61 25.17
C ASP B 303 9.26 -47.95 23.87
N ALA B 304 10.56 -47.66 23.79
CA ALA B 304 11.13 -46.97 22.63
C ALA B 304 10.99 -47.77 21.35
N CYS B 305 10.90 -49.09 21.48
CA CYS B 305 10.76 -49.97 20.33
C CYS B 305 9.45 -49.73 19.59
N LYS B 306 8.39 -49.49 20.35
CA LYS B 306 7.06 -49.30 19.79
C LYS B 306 6.72 -47.83 19.58
N ALA B 307 7.70 -46.96 19.78
CA ALA B 307 7.47 -45.52 19.77
C ALA B 307 7.54 -44.90 18.38
N HIS B 308 6.90 -45.54 17.40
CA HIS B 308 6.84 -45.01 16.05
C HIS B 308 6.09 -43.67 16.05
N THR B 309 6.37 -42.84 15.04
CA THR B 309 5.99 -41.43 15.07
C THR B 309 4.49 -41.16 15.23
N LYS B 310 3.64 -42.02 14.67
CA LYS B 310 2.21 -41.77 14.69
C LYS B 310 1.60 -41.95 16.07
N ALA B 311 2.03 -42.99 16.78
CA ALA B 311 1.56 -43.20 18.14
C ALA B 311 2.17 -42.19 19.09
N THR B 312 3.35 -41.68 18.74
CA THR B 312 4.18 -40.93 19.68
C THR B 312 4.12 -39.41 19.54
N SER B 313 3.86 -38.91 18.33
CA SER B 313 3.93 -37.47 18.08
C SER B 313 2.80 -36.67 18.72
N PHE B 314 3.19 -35.68 19.53
CA PHE B 314 2.25 -34.69 20.07
C PHE B 314 2.70 -33.29 19.66
N CYS B 315 1.89 -32.29 19.97
CA CYS B 315 2.25 -30.91 19.71
C CYS B 315 1.59 -29.97 20.71
N PHE B 316 2.17 -28.78 20.88
CA PHE B 316 1.56 -27.76 21.73
C PHE B 316 0.72 -26.82 20.88
N ARG B 317 -0.44 -26.45 21.43
CA ARG B 317 -1.47 -25.78 20.66
C ARG B 317 -2.02 -24.57 21.40
N VAL B 318 -2.08 -23.43 20.71
CA VAL B 318 -2.53 -22.19 21.32
C VAL B 318 -3.93 -22.36 21.89
N SER B 319 -4.79 -23.05 21.15
CA SER B 319 -6.11 -23.40 21.64
C SER B 319 -6.65 -24.67 20.99
N LYS B 320 -7.97 -24.79 20.90
CA LYS B 320 -8.58 -26.05 20.49
C LYS B 320 -9.03 -26.11 19.03
N GLU B 321 -9.24 -24.94 18.41
CA GLU B 321 -9.31 -24.89 16.96
C GLU B 321 -8.05 -25.53 16.41
N LYS B 322 -8.18 -26.13 15.23
CA LYS B 322 -7.11 -26.96 14.69
C LYS B 322 -5.75 -26.22 14.55
N LEU B 323 -5.68 -24.93 14.16
CA LEU B 323 -6.63 -24.21 13.29
C LEU B 323 -6.75 -24.89 11.92
N ASP B 324 -5.65 -25.33 11.28
CA ASP B 324 -4.24 -25.14 11.68
C ASP B 324 -3.65 -23.72 11.52
N THR B 325 -4.06 -22.91 10.53
CA THR B 325 -4.87 -23.31 9.39
C THR B 325 -3.92 -23.94 8.38
N ALA B 326 -2.64 -23.73 8.66
CA ALA B 326 -1.55 -24.23 7.84
C ALA B 326 -0.27 -24.28 8.69
N PRO B 327 0.60 -25.25 8.44
CA PRO B 327 1.92 -25.33 9.07
C PRO B 327 2.98 -24.58 8.27
N LYS B 328 3.70 -23.66 8.92
CA LYS B 328 4.75 -22.92 8.23
C LYS B 328 5.96 -23.80 7.95
N ARG B 329 7.03 -23.20 7.45
CA ARG B 329 8.20 -23.99 7.07
C ARG B 329 9.42 -23.74 7.93
N ASP B 330 9.96 -24.84 8.44
CA ASP B 330 11.04 -24.87 9.41
C ASP B 330 12.29 -24.08 9.02
N VAL B 331 12.83 -23.36 10.00
CA VAL B 331 14.16 -22.77 9.88
C VAL B 331 15.07 -23.59 10.79
N GLU B 332 16.26 -23.93 10.31
CA GLU B 332 17.09 -24.89 11.03
C GLU B 332 17.76 -24.28 12.25
N GLY B 333 17.99 -22.97 12.24
CA GLY B 333 18.59 -22.31 13.37
C GLY B 333 17.74 -22.36 14.63
N MET B 334 18.07 -21.53 15.62
CA MET B 334 17.31 -21.46 16.85
C MET B 334 15.83 -21.23 16.58
N GLY B 335 15.54 -20.42 15.58
CA GLY B 335 14.17 -20.14 15.19
C GLY B 335 13.51 -19.10 16.07
N PRO B 336 12.30 -18.68 15.70
CA PRO B 336 11.54 -17.75 16.54
C PRO B 336 11.11 -18.40 17.85
N PRO B 337 11.36 -17.72 18.98
CA PRO B 337 10.90 -18.14 20.30
C PRO B 337 9.39 -17.95 20.45
N GLU B 338 8.67 -19.05 20.64
CA GLU B 338 7.20 -18.98 20.67
C GLU B 338 6.61 -19.28 22.04
N ILE B 339 7.09 -20.32 22.70
CA ILE B 339 6.52 -20.76 23.97
C ILE B 339 7.39 -20.39 25.17
N LYS B 340 6.79 -19.73 26.15
CA LYS B 340 7.50 -19.35 27.37
C LYS B 340 7.14 -20.27 28.52
N TYR B 341 8.12 -20.50 29.41
CA TYR B 341 7.87 -21.26 30.63
C TYR B 341 7.02 -20.45 31.61
N GLY B 342 5.97 -21.06 32.13
CA GLY B 342 5.09 -20.39 33.07
C GLY B 342 4.09 -19.46 32.40
N GLU B 343 4.58 -18.63 31.49
CA GLU B 343 3.75 -17.65 30.80
C GLU B 343 2.70 -18.30 29.90
N SER B 344 3.15 -19.19 29.02
CA SER B 344 2.30 -19.74 27.97
C SER B 344 1.38 -20.87 28.45
N LEU B 345 0.11 -20.76 28.08
CA LEU B 345 -0.86 -21.82 28.29
C LEU B 345 -0.89 -22.71 27.04
N CYS B 346 -0.67 -24.01 27.23
CA CYS B 346 -0.57 -24.92 26.10
C CYS B 346 -1.57 -26.06 26.15
N PHE B 347 -2.26 -26.29 25.03
CA PHE B 347 -3.04 -27.50 24.87
C PHE B 347 -2.19 -28.56 24.18
N VAL B 348 -2.07 -29.73 24.77
CA VAL B 348 -1.34 -30.82 24.15
C VAL B 348 -2.27 -31.62 23.27
N GLN B 349 -1.88 -31.80 22.00
CA GLN B 349 -2.70 -32.51 21.04
C GLN B 349 -1.95 -33.65 20.37
N HIS B 350 -2.59 -34.80 20.28
CA HIS B 350 -2.04 -35.90 19.49
C HIS B 350 -2.09 -35.52 18.02
N VAL B 351 -0.95 -35.57 17.37
CA VAL B 351 -0.84 -35.14 15.98
C VAL B 351 -1.73 -35.96 15.05
N ALA B 352 -1.53 -37.27 15.05
CA ALA B 352 -2.26 -38.17 14.15
C ALA B 352 -3.77 -38.11 14.38
N SER B 353 -4.19 -38.25 15.63
CA SER B 353 -5.60 -38.34 15.96
C SER B 353 -6.28 -36.98 16.00
N GLY B 354 -5.57 -35.98 16.54
CA GLY B 354 -6.15 -34.67 16.73
C GLY B 354 -6.82 -34.60 18.08
N LEU B 355 -6.65 -35.67 18.86
CA LEU B 355 -7.24 -35.77 20.19
C LEU B 355 -6.51 -34.88 21.18
N TRP B 356 -7.23 -34.43 22.20
CA TRP B 356 -6.65 -33.53 23.20
C TRP B 356 -6.28 -34.24 24.47
N LEU B 357 -5.13 -33.88 25.03
CA LEU B 357 -4.74 -34.38 26.34
C LEU B 357 -5.68 -33.81 27.39
N THR B 358 -6.34 -34.69 28.13
CA THR B 358 -7.27 -34.25 29.16
C THR B 358 -7.31 -35.25 30.31
N TYR B 359 -8.19 -34.98 31.27
CA TYR B 359 -8.36 -35.86 32.42
C TYR B 359 -9.69 -36.58 32.35
N ALA B 360 -9.69 -37.86 32.75
CA ALA B 360 -10.92 -38.60 32.87
C ALA B 360 -11.61 -38.18 34.16
N ALA B 361 -11.06 -38.66 35.26
CA ALA B 361 -11.51 -38.30 36.61
C ALA B 361 -10.69 -39.05 37.63
N PRO B 362 -10.67 -38.54 38.87
CA PRO B 362 -10.35 -39.47 39.96
C PRO B 362 -11.58 -40.34 40.17
N ASP B 363 -11.58 -41.21 41.17
CA ASP B 363 -12.69 -42.11 41.24
C ASP B 363 -13.95 -41.54 41.94
N PRO B 364 -13.82 -40.51 42.81
CA PRO B 364 -12.83 -39.88 43.68
C PRO B 364 -13.14 -40.27 45.13
N LYS B 365 -13.89 -41.37 45.24
CA LYS B 365 -14.33 -41.88 46.52
C LYS B 365 -14.37 -43.42 46.55
N ALA B 366 -14.19 -44.06 45.39
CA ALA B 366 -14.34 -45.51 45.29
C ALA B 366 -13.13 -46.29 44.69
N LEU B 367 -12.47 -47.03 45.59
CA LEU B 367 -11.48 -48.11 45.37
C LEU B 367 -10.03 -47.67 45.05
N ARG B 368 -9.36 -47.27 46.14
CA ARG B 368 -8.01 -46.69 46.26
C ARG B 368 -8.18 -45.50 47.21
N LEU B 369 -9.44 -45.14 47.37
CA LEU B 369 -9.90 -43.79 47.70
C LEU B 369 -10.25 -43.65 49.19
N GLY B 370 -10.23 -42.43 49.75
CA GLY B 370 -9.99 -41.19 49.03
C GLY B 370 -8.55 -40.68 49.02
N VAL B 371 -8.16 -40.09 47.90
CA VAL B 371 -6.82 -39.56 47.62
C VAL B 371 -6.96 -38.74 46.33
N LEU B 372 -6.19 -37.67 46.16
CA LEU B 372 -6.23 -36.97 44.87
C LEU B 372 -5.44 -37.75 43.82
N LYS B 373 -6.06 -37.98 42.65
CA LYS B 373 -5.39 -38.63 41.51
C LYS B 373 -6.33 -38.76 40.29
N LYS B 374 -6.04 -38.02 39.23
CA LYS B 374 -6.85 -38.11 38.01
C LYS B 374 -6.11 -38.83 36.88
N LYS B 375 -6.82 -39.65 36.12
CA LYS B 375 -6.19 -40.31 34.97
C LYS B 375 -6.17 -39.40 33.76
N ALA B 376 -5.04 -39.38 33.07
CA ALA B 376 -4.90 -38.61 31.84
C ALA B 376 -5.31 -39.46 30.64
N ILE B 377 -6.19 -38.91 29.81
CA ILE B 377 -6.59 -39.56 28.57
C ILE B 377 -6.60 -38.60 27.40
N LEU B 378 -6.80 -39.14 26.21
CA LEU B 378 -7.07 -38.33 25.03
C LEU B 378 -8.54 -38.37 24.71
N HIS B 379 -9.12 -37.20 24.47
CA HIS B 379 -10.53 -37.14 24.04
C HIS B 379 -10.68 -36.14 22.91
N GLN B 380 -11.74 -36.29 22.14
CA GLN B 380 -12.01 -35.42 21.00
C GLN B 380 -12.27 -33.98 21.45
N GLU B 381 -13.10 -33.85 22.47
CA GLU B 381 -13.48 -32.54 22.99
C GLU B 381 -12.49 -32.04 24.04
N GLY B 382 -12.22 -32.89 25.02
CA GLY B 382 -11.44 -32.46 26.18
C GLY B 382 -12.28 -31.49 27.00
N HIS B 383 -11.62 -30.69 27.83
CA HIS B 383 -12.33 -29.70 28.62
C HIS B 383 -11.76 -28.30 28.38
N MET B 384 -12.47 -27.28 28.88
CA MET B 384 -12.04 -25.89 28.71
C MET B 384 -10.74 -25.62 29.46
N ASP B 385 -10.56 -26.30 30.59
CA ASP B 385 -9.40 -26.07 31.46
C ASP B 385 -8.16 -26.87 31.06
N ASP B 386 -8.21 -27.50 29.89
CA ASP B 386 -7.16 -28.43 29.48
C ASP B 386 -5.78 -27.82 29.33
N ALA B 387 -5.71 -26.50 29.16
CA ALA B 387 -4.45 -25.81 28.95
C ALA B 387 -3.46 -26.01 30.09
N LEU B 388 -2.23 -26.40 29.75
CA LEU B 388 -1.17 -26.58 30.74
C LEU B 388 -0.13 -25.48 30.63
N PHE B 389 0.66 -25.28 31.69
CA PHE B 389 1.82 -24.42 31.59
C PHE B 389 3.08 -25.23 31.92
N LEU B 390 4.22 -24.79 31.40
CA LEU B 390 5.48 -25.50 31.63
C LEU B 390 6.58 -24.64 32.25
N THR B 391 7.19 -25.15 33.32
CA THR B 391 8.33 -24.48 33.94
C THR B 391 9.54 -25.41 34.01
N ARG B 392 10.69 -24.93 33.54
CA ARG B 392 11.92 -25.73 33.58
C ARG B 392 12.42 -25.95 35.01
N CYS B 393 12.81 -27.18 35.31
CA CYS B 393 13.36 -27.51 36.63
C CYS B 393 14.74 -26.89 36.88
N GLN B 394 15.74 -27.74 37.12
CA GLN B 394 17.12 -27.30 37.35
C GLN B 394 18.08 -28.40 36.91
N GLN B 395 19.52 -27.70 36.94
CA GLN B 395 20.48 -28.70 36.45
C GLN B 395 20.71 -29.85 37.44
N GLU B 396 20.84 -29.53 38.73
CA GLU B 396 21.16 -30.55 39.73
C GLU B 396 20.06 -31.63 39.81
N GLU B 397 18.82 -31.22 39.59
CA GLU B 397 17.70 -32.16 39.66
C GLU B 397 17.56 -32.92 38.36
N SER B 398 17.75 -32.21 37.25
CA SER B 398 17.70 -32.83 35.92
C SER B 398 18.78 -33.89 35.76
N GLN B 399 20.01 -33.56 36.16
CA GLN B 399 21.12 -34.50 36.06
C GLN B 399 20.90 -35.70 36.97
N ALA B 400 20.43 -35.43 38.18
CA ALA B 400 20.10 -36.49 39.13
C ALA B 400 19.07 -37.43 38.53
N ALA B 401 18.09 -36.86 37.83
CA ALA B 401 17.00 -37.61 37.22
C ALA B 401 17.51 -38.64 36.22
N ARG B 402 18.42 -38.23 35.34
CA ARG B 402 19.00 -39.15 34.37
C ARG B 402 19.94 -40.13 35.07
N MET B 403 20.60 -39.66 36.11
CA MET B 403 21.44 -40.53 36.93
C MET B 403 20.61 -41.71 37.43
N ILE B 404 19.40 -41.40 37.92
CA ILE B 404 18.46 -42.43 38.34
C ILE B 404 18.19 -43.42 37.22
N HIS B 405 17.90 -42.87 36.04
CA HIS B 405 17.56 -43.64 34.86
C HIS B 405 18.60 -44.71 34.56
N SER B 406 19.86 -44.28 34.40
CA SER B 406 20.95 -45.20 34.09
C SER B 406 21.22 -46.13 35.27
N THR B 407 21.19 -45.57 36.47
CA THR B 407 21.43 -46.32 37.70
C THR B 407 20.44 -47.46 37.85
N ALA B 408 19.15 -47.15 37.70
CA ALA B 408 18.10 -48.14 37.77
C ALA B 408 18.29 -49.21 36.70
N GLY B 409 18.61 -48.76 35.48
CA GLY B 409 18.82 -49.67 34.37
C GLY B 409 19.95 -50.65 34.60
N LEU B 410 21.07 -50.14 35.13
CA LEU B 410 22.24 -50.97 35.36
C LEU B 410 22.01 -52.05 36.40
N TYR B 411 21.52 -51.65 37.56
CA TYR B 411 21.29 -52.58 38.66
C TYR B 411 20.22 -53.61 38.30
N ASN B 412 19.19 -53.16 37.59
CA ASN B 412 18.13 -54.07 37.15
C ASN B 412 18.68 -55.15 36.24
N GLN B 413 19.58 -54.78 35.33
CA GLN B 413 20.26 -55.76 34.51
C GLN B 413 21.19 -56.60 35.36
N PHE B 414 21.83 -55.96 36.34
CA PHE B 414 22.74 -56.66 37.24
C PHE B 414 21.97 -57.74 38.01
N ILE B 415 20.88 -57.35 38.65
CA ILE B 415 20.09 -58.29 39.42
C ILE B 415 19.39 -59.29 38.51
N LYS B 416 19.09 -58.90 37.27
CA LYS B 416 18.46 -59.81 36.32
C LYS B 416 19.41 -60.93 35.98
N GLY B 417 20.69 -60.60 35.82
CA GLY B 417 21.72 -61.59 35.58
C GLY B 417 21.84 -62.55 36.74
N LEU B 418 21.86 -62.02 37.95
CA LEU B 418 21.95 -62.82 39.16
C LEU B 418 20.77 -63.79 39.30
N ASP B 419 19.57 -63.32 38.94
CA ASP B 419 18.37 -64.13 39.03
C ASP B 419 18.44 -65.33 38.10
N SER B 420 19.02 -65.12 36.91
CA SER B 420 19.11 -66.16 35.90
C SER B 420 19.92 -67.36 36.39
N PHE B 421 21.15 -67.12 36.83
CA PHE B 421 22.03 -68.22 37.21
C PHE B 421 21.88 -68.66 38.66
N SER B 422 20.81 -68.21 39.33
CA SER B 422 20.63 -68.63 40.72
C SER B 422 20.06 -70.05 40.80
N GLY B 423 19.25 -70.45 39.82
CA GLY B 423 18.76 -71.82 39.75
C GLY B 423 19.93 -72.78 39.86
N LYS B 424 21.07 -72.26 39.44
CA LYS B 424 22.36 -72.91 39.46
C LYS B 424 23.01 -72.82 40.88
N PRO B 425 23.48 -73.95 41.45
CA PRO B 425 24.22 -73.98 42.73
C PRO B 425 25.55 -74.78 42.83
N ARG B 426 26.66 -74.07 43.10
CA ARG B 426 27.98 -74.59 43.54
C ARG B 426 28.61 -75.71 42.70
N GLY B 427 29.75 -75.41 42.08
CA GLY B 427 30.41 -76.37 41.22
C GLY B 427 31.15 -75.76 40.05
N SER B 428 31.63 -76.65 39.18
CA SER B 428 32.56 -76.36 38.09
C SER B 428 32.08 -76.82 36.70
N GLY B 429 32.02 -75.92 35.73
CA GLY B 429 31.68 -76.26 34.34
C GLY B 429 31.85 -75.07 33.38
N PRO B 430 31.95 -75.34 32.06
CA PRO B 430 32.08 -74.25 31.05
C PRO B 430 30.80 -73.83 30.30
N PRO B 431 30.24 -72.67 30.65
CA PRO B 431 29.06 -72.12 29.97
C PRO B 431 29.31 -70.78 29.26
N ALA B 432 28.50 -70.49 28.24
CA ALA B 432 28.60 -69.21 27.54
C ALA B 432 27.36 -68.36 27.75
N GLY B 433 27.56 -67.17 28.29
CA GLY B 433 26.47 -66.24 28.51
C GLY B 433 27.00 -64.84 28.73
N PRO B 434 26.15 -63.82 28.52
CA PRO B 434 26.56 -62.43 28.81
C PRO B 434 26.96 -62.28 30.26
N ALA B 435 28.17 -61.75 30.48
CA ALA B 435 28.66 -61.54 31.83
C ALA B 435 27.93 -60.40 32.50
N LEU B 436 27.84 -60.48 33.83
CA LEU B 436 27.31 -59.38 34.62
C LEU B 436 28.17 -58.14 34.40
N PRO B 437 27.53 -57.00 34.12
CA PRO B 437 28.30 -55.75 34.04
C PRO B 437 29.02 -55.46 35.35
N ILE B 438 30.12 -56.18 35.58
CA ILE B 438 30.91 -56.04 36.79
C ILE B 438 31.64 -54.70 36.79
N GLU B 439 32.29 -54.38 35.69
CA GLU B 439 33.04 -53.12 35.59
C GLU B 439 32.14 -51.91 35.76
N ALA B 440 30.94 -51.99 35.18
CA ALA B 440 30.00 -50.88 35.21
C ALA B 440 29.44 -50.68 36.61
N VAL B 441 29.10 -51.79 37.27
CA VAL B 441 28.49 -51.70 38.58
C VAL B 441 29.51 -51.16 39.59
N ILE B 442 30.78 -51.54 39.46
CA ILE B 442 31.81 -51.04 40.36
C ILE B 442 31.96 -49.53 40.22
N LEU B 443 32.11 -49.06 38.98
CA LEU B 443 32.22 -47.63 38.71
C LEU B 443 30.99 -46.87 39.21
N SER B 444 29.82 -47.36 38.82
CA SER B 444 28.55 -46.76 39.22
C SER B 444 28.44 -46.62 40.73
N LEU B 445 28.82 -47.66 41.46
CA LEU B 445 28.82 -47.60 42.91
C LEU B 445 29.86 -46.56 43.36
N GLN B 446 31.04 -46.60 42.74
CA GLN B 446 32.11 -45.67 43.07
C GLN B 446 31.71 -44.21 42.92
N ASP B 447 31.18 -43.85 41.76
CA ASP B 447 30.82 -42.47 41.48
C ASP B 447 29.57 -42.00 42.23
N LEU B 448 28.71 -42.95 42.59
CA LEU B 448 27.54 -42.63 43.40
C LEU B 448 27.96 -42.29 44.81
N ILE B 449 28.88 -43.09 45.36
CA ILE B 449 29.43 -42.83 46.70
C ILE B 449 30.02 -41.43 46.77
N GLY B 450 30.80 -41.07 45.75
CA GLY B 450 31.39 -39.74 45.67
C GLY B 450 30.34 -38.66 45.55
N TYR B 451 29.27 -38.96 44.83
CA TYR B 451 28.16 -38.04 44.66
C TYR B 451 27.47 -37.74 45.99
N PHE B 452 27.39 -38.76 46.83
CA PHE B 452 26.69 -38.63 48.10
C PHE B 452 27.62 -38.23 49.26
N GLU B 453 28.91 -38.08 48.95
CA GLU B 453 29.87 -37.59 49.93
C GLU B 453 29.43 -36.24 50.49
N PRO B 454 29.37 -36.12 51.82
CA PRO B 454 29.13 -34.82 52.46
C PRO B 454 30.16 -33.79 52.01
N PRO B 455 29.76 -32.50 51.99
CA PRO B 455 30.66 -31.41 51.58
C PRO B 455 31.95 -31.38 52.37
N SER B 456 31.89 -31.79 53.64
CA SER B 456 33.01 -32.12 54.55
C SER B 456 33.24 -31.10 55.67
N GLU B 457 34.51 -30.77 55.91
CA GLU B 457 34.91 -29.88 56.99
C GLU B 457 35.90 -28.83 56.50
N GLU B 458 36.14 -28.85 55.20
CA GLU B 458 37.30 -28.21 54.60
C GLU B 458 36.87 -27.37 53.41
N LEU B 459 36.85 -26.04 53.51
CA LEU B 459 37.48 -25.21 54.56
C LEU B 459 37.07 -25.40 56.05
N GLN B 460 35.79 -25.62 56.36
CA GLN B 460 34.67 -25.31 55.48
C GLN B 460 33.83 -24.31 56.27
N HIS B 461 32.72 -23.87 55.70
CA HIS B 461 31.76 -23.01 56.39
C HIS B 461 32.28 -21.59 56.69
N GLU B 462 31.42 -20.58 56.52
CA GLU B 462 30.00 -20.75 56.22
C GLU B 462 29.72 -21.30 54.82
N GLU B 463 30.27 -20.66 53.80
CA GLU B 463 30.11 -21.12 52.41
C GLU B 463 30.12 -22.64 52.24
N LYS B 464 29.23 -23.14 51.39
CA LYS B 464 28.98 -24.57 51.19
C LYS B 464 28.42 -25.22 52.45
N GLN B 465 27.80 -24.41 53.31
CA GLN B 465 27.06 -24.94 54.46
C GLN B 465 25.79 -25.61 53.99
N SER B 466 25.16 -25.00 52.99
CA SER B 466 23.85 -25.43 52.50
C SER B 466 23.97 -26.61 51.56
N LYS B 467 25.19 -27.11 51.39
CA LYS B 467 25.44 -28.30 50.60
C LYS B 467 24.71 -29.51 51.19
N LEU B 468 24.55 -29.49 52.51
CA LEU B 468 23.77 -30.52 53.21
C LEU B 468 22.34 -30.56 52.68
N ARG B 469 21.81 -29.39 52.32
CA ARG B 469 20.49 -29.28 51.72
C ARG B 469 20.45 -30.00 50.38
N SER B 470 21.44 -29.70 49.54
CA SER B 470 21.54 -30.30 48.22
C SER B 470 21.68 -31.81 48.32
N LEU B 471 22.55 -32.27 49.21
CA LEU B 471 22.73 -33.70 49.44
C LEU B 471 21.41 -34.34 49.80
N ARG B 472 20.78 -33.80 50.85
CA ARG B 472 19.47 -34.28 51.31
C ARG B 472 18.44 -34.32 50.20
N ASN B 473 18.40 -33.26 49.39
CA ASN B 473 17.53 -33.22 48.22
C ASN B 473 17.89 -34.34 47.26
N ARG B 474 19.16 -34.39 46.88
CA ARG B 474 19.64 -35.40 45.95
C ARG B 474 19.42 -36.80 46.52
N GLN B 475 19.66 -36.96 47.82
CA GLN B 475 19.31 -38.20 48.50
C GLN B 475 17.84 -38.51 48.31
N SER B 476 16.99 -37.56 48.68
CA SER B 476 15.53 -37.71 48.59
C SER B 476 15.06 -38.09 47.19
N LEU B 477 15.68 -37.49 46.18
CA LEU B 477 15.35 -37.78 44.79
C LEU B 477 15.58 -39.26 44.48
N PHE B 478 16.75 -39.76 44.90
CA PHE B 478 17.07 -41.18 44.75
C PHE B 478 16.10 -42.04 45.56
N GLN B 479 15.89 -41.70 46.82
CA GLN B 479 15.00 -42.46 47.71
C GLN B 479 13.60 -42.62 47.15
N GLU B 480 13.05 -41.52 46.66
CA GLU B 480 11.68 -41.52 46.13
C GLU B 480 11.56 -42.40 44.88
N GLU B 481 12.67 -42.55 44.16
CA GLU B 481 12.69 -43.41 42.99
C GLU B 481 12.93 -44.85 43.37
N GLY B 482 13.08 -45.09 44.68
CA GLY B 482 13.24 -46.45 45.18
C GLY B 482 14.63 -47.01 44.98
N MET B 483 15.64 -46.16 45.06
CA MET B 483 17.03 -46.58 44.87
C MET B 483 17.51 -47.44 46.02
N LEU B 484 16.95 -47.22 47.21
CA LEU B 484 17.31 -48.00 48.39
C LEU B 484 16.94 -49.45 48.20
N SER B 485 15.66 -49.69 47.93
CA SER B 485 15.15 -51.03 47.63
C SER B 485 16.00 -51.72 46.57
N LEU B 486 16.37 -50.95 45.55
CA LEU B 486 17.21 -51.45 44.46
C LEU B 486 18.58 -51.90 44.95
N VAL B 487 19.20 -51.05 45.76
CA VAL B 487 20.49 -51.36 46.38
C VAL B 487 20.36 -52.58 47.29
N LEU B 488 19.30 -52.58 48.09
CA LEU B 488 19.00 -53.69 49.00
C LEU B 488 18.81 -55.00 48.24
N ASN B 489 18.14 -54.91 47.10
CA ASN B 489 17.93 -56.09 46.26
C ASN B 489 19.26 -56.71 45.83
N CYS B 490 20.18 -55.86 45.38
CA CYS B 490 21.53 -56.30 45.01
C CYS B 490 22.22 -56.98 46.18
N ILE B 491 22.15 -56.34 47.34
CA ILE B 491 22.76 -56.87 48.55
C ILE B 491 22.24 -58.27 48.88
N ASP B 492 20.92 -58.37 49.03
CA ASP B 492 20.26 -59.64 49.36
C ASP B 492 20.61 -60.78 48.41
N ARG B 493 20.62 -60.48 47.12
CA ARG B 493 20.90 -61.49 46.11
C ARG B 493 22.35 -61.93 46.16
N LEU B 494 23.24 -60.99 46.43
CA LEU B 494 24.66 -61.30 46.60
C LEU B 494 24.89 -62.06 47.91
N ASN B 495 24.09 -61.75 48.92
CA ASN B 495 24.24 -62.36 50.25
C ASN B 495 23.94 -63.85 50.29
N VAL B 496 23.16 -64.33 49.32
CA VAL B 496 22.80 -65.75 49.25
C VAL B 496 24.05 -66.62 49.28
N TYR B 497 25.07 -66.18 48.53
CA TYR B 497 26.37 -66.82 48.57
C TYR B 497 27.15 -66.33 49.79
N THR B 498 27.54 -67.27 50.65
CA THR B 498 28.28 -66.97 51.87
C THR B 498 29.63 -66.35 51.54
N THR B 499 30.51 -67.14 50.95
CA THR B 499 31.83 -66.68 50.54
C THR B 499 31.74 -65.92 49.23
N ALA B 500 31.20 -66.61 48.22
CA ALA B 500 30.95 -66.08 46.88
C ALA B 500 30.38 -67.23 46.08
N ALA B 501 30.48 -67.14 44.76
CA ALA B 501 30.36 -68.34 43.95
C ALA B 501 31.52 -69.22 44.34
N HIS B 502 31.24 -70.35 44.99
CA HIS B 502 32.28 -71.19 45.56
C HIS B 502 33.31 -71.66 44.52
N PHE B 503 32.86 -71.79 43.27
CA PHE B 503 33.69 -72.28 42.15
C PHE B 503 33.49 -71.44 40.89
N ALA B 504 33.92 -72.00 39.77
CA ALA B 504 33.93 -71.34 38.47
C ALA B 504 32.54 -70.95 37.93
N GLU B 505 31.60 -71.90 37.88
CA GLU B 505 30.23 -71.55 37.45
C GLU B 505 29.47 -70.98 38.64
N TYR B 506 28.21 -70.59 38.42
CA TYR B 506 27.32 -69.99 39.44
C TYR B 506 27.68 -68.53 39.66
N ALA B 507 28.35 -68.04 38.61
CA ALA B 507 28.81 -66.69 38.38
C ALA B 507 29.91 -66.99 37.39
N GLY B 508 30.72 -66.00 37.02
CA GLY B 508 31.90 -66.31 36.24
C GLY B 508 33.01 -66.63 37.22
N GLU B 509 34.11 -67.19 36.73
CA GLU B 509 35.30 -67.33 37.56
C GLU B 509 35.80 -65.93 37.89
N GLU B 510 35.79 -65.06 36.88
CA GLU B 510 36.21 -63.69 37.04
C GLU B 510 35.19 -62.87 37.83
N ALA B 511 33.92 -63.26 37.74
CA ALA B 511 32.86 -62.56 38.45
C ALA B 511 32.99 -62.74 39.95
N ALA B 512 33.45 -63.92 40.35
CA ALA B 512 33.63 -64.24 41.76
C ALA B 512 34.68 -63.35 42.40
N GLU B 513 35.69 -62.96 41.61
CA GLU B 513 36.75 -62.08 42.08
C GLU B 513 36.21 -60.78 42.66
N SER B 514 35.16 -60.25 42.03
CA SER B 514 34.67 -58.92 42.35
C SER B 514 33.55 -58.90 43.38
N TRP B 515 33.12 -60.07 43.85
CA TRP B 515 31.97 -60.15 44.75
C TRP B 515 32.12 -59.32 46.02
N LYS B 516 33.25 -59.46 46.70
CA LYS B 516 33.43 -58.77 47.98
C LYS B 516 33.49 -57.27 47.79
N GLU B 517 34.19 -56.83 46.74
CA GLU B 517 34.20 -55.41 46.38
C GLU B 517 32.78 -54.88 46.26
N ILE B 518 32.02 -55.46 45.33
CA ILE B 518 30.67 -55.05 45.02
C ILE B 518 29.75 -54.96 46.23
N VAL B 519 29.58 -56.09 46.93
CA VAL B 519 28.86 -56.12 48.20
C VAL B 519 29.36 -55.02 49.11
N ASN B 520 30.68 -54.84 49.12
CA ASN B 520 31.27 -53.82 49.98
C ASN B 520 30.95 -52.41 49.54
N LEU B 521 30.73 -52.21 48.25
CA LEU B 521 30.41 -50.89 47.76
C LEU B 521 28.90 -50.61 47.90
N LEU B 522 28.09 -51.66 47.83
CA LEU B 522 26.63 -51.52 47.95
C LEU B 522 26.21 -50.96 49.31
N TYR B 523 26.71 -51.57 50.39
CA TYR B 523 26.40 -51.09 51.74
C TYR B 523 26.92 -49.67 51.95
N GLU B 524 28.11 -49.38 51.41
CA GLU B 524 28.70 -48.05 51.53
C GLU B 524 27.81 -47.05 50.81
N LEU B 525 27.21 -47.49 49.70
CA LEU B 525 26.21 -46.70 48.99
C LEU B 525 24.97 -46.55 49.87
N LEU B 526 24.43 -47.67 50.31
CA LEU B 526 23.25 -47.68 51.19
C LEU B 526 23.46 -46.74 52.36
N ALA B 527 24.64 -46.82 52.96
CA ALA B 527 25.07 -45.89 53.99
C ALA B 527 24.84 -44.45 53.53
N SER B 528 25.50 -44.09 52.44
CA SER B 528 25.48 -42.72 51.91
C SER B 528 24.08 -42.21 51.60
N LEU B 529 23.19 -43.12 51.21
CA LEU B 529 21.80 -42.77 50.93
C LEU B 529 21.09 -42.27 52.18
N ILE B 530 21.41 -42.89 53.31
CA ILE B 530 20.78 -42.56 54.58
C ILE B 530 21.53 -41.43 55.29
N ARG B 531 22.86 -41.46 55.20
CA ARG B 531 23.74 -40.52 55.90
C ARG B 531 23.30 -39.06 55.81
N GLY B 532 23.51 -38.32 56.88
CA GLY B 532 22.98 -36.97 57.00
C GLY B 532 21.68 -37.04 57.79
N ASN B 533 21.80 -37.03 59.11
CA ASN B 533 20.67 -37.18 59.99
C ASN B 533 19.63 -36.07 59.82
N UNK B 590 15.28 -40.17 53.56
CA UNK B 590 15.49 -39.48 54.82
C UNK B 590 15.18 -40.39 55.99
N UNK B 591 14.66 -39.83 57.07
CA UNK B 591 14.42 -40.57 58.30
C UNK B 591 13.41 -41.70 58.10
N UNK B 592 12.35 -41.43 57.33
CA UNK B 592 11.33 -42.44 57.04
C UNK B 592 11.88 -43.61 56.24
N UNK B 593 12.73 -43.27 55.26
CA UNK B 593 13.36 -44.27 54.44
C UNK B 593 14.19 -45.09 55.39
N UNK B 594 14.82 -44.40 56.32
CA UNK B 594 15.68 -45.03 57.29
C UNK B 594 14.90 -46.02 58.14
N UNK B 595 13.68 -45.67 58.55
CA UNK B 595 12.81 -46.56 59.32
C UNK B 595 12.38 -47.82 58.56
N UNK B 596 12.05 -47.64 57.28
CA UNK B 596 11.71 -48.81 56.48
C UNK B 596 12.93 -49.70 56.40
N UNK B 597 14.05 -49.02 56.25
CA UNK B 597 15.35 -49.63 56.07
C UNK B 597 15.60 -50.42 57.32
N UNK B 598 15.17 -49.86 58.43
CA UNK B 598 15.25 -50.38 59.79
C UNK B 598 14.47 -51.66 60.03
N UNK B 599 13.26 -51.78 59.50
CA UNK B 599 12.60 -53.09 59.54
C UNK B 599 13.41 -54.09 58.70
N UNK B 600 13.82 -53.59 57.55
CA UNK B 600 14.56 -54.41 56.62
C UNK B 600 15.86 -54.83 57.31
N UNK B 601 16.26 -54.03 58.29
CA UNK B 601 17.56 -54.11 58.92
C UNK B 601 17.52 -54.70 60.31
N UNK B 602 16.33 -55.02 60.80
CA UNK B 602 16.13 -56.10 61.72
C UNK B 602 16.52 -57.31 60.89
N UNK B 603 16.04 -57.31 59.64
CA UNK B 603 16.51 -58.37 58.75
C UNK B 603 18.03 -58.20 58.60
N UNK B 604 18.48 -56.95 58.57
CA UNK B 604 19.89 -56.64 58.39
C UNK B 604 20.77 -57.12 59.54
N UNK B 605 20.26 -57.00 60.76
CA UNK B 605 20.96 -57.45 61.96
C UNK B 605 21.08 -58.95 61.86
N UNK B 606 20.01 -59.56 61.39
CA UNK B 606 20.04 -61.00 61.22
C UNK B 606 21.15 -61.35 60.23
N UNK B 607 21.23 -60.58 59.15
CA UNK B 607 22.26 -60.79 58.14
C UNK B 607 23.68 -60.59 58.68
N UNK B 608 23.82 -59.59 59.53
CA UNK B 608 25.09 -59.23 60.15
C UNK B 608 25.56 -60.39 60.98
N UNK B 609 30.92 -55.96 58.41
CA UNK B 609 31.88 -55.05 59.00
C UNK B 609 31.52 -53.63 58.61
N UNK B 610 31.85 -53.29 57.38
CA UNK B 610 31.56 -51.98 56.85
C UNK B 610 30.06 -51.82 56.88
N UNK B 611 29.35 -52.91 56.59
CA UNK B 611 27.91 -52.89 56.67
C UNK B 611 27.57 -52.56 58.11
N UNK B 612 28.36 -53.09 59.05
CA UNK B 612 28.11 -52.84 60.46
C UNK B 612 28.21 -51.37 60.82
N UNK B 613 29.24 -50.73 60.29
CA UNK B 613 29.43 -49.30 60.50
C UNK B 613 28.27 -48.54 59.90
N UNK B 614 27.82 -48.98 58.74
CA UNK B 614 26.71 -48.31 58.08
C UNK B 614 25.50 -48.40 58.97
N UNK B 615 25.29 -49.56 59.56
CA UNK B 615 24.15 -49.80 60.41
C UNK B 615 24.22 -48.89 61.62
N UNK B 616 25.40 -48.75 62.18
CA UNK B 616 25.58 -47.91 63.35
C UNK B 616 25.25 -46.47 62.99
N UNK B 617 25.70 -46.05 61.81
CA UNK B 617 25.45 -44.70 61.36
C UNK B 617 23.95 -44.48 61.19
N UNK B 618 23.27 -45.48 60.65
CA UNK B 618 21.83 -45.40 60.47
C UNK B 618 21.13 -45.27 61.81
N UNK B 619 21.61 -46.02 62.79
CA UNK B 619 21.05 -45.98 64.13
C UNK B 619 21.23 -44.59 64.71
N UNK B 620 22.32 -43.93 64.37
CA UNK B 620 22.51 -42.58 64.90
C UNK B 620 21.35 -41.68 64.46
N UNK B 621 20.93 -41.83 63.21
CA UNK B 621 19.82 -41.06 62.65
C UNK B 621 18.42 -41.27 63.24
N UNK B 622 18.08 -42.52 63.53
CA UNK B 622 16.70 -42.97 63.75
C UNK B 622 15.93 -42.40 64.96
N UNK B 623 14.62 -42.24 64.78
CA UNK B 623 13.70 -41.83 65.84
C UNK B 623 13.39 -42.93 66.87
N UNK B 624 13.00 -42.51 68.07
CA UNK B 624 12.77 -43.40 69.19
C UNK B 624 12.06 -44.68 68.77
N UNK B 625 11.10 -44.53 67.86
CA UNK B 625 10.40 -45.68 67.33
C UNK B 625 11.38 -46.57 66.58
N UNK B 626 12.29 -45.94 65.85
CA UNK B 626 13.26 -46.69 65.09
C UNK B 626 14.07 -47.48 66.08
N UNK B 627 14.45 -46.84 67.17
CA UNK B 627 15.16 -47.51 68.22
C UNK B 627 14.29 -48.59 68.84
N UNK B 628 13.02 -48.27 69.06
CA UNK B 628 12.16 -49.16 69.83
C UNK B 628 11.94 -50.50 69.14
N UNK B 629 11.72 -50.48 67.84
CA UNK B 629 11.47 -51.70 67.10
C UNK B 629 12.69 -52.61 67.11
N UNK B 630 13.86 -51.99 67.04
CA UNK B 630 15.13 -52.70 67.13
C UNK B 630 15.22 -53.35 68.50
N UNK B 631 14.41 -52.78 69.39
CA UNK B 631 14.48 -52.85 70.85
C UNK B 631 14.30 -54.14 71.66
N UNK B 632 13.36 -55.01 71.31
CA UNK B 632 13.05 -56.19 72.15
C UNK B 632 13.27 -57.55 71.48
N UNK B 633 12.64 -57.73 70.34
CA UNK B 633 13.07 -58.71 69.37
C UNK B 633 14.43 -58.21 68.91
N UNK B 634 14.50 -56.89 68.74
CA UNK B 634 15.74 -56.19 68.52
C UNK B 634 16.57 -56.10 69.80
N UNK B 635 15.95 -56.37 70.93
CA UNK B 635 16.65 -56.63 72.20
C UNK B 635 17.46 -57.91 72.08
N UNK B 636 16.81 -58.91 71.48
CA UNK B 636 17.48 -60.15 71.13
C UNK B 636 18.55 -59.78 70.10
N UNK B 637 18.21 -58.84 69.24
CA UNK B 637 19.11 -58.38 68.21
C UNK B 637 20.35 -57.75 68.83
N UNK B 638 20.13 -57.07 69.94
CA UNK B 638 21.11 -56.45 70.82
C UNK B 638 22.02 -57.45 71.55
N UNK B 639 21.44 -58.56 71.96
CA UNK B 639 22.24 -59.64 72.49
C UNK B 639 23.14 -60.07 71.32
N UNK B 640 22.56 -60.06 70.13
CA UNK B 640 23.27 -60.39 68.91
C UNK B 640 24.39 -59.40 68.66
N UNK B 641 24.16 -58.14 68.96
CA UNK B 641 25.14 -57.07 68.86
C UNK B 641 26.29 -57.26 69.83
N UNK B 642 25.99 -57.70 71.04
CA UNK B 642 27.02 -58.00 72.01
C UNK B 642 27.86 -59.15 71.45
N UNK B 643 27.15 -60.08 70.82
CA UNK B 643 27.81 -61.23 70.20
C UNK B 643 28.73 -60.76 69.08
N UNK B 644 28.29 -59.79 68.31
CA UNK B 644 29.06 -59.21 67.22
C UNK B 644 30.30 -58.54 67.78
N UNK B 645 30.14 -57.90 68.93
CA UNK B 645 31.24 -57.26 69.61
C UNK B 645 32.27 -58.29 70.02
N UNK B 646 31.83 -59.42 70.54
CA UNK B 646 32.77 -60.47 70.87
C UNK B 646 33.44 -60.91 69.59
N UNK B 647 32.63 -61.05 68.56
CA UNK B 647 33.07 -61.52 67.26
C UNK B 647 34.06 -60.56 66.63
N UNK B 648 33.79 -59.25 66.72
CA UNK B 648 34.80 -58.33 66.26
C UNK B 648 36.08 -58.73 66.94
N PHE B 649 57.98 -64.88 70.47
CA PHE B 649 56.77 -64.12 70.75
C PHE B 649 55.55 -65.04 70.81
N VAL B 650 54.44 -64.51 71.33
CA VAL B 650 53.19 -65.26 71.40
C VAL B 650 52.11 -64.54 70.60
N GLY B 651 51.44 -65.28 69.73
CA GLY B 651 50.44 -64.69 68.85
C GLY B 651 49.11 -65.41 68.81
N ARG B 652 48.03 -64.68 69.10
CA ARG B 652 46.68 -65.21 69.01
C ARG B 652 45.98 -64.71 67.75
N ALA B 653 45.01 -65.48 67.27
CA ALA B 653 44.27 -65.10 66.06
C ALA B 653 43.20 -64.06 66.36
N GLU B 654 42.44 -63.68 65.33
CA GLU B 654 41.48 -62.58 65.43
C GLU B 654 40.06 -63.01 65.81
N GLY B 655 39.70 -64.24 65.45
CA GLY B 655 38.38 -64.73 65.78
C GLY B 655 38.44 -66.02 66.55
N SER B 656 37.28 -66.47 67.03
CA SER B 656 37.21 -67.65 67.90
C SER B 656 35.82 -68.29 67.95
N THR B 657 35.73 -69.51 68.45
CA THR B 657 34.45 -70.17 68.67
C THR B 657 34.15 -70.27 70.17
N GLN B 658 33.01 -69.71 70.57
CA GLN B 658 32.65 -69.60 71.98
C GLN B 658 32.43 -70.90 72.77
N TYR B 659 31.73 -71.87 72.17
CA TYR B 659 31.30 -73.05 72.91
C TYR B 659 31.34 -74.36 72.10
N GLY B 660 31.41 -75.49 72.81
CA GLY B 660 31.39 -76.80 72.18
C GLY B 660 32.56 -77.17 71.26
N LYS B 661 32.31 -77.88 70.16
CA LYS B 661 33.41 -78.51 69.42
C LYS B 661 33.96 -77.72 68.23
N TRP B 662 35.24 -77.38 68.27
CA TRP B 662 35.91 -76.82 67.10
C TRP B 662 37.29 -77.41 66.96
N TYR B 663 37.91 -77.03 65.85
CA TYR B 663 39.17 -77.59 65.43
C TYR B 663 39.83 -76.59 64.50
N PHE B 664 41.15 -76.58 64.53
CA PHE B 664 41.92 -75.80 63.59
C PHE B 664 43.21 -76.57 63.36
N GLU B 665 43.88 -76.28 62.26
CA GLU B 665 45.12 -77.01 61.97
C GLU B 665 46.29 -76.05 61.80
N VAL B 666 47.47 -76.54 62.15
CA VAL B 666 48.68 -75.74 62.07
C VAL B 666 49.74 -76.50 61.28
N MET B 667 50.02 -76.04 60.07
CA MET B 667 50.99 -76.71 59.21
C MET B 667 52.31 -75.95 59.17
N VAL B 668 53.38 -76.62 59.58
CA VAL B 668 54.71 -76.03 59.57
C VAL B 668 55.26 -75.96 58.15
N ASP B 669 55.44 -74.76 57.63
CA ASP B 669 55.98 -74.58 56.29
C ASP B 669 57.48 -74.90 56.29
N GLU B 670 58.20 -74.35 57.27
CA GLU B 670 59.63 -74.63 57.41
C GLU B 670 60.18 -74.21 58.78
N VAL B 671 61.29 -74.82 59.17
CA VAL B 671 61.99 -74.51 60.41
C VAL B 671 63.45 -74.18 60.10
N VAL B 672 64.09 -73.41 60.97
CA VAL B 672 65.52 -73.12 60.91
C VAL B 672 66.35 -74.43 60.91
N PRO B 673 67.68 -74.34 60.69
CA PRO B 673 68.42 -75.62 60.61
C PRO B 673 68.50 -76.44 61.91
N PHE B 674 67.76 -76.04 62.93
CA PHE B 674 67.74 -76.71 64.25
C PHE B 674 69.06 -76.55 64.98
N LEU B 675 69.01 -75.91 66.14
CA LEU B 675 70.22 -75.61 66.92
C LEU B 675 70.76 -76.83 67.65
N THR B 676 71.99 -76.72 68.14
CA THR B 676 72.69 -77.86 68.73
C THR B 676 72.15 -78.28 70.10
N ALA B 677 71.27 -77.46 70.66
CA ALA B 677 70.67 -77.76 71.96
C ALA B 677 69.24 -78.26 71.79
N GLN B 678 68.29 -77.55 72.41
CA GLN B 678 66.88 -77.92 72.32
C GLN B 678 66.15 -77.07 71.27
N ALA B 679 66.51 -75.80 71.20
CA ALA B 679 65.89 -74.85 70.27
C ALA B 679 65.93 -75.34 68.82
N THR B 680 65.00 -74.89 67.97
CA THR B 680 63.97 -73.92 68.32
C THR B 680 62.58 -74.54 68.40
N HIS B 681 61.70 -73.90 69.17
CA HIS B 681 60.38 -74.47 69.44
C HIS B 681 59.26 -73.70 68.77
N LEU B 682 58.28 -74.45 68.26
CA LEU B 682 57.08 -73.89 67.66
C LEU B 682 55.86 -74.38 68.43
N ARG B 683 55.69 -73.86 69.65
CA ARG B 683 54.65 -74.34 70.56
C ARG B 683 53.25 -73.89 70.10
N VAL B 684 52.33 -74.84 70.07
CA VAL B 684 50.97 -74.58 69.58
C VAL B 684 49.93 -74.94 70.64
N GLY B 685 48.80 -74.21 70.63
CA GLY B 685 47.75 -74.46 71.60
C GLY B 685 46.57 -73.49 71.54
N TRP B 686 46.01 -73.20 72.70
CA TRP B 686 44.84 -72.33 72.81
C TRP B 686 44.98 -71.44 74.05
N ALA B 687 44.48 -70.21 73.99
CA ALA B 687 44.71 -69.25 75.07
C ALA B 687 43.69 -68.12 75.17
N LEU B 688 43.28 -67.82 76.40
CA LEU B 688 42.43 -66.65 76.66
C LEU B 688 43.17 -65.36 76.30
N THR B 689 42.47 -64.22 76.39
CA THR B 689 42.99 -62.96 75.87
C THR B 689 43.92 -62.21 76.83
N GLU B 690 43.90 -62.59 78.10
CA GLU B 690 44.87 -62.05 79.04
C GLU B 690 46.18 -62.81 78.90
N GLY B 691 46.20 -63.78 77.99
CA GLY B 691 47.38 -64.59 77.75
C GLY B 691 48.59 -63.81 77.29
N GLY B 706 56.37 -69.52 76.05
CA GLY B 706 55.34 -69.29 75.07
C GLY B 706 53.95 -69.66 75.56
N VAL B 707 53.20 -70.38 74.73
CA VAL B 707 51.83 -70.75 75.05
C VAL B 707 51.72 -71.70 76.24
N GLY B 708 51.30 -71.17 77.37
CA GLY B 708 51.14 -71.99 78.56
C GLY B 708 52.06 -71.55 79.68
N ASP B 709 52.64 -70.37 79.53
CA ASP B 709 53.53 -69.84 80.55
C ASP B 709 52.75 -69.09 81.62
N ASP B 710 51.42 -69.07 81.49
CA ASP B 710 50.58 -68.41 82.47
C ASP B 710 49.23 -69.10 82.68
N LEU B 711 48.37 -68.46 83.46
CA LEU B 711 47.07 -69.02 83.83
C LEU B 711 46.05 -68.97 82.69
N TYR B 712 46.41 -68.35 81.58
CA TYR B 712 45.45 -68.11 80.50
C TYR B 712 45.70 -68.95 79.25
N SER B 713 46.71 -69.81 79.27
CA SER B 713 47.08 -70.55 78.05
C SER B 713 47.51 -72.00 78.29
N TYR B 714 47.43 -72.80 77.22
CA TYR B 714 47.85 -74.20 77.24
C TYR B 714 48.41 -74.58 75.87
N GLY B 715 49.57 -75.26 75.85
CA GLY B 715 50.20 -75.59 74.58
C GLY B 715 51.22 -76.72 74.57
N PHE B 716 51.49 -77.26 73.40
CA PHE B 716 52.42 -78.39 73.22
C PHE B 716 53.68 -77.96 72.45
N ASP B 717 54.82 -78.44 72.90
CA ASP B 717 56.10 -78.06 72.31
C ASP B 717 56.52 -79.00 71.17
N GLY B 718 57.06 -78.41 70.10
CA GLY B 718 57.43 -79.18 68.92
C GLY B 718 58.66 -80.06 69.11
N LEU B 719 59.63 -79.60 69.89
CA LEU B 719 60.88 -80.35 70.07
C LEU B 719 61.04 -80.89 71.50
N HIS B 720 60.53 -80.15 72.48
CA HIS B 720 60.62 -80.60 73.87
C HIS B 720 59.65 -81.76 74.09
N LEU B 721 58.57 -81.76 73.30
CA LEU B 721 57.58 -82.83 73.28
C LEU B 721 56.78 -82.92 74.58
N TRP B 722 56.74 -81.84 75.34
CA TRP B 722 55.93 -81.78 76.54
C TRP B 722 54.74 -80.85 76.36
N THR B 723 53.56 -81.32 76.71
CA THR B 723 52.37 -80.47 76.69
C THR B 723 52.31 -79.67 77.99
N GLY B 724 52.39 -78.35 77.86
CA GLY B 724 52.41 -77.48 79.02
C GLY B 724 51.05 -76.89 79.35
N HIS B 725 50.63 -77.05 80.59
CA HIS B 725 49.36 -76.51 81.04
C HIS B 725 49.56 -75.59 82.21
N VAL B 726 49.78 -74.32 81.92
CA VAL B 726 50.00 -73.35 82.98
C VAL B 726 51.19 -73.84 83.76
N ALA B 727 52.36 -73.21 83.61
CA ALA B 727 53.53 -73.70 84.34
C ALA B 727 53.17 -73.62 85.81
N ARG B 728 53.44 -74.69 86.54
CA ARG B 728 52.82 -74.87 87.84
C ARG B 728 51.30 -74.96 87.59
N PRO B 729 50.64 -76.18 87.73
CA PRO B 729 51.41 -77.28 88.34
C PRO B 729 52.00 -78.34 87.40
N VAL B 730 51.84 -78.27 86.07
CA VAL B 730 52.37 -79.39 85.29
C VAL B 730 52.66 -79.11 83.82
N THR B 731 53.89 -79.43 83.42
CA THR B 731 54.27 -79.58 82.02
C THR B 731 54.88 -80.98 81.89
N SER B 732 54.35 -81.80 80.99
CA SER B 732 54.71 -83.22 80.96
C SER B 732 54.74 -83.81 79.54
N PRO B 733 55.55 -84.87 79.34
CA PRO B 733 55.74 -85.54 78.05
C PRO B 733 54.43 -85.98 77.38
N GLY B 734 54.36 -85.82 76.06
CA GLY B 734 53.17 -86.17 75.31
C GLY B 734 53.43 -87.09 74.12
N GLN B 735 53.94 -86.51 73.04
CA GLN B 735 54.10 -87.27 71.80
C GLN B 735 55.49 -87.14 71.18
N HIS B 736 55.56 -87.44 69.88
CA HIS B 736 56.83 -87.51 69.16
C HIS B 736 57.22 -86.19 68.52
N LEU B 737 58.38 -86.19 67.86
CA LEU B 737 58.97 -84.97 67.31
C LEU B 737 58.13 -84.35 66.20
N LEU B 738 58.10 -83.02 66.18
CA LEU B 738 57.46 -82.27 65.10
C LEU B 738 58.52 -81.56 64.26
N ALA B 739 58.22 -81.37 62.97
CA ALA B 739 59.19 -80.89 62.00
C ALA B 739 58.44 -80.27 60.82
N PRO B 740 59.15 -79.63 59.87
CA PRO B 740 58.45 -79.11 58.69
C PRO B 740 57.58 -80.16 57.98
N GLU B 741 56.49 -79.69 57.35
CA GLU B 741 55.48 -80.49 56.66
C GLU B 741 54.47 -81.15 57.61
N ASP B 742 54.75 -81.11 58.92
CA ASP B 742 53.83 -81.68 59.90
C ASP B 742 52.59 -80.81 60.06
N VAL B 743 51.43 -81.45 60.11
CA VAL B 743 50.17 -80.76 60.34
C VAL B 743 49.57 -81.15 61.69
N VAL B 744 49.60 -80.22 62.64
CA VAL B 744 49.05 -80.48 63.96
C VAL B 744 47.61 -79.97 64.05
N SER B 745 46.67 -80.87 64.32
CA SER B 745 45.28 -80.51 64.47
C SER B 745 44.93 -80.35 65.94
N CYS B 746 44.39 -79.20 66.30
CA CYS B 746 43.97 -78.97 67.67
C CYS B 746 42.46 -79.01 67.75
N CYS B 747 41.93 -80.14 68.24
CA CYS B 747 40.49 -80.25 68.46
C CYS B 747 40.17 -80.02 69.93
N LEU B 748 39.46 -78.93 70.19
CA LEU B 748 38.97 -78.63 71.51
C LEU B 748 37.50 -79.02 71.62
N ASP B 749 37.21 -80.25 72.04
CA ASP B 749 35.84 -80.63 72.35
C ASP B 749 35.34 -79.87 73.57
N LEU B 750 34.12 -79.34 73.47
CA LEU B 750 33.51 -78.53 74.53
C LEU B 750 33.20 -79.24 75.85
N SER B 751 32.71 -80.47 75.76
CA SER B 751 31.98 -81.12 76.83
C SER B 751 32.68 -81.38 78.18
N VAL B 752 33.93 -81.82 78.17
CA VAL B 752 34.58 -82.23 79.42
C VAL B 752 34.76 -81.10 80.46
N PRO B 753 35.17 -79.83 80.06
CA PRO B 753 35.57 -79.68 78.64
C PRO B 753 36.86 -80.45 78.36
N SER B 754 36.90 -81.12 77.22
CA SER B 754 38.02 -81.98 76.84
C SER B 754 38.73 -81.53 75.57
N ILE B 755 40.03 -81.32 75.65
CA ILE B 755 40.78 -80.82 74.51
C ILE B 755 41.92 -81.75 74.09
N SER B 756 41.98 -82.09 72.81
CA SER B 756 42.94 -83.06 72.31
C SER B 756 43.65 -82.61 71.03
N PHE B 757 44.84 -83.15 70.80
CA PHE B 757 45.59 -82.87 69.58
C PHE B 757 45.59 -84.07 68.65
N ARG B 758 45.79 -83.80 67.35
CA ARG B 758 46.05 -84.85 66.38
C ARG B 758 47.29 -84.46 65.57
N ILE B 759 48.19 -85.41 65.37
CA ILE B 759 49.41 -85.14 64.62
C ILE B 759 49.44 -85.92 63.31
N ASN B 760 49.35 -85.18 62.21
CA ASN B 760 49.22 -85.77 60.87
C ASN B 760 48.04 -86.73 60.80
N GLY B 761 46.96 -86.38 61.50
CA GLY B 761 45.74 -87.17 61.47
C GLY B 761 45.59 -88.12 62.64
N CYS B 762 46.69 -88.35 63.37
CA CYS B 762 46.69 -89.32 64.46
C CYS B 762 46.43 -88.67 65.82
N PRO B 763 45.30 -89.02 66.44
CA PRO B 763 44.92 -88.52 67.78
C PRO B 763 45.97 -88.85 68.83
N VAL B 764 46.29 -87.86 69.66
CA VAL B 764 47.27 -88.03 70.72
C VAL B 764 46.57 -88.39 72.03
N GLN B 765 45.25 -88.58 71.94
CA GLN B 765 44.31 -88.74 73.05
C GLN B 765 44.01 -87.40 73.72
N GLY B 766 42.92 -87.37 74.48
CA GLY B 766 42.59 -86.22 75.28
C GLY B 766 43.67 -86.00 76.31
N VAL B 767 44.27 -84.82 76.27
CA VAL B 767 45.39 -84.49 77.16
C VAL B 767 44.88 -84.31 78.59
N PHE B 768 44.00 -83.33 78.80
CA PHE B 768 43.36 -83.15 80.09
C PHE B 768 41.91 -82.67 79.93
N GLU B 769 41.19 -82.64 81.04
CA GLU B 769 39.82 -82.16 81.05
C GLU B 769 39.61 -81.08 82.11
N ALA B 770 38.48 -80.37 82.03
CA ALA B 770 38.12 -79.32 82.98
C ALA B 770 39.16 -78.21 83.09
N PHE B 771 39.43 -77.54 81.96
CA PHE B 771 40.42 -76.46 81.93
C PHE B 771 39.86 -75.14 82.47
N ASN B 772 40.69 -74.09 82.45
CA ASN B 772 40.24 -72.75 82.84
C ASN B 772 39.67 -72.07 81.62
N LEU B 773 38.40 -72.34 81.39
CA LEU B 773 37.78 -72.09 80.12
C LEU B 773 36.71 -71.03 80.30
N ASP B 774 36.69 -70.51 81.51
CA ASP B 774 35.92 -69.36 81.92
C ASP B 774 36.23 -68.16 81.03
N GLY B 775 35.81 -68.21 79.76
CA GLY B 775 36.03 -67.08 78.89
C GLY B 775 36.41 -67.41 77.47
N LEU B 776 37.23 -66.54 76.89
CA LEU B 776 37.48 -66.62 75.47
C LEU B 776 38.91 -66.90 75.09
N PHE B 777 39.13 -68.10 74.57
CA PHE B 777 40.43 -68.44 74.05
C PHE B 777 40.57 -67.91 72.65
N PHE B 778 41.70 -68.25 72.05
CA PHE B 778 42.05 -67.84 70.71
C PHE B 778 43.08 -68.86 70.27
N PRO B 779 43.05 -69.24 68.99
CA PRO B 779 44.10 -70.18 68.58
C PRO B 779 45.45 -69.48 68.65
N VAL B 780 46.35 -70.03 69.46
CA VAL B 780 47.59 -69.35 69.77
C VAL B 780 48.80 -70.23 69.49
N VAL B 781 49.79 -69.65 68.82
CA VAL B 781 51.05 -70.32 68.57
C VAL B 781 52.17 -69.35 68.94
N SER B 782 53.16 -69.83 69.67
CA SER B 782 54.30 -69.01 70.05
C SER B 782 55.52 -69.47 69.28
N PHE B 783 56.33 -68.52 68.82
CA PHE B 783 57.43 -68.84 67.91
C PHE B 783 58.81 -68.46 68.44
N SER B 784 59.80 -69.23 68.03
CA SER B 784 61.20 -68.89 68.23
C SER B 784 61.93 -68.95 66.89
N ALA B 785 62.77 -67.96 66.62
CA ALA B 785 63.58 -67.96 65.41
C ALA B 785 62.76 -67.54 64.19
N GLY B 786 63.41 -67.54 63.03
CA GLY B 786 62.75 -67.26 61.77
C GLY B 786 62.16 -68.48 61.08
N VAL B 787 61.08 -69.02 61.64
CA VAL B 787 60.37 -70.12 61.02
C VAL B 787 59.15 -69.61 60.28
N LYS B 788 58.43 -70.50 59.60
CA LYS B 788 57.26 -70.12 58.82
C LYS B 788 56.16 -71.17 58.95
N VAL B 789 54.94 -70.72 59.17
CA VAL B 789 53.81 -71.62 59.45
C VAL B 789 52.51 -71.14 58.80
N ARG B 790 51.77 -72.07 58.19
CA ARG B 790 50.47 -71.77 57.63
C ARG B 790 49.34 -72.23 58.55
N PHE B 791 48.24 -71.48 58.56
CA PHE B 791 47.13 -71.75 59.47
C PHE B 791 45.83 -72.11 58.76
N LEU B 792 45.15 -73.13 59.27
CA LEU B 792 43.84 -73.51 58.78
C LEU B 792 42.83 -73.44 59.92
N LEU B 793 42.04 -72.35 59.95
CA LEU B 793 41.15 -72.09 61.06
C LEU B 793 39.79 -72.77 60.94
N GLY B 794 39.50 -73.34 59.78
CA GLY B 794 38.25 -74.05 59.57
C GLY B 794 37.13 -73.17 59.03
N GLY B 795 35.96 -73.77 58.84
CA GLY B 795 35.73 -75.17 59.17
C GLY B 795 36.09 -76.11 58.03
N ARG B 796 36.41 -75.54 56.87
CA ARG B 796 36.80 -76.33 55.71
C ARG B 796 38.32 -76.30 55.52
N HIS B 797 38.96 -77.46 55.66
CA HIS B 797 40.39 -77.57 55.50
C HIS B 797 40.75 -78.23 54.17
N GLY B 798 41.90 -77.86 53.62
CA GLY B 798 42.36 -78.41 52.36
C GLY B 798 42.86 -79.84 52.50
N PHE B 851 76.58 -72.05 92.39
CA PHE B 851 77.95 -72.46 92.09
C PHE B 851 78.02 -73.94 91.76
N VAL B 852 78.49 -74.27 90.55
CA VAL B 852 78.77 -75.64 90.20
C VAL B 852 80.24 -75.80 89.83
N PRO B 853 81.11 -75.80 90.85
CA PRO B 853 82.55 -75.98 90.60
C PRO B 853 82.86 -77.35 90.05
N CYS B 854 83.50 -77.38 88.89
CA CYS B 854 83.90 -78.64 88.29
C CYS B 854 85.40 -78.62 88.05
N PRO B 855 86.16 -79.31 88.92
CA PRO B 855 87.61 -79.42 88.75
C PRO B 855 87.94 -80.17 87.47
N VAL B 856 89.09 -79.89 86.87
CA VAL B 856 89.48 -80.63 85.67
C VAL B 856 89.69 -82.09 86.01
N ASP B 857 89.01 -82.97 85.28
CA ASP B 857 89.13 -84.40 85.50
C ASP B 857 90.46 -84.91 84.97
N THR B 858 91.31 -85.41 85.85
CA THR B 858 92.64 -85.89 85.47
C THR B 858 92.81 -87.37 85.81
N VAL B 859 91.69 -88.08 85.91
CA VAL B 859 91.69 -89.48 86.34
C VAL B 859 92.37 -90.39 85.31
N GLN B 860 92.44 -89.95 84.07
CA GLN B 860 93.01 -90.76 83.00
C GLN B 860 94.26 -90.14 82.39
N ILE B 861 94.87 -89.20 83.11
CA ILE B 861 96.08 -88.55 82.64
C ILE B 861 97.33 -89.32 83.02
N VAL B 862 98.17 -89.61 82.03
CA VAL B 862 99.45 -90.24 82.28
C VAL B 862 100.56 -89.20 82.22
N LEU B 863 101.37 -89.13 83.27
CA LEU B 863 102.50 -88.23 83.31
C LEU B 863 103.67 -88.78 82.49
N PRO B 864 104.07 -88.05 81.43
CA PRO B 864 105.18 -88.45 80.56
C PRO B 864 106.51 -88.44 81.32
N PRO B 865 107.45 -89.29 80.89
CA PRO B 865 108.78 -89.45 81.50
C PRO B 865 109.57 -88.15 81.65
N HIS B 866 109.33 -87.19 80.75
CA HIS B 866 110.05 -85.92 80.76
C HIS B 866 109.85 -85.11 82.05
N LEU B 867 108.82 -85.46 82.81
CA LEU B 867 108.45 -84.69 84.00
C LEU B 867 108.88 -85.35 85.31
N GLU B 868 109.43 -86.56 85.23
CA GLU B 868 109.85 -87.28 86.43
C GLU B 868 110.95 -86.53 87.19
N ARG B 869 111.83 -85.88 86.44
CA ARG B 869 112.93 -85.11 87.03
C ARG B 869 112.41 -83.94 87.86
N ILE B 870 111.35 -83.28 87.37
CA ILE B 870 110.72 -82.19 88.09
C ILE B 870 110.06 -82.68 89.37
N ARG B 871 109.23 -83.73 89.26
CA ARG B 871 108.51 -84.28 90.39
C ARG B 871 109.45 -84.64 91.52
N GLU B 872 110.56 -85.29 91.18
CA GLU B 872 111.57 -85.66 92.16
C GLU B 872 112.23 -84.44 92.78
N LYS B 873 112.58 -83.47 91.94
CA LYS B 873 113.27 -82.26 92.39
C LYS B 873 112.36 -81.36 93.22
N LEU B 874 111.13 -81.16 92.74
CA LEU B 874 110.18 -80.31 93.46
C LEU B 874 109.76 -80.95 94.77
N ALA B 875 109.62 -82.28 94.78
CA ALA B 875 109.24 -83.00 96.00
C ALA B 875 110.31 -82.85 97.06
N GLU B 876 111.57 -82.96 96.65
CA GLU B 876 112.69 -82.77 97.55
C GLU B 876 112.67 -81.37 98.14
N ASN B 877 112.30 -80.39 97.29
CA ASN B 877 112.21 -79.00 97.72
C ASN B 877 111.07 -78.75 98.69
N ILE B 878 109.88 -79.25 98.34
CA ILE B 878 108.71 -79.20 99.22
C ILE B 878 109.08 -79.72 100.59
N HIS B 879 109.87 -80.78 100.59
CA HIS B 879 110.28 -81.44 101.80
C HIS B 879 111.23 -80.59 102.66
N GLU B 880 112.28 -80.09 102.03
CA GLU B 880 113.28 -79.26 102.69
C GLU B 880 112.60 -78.05 103.34
N LEU B 881 111.60 -77.53 102.65
CA LEU B 881 110.76 -76.48 103.20
C LEU B 881 110.03 -76.95 104.45
N TRP B 882 109.38 -78.11 104.33
CA TRP B 882 108.66 -78.70 105.45
C TRP B 882 109.61 -78.97 106.61
N ALA B 883 110.84 -79.37 106.29
CA ALA B 883 111.82 -79.71 107.32
C ALA B 883 112.27 -78.49 108.11
N LEU B 884 112.30 -77.35 107.46
CA LEU B 884 112.84 -76.12 108.05
C LEU B 884 111.96 -75.57 109.14
N THR B 885 110.66 -75.53 108.88
CA THR B 885 109.67 -75.03 109.82
C THR B 885 109.64 -75.91 111.06
N ARG B 886 109.70 -77.22 110.84
CA ARG B 886 109.74 -78.19 111.92
C ARG B 886 110.85 -77.85 112.90
N ILE B 887 112.04 -77.58 112.39
CA ILE B 887 113.15 -77.10 113.23
C ILE B 887 112.78 -75.78 113.87
N GLU B 888 112.40 -74.81 113.04
CA GLU B 888 111.98 -73.48 113.51
C GLU B 888 110.97 -73.56 114.65
N GLN B 889 110.10 -74.57 114.61
CA GLN B 889 109.13 -74.77 115.67
C GLN B 889 109.78 -75.39 116.91
N GLY B 890 110.95 -75.98 116.74
CA GLY B 890 111.66 -76.60 117.85
C GLY B 890 111.77 -78.10 117.71
N TRP B 891 111.49 -78.63 116.53
CA TRP B 891 111.68 -80.05 116.26
C TRP B 891 113.11 -80.31 115.81
N THR B 892 113.61 -81.49 116.12
CA THR B 892 114.92 -81.91 115.64
C THR B 892 114.85 -83.36 115.16
N TYR B 893 115.85 -83.77 114.39
CA TYR B 893 115.89 -85.15 113.94
C TYR B 893 116.23 -86.09 115.10
N GLY B 894 115.67 -87.29 115.06
CA GLY B 894 115.95 -88.31 116.05
C GLY B 894 115.53 -89.66 115.50
N PRO B 895 115.97 -90.75 116.15
CA PRO B 895 115.63 -92.09 115.67
C PRO B 895 114.16 -92.46 115.92
N VAL B 896 113.64 -92.06 117.07
CA VAL B 896 112.28 -92.39 117.46
C VAL B 896 111.40 -91.14 117.54
N ARG B 897 110.23 -91.19 116.90
CA ARG B 897 109.30 -90.08 116.93
C ARG B 897 108.75 -89.85 118.33
N ASP B 898 108.67 -88.58 118.71
CA ASP B 898 108.11 -88.20 120.01
C ASP B 898 107.48 -86.81 119.92
N ASP B 899 106.25 -86.71 120.41
CA ASP B 899 105.57 -85.42 120.48
C ASP B 899 106.16 -84.56 121.60
N ASN B 900 106.44 -85.20 122.74
CA ASN B 900 106.90 -84.50 123.93
C ASN B 900 108.36 -84.05 123.86
N LYS B 901 109.18 -84.79 123.14
CA LYS B 901 110.59 -84.41 122.97
C LYS B 901 110.77 -83.65 121.67
N ARG B 902 109.70 -83.59 120.88
CA ARG B 902 109.72 -82.97 119.56
C ARG B 902 110.83 -83.56 118.69
N LEU B 903 110.81 -84.88 118.56
CA LEU B 903 111.75 -85.59 117.71
C LEU B 903 111.06 -86.07 116.45
N HIS B 904 111.56 -85.66 115.28
CA HIS B 904 111.00 -86.13 114.03
C HIS B 904 112.04 -86.86 113.20
N PRO B 905 111.90 -88.19 113.10
CA PRO B 905 112.79 -89.12 112.41
C PRO B 905 112.99 -88.84 110.93
N CYS B 906 112.87 -87.58 110.54
CA CYS B 906 113.06 -87.27 109.13
C CYS B 906 114.41 -86.66 108.84
N LEU B 907 114.98 -87.08 107.72
CA LEU B 907 116.34 -86.75 107.38
C LEU B 907 116.45 -85.61 106.39
N VAL B 908 117.61 -84.99 106.38
CA VAL B 908 117.96 -83.94 105.42
C VAL B 908 118.04 -84.53 104.01
N ASN B 909 118.82 -85.60 103.86
CA ASN B 909 118.86 -86.37 102.63
C ASN B 909 117.48 -86.90 102.29
N PHE B 910 116.81 -86.27 101.32
CA PHE B 910 115.44 -86.63 100.97
C PHE B 910 115.36 -88.02 100.36
N HIS B 911 116.44 -88.44 99.71
CA HIS B 911 116.53 -89.76 99.09
C HIS B 911 116.35 -90.88 100.13
N SER B 912 116.59 -90.55 101.40
CA SER B 912 116.52 -91.51 102.49
C SER B 912 115.10 -91.87 102.93
N LEU B 913 114.10 -91.11 102.47
CA LEU B 913 112.72 -91.42 102.82
C LEU B 913 112.22 -92.62 102.02
N PRO B 914 111.43 -93.50 102.67
CA PRO B 914 110.66 -94.54 102.00
C PRO B 914 109.79 -93.97 100.88
N GLU B 915 109.27 -94.83 100.01
CA GLU B 915 108.36 -94.40 98.95
C GLU B 915 107.01 -93.87 99.44
N PRO B 916 106.42 -94.47 100.50
CA PRO B 916 105.23 -93.85 101.06
C PRO B 916 105.47 -92.44 101.60
N GLU B 917 106.64 -92.21 102.19
CA GLU B 917 106.97 -90.90 102.75
C GLU B 917 107.20 -89.86 101.65
N ARG B 918 107.83 -90.28 100.56
CA ARG B 918 108.05 -89.39 99.42
C ARG B 918 106.73 -89.06 98.73
N ASN B 919 105.80 -90.02 98.73
CA ASN B 919 104.52 -89.86 98.05
C ASN B 919 103.65 -88.75 98.64
N TYR B 920 103.90 -88.39 99.90
CA TYR B 920 103.18 -87.29 100.51
C TYR B 920 103.45 -85.99 99.76
N ASN B 921 104.68 -85.87 99.25
CA ASN B 921 105.08 -84.69 98.51
C ASN B 921 104.81 -84.83 97.01
N LEU B 922 105.01 -86.04 96.49
CA LEU B 922 104.89 -86.31 95.06
C LEU B 922 103.44 -86.26 94.55
N GLN B 923 102.50 -86.68 95.39
CA GLN B 923 101.12 -86.83 94.97
C GLN B 923 100.48 -85.51 94.53
N MET B 924 100.62 -84.48 95.37
CA MET B 924 100.03 -83.17 95.07
C MET B 924 100.71 -82.52 93.87
N SER B 925 102.01 -82.78 93.73
CA SER B 925 102.75 -82.27 92.57
C SER B 925 102.26 -82.93 91.29
N GLY B 926 102.04 -84.24 91.36
CA GLY B 926 101.53 -84.99 90.23
C GLY B 926 100.14 -84.54 89.84
N GLU B 927 99.31 -84.26 90.84
CA GLU B 927 97.96 -83.77 90.61
C GLU B 927 97.97 -82.42 89.90
N THR B 928 98.92 -81.57 90.30
CA THR B 928 99.07 -80.25 89.70
C THR B 928 99.46 -80.36 88.22
N LEU B 929 100.47 -81.20 87.95
CA LEU B 929 100.96 -81.42 86.60
C LEU B 929 99.92 -82.04 85.68
N LYS B 930 98.95 -82.76 86.26
CA LYS B 930 98.00 -83.54 85.48
C LYS B 930 96.93 -82.68 84.80
N THR B 931 96.58 -81.58 85.45
CA THR B 931 95.65 -80.61 84.89
C THR B 931 96.29 -79.85 83.75
N LEU B 932 97.47 -79.29 84.02
CA LEU B 932 98.26 -78.56 83.03
C LEU B 932 98.41 -79.31 81.71
N LEU B 933 98.63 -80.62 81.78
CA LEU B 933 98.71 -81.43 80.57
C LEU B 933 97.33 -81.55 79.95
N ALA B 934 96.34 -81.83 80.79
CA ALA B 934 94.97 -81.99 80.35
C ALA B 934 94.45 -80.71 79.70
N LEU B 935 94.98 -79.57 80.14
CA LEU B 935 94.60 -78.28 79.56
C LEU B 935 95.32 -78.03 78.24
N GLY B 936 96.30 -78.87 77.95
CA GLY B 936 97.04 -78.79 76.69
C GLY B 936 98.25 -77.88 76.74
N CYS B 937 98.87 -77.75 77.90
CA CYS B 937 100.08 -76.95 78.03
C CYS B 937 101.27 -77.65 77.40
N HIS B 938 102.13 -76.88 76.75
CA HIS B 938 103.35 -77.42 76.18
C HIS B 938 104.43 -77.46 77.27
N VAL B 939 105.06 -78.62 77.44
CA VAL B 939 106.05 -78.79 78.49
C VAL B 939 107.38 -79.28 77.95
N GLY B 940 108.43 -78.48 78.12
CA GLY B 940 109.73 -78.83 77.60
C GLY B 940 110.90 -78.55 78.53
N MET B 941 111.85 -79.48 78.56
CA MET B 941 113.12 -79.27 79.25
C MET B 941 114.05 -78.47 78.35
N ALA B 942 114.78 -77.53 78.94
CA ALA B 942 115.70 -76.70 78.16
C ALA B 942 117.15 -76.91 78.63
N ASP B 943 118.09 -76.42 77.82
CA ASP B 943 119.50 -76.68 78.05
C ASP B 943 120.15 -75.72 79.06
N GLU B 944 119.67 -74.48 79.11
CA GLU B 944 120.31 -73.46 79.95
C GLU B 944 119.35 -72.70 80.85
N LYS B 945 118.16 -73.25 81.08
CA LYS B 945 117.15 -72.54 81.88
C LYS B 945 117.23 -72.90 83.36
N ALA B 946 118.18 -73.75 83.72
CA ALA B 946 118.36 -74.15 85.11
C ALA B 946 119.68 -73.63 85.65
N GLU B 947 120.20 -72.57 85.03
CA GLU B 947 121.40 -71.90 85.52
C GLU B 947 121.15 -70.40 85.67
N ASP B 948 121.74 -69.81 86.70
CA ASP B 948 121.71 -68.36 86.86
C ASP B 948 123.08 -67.88 87.34
N ASN B 949 123.87 -67.38 86.40
CA ASN B 949 125.26 -67.02 86.64
C ASN B 949 125.46 -65.95 87.72
N LEU B 950 124.37 -65.43 88.27
CA LEU B 950 124.42 -64.38 89.27
C LEU B 950 124.47 -64.90 90.71
N LYS B 951 124.07 -66.15 90.91
CA LYS B 951 123.96 -66.75 92.26
C LYS B 951 123.00 -65.95 93.15
N LYS B 952 121.79 -65.66 92.70
CA LYS B 952 120.98 -64.67 93.41
C LYS B 952 119.64 -65.12 94.01
N THR B 953 119.15 -66.23 93.47
CA THR B 953 117.94 -66.92 93.92
C THR B 953 118.34 -68.31 94.43
N LYS B 954 117.51 -68.89 95.29
CA LYS B 954 117.90 -70.03 96.11
C LYS B 954 118.33 -71.35 95.44
N LEU B 955 117.63 -71.81 94.41
CA LEU B 955 117.95 -73.14 93.87
C LEU B 955 118.10 -73.28 92.35
N PRO B 956 119.18 -72.63 91.77
CA PRO B 956 119.46 -73.03 90.38
C PRO B 956 120.86 -73.66 90.28
N LYS B 957 121.03 -74.83 89.65
CA LYS B 957 122.37 -75.34 89.55
C LYS B 957 123.42 -74.35 90.08
N THR B 958 123.23 -73.05 89.86
CA THR B 958 124.30 -72.08 90.13
C THR B 958 124.22 -71.19 91.39
N TYR B 959 123.18 -71.28 92.21
CA TYR B 959 123.11 -70.35 93.35
C TYR B 959 124.02 -70.83 94.49
N MET B 960 124.57 -69.87 95.24
CA MET B 960 125.65 -70.12 96.19
C MET B 960 125.28 -71.04 97.36
N MET B 961 126.31 -71.46 98.11
CA MET B 961 126.15 -72.34 99.27
C MET B 961 125.27 -71.70 100.33
N SER B 962 125.39 -70.38 100.47
CA SER B 962 124.65 -69.66 101.50
C SER B 962 123.16 -69.62 101.22
N ASN B 963 122.76 -69.98 100.00
CA ASN B 963 121.36 -69.82 99.63
C ASN B 963 120.46 -70.89 100.25
N GLY B 964 121.05 -72.01 100.67
CA GLY B 964 120.28 -73.05 101.32
C GLY B 964 119.54 -72.60 102.57
N TYR B 965 120.08 -71.60 103.26
CA TYR B 965 119.53 -71.19 104.56
C TYR B 965 118.56 -70.01 104.52
N LYS B 966 118.48 -69.30 103.40
CA LYS B 966 117.44 -68.30 103.22
C LYS B 966 116.07 -68.96 103.35
N PRO B 967 115.05 -68.20 103.80
CA PRO B 967 113.70 -68.75 103.88
C PRO B 967 113.08 -68.94 102.48
N ALA B 968 112.13 -69.85 102.37
CA ALA B 968 111.53 -70.21 101.08
C ALA B 968 110.91 -69.05 100.25
N PRO B 969 110.17 -68.10 100.88
CA PRO B 969 109.55 -67.04 100.07
C PRO B 969 110.51 -65.94 99.60
N LEU B 970 111.58 -65.68 100.33
CA LEU B 970 112.58 -64.73 99.87
C LEU B 970 113.16 -65.20 98.55
N ASP B 971 113.46 -66.49 98.48
CA ASP B 971 113.93 -67.09 97.25
C ASP B 971 112.92 -66.93 96.13
N LEU B 972 111.74 -67.52 96.35
CA LEU B 972 110.65 -67.50 95.38
C LEU B 972 110.39 -66.08 94.89
N SER B 973 110.52 -65.10 95.77
CA SER B 973 110.29 -63.71 95.41
C SER B 973 111.41 -63.14 94.54
N HIS B 974 112.50 -63.87 94.38
CA HIS B 974 113.53 -63.45 93.42
C HIS B 974 113.15 -63.95 92.02
N VAL B 975 112.14 -64.81 91.91
CA VAL B 975 111.70 -65.32 90.60
C VAL B 975 110.53 -64.51 90.05
N ARG B 976 110.59 -64.17 88.77
CA ARG B 976 109.53 -63.39 88.16
C ARG B 976 108.82 -64.13 87.04
N LEU B 977 107.54 -63.85 86.90
CA LEU B 977 106.70 -64.55 85.94
C LEU B 977 106.20 -63.61 84.85
N THR B 978 106.10 -64.12 83.63
CA THR B 978 105.59 -63.33 82.51
C THR B 978 104.06 -63.16 82.68
N PRO B 979 103.40 -62.45 81.76
CA PRO B 979 101.93 -62.43 81.90
C PRO B 979 101.31 -63.76 81.50
N ALA B 980 101.96 -64.45 80.58
CA ALA B 980 101.62 -65.83 80.23
C ALA B 980 101.67 -66.71 81.48
N GLN B 981 102.65 -66.47 82.33
CA GLN B 981 102.87 -67.32 83.48
C GLN B 981 101.86 -67.10 84.59
N THR B 982 101.30 -65.90 84.66
CA THR B 982 100.39 -65.48 85.72
C THR B 982 98.93 -65.88 85.42
N THR B 983 98.61 -65.94 84.14
CA THR B 983 97.31 -66.39 83.69
C THR B 983 97.26 -67.91 83.83
N LEU B 984 98.41 -68.53 83.62
CA LEU B 984 98.59 -69.94 83.96
C LEU B 984 98.47 -70.07 85.46
N VAL B 985 98.90 -69.02 86.16
CA VAL B 985 98.81 -68.95 87.61
C VAL B 985 97.37 -68.63 88.03
N ASP B 986 96.66 -67.85 87.24
CA ASP B 986 95.28 -67.57 87.61
C ASP B 986 94.37 -68.77 87.29
N ARG B 987 94.84 -69.69 86.44
CA ARG B 987 94.02 -70.81 86.00
C ARG B 987 93.97 -72.02 86.98
N LEU B 988 95.12 -72.62 87.28
CA LEU B 988 95.12 -73.77 88.19
C LEU B 988 94.85 -73.31 89.64
N ALA B 989 95.03 -72.03 89.90
CA ALA B 989 94.69 -71.47 91.20
C ALA B 989 93.18 -71.58 91.36
N GLU B 990 92.47 -71.23 90.30
CA GLU B 990 91.03 -71.39 90.24
C GLU B 990 90.66 -72.86 90.32
N ASN B 991 91.38 -73.69 89.58
CA ASN B 991 91.12 -75.13 89.57
C ASN B 991 91.36 -75.71 90.96
N GLY B 992 92.41 -75.22 91.60
CA GLY B 992 92.69 -75.59 92.97
C GLY B 992 91.43 -75.29 93.72
N HIS B 993 90.66 -74.34 93.20
CA HIS B 993 89.34 -74.08 93.70
C HIS B 993 88.44 -75.25 93.47
N ASN B 994 88.47 -75.82 92.27
CA ASN B 994 87.63 -76.98 91.94
C ASN B 994 87.99 -78.23 92.72
N VAL B 995 89.30 -78.47 92.82
CA VAL B 995 89.81 -79.60 93.59
C VAL B 995 89.42 -79.39 95.03
N TRP B 996 89.51 -78.13 95.45
CA TRP B 996 89.22 -77.78 96.82
C TRP B 996 87.79 -78.10 97.11
N ALA B 997 86.92 -77.78 96.16
CA ALA B 997 85.49 -78.02 96.29
C ALA B 997 85.21 -79.51 96.38
N ARG B 998 85.88 -80.30 95.55
CA ARG B 998 85.68 -81.74 95.59
C ARG B 998 86.09 -82.26 96.97
N ASP B 999 87.21 -81.74 97.46
CA ASP B 999 87.73 -82.17 98.76
C ASP B 999 86.73 -81.81 99.84
N ARG B 1000 86.17 -80.62 99.73
CA ARG B 1000 85.20 -80.12 100.70
C ARG B 1000 83.98 -81.01 100.70
N VAL B 1001 83.52 -81.41 99.52
CA VAL B 1001 82.35 -82.26 99.45
C VAL B 1001 82.67 -83.56 100.16
N ALA B 1002 83.85 -84.12 99.88
CA ALA B 1002 84.18 -85.39 100.50
C ALA B 1002 84.22 -85.23 102.02
N GLN B 1003 84.80 -84.13 102.46
CA GLN B 1003 84.95 -83.84 103.88
C GLN B 1003 83.62 -83.67 104.58
N GLY B 1004 82.69 -83.00 103.92
CA GLY B 1004 81.35 -82.79 104.43
C GLY B 1004 80.65 -84.13 104.53
N TRP B 1005 80.87 -84.97 103.53
CA TRP B 1005 80.27 -86.28 103.52
C TRP B 1005 80.75 -87.02 104.71
N SER B 1006 82.05 -86.92 104.99
CA SER B 1006 82.59 -87.62 106.15
C SER B 1006 82.00 -87.07 107.44
N TYR B 1007 81.94 -85.75 107.53
CA TYR B 1007 81.17 -85.06 108.56
C TYR B 1007 79.77 -84.78 108.03
N SER B 1008 78.99 -85.85 107.85
CA SER B 1008 77.63 -85.69 107.34
C SER B 1008 77.64 -84.96 106.01
N ALA B 1015 78.15 -79.20 103.97
CA ALA B 1015 79.36 -79.79 104.56
C ALA B 1015 80.33 -78.70 104.97
N ARG B 1016 79.88 -77.80 105.84
CA ARG B 1016 80.73 -76.73 106.34
C ARG B 1016 80.85 -75.59 105.33
N ARG B 1017 81.74 -74.64 105.62
CA ARG B 1017 81.89 -73.45 104.80
C ARG B 1017 83.20 -73.48 104.02
N ASN B 1018 83.11 -73.23 102.73
CA ASN B 1018 84.29 -73.29 101.85
C ASN B 1018 84.66 -71.95 101.22
N PRO B 1019 85.93 -71.59 101.34
CA PRO B 1019 86.46 -70.31 100.84
C PRO B 1019 86.38 -70.16 99.32
N ARG B 1020 86.66 -71.24 98.60
CA ARG B 1020 86.73 -71.21 97.14
C ARG B 1020 85.39 -70.83 96.51
N LEU B 1021 84.30 -71.31 97.10
CA LEU B 1021 82.98 -71.12 96.52
C LEU B 1021 82.65 -69.64 96.35
N VAL B 1022 82.00 -69.33 95.23
CA VAL B 1022 81.82 -67.97 94.75
C VAL B 1022 82.87 -67.80 93.65
N PRO B 1023 82.56 -68.25 92.44
CA PRO B 1023 83.63 -68.44 91.46
C PRO B 1023 84.93 -67.79 91.93
N TYR B 1024 86.06 -68.40 91.56
CA TYR B 1024 87.37 -67.94 91.99
C TYR B 1024 87.61 -66.47 91.63
N ARG B 1025 87.14 -66.07 90.45
CA ARG B 1025 87.37 -64.72 89.94
C ARG B 1025 86.58 -63.65 90.67
N LEU B 1026 85.67 -64.08 91.56
CA LEU B 1026 84.89 -63.14 92.36
C LEU B 1026 85.45 -63.04 93.78
N LEU B 1027 86.49 -63.82 94.05
CA LEU B 1027 87.18 -63.78 95.33
C LEU B 1027 88.08 -62.55 95.43
N ASP B 1028 88.31 -62.08 96.64
CA ASP B 1028 89.27 -61.01 96.86
C ASP B 1028 90.69 -61.59 96.92
N GLU B 1029 91.69 -60.72 96.97
CA GLU B 1029 93.08 -61.14 96.98
C GLU B 1029 93.39 -62.03 98.20
N ALA B 1030 92.89 -61.62 99.35
CA ALA B 1030 93.10 -62.37 100.59
C ALA B 1030 92.52 -63.77 100.49
N THR B 1031 91.38 -63.89 99.83
CA THR B 1031 90.72 -65.18 99.67
C THR B 1031 91.40 -66.03 98.59
N LYS B 1032 91.98 -65.36 97.60
CA LYS B 1032 92.67 -66.05 96.52
C LYS B 1032 94.07 -66.54 96.92
N ARG B 1033 94.60 -65.97 97.99
CA ARG B 1033 96.02 -66.10 98.32
C ARG B 1033 96.54 -67.54 98.41
N SER B 1034 95.81 -68.40 99.11
CA SER B 1034 96.25 -69.78 99.33
C SER B 1034 96.46 -70.54 98.02
N ASN B 1035 95.47 -70.47 97.14
CA ASN B 1035 95.55 -71.15 95.84
C ASN B 1035 96.49 -70.42 94.88
N ARG B 1036 96.54 -69.10 94.98
CA ARG B 1036 97.39 -68.30 94.11
C ARG B 1036 98.87 -68.59 94.39
N ASP B 1037 99.22 -68.73 95.66
CA ASP B 1037 100.60 -68.98 96.07
C ASP B 1037 101.06 -70.40 95.77
N SER B 1038 100.17 -71.37 95.95
CA SER B 1038 100.50 -72.78 95.73
C SER B 1038 101.01 -73.00 94.31
N LEU B 1039 100.38 -72.31 93.36
CA LEU B 1039 100.67 -72.48 91.93
C LEU B 1039 101.79 -71.57 91.44
N CYS B 1040 101.78 -70.31 91.87
CA CYS B 1040 102.91 -69.40 91.65
C CYS B 1040 104.19 -70.15 91.95
N GLN B 1041 104.16 -70.91 93.05
CA GLN B 1041 105.27 -71.75 93.46
C GLN B 1041 105.64 -72.82 92.42
N ALA B 1042 104.67 -73.63 92.01
CA ALA B 1042 104.94 -74.72 91.06
C ALA B 1042 105.49 -74.19 89.75
N VAL B 1043 104.93 -73.08 89.28
CA VAL B 1043 105.35 -72.45 88.03
C VAL B 1043 106.76 -71.86 88.15
N ARG B 1044 107.04 -71.21 89.29
CA ARG B 1044 108.35 -70.63 89.52
C ARG B 1044 109.44 -71.69 89.67
N THR B 1045 109.08 -72.81 90.28
CA THR B 1045 110.01 -73.93 90.42
C THR B 1045 110.27 -74.60 89.09
N LEU B 1046 109.26 -74.58 88.21
CA LEU B 1046 109.40 -75.11 86.86
C LEU B 1046 110.40 -74.29 86.07
N LEU B 1047 110.31 -72.97 86.22
CA LEU B 1047 111.21 -72.05 85.54
C LEU B 1047 112.65 -72.24 86.02
N GLY B 1048 112.82 -72.20 87.34
CA GLY B 1048 114.14 -72.32 87.94
C GLY B 1048 114.82 -73.65 87.67
N TYR B 1049 114.04 -74.69 87.45
CA TYR B 1049 114.62 -76.02 87.31
C TYR B 1049 114.85 -76.43 85.85
N GLY B 1050 114.60 -75.51 84.92
CA GLY B 1050 114.95 -75.73 83.53
C GLY B 1050 113.81 -76.11 82.61
N TYR B 1051 112.59 -75.91 83.07
CA TYR B 1051 111.41 -76.26 82.27
C TYR B 1051 110.68 -75.02 81.77
N ASN B 1052 110.20 -75.10 80.53
CA ASN B 1052 109.39 -74.02 79.95
C ASN B 1052 107.98 -74.53 79.69
N ILE B 1053 107.00 -73.88 80.31
CA ILE B 1053 105.61 -74.22 80.08
C ILE B 1053 104.94 -73.17 79.19
N ARG B 1073 55.22 -55.44 98.45
CA ARG B 1073 56.65 -55.36 98.17
C ARG B 1073 57.40 -56.57 98.71
N ILE B 1074 58.14 -57.25 97.83
CA ILE B 1074 58.91 -58.43 98.20
C ILE B 1074 60.31 -58.07 98.67
N PHE B 1075 60.76 -58.70 99.76
CA PHE B 1075 62.12 -58.54 100.23
C PHE B 1075 62.83 -59.90 100.23
N ARG B 1076 64.11 -59.92 99.89
CA ARG B 1076 64.87 -61.17 99.80
C ARG B 1076 65.97 -61.23 100.87
N ALA B 1077 66.39 -62.44 101.21
CA ALA B 1077 67.38 -62.67 102.27
C ALA B 1077 68.79 -62.28 101.83
N GLU B 1078 69.63 -61.90 102.79
CA GLU B 1078 71.02 -61.57 102.48
C GLU B 1078 71.75 -62.78 101.93
N LYS B 1079 71.62 -63.90 102.64
CA LYS B 1079 72.38 -65.09 102.35
C LYS B 1079 71.54 -66.11 101.59
N SER B 1080 72.18 -66.77 100.64
CA SER B 1080 71.52 -67.76 99.81
C SER B 1080 72.11 -69.14 100.07
N TYR B 1081 72.31 -69.45 101.36
CA TYR B 1081 72.84 -70.76 101.75
C TYR B 1081 72.00 -71.86 101.12
N THR B 1082 72.62 -72.60 100.19
CA THR B 1082 71.85 -73.29 99.21
C THR B 1082 70.79 -74.08 99.94
N VAL B 1083 69.57 -73.84 99.49
CA VAL B 1083 68.36 -74.48 99.98
C VAL B 1083 67.97 -75.62 99.04
N GLN B 1084 68.43 -75.50 97.79
CA GLN B 1084 68.12 -76.43 96.73
C GLN B 1084 68.28 -77.92 97.10
N SER B 1085 69.21 -78.20 98.01
CA SER B 1085 69.46 -79.58 98.43
C SER B 1085 69.74 -79.69 99.92
N GLY B 1086 69.20 -80.73 100.55
CA GLY B 1086 69.37 -80.96 101.98
C GLY B 1086 68.21 -80.40 102.76
N ARG B 1087 68.39 -80.23 104.06
CA ARG B 1087 67.35 -79.62 104.89
C ARG B 1087 67.70 -78.18 105.24
N TRP B 1088 66.76 -77.29 104.98
CA TRP B 1088 66.95 -75.87 105.29
C TRP B 1088 65.80 -75.34 106.12
N TYR B 1089 66.12 -74.52 107.11
CA TYR B 1089 65.10 -73.94 107.97
C TYR B 1089 65.51 -72.56 108.48
N PHE B 1090 64.52 -71.71 108.68
CA PHE B 1090 64.75 -70.41 109.30
C PHE B 1090 63.50 -70.02 110.08
N GLU B 1091 63.60 -68.95 110.87
CA GLU B 1091 62.45 -68.44 111.58
C GLU B 1091 62.26 -66.95 111.25
N PHE B 1092 61.03 -66.47 111.40
CA PHE B 1092 60.73 -65.09 111.07
C PHE B 1092 59.78 -64.47 112.08
N GLU B 1093 60.27 -63.45 112.78
CA GLU B 1093 59.45 -62.70 113.72
C GLU B 1093 58.89 -61.47 113.03
N ALA B 1094 57.56 -61.39 112.96
CA ALA B 1094 56.92 -60.31 112.22
C ALA B 1094 56.11 -59.37 113.13
N VAL B 1095 56.31 -58.08 112.93
CA VAL B 1095 55.51 -57.05 113.58
C VAL B 1095 54.61 -56.41 112.54
N THR B 1096 53.42 -56.96 112.34
CA THR B 1096 52.56 -56.52 111.25
C THR B 1096 51.09 -56.48 111.61
N THR B 1097 50.34 -55.64 110.89
CA THR B 1097 48.90 -55.57 111.01
C THR B 1097 48.26 -55.52 109.63
N GLY B 1098 48.25 -56.67 108.96
CA GLY B 1098 47.72 -56.76 107.61
C GLY B 1098 48.27 -57.98 106.88
N GLU B 1099 48.23 -57.94 105.56
CA GLU B 1099 48.70 -59.08 104.75
C GLU B 1099 50.22 -59.15 104.69
N MET B 1100 50.75 -60.34 104.94
CA MET B 1100 52.19 -60.58 104.88
C MET B 1100 52.48 -62.04 104.61
N ARG B 1101 53.31 -62.31 103.60
CA ARG B 1101 53.60 -63.68 103.19
C ARG B 1101 55.06 -64.04 103.40
N VAL B 1102 55.29 -65.18 104.06
CA VAL B 1102 56.63 -65.64 104.36
C VAL B 1102 56.90 -67.02 103.76
N GLY B 1103 58.04 -67.17 103.09
CA GLY B 1103 58.40 -68.44 102.49
C GLY B 1103 59.64 -68.35 101.61
N TRP B 1104 59.59 -69.01 100.45
CA TRP B 1104 60.71 -69.01 99.51
C TRP B 1104 60.24 -68.64 98.10
N ALA B 1105 61.14 -68.07 97.30
CA ALA B 1105 60.83 -67.72 95.93
C ALA B 1105 62.00 -68.03 94.99
N ARG B 1106 61.67 -68.20 93.70
CA ARG B 1106 62.68 -68.48 92.68
C ARG B 1106 63.32 -67.16 92.22
N PRO B 1107 64.55 -67.23 91.67
CA PRO B 1107 65.30 -66.03 91.27
C PRO B 1107 64.59 -65.11 90.26
N GLU B 1108 63.57 -65.63 89.57
CA GLU B 1108 62.94 -64.87 88.50
C GLU B 1108 61.69 -64.09 88.92
N LEU B 1109 61.28 -64.25 90.18
CA LEU B 1109 60.05 -63.63 90.63
C LEU B 1109 60.17 -62.11 90.76
N ARG B 1110 59.14 -61.41 90.31
CA ARG B 1110 59.12 -59.95 90.32
C ARG B 1110 58.91 -59.40 91.74
N PRO B 1111 59.76 -58.45 92.15
CA PRO B 1111 59.73 -57.86 93.49
C PRO B 1111 58.46 -57.03 93.78
N ASP B 1112 57.69 -56.70 92.75
CA ASP B 1112 56.56 -55.79 92.91
C ASP B 1112 55.20 -56.48 92.87
N VAL B 1113 55.21 -57.82 92.91
CA VAL B 1113 53.96 -58.57 92.99
C VAL B 1113 53.93 -59.38 94.29
N GLU B 1114 52.78 -59.94 94.61
CA GLU B 1114 52.63 -60.74 95.83
C GLU B 1114 53.38 -62.07 95.70
N LEU B 1115 54.03 -62.49 96.78
CA LEU B 1115 54.66 -63.81 96.81
C LEU B 1115 53.60 -64.90 96.71
N GLY B 1116 53.81 -65.86 95.79
CA GLY B 1116 52.86 -66.94 95.63
C GLY B 1116 51.77 -66.62 94.63
N ALA B 1117 51.78 -65.40 94.11
CA ALA B 1117 50.84 -65.00 93.07
C ALA B 1117 51.14 -65.75 91.79
N ASP B 1118 52.43 -65.97 91.53
CA ASP B 1118 52.86 -66.72 90.35
C ASP B 1118 53.31 -68.13 90.72
N GLU B 1119 53.96 -68.80 89.77
CA GLU B 1119 54.47 -70.16 89.95
C GLU B 1119 55.87 -70.18 90.54
N LEU B 1120 56.39 -69.01 90.90
CA LEU B 1120 57.80 -68.90 91.26
C LEU B 1120 58.05 -68.87 92.77
N ALA B 1121 57.01 -69.07 93.56
CA ALA B 1121 57.13 -68.93 95.01
C ALA B 1121 56.20 -69.85 95.80
N TYR B 1122 56.66 -70.25 96.98
CA TYR B 1122 55.87 -71.03 97.92
C TYR B 1122 55.87 -70.34 99.28
N VAL B 1123 54.75 -69.72 99.66
CA VAL B 1123 54.68 -68.96 100.89
C VAL B 1123 53.40 -69.21 101.68
N PHE B 1124 53.34 -68.65 102.89
CA PHE B 1124 52.14 -68.68 103.71
C PHE B 1124 51.80 -67.27 104.19
N ASN B 1125 50.54 -66.86 104.00
CA ASN B 1125 50.11 -65.52 104.39
C ASN B 1125 49.51 -65.51 105.78
N GLY B 1126 49.91 -64.52 106.58
CA GLY B 1126 49.45 -64.41 107.95
C GLY B 1126 48.04 -63.90 108.10
N HIS B 1127 47.64 -62.94 107.27
CA HIS B 1127 46.32 -62.34 107.39
C HIS B 1127 45.22 -63.28 106.94
N ARG B 1128 45.53 -64.16 105.99
CA ARG B 1128 44.52 -65.02 105.37
C ARG B 1128 44.45 -66.40 106.01
N GLY B 1129 45.57 -66.90 106.49
CA GLY B 1129 45.65 -68.28 106.95
C GLY B 1129 45.62 -69.21 105.77
N GLN B 1130 46.15 -68.73 104.64
CA GLN B 1130 46.18 -69.50 103.41
C GLN B 1130 47.59 -69.61 102.87
N ARG B 1131 47.91 -70.76 102.28
CA ARG B 1131 49.21 -70.96 101.64
C ARG B 1131 49.15 -70.51 100.19
N TRP B 1132 50.21 -69.91 99.69
CA TRP B 1132 50.15 -69.34 98.35
C TRP B 1132 51.18 -69.91 97.39
N HIS B 1133 50.66 -70.39 96.27
CA HIS B 1133 51.44 -70.79 95.12
C HIS B 1133 50.48 -70.74 93.94
N LEU B 1134 50.71 -69.79 93.03
CA LEU B 1134 49.78 -69.52 91.94
C LEU B 1134 48.43 -69.08 92.51
N GLY B 1135 48.48 -68.36 93.62
CA GLY B 1135 47.28 -67.79 94.20
C GLY B 1135 46.17 -68.76 94.59
N SER B 1136 46.51 -69.83 95.29
CA SER B 1136 45.49 -70.76 95.76
C SER B 1136 45.93 -71.67 96.92
N GLU B 1137 44.94 -72.01 97.75
CA GLU B 1137 44.95 -73.05 98.80
C GLU B 1137 45.08 -72.51 100.23
N PRO B 1138 44.19 -72.98 101.13
CA PRO B 1138 44.20 -72.68 102.55
C PRO B 1138 45.12 -73.64 103.32
N PHE B 1139 45.55 -73.25 104.52
CA PHE B 1139 46.43 -74.10 105.31
C PHE B 1139 46.24 -73.91 106.82
N GLY B 1140 47.08 -73.08 107.43
CA GLY B 1140 47.12 -72.97 108.87
C GLY B 1140 46.40 -71.77 109.45
N ARG B 1141 46.58 -71.55 110.75
CA ARG B 1141 45.94 -70.45 111.46
C ARG B 1141 46.62 -69.12 111.18
N PRO B 1142 45.82 -68.05 111.06
CA PRO B 1142 46.31 -66.69 110.79
C PRO B 1142 47.23 -66.16 111.90
N TRP B 1143 48.15 -65.27 111.53
CA TRP B 1143 49.04 -64.67 112.52
C TRP B 1143 49.25 -63.17 112.26
N GLN B 1144 49.87 -62.50 113.23
CA GLN B 1144 50.10 -61.06 113.14
C GLN B 1144 51.33 -60.61 113.94
N SER B 1145 51.32 -59.36 114.40
CA SER B 1145 52.43 -58.77 115.13
C SER B 1145 52.80 -59.55 116.37
N GLY B 1146 54.10 -59.85 116.53
CA GLY B 1146 54.59 -60.57 117.67
C GLY B 1146 54.78 -62.05 117.41
N ASP B 1147 54.05 -62.58 116.43
CA ASP B 1147 54.12 -64.00 116.10
C ASP B 1147 55.42 -64.36 115.40
N VAL B 1148 55.98 -65.52 115.75
CA VAL B 1148 57.19 -66.01 115.13
C VAL B 1148 56.88 -67.25 114.29
N VAL B 1149 57.09 -67.14 112.98
CA VAL B 1149 56.83 -68.25 112.07
C VAL B 1149 58.13 -69.00 111.73
N GLY B 1150 58.12 -70.30 111.96
CA GLY B 1150 59.20 -71.16 111.52
C GLY B 1150 58.92 -71.68 110.13
N CYS B 1151 59.96 -71.79 109.32
CA CYS B 1151 59.79 -72.21 107.93
C CYS B 1151 60.88 -73.22 107.55
N MET B 1152 60.46 -74.43 107.21
CA MET B 1152 61.41 -75.51 106.94
C MET B 1152 61.19 -76.19 105.60
N ILE B 1153 62.29 -76.43 104.88
CA ILE B 1153 62.26 -77.18 103.63
C ILE B 1153 63.09 -78.46 103.76
N ASP B 1154 62.46 -79.60 103.49
CA ASP B 1154 63.18 -80.88 103.44
C ASP B 1154 63.23 -81.35 102.00
N LEU B 1155 64.40 -81.27 101.39
CA LEU B 1155 64.56 -81.61 99.98
C LEU B 1155 64.25 -83.08 99.70
N THR B 1156 64.96 -83.97 100.39
CA THR B 1156 64.82 -85.41 100.17
C THR B 1156 63.36 -85.85 100.36
N GLU B 1157 62.71 -85.31 101.37
CA GLU B 1157 61.31 -85.60 101.64
C GLU B 1157 60.39 -84.87 100.65
N ASN B 1158 60.94 -83.83 100.01
CA ASN B 1158 60.22 -83.00 99.06
C ASN B 1158 59.03 -82.27 99.68
N THR B 1159 59.25 -81.63 100.83
CA THR B 1159 58.16 -80.99 101.55
C THR B 1159 58.47 -79.57 102.01
N ILE B 1160 57.44 -78.74 102.08
CA ILE B 1160 57.53 -77.40 102.64
C ILE B 1160 56.51 -77.25 103.76
N ILE B 1161 56.98 -77.02 104.98
CA ILE B 1161 56.09 -76.95 106.13
C ILE B 1161 56.34 -75.69 106.98
N PHE B 1162 55.25 -75.10 107.45
CA PHE B 1162 55.33 -73.89 108.26
C PHE B 1162 54.87 -74.15 109.70
N THR B 1163 55.43 -73.39 110.64
CA THR B 1163 55.01 -73.46 112.04
C THR B 1163 54.55 -72.10 112.52
N LEU B 1164 54.23 -71.99 113.80
CA LEU B 1164 53.72 -70.74 114.35
C LEU B 1164 53.76 -70.72 115.88
N ASN B 1165 54.70 -69.96 116.43
CA ASN B 1165 54.85 -69.79 117.88
C ASN B 1165 55.06 -71.10 118.64
N GLY B 1166 55.82 -72.00 118.04
CA GLY B 1166 56.13 -73.28 118.68
C GLY B 1166 55.17 -74.39 118.31
N GLU B 1167 54.16 -74.04 117.51
CA GLU B 1167 53.17 -75.00 117.07
C GLU B 1167 53.21 -75.20 115.56
N VAL B 1168 53.33 -76.45 115.13
CA VAL B 1168 53.31 -76.78 113.70
C VAL B 1168 51.94 -76.51 113.11
N LEU B 1169 51.91 -75.84 111.96
CA LEU B 1169 50.65 -75.56 111.28
C LEU B 1169 50.16 -76.77 110.51
N MET B 1170 48.84 -76.93 110.43
CA MET B 1170 48.25 -78.10 109.78
C MET B 1170 46.90 -77.76 109.14
N SER B 1171 46.43 -78.61 108.24
CA SER B 1171 45.19 -78.37 107.51
C SER B 1171 43.96 -78.72 108.33
N ASP B 1172 42.78 -78.54 107.73
CA ASP B 1172 41.52 -78.83 108.40
C ASP B 1172 41.36 -80.32 108.66
N SER B 1173 42.05 -81.14 107.85
CA SER B 1173 42.00 -82.58 108.01
C SER B 1173 43.02 -83.05 109.05
N GLY B 1174 43.84 -82.13 109.53
CA GLY B 1174 44.83 -82.43 110.54
C GLY B 1174 46.14 -82.92 109.95
N SER B 1175 46.27 -82.82 108.62
CA SER B 1175 47.47 -83.25 107.92
C SER B 1175 48.55 -82.17 108.00
N GLU B 1176 49.81 -82.58 107.86
CA GLU B 1176 50.92 -81.64 107.94
C GLU B 1176 51.51 -81.33 106.56
N THR B 1177 52.41 -80.34 106.52
CA THR B 1177 53.07 -79.85 105.31
C THR B 1177 52.14 -79.03 104.42
N ALA B 1178 52.65 -77.91 103.89
CA ALA B 1178 51.88 -77.03 103.03
C ALA B 1178 52.07 -77.36 101.54
N PHE B 1179 53.32 -77.58 101.14
CA PHE B 1179 53.64 -77.86 99.73
C PHE B 1179 54.52 -79.09 99.57
N ARG B 1180 54.32 -79.83 98.48
CA ARG B 1180 55.11 -81.02 98.19
C ARG B 1180 55.58 -81.03 96.73
N GLU B 1181 56.52 -81.93 96.43
CA GLU B 1181 57.13 -82.13 95.11
C GLU B 1181 58.13 -81.04 94.73
N ILE B 1182 59.10 -80.78 95.62
CA ILE B 1182 60.03 -79.67 95.42
C ILE B 1182 61.50 -80.11 95.31
N GLU B 1183 61.78 -81.06 94.43
CA GLU B 1183 63.12 -81.64 94.34
C GLU B 1183 64.18 -80.69 93.76
N ILE B 1184 65.24 -81.27 93.21
CA ILE B 1184 66.40 -80.51 92.76
C ILE B 1184 66.15 -79.75 91.47
N GLY B 1185 66.98 -78.75 91.20
CA GLY B 1185 66.88 -77.96 89.99
C GLY B 1185 66.34 -76.57 90.26
N ASP B 1186 65.50 -76.45 91.30
CA ASP B 1186 64.86 -75.18 91.62
C ASP B 1186 65.55 -74.48 92.78
N GLY B 1187 65.81 -73.18 92.61
CA GLY B 1187 66.39 -72.38 93.66
C GLY B 1187 65.33 -71.86 94.61
N PHE B 1188 65.61 -71.91 95.91
CA PHE B 1188 64.68 -71.44 96.91
C PHE B 1188 65.32 -70.40 97.82
N LEU B 1189 65.17 -69.12 97.47
CA LEU B 1189 65.67 -68.05 98.33
C LEU B 1189 64.58 -67.59 99.30
N PRO B 1190 64.90 -67.59 100.61
CA PRO B 1190 63.98 -67.09 101.64
C PRO B 1190 63.51 -65.68 101.34
N VAL B 1191 62.20 -65.46 101.35
CA VAL B 1191 61.63 -64.18 100.97
C VAL B 1191 60.46 -63.77 101.86
N CYS B 1192 60.14 -62.48 101.84
CA CYS B 1192 59.01 -61.96 102.61
C CYS B 1192 58.25 -60.90 101.81
N SER B 1193 56.93 -61.05 101.73
CA SER B 1193 56.09 -60.08 101.02
C SER B 1193 55.26 -59.28 102.01
N LEU B 1194 55.47 -57.98 102.06
CA LEU B 1194 54.77 -57.16 103.04
C LEU B 1194 53.87 -56.09 102.45
N GLY B 1195 52.59 -56.17 102.77
CA GLY B 1195 51.66 -55.07 102.61
C GLY B 1195 51.93 -54.10 103.75
N PRO B 1196 51.52 -52.84 103.60
CA PRO B 1196 51.97 -51.59 104.22
C PRO B 1196 53.40 -51.57 104.81
N GLY B 1197 53.66 -50.51 105.57
CA GLY B 1197 54.97 -50.22 106.10
C GLY B 1197 55.18 -50.73 107.50
N GLN B 1198 54.96 -52.03 107.67
CA GLN B 1198 55.25 -52.71 108.93
C GLN B 1198 56.72 -53.12 108.91
N VAL B 1199 57.10 -54.02 109.83
CA VAL B 1199 58.49 -54.43 109.91
C VAL B 1199 58.60 -55.91 110.33
N GLY B 1200 59.53 -56.62 109.70
CA GLY B 1200 59.78 -58.01 110.02
C GLY B 1200 61.23 -58.26 110.39
N HIS B 1201 61.46 -59.35 111.13
CA HIS B 1201 62.80 -59.71 111.57
C HIS B 1201 63.14 -61.12 111.10
N LEU B 1202 64.20 -61.24 110.31
CA LEU B 1202 64.57 -62.52 109.71
C LEU B 1202 65.79 -63.16 110.38
N ASN B 1203 65.65 -64.43 110.76
CA ASN B 1203 66.75 -65.20 111.31
C ASN B 1203 66.94 -66.48 110.51
N LEU B 1204 68.03 -66.53 109.74
CA LEU B 1204 68.27 -67.63 108.81
C LEU B 1204 68.87 -68.87 109.48
N GLY B 1205 69.18 -68.77 110.76
CA GLY B 1205 69.74 -69.89 111.50
C GLY B 1205 71.20 -69.72 111.83
N GLN B 1206 71.84 -70.77 112.35
CA GLN B 1206 71.19 -72.05 112.57
C GLN B 1206 70.48 -72.11 113.92
N ASP B 1207 70.68 -71.08 114.73
CA ASP B 1207 70.03 -71.00 116.04
C ASP B 1207 68.63 -70.41 115.91
N VAL B 1208 67.64 -71.29 115.88
CA VAL B 1208 66.24 -70.85 115.86
C VAL B 1208 65.49 -71.40 117.07
N SER B 1209 64.35 -70.79 117.37
CA SER B 1209 63.54 -71.22 118.51
C SER B 1209 62.94 -72.60 118.30
N ASN B 1420 71.29 -35.82 69.66
CA ASN B 1420 70.99 -36.89 70.59
C ASN B 1420 71.85 -38.12 70.32
N ARG B 1421 73.07 -37.92 69.83
CA ARG B 1421 73.96 -39.05 69.55
C ARG B 1421 75.38 -38.84 70.06
N ASP B 1422 76.24 -39.85 69.93
CA ASP B 1422 77.64 -39.83 70.33
C ASP B 1422 78.48 -40.73 69.42
N ASP B 1423 79.80 -40.71 69.58
CA ASP B 1423 80.78 -41.46 68.78
C ASP B 1423 81.06 -42.86 69.34
N PRO B 1424 80.57 -43.92 68.68
CA PRO B 1424 80.82 -45.26 69.23
C PRO B 1424 82.19 -45.88 68.98
N GLU B 1425 83.17 -45.11 68.52
CA GLU B 1425 84.52 -45.62 68.31
C GLU B 1425 85.37 -45.51 69.56
N ILE B 1426 84.88 -44.82 70.58
CA ILE B 1426 85.57 -44.62 71.84
C ILE B 1426 86.08 -45.87 72.56
N ILE B 1427 85.15 -46.71 72.99
CA ILE B 1427 85.46 -47.90 73.79
C ILE B 1427 86.05 -49.13 73.07
N LEU B 1428 86.30 -50.15 73.88
CA LEU B 1428 86.72 -51.48 73.45
C LEU B 1428 85.59 -52.46 73.76
N ASN B 1429 85.23 -53.30 72.80
CA ASN B 1429 84.12 -54.24 72.97
C ASN B 1429 84.32 -55.23 74.10
N THR B 1430 85.51 -55.81 74.15
CA THR B 1430 85.80 -56.89 75.07
C THR B 1430 85.67 -56.41 76.49
N THR B 1431 86.14 -55.20 76.68
CA THR B 1431 86.45 -54.60 77.97
C THR B 1431 85.21 -54.39 78.84
N THR B 1432 85.35 -54.65 80.15
CA THR B 1432 84.24 -54.54 81.11
C THR B 1432 84.17 -53.09 81.56
N TYR B 1433 83.08 -52.41 81.20
CA TYR B 1433 82.96 -50.98 81.52
C TYR B 1433 81.90 -50.62 82.51
N TYR B 1434 82.26 -49.60 83.27
CA TYR B 1434 81.44 -48.96 84.26
C TYR B 1434 81.20 -47.52 83.84
N TYR B 1435 80.02 -47.23 83.28
CA TYR B 1435 79.69 -45.92 82.75
C TYR B 1435 78.76 -45.03 83.57
N SER B 1436 78.93 -43.73 83.54
CA SER B 1436 78.01 -42.82 84.19
C SER B 1436 77.26 -41.96 83.16
N VAL B 1437 75.95 -42.02 83.17
CA VAL B 1437 75.13 -41.25 82.24
C VAL B 1437 74.30 -40.21 82.98
N ARG B 1438 74.43 -38.98 82.51
CA ARG B 1438 73.77 -37.82 83.06
C ARG B 1438 72.69 -37.24 82.16
N VAL B 1439 71.45 -37.38 82.59
CA VAL B 1439 70.28 -36.89 81.87
C VAL B 1439 69.49 -35.98 82.78
N PHE B 1440 69.55 -34.67 82.54
CA PHE B 1440 68.91 -33.72 83.41
C PHE B 1440 67.45 -34.04 83.67
N ALA B 1441 67.15 -34.29 84.94
CA ALA B 1441 65.84 -34.67 85.42
C ALA B 1441 64.73 -33.72 85.01
N GLY B 1442 65.02 -32.43 84.91
CA GLY B 1442 63.97 -31.43 84.86
C GLY B 1442 62.98 -31.63 83.72
N GLN B 1443 63.43 -31.98 82.53
CA GLN B 1443 62.50 -32.34 81.46
C GLN B 1443 62.71 -33.78 80.98
N GLU B 1444 61.67 -34.61 81.12
CA GLU B 1444 61.76 -36.00 80.66
C GLU B 1444 61.91 -36.18 79.14
N PRO B 1445 61.14 -35.40 78.27
CA PRO B 1445 59.98 -34.70 78.86
C PRO B 1445 58.91 -35.68 79.36
N SER B 1446 58.65 -36.74 78.59
CA SER B 1446 57.81 -37.83 79.06
C SER B 1446 58.40 -39.25 79.02
N CYS B 1447 59.24 -39.55 78.00
CA CYS B 1447 59.83 -40.89 77.83
C CYS B 1447 61.30 -40.83 77.39
N VAL B 1448 62.16 -41.50 78.16
CA VAL B 1448 63.60 -41.57 77.89
C VAL B 1448 64.04 -43.02 77.64
N TRP B 1449 64.78 -43.22 76.54
CA TRP B 1449 65.23 -44.56 76.21
C TRP B 1449 66.70 -44.78 76.51
N VAL B 1450 67.07 -45.69 77.40
CA VAL B 1450 68.47 -45.85 77.79
C VAL B 1450 69.04 -47.24 77.55
N GLY B 1451 70.18 -47.36 76.87
CA GLY B 1451 70.74 -48.70 76.68
C GLY B 1451 72.01 -48.69 75.85
N TRP B 1452 72.17 -49.68 74.99
CA TRP B 1452 73.36 -49.80 74.17
C TRP B 1452 73.08 -50.17 72.71
N VAL B 1453 73.92 -49.72 71.80
CA VAL B 1453 73.78 -50.06 70.38
C VAL B 1453 75.11 -50.47 69.81
N THR B 1454 75.07 -51.09 68.64
CA THR B 1454 76.27 -51.42 67.90
C THR B 1454 76.85 -50.12 67.34
N PRO B 1455 78.19 -50.15 67.02
CA PRO B 1455 78.70 -48.85 66.51
C PRO B 1455 77.95 -48.47 65.24
N ASP B 1456 77.64 -49.45 64.41
CA ASP B 1456 76.93 -49.22 63.16
C ASP B 1456 75.53 -48.64 63.37
N TYR B 1457 74.79 -49.12 64.38
CA TYR B 1457 73.43 -48.66 64.57
C TYR B 1457 73.40 -47.18 64.96
N HIS B 1458 72.28 -46.54 64.64
CA HIS B 1458 72.03 -45.13 64.96
C HIS B 1458 70.62 -44.77 64.53
N GLN B 1459 70.11 -43.63 65.02
CA GLN B 1459 68.78 -43.24 64.60
C GLN B 1459 68.96 -42.33 63.40
N HIS B 1460 68.45 -42.81 62.28
CA HIS B 1460 68.56 -42.14 61.00
C HIS B 1460 67.83 -40.80 60.91
N ASP B 1461 66.74 -40.69 61.66
CA ASP B 1461 65.87 -39.53 61.67
C ASP B 1461 65.07 -39.45 62.97
N MET B 1462 64.30 -38.37 63.15
CA MET B 1462 63.48 -38.21 64.35
C MET B 1462 62.35 -39.24 64.45
N ASN B 1463 62.06 -39.90 63.32
CA ASN B 1463 61.08 -40.97 63.23
C ASN B 1463 61.60 -42.28 63.82
N PHE B 1464 62.90 -42.32 64.10
CA PHE B 1464 63.57 -43.48 64.65
C PHE B 1464 63.73 -43.35 66.14
N ASP B 1465 63.87 -44.50 66.79
CA ASP B 1465 63.89 -44.64 68.23
C ASP B 1465 64.80 -45.75 68.68
N LEU B 1466 65.59 -45.49 69.71
CA LEU B 1466 66.46 -46.50 70.30
C LEU B 1466 65.75 -47.85 70.51
N SER B 1467 64.49 -47.87 70.95
CA SER B 1467 63.78 -49.13 71.13
C SER B 1467 63.47 -49.88 69.82
N LYS B 1468 63.50 -49.15 68.72
CA LYS B 1468 63.36 -49.76 67.40
C LYS B 1468 64.53 -50.68 67.07
N VAL B 1469 65.74 -50.23 67.41
CA VAL B 1469 66.96 -50.98 67.10
C VAL B 1469 67.11 -52.25 67.93
N ARG B 1470 67.59 -53.31 67.28
CA ARG B 1470 67.86 -54.56 67.98
C ARG B 1470 69.27 -54.62 68.57
N ALA B 1471 69.52 -53.84 69.60
CA ALA B 1471 70.80 -53.88 70.31
C ALA B 1471 70.56 -54.23 71.77
N VAL B 1472 70.26 -53.21 72.57
CA VAL B 1472 69.80 -53.40 73.94
C VAL B 1472 69.14 -52.15 74.51
N THR B 1473 67.87 -52.20 74.93
CA THR B 1473 67.24 -50.96 75.41
C THR B 1473 66.25 -51.05 76.57
N VAL B 1474 66.42 -50.23 77.61
CA VAL B 1474 65.40 -50.15 78.65
C VAL B 1474 64.66 -48.81 78.49
N THR B 1475 63.34 -48.85 78.34
CA THR B 1475 62.62 -47.59 78.23
C THR B 1475 62.08 -47.24 79.59
N MET B 1476 62.24 -45.97 79.98
CA MET B 1476 61.74 -45.48 81.27
C MET B 1476 60.96 -44.18 81.06
N GLY B 1477 59.78 -44.06 81.66
CA GLY B 1477 58.96 -42.86 81.45
C GLY B 1477 58.81 -41.98 82.70
N ASP B 1478 57.94 -40.98 82.59
CA ASP B 1478 57.61 -40.07 83.68
C ASP B 1478 56.89 -40.81 84.81
N ASN B 1491 55.41 -48.11 81.68
CA ASN B 1491 56.29 -48.79 82.63
C ASN B 1491 57.74 -48.93 82.21
N CYS B 1492 58.58 -49.35 83.14
CA CYS B 1492 59.98 -49.62 82.84
C CYS B 1492 59.99 -50.90 82.05
N TYR B 1493 60.56 -50.88 80.85
CA TYR B 1493 60.48 -52.08 80.02
C TYR B 1493 61.71 -52.40 79.20
N MET B 1494 62.08 -53.68 79.25
CA MET B 1494 63.22 -54.18 78.52
C MET B 1494 62.91 -54.51 77.06
N VAL B 1495 63.78 -54.06 76.18
CA VAL B 1495 63.61 -54.29 74.74
C VAL B 1495 64.90 -54.80 74.11
N TRP B 1496 65.20 -56.08 74.33
CA TRP B 1496 66.41 -56.68 73.78
C TRP B 1496 66.05 -57.83 72.83
N GLY B 1497 66.66 -57.80 71.65
CA GLY B 1497 66.41 -58.83 70.65
C GLY B 1497 64.94 -58.95 70.29
N ILE B 1509 54.89 -46.18 85.07
CA ILE B 1509 55.94 -45.34 84.48
C ILE B 1509 56.93 -44.93 85.56
N SER B 1510 58.19 -45.30 85.35
CA SER B 1510 59.24 -44.98 86.29
C SER B 1510 59.78 -43.56 86.15
N HIS B 1511 59.50 -42.72 87.16
CA HIS B 1511 60.00 -41.35 87.11
C HIS B 1511 61.50 -41.32 86.97
N THR B 1512 61.93 -40.72 85.87
CA THR B 1512 63.32 -40.61 85.56
C THR B 1512 63.69 -39.13 85.57
N ASP B 1513 64.70 -38.79 86.35
CA ASP B 1513 65.17 -37.42 86.49
C ASP B 1513 66.04 -37.05 85.29
N LEU B 1514 66.46 -35.79 85.23
CA LEU B 1514 67.31 -35.24 84.18
C LEU B 1514 68.52 -36.12 83.91
N VAL B 1515 69.19 -36.53 84.98
CA VAL B 1515 70.38 -37.35 84.88
C VAL B 1515 70.05 -38.81 85.14
N ILE B 1516 70.55 -39.68 84.28
CA ILE B 1516 70.37 -41.11 84.44
C ILE B 1516 71.69 -41.77 84.08
N GLY B 1517 72.09 -42.78 84.83
CA GLY B 1517 73.36 -43.42 84.55
C GLY B 1517 73.12 -44.74 83.86
N CYS B 1518 73.91 -44.95 82.83
CA CYS B 1518 73.81 -46.18 82.04
C CYS B 1518 75.03 -47.03 82.37
N LEU B 1519 74.81 -48.27 82.80
CA LEU B 1519 75.92 -49.12 83.19
C LEU B 1519 76.06 -50.38 82.35
N VAL B 1520 77.22 -50.54 81.72
CA VAL B 1520 77.48 -51.73 80.91
C VAL B 1520 78.61 -52.58 81.43
N ASP B 1521 78.29 -53.78 81.91
CA ASP B 1521 79.30 -54.71 82.40
C ASP B 1521 79.45 -55.87 81.45
N LEU B 1522 80.49 -55.81 80.61
CA LEU B 1522 80.68 -56.86 79.61
C LEU B 1522 81.45 -58.04 80.15
N ALA B 1523 82.02 -57.90 81.33
CA ALA B 1523 82.71 -59.01 81.95
C ALA B 1523 81.66 -60.04 82.34
N THR B 1524 80.54 -59.55 82.86
CA THR B 1524 79.43 -60.42 83.24
C THR B 1524 78.37 -60.49 82.14
N GLY B 1525 78.36 -59.51 81.24
CA GLY B 1525 77.39 -59.49 80.14
C GLY B 1525 76.05 -58.98 80.65
N LEU B 1526 76.08 -57.96 81.50
CA LEU B 1526 74.86 -57.40 82.05
C LEU B 1526 74.73 -55.89 81.76
N MET B 1527 73.49 -55.43 81.65
CA MET B 1527 73.19 -54.01 81.45
C MET B 1527 72.09 -53.53 82.39
N THR B 1528 72.41 -52.46 83.11
CA THR B 1528 71.54 -51.83 84.11
C THR B 1528 71.51 -50.31 84.03
N PHE B 1529 70.52 -49.73 84.71
CA PHE B 1529 70.43 -48.29 84.87
C PHE B 1529 70.46 -47.87 86.34
N THR B 1530 70.95 -46.65 86.55
CA THR B 1530 71.02 -46.02 87.86
C THR B 1530 70.26 -44.69 87.79
N ALA B 1531 69.25 -44.52 88.63
CA ALA B 1531 68.47 -43.28 88.58
C ALA B 1531 68.50 -42.62 89.96
N ASN B 1532 68.92 -41.35 89.98
CA ASN B 1532 69.02 -40.56 91.21
C ASN B 1532 69.93 -41.22 92.23
N GLY B 1533 70.98 -41.88 91.76
CA GLY B 1533 71.94 -42.55 92.61
C GLY B 1533 71.47 -43.91 93.10
N LYS B 1534 70.31 -44.39 92.64
CA LYS B 1534 69.80 -45.67 93.08
C LYS B 1534 69.82 -46.71 91.97
N GLU B 1535 70.08 -47.95 92.34
CA GLU B 1535 70.14 -49.03 91.37
C GLU B 1535 68.73 -49.39 90.94
N SER B 1536 68.46 -49.41 89.64
CA SER B 1536 67.14 -49.74 89.13
C SER B 1536 66.98 -51.22 88.80
N ASN B 1537 68.09 -51.96 88.93
CA ASN B 1537 68.26 -53.40 88.75
C ASN B 1537 68.72 -53.73 87.35
N THR B 1538 69.20 -54.96 87.17
CA THR B 1538 69.63 -55.42 85.86
C THR B 1538 68.44 -55.54 84.97
N PHE B 1539 68.53 -54.98 83.77
CA PHE B 1539 67.42 -55.04 82.85
C PHE B 1539 67.72 -56.03 81.76
N PHE B 1540 68.98 -56.07 81.34
CA PHE B 1540 69.30 -56.98 80.25
C PHE B 1540 70.54 -57.81 80.46
N GLN B 1541 70.59 -58.96 79.79
CA GLN B 1541 71.82 -59.74 79.78
C GLN B 1541 72.33 -59.73 78.36
N VAL B 1542 73.01 -58.64 78.00
CA VAL B 1542 73.63 -58.47 76.69
C VAL B 1542 74.48 -59.69 76.38
N GLU B 1543 74.60 -60.04 75.12
CA GLU B 1543 75.39 -61.21 74.80
C GLU B 1543 76.86 -60.87 74.84
N PRO B 1544 77.68 -61.86 75.17
CA PRO B 1544 79.10 -61.63 75.26
C PRO B 1544 79.70 -61.56 73.87
N ASN B 1545 80.91 -61.01 73.80
CA ASN B 1545 81.66 -60.79 72.57
C ASN B 1545 81.01 -59.81 71.59
N THR B 1546 80.01 -59.04 72.03
CA THR B 1546 79.36 -58.05 71.19
C THR B 1546 79.90 -56.69 71.58
N LYS B 1547 79.58 -55.67 70.78
CA LYS B 1547 80.03 -54.33 71.09
C LYS B 1547 78.88 -53.36 70.89
N LEU B 1548 78.55 -52.62 71.94
CA LEU B 1548 77.46 -51.65 71.88
C LEU B 1548 77.91 -50.33 72.47
N PHE B 1549 77.16 -49.27 72.14
CA PHE B 1549 77.42 -47.93 72.62
C PHE B 1549 76.13 -47.26 73.07
N PRO B 1550 76.25 -46.25 74.02
CA PRO B 1550 74.98 -45.64 74.44
C PRO B 1550 74.26 -44.88 73.32
N ALA B 1551 72.93 -44.97 73.32
CA ALA B 1551 72.11 -44.26 72.35
C ALA B 1551 70.79 -43.90 73.01
N VAL B 1552 70.35 -42.66 72.75
CA VAL B 1552 69.08 -42.23 73.27
C VAL B 1552 68.32 -41.63 72.11
N PHE B 1553 67.12 -42.11 71.93
CA PHE B 1553 66.31 -41.60 70.84
C PHE B 1553 65.21 -40.71 71.34
N VAL B 1554 65.30 -39.50 70.82
CA VAL B 1554 64.36 -38.43 70.99
C VAL B 1554 64.30 -37.72 69.66
N LEU B 1555 63.15 -37.09 69.39
CA LEU B 1555 63.00 -36.17 68.27
C LEU B 1555 62.45 -34.87 68.81
N PRO B 1556 61.22 -34.98 69.45
CA PRO B 1556 60.79 -33.75 70.14
C PRO B 1556 61.64 -33.58 71.39
N THR B 1557 61.81 -32.35 71.86
CA THR B 1557 61.17 -31.18 71.28
C THR B 1557 62.08 -30.67 70.18
N HIS B 1558 61.50 -30.03 69.17
CA HIS B 1558 62.34 -29.40 68.21
C HIS B 1558 63.31 -30.49 67.83
N GLN B 1559 64.56 -30.16 68.06
CA GLN B 1559 65.73 -30.97 67.76
C GLN B 1559 66.45 -31.09 69.10
N ASN B 1560 65.92 -31.99 69.95
CA ASN B 1560 66.43 -32.11 71.31
C ASN B 1560 67.93 -32.45 71.39
N VAL B 1561 68.55 -32.05 72.51
CA VAL B 1561 69.98 -32.19 72.74
C VAL B 1561 70.27 -32.98 74.00
N ILE B 1562 71.02 -34.07 73.85
CA ILE B 1562 71.36 -34.96 74.96
C ILE B 1562 72.86 -35.08 75.19
N GLN B 1563 73.29 -34.86 76.43
CA GLN B 1563 74.72 -34.92 76.68
C GLN B 1563 75.11 -36.28 77.21
N PHE B 1564 76.28 -36.75 76.79
CA PHE B 1564 76.84 -38.02 77.19
C PHE B 1564 78.21 -37.81 77.83
N GLU B 1565 78.35 -38.21 79.09
CA GLU B 1565 79.59 -38.03 79.85
C GLU B 1565 80.13 -39.32 80.46
N LEU B 1566 81.36 -39.68 80.16
CA LEU B 1566 81.95 -40.86 80.78
C LEU B 1566 82.15 -40.60 82.27
N GLY B 1567 81.74 -41.51 83.16
CA GLY B 1567 81.97 -41.32 84.57
C GLY B 1567 83.25 -42.03 84.90
N LYS B 1568 83.25 -43.33 84.55
CA LYS B 1568 84.43 -44.15 84.75
C LYS B 1568 84.38 -45.44 83.96
N GLN B 1569 85.51 -46.13 83.94
CA GLN B 1569 85.57 -47.41 83.25
C GLN B 1569 86.58 -48.32 83.92
N LYS B 1570 86.31 -49.61 83.79
CA LYS B 1570 87.10 -50.70 84.30
C LYS B 1570 87.59 -51.55 83.13
N ASN B 1571 88.87 -51.38 82.83
CA ASN B 1571 89.55 -52.08 81.76
C ASN B 1571 89.77 -53.55 82.11
N UNK B 2124 36.84 -49.37 65.48
CA UNK B 2124 35.51 -49.74 64.97
C UNK B 2124 34.56 -50.03 66.14
N UNK B 2125 35.08 -50.81 67.07
CA UNK B 2125 34.36 -51.20 68.28
C UNK B 2125 33.91 -49.96 69.07
N UNK B 2126 34.87 -49.07 69.22
CA UNK B 2126 34.66 -47.80 69.94
C UNK B 2126 33.53 -47.01 69.29
N UNK B 2127 33.60 -46.93 67.97
CA UNK B 2127 32.62 -46.22 67.16
C UNK B 2127 31.22 -46.79 67.39
N UNK B 2128 31.18 -48.12 67.35
CA UNK B 2128 29.94 -48.88 67.56
C UNK B 2128 29.33 -48.52 68.92
N UNK B 2129 30.20 -48.54 69.91
CA UNK B 2129 29.82 -48.23 71.30
C UNK B 2129 29.20 -46.83 71.39
N UNK B 2130 29.88 -45.91 70.74
CA UNK B 2130 29.46 -44.50 70.69
C UNK B 2130 28.06 -44.39 70.10
N UNK B 2131 27.89 -45.09 69.00
CA UNK B 2131 26.62 -45.14 68.26
C UNK B 2131 25.50 -45.63 69.17
N UNK B 2132 25.81 -46.71 69.87
CA UNK B 2132 24.88 -47.34 70.81
C UNK B 2132 24.45 -46.35 71.88
N UNK B 2133 25.43 -45.66 72.41
CA UNK B 2133 25.24 -44.64 73.45
C UNK B 2133 24.29 -43.56 72.96
N UNK B 2134 24.57 -43.11 71.74
CA UNK B 2134 23.77 -42.07 71.08
C UNK B 2134 22.31 -42.50 70.97
N UNK B 2135 22.15 -43.74 70.53
CA UNK B 2135 20.83 -44.36 70.35
C UNK B 2135 20.06 -44.36 71.68
N UNK B 2136 20.78 -44.77 72.71
CA UNK B 2136 20.24 -44.84 74.08
C UNK B 2136 19.74 -43.46 74.52
N UNK B 2137 20.58 -42.48 74.27
CA UNK B 2137 20.29 -41.08 74.60
C UNK B 2137 19.02 -40.62 73.92
N UNK B 2138 18.93 -40.95 72.64
CA UNK B 2138 17.78 -40.61 71.79
C UNK B 2138 16.50 -41.21 72.38
N UNK B 2139 13.52 -42.28 77.23
CA UNK B 2139 14.64 -42.42 78.16
C UNK B 2139 14.54 -43.74 78.88
N UNK B 2140 13.34 -44.11 79.30
CA UNK B 2140 13.16 -45.34 80.04
C UNK B 2140 13.51 -46.56 79.18
N UNK B 2141 13.13 -46.52 77.92
CA UNK B 2141 13.45 -47.60 76.99
C UNK B 2141 14.95 -47.71 76.76
N UNK B 2142 15.59 -46.55 76.66
CA UNK B 2142 17.02 -46.52 76.44
C UNK B 2142 17.61 -47.18 77.65
N UNK B 2143 17.03 -46.87 78.80
CA UNK B 2143 17.45 -47.39 80.09
C UNK B 2143 17.32 -48.91 80.19
N UNK B 2144 16.23 -49.47 79.67
CA UNK B 2144 16.07 -50.92 79.64
C UNK B 2144 17.13 -51.57 78.75
N UNK B 2145 17.39 -50.94 77.62
CA UNK B 2145 18.40 -51.49 76.71
C UNK B 2145 19.72 -51.48 77.46
N UNK B 2146 19.91 -50.39 78.20
CA UNK B 2146 21.12 -50.14 78.95
C UNK B 2146 21.29 -51.19 80.02
N UNK B 2147 20.19 -51.55 80.68
CA UNK B 2147 20.23 -52.55 81.71
C UNK B 2147 20.65 -53.87 81.11
N UNK B 2148 20.11 -54.19 79.94
CA UNK B 2148 20.48 -55.46 79.33
C UNK B 2148 21.98 -55.44 79.03
N UNK B 2149 22.45 -54.30 78.55
CA UNK B 2149 23.85 -54.12 78.22
C UNK B 2149 24.77 -54.23 79.43
N UNK B 2150 24.33 -53.64 80.53
CA UNK B 2150 25.07 -53.63 81.78
C UNK B 2150 25.15 -55.04 82.25
N UNK B 2151 24.06 -55.78 82.04
CA UNK B 2151 24.00 -57.17 82.45
C UNK B 2151 25.04 -57.95 81.68
N UNK B 2152 25.13 -57.68 80.39
CA UNK B 2152 26.10 -58.36 79.56
C UNK B 2152 27.51 -58.03 80.04
N UNK B 2153 27.72 -56.77 80.37
CA UNK B 2153 29.02 -56.31 80.84
C UNK B 2153 29.40 -56.99 82.15
N UNK B 2154 48.61 -48.16 72.80
CA UNK B 2154 47.51 -48.25 73.75
C UNK B 2154 46.53 -47.13 73.52
N UNK B 2155 46.78 -46.33 72.49
CA UNK B 2155 45.92 -45.19 72.16
C UNK B 2155 44.53 -45.67 71.79
N UNK B 2156 44.48 -46.78 71.07
CA UNK B 2156 43.20 -47.36 70.69
C UNK B 2156 42.48 -47.72 71.97
N UNK B 2157 43.24 -48.24 72.92
CA UNK B 2157 42.68 -48.65 74.19
C UNK B 2157 42.10 -47.45 74.94
N UNK B 2158 42.82 -46.34 74.93
CA UNK B 2158 42.36 -45.14 75.59
C UNK B 2158 41.07 -44.69 74.96
N UNK B 2159 41.02 -44.75 73.64
CA UNK B 2159 39.81 -44.33 72.93
C UNK B 2159 38.64 -45.20 73.34
N UNK B 2160 38.88 -46.51 73.42
CA UNK B 2160 37.82 -47.43 73.79
C UNK B 2160 37.32 -47.14 75.18
N UNK B 2161 38.25 -46.87 76.09
CA UNK B 2161 37.87 -46.62 77.47
C UNK B 2161 37.02 -45.38 77.52
N UNK B 2162 37.42 -44.37 76.76
CA UNK B 2162 36.68 -43.12 76.75
C UNK B 2162 35.28 -43.32 76.22
N UNK B 2163 35.17 -44.10 75.16
CA UNK B 2163 33.88 -44.32 74.56
C UNK B 2163 33.01 -45.03 75.58
N UNK B 2164 33.59 -45.99 76.28
CA UNK B 2164 32.86 -46.78 77.24
C UNK B 2164 32.34 -45.90 78.35
N UNK B 2165 33.20 -44.99 78.80
CA UNK B 2165 32.83 -44.11 79.88
C UNK B 2165 31.68 -43.21 79.44
N UNK B 2166 31.76 -42.73 78.21
CA UNK B 2166 30.72 -41.85 77.70
C UNK B 2166 29.42 -42.62 77.67
N UNK B 2167 29.48 -43.88 77.25
CA UNK B 2167 28.29 -44.70 77.15
C UNK B 2167 27.66 -44.91 78.52
N UNK B 2168 28.50 -45.17 79.51
CA UNK B 2168 28.03 -45.37 80.86
C UNK B 2168 27.34 -44.11 81.36
N UNK B 2169 27.94 -42.96 81.04
CA UNK B 2169 27.38 -41.68 81.45
C UNK B 2169 26.02 -41.45 80.81
N UNK B 2170 25.90 -41.84 79.54
CA UNK B 2170 24.62 -41.72 78.83
C UNK B 2170 23.56 -42.60 79.48
N UNK B 2171 23.97 -43.80 79.86
CA UNK B 2171 23.07 -44.73 80.50
C UNK B 2171 22.60 -44.12 81.81
N UNK B 2172 23.53 -43.44 82.48
CA UNK B 2172 23.25 -42.76 83.73
C UNK B 2172 22.24 -41.64 83.55
N UNK B 2173 22.39 -40.88 82.49
CA UNK B 2173 21.44 -39.81 82.21
C UNK B 2173 20.09 -40.47 82.01
N UNK B 2174 20.10 -41.59 81.30
CA UNK B 2174 18.91 -42.42 81.13
C UNK B 2174 18.14 -42.53 82.43
N UNK B 2175 17.17 -42.42 87.54
CA UNK B 2175 17.84 -42.52 88.83
C UNK B 2175 18.14 -43.94 89.32
N UNK B 2176 17.20 -44.86 89.24
CA UNK B 2176 17.45 -46.22 89.75
C UNK B 2176 18.52 -46.97 88.96
N UNK B 2177 18.41 -46.87 87.64
CA UNK B 2177 19.36 -47.52 86.78
C UNK B 2177 20.69 -46.89 87.10
N UNK B 2178 20.66 -45.59 87.32
CA UNK B 2178 21.86 -44.82 87.61
C UNK B 2178 22.56 -45.24 88.90
N UNK B 2179 21.79 -45.48 89.95
CA UNK B 2179 22.37 -45.92 91.20
C UNK B 2179 22.99 -47.27 90.97
N UNK B 2180 22.29 -48.10 90.21
CA UNK B 2180 22.81 -49.44 89.99
C UNK B 2180 24.14 -49.33 89.28
N UNK B 2181 24.18 -48.45 88.30
CA UNK B 2181 25.36 -48.25 87.48
C UNK B 2181 26.52 -47.76 88.31
N UNK B 2182 26.24 -46.83 89.21
CA UNK B 2182 27.26 -46.25 90.03
C UNK B 2182 27.86 -47.35 90.88
N UNK B 2183 26.98 -48.19 91.44
CA UNK B 2183 27.46 -49.26 92.29
C UNK B 2183 28.34 -50.22 91.49
N UNK B 2184 27.91 -50.54 90.28
CA UNK B 2184 28.67 -51.48 89.46
C UNK B 2184 30.04 -50.90 89.15
N UNK B 2185 30.06 -49.60 88.88
CA UNK B 2185 31.30 -48.87 88.78
C UNK B 2185 31.81 -48.84 90.20
N UNK B 2186 33.10 -48.60 90.38
CA UNK B 2186 33.69 -48.77 91.70
C UNK B 2186 32.94 -47.89 92.68
N UNK B 2187 32.58 -46.69 92.23
CA UNK B 2187 31.81 -45.79 93.08
C UNK B 2187 32.76 -45.28 94.14
N UNK B 2188 33.34 -46.21 94.88
CA UNK B 2188 34.41 -45.85 95.79
C UNK B 2188 35.64 -45.69 94.95
N UNK B 2189 35.75 -46.54 93.94
CA UNK B 2189 36.84 -46.48 92.98
C UNK B 2189 36.77 -45.13 92.28
N UNK B 2190 35.55 -44.70 91.99
CA UNK B 2190 35.39 -43.41 91.31
C UNK B 2190 35.90 -42.27 92.19
N UNK B 2191 35.60 -42.34 93.48
CA UNK B 2191 36.05 -41.34 94.42
C UNK B 2191 37.57 -41.34 94.46
N UNK B 2192 38.14 -42.53 94.45
CA UNK B 2192 39.59 -42.66 94.50
C UNK B 2192 40.20 -42.03 93.25
N UNK B 2193 39.54 -42.24 92.12
CA UNK B 2193 39.99 -41.68 90.86
C UNK B 2193 39.95 -40.18 90.89
N UNK B 2194 38.88 -39.64 91.48
CA UNK B 2194 38.74 -38.21 91.56
C UNK B 2194 39.89 -37.69 92.38
N UNK B 2195 40.21 -38.41 93.46
CA UNK B 2195 41.28 -37.98 94.34
C UNK B 2195 42.60 -37.98 93.60
N UNK B 2196 42.82 -39.01 92.80
CA UNK B 2196 44.07 -39.14 92.04
C UNK B 2196 44.32 -37.91 91.17
N UNK B 2197 41.79 -37.19 78.63
CA UNK B 2197 40.64 -38.09 78.74
C UNK B 2197 40.41 -38.52 80.18
N UNK B 2198 41.49 -38.57 80.95
CA UNK B 2198 41.42 -38.94 82.36
C UNK B 2198 40.53 -37.91 83.02
N UNK B 2199 40.68 -36.68 82.54
CA UNK B 2199 39.81 -35.59 82.94
C UNK B 2199 38.41 -35.98 82.54
N UNK B 2200 38.27 -36.66 81.40
CA UNK B 2200 36.95 -37.10 80.95
C UNK B 2200 36.29 -38.10 81.91
N UNK B 2201 37.09 -39.00 82.48
CA UNK B 2201 36.64 -39.92 83.54
C UNK B 2201 36.25 -39.17 84.81
N UNK B 2202 37.03 -38.14 85.13
CA UNK B 2202 36.71 -37.31 86.28
C UNK B 2202 35.36 -36.73 86.00
N UNK B 2203 35.16 -36.36 84.74
CA UNK B 2203 33.94 -35.79 84.21
C UNK B 2203 32.74 -36.72 84.30
N UNK B 2204 32.95 -38.01 84.07
CA UNK B 2204 31.95 -39.06 84.28
C UNK B 2204 31.54 -39.22 85.74
N UNK B 2205 32.53 -39.10 86.62
CA UNK B 2205 32.22 -39.09 88.06
C UNK B 2205 31.38 -37.85 88.32
N UNK B 2206 31.77 -36.80 87.60
CA UNK B 2206 31.15 -35.51 87.67
C UNK B 2206 29.73 -35.68 87.26
N UNK B 2207 29.53 -36.57 86.30
CA UNK B 2207 28.28 -37.07 85.71
C UNK B 2207 27.34 -37.87 86.61
N UNK B 2208 27.88 -38.69 87.50
CA UNK B 2208 27.05 -39.23 88.57
C UNK B 2208 26.62 -38.04 89.44
N UNK B 2209 27.58 -37.16 89.65
CA UNK B 2209 27.30 -35.93 90.36
C UNK B 2209 26.23 -35.16 89.59
N UNK B 2210 26.26 -35.39 88.28
CA UNK B 2210 25.42 -34.89 87.21
C UNK B 2210 23.98 -35.36 87.20
N UNK B 2211 23.73 -36.62 87.55
CA UNK B 2211 22.37 -37.06 87.84
C UNK B 2211 21.95 -36.27 89.07
N UNK B 2212 22.91 -36.13 89.97
CA UNK B 2212 22.65 -35.39 91.19
C UNK B 2212 22.24 -33.99 90.76
N UNK B 2213 22.87 -33.50 89.71
CA UNK B 2213 22.70 -32.15 89.25
C UNK B 2213 21.68 -31.95 88.13
N UNK B 2214 21.04 -33.02 87.66
CA UNK B 2214 19.75 -33.00 87.02
C UNK B 2214 18.80 -32.61 88.13
N UNK B 2215 19.04 -33.21 89.29
CA UNK B 2215 18.33 -32.76 90.46
C UNK B 2215 18.72 -31.29 90.65
N UNK B 2216 20.27 -31.72 90.16
CA UNK B 2216 20.75 -30.35 90.28
C UNK B 2216 20.07 -29.41 89.30
N UNK B 2217 19.83 -29.89 88.09
CA UNK B 2217 19.20 -29.14 87.03
C UNK B 2217 17.79 -28.83 87.44
N UNK B 2218 17.14 -29.82 88.05
CA UNK B 2218 15.78 -29.59 88.54
C UNK B 2218 15.81 -28.49 89.59
N UNK B 2219 16.81 -28.57 90.47
CA UNK B 2219 16.93 -27.61 91.54
C UNK B 2219 17.15 -26.23 90.94
N UNK B 2220 17.91 -26.20 89.85
CA UNK B 2220 18.25 -24.99 89.10
C UNK B 2220 17.06 -24.34 88.44
N UNK B 2221 16.17 -25.14 87.88
CA UNK B 2221 14.96 -24.60 87.30
C UNK B 2221 14.20 -23.96 88.44
N UNK B 2222 14.20 -24.65 89.58
CA UNK B 2222 13.50 -24.14 90.74
C UNK B 2222 14.07 -22.79 91.18
N UNK B 2223 15.40 -22.69 91.16
CA UNK B 2223 16.09 -21.48 91.54
C UNK B 2223 15.76 -20.35 90.59
N UNK B 2224 15.69 -20.67 89.31
CA UNK B 2224 15.44 -19.66 88.31
C UNK B 2224 14.09 -19.10 88.65
N UNK B 2225 13.16 -19.98 89.02
CA UNK B 2225 11.90 -19.52 89.56
C UNK B 2225 11.25 -18.48 88.64
N UNK B 2226 -76.48 38.55 84.28
CA UNK B 2226 -77.37 39.69 84.08
C UNK B 2226 -77.60 39.95 82.59
N UNK B 2227 -77.81 41.21 82.23
CA UNK B 2227 -78.06 41.58 80.85
C UNK B 2227 -76.84 41.25 80.01
N UNK B 2228 -75.67 41.51 80.56
CA UNK B 2228 -74.42 41.19 79.89
C UNK B 2228 -74.36 39.68 79.68
N UNK B 2229 -74.83 38.92 80.66
CA UNK B 2229 -74.85 37.47 80.56
C UNK B 2229 -75.77 36.99 79.44
N UNK B 2230 -76.92 37.64 79.31
CA UNK B 2230 -77.86 37.32 78.25
C UNK B 2230 -77.19 37.61 76.91
N UNK B 2231 -76.47 38.72 76.87
CA UNK B 2231 -75.78 39.12 75.66
C UNK B 2231 -74.74 38.07 75.30
N UNK B 2232 -74.05 37.57 76.31
CA UNK B 2232 -73.03 36.54 76.12
C UNK B 2232 -73.66 35.26 75.57
N UNK B 2233 -74.82 34.90 76.09
CA UNK B 2233 -75.51 33.72 75.60
C UNK B 2233 -75.88 33.92 74.13
N UNK B 2234 -76.32 35.13 73.81
CA UNK B 2234 -76.69 35.48 72.45
C UNK B 2234 -75.50 35.38 71.52
N UNK B 2235 -74.34 35.83 72.01
CA UNK B 2235 -73.09 35.76 71.27
C UNK B 2235 -72.67 34.32 71.02
N UNK B 2236 -72.89 33.48 72.01
CA UNK B 2236 -72.62 32.05 71.89
C UNK B 2236 -73.52 31.48 70.81
N UNK B 2237 -74.77 31.93 70.79
CA UNK B 2237 -75.72 31.52 69.76
C UNK B 2237 -75.23 31.96 68.38
N UNK B 2238 -74.68 33.17 68.33
CA UNK B 2238 -74.13 33.73 67.11
C UNK B 2238 -72.97 32.90 66.60
N UNK B 2239 -72.14 32.43 67.53
CA UNK B 2239 -71.00 31.60 67.19
C UNK B 2239 -70.35 31.01 68.44
N UNK B 2240 -63.49 47.82 80.24
CA UNK B 2240 -62.67 48.24 79.11
C UNK B 2240 -61.23 47.75 79.26
N UNK B 2241 -60.28 48.67 79.38
CA UNK B 2241 -58.88 48.32 79.52
C UNK B 2241 -58.67 47.51 80.80
N UNK B 2242 -59.38 47.90 81.85
CA UNK B 2242 -59.37 47.16 83.11
C UNK B 2242 -59.93 45.74 82.93
N UNK B 2243 -60.96 45.60 82.12
CA UNK B 2243 -61.54 44.31 81.84
C UNK B 2243 -60.45 43.48 81.17
N UNK B 2244 -59.70 44.14 80.30
CA UNK B 2244 -58.59 43.52 79.60
C UNK B 2244 -57.50 43.06 80.56
N UNK B 2245 -57.19 43.87 81.56
CA UNK B 2245 -56.22 43.49 82.57
C UNK B 2245 -56.70 42.27 83.32
N UNK B 2246 -57.99 42.22 83.63
CA UNK B 2246 -58.55 41.08 84.34
C UNK B 2246 -58.40 39.83 83.48
N UNK B 2247 -58.68 39.98 82.21
CA UNK B 2247 -58.60 38.86 81.29
C UNK B 2247 -57.17 38.38 81.24
N UNK B 2248 -56.24 39.31 81.26
CA UNK B 2248 -54.80 39.03 81.25
C UNK B 2248 -54.35 38.26 82.48
N UNK B 2249 -54.87 38.62 83.64
CA UNK B 2249 -54.56 37.89 84.86
C UNK B 2249 -55.09 36.48 84.72
N UNK B 2250 -56.28 36.39 84.14
CA UNK B 2250 -56.93 35.12 83.96
C UNK B 2250 -56.04 34.27 83.06
N UNK B 2251 -55.46 34.93 82.07
CA UNK B 2251 -54.54 34.35 81.10
C UNK B 2251 -53.24 33.83 81.70
N UNK B 2252 -52.69 34.57 82.65
CA UNK B 2252 -51.51 34.11 83.38
C UNK B 2252 -51.88 32.86 84.15
N UNK B 2253 -53.10 32.88 84.69
CA UNK B 2253 -53.61 31.75 85.43
C UNK B 2253 -53.67 30.57 84.49
N UNK B 2254 -54.12 30.88 83.28
CA UNK B 2254 -54.25 29.90 82.21
C UNK B 2254 -52.91 29.30 81.84
N UNK B 2255 -51.88 30.13 81.79
CA UNK B 2255 -50.52 29.67 81.53
C UNK B 2255 -50.03 28.73 82.60
N UNK B 2256 -50.33 29.06 83.85
CA UNK B 2256 -49.95 28.17 84.93
C UNK B 2256 -50.70 26.85 84.78
N UNK B 2257 -51.96 26.96 84.40
CA UNK B 2257 -52.82 25.81 84.24
C UNK B 2257 -52.27 24.96 83.13
N UNK B 2258 -51.75 25.62 82.12
CA UNK B 2258 -51.14 25.04 80.94
C UNK B 2258 -49.89 24.26 81.28
N UNK B 2259 -49.10 24.81 82.20
CA UNK B 2259 -47.93 24.11 82.71
C UNK B 2259 -48.40 22.85 83.42
N UNK B 2260 -49.48 22.98 84.17
CA UNK B 2260 -50.06 21.83 84.87
C UNK B 2260 -50.50 20.79 83.84
N UNK B 2261 -51.07 21.26 82.74
CA UNK B 2261 -51.52 20.42 81.63
C UNK B 2261 -50.37 19.68 80.97
N UNK B 2262 -49.25 20.38 80.80
CA UNK B 2262 -48.05 19.79 80.23
C UNK B 2262 -47.58 18.69 81.15
N UNK B 2263 -47.69 18.96 82.46
CA UNK B 2263 -47.34 17.95 83.45
C UNK B 2263 -48.23 16.72 83.35
N UNK B 2264 -49.54 16.94 83.18
CA UNK B 2264 -50.51 15.96 83.05
C UNK B 2264 -50.20 15.34 81.82
N UNK B 2265 -44.15 33.70 73.07
CA UNK B 2265 -43.56 33.74 74.39
C UNK B 2265 -44.61 34.04 75.44
N UNK B 2266 -44.21 34.71 76.52
CA UNK B 2266 -45.16 35.08 77.54
C UNK B 2266 -46.14 35.99 76.85
N UNK B 2267 -45.61 36.85 75.98
CA UNK B 2267 -46.44 37.78 75.23
C UNK B 2267 -47.41 37.02 74.36
N UNK B 2268 -46.94 35.94 73.74
CA UNK B 2268 -47.80 35.13 72.88
C UNK B 2268 -48.95 34.51 73.67
N UNK B 2269 -48.63 34.00 74.86
CA UNK B 2269 -49.63 33.37 75.68
C UNK B 2269 -50.66 34.42 76.02
N UNK B 2270 -50.17 35.61 76.34
CA UNK B 2270 -51.02 36.71 76.74
C UNK B 2270 -51.97 37.09 75.62
N UNK B 2271 -51.45 37.10 74.40
CA UNK B 2271 -52.23 37.38 73.18
C UNK B 2271 -53.31 36.32 72.89
N UNK B 2272 -52.96 35.04 73.11
CA UNK B 2272 -53.95 33.99 72.95
C UNK B 2272 -55.04 34.26 73.97
N UNK B 2273 -54.60 34.66 75.16
CA UNK B 2273 -55.53 34.93 76.24
C UNK B 2273 -56.44 36.07 75.83
N UNK B 2274 -55.89 37.09 75.20
CA UNK B 2274 -56.65 38.25 74.77
C UNK B 2274 -57.67 37.88 73.74
N UNK B 2275 -57.29 37.04 72.79
CA UNK B 2275 -58.23 36.65 71.76
C UNK B 2275 -59.37 35.91 72.43
N UNK B 2276 -59.01 35.04 73.37
CA UNK B 2276 -60.02 34.25 74.06
C UNK B 2276 -60.97 35.14 74.83
N UNK B 2277 -60.43 36.17 75.47
CA UNK B 2277 -61.21 37.10 76.25
C UNK B 2277 -62.17 37.87 75.35
N UNK B 2278 -61.70 38.26 74.18
CA UNK B 2278 -62.54 38.99 73.25
C UNK B 2278 -63.69 38.08 72.84
N UNK B 2279 -63.37 36.82 72.59
CA UNK B 2279 -64.41 35.88 72.19
C UNK B 2279 -65.43 35.74 73.30
N UNK B 2280 -64.96 35.69 74.53
CA UNK B 2280 -65.83 35.55 75.69
C UNK B 2280 -66.74 36.76 75.84
N UNK B 2281 -66.18 37.93 75.62
CA UNK B 2281 -66.94 39.15 75.76
C UNK B 2281 -68.05 39.08 74.73
N UNK B 2282 -67.67 38.62 73.54
CA UNK B 2282 -68.66 38.40 72.50
C UNK B 2282 -69.28 37.05 72.74
N UNK B 2283 -68.86 38.09 79.96
CA UNK B 2283 -68.19 36.83 80.27
C UNK B 2283 -67.35 36.94 81.53
N UNK B 2284 -67.43 38.09 82.20
CA UNK B 2284 -66.70 38.30 83.44
C UNK B 2284 -67.14 37.31 84.51
N UNK B 2285 -68.44 37.07 84.56
CA UNK B 2285 -69.02 36.10 85.49
C UNK B 2285 -68.49 34.70 85.23
N UNK B 2286 -68.39 34.35 83.94
CA UNK B 2286 -67.83 33.07 83.54
C UNK B 2286 -66.38 32.96 83.98
N UNK B 2287 -65.66 34.07 83.84
CA UNK B 2287 -64.27 34.12 84.26
C UNK B 2287 -64.19 33.88 85.76
N UNK B 2288 -65.14 34.46 86.49
CA UNK B 2288 -65.25 34.27 87.94
C UNK B 2288 -65.54 32.83 88.35
N UNK B 2289 -66.40 32.17 87.57
CA UNK B 2289 -66.69 30.76 87.80
C UNK B 2289 -65.43 29.93 87.56
N UNK B 2290 -64.69 30.34 86.54
CA UNK B 2290 -63.44 29.70 86.18
C UNK B 2290 -62.49 29.87 87.35
N UNK B 2291 -62.55 31.04 87.96
CA UNK B 2291 -61.78 31.40 89.14
C UNK B 2291 -62.11 30.54 90.34
N UNK B 2292 -63.39 30.23 90.53
CA UNK B 2292 -63.80 29.32 91.59
C UNK B 2292 -63.22 27.94 91.31
N UNK B 2293 -63.24 27.55 90.04
CA UNK B 2293 -62.68 26.27 89.64
C UNK B 2293 -61.19 26.26 89.94
N UNK B 2294 -60.56 27.40 89.72
CA UNK B 2294 -59.15 27.66 89.97
C UNK B 2294 -58.79 27.58 91.44
N UNK B 2295 -59.69 28.06 92.29
CA UNK B 2295 -59.56 27.94 93.73
C UNK B 2295 -59.59 26.48 94.08
N UNK B 2296 -60.47 25.75 93.40
CA UNK B 2296 -60.56 24.31 93.60
C UNK B 2296 -59.22 23.71 93.22
N UNK B 2297 -58.65 24.23 92.14
CA UNK B 2297 -57.36 23.80 91.63
C UNK B 2297 -56.23 24.06 92.63
N UNK B 2298 -56.26 25.21 93.28
CA UNK B 2298 -55.28 25.55 94.29
C UNK B 2298 -55.41 24.58 95.45
N UNK B 2299 -56.65 24.25 95.79
CA UNK B 2299 -56.92 23.29 96.85
C UNK B 2299 -56.34 21.92 96.48
N UNK B 2300 -56.48 21.56 95.21
CA UNK B 2300 -55.94 20.33 94.67
C UNK B 2300 -54.42 20.31 94.74
N UNK B 2301 -53.81 21.46 94.47
CA UNK B 2301 -52.37 21.62 94.58
C UNK B 2301 -51.96 21.40 96.02
N UNK B 2302 -52.76 21.93 96.94
CA UNK B 2302 -52.50 21.77 98.37
C UNK B 2302 -52.57 20.28 98.72
N UNK B 2303 -53.55 19.59 98.14
CA UNK B 2303 -53.70 18.15 98.33
C UNK B 2303 -52.51 17.36 97.81
N UNK B 2304 -45.75 15.20 108.19
CA UNK B 2304 -45.94 14.43 106.96
C UNK B 2304 -46.54 15.28 105.87
N UNK B 2305 -47.86 15.40 105.88
CA UNK B 2305 -48.58 16.12 104.85
C UNK B 2305 -48.13 17.57 104.84
N UNK B 2306 -47.95 18.14 106.03
CA UNK B 2306 -47.49 19.52 106.14
C UNK B 2306 -46.10 19.67 105.54
N UNK B 2307 -45.24 18.68 105.77
CA UNK B 2307 -43.89 18.72 105.23
C UNK B 2307 -43.95 18.70 103.72
N UNK B 2308 -44.83 17.88 103.18
CA UNK B 2308 -44.98 17.77 101.74
C UNK B 2308 -45.45 19.10 101.20
N UNK B 2309 -46.36 19.73 101.94
CA UNK B 2309 -46.93 21.00 101.54
C UNK B 2309 -45.81 22.02 101.49
N UNK B 2310 -44.94 21.98 102.48
CA UNK B 2310 -43.83 22.90 102.56
C UNK B 2310 -42.88 22.72 101.39
N UNK B 2311 -42.60 21.48 101.02
CA UNK B 2311 -41.72 21.21 99.89
C UNK B 2311 -42.35 21.75 98.61
N UNK B 2312 -43.65 21.55 98.48
CA UNK B 2312 -44.37 22.00 97.30
C UNK B 2312 -44.30 23.50 97.22
N UNK B 2313 -44.42 24.15 98.37
CA UNK B 2313 -44.36 25.59 98.47
C UNK B 2313 -43.00 26.11 98.07
N UNK B 2314 -41.96 25.42 98.50
CA UNK B 2314 -40.61 25.83 98.18
C UNK B 2314 -40.50 25.75 96.67
N UNK B 2315 -41.07 24.69 96.12
CA UNK B 2315 -41.03 24.48 94.67
C UNK B 2315 -41.76 25.58 93.91
N UNK B 2316 -42.91 25.99 94.42
CA UNK B 2316 -43.68 27.07 93.82
C UNK B 2316 -42.89 28.35 93.84
N UNK B 2317 -42.20 28.59 94.96
CA UNK B 2317 -41.37 29.78 95.08
C UNK B 2317 -40.26 29.73 94.05
N UNK B 2318 -45.15 29.99 89.78
CA UNK B 2318 -45.72 28.77 90.32
C UNK B 2318 -46.49 29.08 91.59
N UNK B 2319 -45.77 29.10 92.70
CA UNK B 2319 -46.37 29.49 93.97
C UNK B 2319 -46.82 30.92 93.78
N UNK B 2320 -46.01 31.67 93.05
CA UNK B 2320 -46.34 33.05 92.75
C UNK B 2320 -47.63 33.05 91.97
N UNK B 2321 -47.77 32.09 91.07
CA UNK B 2321 -48.96 32.01 90.24
C UNK B 2321 -50.20 31.77 91.09
N UNK B 2322 -50.06 30.90 92.10
CA UNK B 2322 -51.15 30.61 93.04
C UNK B 2322 -51.55 31.83 93.85
N UNK B 2323 -50.55 32.61 94.27
CA UNK B 2323 -50.82 33.87 94.97
C UNK B 2323 -51.56 34.85 94.07
N UNK B 2324 -51.15 34.87 92.81
CA UNK B 2324 -51.78 35.72 91.80
C UNK B 2324 -53.23 35.29 91.66
N UNK B 2325 -53.45 33.98 91.73
CA UNK B 2325 -54.78 33.38 91.66
C UNK B 2325 -55.63 33.82 92.83
N UNK B 2326 -55.04 33.87 94.01
CA UNK B 2326 -55.74 34.38 95.18
C UNK B 2326 -56.12 35.83 94.96
N UNK B 2327 -55.21 36.59 94.35
CA UNK B 2327 -55.46 37.98 94.03
C UNK B 2327 -56.64 38.13 93.07
N UNK B 2328 -56.69 37.23 92.09
CA UNK B 2328 -57.78 37.19 91.12
C UNK B 2328 -59.10 36.86 91.79
N UNK B 2329 -59.02 35.99 92.78
CA UNK B 2329 -60.18 35.61 93.58
C UNK B 2329 -60.70 36.82 94.32
N UNK B 2330 -59.77 37.62 94.82
CA UNK B 2330 -60.10 38.87 95.49
C UNK B 2330 -60.77 39.82 94.52
N UNK B 2331 -60.27 39.84 93.29
CA UNK B 2331 -60.85 40.68 92.24
C UNK B 2331 -62.28 40.24 91.97
N UNK B 2332 -62.48 38.93 91.98
CA UNK B 2332 -63.80 38.35 91.80
C UNK B 2332 -64.73 38.74 92.93
N UNK B 2333 -64.21 38.75 94.15
CA UNK B 2333 -65.00 39.16 95.30
C UNK B 2333 -65.41 40.60 95.11
N UNK B 2334 -64.49 41.39 94.61
CA UNK B 2334 -64.76 42.78 94.29
C UNK B 2334 -65.77 42.87 93.16
N UNK B 2335 -75.95 30.32 91.62
CA UNK B 2335 -75.28 31.61 91.48
C UNK B 2335 -74.58 32.00 92.78
N UNK B 2336 -75.24 32.82 93.58
CA UNK B 2336 -74.67 33.24 94.85
C UNK B 2336 -74.48 32.06 95.80
N UNK B 2337 -75.46 31.17 95.85
CA UNK B 2337 -75.38 30.00 96.72
C UNK B 2337 -74.24 29.07 96.34
N UNK B 2338 -74.08 28.87 95.04
CA UNK B 2338 -73.02 28.04 94.52
C UNK B 2338 -71.69 28.69 94.87
N UNK B 2339 -71.67 30.01 94.74
CA UNK B 2339 -70.47 30.77 95.00
C UNK B 2339 -70.10 30.57 96.45
N UNK B 2340 -71.11 30.55 97.32
CA UNK B 2340 -70.99 30.30 98.75
C UNK B 2340 -70.52 28.89 99.17
N UNK B 2341 -70.97 27.88 98.43
CA UNK B 2341 -70.46 26.53 98.66
C UNK B 2341 -68.98 26.57 98.32
N UNK B 2342 -68.71 27.33 97.27
CA UNK B 2342 -67.36 27.54 96.77
C UNK B 2342 -66.55 28.21 97.85
N UNK B 2343 -67.23 29.11 98.56
CA UNK B 2343 -66.74 29.87 99.70
C UNK B 2343 -66.40 29.01 100.91
N UNK B 2344 -67.19 27.98 101.18
CA UNK B 2344 -66.85 26.97 102.17
C UNK B 2344 -65.57 26.24 101.75
N UNK B 2345 -65.50 25.96 100.45
CA UNK B 2345 -64.31 25.33 99.90
C UNK B 2345 -63.15 26.26 100.16
N UNK B 2346 -63.44 27.54 100.00
CA UNK B 2346 -62.50 28.64 100.16
C UNK B 2346 -61.98 28.77 101.58
N UNK B 2347 -62.85 28.55 102.56
CA UNK B 2347 -62.46 28.53 103.97
C UNK B 2347 -61.50 27.38 104.23
N UNK B 2348 -61.80 26.24 103.62
CA UNK B 2348 -60.88 25.11 103.74
C UNK B 2348 -59.54 25.52 103.15
N UNK B 2349 -59.61 26.21 102.02
CA UNK B 2349 -58.44 26.67 101.29
C UNK B 2349 -57.65 27.62 102.16
N UNK B 2350 -58.35 28.47 102.89
CA UNK B 2350 -57.72 29.44 103.75
C UNK B 2350 -56.92 28.74 104.82
N UNK B 2351 -57.50 27.69 105.42
CA UNK B 2351 -56.73 26.98 106.45
C UNK B 2351 -55.47 26.37 105.83
N UNK B 2352 -55.64 25.75 104.66
CA UNK B 2352 -54.51 25.07 104.04
C UNK B 2352 -53.42 26.09 103.71
N UNK B 2353 -53.89 27.25 103.27
CA UNK B 2353 -53.07 28.37 102.85
C UNK B 2353 -52.27 28.92 103.99
N UNK B 2354 -52.90 29.02 105.15
CA UNK B 2354 -52.20 29.49 106.32
C UNK B 2354 -51.08 28.52 106.59
N UNK B 2355 -51.39 27.23 106.50
CA UNK B 2355 -50.35 26.25 106.79
C UNK B 2355 -49.19 26.45 105.83
N UNK B 2356 -49.53 26.62 104.55
CA UNK B 2356 -48.52 26.74 103.52
C UNK B 2356 -47.66 27.98 103.71
N UNK B 2357 -48.29 29.09 104.10
CA UNK B 2357 -47.59 30.35 104.32
C UNK B 2357 -46.63 30.22 105.48
N UNK B 2358 -47.05 29.56 106.54
CA UNK B 2358 -46.15 29.41 107.68
C UNK B 2358 -44.96 28.61 107.22
N UNK B 2359 -45.23 27.56 106.45
CA UNK B 2359 -44.15 26.69 106.00
C UNK B 2359 -43.18 27.48 105.13
N UNK B 2360 -43.75 28.31 104.27
CA UNK B 2360 -42.97 29.10 103.34
C UNK B 2360 -42.08 30.08 104.08
N UNK B 2361 -42.61 30.71 105.11
CA UNK B 2361 -41.84 31.68 105.86
C UNK B 2361 -40.68 30.94 106.50
N UNK B 2362 -40.97 29.77 107.05
CA UNK B 2362 -39.91 29.03 107.71
C UNK B 2362 -38.82 28.67 106.70
N UNK B 2363 -39.25 28.26 105.51
CA UNK B 2363 -38.31 27.87 104.47
C UNK B 2363 -37.44 29.04 104.04
N UNK B 2364 -38.05 30.20 103.91
CA UNK B 2364 -37.33 31.40 103.50
C UNK B 2364 -36.30 31.73 104.56
N UNK B 2365 -36.69 31.59 105.81
CA UNK B 2365 -35.78 31.87 106.92
C UNK B 2365 -34.60 30.92 106.89
N UNK B 2366 -34.88 29.65 106.61
CA UNK B 2366 -33.82 28.66 106.47
C UNK B 2366 -33.33 28.65 105.03
N UNK B 2367 -35.76 39.93 97.62
CA UNK B 2367 -35.65 38.99 96.51
C UNK B 2367 -36.92 38.17 96.36
N UNK B 2368 -36.77 36.91 95.95
CA UNK B 2368 -37.93 36.06 95.73
C UNK B 2368 -38.69 35.87 97.04
N UNK B 2369 -37.95 35.65 98.12
CA UNK B 2369 -38.56 35.44 99.41
C UNK B 2369 -39.34 36.68 99.84
N UNK B 2370 -38.76 37.85 99.60
CA UNK B 2370 -39.41 39.11 99.93
C UNK B 2370 -40.68 39.30 99.13
N UNK B 2371 -40.64 38.94 97.86
CA UNK B 2371 -41.80 39.07 97.00
C UNK B 2371 -42.88 38.17 97.54
N UNK B 2372 -42.48 36.97 97.97
CA UNK B 2372 -43.41 36.00 98.51
C UNK B 2372 -44.07 36.55 99.78
N UNK B 2373 -43.28 37.19 100.64
CA UNK B 2373 -43.83 37.76 101.86
C UNK B 2373 -44.83 38.86 101.55
N UNK B 2374 -44.51 39.68 100.56
CA UNK B 2374 -45.40 40.76 100.18
C UNK B 2374 -46.72 40.17 99.68
N UNK B 2375 -46.60 39.11 98.90
CA UNK B 2375 -47.76 38.44 98.34
C UNK B 2375 -48.61 37.89 99.46
N UNK B 2376 -47.96 37.33 100.47
CA UNK B 2376 -48.65 36.77 101.63
C UNK B 2376 -49.41 37.83 102.41
N UNK B 2377 -48.80 39.01 102.55
CA UNK B 2377 -49.47 40.12 103.23
C UNK B 2377 -50.70 40.52 102.43
N UNK B 2378 -50.54 40.56 101.11
CA UNK B 2378 -51.63 40.92 100.24
C UNK B 2378 -52.75 39.91 100.42
N UNK B 2379 -52.35 38.65 100.54
CA UNK B 2379 -53.28 37.54 100.70
C UNK B 2379 -54.06 37.65 102.00
N UNK B 2380 -53.38 38.05 103.07
CA UNK B 2380 -54.05 38.25 104.36
C UNK B 2380 -55.07 39.36 104.25
N UNK B 2381 -54.68 40.43 103.55
CA UNK B 2381 -55.61 41.55 103.36
C UNK B 2381 -56.83 41.08 102.58
N UNK B 2382 -56.59 40.25 101.58
CA UNK B 2382 -57.64 39.72 100.74
C UNK B 2382 -58.57 38.86 101.57
N UNK B 2383 -58.00 38.09 102.49
CA UNK B 2383 -58.76 37.23 103.37
C UNK B 2383 -59.66 38.06 104.27
N UNK B 2384 -59.12 39.16 104.79
CA UNK B 2384 -59.94 40.04 105.63
C UNK B 2384 -61.10 40.60 104.81
N UNK B 2385 -60.80 40.99 103.57
CA UNK B 2385 -61.84 41.54 102.72
C UNK B 2385 -62.93 40.50 102.45
N UNK B 2386 -62.50 39.26 102.25
CA UNK B 2386 -63.42 38.15 102.00
C UNK B 2386 -64.30 37.89 103.20
N UNK B 2387 -63.71 37.97 104.39
CA UNK B 2387 -64.46 37.77 105.62
C UNK B 2387 -65.52 38.85 105.69
N UNK B 2388 -65.12 40.07 105.33
CA UNK B 2388 -66.04 41.20 105.36
C UNK B 2388 -67.19 40.97 104.39
N UNK B 2389 -66.89 40.45 103.21
CA UNK B 2389 -67.90 40.17 102.21
C UNK B 2389 -68.87 39.10 102.69
N UNK B 2390 -68.34 38.07 103.35
CA UNK B 2390 -69.16 36.99 103.86
C UNK B 2390 -70.11 37.59 104.90
N UNK B 2391 -69.56 38.49 105.69
CA UNK B 2391 -70.35 39.22 106.67
C UNK B 2391 -71.00 40.41 105.98
N UNK B 2392 -73.40 27.86 104.25
CA UNK B 2392 -72.98 26.49 104.55
C UNK B 2392 -72.75 26.32 106.03
N UNK B 2393 -73.80 26.01 106.78
CA UNK B 2393 -73.66 25.66 108.20
C UNK B 2393 -72.89 24.34 108.45
N UNK B 2394 -73.25 23.31 107.68
CA UNK B 2394 -72.57 22.00 107.74
C UNK B 2394 -71.14 22.11 107.24
N UNK B 2395 -71.02 22.88 106.17
CA UNK B 2395 -69.73 23.14 105.56
C UNK B 2395 -68.93 23.84 106.64
N UNK B 2396 -69.61 24.72 107.36
CA UNK B 2396 -69.01 25.52 108.42
C UNK B 2396 -68.48 24.65 109.53
N UNK B 2397 -69.24 23.64 109.93
CA UNK B 2397 -68.78 22.69 110.95
C UNK B 2397 -67.54 21.94 110.49
N UNK B 2398 -67.54 21.51 109.23
CA UNK B 2398 -66.37 20.82 108.71
C UNK B 2398 -65.17 21.75 108.74
N UNK B 2399 -65.42 23.00 108.36
CA UNK B 2399 -64.40 24.03 108.28
C UNK B 2399 -63.83 24.27 109.67
N UNK B 2400 -64.71 24.23 110.67
CA UNK B 2400 -64.36 24.37 112.07
C UNK B 2400 -63.45 23.25 112.58
N UNK B 2401 -63.76 22.02 112.17
CA UNK B 2401 -62.86 20.92 112.52
C UNK B 2401 -61.50 21.16 111.88
N UNK B 2402 -61.53 21.64 110.64
CA UNK B 2402 -60.31 21.91 109.90
C UNK B 2402 -59.51 22.97 110.64
N UNK B 2403 -60.24 23.95 111.16
CA UNK B 2403 -59.69 25.06 111.92
C UNK B 2403 -59.06 24.60 113.20
N UNK B 2404 -59.67 23.64 113.87
CA UNK B 2404 -59.11 23.06 115.07
C UNK B 2404 -57.78 22.42 114.73
N UNK B 2405 -57.75 21.69 113.60
CA UNK B 2405 -56.50 21.06 113.18
C UNK B 2405 -55.45 22.14 112.93
N UNK B 2406 -55.88 23.22 112.28
CA UNK B 2406 -54.98 24.31 111.95
C UNK B 2406 -54.43 24.98 113.20
N UNK B 2407 -55.27 25.12 114.22
CA UNK B 2407 -54.88 25.70 115.49
C UNK B 2407 -53.84 24.85 116.16
N UNK B 2408 -54.04 23.53 116.10
CA UNK B 2408 -53.06 22.63 116.70
C UNK B 2408 -51.74 22.82 115.97
N UNK B 2409 -51.82 22.94 114.66
CA UNK B 2409 -50.63 23.13 113.83
C UNK B 2409 -49.90 24.44 114.15
N UNK B 2410 -50.67 25.50 114.39
CA UNK B 2410 -50.14 26.80 114.76
C UNK B 2410 -49.42 26.71 116.10
N UNK B 2411 -50.01 25.95 117.02
CA UNK B 2411 -49.40 25.76 118.34
C UNK B 2411 -48.07 25.07 118.13
N UNK B 2412 -48.07 24.10 117.24
CA UNK B 2412 -46.84 23.42 116.85
C UNK B 2412 -45.74 24.43 116.54
N UNK B 2413 -49.27 37.46 112.03
CA UNK B 2413 -50.64 37.84 112.32
C UNK B 2413 -51.61 36.73 111.88
N UNK B 2414 -51.04 35.60 111.50
CA UNK B 2414 -51.85 34.48 111.04
C UNK B 2414 -52.79 34.00 112.14
N UNK B 2415 -52.27 33.92 113.36
CA UNK B 2415 -53.07 33.46 114.49
C UNK B 2415 -54.22 34.42 114.75
N UNK B 2416 -53.94 35.72 114.66
CA UNK B 2416 -54.95 36.74 114.85
C UNK B 2416 -56.03 36.62 113.77
N UNK B 2417 -55.58 36.35 112.56
CA UNK B 2417 -56.51 36.22 111.44
C UNK B 2417 -57.40 35.03 111.71
N UNK B 2418 -56.81 33.97 112.24
CA UNK B 2418 -57.55 32.75 112.56
C UNK B 2418 -58.59 33.02 113.64
N UNK B 2419 -58.21 33.79 114.66
CA UNK B 2419 -59.14 34.12 115.72
C UNK B 2419 -60.30 34.91 115.15
N UNK B 2420 -59.99 35.84 114.25
CA UNK B 2420 -61.01 36.67 113.63
C UNK B 2420 -61.96 35.80 112.82
N UNK B 2421 -61.41 34.83 112.11
CA UNK B 2421 -62.19 33.93 111.30
C UNK B 2421 -63.12 33.12 112.18
N UNK B 2422 -62.60 32.68 113.31
CA UNK B 2422 -63.36 31.88 114.25
C UNK B 2422 -64.53 32.71 114.76
N UNK B 2423 -64.26 33.98 115.04
CA UNK B 2423 -65.30 34.90 115.50
C UNK B 2423 -66.38 35.12 114.47
N UNK B 2424 -65.97 35.26 113.20
CA UNK B 2424 -66.92 35.44 112.11
C UNK B 2424 -67.79 34.20 112.03
N UNK B 2425 -67.14 33.06 112.20
CA UNK B 2425 -67.82 31.78 112.14
C UNK B 2425 -68.85 31.73 113.23
N UNK B 2426 -68.47 32.22 114.40
CA UNK B 2426 -69.35 32.25 115.54
C UNK B 2426 -70.56 33.12 115.27
N UNK B 2427 -70.34 34.27 114.64
CA UNK B 2427 -71.46 35.16 114.32
C UNK B 2427 -72.40 34.46 113.34
N UNK B 2428 -71.81 33.78 112.36
CA UNK B 2428 -72.61 33.09 111.37
C UNK B 2428 -73.44 32.01 112.04
N UNK B 2429 -72.81 31.33 112.99
CA UNK B 2429 -73.43 30.27 113.75
C UNK B 2429 -74.60 30.78 114.56
N UNK B 2430 -74.42 31.96 115.16
CA UNK B 2430 -75.48 32.58 115.92
C UNK B 2430 -76.64 32.88 115.00
N UNK B 2431 -76.33 33.37 113.80
CA UNK B 2431 -77.39 33.65 112.83
C UNK B 2431 -78.14 32.39 112.46
N UNK B 2432 -77.38 31.30 112.27
CA UNK B 2432 -77.95 30.02 111.90
C UNK B 2432 -78.86 29.51 113.00
N UNK B 2433 -78.43 29.72 114.24
CA UNK B 2433 -79.19 29.32 115.42
C UNK B 2433 -80.49 30.10 115.49
N UNK B 2434 -80.43 31.39 115.16
CA UNK B 2434 -81.62 32.20 115.14
C UNK B 2434 -82.56 31.64 114.09
N UNK B 2435 -82.01 31.25 112.96
CA UNK B 2435 -82.80 30.67 111.89
C UNK B 2435 -83.48 29.38 112.33
N UNK B 2436 -82.74 28.56 113.07
CA UNK B 2436 -83.26 27.30 113.58
C UNK B 2436 -84.40 27.56 114.57
N UNK B 2437 -84.23 28.58 115.39
CA UNK B 2437 -85.24 28.95 116.37
C UNK B 2437 -86.51 29.37 115.65
N UNK B 2438 -84.32 18.51 117.09
CA UNK B 2438 -84.63 18.72 115.68
C UNK B 2438 -83.35 18.84 114.87
N UNK B 2439 -83.15 19.89 113.42
CA UNK B 2439 -81.97 20.15 112.60
C UNK B 2439 -81.17 21.16 113.38
N UNK B 2440 -81.87 22.08 114.00
CA UNK B 2440 -81.26 23.08 114.84
C UNK B 2440 -80.55 22.36 115.97
N UNK B 2441 -81.16 21.30 116.50
CA UNK B 2441 -80.56 20.55 117.60
C UNK B 2441 -79.24 19.89 117.22
N UNK B 2442 -79.19 19.34 116.01
CA UNK B 2442 -77.97 18.74 115.48
C UNK B 2442 -76.90 19.81 115.29
N UNK B 2443 -77.34 20.96 114.80
CA UNK B 2443 -76.43 22.05 114.55
C UNK B 2443 -75.83 22.40 115.89
N UNK B 2444 -76.68 22.37 116.91
CA UNK B 2444 -76.31 22.70 118.28
C UNK B 2444 -75.29 21.71 118.87
N UNK B 2445 -75.46 20.42 118.61
CA UNK B 2445 -74.48 19.44 119.08
C UNK B 2445 -73.13 19.68 118.40
N UNK B 2446 -73.19 19.99 117.11
CA UNK B 2446 -71.95 20.25 116.38
C UNK B 2446 -71.28 21.48 116.98
N UNK B 2447 -72.12 22.46 117.31
CA UNK B 2447 -71.69 23.71 117.87
C UNK B 2447 -71.02 23.47 119.21
N UNK B 2448 -71.57 22.56 119.99
CA UNK B 2448 -71.02 22.18 121.29
C UNK B 2448 -69.65 21.55 121.13
N UNK B 2449 -69.48 20.68 120.15
CA UNK B 2449 -68.15 20.12 119.92
C UNK B 2449 -67.17 21.23 119.55
N UNK B 2450 -67.66 22.13 118.70
CA UNK B 2450 -66.82 23.23 118.21
C UNK B 2450 -66.41 24.07 119.40
N UNK B 2451 -67.35 24.25 120.32
CA UNK B 2451 -67.19 25.04 121.54
C UNK B 2451 -66.16 24.43 122.47
N UNK B 2452 -66.16 23.11 122.61
CA UNK B 2452 -65.15 22.46 123.43
C UNK B 2452 -63.79 22.73 122.80
N UNK B 2453 -63.74 22.64 121.47
CA UNK B 2453 -62.48 22.89 120.80
C UNK B 2453 -62.03 24.32 121.05
N UNK B 2454 -62.99 25.24 121.02
CA UNK B 2454 -62.76 26.66 121.23
C UNK B 2454 -62.25 26.93 122.63
N UNK B 2455 -62.80 26.24 123.61
CA UNK B 2455 -62.36 26.39 124.99
C UNK B 2455 -60.91 25.93 125.12
N UNK B 2456 -60.58 24.83 124.44
CA UNK B 2456 -59.20 24.36 124.48
C UNK B 2456 -58.29 25.43 123.87
N UNK B 2457 -58.76 26.02 122.78
CA UNK B 2457 -58.01 27.07 122.10
C UNK B 2457 -57.81 28.29 122.98
N UNK B 2458 -58.84 28.65 123.74
CA UNK B 2458 -58.79 29.77 124.66
C UNK B 2458 -57.78 29.50 125.76
N UNK B 2459 -57.76 28.25 126.23
CA UNK B 2459 -56.81 27.87 127.26
C UNK B 2459 -55.41 28.04 126.69
N UNK B 2460 -55.25 27.65 125.43
CA UNK B 2460 -53.97 27.80 124.73
C UNK B 2460 -53.54 29.26 124.59
N UNK B 2461 -54.50 30.13 124.29
CA UNK B 2461 -54.26 31.55 124.01
C UNK B 2461 -53.16 32.16 124.89
N UNK B 2462 -57.09 38.59 121.13
CA UNK B 2462 -57.19 40.03 120.91
C UNK B 2462 -58.62 40.50 121.13
N UNK B 2463 -59.04 41.53 120.40
CA UNK B 2463 -60.39 42.04 120.47
C UNK B 2463 -61.30 40.90 120.04
N UNK B 2464 -60.84 40.18 119.03
CA UNK B 2464 -61.53 39.00 118.54
C UNK B 2464 -61.63 38.00 119.67
N UNK B 2465 -60.56 37.89 120.46
CA UNK B 2465 -60.54 36.96 121.58
C UNK B 2465 -61.61 37.32 122.61
N UNK B 2466 -61.75 38.61 122.88
CA UNK B 2466 -62.77 39.10 123.80
C UNK B 2466 -64.17 38.80 123.27
N UNK B 2467 -64.34 38.98 121.96
CA UNK B 2467 -65.62 38.72 121.33
C UNK B 2467 -65.94 37.24 121.49
N UNK B 2468 -64.91 36.42 121.35
CA UNK B 2468 -65.03 34.98 121.48
C UNK B 2468 -65.43 34.59 122.90
N UNK B 2469 -64.84 35.27 123.89
CA UNK B 2469 -65.19 35.02 125.27
C UNK B 2469 -66.65 35.37 125.50
N UNK B 2470 -67.09 36.47 124.90
CA UNK B 2470 -68.48 36.89 125.02
C UNK B 2470 -69.40 35.84 124.41
N UNK B 2471 -68.99 35.31 123.26
CA UNK B 2471 -69.76 34.30 122.57
C UNK B 2471 -69.86 33.06 123.43
N UNK B 2472 -68.76 32.72 124.09
CA UNK B 2472 -68.72 31.55 124.96
C UNK B 2472 -69.68 31.74 126.12
N UNK B 2473 -69.72 32.93 126.68
CA UNK B 2473 -70.63 33.22 127.77
C UNK B 2473 -72.07 33.08 127.31
N UNK B 2474 -72.35 33.58 126.11
CA UNK B 2474 -73.68 33.51 125.56
C UNK B 2474 -74.07 32.05 125.38
N UNK B 2475 -73.12 31.24 124.93
CA UNK B 2475 -73.31 29.82 124.72
C UNK B 2475 -73.60 29.09 126.03
N UNK B 2476 -72.89 29.48 127.08
CA UNK B 2476 -73.09 28.89 128.38
C UNK B 2476 -74.51 29.23 128.83
N UNK B 2477 -74.92 30.46 128.56
CA UNK B 2477 -76.26 30.89 128.91
C UNK B 2477 -77.29 30.04 128.17
N UNK B 2478 -77.01 29.78 126.90
CA UNK B 2478 -77.89 28.96 126.08
C UNK B 2478 -78.00 27.54 126.62
N UNK B 2479 -76.88 26.99 127.07
CA UNK B 2479 -76.86 25.64 127.63
C UNK B 2479 -75.89 25.54 128.79
N UNK B 2480 -73.83 12.98 120.71
CA UNK B 2480 -73.46 13.98 121.70
C UNK B 2480 -72.35 14.86 121.18
N UNK B 2481 -72.71 15.92 120.46
CA UNK B 2481 -71.71 16.82 119.88
C UNK B 2481 -70.90 17.46 120.98
N UNK B 2482 -71.59 17.90 122.03
CA UNK B 2482 -70.92 18.52 123.16
C UNK B 2482 -69.99 17.51 123.82
N UNK B 2483 -70.43 16.26 123.92
CA UNK B 2483 -69.64 15.22 124.53
C UNK B 2483 -68.36 15.00 123.73
N UNK B 2484 -68.49 15.00 122.42
CA UNK B 2484 -67.34 14.84 121.53
C UNK B 2484 -66.38 16.01 121.68
N UNK B 2485 -66.92 17.21 121.80
CA UNK B 2485 -66.10 18.39 121.96
C UNK B 2485 -65.33 18.25 123.26
N UNK B 2486 -66.01 17.73 124.26
CA UNK B 2486 -65.42 17.53 125.58
C UNK B 2486 -64.28 16.51 125.51
N UNK B 2487 -64.48 15.46 124.73
CA UNK B 2487 -63.46 14.44 124.53
C UNK B 2487 -62.23 15.03 123.84
N UNK B 2488 -62.47 15.90 122.86
CA UNK B 2488 -61.38 16.55 122.17
C UNK B 2488 -60.61 17.43 123.15
N UNK B 2489 -61.36 18.11 124.00
CA UNK B 2489 -60.78 18.99 124.99
C UNK B 2489 -59.92 18.16 125.93
N UNK B 2490 -60.40 16.98 126.26
CA UNK B 2490 -59.70 16.04 127.13
C UNK B 2490 -58.40 15.56 126.52
N UNK B 2491 -58.41 15.27 125.23
CA UNK B 2491 -57.20 14.86 124.56
C UNK B 2491 -56.21 16.02 124.65
N UNK B 2492 -56.72 17.22 124.44
CA UNK B 2492 -55.87 18.40 124.47
C UNK B 2492 -55.27 18.58 125.85
N UNK B 2493 -56.06 18.35 126.88
CA UNK B 2493 -55.63 18.46 128.27
C UNK B 2493 -54.56 17.44 128.60
N UNK B 2494 -54.73 16.22 128.09
CA UNK B 2494 -53.76 15.18 128.32
C UNK B 2494 -52.45 15.62 127.70
N UNK B 2495 -52.55 16.20 126.51
CA UNK B 2495 -51.36 16.69 125.83
C UNK B 2495 -50.68 17.79 126.63
N UNK B 2496 -51.48 18.67 127.20
CA UNK B 2496 -50.99 19.78 128.01
C UNK B 2496 -50.26 19.26 129.24
N UNK B 2497 -50.80 18.21 129.83
CA UNK B 2497 -50.24 17.62 131.04
C UNK B 2497 -48.71 17.55 131.00
N UNK B 2498 -56.12 22.64 135.48
CA UNK B 2498 -56.50 23.94 134.91
C UNK B 2498 -58.01 24.04 134.73
N UNK B 2499 -58.47 25.25 134.37
CA UNK B 2499 -59.90 25.50 134.22
C UNK B 2499 -60.50 24.64 133.11
N UNK B 2500 -59.76 24.49 132.02
CA UNK B 2500 -60.20 23.64 130.92
C UNK B 2500 -60.32 22.21 131.41
N UNK B 2501 -59.38 21.78 132.23
CA UNK B 2501 -59.38 20.44 132.79
C UNK B 2501 -60.62 20.23 133.65
N UNK B 2502 -60.97 21.26 134.42
CA UNK B 2502 -62.16 21.25 135.26
C UNK B 2502 -63.42 21.14 134.42
N UNK B 2503 -63.44 21.87 133.31
CA UNK B 2503 -64.57 21.81 132.38
C UNK B 2503 -64.68 20.39 131.84
N UNK B 2504 -63.53 19.78 131.56
CA UNK B 2504 -63.48 18.41 131.07
C UNK B 2504 -64.03 17.45 132.10
N UNK B 2505 -63.71 17.68 133.36
CA UNK B 2505 -64.24 16.87 134.46
C UNK B 2505 -65.76 17.00 134.57
N UNK B 2506 -66.25 18.22 134.39
CA UNK B 2506 -67.68 18.47 134.41
C UNK B 2506 -68.33 17.70 133.29
N UNK B 2507 -67.64 17.70 132.15
CA UNK B 2507 -68.10 16.98 130.97
C UNK B 2507 -68.16 15.49 131.24
N UNK B 2508 -67.18 14.98 131.97
CA UNK B 2508 -67.12 13.57 132.36
C UNK B 2508 -68.29 13.22 133.27
N UNK B 2509 -68.61 14.13 134.19
CA UNK B 2509 -69.76 13.91 135.07
C UNK B 2509 -71.04 13.88 134.24
N UNK B 2510 -71.10 14.78 133.26
CA UNK B 2510 -72.25 14.87 132.39
C UNK B 2510 -72.38 13.57 131.64
N UNK B 2511 -71.23 13.03 131.24
CA UNK B 2511 -71.14 11.77 130.52
C UNK B 2511 -71.64 10.60 131.35
N UNK B 2512 -71.29 10.58 132.63
CA UNK B 2512 -71.78 9.54 133.52
C UNK B 2512 -73.29 9.64 133.60
N UNK B 2513 -73.78 10.88 133.68
CA UNK B 2513 -75.22 11.11 133.74
C UNK B 2513 -75.89 10.60 132.47
N UNK B 2514 -75.25 10.84 131.33
CA UNK B 2514 -75.74 10.41 130.03
C UNK B 2514 -75.78 8.89 129.95
N UNK B 2515 -74.76 8.25 130.51
CA UNK B 2515 -74.70 6.81 130.53
C UNK B 2515 -75.86 6.29 131.34
N UNK B 2516 -76.14 6.97 132.45
CA UNK B 2516 -77.25 6.58 133.30
C UNK B 2516 -78.56 6.71 132.54
N UNK B 2517 -78.70 7.79 131.79
CA UNK B 2517 -79.91 8.01 131.01
C UNK B 2517 -80.08 6.93 129.96
N UNK B 2518 -78.97 6.55 129.32
CA UNK B 2518 -78.99 5.52 128.29
C UNK B 2518 -79.41 4.19 128.89
N UNK B 2519 -78.92 3.93 130.11
CA UNK B 2519 -79.23 2.70 130.81
C UNK B 2519 -78.73 2.77 132.25
N UNK B 2520 -78.58 6.74 114.62
CA UNK B 2520 -77.91 7.17 113.40
C UNK B 2520 -76.56 6.49 113.25
N UNK B 2521 -76.25 6.06 112.03
CA UNK B 2521 -74.95 5.45 111.76
C UNK B 2521 -73.83 6.44 112.00
N UNK B 2522 -74.06 7.69 111.61
CA UNK B 2522 -73.12 8.76 111.84
C UNK B 2522 -72.90 8.99 113.34
N UNK B 2523 -74.00 8.90 114.08
CA UNK B 2523 -73.96 9.03 115.53
C UNK B 2523 -73.12 7.90 116.12
N UNK B 2524 -73.28 6.71 115.56
CA UNK B 2524 -72.53 5.53 115.96
C UNK B 2524 -71.05 5.76 115.70
N UNK B 2525 -70.74 6.38 114.56
CA UNK B 2525 -69.36 6.74 114.22
C UNK B 2525 -68.77 7.74 115.21
N UNK B 2526 -69.59 8.70 115.63
CA UNK B 2526 -69.15 9.67 116.63
C UNK B 2526 -68.85 8.92 117.92
N UNK B 2527 -69.70 7.94 118.22
CA UNK B 2527 -69.55 7.14 119.41
C UNK B 2527 -68.23 6.38 119.33
N UNK B 2528 -67.93 5.85 118.15
CA UNK B 2528 -66.69 5.11 117.93
C UNK B 2528 -65.49 6.02 118.13
N UNK B 2529 -65.58 7.25 117.66
CA UNK B 2529 -64.48 8.20 117.85
C UNK B 2529 -64.27 8.49 119.33
N UNK B 2530 -65.38 8.63 120.04
CA UNK B 2530 -65.32 8.90 121.47
C UNK B 2530 -64.66 7.72 122.14
N UNK B 2531 -65.01 6.52 121.68
CA UNK B 2531 -64.49 5.27 122.21
C UNK B 2531 -62.98 5.18 121.99
N UNK B 2532 -62.53 5.60 120.83
CA UNK B 2532 -61.10 5.61 120.54
C UNK B 2532 -60.40 6.57 121.49
N UNK B 2533 -61.02 7.71 121.73
CA UNK B 2533 -60.44 8.68 122.66
C UNK B 2533 -60.35 8.06 124.06
N UNK B 2534 -61.39 7.33 124.42
CA UNK B 2534 -61.45 6.66 125.71
C UNK B 2534 -60.36 5.62 125.84
N UNK B 2535 -60.12 4.90 124.76
CA UNK B 2535 -59.08 3.88 124.72
C UNK B 2535 -57.72 4.53 124.91
N UNK B 2536 -57.53 5.68 124.27
CA UNK B 2536 -56.28 6.41 124.42
C UNK B 2536 -56.10 6.80 125.88
N UNK B 2537 -57.20 7.24 126.49
CA UNK B 2537 -57.16 7.63 127.89
C UNK B 2537 -56.80 6.45 128.79
N UNK B 2538 -57.36 5.28 128.49
CA UNK B 2538 -57.07 4.08 129.25
C UNK B 2538 -55.59 3.73 129.12
N UNK B 2539 -55.06 3.89 127.91
CA UNK B 2539 -53.65 3.62 127.68
C UNK B 2539 -52.79 4.56 128.52
N UNK B 2540 -53.18 5.83 128.55
CA UNK B 2540 -52.43 6.81 129.31
C UNK B 2540 -52.46 6.42 130.78
N UNK B 2541 -53.62 5.96 131.24
CA UNK B 2541 -53.78 5.55 132.64
C UNK B 2541 -52.91 4.35 132.99
N UNK B 2542 -52.82 3.39 132.09
CA UNK B 2542 -52.06 2.16 132.34
C UNK B 2542 -52.34 1.08 131.30
N UNK B 2543 -50.99 18.58 138.52
CA UNK B 2543 -51.82 17.82 137.61
C UNK B 2543 -52.53 16.67 138.32
N UNK B 2544 -52.43 16.66 139.65
CA UNK B 2544 -53.07 15.62 140.44
C UNK B 2544 -54.58 15.66 140.28
N UNK B 2545 -55.13 16.86 140.27
CA UNK B 2545 -56.56 17.04 140.09
C UNK B 2545 -56.98 16.50 138.74
N UNK B 2546 -56.16 16.78 137.72
CA UNK B 2546 -56.43 16.31 136.37
C UNK B 2546 -56.40 14.78 136.31
N UNK B 2547 -55.45 14.18 137.00
CA UNK B 2547 -55.35 12.73 137.05
C UNK B 2547 -56.59 12.16 137.71
N UNK B 2548 -57.05 12.83 138.76
CA UNK B 2548 -58.25 12.41 139.46
C UNK B 2548 -59.46 12.49 138.54
N UNK B 2549 -59.51 13.55 137.73
CA UNK B 2549 -60.59 13.74 136.78
C UNK B 2549 -60.57 12.61 135.75
N UNK B 2550 -59.38 12.24 135.33
CA UNK B 2550 -59.21 11.14 134.38
C UNK B 2550 -59.72 9.83 134.99
N UNK B 2551 -59.41 9.63 136.26
CA UNK B 2551 -59.87 8.44 136.96
C UNK B 2551 -61.40 8.42 137.00
N UNK B 2552 -61.98 9.59 137.25
CA UNK B 2552 -63.43 9.71 137.32
C UNK B 2552 -64.02 9.38 135.96
N UNK B 2553 -63.38 9.85 134.90
CA UNK B 2553 -63.84 9.59 133.56
C UNK B 2553 -63.79 8.10 133.26
N UNK B 2554 -62.73 7.45 133.73
CA UNK B 2554 -62.57 6.01 133.55
C UNK B 2554 -63.69 5.26 134.26
N UNK B 2555 -64.02 5.73 135.46
CA UNK B 2555 -65.10 5.13 136.23
C UNK B 2555 -66.42 5.30 135.49
N UNK B 2556 -66.61 6.46 134.89
CA UNK B 2556 -67.81 6.75 134.12
C UNK B 2556 -67.90 5.81 132.92
N UNK B 2557 -66.76 5.55 132.29
CA UNK B 2557 -66.68 4.63 131.17
C UNK B 2557 -67.04 3.22 131.60
N UNK B 2558 -66.58 2.83 132.77
CA UNK B 2558 -66.89 1.52 133.33
C UNK B 2558 -68.39 1.45 133.53
N UNK B 2559 -68.97 2.54 134.00
CA UNK B 2559 -70.40 2.62 134.23
C UNK B 2559 -71.17 2.47 132.92
N UNK B 2560 -70.67 3.09 131.87
CA UNK B 2560 -71.29 2.98 130.56
C UNK B 2560 -71.24 1.52 130.08
N UNK B 2561 -70.11 0.88 130.32
CA UNK B 2561 -69.94 -0.52 129.94
C UNK B 2561 -70.95 -1.39 130.70
N UNK B 2562 -71.14 -1.06 131.98
CA UNK B 2562 -72.10 -1.76 132.83
C UNK B 2562 -73.52 -1.58 132.32
N UNK B 2563 -73.82 -0.38 131.86
CA UNK B 2563 -75.13 -0.07 131.28
C UNK B 2563 -75.33 -0.91 130.04
N UNK B 2564 -74.27 -1.05 129.26
CA UNK B 2564 -74.30 -1.88 128.06
C UNK B 2564 -74.58 -3.33 128.42
N UNK B 2565 -73.95 -3.79 129.49
CA UNK B 2565 -74.16 -5.15 129.97
C UNK B 2565 -75.61 -5.34 130.39
N UNK B 2566 -76.17 -4.32 131.05
CA UNK B 2566 -77.56 -4.36 131.48
C UNK B 2566 -78.48 -4.44 130.26
N UNK B 2567 -78.13 -3.70 129.22
CA UNK B 2567 -78.91 -3.68 127.99
C UNK B 2567 -79.31 -5.09 127.58
N UNK B 2568 -67.92 2.68 117.98
CA UNK B 2568 -67.40 2.03 116.79
C UNK B 2568 -66.79 0.67 117.10
N UNK B 2569 -67.45 -0.40 116.67
CA UNK B 2569 -66.95 -1.75 116.92
C UNK B 2569 -65.61 -1.88 116.25
N UNK B 2570 -65.51 -1.33 115.05
CA UNK B 2570 -64.28 -1.35 114.30
C UNK B 2570 -63.20 -0.59 115.06
N UNK B 2571 -63.57 0.54 115.65
CA UNK B 2571 -62.60 1.33 116.40
C UNK B 2571 -62.07 0.53 117.57
N UNK B 2572 -62.97 -0.18 118.24
CA UNK B 2572 -62.58 -0.99 119.39
C UNK B 2572 -61.63 -2.09 118.95
N UNK B 2573 -61.94 -2.71 117.81
CA UNK B 2573 -61.11 -3.79 117.30
C UNK B 2573 -59.72 -3.24 116.99
N UNK B 2574 -59.67 -2.06 116.39
CA UNK B 2574 -58.40 -1.45 116.03
C UNK B 2574 -57.58 -1.18 117.28
N UNK B 2575 -58.25 -0.69 118.33
CA UNK B 2575 -57.57 -0.40 119.58
C UNK B 2575 -56.99 -1.68 120.16
N UNK B 2576 -57.77 -2.76 120.08
CA UNK B 2576 -57.32 -4.04 120.60
C UNK B 2576 -56.09 -4.50 119.84
N UNK B 2577 -56.10 -4.33 118.53
CA UNK B 2577 -54.99 -4.75 117.69
C UNK B 2577 -53.75 -3.95 118.06
N UNK B 2578 -53.93 -2.66 118.30
CA UNK B 2578 -52.83 -1.79 118.66
C UNK B 2578 -52.24 -2.24 119.98
N UNK B 2579 -53.12 -2.61 120.91
CA UNK B 2579 -52.72 -3.08 122.23
C UNK B 2579 -51.91 -4.36 122.12
N UNK B 2580 -52.32 -5.25 121.22
CA UNK B 2580 -51.65 -6.53 121.03
C UNK B 2580 -50.12 -6.38 121.04
N UNK B 2581 -56.00 -3.58 134.96
CA UNK B 2581 -56.94 -2.51 134.69
C UNK B 2581 -57.32 -2.47 133.21
N UNK B 2582 -56.34 -2.13 132.37
CA UNK B 2582 -56.58 -2.02 130.95
C UNK B 2582 -57.01 -3.36 130.38
N UNK B 2583 -56.36 -4.43 130.83
CA UNK B 2583 -56.69 -5.76 130.32
C UNK B 2583 -58.13 -6.12 130.68
N UNK B 2584 -58.53 -5.79 131.91
CA UNK B 2584 -59.88 -6.07 132.36
C UNK B 2584 -60.88 -5.29 131.52
N UNK B 2585 -60.54 -4.04 131.22
CA UNK B 2585 -61.42 -3.20 130.43
C UNK B 2585 -61.58 -3.82 129.05
N UNK B 2586 -60.48 -4.30 128.50
CA UNK B 2586 -60.49 -4.92 127.19
C UNK B 2586 -61.37 -6.16 127.19
N UNK B 2587 -61.27 -6.96 128.25
CA UNK B 2587 -62.08 -8.16 128.35
C UNK B 2587 -63.56 -7.80 128.40
N UNK B 2588 -63.88 -6.74 129.14
CA UNK B 2588 -65.26 -6.28 129.24
C UNK B 2588 -65.77 -5.85 127.88
N UNK B 2589 -64.91 -5.15 127.13
CA UNK B 2589 -65.28 -4.67 125.81
C UNK B 2589 -65.56 -5.86 124.90
N UNK B 2590 -64.72 -6.90 125.02
CA UNK B 2590 -64.88 -8.09 124.22
C UNK B 2590 -66.21 -8.77 124.53
N UNK B 2591 -66.55 -8.82 125.82
CA UNK B 2591 -67.79 -9.42 126.22
C UNK B 2591 -68.97 -8.64 125.66
N UNK B 2592 -68.86 -7.32 125.68
CA UNK B 2592 -69.92 -6.47 125.17
C UNK B 2592 -70.09 -6.72 123.68
N UNK B 2593 -68.98 -6.87 122.98
CA UNK B 2593 -69.01 -7.11 121.55
C UNK B 2593 -69.70 -8.44 121.28
N UNK B 2594 -69.39 -9.44 122.09
CA UNK B 2594 -70.00 -10.75 121.91
C UNK B 2594 -71.50 -10.66 122.12
N UNK B 2595 -71.91 -9.90 123.12
CA UNK B 2595 -73.32 -9.72 123.40
C UNK B 2595 -74.02 -9.05 122.23
N UNK B 2596 -73.37 -8.04 121.67
CA UNK B 2596 -73.92 -7.32 120.53
C UNK B 2596 -74.10 -8.26 119.36
N UNK B 2597 -73.10 -9.12 119.17
CA UNK B 2597 -73.14 -10.09 118.08
C UNK B 2597 -74.30 -11.06 118.27
N UNK B 2598 -74.52 -11.49 119.50
CA UNK B 2598 -75.62 -12.39 119.80
C UNK B 2598 -76.94 -11.70 119.49
N UNK B 2599 -77.01 -10.42 119.83
CA UNK B 2599 -78.19 -9.61 119.58
C UNK B 2599 -78.49 -9.49 118.10
N UNK B 2600 -77.43 -9.32 117.29
CA UNK B 2600 -77.62 -9.19 115.86
C UNK B 2600 -78.54 -10.27 115.32
N UNK B 2601 -80.18 -5.58 108.70
CA UNK B 2601 -78.85 -5.01 108.93
C UNK B 2601 -77.75 -5.96 108.51
N UNK B 2602 -78.05 -6.82 107.53
CA UNK B 2602 -77.11 -7.82 107.06
C UNK B 2602 -75.85 -7.19 106.44
N UNK B 2603 -76.03 -6.12 105.66
CA UNK B 2603 -74.90 -5.41 105.04
C UNK B 2603 -73.97 -4.73 106.04
N UNK B 2604 -74.56 -4.11 107.05
CA UNK B 2604 -73.79 -3.49 108.11
C UNK B 2604 -73.04 -4.61 108.79
N UNK B 2605 -73.73 -5.74 108.94
CA UNK B 2605 -73.15 -6.89 109.60
C UNK B 2605 -71.94 -7.35 108.82
N UNK B 2606 -72.02 -7.35 107.50
CA UNK B 2606 -70.92 -7.71 106.60
C UNK B 2606 -69.71 -6.77 106.66
N UNK B 2607 -69.96 -5.47 106.76
CA UNK B 2607 -68.85 -4.54 106.93
C UNK B 2607 -68.17 -4.85 108.25
N UNK B 2608 -69.02 -5.12 109.24
CA UNK B 2608 -68.55 -5.42 110.58
C UNK B 2608 -67.70 -6.66 110.50
N UNK B 2609 -68.13 -7.60 109.65
CA UNK B 2609 -67.46 -8.86 109.39
C UNK B 2609 -66.10 -8.70 108.77
N UNK B 2610 -65.95 -7.78 107.82
CA UNK B 2610 -64.63 -7.51 107.28
C UNK B 2610 -63.72 -6.97 108.39
N UNK B 2611 -64.28 -6.08 109.21
CA UNK B 2611 -63.48 -5.53 110.29
C UNK B 2611 -63.08 -6.66 111.21
N UNK B 2612 -64.02 -7.57 111.41
CA UNK B 2612 -63.91 -8.72 112.28
C UNK B 2612 -62.84 -9.68 111.79
N UNK B 2613 -62.77 -9.86 110.48
CA UNK B 2613 -61.75 -10.68 109.85
C UNK B 2613 -60.38 -10.09 110.11
N UNK B 2614 -60.28 -8.77 110.00
CA UNK B 2614 -59.00 -8.15 110.35
C UNK B 2614 -58.66 -8.40 111.82
N UNK B 2615 -59.68 -8.30 112.65
CA UNK B 2615 -59.54 -8.51 114.09
C UNK B 2615 -59.09 -9.94 114.38
N UNK B 2616 -59.63 -10.87 113.61
CA UNK B 2616 -59.34 -12.30 113.67
C UNK B 2616 -57.91 -12.59 113.28
N UNK B 2617 -57.41 -11.88 112.27
CA UNK B 2617 -56.02 -12.00 111.90
C UNK B 2617 -55.19 -11.52 113.08
N UNK B 2618 -55.64 -10.45 113.71
CA UNK B 2618 -54.95 -9.91 114.86
C UNK B 2618 -54.93 -10.96 115.97
N UNK B 2619 -56.04 -11.65 116.14
CA UNK B 2619 -56.19 -12.70 117.14
C UNK B 2619 -55.26 -13.88 116.88
N UNK B 2620 -55.12 -14.26 115.61
CA UNK B 2620 -54.23 -15.34 115.24
C UNK B 2620 -52.82 -14.93 115.60
N UNK B 2621 -52.50 -13.66 115.33
CA UNK B 2621 -51.18 -13.14 115.66
C UNK B 2621 -50.93 -13.20 117.17
N UNK B 2622 -51.95 -12.86 117.95
CA UNK B 2622 -51.87 -12.91 119.40
C UNK B 2622 -51.64 -14.34 119.89
N UNK B 2623 -52.33 -15.29 119.26
CA UNK B 2623 -52.18 -16.70 119.61
C UNK B 2623 -50.76 -17.11 119.33
N UNK B 2624 -50.21 -16.63 118.22
CA UNK B 2624 -48.83 -16.91 117.86
C UNK B 2624 -48.51 -16.38 116.46
N UNK B 2625 -53.33 -11.86 136.90
CA UNK B 2625 -54.60 -11.84 136.19
C UNK B 2625 -54.59 -12.80 135.02
N UNK B 2626 -53.62 -13.72 135.04
CA UNK B 2626 -53.45 -14.67 133.94
C UNK B 2626 -54.68 -15.55 133.81
N UNK B 2627 -55.23 -15.98 134.94
CA UNK B 2627 -56.41 -16.83 134.92
C UNK B 2627 -57.58 -16.08 134.30
N UNK B 2628 -57.72 -14.81 134.66
CA UNK B 2628 -58.80 -13.98 134.14
C UNK B 2628 -58.65 -13.86 132.63
N UNK B 2629 -57.41 -13.67 132.19
CA UNK B 2629 -57.13 -13.54 130.76
C UNK B 2629 -57.51 -14.81 130.03
N UNK B 2630 -57.17 -15.95 130.63
CA UNK B 2630 -57.49 -17.24 130.03
C UNK B 2630 -59.00 -17.41 129.91
N UNK B 2631 -59.71 -17.00 130.96
CA UNK B 2631 -61.17 -17.11 130.96
C UNK B 2631 -61.73 -16.24 129.84
N UNK B 2632 -61.17 -15.06 129.70
CA UNK B 2632 -61.63 -14.13 128.68
C UNK B 2632 -61.39 -14.73 127.30
N UNK B 2633 -60.26 -15.38 127.10
CA UNK B 2633 -59.95 -16.02 125.84
C UNK B 2633 -60.92 -17.15 125.52
N UNK B 2634 -61.27 -17.94 126.54
CA UNK B 2634 -62.23 -19.02 126.34
C UNK B 2634 -63.57 -18.45 125.94
N UNK B 2635 -63.93 -17.34 126.58
CA UNK B 2635 -65.20 -16.69 126.32
C UNK B 2635 -65.19 -16.21 124.88
N UNK B 2636 -64.05 -15.70 124.46
CA UNK B 2636 -63.86 -15.19 123.10
C UNK B 2636 -64.02 -16.31 122.08
N UNK B 2637 -63.46 -17.48 122.39
CA UNK B 2637 -63.60 -18.62 121.48
C UNK B 2637 -65.07 -18.99 121.36
N UNK B 2638 -65.77 -18.98 122.50
CA UNK B 2638 -67.17 -19.33 122.48
C UNK B 2638 -67.94 -18.33 121.62
N UNK B 2639 -67.58 -17.06 121.76
CA UNK B 2639 -68.24 -15.99 121.03
C UNK B 2639 -68.01 -16.15 119.54
N UNK B 2640 -66.80 -16.52 119.17
CA UNK B 2640 -66.46 -16.71 117.77
C UNK B 2640 -67.29 -17.85 117.22
N UNK B 2641 -67.42 -18.91 118.01
CA UNK B 2641 -68.18 -20.06 117.56
C UNK B 2641 -69.63 -19.65 117.33
N UNK B 2642 -70.15 -18.85 118.25
CA UNK B 2642 -71.53 -18.38 118.17
C UNK B 2642 -71.74 -17.53 116.93
N UNK B 2643 -70.76 -16.68 116.64
CA UNK B 2643 -70.84 -15.81 115.47
C UNK B 2643 -70.85 -16.66 114.20
N UNK B 2644 -70.03 -17.70 114.19
CA UNK B 2644 -69.97 -18.60 113.05
C UNK B 2644 -71.31 -19.27 112.86
N UNK B 2645 -71.93 -19.66 113.96
CA UNK B 2645 -73.24 -20.31 113.92
C UNK B 2645 -74.28 -19.36 113.36
N UNK B 2646 -74.22 -18.10 113.77
CA UNK B 2646 -75.15 -17.11 113.28
C UNK B 2646 -74.97 -16.92 111.79
N UNK B 2647 -73.71 -16.91 111.35
CA UNK B 2647 -73.41 -16.75 109.94
C UNK B 2647 -73.99 -17.91 109.14
N UNK B 2648 -73.88 -19.10 109.70
CA UNK B 2648 -74.44 -20.30 109.08
C UNK B 2648 -74.17 -20.35 107.59
N UNK B 2649 -71.61 -15.64 100.08
CA UNK B 2649 -70.21 -16.01 99.90
C UNK B 2649 -69.33 -15.23 100.85
N UNK B 2650 -69.93 -14.33 101.60
CA UNK B 2650 -69.19 -13.46 102.50
C UNK B 2650 -68.49 -14.29 103.55
N UNK B 2651 -69.18 -15.32 104.03
CA UNK B 2651 -68.59 -16.18 105.03
C UNK B 2651 -67.36 -16.84 104.43
N UNK B 2652 -67.48 -17.26 103.18
CA UNK B 2652 -66.37 -17.92 102.50
C UNK B 2652 -65.16 -16.99 102.36
N UNK B 2653 -65.43 -15.74 102.02
CA UNK B 2653 -64.35 -14.75 101.88
C UNK B 2653 -63.67 -14.54 103.22
N UNK B 2654 -64.48 -14.48 104.27
CA UNK B 2654 -63.94 -14.26 105.59
C UNK B 2654 -63.04 -15.42 105.92
N UNK B 2655 -63.47 -16.63 105.56
CA UNK B 2655 -62.70 -17.82 105.81
C UNK B 2655 -61.38 -17.80 105.08
N UNK B 2656 -61.39 -17.37 103.82
CA UNK B 2656 -60.16 -17.30 103.07
C UNK B 2656 -59.19 -16.33 103.74
N UNK B 2657 -59.72 -15.18 104.18
CA UNK B 2657 -58.87 -14.19 104.81
C UNK B 2657 -58.26 -14.74 106.10
N UNK B 2658 -59.09 -15.44 106.86
CA UNK B 2658 -58.65 -15.97 108.13
C UNK B 2658 -57.56 -16.99 107.86
N UNK B 2659 -57.76 -17.77 106.81
CA UNK B 2659 -56.82 -18.80 106.44
C UNK B 2659 -55.48 -18.20 106.08
N UNK B 2660 -55.49 -17.11 105.33
CA UNK B 2660 -54.23 -16.44 104.98
C UNK B 2660 -53.53 -15.91 106.23
N UNK B 2661 -54.32 -15.33 107.13
CA UNK B 2661 -53.73 -14.76 108.34
C UNK B 2661 -53.09 -15.91 109.10
N UNK B 2662 -53.78 -17.04 109.09
CA UNK B 2662 -53.35 -18.26 109.75
C UNK B 2662 -52.05 -18.82 109.19
N UNK B 2663 -51.91 -18.79 107.86
CA UNK B 2663 -50.70 -19.23 107.20
C UNK B 2663 -49.55 -18.33 107.63
N UNK B 2664 -49.84 -17.04 107.71
CA UNK B 2664 -48.82 -16.08 108.15
C UNK B 2664 -48.40 -16.43 109.56
N UNK B 2665 -49.39 -16.76 110.38
CA UNK B 2665 -49.17 -17.12 111.77
C UNK B 2665 -48.33 -18.38 111.88
N UNK B 2666 -48.59 -19.33 111.00
CA UNK B 2666 -47.86 -20.59 110.98
C UNK B 2666 -46.41 -20.30 110.66
N UNK B 2667 -46.21 -19.40 109.70
CA UNK B 2667 -44.86 -19.05 109.30
C UNK B 2667 -44.15 -18.43 110.50
N UNK B 2668 -44.86 -17.57 111.22
CA UNK B 2668 -44.27 -16.92 112.39
C UNK B 2668 -43.91 -17.93 113.47
N UNK B 2669 -44.79 -18.91 113.68
CA UNK B 2669 -44.58 -19.94 114.68
C UNK B 2669 -43.36 -20.76 114.32
N UNK B 2670 -43.21 -21.04 113.03
CA UNK B 2670 -42.08 -21.81 112.54
C UNK B 2670 -40.90 -20.89 112.25
N UNK B 2671 -53.18 -23.40 118.41
CA UNK B 2671 -52.52 -24.70 118.45
C UNK B 2671 -53.31 -25.73 117.65
N UNK B 2672 -53.30 -26.98 118.12
CA UNK B 2672 -54.02 -28.04 117.44
C UNK B 2672 -55.51 -27.73 117.42
N UNK B 2673 -56.00 -27.19 118.54
CA UNK B 2673 -57.39 -26.79 118.65
C UNK B 2673 -57.72 -25.66 117.67
N UNK B 2674 -56.78 -24.73 117.51
CA UNK B 2674 -56.96 -23.64 116.58
C UNK B 2674 -57.06 -24.21 115.17
N UNK B 2675 -56.23 -25.20 114.90
CA UNK B 2675 -56.21 -25.86 113.61
C UNK B 2675 -57.55 -26.52 113.37
N UNK B 2676 -58.09 -27.14 114.41
CA UNK B 2676 -59.38 -27.79 114.33
C UNK B 2676 -60.49 -26.79 114.03
N UNK B 2677 -60.44 -25.62 114.66
CA UNK B 2677 -61.43 -24.58 114.40
C UNK B 2677 -61.34 -24.09 112.96
N UNK B 2678 -60.11 -23.96 112.47
CA UNK B 2678 -59.89 -23.53 111.10
C UNK B 2678 -60.50 -24.58 110.19
N UNK B 2679 -60.33 -25.83 110.59
CA UNK B 2679 -60.86 -26.98 109.85
C UNK B 2679 -62.38 -26.95 109.80
N UNK B 2680 -63.00 -26.57 110.91
CA UNK B 2680 -64.45 -26.44 110.97
C UNK B 2680 -64.90 -25.36 110.00
N UNK B 2681 -64.16 -24.26 109.97
CA UNK B 2681 -64.48 -23.18 109.05
C UNK B 2681 -64.36 -23.67 107.61
N UNK B 2682 -63.34 -24.47 107.36
CA UNK B 2682 -63.09 -25.05 106.04
C UNK B 2682 -64.21 -25.99 105.64
N UNK B 2683 -64.72 -26.74 106.60
CA UNK B 2683 -65.81 -27.66 106.38
C UNK B 2683 -67.03 -26.85 105.99
N UNK B 2684 -67.22 -25.72 106.66
CA UNK B 2684 -68.33 -24.85 106.36
C UNK B 2684 -68.20 -24.33 104.93
N UNK B 2685 -66.99 -23.97 104.56
CA UNK B 2685 -66.73 -23.49 103.20
C UNK B 2685 -67.02 -24.55 102.17
N UNK B 2686 -66.65 -25.79 102.48
CA UNK B 2686 -66.88 -26.92 101.60
C UNK B 2686 -68.36 -27.12 101.43
N UNK B 2687 -69.11 -26.98 102.52
CA UNK B 2687 -70.55 -27.11 102.48
C UNK B 2687 -71.13 -26.04 101.59
N UNK B 2688 -70.59 -24.84 101.70
CA UNK B 2688 -71.05 -23.71 100.91
C UNK B 2688 -70.83 -24.01 99.44
N UNK B 2689 -69.68 -24.60 99.15
CA UNK B 2689 -69.33 -25.00 97.79
C UNK B 2689 -67.84 -25.28 97.76
N UNK B 2690 -69.90 -15.02 90.28
CA UNK B 2690 -69.70 -13.67 89.76
C UNK B 2690 -68.59 -12.93 90.51
N UNK B 2691 -68.74 -11.62 90.64
CA UNK B 2691 -67.71 -10.79 91.26
C UNK B 2691 -67.42 -11.08 92.73
N UNK B 2692 -68.45 -11.28 93.54
CA UNK B 2692 -68.25 -11.57 94.96
C UNK B 2692 -67.55 -12.91 95.16
N UNK B 2693 -68.01 -13.90 94.40
CA UNK B 2693 -67.44 -15.22 94.48
C UNK B 2693 -66.00 -15.06 94.08
N UNK B 2694 -65.76 -14.21 93.09
CA UNK B 2694 -64.41 -13.94 92.56
C UNK B 2694 -63.45 -13.26 93.55
N UNK B 2695 -63.95 -12.31 94.33
CA UNK B 2695 -63.14 -11.67 95.36
C UNK B 2695 -62.79 -12.74 96.36
N UNK B 2696 -63.79 -13.57 96.64
CA UNK B 2696 -63.62 -14.63 97.61
C UNK B 2696 -62.52 -15.53 97.07
N UNK B 2697 -62.54 -15.76 95.77
CA UNK B 2697 -61.60 -16.58 95.02
C UNK B 2697 -60.16 -16.08 95.03
N UNK B 2698 -59.96 -14.76 94.92
CA UNK B 2698 -58.64 -14.18 95.06
C UNK B 2698 -58.12 -14.39 96.47
N UNK B 2699 -59.03 -14.21 97.43
CA UNK B 2699 -58.66 -14.44 98.82
C UNK B 2699 -58.25 -15.89 98.94
N UNK B 2700 -58.98 -16.73 98.22
CA UNK B 2700 -58.80 -18.16 98.18
C UNK B 2700 -57.45 -18.53 97.61
N UNK B 2701 -57.03 -17.83 96.57
CA UNK B 2701 -55.72 -18.05 95.98
C UNK B 2701 -54.65 -17.72 97.01
N UNK B 2702 -54.84 -16.61 97.73
CA UNK B 2702 -53.85 -16.28 98.75
C UNK B 2702 -53.80 -17.39 99.80
N UNK B 2703 -54.99 -17.86 100.17
CA UNK B 2703 -55.12 -18.88 101.20
C UNK B 2703 -54.46 -20.16 100.75
N UNK B 2704 -54.61 -20.47 99.47
CA UNK B 2704 -54.07 -21.65 98.84
C UNK B 2704 -52.56 -21.60 98.86
N UNK B 2705 -52.02 -20.43 98.58
CA UNK B 2705 -50.57 -20.28 98.61
C UNK B 2705 -50.12 -20.57 100.03
N UNK B 2706 -50.87 -20.04 101.00
CA UNK B 2706 -50.50 -20.24 102.39
C UNK B 2706 -50.54 -21.73 102.75
N UNK B 2707 -51.57 -22.42 102.26
CA UNK B 2707 -51.75 -23.84 102.52
C UNK B 2707 -50.62 -24.65 101.92
N UNK B 2708 -50.20 -24.28 100.72
CA UNK B 2708 -49.11 -24.97 100.05
C UNK B 2708 -47.86 -24.78 100.87
N UNK B 2709 -47.66 -23.57 101.38
CA UNK B 2709 -46.48 -23.28 102.18
C UNK B 2709 -46.50 -24.14 103.43
N UNK B 2710 -47.67 -24.27 104.01
CA UNK B 2710 -47.83 -25.08 105.22
C UNK B 2710 -47.50 -26.53 104.94
N UNK B 2711 -47.95 -27.03 103.79
CA UNK B 2711 -47.73 -28.42 103.43
C UNK B 2711 -46.24 -28.75 103.53
N UNK B 2712 -50.52 -29.38 109.92
CA UNK B 2712 -51.01 -30.55 110.62
C UNK B 2712 -51.72 -31.51 109.68
N UNK B 2713 -51.90 -32.75 110.12
CA UNK B 2713 -52.53 -33.79 109.33
C UNK B 2713 -53.98 -33.44 109.00
N UNK B 2714 -54.66 -32.83 109.97
CA UNK B 2714 -56.02 -32.35 109.76
C UNK B 2714 -56.00 -31.30 108.66
N UNK B 2715 -54.98 -30.45 108.71
CA UNK B 2715 -54.86 -29.39 107.73
C UNK B 2715 -54.73 -30.06 106.38
N UNK B 2716 -53.95 -31.12 106.34
CA UNK B 2716 -53.72 -31.89 105.11
C UNK B 2716 -54.98 -32.54 104.55
N UNK B 2717 -55.82 -33.09 105.43
CA UNK B 2717 -57.10 -33.65 105.00
C UNK B 2717 -58.00 -32.56 104.43
N UNK B 2718 -57.98 -31.42 105.10
CA UNK B 2718 -58.79 -30.30 104.68
C UNK B 2718 -58.32 -29.95 103.29
N UNK B 2719 -57.01 -30.02 103.12
CA UNK B 2719 -56.31 -29.71 101.89
C UNK B 2719 -56.68 -30.65 100.74
N UNK B 2720 -56.80 -31.94 101.01
CA UNK B 2720 -57.27 -32.89 100.01
C UNK B 2720 -58.71 -32.58 99.59
N UNK B 2721 -59.54 -32.24 100.57
CA UNK B 2721 -60.92 -31.91 100.26
C UNK B 2721 -60.88 -30.67 99.37
N UNK B 2722 -59.95 -29.80 99.72
CA UNK B 2722 -59.73 -28.52 99.08
C UNK B 2722 -59.30 -28.71 97.65
N UNK B 2723 -58.48 -29.72 97.41
CA UNK B 2723 -58.02 -30.14 96.10
C UNK B 2723 -59.17 -30.67 95.23
N UNK B 2724 -60.08 -31.41 95.84
CA UNK B 2724 -61.28 -31.81 95.09
C UNK B 2724 -62.05 -30.54 94.71
N UNK B 2725 -62.09 -29.62 95.67
CA UNK B 2725 -62.77 -28.35 95.50
C UNK B 2725 -62.11 -27.60 94.37
N UNK B 2726 -60.80 -27.75 94.31
CA UNK B 2726 -59.90 -27.18 93.32
C UNK B 2726 -60.13 -27.71 91.93
N UNK B 2727 -60.39 -29.00 91.82
CA UNK B 2727 -60.74 -29.58 90.53
C UNK B 2727 -62.03 -28.88 90.13
N UNK B 2728 -62.91 -28.71 91.11
CA UNK B 2728 -64.17 -28.02 90.84
C UNK B 2728 -63.95 -26.57 90.38
N UNK B 2729 -63.01 -25.89 91.02
CA UNK B 2729 -62.65 -24.51 90.71
C UNK B 2729 -62.08 -24.41 89.32
N UNK B 2730 -61.30 -25.41 88.94
CA UNK B 2730 -60.71 -25.49 87.62
C UNK B 2730 -61.82 -25.61 86.60
N UNK B 2731 -62.80 -26.44 86.90
CA UNK B 2731 -63.92 -26.60 85.99
C UNK B 2731 -64.63 -25.26 85.85
N UNK B 2732 -64.75 -24.57 86.98
CA UNK B 2732 -65.41 -23.27 87.04
C UNK B 2732 -64.69 -22.21 86.21
N UNK B 2733 -63.36 -22.24 86.23
CA UNK B 2733 -62.57 -21.22 85.58
C UNK B 2733 -62.80 -19.90 86.28
N ASN B 2734 -57.29 -37.38 104.62
CA ASN B 2734 -57.03 -38.77 105.00
C ASN B 2734 -58.32 -39.52 105.33
N PHE B 2735 -58.33 -40.82 105.06
CA PHE B 2735 -59.54 -41.61 105.18
C PHE B 2735 -59.29 -42.93 105.91
N ASP B 2736 -59.90 -43.07 107.09
CA ASP B 2736 -59.81 -44.29 107.87
C ASP B 2736 -61.21 -44.81 108.19
N PRO B 2737 -61.88 -45.40 107.19
CA PRO B 2737 -63.28 -45.80 107.31
C PRO B 2737 -63.51 -46.91 108.33
N ARG B 2738 -64.47 -46.69 109.22
CA ARG B 2738 -64.83 -47.66 110.25
C ARG B 2738 -66.33 -47.93 110.23
N PRO B 2739 -66.81 -48.74 109.26
CA PRO B 2739 -68.23 -49.07 109.21
C PRO B 2739 -68.66 -49.81 110.48
N VAL B 2740 -69.88 -49.55 110.94
CA VAL B 2740 -70.32 -50.12 112.21
C VAL B 2740 -70.36 -51.65 112.15
N GLU B 2741 -69.92 -52.28 113.25
CA GLU B 2741 -69.82 -53.74 113.30
C GLU B 2741 -71.20 -54.39 113.42
N THR B 2742 -71.56 -55.20 112.43
CA THR B 2742 -72.90 -55.76 112.35
C THR B 2742 -72.96 -57.27 112.55
N LEU B 2743 -71.80 -57.91 112.70
CA LEU B 2743 -71.71 -59.37 112.69
C LEU B 2743 -72.49 -60.06 113.81
N ASN B 2744 -72.49 -59.47 114.99
CA ASN B 2744 -73.21 -60.06 116.12
C ASN B 2744 -74.53 -59.37 116.41
N VAL B 2745 -74.97 -58.52 115.49
CA VAL B 2745 -76.23 -57.82 115.62
C VAL B 2745 -77.38 -58.68 115.11
N ILE B 2746 -78.38 -58.90 115.95
CA ILE B 2746 -79.51 -59.74 115.58
C ILE B 2746 -80.76 -58.92 115.26
N ILE B 2747 -81.31 -59.16 114.09
CA ILE B 2747 -82.56 -58.52 113.69
C ILE B 2747 -83.73 -59.29 114.30
N PRO B 2748 -84.63 -58.59 114.99
CA PRO B 2748 -85.81 -59.21 115.59
C PRO B 2748 -86.64 -59.95 114.54
N GLU B 2749 -87.25 -61.07 114.92
CA GLU B 2749 -87.97 -61.93 113.98
C GLU B 2749 -89.12 -61.23 113.26
N LYS B 2750 -89.69 -60.20 113.87
CA LYS B 2750 -90.86 -59.55 113.28
C LYS B 2750 -90.50 -58.64 112.09
N LEU B 2751 -89.20 -58.43 111.86
CA LEU B 2751 -88.79 -57.64 110.70
C LEU B 2751 -88.54 -58.47 109.44
N ASP B 2752 -88.60 -59.79 109.58
CA ASP B 2752 -88.37 -60.68 108.44
C ASP B 2752 -89.40 -60.46 107.32
N SER B 2753 -90.61 -60.06 107.70
CA SER B 2753 -91.65 -59.79 106.73
C SER B 2753 -91.32 -58.55 105.91
N PHE B 2754 -90.88 -57.50 106.58
CA PHE B 2754 -90.49 -56.27 105.89
C PHE B 2754 -89.29 -56.52 104.99
N ILE B 2755 -88.35 -57.32 105.47
CA ILE B 2755 -87.12 -57.62 104.76
C ILE B 2755 -87.41 -58.25 103.38
N ASN B 2756 -88.32 -59.21 103.37
CA ASN B 2756 -88.72 -59.86 102.12
C ASN B 2756 -89.51 -58.93 101.21
N LYS B 2757 -90.38 -58.11 101.81
CA LYS B 2757 -91.18 -57.16 101.05
C LYS B 2757 -90.30 -56.12 100.38
N PHE B 2758 -89.33 -55.60 101.11
CA PHE B 2758 -88.42 -54.60 100.57
C PHE B 2758 -87.44 -55.23 99.59
N ALA B 2759 -87.09 -56.49 99.84
CA ALA B 2759 -86.23 -57.23 98.92
C ALA B 2759 -86.92 -57.43 97.59
N GLU B 2760 -88.22 -57.77 97.65
CA GLU B 2760 -89.03 -57.93 96.46
C GLU B 2760 -89.15 -56.61 95.71
N TYR B 2761 -89.30 -55.52 96.46
CA TYR B 2761 -89.39 -54.19 95.86
C TYR B 2761 -88.14 -53.82 95.08
N THR B 2762 -86.99 -53.99 95.72
CA THR B 2762 -85.72 -53.65 95.11
C THR B 2762 -85.46 -54.47 93.84
N HIS B 2763 -85.91 -55.71 93.85
CA HIS B 2763 -85.80 -56.56 92.68
C HIS B 2763 -86.73 -56.06 91.57
N GLU B 2764 -87.96 -55.75 91.95
CA GLU B 2764 -88.96 -55.25 91.00
C GLU B 2764 -88.49 -53.97 90.32
N LYS B 2765 -87.90 -53.07 91.11
CA LYS B 2765 -87.38 -51.81 90.59
C LYS B 2765 -86.28 -52.06 89.57
N TRP B 2766 -85.38 -52.97 89.90
CA TRP B 2766 -84.29 -53.35 89.01
C TRP B 2766 -84.82 -53.99 87.73
N ALA B 2767 -85.79 -54.89 87.89
CA ALA B 2767 -86.41 -55.59 86.77
C ALA B 2767 -87.17 -54.63 85.87
N PHE B 2768 -87.90 -53.69 86.49
CA PHE B 2768 -88.64 -52.68 85.74
C PHE B 2768 -87.69 -51.90 84.82
N ASP B 2769 -86.60 -51.40 85.41
CA ASP B 2769 -85.62 -50.61 84.66
C ASP B 2769 -84.98 -51.40 83.53
N LYS B 2770 -84.75 -52.69 83.77
CA LYS B 2770 -84.18 -53.56 82.76
C LYS B 2770 -85.14 -53.78 81.59
N ILE B 2771 -86.41 -53.99 81.93
CA ILE B 2771 -87.43 -54.28 80.93
C ILE B 2771 -87.77 -53.04 80.09
N GLN B 2772 -87.65 -51.85 80.71
CA GLN B 2772 -87.86 -50.62 79.96
C GLN B 2772 -86.75 -50.44 78.92
N ASN B 2773 -85.62 -51.09 79.15
CA ASN B 2773 -84.53 -51.11 78.18
C ASN B 2773 -84.54 -52.41 77.37
N ASN B 2774 -85.73 -53.01 77.29
CA ASN B 2774 -85.97 -54.20 76.48
C ASN B 2774 -85.09 -55.41 76.81
N TRP B 2775 -84.72 -55.54 78.07
CA TRP B 2775 -84.13 -56.79 78.53
C TRP B 2775 -85.27 -57.81 78.69
N SER B 2776 -84.95 -59.08 78.58
CA SER B 2776 -85.95 -60.13 78.77
C SER B 2776 -85.33 -61.30 79.53
N TYR B 2777 -86.15 -62.27 79.92
CA TYR B 2777 -85.61 -63.45 80.56
C TYR B 2777 -84.78 -64.25 79.57
N GLY B 2778 -83.71 -64.85 80.09
CA GLY B 2778 -82.88 -65.75 79.31
C GLY B 2778 -82.17 -66.63 80.31
N GLU B 2779 -81.77 -67.83 79.91
CA GLU B 2779 -81.15 -68.74 80.86
C GLU B 2779 -79.79 -68.22 81.30
N ASN B 2780 -79.12 -67.49 80.42
CA ASN B 2780 -77.82 -66.90 80.75
C ASN B 2780 -77.85 -65.39 80.72
N VAL B 2781 -76.91 -64.78 81.43
CA VAL B 2781 -76.69 -63.34 81.31
C VAL B 2781 -75.98 -63.09 79.99
N ASP B 2782 -76.58 -62.23 79.15
CA ASP B 2782 -76.04 -61.98 77.84
C ASP B 2782 -76.21 -60.51 77.46
N GLU B 2783 -75.09 -59.78 77.46
CA GLU B 2783 -75.12 -58.33 77.24
C GLU B 2783 -75.52 -57.95 75.82
N GLU B 2784 -75.23 -58.82 74.86
CA GLU B 2784 -75.58 -58.52 73.47
C GLU B 2784 -77.07 -58.76 73.22
N LEU B 2785 -77.58 -59.88 73.73
CA LEU B 2785 -78.97 -60.23 73.57
C LEU B 2785 -79.85 -59.58 74.63
N LYS B 2786 -79.21 -58.99 75.63
CA LYS B 2786 -79.90 -58.37 76.76
C LYS B 2786 -80.86 -59.36 77.44
N THR B 2787 -80.31 -60.48 77.87
CA THR B 2787 -81.08 -61.46 78.63
C THR B 2787 -80.52 -61.56 80.05
N HIS B 2788 -81.37 -61.90 81.00
CA HIS B 2788 -80.95 -62.10 82.38
C HIS B 2788 -81.89 -63.08 83.08
N PRO B 2789 -81.32 -64.13 83.69
CA PRO B 2789 -82.08 -65.22 84.33
C PRO B 2789 -82.90 -64.78 85.54
N MET B 2790 -82.59 -63.60 86.08
CA MET B 2790 -83.31 -63.09 87.23
C MET B 2790 -84.43 -62.13 86.82
N LEU B 2791 -84.66 -62.01 85.53
CA LEU B 2791 -85.80 -61.24 85.04
C LEU B 2791 -87.05 -62.11 85.11
N ARG B 2792 -87.51 -62.34 86.34
CA ARG B 2792 -88.68 -63.16 86.63
C ARG B 2792 -89.12 -62.82 88.04
N PRO B 2793 -90.36 -63.21 88.43
CA PRO B 2793 -90.84 -62.85 89.77
C PRO B 2793 -89.91 -63.28 90.90
N TYR B 2794 -89.76 -62.37 91.88
CA TYR B 2794 -88.99 -62.62 93.09
C TYR B 2794 -89.48 -63.86 93.82
N LYS B 2795 -90.77 -64.13 93.69
CA LYS B 2795 -91.41 -65.26 94.35
C LYS B 2795 -90.93 -66.60 93.81
N THR B 2796 -90.39 -66.59 92.60
CA THR B 2796 -89.93 -67.82 91.95
C THR B 2796 -88.45 -68.09 92.23
N PHE B 2797 -87.85 -67.25 93.04
CA PHE B 2797 -86.43 -67.38 93.37
C PHE B 2797 -86.17 -68.48 94.38
N SER B 2798 -84.96 -69.02 94.36
CA SER B 2798 -84.49 -69.86 95.45
C SER B 2798 -84.15 -68.96 96.62
N GLU B 2799 -83.81 -69.55 97.76
CA GLU B 2799 -83.43 -68.76 98.93
C GLU B 2799 -82.12 -68.04 98.68
N LYS B 2800 -81.24 -68.68 97.92
CA LYS B 2800 -79.94 -68.10 97.58
C LYS B 2800 -80.11 -66.83 96.75
N ASP B 2801 -81.02 -66.88 95.79
CA ASP B 2801 -81.25 -65.75 94.89
C ASP B 2801 -82.02 -64.62 95.58
N LYS B 2802 -82.89 -64.97 96.52
CA LYS B 2802 -83.59 -63.98 97.32
C LYS B 2802 -82.59 -63.25 98.22
N GLU B 2803 -81.60 -63.99 98.70
CA GLU B 2803 -80.60 -63.46 99.63
C GLU B 2803 -79.74 -62.40 98.96
N ILE B 2804 -79.68 -62.45 97.63
CA ILE B 2804 -78.98 -61.43 96.85
C ILE B 2804 -79.54 -60.05 97.17
N TYR B 2805 -80.86 -59.99 97.37
CA TYR B 2805 -81.53 -58.73 97.68
C TYR B 2805 -81.72 -58.53 99.18
N ARG B 2806 -81.74 -59.62 99.94
CA ARG B 2806 -82.04 -59.54 101.37
C ARG B 2806 -80.83 -59.17 102.22
N TRP B 2807 -79.63 -59.59 101.80
CA TRP B 2807 -78.40 -59.32 102.54
C TRP B 2807 -78.10 -57.83 102.71
N PRO B 2808 -78.22 -57.05 101.60
CA PRO B 2808 -77.86 -55.64 101.82
C PRO B 2808 -78.85 -54.93 102.73
N ILE B 2809 -80.12 -55.34 102.67
CA ILE B 2809 -81.16 -54.77 103.51
C ILE B 2809 -80.95 -55.13 104.98
N LYS B 2810 -80.54 -56.37 105.23
CA LYS B 2810 -80.27 -56.82 106.58
C LYS B 2810 -79.04 -56.13 107.17
N GLU B 2811 -78.07 -55.80 106.31
CA GLU B 2811 -76.89 -55.06 106.72
C GLU B 2811 -77.25 -53.64 107.12
N SER B 2812 -78.21 -53.06 106.41
CA SER B 2812 -78.69 -51.72 106.71
C SER B 2812 -79.41 -51.69 108.05
N LEU B 2813 -80.31 -52.65 108.24
CA LEU B 2813 -81.10 -52.74 109.46
C LEU B 2813 -80.24 -53.04 110.69
N LYS B 2814 -79.20 -53.85 110.50
CA LYS B 2814 -78.29 -54.19 111.59
C LYS B 2814 -77.48 -52.99 112.03
N ALA B 2815 -77.22 -52.09 111.08
CA ALA B 2815 -76.51 -50.84 111.38
C ALA B 2815 -77.39 -49.94 112.24
N MET B 2816 -78.67 -49.85 111.89
CA MET B 2816 -79.64 -49.05 112.62
C MET B 2816 -79.84 -49.57 114.04
N ILE B 2817 -79.90 -50.89 114.16
CA ILE B 2817 -80.06 -51.56 115.45
C ILE B 2817 -78.81 -51.37 116.30
N ALA B 2818 -77.64 -51.41 115.66
CA ALA B 2818 -76.37 -51.22 116.35
C ALA B 2818 -76.27 -49.80 116.92
N TRP B 2819 -76.86 -48.84 116.20
CA TRP B 2819 -76.91 -47.46 116.65
C TRP B 2819 -78.01 -47.27 117.69
N GLU B 2820 -78.69 -48.37 118.02
CA GLU B 2820 -79.77 -48.37 119.00
C GLU B 2820 -80.90 -47.44 118.58
N TRP B 2821 -81.20 -47.44 117.30
CA TRP B 2821 -82.42 -46.81 116.78
C TRP B 2821 -83.58 -47.76 117.02
N THR B 2822 -84.78 -47.22 117.17
CA THR B 2822 -85.96 -48.07 117.34
C THR B 2822 -86.76 -48.18 116.04
N ILE B 2823 -87.15 -49.40 115.70
CA ILE B 2823 -87.98 -49.64 114.51
C ILE B 2823 -89.25 -50.38 114.89
N GLU B 2824 -90.37 -49.67 114.91
CA GLU B 2824 -91.63 -50.26 115.38
C GLU B 2824 -92.81 -49.95 114.46
N LYS B 2825 -93.59 -50.99 114.19
CA LYS B 2825 -94.79 -50.86 113.36
C LYS B 2825 -95.88 -50.08 114.09
N ALA B 2826 -95.94 -48.78 113.84
CA ALA B 2826 -96.88 -47.91 114.54
C ALA B 2826 -98.22 -47.79 113.81
N ARG B 2827 -98.21 -47.98 112.50
CA ARG B 2827 -99.41 -47.82 111.70
C ARG B 2827 -99.61 -48.99 110.74
N GLU B 2828 -100.79 -49.04 110.13
CA GLU B 2828 -101.03 -49.95 109.01
C GLU B 2828 -100.32 -49.38 107.77
N GLY B 2829 -99.90 -50.26 106.87
CA GLY B 2829 -99.24 -49.84 105.66
C GLY B 2829 -100.17 -49.09 104.73
N GLU B 2830 -99.59 -48.34 103.79
CA GLU B 2830 -100.38 -47.58 102.82
C GLU B 2830 -101.16 -48.48 101.87
N TYR B 2855 -93.53 -61.68 82.22
CA TYR B 2855 -93.24 -61.03 83.48
C TYR B 2855 -93.32 -59.51 83.33
N ASN B 2856 -94.20 -58.89 84.12
CA ASN B 2856 -94.46 -57.47 84.01
C ASN B 2856 -94.48 -56.76 85.37
N PRO B 2857 -93.29 -56.44 85.90
CA PRO B 2857 -93.16 -55.80 87.20
C PRO B 2857 -93.61 -54.33 87.21
N GLN B 2858 -94.50 -54.00 88.12
CA GLN B 2858 -94.91 -52.62 88.34
C GLN B 2858 -94.74 -52.27 89.81
N PRO B 2859 -93.50 -51.96 90.21
CA PRO B 2859 -93.22 -51.66 91.62
C PRO B 2859 -93.85 -50.34 92.04
N PRO B 2860 -94.16 -50.20 93.34
CA PRO B 2860 -94.75 -48.95 93.85
C PRO B 2860 -93.83 -47.75 93.63
N ASP B 2861 -94.43 -46.58 93.46
CA ASP B 2861 -93.66 -45.35 93.26
C ASP B 2861 -93.36 -44.69 94.59
N LEU B 2862 -92.09 -44.42 94.85
CA LEU B 2862 -91.66 -43.84 96.12
C LEU B 2862 -91.37 -42.35 95.98
N SER B 2863 -91.79 -41.76 94.87
CA SER B 2863 -91.54 -40.35 94.60
C SER B 2863 -92.34 -39.46 95.55
N GLY B 2864 -93.55 -39.90 95.92
CA GLY B 2864 -94.44 -39.10 96.73
C GLY B 2864 -94.30 -39.27 98.23
N VAL B 2865 -93.31 -40.04 98.65
CA VAL B 2865 -93.06 -40.25 100.08
C VAL B 2865 -92.13 -39.19 100.65
N THR B 2866 -92.63 -38.42 101.60
CA THR B 2866 -91.82 -37.35 102.20
C THR B 2866 -91.25 -37.77 103.55
N LEU B 2867 -89.94 -37.65 103.69
CA LEU B 2867 -89.28 -37.92 104.96
C LEU B 2867 -89.17 -36.64 105.78
N SER B 2868 -89.36 -36.75 107.08
CA SER B 2868 -89.17 -35.62 107.98
C SER B 2868 -87.71 -35.20 107.94
N ARG B 2869 -87.40 -34.00 108.44
CA ARG B 2869 -86.02 -33.54 108.49
C ARG B 2869 -85.20 -34.49 109.35
N GLU B 2870 -85.83 -35.01 110.40
CA GLU B 2870 -85.14 -35.90 111.32
C GLU B 2870 -84.81 -37.23 110.63
N LEU B 2871 -85.73 -37.74 109.83
CA LEU B 2871 -85.49 -38.97 109.08
C LEU B 2871 -84.47 -38.75 107.98
N GLN B 2872 -84.47 -37.57 107.40
CA GLN B 2872 -83.47 -37.20 106.39
C GLN B 2872 -82.09 -37.13 107.05
N ALA B 2873 -82.07 -36.68 108.30
CA ALA B 2873 -80.83 -36.61 109.07
C ALA B 2873 -80.29 -38.01 109.37
N MET B 2874 -81.19 -38.93 109.69
CA MET B 2874 -80.82 -40.31 109.96
C MET B 2874 -80.34 -41.00 108.70
N ALA B 2875 -80.84 -40.55 107.55
CA ALA B 2875 -80.42 -41.07 106.26
C ALA B 2875 -78.96 -40.73 106.00
N GLU B 2876 -78.52 -39.59 106.55
CA GLU B 2876 -77.14 -39.15 106.40
C GLU B 2876 -76.17 -40.07 107.12
N GLN B 2877 -76.57 -40.58 108.28
CA GLN B 2877 -75.73 -41.50 109.03
C GLN B 2877 -75.67 -42.85 108.32
N LEU B 2878 -76.79 -43.26 107.74
CA LEU B 2878 -76.84 -44.48 106.95
C LEU B 2878 -75.98 -44.36 105.70
N ALA B 2879 -76.09 -43.23 105.01
CA ALA B 2879 -75.33 -42.97 103.81
C ALA B 2879 -73.83 -42.96 104.09
N GLU B 2880 -73.45 -42.36 105.21
CA GLU B 2880 -72.05 -42.29 105.62
C GLU B 2880 -71.49 -43.68 105.89
N ASN B 2881 -72.32 -44.55 106.45
CA ASN B 2881 -71.91 -45.91 106.77
C ASN B 2881 -71.78 -46.76 105.50
N TYR B 2882 -72.64 -46.50 104.52
CA TYR B 2882 -72.53 -47.12 103.21
C TYR B 2882 -71.18 -46.78 102.59
N HIS B 2883 -70.80 -45.51 102.69
CA HIS B 2883 -69.54 -45.03 102.14
C HIS B 2883 -68.34 -45.62 102.87
N ASN B 2884 -68.46 -45.73 104.19
CA ASN B 2884 -67.39 -46.32 105.00
C ASN B 2884 -67.24 -47.81 104.73
N THR B 2885 -68.36 -48.48 104.43
CA THR B 2885 -68.33 -49.89 104.10
C THR B 2885 -67.66 -50.12 102.75
N TRP B 2886 -68.03 -49.29 101.77
CA TRP B 2886 -67.38 -49.33 100.47
C TRP B 2886 -65.91 -48.99 100.58
N GLY B 2887 -65.60 -47.96 101.36
CA GLY B 2887 -64.23 -47.48 101.52
C GLY B 2887 -63.31 -48.51 102.14
N ARG B 2888 -63.79 -49.16 103.19
CA ARG B 2888 -63.01 -50.20 103.86
C ARG B 2888 -62.79 -51.40 102.94
N LYS B 2889 -63.83 -51.76 102.19
CA LYS B 2889 -63.75 -52.86 101.26
C LYS B 2889 -62.84 -52.51 100.08
N LYS B 2890 -62.89 -51.25 99.66
CA LYS B 2890 -62.07 -50.76 98.55
C LYS B 2890 -60.59 -50.76 98.90
N LYS B 2891 -60.27 -50.36 100.13
CA LYS B 2891 -58.89 -50.34 100.60
C LYS B 2891 -58.29 -51.74 100.60
N GLN B 2892 -59.10 -52.72 100.99
CA GLN B 2892 -58.67 -54.11 101.03
C GLN B 2892 -58.56 -54.70 99.62
N GLU B 2893 -59.43 -54.25 98.72
CA GLU B 2893 -59.37 -54.68 97.34
C GLU B 2893 -58.10 -54.18 96.67
N LEU B 2894 -57.78 -52.91 96.91
CA LEU B 2894 -56.61 -52.28 96.32
C LEU B 2894 -55.32 -52.94 96.77
N GLU B 2895 -55.20 -53.22 98.08
CA GLU B 2895 -54.02 -53.85 98.63
C GLU B 2895 -53.85 -55.27 98.11
N ALA B 2896 -54.97 -55.96 97.91
CA ALA B 2896 -54.96 -57.32 97.40
C ALA B 2896 -54.50 -57.36 95.94
N LYS B 2897 -54.65 -56.24 95.24
CA LYS B 2897 -54.33 -56.19 93.82
C LYS B 2897 -53.03 -55.45 93.53
N GLY B 2898 -52.27 -55.15 94.58
CA GLY B 2898 -50.94 -54.58 94.43
C GLY B 2898 -50.78 -53.15 94.88
N GLY B 2899 -51.84 -52.60 95.46
CA GLY B 2899 -51.81 -51.22 95.93
C GLY B 2899 -52.44 -50.26 94.94
N GLY B 2900 -52.35 -48.97 95.22
CA GLY B 2900 -52.97 -47.96 94.39
C GLY B 2900 -53.93 -47.09 95.17
N THR B 2901 -54.67 -46.23 94.48
CA THR B 2901 -55.56 -45.30 95.15
C THR B 2901 -56.91 -45.16 94.43
N HIS B 2902 -57.82 -44.43 95.06
CA HIS B 2902 -59.14 -44.14 94.51
C HIS B 2902 -59.57 -42.76 94.99
N PRO B 2903 -60.04 -41.90 94.07
CA PRO B 2903 -60.38 -40.51 94.39
C PRO B 2903 -61.50 -40.36 95.43
N LEU B 2904 -62.31 -41.39 95.59
CA LEU B 2904 -63.45 -41.34 96.51
C LEU B 2904 -63.09 -41.86 97.90
N LEU B 2905 -61.83 -42.22 98.10
CA LEU B 2905 -61.36 -42.65 99.41
C LEU B 2905 -61.09 -41.45 100.31
N VAL B 2906 -62.14 -40.69 100.57
CA VAL B 2906 -62.09 -39.54 101.46
C VAL B 2906 -63.29 -39.61 102.40
N PRO B 2907 -63.26 -38.88 103.52
CA PRO B 2907 -64.42 -38.87 104.43
C PRO B 2907 -65.71 -38.46 103.71
N TYR B 2908 -66.83 -39.07 104.11
CA TYR B 2908 -68.12 -38.83 103.49
C TYR B 2908 -68.50 -37.36 103.43
N ASP B 2909 -68.20 -36.62 104.50
CA ASP B 2909 -68.56 -35.22 104.59
C ASP B 2909 -67.78 -34.34 103.62
N THR B 2910 -66.67 -34.84 103.10
CA THR B 2910 -65.85 -34.08 102.17
C THR B 2910 -66.25 -34.35 100.73
N LEU B 2911 -67.12 -35.34 100.53
CA LEU B 2911 -67.65 -35.64 99.20
C LEU B 2911 -68.50 -34.49 98.69
N THR B 2912 -68.61 -34.36 97.37
CA THR B 2912 -69.50 -33.39 96.78
C THR B 2912 -70.93 -33.91 96.85
N ALA B 2913 -71.90 -33.05 96.57
CA ALA B 2913 -73.30 -33.44 96.59
C ALA B 2913 -73.57 -34.53 95.57
N LYS B 2914 -72.90 -34.43 94.42
CA LYS B 2914 -73.01 -35.43 93.37
C LYS B 2914 -72.47 -36.78 93.82
N GLU B 2915 -71.36 -36.75 94.56
CA GLU B 2915 -70.70 -37.96 95.01
C GLU B 2915 -71.45 -38.63 96.17
N LYS B 2916 -72.29 -37.86 96.86
CA LYS B 2916 -73.06 -38.38 98.00
C LYS B 2916 -74.39 -38.99 97.55
N ALA B 2917 -74.81 -38.65 96.34
CA ALA B 2917 -76.15 -38.97 95.84
C ALA B 2917 -76.54 -40.45 95.94
N ARG B 2918 -75.64 -41.32 95.51
CA ARG B 2918 -75.93 -42.75 95.47
C ARG B 2918 -76.18 -43.34 96.87
N ASP B 2919 -75.35 -42.93 97.83
CA ASP B 2919 -75.49 -43.38 99.20
C ASP B 2919 -76.74 -42.79 99.84
N ARG B 2920 -77.04 -41.54 99.50
CA ARG B 2920 -78.21 -40.87 100.03
C ARG B 2920 -79.49 -41.50 99.50
N GLU B 2921 -79.48 -41.88 98.23
CA GLU B 2921 -80.66 -42.49 97.61
C GLU B 2921 -80.96 -43.86 98.21
N LYS B 2922 -79.91 -44.63 98.50
CA LYS B 2922 -80.08 -45.94 99.11
C LYS B 2922 -80.66 -45.83 100.51
N ALA B 2923 -80.17 -44.85 101.27
CA ALA B 2923 -80.66 -44.61 102.62
C ALA B 2923 -82.10 -44.10 102.59
N GLN B 2924 -82.40 -43.22 101.63
CA GLN B 2924 -83.74 -42.69 101.47
C GLN B 2924 -84.76 -43.78 101.16
N GLU B 2925 -84.42 -44.62 100.18
CA GLU B 2925 -85.29 -45.70 99.74
C GLU B 2925 -85.70 -46.62 100.88
N LEU B 2926 -84.75 -46.94 101.76
CA LEU B 2926 -85.02 -47.82 102.89
C LEU B 2926 -85.99 -47.17 103.88
N LEU B 2927 -85.70 -45.92 104.24
CA LEU B 2927 -86.52 -45.19 105.20
C LEU B 2927 -87.91 -44.88 104.63
N LYS B 2928 -87.97 -44.67 103.32
CA LYS B 2928 -89.24 -44.41 102.65
C LYS B 2928 -90.14 -45.64 102.69
N PHE B 2929 -89.56 -46.79 102.40
CA PHE B 2929 -90.33 -48.03 102.35
C PHE B 2929 -90.76 -48.47 103.74
N LEU B 2930 -89.93 -48.18 104.73
CA LEU B 2930 -90.28 -48.43 106.13
C LEU B 2930 -91.49 -47.59 106.51
N GLN B 2931 -91.45 -46.30 106.16
CA GLN B 2931 -92.52 -45.37 106.47
C GLN B 2931 -93.82 -45.76 105.77
N MET B 2932 -93.70 -46.20 104.52
CA MET B 2932 -94.86 -46.58 103.72
C MET B 2932 -95.53 -47.84 104.29
N ASN B 2933 -94.74 -48.71 104.90
CA ASN B 2933 -95.27 -49.92 105.51
C ASN B 2933 -95.65 -49.70 106.97
N GLY B 2934 -95.67 -48.44 107.39
CA GLY B 2934 -96.19 -48.07 108.69
C GLY B 2934 -95.21 -48.12 109.85
N TYR B 2935 -93.92 -48.15 109.55
CA TYR B 2935 -92.90 -48.22 110.59
C TYR B 2935 -92.43 -46.84 111.03
N ALA B 2936 -92.32 -46.64 112.35
CA ALA B 2936 -91.75 -45.43 112.90
C ALA B 2936 -90.29 -45.68 113.25
N VAL B 2937 -89.39 -44.85 112.73
CA VAL B 2937 -87.98 -44.99 113.03
C VAL B 2937 -87.47 -43.82 113.85
N THR B 2938 -87.06 -44.12 115.08
CA THR B 2938 -86.59 -43.08 116.02
C THR B 2938 -85.25 -43.49 116.64
N ARG B 2939 -84.58 -42.53 117.25
CA ARG B 2939 -83.33 -42.80 117.94
C ARG B 2939 -83.31 -42.17 119.33
N UNK B 2940 -58.09 -19.24 85.05
CA UNK B 2940 -57.48 -19.84 86.23
C UNK B 2940 -55.97 -19.77 86.12
N UNK B 2941 -55.49 -18.77 85.39
CA UNK B 2941 -54.07 -18.65 85.13
C UNK B 2941 -53.33 -18.49 86.44
N UNK B 2942 -53.88 -17.69 87.35
CA UNK B 2942 -53.23 -17.46 88.63
C UNK B 2942 -53.12 -18.75 89.43
N UNK B 2943 -54.18 -19.56 89.41
CA UNK B 2943 -54.17 -20.82 90.13
C UNK B 2943 -53.12 -21.75 89.54
N UNK B 2944 -53.04 -21.77 88.22
CA UNK B 2944 -52.10 -22.64 87.53
C UNK B 2944 -50.70 -22.22 87.95
N UNK B 2945 -50.52 -20.91 88.02
CA UNK B 2945 -49.23 -20.33 88.37
C UNK B 2945 -48.85 -20.73 89.78
N UNK B 2946 -49.81 -20.68 90.70
CA UNK B 2946 -49.53 -21.04 92.08
C UNK B 2946 -49.11 -22.49 92.14
N UNK B 2947 -49.82 -23.35 91.40
CA UNK B 2947 -49.47 -24.75 91.43
C UNK B 2947 -48.06 -24.96 90.91
N UNK B 2948 -47.73 -24.25 89.82
CA UNK B 2948 -46.42 -24.39 89.20
C UNK B 2948 -45.33 -23.94 90.15
N UNK B 2949 -45.58 -22.85 90.86
CA UNK B 2949 -44.63 -22.29 91.80
C UNK B 2949 -44.40 -23.26 92.93
N UNK B 2950 -45.48 -23.89 93.37
CA UNK B 2950 -45.39 -24.87 94.44
C UNK B 2950 -44.52 -26.03 93.96
N UNK B 2951 -44.70 -26.42 92.71
CA UNK B 2951 -43.92 -27.51 92.13
C UNK B 2951 -42.44 -27.14 92.08
N UNK B 2952 -42.16 -25.89 91.73
CA UNK B 2952 -40.79 -25.41 91.70
C UNK B 2952 -40.17 -25.44 93.09
N UNK B 2953 -40.97 -25.05 94.08
CA UNK B 2953 -40.51 -25.04 95.46
C UNK B 2953 -40.20 -26.46 95.89
N UNK B 2954 -41.04 -27.39 95.45
CA UNK B 2954 -40.85 -28.80 95.74
C UNK B 2954 -39.57 -29.31 95.12
N UNK B 2955 -39.29 -28.85 93.91
CA UNK B 2955 -38.06 -29.19 93.22
C UNK B 2955 -36.86 -28.67 94.00
N UNK B 2956 -37.02 -27.47 94.53
CA UNK B 2956 -36.00 -26.85 95.36
C UNK B 2956 -35.75 -27.69 96.61
N UNK B 2957 -36.83 -28.18 97.22
CA UNK B 2957 -36.74 -29.03 98.38
C UNK B 2957 -35.99 -30.31 98.04
N UNK B 2958 -36.29 -30.84 96.86
CA UNK B 2958 -35.63 -32.05 96.37
C UNK B 2958 -34.36 -31.70 95.62
N UNK B 2959 -45.35 -34.09 101.98
CA UNK B 2959 -46.66 -34.16 101.32
C UNK B 2959 -46.53 -33.86 99.83
N UNK B 2960 -45.31 -33.96 99.31
CA UNK B 2960 -45.05 -33.68 97.90
C UNK B 2960 -45.80 -34.62 96.97
N UNK B 2961 -45.87 -35.89 97.32
CA UNK B 2961 -46.59 -36.88 96.54
C UNK B 2961 -48.07 -36.51 96.49
N UNK B 2962 -48.56 -36.04 97.64
CA UNK B 2962 -49.95 -35.60 97.74
C UNK B 2962 -50.19 -34.40 96.84
N UNK B 2963 -49.22 -33.49 96.82
CA UNK B 2963 -49.33 -32.31 95.97
C UNK B 2963 -49.39 -32.76 94.53
N UNK B 2964 -48.59 -33.76 94.20
CA UNK B 2964 -48.55 -34.32 92.86
C UNK B 2964 -49.87 -34.93 92.46
N UNK B 2965 -50.50 -35.63 93.40
CA UNK B 2965 -51.81 -36.22 93.17
C UNK B 2965 -52.84 -35.14 92.93
N UNK B 2966 -52.73 -34.06 93.72
CA UNK B 2966 -53.67 -32.96 93.58
C UNK B 2966 -53.51 -32.40 92.19
N UNK B 2967 -52.26 -32.32 91.75
CA UNK B 2967 -51.91 -31.80 90.44
C UNK B 2967 -52.49 -32.65 89.33
N UNK B 2968 -52.40 -33.96 89.50
CA UNK B 2968 -52.95 -34.89 88.52
C UNK B 2968 -54.46 -34.71 88.44
N UNK B 2969 -55.09 -34.53 89.59
CA UNK B 2969 -56.53 -34.34 89.64
C UNK B 2969 -56.89 -33.06 88.88
N UNK B 2970 -56.08 -32.02 89.09
CA UNK B 2970 -56.33 -30.76 88.43
C UNK B 2970 -56.20 -30.92 86.92
N UNK B 2971 -55.19 -31.66 86.50
CA UNK B 2971 -54.98 -31.87 85.09
C UNK B 2971 -56.17 -32.60 84.50
N UNK B 2972 -56.67 -33.60 85.22
CA UNK B 2972 -57.80 -34.37 84.73
C UNK B 2972 -59.03 -33.48 84.60
N UNK B 2973 -59.23 -32.62 85.58
CA UNK B 2973 -60.37 -31.73 85.59
C UNK B 2973 -60.28 -30.79 84.39
N UNK B 2974 -59.07 -30.31 84.12
CA UNK B 2974 -58.83 -29.43 83.00
C UNK B 2974 -59.12 -30.12 81.67
N UNK B 2975 -58.74 -31.39 81.59
CA UNK B 2975 -58.99 -32.19 80.40
C UNK B 2975 -60.49 -32.31 80.20
N UNK B 2976 -61.20 -32.54 81.30
CA UNK B 2976 -62.65 -32.65 81.24
C UNK B 2976 -63.26 -31.35 80.74
N UNK B 2977 -62.71 -30.24 81.22
CA UNK B 2977 -63.18 -28.92 80.83
C UNK B 2977 -62.97 -28.70 79.34
N UNK B 2978 -61.83 -29.14 78.83
CA UNK B 2978 -61.50 -28.98 77.42
C UNK B 2978 -61.83 -27.58 76.93
N UNK B 2979 -48.89 -20.22 81.09
CA UNK B 2979 -48.34 -21.15 80.12
C UNK B 2979 -46.83 -21.27 80.29
N UNK B 2980 -46.16 -20.14 80.41
CA UNK B 2980 -44.70 -20.13 80.55
C UNK B 2980 -44.39 -20.87 81.83
N UNK B 2981 -45.26 -20.68 82.80
CA UNK B 2981 -45.17 -21.39 84.05
C UNK B 2981 -45.30 -22.87 83.69
N UNK B 2982 -46.15 -23.16 82.72
CA UNK B 2982 -46.37 -24.56 82.32
C UNK B 2982 -45.09 -25.17 81.77
N UNK B 2983 -44.36 -24.42 80.96
CA UNK B 2983 -43.08 -24.85 80.42
C UNK B 2983 -42.05 -25.07 81.52
N UNK B 2984 -42.08 -24.17 82.51
CA UNK B 2984 -41.16 -24.29 83.64
C UNK B 2984 -41.48 -25.59 84.35
N UNK B 2985 -42.78 -25.85 84.49
CA UNK B 2985 -43.25 -27.03 85.18
C UNK B 2985 -42.78 -28.26 84.43
N UNK B 2986 -42.82 -28.19 83.11
CA UNK B 2986 -42.36 -29.28 82.26
C UNK B 2986 -40.87 -29.57 82.41
N UNK B 2987 -40.05 -28.52 82.51
CA UNK B 2987 -38.63 -28.72 82.75
C UNK B 2987 -38.41 -29.37 84.12
N UNK B 2988 -39.19 -28.89 85.08
CA UNK B 2988 -39.09 -29.39 86.43
C UNK B 2988 -39.44 -30.86 86.39
N UNK B 2989 -40.41 -31.18 85.54
CA UNK B 2989 -40.92 -32.51 85.28
C UNK B 2989 -39.89 -33.46 84.66
N UNK B 2990 -39.09 -32.98 83.72
CA UNK B 2990 -38.01 -33.80 83.19
C UNK B 2990 -37.05 -34.08 84.35
N UNK B 2991 -36.82 -33.06 85.17
CA UNK B 2991 -35.94 -33.25 86.32
C UNK B 2991 -36.52 -34.32 87.25
N UNK B 2992 -37.84 -34.27 87.41
CA UNK B 2992 -38.60 -35.19 88.24
C UNK B 2992 -38.54 -36.62 87.73
N UNK B 2993 -38.56 -36.77 86.40
CA UNK B 2993 -38.43 -38.06 85.76
C UNK B 2993 -37.06 -38.62 86.06
N UNK B 2994 -36.05 -37.75 86.02
CA UNK B 2994 -34.70 -38.19 86.36
C UNK B 2994 -34.70 -38.67 87.81
N UNK B 2995 -35.42 -37.92 88.64
CA UNK B 2995 -35.53 -38.23 90.05
C UNK B 2995 -36.20 -39.59 90.28
N UNK B 2996 -37.26 -39.88 89.53
CA UNK B 2996 -37.94 -41.14 89.72
C UNK B 2996 -36.93 -42.19 89.37
N UNK B 2997 -36.23 -41.95 88.25
CA UNK B 2997 -35.38 -42.94 87.64
C UNK B 2997 -34.35 -43.33 88.66
N UNK B 2998 -33.84 -42.35 89.42
CA UNK B 2998 -33.07 -42.70 90.59
C UNK B 2998 -33.65 -41.93 91.76
N UNK B 2999 -34.50 -42.56 92.56
CA UNK B 2999 -34.28 -43.73 93.39
C UNK B 2999 -34.78 -45.07 92.88
N UNK B 3000 -35.25 -45.09 91.64
CA UNK B 3000 -35.87 -46.27 91.04
C UNK B 3000 -37.29 -46.44 91.55
N UNK B 3001 -47.98 -37.94 89.19
CA UNK B 3001 -46.94 -38.76 88.57
C UNK B 3001 -47.37 -39.20 87.17
N UNK B 3002 -47.89 -40.42 87.07
CA UNK B 3002 -48.34 -40.94 85.79
C UNK B 3002 -49.47 -40.04 85.31
N UNK B 3003 -50.27 -39.61 86.27
CA UNK B 3003 -51.36 -38.70 85.99
C UNK B 3003 -50.75 -37.41 85.46
N UNK B 3004 -49.62 -37.01 86.04
CA UNK B 3004 -48.98 -35.78 85.59
C UNK B 3004 -48.57 -35.90 84.13
N UNK B 3005 -48.01 -37.06 83.75
CA UNK B 3005 -47.62 -37.29 82.37
C UNK B 3005 -48.81 -37.27 81.41
N UNK B 3006 -49.92 -37.89 81.83
CA UNK B 3006 -51.10 -37.89 80.98
C UNK B 3006 -51.61 -36.47 80.80
N UNK B 3007 -51.56 -35.71 81.89
CA UNK B 3007 -52.02 -34.34 81.90
C UNK B 3007 -51.17 -33.55 80.94
N UNK B 3008 -49.87 -33.85 80.95
CA UNK B 3008 -48.93 -33.17 80.08
C UNK B 3008 -49.26 -33.45 78.63
N UNK B 3009 -49.62 -34.69 78.31
CA UNK B 3009 -50.01 -35.01 76.94
C UNK B 3009 -51.28 -34.25 76.52
N UNK B 3010 -52.24 -34.19 77.43
CA UNK B 3010 -53.48 -33.47 77.14
C UNK B 3010 -53.16 -32.00 76.90
N UNK B 3011 -52.24 -31.50 77.72
CA UNK B 3011 -51.81 -30.12 77.70
C UNK B 3011 -51.15 -29.83 76.38
N UNK B 3012 -50.38 -30.79 75.89
CA UNK B 3012 -49.71 -30.70 74.59
C UNK B 3012 -50.72 -30.59 73.48
N UNK B 3013 -51.79 -31.38 73.55
CA UNK B 3013 -52.83 -31.28 72.54
C UNK B 3013 -53.43 -29.87 72.60
N UNK B 3014 -53.65 -29.40 73.82
CA UNK B 3014 -54.24 -28.08 74.02
C UNK B 3014 -53.33 -27.01 73.43
N UNK B 3015 -52.03 -27.18 73.61
CA UNK B 3015 -51.01 -26.28 73.12
C UNK B 3015 -50.96 -26.25 71.61
N UNK B 3016 -51.10 -27.41 71.00
CA UNK B 3016 -51.11 -27.49 69.55
C UNK B 3016 -52.31 -26.70 69.09
N UNK B 3017 -53.41 -26.84 69.83
CA UNK B 3017 -54.62 -26.08 69.53
C UNK B 3017 -54.42 -24.56 69.65
N UNK B 3018 -53.72 -24.15 70.70
CA UNK B 3018 -53.47 -22.73 70.94
C UNK B 3018 -52.47 -22.20 69.93
N UNK B 3019 -41.67 -19.62 65.77
CA UNK B 3019 -40.31 -20.18 65.69
C UNK B 3019 -39.79 -20.48 67.10
N UNK B 3020 -39.98 -19.49 67.95
CA UNK B 3020 -39.54 -19.56 69.36
C UNK B 3020 -40.20 -20.74 70.05
N UNK B 3021 -41.52 -20.78 69.90
CA UNK B 3021 -42.37 -21.79 70.50
C UNK B 3021 -41.99 -23.10 69.91
N UNK B 3022 -41.74 -23.10 68.61
CA UNK B 3022 -41.20 -24.30 68.01
C UNK B 3022 -39.84 -24.53 68.67
N UNK B 3023 -39.05 -23.47 68.78
CA UNK B 3023 -37.71 -23.60 69.36
C UNK B 3023 -37.70 -24.00 70.83
N UNK B 3024 -38.55 -23.35 71.61
CA UNK B 3024 -38.62 -23.64 73.03
C UNK B 3024 -39.06 -25.08 73.16
N UNK B 3025 -40.01 -25.44 72.31
CA UNK B 3025 -40.60 -26.75 72.39
C UNK B 3025 -39.52 -27.77 72.13
N UNK B 3026 -38.69 -27.49 71.13
CA UNK B 3026 -37.62 -28.39 70.74
C UNK B 3026 -36.61 -28.55 71.86
N UNK B 3027 -36.26 -27.45 72.52
CA UNK B 3027 -35.30 -27.55 73.60
C UNK B 3027 -35.88 -28.42 74.70
N UNK B 3028 -37.15 -28.20 75.01
CA UNK B 3028 -37.79 -28.92 76.08
C UNK B 3028 -37.79 -30.40 75.72
N UNK B 3029 -38.08 -30.68 74.47
CA UNK B 3029 -38.19 -32.05 73.99
C UNK B 3029 -36.85 -32.73 74.10
N UNK B 3030 -35.79 -32.02 73.75
CA UNK B 3030 -34.45 -32.59 73.82
C UNK B 3030 -34.12 -32.94 75.26
N UNK B 3031 -34.44 -32.04 76.18
CA UNK B 3031 -34.13 -32.31 77.57
C UNK B 3031 -34.90 -33.54 78.03
N UNK B 3032 -36.16 -33.62 77.62
CA UNK B 3032 -37.02 -34.71 78.03
C UNK B 3032 -36.49 -36.03 77.50
N UNK B 3033 -36.02 -36.01 76.26
CA UNK B 3033 -35.47 -37.19 75.61
C UNK B 3033 -34.22 -37.66 76.33
N UNK B 3034 -33.39 -36.71 76.73
CA UNK B 3034 -32.18 -37.07 77.45
C UNK B 3034 -32.59 -37.73 78.76
N UNK B 3035 -33.62 -37.19 79.40
CA UNK B 3035 -34.09 -37.73 80.67
C UNK B 3035 -34.60 -39.16 80.47
N UNK B 3036 -35.34 -39.38 79.39
CA UNK B 3036 -35.90 -40.69 79.10
C UNK B 3036 -34.78 -41.68 78.87
N UNK B 3037 -33.76 -41.22 78.16
CA UNK B 3037 -32.63 -42.05 77.80
C UNK B 3037 -31.33 -41.40 78.29
N UNK B 3038 -43.94 -42.41 74.22
CA UNK B 3038 -44.76 -42.63 73.03
C UNK B 3038 -45.43 -41.32 72.60
N UNK B 3039 -46.36 -40.85 73.42
CA UNK B 3039 -47.10 -39.63 73.11
C UNK B 3039 -46.09 -38.51 73.02
N UNK B 3040 -45.10 -38.55 73.91
CA UNK B 3040 -44.07 -37.54 73.89
C UNK B 3040 -43.37 -37.64 72.54
N UNK B 3041 -43.17 -38.86 72.06
CA UNK B 3041 -42.50 -39.08 70.79
C UNK B 3041 -43.26 -38.50 69.59
N UNK B 3042 -44.58 -38.65 69.61
CA UNK B 3042 -45.46 -38.07 68.59
C UNK B 3042 -45.42 -36.54 68.64
N UNK B 3043 -45.39 -36.04 69.86
CA UNK B 3043 -45.34 -34.61 70.08
C UNK B 3043 -44.04 -34.16 69.46
N UNK B 3044 -43.02 -34.99 69.63
CA UNK B 3044 -41.69 -34.79 69.13
C UNK B 3044 -41.62 -34.76 67.61
N UNK B 3045 -42.39 -35.61 66.93
CA UNK B 3045 -42.55 -35.55 65.47
C UNK B 3045 -43.23 -34.26 64.99
N UNK B 3046 -44.25 -33.85 65.74
CA UNK B 3046 -44.90 -32.59 65.42
C UNK B 3046 -43.82 -31.53 65.56
N UNK B 3047 -42.98 -31.74 66.56
CA UNK B 3047 -41.83 -30.93 66.94
C UNK B 3047 -40.73 -30.84 65.88
N UNK B 3048 -40.46 -31.93 65.16
CA UNK B 3048 -39.59 -31.97 63.99
C UNK B 3048 -40.15 -31.14 62.85
N UNK B 3049 -41.47 -31.21 62.69
CA UNK B 3049 -42.10 -30.30 61.73
C UNK B 3049 -41.84 -28.88 62.20
N UNK B 3050 -41.95 -28.72 63.51
CA UNK B 3050 -41.75 -27.46 64.19
C UNK B 3050 -40.32 -26.97 64.02
N UNK B 3051 -39.40 -27.93 63.92
CA UNK B 3051 -37.96 -27.81 63.62
C UNK B 3051 -37.60 -27.34 62.20
N UNK B 3052 -38.36 -27.80 61.21
CA UNK B 3052 -38.25 -27.18 59.90
C UNK B 3052 -38.70 -25.74 60.10
N UNK B 3053 -39.72 -25.60 60.93
CA UNK B 3053 -40.27 -24.29 61.28
C UNK B 3053 -39.18 -23.47 61.95
N UNK B 3054 -38.35 -24.14 62.73
CA UNK B 3054 -37.18 -23.65 63.46
C UNK B 3054 -36.06 -23.18 62.57
N UNK B 3055 -35.82 -23.88 61.48
CA UNK B 3055 -34.86 -23.40 60.50
C UNK B 3055 -35.41 -22.09 60.01
N UNK B 3056 -36.73 -22.07 59.79
CA UNK B 3056 -37.38 -20.84 59.37
C UNK B 3056 -37.25 -19.71 60.41
N UNK B 3057 -37.38 -20.09 61.67
CA UNK B 3057 -37.29 -19.19 62.80
C UNK B 3057 -35.89 -18.62 62.87
N UNK B 3058 -34.92 -19.45 62.56
CA UNK B 3058 -33.52 -19.09 62.51
C UNK B 3058 -33.29 -18.06 61.44
N UNK B 3059 -33.94 -18.24 60.30
CA UNK B 3059 -33.88 -17.25 59.23
C UNK B 3059 -34.48 -15.94 59.71
N UNK B 3060 -35.56 -16.05 60.46
CA UNK B 3060 -36.24 -14.90 61.05
C UNK B 3060 -35.31 -14.17 62.02
N UNK B 3061 -34.55 -14.95 62.77
CA UNK B 3061 -33.58 -14.47 63.73
C UNK B 3061 -32.46 -13.72 63.00
N UNK B 3062 -32.06 -14.27 61.86
CA UNK B 3062 -31.03 -13.63 61.07
C UNK B 3062 -31.58 -12.28 60.65
N UNK B 3063 -32.85 -12.27 60.28
CA UNK B 3063 -33.51 -11.05 59.87
C UNK B 3063 -33.54 -10.01 60.98
N UNK B 3064 -33.86 -10.44 62.19
CA UNK B 3064 -33.95 -9.53 63.33
C UNK B 3064 -34.61 -10.20 64.53
N UNK B 3065 -34.07 -7.39 73.10
CA UNK B 3065 -35.52 -7.41 73.26
C UNK B 3065 -36.03 -8.83 73.48
N UNK B 3066 -37.26 -8.94 73.95
CA UNK B 3066 -37.80 -10.25 74.25
C UNK B 3066 -37.91 -11.13 73.02
N UNK B 3067 -38.40 -10.60 71.92
CA UNK B 3067 -38.61 -11.43 70.74
C UNK B 3067 -37.29 -11.96 70.25
N UNK B 3068 -36.30 -11.08 70.17
CA UNK B 3068 -35.00 -11.47 69.67
C UNK B 3068 -34.41 -12.51 70.60
N UNK B 3069 -34.57 -12.26 71.89
CA UNK B 3069 -33.95 -13.11 72.88
C UNK B 3069 -34.54 -14.50 72.74
N UNK B 3070 -35.86 -14.54 72.59
CA UNK B 3070 -36.56 -15.80 72.54
C UNK B 3070 -36.08 -16.55 71.31
N UNK B 3071 -35.97 -15.86 70.19
CA UNK B 3071 -35.59 -16.54 68.97
C UNK B 3071 -34.20 -17.14 69.11
N UNK B 3072 -33.29 -16.37 69.67
CA UNK B 3072 -31.92 -16.86 69.79
C UNK B 3072 -31.85 -18.07 70.71
N UNK B 3073 -32.59 -17.98 71.82
CA UNK B 3073 -32.52 -19.02 72.81
C UNK B 3073 -33.03 -20.26 72.13
N UNK B 3074 -34.12 -20.08 71.39
CA UNK B 3074 -34.79 -21.22 70.81
C UNK B 3074 -33.84 -21.89 69.85
N UNK B 3075 -33.17 -21.10 69.02
CA UNK B 3075 -32.30 -21.70 68.02
C UNK B 3075 -31.17 -22.49 68.68
N UNK B 3076 -30.55 -21.90 69.69
CA UNK B 3076 -29.43 -22.60 70.30
C UNK B 3076 -29.92 -23.90 70.91
N UNK B 3077 -31.04 -23.79 71.60
CA UNK B 3077 -31.53 -24.90 72.37
C UNK B 3077 -31.84 -26.00 71.39
N UNK B 3078 -32.45 -25.62 70.28
CA UNK B 3078 -32.90 -26.58 69.29
C UNK B 3078 -31.76 -27.33 68.65
N UNK B 3079 -30.69 -26.61 68.31
CA UNK B 3079 -29.58 -27.30 67.68
C UNK B 3079 -29.03 -28.29 68.68
N UNK B 3080 -28.89 -27.82 69.91
CA UNK B 3080 -28.26 -28.65 70.92
C UNK B 3080 -29.11 -29.89 71.09
N UNK B 3081 -30.41 -29.68 71.11
CA UNK B 3081 -31.40 -30.71 71.34
C UNK B 3081 -31.41 -31.75 70.25
N UNK B 3082 -31.28 -31.33 69.00
CA UNK B 3082 -31.20 -32.26 67.88
C UNK B 3082 -29.96 -33.13 67.98
N UNK B 3083 -28.85 -32.50 68.35
CA UNK B 3083 -27.63 -33.27 68.49
C UNK B 3083 -27.90 -34.29 69.59
N UNK B 3084 -28.55 -33.81 70.63
CA UNK B 3084 -28.79 -34.59 71.81
C UNK B 3084 -29.63 -35.77 71.41
N UNK B 3085 -30.60 -35.54 70.56
CA UNK B 3085 -31.52 -36.55 70.06
C UNK B 3085 -30.88 -37.66 69.25
N UNK B 3086 -29.93 -37.33 68.37
CA UNK B 3086 -29.20 -38.41 67.69
C UNK B 3086 -28.38 -39.19 68.73
N UNK B 3087 -27.76 -38.39 69.57
CA UNK B 3087 -26.90 -38.94 70.59
C UNK B 3087 -27.75 -39.82 71.50
N UNK B 3088 -29.05 -39.54 71.49
CA UNK B 3088 -30.03 -40.07 72.41
C UNK B 3088 -30.92 -41.15 71.81
N UNK B 3089 -30.78 -41.40 70.52
CA UNK B 3089 -31.03 -42.71 69.95
C UNK B 3089 -29.93 -43.55 70.57
N UNK B 3090 -28.72 -42.97 70.61
CA UNK B 3090 -27.67 -43.66 71.35
C UNK B 3090 -28.12 -43.74 72.81
N UNK B 3091 -28.80 -42.70 73.29
CA UNK B 3091 -29.26 -42.62 74.66
C UNK B 3091 -30.30 -43.68 74.96
N UNK B 3092 -31.16 -43.97 74.00
CA UNK B 3092 -32.16 -45.01 74.13
C UNK B 3092 -31.46 -46.33 74.26
N UNK B 3093 -30.41 -46.52 73.47
CA UNK B 3093 -29.65 -47.77 73.61
C UNK B 3093 -29.07 -47.85 75.03
N UNK B 3094 -28.56 -46.72 75.51
CA UNK B 3094 -27.96 -46.66 76.84
C UNK B 3094 -29.00 -46.94 77.92
N UNK B 3095 -30.20 -46.42 77.70
CA UNK B 3095 -31.33 -46.57 78.61
C UNK B 3095 -31.72 -48.02 78.68
N UNK B 3096 -31.70 -48.69 77.54
CA UNK B 3096 -32.02 -50.10 77.48
C UNK B 3096 -30.98 -50.84 78.31
N UNK B 3097 -29.73 -50.43 78.18
CA UNK B 3097 -28.67 -51.06 78.95
C UNK B 3097 -28.90 -50.86 80.45
N UNK B 3098 -29.29 -49.65 80.85
CA UNK B 3098 -29.56 -49.35 82.25
C UNK B 3098 -30.70 -50.19 82.77
N UNK B 3099 -31.72 -50.34 81.94
CA UNK B 3099 -32.91 -51.11 82.28
C UNK B 3099 -32.55 -52.56 82.50
N UNK B 3100 -31.64 -53.07 81.66
CA UNK B 3100 -31.20 -54.44 81.77
C UNK B 3100 -30.84 -54.77 83.22
N UNK B 3101 -11.06 -49.69 68.93
CA UNK B 3101 -12.22 -48.84 69.16
C UNK B 3101 -13.42 -49.33 68.36
N UNK B 3102 -13.36 -49.16 67.04
CA UNK B 3102 -14.44 -49.60 66.17
C UNK B 3102 -14.59 -51.10 66.28
N UNK B 3103 -13.45 -51.79 66.36
CA UNK B 3103 -13.44 -53.23 66.53
C UNK B 3103 -14.09 -53.61 67.84
N UNK B 3104 -13.80 -52.84 68.88
CA UNK B 3104 -14.38 -53.08 70.19
C UNK B 3104 -15.89 -52.94 70.11
N UNK B 3105 -16.33 -51.94 69.36
CA UNK B 3105 -17.75 -51.68 69.13
C UNK B 3105 -18.42 -52.83 68.39
N UNK B 3106 -17.71 -53.39 67.41
CA UNK B 3106 -18.22 -54.54 66.67
C UNK B 3106 -18.38 -55.71 67.63
N UNK B 3107 -17.40 -55.85 68.53
CA UNK B 3107 -17.44 -56.90 69.53
C UNK B 3107 -18.65 -56.71 70.44
N UNK B 3108 -18.92 -55.47 70.81
CA UNK B 3108 -20.06 -55.14 71.64
C UNK B 3108 -21.36 -55.49 70.93
N UNK B 3109 -21.39 -55.22 69.63
CA UNK B 3109 -22.55 -55.54 68.81
C UNK B 3109 -22.78 -57.03 68.81
N UNK B 3110 -21.68 -57.78 68.71
CA UNK B 3110 -21.74 -59.23 68.74
C UNK B 3110 -22.28 -59.72 70.09
N UNK B 3111 -21.83 -59.08 71.16
CA UNK B 3111 -22.26 -59.46 72.50
C UNK B 3111 -23.72 -59.08 72.74
N UNK B 3112 -36.09 -52.92 73.10
CA UNK B 3112 -34.69 -53.14 72.80
C UNK B 3112 -34.39 -52.79 71.34
N UNK B 3113 -34.21 -53.80 70.50
CA UNK B 3113 -34.00 -53.60 69.08
C UNK B 3113 -35.24 -52.94 68.49
N UNK B 3114 -36.40 -53.38 68.96
CA UNK B 3114 -37.67 -52.81 68.57
C UNK B 3114 -37.77 -51.36 69.01
N UNK B 3115 -37.26 -51.06 70.20
CA UNK B 3115 -37.24 -49.71 70.71
C UNK B 3115 -36.39 -48.84 69.80
N UNK B 3116 -35.28 -49.41 69.34
CA UNK B 3116 -34.38 -48.75 68.41
C UNK B 3116 -35.09 -48.47 67.09
N UNK B 3117 -35.88 -49.43 66.63
CA UNK B 3117 -36.65 -49.27 65.41
C UNK B 3117 -37.66 -48.13 65.59
N UNK B 3118 -38.25 -48.06 66.77
CA UNK B 3118 -39.21 -47.01 67.10
C UNK B 3118 -38.54 -45.66 67.06
N UNK B 3119 -37.31 -45.61 67.58
CA UNK B 3119 -36.53 -44.39 67.58
C UNK B 3119 -36.23 -43.96 66.15
N UNK B 3120 -35.91 -44.95 65.31
CA UNK B 3120 -35.64 -44.69 63.91
C UNK B 3120 -36.89 -44.10 63.26
N UNK B 3121 -38.04 -44.64 63.62
CA UNK B 3121 -39.32 -44.16 63.11
C UNK B 3121 -39.56 -42.73 63.52
N UNK B 3122 -39.23 -42.41 64.77
CA UNK B 3122 -39.37 -41.05 65.26
C UNK B 3122 -38.46 -40.10 64.48
N UNK B 3123 -37.26 -40.58 64.17
CA UNK B 3123 -36.31 -39.79 63.37
C UNK B 3123 -36.84 -39.55 61.97
N UNK B 3124 -37.47 -40.57 61.40
CA UNK B 3124 -37.99 -40.48 60.04
C UNK B 3124 -36.86 -40.60 59.02
N UNK B 3125 -27.88 -37.87 54.70
CA UNK B 3125 -28.25 -36.46 54.89
C UNK B 3125 -27.42 -35.83 55.99
N UNK B 3126 -26.62 -36.63 56.69
CA UNK B 3126 -25.85 -36.12 57.81
C UNK B 3126 -24.81 -35.05 57.49
N UNK B 3127 -24.00 -35.23 56.45
CA UNK B 3127 -22.96 -34.25 56.11
C UNK B 3127 -23.47 -32.89 55.64
N UNK B 3128 -24.50 -32.92 54.80
CA UNK B 3128 -25.19 -31.73 54.35
C UNK B 3128 -25.87 -31.08 55.54
N UNK B 3129 -26.39 -31.94 56.41
CA UNK B 3129 -27.09 -31.48 57.60
C UNK B 3129 -26.08 -30.71 58.40
N UNK B 3130 -24.87 -31.24 58.40
CA UNK B 3130 -23.68 -30.69 59.06
C UNK B 3130 -23.25 -29.33 58.52
N UNK B 3131 -23.33 -29.15 57.20
CA UNK B 3131 -23.13 -27.82 56.58
C UNK B 3131 -24.21 -26.81 57.00
N UNK B 3132 -25.44 -27.30 57.07
CA UNK B 3132 -26.53 -26.48 57.55
C UNK B 3132 -26.20 -26.11 58.99
N UNK B 3133 -25.61 -27.09 59.66
CA UNK B 3133 -25.17 -27.02 61.04
C UNK B 3133 -24.10 -25.98 61.23
N UNK B 3134 -23.20 -25.87 60.26
CA UNK B 3134 -22.18 -24.85 60.24
C UNK B 3134 -22.82 -23.48 60.13
N UNK B 3135 -23.84 -23.36 59.29
CA UNK B 3135 -24.55 -22.08 59.23
C UNK B 3135 -25.16 -21.77 60.60
N UNK B 3136 -25.71 -22.81 61.21
CA UNK B 3136 -26.34 -22.69 62.52
C UNK B 3136 -25.33 -22.26 63.56
N UNK B 3137 -24.13 -22.82 63.44
CA UNK B 3137 -23.00 -22.56 64.32
C UNK B 3137 -22.55 -21.13 64.21
N UNK B 3138 -22.57 -20.60 63.00
CA UNK B 3138 -22.25 -19.20 62.79
C UNK B 3138 -23.29 -18.35 63.51
N UNK B 3139 -24.55 -18.77 63.40
CA UNK B 3139 -25.61 -18.05 64.11
C UNK B 3139 -25.38 -18.11 65.63
N UNK B 3140 -24.92 -19.26 66.09
CA UNK B 3140 -24.60 -19.53 67.48
C UNK B 3140 -23.46 -18.65 67.99
N UNK B 3141 -22.47 -18.44 67.13
CA UNK B 3141 -21.35 -17.56 67.40
C UNK B 3141 -21.88 -16.15 67.54
N UNK B 3142 -22.83 -15.81 66.70
CA UNK B 3142 -23.46 -14.51 66.77
C UNK B 3142 -24.16 -14.38 68.12
N UNK B 3143 -24.78 -15.45 68.56
CA UNK B 3143 -25.49 -15.50 69.83
C UNK B 3143 -24.61 -15.41 71.09
N UNK B 3144 -25.29 -16.20 71.41
CA UNK B 3144 -24.97 -16.27 72.81
C UNK B 3144 -24.11 -15.08 73.09
N UNK B 3145 -27.82 -18.21 75.00
CA UNK B 3145 -27.76 -17.88 76.42
C UNK B 3145 -26.63 -18.64 77.11
N UNK B 3146 -26.55 -18.51 78.43
CA UNK B 3146 -25.63 -19.32 79.21
C UNK B 3146 -25.99 -20.76 78.88
N UNK B 3147 -27.28 -20.98 78.71
CA UNK B 3147 -27.81 -22.26 78.27
C UNK B 3147 -27.24 -22.55 76.89
N UNK B 3148 -27.12 -21.52 76.07
CA UNK B 3148 -26.57 -21.69 74.73
C UNK B 3148 -25.13 -22.20 74.81
N UNK B 3149 -24.36 -21.64 75.75
CA UNK B 3149 -22.98 -22.08 75.95
C UNK B 3149 -22.91 -23.53 76.42
N UNK B 3150 -23.83 -23.89 77.32
CA UNK B 3150 -23.88 -25.25 77.83
C UNK B 3150 -24.18 -26.19 76.67
N UNK B 3151 -25.06 -25.75 75.80
CA UNK B 3151 -25.46 -26.49 74.61
C UNK B 3151 -24.29 -26.67 73.64
N UNK B 3152 -23.45 -25.65 73.51
CA UNK B 3152 -22.22 -25.75 72.71
C UNK B 3152 -21.28 -26.78 73.31
N UNK B 3153 -21.22 -26.80 74.63
CA UNK B 3153 -20.42 -27.80 75.33
C UNK B 3153 -20.98 -29.17 75.01
N UNK B 3154 -22.30 -29.24 74.96
CA UNK B 3154 -23.05 -30.44 74.60
C UNK B 3154 -22.78 -30.90 73.18
N UNK B 3155 -22.65 -29.95 72.26
CA UNK B 3155 -22.35 -30.24 70.88
C UNK B 3155 -20.98 -30.87 70.88
N UNK B 3156 -20.09 -30.32 71.68
CA UNK B 3156 -18.74 -30.87 71.78
C UNK B 3156 -18.80 -32.31 72.30
N UNK B 3157 -19.64 -32.55 73.29
CA UNK B 3157 -19.82 -33.89 73.87
C UNK B 3157 -20.37 -34.88 72.84
N UNK B 3158 -21.30 -34.42 72.02
CA UNK B 3158 -21.86 -35.23 70.95
C UNK B 3158 -20.79 -35.57 69.94
N UNK B 3159 -19.95 -34.59 69.63
CA UNK B 3159 -18.88 -34.76 68.67
C UNK B 3159 -18.03 -35.86 69.24
N UNK B 3160 -17.86 -35.83 70.56
CA UNK B 3160 -17.27 -36.93 71.30
C UNK B 3160 -18.21 -38.12 71.28
N UNK B 3161 -24.40 -46.63 62.42
CA UNK B 3161 -23.33 -47.61 62.51
C UNK B 3161 -21.96 -46.98 62.29
N UNK B 3162 -21.04 -47.73 61.70
CA UNK B 3162 -19.67 -47.25 61.50
C UNK B 3162 -19.64 -46.03 60.60
N UNK B 3163 -20.43 -46.07 59.54
CA UNK B 3163 -20.48 -44.95 58.62
C UNK B 3163 -20.99 -43.74 59.38
N UNK B 3164 -21.97 -43.96 60.24
CA UNK B 3164 -22.55 -42.87 61.01
C UNK B 3164 -21.51 -42.24 61.92
N UNK B 3165 -20.72 -43.08 62.58
CA UNK B 3165 -19.68 -42.57 63.48
C UNK B 3165 -18.66 -41.75 62.69
N UNK B 3166 -18.32 -42.24 61.50
CA UNK B 3166 -17.36 -41.53 60.66
C UNK B 3166 -17.90 -40.17 60.24
N UNK B 3167 -19.19 -40.13 59.91
CA UNK B 3167 -19.81 -38.90 59.50
C UNK B 3167 -19.74 -37.94 60.66
N UNK B 3168 -20.02 -38.42 61.86
CA UNK B 3168 -19.99 -37.54 63.02
C UNK B 3168 -18.60 -36.96 63.25
N UNK B 3169 -17.58 -37.80 63.11
CA UNK B 3169 -16.22 -37.32 63.31
C UNK B 3169 -15.85 -36.26 62.28
N UNK B 3170 -16.30 -36.48 61.04
CA UNK B 3170 -16.05 -35.54 59.96
C UNK B 3170 -16.73 -34.22 60.23
N UNK B 3171 -17.94 -34.32 60.78
CA UNK B 3171 -18.74 -33.16 61.11
C UNK B 3171 -17.96 -32.41 62.15
N UNK B 3172 -17.38 -33.16 63.06
CA UNK B 3172 -16.59 -32.61 64.15
C UNK B 3172 -15.35 -31.86 63.65
N UNK B 3173 -14.67 -32.41 62.65
CA UNK B 3173 -13.52 -31.73 62.04
C UNK B 3173 -13.94 -30.43 61.35
N UNK B 3174 -15.09 -30.50 60.68
CA UNK B 3174 -15.58 -29.33 59.99
C UNK B 3174 -15.84 -28.29 61.06
N UNK B 3175 -16.40 -28.79 62.15
CA UNK B 3175 -16.84 -27.96 63.24
C UNK B 3175 -15.62 -27.28 63.75
N UNK B 3176 -14.53 -28.01 63.84
CA UNK B 3176 -13.24 -27.52 64.30
C UNK B 3176 -12.59 -26.42 63.45
N UNK B 3177 -12.65 -26.49 62.12
CA UNK B 3177 -12.22 -25.32 61.33
C UNK B 3177 -13.15 -24.12 61.57
N UNK B 3178 -14.42 -24.47 61.54
CA UNK B 3178 -15.43 -23.46 61.75
C UNK B 3178 -15.23 -22.92 63.16
N UNK B 3179 -14.45 -23.63 63.96
CA UNK B 3179 -14.29 -23.43 65.38
C UNK B 3179 -12.92 -22.96 65.80
N UNK B 3180 -12.04 -22.75 64.84
CA UNK B 3180 -11.08 -21.68 64.84
C UNK B 3180 -11.96 -20.44 64.79
N UNK B 3181 -12.99 -20.52 63.92
CA UNK B 3181 -13.99 -19.47 64.03
C UNK B 3181 -14.67 -19.56 65.42
N UNK B 3182 -14.85 -20.78 65.93
CA UNK B 3182 -15.46 -20.95 67.24
C UNK B 3182 -14.57 -20.41 68.32
N UNK B 3183 -13.27 -20.44 68.09
CA UNK B 3183 -12.30 -19.93 69.03
C UNK B 3183 -12.53 -18.45 69.13
N UNK B 3184 -12.71 -17.80 67.99
CA UNK B 3184 -12.97 -16.37 68.06
C UNK B 3184 -14.24 -16.18 68.87
N UNK B 3185 -15.24 -17.00 68.57
CA UNK B 3185 -16.53 -16.87 69.23
C UNK B 3185 -16.47 -17.06 70.74
N UNK B 3186 -15.68 -18.05 71.16
CA UNK B 3186 -15.47 -18.43 72.55
C UNK B 3186 -14.76 -17.34 73.31
N UNK B 3187 -13.81 -16.70 72.64
CA UNK B 3187 -13.10 -15.61 73.28
C UNK B 3187 -14.16 -14.57 73.54
N UNK B 3188 -15.03 -14.38 72.56
CA UNK B 3188 -16.10 -13.40 72.70
C UNK B 3188 -17.02 -13.75 73.87
N UNK B 3189 -17.36 -15.03 74.00
CA UNK B 3189 -18.23 -15.49 75.08
C UNK B 3189 -17.61 -15.27 76.45
N UNK B 3190 -16.32 -15.53 76.56
CA UNK B 3190 -15.66 -15.43 77.85
C UNK B 3190 -14.50 -14.44 77.78
N UNK B 3191 -18.61 -18.35 83.30
CA UNK B 3191 -19.58 -19.24 82.68
C UNK B 3191 -19.14 -19.65 81.28
N UNK B 3192 -18.92 -18.66 80.42
CA UNK B 3192 -18.47 -18.91 79.06
C UNK B 3192 -17.13 -19.60 79.15
N UNK B 3193 -16.32 -19.09 80.07
CA UNK B 3193 -15.01 -19.66 80.32
C UNK B 3193 -15.20 -21.08 80.80
N UNK B 3194 -16.22 -21.30 81.61
CA UNK B 3194 -16.48 -22.62 82.15
C UNK B 3194 -16.77 -23.61 81.03
N UNK B 3195 -17.56 -23.17 80.07
CA UNK B 3195 -17.89 -24.01 78.94
C UNK B 3195 -16.64 -24.31 78.12
N UNK B 3196 -15.80 -23.30 77.93
CA UNK B 3196 -14.58 -23.52 77.17
C UNK B 3196 -13.72 -24.55 77.87
N UNK B 3197 -13.65 -24.43 79.19
CA UNK B 3197 -12.85 -25.32 80.02
C UNK B 3197 -13.36 -26.75 79.93
N UNK B 3198 -14.67 -26.89 79.95
CA UNK B 3198 -15.29 -28.20 79.85
C UNK B 3198 -14.97 -28.83 78.51
N UNK B 3199 -15.01 -28.02 77.45
CA UNK B 3199 -14.69 -28.51 76.12
C UNK B 3199 -13.24 -28.99 76.07
N UNK B 3200 -12.37 -28.23 76.72
CA UNK B 3200 -10.97 -28.58 76.78
C UNK B 3200 -10.79 -29.90 77.50
N UNK B 3201 -11.56 -30.08 78.56
CA UNK B 3201 -11.54 -31.31 79.35
C UNK B 3201 -11.99 -32.49 78.51
N UNK B 3202 -13.03 -32.29 77.70
CA UNK B 3202 -13.52 -33.34 76.83
C UNK B 3202 -12.43 -33.72 75.84
N UNK B 3203 -11.76 -32.70 75.32
CA UNK B 3203 -10.67 -32.91 74.37
C UNK B 3203 -10.29 -31.58 73.74
N UNK B 3204 -7.79 -33.23 67.50
CA UNK B 3204 -7.84 -31.78 67.37
C UNK B 3204 -6.88 -31.15 68.36
N UNK B 3205 -5.65 -31.65 68.36
CA UNK B 3205 -4.68 -31.25 69.35
C UNK B 3205 -4.34 -29.75 69.34
N UNK B 3206 -4.16 -29.19 68.15
CA UNK B 3206 -3.79 -27.78 68.03
C UNK B 3206 -4.90 -26.84 68.52
N UNK B 3207 -6.12 -27.17 68.13
CA UNK B 3207 -7.27 -26.40 68.53
C UNK B 3207 -7.32 -26.50 70.02
N UNK B 3208 -7.05 -27.70 70.50
CA UNK B 3208 -7.15 -27.97 71.91
C UNK B 3208 -6.16 -27.09 72.64
N UNK B 3209 -4.95 -26.99 72.13
CA UNK B 3209 -3.92 -26.18 72.75
C UNK B 3209 -4.29 -24.70 72.80
N UNK B 3210 -4.83 -24.17 71.71
CA UNK B 3210 -5.21 -22.75 71.73
C UNK B 3210 -6.31 -22.51 72.74
N UNK B 3211 -7.25 -23.45 72.75
CA UNK B 3211 -8.41 -23.35 73.61
C UNK B 3211 -7.91 -23.38 75.04
N UNK B 3212 -6.89 -24.20 75.27
CA UNK B 3212 -6.24 -24.39 76.55
C UNK B 3212 -5.54 -23.14 77.05
N UNK B 3213 -4.88 -22.43 76.15
CA UNK B 3213 -4.28 -21.16 76.54
C UNK B 3213 -5.42 -20.26 77.00
N UNK B 3214 -6.51 -20.27 76.25
CA UNK B 3214 -7.64 -19.42 76.63
C UNK B 3214 -8.16 -19.81 78.02
N UNK B 3215 -8.24 -21.11 78.26
CA UNK B 3215 -8.74 -21.68 79.51
C UNK B 3215 -7.86 -21.31 80.68
N UNK B 3216 -6.56 -21.32 80.42
CA UNK B 3216 -5.56 -20.96 81.40
C UNK B 3216 -5.74 -19.50 81.78
N UNK B 3217 -5.98 -18.66 80.78
CA UNK B 3217 -6.19 -17.25 81.06
C UNK B 3217 -7.38 -17.18 81.97
N UNK B 3218 -8.37 -18.00 81.66
CA UNK B 3218 -9.52 -18.17 82.53
C UNK B 3218 -9.21 -18.86 83.85
N UNK B 3219 -10.61 -20.78 88.29
CA UNK B 3219 -9.47 -21.67 88.11
C UNK B 3219 -9.79 -23.08 88.57
N UNK B 3220 -10.90 -23.23 89.29
CA UNK B 3220 -11.31 -24.55 89.76
C UNK B 3220 -11.62 -25.44 88.56
N UNK B 3221 -12.30 -24.87 87.57
CA UNK B 3221 -12.63 -25.62 86.37
C UNK B 3221 -11.36 -26.03 85.65
N UNK B 3222 -10.39 -25.12 85.59
CA UNK B 3222 -9.13 -25.41 84.92
C UNK B 3222 -8.43 -26.56 85.63
N UNK B 3223 -8.49 -26.54 86.96
CA UNK B 3223 -7.88 -27.59 87.76
C UNK B 3223 -8.55 -28.93 87.49
N UNK B 3224 -9.87 -28.92 87.40
CA UNK B 3224 -10.59 -30.14 87.13
C UNK B 3224 -10.15 -30.66 85.79
N UNK B 3225 -9.97 -29.74 84.85
CA UNK B 3225 -9.54 -30.06 83.50
C UNK B 3225 -8.15 -30.68 83.47
N UNK B 3226 -7.25 -30.14 84.28
CA UNK B 3226 -5.90 -30.67 84.38
C UNK B 3226 -5.97 -32.09 84.90
N UNK B 3227 -6.84 -32.30 85.88
CA UNK B 3227 -7.02 -33.62 86.46
C UNK B 3227 -7.56 -34.61 85.42
N UNK B 3228 -8.48 -34.12 84.60
CA UNK B 3228 -9.07 -34.91 83.54
C UNK B 3228 -7.99 -35.29 82.56
N UNK B 3229 -7.11 -34.35 82.29
CA UNK B 3229 -5.99 -34.56 81.40
C UNK B 3229 -5.09 -35.64 81.94
N UNK B 3230 -4.85 -35.62 83.24
CA UNK B 3230 -4.02 -36.64 83.86
C UNK B 3230 -4.67 -37.99 83.70
N UNK B 3231 -5.99 -38.03 83.88
CA UNK B 3231 -6.72 -39.29 83.75
C UNK B 3231 -6.58 -39.80 82.32
N UNK B 3232 -6.66 -38.88 81.37
CA UNK B 3232 -6.56 -39.22 79.96
C UNK B 3232 -5.19 -39.79 79.66
N UNK B 3233 -4.16 -39.19 80.24
CA UNK B 3233 -2.80 -39.66 80.03
C UNK B 3233 -2.68 -41.07 80.57
N UNK B 3234 -3.27 -41.31 81.74
CA UNK B 3234 -3.20 -42.64 82.33
C UNK B 3234 -3.88 -43.65 81.42
N UNK B 3235 -5.02 -43.25 80.87
CA UNK B 3235 -5.76 -44.14 79.99
C UNK B 3235 -4.93 -44.47 78.75
N UNK B 3236 -4.26 -43.45 78.23
CA UNK B 3236 -3.44 -43.62 77.04
C UNK B 3236 -2.31 -44.59 77.33
N UNK B 3237 -1.73 -44.46 78.52
CA UNK B 3237 -0.63 -45.34 78.91
C UNK B 3237 0.58 -45.14 78.01
N UNK B 3238 0.32 -39.34 68.87
CA UNK B 3238 -0.46 -39.57 70.07
C UNK B 3238 0.38 -39.29 71.31
N UNK B 3239 1.49 -40.02 71.42
CA UNK B 3239 2.40 -39.90 72.55
C UNK B 3239 2.98 -38.49 72.60
N UNK B 3240 3.23 -37.94 71.42
CA UNK B 3240 3.70 -36.58 71.33
C UNK B 3240 2.60 -35.68 71.89
N UNK B 3241 1.36 -36.05 71.59
CA UNK B 3241 0.23 -35.28 72.07
C UNK B 3241 0.21 -35.30 73.58
N UNK B 3242 0.47 -36.46 74.16
CA UNK B 3242 0.51 -36.63 75.60
C UNK B 3242 1.63 -35.80 76.23
N UNK B 3243 2.78 -35.78 75.57
CA UNK B 3243 3.90 -35.02 76.06
C UNK B 3243 3.53 -33.55 76.07
N UNK B 3244 2.85 -33.12 75.01
CA UNK B 3244 2.43 -31.74 74.88
C UNK B 3244 1.45 -31.40 75.99
N UNK B 3245 0.55 -32.34 76.28
CA UNK B 3245 -0.45 -32.12 77.31
C UNK B 3245 0.28 -31.96 78.62
N UNK B 3246 1.28 -32.78 78.84
CA UNK B 3246 2.01 -32.72 80.10
C UNK B 3246 2.68 -31.37 80.23
N UNK B 3247 3.28 -30.87 79.15
CA UNK B 3247 3.95 -29.59 79.19
C UNK B 3247 2.98 -28.44 79.48
N UNK B 3248 1.82 -28.52 78.85
CA UNK B 3248 0.81 -27.47 79.02
C UNK B 3248 0.38 -27.49 80.46
N UNK B 3249 0.27 -28.70 80.99
CA UNK B 3249 -0.18 -28.91 82.35
C UNK B 3249 0.83 -28.28 83.28
N UNK B 3250 2.10 -28.47 82.98
CA UNK B 3250 3.14 -27.93 83.82
C UNK B 3250 3.05 -26.41 83.82
N UNK B 3251 2.84 -25.80 82.66
CA UNK B 3251 2.76 -24.34 82.62
C UNK B 3251 1.57 -23.86 83.45
N UNK B 3252 0.46 -24.56 83.29
CA UNK B 3252 -0.77 -24.18 83.95
C UNK B 3252 -0.54 -24.27 85.45
N UNK B 3253 0.17 -25.32 85.85
CA UNK B 3253 0.49 -25.60 87.23
C UNK B 3253 1.39 -24.54 87.84
N UNK B 3254 2.35 -24.05 87.07
CA UNK B 3254 3.20 -22.97 87.52
C UNK B 3254 2.36 -21.73 87.77
N UNK B 3255 1.42 -21.48 86.86
CA UNK B 3255 0.53 -20.33 87.04
C UNK B 3255 -0.31 -20.50 88.31
N UNK B 3256 -0.75 -21.73 88.54
CA UNK B 3256 -1.55 -22.08 89.71
C UNK B 3256 -0.77 -21.87 90.99
N UNK B 3257 0.51 -22.20 90.93
CA UNK B 3257 1.42 -22.02 92.04
C UNK B 3257 1.54 -20.55 92.34
N UNK B 3258 1.63 -19.75 91.30
CA UNK B 3258 1.70 -18.31 91.51
C UNK B 3258 0.43 -17.88 92.21
N UNK B 3259 -0.68 -18.46 91.74
CA UNK B 3259 -2.02 -18.05 92.09
C UNK B 3259 -2.32 -18.20 93.57
N UNK B 3260 -1.82 -19.28 94.16
CA UNK B 3260 -2.10 -19.60 95.56
C UNK B 3260 -3.45 -20.27 95.71
N UNK B 3261 -6.12 -21.66 94.62
CA UNK B 3261 -6.25 -21.55 96.07
C UNK B 3261 -5.14 -22.33 96.75
N UNK B 3262 -4.61 -21.75 97.82
CA UNK B 3262 -3.48 -22.35 98.52
C UNK B 3262 -3.93 -23.70 99.04
N UNK B 3263 -5.14 -23.77 99.56
CA UNK B 3263 -5.72 -25.06 99.89
C UNK B 3263 -6.19 -25.85 98.66
N UNK B 3264 -6.79 -25.13 97.73
CA UNK B 3264 -7.25 -25.75 96.50
C UNK B 3264 -6.00 -26.26 95.82
N UNK B 3265 -4.97 -25.44 95.90
CA UNK B 3265 -3.70 -25.76 95.26
C UNK B 3265 -3.11 -27.02 95.86
N UNK B 3266 -3.19 -27.16 97.19
CA UNK B 3266 -2.70 -28.35 97.88
C UNK B 3266 -3.46 -29.62 97.50
N UNK B 3267 -4.79 -29.51 97.37
CA UNK B 3267 -5.56 -30.67 96.95
C UNK B 3267 -5.14 -31.06 95.54
N UNK B 3268 -4.92 -30.03 94.73
CA UNK B 3268 -4.51 -30.18 93.35
C UNK B 3268 -3.16 -30.86 93.30
N UNK B 3269 -2.30 -30.49 94.24
CA UNK B 3269 -0.97 -31.04 94.38
C UNK B 3269 -1.04 -32.51 94.72
N UNK B 3270 -1.98 -32.88 95.58
CA UNK B 3270 -2.15 -34.29 95.89
C UNK B 3270 -2.54 -35.03 94.63
N UNK B 3271 -3.45 -34.42 93.86
CA UNK B 3271 -3.88 -35.06 92.62
C UNK B 3271 -2.70 -35.21 91.67
N UNK B 3272 -1.87 -34.19 91.64
CA UNK B 3272 -0.69 -34.12 90.79
C UNK B 3272 0.32 -35.19 91.16
N UNK B 3273 0.47 -35.42 92.46
CA UNK B 3273 1.38 -36.43 92.96
C UNK B 3273 0.85 -37.77 92.47
N UNK B 3274 -0.46 -37.94 92.55
CA UNK B 3274 -1.01 -39.21 92.09
C UNK B 3274 -0.71 -39.38 90.62
N UNK B 3275 -0.85 -38.30 89.87
CA UNK B 3275 -0.63 -38.34 88.43
C UNK B 3275 0.82 -38.67 88.11
N UNK B 3276 1.73 -38.09 88.87
CA UNK B 3276 3.14 -38.30 88.68
C UNK B 3276 3.46 -39.76 88.94
N UNK B 3277 2.82 -40.30 89.97
CA UNK B 3277 3.04 -41.70 90.33
C UNK B 3277 2.57 -42.58 89.19
N UNK B 3278 1.43 -42.23 88.61
CA UNK B 3278 0.89 -43.01 87.51
C UNK B 3278 1.84 -42.96 86.33
N UNK B 3279 2.41 -41.78 86.08
CA UNK B 3279 3.33 -41.60 84.97
C UNK B 3279 4.55 -42.47 85.19
N UNK B 3280 5.03 -42.49 86.43
CA UNK B 3280 6.21 -43.26 86.78
C UNK B 3280 5.94 -44.73 86.54
N UNK B 3281 4.74 -45.17 86.92
CA UNK B 3281 4.37 -46.55 86.76
C UNK B 3281 4.35 -46.90 85.27
N UNK B 3282 3.80 -45.99 84.47
CA UNK B 3282 3.71 -46.23 83.04
C UNK B 3282 5.10 -46.38 82.47
N UNK B 3283 5.99 -45.50 82.94
CA UNK B 3283 7.37 -45.45 82.47
C UNK B 3283 7.94 -44.08 82.83
N UNK B 3284 10.26 -38.58 77.77
CA UNK B 3284 11.12 -39.00 78.87
C UNK B 3284 11.55 -37.84 79.74
N UNK B 3285 12.45 -37.01 79.20
CA UNK B 3285 13.07 -35.96 79.98
C UNK B 3285 12.03 -34.99 80.50
N UNK B 3286 11.08 -34.64 79.64
CA UNK B 3286 10.03 -33.73 80.05
C UNK B 3286 9.24 -34.35 81.18
N UNK B 3287 9.01 -35.66 81.08
CA UNK B 3287 8.25 -36.37 82.10
C UNK B 3287 8.97 -36.31 83.44
N UNK B 3288 10.29 -36.47 83.40
CA UNK B 3288 11.11 -36.39 84.61
C UNK B 3288 11.04 -34.99 85.20
N UNK B 3289 11.06 -33.99 84.34
CA UNK B 3289 10.97 -32.60 84.78
C UNK B 3289 9.63 -32.40 85.49
N UNK B 3290 8.59 -33.01 84.94
CA UNK B 3290 7.25 -33.00 85.51
C UNK B 3290 7.17 -33.67 86.88
N UNK B 3291 7.88 -34.79 87.03
CA UNK B 3291 7.95 -35.47 88.31
C UNK B 3291 8.62 -34.56 89.31
N UNK B 3292 9.64 -33.85 88.83
CA UNK B 3292 10.36 -32.91 89.65
C UNK B 3292 9.41 -31.82 90.12
N UNK B 3293 8.55 -31.39 89.19
CA UNK B 3293 7.57 -30.36 89.49
C UNK B 3293 6.63 -30.85 90.57
N UNK B 3294 6.22 -32.11 90.46
CA UNK B 3294 5.34 -32.69 91.46
C UNK B 3294 6.02 -32.72 92.83
N UNK B 3295 7.29 -33.06 92.85
CA UNK B 3295 8.05 -33.11 94.09
C UNK B 3295 8.11 -31.71 94.70
N UNK B 3296 8.32 -30.72 93.85
CA UNK B 3296 8.40 -29.34 94.29
C UNK B 3296 7.08 -28.91 94.90
N UNK B 3297 5.98 -29.32 94.26
CA UNK B 3297 4.65 -28.99 94.74
C UNK B 3297 4.43 -29.61 96.10
N UNK B 3298 4.88 -30.84 96.26
CA UNK B 3298 4.73 -31.52 97.53
C UNK B 3298 5.50 -30.77 98.60
N UNK B 3299 6.70 -30.32 98.24
CA UNK B 3299 7.54 -29.61 99.19
C UNK B 3299 6.86 -28.31 99.59
N UNK B 3300 6.25 -27.64 98.63
CA UNK B 3300 5.57 -26.38 98.89
C UNK B 3300 4.41 -26.61 99.84
N UNK B 3301 3.68 -27.70 99.61
CA UNK B 3301 2.56 -28.03 100.47
C UNK B 3301 3.02 -28.30 101.89
N UNK B 3302 4.14 -29.00 102.01
CA UNK B 3302 4.68 -29.33 103.32
C UNK B 3302 4.97 -28.06 104.12
N UNK B 3303 5.56 -27.08 103.44
CA UNK B 3303 5.88 -25.80 104.05
C UNK B 3303 4.64 -25.14 104.64
N UNK B 3304 29.87 -35.68 99.67
CA UNK B 3304 30.31 -35.37 101.01
C UNK B 3304 30.78 -33.92 101.11
N UNK B 3305 30.47 -33.28 102.23
CA UNK B 3305 30.90 -31.90 102.48
C UNK B 3305 32.42 -31.91 102.48
N UNK B 3306 32.95 -33.01 102.98
CA UNK B 3306 34.37 -33.24 102.96
C UNK B 3306 34.78 -33.27 101.50
N UNK B 3307 33.93 -33.86 100.66
CA UNK B 3307 34.25 -33.96 99.24
C UNK B 3307 34.35 -32.56 98.64
N UNK B 3308 33.42 -31.70 99.01
CA UNK B 3308 33.40 -30.33 98.53
C UNK B 3308 34.66 -29.59 98.98
N UNK B 3309 35.07 -29.85 100.22
CA UNK B 3309 36.29 -29.24 100.76
C UNK B 3309 37.53 -29.69 99.99
N UNK B 3310 37.55 -30.97 99.65
CA UNK B 3310 38.64 -31.56 98.88
C UNK B 3310 38.65 -30.89 97.52
N UNK B 3311 37.46 -30.62 97.00
CA UNK B 3311 37.28 -29.96 95.73
C UNK B 3311 37.84 -28.55 95.78
N UNK B 3312 37.61 -27.87 96.90
CA UNK B 3312 38.14 -26.54 97.11
C UNK B 3312 39.66 -26.60 97.11
N UNK B 3313 40.21 -27.64 97.74
CA UNK B 3313 41.65 -27.81 97.77
C UNK B 3313 42.19 -28.04 96.36
N UNK B 3314 41.47 -28.81 95.58
CA UNK B 3314 41.87 -29.08 94.21
C UNK B 3314 41.87 -27.77 93.43
N UNK B 3315 40.87 -26.95 93.68
CA UNK B 3315 40.73 -25.67 93.00
C UNK B 3315 41.91 -24.78 93.35
N UNK B 3316 42.26 -24.79 94.62
CA UNK B 3316 43.37 -23.97 95.08
C UNK B 3316 44.65 -24.44 94.40
N UNK B 3317 44.79 -25.75 94.28
CA UNK B 3317 45.97 -26.33 93.66
C UNK B 3317 46.05 -25.90 92.21
N UNK B 3318 44.91 -25.91 91.54
CA UNK B 3318 44.86 -25.52 90.14
C UNK B 3318 45.27 -24.06 90.00
N UNK B 3319 44.77 -23.23 90.90
CA UNK B 3319 45.08 -21.81 90.87
C UNK B 3319 46.57 -21.61 91.06
N UNK B 3320 47.15 -22.38 91.98
CA UNK B 3320 48.56 -22.32 92.26
C UNK B 3320 49.40 -22.73 91.05
N UNK B 3321 48.97 -23.78 90.37
CA UNK B 3321 49.69 -24.28 89.22
C UNK B 3321 49.67 -23.15 88.22
N UNK B 3322 48.51 -22.50 88.15
CA UNK B 3322 48.38 -21.27 87.39
C UNK B 3322 49.54 -20.34 87.72
N UNK B 3323 47.22 -29.82 80.65
CA UNK B 3323 47.25 -28.71 79.71
C UNK B 3323 45.89 -27.99 79.65
N UNK B 3324 45.54 -27.49 78.48
CA UNK B 3324 44.31 -26.75 78.32
C UNK B 3324 43.14 -27.65 78.66
N UNK B 3325 43.20 -28.88 78.20
CA UNK B 3325 42.14 -29.83 78.46
C UNK B 3325 42.01 -30.08 79.96
N UNK B 3326 43.15 -30.20 80.65
CA UNK B 3326 43.11 -30.46 82.07
C UNK B 3326 42.42 -29.29 82.76
N UNK B 3327 42.80 -28.09 82.36
CA UNK B 3327 42.24 -26.91 83.00
C UNK B 3327 40.74 -26.91 82.79
N UNK B 3328 40.32 -27.25 81.58
CA UNK B 3328 38.91 -27.29 81.23
C UNK B 3328 38.11 -28.31 82.05
N UNK B 3329 38.69 -29.48 82.26
CA UNK B 3329 38.02 -30.50 83.06
C UNK B 3329 37.86 -29.99 84.48
N UNK B 3330 38.91 -29.34 84.97
CA UNK B 3330 38.85 -28.84 86.33
C UNK B 3330 37.73 -27.84 86.41
N UNK B 3331 37.63 -27.02 85.37
CA UNK B 3331 36.61 -25.97 85.30
C UNK B 3331 35.20 -26.55 85.30
N UNK B 3332 35.01 -27.62 84.55
CA UNK B 3332 33.70 -28.27 84.50
C UNK B 3332 33.34 -28.78 85.88
N UNK B 3333 34.34 -29.34 86.55
CA UNK B 3333 34.10 -29.87 87.88
C UNK B 3333 33.68 -28.72 88.79
N UNK B 3334 34.37 -27.61 88.64
CA UNK B 3334 34.10 -26.46 89.49
C UNK B 3334 32.67 -26.00 89.26
N UNK B 3335 32.25 -25.98 88.01
CA UNK B 3335 30.91 -25.52 87.68
C UNK B 3335 29.87 -26.43 88.29
N UNK B 3336 30.11 -27.73 88.19
CA UNK B 3336 29.12 -28.66 88.68
C UNK B 3336 29.00 -28.41 90.16
N UNK B 3337 30.15 -28.20 90.79
CA UNK B 3337 30.21 -28.00 92.22
C UNK B 3337 29.46 -26.76 92.66
N UNK B 3338 29.62 -25.68 91.92
CA UNK B 3338 28.96 -24.44 92.27
C UNK B 3338 27.48 -24.68 92.18
N UNK B 3339 27.06 -25.36 91.13
CA UNK B 3339 25.64 -25.58 90.94
C UNK B 3339 25.09 -26.38 92.11
N UNK B 3340 25.83 -27.39 92.52
CA UNK B 3340 25.42 -28.28 93.59
C UNK B 3340 25.30 -27.54 94.92
N UNK B 3341 26.25 -26.63 95.18
CA UNK B 3341 26.31 -25.95 96.46
C UNK B 3341 24.95 -25.45 96.94
N UNK B 3342 34.43 -18.79 101.92
CA UNK B 3342 34.72 -19.81 100.94
C UNK B 3342 34.38 -19.29 99.55
N UNK B 3343 33.16 -18.80 99.43
CA UNK B 3343 32.70 -18.26 98.17
C UNK B 3343 33.59 -17.10 97.80
N UNK B 3344 33.97 -16.30 98.79
CA UNK B 3344 34.81 -15.13 98.54
C UNK B 3344 36.18 -15.50 97.99
N UNK B 3345 36.79 -16.53 98.56
CA UNK B 3345 38.08 -16.99 98.11
C UNK B 3345 37.89 -17.47 96.68
N UNK B 3346 36.77 -18.14 96.46
CA UNK B 3346 36.49 -18.70 95.15
C UNK B 3346 36.41 -17.58 94.12
N UNK B 3347 35.77 -16.48 94.49
CA UNK B 3347 35.63 -15.32 93.63
C UNK B 3347 36.97 -14.68 93.32
N UNK B 3348 37.81 -14.58 94.33
CA UNK B 3348 39.12 -13.99 94.13
C UNK B 3348 39.85 -14.86 93.13
N UNK B 3349 39.68 -16.17 93.29
CA UNK B 3349 40.34 -17.14 92.45
C UNK B 3349 39.86 -17.01 91.01
N UNK B 3350 38.57 -16.80 90.84
CA UNK B 3350 37.98 -16.65 89.52
C UNK B 3350 38.58 -15.41 88.87
N UNK B 3351 38.72 -14.35 89.65
CA UNK B 3351 39.26 -13.11 89.13
C UNK B 3351 40.70 -13.34 88.66
N UNK B 3352 41.48 -14.06 89.45
CA UNK B 3352 42.86 -14.33 89.09
C UNK B 3352 42.94 -15.14 87.81
N UNK B 3353 42.05 -16.12 87.69
CA UNK B 3353 42.02 -16.97 86.50
C UNK B 3353 41.69 -16.14 85.26
N UNK B 3354 40.76 -15.21 85.41
CA UNK B 3354 40.39 -14.34 84.31
C UNK B 3354 41.58 -13.49 83.91
N UNK B 3355 42.31 -12.98 84.89
CA UNK B 3355 43.48 -12.17 84.60
C UNK B 3355 44.49 -13.00 83.83
N UNK B 3356 44.63 -14.25 84.23
CA UNK B 3356 45.55 -15.19 83.58
C UNK B 3356 45.19 -15.45 82.13
N UNK B 3357 43.89 -15.60 81.86
CA UNK B 3357 43.44 -15.79 80.48
C UNK B 3357 44.28 -16.80 79.70
N UNK B 3358 42.17 -21.98 74.83
CA UNK B 3358 41.60 -21.91 76.17
C UNK B 3358 40.13 -21.53 76.08
N UNK B 3359 39.60 -21.52 74.87
CA UNK B 3359 38.25 -21.03 74.63
C UNK B 3359 37.15 -21.83 75.34
N UNK B 3360 37.26 -23.14 75.33
CA UNK B 3360 36.25 -23.97 75.97
C UNK B 3360 36.22 -23.69 77.46
N UNK B 3361 37.40 -23.57 78.03
CA UNK B 3361 37.54 -23.29 79.44
C UNK B 3361 36.94 -21.93 79.74
N UNK B 3362 37.18 -20.99 78.84
CA UNK B 3362 36.66 -19.64 79.01
C UNK B 3362 35.14 -19.70 79.04
N UNK B 3363 34.57 -20.52 78.18
CA UNK B 3363 33.12 -20.72 78.13
C UNK B 3363 32.56 -21.32 79.42
N UNK B 3364 33.28 -22.29 79.96
CA UNK B 3364 32.86 -22.88 81.22
C UNK B 3364 32.90 -21.83 82.32
N UNK B 3365 33.92 -20.99 82.26
CA UNK B 3365 34.13 -19.90 83.20
C UNK B 3365 32.97 -18.93 83.12
N UNK B 3366 32.55 -18.68 81.90
CA UNK B 3366 31.44 -17.80 81.62
C UNK B 3366 30.19 -18.39 82.23
N UNK B 3367 30.03 -19.69 82.12
CA UNK B 3367 28.87 -20.34 82.70
C UNK B 3367 28.90 -20.09 84.19
N UNK B 3368 30.07 -20.23 84.80
CA UNK B 3368 30.16 -20.01 86.24
C UNK B 3368 29.81 -18.57 86.64
N UNK B 3369 30.32 -17.63 85.86
CA UNK B 3369 30.11 -16.23 86.15
C UNK B 3369 28.62 -15.98 86.06
N UNK B 3370 28.01 -16.58 85.06
CA UNK B 3370 26.61 -16.40 84.79
C UNK B 3370 25.78 -16.92 85.94
N UNK B 3371 26.16 -18.08 86.47
CA UNK B 3371 25.40 -18.62 87.58
C UNK B 3371 25.49 -17.68 88.76
N UNK B 3372 26.69 -17.17 89.03
CA UNK B 3372 26.83 -16.28 90.17
C UNK B 3372 25.95 -15.06 89.98
N UNK B 3373 25.96 -14.54 88.76
CA UNK B 3373 25.20 -13.34 88.42
C UNK B 3373 23.70 -13.55 88.56
N UNK B 3374 23.24 -14.71 88.15
CA UNK B 3374 21.84 -15.08 88.23
C UNK B 3374 21.42 -15.16 89.68
N UNK B 3375 22.31 -15.69 90.50
CA UNK B 3375 22.06 -15.78 91.93
C UNK B 3375 21.89 -14.37 92.46
N UNK B 3376 22.74 -13.48 91.97
CA UNK B 3376 22.67 -12.07 92.34
C UNK B 3376 21.35 -11.40 91.92
N UNK B 3377 20.84 -11.77 90.75
CA UNK B 3377 19.55 -11.29 90.28
C UNK B 3377 18.42 -11.77 91.17
N UNK B 3378 18.52 -13.02 91.60
CA UNK B 3378 17.53 -13.58 92.49
C UNK B 3378 17.58 -12.77 93.76
N UNK B 3379 18.80 -12.41 94.16
CA UNK B 3379 19.03 -11.61 95.35
C UNK B 3379 18.39 -10.25 95.24
N UNK B 3380 18.49 -9.63 94.07
CA UNK B 3380 17.89 -8.32 93.85
C UNK B 3380 16.38 -8.48 94.01
N UNK B 3381 15.85 -9.54 93.45
CA UNK B 3381 14.41 -9.77 93.54
C UNK B 3381 13.99 -9.93 94.99
N UNK B 3382 14.80 -10.67 95.74
CA UNK B 3382 14.53 -10.92 97.15
C UNK B 3382 14.56 -9.62 97.96
N UNK B 3383 15.51 -8.77 97.63
CA UNK B 3383 15.63 -7.48 98.31
C UNK B 3383 14.38 -6.67 98.00
N UNK B 3384 13.94 -6.76 96.76
CA UNK B 3384 12.75 -6.02 96.34
C UNK B 3384 11.59 -6.52 97.16
N UNK B 3385 11.54 -7.82 97.37
CA UNK B 3385 10.49 -8.45 98.15
C UNK B 3385 10.49 -7.96 99.61
N UNK B 3386 11.67 -7.81 100.21
CA UNK B 3386 11.80 -7.23 101.56
C UNK B 3386 11.36 -5.77 101.64
N UNK B 3387 11.72 -5.02 100.60
CA UNK B 3387 11.31 -3.63 100.52
C UNK B 3387 9.79 -3.66 100.47
N UNK B 3388 9.28 -4.68 99.80
CA UNK B 3388 7.87 -4.98 99.63
C UNK B 3388 7.17 -5.30 100.94
N UNK B 3389 7.82 -6.04 101.82
CA UNK B 3389 7.28 -6.28 103.15
C UNK B 3389 7.18 -4.95 103.89
N UNK B 3390 8.21 -4.12 103.74
CA UNK B 3390 8.15 -2.81 104.38
C UNK B 3390 6.98 -2.01 103.81
N UNK B 3391 6.80 -2.14 102.51
CA UNK B 3391 5.76 -1.46 101.76
C UNK B 3391 4.40 -1.92 102.23
N UNK B 3392 4.29 -3.21 102.52
CA UNK B 3392 3.10 -3.84 103.02
C UNK B 3392 2.74 -3.29 104.38
N UNK B 3393 3.75 -3.08 105.21
CA UNK B 3393 3.53 -2.47 106.51
C UNK B 3393 2.99 -1.06 106.30
N UNK B 3394 3.57 -0.36 105.34
CA UNK B 3394 3.14 0.99 105.03
C UNK B 3394 1.69 0.98 104.58
N UNK B 3395 1.35 -0.02 103.78
CA UNK B 3395 0.01 -0.20 103.24
C UNK B 3395 -0.98 -0.44 104.34
N UNK B 3396 -0.59 -1.24 105.33
CA UNK B 3396 -1.45 -1.50 106.47
C UNK B 3396 -1.70 -0.21 107.23
N UNK B 3397 -0.66 0.59 107.39
CA UNK B 3397 -0.82 1.85 108.10
C UNK B 3397 -1.80 2.71 107.33
N UNK B 3398 -1.65 2.71 106.01
CA UNK B 3398 -2.50 3.51 105.14
C UNK B 3398 -3.96 3.07 105.24
N UNK B 3399 -4.17 1.76 105.30
CA UNK B 3399 -5.51 1.19 105.43
C UNK B 3399 -6.14 1.59 106.75
N UNK B 3400 -5.35 1.58 107.81
CA UNK B 3400 -5.86 1.97 109.12
C UNK B 3400 -6.27 3.44 109.03
N UNK B 3401 -5.45 4.22 108.33
CA UNK B 3401 -5.72 5.64 108.14
C UNK B 3401 -7.02 5.86 107.35
N UNK B 3402 -7.24 5.04 106.34
CA UNK B 3402 -8.44 5.09 105.53
C UNK B 3402 -9.65 4.78 106.38
N UNK B 3403 -9.50 3.80 107.26
CA UNK B 3403 -10.57 3.44 108.16
C UNK B 3403 -10.88 4.61 109.07
N UNK B 3404 -9.83 5.29 109.52
CA UNK B 3404 -9.97 6.46 110.37
C UNK B 3404 -10.70 7.58 109.65
N UNK B 3405 -10.40 7.76 108.37
CA UNK B 3405 -11.04 8.76 107.54
C UNK B 3405 -12.53 8.43 107.39
N UNK B 3406 -12.82 7.14 107.23
CA UNK B 3406 -14.20 6.69 107.10
C UNK B 3406 -14.92 7.01 108.40
N UNK B 3407 -14.24 6.79 109.52
CA UNK B 3407 -14.81 7.07 110.82
C UNK B 3407 -15.11 8.55 110.97
N UNK B 3408 -14.21 9.39 110.49
CA UNK B 3408 -14.38 10.83 110.54
C UNK B 3408 -15.60 11.23 109.72
N UNK B 3409 -15.74 10.58 108.57
CA UNK B 3409 -16.87 10.83 107.69
C UNK B 3409 -18.17 10.76 108.47
N UNK B 3410 -16.54 13.64 98.78
CA UNK B 3410 -16.16 12.77 97.69
C UNK B 3410 -16.86 11.41 97.82
N UNK B 3411 -18.15 11.38 97.50
CA UNK B 3411 -18.94 10.16 97.61
C UNK B 3411 -18.40 9.07 96.69
N UNK B 3412 -18.03 9.46 95.48
CA UNK B 3412 -17.47 8.51 94.52
C UNK B 3412 -16.16 7.96 95.06
N UNK B 3413 -15.37 8.83 95.67
CA UNK B 3413 -14.09 8.43 96.24
C UNK B 3413 -14.33 7.40 97.34
N UNK B 3414 -15.33 7.67 98.16
CA UNK B 3414 -15.66 6.76 99.24
C UNK B 3414 -16.07 5.41 98.69
N UNK B 3415 -16.85 5.43 97.62
CA UNK B 3415 -17.31 4.19 97.01
C UNK B 3415 -16.12 3.40 96.47
N UNK B 3416 -15.18 4.11 95.87
CA UNK B 3416 -13.98 3.48 95.32
C UNK B 3416 -13.18 2.83 96.44
N UNK B 3417 -13.08 3.53 97.57
CA UNK B 3417 -12.34 3.02 98.72
C UNK B 3417 -13.02 1.75 99.22
N UNK B 3418 -14.35 1.77 99.22
CA UNK B 3418 -15.15 0.64 99.64
C UNK B 3418 -14.93 -0.58 98.74
N UNK B 3419 -14.83 -0.34 97.43
CA UNK B 3419 -14.75 -1.43 96.46
C UNK B 3419 -13.35 -2.02 96.28
N UNK B 3420 -10.90 -3.21 96.05
CA UNK B 3420 -10.52 -4.32 95.19
C UNK B 3420 -9.10 -4.15 94.68
N UNK B 3421 -8.70 -5.02 93.76
CA UNK B 3421 -7.39 -4.92 93.16
C UNK B 3421 -7.35 -3.60 92.42
N UNK B 3422 -8.46 -3.26 91.78
CA UNK B 3422 -8.56 -2.02 91.06
C UNK B 3422 -8.39 -0.84 92.01
N UNK B 3423 -8.99 -0.94 93.18
CA UNK B 3423 -8.89 0.12 94.18
C UNK B 3423 -7.43 0.29 94.64
N UNK B 3424 -6.77 -0.85 94.83
CA UNK B 3424 -5.39 -0.82 95.28
C UNK B 3424 -4.58 -0.14 94.21
N UNK B 3425 -4.90 -0.45 92.97
CA UNK B 3425 -4.20 0.09 91.83
C UNK B 3425 -4.38 1.60 91.79
N UNK B 3426 -5.59 2.07 92.07
CA UNK B 3426 -5.87 3.49 92.09
C UNK B 3426 -5.08 4.19 93.19
N UNK B 3427 -4.99 3.57 94.36
CA UNK B 3427 -4.23 4.17 95.45
C UNK B 3427 -2.78 4.27 95.05
N UNK B 3428 -2.32 3.21 94.39
CA UNK B 3428 -0.93 3.12 93.94
C UNK B 3428 -0.65 4.21 92.92
N UNK B 3429 -1.63 4.47 92.07
CA UNK B 3429 -1.57 5.50 91.04
C UNK B 3429 -1.47 6.88 91.67
N UNK B 3430 -2.24 7.11 92.73
CA UNK B 3430 -2.15 8.38 93.44
C UNK B 3430 -0.74 8.51 93.99
N UNK B 3431 -0.21 7.40 94.51
CA UNK B 3431 1.13 7.39 95.05
C UNK B 3431 2.16 7.74 93.97
N UNK B 3432 1.95 7.20 92.77
CA UNK B 3432 2.81 7.45 91.62
C UNK B 3432 2.76 8.91 91.19
N UNK B 3433 1.58 9.49 91.26
CA UNK B 3433 1.41 10.90 90.96
C UNK B 3433 2.20 11.70 91.96
N UNK B 3434 2.16 11.25 93.21
CA UNK B 3434 2.91 11.91 94.29
C UNK B 3434 4.39 11.81 93.96
N UNK B 3435 4.80 10.66 93.46
CA UNK B 3435 6.14 10.47 92.93
C UNK B 3435 6.22 11.12 91.56
N UNK B 3436 0.40 9.87 104.21
CA UNK B 3436 0.31 9.33 102.86
C UNK B 3436 1.33 10.00 101.94
N UNK B 3437 1.38 11.32 101.99
CA UNK B 3437 2.31 12.10 101.17
C UNK B 3437 3.75 11.75 101.50
N UNK B 3438 4.03 11.55 102.78
CA UNK B 3438 5.37 11.18 103.23
C UNK B 3438 5.76 9.80 102.68
N UNK B 3439 4.77 8.93 102.55
CA UNK B 3439 5.02 7.58 102.04
C UNK B 3439 5.34 7.60 100.55
N UNK B 3440 4.81 8.60 99.84
CA UNK B 3440 5.08 8.74 98.41
C UNK B 3440 6.54 9.10 98.17
N UNK B 3441 7.04 10.07 98.93
CA UNK B 3441 8.43 10.48 98.84
C UNK B 3441 9.36 9.34 99.26
N UNK B 3442 8.88 8.50 100.18
CA UNK B 3442 9.64 7.35 100.64
C UNK B 3442 9.73 6.28 99.56
N UNK B 3443 8.73 6.25 98.68
CA UNK B 3443 8.72 5.31 97.56
C UNK B 3443 9.69 5.76 96.47
N UNK B 3444 9.78 7.09 96.30
CA UNK B 3444 10.71 7.66 95.35
C UNK B 3444 12.15 7.41 95.81
N UNK B 3445 12.33 7.39 97.12
CA UNK B 3445 13.65 7.10 97.70
C UNK B 3445 13.99 5.62 97.53
N UNK B 3446 13.00 4.77 97.80
CA UNK B 3446 13.16 3.33 97.64
C UNK B 3446 13.53 2.95 96.21
N UNK B 3447 12.88 3.60 95.26
CA UNK B 3447 13.16 3.37 93.84
C UNK B 3447 14.54 3.88 93.46
N UNK B 3448 14.88 5.06 93.98
CA UNK B 3448 16.17 5.69 93.68
C UNK B 3448 17.32 4.89 94.29
N UNK B 3449 17.07 4.30 95.45
CA UNK B 3449 18.05 3.42 96.09
C UNK B 3449 18.25 2.17 95.25
N UNK B 3450 17.17 1.70 94.63
CA UNK B 3450 17.22 0.54 93.75
C UNK B 3450 17.95 0.88 92.45
N UNK B 3451 17.76 2.12 91.99
CA UNK B 3451 18.45 2.61 90.80
C UNK B 3451 19.95 2.70 91.06
N UNK B 3452 20.31 3.12 92.28
CA UNK B 3452 21.71 3.18 92.68
C UNK B 3452 22.28 1.78 92.79
N UNK B 3453 21.45 0.84 93.20
CA UNK B 3453 21.86 -0.56 93.32
C UNK B 3453 22.08 -1.18 91.95
N UNK B 3454 21.21 -0.85 91.00
CA UNK B 3454 21.28 -1.39 89.65
C UNK B 3454 22.55 -0.96 88.94
N UNK B 3455 32.52 -4.55 88.97
CA UNK B 3455 31.42 -5.47 89.22
C UNK B 3455 30.93 -6.11 87.92
N UNK B 3456 29.64 -6.00 87.65
CA UNK B 3456 29.05 -6.51 86.43
C UNK B 3456 29.63 -5.78 85.21
N UNK B 3457 29.91 -4.49 85.39
CA UNK B 3457 30.53 -3.69 84.35
C UNK B 3457 31.95 -4.16 84.09
N UNK B 3458 32.64 -4.54 85.16
CA UNK B 3458 33.99 -5.08 85.06
C UNK B 3458 33.96 -6.41 84.33
N UNK B 3459 32.90 -7.19 84.55
CA UNK B 3459 32.73 -8.46 83.86
C UNK B 3459 32.49 -8.22 82.37
N UNK B 3460 31.72 -7.18 82.06
CA UNK B 3460 31.47 -6.79 80.68
C UNK B 3460 32.78 -6.36 80.01
N UNK B 3461 33.62 -5.68 80.78
CA UNK B 3461 34.92 -5.24 80.29
C UNK B 3461 35.82 -6.43 80.00
N UNK B 3462 35.76 -7.43 80.88
CA UNK B 3462 36.54 -8.65 80.71
C UNK B 3462 36.08 -9.41 79.46
N UNK B 3463 34.77 -9.41 79.24
CA UNK B 3463 34.20 -10.03 78.04
C UNK B 3463 34.64 -9.27 76.80
N UNK B 3464 34.75 -7.95 76.93
CA UNK B 3464 35.23 -7.11 75.84
C UNK B 3464 36.70 -7.41 75.55
N UNK B 3465 37.45 -7.68 76.61
CA UNK B 3465 38.86 -8.03 76.48
C UNK B 3465 39.01 -9.39 75.79
N UNK B 3466 38.06 -10.28 76.06
CA UNK B 3466 38.01 -11.57 75.37
C UNK B 3466 37.64 -11.37 73.91
N UNK B 3467 36.75 -10.42 73.66
CA UNK B 3467 36.30 -10.12 72.32
C UNK B 3467 37.42 -9.55 71.44
N UNK B 3468 38.43 -8.97 72.09
CA UNK B 3468 39.53 -8.32 71.37
C UNK B 3468 40.33 -9.29 70.52
N UNK B 3469 32.80 -22.68 67.75
CA UNK B 3469 32.84 -21.35 68.35
C UNK B 3469 31.42 -20.91 68.70
N UNK B 3470 30.45 -21.74 68.35
CA UNK B 3470 29.07 -21.40 68.57
C UNK B 3470 28.77 -21.23 70.05
N UNK B 3471 29.35 -22.10 70.85
CA UNK B 3471 29.13 -22.03 72.28
C UNK B 3471 29.67 -20.70 72.78
N UNK B 3472 30.82 -20.32 72.24
CA UNK B 3472 31.48 -19.08 72.65
C UNK B 3472 30.62 -17.87 72.29
N UNK B 3473 30.00 -17.94 71.12
CA UNK B 3473 29.12 -16.88 70.67
C UNK B 3473 27.90 -16.78 71.57
N UNK B 3474 27.39 -17.94 71.96
CA UNK B 3474 26.24 -17.97 72.83
C UNK B 3474 26.66 -17.29 74.12
N UNK B 3475 27.89 -17.56 74.53
CA UNK B 3475 28.45 -16.96 75.73
C UNK B 3475 28.57 -15.46 75.65
N UNK B 3476 28.99 -14.95 74.50
CA UNK B 3476 29.08 -13.51 74.30
C UNK B 3476 27.70 -12.91 74.42
N UNK B 3477 26.74 -13.62 73.86
CA UNK B 3477 25.35 -13.16 73.91
C UNK B 3477 24.87 -13.12 75.35
N UNK B 3478 25.25 -14.12 76.13
CA UNK B 3478 24.89 -14.20 77.53
C UNK B 3478 25.49 -13.03 78.27
N UNK B 3479 26.72 -12.69 77.93
CA UNK B 3479 27.40 -11.57 78.54
C UNK B 3479 26.66 -10.28 78.23
N UNK B 3480 26.23 -10.14 76.99
CA UNK B 3480 25.51 -8.93 76.60
C UNK B 3480 24.23 -8.86 77.38
N UNK B 3481 23.60 -10.02 77.55
CA UNK B 3481 22.34 -10.12 78.26
C UNK B 3481 22.51 -9.71 79.71
N UNK B 3482 23.62 -10.13 80.30
CA UNK B 3482 23.96 -9.78 81.66
C UNK B 3482 24.21 -8.27 81.77
N UNK B 3483 24.84 -7.70 80.76
CA UNK B 3483 25.08 -6.27 80.75
C UNK B 3483 23.74 -5.56 80.75
N UNK B 3484 22.80 -6.09 79.98
CA UNK B 3484 21.45 -5.51 79.96
C UNK B 3484 20.78 -5.65 81.32
N UNK B 3485 20.94 -6.83 81.92
CA UNK B 3485 20.42 -7.20 83.23
C UNK B 3485 19.17 -6.45 83.62
N UNK B 3486 19.09 -6.08 84.89
CA UNK B 3486 18.14 -5.11 85.39
C UNK B 3486 16.68 -5.30 84.93
N UNK B 3487 16.13 -4.30 84.26
CA UNK B 3487 14.71 -4.19 84.04
C UNK B 3487 14.21 -5.39 83.26
N UNK B 3488 15.01 -5.84 82.30
CA UNK B 3488 14.61 -6.99 81.51
C UNK B 3488 14.48 -8.15 82.47
N UNK B 3489 15.42 -8.23 83.40
CA UNK B 3489 15.40 -9.32 84.36
C UNK B 3489 14.15 -9.28 85.21
N UNK B 3490 13.77 -8.09 85.64
CA UNK B 3490 12.59 -7.94 86.47
C UNK B 3490 11.36 -8.37 85.70
N UNK B 3491 11.33 -7.98 84.43
CA UNK B 3491 10.20 -8.31 83.59
C UNK B 3491 10.10 -9.82 83.45
N UNK B 3492 11.24 -10.47 83.27
CA UNK B 3492 11.28 -11.91 83.14
C UNK B 3492 10.79 -12.59 84.42
N UNK B 3493 11.19 -12.04 85.55
CA UNK B 3493 10.80 -12.59 86.83
C UNK B 3493 9.30 -12.51 86.98
N UNK B 3494 8.74 -11.40 86.53
CA UNK B 3494 7.29 -11.23 86.53
C UNK B 3494 6.62 -12.48 85.99
N UNK B 3495 -3.49 -10.71 102.59
CA UNK B 3495 -2.24 -10.76 103.34
C UNK B 3495 -1.07 -11.00 102.40
N UNK B 3496 -0.65 -12.26 102.29
CA UNK B 3496 0.43 -12.62 101.39
C UNK B 3496 0.00 -12.29 99.97
N UNK B 3497 -1.26 -12.55 99.69
CA UNK B 3497 -1.81 -12.25 98.38
C UNK B 3497 -1.73 -10.76 98.14
N UNK B 3498 -2.01 -10.00 99.20
CA UNK B 3498 -2.00 -8.55 99.11
C UNK B 3498 -0.60 -8.08 98.76
N UNK B 3499 0.39 -8.68 99.40
CA UNK B 3499 1.79 -8.35 99.15
C UNK B 3499 2.16 -8.67 97.71
N UNK B 3500 1.67 -9.80 97.21
CA UNK B 3500 1.93 -10.19 95.83
C UNK B 3500 1.32 -9.18 94.87
N UNK B 3501 0.11 -8.72 95.19
CA UNK B 3501 -0.57 -7.73 94.37
C UNK B 3501 0.21 -6.44 94.38
N UNK B 3502 0.77 -6.13 95.55
CA UNK B 3502 1.55 -4.93 95.73
C UNK B 3502 2.74 -5.03 94.82
N UNK B 3503 3.32 -6.23 94.76
CA UNK B 3503 4.47 -6.46 93.91
C UNK B 3503 4.12 -6.24 92.46
N UNK B 3504 2.98 -6.75 92.03
CA UNK B 3504 2.61 -6.60 90.63
C UNK B 3504 2.46 -5.12 90.32
N UNK B 3505 1.83 -4.40 91.22
CA UNK B 3505 1.58 -2.98 91.01
C UNK B 3505 2.88 -2.21 90.92
N UNK B 3506 3.78 -2.55 91.82
CA UNK B 3506 5.05 -1.86 91.92
C UNK B 3506 5.78 -2.11 90.63
N UNK B 3507 5.68 -3.33 90.15
CA UNK B 3507 6.37 -3.73 88.95
C UNK B 3507 5.88 -2.90 87.79
N UNK B 3508 4.56 -2.74 87.71
CA UNK B 3508 4.02 -1.97 86.61
C UNK B 3508 4.54 -0.54 86.69
N UNK B 3509 4.53 0.02 87.89
CA UNK B 3509 4.93 1.40 88.03
C UNK B 3509 6.38 1.58 87.63
N UNK B 3510 9.46 3.86 81.59
CA UNK B 3510 10.04 4.13 80.28
C UNK B 3510 11.39 4.84 80.32
N UNK B 3511 11.56 5.78 81.24
CA UNK B 3511 12.80 6.56 81.33
C UNK B 3511 14.05 5.74 81.64
N UNK B 3512 13.91 4.79 82.55
CA UNK B 3512 15.00 3.88 82.88
C UNK B 3512 15.36 3.03 81.67
N UNK B 3513 14.34 2.67 80.93
CA UNK B 3513 14.48 1.93 79.68
C UNK B 3513 15.23 2.75 78.65
N UNK B 3514 14.97 4.05 78.63
CA UNK B 3514 15.69 4.99 77.78
C UNK B 3514 17.16 5.01 78.19
N UNK B 3515 17.39 5.00 79.50
CA UNK B 3515 18.75 4.95 79.99
C UNK B 3515 19.43 3.68 79.51
N UNK B 3516 18.68 2.58 79.53
CA UNK B 3516 19.17 1.29 79.05
C UNK B 3516 19.51 1.31 77.57
N UNK B 3517 18.68 1.99 76.79
CA UNK B 3517 18.90 2.16 75.37
C UNK B 3517 20.17 2.95 75.12
N UNK B 3518 20.40 3.96 75.96
CA UNK B 3518 21.64 4.74 75.92
C UNK B 3518 22.87 3.88 76.25
N UNK B 3519 22.69 3.00 77.24
CA UNK B 3519 23.73 2.05 77.62
C UNK B 3519 24.02 1.16 76.43
N UNK B 3520 22.95 0.83 75.71
CA UNK B 3520 22.97 0.05 74.49
C UNK B 3520 23.72 0.74 73.36
N UNK B 3521 23.57 2.06 73.26
CA UNK B 3521 24.33 2.87 72.33
C UNK B 3521 25.79 2.77 72.70
N UNK B 3522 26.03 2.80 74.01
CA UNK B 3522 27.37 2.64 74.53
C UNK B 3522 27.93 1.28 74.12
N UNK B 3523 27.06 0.28 74.16
CA UNK B 3523 27.36 -1.09 73.77
C UNK B 3523 27.70 -1.18 72.29
N UNK B 3524 26.98 -0.43 71.48
CA UNK B 3524 27.27 -0.38 70.06
C UNK B 3524 28.66 0.19 69.89
N UNK B 3525 28.94 1.23 70.66
CA UNK B 3525 30.23 1.88 70.58
C UNK B 3525 31.30 0.86 70.93
N UNK B 3526 31.01 0.05 71.94
CA UNK B 3526 31.93 -0.97 72.41
C UNK B 3526 32.18 -2.04 71.35
N UNK B 3527 31.11 -2.47 70.67
CA UNK B 3527 31.25 -3.50 69.66
C UNK B 3527 32.17 -2.91 68.62
N UNK B 3528 31.97 -1.63 68.35
CA UNK B 3528 32.89 -0.89 67.49
C UNK B 3528 34.34 -1.23 67.84
N UNK B 3529 35.49 -7.69 64.24
CA UNK B 3529 35.09 -6.85 65.37
C UNK B 3529 33.89 -7.43 66.09
N UNK B 3530 33.45 -6.78 67.14
CA UNK B 3530 32.33 -7.29 67.93
C UNK B 3530 31.06 -7.37 67.10
N UNK B 3531 30.80 -6.32 66.33
CA UNK B 3531 29.60 -6.26 65.51
C UNK B 3531 29.60 -7.35 64.44
N UNK B 3532 30.75 -7.52 63.81
CA UNK B 3532 30.92 -8.53 62.79
C UNK B 3532 30.72 -9.89 63.42
N UNK B 3533 31.21 -10.05 64.63
CA UNK B 3533 31.07 -11.30 65.36
C UNK B 3533 29.62 -11.62 65.64
N UNK B 3534 28.85 -10.59 66.03
CA UNK B 3534 27.45 -10.78 66.29
C UNK B 3534 26.79 -11.22 65.00
N UNK B 3535 27.21 -10.59 63.90
CA UNK B 3535 26.63 -10.89 62.61
C UNK B 3535 26.90 -12.35 62.26
N UNK B 3536 28.12 -12.78 62.51
CA UNK B 3536 28.54 -14.14 62.22
C UNK B 3536 27.74 -15.13 63.05
N UNK B 3537 27.48 -14.80 64.30
CA UNK B 3537 26.71 -15.67 65.17
C UNK B 3537 25.29 -15.80 64.63
N UNK B 3538 24.75 -14.68 64.17
CA UNK B 3538 23.42 -14.69 63.61
C UNK B 3538 23.40 -15.58 62.38
N UNK B 3539 24.47 -15.50 61.60
CA UNK B 3539 24.64 -16.32 60.40
C UNK B 3539 24.73 -17.81 60.69
N UNK B 3540 25.44 -18.14 61.77
CA UNK B 3540 25.57 -19.51 62.19
C UNK B 3540 24.19 -19.99 62.56
N UNK B 3541 23.43 -19.09 63.18
CA UNK B 3541 22.06 -19.36 63.57
C UNK B 3541 21.19 -19.65 62.37
N UNK B 3542 21.38 -18.88 61.30
CA UNK B 3542 20.65 -19.10 60.07
C UNK B 3542 20.98 -20.47 59.52
N UNK B 3543 22.27 -20.81 59.54
CA UNK B 3543 22.77 -22.13 59.12
C UNK B 3543 24.27 -22.10 58.88
N UNK B 3544 14.84 -20.23 70.33
CA UNK B 3544 13.96 -19.33 69.59
C UNK B 3544 13.69 -18.06 70.40
N UNK B 3545 13.25 -18.22 71.64
CA UNK B 3545 12.97 -17.08 72.49
C UNK B 3545 14.25 -16.30 72.72
N UNK B 3546 15.35 -17.02 72.95
CA UNK B 3546 16.61 -16.36 73.22
C UNK B 3546 17.09 -15.54 72.04
N UNK B 3547 16.97 -16.13 70.85
CA UNK B 3547 17.40 -15.46 69.64
C UNK B 3547 16.54 -14.25 69.45
N UNK B 3548 15.25 -14.42 69.73
CA UNK B 3548 14.31 -13.34 69.53
C UNK B 3548 14.70 -12.19 70.44
N UNK B 3549 15.06 -12.50 71.66
CA UNK B 3549 15.44 -11.48 72.62
C UNK B 3549 16.69 -10.75 72.16
N UNK B 3550 17.66 -11.51 71.66
CA UNK B 3550 18.88 -10.90 71.19
C UNK B 3550 18.60 -9.96 70.03
N UNK B 3551 17.71 -10.40 69.14
CA UNK B 3551 17.34 -9.63 67.97
C UNK B 3551 16.64 -8.36 68.42
N UNK B 3552 15.80 -8.50 69.43
CA UNK B 3552 15.05 -7.39 69.94
C UNK B 3552 16.04 -6.38 70.48
N UNK B 3553 17.06 -6.86 71.16
CA UNK B 3553 18.07 -5.96 71.70
C UNK B 3553 18.82 -5.21 70.62
N UNK B 3554 19.17 -5.91 69.55
CA UNK B 3554 19.88 -5.26 68.46
C UNK B 3554 18.98 -4.20 67.85
N UNK B 3555 17.71 -4.57 67.72
CA UNK B 3555 16.71 -3.73 67.12
C UNK B 3555 16.56 -2.49 67.96
N UNK B 3556 16.64 -2.67 69.27
CA UNK B 3556 16.57 -1.62 70.27
C UNK B 3556 17.73 -0.65 70.21
N UNK B 3557 18.94 -1.16 69.97
CA UNK B 3557 20.07 -0.27 69.75
C UNK B 3557 19.80 0.54 68.48
N UNK B 3558 19.23 -0.15 67.51
CA UNK B 3558 18.91 0.45 66.22
C UNK B 3558 17.91 1.56 66.46
N UNK B 3559 17.02 1.29 67.42
CA UNK B 3559 15.96 2.16 67.94
C UNK B 3559 16.45 3.41 68.65
N UNK B 3560 17.51 3.26 69.43
CA UNK B 3560 18.15 4.41 70.03
C UNK B 3560 18.64 5.25 68.88
N UNK B 3561 19.18 4.56 67.87
CA UNK B 3561 19.66 5.27 66.70
C UNK B 3561 18.51 6.02 66.01
N UNK B 3562 17.36 5.37 65.91
CA UNK B 3562 16.20 5.96 65.24
C UNK B 3562 15.74 7.19 66.01
N UNK B 3563 15.76 7.08 67.32
CA UNK B 3563 15.32 8.15 68.19
C UNK B 3563 16.22 9.35 68.00
N UNK B 3564 18.84 25.25 60.18
CA UNK B 3564 18.73 23.90 60.73
C UNK B 3564 19.39 22.91 59.80
N UNK B 3565 19.99 23.41 58.73
CA UNK B 3565 20.55 22.55 57.71
C UNK B 3565 21.61 21.71 58.36
N UNK B 3566 22.40 22.32 59.24
CA UNK B 3566 23.49 21.61 59.89
C UNK B 3566 22.95 20.47 60.72
N UNK B 3567 21.87 20.73 61.44
CA UNK B 3567 21.28 19.70 62.29
C UNK B 3567 20.76 18.54 61.43
N UNK B 3568 20.16 18.86 60.31
CA UNK B 3568 19.65 17.82 59.44
C UNK B 3568 20.80 16.98 58.92
N UNK B 3569 21.90 17.65 58.57
CA UNK B 3569 23.07 16.98 58.04
C UNK B 3569 23.63 16.04 59.10
N UNK B 3570 23.64 16.50 60.33
CA UNK B 3570 24.13 15.71 61.45
C UNK B 3570 23.27 14.47 61.65
N UNK B 3571 21.97 14.63 61.54
CA UNK B 3571 21.08 13.50 61.72
C UNK B 3571 21.38 12.49 60.65
N UNK B 3572 21.56 12.98 59.44
CA UNK B 3572 21.79 12.10 58.32
C UNK B 3572 23.07 11.33 58.55
N UNK B 3573 24.08 12.04 59.00
CA UNK B 3573 25.39 11.45 59.20
C UNK B 3573 25.30 10.36 60.24
N UNK B 3574 24.57 10.62 61.32
CA UNK B 3574 24.44 9.64 62.38
C UNK B 3574 23.76 8.39 61.86
N UNK B 3575 22.72 8.60 61.07
CA UNK B 3575 21.97 7.45 60.59
C UNK B 3575 22.91 6.62 59.74
N UNK B 3576 23.68 7.31 58.90
CA UNK B 3576 24.57 6.62 57.98
C UNK B 3576 25.60 5.83 58.76
N UNK B 3577 26.16 6.43 59.81
CA UNK B 3577 27.20 5.77 60.57
C UNK B 3577 26.64 4.51 61.20
N UNK B 3578 25.44 4.61 61.77
CA UNK B 3578 24.88 3.46 62.45
C UNK B 3578 24.66 2.34 61.44
N UNK B 3579 24.15 2.71 60.27
CA UNK B 3579 23.86 1.73 59.24
C UNK B 3579 25.13 1.04 58.77
N UNK B 3580 26.18 1.82 58.60
CA UNK B 3580 27.46 1.30 58.14
C UNK B 3580 28.01 0.33 59.16
N UNK B 3581 27.85 0.68 60.44
CA UNK B 3581 28.32 -0.18 61.52
C UNK B 3581 27.56 -1.50 61.50
N UNK B 3582 26.26 -1.43 61.26
CA UNK B 3582 25.44 -2.62 61.17
C UNK B 3582 25.90 -3.50 60.01
N UNK B 3583 26.25 -2.86 58.90
CA UNK B 3583 26.74 -3.56 57.70
C UNK B 3583 27.64 -4.75 58.04
N UNK B 3584 23.16 -9.38 57.52
CA UNK B 3584 22.84 -8.30 56.61
C UNK B 3584 21.75 -8.76 55.62
N UNK B 3585 22.05 -8.69 54.33
CA UNK B 3585 21.06 -9.04 53.33
C UNK B 3585 20.68 -10.47 53.61
N UNK B 3586 21.68 -11.25 53.99
CA UNK B 3586 21.47 -12.64 54.33
C UNK B 3586 20.54 -12.78 55.51
N UNK B 3587 20.71 -11.91 56.50
CA UNK B 3587 19.88 -11.99 57.69
C UNK B 3587 18.43 -11.75 57.28
N UNK B 3588 18.25 -10.77 56.41
CA UNK B 3588 16.92 -10.41 55.96
C UNK B 3588 16.30 -11.58 55.23
N UNK B 3589 17.11 -12.23 54.40
CA UNK B 3589 16.64 -13.37 53.62
C UNK B 3589 16.21 -14.50 54.55
N UNK B 3590 16.97 -14.73 55.61
CA UNK B 3590 16.62 -15.76 56.59
C UNK B 3590 15.31 -15.45 57.27
N UNK B 3591 15.12 -14.18 57.58
CA UNK B 3591 13.89 -13.76 58.23
C UNK B 3591 12.74 -14.06 57.28
N UNK B 3592 12.96 -13.78 56.00
CA UNK B 3592 11.97 -14.03 54.97
C UNK B 3592 11.66 -15.52 54.83
N UNK B 3593 12.69 -16.32 54.93
CA UNK B 3593 12.56 -17.76 54.81
C UNK B 3593 11.69 -18.25 55.93
N UNK B 3594 11.88 -17.66 57.10
CA UNK B 3594 11.11 -18.04 58.28
C UNK B 3594 9.64 -18.30 57.98
N UNK B 3595 9.78 -13.64 67.88
CA UNK B 3595 8.91 -14.47 67.07
C UNK B 3595 8.92 -14.02 65.63
N UNK B 3596 7.81 -14.26 64.94
CA UNK B 3596 7.62 -13.69 63.63
C UNK B 3596 7.61 -12.18 63.87
N UNK B 3597 7.01 -11.80 65.00
CA UNK B 3597 7.01 -10.40 65.42
C UNK B 3597 8.44 -9.93 65.66
N UNK B 3598 9.27 -10.80 66.22
CA UNK B 3598 10.67 -10.44 66.42
C UNK B 3598 11.38 -10.21 65.09
N UNK B 3599 11.07 -11.05 64.12
CA UNK B 3599 11.69 -10.92 62.82
C UNK B 3599 11.25 -9.59 62.32
N UNK B 3600 9.99 -9.28 62.56
CA UNK B 3600 9.40 -8.04 62.07
C UNK B 3600 10.12 -6.85 62.65
N UNK B 3601 10.42 -6.91 63.94
CA UNK B 3601 11.12 -5.83 64.60
C UNK B 3601 12.53 -5.66 64.04
N UNK B 3602 13.19 -6.78 63.79
CA UNK B 3602 14.54 -6.70 63.28
C UNK B 3602 14.45 -5.99 61.95
N UNK B 3603 13.42 -6.37 61.20
CA UNK B 3603 13.20 -5.84 59.87
C UNK B 3603 12.93 -4.34 59.90
N UNK B 3604 12.14 -3.91 60.87
CA UNK B 3604 11.85 -2.50 61.01
C UNK B 3604 13.13 -1.73 61.31
N UNK B 3605 13.97 -2.28 62.18
CA UNK B 3605 15.20 -1.58 62.51
C UNK B 3605 16.04 -1.47 61.25
N UNK B 3606 16.06 -2.55 60.49
CA UNK B 3606 16.87 -2.58 59.28
C UNK B 3606 16.37 -1.55 58.29
N UNK B 3607 15.06 -1.46 58.19
CA UNK B 3607 14.45 -0.55 57.25
C UNK B 3607 14.89 0.83 57.64
N UNK B 3608 14.84 1.13 58.93
CA UNK B 3608 15.19 2.47 59.35
C UNK B 3608 16.63 2.77 58.98
N UNK B 3609 17.51 1.81 59.24
CA UNK B 3609 18.91 2.08 59.01
C UNK B 3609 19.13 2.34 57.54
N UNK B 3610 18.56 1.50 56.69
CA UNK B 3610 18.80 1.66 55.26
C UNK B 3610 18.23 2.97 54.76
N UNK B 3611 17.04 3.29 55.24
CA UNK B 3611 16.27 4.41 54.73
C UNK B 3611 17.12 5.61 54.99
N UNK B 3612 17.80 5.61 56.13
CA UNK B 3612 18.73 6.70 56.40
C UNK B 3612 19.64 6.93 55.19
N UNK B 3613 25.94 3.67 50.34
CA UNK B 3613 24.66 4.21 50.76
C UNK B 3613 23.64 3.10 51.01
N UNK B 3614 22.56 3.44 51.70
CA UNK B 3614 21.51 2.47 52.00
C UNK B 3614 21.16 1.64 50.77
N UNK B 3615 21.20 2.27 49.60
CA UNK B 3615 20.89 1.59 48.35
C UNK B 3615 22.11 0.83 47.87
N UNK B 3616 23.31 1.27 48.22
CA UNK B 3616 24.53 0.52 47.88
C UNK B 3616 24.53 -0.83 48.58
N UNK B 3617 24.11 -0.79 49.84
CA UNK B 3617 23.96 -1.98 50.65
C UNK B 3617 22.92 -2.83 49.98
N UNK B 3618 21.90 -2.15 49.48
CA UNK B 3618 20.81 -2.82 48.78
C UNK B 3618 21.27 -3.53 47.51
N UNK B 3619 22.19 -2.90 46.79
CA UNK B 3619 22.81 -3.44 45.60
C UNK B 3619 23.62 -4.67 45.96
N UNK B 3620 24.30 -4.60 47.09
CA UNK B 3620 25.05 -5.74 47.56
C UNK B 3620 24.09 -6.90 47.83
N UNK B 3621 22.97 -6.55 48.44
CA UNK B 3621 21.97 -7.55 48.77
C UNK B 3621 21.44 -8.15 47.49
N UNK B 3622 21.29 -7.29 46.48
CA UNK B 3622 20.78 -7.63 45.17
C UNK B 3622 21.71 -8.61 44.50
N UNK B 3623 22.99 -8.39 44.65
CA UNK B 3623 24.02 -9.30 44.14
C UNK B 3623 23.92 -10.65 44.83
N UNK B 3624 23.70 -10.63 46.13
CA UNK B 3624 23.54 -11.87 46.87
C UNK B 3624 22.33 -12.61 46.33
N UNK B 3625 21.28 -11.83 46.03
CA UNK B 3625 20.04 -12.37 45.50
C UNK B 3625 20.26 -13.00 44.14
N UNK B 3626 21.09 -12.36 43.34
CA UNK B 3626 21.41 -12.85 42.02
C UNK B 3626 22.12 -14.19 42.17
N UNK B 3627 23.00 -14.26 43.17
CA UNK B 3627 23.74 -15.47 43.43
C UNK B 3627 22.75 -16.57 43.80
N UNK B 3628 21.75 -16.22 44.61
CA UNK B 3628 20.70 -17.15 44.98
C UNK B 3628 19.41 -16.86 44.21
N UNK B 3629 12.58 -12.19 48.76
CA UNK B 3629 12.72 -13.60 48.99
C UNK B 3629 11.55 -14.30 48.37
N UNK B 3630 11.75 -15.54 47.95
CA UNK B 3630 10.64 -16.41 47.67
C UNK B 3630 9.91 -16.54 48.98
N UNK B 3631 10.70 -16.64 50.04
CA UNK B 3631 10.19 -16.63 51.38
C UNK B 3631 9.50 -15.32 51.52
N UNK B 3632 10.06 -14.28 50.91
CA UNK B 3632 9.50 -12.97 51.08
C UNK B 3632 8.08 -12.96 50.55
N UNK B 3633 7.89 -13.54 49.39
CA UNK B 3633 6.61 -13.58 48.73
C UNK B 3633 5.64 -14.39 49.53
N UNK B 3634 6.17 -15.48 50.06
CA UNK B 3634 5.34 -16.39 50.80
C UNK B 3634 4.82 -15.64 52.00
N UNK B 3635 5.75 -14.89 52.56
CA UNK B 3635 5.57 -14.18 53.77
C UNK B 3635 4.52 -13.16 53.50
N UNK B 3636 4.57 -12.59 52.32
CA UNK B 3636 3.66 -11.56 51.90
C UNK B 3636 2.26 -12.10 51.86
N UNK B 3637 2.13 -13.28 51.27
CA UNK B 3637 0.82 -13.85 51.14
C UNK B 3637 0.31 -14.06 52.54
N UNK B 3638 1.21 -14.55 53.37
CA UNK B 3638 0.87 -14.92 54.73
C UNK B 3638 0.39 -13.73 55.52
N UNK B 3639 1.09 -12.63 55.32
CA UNK B 3639 0.84 -11.40 56.01
C UNK B 3639 -0.51 -10.88 55.61
N UNK B 3640 -0.80 -10.99 54.32
CA UNK B 3640 -2.03 -10.48 53.80
C UNK B 3640 -3.10 -11.26 54.52
N UNK B 3641 -2.85 -12.56 54.65
CA UNK B 3641 -3.67 -13.40 55.48
C UNK B 3641 -3.95 -12.73 56.81
N UNK B 3642 -16.42 -8.15 58.40
CA UNK B 3642 -17.64 -8.84 58.79
C UNK B 3642 -17.47 -9.49 60.14
N UNK B 3643 -16.66 -10.55 60.17
CA UNK B 3643 -16.45 -11.28 61.39
C UNK B 3643 -15.87 -10.29 62.37
N UNK B 3644 -14.96 -9.46 61.89
CA UNK B 3644 -14.31 -8.48 62.74
C UNK B 3644 -15.30 -7.49 63.32
N UNK B 3645 -16.25 -7.03 62.51
CA UNK B 3645 -17.26 -6.09 62.98
C UNK B 3645 -18.12 -6.73 64.06
N UNK B 3646 -18.45 -8.00 63.85
CA UNK B 3646 -19.27 -8.73 64.81
C UNK B 3646 -18.50 -8.82 66.11
N UNK B 3647 -17.21 -9.08 65.98
CA UNK B 3647 -16.35 -9.22 67.14
C UNK B 3647 -16.32 -7.92 67.90
N UNK B 3648 -16.24 -6.80 67.18
CA UNK B 3648 -16.22 -5.49 67.81
C UNK B 3648 -17.52 -5.23 68.56
N UNK B 3649 -18.64 -5.60 67.96
CA UNK B 3649 -19.92 -5.41 68.63
C UNK B 3649 -19.95 -6.23 69.91
N UNK B 3650 -19.43 -7.44 69.82
CA UNK B 3650 -19.38 -8.35 70.97
C UNK B 3650 -18.51 -7.78 72.07
N UNK B 3651 -17.38 -7.18 71.69
CA UNK B 3651 -16.48 -6.57 72.64
C UNK B 3651 -17.19 -5.43 73.34
N UNK B 3652 -17.98 -4.68 72.56
CA UNK B 3652 -18.73 -3.58 73.12
C UNK B 3652 -19.72 -4.10 74.14
N UNK B 3653 -20.37 -5.22 73.81
CA UNK B 3653 -21.32 -5.83 74.73
C UNK B 3653 -20.64 -6.28 76.01
N UNK B 3654 -19.45 -6.84 75.86
CA UNK B 3654 -18.66 -7.30 77.00
C UNK B 3654 -18.29 -6.14 77.90
N UNK B 3655 -17.94 -5.02 77.28
CA UNK B 3655 -17.62 -3.80 78.01
C UNK B 3655 -18.84 -3.31 78.77
N UNK B 3656 -20.00 -3.38 78.14
CA UNK B 3656 -21.23 -2.95 78.79
C UNK B 3656 -21.44 -3.83 80.00
N UNK B 3657 -21.14 -5.12 79.83
CA UNK B 3657 -21.14 -6.06 80.94
C UNK B 3657 -20.03 -5.70 81.91
N UNK B 3658 0.13 -7.45 64.32
CA UNK B 3658 -1.11 -6.79 64.01
C UNK B 3658 -0.84 -5.43 63.38
N UNK B 3659 -1.19 -4.35 64.05
CA UNK B 3659 -0.97 -3.03 63.48
C UNK B 3659 0.52 -2.84 63.26
N UNK B 3660 1.30 -3.23 64.26
CA UNK B 3660 2.73 -3.05 64.19
C UNK B 3660 3.28 -3.87 63.03
N UNK B 3661 2.79 -5.10 62.88
CA UNK B 3661 3.29 -5.98 61.83
C UNK B 3661 2.99 -5.39 60.47
N UNK B 3662 1.79 -4.85 60.31
CA UNK B 3662 1.42 -4.28 59.04
C UNK B 3662 2.30 -3.11 58.71
N UNK B 3663 2.53 -2.27 59.72
CA UNK B 3663 3.31 -1.08 59.46
C UNK B 3663 4.68 -1.55 59.03
N UNK B 3664 5.17 -2.58 59.70
CA UNK B 3664 6.50 -3.07 59.42
C UNK B 3664 6.64 -3.59 57.99
N UNK B 3665 5.68 -4.37 57.53
CA UNK B 3665 5.79 -4.88 56.16
C UNK B 3665 5.73 -3.73 55.14
N UNK B 3666 4.81 -2.79 55.38
CA UNK B 3666 4.66 -1.72 54.42
C UNK B 3666 5.94 -0.93 54.39
N UNK B 3667 6.52 -0.77 55.57
CA UNK B 3667 7.72 0.01 55.78
C UNK B 3667 8.89 -0.63 55.09
N UNK B 3668 8.95 -1.95 55.12
CA UNK B 3668 9.99 -2.70 54.42
C UNK B 3668 9.88 -2.46 52.94
N UNK B 3669 8.65 -2.47 52.43
CA UNK B 3669 8.48 -2.21 51.02
C UNK B 3669 9.00 -0.80 50.75
N UNK B 3670 8.70 0.11 51.66
CA UNK B 3670 9.15 1.48 51.49
C UNK B 3670 10.68 1.60 51.49
N UNK B 3671 11.32 0.87 52.39
CA UNK B 3671 12.76 0.95 52.47
C UNK B 3671 13.32 0.43 51.17
N UNK B 3672 12.73 -0.64 50.66
CA UNK B 3672 13.24 -1.25 49.45
C UNK B 3672 13.14 -0.25 48.31
N UNK B 3673 12.04 0.49 48.28
CA UNK B 3673 11.87 1.55 47.28
C UNK B 3673 13.17 2.34 46.98
N UNK B 3674 16.57 3.71 42.88
CA UNK B 3674 16.08 2.38 43.21
C UNK B 3674 15.32 1.79 42.04
N UNK B 3675 15.23 2.56 40.97
CA UNK B 3675 14.42 2.17 39.84
C UNK B 3675 14.89 0.88 39.18
N UNK B 3676 16.19 0.75 38.97
CA UNK B 3676 16.67 -0.43 38.26
C UNK B 3676 16.32 -1.64 39.08
N UNK B 3677 16.58 -1.55 40.37
CA UNK B 3677 16.37 -2.70 41.22
C UNK B 3677 14.90 -3.05 41.23
N UNK B 3678 14.05 -2.04 41.37
CA UNK B 3678 12.64 -2.34 41.50
C UNK B 3678 12.14 -3.00 40.23
N UNK B 3679 12.56 -2.46 39.11
CA UNK B 3679 12.07 -2.93 37.83
C UNK B 3679 12.50 -4.37 37.61
N UNK B 3680 13.80 -4.64 37.75
CA UNK B 3680 14.27 -6.00 37.66
C UNK B 3680 13.75 -6.72 38.89
N UNK B 3681 13.64 -5.96 39.97
CA UNK B 3681 13.06 -6.44 41.18
C UNK B 3681 11.64 -6.81 40.82
N UNK B 3682 11.02 -6.00 39.99
CA UNK B 3682 9.64 -6.20 39.67
C UNK B 3682 9.42 -7.54 38.97
N UNK B 3683 10.27 -7.85 38.01
CA UNK B 3683 10.15 -9.10 37.28
C UNK B 3683 10.42 -10.26 38.22
N UNK B 3684 11.43 -10.07 39.07
CA UNK B 3684 11.96 -11.07 40.01
C UNK B 3684 11.38 -12.48 39.91
N UNK B 3685 8.11 -7.14 41.24
CA UNK B 3685 7.12 -7.29 40.18
C UNK B 3685 5.91 -8.09 40.71
N UNK B 3686 6.13 -9.37 40.88
CA UNK B 3686 5.09 -10.25 41.36
C UNK B 3686 4.63 -9.69 42.71
N UNK B 3687 5.57 -9.05 43.38
CA UNK B 3687 5.31 -8.31 44.60
C UNK B 3687 4.35 -7.17 44.38
N UNK B 3688 4.44 -6.54 43.22
CA UNK B 3688 3.53 -5.45 42.94
C UNK B 3688 2.16 -6.05 42.93
N UNK B 3689 2.10 -7.22 42.33
CA UNK B 3689 0.84 -7.88 42.21
C UNK B 3689 0.32 -8.13 43.60
N UNK B 3690 1.23 -8.53 44.45
CA UNK B 3690 0.90 -8.87 45.83
C UNK B 3690 0.36 -7.69 46.59
N UNK B 3691 0.98 -6.55 46.35
CA UNK B 3691 0.61 -5.36 47.03
C UNK B 3691 -0.81 -5.09 46.64
N UNK B 3692 -1.06 -5.24 45.36
CA UNK B 3692 -2.35 -4.90 44.86
C UNK B 3692 -3.38 -5.77 45.55
N UNK B 3693 -3.06 -7.04 45.69
CA UNK B 3693 -3.99 -7.96 46.32
C UNK B 3693 -4.31 -7.64 47.77
N UNK B 3694 -3.27 -7.32 48.50
CA UNK B 3694 -3.46 -7.03 49.90
C UNK B 3694 -4.36 -5.83 49.97
N UNK B 3695 -4.12 -4.92 49.05
CA UNK B 3695 -4.86 -3.69 49.01
C UNK B 3695 -6.32 -3.94 48.76
N UNK B 3696 -6.61 -4.85 47.85
CA UNK B 3696 -7.98 -5.16 47.53
C UNK B 3696 -8.65 -5.71 48.76
N UNK B 3697 -7.93 -6.56 49.46
CA UNK B 3697 -8.49 -7.18 50.65
C UNK B 3697 -8.82 -6.12 51.67
N UNK B 3698 -7.90 -5.19 51.77
CA UNK B 3698 -8.02 -4.13 52.71
C UNK B 3698 -9.24 -3.31 52.38
N UNK B 3699 -9.43 -3.13 51.08
CA UNK B 3699 -10.48 -2.29 50.58
C UNK B 3699 -11.76 -2.91 51.01
N UNK B 3700 -11.80 -4.22 50.90
CA UNK B 3700 -13.00 -4.92 51.28
C UNK B 3700 -13.30 -4.72 52.75
N UNK B 3701 -12.26 -4.83 53.57
CA UNK B 3701 -12.47 -4.72 54.99
C UNK B 3701 -13.05 -3.37 55.27
N UNK B 3702 -12.49 -2.39 54.59
CA UNK B 3702 -12.88 -1.02 54.79
C UNK B 3702 -14.32 -0.74 54.42
N UNK B 3703 -14.71 -1.31 53.30
CA UNK B 3703 -16.04 -1.10 52.80
C UNK B 3703 -16.98 -1.65 53.82
N UNK B 3704 -16.58 -2.77 54.39
CA UNK B 3704 -17.40 -3.44 55.37
C UNK B 3704 -17.61 -2.53 56.56
N UNK B 3705 -16.52 -1.93 56.99
CA UNK B 3705 -16.59 -1.08 58.14
C UNK B 3705 -17.55 0.05 57.83
N UNK B 3706 -17.48 0.56 56.62
CA UNK B 3706 -18.30 1.69 56.24
C UNK B 3706 -19.76 1.34 56.32
N UNK B 3707 -20.11 0.18 55.79
CA UNK B 3707 -21.50 -0.19 55.76
C UNK B 3707 -21.95 -0.26 57.20
N UNK B 3708 -21.12 -0.85 58.03
CA UNK B 3708 -21.51 -1.05 59.41
C UNK B 3708 -21.76 0.26 60.10
N UNK B 3709 -20.86 1.20 59.89
CA UNK B 3709 -20.95 2.47 60.56
C UNK B 3709 -22.23 3.16 60.14
N UNK B 3710 -22.52 3.09 58.84
CA UNK B 3710 -23.73 3.71 58.29
C UNK B 3710 -24.90 3.28 59.16
N UNK B 3711 -18.46 4.67 70.88
CA UNK B 3711 -17.82 5.07 69.63
C UNK B 3711 -16.34 5.29 69.85
N UNK B 3712 -15.89 5.14 71.09
CA UNK B 3712 -14.47 5.26 71.36
C UNK B 3712 -13.80 4.14 70.57
N UNK B 3713 -14.46 2.99 70.59
CA UNK B 3713 -13.95 1.82 69.89
C UNK B 3713 -13.90 2.11 68.41
N UNK B 3714 -14.94 2.78 67.92
CA UNK B 3714 -15.01 3.10 66.50
C UNK B 3714 -13.85 3.99 66.13
N UNK B 3715 -13.58 4.96 66.98
CA UNK B 3715 -12.50 5.89 66.74
C UNK B 3715 -11.17 5.16 66.71
N UNK B 3716 -10.98 4.22 67.63
CA UNK B 3716 -9.73 3.48 67.65
C UNK B 3716 -9.57 2.69 66.36
N UNK B 3717 -10.66 2.08 65.93
CA UNK B 3717 -10.59 1.29 64.71
C UNK B 3717 -10.24 2.20 63.55
N UNK B 3718 -10.86 3.36 63.53
CA UNK B 3718 -10.67 4.28 62.44
C UNK B 3718 -9.21 4.69 62.40
N UNK B 3719 -8.64 4.94 63.57
CA UNK B 3719 -7.25 5.38 63.64
C UNK B 3719 -6.31 4.29 63.13
N UNK B 3720 -6.56 3.06 63.53
CA UNK B 3720 -5.68 2.00 63.11
C UNK B 3720 -5.76 1.90 61.61
N UNK B 3721 -6.99 2.02 61.10
CA UNK B 3721 -7.24 1.86 59.69
C UNK B 3721 -6.51 2.93 58.93
N UNK B 3722 -6.58 4.15 59.44
CA UNK B 3722 -5.98 5.28 58.77
C UNK B 3722 -4.49 5.07 58.70
N UNK B 3723 -3.90 4.60 59.80
CA UNK B 3723 -2.46 4.41 59.80
C UNK B 3723 -2.07 3.38 58.76
N UNK B 3724 -2.83 2.29 58.73
CA UNK B 3724 -2.49 1.24 57.81
C UNK B 3724 -2.59 1.77 56.41
N UNK B 3725 -3.65 2.54 56.18
CA UNK B 3725 -3.94 3.03 54.86
C UNK B 3725 -2.83 3.92 54.38
N UNK B 3726 -2.35 4.79 55.26
CA UNK B 3726 -1.34 5.73 54.87
C UNK B 3726 -0.09 4.97 54.50
N UNK B 3727 0.25 3.99 55.33
CA UNK B 3727 1.50 3.29 55.08
C UNK B 3727 1.38 2.66 53.72
N UNK B 3728 0.24 2.04 53.47
CA UNK B 3728 0.05 1.27 52.26
C UNK B 3728 0.12 2.15 51.02
N UNK B 3729 -0.54 3.29 51.09
CA UNK B 3729 -0.59 4.15 49.93
C UNK B 3729 0.81 4.60 49.64
N UNK B 3730 1.53 4.94 50.71
CA UNK B 3730 2.85 5.49 50.54
C UNK B 3730 3.70 4.46 49.84
N UNK B 3731 3.57 3.21 50.29
CA UNK B 3731 4.39 2.15 49.74
C UNK B 3731 4.10 1.92 48.27
N UNK B 3732 2.82 1.89 47.94
CA UNK B 3732 2.47 1.61 46.56
C UNK B 3732 3.05 2.72 45.73
N UNK B 3733 2.95 3.93 46.23
CA UNK B 3733 3.41 5.11 45.52
C UNK B 3733 4.90 5.09 45.27
N UNK B 3734 5.67 4.71 46.27
CA UNK B 3734 7.11 4.62 46.08
C UNK B 3734 7.39 3.56 45.03
N UNK B 3735 6.67 2.45 45.10
CA UNK B 3735 6.94 1.37 44.19
C UNK B 3735 6.72 1.92 42.81
N UNK B 3736 5.66 2.70 42.67
CA UNK B 3736 5.29 3.30 41.40
C UNK B 3736 6.29 4.29 40.84
N UNK B 3737 6.83 5.15 41.69
CA UNK B 3737 7.75 6.17 41.22
C UNK B 3737 8.97 5.55 40.54
N UNK B 3738 10.11 3.23 34.66
CA UNK B 3738 9.41 2.12 35.29
C UNK B 3738 8.22 1.74 34.45
N UNK B 3739 8.27 2.10 33.18
CA UNK B 3739 7.13 2.06 32.28
C UNK B 3739 6.56 0.67 32.05
N UNK B 3740 7.44 -0.30 31.95
CA UNK B 3740 6.98 -1.67 31.80
C UNK B 3740 6.24 -1.99 33.07
N UNK B 3741 6.79 -1.49 34.17
CA UNK B 3741 6.24 -1.77 35.46
C UNK B 3741 4.85 -1.22 35.42
N UNK B 3742 4.74 -0.04 34.85
CA UNK B 3742 3.54 0.72 34.72
C UNK B 3742 2.48 0.04 33.89
N UNK B 3743 2.85 -0.59 32.79
CA UNK B 3743 1.91 -1.35 31.97
C UNK B 3743 1.38 -2.56 32.71
N UNK B 3744 2.31 -3.19 33.42
CA UNK B 3744 1.91 -4.32 34.23
C UNK B 3744 0.93 -3.80 35.25
N UNK B 3745 1.26 -2.61 35.70
CA UNK B 3745 0.61 -1.85 36.71
C UNK B 3745 -0.77 -1.56 36.25
N UNK B 3746 -0.87 -1.32 34.95
CA UNK B 3746 -2.06 -1.05 34.18
C UNK B 3746 -3.03 -2.21 34.10
N UNK B 3747 -2.51 -3.42 33.96
CA UNK B 3747 -3.40 -4.57 34.15
C UNK B 3747 -3.84 -4.53 35.61
N UNK B 3748 -2.82 -4.27 36.40
CA UNK B 3748 -2.98 -4.18 37.82
C UNK B 3748 -3.91 -3.03 38.13
N UNK B 3749 -4.21 -2.24 37.10
CA UNK B 3749 -4.68 -0.89 37.12
C UNK B 3749 -6.10 -0.84 36.65
N UNK B 3750 -6.50 -1.89 35.96
CA UNK B 3750 -7.86 -2.32 35.94
C UNK B 3750 -8.12 -2.70 37.38
N UNK B 3751 -7.15 -3.41 37.97
CA UNK B 3751 -7.31 -3.72 39.38
C UNK B 3751 -7.39 -2.39 40.12
N UNK B 3752 -6.64 -1.44 39.60
CA UNK B 3752 -6.48 -0.13 40.18
C UNK B 3752 -7.75 0.65 40.17
N UNK B 3753 -8.45 0.56 39.06
CA UNK B 3753 -9.69 1.27 38.91
C UNK B 3753 -10.59 0.69 39.96
N UNK B 3754 -10.51 -0.61 40.15
CA UNK B 3754 -11.34 -1.23 41.16
C UNK B 3754 -11.05 -0.68 42.56
N UNK B 3755 -9.79 -0.59 42.92
CA UNK B 3755 -9.45 -0.09 44.23
C UNK B 3755 -9.89 1.35 44.41
N UNK B 3756 -9.76 2.10 43.33
CA UNK B 3756 -10.11 3.50 43.28
C UNK B 3756 -11.59 3.71 43.48
N UNK B 3757 -12.33 2.78 42.92
CA UNK B 3757 -13.77 2.70 43.05
C UNK B 3757 -14.13 2.43 44.48
N UNK B 3758 -13.31 1.61 45.11
CA UNK B 3758 -13.48 1.32 46.51
C UNK B 3758 -13.32 2.64 47.21
N UNK B 3759 -12.35 3.38 46.75
CA UNK B 3759 -12.03 4.69 47.28
C UNK B 3759 -13.22 5.61 47.13
N UNK B 3760 -13.89 5.53 46.01
CA UNK B 3760 -15.10 6.27 45.69
C UNK B 3760 -16.31 5.95 46.56
N UNK B 3761 -16.45 4.68 46.89
CA UNK B 3761 -17.48 4.25 47.83
C UNK B 3761 -17.15 4.86 49.16
N UNK B 3762 -15.85 4.89 49.40
CA UNK B 3762 -15.31 5.44 50.61
C UNK B 3762 -15.71 6.87 50.62
N UNK B 3763 -15.64 7.47 49.46
CA UNK B 3763 -15.95 8.86 49.25
C UNK B 3763 -17.39 9.11 49.57
N UNK B 3764 -18.26 8.22 49.14
CA UNK B 3764 -19.68 8.41 49.41
C UNK B 3764 -19.87 8.38 50.90
N UNK B 3765 -19.19 7.44 51.53
CA UNK B 3765 -19.34 7.28 52.95
C UNK B 3765 -18.84 8.52 53.69
N UNK B 3766 -17.75 9.05 53.18
CA UNK B 3766 -17.06 10.20 53.72
C UNK B 3766 -17.95 11.41 53.61
N UNK B 3767 -18.65 11.48 52.50
CA UNK B 3767 -19.55 12.57 52.24
C UNK B 3767 -20.61 12.47 53.29
N UNK B 3768 -21.03 11.25 53.53
CA UNK B 3768 -22.08 11.01 54.47
C UNK B 3768 -21.61 11.56 55.80
N UNK B 3769 -20.35 11.29 56.11
CA UNK B 3769 -19.69 11.93 57.22
C UNK B 3769 -20.03 13.41 57.29
N UNK B 3770 -20.14 14.86 63.86
CA UNK B 3770 -19.28 16.04 63.84
C UNK B 3770 -18.33 16.03 65.03
N UNK B 3771 -18.32 14.93 65.76
CA UNK B 3771 -17.41 14.75 66.88
C UNK B 3771 -15.97 14.76 66.41
N UNK B 3772 -15.69 14.15 65.23
CA UNK B 3772 -14.31 13.70 64.76
C UNK B 3772 -13.67 14.13 63.37
N UNK B 3773 -13.53 15.44 63.24
CA UNK B 3773 -13.01 16.06 62.02
C UNK B 3773 -11.59 15.64 61.66
N UNK B 3774 -10.73 15.49 62.65
CA UNK B 3774 -9.33 15.15 62.38
C UNK B 3774 -9.12 13.77 61.72
N UNK B 3775 -9.87 12.78 62.19
CA UNK B 3775 -9.85 11.46 61.56
C UNK B 3775 -10.39 11.60 60.16
N UNK B 3776 -11.42 12.42 60.01
CA UNK B 3776 -11.92 12.62 58.65
C UNK B 3776 -10.81 13.19 57.74
N UNK B 3777 -10.03 14.11 58.29
CA UNK B 3777 -8.92 14.76 57.59
C UNK B 3777 -7.84 13.76 57.21
N UNK B 3778 -7.56 12.82 58.09
CA UNK B 3778 -6.58 11.78 57.78
C UNK B 3778 -7.04 10.97 56.59
N UNK B 3779 -8.33 10.65 56.56
CA UNK B 3779 -8.84 9.90 55.40
C UNK B 3779 -8.64 10.71 54.12
N UNK B 3780 -8.91 12.00 54.22
CA UNK B 3780 -8.75 12.88 53.06
C UNK B 3780 -7.30 12.89 52.58
N UNK B 3781 -6.38 12.93 53.51
CA UNK B 3781 -4.96 12.96 53.18
C UNK B 3781 -4.55 11.68 52.44
N UNK B 3782 -5.08 10.55 52.90
CA UNK B 3782 -4.77 9.30 52.21
C UNK B 3782 -5.28 9.34 50.78
N UNK B 3783 -6.49 9.88 50.61
CA UNK B 3783 -7.06 9.99 49.27
C UNK B 3783 -6.17 10.85 48.39
N UNK B 3784 -5.65 11.92 48.98
CA UNK B 3784 -4.76 12.83 48.26
C UNK B 3784 -3.48 12.14 47.79
N UNK B 3785 -2.92 11.31 48.65
CA UNK B 3785 -1.72 10.58 48.26
C UNK B 3785 -2.04 9.65 47.09
N UNK B 3786 -3.20 9.03 47.16
CA UNK B 3786 -3.61 8.13 46.07
C UNK B 3786 -3.72 8.90 44.75
N UNK B 3787 -4.26 10.11 44.83
CA UNK B 3787 -4.39 10.98 43.67
C UNK B 3787 -3.03 11.34 43.08
N UNK B 3788 -2.06 11.61 43.96
CA UNK B 3788 -0.71 11.89 43.50
C UNK B 3788 -0.13 10.69 42.76
N UNK B 3789 -0.40 9.50 43.29
CA UNK B 3789 0.06 8.28 42.62
C UNK B 3789 -0.57 8.12 41.25
N UNK B 3790 -1.84 8.50 41.16
CA UNK B 3790 -2.55 8.50 39.90
C UNK B 3790 -1.93 9.45 38.88
N UNK B 3791 -1.54 10.64 39.32
CA UNK B 3791 -0.89 11.56 38.40
C UNK B 3791 0.39 10.90 37.95
N UNK B 3792 1.00 10.25 38.93
CA UNK B 3792 2.31 9.68 38.80
C UNK B 3792 2.27 8.69 37.67
N UNK B 3793 1.15 7.99 37.53
CA UNK B 3793 0.96 7.17 36.34
C UNK B 3793 1.35 7.94 35.08
N UNK B 3794 -1.80 7.62 26.36
CA UNK B 3794 -2.19 6.56 27.29
C UNK B 3794 -3.67 6.25 27.19
N UNK B 3795 -3.99 5.38 26.25
CA UNK B 3795 -5.38 5.06 25.95
C UNK B 3795 -6.00 4.47 27.20
N UNK B 3796 -5.23 3.62 27.89
CA UNK B 3796 -5.73 2.96 29.08
C UNK B 3796 -6.07 3.99 30.15
N UNK B 3797 -5.19 4.97 30.35
CA UNK B 3797 -5.47 5.96 31.38
C UNK B 3797 -6.72 6.70 30.99
N UNK B 3798 -6.85 7.05 29.73
CA UNK B 3798 -8.02 7.81 29.32
C UNK B 3798 -9.31 7.02 29.56
N UNK B 3799 -9.31 5.75 29.21
CA UNK B 3799 -10.51 4.93 29.39
C UNK B 3799 -10.84 4.82 30.85
N UNK B 3800 -9.80 4.62 31.63
CA UNK B 3800 -9.99 4.40 33.03
C UNK B 3800 -10.62 5.66 33.57
N UNK B 3801 -10.11 6.82 33.16
CA UNK B 3801 -10.59 8.05 33.74
C UNK B 3801 -12.04 8.20 33.40
N UNK B 3802 -12.40 7.97 32.13
CA UNK B 3802 -13.78 8.22 31.78
C UNK B 3802 -14.70 7.31 32.57
N UNK B 3803 -14.35 6.04 32.65
CA UNK B 3803 -15.23 5.08 33.31
C UNK B 3803 -15.37 5.40 34.79
N UNK B 3804 -14.22 5.75 35.37
CA UNK B 3804 -14.06 5.98 36.78
C UNK B 3804 -15.00 7.12 37.11
N UNK B 3805 -15.02 8.08 36.20
CA UNK B 3805 -15.95 9.19 36.25
C UNK B 3805 -17.32 8.76 36.76
N UNK B 3806 -17.51 9.91 37.95
CA UNK B 3806 -18.67 9.03 37.99
C UNK B 3806 -19.61 9.46 39.11
N UNK B 3807 -20.27 8.52 39.74
CA UNK B 3807 -21.05 8.82 40.93
C UNK B 3807 -20.09 9.35 41.97
N UNK B 3808 -18.87 8.83 41.89
CA UNK B 3808 -17.76 9.36 42.63
C UNK B 3808 -17.61 10.78 42.17
N UNK B 3809 -17.83 11.04 40.89
CA UNK B 3809 -17.72 12.40 40.39
C UNK B 3809 -18.73 13.31 41.06
N UNK B 3810 -19.93 12.79 41.28
CA UNK B 3810 -21.01 13.45 41.99
C UNK B 3810 -20.66 13.74 43.44
N UNK B 3811 -19.99 12.78 44.06
CA UNK B 3811 -19.47 12.95 45.40
C UNK B 3811 -18.42 14.05 45.44
N UNK B 3812 -17.66 14.10 44.36
CA UNK B 3812 -16.65 15.10 44.13
C UNK B 3812 -17.33 16.43 44.03
N UNK B 3813 -18.48 16.39 43.39
CA UNK B 3813 -19.34 17.51 43.18
C UNK B 3813 -19.76 18.01 44.53
N UNK B 3814 -20.02 17.08 45.43
CA UNK B 3814 -20.32 17.35 46.83
C UNK B 3814 -19.19 18.00 47.63
N UNK B 3815 -17.97 17.56 47.38
CA UNK B 3815 -16.80 18.19 47.98
C UNK B 3815 -16.74 19.62 47.45
N UNK B 3816 -17.11 19.71 46.19
CA UNK B 3816 -17.16 20.94 45.44
C UNK B 3816 -18.18 21.86 46.07
N UNK B 3817 -19.27 21.27 46.53
CA UNK B 3817 -20.34 21.93 47.23
C UNK B 3817 -19.82 22.49 48.52
N UNK B 3818 -18.98 21.72 49.19
CA UNK B 3818 -18.36 22.20 50.41
C UNK B 3818 -17.54 23.44 50.11
N UNK B 3819 -16.84 23.40 48.99
CA UNK B 3819 -16.07 24.56 48.53
C UNK B 3819 -16.94 25.78 48.19
N UNK B 3820 -18.05 25.49 47.55
CA UNK B 3820 -18.99 26.52 47.16
C UNK B 3820 -19.45 27.14 48.44
N UNK B 3821 -19.60 26.31 49.45
CA UNK B 3821 -20.01 26.66 50.80
C UNK B 3821 -19.03 27.59 51.51
N UNK B 3822 -17.74 27.35 51.36
CA UNK B 3822 -16.76 28.32 51.87
C UNK B 3822 -16.88 29.67 51.15
N UNK B 3823 -17.10 29.58 49.85
CA UNK B 3823 -17.26 30.81 49.06
C UNK B 3823 -18.47 31.52 49.62
N UNK B 3824 -19.44 30.70 49.97
CA UNK B 3824 -20.73 31.06 50.53
C UNK B 3824 -20.63 31.70 51.89
N UNK B 3825 -19.70 31.25 52.70
CA UNK B 3825 -19.41 31.84 53.99
C UNK B 3825 -18.91 33.23 53.73
N UNK B 3826 -18.08 33.37 52.71
CA UNK B 3826 -17.61 34.70 52.36
C UNK B 3826 -18.83 35.56 51.96
N UNK B 3827 -19.72 34.94 51.22
CA UNK B 3827 -20.93 35.58 50.74
C UNK B 3827 -21.85 36.02 51.87
N UNK B 3828 -21.91 35.19 52.91
CA UNK B 3828 -22.66 35.42 54.13
C UNK B 3828 -22.11 36.59 54.90
N UNK B 3829 -20.79 36.68 54.90
CA UNK B 3829 -20.14 37.80 55.52
C UNK B 3829 -20.62 39.02 54.77
N UNK B 3830 -20.70 38.91 53.46
CA UNK B 3830 -21.21 40.03 52.66
C UNK B 3830 -22.66 40.36 53.02
N UNK B 3831 -23.48 39.34 53.19
CA UNK B 3831 -24.88 39.50 53.56
C UNK B 3831 -24.98 39.96 55.00
N UNK B 3832 -25.67 39.19 55.83
CA UNK B 3832 -25.83 39.60 57.23
C UNK B 3832 -26.47 40.99 57.30
N UNK B 3833 -27.19 41.33 58.36
CA UNK B 3833 -26.93 40.97 59.76
C UNK B 3833 -28.12 40.84 60.69
N UNK B 3834 -27.90 40.05 61.74
CA UNK B 3834 -28.81 39.94 62.87
C UNK B 3834 -27.98 40.11 64.14
N UNK B 3835 -28.57 40.70 65.17
CA UNK B 3835 -27.83 41.01 66.40
C UNK B 3835 -27.34 39.77 67.16
N UNK B 3836 -26.15 39.88 67.74
CA UNK B 3836 -25.58 38.86 68.64
C UNK B 3836 -24.77 37.74 67.97
N UNK B 3837 -24.72 37.74 66.64
CA UNK B 3837 -23.85 36.81 65.92
C UNK B 3837 -24.41 35.40 65.80
N UNK B 3838 -25.63 35.20 66.28
CA UNK B 3838 -26.25 33.87 66.23
C UNK B 3838 -27.30 33.88 65.14
N UNK B 3839 -27.16 32.96 64.20
CA UNK B 3839 -28.02 32.97 63.03
C UNK B 3839 -29.48 32.74 63.40
N UNK B 3840 -30.35 33.35 62.61
CA UNK B 3840 -31.65 32.76 62.40
C UNK B 3840 -31.45 31.65 61.39
N UNK B 3841 -31.95 30.46 61.70
CA UNK B 3841 -31.84 29.34 60.79
C UNK B 3841 -32.56 29.75 59.52
N UNK B 3842 -33.66 30.47 59.73
CA UNK B 3842 -34.45 31.05 58.67
C UNK B 3842 -33.68 32.08 57.84
N UNK B 3843 -32.84 32.87 58.49
CA UNK B 3843 -32.02 33.84 57.78
C UNK B 3843 -31.12 33.05 56.86
N UNK B 3844 -30.66 31.93 57.39
CA UNK B 3844 -29.82 31.01 56.66
C UNK B 3844 -30.56 30.50 55.45
N UNK B 3845 -31.81 30.18 55.66
CA UNK B 3845 -32.67 29.70 54.60
C UNK B 3845 -32.81 30.75 53.52
N UNK B 3846 -32.94 32.00 53.93
CA UNK B 3846 -33.05 33.11 52.99
C UNK B 3846 -31.80 33.25 52.15
N UNK B 3847 -30.66 33.06 52.80
CA UNK B 3847 -29.38 33.10 52.12
C UNK B 3847 -29.30 31.98 51.10
N UNK B 3848 -29.83 30.84 51.51
CA UNK B 3848 -29.86 29.66 50.67
C UNK B 3848 -30.69 29.98 49.45
N UNK B 3849 -31.78 30.68 49.68
CA UNK B 3849 -32.69 31.06 48.62
C UNK B 3849 -31.94 31.92 47.63
N UNK B 3850 -31.13 32.83 48.16
CA UNK B 3850 -30.32 33.66 47.29
C UNK B 3850 -29.32 32.88 46.42
N UNK B 3851 -28.63 31.91 46.99
CA UNK B 3851 -27.71 31.10 46.18
C UNK B 3851 -28.48 30.15 45.27
N UNK B 3852 -27.91 29.66 44.17
CA UNK B 3852 -28.69 28.69 43.42
C UNK B 3852 -28.96 27.49 44.32
N UNK B 3853 -27.93 27.05 45.03
CA UNK B 3853 -28.09 26.11 46.14
C UNK B 3853 -28.21 24.65 45.73
N UNK B 3854 -28.08 23.79 46.74
CA UNK B 3854 -27.86 22.36 46.63
C UNK B 3854 -29.19 21.64 46.73
N UNK B 3855 -30.23 22.40 46.45
CA UNK B 3855 -31.59 21.96 46.57
C UNK B 3855 -31.79 22.10 48.03
N UNK B 3856 -33.02 22.01 48.47
CA UNK B 3856 -33.31 22.21 49.87
C UNK B 3856 -32.55 21.14 50.59
N UNK B 3857 -32.58 19.94 50.04
CA UNK B 3857 -32.02 18.84 50.78
C UNK B 3857 -30.55 19.07 50.98
N UNK B 3858 -29.78 19.37 49.92
CA UNK B 3858 -28.35 19.39 50.15
C UNK B 3858 -28.05 20.56 51.04
N UNK B 3859 -28.72 21.67 50.76
CA UNK B 3859 -28.32 22.88 51.45
C UNK B 3859 -28.57 22.64 52.91
N UNK B 3860 -29.74 22.10 53.16
CA UNK B 3860 -30.30 21.97 54.48
C UNK B 3860 -29.45 21.02 55.24
N UNK B 3861 -29.04 19.97 54.56
CA UNK B 3861 -28.28 18.90 55.16
C UNK B 3861 -26.93 19.38 55.58
N UNK B 3862 -26.32 20.15 54.69
CA UNK B 3862 -25.01 20.67 54.98
C UNK B 3862 -25.17 21.57 56.18
N UNK B 3863 -26.28 22.30 56.14
CA UNK B 3863 -26.56 23.30 57.11
C UNK B 3863 -26.66 22.62 58.42
N UNK B 3864 -27.38 21.52 58.45
CA UNK B 3864 -27.66 20.85 59.67
C UNK B 3864 -26.35 20.39 60.19
N UNK B 3865 -25.55 19.85 59.29
CA UNK B 3865 -24.35 19.19 59.70
C UNK B 3865 -23.49 20.21 60.43
N UNK B 3866 -23.34 21.40 59.85
CA UNK B 3866 -22.56 22.41 60.57
C UNK B 3866 -23.21 23.00 61.83
N UNK B 3867 -24.46 23.38 61.65
CA UNK B 3867 -25.20 24.36 62.45
C UNK B 3867 -25.64 24.10 63.88
N UNK B 3868 -26.17 22.93 64.19
CA UNK B 3868 -27.07 22.88 65.32
C UNK B 3868 -26.34 23.42 66.55
N UNK B 3869 -25.13 22.95 66.78
CA UNK B 3869 -24.12 23.63 67.57
C UNK B 3869 -24.02 23.43 69.11
N UNK B 3870 -25.01 22.84 69.78
CA UNK B 3870 -26.35 22.61 69.26
C UNK B 3870 -27.33 23.39 70.14
N UNK B 3871 -28.49 23.77 69.59
CA UNK B 3871 -29.48 24.63 70.25
C UNK B 3871 -30.45 25.39 69.31
N UNK B 3872 -30.18 25.38 68.01
CA UNK B 3872 -31.22 25.78 67.03
C UNK B 3872 -30.86 27.06 66.27
N UNK B 3873 -29.93 27.82 66.82
CA UNK B 3873 -29.34 28.95 66.09
C UNK B 3873 -27.83 28.70 65.96
N UNK B 3874 -27.29 28.81 64.75
CA UNK B 3874 -25.83 28.75 64.53
C UNK B 3874 -25.15 29.94 65.24
N UNK B 3875 -23.92 30.17 64.79
CA UNK B 3875 -23.15 31.38 64.92
C UNK B 3875 -22.31 31.48 63.65
N UNK B 3876 -22.26 32.67 63.09
CA UNK B 3876 -21.59 32.87 61.82
C UNK B 3876 -20.15 32.46 62.02
N UNK B 3877 -19.65 32.78 63.21
CA UNK B 3877 -18.28 32.45 63.57
C UNK B 3877 -18.07 30.95 63.56
N UNK B 3878 -19.06 30.20 64.04
CA UNK B 3878 -18.96 28.75 64.04
C UNK B 3878 -18.88 28.23 62.62
N UNK B 3879 -19.70 28.81 61.77
CA UNK B 3879 -19.72 28.38 60.39
C UNK B 3879 -18.33 28.62 59.85
N UNK B 3880 -17.78 29.76 60.23
CA UNK B 3880 -16.47 30.20 59.79
C UNK B 3880 -15.33 29.29 60.25
N UNK B 3881 -15.40 28.80 61.48
CA UNK B 3881 -14.41 27.87 61.99
C UNK B 3881 -14.49 26.59 61.19
N UNK B 3882 -15.72 26.20 60.90
CA UNK B 3882 -15.91 24.98 60.14
C UNK B 3882 -15.23 25.20 58.81
N UNK B 3883 -15.41 26.40 58.30
CA UNK B 3883 -14.87 26.83 57.02
C UNK B 3883 -13.35 26.84 56.97
N UNK B 3884 -12.71 27.26 58.04
CA UNK B 3884 -11.26 27.24 58.18
C UNK B 3884 -10.71 25.82 58.17
N UNK B 3885 -11.44 24.96 58.87
CA UNK B 3885 -11.06 23.56 58.86
C UNK B 3885 -11.17 23.12 57.42
N UNK B 3886 -12.21 23.63 56.79
CA UNK B 3886 -12.59 23.31 55.45
C UNK B 3886 -11.46 23.72 54.54
N UNK B 3887 -10.86 24.86 54.81
CA UNK B 3887 -9.71 25.41 54.09
C UNK B 3887 -8.43 24.60 54.18
N UNK B 3888 -8.14 24.06 55.36
CA UNK B 3888 -7.00 23.16 55.44
C UNK B 3888 -7.33 21.96 54.55
N UNK B 3889 -8.59 21.58 54.69
CA UNK B 3889 -9.11 20.44 53.98
C UNK B 3889 -8.97 20.72 52.51
N UNK B 3890 -9.15 21.99 52.19
CA UNK B 3890 -9.16 22.60 50.88
C UNK B 3890 -7.82 22.54 50.22
N UNK B 3891 -6.76 22.78 50.96
CA UNK B 3891 -5.43 22.62 50.40
C UNK B 3891 -5.34 21.15 50.02
N UNK B 3892 -5.86 20.33 50.93
CA UNK B 3892 -5.81 18.90 50.65
C UNK B 3892 -6.57 18.52 49.36
N UNK B 3893 -7.75 19.08 49.17
CA UNK B 3893 -8.58 18.78 48.01
C UNK B 3893 -7.88 19.26 46.77
N UNK B 3894 -7.27 20.41 46.92
CA UNK B 3894 -6.66 21.14 45.84
C UNK B 3894 -5.65 20.20 45.28
N UNK B 3895 -4.98 19.46 46.16
CA UNK B 3895 -4.23 18.30 45.69
C UNK B 3895 -4.93 17.54 44.54
CA UNK B 3896 -6.89 15.85 43.38
C UNK B 3896 -7.42 16.89 42.41
N UNK B 3897 -7.63 18.12 42.86
CA UNK B 3897 -8.15 19.14 41.95
C UNK B 3897 -7.15 19.42 40.85
N UNK B 3898 -5.92 19.56 41.29
CA UNK B 3898 -4.75 19.77 40.47
C UNK B 3898 -4.57 18.52 39.65
N UNK B 3899 -4.84 17.39 40.28
CA UNK B 3899 -4.67 16.15 39.55
C UNK B 3899 -5.58 16.21 38.33
N UNK B 3900 -6.78 16.68 38.56
CA UNK B 3900 -7.81 16.81 37.55
C UNK B 3900 -7.45 17.77 36.47
N UNK B 3901 -6.84 18.87 36.86
CA UNK B 3901 -6.42 19.85 35.89
C UNK B 3901 -5.38 19.25 34.99
N UNK B 3902 -4.50 18.50 35.61
CA UNK B 3902 -3.45 17.84 34.92
C UNK B 3902 -4.09 16.88 33.96
N UNK B 3903 -5.16 16.29 34.44
CA UNK B 3903 -5.91 15.31 33.72
C UNK B 3903 -6.46 15.94 32.48
N UNK B 3904 -7.00 17.13 32.65
CA UNK B 3904 -7.64 17.82 31.57
C UNK B 3904 -6.57 18.02 30.54
N UNK B 3905 -5.40 18.39 31.03
CA UNK B 3905 -4.22 18.44 30.22
C UNK B 3905 -4.12 17.22 29.32
N UNK B 3906 -17.31 11.77 26.50
CA UNK B 3906 -16.12 11.90 25.67
C UNK B 3906 -15.20 12.87 26.34
N UNK B 3907 -14.38 13.54 25.55
CA UNK B 3907 -13.57 14.63 26.08
C UNK B 3907 -14.59 15.64 26.59
N UNK B 3908 -15.68 15.76 25.85
CA UNK B 3908 -16.81 16.57 26.22
C UNK B 3908 -17.51 16.10 27.49
N UNK B 3909 -17.59 14.79 27.69
CA UNK B 3909 -18.22 14.28 28.90
C UNK B 3909 -17.38 14.73 30.06
N UNK B 3910 -16.09 14.63 29.82
CA UNK B 3910 -15.10 14.95 30.80
C UNK B 3910 -15.32 16.39 31.11
N UNK B 3911 -15.57 17.16 30.07
CA UNK B 3911 -15.82 18.57 30.09
C UNK B 3911 -17.06 19.02 30.84
N UNK B 3912 -18.15 18.28 30.79
CA UNK B 3912 -19.34 18.56 31.63
C UNK B 3912 -19.01 18.33 33.08
N UNK B 3913 -18.29 17.24 33.26
CA UNK B 3913 -17.80 16.93 34.58
C UNK B 3913 -16.95 18.13 35.00
N UNK B 3914 -16.27 18.66 34.00
CA UNK B 3914 -15.39 19.80 33.92
C UNK B 3914 -16.00 21.17 34.13
N UNK B 3915 -17.26 21.36 33.80
CA UNK B 3915 -18.01 22.53 34.14
C UNK B 3915 -18.12 22.51 35.62
N UNK B 3916 -18.42 21.30 36.13
CA UNK B 3916 -18.41 21.19 37.59
C UNK B 3916 -16.98 21.50 38.05
N UNK B 3917 -16.10 20.95 37.24
CA UNK B 3917 -14.69 20.89 37.50
C UNK B 3917 -14.12 22.27 37.52
N UNK B 3918 -14.82 23.19 36.87
CA UNK B 3918 -14.35 24.48 36.44
C UNK B 3918 -14.88 25.53 37.36
N UNK B 3919 -15.95 25.19 38.07
CA UNK B 3919 -16.21 25.91 39.31
C UNK B 3919 -15.01 25.55 40.20
N UNK B 3920 -14.70 24.27 40.14
CA UNK B 3920 -13.56 23.80 40.89
C UNK B 3920 -12.34 24.56 40.39
N UNK B 3921 -12.38 24.86 39.10
CA UNK B 3921 -11.32 25.46 38.35
C UNK B 3921 -11.04 26.86 38.77
N UNK B 3922 -12.08 27.62 39.04
CA UNK B 3922 -11.90 28.96 39.52
C UNK B 3922 -11.19 28.80 40.85
N UNK B 3923 -11.70 27.84 41.60
CA UNK B 3923 -11.15 27.66 42.91
C UNK B 3923 -9.67 27.37 42.78
N UNK B 3924 -9.32 26.49 41.87
CA UNK B 3924 -7.95 26.06 41.68
C UNK B 3924 -7.07 27.18 41.19
N UNK B 3925 -7.62 27.94 40.28
CA UNK B 3925 -6.92 28.99 39.58
C UNK B 3925 -6.46 29.92 40.64
N UNK B 3926 -7.27 30.07 41.69
CA UNK B 3926 -6.77 30.73 42.87
C UNK B 3926 -7.11 29.90 44.09
N UNK B 3927 -6.35 28.86 44.41
CA UNK B 3927 -5.01 28.79 44.95
C UNK B 3927 -3.85 29.30 44.11
N UNK B 3928 -0.10 29.73 45.76
CA UNK B 3928 -1.38 30.20 46.22
C UNK B 3928 -1.06 31.01 47.46
N UNK B 3929 -0.74 30.34 48.56
CA UNK B 3929 -0.08 31.01 49.66
C UNK B 3929 1.31 31.39 49.18
N UNK B 3930 1.94 30.42 48.54
CA UNK B 3930 3.25 30.58 47.94
C UNK B 3930 3.15 31.54 46.79
N UNK B 3931 2.06 31.40 46.03
CA UNK B 3931 1.86 32.24 44.89
C UNK B 3931 1.76 33.64 45.42
N UNK B 3932 1.10 33.75 46.56
CA UNK B 3932 0.86 35.03 47.19
C UNK B 3932 2.14 35.65 47.63
N UNK B 3933 3.02 34.83 48.20
CA UNK B 3933 4.28 35.33 48.67
C UNK B 3933 5.04 35.85 47.47
N UNK B 3934 4.97 35.09 46.40
CA UNK B 3934 5.70 35.43 45.19
C UNK B 3934 5.18 36.75 44.66
N UNK B 3935 3.86 36.88 44.68
CA UNK B 3935 3.19 38.04 44.15
C UNK B 3935 3.60 39.25 44.95
N UNK B 3936 3.67 39.06 46.25
CA UNK B 3936 4.00 40.14 47.14
C UNK B 3936 5.38 40.60 46.82
N UNK B 3937 6.27 39.64 46.62
CA UNK B 3937 7.65 39.96 46.36
C UNK B 3937 7.73 40.75 45.07
N UNK B 3938 6.96 40.31 44.08
CA UNK B 3938 6.99 40.95 42.78
C UNK B 3938 6.52 42.38 42.87
N UNK B 3939 5.45 42.60 43.64
CA UNK B 3939 4.94 43.94 43.77
C UNK B 3939 6.02 44.79 44.43
N UNK B 3940 6.59 44.24 45.49
CA UNK B 3940 7.59 44.97 46.24
C UNK B 3940 8.84 45.21 45.43
N UNK B 3941 9.69 42.84 44.10
CA UNK B 3941 9.77 43.86 43.09
C UNK B 3941 9.72 43.22 41.70
N UNK B 3942 8.77 43.69 40.91
CA UNK B 3942 8.15 44.94 41.24
C UNK B 3942 9.41 45.75 41.23
N UNK B 3943 10.03 45.94 42.39
CA UNK B 3943 11.40 46.37 42.40
C UNK B 3943 12.18 45.24 41.75
N UNK B 3944 11.79 44.03 42.14
CA UNK B 3944 12.42 42.82 41.66
C UNK B 3944 12.19 42.68 40.17
N UNK B 3945 10.98 43.03 39.74
CA UNK B 3945 10.58 42.98 38.36
C UNK B 3945 11.40 43.95 37.54
N UNK B 3946 11.64 45.11 38.13
CA UNK B 3946 12.44 46.13 37.48
C UNK B 3946 13.84 45.58 37.30
N UNK B 3947 14.31 44.87 38.31
CA UNK B 3947 15.61 44.22 38.28
C UNK B 3947 15.69 43.17 37.18
N UNK B 3948 14.61 42.44 37.02
CA UNK B 3948 14.47 41.44 35.98
C UNK B 3948 14.51 42.09 34.63
N UNK B 3949 13.87 43.25 34.56
CA UNK B 3949 13.79 44.05 33.38
C UNK B 3949 15.20 44.45 33.05
N UNK B 3950 15.96 44.73 34.09
CA UNK B 3950 17.36 45.10 34.01
C UNK B 3950 18.19 43.95 33.46
N UNK B 3951 17.90 42.76 33.93
CA UNK B 3951 18.60 41.58 33.44
C UNK B 3951 18.31 41.48 31.96
N UNK B 3952 17.06 41.75 31.63
CA UNK B 3952 16.58 41.67 30.27
C UNK B 3952 17.33 42.66 29.40
N UNK B 3953 17.51 43.86 29.92
CA UNK B 3953 18.20 44.92 29.22
C UNK B 3953 19.64 44.51 28.98
N UNK B 3954 20.23 43.90 29.99
CA UNK B 3954 21.62 43.51 29.90
C UNK B 3954 21.72 42.53 28.75
N UNK B 3955 20.75 41.63 28.67
CA UNK B 3955 20.61 40.77 27.51
C UNK B 3955 21.92 40.17 27.04
N UNK B 3956 22.08 29.98 29.73
CA UNK B 3956 23.31 30.17 30.47
C UNK B 3956 23.22 31.41 31.36
N UNK B 3957 23.12 32.55 30.69
CA UNK B 3957 23.04 33.83 31.35
C UNK B 3957 21.80 33.77 32.20
N UNK B 3958 20.77 33.13 31.64
CA UNK B 3958 19.52 32.90 32.36
C UNK B 3958 19.72 32.02 33.58
N UNK B 3959 20.61 31.04 33.49
CA UNK B 3959 20.84 30.19 34.64
C UNK B 3959 21.32 31.08 35.74
N UNK B 3960 22.22 31.99 35.38
CA UNK B 3960 22.74 32.94 36.36
C UNK B 3960 21.65 33.85 36.95
N UNK B 3961 20.78 34.34 36.08
CA UNK B 3961 19.71 35.19 36.54
C UNK B 3961 18.80 34.44 37.50
N UNK B 3962 18.56 33.18 37.21
CA UNK B 3962 17.73 32.31 38.04
C UNK B 3962 18.35 32.08 39.40
N UNK B 3963 19.66 31.94 39.40
CA UNK B 3963 20.36 31.78 40.65
C UNK B 3963 20.10 33.03 41.43
N UNK B 3964 20.19 34.15 40.75
CA UNK B 3964 19.99 35.42 41.43
C UNK B 3964 18.59 35.50 42.00
N UNK B 3965 17.61 35.06 41.24
CA UNK B 3965 16.25 35.17 41.69
C UNK B 3965 16.15 34.38 42.96
N UNK B 3966 16.72 33.18 42.98
CA UNK B 3966 16.64 32.33 44.17
C UNK B 3966 17.33 32.91 45.39
N UNK B 3967 18.50 33.51 45.21
CA UNK B 3967 19.22 34.10 46.32
C UNK B 3967 18.39 35.24 46.85
N UNK B 3968 17.80 35.96 45.91
CA UNK B 3968 17.02 37.12 46.25
C UNK B 3968 15.85 36.67 47.08
N UNK B 3969 15.26 35.56 46.68
CA UNK B 3969 14.09 35.01 47.32
C UNK B 3969 14.45 34.64 48.72
N UNK B 3970 15.62 34.03 48.90
CA UNK B 3970 16.02 33.64 50.23
C UNK B 3970 16.17 34.88 51.12
N UNK B 3971 16.77 35.93 50.57
CA UNK B 3971 16.94 37.15 51.35
C UNK B 3971 15.61 37.76 51.73
N UNK B 3972 14.71 37.77 50.75
CA UNK B 3972 13.44 38.41 50.93
C UNK B 3972 12.73 37.67 52.01
N UNK B 3973 12.85 36.35 51.95
CA UNK B 3973 12.16 35.49 52.86
C UNK B 3973 12.65 35.74 54.26
N UNK B 3974 13.95 35.86 54.42
CA UNK B 3974 14.48 36.06 55.76
C UNK B 3974 13.90 37.36 56.29
N UNK B 3975 13.92 38.39 55.46
CA UNK B 3975 13.46 39.69 55.93
C UNK B 3975 11.98 39.65 56.31
N UNK B 3976 11.21 38.97 55.48
CA UNK B 3976 9.77 38.84 55.64
C UNK B 3976 9.40 38.07 56.91
N UNK B 3977 19.90 42.74 74.74
CA UNK B 3977 18.99 41.61 74.75
C UNK B 3977 17.60 42.05 74.29
N UNK B 3978 16.72 42.31 75.26
CA UNK B 3978 15.36 42.75 74.95
C UNK B 3978 15.49 44.05 74.20
N UNK B 3979 16.44 44.86 74.65
CA UNK B 3979 16.71 46.13 74.00
C UNK B 3979 17.17 45.88 72.58
N UNK B 3980 17.98 44.86 72.38
CA UNK B 3980 18.49 44.55 71.05
C UNK B 3980 17.32 44.22 70.13
N UNK B 3981 16.37 43.45 70.64
CA UNK B 3981 15.17 43.08 69.90
C UNK B 3981 14.30 44.27 69.54
N UNK B 3982 14.16 45.18 70.48
CA UNK B 3982 13.37 46.38 70.23
C UNK B 3982 14.06 47.16 69.12
N UNK B 3983 15.39 47.16 69.19
CA UNK B 3983 16.20 47.87 68.23
C UNK B 3983 15.96 47.27 66.87
N UNK B 3984 15.89 45.95 66.83
CA UNK B 3984 15.64 45.22 65.60
C UNK B 3984 14.27 45.56 65.00
N UNK B 3985 13.26 45.67 65.85
CA UNK B 3985 11.93 46.03 65.36
C UNK B 3985 11.97 47.44 64.77
N UNK B 3986 12.67 48.29 65.49
CA UNK B 3986 12.76 49.68 65.10
C UNK B 3986 13.43 49.68 63.74
N UNK B 3987 14.41 48.80 63.62
CA UNK B 3987 15.24 48.61 62.44
C UNK B 3987 14.47 48.14 61.21
N UNK B 3988 13.53 47.22 61.40
CA UNK B 3988 12.66 46.81 60.30
C UNK B 3988 11.82 48.01 59.86
N UNK B 3989 11.35 48.76 60.85
CA UNK B 3989 10.54 49.93 60.52
C UNK B 3989 11.42 50.85 59.69
N UNK B 3990 12.68 50.92 60.08
CA UNK B 3990 13.70 51.74 59.46
C UNK B 3990 14.04 51.36 58.01
N UNK B 3991 14.12 50.07 57.74
CA UNK B 3991 14.36 49.63 56.38
C UNK B 3991 13.17 50.08 55.57
N UNK B 3992 12.00 49.96 56.18
CA UNK B 3992 10.80 50.36 55.47
C UNK B 3992 10.87 51.84 55.13
N UNK B 3993 11.33 52.64 56.08
CA UNK B 3993 11.49 54.07 55.87
C UNK B 3993 12.52 54.40 54.80
N UNK B 3994 13.61 53.64 54.81
CA UNK B 3994 14.72 53.86 53.90
C UNK B 3994 14.12 53.71 52.53
N UNK B 3995 13.25 52.73 52.40
CA UNK B 3995 12.32 52.73 51.29
C UNK B 3995 11.40 53.89 51.64
N UNK B 3996 11.94 55.10 51.67
CA UNK B 3996 11.25 56.19 52.34
C UNK B 3996 12.25 57.07 53.06
N UNK B 3997 13.18 56.42 53.74
CA UNK B 3997 14.16 57.16 54.51
C UNK B 3997 14.96 58.02 53.56
N UNK B 3998 15.32 57.45 52.42
CA UNK B 3998 16.14 58.21 51.48
C UNK B 3998 15.42 59.44 51.01
N UNK B 3999 14.14 59.28 50.65
CA UNK B 3999 13.43 60.41 50.09
C UNK B 3999 13.37 61.50 51.14
N UNK B 4000 13.08 61.09 52.38
CA UNK B 4000 12.91 62.08 53.41
C UNK B 4000 14.20 62.86 53.63
N UNK B 4001 15.30 62.13 53.68
CA UNK B 4001 16.56 62.78 53.98
C UNK B 4001 16.89 63.76 52.87
N UNK B 4002 16.66 63.36 51.64
CA UNK B 4002 17.00 64.24 50.53
C UNK B 4002 16.21 65.52 50.63
N UNK B 4003 14.92 65.40 50.91
CA UNK B 4003 14.10 66.61 50.98
C UNK B 4003 14.58 67.53 52.10
N UNK B 4004 14.89 66.93 53.24
CA UNK B 4004 15.28 67.74 54.37
C UNK B 4004 16.52 68.51 54.01
N UNK B 4005 17.44 67.80 53.34
CA UNK B 4005 18.71 68.39 52.96
C UNK B 4005 18.52 69.56 51.98
N UNK B 4006 17.66 69.37 51.00
CA UNK B 4006 17.46 70.43 50.04
C UNK B 4006 16.93 71.64 50.80
N UNK B 4007 16.02 71.40 51.74
CA UNK B 4007 15.47 72.53 52.49
C UNK B 4007 16.52 73.29 53.30
N UNK B 4008 17.41 72.58 53.98
CA UNK B 4008 18.46 73.30 54.72
C UNK B 4008 19.35 74.10 53.77
N UNK B 4009 19.66 73.47 52.64
CA UNK B 4009 20.53 74.11 51.68
C UNK B 4009 19.85 75.38 51.19
N UNK B 4010 18.55 75.32 50.99
CA UNK B 4010 17.76 76.45 50.55
C UNK B 4010 17.75 77.58 51.57
N UNK B 4011 17.66 77.25 52.85
CA UNK B 4011 17.73 78.30 53.86
C UNK B 4011 19.10 78.98 53.80
N UNK B 4012 20.13 78.16 53.62
CA UNK B 4012 21.48 78.71 53.53
C UNK B 4012 21.60 79.62 52.31
N UNK B 4013 20.94 79.23 51.23
CA UNK B 4013 20.89 80.00 49.99
C UNK B 4013 20.19 81.32 50.18
N UNK B 4014 19.13 81.33 50.97
CA UNK B 4014 18.45 82.58 51.26
C UNK B 4014 19.44 83.48 51.97
N UNK B 4015 20.18 82.91 52.91
CA UNK B 4015 21.13 83.72 53.63
C UNK B 4015 22.14 84.30 52.65
N UNK B 4016 22.60 83.49 51.71
CA UNK B 4016 23.55 83.97 50.70
C UNK B 4016 23.05 85.04 49.74
N UNK B 4017 21.80 84.93 49.30
CA UNK B 4017 21.31 85.83 48.25
C UNK B 4017 19.91 85.45 47.74
N UNK B 4018 14.79 81.28 64.88
CA UNK B 4018 14.26 80.48 63.79
C UNK B 4018 15.35 79.60 63.20
N UNK B 4019 16.24 80.21 62.42
CA UNK B 4019 17.27 79.46 61.75
C UNK B 4019 18.19 78.78 62.76
N UNK B 4020 18.51 79.49 63.83
CA UNK B 4020 19.37 78.92 64.85
C UNK B 4020 18.63 77.72 65.43
N UNK B 4021 17.34 77.90 65.63
CA UNK B 4021 16.47 76.78 65.96
C UNK B 4021 16.52 75.88 64.75
N UNK B 4022 16.50 76.52 63.59
CA UNK B 4022 16.56 75.81 62.32
C UNK B 4022 17.86 75.04 62.18
N UNK B 4023 18.94 75.64 62.63
CA UNK B 4023 20.26 75.03 62.49
C UNK B 4023 20.27 73.71 63.25
N UNK B 4024 19.62 73.70 64.40
CA UNK B 4024 19.56 72.49 65.21
C UNK B 4024 18.86 71.41 64.39
N UNK B 4025 17.84 71.82 63.63
CA UNK B 4025 17.09 70.87 62.83
C UNK B 4025 18.02 70.22 61.83
N UNK B 4026 18.90 71.02 61.26
CA UNK B 4026 19.84 70.51 60.27
C UNK B 4026 20.69 69.45 60.94
N UNK B 4027 21.09 69.72 62.18
CA UNK B 4027 21.90 68.78 62.92
C UNK B 4027 21.11 67.50 63.10
N UNK B 4028 19.81 67.64 63.37
CA UNK B 4028 18.95 66.49 63.57
C UNK B 4028 18.93 65.66 62.29
N UNK B 4029 18.89 66.33 61.15
CA UNK B 4029 18.77 65.65 59.88
C UNK B 4029 19.94 64.71 59.65
N UNK B 4030 21.13 65.17 60.01
CA UNK B 4030 22.32 64.34 59.83
C UNK B 4030 22.16 63.09 60.67
N UNK B 4031 21.61 63.25 61.86
CA UNK B 4031 21.50 62.14 62.79
C UNK B 4031 20.63 61.04 62.17
N UNK B 4032 19.59 61.46 61.47
CA UNK B 4032 18.67 60.51 60.86
C UNK B 4032 19.40 59.64 59.86
N UNK B 4033 20.31 60.26 59.11
CA UNK B 4033 20.95 59.59 58.00
C UNK B 4033 21.73 58.35 58.44
N UNK B 4034 22.43 58.46 59.55
CA UNK B 4034 23.30 57.37 59.94
C UNK B 4034 22.46 56.14 60.14
N UNK B 4035 21.28 56.32 60.71
CA UNK B 4035 20.40 55.19 61.00
C UNK B 4035 20.03 54.50 59.70
N UNK B 4036 19.76 55.30 58.69
CA UNK B 4036 19.37 54.76 57.40
C UNK B 4036 20.51 53.93 56.84
N UNK B 4037 21.72 54.42 57.02
CA UNK B 4037 22.88 53.74 56.47
C UNK B 4037 23.04 52.35 57.08
N UNK B 4038 22.83 52.23 58.39
CA UNK B 4038 23.04 50.96 59.04
C UNK B 4038 22.07 49.91 58.51
N UNK B 4039 20.77 50.17 58.46
CA UNK B 4039 19.85 49.11 58.01
C UNK B 4039 20.07 48.72 56.54
N UNK B 4040 20.26 49.75 55.75
CA UNK B 4040 20.48 49.58 54.32
C UNK B 4040 21.73 48.74 54.19
N UNK B 4041 22.65 48.95 55.12
CA UNK B 4041 23.88 48.18 55.12
C UNK B 4041 23.45 46.73 55.28
N UNK B 4042 22.48 46.47 56.13
CA UNK B 4042 22.07 45.09 56.35
C UNK B 4042 21.51 44.44 55.09
N UNK B 4043 20.69 45.18 54.35
CA UNK B 4043 20.14 44.64 53.09
C UNK B 4043 21.24 44.36 52.05
N UNK B 4044 22.18 45.30 51.99
CA UNK B 4044 23.25 45.22 51.02
C UNK B 4044 24.02 43.96 51.37
N UNK B 4045 24.15 43.74 52.67
CA UNK B 4045 24.86 42.61 53.23
C UNK B 4045 24.24 41.29 52.85
N UNK B 4046 22.92 41.21 52.87
CA UNK B 4046 22.27 39.98 52.44
C UNK B 4046 22.60 39.74 50.97
N UNK B 4047 22.55 40.81 50.19
CA UNK B 4047 22.84 40.64 48.77
C UNK B 4047 24.26 40.13 48.59
N UNK B 4048 25.16 40.69 49.39
CA UNK B 4048 26.57 40.35 49.36
C UNK B 4048 26.83 38.92 49.75
N UNK B 4049 26.12 38.41 50.74
CA UNK B 4049 26.28 37.04 51.18
C UNK B 4049 25.86 36.13 50.04
N UNK B 4050 24.79 36.49 49.36
CA UNK B 4050 24.37 35.69 48.23
C UNK B 4050 25.46 35.67 47.15
N UNK B 4051 26.04 36.84 46.93
CA UNK B 4051 27.09 36.97 45.93
C UNK B 4051 28.27 36.09 46.31
N UNK B 4052 28.57 36.08 47.60
CA UNK B 4052 29.68 35.31 48.15
C UNK B 4052 29.45 33.83 47.92
N UNK B 4053 28.22 33.40 48.12
CA UNK B 4053 27.89 32.01 47.90
C UNK B 4053 28.09 31.64 46.43
N UNK B 4054 27.68 32.56 45.55
CA UNK B 4054 27.86 32.33 44.12
C UNK B 4054 29.34 32.21 43.77
N UNK B 4055 30.11 33.07 44.39
CA UNK B 4055 31.53 33.13 44.16
C UNK B 4055 32.11 31.80 44.58
N UNK B 4056 31.60 31.31 45.69
CA UNK B 4056 32.06 30.06 46.25
C UNK B 4056 31.79 28.94 45.28
N UNK B 4057 30.61 28.92 44.68
CA UNK B 4057 30.30 27.86 43.73
C UNK B 4057 31.26 27.92 42.56
N UNK B 4058 31.52 29.14 42.11
CA UNK B 4058 32.41 29.32 40.98
C UNK B 4058 33.82 28.81 41.28
N UNK B 4059 34.30 29.09 42.48
CA UNK B 4059 35.63 28.63 42.91
C UNK B 4059 35.65 27.12 43.01
N UNK B 4060 34.55 26.60 43.52
CA UNK B 4060 34.32 25.19 43.75
C UNK B 4060 34.48 24.52 42.42
N UNK B 4061 34.15 25.26 41.37
CA UNK B 4061 34.48 24.81 40.05
C UNK B 4061 36.00 24.61 39.99
N UNK B 4062 36.82 25.47 40.60
CA UNK B 4062 38.26 25.26 40.43
C UNK B 4062 38.94 24.85 41.74
N UNK B 4063 36.86 39.58 44.72
CA UNK B 4063 38.24 39.46 44.26
C UNK B 4063 39.01 38.41 45.07
N UNK B 4064 39.63 37.48 44.36
CA UNK B 4064 40.38 36.40 45.01
C UNK B 4064 41.59 36.84 45.82
N UNK B 4065 42.37 37.79 45.32
CA UNK B 4065 43.65 38.10 45.93
C UNK B 4065 43.41 38.52 47.36
N UNK B 4066 42.41 39.38 47.54
CA UNK B 4066 41.72 39.51 48.81
C UNK B 4066 40.60 38.48 48.88
N UNK B 4067 39.93 38.31 47.75
CA UNK B 4067 38.84 37.37 47.67
C UNK B 4067 39.41 35.98 47.95
N UNK B 4068 40.57 35.72 47.38
CA UNK B 4068 41.24 34.44 47.56
C UNK B 4068 41.61 34.20 49.02
N UNK B 4069 42.10 35.23 49.69
CA UNK B 4069 42.46 35.09 51.09
C UNK B 4069 41.21 34.77 51.89
N UNK B 4070 40.12 35.46 51.55
CA UNK B 4070 38.86 35.28 52.26
C UNK B 4070 38.40 33.84 52.09
N UNK B 4071 38.57 33.33 50.87
CA UNK B 4071 38.20 31.95 50.55
C UNK B 4071 39.03 30.94 51.33
N UNK B 4072 40.32 31.21 51.44
CA UNK B 4072 41.19 30.30 52.16
C UNK B 4072 40.68 30.26 53.58
N UNK B 4073 40.21 31.39 54.09
CA UNK B 4073 39.58 31.38 55.40
C UNK B 4073 39.55 29.97 55.96
N UNK B 4074 40.49 27.88 58.20
CA UNK B 4074 39.63 26.89 57.57
C UNK B 4074 40.27 26.47 56.27
N UNK B 4075 40.50 27.44 55.40
CA UNK B 4075 40.93 27.14 54.07
C UNK B 4075 42.22 26.38 54.16
N UNK B 4076 43.11 26.78 55.05
CA UNK B 4076 44.41 26.13 55.17
C UNK B 4076 44.41 24.67 55.61
N UNK B 4077 43.59 24.36 56.61
CA UNK B 4077 43.48 22.98 57.07
C UNK B 4077 42.90 22.19 55.94
N UNK B 4078 41.96 22.85 55.28
CA UNK B 4078 41.20 22.24 54.23
C UNK B 4078 42.22 21.89 53.18
N UNK B 4079 43.13 22.82 52.95
CA UNK B 4079 44.14 22.73 51.92
C UNK B 4079 45.07 21.58 52.18
N UNK B 4080 45.48 21.41 53.43
CA UNK B 4080 46.37 20.31 53.73
C UNK B 4080 45.65 19.01 53.41
N UNK B 4081 44.41 18.85 53.87
CA UNK B 4081 43.71 17.58 53.65
C UNK B 4081 43.50 17.34 52.16
N UNK B 4082 43.23 18.46 51.51
CA UNK B 4082 42.89 18.54 50.09
C UNK B 4082 44.04 18.09 49.22
N UNK B 4083 45.27 18.53 49.50
CA UNK B 4083 46.40 17.98 48.74
C UNK B 4083 46.36 16.51 49.11
N UNK B 4084 46.30 16.36 50.43
CA UNK B 4084 46.19 15.13 51.20
C UNK B 4084 45.08 14.22 50.73
N UNK B 4085 44.67 14.45 49.49
CA UNK B 4085 44.49 13.41 48.46
C UNK B 4085 43.43 13.75 47.48
N UNK B 4086 42.73 14.80 47.80
CA UNK B 4086 41.32 14.89 47.48
C UNK B 4086 40.90 15.85 46.40
N UNK B 4087 40.00 15.40 45.54
CA UNK B 4087 39.22 16.37 44.76
C UNK B 4087 37.93 16.85 45.45
N UNK B 4088 36.96 17.21 44.62
CA UNK B 4088 35.77 17.93 45.06
C UNK B 4088 34.96 17.17 46.08
N UNK B 4089 34.85 15.86 45.91
CA UNK B 4089 33.85 15.12 46.66
C UNK B 4089 34.12 15.31 48.14
N UNK B 4090 35.39 15.25 48.52
CA UNK B 4090 35.74 15.56 49.89
C UNK B 4090 35.36 17.00 50.11
N UNK B 4091 35.66 17.81 49.10
CA UNK B 4091 35.32 19.22 49.12
C UNK B 4091 33.82 19.38 49.15
N UNK B 4092 33.14 18.52 48.40
CA UNK B 4092 31.73 18.72 48.16
C UNK B 4092 30.96 18.68 49.45
N UNK B 4093 31.32 17.74 50.33
CA UNK B 4093 30.60 17.65 51.58
C UNK B 4093 30.82 18.96 52.31
N UNK B 4094 32.06 19.44 52.30
CA UNK B 4094 32.39 20.67 53.00
C UNK B 4094 31.61 21.80 52.38
N UNK B 4095 31.54 21.80 51.05
CA UNK B 4095 30.83 22.84 50.32
C UNK B 4095 29.35 22.85 50.64
N UNK B 4096 28.77 21.67 50.76
CA UNK B 4096 27.32 21.59 50.83
C UNK B 4096 26.78 22.36 52.02
N UNK B 4097 27.47 22.24 53.15
CA UNK B 4097 27.03 22.91 54.37
C UNK B 4097 25.80 22.21 54.94
N UNK B 4098 38.53 36.79 61.65
CA UNK B 4098 39.02 36.86 60.27
C UNK B 4098 37.84 36.99 59.32
N UNK B 4099 36.84 36.15 59.54
CA UNK B 4099 35.69 36.10 58.66
C UNK B 4099 35.05 37.46 58.71
N UNK B 4100 35.01 38.03 59.90
CA UNK B 4100 34.41 39.33 60.06
C UNK B 4100 35.17 40.33 59.23
N UNK B 4101 36.50 40.24 59.21
CA UNK B 4101 37.29 41.21 58.46
C UNK B 4101 37.01 41.10 56.96
N UNK B 4102 36.95 39.87 56.46
CA UNK B 4102 36.71 39.69 55.04
C UNK B 4102 35.36 40.26 54.71
N UNK B 4103 34.41 40.01 55.61
CA UNK B 4103 33.03 40.44 55.46
C UNK B 4103 32.92 41.97 55.45
N UNK B 4104 33.68 42.60 56.32
CA UNK B 4104 33.71 44.05 56.41
C UNK B 4104 34.23 44.58 55.09
N UNK B 4105 35.25 43.93 54.55
CA UNK B 4105 35.80 44.36 53.26
C UNK B 4105 34.74 44.26 52.16
N UNK B 4106 33.98 43.17 52.21
CA UNK B 4106 32.93 42.96 51.25
C UNK B 4106 31.86 44.04 51.35
N UNK B 4107 31.52 44.43 52.58
CA UNK B 4107 30.56 45.51 52.81
C UNK B 4107 31.12 46.82 52.28
N UNK B 4108 32.42 46.99 52.48
CA UNK B 4108 33.19 48.15 52.09
C UNK B 4108 33.32 48.25 50.58
N UNK B 4109 32.96 47.17 49.89
CA UNK B 4109 32.70 47.23 48.46
C UNK B 4109 31.83 48.43 48.04
N UNK B 4110 31.30 48.37 46.82
CA UNK B 4110 30.86 49.54 46.08
C UNK B 4110 29.74 50.30 46.78
N UNK B 4111 28.80 49.56 47.35
CA UNK B 4111 27.61 50.17 47.90
C UNK B 4111 27.89 51.12 49.06
N UNK B 4112 28.77 50.71 49.97
CA UNK B 4112 29.00 51.47 51.18
C UNK B 4112 29.52 52.84 50.85
N UNK B 4113 30.40 52.90 49.86
CA UNK B 4113 31.06 54.15 49.52
C UNK B 4113 30.01 55.16 49.12
N UNK B 4114 28.97 54.70 48.42
CA UNK B 4114 27.92 55.58 47.99
C UNK B 4114 27.34 56.18 49.24
N UNK B 4115 27.28 55.35 50.28
CA UNK B 4115 26.87 55.83 51.58
C UNK B 4115 27.86 56.88 52.06
N UNK B 4116 29.15 56.63 51.81
CA UNK B 4116 30.20 57.48 52.35
C UNK B 4116 30.16 58.93 51.88
N UNK B 4117 29.94 59.15 50.58
CA UNK B 4117 29.80 60.51 50.10
C UNK B 4117 28.57 61.06 50.76
N UNK B 4118 27.50 60.26 50.79
CA UNK B 4118 26.32 60.59 51.56
C UNK B 4118 26.63 60.57 53.05
N UNK B 4119 27.39 59.57 53.47
CA UNK B 4119 27.79 59.46 54.86
C UNK B 4119 28.67 60.65 55.21
N UNK B 4120 29.56 61.00 54.31
CA UNK B 4120 30.52 62.05 54.55
C UNK B 4120 29.76 63.33 54.78
N UNK B 4121 28.71 63.52 54.00
CA UNK B 4121 27.94 64.74 54.09
C UNK B 4121 27.42 64.80 55.52
N UNK B 4122 27.03 63.66 56.04
CA UNK B 4122 26.63 63.61 57.43
C UNK B 4122 27.86 64.02 58.22
N UNK B 4123 29.00 63.52 57.78
CA UNK B 4123 30.27 63.84 58.44
C UNK B 4123 30.55 65.33 58.33
N UNK B 4124 30.27 65.89 57.16
CA UNK B 4124 30.60 67.27 56.86
C UNK B 4124 29.90 68.24 57.79
N UNK B 4125 28.66 67.93 58.15
CA UNK B 4125 27.87 68.86 58.95
C UNK B 4125 28.66 69.08 60.22
N UNK B 4126 29.30 68.02 60.69
CA UNK B 4126 30.25 68.12 61.79
C UNK B 4126 31.12 69.36 61.64
N UNK B 4127 33.06 75.44 59.60
CA UNK B 4127 33.71 74.13 59.60
C UNK B 4127 32.68 73.03 59.38
N UNK B 4128 32.09 72.57 60.48
CA UNK B 4128 31.12 71.49 60.38
C UNK B 4128 29.95 71.95 59.53
N UNK B 4129 29.55 73.21 59.69
CA UNK B 4129 28.36 73.73 59.03
C UNK B 4129 28.42 73.75 57.50
N UNK B 4130 29.57 74.12 56.94
CA UNK B 4130 29.67 74.34 55.50
C UNK B 4130 29.42 73.09 54.65
N UNK B 4131 29.95 71.96 55.09
CA UNK B 4131 29.92 70.74 54.29
C UNK B 4131 28.53 70.18 54.01
N UNK B 4132 27.63 70.28 54.97
CA UNK B 4132 26.39 69.51 54.99
C UNK B 4132 25.49 69.74 53.79
N UNK B 4133 25.43 70.98 53.32
CA UNK B 4133 24.52 71.31 52.23
C UNK B 4133 24.88 70.52 50.98
N UNK B 4134 26.16 70.32 50.75
CA UNK B 4134 26.63 69.61 49.56
C UNK B 4134 26.12 68.17 49.48
N UNK B 4135 26.05 67.49 50.62
CA UNK B 4135 25.74 66.08 50.62
C UNK B 4135 24.37 65.86 49.99
N UNK B 4136 23.43 66.74 50.33
CA UNK B 4136 22.13 66.71 49.69
C UNK B 4136 22.35 66.99 48.22
N UNK B 4137 23.29 67.90 47.94
CA UNK B 4137 23.58 68.26 46.58
C UNK B 4137 24.03 67.00 45.89
N UNK B 4138 24.79 66.20 46.61
CA UNK B 4138 25.24 64.92 46.08
C UNK B 4138 24.03 64.06 45.77
N UNK B 4139 23.04 64.17 46.64
CA UNK B 4139 21.88 63.26 46.63
C UNK B 4139 21.04 63.30 45.36
N UNK B 4140 20.91 64.46 44.76
CA UNK B 4140 19.83 64.69 43.81
C UNK B 4140 19.88 63.70 42.67
N UNK B 4141 21.09 63.39 42.18
CA UNK B 4141 21.21 62.45 41.06
C UNK B 4141 20.64 61.09 41.42
N UNK B 4142 20.88 60.65 42.66
CA UNK B 4142 20.34 59.39 43.14
C UNK B 4142 18.88 59.21 42.73
N UNK B 4143 16.49 59.40 40.77
CA UNK B 4143 15.53 58.46 40.18
C UNK B 4143 15.60 58.51 38.65
N UNK B 4144 14.66 59.21 38.04
CA UNK B 4144 14.66 59.37 36.59
C UNK B 4144 15.93 60.11 36.24
N UNK B 4145 16.28 61.07 37.08
CA UNK B 4145 17.49 61.85 36.92
C UNK B 4145 18.71 60.94 37.04
N UNK B 4146 18.66 59.99 37.97
CA UNK B 4146 19.77 59.07 38.16
C UNK B 4146 19.94 58.27 36.88
N UNK B 4147 18.81 57.86 36.31
CA UNK B 4147 18.81 57.09 35.09
C UNK B 4147 19.42 57.90 33.97
N UNK B 4148 19.07 59.17 33.92
CA UNK B 4148 19.58 60.05 32.89
C UNK B 4148 21.09 60.17 33.03
N UNK B 4149 21.56 60.27 34.26
CA UNK B 4149 22.99 60.36 34.53
C UNK B 4149 23.72 59.11 34.09
N UNK B 4150 23.12 57.97 34.37
CA UNK B 4150 23.70 56.70 33.99
C UNK B 4150 23.79 56.65 32.48
N UNK B 4151 22.75 57.16 31.84
CA UNK B 4151 22.65 57.21 30.39
C UNK B 4151 23.74 58.07 29.81
N UNK B 4152 24.01 59.19 30.47
CA UNK B 4152 25.06 60.09 30.06
C UNK B 4152 26.40 59.38 30.17
N UNK B 4153 26.56 58.63 31.24
CA UNK B 4153 27.81 57.91 31.45
C UNK B 4153 27.97 56.92 30.31
N UNK B 4154 26.87 56.27 29.95
CA UNK B 4154 26.88 55.29 28.88
C UNK B 4154 27.23 55.93 27.55
N UNK B 4155 26.71 57.14 27.36
CA UNK B 4155 26.74 57.84 26.08
C UNK B 4155 28.17 58.09 25.59
N UNK B 4156 29.07 58.40 26.51
CA UNK B 4156 30.45 58.69 26.15
C UNK B 4156 31.04 57.45 25.47
N UNK B 4157 30.72 56.28 26.01
CA UNK B 4157 31.01 55.02 25.32
C UNK B 4157 29.78 54.12 25.17
N UNK B 4158 34.23 58.41 27.84
CA UNK B 4158 35.33 57.75 28.55
C UNK B 4158 36.56 57.67 27.65
N UNK B 4159 37.07 56.49 27.39
CA UNK B 4159 38.25 56.38 26.53
C UNK B 4159 37.93 56.93 25.14
N UNK B 4160 36.77 56.57 24.59
CA UNK B 4160 36.35 57.14 23.31
C UNK B 4160 36.11 58.63 23.45
N UNK B 4161 35.48 59.03 24.55
CA UNK B 4161 35.45 60.44 24.92
C UNK B 4161 36.90 60.86 25.04
N UNK B 4162 37.56 60.38 26.09
CA UNK B 4162 39.00 60.53 26.24
C UNK B 4162 39.56 61.01 24.91
N UNK B 4163 39.04 60.44 23.83
CA UNK B 4163 39.46 60.81 22.50
C UNK B 4163 39.15 62.28 22.20
N UNK B 4164 37.98 62.74 22.60
CA UNK B 4164 37.61 64.14 22.42
C UNK B 4164 38.55 65.06 23.20
N UNK B 4165 38.90 64.63 24.40
CA UNK B 4165 39.83 65.39 25.23
C UNK B 4165 41.20 65.50 24.57
N UNK B 4166 41.65 64.40 23.99
CA UNK B 4166 42.94 64.40 23.29
C UNK B 4166 42.85 65.35 22.10
N UNK B 4167 41.69 65.32 21.46
CA UNK B 4167 41.42 66.09 20.26
C UNK B 4167 41.56 67.56 20.58
N UNK B 4168 41.12 67.95 21.77
CA UNK B 4168 41.39 69.30 22.24
C UNK B 4168 42.85 69.71 21.95
N UNK B 4169 43.74 69.35 22.87
CA UNK B 4169 45.18 69.54 22.75
C UNK B 4169 45.57 70.16 21.41
N UNK B 4170 44.96 69.71 20.31
CA UNK B 4170 45.27 70.37 19.03
C UNK B 4170 44.84 71.84 19.04
N UNK B 4171 43.65 72.06 19.61
CA UNK B 4171 43.12 73.41 19.67
C UNK B 4171 44.06 74.29 20.51
N UNK B 4172 44.60 73.67 21.55
CA UNK B 4172 45.54 74.27 22.50
C UNK B 4172 46.85 74.64 21.84
N UNK B 4173 47.34 73.80 20.95
CA UNK B 4173 48.55 74.13 20.22
C UNK B 4173 48.23 75.40 19.45
N UNK B 4174 47.05 75.43 18.84
CA UNK B 4174 46.69 76.65 18.11
C UNK B 4174 46.62 77.90 19.01
N UNK B 4175 46.03 77.73 20.19
CA UNK B 4175 45.90 78.82 21.15
C UNK B 4175 47.24 79.32 21.64
N UNK B 4176 48.16 78.38 21.85
CA UNK B 4176 49.51 78.65 22.29
C UNK B 4176 50.23 79.44 21.23
N UNK B 4177 49.98 79.08 19.98
CA UNK B 4177 50.55 79.81 18.85
C UNK B 4177 50.04 81.24 18.87
N UNK B 4178 48.75 81.39 19.16
CA UNK B 4178 48.16 82.72 19.24
C UNK B 4178 48.83 83.53 20.35
N UNK B 4179 49.07 82.88 21.49
CA UNK B 4179 49.72 83.53 22.61
C UNK B 4179 51.14 83.98 22.25
N UNK B 4180 51.85 83.13 21.51
CA UNK B 4180 53.20 83.46 21.08
C UNK B 4180 53.17 84.67 20.15
N UNK B 4181 52.17 84.71 19.27
CA UNK B 4181 52.03 85.84 18.36
C UNK B 4181 51.78 87.11 19.14
N UNK B 4182 50.96 87.01 20.18
CA UNK B 4182 50.68 88.16 21.04
C UNK B 4182 51.94 88.65 21.74
N UNK B 4183 52.76 87.70 22.20
CA UNK B 4183 54.00 88.02 22.89
C UNK B 4183 54.73 86.76 23.32
N UNK B 4184 57.52 80.40 29.22
CA UNK B 4184 57.35 79.01 28.82
C UNK B 4184 56.06 78.43 29.38
N UNK B 4185 56.14 77.78 30.54
CA UNK B 4185 55.00 77.09 31.10
C UNK B 4185 53.88 78.09 31.38
N UNK B 4186 54.25 79.25 31.90
CA UNK B 4186 53.26 80.27 32.21
C UNK B 4186 52.56 80.71 30.93
N UNK B 4187 53.34 80.90 29.88
CA UNK B 4187 52.77 81.35 28.63
C UNK B 4187 51.78 80.29 28.14
N UNK B 4188 52.17 79.03 28.28
CA UNK B 4188 51.31 77.97 27.80
C UNK B 4188 50.01 77.97 28.58
N UNK B 4189 50.10 78.17 29.89
CA UNK B 4189 48.90 78.15 30.71
C UNK B 4189 47.98 79.28 30.30
N UNK B 4190 48.56 80.44 30.04
CA UNK B 4190 47.75 81.59 29.67
C UNK B 4190 47.06 81.30 28.37
N UNK B 4191 47.80 80.69 27.45
CA UNK B 4191 47.28 80.41 26.14
C UNK B 4191 46.12 79.46 26.30
N UNK B 4192 46.28 78.46 27.16
CA UNK B 4192 45.25 77.47 27.35
C UNK B 4192 44.00 78.11 27.90
N UNK B 4193 44.16 78.99 28.88
CA UNK B 4193 42.98 79.60 29.48
C UNK B 4193 42.26 80.41 28.41
N UNK B 4194 43.04 81.15 27.63
CA UNK B 4194 42.47 82.02 26.63
C UNK B 4194 41.70 81.19 25.61
N UNK B 4195 42.28 80.06 25.25
CA UNK B 4195 41.69 79.14 24.29
C UNK B 4195 40.39 78.55 24.77
N UNK B 4196 40.33 78.25 26.06
CA UNK B 4196 39.15 77.63 26.64
C UNK B 4196 37.99 78.57 26.39
N UNK B 4197 38.25 79.86 26.50
CA UNK B 4197 37.30 80.85 26.05
C UNK B 4197 37.17 80.67 24.54
N UNK B 4198 35.95 80.83 24.04
CA UNK B 4198 35.64 80.55 22.63
C UNK B 4198 36.41 81.43 21.66
N UNK B 4199 36.58 82.70 22.03
CA UNK B 4199 37.08 83.73 21.12
C UNK B 4199 38.48 83.53 20.55
N UNK B 4200 39.43 83.08 21.36
CA UNK B 4200 40.82 83.09 20.91
C UNK B 4200 41.11 84.15 19.87
N UNK B 4201 42.37 84.24 19.44
CA UNK B 4201 42.77 85.16 18.38
C UNK B 4201 42.96 86.59 18.85
N UNK B 4202 42.92 86.81 20.15
CA UNK B 4202 43.04 88.16 20.71
C UNK B 4202 44.38 88.86 20.45
N UNK B 4203 45.47 88.11 20.56
CA UNK B 4203 46.82 88.68 20.70
C UNK B 4203 47.39 89.57 19.58
N UNK B 4204 47.21 89.18 18.32
CA UNK B 4204 47.92 89.84 17.22
C UNK B 4204 47.02 90.64 16.29
N UNK B 4205 47.43 91.86 15.99
CA UNK B 4205 46.59 92.80 15.25
C UNK B 4205 46.20 92.33 13.85
N UNK B 4206 47.15 91.79 13.10
CA UNK B 4206 48.57 91.78 13.43
C UNK B 4206 49.32 92.08 12.13
N UNK B 4207 50.55 92.58 12.23
CA UNK B 4207 51.35 92.91 11.04
C UNK B 4207 52.63 92.08 10.87
N UNK B 4208 44.39 89.23 4.78
CA UNK B 4208 44.95 89.77 6.01
C UNK B 4208 44.20 89.28 7.28
N UNK B 4209 43.04 89.87 7.59
CA UNK B 4209 41.90 90.04 6.72
C UNK B 4209 41.34 88.64 6.41
N UNK B 4210 41.34 88.25 5.15
CA UNK B 4210 40.79 86.96 4.80
C UNK B 4210 41.55 85.87 5.55
N UNK B 4211 42.87 86.03 5.68
CA UNK B 4211 43.69 85.04 6.40
C UNK B 4211 43.32 84.90 7.87
N UNK B 4212 43.10 86.03 8.53
CA UNK B 4212 42.67 85.99 9.93
C UNK B 4212 41.32 85.30 10.01
N UNK B 4213 40.46 85.59 9.05
CA UNK B 4213 39.12 84.99 9.03
C UNK B 4213 39.24 83.48 8.90
N UNK B 4214 40.18 83.04 8.06
CA UNK B 4214 40.45 81.63 7.83
C UNK B 4214 40.98 80.92 9.07
N UNK B 4215 41.84 81.59 9.83
CA UNK B 4215 42.33 81.02 11.08
C UNK B 4215 41.14 80.85 12.03
N UNK B 4216 40.26 81.85 12.02
CA UNK B 4216 39.08 81.82 12.86
C UNK B 4216 38.25 80.61 12.47
N UNK B 4217 38.15 80.39 11.17
CA UNK B 4217 37.41 79.27 10.61
C UNK B 4217 37.97 77.92 11.03
N UNK B 4218 39.30 77.78 11.06
CA UNK B 4218 39.91 76.55 11.53
C UNK B 4218 39.58 76.30 13.01
N UNK B 4219 39.62 77.38 13.78
CA UNK B 4219 39.30 77.25 15.20
C UNK B 4219 37.86 76.78 15.32
N UNK B 4220 37.01 77.34 14.45
CA UNK B 4220 35.60 77.03 14.41
C UNK B 4220 35.36 75.57 14.07
N UNK B 4221 36.14 75.04 13.14
CA UNK B 4221 36.04 73.64 12.77
C UNK B 4221 36.38 72.76 13.96
N UNK B 4222 37.42 73.15 14.70
CA UNK B 4222 37.78 72.36 15.88
C UNK B 4222 36.64 72.39 16.90
N UNK B 4223 36.02 73.56 17.04
CA UNK B 4223 34.89 73.73 17.95
C UNK B 4223 33.68 72.88 17.54
N UNK B 4224 33.43 72.83 16.24
CA UNK B 4224 32.32 72.09 15.69
C UNK B 4224 32.59 70.66 16.08
N UNK B 4225 33.86 70.26 15.98
CA UNK B 4225 34.25 68.92 16.32
C UNK B 4225 33.98 68.56 17.79
N UNK B 4226 34.31 69.46 18.71
CA UNK B 4226 34.01 69.20 20.12
C UNK B 4226 32.50 69.07 20.36
N UNK B 4227 31.73 69.96 19.71
CA UNK B 4227 30.29 69.95 19.89
C UNK B 4227 29.75 68.62 19.40
N UNK B 4228 30.33 68.16 18.30
CA UNK B 4228 29.96 66.90 17.67
C UNK B 4228 30.25 65.72 18.57
N UNK B 4229 31.37 65.74 19.28
CA UNK B 4229 31.69 64.69 20.23
C UNK B 4229 30.64 64.64 21.33
N UNK B 4230 30.24 65.81 21.82
CA UNK B 4230 29.18 65.82 22.84
C UNK B 4230 27.88 65.23 22.28
N UNK B 4231 27.58 65.61 21.05
CA UNK B 4231 26.35 65.16 20.40
C UNK B 4231 26.40 63.64 20.28
N UNK B 4232 27.58 63.13 19.93
CA UNK B 4232 27.82 61.72 19.76
C UNK B 4232 27.59 60.95 21.06
N UNK B 4233 28.05 61.49 22.18
CA UNK B 4233 27.78 60.84 23.46
C UNK B 4233 26.27 60.79 23.76
N UNK B 4234 25.59 61.90 23.45
CA UNK B 4234 24.15 61.93 23.68
C UNK B 4234 23.49 60.87 22.81
N UNK B 4235 24.01 60.76 21.59
CA UNK B 4235 23.53 59.83 20.60
C UNK B 4235 23.72 58.41 21.08
N UNK B 4236 24.84 58.15 21.73
CA UNK B 4236 25.14 56.84 22.26
C UNK B 4236 24.12 56.49 23.32
N UNK B 4237 23.81 57.45 24.20
CA UNK B 4237 22.81 57.15 25.21
C UNK B 4237 21.47 56.82 24.54
N UNK B 4238 21.12 57.60 23.52
CA UNK B 4238 19.85 57.40 22.81
C UNK B 4238 19.80 56.03 22.14
N UNK B 4239 20.92 55.64 21.56
CA UNK B 4239 21.07 54.38 20.86
C UNK B 4239 20.91 53.24 21.82
N UNK B 4240 21.44 53.40 23.02
CA UNK B 4240 21.33 52.40 24.05
C UNK B 4240 19.86 52.23 24.42
N UNK B 4241 19.16 53.34 24.51
CA UNK B 4241 17.74 53.28 24.82
C UNK B 4241 17.01 52.53 23.72
N UNK B 4242 17.40 52.82 22.48
CA UNK B 4242 16.79 52.20 21.33
C UNK B 4242 17.01 50.70 21.34
N UNK B 4243 18.21 50.29 21.75
CA UNK B 4243 18.57 48.90 21.86
C UNK B 4243 17.76 48.18 22.92
N UNK B 4244 17.54 48.87 24.03
CA UNK B 4244 16.72 48.30 25.08
C UNK B 4244 15.34 48.09 24.51
N UNK B 4245 14.88 49.07 23.74
CA UNK B 4245 13.55 48.99 23.15
C UNK B 4245 13.50 47.79 22.24
N UNK B 4246 14.56 47.61 21.47
CA UNK B 4246 14.76 46.42 20.67
C UNK B 4246 14.60 45.25 21.61
N UNK B 4247 15.35 45.28 22.70
CA UNK B 4247 15.12 44.27 23.72
C UNK B 4247 13.63 43.97 23.85
N UNK B 4248 12.80 45.00 23.83
CA UNK B 4248 11.35 44.77 23.90
C UNK B 4248 10.85 43.97 22.69
N UNK B 4249 11.39 44.34 21.53
CA UNK B 4249 11.00 43.69 20.29
C UNK B 4249 11.39 42.22 20.35
N UNK B 4250 12.55 42.01 20.96
CA UNK B 4250 13.16 40.70 21.15
C UNK B 4250 12.31 39.84 22.08
N UNK B 4251 11.76 40.48 23.09
CA UNK B 4251 10.89 39.81 24.02
C UNK B 4251 9.73 39.33 23.18
N UNK B 4252 9.26 40.21 22.31
CA UNK B 4252 8.13 39.84 21.48
C UNK B 4252 8.47 38.62 20.63
N UNK B 4253 9.67 38.61 20.06
CA UNK B 4253 10.12 37.48 19.26
C UNK B 4253 10.26 36.15 20.00
N UNK B 4254 10.79 36.21 21.21
CA UNK B 4254 11.25 35.03 21.94
C UNK B 4254 10.39 33.79 21.78
N UNK B 4255 1.40 32.84 21.81
CA UNK B 4255 1.62 33.87 22.82
C UNK B 4255 1.19 33.45 24.22
N UNK B 4256 -0.10 33.41 24.45
CA UNK B 4256 -0.67 33.57 25.76
C UNK B 4256 -0.18 32.55 26.76
N UNK B 4257 0.02 31.31 26.35
CA UNK B 4257 0.60 30.31 27.24
C UNK B 4257 2.02 30.75 27.60
N UNK B 4258 2.68 31.33 26.61
CA UNK B 4258 4.00 31.88 26.79
C UNK B 4258 3.96 33.02 27.79
N UNK B 4259 2.90 33.82 27.72
CA UNK B 4259 2.60 34.91 28.67
C UNK B 4259 2.39 34.39 30.09
N UNK B 4260 2.02 33.12 30.22
CA UNK B 4260 2.27 32.36 31.46
C UNK B 4260 3.75 32.01 31.79
N UNK B 4261 4.47 31.57 30.76
CA UNK B 4261 5.63 30.72 30.96
C UNK B 4261 6.87 31.24 31.71
N UNK B 4262 7.38 32.41 31.35
CA UNK B 4262 8.64 32.83 31.93
C UNK B 4262 8.45 33.02 33.40
N UNK B 4263 7.38 33.74 33.74
CA UNK B 4263 7.18 34.07 35.12
C UNK B 4263 6.98 32.78 35.85
N UNK B 4264 6.16 31.90 35.28
CA UNK B 4264 5.77 30.74 36.05
C UNK B 4264 7.01 29.94 36.40
N UNK B 4265 7.89 29.75 35.42
CA UNK B 4265 8.88 28.69 35.58
C UNK B 4265 9.92 28.79 36.71
N UNK B 4266 10.56 29.93 36.86
CA UNK B 4266 11.79 30.00 37.65
C UNK B 4266 11.46 29.91 39.12
N UNK B 4267 10.49 30.73 39.52
CA UNK B 4267 10.31 30.94 40.93
C UNK B 4267 9.95 29.61 41.50
N UNK B 4268 8.99 29.03 40.81
CA UNK B 4268 8.29 27.93 41.36
C UNK B 4268 9.28 26.86 41.53
N UNK B 4269 10.04 26.55 40.49
CA UNK B 4269 10.90 25.38 40.61
C UNK B 4269 12.02 25.53 41.64
N UNK B 4270 12.65 26.70 41.75
CA UNK B 4270 13.68 26.84 42.81
C UNK B 4270 13.09 26.73 44.27
N UNK B 4271 11.94 27.37 44.46
CA UNK B 4271 11.24 27.29 45.71
C UNK B 4271 10.79 25.85 45.94
N UNK B 4272 10.40 25.15 44.90
CA UNK B 4272 9.88 23.82 45.07
C UNK B 4272 11.01 23.03 45.63
N UNK B 4273 12.19 23.25 45.05
CA UNK B 4273 13.31 22.48 45.54
C UNK B 4273 13.55 22.79 47.02
N UNK B 4274 13.62 24.06 47.40
CA UNK B 4274 13.98 24.36 48.79
C UNK B 4274 12.93 23.75 49.68
N UNK B 4275 11.69 23.85 49.23
CA UNK B 4275 10.50 23.47 49.98
C UNK B 4275 10.43 21.99 50.31
N UNK B 4276 10.82 21.15 49.34
CA UNK B 4276 10.96 19.70 49.51
C UNK B 4276 9.79 18.85 49.01
N UNK B 4277 10.47 12.96 37.68
CA UNK B 4277 9.73 13.54 38.80
C UNK B 4277 10.72 14.17 39.76
N UNK B 4278 10.39 14.14 41.04
CA UNK B 4278 11.17 14.84 42.02
C UNK B 4278 12.56 14.27 41.95
N UNK B 4279 12.70 13.01 41.59
CA UNK B 4279 14.02 12.43 41.47
C UNK B 4279 14.76 13.21 40.40
N UNK B 4280 14.04 13.50 39.32
CA UNK B 4280 14.67 14.21 38.23
C UNK B 4280 15.11 15.57 38.72
N UNK B 4281 14.25 16.24 39.48
CA UNK B 4281 14.60 17.57 39.90
C UNK B 4281 15.85 17.49 40.74
N UNK B 4282 15.92 16.53 41.64
CA UNK B 4282 17.05 16.50 42.56
C UNK B 4282 18.31 16.30 41.80
N UNK B 4283 18.29 15.34 40.87
CA UNK B 4283 19.52 15.04 40.19
C UNK B 4283 19.94 16.28 39.44
N UNK B 4284 18.99 16.90 38.77
CA UNK B 4284 19.34 18.02 37.92
C UNK B 4284 19.89 19.18 38.74
N UNK B 4285 19.28 19.47 39.87
CA UNK B 4285 19.71 20.61 40.65
C UNK B 4285 21.10 20.35 41.15
N UNK B 4286 21.34 19.11 41.56
CA UNK B 4286 22.64 18.79 42.09
C UNK B 4286 23.67 18.94 41.00
N UNK B 4287 23.30 18.52 39.79
CA UNK B 4287 24.22 18.60 38.66
C UNK B 4287 24.55 20.05 38.38
N UNK B 4288 23.55 20.91 38.51
CA UNK B 4288 23.67 22.37 38.38
C UNK B 4288 25.06 22.92 38.59
N ASP C 9 8.70 -2.54 -24.24
CA ASP C 9 8.79 -1.64 -25.38
C ASP C 9 8.19 -2.30 -26.63
N GLU C 10 7.60 -1.49 -27.51
CA GLU C 10 6.94 -2.01 -28.69
C GLU C 10 7.88 -2.24 -29.87
N VAL C 11 9.18 -2.31 -29.60
CA VAL C 11 10.11 -2.51 -30.71
C VAL C 11 10.08 -3.96 -31.15
N GLN C 12 10.07 -4.10 -32.47
CA GLN C 12 10.34 -5.36 -33.13
C GLN C 12 11.01 -4.94 -34.43
N PHE C 13 12.34 -5.03 -34.46
CA PHE C 13 13.13 -4.64 -35.63
C PHE C 13 14.46 -5.39 -35.63
N LEU C 14 15.05 -5.54 -36.81
CA LEU C 14 16.36 -6.15 -36.92
C LEU C 14 17.43 -5.08 -37.08
N ARG C 15 18.59 -5.31 -36.46
CA ARG C 15 19.69 -4.36 -36.56
C ARG C 15 21.00 -5.05 -36.90
N THR C 16 21.97 -4.27 -37.34
CA THR C 16 23.30 -4.75 -37.65
C THR C 16 23.88 -5.47 -36.42
N ASP C 17 24.62 -6.55 -36.67
CA ASP C 17 25.25 -7.41 -35.65
C ASP C 17 24.25 -8.30 -34.91
N ASP C 18 22.97 -8.23 -35.28
CA ASP C 18 22.01 -9.22 -34.80
C ASP C 18 22.29 -10.54 -35.52
N GLU C 19 22.07 -11.66 -34.83
CA GLU C 19 22.27 -12.96 -35.44
C GLU C 19 20.93 -13.53 -35.92
N VAL C 20 20.89 -13.99 -37.16
CA VAL C 20 19.63 -14.45 -37.76
C VAL C 20 19.76 -15.77 -38.51
N VAL C 21 18.62 -16.35 -38.83
CA VAL C 21 18.54 -17.46 -39.78
C VAL C 21 17.61 -17.06 -40.92
N LEU C 22 17.88 -17.59 -42.11
CA LEU C 22 16.99 -17.34 -43.24
C LEU C 22 16.08 -18.55 -43.44
N GLN C 23 14.80 -18.36 -43.17
CA GLN C 23 13.84 -19.47 -43.20
C GLN C 23 12.83 -19.34 -44.33
N CYS C 24 12.59 -20.46 -45.01
CA CYS C 24 11.51 -20.55 -45.99
C CYS C 24 10.61 -21.72 -45.63
N SER C 25 9.51 -21.86 -46.36
CA SER C 25 8.62 -22.99 -46.17
C SER C 25 8.35 -23.70 -47.49
N ALA C 26 8.25 -25.02 -47.43
CA ALA C 26 7.81 -25.81 -48.56
C ALA C 26 6.71 -26.75 -48.08
N THR C 27 5.75 -27.05 -48.95
CA THR C 27 4.75 -28.04 -48.59
C THR C 27 5.14 -29.40 -49.16
N VAL C 28 5.29 -30.37 -48.26
CA VAL C 28 5.65 -31.73 -48.64
C VAL C 28 4.78 -32.70 -47.82
N LEU C 29 4.30 -33.77 -48.47
CA LEU C 29 3.34 -34.69 -47.87
C LEU C 29 2.18 -33.94 -47.23
N LYS C 30 1.56 -33.05 -48.02
CA LYS C 30 0.56 -32.08 -47.55
C LYS C 30 0.84 -31.54 -46.14
N GLU C 31 2.11 -31.30 -45.85
CA GLU C 31 2.54 -30.72 -44.59
C GLU C 31 3.37 -29.49 -44.86
N GLN C 32 3.38 -28.54 -43.92
CA GLN C 32 4.27 -27.41 -44.03
C GLN C 32 5.63 -27.79 -43.44
N LEU C 33 6.67 -27.61 -44.24
CA LEU C 33 8.03 -27.89 -43.80
C LEU C 33 8.83 -26.61 -43.76
N LYS C 34 9.32 -26.25 -42.57
CA LYS C 34 10.18 -25.07 -42.43
C LYS C 34 11.63 -25.48 -42.62
N LEU C 35 12.36 -24.70 -43.41
CA LEU C 35 13.76 -24.98 -43.68
C LEU C 35 14.60 -23.72 -43.53
N CYS C 36 15.81 -23.86 -43.02
CA CYS C 36 16.71 -22.73 -42.84
C CYS C 36 17.93 -22.85 -43.74
N LEU C 37 18.40 -21.71 -44.26
CA LEU C 37 19.60 -21.69 -45.09
C LEU C 37 20.80 -22.13 -44.25
N ALA C 38 21.55 -23.09 -44.79
CA ALA C 38 22.70 -23.62 -44.05
C ALA C 38 23.84 -23.95 -44.99
N ALA C 39 25.06 -23.87 -44.45
CA ALA C 39 26.27 -24.19 -45.19
C ALA C 39 27.39 -24.46 -44.20
N GLU C 40 28.26 -25.41 -44.52
CA GLU C 40 29.37 -25.73 -43.64
C GLU C 40 30.50 -24.73 -43.85
N GLY C 41 30.72 -24.36 -45.10
CA GLY C 41 31.78 -23.44 -45.45
C GLY C 41 33.03 -24.22 -45.83
N PHE C 42 33.73 -24.70 -44.81
CA PHE C 42 34.91 -25.54 -45.01
C PHE C 42 34.50 -26.91 -45.53
N GLY C 43 35.14 -27.36 -46.61
CA GLY C 43 34.79 -28.63 -47.23
C GLY C 43 33.69 -28.48 -48.27
N ASN C 44 32.78 -27.55 -48.03
CA ASN C 44 31.68 -27.30 -48.95
C ASN C 44 31.14 -25.87 -48.79
N ARG C 45 31.27 -25.08 -49.84
CA ARG C 45 30.83 -23.69 -49.83
C ARG C 45 29.33 -23.57 -50.06
N LEU C 46 28.79 -24.53 -50.79
CA LEU C 46 27.41 -24.48 -51.26
C LEU C 46 26.39 -24.58 -50.14
N CYS C 47 25.36 -23.75 -50.23
CA CYS C 47 24.28 -23.75 -49.25
C CYS C 47 23.29 -24.87 -49.52
N PHE C 48 22.63 -25.30 -48.46
CA PHE C 48 21.56 -26.27 -48.54
C PHE C 48 20.47 -25.85 -47.56
N LEU C 49 19.47 -26.70 -47.38
CA LEU C 49 18.41 -26.40 -46.42
C LEU C 49 18.33 -27.42 -45.30
N GLU C 50 18.32 -26.93 -44.07
CA GLU C 50 18.15 -27.77 -42.91
C GLU C 50 16.70 -27.66 -42.44
N PRO C 51 15.91 -28.73 -42.64
CA PRO C 51 14.54 -28.76 -42.16
C PRO C 51 14.49 -28.59 -40.64
N THR C 52 13.61 -27.71 -40.17
CA THR C 52 13.57 -27.34 -38.76
C THR C 52 12.29 -27.81 -38.09
N SER C 53 11.33 -28.23 -38.90
CA SER C 53 9.96 -28.49 -38.46
C SER C 53 9.83 -29.51 -37.33
N ASN C 54 10.48 -30.66 -37.48
CA ASN C 54 10.35 -31.71 -36.48
C ASN C 54 11.49 -31.64 -35.45
N ALA C 55 11.68 -30.45 -34.89
CA ALA C 55 12.72 -30.22 -33.89
C ALA C 55 12.49 -31.07 -32.64
N GLN C 56 11.23 -31.35 -32.33
CA GLN C 56 10.89 -32.13 -31.14
C GLN C 56 11.41 -33.55 -31.25
N ASN C 57 11.32 -34.13 -32.45
CA ASN C 57 11.81 -35.46 -32.70
C ASN C 57 13.32 -35.44 -32.94
N VAL C 58 13.72 -34.67 -33.96
CA VAL C 58 15.12 -34.56 -34.32
C VAL C 58 15.57 -33.10 -34.31
N PRO C 59 16.49 -32.76 -33.39
CA PRO C 59 17.11 -31.43 -33.35
C PRO C 59 17.88 -31.14 -34.64
N PRO C 60 17.57 -30.03 -35.32
CA PRO C 60 18.31 -29.64 -36.51
C PRO C 60 19.73 -29.14 -36.18
N ASP C 61 20.60 -29.10 -37.18
CA ASP C 61 21.96 -28.62 -37.00
C ASP C 61 21.99 -27.09 -37.14
N LEU C 62 21.77 -26.40 -36.03
CA LEU C 62 21.54 -24.95 -36.05
C LEU C 62 22.82 -24.11 -36.14
N ALA C 63 23.94 -24.65 -35.66
CA ALA C 63 25.20 -23.93 -35.62
C ALA C 63 25.60 -23.38 -36.99
N ILE C 64 25.30 -24.15 -38.03
CA ILE C 64 25.64 -23.76 -39.40
C ILE C 64 24.55 -22.93 -40.05
N CYS C 65 23.46 -22.71 -39.33
CA CYS C 65 22.34 -21.95 -39.86
C CYS C 65 22.48 -20.46 -39.53
N CYS C 66 23.27 -20.16 -38.50
CA CYS C 66 23.37 -18.80 -37.99
C CYS C 66 24.18 -17.88 -38.90
N PHE C 67 23.63 -16.69 -39.15
CA PHE C 67 24.32 -15.64 -39.87
C PHE C 67 24.30 -14.34 -39.07
N THR C 68 25.32 -13.51 -39.24
CA THR C 68 25.35 -12.20 -38.59
C THR C 68 25.16 -11.10 -39.62
N LEU C 69 24.30 -10.14 -39.29
CA LEU C 69 24.10 -8.99 -40.16
C LEU C 69 25.27 -8.04 -39.99
N GLU C 70 26.30 -8.23 -40.81
CA GLU C 70 27.53 -7.44 -40.73
C GLU C 70 27.28 -5.99 -41.09
N GLN C 71 26.48 -5.77 -42.12
CA GLN C 71 26.31 -4.44 -42.65
C GLN C 71 24.97 -4.28 -43.35
N SER C 72 24.37 -3.10 -43.19
CA SER C 72 23.17 -2.74 -43.92
C SER C 72 23.25 -1.29 -44.40
N LEU C 73 23.34 -1.13 -45.72
CA LEU C 73 23.41 0.16 -46.41
C LEU C 73 22.39 0.15 -47.53
N SER C 74 22.12 1.31 -48.13
CA SER C 74 20.82 1.55 -48.77
C SER C 74 20.69 1.09 -50.20
N VAL C 75 20.72 2.06 -51.11
CA VAL C 75 20.69 1.78 -52.55
C VAL C 75 21.64 2.69 -53.30
N ARG C 76 21.30 3.99 -53.38
CA ARG C 76 22.21 4.92 -54.04
C ARG C 76 23.47 4.88 -53.21
N ALA C 77 23.28 4.98 -51.91
CA ALA C 77 24.40 5.02 -51.01
C ALA C 77 25.15 3.72 -51.09
N LEU C 78 24.43 2.60 -51.16
CA LEU C 78 25.10 1.33 -51.14
C LEU C 78 25.99 1.19 -52.37
N GLN C 79 25.45 1.56 -53.51
CA GLN C 79 26.20 1.41 -54.75
C GLN C 79 27.39 2.33 -54.71
N GLU C 80 27.13 3.55 -54.25
CA GLU C 80 28.12 4.60 -54.30
C GLU C 80 29.24 4.13 -53.41
N MET C 81 28.86 3.51 -52.31
CA MET C 81 29.76 3.02 -51.30
C MET C 81 30.66 1.89 -51.77
N LEU C 82 30.12 0.92 -52.49
CA LEU C 82 30.97 -0.15 -53.00
C LEU C 82 31.92 0.49 -53.99
N ALA C 83 31.33 1.43 -54.72
CA ALA C 83 32.02 2.06 -55.80
C ALA C 83 33.21 2.73 -55.20
N ASN C 84 33.03 3.36 -54.03
CA ASN C 84 34.03 4.18 -53.38
C ASN C 84 34.93 3.42 -52.42
N THR C 85 34.54 2.19 -52.15
CA THR C 85 35.40 1.23 -51.51
C THR C 85 36.49 1.04 -52.53
N VAL C 86 36.10 0.92 -53.80
CA VAL C 86 37.14 1.05 -54.83
C VAL C 86 37.68 2.49 -54.89
N GLU C 87 36.76 3.46 -54.88
CA GLU C 87 37.01 4.90 -54.81
C GLU C 87 37.58 5.34 -53.48
N ALA C 88 37.02 4.84 -52.38
CA ALA C 88 37.75 5.01 -51.14
C ALA C 88 38.18 3.60 -50.82
N GLY C 89 39.13 3.00 -51.53
CA GLY C 89 40.40 3.60 -52.02
C GLY C 89 41.00 4.54 -50.99
N VAL C 90 41.61 3.97 -49.95
CA VAL C 90 41.45 2.56 -49.57
C VAL C 90 41.63 2.43 -48.06
N GLU C 91 41.38 1.24 -47.56
CA GLU C 91 41.70 0.83 -46.19
C GLU C 91 40.90 1.55 -45.10
N SER C 92 39.85 2.26 -45.47
CA SER C 92 39.03 2.97 -44.49
C SER C 92 37.80 2.16 -44.08
N SER C 93 37.67 1.89 -42.79
CA SER C 93 36.57 1.09 -42.25
C SER C 93 35.78 1.81 -41.19
N GLN C 94 34.53 2.14 -41.48
CA GLN C 94 33.69 2.80 -40.49
C GLN C 94 32.36 2.07 -40.35
N GLY C 95 31.97 1.84 -39.10
CA GLY C 95 30.70 1.21 -38.81
C GLY C 95 29.79 2.16 -38.06
N GLY C 96 28.50 2.07 -38.32
CA GLY C 96 27.51 2.84 -37.61
C GLY C 96 26.83 1.98 -36.57
N GLY C 97 26.57 2.56 -35.40
CA GLY C 97 25.93 1.85 -34.29
C GLY C 97 24.66 1.14 -34.71
N HIS C 98 24.47 -0.07 -34.17
CA HIS C 98 23.44 -1.04 -34.59
C HIS C 98 22.29 -0.48 -35.42
N ARG C 99 22.57 -0.18 -36.67
CA ARG C 99 21.58 0.39 -37.58
C ARG C 99 20.46 -0.58 -37.87
N THR C 100 19.23 -0.10 -37.73
CA THR C 100 18.05 -0.88 -38.10
C THR C 100 18.03 -1.10 -39.60
N LEU C 101 17.65 -2.30 -40.03
CA LEU C 101 17.56 -2.60 -41.45
C LEU C 101 16.41 -1.82 -42.07
N LEU C 102 16.66 -1.17 -43.20
CA LEU C 102 15.59 -0.55 -43.97
C LEU C 102 15.34 -1.38 -45.23
N TYR C 103 14.21 -1.12 -45.89
CA TYR C 103 13.76 -1.98 -46.99
C TYR C 103 14.37 -1.65 -48.36
N GLY C 104 15.21 -0.62 -48.42
CA GLY C 104 15.93 -0.34 -49.65
C GLY C 104 17.30 -0.96 -49.53
N HIS C 105 17.68 -1.27 -48.30
CA HIS C 105 19.04 -1.61 -47.94
C HIS C 105 19.59 -2.89 -48.56
N ALA C 106 20.90 -2.88 -48.83
CA ALA C 106 21.63 -4.10 -49.18
C ALA C 106 22.33 -4.64 -47.94
N ILE C 107 22.37 -5.96 -47.80
CA ILE C 107 22.82 -6.56 -46.56
C ILE C 107 23.96 -7.56 -46.74
N LEU C 108 24.92 -7.49 -45.82
CA LEU C 108 26.04 -8.44 -45.80
C LEU C 108 25.85 -9.46 -44.68
N LEU C 109 25.75 -10.72 -45.06
CA LEU C 109 25.53 -11.79 -44.09
C LEU C 109 26.78 -12.63 -43.87
N ARG C 110 27.33 -12.56 -42.67
CA ARG C 110 28.50 -13.38 -42.34
C ARG C 110 28.09 -14.68 -41.66
N HIS C 111 28.59 -15.78 -42.19
CA HIS C 111 28.39 -17.08 -41.58
C HIS C 111 29.08 -17.11 -40.21
N ALA C 112 28.33 -17.47 -39.18
CA ALA C 112 28.85 -17.45 -37.82
C ALA C 112 30.05 -18.40 -37.65
N HIS C 113 29.89 -19.63 -38.13
CA HIS C 113 30.92 -20.65 -38.00
C HIS C 113 32.17 -20.36 -38.84
N SER C 114 31.98 -20.31 -40.14
CA SER C 114 33.09 -20.24 -41.09
C SER C 114 33.63 -18.83 -41.27
N ARG C 115 32.84 -17.84 -40.86
CA ARG C 115 33.17 -16.43 -41.02
C ARG C 115 33.27 -16.05 -42.49
N MET C 116 32.69 -16.88 -43.35
CA MET C 116 32.54 -16.55 -44.75
C MET C 116 31.23 -15.80 -44.94
N TYR C 117 30.97 -15.33 -46.16
CA TYR C 117 29.80 -14.51 -46.41
C TYR C 117 28.88 -15.15 -47.43
N LEU C 118 27.57 -15.07 -47.17
CA LEU C 118 26.59 -15.57 -48.12
C LEU C 118 26.71 -14.85 -49.44
N SER C 119 26.84 -15.60 -50.52
CA SER C 119 27.11 -15.02 -51.83
C SER C 119 26.40 -15.75 -52.95
N CYS C 120 26.15 -15.04 -54.05
CA CYS C 120 25.64 -15.65 -55.26
C CYS C 120 26.82 -16.12 -56.10
N LEU C 121 26.96 -17.43 -56.24
CA LEU C 121 28.11 -17.99 -56.95
C LEU C 121 27.93 -17.94 -58.46
N THR C 122 29.05 -17.99 -59.18
CA THR C 122 29.02 -17.98 -60.63
C THR C 122 28.61 -19.36 -61.16
N THR C 123 28.99 -20.41 -60.44
CA THR C 123 28.70 -21.77 -60.83
C THR C 123 27.21 -22.10 -60.73
N SER C 124 26.82 -23.21 -61.33
CA SER C 124 25.44 -23.70 -61.27
C SER C 124 25.41 -25.23 -61.22
N ARG C 125 24.65 -25.79 -60.30
CA ARG C 125 24.44 -27.23 -60.28
C ARG C 125 22.97 -27.55 -60.55
N SER C 126 22.69 -27.87 -61.82
CA SER C 126 21.34 -28.10 -62.31
C SER C 126 21.43 -28.56 -63.75
N MET C 127 20.41 -28.25 -64.55
CA MET C 127 20.44 -28.54 -65.97
C MET C 127 21.36 -27.55 -66.69
N LYS C 130 20.10 -23.85 -67.33
CA LYS C 130 19.24 -23.11 -66.41
C LYS C 130 19.86 -21.76 -66.05
N LEU C 131 18.99 -20.78 -65.82
CA LEU C 131 19.42 -19.42 -65.57
C LEU C 131 19.76 -19.22 -64.10
N ALA C 132 19.47 -20.25 -63.31
CA ALA C 132 19.72 -20.24 -61.88
C ALA C 132 21.21 -20.27 -61.56
N PHE C 133 21.61 -19.60 -60.49
CA PHE C 133 22.98 -19.65 -59.99
C PHE C 133 23.01 -20.26 -58.60
N ASP C 134 24.09 -20.96 -58.28
CA ASP C 134 24.26 -21.54 -56.96
C ASP C 134 24.41 -20.46 -55.90
N VAL C 135 23.84 -20.68 -54.73
CA VAL C 135 24.10 -19.79 -53.60
C VAL C 135 25.00 -20.55 -52.61
N GLY C 136 25.92 -19.82 -52.01
CA GLY C 136 26.89 -20.44 -51.13
C GLY C 136 27.75 -19.42 -50.41
N LEU C 137 28.82 -19.87 -49.77
CA LEU C 137 29.67 -18.99 -49.01
C LEU C 137 30.89 -18.54 -49.80
N GLN C 138 31.20 -17.24 -49.72
CA GLN C 138 32.41 -16.70 -50.33
C GLN C 138 33.41 -16.37 -49.23
N GLU C 139 34.67 -16.68 -49.47
CA GLU C 139 35.73 -16.54 -48.46
C GLU C 139 35.97 -15.08 -48.06
N ASP C 140 35.75 -14.14 -48.97
CA ASP C 140 35.99 -12.73 -48.68
C ASP C 140 34.83 -11.84 -49.15
N ALA C 141 34.74 -10.65 -48.56
CA ALA C 141 33.58 -9.77 -48.74
C ALA C 141 33.67 -8.84 -49.94
N THR C 142 34.75 -8.93 -50.71
CA THR C 142 34.93 -8.08 -51.87
C THR C 142 33.92 -8.42 -52.97
N GLY C 143 33.50 -7.42 -53.73
CA GLY C 143 32.61 -7.64 -54.86
C GLY C 143 31.14 -7.45 -54.52
N GLU C 144 30.29 -7.56 -55.54
CA GLU C 144 28.84 -7.39 -55.37
C GLU C 144 28.17 -8.68 -54.92
N ALA C 145 28.83 -9.81 -55.17
CA ALA C 145 28.26 -11.14 -54.98
C ALA C 145 27.77 -11.39 -53.54
N CYS C 146 28.41 -10.76 -52.57
CA CYS C 146 28.09 -10.98 -51.17
C CYS C 146 26.91 -10.13 -50.70
N TRP C 147 26.52 -9.15 -51.50
CA TRP C 147 25.47 -8.23 -51.11
C TRP C 147 24.09 -8.65 -51.60
N TRP C 148 23.10 -8.44 -50.75
CA TRP C 148 21.71 -8.76 -51.09
C TRP C 148 20.79 -7.65 -50.65
N THR C 149 19.93 -7.20 -51.54
CA THR C 149 18.92 -6.21 -51.19
C THR C 149 17.65 -6.91 -50.70
N MET C 150 17.06 -6.37 -49.65
CA MET C 150 15.77 -6.86 -49.18
C MET C 150 14.67 -5.99 -49.78
N HIS C 151 13.51 -6.59 -50.02
CA HIS C 151 12.35 -5.85 -50.55
C HIS C 151 11.06 -6.38 -49.95
N PRO C 152 10.07 -5.49 -49.75
CA PRO C 152 8.79 -5.86 -49.13
C PRO C 152 8.02 -6.92 -49.90
N ALA C 153 7.48 -7.90 -49.19
CA ALA C 153 6.68 -8.95 -49.81
C ALA C 153 5.33 -8.40 -50.25
N SER C 154 4.79 -7.45 -49.49
CA SER C 154 3.46 -6.92 -49.75
C SER C 154 3.43 -5.40 -49.74
N LYS C 155 2.24 -4.85 -49.98
CA LYS C 155 2.04 -3.39 -49.97
C LYS C 155 2.16 -2.84 -48.55
N GLN C 156 2.10 -3.73 -47.57
CA GLN C 156 2.17 -3.35 -46.16
C GLN C 156 3.47 -2.63 -45.83
N ARG C 157 4.56 -3.02 -46.50
CA ARG C 157 5.85 -2.36 -46.31
C ARG C 157 6.24 -1.61 -47.58
N SER C 158 7.00 -0.53 -47.40
CA SER C 158 7.56 0.21 -48.52
C SER C 158 9.07 0.34 -48.28
N GLU C 159 9.83 0.63 -49.34
CA GLU C 159 11.26 0.79 -49.18
C GLU C 159 11.57 2.08 -48.43
N GLY C 160 12.56 2.02 -47.54
CA GLY C 160 12.85 3.13 -46.65
C GLY C 160 12.27 2.87 -45.27
N GLU C 161 11.34 1.92 -45.19
CA GLU C 161 10.77 1.52 -43.92
C GLU C 161 11.67 0.50 -43.23
N LYS C 162 11.59 0.44 -41.90
CA LYS C 162 12.37 -0.53 -41.13
C LYS C 162 11.84 -1.94 -41.33
N VAL C 163 12.76 -2.90 -41.44
CA VAL C 163 12.37 -4.30 -41.56
C VAL C 163 11.93 -4.84 -40.22
N ARG C 164 10.77 -5.50 -40.19
CA ARG C 164 10.26 -6.07 -38.96
C ARG C 164 10.38 -7.60 -38.95
N VAL C 165 10.94 -8.14 -37.86
CA VAL C 165 10.91 -9.58 -37.61
C VAL C 165 9.50 -10.13 -37.82
N GLY C 166 9.42 -11.21 -38.58
CA GLY C 166 8.13 -11.78 -38.93
C GLY C 166 7.68 -11.37 -40.32
N ASP C 167 8.26 -10.29 -40.83
CA ASP C 167 7.96 -9.86 -42.19
C ASP C 167 8.48 -10.86 -43.21
N ASP C 168 7.63 -11.23 -44.15
CA ASP C 168 8.07 -11.96 -45.32
C ASP C 168 8.96 -11.04 -46.15
N LEU C 169 10.07 -11.57 -46.65
CA LEU C 169 11.01 -10.77 -47.42
C LEU C 169 11.30 -11.38 -48.79
N ILE C 170 11.67 -10.55 -49.74
CA ILE C 170 12.31 -11.04 -50.95
C ILE C 170 13.77 -10.57 -50.90
N LEU C 171 14.68 -11.43 -51.32
CA LEU C 171 16.10 -11.09 -51.30
C LEU C 171 16.67 -11.16 -52.70
N VAL C 172 17.23 -10.04 -53.16
CA VAL C 172 17.78 -9.96 -54.50
C VAL C 172 19.29 -9.85 -54.47
N SER C 173 19.98 -10.72 -55.20
CA SER C 173 21.42 -10.65 -55.31
C SER C 173 21.79 -9.36 -56.05
N VAL C 174 22.79 -8.66 -55.54
CA VAL C 174 23.20 -7.40 -56.18
C VAL C 174 23.93 -7.71 -57.48
N SER C 175 24.71 -8.78 -57.48
CA SER C 175 25.41 -9.21 -58.69
C SER C 175 24.45 -9.70 -59.77
N SER C 176 23.76 -10.80 -59.49
CA SER C 176 22.94 -11.47 -60.50
C SER C 176 21.60 -10.79 -60.75
N GLU C 177 21.15 -9.98 -59.79
CA GLU C 177 19.84 -9.33 -59.82
C GLU C 177 18.72 -10.37 -59.79
N ARG C 178 19.05 -11.56 -59.31
CA ARG C 178 18.09 -12.64 -59.22
C ARG C 178 17.79 -12.95 -57.76
N TYR C 179 16.64 -13.56 -57.52
CA TYR C 179 16.12 -13.71 -56.17
C TYR C 179 16.69 -14.93 -55.47
N LEU C 180 16.95 -14.79 -54.17
CA LEU C 180 17.22 -15.95 -53.33
C LEU C 180 15.97 -16.82 -53.43
N HIS C 181 16.14 -18.05 -53.93
CA HIS C 181 15.00 -18.86 -54.31
C HIS C 181 15.06 -20.27 -53.73
N LEU C 182 13.89 -20.77 -53.33
CA LEU C 182 13.77 -22.17 -52.96
C LEU C 182 13.29 -22.97 -54.17
N SER C 183 14.16 -23.84 -54.67
CA SER C 183 13.80 -24.66 -55.83
C SER C 183 13.59 -26.11 -55.43
N THR C 184 12.90 -26.84 -56.27
CA THR C 184 12.73 -28.26 -56.08
C THR C 184 13.66 -29.04 -56.99
N ALA C 185 14.87 -29.30 -56.50
CA ALA C 185 15.74 -30.27 -57.15
C ALA C 185 15.02 -31.60 -57.08
N SER C 186 15.16 -32.42 -58.11
CA SER C 186 14.52 -33.73 -58.10
C SER C 186 15.07 -34.56 -56.96
N GLY C 187 14.20 -34.94 -56.04
CA GLY C 187 14.61 -35.74 -54.90
C GLY C 187 14.74 -34.98 -53.60
N GLU C 188 15.01 -33.67 -53.68
CA GLU C 188 15.22 -32.88 -52.47
C GLU C 188 15.11 -31.36 -52.70
N LEU C 189 14.80 -30.64 -51.63
CA LEU C 189 14.70 -29.18 -51.67
C LEU C 189 16.09 -28.56 -51.80
N GLN C 190 16.20 -27.53 -52.64
CA GLN C 190 17.47 -26.89 -52.93
C GLN C 190 17.34 -25.36 -52.85
N VAL C 191 18.46 -24.67 -52.65
CA VAL C 191 18.48 -23.22 -52.75
C VAL C 191 19.28 -22.77 -53.97
N ASP C 192 18.76 -21.78 -54.67
CA ASP C 192 19.51 -21.17 -55.76
C ASP C 192 19.18 -19.69 -55.86
N ALA C 193 19.94 -18.99 -56.69
CA ALA C 193 19.56 -17.65 -57.11
C ALA C 193 18.81 -17.79 -58.43
N SER C 194 17.51 -17.53 -58.41
CA SER C 194 16.73 -17.67 -59.63
C SER C 194 15.83 -16.48 -59.88
N PHE C 195 15.10 -16.54 -60.99
CA PHE C 195 14.21 -15.48 -61.39
C PHE C 195 12.87 -15.56 -60.69
N MET C 196 12.51 -16.76 -60.23
CA MET C 196 11.29 -16.93 -59.46
C MET C 196 11.54 -16.52 -58.02
N GLN C 197 10.52 -15.93 -57.40
CA GLN C 197 10.66 -15.35 -56.08
C GLN C 197 10.28 -16.36 -54.98
N THR C 198 10.95 -16.25 -53.84
CA THR C 198 10.61 -17.04 -52.68
C THR C 198 10.60 -16.16 -51.43
N LEU C 199 9.52 -16.24 -50.67
CA LEU C 199 9.41 -15.46 -49.44
C LEU C 199 10.30 -16.05 -48.36
N TRP C 200 11.06 -15.19 -47.68
CA TRP C 200 11.95 -15.64 -46.63
C TRP C 200 11.70 -14.88 -45.33
N ASN C 201 11.86 -15.59 -44.22
CA ASN C 201 11.79 -14.97 -42.91
C ASN C 201 13.18 -14.87 -42.29
N MET C 202 13.64 -13.65 -42.06
CA MET C 202 14.91 -13.44 -41.38
C MET C 202 14.68 -13.47 -39.88
N ASN C 203 14.65 -14.68 -39.31
CA ASN C 203 14.37 -14.87 -37.89
C ASN C 203 15.58 -14.58 -37.02
N PRO C 204 15.43 -13.65 -36.08
CA PRO C 204 16.49 -13.25 -35.14
C PRO C 204 16.86 -14.36 -34.16
N ILE C 205 18.12 -14.76 -34.18
CA ILE C 205 18.59 -15.88 -33.36
C ILE C 205 18.48 -15.62 -31.86
N CYS C 206 18.87 -14.42 -31.44
CA CYS C 206 18.85 -14.09 -30.01
C CYS C 206 18.79 -12.58 -29.74
N SER C 207 18.35 -12.24 -28.54
CA SER C 207 18.37 -10.88 -28.03
C SER C 207 19.80 -10.49 -27.67
N CYS C 208 20.07 -9.20 -27.57
CA CYS C 208 21.40 -8.73 -27.22
C CYS C 208 21.76 -9.28 -25.85
N CYS C 209 23.02 -9.68 -25.68
CA CYS C 209 23.41 -10.44 -24.50
C CYS C 209 24.28 -9.70 -23.49
N GLU C 210 23.83 -8.92 -22.09
CA GLU C 210 24.57 -8.45 -20.94
C GLU C 210 25.87 -9.22 -20.83
N GLU C 211 26.97 -8.51 -20.59
CA GLU C 211 28.28 -9.13 -20.51
C GLU C 211 28.32 -10.17 -19.39
N GLY C 212 28.98 -11.31 -19.65
CA GLY C 212 29.17 -12.33 -18.65
C GLY C 212 27.98 -13.23 -18.41
N TYR C 213 26.92 -13.08 -19.19
CA TYR C 213 25.73 -13.90 -19.00
C TYR C 213 25.58 -14.99 -20.04
N VAL C 214 25.26 -16.19 -19.57
CA VAL C 214 25.08 -17.35 -20.44
C VAL C 214 23.86 -17.19 -21.33
N THR C 215 24.05 -17.39 -22.63
CA THR C 215 22.95 -17.40 -23.58
C THR C 215 22.92 -18.75 -24.27
N GLY C 216 21.81 -19.04 -24.97
CA GLY C 216 21.73 -20.26 -25.74
C GLY C 216 22.64 -20.15 -26.96
N GLY C 217 23.09 -21.30 -27.46
CA GLY C 217 23.94 -21.33 -28.64
C GLY C 217 25.41 -21.17 -28.31
N HIS C 218 25.72 -20.79 -27.07
CA HIS C 218 27.09 -20.64 -26.62
C HIS C 218 27.77 -21.98 -26.39
N VAL C 219 29.05 -22.07 -26.76
CA VAL C 219 29.84 -23.25 -26.45
C VAL C 219 30.61 -23.03 -25.16
N LEU C 220 30.45 -23.94 -24.21
CA LEU C 220 31.05 -23.76 -22.89
C LEU C 220 31.59 -25.06 -22.30
N ARG C 221 32.08 -24.97 -21.07
CA ARG C 221 32.50 -26.13 -20.31
C ARG C 221 31.83 -26.10 -18.93
N LEU C 222 31.47 -27.27 -18.43
CA LEU C 222 30.84 -27.38 -17.11
C LEU C 222 31.86 -27.88 -16.10
N PHE C 223 32.21 -27.04 -15.13
CA PHE C 223 33.24 -27.41 -14.16
C PHE C 223 32.67 -27.76 -12.78
N HIS C 224 33.19 -28.82 -12.17
CA HIS C 224 32.74 -29.25 -10.85
C HIS C 224 33.79 -28.96 -9.78
N GLY C 225 33.46 -28.04 -8.87
CA GLY C 225 34.40 -27.58 -7.86
C GLY C 225 35.53 -26.79 -8.49
N HIS C 226 35.91 -25.65 -7.91
CA HIS C 226 37.00 -24.88 -8.50
C HIS C 226 38.27 -25.72 -8.47
N MET C 227 38.38 -26.56 -9.49
CA MET C 227 39.61 -27.24 -9.85
C MET C 227 39.54 -27.38 -11.35
N ASP C 228 40.55 -27.97 -11.97
CA ASP C 228 40.44 -28.28 -13.39
C ASP C 228 39.72 -29.63 -13.55
N GLU C 229 38.42 -29.64 -13.29
CA GLU C 229 37.61 -30.85 -13.46
C GLU C 229 36.28 -30.50 -14.15
N CYS C 230 36.01 -31.13 -15.29
CA CYS C 230 34.84 -30.75 -16.08
C CYS C 230 34.05 -31.94 -16.63
N LEU C 231 32.84 -31.65 -17.11
CA LEU C 231 32.02 -32.68 -17.73
C LEU C 231 32.53 -33.00 -19.12
N THR C 232 32.69 -34.28 -19.42
CA THR C 232 33.30 -34.72 -20.67
C THR C 232 32.90 -36.16 -21.01
N ILE C 233 33.06 -36.54 -22.27
CA ILE C 233 33.00 -37.94 -22.67
C ILE C 233 34.42 -38.44 -22.93
N SER C 234 34.58 -39.75 -23.02
CA SER C 234 35.90 -40.35 -23.20
C SER C 234 36.58 -39.92 -24.50
N ALA C 235 37.83 -40.32 -24.68
CA ALA C 235 38.62 -39.85 -25.81
C ALA C 235 38.71 -40.84 -26.96
N ALA C 236 39.00 -40.32 -28.15
CA ALA C 236 39.39 -41.11 -29.31
C ALA C 236 38.47 -42.28 -29.62
N ASP C 237 39.03 -43.48 -29.63
CA ASP C 237 38.27 -44.70 -29.88
C ASP C 237 38.19 -45.57 -28.63
N SER C 238 37.58 -45.03 -27.58
CA SER C 238 37.49 -45.73 -26.30
C SER C 238 36.49 -46.87 -26.33
N ASP C 239 36.57 -47.75 -25.34
CA ASP C 239 35.63 -48.85 -25.19
C ASP C 239 34.22 -48.30 -24.97
N ASP C 240 34.14 -47.10 -24.40
CA ASP C 240 32.87 -46.42 -24.15
C ASP C 240 32.03 -46.25 -25.40
N GLN C 241 32.70 -46.23 -26.56
CA GLN C 241 32.10 -45.83 -27.83
C GLN C 241 31.66 -44.37 -27.74
N ARG C 242 32.32 -43.65 -26.82
CA ARG C 242 32.08 -42.22 -26.61
C ARG C 242 30.67 -41.90 -26.11
N ARG C 243 29.96 -42.92 -25.62
CA ARG C 243 28.57 -42.78 -25.19
C ARG C 243 28.43 -42.22 -23.78
N LEU C 244 29.34 -42.61 -22.90
CA LEU C 244 29.19 -42.34 -21.47
C LEU C 244 29.77 -40.98 -21.09
N VAL C 245 29.29 -40.42 -19.97
CA VAL C 245 29.67 -39.09 -19.54
C VAL C 245 30.45 -39.13 -18.23
N TYR C 246 31.44 -38.25 -18.09
CA TYR C 246 32.34 -38.29 -16.96
C TYR C 246 32.72 -36.92 -16.41
N TYR C 247 33.10 -36.89 -15.14
CA TYR C 247 33.81 -35.74 -14.59
C TYR C 247 35.28 -36.06 -14.63
N GLU C 248 36.03 -35.32 -15.43
CA GLU C 248 37.45 -35.61 -15.59
C GLU C 248 38.30 -34.36 -15.41
N GLY C 249 39.49 -34.54 -14.87
CA GLY C 249 40.40 -33.44 -14.61
C GLY C 249 41.66 -33.51 -15.44
N GLY C 250 42.60 -32.62 -15.13
CA GLY C 250 43.86 -32.59 -15.85
C GLY C 250 43.73 -31.87 -17.18
N ALA C 251 44.27 -32.48 -18.23
CA ALA C 251 44.42 -31.82 -19.53
C ALA C 251 43.10 -31.66 -20.29
N VAL C 252 42.11 -32.48 -19.95
CA VAL C 252 40.84 -32.50 -20.69
C VAL C 252 40.16 -31.13 -20.71
N CYS C 253 40.37 -30.34 -19.66
CA CYS C 253 39.79 -29.01 -19.58
C CYS C 253 40.29 -28.11 -20.71
N THR C 254 41.36 -28.53 -21.35
CA THR C 254 41.89 -27.81 -22.51
C THR C 254 41.39 -28.45 -23.81
N HIS C 255 41.05 -29.73 -23.74
CA HIS C 255 40.70 -30.51 -24.93
C HIS C 255 39.29 -30.25 -25.45
N ALA C 256 39.07 -30.63 -26.70
CA ALA C 256 37.80 -30.38 -27.40
C ALA C 256 36.65 -31.24 -26.86
N ARG C 257 36.98 -32.38 -26.27
CA ARG C 257 35.98 -33.31 -25.78
C ARG C 257 35.10 -32.72 -24.70
N SER C 258 35.62 -31.73 -23.98
CA SER C 258 34.90 -31.18 -22.83
C SER C 258 33.95 -30.06 -23.21
N LEU C 259 33.86 -29.77 -24.49
CA LEU C 259 33.05 -28.64 -24.96
C LEU C 259 31.61 -29.04 -25.25
N TRP C 260 30.68 -28.21 -24.81
CA TRP C 260 29.27 -28.46 -25.01
C TRP C 260 28.58 -27.24 -25.58
N ARG C 261 27.53 -27.47 -26.38
CA ARG C 261 26.72 -26.36 -26.87
C ARG C 261 25.33 -26.42 -26.25
N LEU C 262 24.90 -25.30 -25.69
CA LEU C 262 23.59 -25.21 -25.08
C LEU C 262 22.54 -24.80 -26.11
N GLU C 263 21.48 -25.60 -26.21
CA GLU C 263 20.45 -25.38 -27.21
C GLU C 263 19.06 -25.35 -26.60
N PRO C 264 18.53 -24.14 -26.36
CA PRO C 264 17.15 -23.96 -25.89
C PRO C 264 16.16 -24.56 -26.90
N LEU C 265 14.97 -24.93 -26.45
CA LEU C 265 14.02 -25.57 -27.35
C LEU C 265 13.22 -24.53 -28.13
N ARG C 266 13.93 -23.80 -28.99
CA ARG C 266 13.34 -22.80 -29.87
C ARG C 266 14.39 -22.37 -30.89
N ILE C 267 13.96 -21.83 -32.01
CA ILE C 267 14.89 -21.37 -33.04
C ILE C 267 15.10 -19.87 -32.97
N SER C 268 14.02 -19.12 -33.11
CA SER C 268 14.08 -17.66 -32.96
C SER C 268 14.51 -17.34 -31.53
N TRP C 269 15.50 -16.45 -31.43
CA TRP C 269 16.08 -16.05 -30.15
C TRP C 269 16.51 -17.25 -29.31
N SER C 270 17.12 -18.24 -29.96
CA SER C 270 17.76 -19.33 -29.24
C SER C 270 18.93 -18.77 -28.44
N GLY C 271 19.48 -17.66 -28.93
CA GLY C 271 20.62 -17.02 -28.30
C GLY C 271 20.25 -16.00 -27.25
N SER C 272 19.00 -16.06 -26.77
CA SER C 272 18.57 -15.20 -25.67
C SER C 272 19.25 -15.67 -24.38
N HIS C 273 19.20 -14.83 -23.35
CA HIS C 273 19.72 -15.20 -22.04
C HIS C 273 19.05 -16.48 -21.55
N LEU C 274 19.85 -17.39 -21.02
CA LEU C 274 19.30 -18.60 -20.41
C LEU C 274 18.68 -18.26 -19.07
N ARG C 275 17.55 -18.89 -18.76
CA ARG C 275 16.92 -18.68 -17.47
C ARG C 275 16.90 -19.97 -16.66
N TRP C 276 16.88 -19.81 -15.34
CA TRP C 276 16.78 -20.93 -14.43
C TRP C 276 15.49 -21.69 -14.68
N GLY C 277 15.59 -23.00 -14.88
CA GLY C 277 14.43 -23.83 -15.12
C GLY C 277 14.06 -23.93 -16.59
N GLN C 278 14.75 -23.18 -17.44
CA GLN C 278 14.49 -23.25 -18.87
C GLN C 278 14.97 -24.58 -19.42
N PRO C 279 14.08 -25.28 -20.13
CA PRO C 279 14.52 -26.53 -20.77
C PRO C 279 15.52 -26.24 -21.88
N LEU C 280 16.54 -27.07 -21.98
CA LEU C 280 17.52 -26.94 -23.05
C LEU C 280 18.08 -28.30 -23.41
N ARG C 281 18.69 -28.38 -24.59
CA ARG C 281 19.42 -29.56 -24.98
C ARG C 281 20.90 -29.29 -24.82
N ILE C 282 21.65 -30.30 -24.40
CA ILE C 282 23.10 -30.15 -24.28
C ILE C 282 23.77 -31.00 -25.36
N ARG C 283 24.29 -30.33 -26.37
CA ARG C 283 24.91 -31.03 -27.49
C ARG C 283 26.42 -31.09 -27.34
N HIS C 284 26.97 -32.30 -27.50
CA HIS C 284 28.40 -32.48 -27.56
C HIS C 284 28.90 -31.97 -28.91
N VAL C 285 29.86 -31.05 -28.90
CA VAL C 285 30.26 -30.37 -30.13
C VAL C 285 30.97 -31.27 -31.14
N THR C 286 31.97 -32.03 -30.68
CA THR C 286 32.81 -32.80 -31.58
C THR C 286 32.08 -34.01 -32.15
N THR C 287 31.29 -34.68 -31.32
CA THR C 287 30.58 -35.87 -31.75
C THR C 287 29.20 -35.54 -32.31
N GLY C 288 28.65 -34.42 -31.86
CA GLY C 288 27.34 -33.98 -32.34
C GLY C 288 26.19 -34.71 -31.69
N ARG C 289 26.50 -35.49 -30.65
CA ARG C 289 25.49 -36.25 -29.93
C ARG C 289 24.97 -35.47 -28.73
N TYR C 290 23.82 -35.87 -28.21
CA TYR C 290 23.12 -35.11 -27.19
C TYR C 290 23.09 -35.80 -25.83
N LEU C 291 23.35 -35.03 -24.77
CA LEU C 291 23.20 -35.52 -23.42
C LEU C 291 21.76 -35.95 -23.20
N ALA C 292 21.56 -37.15 -22.68
CA ALA C 292 20.22 -37.69 -22.54
C ALA C 292 20.11 -38.72 -21.44
N LEU C 293 18.90 -38.93 -20.95
CA LEU C 293 18.63 -40.05 -20.05
C LEU C 293 17.99 -41.18 -20.83
N THR C 294 18.57 -42.37 -20.72
CA THR C 294 18.04 -43.55 -21.37
C THR C 294 17.54 -44.52 -20.30
N GLU C 295 16.45 -45.23 -20.58
CA GLU C 295 15.86 -46.13 -19.59
C GLU C 295 16.82 -47.25 -19.20
N ASP C 296 17.31 -47.99 -20.19
CA ASP C 296 18.25 -49.07 -19.95
C ASP C 296 19.64 -48.57 -19.53
N GLN C 297 20.15 -47.60 -20.28
CA GLN C 297 21.55 -47.21 -20.17
C GLN C 297 21.81 -46.14 -19.10
N GLY C 298 20.81 -45.30 -18.83
CA GLY C 298 20.96 -44.22 -17.87
C GLY C 298 21.49 -42.97 -18.54
N LEU C 299 22.38 -42.26 -17.87
CA LEU C 299 22.96 -41.06 -18.45
C LEU C 299 23.96 -41.39 -19.55
N VAL C 300 23.63 -41.01 -20.77
CA VAL C 300 24.59 -41.08 -21.87
C VAL C 300 24.45 -39.91 -22.83
N VAL C 301 25.23 -39.98 -23.91
CA VAL C 301 25.12 -39.05 -25.01
C VAL C 301 24.61 -39.84 -26.22
N VAL C 302 23.59 -39.31 -26.89
CA VAL C 302 22.86 -40.06 -27.90
C VAL C 302 22.78 -39.32 -29.23
N ASP C 303 22.71 -40.08 -30.33
CA ASP C 303 22.57 -39.52 -31.68
C ASP C 303 21.38 -38.58 -31.80
N ALA C 304 21.45 -37.66 -32.75
CA ALA C 304 20.41 -36.65 -32.92
C ALA C 304 19.06 -37.26 -33.29
N CYS C 305 19.10 -38.44 -33.91
CA CYS C 305 17.88 -39.13 -34.31
C CYS C 305 17.03 -39.52 -33.11
N LYS C 306 17.69 -39.96 -32.04
CA LYS C 306 17.02 -40.42 -30.84
C LYS C 306 16.88 -39.33 -29.79
N ALA C 307 17.22 -38.10 -30.16
CA ALA C 307 17.30 -37.00 -29.21
C ALA C 307 15.97 -36.28 -29.01
N HIS C 308 14.89 -37.04 -28.86
CA HIS C 308 13.57 -36.47 -28.60
C HIS C 308 13.59 -35.73 -27.25
N THR C 309 12.67 -34.77 -27.10
CA THR C 309 12.76 -33.77 -26.04
C THR C 309 12.78 -34.34 -24.62
N LYS C 310 12.08 -35.44 -24.37
CA LYS C 310 11.97 -35.96 -23.02
C LYS C 310 13.27 -36.59 -22.53
N ALA C 311 13.95 -37.33 -23.40
CA ALA C 311 15.24 -37.90 -23.05
C ALA C 311 16.31 -36.83 -22.99
N THR C 312 16.12 -35.75 -23.75
CA THR C 312 17.18 -34.78 -24.01
C THR C 312 17.14 -33.51 -23.17
N SER C 313 15.94 -33.08 -22.74
CA SER C 313 15.80 -31.80 -22.06
C SER C 313 16.39 -31.77 -20.65
N PHE C 314 17.28 -30.82 -20.42
CA PHE C 314 17.80 -30.53 -19.08
C PHE C 314 17.54 -29.07 -18.75
N CYS C 315 17.83 -28.67 -17.52
CA CYS C 315 17.70 -27.26 -17.13
C CYS C 315 18.68 -26.92 -16.01
N PHE C 316 19.00 -25.64 -15.87
CA PHE C 316 19.84 -25.19 -14.78
C PHE C 316 18.99 -24.72 -13.61
N ARG C 317 19.43 -25.07 -12.42
CA ARG C 317 18.62 -24.94 -11.22
C ARG C 317 19.37 -24.28 -10.09
N VAL C 318 18.75 -23.27 -9.47
CA VAL C 318 19.41 -22.52 -8.40
C VAL C 318 19.81 -23.45 -7.27
N SER C 319 18.95 -24.39 -6.94
CA SER C 319 19.28 -25.43 -5.97
C SER C 319 18.49 -26.71 -6.22
N LYS C 320 18.28 -27.49 -5.17
CA LYS C 320 17.72 -28.83 -5.32
C LYS C 320 16.22 -28.95 -5.04
N GLU C 321 15.65 -28.01 -4.29
CA GLU C 321 14.22 -27.83 -4.27
C GLU C 321 13.75 -27.67 -5.70
N LYS C 322 12.52 -28.10 -5.97
CA LYS C 322 12.04 -28.20 -7.34
C LYS C 322 12.09 -26.86 -8.11
N LEU C 323 11.79 -25.69 -7.53
CA LEU C 323 10.90 -25.47 -6.38
C LEU C 323 9.47 -25.95 -6.71
N ASP C 324 8.91 -25.69 -7.89
CA ASP C 324 9.46 -24.85 -8.98
C ASP C 324 9.47 -23.31 -8.75
N THR C 325 8.49 -22.73 -8.03
CA THR C 325 7.25 -23.37 -7.60
C THR C 325 6.30 -23.29 -8.78
N ALA C 326 6.72 -22.48 -9.75
CA ALA C 326 5.99 -22.26 -10.99
C ALA C 326 6.96 -21.73 -12.05
N PRO C 327 6.72 -22.09 -13.32
CA PRO C 327 7.48 -21.54 -14.45
C PRO C 327 6.85 -20.27 -15.00
N LYS C 328 7.62 -19.18 -15.10
CA LYS C 328 7.08 -17.94 -15.64
C LYS C 328 6.87 -18.03 -17.13
N ARG C 329 6.54 -16.92 -17.76
CA ARG C 329 6.22 -16.94 -19.19
C ARG C 329 7.21 -16.18 -20.05
N ASP C 330 7.69 -16.90 -21.07
CA ASP C 330 8.77 -16.48 -21.96
C ASP C 330 8.56 -15.11 -22.62
N VAL C 331 9.63 -14.33 -22.64
CA VAL C 331 9.69 -13.14 -23.48
C VAL C 331 10.63 -13.46 -24.63
N GLU C 332 10.25 -13.08 -25.85
CA GLU C 332 10.99 -13.54 -27.02
C GLU C 332 12.30 -12.81 -27.21
N GLY C 333 12.41 -11.59 -26.71
CA GLY C 333 13.64 -10.82 -26.83
C GLY C 333 14.79 -11.46 -26.07
N MET C 334 15.85 -10.68 -25.86
CA MET C 334 17.02 -11.16 -25.12
C MET C 334 16.62 -11.70 -23.75
N GLY C 335 15.63 -11.04 -23.13
CA GLY C 335 15.13 -11.48 -21.84
C GLY C 335 16.01 -11.03 -20.70
N PRO C 336 15.55 -11.26 -19.45
CA PRO C 336 16.37 -10.96 -18.28
C PRO C 336 17.59 -11.88 -18.19
N PRO C 337 18.77 -11.29 -17.99
CA PRO C 337 20.02 -12.03 -17.76
C PRO C 337 20.03 -12.67 -16.37
N GLU C 338 20.06 -13.99 -16.31
CA GLU C 338 19.94 -14.70 -15.03
C GLU C 338 21.23 -15.41 -14.60
N ILE C 339 21.86 -16.12 -15.53
CA ILE C 339 23.03 -16.92 -15.21
C ILE C 339 24.34 -16.29 -15.70
N LYS C 340 25.29 -16.15 -14.79
CA LYS C 340 26.60 -15.59 -15.14
C LYS C 340 27.66 -16.69 -15.27
N TYR C 341 28.62 -16.48 -16.15
CA TYR C 341 29.75 -17.39 -16.29
C TYR C 341 30.69 -17.24 -15.09
N GLY C 342 31.06 -18.36 -14.49
CA GLY C 342 31.96 -18.35 -13.35
C GLY C 342 31.26 -18.00 -12.04
N GLU C 343 30.45 -16.94 -12.08
CA GLU C 343 29.75 -16.47 -10.88
C GLU C 343 28.70 -17.46 -10.38
N SER C 344 27.83 -17.89 -11.29
CA SER C 344 26.67 -18.68 -10.90
C SER C 344 26.97 -20.16 -10.67
N LEU C 345 26.47 -20.69 -9.56
CA LEU C 345 26.52 -22.12 -9.29
C LEU C 345 25.22 -22.74 -9.78
N CYS C 346 25.33 -23.76 -10.63
CA CYS C 346 24.16 -24.35 -11.27
C CYS C 346 24.03 -25.85 -11.00
N PHE C 347 22.84 -26.27 -10.60
CA PHE C 347 22.52 -27.69 -10.57
C PHE C 347 21.85 -28.06 -11.88
N VAL C 348 22.38 -29.06 -12.57
CA VAL C 348 21.76 -29.54 -13.79
C VAL C 348 20.72 -30.61 -13.46
N GLN C 349 19.50 -30.41 -13.95
CA GLN C 349 18.41 -31.33 -13.67
C GLN C 349 17.75 -31.84 -14.94
N HIS C 350 17.51 -33.15 -15.01
CA HIS C 350 16.72 -33.71 -16.09
C HIS C 350 15.28 -33.25 -15.93
N VAL C 351 14.74 -32.63 -16.96
CA VAL C 351 13.40 -32.06 -16.89
C VAL C 351 12.33 -33.10 -16.61
N ALA C 352 12.26 -34.12 -17.47
CA ALA C 352 11.24 -35.16 -17.36
C ALA C 352 11.31 -35.91 -16.04
N SER C 353 12.50 -36.38 -15.70
CA SER C 353 12.68 -37.23 -14.53
C SER C 353 12.75 -36.42 -13.23
N GLY C 354 13.42 -35.28 -13.28
CA GLY C 354 13.64 -34.47 -12.10
C GLY C 354 14.92 -34.93 -11.42
N LEU C 355 15.64 -35.83 -12.09
CA LEU C 355 16.89 -36.35 -11.57
C LEU C 355 18.01 -35.33 -11.68
N TRP C 356 18.99 -35.43 -10.78
CA TRP C 356 20.08 -34.48 -10.74
C TRP C 356 21.35 -35.04 -11.38
N LEU C 357 22.04 -34.20 -12.13
CA LEU C 357 23.35 -34.56 -12.66
C LEU C 357 24.32 -34.68 -11.51
N THR C 358 24.94 -35.85 -11.37
CA THR C 358 25.89 -36.08 -10.30
C THR C 358 26.96 -37.06 -10.73
N TYR C 359 27.84 -37.41 -9.79
CA TYR C 359 28.91 -38.35 -10.04
C TYR C 359 28.65 -39.66 -9.30
N ALA C 360 28.98 -40.77 -9.94
CA ALA C 360 28.92 -42.06 -9.28
C ALA C 360 30.15 -42.20 -8.41
N ALA C 361 31.28 -42.44 -9.07
CA ALA C 361 32.59 -42.52 -8.43
C ALA C 361 33.64 -42.84 -9.47
N PRO C 362 34.90 -42.55 -9.16
CA PRO C 362 35.95 -43.29 -9.86
C PRO C 362 35.97 -44.68 -9.27
N ASP C 363 36.91 -45.52 -9.67
CA ASP C 363 36.81 -46.89 -9.20
C ASP C 363 37.40 -47.12 -7.79
N PRO C 364 38.35 -46.28 -7.32
CA PRO C 364 39.37 -45.32 -7.78
C PRO C 364 40.75 -45.97 -7.65
N LYS C 365 40.71 -47.30 -7.57
CA LYS C 365 41.90 -48.11 -7.41
C LYS C 365 41.82 -49.43 -8.18
N ALA C 366 40.65 -49.76 -8.72
CA ALA C 366 40.43 -51.06 -9.37
C ALA C 366 39.91 -51.04 -10.83
N LEU C 367 40.82 -51.41 -11.73
CA LEU C 367 40.63 -51.80 -13.16
C LEU C 367 40.48 -50.65 -14.17
N ARG C 368 41.66 -50.08 -14.48
CA ARG C 368 41.96 -48.90 -15.32
C ARG C 368 42.96 -48.08 -14.50
N LEU C 369 43.02 -48.44 -13.23
CA LEU C 369 43.39 -47.58 -12.13
C LEU C 369 44.84 -47.80 -11.67
N GLY C 370 45.48 -46.81 -11.03
CA GLY C 370 44.88 -45.55 -10.62
C GLY C 370 45.05 -44.38 -11.57
N VAL C 371 44.01 -43.56 -11.65
CA VAL C 371 43.90 -42.38 -12.53
C VAL C 371 42.67 -41.62 -12.05
N LEU C 372 42.65 -40.30 -12.15
CA LEU C 372 41.42 -39.58 -11.80
C LEU C 372 40.39 -39.72 -12.95
N LYS C 373 39.16 -40.10 -12.59
CA LYS C 373 38.04 -40.18 -13.56
C LYS C 373 36.74 -40.64 -12.90
N LYS C 374 35.76 -39.74 -12.81
CA LYS C 374 34.46 -40.10 -12.22
C LYS C 374 33.37 -40.20 -13.28
N LYS C 375 32.49 -41.19 -13.15
CA LYS C 375 31.36 -41.30 -14.10
C LYS C 375 30.22 -40.38 -13.69
N ALA C 376 29.65 -39.71 -14.68
CA ALA C 376 28.49 -38.85 -14.46
C ALA C 376 27.21 -39.64 -14.61
N ILE C 377 26.33 -39.53 -13.62
CA ILE C 377 25.02 -40.17 -13.68
C ILE C 377 23.92 -39.22 -13.22
N LEU C 378 22.69 -39.66 -13.40
CA LEU C 378 21.54 -38.97 -12.81
C LEU C 378 21.07 -39.75 -11.59
N HIS C 379 20.85 -39.03 -10.49
CA HIS C 379 20.29 -39.64 -9.30
C HIS C 379 19.22 -38.74 -8.70
N GLN C 380 18.34 -39.34 -7.91
CA GLN C 380 17.24 -38.61 -7.29
C GLN C 380 17.76 -37.58 -6.29
N GLU C 381 18.69 -38.02 -5.45
CA GLU C 381 19.26 -37.15 -4.43
C GLU C 381 20.43 -36.34 -4.96
N GLY C 382 21.39 -37.01 -5.58
CA GLY C 382 22.64 -36.38 -5.96
C GLY C 382 23.43 -36.08 -4.70
N HIS C 383 24.38 -35.15 -4.80
CA HIS C 383 25.16 -34.76 -3.63
C HIS C 383 25.07 -33.25 -3.40
N MET C 384 25.56 -32.80 -2.25
CA MET C 384 25.53 -31.39 -1.90
C MET C 384 26.43 -30.57 -2.81
N ASP C 385 27.53 -31.17 -3.26
CA ASP C 385 28.52 -30.48 -4.08
C ASP C 385 28.19 -30.47 -5.57
N ASP C 386 26.99 -30.90 -5.92
CA ASP C 386 26.61 -31.11 -7.32
C ASP C 386 26.66 -29.86 -8.19
N ALA C 387 26.57 -28.69 -7.56
CA ALA C 387 26.54 -27.42 -8.28
C ALA C 387 27.76 -27.21 -9.17
N LEU C 388 27.52 -26.86 -10.43
CA LEU C 388 28.60 -26.59 -11.38
C LEU C 388 28.67 -25.09 -11.69
N PHE C 389 29.80 -24.64 -12.21
CA PHE C 389 29.89 -23.29 -12.76
C PHE C 389 30.29 -23.36 -14.23
N LEU C 390 29.92 -22.34 -15.00
CA LEU C 390 30.22 -22.33 -16.43
C LEU C 390 31.00 -21.10 -16.87
N THR C 391 32.09 -21.32 -17.61
CA THR C 391 32.87 -20.23 -18.19
C THR C 391 33.00 -20.42 -19.71
N ARG C 392 32.69 -19.37 -20.46
CA ARG C 392 32.79 -19.41 -21.92
C ARG C 392 34.24 -19.50 -22.39
N CYS C 393 34.50 -20.37 -23.36
CA CYS C 393 35.85 -20.52 -23.93
C CYS C 393 36.28 -19.30 -24.76
N GLN C 394 36.54 -19.53 -26.05
CA GLN C 394 36.95 -18.47 -26.98
C GLN C 394 36.53 -18.86 -28.40
N GLN C 395 36.76 -17.53 -29.25
CA GLN C 395 36.31 -17.83 -30.61
C GLN C 395 37.23 -18.79 -31.36
N GLU C 396 38.53 -18.60 -31.24
CA GLU C 396 39.49 -19.42 -32.00
C GLU C 396 39.39 -20.89 -31.63
N GLU C 397 39.08 -21.17 -30.36
CA GLU C 397 38.97 -22.55 -29.90
C GLU C 397 37.61 -23.14 -30.24
N SER C 398 36.58 -22.32 -30.10
CA SER C 398 35.22 -22.71 -30.44
C SER C 398 35.09 -23.03 -31.92
N GLN C 399 35.64 -22.17 -32.78
CA GLN C 399 35.57 -22.39 -34.22
C GLN C 399 36.38 -23.61 -34.61
N ALA C 400 37.56 -23.76 -34.01
CA ALA C 400 38.40 -24.94 -34.24
C ALA C 400 37.63 -26.20 -33.88
N ALA C 401 36.87 -26.14 -32.78
CA ALA C 401 36.12 -27.28 -32.29
C ALA C 401 35.10 -27.78 -33.31
N ARG C 402 34.35 -26.86 -33.92
CA ARG C 402 33.38 -27.23 -34.94
C ARG C 402 34.09 -27.66 -36.21
N MET C 403 35.24 -27.03 -36.48
CA MET C 403 36.08 -27.43 -37.60
C MET C 403 36.41 -28.91 -37.49
N ILE C 404 36.80 -29.33 -36.28
CA ILE C 404 37.05 -30.74 -35.98
C ILE C 404 35.84 -31.59 -36.34
N HIS C 405 34.68 -31.14 -35.86
CA HIS C 405 33.42 -31.85 -36.04
C HIS C 405 33.16 -32.18 -37.51
N SER C 406 33.14 -31.16 -38.34
CA SER C 406 32.90 -31.33 -39.77
C SER C 406 34.03 -32.11 -40.44
N THR C 407 35.25 -31.78 -40.06
CA THR C 407 36.45 -32.44 -40.58
C THR C 407 36.41 -33.94 -40.33
N ALA C 408 36.16 -34.31 -39.08
CA ALA C 408 36.06 -35.71 -38.70
C ALA C 408 34.95 -36.40 -39.49
N GLY C 409 33.80 -35.72 -39.57
CA GLY C 409 32.65 -36.26 -40.28
C GLY C 409 32.92 -36.52 -41.76
N LEU C 410 33.61 -35.59 -42.41
CA LEU C 410 33.88 -35.71 -43.84
C LEU C 410 34.82 -36.87 -44.15
N TYR C 411 35.96 -36.91 -43.46
CA TYR C 411 36.96 -37.94 -43.71
C TYR C 411 36.43 -39.32 -43.35
N ASN C 412 35.65 -39.40 -42.27
CA ASN C 412 35.05 -40.66 -41.87
C ASN C 412 34.12 -41.19 -42.95
N GLN C 413 33.34 -40.31 -43.56
CA GLN C 413 32.51 -40.71 -44.70
C GLN C 413 33.41 -41.03 -45.89
N PHE C 414 34.48 -40.26 -46.04
CA PHE C 414 35.42 -40.49 -47.14
C PHE C 414 36.03 -41.88 -47.02
N ILE C 415 36.58 -42.18 -45.85
CA ILE C 415 37.21 -43.49 -45.63
C ILE C 415 36.17 -44.61 -45.61
N LYS C 416 34.94 -44.28 -45.21
CA LYS C 416 33.87 -45.27 -45.20
C LYS C 416 33.55 -45.70 -46.63
N GLY C 417 33.55 -44.74 -47.53
CA GLY C 417 33.34 -45.02 -48.94
C GLY C 417 34.43 -45.90 -49.49
N LEU C 418 35.68 -45.57 -49.17
CA LEU C 418 36.84 -46.35 -49.60
C LEU C 418 36.78 -47.79 -49.10
N ASP C 419 36.34 -47.96 -47.86
CA ASP C 419 36.26 -49.29 -47.26
C ASP C 419 35.25 -50.17 -47.98
N SER C 420 34.16 -49.55 -48.43
CA SER C 420 33.09 -50.28 -49.10
C SER C 420 33.57 -50.94 -50.40
N PHE C 421 34.15 -50.15 -51.29
CA PHE C 421 34.53 -50.67 -52.60
C PHE C 421 35.94 -51.27 -52.62
N SER C 422 36.53 -51.52 -51.45
CA SER C 422 37.85 -52.13 -51.44
C SER C 422 37.78 -53.63 -51.70
N GLY C 423 36.70 -54.28 -51.26
CA GLY C 423 36.49 -55.70 -51.57
C GLY C 423 36.65 -55.92 -53.06
N LYS C 424 36.38 -54.85 -53.79
CA LYS C 424 36.49 -54.73 -55.22
C LYS C 424 37.97 -54.47 -55.65
N PRO C 425 38.51 -55.26 -56.61
CA PRO C 425 39.85 -55.04 -57.20
C PRO C 425 40.02 -55.04 -58.74
N ARG C 426 40.45 -53.90 -59.30
CA ARG C 426 40.99 -53.70 -60.67
C ARG C 426 40.15 -54.24 -61.84
N GLY C 427 39.66 -53.32 -62.68
CA GLY C 427 38.82 -53.70 -63.79
C GLY C 427 37.76 -52.68 -64.16
N SER C 428 36.89 -53.09 -65.08
CA SER C 428 35.91 -52.23 -65.77
C SER C 428 34.47 -52.72 -65.68
N GLY C 429 33.55 -51.88 -65.20
CA GLY C 429 32.12 -52.19 -65.16
C GLY C 429 31.26 -51.00 -64.73
N PRO C 430 29.93 -51.02 -65.02
CA PRO C 430 29.04 -49.92 -64.61
C PRO C 430 28.19 -50.14 -63.35
N PRO C 431 28.55 -49.49 -62.24
CA PRO C 431 27.80 -49.55 -60.99
C PRO C 431 27.21 -48.21 -60.53
N ALA C 432 26.14 -48.27 -59.74
CA ALA C 432 25.53 -47.05 -59.19
C ALA C 432 25.68 -46.99 -57.68
N GLY C 433 26.32 -45.93 -57.19
CA GLY C 433 26.48 -45.73 -55.77
C GLY C 433 26.85 -44.29 -55.47
N PRO C 434 26.63 -43.84 -54.23
CA PRO C 434 27.04 -42.49 -53.84
C PRO C 434 28.54 -42.30 -54.04
N ALA C 435 28.91 -41.26 -54.76
CA ALA C 435 30.31 -40.98 -55.02
C ALA C 435 30.99 -40.47 -53.75
N LEU C 436 32.29 -40.72 -53.66
CA LEU C 436 33.10 -40.15 -52.59
C LEU C 436 33.04 -38.63 -52.67
N PRO C 437 32.78 -37.96 -51.54
CA PRO C 437 32.86 -36.49 -51.55
C PRO C 437 34.26 -36.02 -51.95
N ILE C 438 34.55 -36.09 -53.25
CA ILE C 438 35.83 -35.69 -53.78
C ILE C 438 36.01 -34.18 -53.70
N GLU C 439 34.99 -33.45 -54.14
CA GLU C 439 35.06 -31.98 -54.14
C GLU C 439 35.22 -31.44 -52.72
N ALA C 440 34.52 -32.06 -51.78
CA ALA C 440 34.53 -31.61 -50.39
C ALA C 440 35.87 -31.88 -49.74
N VAL C 441 36.42 -33.07 -49.99
CA VAL C 441 37.67 -33.45 -49.37
C VAL C 441 38.82 -32.58 -49.89
N ILE C 442 38.78 -32.24 -51.18
CA ILE C 442 39.81 -31.38 -51.75
C ILE C 442 39.79 -30.00 -51.10
N LEU C 443 38.61 -29.39 -51.04
CA LEU C 443 38.44 -28.08 -50.40
C LEU C 443 38.87 -28.14 -48.94
N SER C 444 38.33 -29.12 -48.22
CA SER C 444 38.64 -29.31 -46.80
C SER C 444 40.13 -29.39 -46.55
N LEU C 445 40.83 -30.17 -47.38
CA LEU C 445 42.27 -30.28 -47.28
C LEU C 445 42.89 -28.92 -47.60
N GLN C 446 42.40 -28.27 -48.65
CA GLN C 446 42.89 -26.96 -49.07
C GLN C 446 42.81 -25.90 -47.95
N ASP C 447 41.62 -25.76 -47.37
CA ASP C 447 41.40 -24.72 -46.36
C ASP C 447 42.05 -25.07 -45.02
N LEU C 448 42.26 -26.36 -44.78
CA LEU C 448 42.95 -26.77 -43.56
C LEU C 448 44.44 -26.43 -43.68
N ILE C 449 45.02 -26.69 -44.85
CA ILE C 449 46.42 -26.34 -45.11
C ILE C 449 46.64 -24.85 -44.88
N GLY C 450 45.74 -24.03 -45.40
CA GLY C 450 45.80 -22.59 -45.21
C GLY C 450 45.66 -22.20 -43.76
N TYR C 451 44.81 -22.93 -43.04
CA TYR C 451 44.58 -22.69 -41.62
C TYR C 451 45.85 -22.94 -40.81
N PHE C 452 46.62 -23.95 -41.23
CA PHE C 452 47.82 -24.34 -40.50
C PHE C 452 49.08 -23.65 -41.04
N GLU C 453 48.92 -22.82 -42.07
CA GLU C 453 50.02 -22.01 -42.58
C GLU C 453 50.62 -21.15 -41.47
N PRO C 454 51.95 -21.22 -41.29
CA PRO C 454 52.65 -20.33 -40.37
C PRO C 454 52.38 -18.87 -40.72
N PRO C 455 52.40 -17.97 -39.71
CA PRO C 455 52.16 -16.55 -39.93
C PRO C 455 53.08 -15.94 -40.97
N SER C 456 54.31 -16.44 -41.06
CA SER C 456 55.30 -16.26 -42.15
C SER C 456 56.50 -15.39 -41.75
N GLU C 457 56.88 -14.48 -42.64
CA GLU C 457 58.06 -13.64 -42.47
C GLU C 457 57.74 -12.18 -42.78
N GLU C 458 56.47 -11.94 -43.07
CA GLU C 458 56.04 -10.72 -43.75
C GLU C 458 54.87 -10.09 -43.00
N LEU C 459 55.06 -8.98 -42.27
CA LEU C 459 56.23 -8.08 -42.32
C LEU C 459 57.65 -8.61 -41.99
N GLN C 460 57.81 -9.50 -41.02
CA GLN C 460 56.85 -9.72 -39.94
C GLN C 460 57.61 -9.40 -38.66
N HIS C 461 56.96 -9.53 -37.53
CA HIS C 461 57.61 -9.37 -36.22
C HIS C 461 58.06 -7.93 -35.90
N GLU C 462 57.87 -7.49 -34.65
CA GLU C 462 57.42 -8.34 -33.55
C GLU C 462 55.97 -8.79 -33.66
N GLU C 463 55.04 -7.86 -33.86
CA GLU C 463 53.62 -8.17 -34.03
C GLU C 463 53.35 -9.45 -34.84
N LYS C 464 52.38 -10.22 -34.38
CA LYS C 464 52.06 -11.56 -34.93
C LYS C 464 53.21 -12.54 -34.73
N GLN C 465 54.06 -12.27 -33.74
CA GLN C 465 55.10 -13.22 -33.33
C GLN C 465 54.45 -14.40 -32.62
N SER C 466 53.43 -14.10 -31.82
CA SER C 466 52.80 -15.08 -30.96
C SER C 466 51.78 -15.92 -31.73
N LYS C 467 51.72 -15.70 -33.04
CA LYS C 467 50.88 -16.49 -33.91
C LYS C 467 51.31 -17.95 -33.90
N LEU C 468 52.60 -18.17 -33.68
CA LEU C 468 53.15 -19.51 -33.52
C LEU C 468 52.47 -20.23 -32.35
N ARG C 469 52.14 -19.46 -31.31
CA ARG C 469 51.42 -20.00 -30.15
C ARG C 469 50.03 -20.47 -30.56
N SER C 470 49.32 -19.62 -31.29
CA SER C 470 47.98 -19.93 -31.76
C SER C 470 48.00 -21.16 -32.67
N LEU C 471 48.94 -21.19 -33.60
CA LEU C 471 49.09 -22.34 -34.49
C LEU C 471 49.27 -23.61 -33.69
N ARG C 472 50.27 -23.59 -32.80
CA ARG C 472 50.58 -24.72 -31.93
C ARG C 472 49.37 -25.17 -31.13
N ASN C 473 48.63 -24.20 -30.58
CA ASN C 473 47.38 -24.48 -29.88
C ASN C 473 46.40 -25.15 -30.82
N ARG C 474 46.13 -24.49 -31.94
CA ARG C 474 45.19 -24.99 -32.93
C ARG C 474 45.64 -26.36 -33.44
N GLN C 475 46.95 -26.51 -33.67
CA GLN C 475 47.51 -27.82 -33.99
C GLN C 475 47.14 -28.84 -32.91
N SER C 476 47.49 -28.51 -31.67
CA SER C 476 47.24 -29.37 -30.51
C SER C 476 45.79 -29.78 -30.39
N LEU C 477 44.87 -28.85 -30.64
CA LEU C 477 43.45 -29.11 -30.59
C LEU C 477 43.07 -30.20 -31.58
N PHE C 478 43.57 -30.07 -32.81
CA PHE C 478 43.36 -31.10 -33.83
C PHE C 478 43.99 -32.43 -33.42
N GLN C 479 45.26 -32.38 -33.00
CA GLN C 479 46.00 -33.58 -32.60
C GLN C 479 45.28 -34.38 -31.52
N GLU C 480 44.81 -33.68 -30.49
CA GLU C 480 44.16 -34.32 -29.36
C GLU C 480 42.85 -34.99 -29.78
N GLU C 481 42.23 -34.47 -30.82
CA GLU C 481 41.01 -35.06 -31.35
C GLU C 481 41.32 -36.20 -32.32
N GLY C 482 42.60 -36.48 -32.50
CA GLY C 482 43.05 -37.60 -33.31
C GLY C 482 42.94 -37.34 -34.80
N MET C 483 43.18 -36.10 -35.21
CA MET C 483 43.10 -35.72 -36.61
C MET C 483 44.24 -36.33 -37.43
N LEU C 484 45.37 -36.56 -36.76
CA LEU C 484 46.52 -37.16 -37.43
C LEU C 484 46.20 -38.58 -37.88
N SER C 485 45.79 -39.42 -36.93
CA SER C 485 45.36 -40.78 -37.22
C SER C 485 44.34 -40.81 -38.36
N LEU C 486 43.40 -39.85 -38.33
CA LEU C 486 42.38 -39.73 -39.34
C LEU C 486 42.98 -39.45 -40.72
N VAL C 487 43.91 -38.48 -40.77
CA VAL C 487 44.62 -38.16 -42.00
C VAL C 487 45.44 -39.36 -42.47
N LEU C 488 46.13 -40.00 -41.53
CA LEU C 488 46.92 -41.19 -41.82
C LEU C 488 46.07 -42.32 -42.37
N ASN C 489 44.86 -42.47 -41.82
CA ASN C 489 43.92 -43.48 -42.30
C ASN C 489 43.59 -43.28 -43.77
N CYS C 490 43.31 -42.03 -44.14
CA CYS C 490 43.04 -41.67 -45.53
C CYS C 490 44.21 -42.01 -46.42
N ILE C 491 45.41 -41.64 -45.96
CA ILE C 491 46.63 -41.90 -46.70
C ILE C 491 46.82 -43.39 -46.97
N ASP C 492 46.83 -44.19 -45.90
CA ASP C 492 47.01 -45.63 -45.98
C ASP C 492 46.03 -46.31 -46.93
N ARG C 493 44.76 -45.91 -46.84
CA ARG C 493 43.71 -46.53 -47.66
C ARG C 493 43.88 -46.15 -49.12
N LEU C 494 44.31 -44.92 -49.37
CA LEU C 494 44.59 -44.47 -50.73
C LEU C 494 45.86 -45.14 -51.26
N ASN C 495 46.81 -45.40 -50.37
CA ASN C 495 48.10 -45.98 -50.74
C ASN C 495 48.01 -47.41 -51.27
N VAL C 496 46.94 -48.12 -50.91
CA VAL C 496 46.73 -49.50 -51.35
C VAL C 496 46.82 -49.60 -52.86
N TYR C 497 46.23 -48.62 -53.54
CA TYR C 497 46.35 -48.49 -54.98
C TYR C 497 47.67 -47.81 -55.33
N THR C 498 48.50 -48.50 -56.11
CA THR C 498 49.80 -47.99 -56.51
C THR C 498 49.66 -46.73 -57.36
N THR C 499 49.10 -46.89 -58.55
CA THR C 499 48.86 -45.77 -59.45
C THR C 499 47.59 -45.02 -59.04
N ALA C 500 46.50 -45.77 -59.00
CA ALA C 500 45.19 -45.31 -58.57
C ALA C 500 44.25 -46.49 -58.73
N ALA C 501 42.96 -46.22 -58.84
CA ALA C 501 42.05 -47.21 -59.39
C ALA C 501 42.51 -47.40 -60.84
N HIS C 502 43.03 -48.58 -61.15
CA HIS C 502 43.66 -48.82 -62.45
C HIS C 502 42.70 -48.57 -63.62
N PHE C 503 41.41 -48.77 -63.37
CA PHE C 503 40.35 -48.64 -64.38
C PHE C 503 39.13 -47.89 -63.84
N ALA C 504 38.02 -48.01 -64.56
CA ALA C 504 36.77 -47.31 -64.29
C ALA C 504 36.13 -47.64 -62.93
N GLU C 505 35.92 -48.92 -62.63
CA GLU C 505 35.38 -49.29 -61.30
C GLU C 505 36.52 -49.33 -60.29
N TYR C 506 36.20 -49.62 -59.03
CA TYR C 506 37.17 -49.69 -57.91
C TYR C 506 37.52 -48.28 -57.44
N ALA C 507 36.58 -47.41 -57.80
CA ALA C 507 36.49 -46.00 -57.50
C ALA C 507 35.60 -45.57 -58.65
N GLY C 508 35.38 -44.28 -58.84
CA GLY C 508 34.70 -43.84 -60.03
C GLY C 508 35.76 -43.65 -61.10
N GLU C 509 35.34 -43.50 -62.36
CA GLU C 509 36.27 -43.09 -63.40
C GLU C 509 36.75 -41.69 -63.07
N GLU C 510 35.81 -40.84 -62.66
CA GLU C 510 36.10 -39.47 -62.29
C GLU C 510 36.85 -39.40 -60.95
N ALA C 511 36.60 -40.38 -60.08
CA ALA C 511 37.23 -40.40 -58.77
C ALA C 511 38.73 -40.65 -58.92
N ALA C 512 39.10 -41.47 -59.89
CA ALA C 512 40.50 -41.80 -60.14
C ALA C 512 41.30 -40.57 -60.55
N GLU C 513 40.63 -39.63 -61.23
CA GLU C 513 41.27 -38.39 -61.66
C GLU C 513 41.88 -37.63 -60.48
N SER C 514 41.19 -37.65 -59.34
CA SER C 514 41.54 -36.81 -58.22
C SER C 514 42.46 -37.49 -57.20
N TRP C 515 42.80 -38.75 -57.42
CA TRP C 515 43.57 -39.52 -56.44
C TRP C 515 44.89 -38.87 -56.07
N LYS C 516 45.68 -38.48 -57.07
CA LYS C 516 47.01 -37.94 -56.80
C LYS C 516 46.93 -36.62 -56.07
N GLU C 517 46.00 -35.76 -56.49
CA GLU C 517 45.73 -34.52 -55.77
C GLU C 517 45.51 -34.78 -54.29
N ILE C 518 44.47 -35.57 -54.01
CA ILE C 518 44.05 -35.88 -52.65
C ILE C 518 45.17 -36.42 -51.76
N VAL C 519 45.77 -37.54 -52.17
CA VAL C 519 46.95 -38.08 -51.52
C VAL C 519 47.99 -36.99 -51.31
N ASN C 520 48.14 -36.14 -52.33
CA ASN C 520 49.12 -35.08 -52.26
C ASN C 520 48.75 -33.99 -51.28
N LEU C 521 47.46 -33.80 -51.05
CA LEU C 521 47.02 -32.79 -50.11
C LEU C 521 47.03 -33.33 -48.68
N LEU C 522 46.81 -34.65 -48.53
CA LEU C 522 46.78 -35.30 -47.22
C LEU C 522 48.13 -35.19 -46.50
N TYR C 523 49.21 -35.57 -47.18
CA TYR C 523 50.55 -35.46 -46.61
C TYR C 523 50.92 -34.01 -46.30
N GLU C 524 50.52 -33.10 -47.18
CA GLU C 524 50.78 -31.68 -46.97
C GLU C 524 50.04 -31.20 -45.73
N LEU C 525 48.87 -31.78 -45.51
CA LEU C 525 48.11 -31.53 -44.28
C LEU C 525 48.87 -32.13 -43.11
N LEU C 526 49.18 -33.42 -43.21
CA LEU C 526 49.92 -34.13 -42.17
C LEU C 526 51.17 -33.37 -41.79
N ALA C 527 51.88 -32.88 -42.81
CA ALA C 527 53.00 -31.98 -42.63
C ALA C 527 52.63 -30.84 -41.71
N SER C 528 51.63 -30.07 -42.13
CA SER C 528 51.21 -28.86 -41.42
C SER C 528 50.78 -29.11 -39.99
N LEU C 529 50.26 -30.31 -39.72
CA LEU C 529 49.85 -30.68 -38.37
C LEU C 529 51.05 -30.77 -37.45
N ILE C 530 52.16 -31.25 -37.99
CA ILE C 530 53.39 -31.44 -37.22
C ILE C 530 54.24 -30.17 -37.22
N ARG C 531 54.30 -29.50 -38.37
CA ARG C 531 55.14 -28.33 -38.59
C ARG C 531 55.10 -27.30 -37.46
N GLY C 532 56.24 -26.68 -37.20
CA GLY C 532 56.39 -25.83 -36.04
C GLY C 532 57.03 -26.64 -34.93
N ASN C 533 58.37 -26.71 -34.96
CA ASN C 533 59.12 -27.53 -34.02
C ASN C 533 58.91 -27.10 -32.57
N UNK C 590 51.99 -32.15 -31.34
CA UNK C 590 53.30 -31.58 -31.09
C UNK C 590 54.38 -32.65 -31.25
N UNK C 591 55.43 -32.55 -30.45
CA UNK C 591 56.57 -33.45 -30.57
C UNK C 591 56.21 -34.90 -30.31
N UNK C 592 55.35 -35.13 -29.32
CA UNK C 592 54.89 -36.49 -28.99
C UNK C 592 54.06 -37.12 -30.12
N UNK C 593 53.21 -36.28 -30.70
CA UNK C 593 52.39 -36.71 -31.81
C UNK C 593 53.37 -37.08 -32.90
N UNK C 594 54.40 -36.27 -33.03
CA UNK C 594 55.41 -36.47 -34.03
C UNK C 594 56.10 -37.82 -33.84
N UNK C 595 56.41 -38.18 -32.61
CA UNK C 595 57.02 -39.48 -32.29
C UNK C 595 56.14 -40.69 -32.62
N UNK C 596 54.85 -40.56 -32.32
CA UNK C 596 53.94 -41.65 -32.68
C UNK C 596 53.92 -41.75 -34.19
N UNK C 597 53.93 -40.58 -34.80
CA UNK C 597 53.84 -40.42 -36.22
C UNK C 597 55.06 -41.10 -36.79
N UNK C 598 56.16 -40.96 -36.08
CA UNK C 598 57.47 -41.52 -36.36
C UNK C 598 57.55 -43.03 -36.35
N UNK C 599 56.89 -43.70 -35.40
CA UNK C 599 56.77 -45.16 -35.52
C UNK C 599 55.96 -45.49 -36.78
N UNK C 600 54.89 -44.72 -36.91
CA UNK C 600 53.99 -44.93 -38.03
C UNK C 600 54.77 -44.69 -39.31
N UNK C 601 55.84 -43.93 -39.20
CA UNK C 601 56.60 -43.39 -40.30
C UNK C 601 57.93 -44.07 -40.51
N UNK C 602 58.27 -45.00 -39.64
CA UNK C 602 59.10 -46.13 -40.00
C UNK C 602 58.23 -46.86 -41.00
N UNK C 603 56.94 -46.98 -40.65
CA UNK C 603 56.03 -47.52 -41.64
C UNK C 603 56.05 -46.58 -42.86
N UNK C 604 56.14 -45.29 -42.60
CA UNK C 604 56.13 -44.28 -43.64
C UNK C 604 57.33 -44.36 -44.58
N UNK C 605 58.50 -44.66 -44.03
CA UNK C 605 59.73 -44.81 -44.79
C UNK C 605 59.54 -46.00 -45.69
N UNK C 606 58.91 -47.03 -45.12
CA UNK C 606 58.66 -48.21 -45.91
C UNK C 606 57.76 -47.83 -47.08
N UNK C 607 56.76 -47.00 -46.81
CA UNK C 607 55.84 -46.54 -47.84
C UNK C 607 56.54 -45.71 -48.92
N UNK C 608 57.47 -44.88 -48.47
CA UNK C 608 58.23 -43.97 -49.33
C UNK C 608 59.03 -44.81 -50.29
N UNK C 609 57.31 -38.00 -52.66
CA UNK C 609 58.05 -36.80 -52.97
C UNK C 609 57.73 -35.74 -51.94
N UNK C 610 56.55 -35.15 -52.10
CA UNK C 610 56.09 -34.12 -51.20
C UNK C 610 55.98 -34.77 -49.84
N UNK C 611 55.55 -36.02 -49.83
CA UNK C 611 55.48 -36.75 -48.59
C UNK C 611 56.91 -36.82 -48.05
N UNK C 612 57.87 -36.96 -48.94
CA UNK C 612 59.27 -37.04 -48.53
C UNK C 612 59.74 -35.78 -47.83
N UNK C 613 59.36 -34.63 -48.39
CA UNK C 613 59.68 -33.35 -47.81
C UNK C 613 59.03 -33.23 -46.44
N UNK C 614 57.79 -33.71 -46.35
CA UNK C 614 57.08 -33.64 -45.10
C UNK C 614 57.83 -34.44 -44.07
N UNK C 615 58.31 -35.60 -44.47
CA UNK C 615 59.03 -36.48 -43.57
C UNK C 615 60.29 -35.81 -43.09
N UNK C 616 60.99 -35.15 -44.01
CA UNK C 616 62.22 -34.48 -43.66
C UNK C 616 61.93 -33.38 -42.65
N UNK C 617 60.83 -32.66 -42.86
CA UNK C 617 60.43 -31.60 -41.97
C UNK C 617 60.14 -32.16 -40.59
N UNK C 618 59.48 -33.30 -40.55
CA UNK C 618 59.15 -33.96 -39.30
C UNK C 618 60.42 -34.35 -38.57
N UNK C 619 61.39 -34.86 -39.33
CA UNK C 619 62.65 -35.26 -38.75
C UNK C 619 63.35 -34.05 -38.15
N UNK C 620 63.17 -32.89 -38.74
CA UNK C 620 63.81 -31.71 -38.17
C UNK C 620 63.31 -31.49 -36.73
N UNK C 621 62.02 -31.70 -36.52
CA UNK C 621 61.40 -31.55 -35.21
C UNK C 621 61.83 -32.52 -34.09
N UNK C 622 62.01 -33.78 -34.45
CA UNK C 622 62.05 -34.90 -33.49
C UNK C 622 63.21 -34.96 -32.48
N UNK C 623 62.91 -35.48 -31.29
CA UNK C 623 63.90 -35.71 -30.23
C UNK C 623 64.81 -36.92 -30.50
N UNK C 624 65.99 -36.90 -29.88
CA UNK C 624 67.03 -37.90 -30.10
C UNK C 624 66.45 -39.31 -30.19
N UNK C 625 65.47 -39.57 -29.34
CA UNK C 625 64.79 -40.86 -29.38
C UNK C 625 64.09 -41.02 -30.71
N UNK C 626 63.49 -39.94 -31.20
CA UNK C 626 62.78 -39.99 -32.45
C UNK C 626 63.80 -40.36 -33.51
N UNK C 627 64.96 -39.73 -33.43
CA UNK C 627 66.03 -40.05 -34.35
C UNK C 627 66.48 -41.49 -34.14
N UNK C 628 66.60 -41.89 -32.87
CA UNK C 628 67.20 -43.18 -32.57
C UNK C 628 66.42 -44.35 -33.13
N UNK C 629 65.11 -44.30 -32.98
CA UNK C 629 64.27 -45.39 -33.45
C UNK C 629 64.33 -45.53 -34.96
N UNK C 630 64.43 -44.40 -35.64
CA UNK C 630 64.59 -44.35 -37.08
C UNK C 630 65.91 -45.01 -37.44
N UNK C 631 66.76 -45.05 -36.41
CA UNK C 631 68.21 -45.22 -36.43
C UNK C 631 68.91 -46.50 -36.90
N UNK C 632 68.40 -47.70 -36.58
CA UNK C 632 69.12 -48.94 -36.90
C UNK C 632 68.40 -49.91 -37.83
N UNK C 633 67.18 -50.26 -37.44
CA UNK C 633 66.20 -50.77 -38.36
C UNK C 633 65.92 -49.59 -39.28
N UNK C 634 65.85 -48.41 -38.66
CA UNK C 634 65.79 -47.15 -39.36
C UNK C 634 67.15 -46.79 -39.95
N UNK C 635 68.21 -47.46 -39.51
CA UNK C 635 69.50 -47.47 -40.18
C UNK C 635 69.38 -48.12 -41.54
N UNK C 636 68.66 -49.23 -41.55
CA UNK C 636 68.29 -49.89 -42.78
C UNK C 636 67.41 -48.93 -43.56
N UNK C 637 66.58 -48.21 -42.81
CA UNK C 637 65.67 -47.24 -43.39
C UNK C 637 66.47 -46.13 -44.09
N UNK C 638 67.59 -45.79 -43.49
CA UNK C 638 68.61 -44.85 -43.95
C UNK C 638 69.35 -45.30 -45.21
N UNK C 639 69.63 -46.60 -45.28
CA UNK C 639 70.15 -47.16 -46.50
C UNK C 639 69.07 -46.93 -47.54
N UNK C 640 67.83 -47.10 -47.11
CA UNK C 640 66.66 -46.88 -47.94
C UNK C 640 66.59 -45.43 -48.40
N UNK C 641 66.94 -44.51 -47.52
CA UNK C 641 67.02 -43.09 -47.80
C UNK C 641 68.08 -42.76 -48.83
N UNK C 642 69.23 -43.42 -48.74
CA UNK C 642 70.28 -43.25 -49.73
C UNK C 642 69.73 -43.73 -51.07
N UNK C 643 68.97 -44.81 -50.99
CA UNK C 643 68.33 -45.38 -52.18
C UNK C 643 67.36 -44.39 -52.78
N UNK C 644 66.62 -43.71 -51.93
CA UNK C 644 65.65 -42.70 -52.34
C UNK C 644 66.37 -41.55 -53.01
N UNK C 645 67.54 -41.21 -52.48
CA UNK C 645 68.37 -40.18 -53.05
C UNK C 645 68.80 -40.56 -54.44
N UNK C 646 69.20 -41.81 -54.63
CA UNK C 646 69.56 -42.25 -55.97
C UNK C 646 68.32 -42.13 -56.84
N UNK C 647 67.21 -42.56 -56.27
CA UNK C 647 65.92 -42.58 -56.95
C UNK C 647 65.48 -41.19 -57.32
N UNK C 648 65.62 -40.23 -56.41
CA UNK C 648 65.32 -38.87 -56.80
C UNK C 648 66.10 -38.64 -58.07
N PHE C 649 71.40 -32.93 -79.73
CA PHE C 649 71.60 -32.94 -78.29
C PHE C 649 71.49 -34.35 -77.73
N VAL C 650 71.92 -34.53 -76.49
CA VAL C 650 71.81 -35.82 -75.82
C VAL C 650 70.95 -35.69 -74.56
N GLY C 651 69.97 -36.57 -74.41
CA GLY C 651 69.05 -36.48 -73.30
C GLY C 651 68.82 -37.78 -72.54
N ARG C 652 69.05 -37.73 -71.23
CA ARG C 652 68.79 -38.88 -70.37
C ARG C 652 67.50 -38.68 -69.58
N ALA C 653 66.88 -39.78 -69.18
CA ALA C 653 65.63 -39.71 -68.42
C ALA C 653 65.88 -39.41 -66.94
N GLU C 654 64.81 -39.37 -66.15
CA GLU C 654 64.89 -38.94 -64.75
C GLU C 654 65.10 -40.09 -63.76
N GLY C 655 64.63 -41.27 -64.11
CA GLY C 655 64.78 -42.41 -63.23
C GLY C 655 65.47 -43.56 -63.91
N SER C 656 65.80 -44.59 -63.14
CA SER C 656 66.57 -45.72 -63.65
C SER C 656 66.43 -46.99 -62.79
N THR C 657 66.85 -48.12 -63.35
CA THR C 657 66.88 -49.37 -62.59
C THR C 657 68.33 -49.78 -62.31
N GLN C 658 68.66 -49.94 -61.03
CA GLN C 658 70.03 -50.18 -60.60
C GLN C 658 70.70 -51.50 -61.04
N TYR C 659 69.97 -52.61 -60.99
CA TYR C 659 70.58 -53.92 -61.21
C TYR C 659 69.70 -54.92 -61.96
N GLY C 660 70.34 -55.92 -62.57
CA GLY C 660 69.61 -56.97 -63.27
C GLY C 660 68.79 -56.58 -64.52
N LYS C 661 67.63 -57.19 -64.74
CA LYS C 661 66.96 -57.08 -66.04
C LYS C 661 65.88 -55.99 -66.14
N TRP C 662 66.08 -55.04 -67.05
CA TRP C 662 65.02 -54.09 -67.40
C TRP C 662 64.97 -53.86 -68.88
N TYR C 663 63.97 -53.09 -69.26
CA TYR C 663 63.65 -52.89 -70.65
C TYR C 663 62.85 -51.60 -70.74
N PHE C 664 63.02 -50.91 -71.86
CA PHE C 664 62.21 -49.73 -72.15
C PHE C 664 62.07 -49.70 -73.66
N GLU C 665 61.06 -48.99 -74.14
CA GLU C 665 60.84 -48.94 -75.58
C GLU C 665 60.85 -47.49 -76.07
N VAL C 666 61.29 -47.34 -77.33
CA VAL C 666 61.39 -46.02 -77.93
C VAL C 666 60.66 -46.04 -79.28
N MET C 667 59.52 -45.36 -79.33
CA MET C 667 58.72 -45.33 -80.55
C MET C 667 58.86 -44.01 -81.28
N VAL C 668 59.33 -44.08 -82.52
CA VAL C 668 59.50 -42.88 -83.35
C VAL C 668 58.14 -42.39 -83.86
N ASP C 669 57.73 -41.22 -83.39
CA ASP C 669 56.47 -40.62 -83.83
C ASP C 669 56.60 -40.13 -85.27
N GLU C 670 57.68 -39.40 -85.55
CA GLU C 670 57.94 -38.91 -86.91
C GLU C 670 59.38 -38.41 -87.08
N VAL C 671 59.84 -38.42 -88.33
CA VAL C 671 61.17 -37.93 -88.69
C VAL C 671 61.03 -36.85 -89.78
N VAL C 672 62.01 -35.96 -89.88
CA VAL C 672 62.11 -34.98 -90.95
C VAL C 672 62.10 -35.66 -92.34
N PRO C 673 62.04 -34.88 -93.44
CA PRO C 673 61.93 -35.57 -94.73
C PRO C 673 63.17 -36.37 -95.17
N PHE C 674 64.16 -36.52 -94.27
CA PHE C 674 65.40 -37.24 -94.54
C PHE C 674 66.28 -36.51 -95.55
N LEU C 675 67.46 -36.11 -95.11
CA LEU C 675 68.38 -35.32 -95.94
C LEU C 675 69.07 -36.17 -97.00
N THR C 676 69.69 -35.50 -97.97
CA THR C 676 70.28 -36.15 -99.13
C THR C 676 71.55 -36.94 -98.82
N ALA C 677 72.08 -36.76 -97.61
CA ALA C 677 73.28 -37.47 -97.20
C ALA C 677 72.94 -38.62 -96.24
N GLN C 678 73.50 -38.57 -95.05
CA GLN C 678 73.25 -39.60 -94.03
C GLN C 678 72.20 -39.16 -93.03
N ALA C 679 72.24 -37.87 -92.67
CA ALA C 679 71.32 -37.28 -91.69
C ALA C 679 69.85 -37.51 -92.06
N THR C 680 68.94 -37.53 -91.08
CA THR C 680 69.25 -37.27 -89.67
C THR C 680 69.15 -38.52 -88.80
N HIS C 681 69.87 -38.52 -87.68
CA HIS C 681 69.97 -39.71 -86.85
C HIS C 681 69.24 -39.57 -85.52
N LEU C 682 68.59 -40.66 -85.12
CA LEU C 682 67.91 -40.74 -83.83
C LEU C 682 68.53 -41.86 -83.00
N ARG C 683 69.74 -41.64 -82.54
CA ARG C 683 70.50 -42.69 -81.85
C ARG C 683 69.94 -42.98 -80.45
N VAL C 684 69.76 -44.27 -80.16
CA VAL C 684 69.16 -44.69 -78.90
C VAL C 684 70.08 -45.64 -78.14
N GLY C 685 70.00 -45.60 -76.81
CA GLY C 685 70.85 -46.46 -76.00
C GLY C 685 70.72 -46.25 -74.49
N TRP C 686 71.84 -46.43 -73.79
CA TRP C 686 71.89 -46.30 -72.35
C TRP C 686 73.20 -45.61 -71.94
N ALA C 687 73.17 -44.81 -70.86
CA ALA C 687 74.33 -44.01 -70.51
C ALA C 687 74.41 -43.59 -69.04
N LEU C 688 75.61 -43.67 -68.47
CA LEU C 688 75.86 -43.14 -67.13
C LEU C 688 75.66 -41.63 -67.09
N THR C 689 75.76 -41.04 -65.91
CA THR C 689 75.38 -39.63 -65.71
C THR C 689 76.47 -38.63 -66.05
N GLU C 690 77.71 -39.11 -66.18
CA GLU C 690 78.78 -38.25 -66.67
C GLU C 690 78.72 -38.20 -68.19
N GLY C 691 77.75 -38.90 -68.76
CA GLY C 691 77.58 -38.97 -70.20
C GLY C 691 77.28 -37.62 -70.85
N GLY C 706 76.46 -38.32 -80.52
CA GLY C 706 75.40 -38.55 -79.57
C GLY C 706 75.73 -39.62 -78.56
N VAL C 707 74.77 -40.53 -78.34
CA VAL C 707 74.91 -41.59 -77.34
C VAL C 707 76.02 -42.58 -77.70
N GLY C 708 77.15 -42.48 -77.00
CA GLY C 708 78.25 -43.39 -77.23
C GLY C 708 79.49 -42.66 -77.73
N ASP C 709 79.47 -41.34 -77.61
CA ASP C 709 80.62 -40.55 -78.04
C ASP C 709 81.66 -40.44 -76.93
N ASP C 710 81.39 -41.09 -75.80
CA ASP C 710 82.33 -41.06 -74.68
C ASP C 710 82.35 -42.38 -73.89
N LEU C 711 83.08 -42.37 -72.79
CA LEU C 711 83.28 -43.55 -71.96
C LEU C 711 82.06 -43.90 -71.11
N TYR C 712 81.02 -43.07 -71.15
CA TYR C 712 79.88 -43.25 -70.27
C TYR C 712 78.60 -43.70 -70.97
N SER C 713 78.66 -43.91 -72.29
CA SER C 713 77.45 -44.20 -73.05
C SER C 713 77.62 -45.23 -74.17
N TYR C 714 76.51 -45.84 -74.57
CA TYR C 714 76.47 -46.82 -75.65
C TYR C 714 75.14 -46.71 -76.42
N GLY C 715 75.19 -46.67 -77.75
CA GLY C 715 73.97 -46.50 -78.52
C GLY C 715 73.99 -46.93 -79.98
N PHE C 716 72.81 -47.12 -80.56
CA PHE C 716 72.66 -47.57 -81.94
C PHE C 716 72.04 -46.48 -82.82
N ASP C 717 72.58 -46.34 -84.04
CA ASP C 717 72.14 -45.29 -84.95
C ASP C 717 71.00 -45.75 -85.85
N GLY C 718 70.03 -44.86 -86.06
CA GLY C 718 68.84 -45.18 -86.84
C GLY C 718 69.09 -45.32 -88.33
N LEU C 719 69.99 -44.51 -88.88
CA LEU C 719 70.25 -44.52 -90.32
C LEU C 719 71.64 -45.05 -90.67
N HIS C 720 72.62 -44.79 -89.81
CA HIS C 720 73.98 -45.30 -90.04
C HIS C 720 74.02 -46.80 -89.82
N LEU C 721 73.13 -47.27 -88.95
CA LEU C 721 72.94 -48.69 -88.65
C LEU C 721 74.13 -49.32 -87.95
N TRP C 722 74.96 -48.50 -87.31
CA TRP C 722 76.08 -49.00 -86.54
C TRP C 722 75.84 -48.80 -85.05
N THR C 723 76.04 -49.87 -84.27
CA THR C 723 75.96 -49.75 -82.82
C THR C 723 77.28 -49.24 -82.28
N GLY C 724 77.26 -48.07 -81.67
CA GLY C 724 78.47 -47.45 -81.16
C GLY C 724 78.70 -47.69 -79.69
N HIS C 725 79.89 -48.18 -79.35
CA HIS C 725 80.24 -48.42 -77.96
C HIS C 725 81.49 -47.66 -77.60
N VAL C 726 81.31 -46.43 -77.12
CA VAL C 726 82.43 -45.61 -76.75
C VAL C 726 83.31 -45.50 -77.99
N ALA C 727 83.31 -44.35 -78.65
CA ALA C 727 84.12 -44.24 -79.87
C ALA C 727 85.55 -44.53 -79.45
N ARG C 728 86.23 -45.38 -80.21
CA ARG C 728 87.44 -45.99 -79.71
C ARG C 728 87.03 -46.81 -78.47
N PRO C 729 87.03 -48.22 -78.54
CA PRO C 729 87.64 -48.82 -79.74
C PRO C 729 86.69 -49.31 -80.85
N VAL C 730 85.37 -49.20 -80.73
CA VAL C 730 84.57 -49.78 -81.83
C VAL C 730 83.15 -49.23 -82.00
N THR C 731 82.86 -48.82 -83.22
CA THR C 731 81.49 -48.61 -83.69
C THR C 731 81.34 -49.46 -84.95
N SER C 732 80.33 -50.33 -84.97
CA SER C 732 80.24 -51.35 -86.03
C SER C 732 78.80 -51.68 -86.44
N PRO C 733 78.61 -52.13 -87.70
CA PRO C 733 77.30 -52.46 -88.26
C PRO C 733 76.47 -53.44 -87.42
N GLY C 734 75.16 -53.19 -87.33
CA GLY C 734 74.29 -54.02 -86.55
C GLY C 734 73.07 -54.54 -87.31
N GLN C 735 72.08 -53.67 -87.51
CA GLN C 735 70.82 -54.08 -88.09
C GLN C 735 70.34 -53.20 -89.24
N HIS C 736 69.04 -53.27 -89.51
CA HIS C 736 68.45 -52.60 -90.67
C HIS C 736 67.94 -51.20 -90.34
N LEU C 737 67.41 -50.53 -91.36
CA LEU C 737 67.00 -49.13 -91.25
C LEU C 737 65.85 -48.91 -90.27
N LEU C 738 65.92 -47.80 -89.56
CA LEU C 738 64.84 -47.37 -88.68
C LEU C 738 64.16 -46.13 -89.24
N ALA C 739 62.87 -45.98 -88.96
CA ALA C 739 62.03 -44.96 -89.58
C ALA C 739 60.83 -44.70 -88.67
N PRO C 740 59.99 -43.68 -88.99
CA PRO C 740 58.79 -43.47 -88.18
C PRO C 740 57.93 -44.74 -88.02
N GLU C 741 57.22 -44.82 -86.89
CA GLU C 741 56.39 -45.96 -86.49
C GLU C 741 57.19 -47.13 -85.93
N ASP C 742 58.51 -47.10 -86.08
CA ASP C 742 59.35 -48.17 -85.54
C ASP C 742 59.45 -48.09 -84.02
N VAL C 743 59.34 -49.24 -83.37
CA VAL C 743 59.49 -49.32 -81.92
C VAL C 743 60.74 -50.11 -81.55
N VAL C 744 61.75 -49.42 -81.05
CA VAL C 744 62.99 -50.08 -80.64
C VAL C 744 62.97 -50.38 -79.15
N SER C 745 63.08 -51.66 -78.81
CA SER C 745 63.11 -52.09 -77.42
C SER C 745 64.54 -52.30 -76.97
N CYS C 746 64.92 -51.64 -75.88
CA CYS C 746 66.25 -51.82 -75.33
C CYS C 746 66.18 -52.65 -74.07
N CYS C 747 66.54 -53.93 -74.19
CA CYS C 747 66.61 -54.79 -73.03
C CYS C 747 68.05 -54.92 -72.55
N LEU C 748 68.30 -54.40 -71.37
CA LEU C 748 69.59 -54.53 -70.72
C LEU C 748 69.52 -55.63 -69.67
N ASP C 749 69.83 -56.87 -70.05
CA ASP C 749 69.96 -57.95 -69.07
C ASP C 749 71.18 -57.70 -68.18
N LEU C 750 71.00 -57.85 -66.88
CA LEU C 750 72.05 -57.60 -65.88
C LEU C 750 73.27 -58.51 -65.91
N SER C 751 73.05 -59.80 -66.16
CA SER C 751 74.00 -60.85 -65.82
C SER C 751 75.39 -60.85 -66.47
N VAL C 752 75.47 -60.59 -67.77
CA VAL C 752 76.76 -60.74 -68.47
C VAL C 752 77.89 -59.79 -67.98
N PRO C 753 77.60 -58.45 -67.68
CA PRO C 753 76.25 -57.98 -68.02
C PRO C 753 76.06 -57.92 -69.54
N SER C 754 74.89 -58.35 -69.98
CA SER C 754 74.56 -58.46 -71.39
C SER C 754 73.40 -57.57 -71.82
N ILE C 755 73.62 -56.72 -72.81
CA ILE C 755 72.59 -55.78 -73.25
C ILE C 755 72.24 -55.94 -74.73
N SER C 756 70.94 -56.06 -75.02
CA SER C 756 70.48 -56.34 -76.37
C SER C 756 69.32 -55.44 -76.81
N PHE C 757 69.17 -55.26 -78.11
CA PHE C 757 68.06 -54.50 -78.66
C PHE C 757 67.04 -55.42 -79.34
N ARG C 758 65.80 -54.95 -79.44
CA ARG C 758 64.78 -55.59 -80.26
C ARG C 758 64.14 -54.53 -81.14
N ILE C 759 63.95 -54.85 -82.42
CA ILE C 759 63.36 -53.91 -83.36
C ILE C 759 62.02 -54.41 -83.85
N ASN C 760 60.96 -53.71 -83.44
CA ASN C 760 59.58 -54.13 -83.71
C ASN C 760 59.32 -55.55 -83.21
N GLY C 761 59.93 -55.89 -82.08
CA GLY C 761 59.73 -57.18 -81.46
C GLY C 761 60.81 -58.20 -81.78
N CYS C 762 61.62 -57.91 -82.78
CA CYS C 762 62.65 -58.85 -83.24
C CYS C 762 64.00 -58.59 -82.61
N PRO C 763 64.50 -59.54 -81.80
CA PRO C 763 65.81 -59.46 -81.15
C PRO C 763 66.95 -59.31 -82.16
N VAL C 764 67.86 -58.39 -81.87
CA VAL C 764 69.01 -58.15 -82.74
C VAL C 764 70.21 -58.95 -82.27
N GLN C 765 69.96 -59.79 -81.25
CA GLN C 765 70.97 -60.54 -80.49
C GLN C 765 71.69 -59.63 -79.49
N GLY C 766 72.33 -60.25 -78.50
CA GLY C 766 73.18 -59.53 -77.58
C GLY C 766 74.32 -58.89 -78.33
N VAL C 767 74.43 -57.57 -78.22
CA VAL C 767 75.45 -56.83 -78.96
C VAL C 767 76.83 -57.08 -78.36
N PHE C 768 77.00 -56.74 -77.09
CA PHE C 768 78.24 -57.05 -76.38
C PHE C 768 77.97 -57.38 -74.91
N GLU C 769 79.00 -57.84 -74.22
CA GLU C 769 78.90 -58.14 -72.80
C GLU C 769 80.01 -57.45 -72.01
N ALA C 770 79.86 -57.42 -70.69
CA ALA C 770 80.85 -56.82 -69.78
C ALA C 770 81.13 -55.35 -70.08
N PHE C 771 80.09 -54.52 -70.00
CA PHE C 771 80.22 -53.10 -70.29
C PHE C 771 80.79 -52.32 -69.10
N ASN C 772 80.93 -51.00 -69.26
CA ASN C 772 81.36 -50.15 -68.15
C ASN C 772 80.15 -49.72 -67.36
N LEU C 773 79.76 -50.59 -66.45
CA LEU C 773 78.45 -50.55 -65.84
C LEU C 773 78.60 -50.22 -64.37
N ASP C 774 79.84 -49.92 -64.03
CA ASP C 774 80.24 -49.38 -62.75
C ASP C 774 79.46 -48.11 -62.42
N GLY C 775 78.17 -48.23 -62.16
CA GLY C 775 77.40 -47.07 -61.79
C GLY C 775 76.01 -46.99 -62.36
N LEU C 776 75.57 -45.78 -62.64
CA LEU C 776 74.18 -45.55 -62.95
C LEU C 776 73.93 -45.00 -64.33
N PHE C 777 73.36 -45.85 -65.17
CA PHE C 777 72.94 -45.42 -66.49
C PHE C 777 71.60 -44.73 -66.40
N PHE C 778 71.11 -44.37 -67.57
CA PHE C 778 69.84 -43.69 -67.73
C PHE C 778 69.43 -43.99 -69.15
N PRO C 779 68.12 -44.18 -69.40
CA PRO C 779 67.77 -44.40 -70.81
C PRO C 779 68.02 -43.11 -71.58
N VAL C 780 68.88 -43.19 -72.59
CA VAL C 780 69.34 -42.01 -73.28
C VAL C 780 69.14 -42.11 -74.79
N VAL C 781 68.61 -41.03 -75.35
CA VAL C 781 68.45 -40.91 -76.79
C VAL C 781 68.99 -39.56 -77.21
N SER C 782 69.78 -39.54 -78.27
CA SER C 782 70.32 -38.30 -78.79
C SER C 782 69.66 -37.96 -80.11
N PHE C 783 69.36 -36.69 -80.32
CA PHE C 783 68.54 -36.30 -81.47
C PHE C 783 69.22 -35.31 -82.42
N SER C 784 68.87 -35.42 -83.69
CA SER C 784 69.23 -34.42 -84.69
C SER C 784 67.98 -33.94 -85.40
N ALA C 785 67.85 -32.64 -85.61
CA ALA C 785 66.74 -32.10 -86.37
C ALA C 785 65.47 -32.02 -85.51
N GLY C 786 64.38 -31.57 -86.12
CA GLY C 786 63.08 -31.53 -85.48
C GLY C 786 62.26 -32.79 -85.65
N VAL C 787 62.66 -33.87 -84.98
CA VAL C 787 61.91 -35.10 -84.99
C VAL C 787 61.08 -35.22 -83.72
N LYS C 788 60.27 -36.26 -83.61
CA LYS C 788 59.42 -36.47 -82.46
C LYS C 788 59.35 -37.94 -82.07
N VAL C 789 59.48 -38.21 -80.78
CA VAL C 789 59.58 -39.59 -80.27
C VAL C 789 58.84 -39.78 -78.96
N ARG C 790 58.10 -40.89 -78.85
CA ARG C 790 57.43 -41.24 -77.60
C ARG C 790 58.20 -42.32 -76.83
N PHE C 791 58.15 -42.25 -75.51
CA PHE C 791 58.93 -43.16 -74.67
C PHE C 791 58.07 -44.05 -73.78
N LEU C 792 58.43 -45.33 -73.72
CA LEU C 792 57.79 -46.28 -72.82
C LEU C 792 58.82 -46.86 -71.86
N LEU C 793 58.85 -46.35 -70.63
CA LEU C 793 59.88 -46.71 -69.66
C LEU C 793 59.58 -47.97 -68.89
N GLY C 794 58.35 -48.47 -69.00
CA GLY C 794 57.98 -49.70 -68.32
C GLY C 794 57.38 -49.47 -66.93
N GLY C 795 57.04 -50.57 -66.25
CA GLY C 795 57.24 -51.91 -66.78
C GLY C 795 56.09 -52.40 -67.63
N ARG C 796 55.02 -51.62 -67.66
CA ARG C 796 53.85 -51.96 -68.47
C ARG C 796 53.82 -51.13 -69.76
N HIS C 797 53.93 -51.80 -70.89
CA HIS C 797 53.91 -51.13 -72.18
C HIS C 797 52.58 -51.37 -72.91
N GLY C 798 52.18 -50.39 -73.71
CA GLY C 798 50.94 -50.49 -74.46
C GLY C 798 51.03 -51.46 -75.62
N PHE C 851 94.54 -31.83 -98.20
CA PHE C 851 94.35 -31.43 -99.59
C PHE C 851 93.93 -32.62 -100.44
N VAL C 852 92.76 -32.51 -101.07
CA VAL C 852 92.34 -33.50 -102.06
C VAL C 852 92.11 -32.84 -103.40
N PRO C 853 93.21 -32.50 -104.10
CA PRO C 853 93.11 -31.88 -105.41
C PRO C 853 92.50 -32.83 -106.43
N CYS C 854 91.41 -32.39 -107.05
CA CYS C 854 90.76 -33.18 -108.09
C CYS C 854 90.68 -32.37 -109.36
N PRO C 855 91.58 -32.66 -110.32
CA PRO C 855 91.55 -31.99 -111.62
C PRO C 855 90.25 -32.30 -112.35
N VAL C 856 89.79 -31.41 -113.22
CA VAL C 856 88.59 -31.70 -114.00
C VAL C 856 88.86 -32.88 -114.94
N ASP C 857 88.00 -33.90 -114.85
CA ASP C 857 88.14 -35.07 -115.69
C ASP C 857 87.70 -34.76 -117.12
N THR C 858 88.64 -34.84 -118.05
CA THR C 858 88.36 -34.53 -119.45
C THR C 858 88.61 -35.73 -120.35
N VAL C 859 88.54 -36.92 -119.77
CA VAL C 859 88.88 -38.15 -120.48
C VAL C 859 87.87 -38.46 -121.59
N GLN C 860 86.66 -37.91 -121.47
CA GLN C 860 85.61 -38.19 -122.44
C GLN C 860 85.17 -36.95 -123.21
N ILE C 861 86.01 -35.92 -123.20
CA ILE C 861 85.70 -34.68 -123.91
C ILE C 861 86.17 -34.74 -125.36
N VAL C 862 85.25 -34.45 -126.28
CA VAL C 862 85.58 -34.34 -127.69
C VAL C 862 85.70 -32.88 -128.09
N LEU C 863 86.82 -32.52 -128.68
CA LEU C 863 87.03 -31.16 -129.18
C LEU C 863 86.30 -30.95 -130.49
N PRO C 864 85.36 -30.00 -130.50
CA PRO C 864 84.57 -29.68 -131.70
C PRO C 864 85.45 -29.07 -132.79
N PRO C 865 85.07 -29.25 -134.07
CA PRO C 865 85.80 -28.77 -135.24
C PRO C 865 86.11 -27.27 -135.22
N HIS C 866 85.27 -26.49 -134.56
CA HIS C 866 85.43 -25.03 -134.52
C HIS C 866 86.73 -24.59 -133.85
N LEU C 867 87.37 -25.50 -133.12
CA LEU C 867 88.57 -25.17 -132.35
C LEU C 867 89.87 -25.65 -132.99
N GLU C 868 89.76 -26.38 -134.10
CA GLU C 868 90.95 -26.91 -134.77
C GLU C 868 91.86 -25.78 -135.27
N ARG C 869 91.25 -24.69 -135.72
CA ARG C 869 91.99 -23.55 -136.22
C ARG C 869 92.85 -22.91 -135.13
N ILE C 870 92.30 -22.85 -133.91
CA ILE C 870 93.03 -22.32 -132.75
C ILE C 870 94.20 -23.22 -132.38
N ARG C 871 93.93 -24.52 -132.24
CA ARG C 871 94.95 -25.50 -131.85
C ARG C 871 96.14 -25.43 -132.78
N GLU C 872 95.87 -25.39 -134.08
CA GLU C 872 96.92 -25.29 -135.09
C GLU C 872 97.68 -23.96 -134.98
N LYS C 873 96.95 -22.87 -134.81
CA LYS C 873 97.54 -21.54 -134.75
C LYS C 873 98.34 -21.33 -133.47
N LEU C 874 97.76 -21.74 -132.34
CA LEU C 874 98.42 -21.60 -131.05
C LEU C 874 99.65 -22.52 -130.95
N ALA C 875 99.55 -23.71 -131.52
CA ALA C 875 100.67 -24.64 -131.52
C ALA C 875 101.84 -24.08 -132.31
N GLU C 876 101.55 -23.48 -133.46
CA GLU C 876 102.58 -22.84 -134.25
C GLU C 876 103.25 -21.72 -133.48
N ASN C 877 102.44 -21.00 -132.69
CA ASN C 877 102.95 -19.90 -131.87
C ASN C 877 103.81 -20.39 -130.72
N ILE C 878 103.32 -21.39 -129.98
CA ILE C 878 104.08 -22.05 -128.92
C ILE C 878 105.44 -22.45 -129.43
N HIS C 879 105.44 -22.95 -130.67
CA HIS C 879 106.65 -23.42 -131.30
C HIS C 879 107.64 -22.31 -131.62
N GLU C 880 107.16 -21.27 -132.29
CA GLU C 880 107.98 -20.12 -132.65
C GLU C 880 108.63 -19.51 -131.42
N LEU C 881 107.88 -19.51 -130.32
CA LEU C 881 108.42 -19.11 -129.03
C LEU C 881 109.55 -20.04 -128.60
N TRP C 882 109.29 -21.34 -128.66
CA TRP C 882 110.29 -22.34 -128.31
C TRP C 882 111.52 -22.20 -129.18
N ALA C 883 111.30 -21.88 -130.46
CA ALA C 883 112.39 -21.77 -131.43
C ALA C 883 113.31 -20.59 -131.13
N LEU C 884 112.74 -19.53 -130.57
CA LEU C 884 113.46 -18.28 -130.38
C LEU C 884 114.51 -18.38 -129.28
N THR C 885 114.10 -18.99 -128.17
CA THR C 885 114.97 -19.18 -127.02
C THR C 885 116.14 -20.08 -127.39
N ARG C 886 115.84 -21.13 -128.14
CA ARG C 886 116.86 -22.07 -128.62
C ARG C 886 117.96 -21.31 -129.34
N ILE C 887 117.59 -20.40 -130.24
CA ILE C 887 118.56 -19.52 -130.89
C ILE C 887 119.26 -18.65 -129.85
N GLU C 888 118.46 -17.94 -129.05
CA GLU C 888 118.98 -17.08 -127.99
C GLU C 888 120.00 -17.79 -127.11
N GLN C 889 119.80 -19.09 -126.89
CA GLN C 889 120.74 -19.89 -126.13
C GLN C 889 122.00 -20.22 -126.93
N GLY C 890 121.90 -20.08 -128.25
CA GLY C 890 123.04 -20.38 -129.12
C GLY C 890 122.81 -21.58 -130.01
N TRP C 891 121.57 -22.04 -130.11
CA TRP C 891 121.23 -23.12 -131.02
C TRP C 891 120.90 -22.55 -132.40
N THR C 892 121.18 -23.33 -133.44
CA THR C 892 120.81 -22.96 -134.79
C THR C 892 120.23 -24.17 -135.51
N TYR C 893 119.54 -23.92 -136.61
CA TYR C 893 119.00 -25.02 -137.39
C TYR C 893 120.13 -25.75 -138.13
N GLY C 894 119.95 -27.07 -138.27
CA GLY C 894 120.89 -27.90 -139.00
C GLY C 894 120.22 -29.20 -139.37
N PRO C 895 120.82 -29.97 -140.29
CA PRO C 895 120.23 -31.23 -140.72
C PRO C 895 120.31 -32.32 -139.65
N VAL C 896 121.42 -32.38 -138.95
CA VAL C 896 121.65 -33.42 -137.94
C VAL C 896 121.73 -32.82 -136.54
N ARG C 897 120.97 -33.40 -135.60
CA ARG C 897 120.97 -32.93 -134.22
C ARG C 897 122.33 -33.18 -133.56
N ASP C 898 122.78 -32.18 -132.82
CA ASP C 898 124.05 -32.29 -132.07
C ASP C 898 123.98 -31.43 -130.82
N ASP C 899 124.36 -32.03 -129.69
CA ASP C 899 124.44 -31.31 -128.43
C ASP C 899 125.67 -30.39 -128.42
N ASN C 900 126.79 -30.90 -128.94
CA ASN C 900 128.06 -30.20 -128.91
C ASN C 900 128.18 -29.06 -129.91
N LYS C 901 127.49 -29.19 -131.04
CA LYS C 901 127.48 -28.13 -132.05
C LYS C 901 126.26 -27.24 -131.87
N ARG C 902 125.38 -27.65 -130.96
CA ARG C 902 124.11 -26.97 -130.72
C ARG C 902 123.32 -26.81 -132.02
N LEU C 903 123.10 -27.92 -132.70
CA LEU C 903 122.31 -27.94 -133.92
C LEU C 903 120.95 -28.57 -133.64
N HIS C 904 119.87 -27.83 -133.92
CA HIS C 904 118.53 -28.39 -133.74
C HIS C 904 117.77 -28.37 -135.06
N PRO C 905 117.57 -29.57 -135.64
CA PRO C 905 116.91 -29.82 -136.93
C PRO C 905 115.48 -29.31 -137.01
N CYS C 906 115.16 -28.27 -136.28
CA CYS C 906 113.81 -27.76 -136.34
C CYS C 906 113.69 -26.49 -137.18
N LEU C 907 112.61 -26.44 -137.95
CA LEU C 907 112.43 -25.42 -138.96
C LEU C 907 111.53 -24.29 -138.49
N VAL C 908 111.68 -23.15 -139.16
CA VAL C 908 110.84 -21.98 -138.96
C VAL C 908 109.41 -22.29 -139.40
N ASN C 909 109.26 -22.77 -140.63
CA ASN C 909 107.99 -23.26 -141.14
C ASN C 909 107.49 -24.40 -140.25
N PHE C 910 106.50 -24.10 -139.41
CA PHE C 910 105.98 -25.08 -138.44
C PHE C 910 105.27 -26.23 -139.14
N HIS C 911 104.71 -25.96 -140.31
CA HIS C 911 104.03 -26.96 -141.10
C HIS C 911 104.95 -28.12 -141.49
N SER C 912 106.26 -27.85 -141.45
CA SER C 912 107.27 -28.83 -141.85
C SER C 912 107.54 -29.92 -140.80
N LEU C 913 107.04 -29.74 -139.58
CA LEU C 913 107.23 -30.76 -138.55
C LEU C 913 106.30 -31.95 -138.79
N PRO C 914 106.81 -33.17 -138.55
CA PRO C 914 105.99 -34.38 -138.47
C PRO C 914 104.83 -34.21 -137.49
N GLU C 915 103.86 -35.12 -137.54
CA GLU C 915 102.74 -35.11 -136.60
C GLU C 915 103.13 -35.41 -135.15
N PRO C 916 104.08 -36.33 -134.92
CA PRO C 916 104.56 -36.49 -133.54
C PRO C 916 105.22 -35.22 -132.98
N GLU C 917 105.94 -34.50 -133.82
CA GLU C 917 106.61 -33.27 -133.38
C GLU C 917 105.62 -32.15 -133.09
N ARG C 918 104.57 -32.05 -133.90
CA ARG C 918 103.52 -31.06 -133.68
C ARG C 918 102.72 -31.39 -132.42
N ASN C 919 102.57 -32.68 -132.15
CA ASN C 919 101.77 -33.14 -131.00
C ASN C 919 102.35 -32.71 -129.66
N TYR C 920 103.64 -32.41 -129.62
CA TYR C 920 104.25 -31.92 -128.39
C TYR C 920 103.62 -30.60 -127.98
N ASN C 921 103.26 -29.79 -128.98
CA ASN C 921 102.63 -28.51 -128.74
C ASN C 921 101.11 -28.60 -128.67
N LEU C 922 100.54 -29.47 -129.49
CA LEU C 922 99.09 -29.60 -129.60
C LEU C 922 98.44 -30.25 -128.37
N GLN C 923 99.14 -31.19 -127.75
CA GLN C 923 98.58 -31.98 -126.67
C GLN C 923 98.17 -31.14 -125.46
N MET C 924 99.09 -30.29 -124.99
CA MET C 924 98.82 -29.45 -123.84
C MET C 924 97.74 -28.41 -124.13
N SER C 925 97.71 -27.94 -125.37
CA SER C 925 96.67 -27.00 -125.80
C SER C 925 95.30 -27.67 -125.79
N GLY C 926 95.26 -28.90 -126.29
CA GLY C 926 94.04 -29.68 -126.31
C GLY C 926 93.54 -29.97 -124.91
N GLU C 927 94.47 -30.29 -124.00
CA GLU C 927 94.14 -30.54 -122.60
C GLU C 927 93.52 -29.30 -121.94
N THR C 928 94.07 -28.14 -122.28
CA THR C 928 93.58 -26.87 -121.76
C THR C 928 92.15 -26.61 -122.22
N LEU C 929 91.93 -26.76 -123.52
CA LEU C 929 90.62 -26.54 -124.13
C LEU C 929 89.55 -27.51 -123.62
N LYS C 930 89.98 -28.68 -123.15
CA LYS C 930 89.06 -29.75 -122.78
C LYS C 930 88.34 -29.50 -121.46
N THR C 931 89.02 -28.82 -120.56
CA THR C 931 88.44 -28.43 -119.27
C THR C 931 87.42 -27.31 -119.48
N LEU C 932 87.85 -26.26 -120.18
CA LEU C 932 86.99 -25.12 -120.51
C LEU C 932 85.65 -25.54 -121.10
N LEU C 933 85.66 -26.54 -121.97
CA LEU C 933 84.41 -27.05 -122.52
C LEU C 933 83.64 -27.80 -121.45
N ALA C 934 84.36 -28.64 -120.71
CA ALA C 934 83.78 -29.44 -119.64
C ALA C 934 83.16 -28.55 -118.57
N LEU C 935 83.73 -27.36 -118.40
CA LEU C 935 83.20 -26.40 -117.43
C LEU C 935 81.99 -25.66 -117.99
N GLY C 936 81.73 -25.84 -119.28
CA GLY C 936 80.57 -25.25 -119.91
C GLY C 936 80.79 -23.86 -120.47
N CYS C 937 82.02 -23.55 -120.87
CA CYS C 937 82.33 -22.26 -121.47
C CYS C 937 81.77 -22.17 -122.89
N HIS C 938 81.25 -20.99 -123.24
CA HIS C 938 80.78 -20.76 -124.60
C HIS C 938 81.97 -20.36 -125.48
N VAL C 939 82.13 -21.04 -126.61
CA VAL C 939 83.26 -20.79 -127.48
C VAL C 939 82.82 -20.47 -128.91
N GLY C 940 83.15 -19.26 -129.36
CA GLY C 940 82.74 -18.82 -130.69
C GLY C 940 83.80 -18.08 -131.49
N MET C 941 83.86 -18.39 -132.79
CA MET C 941 84.68 -17.64 -133.72
C MET C 941 83.95 -16.37 -134.12
N ALA C 942 84.66 -15.27 -134.24
CA ALA C 942 84.05 -14.00 -134.63
C ALA C 942 84.64 -13.48 -135.93
N ASP C 943 83.96 -12.49 -136.52
CA ASP C 943 84.33 -12.00 -137.85
C ASP C 943 85.45 -10.97 -137.84
N GLU C 944 85.53 -10.16 -136.78
CA GLU C 944 86.50 -9.07 -136.75
C GLU C 944 87.35 -9.01 -135.49
N LYS C 945 87.42 -10.12 -134.75
CA LYS C 945 88.15 -10.13 -133.49
C LYS C 945 89.61 -10.54 -133.66
N ALA C 946 90.00 -10.82 -134.90
CA ALA C 946 91.38 -11.21 -135.18
C ALA C 946 92.09 -10.15 -136.01
N GLU C 947 91.59 -8.92 -135.94
CA GLU C 947 92.24 -7.79 -136.58
C GLU C 947 92.48 -6.67 -135.57
N ASP C 948 93.59 -5.96 -135.71
CA ASP C 948 93.85 -4.76 -134.91
C ASP C 948 94.50 -3.71 -135.81
N ASN C 949 93.67 -2.77 -136.26
CA ASN C 949 94.09 -1.77 -137.25
C ASN C 949 95.25 -0.88 -136.80
N LEU C 950 95.70 -1.06 -135.58
CA LEU C 950 96.78 -0.25 -135.02
C LEU C 950 98.19 -0.83 -135.26
N LYS C 951 98.26 -2.13 -135.56
CA LYS C 951 99.54 -2.83 -135.71
C LYS C 951 100.39 -2.75 -134.44
N LYS C 952 99.83 -3.08 -133.28
CA LYS C 952 100.53 -2.73 -132.03
C LYS C 952 100.96 -3.88 -131.10
N THR C 953 100.30 -5.02 -131.30
CA THR C 953 100.58 -6.27 -130.60
C THR C 953 101.02 -7.30 -131.64
N LYS C 954 101.75 -8.32 -131.20
CA LYS C 954 102.53 -9.17 -132.09
C LYS C 954 101.82 -9.99 -133.17
N LEU C 955 100.69 -10.63 -132.88
CA LEU C 955 100.10 -11.53 -133.87
C LEU C 955 98.59 -11.42 -134.15
N PRO C 956 98.17 -10.25 -134.76
CA PRO C 956 96.80 -10.29 -135.28
C PRO C 956 96.79 -10.09 -136.80
N LYS C 957 96.11 -10.92 -137.58
CA LYS C 957 96.11 -10.65 -139.01
C LYS C 957 96.82 -9.32 -139.35
N THR C 958 96.66 -8.30 -138.52
CA THR C 958 97.10 -6.95 -138.90
C THR C 958 98.40 -6.38 -138.31
N TYR C 959 99.10 -7.07 -137.42
CA TYR C 959 100.30 -6.46 -136.83
C TYR C 959 101.48 -6.51 -137.79
N MET C 960 102.34 -5.49 -137.72
CA MET C 960 103.39 -5.25 -138.73
C MET C 960 104.45 -6.36 -138.83
N MET C 961 105.26 -6.26 -139.89
CA MET C 961 106.33 -7.22 -140.16
C MET C 961 107.35 -7.25 -139.02
N SER C 962 107.60 -6.09 -138.42
CA SER C 962 108.59 -5.97 -137.36
C SER C 962 108.16 -6.68 -136.07
N ASN C 963 106.88 -7.05 -135.99
CA ASN C 963 106.40 -7.60 -134.74
C ASN C 963 106.84 -9.04 -134.51
N GLY C 964 107.25 -9.73 -135.56
CA GLY C 964 107.74 -11.09 -135.42
C GLY C 964 108.95 -11.23 -134.50
N TYR C 965 109.75 -10.18 -134.40
CA TYR C 965 111.00 -10.23 -133.65
C TYR C 965 110.94 -9.74 -132.22
N LYS C 966 109.87 -9.06 -131.83
CA LYS C 966 109.67 -8.72 -130.43
C LYS C 966 109.61 -10.00 -129.61
N PRO C 967 110.00 -9.93 -128.32
CA PRO C 967 109.91 -11.11 -127.44
C PRO C 967 108.45 -11.43 -127.10
N ALA C 968 108.18 -12.70 -126.77
CA ALA C 968 106.81 -13.16 -126.51
C ALA C 968 106.00 -12.40 -125.42
N PRO C 969 106.63 -12.06 -124.27
CA PRO C 969 105.83 -11.38 -123.22
C PRO C 969 105.52 -9.91 -123.48
N LEU C 970 106.38 -9.22 -124.23
CA LEU C 970 106.10 -7.83 -124.60
C LEU C 970 104.80 -7.79 -125.40
N ASP C 971 104.67 -8.72 -126.34
CA ASP C 971 103.46 -8.85 -127.12
C ASP C 971 102.26 -9.12 -126.22
N LEU C 972 102.32 -10.25 -125.53
CA LEU C 972 101.25 -10.68 -124.63
C LEU C 972 100.82 -9.57 -123.70
N SER C 973 101.79 -8.76 -123.24
CA SER C 973 101.50 -7.66 -122.34
C SER C 973 100.78 -6.49 -123.04
N HIS C 974 100.69 -6.54 -124.36
CA HIS C 974 99.86 -5.54 -125.05
C HIS C 974 98.40 -6.01 -125.07
N VAL C 975 98.14 -7.25 -124.67
CA VAL C 975 96.76 -7.77 -124.62
C VAL C 975 96.15 -7.62 -123.23
N ARG C 976 94.91 -7.17 -123.18
CA ARG C 976 94.24 -6.99 -121.89
C ARG C 976 93.01 -7.85 -121.73
N LEU C 977 92.76 -8.27 -120.50
CA LEU C 977 91.68 -9.18 -120.21
C LEU C 977 90.61 -8.53 -119.34
N THR C 978 89.36 -8.87 -119.59
CA THR C 978 88.24 -8.36 -118.80
C THR C 978 88.27 -9.02 -117.40
N PRO C 979 87.34 -8.65 -116.51
CA PRO C 979 87.33 -9.41 -115.25
C PRO C 979 86.79 -10.81 -115.44
N ALA C 980 85.89 -10.95 -116.40
CA ALA C 980 85.42 -12.27 -116.84
C ALA C 980 86.60 -13.13 -117.29
N GLN C 981 87.56 -12.50 -117.95
CA GLN C 981 88.67 -13.25 -118.53
C GLN C 981 89.69 -13.70 -117.50
N THR C 982 89.76 -12.97 -116.38
CA THR C 982 90.77 -13.22 -115.34
C THR C 982 90.29 -14.27 -114.32
N THR C 983 88.98 -14.35 -114.15
CA THR C 983 88.38 -15.36 -113.30
C THR C 983 88.41 -16.68 -114.04
N LEU C 984 88.26 -16.59 -115.36
CA LEU C 984 88.53 -17.73 -116.23
C LEU C 984 90.01 -18.07 -116.13
N VAL C 985 90.81 -17.03 -115.91
CA VAL C 985 92.24 -17.18 -115.72
C VAL C 985 92.54 -17.70 -114.31
N ASP C 986 91.74 -17.32 -113.33
CA ASP C 986 91.97 -17.83 -111.99
C ASP C 986 91.49 -19.28 -111.86
N ARG C 987 90.64 -19.73 -112.79
CA ARG C 987 90.04 -21.06 -112.70
C ARG C 987 90.92 -22.21 -113.25
N LEU C 988 91.30 -22.17 -114.52
CA LEU C 988 92.13 -23.24 -115.08
C LEU C 988 93.57 -23.15 -114.54
N ALA C 989 93.93 -22.00 -114.00
CA ALA C 989 95.23 -21.84 -113.35
C ALA C 989 95.23 -22.73 -112.12
N GLU C 990 94.12 -22.68 -111.39
CA GLU C 990 93.91 -23.56 -110.25
C GLU C 990 93.84 -25.01 -110.70
N ASN C 991 93.12 -25.26 -111.79
CA ASN C 991 93.00 -26.62 -112.31
C ASN C 991 94.37 -27.14 -112.77
N GLY C 992 95.14 -26.25 -113.36
CA GLY C 992 96.50 -26.57 -113.73
C GLY C 992 97.14 -27.05 -112.45
N HIS C 993 96.61 -26.58 -111.33
CA HIS C 993 97.00 -27.09 -110.04
C HIS C 993 96.60 -28.54 -109.90
N ASN C 994 95.36 -28.87 -110.29
CA ASN C 994 94.87 -30.24 -110.20
C ASN C 994 95.61 -31.21 -111.13
N VAL C 995 95.83 -30.76 -112.35
CA VAL C 995 96.55 -31.53 -113.34
C VAL C 995 97.95 -31.71 -112.83
N TRP C 996 98.48 -30.65 -112.23
CA TRP C 996 99.82 -30.65 -111.72
C TRP C 996 99.95 -31.69 -110.67
N ALA C 997 98.94 -31.76 -109.80
CA ALA C 997 98.91 -32.72 -108.71
C ALA C 997 98.86 -34.14 -109.23
N ARG C 998 98.06 -34.37 -110.28
CA ARG C 998 97.99 -35.70 -110.85
C ARG C 998 99.36 -36.09 -111.40
N ASP C 999 100.00 -35.12 -112.06
CA ASP C 999 101.29 -35.36 -112.66
C ASP C 999 102.30 -35.69 -111.57
N ARG C 1000 102.21 -34.96 -110.46
CA ARG C 1000 103.12 -35.14 -109.34
C ARG C 1000 102.93 -36.52 -108.75
N VAL C 1001 101.69 -36.97 -108.65
CA VAL C 1001 101.44 -38.28 -108.09
C VAL C 1001 102.09 -39.30 -109.02
N ALA C 1002 101.91 -39.13 -110.32
CA ALA C 1002 102.46 -40.12 -111.24
C ALA C 1002 103.98 -40.13 -111.11
N GLN C 1003 104.55 -38.94 -111.00
CA GLN C 1003 105.99 -38.77 -110.91
C GLN C 1003 106.56 -39.40 -109.65
N GLY C 1004 105.86 -39.23 -108.54
CA GLY C 1004 106.25 -39.81 -107.28
C GLY C 1004 106.18 -41.31 -107.37
N TRP C 1005 105.16 -41.80 -108.06
CA TRP C 1005 105.00 -43.22 -108.22
C TRP C 1005 106.18 -43.74 -108.96
N SER C 1006 106.60 -43.02 -110.01
CA SER C 1006 107.76 -43.46 -110.77
C SER C 1006 109.02 -43.44 -109.91
N TYR C 1007 109.18 -42.35 -109.16
CA TYR C 1007 110.18 -42.27 -108.09
C TYR C 1007 109.53 -42.71 -106.80
N SER C 1008 109.20 -43.99 -106.69
CA SER C 1008 108.58 -44.52 -105.49
C SER C 1008 107.29 -43.74 -105.17
N ALA C 1015 105.72 -38.37 -102.69
CA ALA C 1015 106.37 -38.30 -103.99
C ALA C 1015 106.95 -36.91 -104.24
N ARG C 1016 107.83 -36.48 -103.34
CA ARG C 1016 108.50 -35.18 -103.47
C ARG C 1016 107.58 -34.04 -103.02
N ARG C 1017 108.02 -32.82 -103.27
CA ARG C 1017 107.30 -31.63 -102.81
C ARG C 1017 106.66 -30.91 -104.00
N ASN C 1018 105.38 -30.58 -103.85
CA ASN C 1018 104.63 -29.94 -104.93
C ASN C 1018 104.13 -28.54 -104.57
N PRO C 1019 104.41 -27.59 -105.45
CA PRO C 1019 104.04 -26.18 -105.26
C PRO C 1019 102.53 -25.93 -105.18
N ARG C 1020 101.78 -26.61 -106.03
CA ARG C 1020 100.34 -26.39 -106.14
C ARG C 1020 99.59 -26.69 -104.85
N LEU C 1021 100.05 -27.72 -104.13
CA LEU C 1021 99.35 -28.19 -102.94
C LEU C 1021 99.24 -27.08 -101.90
N VAL C 1022 98.09 -27.03 -101.25
CA VAL C 1022 97.69 -25.91 -100.40
C VAL C 1022 96.73 -25.11 -101.25
N PRO C 1023 95.46 -25.52 -101.29
CA PRO C 1023 94.58 -25.01 -102.35
C PRO C 1023 95.21 -23.84 -103.09
N TYR C 1024 94.92 -23.74 -104.39
CA TYR C 1024 95.50 -22.71 -105.24
C TYR C 1024 95.27 -21.30 -104.69
N ARG C 1025 94.09 -21.08 -104.14
CA ARG C 1025 93.69 -19.76 -103.66
C ARG C 1025 94.42 -19.34 -102.39
N LEU C 1026 95.18 -20.26 -101.79
CA LEU C 1026 95.95 -19.96 -100.60
C LEU C 1026 97.42 -19.75 -100.95
N LEU C 1027 97.73 -19.90 -102.23
CA LEU C 1027 99.09 -19.64 -102.73
C LEU C 1027 99.35 -18.15 -102.85
N ASP C 1028 100.62 -17.76 -102.74
CA ASP C 1028 101.01 -16.38 -102.98
C ASP C 1028 101.16 -16.15 -104.48
N GLU C 1029 101.37 -14.90 -104.88
CA GLU C 1029 101.50 -14.54 -106.28
C GLU C 1029 102.67 -15.27 -106.95
N ALA C 1030 103.80 -15.31 -106.25
CA ALA C 1030 105.00 -15.97 -106.77
C ALA C 1030 104.75 -17.45 -107.01
N THR C 1031 103.96 -18.07 -106.13
CA THR C 1031 103.65 -19.49 -106.25
C THR C 1031 102.60 -19.74 -107.33
N LYS C 1032 101.72 -18.76 -107.53
CA LYS C 1032 100.66 -18.87 -108.53
C LYS C 1032 101.16 -18.61 -109.95
N ARG C 1033 102.33 -17.96 -110.06
CA ARG C 1033 102.79 -17.38 -111.32
C ARG C 1033 102.83 -18.34 -112.51
N SER C 1034 103.40 -19.53 -112.30
CA SER C 1034 103.57 -20.50 -113.38
C SER C 1034 102.24 -20.89 -114.03
N ASN C 1035 101.26 -21.25 -113.19
CA ASN C 1035 99.95 -21.64 -113.69
C ASN C 1035 99.13 -20.43 -114.15
N ARG C 1036 99.33 -19.29 -113.50
CA ARG C 1036 98.60 -18.08 -113.85
C ARG C 1036 99.00 -17.59 -115.24
N ASP C 1037 100.29 -17.67 -115.54
CA ASP C 1037 100.82 -17.21 -116.83
C ASP C 1037 100.48 -18.15 -117.98
N SER C 1038 100.50 -19.45 -117.72
CA SER C 1038 100.21 -20.45 -118.75
C SER C 1038 98.84 -20.22 -119.38
N LEU C 1039 97.88 -19.86 -118.53
CA LEU C 1039 96.49 -19.69 -118.93
C LEU C 1039 96.17 -18.29 -119.44
N CYS C 1040 96.69 -17.27 -118.73
CA CYS C 1040 96.64 -15.90 -119.23
C CYS C 1040 97.02 -15.89 -120.70
N GLN C 1041 98.05 -16.68 -121.02
CA GLN C 1041 98.51 -16.88 -122.38
C GLN C 1041 97.45 -17.47 -123.31
N ALA C 1042 96.88 -18.61 -122.93
CA ALA C 1042 95.90 -19.30 -123.77
C ALA C 1042 94.68 -18.41 -124.04
N VAL C 1043 94.24 -17.72 -123.00
CA VAL C 1043 93.09 -16.82 -123.10
C VAL C 1043 93.39 -15.60 -123.98
N ARG C 1044 94.58 -15.05 -123.82
CA ARG C 1044 94.99 -13.89 -124.61
C ARG C 1044 95.17 -14.25 -126.08
N THR C 1045 95.67 -15.45 -126.34
CA THR C 1045 95.83 -15.93 -127.71
C THR C 1045 94.48 -16.23 -128.35
N LEU C 1046 93.52 -16.63 -127.52
CA LEU C 1046 92.15 -16.86 -127.99
C LEU C 1046 91.52 -15.56 -128.45
N LEU C 1047 91.74 -14.51 -127.68
CA LEU C 1047 91.23 -13.18 -128.00
C LEU C 1047 91.84 -12.66 -129.30
N GLY C 1048 93.16 -12.68 -129.35
CA GLY C 1048 93.89 -12.16 -130.50
C GLY C 1048 93.60 -12.91 -131.78
N TYR C 1049 93.23 -14.18 -131.69
CA TYR C 1049 93.06 -14.99 -132.89
C TYR C 1049 91.60 -15.06 -133.37
N GLY C 1050 90.72 -14.29 -132.72
CA GLY C 1050 89.36 -14.14 -133.20
C GLY C 1050 88.31 -14.96 -132.48
N TYR C 1051 88.65 -15.48 -131.30
CA TYR C 1051 87.72 -16.30 -130.54
C TYR C 1051 87.23 -15.56 -129.29
N ASN C 1052 85.95 -15.74 -128.99
CA ASN C 1052 85.36 -15.19 -127.76
C ASN C 1052 84.93 -16.31 -126.83
N ILE C 1053 85.49 -16.32 -125.64
CA ILE C 1053 85.10 -17.32 -124.63
C ILE C 1053 84.22 -16.67 -123.57
N ARG C 1073 99.53 -29.42 -71.03
CA ARG C 1073 99.40 -28.58 -72.22
C ARG C 1073 99.93 -29.28 -73.46
N ILE C 1074 99.09 -29.38 -74.49
CA ILE C 1074 99.45 -30.03 -75.74
C ILE C 1074 100.08 -29.05 -76.73
N PHE C 1075 101.16 -29.47 -77.36
CA PHE C 1075 101.78 -28.69 -78.43
C PHE C 1075 101.77 -29.48 -79.75
N ARG C 1076 101.55 -28.78 -80.86
CA ARG C 1076 101.45 -29.44 -82.17
C ARG C 1076 102.62 -29.05 -83.07
N ALA C 1077 102.92 -29.90 -84.06
CA ALA C 1077 104.05 -29.70 -84.96
C ALA C 1077 103.79 -28.59 -85.97
N GLU C 1078 104.85 -27.94 -86.44
CA GLU C 1078 104.71 -26.90 -87.48
C GLU C 1078 104.16 -27.51 -88.76
N LYS C 1079 104.77 -28.59 -89.18
CA LYS C 1079 104.48 -29.19 -90.47
C LYS C 1079 103.58 -30.40 -90.34
N SER C 1080 102.64 -30.52 -91.26
CA SER C 1080 101.69 -31.61 -91.27
C SER C 1080 101.92 -32.50 -92.49
N TYR C 1081 103.18 -32.82 -92.76
CA TYR C 1081 103.55 -33.69 -93.86
C TYR C 1081 102.76 -35.00 -93.77
N THR C 1082 101.85 -35.19 -94.71
CA THR C 1082 100.75 -36.07 -94.47
C THR C 1082 101.32 -37.37 -93.95
N VAL C 1083 100.76 -37.75 -92.82
CA VAL C 1083 101.08 -38.97 -92.09
C VAL C 1083 100.04 -40.03 -92.41
N GLN C 1084 98.86 -39.56 -92.80
CA GLN C 1084 97.70 -40.40 -93.09
C GLN C 1084 97.99 -41.61 -93.98
N SER C 1085 98.97 -41.48 -94.87
CA SER C 1085 99.32 -42.56 -95.78
C SER C 1085 100.82 -42.67 -96.01
N GLY C 1086 101.31 -43.90 -96.06
CA GLY C 1086 102.73 -44.16 -96.25
C GLY C 1086 103.43 -44.39 -94.92
N ARG C 1087 104.75 -44.28 -94.92
CA ARG C 1087 105.50 -44.40 -93.69
C ARG C 1087 105.99 -43.04 -93.21
N TRP C 1088 105.70 -42.72 -91.96
CA TRP C 1088 106.12 -41.46 -91.37
C TRP C 1088 106.86 -41.70 -90.05
N TYR C 1089 107.94 -40.95 -89.85
CA TYR C 1089 108.72 -41.07 -88.64
C TYR C 1089 109.37 -39.75 -88.25
N PHE C 1090 109.53 -39.55 -86.94
CA PHE C 1090 110.25 -38.40 -86.42
C PHE C 1090 110.92 -38.80 -85.11
N GLU C 1091 111.80 -37.93 -84.61
CA GLU C 1091 112.42 -38.17 -83.31
C GLU C 1091 112.17 -36.97 -82.40
N PHE C 1092 112.22 -37.21 -81.09
CA PHE C 1092 111.95 -36.16 -80.13
C PHE C 1092 112.91 -36.23 -78.95
N GLU C 1093 113.72 -35.19 -78.80
CA GLU C 1093 114.63 -35.08 -77.65
C GLU C 1093 113.96 -34.25 -76.57
N ALA C 1094 113.77 -34.85 -75.40
CA ALA C 1094 113.05 -34.19 -74.32
C ALA C 1094 113.93 -33.92 -73.11
N VAL C 1095 113.83 -32.69 -72.60
CA VAL C 1095 114.48 -32.31 -71.35
C VAL C 1095 113.40 -32.10 -70.30
N THR C 1096 113.04 -33.17 -69.60
CA THR C 1096 111.90 -33.11 -68.69
C THR C 1096 112.11 -33.89 -67.40
N THR C 1097 111.37 -33.49 -66.36
CA THR C 1097 111.36 -34.18 -65.07
C THR C 1097 109.92 -34.31 -64.59
N GLY C 1098 109.18 -35.23 -65.21
CA GLY C 1098 107.78 -35.42 -64.88
C GLY C 1098 107.03 -36.09 -66.03
N GLU C 1099 105.71 -35.94 -66.04
CA GLU C 1099 104.88 -36.56 -67.06
C GLU C 1099 104.97 -35.83 -68.40
N MET C 1100 105.19 -36.61 -69.46
CA MET C 1100 105.26 -36.05 -70.82
C MET C 1100 104.92 -37.12 -71.85
N ARG C 1101 103.99 -36.81 -72.74
CA ARG C 1101 103.52 -37.78 -73.72
C ARG C 1101 103.85 -37.35 -75.15
N VAL C 1102 104.44 -38.27 -75.91
CA VAL C 1102 104.85 -38.00 -77.28
C VAL C 1102 104.19 -38.97 -78.26
N GLY C 1103 103.63 -38.44 -79.33
CA GLY C 1103 102.98 -39.26 -80.35
C GLY C 1103 102.24 -38.44 -81.39
N TRP C 1104 101.04 -38.90 -81.75
CA TRP C 1104 100.22 -38.22 -82.74
C TRP C 1104 98.80 -38.00 -82.24
N ALA C 1105 98.14 -36.96 -82.74
CA ALA C 1105 96.76 -36.67 -82.36
C ALA C 1105 95.93 -36.23 -83.56
N ARG C 1106 94.60 -36.41 -83.45
CA ARG C 1106 93.68 -36.00 -84.49
C ARG C 1106 93.37 -34.50 -84.37
N PRO C 1107 92.95 -33.87 -85.48
CA PRO C 1107 92.71 -32.42 -85.50
C PRO C 1107 91.69 -31.90 -84.48
N GLU C 1108 90.87 -32.78 -83.91
CA GLU C 1108 89.79 -32.35 -83.04
C GLU C 1108 90.14 -32.37 -81.55
N LEU C 1109 91.33 -32.85 -81.22
CA LEU C 1109 91.70 -33.02 -79.82
C LEU C 1109 91.95 -31.68 -79.12
N ARG C 1110 91.44 -31.56 -77.90
CA ARG C 1110 91.55 -30.34 -77.11
C ARG C 1110 92.97 -30.14 -76.58
N PRO C 1111 93.53 -28.94 -76.78
CA PRO C 1111 94.90 -28.60 -76.38
C PRO C 1111 95.11 -28.59 -74.85
N ASP C 1112 94.04 -28.58 -74.07
CA ASP C 1112 94.14 -28.42 -72.63
C ASP C 1112 93.92 -29.70 -71.84
N VAL C 1113 93.88 -30.83 -72.54
CA VAL C 1113 93.78 -32.13 -71.88
C VAL C 1113 95.01 -32.97 -72.20
N GLU C 1114 95.18 -34.08 -71.50
CA GLU C 1114 96.31 -34.97 -71.74
C GLU C 1114 96.17 -35.69 -73.07
N LEU C 1115 97.28 -35.84 -73.80
CA LEU C 1115 97.28 -36.64 -75.02
C LEU C 1115 97.00 -38.10 -74.70
N GLY C 1116 96.06 -38.70 -75.41
CA GLY C 1116 95.72 -40.09 -75.19
C GLY C 1116 94.64 -40.28 -74.14
N ALA C 1117 94.20 -39.18 -73.54
CA ALA C 1117 93.11 -39.22 -72.58
C ALA C 1117 91.80 -39.54 -73.30
N ASP C 1118 91.67 -39.04 -74.52
CA ASP C 1118 90.50 -39.32 -75.33
C ASP C 1118 90.81 -40.33 -76.44
N GLU C 1119 89.89 -40.45 -77.38
CA GLU C 1119 90.02 -41.36 -78.52
C GLU C 1119 90.75 -40.73 -79.70
N LEU C 1120 91.24 -39.51 -79.51
CA LEU C 1120 91.74 -38.72 -80.64
C LEU C 1120 93.27 -38.73 -80.76
N ALA C 1121 93.94 -39.53 -79.93
CA ALA C 1121 95.39 -39.51 -79.89
C ALA C 1121 96.03 -40.86 -79.54
N TYR C 1122 97.22 -41.09 -80.09
CA TYR C 1122 98.02 -42.27 -79.78
C TYR C 1122 99.42 -41.82 -79.35
N VAL C 1123 99.71 -41.92 -78.05
CA VAL C 1123 100.99 -41.44 -77.52
C VAL C 1123 101.63 -42.42 -76.52
N PHE C 1124 102.86 -42.09 -76.11
CA PHE C 1124 103.54 -42.83 -75.07
C PHE C 1124 104.09 -41.86 -74.02
N ASN C 1125 103.79 -42.14 -72.75
CA ASN C 1125 104.23 -41.27 -71.66
C ASN C 1125 105.56 -41.73 -71.07
N GLY C 1126 106.45 -40.77 -70.86
CA GLY C 1126 107.78 -41.06 -70.34
C GLY C 1126 107.82 -41.38 -68.86
N HIS C 1127 107.02 -40.68 -68.07
CA HIS C 1127 107.04 -40.85 -66.63
C HIS C 1127 106.42 -42.18 -66.20
N ARG C 1128 105.46 -42.65 -66.98
CA ARG C 1128 104.68 -43.83 -66.60
C ARG C 1128 105.21 -45.13 -67.22
N GLY C 1129 105.77 -45.01 -68.42
CA GLY C 1129 106.15 -46.19 -69.18
C GLY C 1129 104.90 -46.87 -69.71
N GLN C 1130 103.87 -46.08 -69.96
CA GLN C 1130 102.59 -46.58 -70.45
C GLN C 1130 102.19 -45.88 -71.75
N ARG C 1131 101.56 -46.62 -72.65
CA ARG C 1131 101.04 -46.06 -73.89
C ARG C 1131 99.63 -45.55 -73.67
N TRP C 1132 99.28 -44.42 -74.29
CA TRP C 1132 97.98 -43.84 -74.00
C TRP C 1132 97.10 -43.67 -75.22
N HIS C 1133 95.90 -44.22 -75.10
CA HIS C 1133 94.81 -44.04 -76.02
C HIS C 1133 93.55 -44.36 -75.23
N LEU C 1134 92.73 -43.35 -74.98
CA LEU C 1134 91.57 -43.47 -74.11
C LEU C 1134 92.02 -43.86 -72.70
N GLY C 1135 93.18 -43.35 -72.31
CA GLY C 1135 93.68 -43.54 -70.97
C GLY C 1135 93.88 -44.97 -70.50
N SER C 1136 94.56 -45.79 -71.31
CA SER C 1136 94.84 -47.17 -70.91
C SER C 1136 95.98 -47.82 -71.70
N GLU C 1137 96.69 -48.71 -71.00
CA GLU C 1137 97.66 -49.72 -71.51
C GLU C 1137 99.13 -49.35 -71.26
N PRO C 1138 99.89 -50.31 -70.71
CA PRO C 1138 101.33 -50.21 -70.49
C PRO C 1138 102.12 -50.62 -71.73
N PHE C 1139 103.38 -50.21 -71.83
CA PHE C 1139 104.20 -50.56 -72.99
C PHE C 1139 105.68 -50.67 -72.65
N GLY C 1140 106.43 -49.60 -72.89
CA GLY C 1140 107.88 -49.64 -72.79
C GLY C 1140 108.47 -49.06 -71.52
N ARG C 1141 109.78 -48.92 -71.50
CA ARG C 1141 110.50 -48.40 -70.34
C ARG C 1141 110.38 -46.88 -70.23
N PRO C 1142 110.25 -46.37 -69.00
CA PRO C 1142 110.13 -44.93 -68.71
C PRO C 1142 111.35 -44.13 -69.16
N TRP C 1143 111.15 -42.86 -69.50
CA TRP C 1143 112.24 -41.99 -69.89
C TRP C 1143 112.12 -40.59 -69.30
N GLN C 1144 113.19 -39.80 -69.42
CA GLN C 1144 113.22 -38.45 -68.87
C GLN C 1144 114.16 -37.53 -69.65
N SER C 1145 114.70 -36.53 -68.95
CA SER C 1145 115.58 -35.52 -69.56
C SER C 1145 116.80 -36.14 -70.22
N GLY C 1146 117.06 -35.73 -71.46
CA GLY C 1146 118.21 -36.23 -72.21
C GLY C 1146 117.86 -37.35 -73.17
N ASP C 1147 116.78 -38.07 -72.87
CA ASP C 1147 116.36 -39.20 -73.68
C ASP C 1147 115.78 -38.75 -75.02
N VAL C 1148 116.11 -39.49 -76.07
CA VAL C 1148 115.57 -39.22 -77.40
C VAL C 1148 114.62 -40.34 -77.84
N VAL C 1149 113.35 -39.99 -78.02
CA VAL C 1149 112.34 -40.96 -78.43
C VAL C 1149 112.09 -40.89 -79.93
N GLY C 1150 112.23 -42.03 -80.59
CA GLY C 1150 111.85 -42.15 -81.99
C GLY C 1150 110.40 -42.58 -82.09
N CYS C 1151 109.69 -42.05 -83.07
CA CYS C 1151 108.27 -42.34 -83.22
C CYS C 1151 107.93 -42.59 -84.68
N MET C 1152 107.47 -43.80 -84.99
CA MET C 1152 107.22 -44.20 -86.37
C MET C 1152 105.83 -44.74 -86.61
N ILE C 1153 105.20 -44.31 -87.70
CA ILE C 1153 103.92 -44.81 -88.15
C ILE C 1153 104.04 -45.48 -89.51
N ASP C 1154 103.63 -46.75 -89.58
CA ASP C 1154 103.57 -47.46 -90.86
C ASP C 1154 102.11 -47.68 -91.23
N LEU C 1155 101.63 -46.93 -92.22
CA LEU C 1155 100.22 -46.99 -92.60
C LEU C 1155 99.82 -48.36 -93.12
N THR C 1156 100.50 -48.83 -94.16
CA THR C 1156 100.18 -50.10 -94.79
C THR C 1156 100.19 -51.25 -93.78
N GLU C 1157 101.16 -51.23 -92.89
CA GLU C 1157 101.26 -52.24 -91.84
C GLU C 1157 100.25 -51.98 -90.73
N ASN C 1158 99.74 -50.75 -90.69
CA ASN C 1158 98.77 -50.31 -89.68
C ASN C 1158 99.33 -50.37 -88.26
N THR C 1159 100.52 -49.85 -88.06
CA THR C 1159 101.18 -49.94 -86.75
C THR C 1159 101.76 -48.62 -86.25
N ILE C 1160 101.78 -48.46 -84.93
CA ILE C 1160 102.44 -47.34 -84.28
C ILE C 1160 103.46 -47.86 -83.28
N ILE C 1161 104.74 -47.56 -83.50
CA ILE C 1161 105.79 -48.09 -82.65
C ILE C 1161 106.75 -46.98 -82.16
N PHE C 1162 107.14 -47.09 -80.89
CA PHE C 1162 108.04 -46.11 -80.29
C PHE C 1162 109.40 -46.72 -79.97
N THR C 1163 110.44 -45.89 -79.99
CA THR C 1163 111.78 -46.33 -79.61
C THR C 1163 112.29 -45.45 -78.46
N LEU C 1164 113.55 -45.68 -78.07
CA LEU C 1164 114.13 -44.94 -76.96
C LEU C 1164 115.65 -45.07 -76.91
N ASN C 1165 116.34 -44.00 -77.27
CA ASN C 1165 117.81 -43.93 -77.25
C ASN C 1165 118.50 -45.02 -78.08
N GLY C 1166 117.92 -45.33 -79.22
CA GLY C 1166 118.50 -46.31 -80.13
C GLY C 1166 117.96 -47.71 -79.90
N GLU C 1167 117.09 -47.85 -78.90
CA GLU C 1167 116.49 -49.14 -78.59
C GLU C 1167 114.98 -49.12 -78.80
N VAL C 1168 114.48 -50.08 -79.58
CA VAL C 1168 113.04 -50.21 -79.81
C VAL C 1168 112.34 -50.62 -78.53
N LEU C 1169 111.23 -49.94 -78.21
CA LEU C 1169 110.45 -50.27 -77.03
C LEU C 1169 109.55 -51.48 -77.29
N MET C 1170 109.33 -52.28 -76.26
CA MET C 1170 108.55 -53.50 -76.39
C MET C 1170 107.80 -53.85 -75.10
N SER C 1171 106.80 -54.71 -75.20
CA SER C 1171 105.96 -55.07 -74.05
C SER C 1171 106.63 -56.10 -73.15
N ASP C 1172 105.93 -56.47 -72.08
CA ASP C 1172 106.46 -57.45 -71.12
C ASP C 1172 106.59 -58.84 -71.76
N SER C 1173 105.81 -59.08 -72.81
CA SER C 1173 105.86 -60.35 -73.52
C SER C 1173 106.96 -60.34 -74.58
N GLY C 1174 107.58 -59.18 -74.77
CA GLY C 1174 108.67 -59.05 -75.72
C GLY C 1174 108.18 -58.72 -77.12
N SER C 1175 106.88 -58.41 -77.24
CA SER C 1175 106.28 -58.07 -78.52
C SER C 1175 106.53 -56.62 -78.87
N GLU C 1176 106.49 -56.30 -80.17
CA GLU C 1176 106.75 -54.93 -80.62
C GLU C 1176 105.46 -54.22 -81.03
N THR C 1177 105.57 -52.91 -81.27
CA THR C 1177 104.48 -52.00 -81.64
C THR C 1177 103.54 -51.70 -80.46
N ALA C 1178 103.15 -50.43 -80.34
CA ALA C 1178 102.28 -49.98 -79.27
C ALA C 1178 100.80 -50.00 -79.69
N PHE C 1179 100.51 -49.50 -80.88
CA PHE C 1179 99.13 -49.42 -81.36
C PHE C 1179 98.98 -49.99 -82.76
N ARG C 1180 97.82 -50.60 -83.03
CA ARG C 1180 97.54 -51.16 -84.35
C ARG C 1180 96.13 -50.78 -84.83
N GLU C 1181 95.87 -51.02 -86.11
CA GLU C 1181 94.60 -50.73 -86.80
C GLU C 1181 94.40 -49.24 -87.10
N ILE C 1182 95.40 -48.62 -87.74
CA ILE C 1182 95.37 -47.18 -87.96
C ILE C 1182 95.39 -46.78 -89.44
N GLU C 1183 94.47 -47.35 -90.22
CA GLU C 1183 94.48 -47.14 -91.67
C GLU C 1183 94.07 -45.73 -92.11
N ILE C 1184 93.59 -45.61 -93.35
CA ILE C 1184 93.32 -44.30 -93.95
C ILE C 1184 92.05 -43.65 -93.41
N GLY C 1185 91.94 -42.34 -93.61
CA GLY C 1185 90.79 -41.58 -93.17
C GLY C 1185 91.10 -40.71 -91.96
N ASP C 1186 92.04 -41.16 -91.14
CA ASP C 1186 92.39 -40.44 -89.92
C ASP C 1186 93.65 -39.62 -90.07
N GLY C 1187 93.60 -38.37 -89.62
CA GLY C 1187 94.75 -37.50 -89.64
C GLY C 1187 95.63 -37.72 -88.42
N PHE C 1188 96.94 -37.75 -88.62
CA PHE C 1188 97.87 -37.95 -87.52
C PHE C 1188 98.91 -36.84 -87.47
N LEU C 1189 98.64 -35.79 -86.71
CA LEU C 1189 99.61 -34.71 -86.53
C LEU C 1189 100.49 -35.00 -85.31
N PRO C 1190 101.83 -34.97 -85.52
CA PRO C 1190 102.79 -35.15 -84.43
C PRO C 1190 102.55 -34.15 -83.29
N VAL C 1191 102.45 -34.65 -82.06
CA VAL C 1191 102.08 -33.80 -80.93
C VAL C 1191 102.88 -34.17 -79.68
N CYS C 1192 102.91 -33.23 -78.73
CA CYS C 1192 103.61 -33.45 -77.45
C CYS C 1192 102.80 -32.86 -76.30
N SER C 1193 102.58 -33.66 -75.26
CA SER C 1193 101.86 -33.20 -74.07
C SER C 1193 102.82 -33.05 -72.89
N LEU C 1194 102.97 -31.84 -72.39
CA LEU C 1194 103.94 -31.62 -71.32
C LEU C 1194 103.31 -31.11 -70.01
N GLY C 1195 103.51 -31.88 -68.96
CA GLY C 1195 103.33 -31.39 -67.60
C GLY C 1195 104.55 -30.56 -67.26
N PRO C 1196 104.44 -29.69 -66.26
CA PRO C 1196 105.19 -28.46 -65.96
C PRO C 1196 105.92 -27.78 -67.13
N GLY C 1197 106.77 -26.82 -66.75
CA GLY C 1197 107.46 -25.95 -67.69
C GLY C 1197 108.83 -26.44 -68.07
N GLN C 1198 108.89 -27.68 -68.56
CA GLN C 1198 110.12 -28.24 -69.10
C GLN C 1198 110.23 -27.83 -70.56
N VAL C 1199 111.11 -28.49 -71.30
CA VAL C 1199 111.30 -28.14 -72.70
C VAL C 1199 111.63 -29.37 -73.55
N GLY C 1200 111.05 -29.42 -74.74
CA GLY C 1200 111.30 -30.52 -75.67
C GLY C 1200 111.79 -30.02 -77.02
N HIS C 1201 112.48 -30.91 -77.74
CA HIS C 1201 113.03 -30.57 -79.05
C HIS C 1201 112.51 -31.55 -80.10
N LEU C 1202 111.82 -31.01 -81.11
CA LEU C 1202 111.17 -31.84 -82.12
C LEU C 1202 111.92 -31.83 -83.45
N ASN C 1203 112.19 -33.02 -83.97
CA ASN C 1203 112.80 -33.17 -85.30
C ASN C 1203 111.93 -34.07 -86.17
N LEU C 1204 111.27 -33.47 -87.17
CA LEU C 1204 110.30 -34.18 -87.98
C LEU C 1204 110.94 -34.99 -89.11
N GLY C 1205 112.26 -34.88 -89.26
CA GLY C 1205 112.97 -35.64 -90.28
C GLY C 1205 113.46 -34.76 -91.42
N GLN C 1206 113.96 -35.38 -92.48
CA GLN C 1206 114.03 -36.84 -92.59
C GLN C 1206 115.30 -37.40 -91.95
N ASP C 1207 116.19 -36.51 -91.54
CA ASP C 1207 117.43 -36.92 -90.89
C ASP C 1207 117.20 -37.13 -89.39
N VAL C 1208 117.02 -38.39 -89.00
CA VAL C 1208 116.88 -38.73 -87.59
C VAL C 1208 117.97 -39.71 -87.18
N SER C 1209 118.19 -39.83 -85.87
CA SER C 1209 119.23 -40.73 -85.36
C SER C 1209 118.85 -42.18 -85.58
N ASN C 1420 73.89 -1.28 -75.87
CA ASN C 1420 74.72 -2.45 -76.13
C ASN C 1420 74.45 -3.03 -77.52
N ARG C 1421 74.10 -2.16 -78.48
CA ARG C 1421 73.83 -2.64 -79.83
C ARG C 1421 74.50 -1.78 -80.91
N ASP C 1422 74.38 -2.18 -82.18
CA ASP C 1422 74.94 -1.48 -83.33
C ASP C 1422 74.04 -1.72 -84.57
N ASP C 1423 74.34 -1.03 -85.67
CA ASP C 1423 73.60 -1.09 -86.93
C ASP C 1423 74.09 -2.18 -87.89
N PRO C 1424 73.32 -3.26 -88.06
CA PRO C 1424 73.79 -4.34 -88.94
C PRO C 1424 73.64 -4.12 -90.45
N GLU C 1425 73.33 -2.91 -90.89
CA GLU C 1425 73.23 -2.62 -92.31
C GLU C 1425 74.56 -2.23 -92.93
N ILE C 1426 75.57 -2.02 -92.09
CA ILE C 1426 76.90 -1.62 -92.50
C ILE C 1426 77.59 -2.50 -93.55
N ILE C 1427 77.87 -3.74 -93.19
CA ILE C 1427 78.60 -4.67 -94.04
C ILE C 1427 77.87 -5.34 -95.21
N LEU C 1428 78.63 -6.18 -95.92
CA LEU C 1428 78.15 -7.03 -96.99
C LEU C 1428 78.29 -8.48 -96.53
N ASN C 1429 77.24 -9.28 -96.72
CA ASN C 1429 77.23 -10.66 -96.25
C ASN C 1429 78.31 -11.53 -96.90
N THR C 1430 78.44 -11.40 -98.20
CA THR C 1430 79.30 -12.28 -98.98
C THR C 1430 80.74 -12.10 -98.53
N THR C 1431 81.06 -10.84 -98.29
CA THR C 1431 82.41 -10.31 -98.17
C THR C 1431 83.16 -10.88 -96.97
N THR C 1432 84.45 -11.18 -97.16
CA THR C 1432 85.30 -11.76 -96.12
C THR C 1432 85.84 -10.62 -95.27
N TYR C 1433 85.42 -10.56 -94.01
CA TYR C 1433 85.82 -9.44 -93.15
C TYR C 1433 86.73 -9.80 -92.00
N TYR C 1434 87.57 -8.82 -91.73
CA TYR C 1434 88.53 -8.81 -90.64
C TYR C 1434 88.18 -7.66 -89.71
N TYR C 1435 87.53 -7.97 -88.58
CA TYR C 1435 87.05 -6.96 -87.63
C TYR C 1435 87.83 -6.78 -86.35
N SER C 1436 87.91 -5.58 -85.82
CA SER C 1436 88.51 -5.36 -84.51
C SER C 1436 87.49 -4.90 -83.48
N VAL C 1437 87.36 -5.63 -82.39
CA VAL C 1437 86.41 -5.30 -81.33
C VAL C 1437 87.13 -4.92 -80.06
N ARG C 1438 86.74 -3.76 -79.55
CA ARG C 1438 87.31 -3.18 -78.35
C ARG C 1438 86.35 -3.15 -77.18
N VAL C 1439 86.65 -3.96 -76.17
CA VAL C 1439 85.85 -4.07 -74.96
C VAL C 1439 86.74 -3.80 -73.76
N PHE C 1440 86.58 -2.63 -73.13
CA PHE C 1440 87.46 -2.25 -72.05
C PHE C 1440 87.53 -3.30 -70.96
N ALA C 1441 88.74 -3.81 -70.77
CA ALA C 1441 89.06 -4.86 -69.84
C ALA C 1441 88.62 -4.58 -68.42
N GLY C 1442 88.64 -3.32 -67.99
CA GLY C 1442 88.55 -3.02 -66.58
C GLY C 1442 87.30 -3.57 -65.88
N GLN C 1443 86.13 -3.50 -66.53
CA GLN C 1443 84.96 -4.16 -65.97
C GLN C 1443 84.42 -5.23 -66.92
N GLU C 1444 84.38 -6.49 -66.48
CA GLU C 1444 83.86 -7.57 -67.31
C GLU C 1444 82.34 -7.49 -67.61
N PRO C 1445 81.45 -7.13 -66.59
CA PRO C 1445 81.96 -7.19 -65.21
C PRO C 1445 82.29 -8.63 -64.78
N SER C 1446 81.44 -9.58 -65.15
CA SER C 1446 81.74 -10.99 -64.99
C SER C 1446 81.66 -11.88 -66.24
N CYS C 1447 80.70 -11.60 -67.15
CA CYS C 1447 80.51 -12.41 -68.36
C CYS C 1447 80.22 -11.55 -69.61
N VAL C 1448 81.02 -11.76 -70.65
CA VAL C 1448 80.90 -11.05 -71.93
C VAL C 1448 80.60 -12.02 -73.07
N TRP C 1449 79.58 -11.70 -73.86
CA TRP C 1449 79.20 -12.57 -74.97
C TRP C 1449 79.63 -12.02 -76.32
N VAL C 1450 80.49 -12.70 -77.06
CA VAL C 1450 81.01 -12.15 -78.33
C VAL C 1450 80.72 -13.02 -79.55
N GLY C 1451 80.16 -12.45 -80.62
CA GLY C 1451 79.94 -13.28 -81.80
C GLY C 1451 79.24 -12.52 -82.90
N TRP C 1452 78.34 -13.19 -83.61
CA TRP C 1452 77.64 -12.59 -84.73
C TRP C 1452 76.14 -12.88 -84.75
N VAL C 1453 75.35 -11.96 -85.28
CA VAL C 1453 73.90 -12.17 -85.41
C VAL C 1453 73.44 -11.77 -86.78
N THR C 1454 72.23 -12.19 -87.14
CA THR C 1454 71.59 -11.76 -88.36
C THR C 1454 71.19 -10.30 -88.20
N PRO C 1455 70.99 -9.59 -89.38
CA PRO C 1455 70.63 -8.18 -89.17
C PRO C 1455 69.32 -8.10 -88.38
N ASP C 1456 68.40 -9.01 -88.69
CA ASP C 1456 67.11 -9.04 -88.01
C ASP C 1456 67.22 -9.29 -86.50
N TYR C 1457 68.11 -10.19 -86.09
CA TYR C 1457 68.20 -10.53 -84.67
C TYR C 1457 68.68 -9.33 -83.86
N HIS C 1458 68.29 -9.32 -82.57
CA HIS C 1458 68.68 -8.29 -81.61
C HIS C 1458 68.14 -8.67 -80.25
N GLN C 1459 68.65 -8.02 -79.20
CA GLN C 1459 68.12 -8.32 -77.86
C GLN C 1459 67.00 -7.33 -77.62
N HIS C 1460 65.81 -7.87 -77.49
CA HIS C 1460 64.59 -7.11 -77.29
C HIS C 1460 64.54 -6.33 -75.98
N ASP C 1461 65.18 -6.88 -74.96
CA ASP C 1461 65.17 -6.35 -73.61
C ASP C 1461 66.39 -6.83 -72.82
N MET C 1462 66.57 -6.35 -71.59
CA MET C 1462 67.69 -6.76 -70.75
C MET C 1462 67.59 -8.23 -70.32
N ASN C 1463 66.40 -8.81 -70.47
CA ASN C 1463 66.13 -10.23 -70.21
C ASN C 1463 66.69 -11.13 -71.31
N PHE C 1464 67.10 -10.53 -72.43
CA PHE C 1464 67.62 -11.24 -73.57
C PHE C 1464 69.13 -11.20 -73.57
N ASP C 1465 69.71 -12.17 -74.25
CA ASP C 1465 71.14 -12.45 -74.26
C ASP C 1465 71.61 -12.96 -75.59
N LEU C 1466 72.72 -12.44 -76.09
CA LEU C 1466 73.33 -12.92 -77.33
C LEU C 1466 73.38 -14.46 -77.43
N SER C 1467 73.68 -15.16 -76.34
CA SER C 1467 73.70 -16.63 -76.39
C SER C 1467 72.33 -17.28 -76.58
N LYS C 1468 71.27 -16.53 -76.28
CA LYS C 1468 69.91 -16.97 -76.55
C LYS C 1468 69.64 -17.11 -78.03
N VAL C 1469 70.12 -16.15 -78.81
CA VAL C 1469 69.89 -16.12 -80.25
C VAL C 1469 70.65 -17.20 -81.01
N ARG C 1470 69.99 -17.80 -82.00
CA ARG C 1470 70.62 -18.79 -82.85
C ARG C 1470 71.34 -18.17 -84.06
N ALA C 1471 72.45 -17.49 -83.80
CA ALA C 1471 73.27 -16.95 -84.87
C ALA C 1471 74.68 -17.53 -84.78
N VAL C 1472 75.51 -16.91 -83.96
CA VAL C 1472 76.82 -17.46 -83.60
C VAL C 1472 77.39 -16.80 -82.34
N THR C 1473 77.68 -17.55 -81.28
CA THR C 1473 78.16 -16.87 -80.07
C THR C 1473 79.22 -17.58 -79.20
N VAL C 1474 80.32 -16.92 -78.87
CA VAL C 1474 81.26 -17.49 -77.91
C VAL C 1474 81.12 -16.72 -76.59
N THR C 1475 80.84 -17.42 -75.51
CA THR C 1475 80.74 -16.70 -74.24
C THR C 1475 82.06 -16.84 -73.51
N MET C 1476 82.55 -15.73 -72.97
CA MET C 1476 83.80 -15.70 -72.22
C MET C 1476 83.60 -14.97 -70.88
N GLY C 1477 84.09 -15.56 -69.79
CA GLY C 1477 83.89 -14.94 -68.47
C GLY C 1477 85.17 -14.41 -67.82
N ASP C 1478 85.03 -13.99 -66.58
CA ASP C 1478 86.15 -13.52 -65.75
C ASP C 1478 87.15 -14.62 -65.47
N ASN C 1491 83.40 -21.25 -68.20
CA ASN C 1491 84.38 -21.48 -69.25
C ASN C 1491 84.10 -20.79 -70.58
N CYS C 1492 85.08 -20.82 -71.48
CA CYS C 1492 84.92 -20.29 -72.81
C CYS C 1492 84.03 -21.30 -73.53
N TYR C 1493 82.90 -20.85 -74.08
CA TYR C 1493 82.00 -21.83 -74.67
C TYR C 1493 81.29 -21.38 -75.93
N MET C 1494 81.28 -22.27 -76.91
CA MET C 1494 80.63 -22.02 -78.19
C MET C 1494 79.14 -22.31 -78.16
N VAL C 1495 78.37 -21.37 -78.72
CA VAL C 1495 76.92 -21.50 -78.76
C VAL C 1495 76.38 -21.20 -80.16
N TRP C 1496 76.56 -22.15 -81.07
CA TRP C 1496 76.09 -21.98 -82.44
C TRP C 1496 75.03 -23.03 -82.79
N GLY C 1497 73.92 -22.58 -83.35
CA GLY C 1497 72.83 -23.45 -83.73
C GLY C 1497 72.32 -24.28 -82.56
N ILE C 1509 86.84 -20.25 -66.57
CA ILE C 1509 86.42 -18.93 -67.04
C ILE C 1509 87.62 -18.20 -67.63
N SER C 1510 87.51 -17.84 -68.90
CA SER C 1510 88.58 -17.12 -69.59
C SER C 1510 88.59 -15.62 -69.30
N HIS C 1511 89.61 -15.17 -68.57
CA HIS C 1511 89.70 -13.74 -68.28
C HIS C 1511 89.72 -12.93 -69.55
N THR C 1512 88.72 -12.08 -69.66
CA THR C 1512 88.55 -11.21 -70.80
C THR C 1512 88.70 -9.77 -70.33
N ASP C 1513 89.60 -9.05 -70.99
CA ASP C 1513 89.88 -7.65 -70.65
C ASP C 1513 88.79 -6.76 -71.26
N LEU C 1514 88.87 -5.46 -70.96
CA LEU C 1514 87.94 -4.45 -71.45
C LEU C 1514 87.75 -4.54 -72.96
N VAL C 1515 88.85 -4.65 -73.68
CA VAL C 1515 88.81 -4.73 -75.12
C VAL C 1515 88.94 -6.17 -75.61
N ILE C 1516 88.07 -6.56 -76.52
CA ILE C 1516 88.12 -7.88 -77.12
C ILE C 1516 87.85 -7.71 -78.60
N GLY C 1517 88.56 -8.45 -79.42
CA GLY C 1517 88.38 -8.31 -80.85
C GLY C 1517 87.58 -9.48 -81.38
N CYS C 1518 86.62 -9.14 -82.21
CA CYS C 1518 85.74 -10.15 -82.81
C CYS C 1518 86.13 -10.27 -84.27
N LEU C 1519 86.45 -11.49 -84.72
CA LEU C 1519 86.90 -11.68 -86.10
C LEU C 1519 85.98 -12.58 -86.91
N VAL C 1520 85.47 -12.05 -88.02
CA VAL C 1520 84.60 -12.84 -88.91
C VAL C 1520 85.19 -13.04 -90.29
N ASP C 1521 85.55 -14.27 -90.61
CA ASP C 1521 86.07 -14.59 -91.93
C ASP C 1521 85.05 -15.40 -92.72
N LEU C 1522 84.34 -14.73 -93.61
CA LEU C 1522 83.30 -15.40 -94.37
C LEU C 1522 83.83 -16.07 -95.62
N ALA C 1523 85.08 -15.77 -95.97
CA ALA C 1523 85.68 -16.44 -97.12
C ALA C 1523 85.89 -17.90 -96.74
N THR C 1524 86.34 -18.11 -95.50
CA THR C 1524 86.53 -19.47 -95.00
C THR C 1524 85.33 -19.96 -94.18
N GLY C 1525 84.50 -19.02 -93.72
CA GLY C 1525 83.32 -19.39 -92.93
C GLY C 1525 83.73 -19.70 -91.50
N LEU C 1526 84.63 -18.91 -90.94
CA LEU C 1526 85.09 -19.14 -89.58
C LEU C 1526 84.90 -17.89 -88.70
N MET C 1527 84.70 -18.12 -87.40
CA MET C 1527 84.56 -17.05 -86.42
C MET C 1527 85.41 -17.32 -85.18
N THR C 1528 86.23 -16.32 -84.86
CA THR C 1528 87.19 -16.35 -83.74
C THR C 1528 87.21 -15.07 -82.92
N PHE C 1529 87.82 -15.15 -81.75
CA PHE C 1529 88.06 -14.00 -80.90
C PHE C 1529 89.55 -13.78 -80.63
N THR C 1530 89.90 -12.52 -80.40
CA THR C 1530 91.24 -12.10 -80.05
C THR C 1530 91.19 -11.35 -78.73
N ALA C 1531 91.93 -11.82 -77.74
CA ALA C 1531 91.90 -11.17 -76.42
C ALA C 1531 93.30 -10.73 -76.04
N ASN C 1532 93.46 -9.45 -75.73
CA ASN C 1532 94.74 -8.86 -75.34
C ASN C 1532 95.80 -9.06 -76.41
N GLY C 1533 95.39 -9.03 -77.67
CA GLY C 1533 96.30 -9.20 -78.79
C GLY C 1533 96.63 -10.65 -79.08
N LYS C 1534 96.02 -11.60 -78.36
CA LYS C 1534 96.32 -13.00 -78.58
C LYS C 1534 95.16 -13.75 -79.21
N GLU C 1535 95.46 -14.71 -80.05
CA GLU C 1535 94.43 -15.49 -80.71
C GLU C 1535 93.85 -16.48 -79.73
N SER C 1536 92.52 -16.48 -79.58
CA SER C 1536 91.87 -17.39 -78.65
C SER C 1536 91.42 -18.70 -79.30
N ASN C 1537 91.61 -18.77 -80.63
CA ASN C 1537 91.36 -19.88 -81.54
C ASN C 1537 89.99 -19.77 -82.17
N THR C 1538 89.77 -20.55 -83.23
CA THR C 1538 88.49 -20.57 -83.92
C THR C 1538 87.47 -21.19 -83.00
N PHE C 1539 86.33 -20.53 -82.84
CA PHE C 1539 85.30 -21.06 -81.98
C PHE C 1539 84.18 -21.63 -82.81
N PHE C 1540 83.89 -20.96 -83.92
CA PHE C 1540 82.78 -21.44 -84.73
C PHE C 1540 83.05 -21.54 -86.21
N GLN C 1541 82.32 -22.41 -86.89
CA GLN C 1541 82.37 -22.44 -88.33
C GLN C 1541 81.01 -22.01 -88.84
N VAL C 1542 80.80 -20.70 -88.86
CA VAL C 1542 79.58 -20.09 -89.37
C VAL C 1542 79.28 -20.64 -90.76
N GLU C 1543 78.00 -20.73 -91.10
CA GLU C 1543 77.69 -21.29 -92.39
C GLU C 1543 77.90 -20.24 -93.47
N PRO C 1544 78.25 -20.70 -94.66
CA PRO C 1544 78.49 -19.78 -95.75
C PRO C 1544 77.18 -19.26 -96.29
N ASN C 1545 77.28 -18.16 -97.03
CA ASN C 1545 76.14 -17.46 -97.62
C ASN C 1545 75.17 -16.85 -96.60
N THR C 1546 75.56 -16.77 -95.33
CA THR C 1546 74.73 -16.15 -94.31
C THR C 1546 75.25 -14.76 -94.03
N LYS C 1547 74.50 -13.97 -93.27
CA LYS C 1547 74.95 -12.64 -92.92
C LYS C 1547 74.69 -12.40 -91.44
N LEU C 1548 75.75 -12.06 -90.72
CA LEU C 1548 75.66 -11.78 -89.30
C LEU C 1548 76.37 -10.50 -88.95
N PHE C 1549 76.04 -9.96 -87.78
CA PHE C 1549 76.64 -8.73 -87.28
C PHE C 1549 76.99 -8.87 -85.80
N PRO C 1550 78.02 -8.06 -85.34
CA PRO C 1550 78.35 -8.26 -83.91
C PRO C 1550 77.22 -7.85 -82.96
N ALA C 1551 77.07 -8.61 -81.87
CA ALA C 1551 76.09 -8.32 -80.86
C ALA C 1551 76.62 -8.77 -79.51
N VAL C 1552 76.42 -7.92 -78.50
CA VAL C 1552 76.83 -8.27 -77.17
C VAL C 1552 75.64 -8.03 -76.27
N PHE C 1553 75.30 -9.03 -75.50
CA PHE C 1553 74.18 -8.90 -74.60
C PHE C 1553 74.62 -8.77 -73.18
N VAL C 1554 74.19 -7.63 -72.65
CA VAL C 1554 74.34 -7.23 -71.28
C VAL C 1554 73.06 -6.51 -70.92
N LEU C 1555 72.74 -6.53 -69.63
CA LEU C 1555 71.65 -5.72 -69.08
C LEU C 1555 72.23 -4.96 -67.90
N PRO C 1556 72.73 -5.75 -66.87
CA PRO C 1556 73.46 -5.00 -65.84
C PRO C 1556 74.80 -4.55 -66.40
N THR C 1557 75.36 -3.47 -65.88
CA THR C 1557 74.81 -2.75 -64.75
C THR C 1557 73.84 -1.72 -65.31
N HIS C 1558 72.83 -1.37 -64.53
CA HIS C 1558 71.99 -0.29 -64.97
C HIS C 1558 71.63 -0.68 -66.38
N GLN C 1559 72.01 0.23 -67.26
CA GLN C 1559 71.78 0.17 -68.70
C GLN C 1559 73.16 0.29 -69.31
N ASN C 1560 73.90 -0.83 -69.28
CA ASN C 1560 75.30 -0.83 -69.71
C ASN C 1560 75.50 -0.35 -71.16
N VAL C 1561 76.69 0.18 -71.42
CA VAL C 1561 77.07 0.78 -72.71
C VAL C 1561 78.30 0.11 -73.30
N ILE C 1562 78.15 -0.41 -74.51
CA ILE C 1562 79.21 -1.10 -75.21
C ILE C 1562 79.59 -0.47 -76.54
N GLN C 1563 80.88 -0.18 -76.72
CA GLN C 1563 81.27 0.47 -77.96
C GLN C 1563 81.74 -0.54 -78.98
N PHE C 1564 81.41 -0.28 -80.24
CA PHE C 1564 81.79 -1.12 -81.37
C PHE C 1564 82.58 -0.30 -82.39
N GLU C 1565 83.81 -0.71 -82.65
CA GLU C 1565 84.70 0.00 -83.57
C GLU C 1565 85.28 -0.88 -84.67
N LEU C 1566 85.06 -0.52 -85.93
CA LEU C 1566 85.67 -1.29 -87.01
C LEU C 1566 87.19 -1.12 -86.97
N GLY C 1567 87.95 -2.21 -87.05
CA GLY C 1567 89.41 -2.08 -87.07
C GLY C 1567 89.81 -2.07 -88.53
N LYS C 1568 89.37 -3.12 -89.21
CA LYS C 1568 89.62 -3.23 -90.64
C LYS C 1568 88.75 -4.27 -91.32
N GLN C 1569 88.80 -4.28 -92.63
CA GLN C 1569 88.04 -5.26 -93.39
C GLN C 1569 88.74 -5.58 -94.69
N LYS C 1570 88.50 -6.79 -95.14
CA LYS C 1570 89.01 -7.37 -96.36
C LYS C 1570 87.85 -7.71 -97.28
N ASN C 1571 87.68 -6.88 -98.30
CA ASN C 1571 86.64 -7.00 -99.29
C ASN C 1571 86.92 -8.17 -100.25
N UNK C 2124 65.37 -30.13 -53.89
CA UNK C 2124 64.70 -31.08 -52.97
C UNK C 2124 65.75 -31.93 -52.27
N UNK C 2125 66.68 -32.43 -53.06
CA UNK C 2125 67.77 -33.28 -52.59
C UNK C 2125 68.59 -32.54 -51.53
N UNK C 2126 68.90 -31.30 -51.86
CA UNK C 2126 69.68 -30.41 -50.99
C UNK C 2126 68.97 -30.25 -49.64
N UNK C 2127 67.68 -30.00 -49.74
CA UNK C 2127 66.81 -29.81 -48.57
C UNK C 2127 66.86 -31.05 -47.67
N UNK C 2128 66.75 -32.19 -48.32
CA UNK C 2128 66.77 -33.50 -47.65
C UNK C 2128 68.08 -33.67 -46.88
N UNK C 2129 69.15 -33.34 -47.57
CA UNK C 2129 70.51 -33.43 -47.03
C UNK C 2129 70.62 -32.57 -45.77
N UNK C 2130 70.12 -31.36 -45.89
CA UNK C 2130 70.12 -30.37 -44.80
C UNK C 2130 69.39 -30.94 -43.58
N UNK C 2131 68.24 -31.51 -43.86
CA UNK C 2131 67.38 -32.11 -42.83
C UNK C 2131 68.14 -33.22 -42.10
N UNK C 2132 68.79 -34.05 -42.89
CA UNK C 2132 69.59 -35.18 -42.39
C UNK C 2132 70.67 -34.66 -41.43
N UNK C 2133 71.35 -33.62 -41.90
CA UNK C 2133 72.43 -32.98 -41.15
C UNK C 2133 71.92 -32.49 -39.79
N UNK C 2134 70.77 -31.85 -39.85
CA UNK C 2134 70.10 -31.30 -38.67
C UNK C 2134 69.81 -32.41 -37.65
N UNK C 2135 69.28 -33.50 -38.19
CA UNK C 2135 68.93 -34.69 -37.41
C UNK C 2135 70.17 -35.22 -36.69
N UNK C 2136 71.24 -35.32 -37.45
CA UNK C 2136 72.53 -35.81 -36.97
C UNK C 2136 73.01 -34.94 -35.80
N UNK C 2137 72.91 -33.64 -36.00
CA UNK C 2137 73.32 -32.63 -35.02
C UNK C 2137 72.53 -32.84 -33.72
N UNK C 2138 71.24 -33.02 -33.89
CA UNK C 2138 70.31 -33.23 -32.77
C UNK C 2138 70.72 -34.46 -31.97
N UNK C 2139 75.16 -37.44 -29.76
CA UNK C 2139 76.18 -37.09 -30.72
C UNK C 2139 76.81 -38.34 -31.30
N UNK C 2140 77.08 -39.32 -30.45
CA UNK C 2140 77.70 -40.55 -30.91
C UNK C 2140 76.82 -41.30 -31.88
N UNK C 2141 75.52 -41.32 -31.60
CA UNK C 2141 74.56 -41.97 -32.48
C UNK C 2141 74.48 -41.27 -33.83
N UNK C 2142 74.51 -39.94 -33.78
CA UNK C 2142 74.44 -39.16 -34.98
C UNK C 2142 75.66 -39.54 -35.77
N UNK C 2143 76.77 -39.70 -35.06
CA UNK C 2143 78.05 -40.07 -35.63
C UNK C 2143 78.04 -41.43 -36.30
N UNK C 2144 77.38 -42.42 -35.70
CA UNK C 2144 77.22 -43.73 -36.32
C UNK C 2144 76.41 -43.64 -37.61
N UNK C 2145 75.35 -42.84 -37.56
CA UNK C 2145 74.52 -42.69 -38.75
C UNK C 2145 75.40 -42.07 -39.83
N UNK C 2146 76.21 -41.14 -39.37
CA UNK C 2146 77.10 -40.39 -40.23
C UNK C 2146 78.11 -41.31 -40.88
N UNK C 2147 78.63 -42.25 -40.10
CA UNK C 2147 79.60 -43.19 -40.61
C UNK C 2147 78.94 -44.02 -41.69
N UNK C 2148 77.71 -44.46 -41.45
CA UNK C 2148 77.05 -45.28 -42.47
C UNK C 2148 76.92 -44.45 -43.74
N UNK C 2149 76.55 -43.19 -43.57
CA UNK C 2149 76.38 -42.27 -44.68
C UNK C 2149 77.67 -42.03 -45.46
N UNK C 2150 78.75 -41.87 -44.72
CA UNK C 2150 80.06 -41.62 -45.28
C UNK C 2150 80.44 -42.83 -46.07
N UNK C 2151 80.09 -44.00 -45.54
CA UNK C 2151 80.39 -45.26 -46.20
C UNK C 2151 79.68 -45.30 -47.53
N UNK C 2152 78.43 -44.88 -47.53
CA UNK C 2152 77.65 -44.86 -48.75
C UNK C 2152 78.30 -43.91 -49.75
N UNK C 2153 78.74 -42.77 -49.26
CA UNK C 2153 79.36 -41.76 -50.10
C UNK C 2153 80.65 -42.28 -50.71
N UNK C 2154 73.89 -23.83 -62.89
CA UNK C 2154 74.73 -24.57 -61.96
C UNK C 2154 74.47 -24.11 -60.54
N UNK C 2155 73.53 -23.18 -60.39
CA UNK C 2155 73.19 -22.63 -59.09
C UNK C 2155 72.65 -23.71 -58.17
N UNK C 2156 71.86 -24.60 -58.74
CA UNK C 2156 71.32 -25.71 -57.97
C UNK C 2156 72.49 -26.52 -57.49
N UNK C 2157 73.47 -26.68 -58.36
CA UNK C 2157 74.65 -27.46 -58.03
C UNK C 2157 75.42 -26.83 -56.88
N UNK C 2158 75.55 -25.51 -56.90
CA UNK C 2158 76.25 -24.80 -55.85
C UNK C 2158 75.51 -25.01 -54.55
N UNK C 2159 74.19 -24.95 -54.60
CA UNK C 2159 73.40 -25.13 -53.40
C UNK C 2159 73.63 -26.53 -52.84
N UNK C 2160 73.64 -27.51 -53.71
CA UNK C 2160 73.84 -28.89 -53.28
C UNK C 2160 75.20 -29.05 -52.63
N UNK C 2161 76.21 -28.45 -53.25
CA UNK C 2161 77.56 -28.58 -52.72
C UNK C 2161 77.60 -27.97 -51.33
N UNK C 2162 76.96 -26.83 -51.19
CA UNK C 2162 76.95 -26.14 -49.91
C UNK C 2162 76.28 -26.98 -48.85
N UNK C 2163 75.15 -27.58 -49.22
CA UNK C 2163 74.43 -28.38 -48.26
C UNK C 2163 75.30 -29.54 -47.84
N UNK C 2164 75.99 -30.12 -48.82
CA UNK C 2164 76.82 -31.29 -48.55
C UNK C 2164 77.92 -30.92 -47.60
N UNK C 2165 78.52 -29.76 -47.82
CA UNK C 2165 79.61 -29.31 -46.98
C UNK C 2165 79.12 -29.11 -45.56
N UNK C 2166 77.94 -28.51 -45.44
CA UNK C 2166 77.39 -28.25 -44.14
C UNK C 2166 77.18 -29.57 -43.42
N UNK C 2167 76.68 -30.57 -44.15
CA UNK C 2167 76.40 -31.87 -43.57
C UNK C 2167 77.69 -32.52 -43.08
N UNK C 2168 78.74 -32.40 -43.88
CA UNK C 2168 80.01 -32.98 -43.52
C UNK C 2168 80.52 -32.32 -42.25
N UNK C 2169 80.36 -31.00 -42.17
CA UNK C 2169 80.78 -30.23 -41.01
C UNK C 2169 80.03 -30.68 -39.76
N UNK C 2170 78.74 -30.93 -39.92
CA UNK C 2170 77.91 -31.41 -38.81
C UNK C 2170 78.38 -32.78 -38.35
N UNK C 2171 78.72 -33.63 -39.31
CA UNK C 2171 79.21 -34.96 -39.00
C UNK C 2171 80.49 -34.82 -38.21
N UNK C 2172 81.30 -33.84 -38.60
CA UNK C 2172 82.56 -33.55 -37.94
C UNK C 2172 82.36 -33.09 -36.51
N UNK C 2173 81.36 -32.25 -36.29
CA UNK C 2173 81.07 -31.80 -34.93
C UNK C 2173 80.69 -33.04 -34.14
N UNK C 2174 79.92 -33.91 -34.77
CA UNK C 2174 79.57 -35.21 -34.21
C UNK C 2174 80.77 -35.85 -33.54
N UNK C 2175 85.76 -36.82 -32.40
CA UNK C 2175 87.09 -36.70 -32.96
C UNK C 2175 87.52 -37.80 -33.93
N UNK C 2176 87.28 -39.07 -33.62
CA UNK C 2176 87.72 -40.14 -34.52
C UNK C 2176 86.98 -40.14 -35.86
N UNK C 2177 85.68 -39.96 -35.78
CA UNK C 2177 84.88 -39.93 -36.98
C UNK C 2177 85.36 -38.75 -37.76
N UNK C 2178 85.68 -37.68 -37.04
CA UNK C 2178 86.12 -36.44 -37.65
C UNK C 2178 87.44 -36.59 -38.39
N UNK C 2179 88.40 -37.29 -37.81
CA UNK C 2179 89.67 -37.51 -38.47
C UNK C 2179 89.41 -38.30 -39.73
N UNK C 2180 88.54 -39.28 -39.61
CA UNK C 2180 88.27 -40.14 -40.75
C UNK C 2180 87.71 -39.28 -41.86
N UNK C 2181 86.81 -38.39 -41.49
CA UNK C 2181 86.13 -37.53 -42.44
C UNK C 2181 87.10 -36.60 -43.11
N UNK C 2182 88.02 -36.06 -42.34
CA UNK C 2182 88.98 -35.12 -42.87
C UNK C 2182 89.81 -35.85 -43.91
N UNK C 2183 90.21 -37.07 -43.57
CA UNK C 2183 91.04 -37.83 -44.50
C UNK C 2183 90.27 -38.11 -45.79
N UNK C 2184 89.00 -38.47 -45.65
CA UNK C 2184 88.21 -38.77 -46.83
C UNK C 2184 88.08 -37.55 -47.70
N UNK C 2185 87.89 -36.41 -47.06
CA UNK C 2185 87.96 -35.13 -47.73
C UNK C 2185 89.43 -35.01 -48.08
N UNK C 2186 89.76 -34.15 -49.04
CA UNK C 2186 91.11 -34.13 -49.57
C UNK C 2186 92.06 -33.88 -48.42
N UNK C 2187 91.67 -33.00 -47.51
CA UNK C 2187 92.49 -32.73 -46.34
C UNK C 2187 93.68 -31.92 -46.82
N UNK C 2188 94.41 -32.50 -47.77
CA UNK C 2188 95.45 -31.73 -48.45
C UNK C 2188 94.74 -30.86 -49.46
N UNK C 2189 93.70 -31.43 -50.04
CA UNK C 2189 92.87 -30.70 -50.98
C UNK C 2189 92.25 -29.52 -50.25
N UNK C 2190 91.86 -29.74 -49.01
CA UNK C 2190 91.26 -28.67 -48.22
C UNK C 2190 92.25 -27.53 -48.01
N UNK C 2191 93.50 -27.88 -47.74
CA UNK C 2191 94.55 -26.90 -47.55
C UNK C 2191 94.75 -26.12 -48.84
N UNK C 2192 94.72 -26.84 -49.95
CA UNK C 2192 94.90 -26.21 -51.24
C UNK C 2192 93.77 -25.22 -51.49
N UNK C 2193 92.56 -25.61 -51.11
CA UNK C 2193 91.39 -24.77 -51.26
C UNK C 2193 91.52 -23.52 -50.43
N UNK C 2194 92.04 -23.67 -49.22
CA UNK C 2194 92.20 -22.54 -48.34
C UNK C 2194 93.17 -21.60 -49.01
N UNK C 2195 94.22 -22.17 -49.59
CA UNK C 2195 95.23 -21.35 -50.24
C UNK C 2195 94.63 -20.57 -51.39
N UNK C 2196 93.78 -21.24 -52.17
CA UNK C 2196 93.14 -20.64 -53.32
C UNK C 2196 92.39 -19.36 -52.95
N UNK C 2197 79.74 -18.68 -51.05
CA UNK C 2197 79.67 -20.04 -50.53
C UNK C 2197 81.05 -20.69 -50.50
N UNK C 2198 81.92 -20.26 -51.40
CA UNK C 2198 83.29 -20.77 -51.47
C UNK C 2198 83.92 -20.42 -50.13
N UNK C 2199 83.55 -19.25 -49.64
CA UNK C 2199 83.92 -18.81 -48.32
C UNK C 2199 83.35 -19.83 -47.34
N UNK C 2200 82.18 -20.35 -47.64
CA UNK C 2200 81.56 -21.36 -46.78
C UNK C 2200 82.38 -22.65 -46.69
N UNK C 2201 82.96 -23.07 -47.80
CA UNK C 2201 83.91 -24.20 -47.85
C UNK C 2201 85.18 -23.90 -47.07
N UNK C 2202 85.65 -22.66 -47.17
CA UNK C 2202 86.81 -22.25 -46.42
C UNK C 2202 86.44 -22.42 -44.97
N UNK C 2203 85.20 -22.07 -44.68
CA UNK C 2203 84.59 -22.16 -43.36
C UNK C 2203 84.49 -23.58 -42.82
N UNK C 2204 84.19 -24.54 -43.69
CA UNK C 2204 84.22 -25.97 -43.38
C UNK C 2204 85.63 -26.48 -43.04
N UNK C 2205 86.62 -25.97 -43.77
CA UNK C 2205 88.00 -26.26 -43.43
C UNK C 2205 88.27 -25.68 -42.04
N UNK C 2206 87.66 -24.51 -41.88
CA UNK C 2206 87.76 -23.73 -40.67
C UNK C 2206 87.19 -24.58 -39.57
N UNK C 2207 86.16 -25.33 -39.91
CA UNK C 2207 85.41 -26.34 -39.15
C UNK C 2207 86.16 -27.60 -38.72
N UNK C 2208 87.04 -28.11 -39.57
CA UNK C 2208 87.99 -29.12 -39.08
C UNK C 2208 88.88 -28.43 -38.05
N UNK C 2209 89.24 -27.20 -38.38
CA UNK C 2209 90.02 -26.39 -37.47
C UNK C 2209 89.18 -26.20 -36.20
N UNK C 2210 87.88 -26.22 -36.42
CA UNK C 2210 86.76 -26.12 -35.49
C UNK C 2210 86.57 -27.27 -34.52
N UNK C 2211 86.82 -28.50 -34.94
CA UNK C 2211 86.94 -29.60 -34.00
C UNK C 2211 88.17 -29.29 -33.16
N UNK C 2212 89.17 -28.78 -33.88
CA UNK C 2212 90.39 -28.43 -33.20
C UNK C 2212 90.03 -27.40 -32.13
N UNK C 2213 89.07 -26.54 -32.47
CA UNK C 2213 88.69 -25.42 -31.63
C UNK C 2213 87.49 -25.66 -30.73
N UNK C 2214 86.90 -26.85 -30.77
CA UNK C 2214 86.13 -27.42 -29.69
C UNK C 2214 87.16 -27.71 -28.63
N UNK C 2215 88.30 -28.22 -29.08
CA UNK C 2215 89.42 -28.34 -28.18
C UNK C 2215 89.75 -26.91 -27.74
N UNK C 2216 89.39 -26.41 -29.30
CA UNK C 2216 89.65 -25.02 -28.99
C UNK C 2216 88.67 -24.46 -27.97
N UNK C 2217 87.41 -24.86 -28.08
CA UNK C 2217 86.36 -24.44 -27.19
C UNK C 2217 86.63 -24.96 -25.82
N UNK C 2218 87.11 -26.19 -25.75
CA UNK C 2218 87.47 -26.74 -24.45
C UNK C 2218 88.60 -25.91 -23.85
N UNK C 2219 89.56 -25.58 -24.69
CA UNK C 2219 90.71 -24.80 -24.25
C UNK C 2219 90.22 -23.46 -23.74
N UNK C 2220 89.23 -22.91 -24.43
CA UNK C 2220 88.59 -21.64 -24.12
C UNK C 2220 87.87 -21.62 -22.78
N UNK C 2221 87.16 -22.70 -22.49
CA UNK C 2221 86.49 -22.80 -21.20
C UNK C 2221 87.60 -22.78 -20.16
N UNK C 2222 88.68 -23.48 -20.47
CA UNK C 2222 89.81 -23.54 -19.54
C UNK C 2222 90.37 -22.15 -19.30
N UNK C 2223 90.50 -21.38 -20.37
CA UNK C 2223 91.03 -20.03 -20.32
C UNK C 2223 90.14 -19.15 -19.49
N UNK C 2224 88.83 -19.30 -19.67
CA UNK C 2224 87.87 -18.47 -18.97
C UNK C 2224 88.12 -18.73 -17.51
N UNK C 2225 88.34 -19.99 -17.17
CA UNK C 2225 88.77 -20.32 -15.82
C UNK C 2225 87.87 -19.67 -14.78
N UNK C 2226 78.56 -16.07 89.48
CA UNK C 2226 78.35 -15.54 90.81
C UNK C 2226 76.87 -15.28 91.07
N UNK C 2227 76.58 -14.29 91.90
CA UNK C 2227 75.20 -13.94 92.24
C UNK C 2227 74.47 -13.50 90.99
N UNK C 2228 75.16 -12.74 90.14
CA UNK C 2228 74.58 -12.29 88.89
C UNK C 2228 74.28 -13.52 88.04
N UNK C 2229 75.16 -14.51 88.08
CA UNK C 2229 74.96 -15.75 87.34
C UNK C 2229 73.73 -16.50 87.81
N UNK C 2230 73.52 -16.53 89.12
CA UNK C 2230 72.35 -17.17 89.70
C UNK C 2230 71.12 -16.43 89.22
N UNK C 2231 71.22 -15.11 89.18
CA UNK C 2231 70.11 -14.28 88.74
C UNK C 2231 69.79 -14.59 87.29
N UNK C 2232 70.83 -14.78 86.49
CA UNK C 2232 70.67 -15.11 85.08
C UNK C 2232 69.97 -16.45 84.91
N UNK C 2233 70.35 -17.42 85.75
CA UNK C 2233 69.71 -18.72 85.68
C UNK C 2233 68.24 -18.58 86.03
N UNK C 2234 67.97 -17.75 87.02
CA UNK C 2234 66.59 -17.49 87.46
C UNK C 2234 65.79 -16.86 86.34
N UNK C 2235 66.42 -15.93 85.61
CA UNK C 2235 65.80 -15.26 84.47
C UNK C 2235 65.49 -16.23 83.35
N UNK C 2236 66.41 -17.18 83.15
CA UNK C 2236 66.21 -18.23 82.17
C UNK C 2236 65.01 -19.07 82.57
N UNK C 2237 64.89 -19.32 83.87
CA UNK C 2237 63.75 -20.05 84.41
C UNK C 2237 62.47 -19.28 84.16
N UNK C 2238 62.55 -17.97 84.32
CA UNK C 2238 61.42 -17.07 84.09
C UNK C 2238 60.99 -17.12 82.64
N UNK C 2239 61.96 -17.19 81.74
CA UNK C 2239 61.68 -17.26 80.31
C UNK C 2239 62.94 -17.57 79.51
N UNK C 2240 76.48 -1.06 83.08
CA UNK C 2240 75.48 -0.15 82.55
C UNK C 2240 75.74 0.17 81.07
N UNK C 2241 76.01 1.42 80.76
CA UNK C 2241 76.27 1.83 79.38
C UNK C 2241 77.50 1.12 78.85
N UNK C 2242 78.50 0.96 79.72
CA UNK C 2242 79.70 0.20 79.39
C UNK C 2242 79.38 -1.27 79.10
N UNK C 2243 78.45 -1.83 79.87
CA UNK C 2243 78.04 -3.21 79.66
C UNK C 2243 77.43 -3.27 78.27
N UNK C 2244 76.69 -2.23 77.94
CA UNK C 2244 76.06 -2.09 76.63
C UNK C 2244 77.09 -2.03 75.51
N UNK C 2245 78.16 -1.30 75.73
CA UNK C 2245 79.23 -1.22 74.75
C UNK C 2245 79.86 -2.59 74.56
N UNK C 2246 80.03 -3.33 75.65
CA UNK C 2246 80.59 -4.67 75.56
C UNK C 2246 79.68 -5.57 74.74
N UNK C 2247 78.39 -5.44 75.00
CA UNK C 2247 77.41 -6.25 74.28
C UNK C 2247 77.48 -5.91 72.80
N UNK C 2248 77.66 -4.64 72.51
CA UNK C 2248 77.77 -4.13 71.14
C UNK C 2248 78.98 -4.70 70.41
N UNK C 2249 80.11 -4.78 71.12
CA UNK C 2249 81.30 -5.38 70.53
C UNK C 2249 81.00 -6.84 70.24
N UNK C 2250 80.30 -7.46 71.17
CA UNK C 2250 79.98 -8.86 71.04
C UNK C 2250 79.12 -9.02 69.79
N UNK C 2251 78.24 -8.05 69.59
CA UNK C 2251 77.33 -7.96 68.46
C UNK C 2251 78.02 -7.79 67.12
N UNK C 2252 79.08 -6.98 67.08
CA UNK C 2252 79.88 -6.84 65.88
C UNK C 2252 80.52 -8.19 65.58
N UNK C 2253 80.94 -8.85 66.65
CA UNK C 2253 81.55 -10.17 66.53
C UNK C 2253 80.52 -11.09 65.92
N UNK C 2254 79.29 -10.93 66.38
CA UNK C 2254 78.16 -11.72 65.94
C UNK C 2254 77.88 -11.48 64.47
N UNK C 2255 78.01 -10.24 64.02
CA UNK C 2255 77.83 -9.90 62.62
C UNK C 2255 78.89 -10.57 61.76
N UNK C 2256 80.12 -10.58 62.25
CA UNK C 2256 81.18 -11.26 61.51
C UNK C 2256 80.87 -12.76 61.45
N UNK C 2257 80.36 -13.27 62.56
CA UNK C 2257 80.04 -14.67 62.68
C UNK C 2257 78.94 -14.99 61.71
N UNK C 2258 78.03 -14.04 61.57
CA UNK C 2258 76.89 -14.10 60.69
C UNK C 2258 77.30 -14.15 59.24
N UNK C 2259 78.32 -13.36 58.89
CA UNK C 2259 78.90 -13.41 57.57
C UNK C 2259 79.48 -14.81 57.33
N UNK C 2260 80.12 -15.34 58.36
CA UNK C 2260 80.67 -16.68 58.29
C UNK C 2260 79.54 -17.69 58.07
N UNK C 2261 78.42 -17.46 58.74
CA UNK C 2261 77.22 -18.28 58.62
C UNK C 2261 76.63 -18.25 57.22
N UNK C 2262 76.63 -17.06 56.63
CA UNK C 2262 76.13 -16.88 55.27
C UNK C 2262 77.03 -17.67 54.34
N UNK C 2263 78.33 -17.65 54.64
CA UNK C 2263 79.28 -18.41 53.87
C UNK C 2263 79.01 -19.92 53.98
N UNK C 2264 78.72 -20.39 55.19
CA UNK C 2264 78.43 -21.70 55.51
C UNK C 2264 77.21 -21.95 54.85
N UNK C 2265 70.36 -2.26 58.88
CA UNK C 2265 71.74 -2.07 58.45
C UNK C 2265 72.69 -2.47 59.57
N UNK C 2266 73.85 -1.81 59.63
CA UNK C 2266 74.79 -2.10 60.69
C UNK C 2266 74.07 -1.76 61.97
N UNK C 2267 73.32 -0.66 61.92
CA UNK C 2267 72.56 -0.21 63.07
C UNK C 2267 71.54 -1.26 63.45
N UNK C 2268 70.89 -1.87 62.45
CA UNK C 2268 69.90 -2.90 62.72
C UNK C 2268 70.53 -4.12 63.40
N UNK C 2269 71.70 -4.51 62.93
CA UNK C 2269 72.37 -5.67 63.50
C UNK C 2269 72.69 -5.35 64.94
N UNK C 2270 73.13 -4.11 65.16
CA UNK C 2270 73.52 -3.66 66.49
C UNK C 2270 72.34 -3.70 67.43
N UNK C 2271 71.18 -3.29 66.93
CA UNK C 2271 69.91 -3.33 67.68
C UNK C 2271 69.44 -4.75 68.02
N UNK C 2272 69.60 -5.67 67.09
CA UNK C 2272 69.28 -7.06 67.36
C UNK C 2272 70.20 -7.51 68.48
N UNK C 2273 71.45 -7.08 68.38
CA UNK C 2273 72.44 -7.43 69.36
C UNK C 2273 72.02 -6.90 70.71
N UNK C 2274 71.53 -5.67 70.74
CA UNK C 2274 71.11 -5.04 71.97
C UNK C 2274 69.95 -5.77 72.61
N UNK C 2275 68.99 -6.19 71.79
CA UNK C 2275 67.85 -6.88 72.33
C UNK C 2275 68.34 -8.18 72.95
N UNK C 2276 69.25 -8.83 72.24
CA UNK C 2276 69.78 -10.10 72.70
C UNK C 2276 70.51 -9.91 74.03
N UNK C 2277 71.27 -8.85 74.13
CA UNK C 2277 72.02 -8.53 75.34
C UNK C 2277 71.10 -8.28 76.50
N UNK C 2278 70.00 -7.58 76.25
CA UNK C 2278 69.04 -7.30 77.29
C UNK C 2278 68.46 -8.60 77.78
N UNK C 2279 68.17 -9.49 76.84
CA UNK C 2279 67.59 -10.78 77.20
C UNK C 2279 68.58 -11.56 78.06
N UNK C 2280 69.84 -11.49 77.68
CA UNK C 2280 70.90 -12.17 78.41
C UNK C 2280 71.04 -11.63 79.83
N UNK C 2281 70.96 -10.32 79.96
CA UNK C 2281 71.11 -9.70 81.26
C UNK C 2281 69.97 -10.22 82.09
N UNK C 2282 68.79 -10.29 81.49
CA UNK C 2282 67.64 -10.87 82.15
C UNK C 2282 67.74 -12.37 81.99
N UNK C 2283 75.01 -12.05 82.54
CA UNK C 2283 75.30 -12.82 81.33
C UNK C 2283 76.64 -12.42 80.74
N UNK C 2284 77.38 -11.57 81.44
CA UNK C 2284 78.69 -11.14 80.98
C UNK C 2284 79.64 -12.32 80.90
N UNK C 2285 79.54 -13.22 81.88
CA UNK C 2285 80.36 -14.43 81.91
C UNK C 2285 80.04 -15.33 80.72
N UNK C 2286 78.76 -15.42 80.37
CA UNK C 2286 78.33 -16.19 79.22
C UNK C 2286 78.90 -15.57 77.95
N UNK C 2287 78.92 -14.25 77.90
CA UNK C 2287 79.47 -13.53 76.77
C UNK C 2287 80.96 -13.86 76.66
N UNK C 2288 81.63 -13.93 77.80
CA UNK C 2288 83.04 -14.30 77.86
C UNK C 2288 83.31 -15.74 77.39
N UNK C 2289 82.42 -16.65 77.72
CA UNK C 2289 82.52 -18.03 77.24
C UNK C 2289 82.35 -18.04 75.73
N UNK C 2290 81.43 -17.21 75.27
CA UNK C 2290 81.16 -17.07 73.85
C UNK C 2290 82.43 -16.56 73.19
N UNK C 2291 83.10 -15.67 73.89
CA UNK C 2291 84.38 -15.08 73.48
C UNK C 2291 85.48 -16.12 73.37
N UNK C 2292 85.52 -17.07 74.30
CA UNK C 2292 86.46 -18.18 74.23
C UNK C 2292 86.17 -19.01 73.00
N UNK C 2293 84.88 -19.22 72.75
CA UNK C 2293 84.45 -19.97 71.58
C UNK C 2293 84.89 -19.24 70.32
N UNK C 2294 84.81 -17.92 70.38
CA UNK C 2294 85.21 -17.00 69.33
C UNK C 2294 86.70 -17.04 69.05
N UNK C 2295 87.49 -17.20 70.11
CA UNK C 2295 88.93 -17.38 70.01
C UNK C 2295 89.18 -18.69 69.28
N UNK C 2296 88.37 -19.67 69.62
CA UNK C 2296 88.45 -20.96 68.96
C UNK C 2296 88.16 -20.74 67.48
N UNK C 2297 87.19 -19.90 67.21
CA UNK C 2297 86.78 -19.54 65.86
C UNK C 2297 87.90 -18.84 65.09
N UNK C 2298 88.62 -17.95 65.75
CA UNK C 2298 89.76 -17.27 65.15
C UNK C 2298 90.83 -18.28 64.81
N UNK C 2299 91.01 -19.25 65.70
CA UNK C 2299 91.97 -20.32 65.49
C UNK C 2299 91.58 -21.13 64.26
N UNK C 2300 90.27 -21.37 64.13
CA UNK C 2300 89.70 -22.09 62.99
C UNK C 2300 89.93 -21.32 61.69
N UNK C 2301 89.81 -19.99 61.77
CA UNK C 2301 90.07 -19.13 60.63
C UNK C 2301 91.53 -19.27 60.24
N UNK C 2302 92.40 -19.33 61.24
CA UNK C 2302 93.82 -19.49 61.01
C UNK C 2302 94.06 -20.83 60.31
N UNK C 2303 93.34 -21.86 60.74
CA UNK C 2303 93.42 -23.18 60.13
C UNK C 2303 92.98 -23.18 58.67
N UNK C 2304 103.81 -22.66 52.33
CA UNK C 2304 102.53 -23.28 52.02
C UNK C 2304 101.43 -22.75 52.92
N UNK C 2305 101.32 -23.34 54.11
CA UNK C 2305 100.27 -22.97 55.04
C UNK C 2305 100.41 -21.52 55.42
N UNK C 2306 101.64 -21.07 55.63
CA UNK C 2306 101.89 -19.67 55.96
C UNK C 2306 101.45 -18.76 54.83
N UNK C 2307 101.69 -19.18 53.59
CA UNK C 2307 101.30 -18.39 52.44
C UNK C 2307 99.79 -18.27 52.40
N UNK C 2308 99.12 -19.37 52.70
CA UNK C 2308 97.66 -19.38 52.70
C UNK C 2308 97.17 -18.43 53.76
N UNK C 2309 97.85 -18.45 54.90
CA UNK C 2309 97.48 -17.61 56.03
C UNK C 2309 97.62 -16.16 55.61
N UNK C 2310 98.69 -15.86 54.90
CA UNK C 2310 98.94 -14.51 54.44
C UNK C 2310 97.85 -14.04 53.48
N UNK C 2311 97.44 -14.93 52.57
CA UNK C 2311 96.38 -14.56 51.63
C UNK C 2311 95.09 -14.29 52.39
N UNK C 2312 94.82 -15.12 53.37
CA UNK C 2312 93.61 -14.98 54.16
C UNK C 2312 93.63 -13.65 54.89
N UNK C 2313 94.81 -13.30 55.39
CA UNK C 2313 95.00 -12.05 56.10
C UNK C 2313 94.77 -10.86 55.19
N UNK C 2314 95.27 -10.96 53.96
CA UNK C 2314 95.11 -9.88 53.02
C UNK C 2314 93.62 -9.73 52.80
N UNK C 2315 92.93 -10.86 52.70
CA UNK C 2315 91.49 -10.85 52.49
C UNK C 2315 90.74 -10.21 53.65
N UNK C 2316 91.17 -10.51 54.87
CA UNK C 2316 90.56 -9.94 56.06
C UNK C 2316 90.75 -8.43 56.06
N UNK C 2317 91.94 -8.00 55.66
CA UNK C 2317 92.23 -6.58 55.58
C UNK C 2317 91.30 -5.94 54.55
N UNK C 2318 86.59 -7.76 58.63
CA UNK C 2318 87.00 -9.15 58.50
C UNK C 2318 88.20 -9.44 59.39
N UNK C 2319 89.38 -9.17 58.84
CA UNK C 2319 90.61 -9.28 59.62
C UNK C 2319 90.46 -8.29 60.74
N UNK C 2320 89.87 -7.15 60.41
CA UNK C 2320 89.63 -6.11 61.40
C UNK C 2320 88.73 -6.70 62.46
N UNK C 2321 87.76 -7.48 62.02
CA UNK C 2321 86.80 -8.08 62.94
C UNK C 2321 87.52 -9.00 63.91
N UNK C 2322 88.46 -9.79 63.41
CA UNK C 2322 89.26 -10.70 64.22
C UNK C 2322 90.12 -9.95 65.25
N UNK C 2323 90.69 -8.83 64.82
CA UNK C 2323 91.44 -7.98 65.74
C UNK C 2323 90.54 -7.42 66.85
N UNK C 2324 89.32 -7.06 66.45
CA UNK C 2324 88.33 -6.55 67.36
C UNK C 2324 88.00 -7.65 68.36
N UNK C 2325 87.97 -8.88 67.88
CA UNK C 2325 87.73 -10.07 68.69
C UNK C 2325 88.84 -10.26 69.71
N UNK C 2326 90.07 -10.04 69.29
CA UNK C 2326 91.20 -10.10 70.21
C UNK C 2326 91.04 -9.04 71.27
N UNK C 2327 90.56 -7.86 70.87
CA UNK C 2327 90.32 -6.77 71.81
C UNK C 2327 89.26 -7.15 72.83
N UNK C 2328 88.22 -7.83 72.36
CA UNK C 2328 87.14 -8.32 73.22
C UNK C 2328 87.66 -9.36 74.19
N UNK C 2329 88.59 -10.18 73.72
CA UNK C 2329 89.24 -11.18 74.54
C UNK C 2329 90.00 -10.50 75.67
N UNK C 2330 90.65 -9.40 75.31
CA UNK C 2330 91.36 -8.59 76.28
C UNK C 2330 90.40 -8.01 77.31
N UNK C 2331 89.22 -7.59 76.83
CA UNK C 2331 88.19 -7.07 77.70
C UNK C 2331 87.74 -8.15 78.67
N UNK C 2332 87.64 -9.37 78.16
CA UNK C 2332 87.29 -10.52 78.97
C UNK C 2332 88.34 -10.81 80.03
N UNK C 2333 89.60 -10.65 79.66
CA UNK C 2333 90.71 -10.84 80.58
C UNK C 2333 90.57 -9.81 81.69
N UNK C 2334 90.21 -8.60 81.29
CA UNK C 2334 89.96 -7.53 82.23
C UNK C 2334 88.74 -7.85 83.08
N UNK C 2335 85.34 -23.60 85.09
CA UNK C 2335 85.36 -22.14 85.19
C UNK C 2335 86.75 -21.60 84.86
N UNK C 2336 87.53 -21.33 85.90
CA UNK C 2336 88.88 -20.82 85.70
C UNK C 2336 89.76 -21.82 84.96
N UNK C 2337 89.66 -23.09 85.33
CA UNK C 2337 90.45 -24.14 84.69
C UNK C 2337 90.12 -24.30 83.22
N UNK C 2338 88.83 -24.24 82.91
CA UNK C 2338 88.37 -24.34 81.54
C UNK C 2338 88.89 -23.14 80.78
N UNK C 2339 88.85 -22.00 81.45
CA UNK C 2339 89.28 -20.76 80.84
C UNK C 2339 90.74 -20.89 80.48
N UNK C 2340 91.50 -21.53 81.38
CA UNK C 2340 92.92 -21.84 81.22
C UNK C 2340 93.28 -22.84 80.11
N UNK C 2341 92.45 -23.85 79.91
CA UNK C 2341 92.63 -24.76 78.79
C UNK C 2341 92.44 -23.92 77.54
N UNK C 2342 91.48 -23.02 77.65
CA UNK C 2342 91.13 -22.09 76.59
C UNK C 2342 92.33 -21.23 76.31
N UNK C 2343 93.03 -20.89 77.39
CA UNK C 2343 94.25 -20.12 77.43
C UNK C 2343 95.44 -20.80 76.76
N UNK C 2344 95.55 -22.12 76.90
CA UNK C 2344 96.51 -22.90 76.13
C UNK C 2344 96.16 -22.81 74.64
N UNK C 2345 94.86 -22.88 74.36
CA UNK C 2345 94.40 -22.74 72.99
C UNK C 2345 94.83 -21.37 72.52
N UNK C 2346 94.73 -20.41 73.42
CA UNK C 2346 95.06 -19.02 73.21
C UNK C 2346 96.54 -18.80 72.90
N UNK C 2347 97.41 -19.55 73.57
CA UNK C 2347 98.84 -19.52 73.30
C UNK C 2347 99.12 -20.02 71.89
N UNK C 2348 98.40 -21.07 71.52
CA UNK C 2348 98.55 -21.57 70.16
C UNK C 2348 98.11 -20.47 69.20
N UNK C 2349 97.04 -19.79 69.58
CA UNK C 2349 96.46 -18.72 68.77
C UNK C 2349 97.46 -17.61 68.64
N UNK C 2350 98.19 -17.32 69.72
CA UNK C 2350 99.16 -16.27 69.74
C UNK C 2350 100.25 -16.57 68.74
N UNK C 2351 100.73 -17.82 68.72
CA UNK C 2351 101.77 -18.13 67.75
C UNK C 2351 101.25 -17.94 66.32
N UNK C 2352 100.03 -18.42 66.08
CA UNK C 2352 99.48 -18.35 64.74
C UNK C 2352 99.33 -16.89 64.32
N UNK C 2353 98.92 -16.09 65.31
CA UNK C 2353 98.65 -14.68 65.18
C UNK C 2353 99.92 -13.92 64.84
N UNK C 2354 101.02 -14.29 65.49
CA UNK C 2354 102.28 -13.65 65.20
C UNK C 2354 102.59 -13.93 63.75
N UNK C 2355 102.38 -15.18 63.33
CA UNK C 2355 102.71 -15.50 61.95
C UNK C 2355 101.87 -14.63 61.02
N UNK C 2356 100.59 -14.52 61.33
CA UNK C 2356 99.67 -13.77 60.49
C UNK C 2356 100.04 -12.30 60.42
N UNK C 2357 100.43 -11.73 61.56
CA UNK C 2357 100.81 -10.33 61.63
C UNK C 2357 102.04 -10.06 60.81
N UNK C 2358 103.01 -10.97 60.87
CA UNK C 2358 104.22 -10.75 60.09
C UNK C 2358 103.83 -10.76 58.63
N UNK C 2359 102.97 -11.71 58.28
CA UNK C 2359 102.58 -11.84 56.87
C UNK C 2359 101.87 -10.57 56.42
N UNK C 2360 101.01 -10.07 57.29
CA UNK C 2360 100.22 -8.89 57.00
C UNK C 2360 101.10 -7.68 56.79
N UNK C 2361 102.11 -7.52 57.63
CA UNK C 2361 103.01 -6.39 57.52
C UNK C 2361 103.71 -6.49 56.18
N UNK C 2362 104.14 -7.70 55.83
CA UNK C 2362 104.85 -7.85 54.57
C UNK C 2362 103.94 -7.48 53.41
N UNK C 2363 102.69 -7.92 53.50
CA UNK C 2363 101.72 -7.66 52.45
C UNK C 2363 101.47 -6.17 52.30
N UNK C 2364 101.35 -5.48 53.42
CA UNK C 2364 101.10 -4.05 53.41
C UNK C 2364 102.27 -3.34 52.76
N UNK C 2365 103.47 -3.80 53.09
CA UNK C 2365 104.68 -3.22 52.52
C UNK C 2365 104.71 -3.42 51.01
N UNK C 2366 104.31 -4.61 50.57
CA UNK C 2366 104.22 -4.88 49.15
C UNK C 2366 102.83 -4.48 48.65
N UNK C 2367 96.00 4.66 56.26
CA UNK C 2367 94.84 4.05 55.60
C UNK C 2367 94.50 2.70 56.24
N UNK C 2368 94.03 1.76 55.44
CA UNK C 2368 93.64 0.46 55.96
C UNK C 2368 94.85 -0.23 56.58
N UNK C 2369 95.97 -0.16 55.90
CA UNK C 2369 97.19 -0.80 56.37
C UNK C 2369 97.62 -0.20 57.71
N UNK C 2370 97.52 1.12 57.81
CA UNK C 2370 97.87 1.83 59.03
C UNK C 2370 96.96 1.41 60.19
N UNK C 2371 95.67 1.27 59.88
CA UNK C 2371 94.71 0.88 60.90
C UNK C 2371 95.08 -0.51 61.38
N UNK C 2372 95.47 -1.36 60.43
CA UNK C 2372 95.85 -2.72 60.75
C UNK C 2372 97.07 -2.74 61.65
N UNK C 2373 98.05 -1.89 61.36
CA UNK C 2373 99.25 -1.82 62.18
C UNK C 2373 98.92 -1.37 63.60
N UNK C 2374 98.02 -0.39 63.71
CA UNK C 2374 97.62 0.10 65.02
C UNK C 2374 96.95 -1.03 65.80
N UNK C 2375 96.11 -1.78 65.10
CA UNK C 2375 95.40 -2.88 65.71
C UNK C 2375 96.39 -3.92 66.20
N UNK C 2376 97.43 -4.17 65.41
CA UNK C 2376 98.47 -5.12 65.75
C UNK C 2376 99.23 -4.69 67.00
N UNK C 2377 99.52 -3.40 67.10
CA UNK C 2377 100.19 -2.89 68.29
C UNK C 2377 99.30 -3.09 69.51
N UNK C 2378 98.02 -2.83 69.32
CA UNK C 2378 97.06 -2.99 70.40
C UNK C 2378 97.06 -4.44 70.83
N UNK C 2379 97.13 -5.33 69.84
CA UNK C 2379 97.13 -6.77 70.06
C UNK C 2379 98.35 -7.21 70.84
N UNK C 2380 99.51 -6.64 70.52
CA UNK C 2380 100.72 -6.96 71.26
C UNK C 2380 100.60 -6.52 72.71
N UNK C 2381 100.00 -5.35 72.91
CA UNK C 2381 99.81 -4.85 74.26
C UNK C 2381 98.88 -5.80 75.02
N UNK C 2382 97.85 -6.27 74.33
CA UNK C 2382 96.87 -7.16 74.90
C UNK C 2382 97.55 -8.46 75.29
N UNK C 2383 98.46 -8.92 74.45
CA UNK C 2383 99.21 -10.15 74.69
C UNK C 2383 100.07 -10.00 75.93
N UNK C 2384 100.71 -8.85 76.08
CA UNK C 2384 101.52 -8.61 77.26
C UNK C 2384 100.63 -8.65 78.51
N UNK C 2385 99.46 -8.04 78.40
CA UNK C 2385 98.53 -8.01 79.53
C UNK C 2385 98.10 -9.42 79.89
N UNK C 2386 97.85 -10.23 78.88
CA UNK C 2386 97.44 -11.62 79.06
C UNK C 2386 98.53 -12.43 79.73
N UNK C 2387 99.77 -12.18 79.33
CA UNK C 2387 100.89 -12.89 79.93
C UNK C 2387 100.94 -12.52 81.40
N UNK C 2388 100.71 -11.24 81.68
CA UNK C 2388 100.72 -10.76 83.06
C UNK C 2388 99.62 -11.45 83.87
N UNK C 2389 98.44 -11.59 83.27
CA UNK C 2389 97.33 -12.25 83.93
C UNK C 2389 97.64 -13.71 84.23
N UNK C 2390 98.28 -14.38 83.27
CA UNK C 2390 98.63 -15.78 83.43
C UNK C 2390 99.60 -15.88 84.59
N UNK C 2391 100.51 -14.92 84.65
CA UNK C 2391 101.45 -14.80 85.75
C UNK C 2391 100.78 -14.06 86.89
N UNK C 2392 97.97 -25.77 82.27
CA UNK C 2392 98.22 -26.74 81.22
C UNK C 2392 99.70 -26.92 81.00
N UNK C 2393 100.32 -27.82 81.77
CA UNK C 2393 101.71 -28.19 81.53
C UNK C 2393 101.96 -28.95 80.22
N UNK C 2394 101.09 -29.93 79.94
CA UNK C 2394 101.13 -30.69 78.68
C UNK C 2394 100.78 -29.81 77.49
N UNK C 2395 99.79 -28.97 77.73
CA UNK C 2395 99.33 -28.02 76.74
C UNK C 2395 100.52 -27.13 76.48
N UNK C 2396 101.23 -26.82 77.55
CA UNK C 2396 102.39 -25.94 77.52
C UNK C 2396 103.49 -26.53 76.67
N UNK C 2397 103.74 -27.82 76.81
CA UNK C 2397 104.74 -28.50 75.98
C UNK C 2397 104.36 -28.45 74.50
N UNK C 2398 103.08 -28.68 74.22
CA UNK C 2398 102.63 -28.61 72.83
C UNK C 2398 102.84 -27.20 72.29
N UNK C 2399 102.53 -26.22 73.16
CA UNK C 2399 102.63 -24.82 72.82
C UNK C 2399 104.07 -24.47 72.52
N UNK C 2400 104.97 -25.06 73.30
CA UNK C 2400 106.41 -24.91 73.15
C UNK C 2400 106.92 -25.46 71.82
N UNK C 2401 106.41 -26.61 71.41
CA UNK C 2401 106.77 -27.13 70.09
C UNK C 2401 106.29 -26.15 69.02
N UNK C 2402 105.10 -25.62 69.24
CA UNK C 2402 104.50 -24.67 68.31
C UNK C 2402 105.39 -23.44 68.22
N UNK C 2403 105.89 -23.05 69.37
CA UNK C 2403 106.77 -21.91 69.54
C UNK C 2403 108.09 -22.11 68.82
N UNK C 2404 108.61 -23.32 68.88
CA UNK C 2404 109.84 -23.65 68.15
C UNK C 2404 109.57 -23.47 66.66
N UNK C 2405 108.41 -23.95 66.21
CA UNK C 2405 108.08 -23.79 64.80
C UNK C 2405 108.00 -22.30 64.44
N UNK C 2406 107.39 -21.54 65.34
CA UNK C 2406 107.23 -20.11 65.14
C UNK C 2406 108.58 -19.40 65.08
N UNK C 2407 109.51 -19.83 65.92
CA UNK C 2407 110.84 -19.27 65.96
C UNK C 2407 111.56 -19.53 64.65
N UNK C 2408 111.40 -20.75 64.13
CA UNK C 2408 112.03 -21.07 62.86
C UNK C 2408 111.45 -20.14 61.80
N UNK C 2409 110.14 -19.94 61.87
CA UNK C 2409 109.45 -19.07 60.92
C UNK C 2409 109.93 -17.62 60.99
N UNK C 2410 110.17 -17.15 62.22
CA UNK C 2410 110.67 -15.81 62.46
C UNK C 2410 112.07 -15.67 61.87
N UNK C 2411 112.88 -16.71 62.02
CA UNK C 2411 114.22 -16.70 61.48
C UNK C 2411 114.12 -16.57 59.97
N UNK C 2412 113.15 -17.31 59.42
CA UNK C 2412 112.86 -17.21 58.00
C UNK C 2412 112.73 -15.74 57.57
N UNK C 2413 108.77 -6.00 67.17
CA UNK C 2413 108.94 -6.43 68.56
C UNK C 2413 108.34 -7.81 68.78
N UNK C 2414 107.95 -8.44 67.68
CA UNK C 2414 107.33 -9.76 67.76
C UNK C 2414 108.30 -10.77 68.36
N UNK C 2415 109.56 -10.71 67.93
CA UNK C 2415 110.57 -11.64 68.43
C UNK C 2415 110.78 -11.44 69.93
N UNK C 2416 110.79 -10.18 70.36
CA UNK C 2416 110.94 -9.87 71.77
C UNK C 2416 109.77 -10.41 72.57
N UNK C 2417 108.58 -10.26 71.99
CA UNK C 2417 107.38 -10.74 72.64
C UNK C 2417 107.48 -12.23 72.80
N UNK C 2418 107.99 -12.89 71.76
CA UNK C 2418 108.15 -14.33 71.78
C UNK C 2418 109.13 -14.77 72.85
N UNK C 2419 110.22 -14.03 72.98
CA UNK C 2419 111.21 -14.34 74.00
C UNK C 2419 110.58 -14.21 75.38
N UNK C 2420 109.78 -13.17 75.55
CA UNK C 2420 109.13 -12.91 76.82
C UNK C 2420 108.17 -14.06 77.14
N UNK C 2421 107.45 -14.51 76.12
CA UNK C 2421 106.50 -15.60 76.29
C UNK C 2421 107.24 -16.86 76.68
N UNK C 2422 108.38 -17.09 76.06
CA UNK C 2422 109.18 -18.26 76.35
C UNK C 2422 109.62 -18.22 77.80
N UNK C 2423 110.02 -17.03 78.25
CA UNK C 2423 110.43 -16.84 79.64
C UNK C 2423 109.31 -17.09 80.62
N UNK C 2424 108.11 -16.63 80.28
CA UNK C 2424 106.95 -16.85 81.12
C UNK C 2424 106.68 -18.33 81.21
N UNK C 2425 106.84 -19.00 80.07
CA UNK C 2425 106.63 -20.42 79.97
C UNK C 2425 107.61 -21.12 80.88
N UNK C 2426 108.83 -20.64 80.87
CA UNK C 2426 109.89 -21.20 81.70
C UNK C 2426 109.55 -21.04 83.17
N UNK C 2427 109.03 -19.88 83.55
CA UNK C 2427 108.65 -19.67 84.95
C UNK C 2427 107.54 -20.64 85.34
N UNK C 2428 106.59 -20.81 84.43
CA UNK C 2428 105.47 -21.69 84.70
C UNK C 2428 105.98 -23.12 84.87
N UNK C 2429 106.94 -23.47 84.02
CA UNK C 2429 107.56 -24.79 84.03
C UNK C 2429 108.28 -25.03 85.34
N UNK C 2430 108.97 -24.01 85.83
CA UNK C 2430 109.67 -24.12 87.10
C UNK C 2430 108.66 -24.37 88.19
N UNK C 2431 107.53 -23.65 88.13
CA UNK C 2431 106.49 -23.85 89.13
C UNK C 2431 105.95 -25.27 89.08
N UNK C 2432 105.77 -25.78 87.86
CA UNK C 2432 105.25 -27.13 87.66
C UNK C 2432 106.22 -28.15 88.22
N UNK C 2433 107.51 -27.88 88.02
CA UNK C 2433 108.58 -28.74 88.52
C UNK C 2433 108.57 -28.76 90.05
N UNK C 2434 108.33 -27.60 90.65
CA UNK C 2434 108.25 -27.53 92.09
C UNK C 2434 107.08 -28.37 92.55
N UNK C 2435 105.98 -28.29 91.80
CA UNK C 2435 104.80 -29.08 92.12
C UNK C 2435 105.09 -30.57 92.04
N UNK C 2436 105.84 -30.97 91.02
CA UNK C 2436 106.21 -32.37 90.84
C UNK C 2436 107.08 -32.84 91.98
N UNK C 2437 107.99 -31.98 92.42
CA UNK C 2437 108.89 -32.29 93.52
C UNK C 2437 108.06 -32.51 94.79
N UNK C 2438 108.98 -40.76 87.31
CA UNK C 2438 107.57 -40.59 87.60
C UNK C 2438 106.91 -39.73 86.55
N UNK C 2439 105.56 -38.58 86.84
CA UNK C 2439 104.88 -37.66 85.95
C UNK C 2439 105.80 -36.47 85.82
N UNK C 2440 106.41 -36.12 86.95
CA UNK C 2440 107.37 -35.05 86.98
C UNK C 2440 108.52 -35.41 86.06
N UNK C 2441 108.91 -36.69 86.05
CA UNK C 2441 110.01 -37.14 85.21
C UNK C 2441 109.71 -36.97 83.72
N UNK C 2442 108.49 -37.29 83.32
CA UNK C 2442 108.04 -37.10 81.95
C UNK C 2442 108.04 -35.62 81.59
N UNK C 2443 107.58 -34.82 82.54
CA UNK C 2443 107.50 -33.39 82.31
C UNK C 2443 108.92 -32.95 82.06
N UNK C 2444 109.84 -33.51 82.83
CA UNK C 2444 111.25 -33.20 82.75
C UNK C 2444 111.88 -33.57 81.39
N UNK C 2445 111.52 -34.72 80.86
CA UNK C 2445 112.01 -35.10 79.53
C UNK C 2445 111.50 -34.12 78.48
N UNK C 2446 110.22 -33.75 78.61
CA UNK C 2446 109.64 -32.81 77.67
C UNK C 2446 110.39 -31.50 77.77
N UNK C 2447 110.70 -31.14 79.00
CA UNK C 2447 111.39 -29.90 79.32
C UNK C 2447 112.76 -29.90 78.70
N UNK C 2448 113.43 -31.05 78.74
CA UNK C 2448 114.74 -31.23 78.13
C UNK C 2448 114.68 -31.04 76.63
N UNK C 2449 113.66 -31.58 75.98
CA UNK C 2449 113.53 -31.36 74.54
C UNK C 2449 113.33 -29.87 74.27
N UNK C 2450 112.51 -29.25 75.11
CA UNK C 2450 112.18 -27.85 74.96
C UNK C 2450 113.45 -27.04 75.10
N UNK C 2451 114.29 -27.47 76.05
CA UNK C 2451 115.56 -26.86 76.37
C UNK C 2451 116.56 -26.95 75.24
N UNK C 2452 116.60 -28.09 74.56
CA UNK C 2452 117.47 -28.20 73.39
C UNK C 2452 117.01 -27.20 72.34
N UNK C 2453 115.69 -27.11 72.18
CA UNK C 2453 115.16 -26.17 71.21
C UNK C 2453 115.57 -24.74 71.60
N UNK C 2454 115.49 -24.47 72.90
CA UNK C 2454 115.81 -23.16 73.45
C UNK C 2454 117.27 -22.81 73.23
N UNK C 2455 118.16 -23.80 73.38
CA UNK C 2455 119.57 -23.60 73.15
C UNK C 2455 119.81 -23.25 71.69
N UNK C 2456 119.10 -23.94 70.80
CA UNK C 2456 119.24 -23.63 69.38
C UNK C 2456 118.80 -22.19 69.15
N UNK C 2457 117.72 -21.80 69.80
CA UNK C 2457 117.18 -20.46 69.68
C UNK C 2457 118.17 -19.40 70.18
N UNK C 2458 118.84 -19.71 71.29
CA UNK C 2458 119.84 -18.85 71.88
C UNK C 2458 121.01 -18.67 70.93
N UNK C 2459 121.39 -19.76 70.29
CA UNK C 2459 122.48 -19.72 69.33
C UNK C 2459 122.07 -18.79 68.19
N UNK C 2460 120.81 -18.90 67.80
CA UNK C 2460 120.27 -18.03 66.76
C UNK C 2460 120.25 -16.54 67.14
N UNK C 2461 119.91 -16.28 68.40
CA UNK C 2461 119.77 -14.92 68.92
C UNK C 2461 120.78 -13.93 68.37
N UNK C 2462 117.09 -10.09 74.88
CA UNK C 2462 116.96 -8.90 75.70
C UNK C 2462 117.06 -9.26 77.18
N UNK C 2463 116.37 -8.52 78.02
CA UNK C 2463 116.35 -8.79 79.45
C UNK C 2463 115.74 -10.17 79.62
N UNK C 2464 114.74 -10.44 78.78
CA UNK C 2464 114.11 -11.74 78.74
C UNK C 2464 115.16 -12.77 78.35
N UNK C 2465 116.03 -12.40 77.42
CA UNK C 2465 117.09 -13.30 76.98
C UNK C 2465 118.02 -13.67 78.12
N UNK C 2466 118.37 -12.67 78.94
CA UNK C 2466 119.21 -12.89 80.11
C UNK C 2466 118.52 -13.80 81.12
N UNK C 2467 117.22 -13.59 81.28
CA UNK C 2467 116.45 -14.40 82.21
C UNK C 2467 116.48 -15.84 81.70
N UNK C 2468 116.38 -16.00 80.40
CA UNK C 2468 116.41 -17.30 79.75
C UNK C 2468 117.75 -17.98 79.96
N UNK C 2469 118.82 -17.22 79.87
CA UNK C 2469 120.15 -17.76 80.11
C UNK C 2469 120.24 -18.25 81.54
N UNK C 2470 119.68 -17.47 82.46
CA UNK C 2470 119.69 -17.84 83.86
C UNK C 2470 118.92 -19.14 84.07
N UNK C 2471 117.79 -19.25 83.39
CA UNK C 2471 116.96 -20.43 83.47
C UNK C 2471 117.72 -21.63 82.96
N UNK C 2472 118.46 -21.43 81.87
CA UNK C 2472 119.25 -22.49 81.27
C UNK C 2472 120.31 -22.96 82.24
N UNK C 2473 120.95 -22.02 82.93
CA UNK C 2473 121.97 -22.37 83.91
C UNK C 2473 121.35 -23.18 85.04
N UNK C 2474 120.16 -22.77 85.47
CA UNK C 2474 119.48 -23.47 86.54
C UNK C 2474 119.17 -24.88 86.10
N UNK C 2475 118.76 -25.02 84.85
CA UNK C 2475 118.44 -26.31 84.26
C UNK C 2475 119.65 -27.22 84.18
N UNK C 2476 120.79 -26.64 83.83
CA UNK C 2476 122.03 -27.39 83.78
C UNK C 2476 122.35 -27.88 85.17
N UNK C 2477 122.12 -27.02 86.15
CA UNK C 2477 122.37 -27.39 87.53
C UNK C 2477 121.47 -28.56 87.94
N UNK C 2478 120.22 -28.49 87.50
CA UNK C 2478 119.26 -29.56 87.77
C UNK C 2478 119.70 -30.88 87.14
N UNK C 2479 120.22 -30.81 85.93
CA UNK C 2479 120.68 -32.01 85.24
C UNK C 2479 121.93 -31.72 84.41
N UNK C 2480 113.27 -40.43 75.68
CA UNK C 2480 114.35 -39.50 75.93
C UNK C 2480 114.01 -38.12 75.43
N UNK C 2481 113.33 -37.34 76.25
CA UNK C 2481 112.91 -36.00 75.84
C UNK C 2481 114.13 -35.14 75.55
N UNK C 2482 115.13 -35.24 76.41
CA UNK C 2482 116.36 -34.50 76.22
C UNK C 2482 117.04 -34.94 74.93
N UNK C 2483 117.01 -36.24 74.67
CA UNK C 2483 117.63 -36.78 73.47
C UNK C 2483 116.95 -36.23 72.23
N UNK C 2484 115.63 -36.15 72.27
CA UNK C 2484 114.85 -35.59 71.17
C UNK C 2484 115.18 -34.12 70.96
N UNK C 2485 115.33 -33.40 72.07
CA UNK C 2485 115.65 -31.99 71.99
C UNK C 2485 117.00 -31.84 71.33
N UNK C 2486 117.90 -32.74 71.70
CA UNK C 2486 119.25 -32.77 71.15
C UNK C 2486 119.22 -33.04 69.65
N UNK C 2487 118.36 -33.95 69.23
CA UNK C 2487 118.20 -34.26 67.81
C UNK C 2487 117.67 -33.04 67.04
N UNK C 2488 116.74 -32.32 67.65
CA UNK C 2488 116.21 -31.12 67.02
C UNK C 2488 117.31 -30.10 66.88
N UNK C 2489 118.13 -29.99 67.93
CA UNK C 2489 119.23 -29.06 67.94
C UNK C 2489 120.19 -29.42 66.82
N UNK C 2490 120.40 -30.72 66.63
CA UNK C 2490 121.26 -31.25 65.58
C UNK C 2490 120.75 -30.92 64.19
N UNK C 2491 119.45 -31.03 63.99
CA UNK C 2491 118.89 -30.67 62.71
C UNK C 2491 119.16 -29.19 62.48
N UNK C 2492 118.97 -28.41 63.53
CA UNK C 2492 119.17 -26.97 63.44
C UNK C 2492 120.61 -26.65 63.08
N UNK C 2493 121.55 -27.38 63.69
CA UNK C 2493 122.97 -27.20 63.45
C UNK C 2493 123.34 -27.57 62.01
N UNK C 2494 122.74 -28.62 61.50
CA UNK C 2494 122.99 -29.04 60.14
C UNK C 2494 122.53 -27.92 59.23
N UNK C 2495 121.39 -27.35 59.55
CA UNK C 2495 120.85 -26.24 58.76
C UNK C 2495 121.80 -25.05 58.80
N UNK C 2496 122.35 -24.78 59.98
CA UNK C 2496 123.27 -23.67 60.18
C UNK C 2496 124.53 -23.85 59.35
N UNK C 2497 124.99 -25.10 59.29
CA UNK C 2497 126.21 -25.45 58.57
C UNK C 2497 126.32 -24.71 57.23
N UNK C 2498 130.36 -24.71 66.42
CA UNK C 2498 129.84 -23.75 67.39
C UNK C 2498 129.52 -24.41 68.72
N UNK C 2499 129.19 -23.59 69.73
CA UNK C 2499 128.91 -24.09 71.07
C UNK C 2499 127.71 -25.02 71.07
N UNK C 2500 126.68 -24.64 70.31
CA UNK C 2500 125.49 -25.46 70.18
C UNK C 2500 125.86 -26.80 69.56
N UNK C 2501 126.75 -26.76 68.57
CA UNK C 2501 127.21 -27.97 67.91
C UNK C 2501 127.93 -28.88 68.89
N UNK C 2502 128.73 -28.27 69.76
CA UNK C 2502 129.44 -28.99 70.81
C UNK C 2502 128.47 -29.63 71.79
N UNK C 2503 127.41 -28.91 72.12
CA UNK C 2503 126.38 -29.44 73.00
C UNK C 2503 125.73 -30.64 72.33
N UNK C 2504 125.53 -30.54 71.03
CA UNK C 2504 124.95 -31.61 70.23
C UNK C 2504 125.85 -32.84 70.26
N UNK C 2505 127.16 -32.61 70.17
CA UNK C 2505 128.14 -33.70 70.25
C UNK C 2505 128.11 -34.38 71.62
N UNK C 2506 127.96 -33.57 72.66
CA UNK C 2506 127.86 -34.10 74.02
C UNK C 2506 126.62 -34.97 74.09
N UNK C 2507 125.56 -34.50 73.46
CA UNK C 2507 124.29 -35.21 73.42
C UNK C 2507 124.46 -36.54 72.70
N UNK C 2508 125.24 -36.54 71.63
CA UNK C 2508 125.54 -37.74 70.87
C UNK C 2508 126.31 -38.75 71.73
N UNK C 2509 127.25 -38.25 72.51
CA UNK C 2509 127.99 -39.12 73.42
C UNK C 2509 127.03 -39.72 74.45
N UNK C 2510 126.12 -38.88 74.92
CA UNK C 2510 125.15 -39.29 75.91
C UNK C 2510 124.30 -40.39 75.30
N UNK C 2511 123.98 -40.21 74.02
CA UNK C 2511 123.19 -41.15 73.24
C UNK C 2511 123.89 -42.49 73.10
N UNK C 2512 125.19 -42.47 72.85
CA UNK C 2512 125.95 -43.70 72.77
C UNK C 2512 125.89 -44.41 74.12
N UNK C 2513 126.00 -43.62 75.18
CA UNK C 2513 125.93 -44.18 76.53
C UNK C 2513 124.56 -44.82 76.78
N UNK C 2514 123.52 -44.16 76.30
CA UNK C 2514 122.15 -44.63 76.42
C UNK C 2514 121.97 -45.93 75.66
N UNK C 2515 122.58 -46.01 74.49
CA UNK C 2515 122.50 -47.20 73.68
C UNK C 2515 123.16 -48.33 74.44
N UNK C 2516 124.28 -48.02 75.08
CA UNK C 2516 124.99 -49.02 75.87
C UNK C 2516 124.11 -49.50 77.01
N UNK C 2517 123.42 -48.58 77.66
CA UNK C 2517 122.54 -48.93 78.77
C UNK C 2517 121.40 -49.81 78.29
N UNK C 2518 120.86 -49.50 77.11
CA UNK C 2518 119.77 -50.27 76.53
C UNK C 2518 120.23 -51.68 76.22
N UNK C 2519 121.46 -51.78 75.74
CA UNK C 2519 122.05 -53.07 75.39
C UNK C 2519 123.54 -52.90 75.07
N UNK C 2520 106.32 -47.51 76.14
CA UNK C 2520 105.20 -46.67 75.73
C UNK C 2520 105.15 -46.53 74.22
N UNK C 2521 103.94 -46.60 73.67
CA UNK C 2521 103.76 -46.42 72.23
C UNK C 2521 104.17 -45.03 71.80
N UNK C 2522 103.85 -44.05 72.64
CA UNK C 2522 104.25 -42.66 72.40
C UNK C 2522 105.77 -42.53 72.42
N UNK C 2523 106.39 -43.26 73.35
CA UNK C 2523 107.84 -43.29 73.46
C UNK C 2523 108.44 -43.88 72.18
N UNK C 2524 107.78 -44.92 71.67
CA UNK C 2524 108.17 -45.56 70.42
C UNK C 2524 108.08 -44.58 69.26
N UNK C 2525 107.03 -43.76 69.28
CA UNK C 2525 106.85 -42.71 68.28
C UNK C 2525 107.96 -41.67 68.34
N UNK C 2526 108.36 -41.31 69.56
CA UNK C 2526 109.46 -40.38 69.75
C UNK C 2526 110.72 -41.00 69.17
N UNK C 2527 110.87 -42.30 69.40
CA UNK C 2527 112.01 -43.04 68.91
C UNK C 2527 112.01 -43.00 67.38
N UNK C 2528 110.84 -43.16 66.79
CA UNK C 2528 110.69 -43.12 65.34
C UNK C 2528 111.08 -41.76 64.79
N UNK C 2529 110.67 -40.70 65.50
CA UNK C 2529 111.04 -39.35 65.08
C UNK C 2529 112.56 -39.17 65.12
N UNK C 2530 113.16 -39.69 66.18
CA UNK C 2530 114.59 -39.59 66.33
C UNK C 2530 115.25 -40.33 65.19
N UNK C 2531 114.67 -41.47 64.84
CA UNK C 2531 115.17 -42.32 63.77
C UNK C 2531 115.11 -41.60 62.43
N UNK C 2532 114.03 -40.87 62.20
CA UNK C 2532 113.88 -40.10 60.98
C UNK C 2532 114.96 -39.02 60.92
N UNK C 2533 115.21 -38.40 62.07
CA UNK C 2533 116.26 -37.39 62.13
C UNK C 2533 117.61 -38.01 61.80
N UNK C 2534 117.82 -39.22 62.31
CA UNK C 2534 119.05 -39.96 62.09
C UNK C 2534 119.22 -40.30 60.62
N UNK C 2535 118.12 -40.66 59.99
CA UNK C 2535 118.11 -40.98 58.57
C UNK C 2535 118.48 -39.75 57.76
N UNK C 2536 117.94 -38.61 58.16
CA UNK C 2536 118.26 -37.36 57.49
C UNK C 2536 119.76 -37.09 57.62
N UNK C 2537 120.28 -37.36 58.81
CA UNK C 2537 121.70 -37.16 59.06
C UNK C 2537 122.55 -38.07 58.18
N UNK C 2538 122.12 -39.32 58.03
CA UNK C 2538 122.82 -40.28 57.19
C UNK C 2538 122.82 -39.79 55.74
N UNK C 2539 121.69 -39.25 55.31
CA UNK C 2539 121.59 -38.73 53.96
C UNK C 2539 122.56 -37.57 53.76
N UNK C 2540 122.64 -36.70 54.77
CA UNK C 2540 123.53 -35.57 54.68
C UNK C 2540 124.97 -36.08 54.57
N UNK C 2541 125.28 -37.11 55.34
CA UNK C 2541 126.61 -37.70 55.34
C UNK C 2541 126.98 -38.31 53.99
N UNK C 2542 126.02 -38.98 53.35
CA UNK C 2542 126.27 -39.65 52.08
C UNK C 2542 125.13 -40.59 51.70
N UNK C 2543 133.62 -25.84 60.09
CA UNK C 2543 132.57 -26.82 60.34
C UNK C 2543 133.13 -28.23 60.37
N UNK C 2544 134.46 -28.34 60.36
CA UNK C 2544 135.12 -29.64 60.40
C UNK C 2544 134.80 -30.37 61.70
N UNK C 2545 134.82 -29.64 62.80
CA UNK C 2545 134.52 -30.21 64.09
C UNK C 2545 133.09 -30.73 64.10
N UNK C 2546 132.18 -29.95 63.50
CA UNK C 2546 130.78 -30.35 63.41
C UNK C 2546 130.62 -31.62 62.59
N UNK C 2547 131.38 -31.71 61.50
CA UNK C 2547 131.33 -32.90 60.65
C UNK C 2547 131.81 -34.10 61.45
N UNK C 2548 132.85 -33.88 62.24
CA UNK C 2548 133.40 -34.94 63.08
C UNK C 2548 132.37 -35.39 64.10
N UNK C 2549 131.65 -34.43 64.65
CA UNK C 2549 130.60 -34.72 65.62
C UNK C 2549 129.50 -35.55 64.97
N UNK C 2550 129.17 -35.21 63.73
CA UNK C 2550 128.18 -35.95 62.97
C UNK C 2550 128.64 -37.38 62.75
N UNK C 2551 129.92 -37.54 62.44
CA UNK C 2551 130.49 -38.87 62.24
C UNK C 2551 130.38 -39.67 63.54
N UNK C 2552 130.65 -39.02 64.65
CA UNK C 2552 130.57 -39.67 65.95
C UNK C 2552 129.14 -40.11 66.22
N UNK C 2553 128.20 -39.26 65.86
CA UNK C 2553 126.79 -39.56 66.05
C UNK C 2553 126.40 -40.77 65.21
N UNK C 2554 126.93 -40.83 63.99
CA UNK C 2554 126.67 -41.95 63.10
C UNK C 2554 127.21 -43.23 63.69
N UNK C 2555 128.40 -43.15 64.28
CA UNK C 2555 129.02 -44.30 64.92
C UNK C 2555 128.16 -44.76 66.10
N UNK C 2556 127.63 -43.80 66.83
CA UNK C 2556 126.75 -44.10 67.97
C UNK C 2556 125.50 -44.81 67.49
N UNK C 2557 124.97 -44.37 66.36
CA UNK C 2557 123.80 -44.98 65.74
C UNK C 2557 124.09 -46.41 65.34
N UNK C 2558 125.28 -46.63 64.80
CA UNK C 2558 125.71 -47.96 64.40
C UNK C 2558 125.76 -48.83 65.65
N UNK C 2559 126.24 -48.25 66.75
CA UNK C 2559 126.33 -48.94 68.02
C UNK C 2559 124.94 -49.34 68.52
N UNK C 2560 123.99 -48.43 68.37
CA UNK C 2560 122.62 -48.71 68.77
C UNK C 2560 122.06 -49.85 67.95
N UNK C 2561 122.36 -49.85 66.65
CA UNK C 2561 121.91 -50.91 65.77
C UNK C 2561 122.50 -52.24 66.20
N UNK C 2562 123.76 -52.21 66.60
CA UNK C 2562 124.47 -53.38 67.09
C UNK C 2562 123.83 -53.92 68.37
N UNK C 2563 123.43 -53.00 69.24
CA UNK C 2563 122.75 -53.34 70.47
C UNK C 2563 121.43 -54.03 70.14
N UNK C 2564 120.76 -53.51 69.12
CA UNK C 2564 119.51 -54.10 68.67
C UNK C 2564 119.74 -55.52 68.16
N UNK C 2565 120.84 -55.70 67.44
CA UNK C 2565 121.20 -57.01 66.92
C UNK C 2565 121.46 -57.97 68.08
N UNK C 2566 122.12 -57.48 69.11
CA UNK C 2566 122.41 -58.27 70.30
C UNK C 2566 121.10 -58.69 70.98
N UNK C 2567 120.16 -57.76 71.03
CA UNK C 2567 118.86 -58.02 71.64
C UNK C 2567 118.31 -59.38 71.21
N UNK C 2568 110.46 -45.82 65.12
CA UNK C 2568 109.27 -45.98 64.27
C UNK C 2568 109.56 -46.85 63.06
N UNK C 2569 108.99 -48.06 63.03
CA UNK C 2569 109.20 -48.98 61.93
C UNK C 2569 108.65 -48.32 60.67
N UNK C 2570 107.51 -47.67 60.82
CA UNK C 2570 106.90 -46.96 59.72
C UNK C 2570 107.80 -45.84 59.24
N UNK C 2571 108.43 -45.14 60.17
CA UNK C 2571 109.32 -44.05 59.80
C UNK C 2571 110.48 -44.59 58.99
N UNK C 2572 111.02 -45.72 59.42
CA UNK C 2572 112.14 -46.34 58.72
C UNK C 2572 111.72 -46.73 57.31
N UNK C 2573 110.53 -47.29 57.20
CA UNK C 2573 110.03 -47.73 55.89
C UNK C 2573 109.89 -46.51 54.98
N UNK C 2574 109.40 -45.41 55.53
CA UNK C 2574 109.20 -44.20 54.75
C UNK C 2574 110.54 -43.68 54.26
N UNK C 2575 111.54 -43.73 55.14
CA UNK C 2575 112.87 -43.28 54.78
C UNK C 2575 113.42 -44.12 53.65
N UNK C 2576 113.19 -45.43 53.74
CA UNK C 2576 113.66 -46.34 52.71
C UNK C 2576 113.00 -46.02 51.38
N UNK C 2577 111.71 -45.74 51.43
CA UNK C 2577 110.96 -45.42 50.22
C UNK C 2577 111.51 -44.15 49.60
N UNK C 2578 111.81 -43.17 50.44
CA UNK C 2578 112.34 -41.90 49.97
C UNK C 2578 113.69 -42.12 49.30
N UNK C 2579 114.49 -42.99 49.90
CA UNK C 2579 115.81 -43.33 49.38
C UNK C 2579 115.69 -43.99 48.02
N UNK C 2580 114.70 -44.86 47.86
CA UNK C 2580 114.49 -45.58 46.61
C UNK C 2580 114.66 -44.68 45.39
N UNK C 2581 128.08 -46.85 52.55
CA UNK C 2581 127.79 -46.41 53.91
C UNK C 2581 126.29 -46.40 54.16
N UNK C 2582 125.59 -45.52 53.47
CA UNK C 2582 124.15 -45.39 53.66
C UNK C 2582 123.45 -46.69 53.30
N UNK C 2583 123.88 -47.31 52.21
CA UNK C 2583 123.27 -48.56 51.78
C UNK C 2583 123.46 -49.64 52.82
N UNK C 2584 124.65 -49.71 53.40
CA UNK C 2584 124.94 -50.69 54.42
C UNK C 2584 124.06 -50.45 55.64
N UNK C 2585 123.89 -49.18 55.99
CA UNK C 2585 123.07 -48.84 57.13
C UNK C 2585 121.64 -49.28 56.88
N UNK C 2586 121.17 -49.07 55.66
CA UNK C 2586 119.83 -49.46 55.28
C UNK C 2586 119.65 -50.96 55.38
N UNK C 2587 120.66 -51.71 54.93
CA UNK C 2587 120.61 -53.16 55.00
C UNK C 2587 120.52 -53.62 56.45
N UNK C 2588 121.30 -52.97 57.30
CA UNK C 2588 121.29 -53.30 58.72
C UNK C 2588 119.91 -53.05 59.31
N UNK C 2589 119.31 -51.93 58.92
CA UNK C 2589 117.99 -51.57 59.41
C UNK C 2589 116.98 -52.63 58.98
N UNK C 2590 117.12 -53.08 57.74
CA UNK C 2590 116.22 -54.09 57.21
C UNK C 2590 116.35 -55.38 58.00
N UNK C 2591 117.59 -55.75 58.31
CA UNK C 2591 117.83 -56.95 59.09
C UNK C 2591 117.20 -56.83 60.47
N UNK C 2592 117.32 -55.65 61.07
CA UNK C 2592 116.77 -55.42 62.38
C UNK C 2592 115.26 -55.56 62.33
N UNK C 2593 114.67 -55.03 61.26
CA UNK C 2593 113.22 -55.09 61.09
C UNK C 2593 112.79 -56.56 60.98
N UNK C 2594 113.56 -57.33 60.22
CA UNK C 2594 113.24 -58.74 60.05
C UNK C 2594 113.30 -59.46 61.38
N UNK C 2595 114.30 -59.13 62.17
CA UNK C 2595 114.45 -59.75 63.49
C UNK C 2595 113.26 -59.40 64.37
N UNK C 2596 112.83 -58.15 64.31
CA UNK C 2596 111.71 -57.70 65.12
C UNK C 2596 110.46 -58.45 64.70
N UNK C 2597 110.30 -58.66 63.40
CA UNK C 2597 109.16 -59.38 62.87
C UNK C 2597 109.17 -60.82 63.36
N UNK C 2598 110.34 -61.43 63.38
CA UNK C 2598 110.47 -62.81 63.86
C UNK C 2598 110.07 -62.87 65.33
N UNK C 2599 110.49 -61.85 66.07
CA UNK C 2599 110.18 -61.75 67.49
C UNK C 2599 108.69 -61.63 67.73
N UNK C 2600 108.01 -60.86 66.89
CA UNK C 2600 106.56 -60.68 67.03
C UNK C 2600 105.87 -62.01 67.22
N UNK C 2601 99.45 -58.14 70.74
CA UNK C 2601 99.86 -57.00 69.92
C UNK C 2601 99.48 -57.20 68.46
N UNK C 2602 98.42 -57.98 68.23
CA UNK C 2602 97.98 -58.28 66.87
C UNK C 2602 97.54 -57.04 66.10
N UNK C 2603 96.82 -56.14 66.77
CA UNK C 2603 96.36 -54.89 66.15
C UNK C 2603 97.49 -53.93 65.77
N UNK C 2604 98.47 -53.83 66.65
CA UNK C 2604 99.65 -53.02 66.38
C UNK C 2604 100.32 -53.65 65.18
N UNK C 2605 100.32 -54.97 65.18
CA UNK C 2605 100.96 -55.74 64.13
C UNK C 2605 100.28 -55.41 62.81
N UNK C 2606 98.96 -55.31 62.81
CA UNK C 2606 98.15 -54.95 61.64
C UNK C 2606 98.40 -53.54 61.12
N UNK C 2607 98.56 -52.56 62.01
CA UNK C 2607 98.90 -51.21 61.57
C UNK C 2607 100.26 -51.27 60.89
N UNK C 2608 101.13 -52.06 61.51
CA UNK C 2608 102.49 -52.22 61.03
C UNK C 2608 102.41 -52.82 59.65
N UNK C 2609 101.47 -53.74 59.49
CA UNK C 2609 101.20 -54.45 58.25
C UNK C 2609 100.72 -53.54 57.14
N UNK C 2610 99.86 -52.57 57.45
CA UNK C 2610 99.48 -51.59 56.44
C UNK C 2610 100.70 -50.80 56.00
N UNK C 2611 101.52 -50.42 56.98
CA UNK C 2611 102.71 -49.65 56.65
C UNK C 2611 103.60 -50.51 55.75
N UNK C 2612 103.63 -51.79 56.10
CA UNK C 2612 104.43 -52.81 55.44
C UNK C 2612 103.99 -53.01 54.02
N UNK C 2613 102.68 -52.98 53.78
CA UNK C 2613 102.10 -53.09 52.45
C UNK C 2613 102.53 -51.90 51.61
N UNK C 2614 102.53 -50.71 52.21
CA UNK C 2614 103.04 -49.57 51.47
C UNK C 2614 104.52 -49.78 51.12
N UNK C 2615 105.26 -50.31 52.09
CA UNK C 2615 106.67 -50.57 51.93
C UNK C 2615 106.91 -51.59 50.82
N UNK C 2616 106.03 -52.57 50.75
CA UNK C 2616 106.02 -53.64 49.75
C UNK C 2616 105.76 -53.10 48.37
N UNK C 2617 104.87 -52.14 48.26
CA UNK C 2617 104.63 -51.48 46.99
C UNK C 2617 105.91 -50.77 46.59
N UNK C 2618 106.56 -50.16 47.58
CA UNK C 2618 107.81 -49.47 47.32
C UNK C 2618 108.85 -50.48 46.81
N UNK C 2619 108.85 -51.66 47.42
CA UNK C 2619 109.76 -52.74 47.04
C UNK C 2619 109.52 -53.23 45.62
N UNK C 2620 108.25 -53.34 45.24
CA UNK C 2620 107.89 -53.76 43.90
C UNK C 2620 108.42 -52.71 42.93
N UNK C 2621 108.27 -51.44 43.31
CA UNK C 2621 108.77 -50.35 42.47
C UNK C 2621 110.28 -50.45 42.31
N UNK C 2622 110.97 -50.78 43.39
CA UNK C 2622 112.43 -50.93 43.37
C UNK C 2622 112.83 -52.08 42.45
N UNK C 2623 112.08 -53.17 42.50
CA UNK C 2623 112.35 -54.33 41.66
C UNK C 2623 112.18 -53.91 40.21
N UNK C 2624 111.18 -53.10 39.96
CA UNK C 2624 110.93 -52.58 38.61
C UNK C 2624 109.61 -51.83 38.55
N UNK C 2625 129.73 -52.72 46.04
CA UNK C 2625 128.89 -53.28 47.10
C UNK C 2625 127.66 -53.96 46.52
N UNK C 2626 127.71 -54.24 45.23
CA UNK C 2626 126.58 -54.84 44.54
C UNK C 2626 126.26 -56.21 45.10
N UNK C 2627 127.30 -56.98 45.41
CA UNK C 2627 127.11 -58.31 45.97
C UNK C 2627 126.42 -58.21 47.32
N UNK C 2628 126.86 -57.24 48.12
CA UNK C 2628 126.28 -57.04 49.45
C UNK C 2628 124.81 -56.70 49.30
N UNK C 2629 124.51 -55.85 48.33
CA UNK C 2629 123.13 -55.43 48.10
C UNK C 2629 122.28 -56.63 47.71
N UNK C 2630 122.83 -57.49 46.86
CA UNK C 2630 122.12 -58.68 46.42
C UNK C 2630 121.83 -59.59 47.61
N UNK C 2631 122.83 -59.73 48.48
CA UNK C 2631 122.68 -60.58 49.66
C UNK C 2631 121.56 -60.01 50.53
N UNK C 2632 121.56 -58.69 50.67
CA UNK C 2632 120.57 -58.03 51.49
C UNK C 2632 119.18 -58.27 50.92
N UNK C 2633 119.06 -58.21 49.60
CA UNK C 2633 117.79 -58.45 48.93
C UNK C 2633 117.30 -59.88 49.15
N UNK C 2634 118.22 -60.84 49.08
CA UNK C 2634 117.86 -62.23 49.32
C UNK C 2634 117.36 -62.40 50.75
N UNK C 2635 118.04 -61.72 51.67
CA UNK C 2635 117.69 -61.79 53.07
C UNK C 2635 116.30 -61.22 53.25
N UNK C 2636 116.03 -60.13 52.52
CA UNK C 2636 114.74 -59.47 52.56
C UNK C 2636 113.63 -60.39 52.06
N UNK C 2637 113.91 -61.13 50.99
CA UNK C 2637 112.93 -62.06 50.46
C UNK C 2637 112.63 -63.12 51.50
N UNK C 2638 113.69 -63.60 52.16
CA UNK C 2638 113.50 -64.63 53.18
C UNK C 2638 112.64 -64.08 54.31
N UNK C 2639 112.91 -62.83 54.68
CA UNK C 2639 112.18 -62.19 55.76
C UNK C 2639 110.72 -62.04 55.41
N UNK C 2640 110.45 -61.68 54.17
CA UNK C 2640 109.08 -61.52 53.71
C UNK C 2640 108.38 -62.86 53.79
N UNK C 2641 109.07 -63.91 53.38
CA UNK C 2641 108.47 -65.23 53.40
C UNK C 2641 108.13 -65.60 54.84
N UNK C 2642 109.05 -65.28 55.75
CA UNK C 2642 108.85 -65.59 57.17
C UNK C 2642 107.66 -64.85 57.72
N UNK C 2643 107.52 -63.59 57.33
CA UNK C 2643 106.42 -62.76 57.77
C UNK C 2643 105.10 -63.34 57.28
N UNK C 2644 105.10 -63.81 56.04
CA UNK C 2644 103.91 -64.40 55.47
C UNK C 2644 103.53 -65.65 56.25
N UNK C 2645 104.55 -66.43 56.62
CA UNK C 2645 104.34 -67.64 57.38
C UNK C 2645 103.73 -67.32 58.75
N UNK C 2646 104.24 -66.27 59.37
CA UNK C 2646 103.73 -65.84 60.66
C UNK C 2646 102.27 -65.44 60.53
N UNK C 2647 101.97 -64.72 59.44
CA UNK C 2647 100.60 -64.27 59.20
C UNK C 2647 99.67 -65.46 59.04
N UNK C 2648 100.16 -66.49 58.35
CA UNK C 2648 99.41 -67.73 58.17
C UNK C 2648 97.94 -67.47 57.84
N UNK C 2649 91.08 -61.32 57.75
CA UNK C 2649 91.01 -60.89 56.36
C UNK C 2649 92.10 -59.88 56.06
N UNK C 2650 92.84 -59.50 57.09
CA UNK C 2650 93.86 -58.48 56.96
C UNK C 2650 94.93 -58.94 55.97
N UNK C 2651 95.27 -60.22 56.05
CA UNK C 2651 96.26 -60.77 55.15
C UNK C 2651 95.74 -60.62 53.73
N UNK C 2652 94.46 -60.90 53.55
CA UNK C 2652 93.86 -60.81 52.22
C UNK C 2652 93.90 -59.39 51.68
N UNK C 2653 93.61 -58.42 52.54
CA UNK C 2653 93.65 -57.02 52.14
C UNK C 2653 95.07 -56.62 51.73
N UNK C 2654 96.03 -57.11 52.51
CA UNK C 2654 97.41 -56.80 52.24
C UNK C 2654 97.75 -57.35 50.87
N UNK C 2655 97.26 -58.56 50.60
CA UNK C 2655 97.52 -59.20 49.32
C UNK C 2655 96.92 -58.41 48.18
N UNK C 2656 95.70 -57.92 48.35
CA UNK C 2656 95.08 -57.14 47.29
C UNK C 2656 95.91 -55.89 47.02
N UNK C 2657 96.37 -55.24 48.08
CA UNK C 2657 97.16 -54.02 47.91
C UNK C 2657 98.45 -54.32 47.17
N UNK C 2658 99.08 -55.43 47.55
CA UNK C 2658 100.35 -55.79 46.97
C UNK C 2658 100.12 -56.06 45.49
N UNK C 2659 99.01 -56.71 45.19
CA UNK C 2659 98.67 -57.07 43.83
C UNK C 2659 98.48 -55.83 42.99
N UNK C 2660 97.81 -54.82 43.53
CA UNK C 2660 97.63 -53.57 42.79
C UNK C 2660 98.98 -52.88 42.54
N UNK C 2661 99.84 -52.90 43.56
CA UNK C 2661 101.14 -52.25 43.43
C UNK C 2661 101.87 -52.97 42.32
N UNK C 2662 101.71 -54.29 42.30
CA UNK C 2662 102.33 -55.17 41.33
C UNK C 2662 101.86 -54.92 39.92
N UNK C 2663 100.57 -54.67 39.75
CA UNK C 2663 100.01 -54.35 38.44
C UNK C 2663 100.61 -53.04 37.97
N UNK C 2664 100.75 -52.10 38.89
CA UNK C 2664 101.34 -50.81 38.54
C UNK C 2664 102.78 -51.04 38.08
N UNK C 2665 103.45 -51.93 38.79
CA UNK C 2665 104.84 -52.27 38.49
C UNK C 2665 104.95 -52.91 37.11
N UNK C 2666 103.99 -53.76 36.79
CA UNK C 2666 103.95 -54.45 35.51
C UNK C 2666 103.79 -53.42 34.42
N UNK C 2667 102.92 -52.45 34.66
CA UNK C 2667 102.70 -51.41 33.68
C UNK C 2667 103.99 -50.65 33.47
N UNK C 2668 104.70 -50.36 34.55
CA UNK C 2668 105.95 -49.64 34.46
C UNK C 2668 107.00 -50.43 33.67
N UNK C 2669 107.05 -51.73 33.92
CA UNK C 2669 108.00 -52.62 33.25
C UNK C 2669 107.71 -52.63 31.76
N UNK C 2670 106.42 -52.65 31.43
CA UNK C 2670 106.00 -52.68 30.05
C UNK C 2670 105.89 -51.26 29.50
N UNK C 2671 110.60 -60.40 38.94
CA UNK C 2671 110.62 -61.17 37.70
C UNK C 2671 109.69 -62.37 37.79
N UNK C 2672 110.06 -63.47 37.16
CA UNK C 2672 109.24 -64.67 37.17
C UNK C 2672 109.09 -65.17 38.60
N UNK C 2673 110.19 -65.09 39.35
CA UNK C 2673 110.19 -65.48 40.76
C UNK C 2673 109.25 -64.59 41.57
N UNK C 2674 109.26 -63.30 41.26
CA UNK C 2674 108.39 -62.36 41.94
C UNK C 2674 106.94 -62.74 41.66
N UNK C 2675 106.69 -63.13 40.41
CA UNK C 2675 105.37 -63.53 39.99
C UNK C 2675 104.95 -64.76 40.77
N UNK C 2676 105.88 -65.67 40.96
CA UNK C 2676 105.63 -66.89 41.71
C UNK C 2676 105.29 -66.58 43.16
N UNK C 2677 105.99 -65.64 43.76
CA UNK C 2677 105.71 -65.22 45.13
C UNK C 2677 104.31 -64.62 45.25
N UNK C 2678 103.97 -63.81 44.24
CA UNK C 2678 102.67 -63.18 44.21
C UNK C 2678 101.62 -64.28 44.13
N UNK C 2679 101.95 -65.30 43.35
CA UNK C 2679 101.09 -66.46 43.16
C UNK C 2679 100.89 -67.22 44.47
N UNK C 2680 101.96 -67.35 45.25
CA UNK C 2680 101.88 -67.98 46.56
C UNK C 2680 100.94 -67.20 47.46
N UNK C 2681 101.06 -65.88 47.40
CA UNK C 2681 100.19 -65.02 48.19
C UNK C 2681 98.73 -65.22 47.76
N UNK C 2682 98.53 -65.34 46.46
CA UNK C 2682 97.21 -65.56 45.88
C UNK C 2682 96.64 -66.89 46.32
N UNK C 2683 97.50 -67.90 46.41
CA UNK C 2683 97.10 -69.22 46.84
C UNK C 2683 96.65 -69.11 48.28
N UNK C 2684 97.37 -68.34 49.07
CA UNK C 2684 97.01 -68.14 50.45
C UNK C 2684 95.64 -67.47 50.55
N UNK C 2685 95.42 -66.50 49.67
CA UNK C 2685 94.14 -65.79 49.65
C UNK C 2685 93.00 -66.75 49.29
N UNK C 2686 93.27 -67.63 48.34
CA UNK C 2686 92.30 -68.62 47.89
C UNK C 2686 91.96 -69.54 49.04
N UNK C 2687 92.97 -69.92 49.80
CA UNK C 2687 92.79 -70.78 50.96
C UNK C 2687 91.92 -70.07 51.98
N UNK C 2688 92.17 -68.78 52.15
CA UNK C 2688 91.41 -67.97 53.10
C UNK C 2688 89.96 -67.95 52.67
N UNK C 2689 89.74 -67.83 51.37
CA UNK C 2689 88.40 -67.83 50.79
C UNK C 2689 88.49 -67.29 49.38
N UNK C 2690 81.56 -58.83 56.12
CA UNK C 2690 81.15 -57.52 56.64
C UNK C 2690 82.06 -56.41 56.11
N UNK C 2691 82.26 -55.38 56.94
CA UNK C 2691 83.04 -54.22 56.52
C UNK C 2691 84.51 -54.47 56.20
N UNK C 2692 85.19 -55.26 57.01
CA UNK C 2692 86.60 -55.57 56.77
C UNK C 2692 86.79 -56.36 55.49
N UNK C 2693 85.92 -57.35 55.31
CA UNK C 2693 85.97 -58.19 54.14
C UNK C 2693 85.73 -57.26 52.98
N UNK C 2694 84.82 -56.31 53.16
CA UNK C 2694 84.45 -55.32 52.15
C UNK C 2694 85.57 -54.36 51.72
N UNK C 2695 86.37 -53.90 52.69
CA UNK C 2695 87.51 -53.06 52.39
C UNK C 2695 88.47 -53.89 51.58
N UNK C 2696 88.59 -55.14 52.01
CA UNK C 2696 89.49 -56.06 51.36
C UNK C 2696 89.01 -56.19 49.92
N UNK C 2697 87.70 -56.26 49.76
CA UNK C 2697 87.01 -56.39 48.48
C UNK C 2697 87.19 -55.22 47.53
N UNK C 2698 87.18 -53.99 48.05
CA UNK C 2698 87.49 -52.82 47.23
C UNK C 2698 88.94 -52.89 46.74
N UNK C 2699 89.80 -53.31 47.66
CA UNK C 2699 91.21 -53.47 47.31
C UNK C 2699 91.27 -54.50 46.20
N UNK C 2700 90.43 -55.52 46.35
CA UNK C 2700 90.31 -56.63 45.44
C UNK C 2700 89.85 -56.19 44.07
N UNK C 2701 88.92 -55.26 44.02
CA UNK C 2701 88.44 -54.70 42.77
C UNK C 2701 89.59 -53.98 42.09
N UNK C 2702 90.37 -53.22 42.86
CA UNK C 2702 91.50 -52.54 42.25
C UNK C 2702 92.47 -53.57 41.68
N UNK C 2703 92.69 -54.63 42.46
CA UNK C 2703 93.62 -55.68 42.09
C UNK C 2703 93.15 -56.37 40.83
N UNK C 2704 91.85 -56.57 40.74
CA UNK C 2704 91.21 -57.23 39.61
C UNK C 2704 91.38 -56.40 38.37
N UNK C 2705 91.23 -55.09 38.50
CA UNK C 2705 91.42 -54.23 37.36
C UNK C 2705 92.85 -54.40 36.90
N UNK C 2706 93.78 -54.43 37.85
CA UNK C 2706 95.18 -54.58 37.51
C UNK C 2706 95.43 -55.89 36.78
N UNK C 2707 94.80 -56.95 37.26
CA UNK C 2707 94.94 -58.29 36.69
C UNK C 2707 94.41 -58.33 35.27
N UNK C 2708 93.28 -57.66 35.05
CA UNK C 2708 92.68 -57.61 33.73
C UNK C 2708 93.63 -56.90 32.80
N UNK C 2709 94.24 -55.83 33.30
CA UNK C 2709 95.17 -55.05 32.50
C UNK C 2709 96.35 -55.93 32.11
N UNK C 2710 96.82 -56.71 33.07
CA UNK C 2710 97.93 -57.61 32.84
C UNK C 2710 97.59 -58.65 31.78
N UNK C 2711 96.37 -59.17 31.85
CA UNK C 2711 95.93 -60.19 30.91
C UNK C 2711 96.17 -59.73 29.48
N UNK C 2712 102.03 -63.18 33.12
CA UNK C 2712 102.60 -64.50 32.95
C UNK C 2712 101.53 -65.58 33.01
N UNK C 2713 101.87 -66.77 32.54
CA UNK C 2713 100.95 -67.90 32.49
C UNK C 2713 100.50 -68.31 33.88
N UNK C 2714 101.43 -68.24 34.84
CA UNK C 2714 101.12 -68.52 36.22
C UNK C 2714 100.11 -67.49 36.71
N UNK C 2715 100.31 -66.25 36.28
CA UNK C 2715 99.43 -65.18 36.69
C UNK C 2715 98.05 -65.53 36.16
N UNK C 2716 98.01 -66.04 34.94
CA UNK C 2716 96.77 -66.42 34.29
C UNK C 2716 96.05 -67.57 34.98
N UNK C 2717 96.79 -68.56 35.45
CA UNK C 2717 96.20 -69.65 36.22
C UNK C 2717 95.62 -69.13 37.53
N UNK C 2718 96.36 -68.22 38.15
CA UNK C 2718 95.94 -67.66 39.40
C UNK C 2718 94.63 -66.95 39.12
N UNK C 2719 94.59 -66.32 37.95
CA UNK C 2719 93.45 -65.57 37.46
C UNK C 2719 92.22 -66.42 37.23
N UNK C 2720 92.39 -67.62 36.67
CA UNK C 2720 91.28 -68.54 36.52
C UNK C 2720 90.74 -68.99 37.89
N UNK C 2721 91.66 -69.23 38.82
CA UNK C 2721 91.23 -69.63 40.15
C UNK C 2721 90.43 -68.47 40.71
N UNK C 2722 90.93 -67.29 40.40
CA UNK C 2722 90.41 -66.01 40.84
C UNK C 2722 89.01 -65.79 40.31
N UNK C 2723 88.79 -66.19 39.07
CA UNK C 2723 87.51 -66.17 38.40
C UNK C 2723 86.49 -67.11 39.04
N UNK C 2724 86.96 -68.29 39.47
CA UNK C 2724 86.07 -69.16 40.24
C UNK C 2724 85.70 -68.44 41.54
N UNK C 2725 86.71 -67.79 42.11
CA UNK C 2725 86.56 -67.04 43.35
C UNK C 2725 85.56 -65.94 43.12
N UNK C 2726 85.61 -65.38 41.92
CA UNK C 2726 84.77 -64.32 41.41
C UNK C 2726 83.32 -64.74 41.26
N UNK C 2727 83.10 -65.97 40.80
CA UNK C 2727 81.75 -66.48 40.73
C UNK C 2727 81.27 -66.52 42.17
N UNK C 2728 82.17 -66.94 43.06
CA UNK C 2728 81.82 -66.97 44.48
C UNK C 2728 81.48 -65.57 45.02
N UNK C 2729 82.25 -64.59 44.61
CA UNK C 2729 82.08 -63.19 45.01
C UNK C 2729 80.76 -62.66 44.51
N UNK C 2730 80.40 -63.05 43.30
CA UNK C 2730 79.14 -62.68 42.69
C UNK C 2730 78.00 -63.24 43.51
N UNK C 2731 78.15 -64.49 43.94
CA UNK C 2731 77.12 -65.10 44.75
C UNK C 2731 77.00 -64.31 46.05
N UNK C 2732 78.16 -63.92 46.58
CA UNK C 2732 78.24 -63.15 47.82
C UNK C 2732 77.56 -61.80 47.73
N UNK C 2733 77.71 -61.14 46.57
CA UNK C 2733 77.21 -59.79 46.41
C UNK C 2733 77.98 -58.86 47.34
N ASN C 2734 95.55 -72.88 34.41
CA ASN C 2734 95.87 -73.97 33.49
C ASN C 2734 96.00 -75.30 34.21
N PHE C 2735 95.64 -76.38 33.52
CA PHE C 2735 95.60 -77.71 34.14
C PHE C 2735 96.26 -78.78 33.28
N ASP C 2736 97.36 -79.33 33.78
CA ASP C 2736 98.06 -80.42 33.09
C ASP C 2736 98.20 -81.61 34.04
N PRO C 2737 97.10 -82.34 34.25
CA PRO C 2737 97.05 -83.43 35.24
C PRO C 2737 97.97 -84.59 34.91
N ARG C 2738 98.77 -85.01 35.88
CA ARG C 2738 99.68 -86.13 35.72
C ARG C 2738 99.50 -87.13 36.85
N PRO C 2739 98.43 -87.94 36.79
CA PRO C 2739 98.21 -88.96 37.82
C PRO C 2739 99.38 -89.95 37.87
N VAL C 2740 99.74 -90.42 39.06
CA VAL C 2740 100.92 -91.27 39.21
C VAL C 2740 100.75 -92.58 38.43
N GLU C 2741 101.83 -93.01 37.79
CA GLU C 2741 101.81 -94.20 36.94
C GLU C 2741 101.74 -95.48 37.78
N THR C 2742 100.66 -96.24 37.61
CA THR C 2742 100.41 -97.40 38.45
C THR C 2742 100.51 -98.74 37.72
N LEU C 2743 100.72 -98.69 36.41
CA LEU C 2743 100.62 -99.89 35.57
C LEU C 2743 101.61 -101.00 35.92
N ASN C 2744 102.83 -100.63 36.29
CA ASN C 2744 103.83 -101.63 36.65
C ASN C 2744 104.04 -101.76 38.15
N VAL C 2745 103.13 -101.16 38.92
CA VAL C 2745 103.19 -101.24 40.38
C VAL C 2745 102.51 -102.50 40.87
N ILE C 2746 103.22 -103.29 41.65
CA ILE C 2746 102.68 -104.55 42.15
C ILE C 2746 102.31 -104.47 43.62
N ILE C 2747 101.06 -104.82 43.92
CA ILE C 2747 100.58 -104.88 45.29
C ILE C 2747 101.02 -106.21 45.90
N PRO C 2748 101.66 -106.14 47.08
CA PRO C 2748 102.10 -107.37 47.78
C PRO C 2748 100.92 -108.31 48.05
N GLU C 2749 101.16 -109.61 48.00
CA GLU C 2749 100.11 -110.62 48.12
C GLU C 2749 99.31 -110.53 49.42
N LYS C 2750 99.93 -110.00 50.48
CA LYS C 2750 99.27 -110.00 51.78
C LYS C 2750 98.20 -108.90 51.89
N LEU C 2751 98.10 -108.04 50.89
CA LEU C 2751 97.06 -107.02 50.89
C LEU C 2751 95.78 -107.47 50.18
N ASP C 2752 95.81 -108.63 49.55
CA ASP C 2752 94.64 -109.14 48.83
C ASP C 2752 93.45 -109.35 49.76
N SER C 2753 93.73 -109.69 51.02
CA SER C 2753 92.67 -109.90 52.01
C SER C 2753 91.98 -108.58 52.33
N PHE C 2754 92.76 -107.53 52.54
CA PHE C 2754 92.21 -106.21 52.81
C PHE C 2754 91.40 -105.69 51.62
N ILE C 2755 91.93 -105.94 50.43
CA ILE C 2755 91.32 -105.48 49.18
C ILE C 2755 89.89 -106.02 49.03
N ASN C 2756 89.71 -107.30 49.30
CA ASN C 2756 88.39 -107.93 49.24
C ASN C 2756 87.47 -107.45 50.36
N LYS C 2757 88.02 -107.27 51.54
CA LYS C 2757 87.26 -106.79 52.69
C LYS C 2757 86.75 -105.37 52.46
N PHE C 2758 87.62 -104.51 51.93
CA PHE C 2758 87.25 -103.13 51.66
C PHE C 2758 86.32 -103.05 50.45
N ALA C 2759 86.51 -103.97 49.50
CA ALA C 2759 85.64 -104.05 48.33
C ALA C 2759 84.23 -104.44 48.76
N GLU C 2760 84.16 -105.40 49.68
CA GLU C 2760 82.87 -105.81 50.22
C GLU C 2760 82.21 -104.68 50.98
N TYR C 2761 83.00 -103.91 51.72
CA TYR C 2761 82.49 -102.77 52.46
C TYR C 2761 81.87 -101.74 51.55
N THR C 2762 82.62 -101.34 50.52
CA THR C 2762 82.15 -100.32 49.59
C THR C 2762 80.87 -100.76 48.88
N HIS C 2763 80.74 -102.05 48.61
CA HIS C 2763 79.53 -102.58 48.01
C HIS C 2763 78.38 -102.51 49.01
N GLU C 2764 78.65 -102.92 50.24
CA GLU C 2764 77.64 -102.91 51.30
C GLU C 2764 77.10 -101.51 51.52
N LYS C 2765 78.00 -100.53 51.55
CA LYS C 2765 77.63 -99.14 51.74
C LYS C 2765 76.71 -98.67 50.62
N TRP C 2766 77.07 -99.00 49.38
CA TRP C 2766 76.27 -98.67 48.22
C TRP C 2766 74.90 -99.35 48.27
N ALA C 2767 74.91 -100.63 48.63
CA ALA C 2767 73.68 -101.42 48.73
C ALA C 2767 72.77 -100.89 49.84
N PHE C 2768 73.36 -100.54 50.97
CA PHE C 2768 72.62 -99.98 52.10
C PHE C 2768 71.86 -98.73 51.67
N ASP C 2769 72.58 -97.81 51.03
CA ASP C 2769 72.00 -96.56 50.56
C ASP C 2769 70.88 -96.77 49.55
N LYS C 2770 71.06 -97.76 48.69
CA LYS C 2770 70.05 -98.09 47.69
C LYS C 2770 68.79 -98.65 48.34
N ILE C 2771 68.98 -99.52 49.33
CA ILE C 2771 67.86 -100.19 49.99
C ILE C 2771 67.09 -99.22 50.89
N GLN C 2772 67.78 -98.22 51.44
CA GLN C 2772 67.11 -97.19 52.22
C GLN C 2772 66.19 -96.36 51.33
N ASN C 2773 66.49 -96.35 50.03
CA ASN C 2773 65.63 -95.70 49.04
C ASN C 2773 64.75 -96.72 48.33
N ASN C 2774 64.50 -97.83 49.02
CA ASN C 2774 63.59 -98.88 48.57
C ASN C 2774 63.93 -99.49 47.21
N TRP C 2775 65.21 -99.55 46.87
CA TRP C 2775 65.65 -100.36 45.75
C TRP C 2775 65.63 -101.82 46.19
N SER C 2776 65.45 -102.73 45.25
CA SER C 2776 65.48 -104.16 45.56
C SER C 2776 66.22 -104.91 44.46
N TYR C 2777 66.45 -106.20 44.67
CA TYR C 2777 67.07 -107.00 43.62
C TYR C 2777 66.12 -107.14 42.45
N GLY C 2778 66.68 -107.14 41.25
CA GLY C 2778 65.93 -107.40 40.03
C GLY C 2778 66.94 -107.89 39.02
N GLU C 2779 66.50 -108.66 38.03
CA GLU C 2779 67.45 -109.22 37.08
C GLU C 2779 68.06 -108.12 36.21
N ASN C 2780 67.30 -107.05 35.98
CA ASN C 2780 67.79 -105.93 35.20
C ASN C 2780 67.87 -104.65 36.01
N VAL C 2781 68.70 -103.73 35.58
CA VAL C 2781 68.71 -102.38 36.14
C VAL C 2781 67.48 -101.65 35.60
N ASP C 2782 66.66 -101.15 36.51
CA ASP C 2782 65.41 -100.50 36.11
C ASP C 2782 65.14 -99.29 37.01
N GLU C 2783 65.29 -98.10 36.45
CA GLU C 2783 65.17 -96.87 37.22
C GLU C 2783 63.75 -96.59 37.69
N GLU C 2784 62.76 -97.08 36.94
CA GLU C 2784 61.36 -96.84 37.32
C GLU C 2784 60.96 -97.79 38.45
N LEU C 2785 61.33 -99.06 38.31
CA LEU C 2785 61.00 -100.07 39.32
C LEU C 2785 62.01 -100.08 40.45
N LYS C 2786 63.11 -99.35 40.27
CA LYS C 2786 64.21 -99.32 41.23
C LYS C 2786 64.71 -100.71 41.57
N THR C 2787 65.12 -101.45 40.54
CA THR C 2787 65.74 -102.76 40.72
C THR C 2787 67.19 -102.70 40.26
N HIS C 2788 68.03 -103.53 40.86
CA HIS C 2788 69.43 -103.64 40.46
C HIS C 2788 69.96 -105.04 40.78
N PRO C 2789 70.55 -105.70 39.77
CA PRO C 2789 71.03 -107.09 39.89
C PRO C 2789 72.18 -107.27 40.87
N MET C 2790 72.82 -106.17 41.26
CA MET C 2790 73.94 -106.24 42.20
C MET C 2790 73.49 -105.96 43.62
N LEU C 2791 72.18 -105.83 43.82
CA LEU C 2791 71.63 -105.72 45.17
C LEU C 2791 71.52 -107.10 45.78
N ARG C 2792 72.68 -107.66 46.11
CA ARG C 2792 72.79 -109.00 46.68
C ARG C 2792 74.18 -109.10 47.31
N PRO C 2793 74.41 -110.10 48.18
CA PRO C 2793 75.71 -110.21 48.85
C PRO C 2793 76.91 -110.20 47.89
N TYR C 2794 77.95 -109.48 48.29
CA TYR C 2794 79.21 -109.41 47.57
C TYR C 2794 79.80 -110.80 47.37
N LYS C 2795 79.53 -111.69 48.32
CA LYS C 2795 80.04 -113.05 48.31
C LYS C 2795 79.46 -113.88 47.16
N THR C 2796 78.32 -113.46 46.65
CA THR C 2796 77.64 -114.19 45.59
C THR C 2796 78.04 -113.69 44.20
N PHE C 2797 78.98 -112.74 44.17
CA PHE C 2797 79.43 -112.16 42.92
C PHE C 2797 80.39 -113.08 42.16
N SER C 2798 80.45 -112.90 40.85
CA SER C 2798 81.51 -113.51 40.07
C SER C 2798 82.78 -112.69 40.30
N GLU C 2799 83.91 -113.14 39.77
CA GLU C 2799 85.15 -112.40 39.93
C GLU C 2799 85.08 -111.09 39.16
N LYS C 2800 84.38 -111.09 38.04
CA LYS C 2800 84.22 -109.89 37.23
C LYS C 2800 83.46 -108.81 37.99
N ASP C 2801 82.41 -109.21 38.70
CA ASP C 2801 81.58 -108.26 39.44
C ASP C 2801 82.25 -107.79 40.72
N LYS C 2802 83.07 -108.64 41.32
CA LYS C 2802 83.86 -108.25 42.47
C LYS C 2802 84.90 -107.21 42.06
N GLU C 2803 85.43 -107.38 40.85
CA GLU C 2803 86.48 -106.52 40.32
C GLU C 2803 85.99 -105.10 40.11
N ILE C 2804 84.67 -104.96 39.96
CA ILE C 2804 84.03 -103.66 39.87
C ILE C 2804 84.40 -102.81 41.08
N TYR C 2805 84.46 -103.45 42.24
CA TYR C 2805 84.79 -102.77 43.49
C TYR C 2805 86.27 -102.85 43.84
N ARG C 2806 86.94 -103.88 43.32
CA ARG C 2806 88.34 -104.12 43.69
C ARG C 2806 89.33 -103.28 42.90
N TRP C 2807 89.01 -102.97 41.64
CA TRP C 2807 89.89 -102.18 40.77
C TRP C 2807 90.18 -100.78 41.30
N PRO C 2808 89.13 -100.06 41.75
CA PRO C 2808 89.47 -98.70 42.20
C PRO C 2808 90.33 -98.71 43.46
N ILE C 2809 90.12 -99.71 44.32
CA ILE C 2809 90.87 -99.84 45.55
C ILE C 2809 92.33 -100.21 45.26
N LYS C 2810 92.53 -101.08 44.27
CA LYS C 2810 93.88 -101.47 43.86
C LYS C 2810 94.63 -100.32 43.22
N GLU C 2811 93.89 -99.45 42.52
CA GLU C 2811 94.47 -98.25 41.93
C GLU C 2811 94.93 -97.27 43.00
N SER C 2812 94.16 -97.20 44.09
CA SER C 2812 94.50 -96.34 45.21
C SER C 2812 95.76 -96.84 45.91
N LEU C 2813 95.80 -98.13 46.18
CA LEU C 2813 96.93 -98.76 46.86
C LEU C 2813 98.20 -98.71 46.04
N LYS C 2814 98.06 -98.83 44.72
CA LYS C 2814 99.22 -98.77 43.82
C LYS C 2814 99.82 -97.37 43.78
N ALA C 2815 98.97 -96.38 43.98
CA ALA C 2815 99.43 -94.99 44.05
C ALA C 2815 100.25 -94.78 45.31
N MET C 2816 99.77 -95.32 46.43
CA MET C 2816 100.46 -95.21 47.70
C MET C 2816 101.81 -95.92 47.68
N ILE C 2817 101.83 -97.09 47.05
CA ILE C 2817 103.06 -97.87 46.89
C ILE C 2817 104.05 -97.16 45.97
N ALA C 2818 103.52 -96.52 44.93
CA ALA C 2818 104.34 -95.77 43.99
C ALA C 2818 105.00 -94.58 44.67
N TRP C 2819 104.29 -94.00 45.64
CA TRP C 2819 104.84 -92.91 46.43
C TRP C 2819 105.78 -93.42 47.52
N GLU C 2820 105.96 -94.73 47.53
CA GLU C 2820 106.82 -95.42 48.50
C GLU C 2820 106.36 -95.16 49.93
N TRP C 2821 105.05 -95.17 50.12
CA TRP C 2821 104.46 -95.21 51.46
C TRP C 2821 104.52 -96.65 51.96
N THR C 2822 104.58 -96.83 53.27
CA THR C 2822 104.57 -98.18 53.83
C THR C 2822 103.20 -98.53 54.39
N ILE C 2823 102.74 -99.73 54.08
CA ILE C 2823 101.46 -100.23 54.58
C ILE C 2823 101.66 -101.56 55.30
N GLU C 2824 101.61 -101.54 56.63
CA GLU C 2824 101.91 -102.73 57.41
C GLU C 2824 100.90 -102.99 58.53
N LYS C 2825 100.48 -104.24 58.64
CA LYS C 2825 99.54 -104.67 59.68
C LYS C 2825 100.21 -104.65 61.05
N ALA C 2826 100.04 -103.54 61.78
CA ALA C 2826 100.70 -103.36 63.06
C ALA C 2826 99.86 -103.88 64.23
N ARG C 2827 98.54 -103.88 64.06
CA ARG C 2827 97.63 -104.29 65.12
C ARG C 2827 96.58 -105.28 64.63
N GLU C 2828 95.85 -105.85 65.58
CA GLU C 2828 94.66 -106.63 65.25
C GLU C 2828 93.55 -105.66 64.88
N GLY C 2829 92.63 -106.09 64.01
CA GLY C 2829 91.51 -105.25 63.61
C GLY C 2829 90.56 -104.98 64.76
N GLU C 2830 89.73 -103.94 64.61
CA GLU C 2830 88.74 -103.60 65.63
C GLU C 2830 87.67 -104.67 65.76
N TYR C 2855 68.02 -109.77 51.36
CA TYR C 2855 69.36 -109.20 51.53
C TYR C 2855 69.30 -107.94 52.39
N ASN C 2856 70.04 -107.95 53.50
CA ASN C 2856 69.99 -106.86 54.46
C ASN C 2856 71.39 -106.43 54.92
N PRO C 2857 72.06 -105.60 54.10
CA PRO C 2857 73.41 -105.13 54.39
C PRO C 2857 73.46 -104.12 55.53
N GLN C 2858 74.32 -104.40 56.51
CA GLN C 2858 74.57 -103.47 57.60
C GLN C 2858 76.07 -103.24 57.71
N PRO C 2859 76.63 -102.37 56.84
CA PRO C 2859 78.07 -102.13 56.83
C PRO C 2859 78.51 -101.39 58.09
N PRO C 2860 79.78 -101.57 58.49
CA PRO C 2860 80.32 -100.87 59.66
C PRO C 2860 80.26 -99.35 59.50
N ASP C 2861 80.11 -98.64 60.61
CA ASP C 2861 80.07 -97.19 60.60
C ASP C 2861 81.48 -96.62 60.75
N LEU C 2862 81.88 -95.76 59.82
CA LEU C 2862 83.22 -95.18 59.83
C LEU C 2862 83.21 -93.75 60.35
N SER C 2863 82.10 -93.35 60.96
CA SER C 2863 81.97 -91.99 61.49
C SER C 2863 82.88 -91.75 62.68
N GLY C 2864 83.10 -92.79 63.48
CA GLY C 2864 83.86 -92.66 64.70
C GLY C 2864 85.36 -92.90 64.57
N VAL C 2865 85.83 -93.09 63.34
CA VAL C 2865 87.26 -93.31 63.10
C VAL C 2865 87.98 -91.98 62.88
N THR C 2866 88.93 -91.68 63.77
CA THR C 2866 89.68 -90.43 63.68
C THR C 2866 91.04 -90.64 63.03
N LEU C 2867 91.34 -89.87 61.99
CA LEU C 2867 92.64 -89.90 61.35
C LEU C 2867 93.55 -88.84 61.96
N SER C 2868 94.82 -89.20 62.14
CA SER C 2868 95.80 -88.22 62.61
C SER C 2868 95.94 -87.10 61.59
N ARG C 2869 96.55 -85.98 61.98
CA ARG C 2869 96.76 -84.90 61.05
C ARG C 2869 97.64 -85.36 59.90
N GLU C 2870 98.58 -86.24 60.22
CA GLU C 2870 99.49 -86.75 59.21
C GLU C 2870 98.77 -87.64 58.19
N LEU C 2871 97.83 -88.45 58.67
CA LEU C 2871 97.04 -89.29 57.79
C LEU C 2871 96.06 -88.45 56.97
N GLN C 2872 95.56 -87.38 57.57
CA GLN C 2872 94.69 -86.45 56.86
C GLN C 2872 95.48 -85.75 55.76
N ALA C 2873 96.76 -85.49 56.04
CA ALA C 2873 97.65 -84.87 55.06
C ALA C 2873 97.91 -85.82 53.89
N MET C 2874 98.08 -87.11 54.19
CA MET C 2874 98.30 -88.12 53.16
C MET C 2874 97.03 -88.31 52.32
N ALA C 2875 95.88 -88.07 52.94
CA ALA C 2875 94.60 -88.15 52.23
C ALA C 2875 94.52 -87.06 51.16
N GLU C 2876 95.19 -85.94 51.40
CA GLU C 2876 95.19 -84.83 50.46
C GLU C 2876 95.96 -85.19 49.18
N GLN C 2877 97.03 -85.95 49.32
CA GLN C 2877 97.80 -86.39 48.16
C GLN C 2877 97.02 -87.42 47.37
N LEU C 2878 96.28 -88.29 48.07
CA LEU C 2878 95.41 -89.26 47.44
C LEU C 2878 94.26 -88.58 46.70
N ALA C 2879 93.66 -87.60 47.36
CA ALA C 2879 92.55 -86.86 46.78
C ALA C 2879 92.98 -86.11 45.53
N GLU C 2880 94.17 -85.52 45.58
CA GLU C 2880 94.73 -84.78 44.45
C GLU C 2880 94.95 -85.71 43.25
N ASN C 2881 95.38 -86.93 43.53
CA ASN C 2881 95.63 -87.92 42.48
C ASN C 2881 94.34 -88.43 41.87
N TYR C 2882 93.30 -88.54 42.69
CA TYR C 2882 91.96 -88.86 42.21
C TYR C 2882 91.50 -87.81 41.20
N HIS C 2883 91.73 -86.55 41.54
CA HIS C 2883 91.34 -85.43 40.70
C HIS C 2883 92.15 -85.39 39.41
N ASN C 2884 93.45 -85.69 39.51
CA ASN C 2884 94.31 -85.74 38.35
C ASN C 2884 93.95 -86.89 37.41
N THR C 2885 93.49 -88.00 38.01
CA THR C 2885 93.08 -89.15 37.22
C THR C 2885 91.79 -88.85 36.46
N TRP C 2886 90.84 -88.22 37.15
CA TRP C 2886 89.61 -87.79 36.53
C TRP C 2886 89.89 -86.74 35.45
N GLY C 2887 90.76 -85.80 35.77
CA GLY C 2887 91.09 -84.71 34.88
C GLY C 2887 91.73 -85.17 33.58
N ARG C 2888 92.69 -86.08 33.69
CA ARG C 2888 93.36 -86.64 32.53
C ARG C 2888 92.39 -87.44 31.67
N LYS C 2889 91.51 -88.20 32.32
CA LYS C 2889 90.51 -89.00 31.62
C LYS C 2889 89.46 -88.09 30.98
N LYS C 2890 89.13 -87.00 31.66
CA LYS C 2890 88.14 -86.05 31.17
C LYS C 2890 88.64 -85.32 29.92
N LYS C 2891 89.92 -84.95 29.92
CA LYS C 2891 90.52 -84.27 28.79
C LYS C 2891 90.49 -85.15 27.54
N GLN C 2892 90.73 -86.44 27.74
CA GLN C 2892 90.72 -87.41 26.65
C GLN C 2892 89.30 -87.68 26.17
N GLU C 2893 88.35 -87.66 27.10
CA GLU C 2893 86.95 -87.85 26.75
C GLU C 2893 86.44 -86.69 25.91
N LEU C 2894 86.80 -85.47 26.31
CA LEU C 2894 86.38 -84.26 25.62
C LEU C 2894 86.91 -84.21 24.18
N GLU C 2895 88.20 -84.52 24.02
CA GLU C 2895 88.82 -84.52 22.70
C GLU C 2895 88.23 -85.59 21.79
N ALA C 2896 87.87 -86.72 22.37
CA ALA C 2896 87.26 -87.82 21.61
C ALA C 2896 85.87 -87.45 21.13
N LYS C 2897 85.23 -86.50 21.81
CA LYS C 2897 83.86 -86.13 21.50
C LYS C 2897 83.76 -84.79 20.76
N GLY C 2898 84.90 -84.27 20.33
CA GLY C 2898 84.91 -83.09 19.48
C GLY C 2898 85.48 -81.84 20.13
N GLY C 2899 85.98 -81.97 21.35
CA GLY C 2899 86.54 -80.84 22.06
C GLY C 2899 85.56 -80.26 23.06
N GLY C 2900 85.94 -79.13 23.67
CA GLY C 2900 85.11 -78.51 24.68
C GLY C 2900 85.86 -78.34 25.99
N THR C 2901 85.15 -77.93 27.04
CA THR C 2901 85.78 -77.67 28.33
C THR C 2901 84.95 -78.17 29.50
N HIS C 2902 85.54 -78.09 30.69
CA HIS C 2902 84.87 -78.46 31.94
C HIS C 2902 85.41 -77.56 33.05
N PRO C 2903 84.50 -76.98 33.85
CA PRO C 2903 84.88 -76.00 34.89
C PRO C 2903 85.80 -76.57 35.97
N LEU C 2904 85.82 -77.90 36.12
CA LEU C 2904 86.62 -78.53 37.17
C LEU C 2904 87.99 -78.94 36.66
N LEU C 2905 88.30 -78.62 35.41
CA LEU C 2905 89.62 -78.89 34.85
C LEU C 2905 90.61 -77.83 35.29
N VAL C 2906 90.83 -77.75 36.61
CA VAL C 2906 91.79 -76.84 37.20
C VAL C 2906 92.60 -77.63 38.23
N PRO C 2907 93.76 -77.11 38.65
CA PRO C 2907 94.54 -77.81 39.68
C PRO C 2907 93.73 -78.05 40.97
N TYR C 2908 93.98 -79.18 41.62
CA TYR C 2908 93.23 -79.59 42.82
C TYR C 2908 93.25 -78.52 43.91
N ASP C 2909 94.39 -77.86 44.08
CA ASP C 2909 94.54 -76.86 45.13
C ASP C 2909 93.71 -75.61 44.88
N THR C 2910 93.27 -75.41 43.65
CA THR C 2910 92.49 -74.23 43.30
C THR C 2910 90.99 -74.51 43.42
N LEU C 2911 90.64 -75.78 43.63
CA LEU C 2911 89.25 -76.16 43.86
C LEU C 2911 88.73 -75.56 45.16
N THR C 2912 87.43 -75.37 45.25
CA THR C 2912 86.80 -74.94 46.49
C THR C 2912 86.70 -76.13 47.43
N ALA C 2913 86.39 -75.85 48.70
CA ALA C 2913 86.24 -76.91 49.69
C ALA C 2913 85.12 -77.87 49.29
N LYS C 2914 84.06 -77.31 48.72
CA LYS C 2914 82.94 -78.11 48.23
C LYS C 2914 83.35 -79.03 47.08
N GLU C 2915 84.20 -78.51 46.20
CA GLU C 2915 84.63 -79.25 45.03
C GLU C 2915 85.66 -80.33 45.37
N LYS C 2916 86.31 -80.18 46.52
CA LYS C 2916 87.32 -81.14 46.96
C LYS C 2916 86.70 -82.29 47.75
N ALA C 2917 85.47 -82.10 48.23
CA ALA C 2917 84.83 -83.01 49.19
C ALA C 2917 84.79 -84.47 48.75
N ARG C 2918 84.40 -84.71 47.49
CA ARG C 2918 84.24 -86.07 46.99
C ARG C 2918 85.56 -86.83 46.96
N ASP C 2919 86.62 -86.17 46.53
CA ASP C 2919 87.94 -86.78 46.47
C ASP C 2919 88.49 -87.00 47.88
N ARG C 2920 88.21 -86.06 48.76
CA ARG C 2920 88.65 -86.13 50.15
C ARG C 2920 87.96 -87.28 50.87
N GLU C 2921 86.67 -87.46 50.60
CA GLU C 2921 85.90 -88.52 51.25
C GLU C 2921 86.38 -89.90 50.82
N LYS C 2922 86.72 -90.04 49.54
CA LYS C 2922 87.21 -91.31 49.03
C LYS C 2922 88.55 -91.67 49.67
N ALA C 2923 89.43 -90.67 49.78
CA ALA C 2923 90.73 -90.86 50.40
C ALA C 2923 90.59 -91.18 51.89
N GLN C 2924 89.66 -90.48 52.55
CA GLN C 2924 89.40 -90.70 53.97
C GLN C 2924 88.92 -92.12 54.24
N GLU C 2925 87.94 -92.55 53.46
CA GLU C 2925 87.33 -93.87 53.61
C GLU C 2925 88.35 -94.99 53.54
N LEU C 2926 89.30 -94.87 52.61
CA LEU C 2926 90.34 -95.88 52.44
C LEU C 2926 91.27 -95.93 53.65
N LEU C 2927 91.75 -94.77 54.08
CA LEU C 2927 92.66 -94.68 55.21
C LEU C 2927 91.98 -95.06 56.52
N LYS C 2928 90.69 -94.77 56.62
CA LYS C 2928 89.92 -95.13 57.80
C LYS C 2928 89.77 -96.64 57.93
N PHE C 2929 89.46 -97.30 56.81
CA PHE C 2929 89.25 -98.74 56.81
C PHE C 2929 90.56 -99.49 57.01
N LEU C 2930 91.65 -98.92 56.51
CA LEU C 2930 92.98 -99.46 56.76
C LEU C 2930 93.30 -99.42 58.24
N GLN C 2931 93.04 -98.27 58.86
CA GLN C 2931 93.30 -98.07 60.28
C GLN C 2931 92.45 -98.99 61.14
N MET C 2932 91.20 -99.17 60.74
CA MET C 2932 90.26 -100.00 61.49
C MET C 2932 90.67 -101.48 61.44
N ASN C 2933 91.30 -101.87 60.34
CA ASN C 2933 91.77 -103.24 60.19
C ASN C 2933 93.20 -103.43 60.70
N GLY C 2934 93.69 -102.40 61.40
CA GLY C 2934 94.95 -102.50 62.11
C GLY C 2934 96.20 -102.16 61.30
N TYR C 2935 96.03 -101.48 60.17
CA TYR C 2935 97.16 -101.13 59.32
C TYR C 2935 97.74 -99.77 59.66
N ALA C 2936 99.07 -99.70 59.74
CA ALA C 2936 99.76 -98.43 59.92
C ALA C 2936 100.24 -97.92 58.56
N VAL C 2937 99.88 -96.70 58.22
CA VAL C 2937 100.30 -96.12 56.95
C VAL C 2937 101.25 -94.96 57.18
N THR C 2938 102.50 -95.13 56.73
CA THR C 2938 103.53 -94.12 56.91
C THR C 2938 104.25 -93.84 55.60
N ARG C 2939 104.99 -92.74 55.56
CA ARG C 2939 105.80 -92.41 54.39
C ARG C 2939 107.21 -92.00 54.78
N UNK C 2940 77.27 -55.74 43.61
CA UNK C 2940 78.47 -56.06 42.84
C UNK C 2940 78.51 -55.20 41.58
N UNK C 2941 77.90 -54.03 41.67
CA UNK C 2941 77.80 -53.17 40.51
C UNK C 2941 79.20 -52.79 40.03
N UNK C 2942 80.09 -52.50 40.96
CA UNK C 2942 81.44 -52.10 40.59
C UNK C 2942 82.15 -53.23 39.86
N UNK C 2943 81.98 -54.46 40.34
CA UNK C 2943 82.60 -55.61 39.70
C UNK C 2943 82.05 -55.80 38.29
N UNK C 2944 80.75 -55.63 38.15
CA UNK C 2944 80.12 -55.80 36.86
C UNK C 2944 80.70 -54.77 35.92
N UNK C 2945 80.87 -53.57 36.44
CA UNK C 2945 81.38 -52.45 35.67
C UNK C 2945 82.79 -52.74 35.21
N UNK C 2946 83.61 -53.31 36.10
CA UNK C 2946 84.98 -53.62 35.74
C UNK C 2946 84.99 -54.64 34.63
N UNK C 2947 84.13 -55.64 34.74
CA UNK C 2947 84.10 -56.67 33.71
C UNK C 2947 83.71 -56.05 32.37
N UNK C 2948 82.71 -55.17 32.41
CA UNK C 2948 82.22 -54.53 31.19
C UNK C 2948 83.31 -53.69 30.55
N UNK C 2949 84.05 -52.97 31.38
CA UNK C 2949 85.12 -52.11 30.91
C UNK C 2949 86.20 -52.95 30.25
N UNK C 2950 86.49 -54.09 30.86
CA UNK C 2950 87.48 -54.99 30.33
C UNK C 2950 87.03 -55.47 28.97
N UNK C 2951 85.74 -55.76 28.85
CA UNK C 2951 85.16 -56.21 27.59
C UNK C 2951 85.29 -55.13 26.52
N UNK C 2952 85.06 -53.89 26.91
CA UNK C 2952 85.19 -52.77 25.99
C UNK C 2952 86.63 -52.62 25.54
N UNK C 2953 87.56 -52.82 26.46
CA UNK C 2953 88.98 -52.73 26.16
C UNK C 2953 89.34 -53.82 25.17
N UNK C 2954 88.75 -54.99 25.36
CA UNK C 2954 88.97 -56.13 24.48
C UNK C 2954 88.46 -55.82 23.09
N UNK C 2955 87.31 -55.16 23.03
CA UNK C 2955 86.72 -54.74 21.77
C UNK C 2955 87.66 -53.76 21.07
N UNK C 2956 88.26 -52.88 21.87
CA UNK C 2956 89.22 -51.93 21.36
C UNK C 2956 90.43 -52.65 20.78
N UNK C 2957 90.88 -53.69 21.47
CA UNK C 2957 92.00 -54.49 20.99
C UNK C 2957 91.64 -55.15 19.68
N UNK C 2958 90.40 -55.62 19.58
CA UNK C 2958 89.91 -56.26 18.37
C UNK C 2958 89.31 -55.22 17.43
N UNK C 2959 94.36 -63.63 25.85
CA UNK C 2959 93.57 -64.28 26.90
C UNK C 2959 92.12 -63.80 26.87
N UNK C 2960 91.72 -63.21 25.75
CA UNK C 2960 90.37 -62.67 25.61
C UNK C 2960 89.30 -63.76 25.70
N UNK C 2961 89.57 -64.92 25.11
CA UNK C 2961 88.64 -66.04 25.17
C UNK C 2961 88.48 -66.48 26.62
N UNK C 2962 89.59 -66.47 27.34
CA UNK C 2962 89.59 -66.82 28.76
C UNK C 2962 88.75 -65.83 29.54
N UNK C 2963 88.88 -64.55 29.20
CA UNK C 2963 88.11 -63.52 29.87
C UNK C 2963 86.65 -63.77 29.61
N UNK C 2964 86.33 -64.17 28.38
CA UNK C 2964 84.96 -64.46 27.99
C UNK C 2964 84.40 -65.63 28.78
N UNK C 2965 85.21 -66.65 28.99
CA UNK C 2965 84.82 -67.80 29.78
C UNK C 2965 84.56 -67.39 31.21
N UNK C 2966 85.41 -66.51 31.72
CA UNK C 2966 85.26 -66.04 33.09
C UNK C 2966 83.93 -65.33 33.18
N UNK C 2967 83.64 -64.56 32.13
CA UNK C 2967 82.40 -63.80 32.05
C UNK C 2967 81.18 -64.71 32.04
N UNK C 2968 81.27 -65.80 31.28
CA UNK C 2968 80.18 -66.76 31.21
C UNK C 2968 79.96 -67.37 32.59
N UNK C 2969 81.05 -67.66 33.28
CA UNK C 2969 80.96 -68.25 34.60
C UNK C 2969 80.26 -67.27 35.55
N UNK C 2970 80.62 -65.99 35.41
CA UNK C 2970 80.03 -64.97 36.24
C UNK C 2970 78.53 -64.88 35.98
N UNK C 2971 78.16 -64.95 34.71
CA UNK C 2971 76.77 -64.85 34.35
C UNK C 2971 76.02 -66.02 34.96
N UNK C 2972 76.62 -67.21 34.89
CA UNK C 2972 75.97 -68.40 35.42
C UNK C 2972 75.77 -68.27 36.92
N UNK C 2973 76.78 -67.74 37.59
CA UNK C 2973 76.73 -67.58 39.03
C UNK C 2973 75.62 -66.60 39.39
N UNK C 2974 75.50 -65.54 38.59
CA UNK C 2974 74.47 -64.54 38.80
C UNK C 2974 73.09 -65.14 38.61
N UNK C 2975 72.96 -66.01 37.62
CA UNK C 2975 71.69 -66.68 37.36
C UNK C 2975 71.33 -67.54 38.56
N UNK C 2976 72.34 -68.22 39.10
CA UNK C 2976 72.13 -69.06 40.27
C UNK C 2976 71.66 -68.21 41.44
N UNK C 2977 72.27 -67.03 41.58
CA UNK C 2977 71.92 -66.12 42.65
C UNK C 2977 70.47 -65.65 42.51
N UNK C 2978 70.05 -65.38 41.28
CA UNK C 2978 68.70 -64.93 41.02
C UNK C 2978 68.27 -63.85 42.02
N UNK C 2979 74.20 -51.38 35.08
CA UNK C 2979 73.23 -51.77 34.07
C UNK C 2979 73.54 -51.13 32.73
N UNK C 2980 73.80 -49.82 32.75
CA UNK C 2980 74.10 -49.08 31.54
C UNK C 2980 75.35 -49.69 30.94
N UNK C 2981 76.23 -50.08 31.83
CA UNK C 2981 77.44 -50.79 31.44
C UNK C 2981 76.97 -52.06 30.76
N UNK C 2982 75.90 -52.65 31.28
CA UNK C 2982 75.38 -53.89 30.71
C UNK C 2982 74.92 -53.70 29.28
N UNK C 2983 74.24 -52.59 29.01
CA UNK C 2983 73.81 -52.24 27.66
C UNK C 2983 75.00 -52.00 26.74
N UNK C 2984 76.03 -51.36 27.28
CA UNK C 2984 77.23 -51.12 26.49
C UNK C 2984 77.82 -52.47 26.12
N UNK C 2985 77.81 -53.37 27.09
CA UNK C 2985 78.36 -54.70 26.92
C UNK C 2985 77.59 -55.41 25.83
N UNK C 2986 76.27 -55.24 25.83
CA UNK C 2986 75.41 -55.83 24.82
C UNK C 2986 75.69 -55.33 23.42
N UNK C 2987 75.94 -54.02 23.29
CA UNK C 2987 76.31 -53.47 21.98
C UNK C 2987 77.65 -54.07 21.52
N UNK C 2988 78.55 -54.17 22.48
CA UNK C 2988 79.88 -54.69 22.21
C UNK C 2988 79.69 -56.12 21.73
N UNK C 2989 78.74 -56.80 22.34
CA UNK C 2989 78.34 -58.16 22.05
C UNK C 2989 77.76 -58.37 20.66
N UNK C 2990 76.95 -57.44 20.19
CA UNK C 2990 76.48 -57.51 18.81
C UNK C 2990 77.69 -57.40 17.91
N UNK C 2991 78.61 -56.50 18.28
CA UNK C 2991 79.81 -56.33 17.50
C UNK C 2991 80.61 -57.64 17.48
N UNK C 2992 80.64 -58.29 18.63
CA UNK C 2992 81.32 -59.57 18.84
C UNK C 2992 80.72 -60.68 18.02
N UNK C 2993 79.39 -60.68 17.89
CA UNK C 2993 78.68 -61.63 17.07
C UNK C 2993 79.09 -61.44 15.62
N UNK C 2994 79.20 -60.18 15.22
CA UNK C 2994 79.64 -59.89 13.86
C UNK C 2994 81.05 -60.44 13.69
N UNK C 2995 81.85 -60.28 14.73
CA UNK C 2995 83.23 -60.76 14.73
C UNK C 2995 83.29 -62.28 14.59
N UNK C 2996 82.43 -62.98 15.31
CA UNK C 2996 82.45 -64.43 15.24
C UNK C 2996 82.13 -64.76 13.81
N UNK C 2997 81.12 -64.08 13.29
CA UNK C 2997 80.52 -64.41 12.02
C UNK C 2997 81.62 -64.32 10.98
N UNK C 2998 82.48 -63.31 11.10
CA UNK C 2998 83.71 -63.35 10.32
C UNK C 2998 84.87 -63.12 11.27
N UNK C 2999 85.53 -64.18 11.71
CA UNK C 2999 86.30 -65.15 10.95
C UNK C 2999 85.64 -66.49 10.65
N UNK C 3000 84.36 -66.61 10.98
CA UNK C 3000 83.63 -67.87 10.85
C UNK C 3000 83.98 -68.79 12.00
N UNK C 3001 81.14 -66.85 25.42
CA UNK C 3001 80.57 -66.94 24.08
C UNK C 3001 79.11 -67.37 24.15
N UNK C 3002 78.87 -68.66 23.94
CA UNK C 3002 77.52 -69.20 23.99
C UNK C 3002 76.99 -68.97 25.39
N UNK C 3003 77.89 -69.13 26.35
CA UNK C 3003 77.57 -68.88 27.74
C UNK C 3003 77.19 -67.42 27.86
N UNK C 3004 77.90 -66.56 27.14
CA UNK C 3004 77.62 -65.13 27.23
C UNK C 3004 76.18 -64.87 26.74
N UNK C 3005 75.79 -65.51 25.65
CA UNK C 3005 74.44 -65.36 25.10
C UNK C 3005 73.37 -65.85 26.09
N UNK C 3006 73.64 -66.99 26.72
CA UNK C 3006 72.68 -67.52 27.69
C UNK C 3006 72.54 -66.55 28.86
N UNK C 3007 73.68 -66.00 29.26
CA UNK C 3007 73.74 -65.08 30.37
C UNK C 3007 72.92 -63.86 30.01
N UNK C 3008 73.05 -63.44 28.76
CA UNK C 3008 72.32 -62.29 28.28
C UNK C 3008 70.82 -62.54 28.34
N UNK C 3009 70.40 -63.73 27.96
CA UNK C 3009 68.97 -64.06 28.07
C UNK C 3009 68.48 -64.03 29.52
N UNK C 3010 69.29 -64.57 30.42
CA UNK C 3010 68.92 -64.57 31.83
C UNK C 3010 68.82 -63.13 32.32
N UNK C 3011 69.75 -62.33 31.85
CA UNK C 3011 69.87 -60.92 32.19
C UNK C 3011 68.65 -60.18 31.72
N UNK C 3012 68.17 -60.55 30.55
CA UNK C 3012 66.97 -59.99 29.96
C UNK C 3012 65.76 -60.30 30.81
N UNK C 3013 65.68 -61.53 31.31
CA UNK C 3013 64.57 -61.86 32.20
C UNK C 3013 64.68 -60.98 33.45
N UNK C 3014 65.89 -60.83 33.95
CA UNK C 3014 66.11 -60.03 35.14
C UNK C 3014 65.69 -58.60 34.91
N UNK C 3015 66.00 -58.09 33.72
CA UNK C 3015 65.67 -56.74 33.30
C UNK C 3015 64.17 -56.51 33.19
N UNK C 3016 63.47 -57.51 32.67
CA UNK C 3016 62.03 -57.44 32.57
C UNK C 3016 61.51 -57.33 33.98
N UNK C 3017 62.13 -58.09 34.88
CA UNK C 3017 61.75 -58.04 36.28
C UNK C 3017 62.00 -56.66 36.92
N UNK C 3018 63.14 -56.06 36.60
CA UNK C 3018 63.49 -54.76 37.14
C UNK C 3018 62.63 -53.68 36.52
N UNK C 3019 59.76 -45.44 28.48
CA UNK C 3019 59.78 -45.22 27.02
C UNK C 3019 61.21 -45.35 26.49
N UNK C 3020 62.11 -44.70 27.21
CA UNK C 3020 63.54 -44.69 26.88
C UNK C 3020 64.08 -46.12 26.85
N UNK C 3021 63.79 -46.82 27.94
CA UNK C 3021 64.25 -48.17 28.17
C UNK C 3021 63.60 -49.03 27.13
N UNK C 3022 62.33 -48.75 26.85
CA UNK C 3022 61.71 -49.42 25.74
C UNK C 3022 62.49 -49.00 24.50
N UNK C 3023 62.75 -47.70 24.37
CA UNK C 3023 63.46 -47.18 23.20
C UNK C 3023 64.89 -47.67 23.06
N UNK C 3024 65.62 -47.65 24.17
CA UNK C 3024 67.00 -48.08 24.14
C UNK C 3024 66.99 -49.55 23.77
N UNK C 3025 66.03 -50.25 24.35
CA UNK C 3025 65.96 -51.68 24.16
C UNK C 3025 65.75 -51.96 22.70
N UNK C 3026 64.86 -51.19 22.08
CA UNK C 3026 64.51 -51.35 20.69
C UNK C 3026 65.72 -51.09 19.81
N UNK C 3027 66.48 -50.05 20.11
CA UNK C 3027 67.64 -49.76 19.30
C UNK C 3027 68.62 -50.92 19.38
N UNK C 3028 68.80 -51.42 20.60
CA UNK C 3028 69.76 -52.49 20.82
C UNK C 3028 69.31 -53.70 20.03
N UNK C 3029 68.01 -53.95 20.07
CA UNK C 3029 67.43 -55.10 19.41
C UNK C 3029 67.63 -55.01 17.93
N UNK C 3030 67.44 -53.83 17.37
CA UNK C 3030 67.60 -53.63 15.95
C UNK C 3030 69.05 -53.91 15.56
N UNK C 3031 69.98 -53.41 16.36
CA UNK C 3031 71.38 -53.63 16.01
C UNK C 3031 71.67 -55.13 16.04
N UNK C 3032 71.14 -55.79 17.06
CA UNK C 3032 71.38 -57.22 17.24
C UNK C 3032 70.81 -58.00 16.07
N UNK C 3033 69.63 -57.60 15.61
CA UNK C 3033 68.96 -58.25 14.49
C UNK C 3033 69.77 -58.09 13.23
N UNK C 3034 70.32 -56.89 13.03
CA UNK C 3034 71.14 -56.66 11.85
C UNK C 3034 72.34 -57.58 11.92
N UNK C 3035 72.92 -57.70 13.12
CA UNK C 3035 74.08 -58.56 13.29
C UNK C 3035 73.74 -60.01 12.97
N UNK C 3036 72.59 -60.46 13.43
CA UNK C 3036 72.16 -61.83 13.21
C UNK C 3036 71.96 -62.07 11.73
N UNK C 3037 71.40 -61.07 11.07
CA UNK C 3037 71.10 -61.15 9.65
C UNK C 3037 71.75 -59.99 8.91
N UNK C 3038 66.38 -66.91 18.90
CA UNK C 3038 65.11 -67.38 19.42
C UNK C 3038 64.69 -66.58 20.65
N UNK C 3039 65.44 -66.75 21.73
CA UNK C 3039 65.15 -66.06 22.97
C UNK C 3039 65.24 -64.57 22.71
N UNK C 3040 66.21 -64.20 21.89
CA UNK C 3040 66.37 -62.80 21.53
C UNK C 3040 65.10 -62.38 20.82
N UNK C 3041 64.56 -63.26 19.98
CA UNK C 3041 63.34 -62.95 19.24
C UNK C 3041 62.13 -62.72 20.13
N UNK C 3042 62.00 -63.54 21.18
CA UNK C 3042 60.93 -63.38 22.18
C UNK C 3042 61.09 -62.08 22.95
N UNK C 3043 62.34 -61.76 23.25
CA UNK C 3043 62.67 -60.55 23.95
C UNK C 3043 62.20 -59.42 23.06
N UNK C 3044 62.43 -59.63 21.77
CA UNK C 3044 62.07 -58.71 20.70
C UNK C 3044 60.57 -58.49 20.60
N UNK C 3045 59.77 -59.53 20.77
CA UNK C 3045 58.30 -59.40 20.87
C UNK C 3045 57.84 -58.60 22.10
N UNK C 3046 58.51 -58.86 23.21
CA UNK C 3046 58.21 -58.09 24.41
C UNK C 3046 58.53 -56.64 24.05
N UNK C 3047 59.60 -56.51 23.27
CA UNK C 3047 60.14 -55.27 22.74
C UNK C 3047 59.21 -54.50 21.79
N UNK C 3048 58.45 -55.21 20.96
CA UNK C 3048 57.37 -54.67 20.14
C UNK C 3048 56.24 -54.13 21.00
N UNK C 3049 55.94 -54.85 22.08
CA UNK C 3049 54.98 -54.30 23.03
C UNK C 3049 55.58 -53.00 23.58
N UNK C 3050 56.88 -53.08 23.84
CA UNK C 3050 57.66 -51.96 24.35
C UNK C 3050 57.66 -50.80 23.38
N UNK C 3051 57.60 -51.12 22.09
CA UNK C 3051 57.44 -50.26 20.91
C UNK C 3051 56.11 -49.52 20.79
N UNK C 3052 55.02 -50.18 21.13
CA UNK C 3052 53.77 -49.45 21.31
C UNK C 3052 54.02 -48.48 22.46
N UNK C 3053 54.76 -49.00 23.44
CA UNK C 3053 55.13 -48.20 24.60
C UNK C 3053 55.96 -47.01 24.14
N UNK C 3054 56.77 -47.25 23.12
CA UNK C 3054 57.64 -46.29 22.44
C UNK C 3054 56.91 -45.21 21.67
N UNK C 3055 55.80 -45.57 21.05
CA UNK C 3055 54.96 -44.57 20.43
C UNK C 3055 54.51 -43.68 21.57
N UNK C 3056 54.16 -44.33 22.68
CA UNK C 3056 53.75 -43.57 23.87
C UNK C 3056 54.88 -42.66 24.38
N UNK C 3057 56.09 -43.18 24.37
CA UNK C 3057 57.28 -42.50 24.82
C UNK C 3057 57.54 -41.29 23.94
N UNK C 3058 57.26 -41.47 22.66
CA UNK C 3058 57.38 -40.43 21.65
C UNK C 3058 56.41 -39.31 21.95
N UNK C 3059 55.20 -39.69 22.35
CA UNK C 3059 54.21 -38.69 22.76
C UNK C 3059 54.72 -37.94 23.98
N UNK C 3060 55.34 -38.69 24.88
CA UNK C 3060 55.94 -38.11 26.09
C UNK C 3060 57.04 -37.13 25.73
N UNK C 3061 57.82 -37.49 24.71
CA UNK C 3061 58.89 -36.66 24.18
C UNK C 3061 58.34 -35.39 23.59
N UNK C 3062 57.21 -35.50 22.90
CA UNK C 3062 56.57 -34.35 22.33
C UNK C 3062 56.18 -33.44 23.48
N UNK C 3063 55.70 -34.06 24.54
CA UNK C 3063 55.30 -33.30 25.72
C UNK C 3063 56.47 -32.56 26.36
N UNK C 3064 57.62 -33.22 26.46
CA UNK C 3064 58.81 -32.63 27.07
C UNK C 3064 59.88 -33.67 27.34
N UNK C 3065 68.63 -31.95 28.79
CA UNK C 3065 68.64 -32.74 30.02
C UNK C 3065 68.71 -34.22 29.72
N UNK C 3066 69.05 -35.01 30.72
CA UNK C 3066 69.21 -36.44 30.51
C UNK C 3066 67.91 -37.11 30.09
N UNK C 3067 66.80 -36.77 30.73
CA UNK C 3067 65.56 -37.46 30.41
C UNK C 3067 65.16 -37.17 28.98
N UNK C 3068 65.24 -35.90 28.60
CA UNK C 3068 64.85 -35.52 27.27
C UNK C 3068 65.76 -36.18 26.27
N UNK C 3069 67.05 -36.21 26.60
CA UNK C 3069 68.03 -36.72 25.67
C UNK C 3069 67.74 -38.18 25.44
N UNK C 3070 67.46 -38.88 26.54
CA UNK C 3070 67.25 -40.31 26.47
C UNK C 3070 66.03 -40.58 25.60
N UNK C 3071 64.98 -39.80 25.82
CA UNK C 3071 63.75 -40.05 25.07
C UNK C 3071 63.99 -39.86 23.59
N UNK C 3072 64.70 -38.78 23.24
CA UNK C 3072 64.93 -38.52 21.83
C UNK C 3072 65.75 -39.61 21.20
N UNK C 3073 66.79 -40.02 21.92
CA UNK C 3073 67.71 -40.99 21.36
C UNK C 3073 66.90 -42.23 21.12
N UNK C 3074 66.07 -42.57 22.10
CA UNK C 3074 65.35 -43.81 22.03
C UNK C 3074 64.44 -43.78 20.83
N UNK C 3075 63.74 -42.67 20.63
CA UNK C 3075 62.80 -42.62 19.53
C UNK C 3075 63.51 -42.79 18.19
N UNK C 3076 64.63 -42.07 18.02
CA UNK C 3076 65.29 -42.15 16.73
C UNK C 3076 65.75 -43.58 16.50
N UNK C 3077 66.34 -44.13 17.55
CA UNK C 3077 66.98 -45.42 17.42
C UNK C 3077 65.90 -46.40 17.06
N UNK C 3078 64.77 -46.28 17.72
CA UNK C 3078 63.67 -47.21 17.56
C UNK C 3078 63.11 -47.18 16.15
N UNK C 3079 62.91 -45.99 15.60
CA UNK C 3079 62.35 -45.93 14.26
C UNK C 3079 63.33 -46.60 13.32
N UNK C 3080 64.61 -46.27 13.53
CA UNK C 3080 65.62 -46.76 12.60
C UNK C 3080 65.61 -48.27 12.67
N UNK C 3081 65.52 -48.76 13.90
CA UNK C 3081 65.57 -50.18 14.22
C UNK C 3081 64.42 -50.95 13.62
N UNK C 3082 63.22 -50.38 13.66
CA UNK C 3082 62.05 -51.00 13.05
C UNK C 3082 62.21 -51.12 11.55
N UNK C 3083 62.75 -50.05 10.96
CA UNK C 3083 62.95 -50.09 9.53
C UNK C 3083 63.94 -51.21 9.27
N UNK C 3084 64.94 -51.26 10.13
CA UNK C 3084 66.05 -52.17 9.99
C UNK C 3084 65.49 -53.57 10.06
N UNK C 3085 64.56 -53.79 10.97
CA UNK C 3085 63.91 -55.06 11.20
C UNK C 3085 63.08 -55.57 10.03
N UNK C 3086 62.32 -54.71 9.34
CA UNK C 3086 61.66 -55.18 8.13
C UNK C 3086 62.70 -55.53 7.07
N UNK C 3087 63.67 -54.62 7.01
CA UNK C 3087 64.73 -54.76 6.04
C UNK C 3087 65.48 -56.04 6.35
N UNK C 3088 65.37 -56.48 7.60
CA UNK C 3088 66.14 -57.53 8.20
C UNK C 3088 65.39 -58.85 8.36
N UNK C 3089 64.11 -58.85 8.05
CA UNK C 3089 63.43 -60.02 7.53
C UNK C 3089 64.10 -60.24 6.19
N UNK C 3090 64.29 -59.13 5.48
CA UNK C 3090 65.08 -59.25 4.26
C UNK C 3090 66.49 -59.71 4.67
N UNK C 3091 66.96 -59.23 5.82
CA UNK C 3091 68.28 -59.55 6.33
C UNK C 3091 68.41 -61.02 6.66
N UNK C 3092 67.35 -61.61 7.19
CA UNK C 3092 67.30 -63.02 7.52
C UNK C 3092 67.41 -63.80 6.23
N UNK C 3093 66.73 -63.33 5.19
CA UNK C 3093 66.86 -64.01 3.90
C UNK C 3093 68.31 -63.94 3.44
N UNK C 3094 68.91 -62.76 3.62
CA UNK C 3094 70.29 -62.54 3.22
C UNK C 3094 71.25 -63.44 4.00
N UNK C 3095 70.96 -63.60 5.28
CA UNK C 3095 71.72 -64.40 6.21
C UNK C 3095 71.67 -65.85 5.79
N UNK C 3096 70.48 -66.28 5.36
CA UNK C 3096 70.30 -67.63 4.89
C UNK C 3096 71.17 -67.82 3.67
N UNK C 3097 71.19 -66.81 2.80
CA UNK C 3097 72.04 -66.89 1.61
C UNK C 3097 73.52 -67.00 1.99
N UNK C 3098 73.94 -66.23 2.98
CA UNK C 3098 75.33 -66.25 3.43
C UNK C 3098 75.68 -67.62 4.00
N UNK C 3099 74.74 -68.18 4.75
CA UNK C 3099 74.90 -69.49 5.37
C UNK C 3099 75.06 -70.55 4.30
N UNK C 3100 74.29 -70.43 3.24
CA UNK C 3100 74.35 -71.37 2.14
C UNK C 3100 75.80 -71.62 1.74
N UNK C 3101 63.96 -55.52 -13.15
CA UNK C 3101 64.11 -55.42 -11.70
C UNK C 3101 63.17 -56.37 -10.98
N UNK C 3102 61.88 -56.05 -11.01
CA UNK C 3102 60.88 -56.88 -10.36
C UNK C 3102 60.87 -58.25 -11.02
N UNK C 3103 61.01 -58.26 -12.35
CA UNK C 3103 61.07 -59.50 -13.10
C UNK C 3103 62.30 -60.30 -12.68
N UNK C 3104 63.41 -59.60 -12.46
CA UNK C 3104 64.64 -60.25 -12.04
C UNK C 3104 64.42 -60.90 -10.68
N UNK C 3105 63.69 -60.20 -9.82
CA UNK C 3105 63.34 -60.69 -8.50
C UNK C 3105 62.46 -61.94 -8.57
N UNK C 3106 61.53 -61.94 -9.50
CA UNK C 3106 60.66 -63.09 -9.72
C UNK C 3106 61.52 -64.27 -10.15
N UNK C 3107 62.50 -63.99 -11.01
CA UNK C 3107 63.42 -65.01 -11.47
C UNK C 3107 64.21 -65.58 -10.30
N UNK C 3108 64.63 -64.69 -9.40
CA UNK C 3108 65.37 -65.10 -8.22
C UNK C 3108 64.50 -65.99 -7.33
N UNK C 3109 63.22 -65.63 -7.23
CA UNK C 3109 62.27 -66.41 -6.44
C UNK C 3109 62.15 -67.79 -7.04
N UNK C 3110 62.11 -67.85 -8.36
CA UNK C 3110 62.05 -69.12 -9.06
C UNK C 3110 63.29 -69.95 -8.80
N UNK C 3111 64.45 -69.31 -8.79
CA UNK C 3111 65.71 -69.99 -8.55
C UNK C 3111 65.83 -70.46 -7.11
N UNK C 3112 65.35 -71.65 6.65
CA UNK C 3112 65.17 -71.08 5.33
C UNK C 3112 63.78 -70.46 5.19
N UNK C 3113 62.89 -71.14 4.46
CA UNK C 3113 61.52 -70.70 4.32
C UNK C 3113 60.86 -70.72 5.69
N UNK C 3114 61.19 -71.75 6.46
CA UNK C 3114 60.70 -71.89 7.83
C UNK C 3114 61.23 -70.75 8.69
N UNK C 3115 62.48 -70.36 8.47
CA UNK C 3115 63.08 -69.26 9.19
C UNK C 3115 62.32 -67.98 8.88
N UNK C 3116 61.94 -67.84 7.61
CA UNK C 3116 61.14 -66.71 7.15
C UNK C 3116 59.78 -66.69 7.83
N UNK C 3117 59.19 -67.87 7.97
CA UNK C 3117 57.91 -67.99 8.66
C UNK C 3117 58.05 -67.57 10.12
N UNK C 3118 59.17 -67.95 10.72
CA UNK C 3118 59.47 -67.59 12.10
C UNK C 3118 59.61 -66.08 12.23
N UNK C 3119 60.25 -65.47 11.24
CA UNK C 3119 60.41 -64.02 11.22
C UNK C 3119 59.04 -63.35 11.11
N UNK C 3120 58.17 -63.94 10.29
CA UNK C 3120 56.83 -63.42 10.12
C UNK C 3120 56.09 -63.50 11.45
N UNK C 3121 56.30 -64.59 12.17
CA UNK C 3121 55.70 -64.79 13.48
C UNK C 3121 56.18 -63.74 14.45
N UNK C 3122 57.47 -63.43 14.41
CA UNK C 3122 58.04 -62.41 15.27
C UNK C 3122 57.41 -61.05 14.95
N UNK C 3123 57.20 -60.78 13.67
CA UNK C 3123 56.56 -59.55 13.23
C UNK C 3123 55.13 -59.46 13.74
N UNK C 3124 54.43 -60.59 13.71
CA UNK C 3124 53.03 -60.63 14.12
C UNK C 3124 52.13 -60.04 13.06
N UNK C 3125 48.93 -52.61 6.63
CA UNK C 3125 49.17 -51.62 7.68
C UNK C 3125 50.40 -50.78 7.37
N UNK C 3126 51.10 -51.11 6.30
CA UNK C 3126 52.34 -50.42 5.98
C UNK C 3126 52.20 -48.93 5.63
N UNK C 3127 51.23 -48.56 4.80
CA UNK C 3127 51.06 -47.14 4.41
C UNK C 3127 50.65 -46.20 5.53
N UNK C 3128 49.70 -46.67 6.35
CA UNK C 3128 49.26 -45.96 7.53
C UNK C 3128 50.42 -45.89 8.51
N UNK C 3129 51.18 -46.99 8.55
CA UNK C 3129 52.31 -47.09 9.45
C UNK C 3129 53.27 -46.00 9.03
N UNK C 3130 53.35 -45.83 7.72
CA UNK C 3130 54.15 -44.82 7.04
C UNK C 3130 53.76 -43.39 7.36
N UNK C 3131 52.46 -43.11 7.45
CA UNK C 3131 51.96 -41.82 7.95
C UNK C 3131 52.33 -41.57 9.41
N UNK C 3132 52.24 -42.64 10.21
CA UNK C 3132 52.66 -42.55 11.59
C UNK C 3132 54.14 -42.22 11.58
N UNK C 3133 54.80 -42.82 10.60
CA UNK C 3133 56.22 -42.69 10.33
C UNK C 3133 56.60 -41.27 9.98
N UNK C 3134 55.73 -40.61 9.22
CA UNK C 3134 55.89 -39.21 8.88
C UNK C 3134 55.80 -38.37 10.13
N UNK C 3135 54.87 -38.71 11.03
CA UNK C 3135 54.82 -37.98 12.29
C UNK C 3135 56.15 -38.18 13.04
N UNK C 3136 56.62 -39.42 13.00
CA UNK C 3136 57.86 -39.78 13.67
C UNK C 3136 59.04 -39.01 13.08
N UNK C 3137 59.00 -38.85 11.77
CA UNK C 3137 60.00 -38.15 10.98
C UNK C 3137 60.03 -36.69 11.35
N UNK C 3138 58.87 -36.11 11.58
CA UNK C 3138 58.79 -34.73 12.04
C UNK C 3138 59.46 -34.63 13.39
N UNK C 3139 59.19 -35.63 14.24
CA UNK C 3139 59.83 -35.64 15.55
C UNK C 3139 61.36 -35.74 15.40
N UNK C 3140 61.79 -36.53 14.43
CA UNK C 3140 63.18 -36.74 14.09
C UNK C 3140 63.86 -35.47 13.61
N UNK C 3141 63.12 -34.68 12.83
CA UNK C 3141 63.56 -33.39 12.36
C UNK C 3141 63.75 -32.48 13.55
N UNK C 3142 62.83 -32.59 14.50
CA UNK C 3142 62.94 -31.81 15.72
C UNK C 3142 64.21 -32.22 16.45
N UNK C 3143 64.51 -33.50 16.44
CA UNK C 3143 65.70 -34.04 17.08
C UNK C 3143 67.04 -33.65 16.44
N UNK C 3144 67.24 -34.71 16.62
CA UNK C 3144 68.66 -34.76 16.38
C UNK C 3144 69.10 -33.33 16.29
N UNK C 3145 70.41 -38.12 17.89
CA UNK C 3145 71.85 -37.97 18.09
C UNK C 3145 72.60 -38.09 16.78
N UNK C 3146 73.94 -38.09 16.84
CA UNK C 3146 74.73 -38.39 15.67
C UNK C 3146 74.27 -39.76 15.20
N UNK C 3147 73.95 -40.60 16.18
CA UNK C 3147 73.38 -41.91 15.93
C UNK C 3147 72.06 -41.71 15.23
N UNK C 3148 71.32 -40.68 15.62
CA UNK C 3148 70.04 -40.40 15.00
C UNK C 3148 70.23 -40.10 13.52
N UNK C 3149 71.27 -39.32 13.20
CA UNK C 3149 71.58 -39.00 11.80
C UNK C 3149 71.96 -40.25 11.01
N UNK C 3150 72.74 -41.13 11.65
CA UNK C 3150 73.13 -42.37 11.00
C UNK C 3150 71.90 -43.20 10.71
N UNK C 3151 70.97 -43.18 11.65
CA UNK C 3151 69.71 -43.88 11.54
C UNK C 3151 68.84 -43.33 10.41
N UNK C 3152 68.87 -42.02 10.21
CA UNK C 3152 68.20 -41.38 9.08
C UNK C 3152 68.81 -41.84 7.76
N UNK C 3153 70.13 -41.96 7.77
CA UNK C 3153 70.84 -42.47 6.60
C UNK C 3153 70.37 -43.89 6.34
N UNK C 3154 70.18 -44.62 7.43
CA UNK C 3154 69.67 -45.99 7.41
C UNK C 3154 68.26 -46.09 6.87
N UNK C 3155 67.43 -45.12 7.22
CA UNK C 3155 66.06 -45.05 6.73
C UNK C 3155 66.15 -44.88 5.25
N UNK C 3156 67.08 -44.04 4.82
CA UNK C 3156 67.28 -43.82 3.38
C UNK C 3156 67.68 -45.13 2.70
N UNK C 3157 68.57 -45.88 3.35
CA UNK C 3157 69.04 -47.17 2.84
C UNK C 3157 67.90 -48.19 2.72
N UNK C 3158 67.02 -48.18 3.72
CA UNK C 3158 65.85 -49.05 3.71
C UNK C 3158 64.92 -48.68 2.57
N UNK C 3159 64.77 -47.37 2.36
CA UNK C 3159 63.91 -46.86 1.31
C UNK C 3159 64.49 -47.42 0.03
N UNK C 3160 65.82 -47.44 -0.03
CA UNK C 3160 66.54 -48.15 -1.06
C UNK C 3160 66.34 -49.66 -0.89
N UNK C 3161 56.35 -59.10 -0.53
CA UNK C 3161 56.47 -59.39 -1.95
C UNK C 3161 56.44 -58.11 -2.79
N UNK C 3162 55.90 -58.21 -4.00
CA UNK C 3162 55.87 -57.08 -4.92
C UNK C 3162 55.06 -55.92 -4.36
N UNK C 3163 53.93 -56.25 -3.76
CA UNK C 3163 53.09 -55.23 -3.17
C UNK C 3163 53.87 -54.54 -2.08
N UNK C 3164 54.61 -55.34 -1.31
CA UNK C 3164 55.39 -54.79 -0.20
C UNK C 3164 56.45 -53.81 -0.71
N UNK C 3165 57.11 -54.19 -1.79
CA UNK C 3165 58.14 -53.33 -2.35
C UNK C 3165 57.52 -52.02 -2.84
N UNK C 3166 56.35 -52.12 -3.46
CA UNK C 3166 55.65 -50.93 -3.94
C UNK C 3166 55.28 -50.01 -2.78
N UNK C 3167 54.82 -50.61 -1.69
CA UNK C 3167 54.44 -49.84 -0.53
C UNK C 3167 55.66 -49.11 -0.03
N UNK C 3168 56.79 -49.80 0.01
CA UNK C 3168 58.00 -49.17 0.52
C UNK C 3168 58.41 -47.99 -0.36
N UNK C 3169 58.32 -48.15 -1.67
CA UNK C 3169 58.69 -47.06 -2.56
C UNK C 3169 57.77 -45.87 -2.37
N UNK C 3170 56.48 -46.14 -2.18
CA UNK C 3170 55.49 -45.10 -1.95
C UNK C 3170 55.79 -44.36 -0.66
N UNK C 3171 56.19 -45.13 0.35
CA UNK C 3171 56.53 -44.60 1.65
C UNK C 3171 57.69 -43.66 1.44
N UNK C 3172 58.61 -44.10 0.60
CA UNK C 3172 59.80 -43.34 0.25
C UNK C 3172 59.47 -42.02 -0.43
N UNK C 3173 58.52 -42.02 -1.35
CA UNK C 3173 58.07 -40.79 -2.00
C UNK C 3173 57.43 -39.82 -1.00
N UNK C 3174 56.65 -40.39 -0.09
CA UNK C 3174 55.99 -39.58 0.91
C UNK C 3174 57.09 -38.96 1.72
N UNK C 3175 58.09 -39.78 2.00
CA UNK C 3175 59.18 -39.42 2.86
C UNK C 3175 59.86 -38.27 2.21
N UNK C 3176 60.00 -38.35 0.90
CA UNK C 3176 60.63 -37.31 0.08
C UNK C 3176 59.93 -35.95 0.06
N UNK C 3177 58.60 -35.90 0.01
CA UNK C 3177 57.94 -34.59 0.22
C UNK C 3177 58.16 -34.08 1.65
N UNK C 3178 57.97 -35.03 2.55
CA UNK C 3178 58.16 -34.71 3.94
C UNK C 3178 59.61 -34.30 4.13
N UNK C 3179 60.43 -34.59 3.13
CA UNK C 3179 61.88 -34.50 3.17
C UNK C 3179 62.45 -33.45 2.28
N UNK C 3180 61.61 -32.71 1.59
CA UNK C 3180 61.78 -31.30 1.34
C UNK C 3180 61.72 -30.70 2.73
N UNK C 3181 60.75 -31.20 3.52
CA UNK C 3181 60.83 -30.84 4.93
C UNK C 3181 62.14 -31.41 5.52
N UNK C 3182 62.53 -32.59 5.07
CA UNK C 3182 63.77 -33.20 5.56
C UNK C 3182 64.97 -32.40 5.14
N UNK C 3183 64.87 -31.74 4.01
CA UNK C 3183 65.93 -30.90 3.51
C UNK C 3183 66.11 -29.78 4.48
N UNK C 3184 65.00 -29.19 4.92
CA UNK C 3184 65.15 -28.12 5.89
C UNK C 3184 65.83 -28.71 7.11
N UNK C 3185 65.39 -29.89 7.51
CA UNK C 3185 65.91 -30.51 8.71
C UNK C 3185 67.41 -30.81 8.64
N UNK C 3186 67.84 -31.28 7.47
CA UNK C 3186 69.21 -31.65 7.16
C UNK C 3186 70.10 -30.45 7.16
N UNK C 3187 69.58 -29.34 6.65
CA UNK C 3187 70.36 -28.11 6.66
C UNK C 3187 70.59 -27.81 8.11
N UNK C 3188 69.53 -27.99 8.90
CA UNK C 3188 69.63 -27.74 10.33
C UNK C 3188 70.68 -28.63 11.00
N UNK C 3189 70.69 -29.90 10.62
CA UNK C 3189 71.64 -30.86 11.17
C UNK C 3189 73.08 -30.51 10.83
N UNK C 3190 73.30 -30.07 9.60
CA UNK C 3190 74.65 -29.79 9.16
C UNK C 3190 74.77 -28.34 8.69
N UNK C 3191 79.56 -34.39 10.41
CA UNK C 3191 78.80 -35.58 10.74
C UNK C 3191 77.42 -35.55 10.09
N UNK C 3192 76.66 -34.50 10.37
CA UNK C 3192 75.34 -34.33 9.79
C UNK C 3192 75.52 -34.22 8.29
N UNK C 3193 76.54 -33.48 7.91
CA UNK C 3193 76.89 -33.31 6.51
C UNK C 3193 77.24 -34.67 5.95
N UNK C 3194 77.93 -35.48 6.75
CA UNK C 3194 78.35 -36.79 6.31
C UNK C 3194 77.14 -37.65 5.98
N UNK C 3195 76.14 -37.59 6.84
CA UNK C 3195 74.93 -38.35 6.61
C UNK C 3195 74.22 -37.87 5.35
N UNK C 3196 74.19 -36.55 5.15
CA UNK C 3196 73.54 -36.03 3.97
C UNK C 3196 74.26 -36.54 2.73
N UNK C 3197 75.58 -36.54 2.81
CA UNK C 3197 76.42 -36.97 1.70
C UNK C 3197 76.18 -38.43 1.38
N UNK C 3198 76.06 -39.24 2.42
CA UNK C 3198 75.81 -40.67 2.26
C UNK C 3198 74.47 -40.89 1.58
N UNK C 3199 73.47 -40.10 1.99
CA UNK C 3199 72.15 -40.21 1.39
C UNK C 3199 72.21 -39.86 -0.08
N UNK C 3200 73.00 -38.84 -0.40
CA UNK C 3200 73.17 -38.41 -1.77
C UNK C 3200 73.82 -39.53 -2.58
N UNK C 3201 74.78 -40.20 -1.96
CA UNK C 3201 75.48 -41.32 -2.58
C UNK C 3201 74.52 -42.46 -2.87
N UNK C 3202 73.63 -42.72 -1.92
CA UNK C 3202 72.65 -43.77 -2.09
C UNK C 3202 71.75 -43.43 -3.26
N UNK C 3203 71.37 -42.15 -3.33
CA UNK C 3203 70.52 -41.67 -4.42
C UNK C 3203 70.02 -40.28 -4.07
N UNK C 3204 63.97 -39.70 -7.38
CA UNK C 3204 63.94 -38.48 -6.59
C UNK C 3204 65.06 -37.56 -7.02
N UNK C 3205 65.14 -37.35 -8.32
CA UNK C 3205 66.27 -36.61 -8.89
C UNK C 3205 66.37 -35.17 -8.40
N UNK C 3206 65.25 -34.46 -8.32
CA UNK C 3206 65.27 -33.06 -7.89
C UNK C 3206 65.70 -32.89 -6.44
N UNK C 3207 65.18 -33.77 -5.60
CA UNK C 3207 65.50 -33.74 -4.19
C UNK C 3207 66.97 -34.01 -4.13
N UNK C 3208 67.40 -34.96 -4.97
CA UNK C 3208 68.77 -35.39 -4.95
C UNK C 3208 69.65 -34.21 -5.29
N UNK C 3209 69.28 -33.44 -6.30
CA UNK C 3209 70.05 -32.29 -6.71
C UNK C 3209 70.16 -31.23 -5.62
N UNK C 3210 69.06 -30.94 -4.94
CA UNK C 3210 69.13 -29.94 -3.87
C UNK C 3210 70.05 -30.42 -2.76
N UNK C 3211 69.89 -31.69 -2.45
CA UNK C 3211 70.64 -32.31 -1.37
C UNK C 3211 72.11 -32.22 -1.74
N UNK C 3212 72.38 -32.43 -3.03
CA UNK C 3212 73.71 -32.39 -3.61
C UNK C 3212 74.35 -31.03 -3.53
N UNK C 3213 73.58 -29.98 -3.75
CA UNK C 3213 74.11 -28.64 -3.59
C UNK C 3213 74.51 -28.50 -2.12
N UNK C 3214 73.66 -28.99 -1.24
CA UNK C 3214 73.98 -28.91 0.18
C UNK C 3214 75.29 -29.65 0.50
N UNK C 3215 75.42 -30.82 -0.10
CA UNK C 3215 76.57 -31.70 0.09
C UNK C 3215 77.85 -31.06 -0.41
N UNK C 3216 77.72 -30.36 -1.53
CA UNK C 3216 78.82 -29.65 -2.14
C UNK C 3216 79.28 -28.56 -1.21
N UNK C 3217 78.32 -27.85 -0.62
CA UNK C 3217 78.68 -26.79 0.31
C UNK C 3217 79.46 -27.46 1.42
N UNK C 3218 78.99 -28.63 1.81
CA UNK C 3218 79.73 -29.46 2.74
C UNK C 3218 81.03 -30.03 2.18
N UNK C 3219 85.17 -32.88 2.59
CA UNK C 3219 85.04 -33.02 1.15
C UNK C 3219 85.37 -34.43 0.71
N UNK C 3220 85.97 -35.21 1.60
CA UNK C 3220 86.29 -36.60 1.29
C UNK C 3220 85.02 -37.38 1.02
N UNK C 3221 84.01 -37.14 1.84
CA UNK C 3221 82.73 -37.81 1.68
C UNK C 3221 82.11 -37.42 0.34
N UNK C 3222 82.22 -36.15 -0.01
CA UNK C 3222 81.66 -35.67 -1.25
C UNK C 3222 82.35 -36.36 -2.41
N UNK C 3223 83.67 -36.52 -2.29
CA UNK C 3223 84.45 -37.19 -3.32
C UNK C 3223 84.02 -38.65 -3.48
N UNK C 3224 83.80 -39.30 -2.35
CA UNK C 3224 83.38 -40.69 -2.38
C UNK C 3224 82.05 -40.75 -3.10
N UNK C 3225 81.21 -39.77 -2.81
CA UNK C 3225 79.88 -39.68 -3.43
C UNK C 3225 79.96 -39.48 -4.93
N UNK C 3226 80.89 -38.65 -5.37
CA UNK C 3226 81.08 -38.40 -6.79
C UNK C 3226 81.50 -39.70 -7.45
N UNK C 3227 82.37 -40.44 -6.77
CA UNK C 3227 82.84 -41.73 -7.28
C UNK C 3227 81.68 -42.73 -7.39
N UNK C 3228 80.81 -42.69 -6.39
CA UNK C 3228 79.65 -43.56 -6.36
C UNK C 3228 78.75 -43.21 -7.53
N UNK C 3229 78.65 -41.92 -7.80
CA UNK C 3229 77.86 -41.42 -8.90
C UNK C 3229 78.41 -41.94 -10.22
N UNK C 3230 79.72 -41.94 -10.34
CA UNK C 3230 80.37 -42.45 -11.54
C UNK C 3230 80.04 -43.92 -11.70
N UNK C 3231 80.08 -44.65 -10.60
CA UNK C 3231 79.79 -46.08 -10.64
C UNK C 3231 78.36 -46.29 -11.10
N UNK C 3232 77.47 -45.44 -10.59
CA UNK C 3232 76.06 -45.52 -10.93
C UNK C 3232 75.85 -45.26 -12.41
N UNK C 3233 76.57 -44.28 -12.94
CA UNK C 3233 76.47 -43.97 -14.35
C UNK C 3233 76.93 -45.16 -15.17
N UNK C 3234 78.02 -45.79 -14.74
CA UNK C 3234 78.52 -46.95 -15.46
C UNK C 3234 77.48 -48.06 -15.45
N UNK C 3235 76.84 -48.25 -14.31
CA UNK C 3235 75.83 -49.29 -14.19
C UNK C 3235 74.67 -49.01 -15.12
N UNK C 3236 74.28 -47.74 -15.19
CA UNK C 3236 73.17 -47.32 -16.04
C UNK C 3236 73.51 -47.60 -17.49
N UNK C 3237 74.76 -47.32 -17.86
CA UNK C 3237 75.20 -47.54 -19.23
C UNK C 3237 74.44 -46.65 -20.20
N UNK C 3238 65.73 -40.85 -17.41
CA UNK C 3238 66.83 -41.58 -16.80
C UNK C 3238 68.16 -41.04 -17.32
N UNK C 3239 68.34 -41.10 -18.63
CA UNK C 3239 69.55 -40.66 -19.28
C UNK C 3239 69.76 -39.17 -19.04
N UNK C 3240 68.66 -38.44 -19.02
CA UNK C 3240 68.70 -37.02 -18.70
C UNK C 3240 69.21 -36.91 -17.29
N UNK C 3241 68.76 -37.82 -16.44
CA UNK C 3241 69.17 -37.80 -15.04
C UNK C 3241 70.67 -37.98 -14.95
N UNK C 3242 71.19 -38.90 -15.76
CA UNK C 3242 72.62 -39.19 -15.81
C UNK C 3242 73.41 -37.98 -16.28
N UNK C 3243 72.87 -37.30 -17.29
CA UNK C 3243 73.52 -36.12 -17.82
C UNK C 3243 73.59 -35.07 -16.74
N UNK C 3244 72.50 -34.94 -15.99
CA UNK C 3244 72.43 -33.98 -14.91
C UNK C 3244 73.47 -34.31 -13.84
N UNK C 3245 73.59 -35.59 -13.56
CA UNK C 3245 74.51 -36.05 -12.55
C UNK C 3245 75.91 -35.67 -13.00
N UNK C 3246 76.18 -35.88 -14.28
CA UNK C 3246 77.49 -35.58 -14.81
C UNK C 3246 77.79 -34.10 -14.66
N UNK C 3247 76.80 -33.26 -14.96
CA UNK C 3247 77.00 -31.82 -14.87
C UNK C 3247 77.27 -31.39 -13.42
N UNK C 3248 76.52 -31.98 -12.50
CA UNK C 3248 76.66 -31.64 -11.10
C UNK C 3248 78.06 -32.03 -10.67
N UNK C 3249 78.48 -33.18 -11.17
CA UNK C 3249 79.76 -33.74 -10.84
C UNK C 3249 80.83 -32.78 -11.32
N UNK C 3250 80.64 -32.25 -12.51
CA UNK C 3250 81.63 -31.34 -13.06
C UNK C 3250 81.72 -30.10 -12.19
N UNK C 3251 80.59 -29.57 -11.76
CA UNK C 3251 80.64 -28.37 -10.94
C UNK C 3251 81.37 -28.66 -9.62
N UNK C 3252 81.05 -29.82 -9.05
CA UNK C 3252 81.62 -30.19 -7.78
C UNK C 3252 83.12 -30.32 -7.94
N UNK C 3253 83.52 -30.89 -9.07
CA UNK C 3253 84.91 -31.12 -9.43
C UNK C 3253 85.67 -29.82 -9.60
N UNK C 3254 85.03 -28.81 -10.19
CA UNK C 3254 85.64 -27.50 -10.34
C UNK C 3254 85.88 -26.92 -8.96
N UNK C 3255 84.91 -27.09 -8.08
CA UNK C 3255 85.07 -26.60 -6.71
C UNK C 3255 86.23 -27.32 -6.02
N UNK C 3256 86.34 -28.62 -6.27
CA UNK C 3256 87.39 -29.46 -5.72
C UNK C 3256 88.76 -29.02 -6.21
N UNK C 3257 88.80 -28.63 -7.48
CA UNK C 3257 90.01 -28.13 -8.10
C UNK C 3257 90.43 -26.85 -7.42
N UNK C 3258 89.45 -26.01 -7.13
CA UNK C 3258 89.77 -24.78 -6.43
C UNK C 3258 90.36 -25.13 -5.07
N UNK C 3259 89.74 -26.16 -4.47
CA UNK C 3259 89.98 -26.54 -3.09
C UNK C 3259 91.41 -26.97 -2.84
N UNK C 3260 91.98 -27.70 -3.80
CA UNK C 3260 93.32 -28.27 -3.66
C UNK C 3260 93.29 -29.56 -2.85
N UNK C 3261 91.84 -32.00 -1.37
CA UNK C 3261 93.27 -32.12 -1.13
C UNK C 3261 94.01 -32.30 -2.45
N UNK C 3262 95.17 -31.64 -2.54
CA UNK C 3262 95.93 -31.65 -3.76
C UNK C 3262 96.30 -33.08 -4.08
N UNK C 3263 96.69 -33.83 -3.05
CA UNK C 3263 96.88 -35.27 -3.22
C UNK C 3263 95.56 -36.03 -3.30
N UNK C 3264 94.62 -35.64 -2.46
CA UNK C 3264 93.32 -36.26 -2.46
C UNK C 3264 92.73 -35.98 -3.82
N UNK C 3265 92.96 -34.76 -4.27
CA UNK C 3265 92.45 -34.29 -5.53
C UNK C 3265 93.02 -35.13 -6.67
N UNK C 3266 94.31 -35.43 -6.61
CA UNK C 3266 94.97 -36.27 -7.61
C UNK C 3266 94.43 -37.71 -7.65
N UNK C 3267 94.18 -38.27 -6.48
CA UNK C 3267 93.60 -39.62 -6.45
C UNK C 3267 92.21 -39.58 -7.09
N UNK C 3268 91.51 -38.49 -6.76
CA UNK C 3268 90.16 -38.26 -7.27
C UNK C 3268 90.20 -38.14 -8.77
N UNK C 3269 91.25 -37.48 -9.26
CA UNK C 3269 91.49 -37.28 -10.68
C UNK C 3269 91.72 -38.60 -11.37
N UNK C 3270 92.45 -39.50 -10.71
CA UNK C 3270 92.65 -40.82 -11.29
C UNK C 3270 91.30 -41.51 -11.41
N UNK C 3271 90.50 -41.37 -10.36
CA UNK C 3271 89.18 -41.99 -10.38
C UNK C 3271 88.34 -41.42 -11.52
N UNK C 3272 88.46 -40.11 -11.70
CA UNK C 3272 87.74 -39.35 -12.71
C UNK C 3272 88.14 -39.78 -14.10
N UNK C 3273 89.43 -40.04 -14.29
CA UNK C 3273 89.94 -40.48 -15.56
C UNK C 3273 89.33 -41.84 -15.85
N UNK C 3274 89.26 -42.67 -14.83
CA UNK C 3274 88.66 -43.98 -15.03
C UNK C 3274 87.21 -43.81 -15.45
N UNK C 3275 86.53 -42.89 -14.80
CA UNK C 3275 85.12 -42.64 -15.09
C UNK C 3275 84.92 -42.14 -16.51
N UNK C 3276 85.81 -41.26 -16.94
CA UNK C 3276 85.75 -40.69 -18.27
C UNK C 3276 85.94 -41.79 -19.28
N UNK C 3277 86.86 -42.69 -18.98
CA UNK C 3277 87.15 -43.81 -19.86
C UNK C 3277 85.91 -44.68 -20.00
N UNK C 3278 85.24 -44.91 -18.87
CA UNK C 3278 84.04 -45.72 -18.87
C UNK C 3278 82.97 -45.06 -19.72
N UNK C 3279 82.86 -43.74 -19.59
CA UNK C 3279 81.87 -42.99 -20.34
C UNK C 3279 82.15 -43.11 -21.83
N UNK C 3280 83.43 -43.02 -22.17
CA UNK C 3280 83.84 -43.11 -23.56
C UNK C 3280 83.47 -44.46 -24.11
N UNK C 3281 83.70 -45.50 -23.31
CA UNK C 3281 83.41 -46.85 -23.73
C UNK C 3281 81.90 -46.99 -23.96
N UNK C 3282 81.11 -46.41 -23.06
CA UNK C 3282 79.68 -46.51 -23.18
C UNK C 3282 79.24 -45.85 -24.47
N UNK C 3283 79.85 -44.70 -24.74
CA UNK C 3283 79.53 -43.89 -25.91
C UNK C 3283 80.04 -42.48 -25.66
N UNK C 3284 75.63 -36.05 -25.01
CA UNK C 3284 76.77 -36.10 -25.91
C UNK C 3284 77.75 -34.96 -25.62
N UNK C 3285 77.36 -33.75 -25.97
CA UNK C 3285 78.28 -32.62 -25.92
C UNK C 3285 78.75 -32.38 -24.49
N UNK C 3286 77.84 -32.49 -23.55
CA UNK C 3286 78.18 -32.30 -22.15
C UNK C 3286 79.20 -33.37 -21.75
N UNK C 3287 78.99 -34.58 -22.25
CA UNK C 3287 79.87 -35.69 -21.93
C UNK C 3287 81.27 -35.42 -22.43
N UNK C 3288 81.35 -34.87 -23.64
CA UNK C 3288 82.64 -34.51 -24.23
C UNK C 3288 83.31 -33.41 -23.42
N UNK C 3289 82.53 -32.46 -22.95
CA UNK C 3289 83.06 -31.39 -22.13
C UNK C 3289 83.63 -31.98 -20.85
N UNK C 3290 82.95 -32.98 -20.31
CA UNK C 3290 83.38 -33.72 -19.13
C UNK C 3290 84.68 -34.48 -19.34
N UNK C 3291 84.82 -35.08 -20.52
CA UNK C 3291 86.05 -35.76 -20.89
C UNK C 3291 87.18 -34.75 -20.93
N UNK C 3292 86.85 -33.58 -21.44
CA UNK C 3292 87.81 -32.49 -21.52
C UNK C 3292 88.24 -32.11 -20.12
N UNK C 3293 87.28 -32.09 -19.21
CA UNK C 3293 87.54 -31.75 -17.83
C UNK C 3293 88.48 -32.77 -17.23
N UNK C 3294 88.25 -34.03 -17.55
CA UNK C 3294 89.11 -35.10 -17.06
C UNK C 3294 90.53 -34.92 -17.57
N UNK C 3295 90.66 -34.56 -18.84
CA UNK C 3295 91.97 -34.34 -19.43
C UNK C 3295 92.68 -33.20 -18.73
N UNK C 3296 91.91 -32.15 -18.43
CA UNK C 3296 92.46 -30.98 -17.75
C UNK C 3296 92.95 -31.37 -16.37
N UNK C 3297 92.19 -32.21 -15.69
CA UNK C 3297 92.54 -32.67 -14.36
C UNK C 3297 93.84 -33.45 -14.43
N UNK C 3298 93.95 -34.29 -15.46
CA UNK C 3298 95.15 -35.09 -15.61
C UNK C 3298 96.34 -34.17 -15.82
N UNK C 3299 96.14 -33.13 -16.63
CA UNK C 3299 97.21 -32.19 -16.91
C UNK C 3299 97.64 -31.50 -15.63
N UNK C 3300 96.66 -31.13 -14.81
CA UNK C 3300 96.93 -30.44 -13.57
C UNK C 3300 97.74 -31.34 -12.65
N UNK C 3301 97.37 -32.61 -12.61
CA UNK C 3301 98.08 -33.57 -11.78
C UNK C 3301 99.52 -33.71 -12.25
N UNK C 3302 99.71 -33.75 -13.56
CA UNK C 3302 101.05 -33.89 -14.13
C UNK C 3302 101.95 -32.75 -13.66
N UNK C 3303 101.40 -31.54 -13.69
CA UNK C 3303 102.13 -30.36 -13.27
C UNK C 3303 102.64 -30.50 -11.84
N UNK C 3304 99.52 -25.87 -39.06
CA UNK C 3304 100.93 -25.52 -39.20
C UNK C 3304 101.17 -24.06 -38.85
N UNK C 3305 102.29 -23.80 -38.19
CA UNK C 3305 102.67 -22.44 -37.82
C UNK C 3305 102.82 -21.67 -39.10
N UNK C 3306 103.30 -22.38 -40.12
CA UNK C 3306 103.41 -21.83 -41.45
C UNK C 3306 102.00 -21.49 -41.88
N UNK C 3307 101.04 -22.34 -41.52
CA UNK C 3307 99.66 -22.10 -41.90
C UNK C 3307 99.16 -20.80 -41.29
N UNK C 3308 99.50 -20.57 -40.03
CA UNK C 3308 99.12 -19.37 -39.32
C UNK C 3308 99.74 -18.15 -39.98
N UNK C 3309 100.99 -18.28 -40.40
CA UNK C 3309 101.69 -17.20 -41.09
C UNK C 3309 101.02 -16.87 -42.42
N UNK C 3310 100.59 -17.90 -43.12
CA UNK C 3310 99.90 -17.76 -44.39
C UNK C 3310 98.60 -17.03 -44.13
N UNK C 3311 97.98 -17.36 -43.00
CA UNK C 3311 96.74 -16.75 -42.55
C UNK C 3311 96.95 -15.26 -42.30
N UNK C 3312 98.08 -14.94 -41.69
CA UNK C 3312 98.43 -13.56 -41.43
C UNK C 3312 98.59 -12.82 -42.76
N UNK C 3313 99.20 -13.49 -43.73
CA UNK C 3313 99.36 -12.89 -45.06
C UNK C 3313 98.00 -12.65 -45.70
N UNK C 3314 97.10 -13.59 -45.54
CA UNK C 3314 95.76 -13.47 -46.09
C UNK C 3314 95.07 -12.27 -45.44
N UNK C 3315 95.28 -12.12 -44.14
CA UNK C 3315 94.68 -11.03 -43.39
C UNK C 3315 95.20 -9.70 -43.91
N UNK C 3316 96.49 -9.67 -44.15
CA UNK C 3316 97.12 -8.45 -44.64
C UNK C 3316 96.54 -8.11 -46.01
N UNK C 3317 96.35 -9.14 -46.82
CA UNK C 3317 95.81 -8.95 -48.15
C UNK C 3317 94.41 -8.38 -48.07
N UNK C 3318 93.63 -8.91 -47.14
CA UNK C 3318 92.26 -8.44 -46.97
C UNK C 3318 92.26 -6.98 -46.56
N UNK C 3319 93.18 -6.64 -45.66
CA UNK C 3319 93.26 -5.27 -45.17
C UNK C 3319 93.62 -4.35 -46.32
N UNK C 3320 94.53 -4.80 -47.17
CA UNK C 3320 94.95 -4.05 -48.33
C UNK C 3320 93.82 -3.84 -49.32
N UNK C 3321 93.03 -4.88 -49.54
CA UNK C 3321 91.92 -4.80 -50.47
C UNK C 3321 91.00 -3.75 -49.91
N UNK C 3322 90.86 -3.78 -48.59
CA UNK C 3322 90.17 -2.73 -47.88
C UNK C 3322 90.69 -1.38 -48.36
N UNK C 3323 82.78 -9.83 -51.71
CA UNK C 3323 81.93 -8.78 -51.19
C UNK C 3323 81.79 -8.86 -49.67
N UNK C 3324 80.63 -8.48 -49.17
CA UNK C 3324 80.39 -8.47 -47.74
C UNK C 3324 80.55 -9.87 -47.19
N UNK C 3325 80.02 -10.85 -47.93
CA UNK C 3325 80.11 -12.23 -47.51
C UNK C 3325 81.56 -12.68 -47.45
N UNK C 3326 82.35 -12.26 -48.44
CA UNK C 3326 83.75 -12.66 -48.47
C UNK C 3326 84.44 -12.10 -47.24
N UNK C 3327 84.16 -10.84 -46.95
CA UNK C 3327 84.82 -10.20 -45.83
C UNK C 3327 84.46 -10.95 -44.56
N UNK C 3328 83.19 -11.32 -44.44
CA UNK C 3328 82.70 -12.05 -43.27
C UNK C 3328 83.36 -13.41 -43.10
N UNK C 3329 83.55 -14.13 -44.20
CA UNK C 3329 84.22 -15.42 -44.12
C UNK C 3329 85.63 -15.23 -43.64
N UNK C 3330 86.28 -14.20 -44.17
CA UNK C 3330 87.65 -13.95 -43.79
C UNK C 3330 87.68 -13.69 -42.31
N UNK C 3331 86.70 -12.94 -41.85
CA UNK C 3331 86.60 -12.56 -40.44
C UNK C 3331 86.42 -13.77 -39.54
N UNK C 3332 85.58 -14.71 -39.97
CA UNK C 3332 85.36 -15.93 -39.21
C UNK C 3332 86.65 -16.69 -39.10
N UNK C 3333 87.38 -16.74 -40.20
CA UNK C 3333 88.65 -17.44 -40.21
C UNK C 3333 89.59 -16.80 -39.21
N UNK C 3334 89.59 -15.47 -39.20
CA UNK C 3334 90.47 -14.74 -38.34
C UNK C 3334 90.13 -15.05 -36.89
N UNK C 3335 88.85 -15.11 -36.59
CA UNK C 3335 88.42 -15.38 -35.23
C UNK C 3335 88.85 -16.76 -34.78
N UNK C 3336 88.68 -17.74 -35.67
CA UNK C 3336 89.02 -19.09 -35.30
C UNK C 3336 90.49 -19.10 -35.00
N UNK C 3337 91.24 -18.40 -35.83
CA UNK C 3337 92.69 -18.36 -35.70
C UNK C 3337 93.12 -17.74 -34.38
N UNK C 3338 92.49 -16.64 -34.00
CA UNK C 3338 92.85 -15.98 -32.77
C UNK C 3338 92.60 -16.94 -31.64
N UNK C 3339 91.47 -17.62 -31.70
CA UNK C 3339 91.11 -18.52 -30.61
C UNK C 3339 92.17 -19.61 -30.50
N UNK C 3340 92.57 -20.13 -31.65
CA UNK C 3340 93.55 -21.22 -31.70
C UNK C 3340 94.90 -20.80 -31.15
N UNK C 3341 95.32 -19.57 -31.47
CA UNK C 3341 96.65 -19.09 -31.09
C UNK C 3341 97.00 -19.43 -29.66
N UNK C 3342 103.37 -9.41 -33.97
CA UNK C 3342 102.35 -10.03 -34.81
C UNK C 3342 100.97 -9.61 -34.31
N UNK C 3343 100.77 -9.80 -33.03
CA UNK C 3343 99.50 -9.45 -32.42
C UNK C 3343 99.29 -7.96 -32.57
N UNK C 3344 100.37 -7.20 -32.44
CA UNK C 3344 100.29 -5.75 -32.56
C UNK C 3344 99.85 -5.29 -33.94
N UNK C 3345 100.42 -5.91 -34.97
CA UNK C 3345 100.05 -5.58 -36.33
C UNK C 3345 98.60 -5.94 -36.50
N UNK C 3346 98.22 -7.06 -35.91
CA UNK C 3346 96.85 -7.53 -36.02
C UNK C 3346 95.90 -6.51 -35.42
N UNK C 3347 96.28 -5.95 -34.28
CA UNK C 3347 95.48 -4.95 -33.59
C UNK C 3347 95.36 -3.67 -34.41
N UNK C 3348 96.45 -3.27 -35.03
CA UNK C 3348 96.42 -2.06 -35.84
C UNK C 3348 95.44 -2.32 -36.97
N UNK C 3349 95.51 -3.52 -37.50
CA UNK C 3349 94.66 -3.93 -38.61
C UNK C 3349 93.20 -3.90 -38.21
N UNK C 3350 92.91 -4.37 -37.01
CA UNK C 3350 91.56 -4.41 -36.50
C UNK C 3350 91.05 -2.98 -36.39
N UNK C 3351 91.91 -2.09 -35.91
CA UNK C 3351 91.53 -0.69 -35.77
C UNK C 3351 91.19 -0.09 -37.12
N UNK C 3352 92.01 -0.39 -38.12
CA UNK C 3352 91.77 0.14 -39.45
C UNK C 3352 90.46 -0.37 -40.01
N UNK C 3353 90.18 -1.65 -39.77
CA UNK C 3353 88.94 -2.24 -40.26
C UNK C 3353 87.73 -1.58 -39.61
N UNK C 3354 87.86 -1.30 -38.32
CA UNK C 3354 86.78 -0.63 -37.60
C UNK C 3354 86.56 0.76 -38.19
N UNK C 3355 87.64 1.46 -38.50
CA UNK C 3355 87.52 2.79 -39.08
C UNK C 3355 86.81 2.69 -40.42
N UNK C 3356 87.14 1.65 -41.16
CA UNK C 3356 86.53 1.40 -42.47
C UNK C 3356 85.02 1.15 -42.37
N UNK C 3357 84.61 0.39 -41.36
CA UNK C 3357 83.19 0.15 -41.15
C UNK C 3357 82.43 -0.20 -42.43
N UNK C 3358 77.04 -5.14 -43.60
CA UNK C 3358 78.31 -5.53 -43.01
C UNK C 3358 78.10 -5.95 -41.56
N UNK C 3359 76.85 -6.10 -41.17
CA UNK C 3359 76.50 -6.35 -39.77
C UNK C 3359 77.04 -7.67 -39.22
N UNK C 3360 76.95 -8.73 -40.01
CA UNK C 3360 77.43 -10.02 -39.55
C UNK C 3360 78.93 -9.97 -39.30
N UNK C 3361 79.62 -9.31 -40.21
CA UNK C 3361 81.06 -9.15 -40.11
C UNK C 3361 81.39 -8.33 -38.89
N UNK C 3362 80.58 -7.32 -38.63
CA UNK C 3362 80.79 -6.47 -37.48
C UNK C 3362 80.67 -7.30 -36.21
N UNK C 3363 79.69 -8.21 -36.20
CA UNK C 3363 79.49 -9.11 -35.07
C UNK C 3363 80.67 -10.05 -34.85
N UNK C 3364 81.21 -10.56 -35.94
CA UNK C 3364 82.38 -11.43 -35.83
C UNK C 3364 83.55 -10.64 -35.26
N UNK C 3365 83.64 -9.38 -35.69
CA UNK C 3365 84.67 -8.46 -35.25
C UNK C 3365 84.54 -8.22 -33.77
N UNK C 3366 83.29 -8.10 -33.33
CA UNK C 3366 82.98 -7.89 -31.95
C UNK C 3366 83.42 -9.10 -31.16
N UNK C 3367 83.20 -10.28 -31.71
CA UNK C 3367 83.61 -11.48 -31.03
C UNK C 3367 85.11 -11.43 -30.85
N UNK C 3368 85.83 -11.02 -31.88
CA UNK C 3368 87.28 -10.93 -31.78
C UNK C 3368 87.74 -9.93 -30.71
N UNK C 3369 87.08 -8.79 -30.69
CA UNK C 3369 87.45 -7.75 -29.76
C UNK C 3369 87.23 -8.28 -28.37
N UNK C 3370 86.13 -9.00 -28.22
CA UNK C 3370 85.72 -9.54 -26.94
C UNK C 3370 86.75 -10.53 -26.45
N UNK C 3371 87.24 -11.38 -27.35
CA UNK C 3371 88.22 -12.36 -26.93
C UNK C 3371 89.47 -11.64 -26.46
N UNK C 3372 89.89 -10.62 -27.19
CA UNK C 3372 91.10 -9.93 -26.79
C UNK C 3372 90.90 -9.31 -25.41
N UNK C 3373 89.72 -8.73 -25.20
CA UNK C 3373 89.40 -8.07 -23.95
C UNK C 3373 89.37 -9.04 -22.79
N UNK C 3374 88.84 -10.22 -23.02
CA UNK C 3374 88.75 -11.27 -22.02
C UNK C 3374 90.14 -11.71 -21.63
N UNK C 3375 91.02 -11.79 -22.62
CA UNK C 3375 92.40 -12.16 -22.38
C UNK C 3375 93.01 -11.11 -21.47
N UNK C 3376 92.67 -9.85 -21.75
CA UNK C 3376 93.12 -8.73 -20.94
C UNK C 3376 92.62 -8.80 -19.49
N UNK C 3377 91.38 -9.24 -19.31
CA UNK C 3377 90.81 -9.46 -17.98
C UNK C 3377 91.56 -10.55 -17.23
N UNK C 3378 91.90 -11.61 -17.95
CA UNK C 3378 92.66 -12.69 -17.35
C UNK C 3378 93.98 -12.11 -16.90
N UNK C 3379 94.51 -11.22 -17.73
CA UNK C 3379 95.77 -10.55 -17.45
C UNK C 3379 95.68 -9.71 -16.19
N UNK C 3380 94.58 -9.01 -16.03
CA UNK C 3380 94.39 -8.20 -14.84
C UNK C 3380 94.39 -9.11 -13.64
N UNK C 3381 93.70 -10.23 -13.76
CA UNK C 3381 93.63 -11.17 -12.65
C UNK C 3381 95.03 -11.69 -12.31
N UNK C 3382 95.81 -11.98 -13.34
CA UNK C 3382 97.16 -12.49 -13.17
C UNK C 3382 98.04 -11.46 -12.47
N UNK C 3383 97.88 -10.21 -12.85
CA UNK C 3383 98.64 -9.14 -12.25
C UNK C 3383 98.27 -9.06 -10.78
N UNK C 3384 96.98 -9.22 -10.51
CA UNK C 3384 96.50 -9.16 -9.14
C UNK C 3384 97.16 -10.28 -8.36
N UNK C 3385 97.27 -11.43 -8.99
CA UNK C 3385 97.92 -12.59 -8.39
C UNK C 3385 99.39 -12.34 -8.06
N UNK C 3386 100.11 -11.67 -8.95
CA UNK C 3386 101.51 -11.25 -8.70
C UNK C 3386 101.64 -10.24 -7.56
N UNK C 3387 100.70 -9.31 -7.52
CA UNK C 3387 100.66 -8.33 -6.44
C UNK C 3387 100.47 -9.14 -5.17
N UNK C 3388 99.67 -10.19 -5.31
CA UNK C 3388 99.35 -11.17 -4.28
C UNK C 3388 100.56 -11.94 -3.78
N UNK C 3389 101.45 -12.33 -4.67
CA UNK C 3389 102.69 -12.96 -4.28
C UNK C 3389 103.51 -11.96 -3.46
N UNK C 3390 103.51 -10.71 -3.90
CA UNK C 3390 104.24 -9.69 -3.14
C UNK C 3390 103.61 -9.56 -1.75
N UNK C 3391 102.29 -9.62 -1.73
CA UNK C 3391 101.49 -9.50 -0.52
C UNK C 3391 101.79 -10.64 0.42
N UNK C 3392 101.98 -11.82 -0.16
CA UNK C 3392 102.31 -13.04 0.55
C UNK C 3392 103.66 -12.90 1.21
N UNK C 3393 104.60 -12.29 0.49
CA UNK C 3393 105.91 -12.03 1.08
C UNK C 3393 105.75 -11.09 2.27
N UNK C 3394 104.89 -10.09 2.08
CA UNK C 3394 104.64 -9.12 3.15
C UNK C 3394 104.04 -9.84 4.36
N UNK C 3395 103.14 -10.78 4.08
CA UNK C 3395 102.45 -11.56 5.09
C UNK C 3395 103.44 -12.40 5.87
N UNK C 3396 104.40 -12.97 5.17
CA UNK C 3396 105.42 -13.78 5.81
C UNK C 3396 106.24 -12.90 6.75
N UNK C 3397 106.56 -11.69 6.28
CA UNK C 3397 107.34 -10.79 7.13
C UNK C 3397 106.53 -10.47 8.38
N UNK C 3398 105.24 -10.25 8.18
CA UNK C 3398 104.36 -9.92 9.28
C UNK C 3398 104.27 -11.05 10.29
N UNK C 3399 104.22 -12.28 9.79
CA UNK C 3399 104.17 -13.47 10.63
C UNK C 3399 105.45 -13.60 11.45
N UNK C 3400 106.58 -13.33 10.81
CA UNK C 3400 107.85 -13.39 11.52
C UNK C 3400 107.82 -12.34 12.63
N UNK C 3401 107.26 -11.18 12.31
CA UNK C 3401 107.14 -10.10 13.28
C UNK C 3401 106.25 -10.49 14.45
N UNK C 3402 105.17 -11.20 14.15
CA UNK C 3402 104.24 -11.68 15.16
C UNK C 3402 104.94 -12.66 16.08
N UNK C 3403 105.76 -13.51 15.48
CA UNK C 3403 106.53 -14.48 16.25
C UNK C 3403 107.48 -13.74 17.18
N UNK C 3404 108.08 -12.67 16.66
CA UNK C 3404 108.99 -11.85 17.44
C UNK C 3404 108.28 -11.19 18.61
N UNK C 3405 107.04 -10.74 18.37
CA UNK C 3405 106.22 -10.14 19.41
C UNK C 3405 105.91 -11.16 20.48
N UNK C 3406 105.62 -12.39 20.06
CA UNK C 3406 105.33 -13.47 20.98
C UNK C 3406 106.56 -13.72 21.84
N UNK C 3407 107.73 -13.68 21.20
CA UNK C 3407 108.99 -13.88 21.90
C UNK C 3407 109.21 -12.79 22.94
N UNK C 3408 108.88 -11.56 22.57
CA UNK C 3408 109.01 -10.43 23.47
C UNK C 3408 108.09 -10.63 24.68
N UNK C 3409 106.89 -11.13 24.40
CA UNK C 3409 105.92 -11.40 25.46
C UNK C 3409 106.57 -12.23 26.57
N UNK C 3410 97.31 -7.85 26.19
CA UNK C 3410 96.20 -8.29 25.37
C UNK C 3410 96.17 -9.81 25.25
N UNK C 3411 95.71 -10.47 26.31
CA UNK C 3411 95.67 -11.92 26.35
C UNK C 3411 94.74 -12.48 25.28
N UNK C 3412 93.59 -11.82 25.11
CA UNK C 3412 92.64 -12.23 24.08
C UNK C 3412 93.27 -12.08 22.70
N UNK C 3413 94.01 -11.00 22.52
CA UNK C 3413 94.67 -10.75 21.25
C UNK C 3413 95.67 -11.86 20.97
N UNK C 3414 96.41 -12.25 22.00
CA UNK C 3414 97.39 -13.31 21.87
C UNK C 3414 96.71 -14.61 21.47
N UNK C 3415 95.57 -14.88 22.10
CA UNK C 3415 94.83 -16.09 21.81
C UNK C 3415 94.36 -16.09 20.37
N UNK C 3416 93.91 -14.93 19.89
CA UNK C 3416 93.46 -14.80 18.52
C UNK C 3416 94.60 -15.05 17.56
N UNK C 3417 95.76 -14.52 17.89
CA UNK C 3417 96.95 -14.72 17.06
C UNK C 3417 97.29 -16.19 17.00
N UNK C 3418 97.16 -16.86 18.14
CA UNK C 3418 97.41 -18.28 18.24
C UNK C 3418 96.46 -19.10 17.38
N UNK C 3419 95.20 -18.70 17.35
CA UNK C 3419 94.16 -19.48 16.66
C UNK C 3419 94.09 -19.24 15.15
N UNK C 3420 94.02 -18.95 12.42
CA UNK C 3420 93.13 -19.61 11.49
C UNK C 3420 92.78 -18.68 10.34
N UNK C 3421 91.85 -19.11 9.50
CA UNK C 3421 91.39 -18.28 8.41
C UNK C 3421 90.75 -17.05 9.02
N UNK C 3422 90.04 -17.27 10.11
CA UNK C 3422 89.38 -16.18 10.81
C UNK C 3422 90.43 -15.20 11.33
N UNK C 3423 91.53 -15.73 11.86
CA UNK C 3423 92.59 -14.88 12.37
C UNK C 3423 93.20 -14.05 11.25
N UNK C 3424 93.39 -14.68 10.10
CA UNK C 3424 93.98 -14.00 8.97
C UNK C 3424 93.04 -12.88 8.58
N UNK C 3425 91.75 -13.18 8.61
CA UNK C 3425 90.74 -12.22 8.25
C UNK C 3425 90.78 -11.04 9.20
N UNK C 3426 90.96 -11.30 10.48
CA UNK C 3426 91.06 -10.23 11.46
C UNK C 3426 92.27 -9.35 11.22
N UNK C 3427 93.40 -9.96 10.89
CA UNK C 3427 94.60 -9.19 10.61
C UNK C 3427 94.35 -8.31 9.39
N UNK C 3428 93.67 -8.89 8.41
CA UNK C 3428 93.37 -8.20 7.17
C UNK C 3428 92.45 -7.02 7.45
N UNK C 3429 91.52 -7.22 8.38
CA UNK C 3429 90.59 -6.19 8.81
C UNK C 3429 91.30 -5.04 9.49
N UNK C 3430 92.30 -5.36 10.30
CA UNK C 3430 93.09 -4.31 10.93
C UNK C 3430 93.79 -3.53 9.83
N UNK C 3431 94.28 -4.26 8.83
CA UNK C 3431 94.95 -3.63 7.70
C UNK C 3431 94.02 -2.69 6.95
N UNK C 3432 92.77 -3.12 6.79
CA UNK C 3432 91.72 -2.34 6.14
C UNK C 3432 91.39 -1.08 6.91
N UNK C 3433 91.38 -1.20 8.24
CA UNK C 3433 91.16 -0.06 9.11
C UNK C 3433 92.30 0.92 8.89
N UNK C 3434 93.50 0.39 8.76
CA UNK C 3434 94.68 1.20 8.52
C UNK C 3434 94.50 1.93 7.20
N UNK C 3435 93.97 1.21 6.21
CA UNK C 3435 93.56 1.79 4.95
C UNK C 3435 92.25 2.55 5.15
N UNK C 3436 104.14 -2.90 10.09
CA UNK C 3436 102.76 -3.26 9.82
C UNK C 3436 102.00 -2.08 9.25
N UNK C 3437 102.13 -0.93 9.90
CA UNK C 3437 101.46 0.29 9.48
C UNK C 3437 101.92 0.71 8.08
N UNK C 3438 103.21 0.55 7.81
CA UNK C 3438 103.76 0.87 6.50
C UNK C 3438 103.17 -0.03 5.42
N UNK C 3439 102.87 -1.28 5.79
CA UNK C 3439 102.30 -2.23 4.85
C UNK C 3439 100.85 -1.88 4.52
N UNK C 3440 100.17 -1.24 5.44
CA UNK C 3440 98.79 -0.81 5.24
C UNK C 3440 98.71 0.28 4.17
N UNK C 3441 99.59 1.27 4.28
CA UNK C 3441 99.66 2.34 3.30
C UNK C 3441 100.09 1.81 1.94
N UNK C 3442 100.91 0.76 1.96
CA UNK C 3442 101.36 0.12 0.73
C UNK C 3442 100.22 -0.64 0.04
N UNK C 3443 99.25 -1.08 0.83
CA UNK C 3443 98.08 -1.76 0.29
C UNK C 3443 97.13 -0.76 -0.35
N UNK C 3444 97.05 0.44 0.25
CA UNK C 3444 96.23 1.51 -0.29
C UNK C 3444 96.81 1.99 -1.61
N UNK C 3445 98.13 1.92 -1.72
CA UNK C 3445 98.82 2.29 -2.95
C UNK C 3445 98.59 1.23 -4.02
N UNK C 3446 98.69 -0.03 -3.62
CA UNK C 3446 98.47 -1.16 -4.51
C UNK C 3446 97.06 -1.13 -5.10
N UNK C 3447 96.08 -0.80 -4.26
CA UNK C 3447 94.70 -0.71 -4.69
C UNK C 3447 94.50 0.50 -5.61
N UNK C 3448 95.12 1.61 -5.27
CA UNK C 3448 95.00 2.84 -6.05
C UNK C 3448 95.66 2.70 -7.41
N UNK C 3449 96.75 1.92 -7.46
CA UNK C 3449 97.43 1.62 -8.71
C UNK C 3449 96.52 0.76 -9.58
N UNK C 3450 95.76 -0.14 -8.94
CA UNK C 3450 94.82 -0.99 -9.63
C UNK C 3450 93.64 -0.19 -10.13
N UNK C 3451 93.24 0.82 -9.35
CA UNK C 3451 92.16 1.72 -9.74
C UNK C 3451 92.57 2.55 -10.95
N UNK C 3452 93.85 2.95 -10.98
CA UNK C 3452 94.38 3.69 -12.11
C UNK C 3452 94.47 2.78 -13.34
N UNK C 3453 94.72 1.50 -13.10
CA UNK C 3453 94.79 0.52 -14.18
C UNK C 3453 93.40 0.25 -14.76
N UNK C 3454 92.41 0.18 -13.88
CA UNK C 3454 91.04 -0.09 -14.29
C UNK C 3454 90.48 1.00 -15.18
N UNK C 3455 91.28 3.11 -25.54
CA UNK C 3455 91.35 1.73 -25.08
C UNK C 3455 89.97 1.08 -25.07
N UNK C 3456 89.58 0.54 -23.92
CA UNK C 3456 88.27 -0.06 -23.76
C UNK C 3456 87.17 0.99 -23.93
N UNK C 3457 87.47 2.21 -23.47
CA UNK C 3457 86.54 3.32 -23.63
C UNK C 3457 86.41 3.69 -25.10
N UNK C 3458 87.52 3.60 -25.83
CA UNK C 3458 87.50 3.85 -27.27
C UNK C 3458 86.68 2.78 -27.99
N UNK C 3459 86.75 1.55 -27.49
CA UNK C 3459 85.96 0.46 -28.03
C UNK C 3459 84.47 0.71 -27.78
N UNK C 3460 84.16 1.23 -26.59
CA UNK C 3460 82.79 1.58 -26.26
C UNK C 3460 82.29 2.70 -27.17
N UNK C 3461 83.18 3.63 -27.49
CA UNK C 3461 82.86 4.73 -28.39
C UNK C 3461 82.58 4.21 -29.79
N UNK C 3462 83.38 3.23 -30.22
CA UNK C 3462 83.20 2.61 -31.53
C UNK C 3462 81.87 1.87 -31.60
N UNK C 3463 81.52 1.22 -30.49
CA UNK C 3463 80.23 0.53 -30.39
C UNK C 3463 79.09 1.54 -30.44
N UNK C 3464 79.31 2.70 -29.83
CA UNK C 3464 78.34 3.78 -29.86
C UNK C 3464 78.19 4.33 -31.28
N UNK C 3465 79.30 4.36 -32.01
CA UNK C 3465 79.28 4.81 -33.40
C UNK C 3465 78.51 3.80 -34.26
N UNK C 3466 78.63 2.53 -33.91
CA UNK C 3466 77.86 1.49 -34.58
C UNK C 3466 76.38 1.62 -34.23
N UNK C 3467 76.11 2.01 -33.00
CA UNK C 3467 74.74 2.18 -32.52
C UNK C 3467 74.03 3.33 -33.22
N UNK C 3468 74.82 4.27 -33.75
CA UNK C 3468 74.26 5.47 -34.37
C UNK C 3468 73.42 5.14 -35.60
N UNK C 3469 69.02 -9.79 -36.37
CA UNK C 3469 69.70 -8.72 -35.66
C UNK C 3469 69.94 -9.10 -34.21
N UNK C 3470 69.44 -10.27 -33.84
CA UNK C 3470 69.53 -10.73 -32.46
C UNK C 3470 70.98 -10.90 -32.06
N UNK C 3471 71.79 -11.43 -32.97
CA UNK C 3471 73.19 -11.64 -32.66
C UNK C 3471 73.82 -10.29 -32.41
N UNK C 3472 73.45 -9.32 -33.21
CA UNK C 3472 73.99 -7.97 -33.09
C UNK C 3472 73.63 -7.35 -31.76
N UNK C 3473 72.40 -7.58 -31.32
CA UNK C 3473 71.93 -7.10 -30.03
C UNK C 3473 72.71 -7.75 -28.90
N UNK C 3474 72.98 -9.03 -29.06
CA UNK C 3474 73.72 -9.75 -28.05
C UNK C 3474 75.08 -9.09 -28.00
N UNK C 3475 75.60 -8.73 -29.16
CA UNK C 3475 76.89 -8.08 -29.27
C UNK C 3475 76.92 -6.73 -28.57
N UNK C 3476 75.85 -5.95 -28.72
CA UNK C 3476 75.77 -4.65 -28.06
C UNK C 3476 75.79 -4.87 -26.56
N UNK C 3477 75.08 -5.92 -26.14
CA UNK C 3477 75.02 -6.25 -24.72
C UNK C 3477 76.40 -6.61 -24.21
N UNK C 3478 77.14 -7.35 -25.03
CA UNK C 3478 78.50 -7.77 -24.70
C UNK C 3478 79.38 -6.54 -24.55
N UNK C 3479 79.18 -5.58 -25.43
CA UNK C 3479 79.94 -4.34 -25.39
C UNK C 3479 79.65 -3.60 -24.11
N UNK C 3480 78.38 -3.56 -23.74
CA UNK C 3480 77.99 -2.86 -22.52
C UNK C 3480 78.65 -3.55 -21.34
N UNK C 3481 78.67 -4.88 -21.40
CA UNK C 3481 79.24 -5.69 -20.35
C UNK C 3481 80.72 -5.42 -20.21
N UNK C 3482 81.39 -5.28 -21.35
CA UNK C 3482 82.80 -4.94 -21.38
C UNK C 3482 83.04 -3.56 -20.79
N UNK C 3483 82.14 -2.62 -21.08
CA UNK C 3483 82.25 -1.29 -20.54
C UNK C 3483 82.16 -1.37 -19.03
N UNK C 3484 81.26 -2.22 -18.54
CA UNK C 3484 81.14 -2.43 -17.10
C UNK C 3484 82.43 -3.04 -16.52
N UNK C 3485 82.96 -4.03 -17.25
CA UNK C 3485 84.18 -4.77 -16.94
C UNK C 3485 84.49 -4.80 -15.46
N UNK C 3486 85.77 -4.67 -15.14
CA UNK C 3486 86.25 -4.40 -13.79
C UNK C 3486 85.63 -5.27 -12.67
N UNK C 3487 84.97 -4.62 -11.72
CA UNK C 3487 84.61 -5.24 -10.47
C UNK C 3487 83.70 -6.43 -10.70
N UNK C 3488 82.80 -6.29 -11.67
CA UNK C 3488 81.91 -7.39 -11.97
C UNK C 3488 82.77 -8.54 -12.42
N UNK C 3489 83.78 -8.24 -13.21
CA UNK C 3489 84.65 -9.27 -13.73
C UNK C 3489 85.37 -9.98 -12.59
N UNK C 3490 85.85 -9.21 -11.62
CA UNK C 3490 86.57 -9.78 -10.50
C UNK C 3490 85.64 -10.70 -9.72
N UNK C 3491 84.40 -10.25 -9.55
CA UNK C 3491 83.43 -11.02 -8.81
C UNK C 3491 83.18 -12.34 -9.51
N UNK C 3492 83.08 -12.28 -10.84
CA UNK C 3492 82.85 -13.47 -11.63
C UNK C 3492 84.02 -14.44 -11.51
N UNK C 3493 85.23 -13.89 -11.51
CA UNK C 3493 86.43 -14.70 -11.40
C UNK C 3493 86.42 -15.42 -10.07
N UNK C 3494 85.99 -14.71 -9.03
CA UNK C 3494 85.87 -15.33 -7.72
C UNK C 3494 85.17 -16.67 -7.83
N UNK C 3495 100.76 -22.23 2.54
CA UNK C 3495 101.62 -21.69 1.49
C UNK C 3495 100.78 -21.20 0.32
N UNK C 3496 100.63 -22.04 -0.70
CA UNK C 3496 99.84 -21.68 -1.86
C UNK C 3496 98.41 -21.47 -1.39
N UNK C 3497 97.97 -22.31 -0.47
CA UNK C 3497 96.64 -22.20 0.09
C UNK C 3497 96.51 -20.87 0.79
N UNK C 3498 97.59 -20.48 1.48
CA UNK C 3498 97.59 -19.23 2.22
C UNK C 3498 97.42 -18.07 1.27
N UNK C 3499 98.12 -18.15 0.13
CA UNK C 3499 98.03 -17.12 -0.89
C UNK C 3499 96.62 -17.03 -1.45
N UNK C 3500 96.00 -18.19 -1.65
CA UNK C 3500 94.62 -18.23 -2.14
C UNK C 3500 93.67 -17.58 -1.15
N UNK C 3501 93.90 -17.85 0.13
CA UNK C 3501 93.10 -17.27 1.20
C UNK C 3501 93.27 -15.77 1.21
N UNK C 3502 94.50 -15.35 0.96
CA UNK C 3502 94.85 -13.95 0.94
C UNK C 3502 94.05 -13.33 -0.18
N UNK C 3503 93.98 -14.03 -1.30
CA UNK C 3503 93.24 -13.54 -2.45
C UNK C 3503 91.76 -13.38 -2.11
N UNK C 3504 91.19 -14.36 -1.43
CA UNK C 3504 89.78 -14.26 -1.10
C UNK C 3504 89.55 -13.05 -0.22
N UNK C 3505 90.44 -12.86 0.75
CA UNK C 3505 90.28 -11.77 1.68
C UNK C 3505 90.39 -10.43 0.98
N UNK C 3506 91.34 -10.35 0.07
CA UNK C 3506 91.62 -9.13 -0.63
C UNK C 3506 90.41 -8.81 -1.45
N UNK C 3507 89.83 -9.85 -2.02
CA UNK C 3507 88.68 -9.69 -2.88
C UNK C 3507 87.54 -9.12 -2.08
N UNK C 3508 87.33 -9.65 -0.88
CA UNK C 3508 86.23 -9.16 -0.08
C UNK C 3508 86.47 -7.69 0.23
N UNK C 3509 87.70 -7.36 0.60
CA UNK C 3509 87.98 -5.98 0.99
C UNK C 3509 87.73 -5.04 -0.18
N UNK C 3510 82.20 -0.85 -1.91
CA UNK C 3510 80.97 -0.17 -2.31
C UNK C 3510 81.19 1.13 -3.09
N UNK C 3511 82.19 1.91 -2.70
CA UNK C 3511 82.45 3.20 -3.33
C UNK C 3511 82.83 3.12 -4.82
N UNK C 3512 83.66 2.13 -5.15
CA UNK C 3512 84.04 1.89 -6.55
C UNK C 3512 82.82 1.50 -7.36
N UNK C 3513 81.94 0.73 -6.71
CA UNK C 3513 80.67 0.32 -7.27
C UNK C 3513 79.79 1.53 -7.55
N UNK C 3514 79.82 2.49 -6.64
CA UNK C 3514 79.12 3.75 -6.81
C UNK C 3514 79.68 4.48 -8.02
N UNK C 3515 80.99 4.45 -8.16
CA UNK C 3515 81.62 5.05 -9.31
C UNK C 3515 81.12 4.38 -10.58
N UNK C 3516 80.99 3.06 -10.53
CA UNK C 3516 80.49 2.27 -11.64
C UNK C 3516 79.05 2.62 -11.99
N UNK C 3517 78.24 2.85 -10.97
CA UNK C 3517 76.86 3.27 -11.14
C UNK C 3517 76.80 4.63 -11.82
N UNK C 3518 77.72 5.51 -11.44
CA UNK C 3518 77.86 6.82 -12.10
C UNK C 3518 78.25 6.68 -13.56
N UNK C 3519 79.15 5.73 -13.83
CA UNK C 3519 79.57 5.43 -15.19
C UNK C 3519 78.36 4.95 -15.96
N UNK C 3520 77.52 4.20 -15.25
CA UNK C 3520 76.25 3.67 -15.75
C UNK C 3520 75.25 4.77 -16.09
N UNK C 3521 75.22 5.82 -15.27
CA UNK C 3521 74.43 7.01 -15.54
C UNK C 3521 74.94 7.65 -16.81
N UNK C 3522 76.27 7.65 -16.94
CA UNK C 3522 76.91 8.15 -18.14
C UNK C 3522 76.47 7.32 -19.33
N UNK C 3523 76.35 6.02 -19.12
CA UNK C 3523 75.90 5.05 -20.12
C UNK C 3523 74.46 5.32 -20.53
N UNK C 3524 73.63 5.68 -19.57
CA UNK C 3524 72.25 6.03 -19.86
C UNK C 3524 72.26 7.25 -20.74
N UNK C 3525 73.14 8.19 -20.40
CA UNK C 3525 73.22 9.41 -21.17
C UNK C 3525 73.62 9.06 -22.58
N UNK C 3526 74.53 8.12 -22.71
CA UNK C 3526 75.02 7.67 -24.01
C UNK C 3526 73.91 7.01 -24.83
N UNK C 3527 73.11 6.17 -24.19
CA UNK C 3527 72.06 5.48 -24.90
C UNK C 3527 71.15 6.56 -25.42
N UNK C 3528 70.95 7.59 -24.59
CA UNK C 3528 70.24 8.78 -25.03
C UNK C 3528 70.71 9.20 -26.42
N UNK C 3529 66.82 4.71 -30.97
CA UNK C 3529 67.95 5.10 -30.13
C UNK C 3529 68.50 3.89 -29.39
N UNK C 3530 69.55 4.11 -28.61
CA UNK C 3530 70.18 3.01 -27.89
C UNK C 3530 69.23 2.38 -26.89
N UNK C 3531 68.51 3.22 -26.16
CA UNK C 3531 67.58 2.73 -25.15
C UNK C 3531 66.44 1.93 -25.77
N UNK C 3532 65.93 2.45 -26.88
CA UNK C 3532 64.85 1.79 -27.60
C UNK C 3532 65.36 0.46 -28.11
N UNK C 3533 66.61 0.45 -28.55
CA UNK C 3533 67.24 -0.76 -29.05
C UNK C 3533 67.35 -1.82 -27.95
N UNK C 3534 67.72 -1.39 -26.76
CA UNK C 3534 67.83 -2.30 -25.65
C UNK C 3534 66.45 -2.87 -25.38
N UNK C 3535 65.45 -2.00 -25.46
CA UNK C 3535 64.09 -2.42 -25.20
C UNK C 3535 63.67 -3.47 -26.20
N UNK C 3536 64.01 -3.24 -27.46
CA UNK C 3536 63.67 -4.14 -28.53
C UNK C 3536 64.35 -5.49 -28.33
N UNK C 3537 65.59 -5.47 -27.88
CA UNK C 3537 66.32 -6.71 -27.63
C UNK C 3537 65.62 -7.49 -26.53
N UNK C 3538 65.19 -6.77 -25.50
CA UNK C 3538 64.51 -7.40 -24.39
C UNK C 3538 63.22 -8.04 -24.91
N UNK C 3539 62.55 -7.33 -25.81
CA UNK C 3539 61.33 -7.80 -26.45
C UNK C 3539 61.53 -9.05 -27.31
N UNK C 3540 62.63 -9.08 -28.03
CA UNK C 3540 62.98 -10.24 -28.83
C UNK C 3540 63.18 -11.39 -27.88
N UNK C 3541 63.78 -11.09 -26.74
CA UNK C 3541 64.02 -12.07 -25.70
C UNK C 3541 62.71 -12.63 -25.17
N UNK C 3542 61.72 -11.76 -24.97
CA UNK C 3542 60.41 -12.19 -24.53
C UNK C 3542 59.80 -13.13 -25.56
N UNK C 3543 59.94 -12.74 -26.83
CA UNK C 3543 59.48 -13.56 -27.97
C UNK C 3543 59.40 -12.73 -29.24
N UNK C 3544 69.93 -17.28 -19.66
CA UNK C 3544 69.18 -16.89 -18.49
C UNK C 3544 70.03 -16.04 -17.55
N UNK C 3545 71.21 -16.54 -17.20
CA UNK C 3545 72.10 -15.81 -16.33
C UNK C 3545 72.50 -14.52 -16.99
N UNK C 3546 72.81 -14.58 -18.28
CA UNK C 3546 73.25 -13.40 -19.00
C UNK C 3546 72.17 -12.32 -19.04
N UNK C 3547 70.95 -12.76 -19.32
CA UNK C 3547 69.82 -11.83 -19.38
C UNK C 3547 69.63 -11.23 -18.02
N UNK C 3548 69.77 -12.07 -17.01
CA UNK C 3548 69.56 -11.62 -15.66
C UNK C 3548 70.56 -10.54 -15.33
N UNK C 3549 71.81 -10.76 -15.74
CA UNK C 3549 72.86 -9.79 -15.48
C UNK C 3549 72.58 -8.48 -16.19
N UNK C 3550 72.13 -8.56 -17.43
CA UNK C 3550 71.83 -7.37 -18.18
C UNK C 3550 70.70 -6.58 -17.50
N UNK C 3551 69.71 -7.32 -17.03
CA UNK C 3551 68.56 -6.73 -16.36
C UNK C 3551 69.02 -6.06 -15.08
N UNK C 3552 69.93 -6.73 -14.40
CA UNK C 3552 70.44 -6.23 -13.15
C UNK C 3552 71.13 -4.92 -13.42
N UNK C 3553 71.88 -4.87 -14.52
CA UNK C 3553 72.59 -3.65 -14.87
C UNK C 3553 71.64 -2.50 -15.17
N UNK C 3554 70.56 -2.80 -15.90
CA UNK C 3554 69.60 -1.76 -16.21
C UNK C 3554 68.97 -1.25 -14.92
N UNK C 3555 68.69 -2.21 -14.04
CA UNK C 3555 68.05 -1.95 -12.77
C UNK C 3555 68.95 -1.07 -11.96
N UNK C 3556 70.25 -1.33 -12.05
CA UNK C 3556 71.31 -0.59 -11.39
C UNK C 3556 71.43 0.86 -11.88
N UNK C 3557 71.28 1.07 -13.18
CA UNK C 3557 71.23 2.44 -13.69
C UNK C 3557 70.01 3.12 -13.10
N UNK C 3558 68.92 2.35 -13.03
CA UNK C 3558 67.66 2.84 -12.49
C UNK C 3558 67.88 3.23 -11.05
N UNK C 3559 68.72 2.44 -10.39
CA UNK C 3559 69.19 2.57 -9.01
C UNK C 3559 70.03 3.81 -8.74
N UNK C 3560 70.90 4.14 -9.68
CA UNK C 3560 71.64 5.39 -9.59
C UNK C 3560 70.59 6.48 -9.63
N UNK C 3561 69.61 6.29 -10.50
CA UNK C 3561 68.53 7.26 -10.59
C UNK C 3561 67.79 7.38 -9.26
N UNK C 3562 67.52 6.24 -8.63
CA UNK C 3562 66.79 6.23 -7.36
C UNK C 3562 67.59 6.95 -6.29
N UNK C 3563 68.89 6.71 -6.29
CA UNK C 3563 69.78 7.30 -5.32
C UNK C 3563 69.76 8.80 -5.46
N UNK C 3564 63.33 24.52 0.24
CA UNK C 3564 63.78 23.27 -0.35
C UNK C 3564 62.85 22.85 -1.48
N UNK C 3565 61.89 23.71 -1.77
CA UNK C 3565 60.88 23.37 -2.75
C UNK C 3565 61.57 23.14 -4.07
N UNK C 3566 62.56 23.97 -4.37
CA UNK C 3566 63.27 23.87 -5.64
C UNK C 3566 63.96 22.53 -5.74
N UNK C 3567 64.58 22.11 -4.65
CA UNK C 3567 65.30 20.84 -4.63
C UNK C 3567 64.32 19.69 -4.85
N UNK C 3568 63.16 19.76 -4.21
CA UNK C 3568 62.17 18.71 -4.37
C UNK C 3568 61.72 18.65 -5.83
N UNK C 3569 61.53 19.82 -6.42
CA UNK C 3569 61.08 19.91 -7.80
C UNK C 3569 62.12 19.29 -8.71
N UNK C 3570 63.38 19.55 -8.41
CA UNK C 3570 64.49 19.02 -9.18
C UNK C 3570 64.51 17.50 -9.10
N UNK C 3571 64.28 16.98 -7.90
CA UNK C 3571 64.30 15.53 -7.74
C UNK C 3571 63.20 14.95 -8.59
N UNK C 3572 62.04 15.59 -8.53
CA UNK C 3572 60.90 15.08 -9.25
C UNK C 3572 61.20 15.06 -10.74
N UNK C 3573 61.80 16.14 -11.19
CA UNK C 3573 62.08 16.29 -12.60
C UNK C 3573 63.04 15.21 -13.05
N UNK C 3574 64.05 14.94 -12.23
CA UNK C 3574 65.03 13.92 -12.60
C UNK C 3574 64.36 12.57 -12.69
N UNK C 3575 63.48 12.29 -11.73
CA UNK C 3575 62.86 10.98 -11.72
C UNK C 3575 62.05 10.85 -13.00
N UNK C 3576 61.34 11.93 -13.33
CA UNK C 3576 60.47 11.90 -14.50
C UNK C 3576 61.30 11.68 -15.75
N UNK C 3577 62.42 12.37 -15.86
CA UNK C 3577 63.24 12.26 -17.06
C UNK C 3577 63.74 10.83 -17.21
N UNK C 3578 64.18 10.23 -16.10
CA UNK C 3578 64.72 8.89 -16.20
C UNK C 3578 63.62 7.93 -16.65
N UNK C 3579 62.43 8.12 -16.08
CA UNK C 3579 61.32 7.24 -16.40
C UNK C 3579 60.93 7.37 -17.86
N UNK C 3580 60.92 8.60 -18.36
CA UNK C 3580 60.56 8.86 -19.74
C UNK C 3580 61.56 8.20 -20.67
N UNK C 3581 62.83 8.28 -20.29
CA UNK C 3581 63.90 7.68 -21.07
C UNK C 3581 63.72 6.17 -21.13
N UNK C 3582 63.35 5.59 -19.99
CA UNK C 3582 63.09 4.16 -19.93
C UNK C 3582 61.93 3.77 -20.83
N UNK C 3583 60.91 4.62 -20.86
CA UNK C 3583 59.74 4.41 -21.70
C UNK C 3583 60.08 3.83 -23.06
N UNK C 3584 58.79 -2.36 -21.71
CA UNK C 3584 57.92 -1.51 -20.91
C UNK C 3584 56.81 -2.35 -20.28
N UNK C 3585 55.56 -2.00 -20.56
CA UNK C 3585 54.45 -2.70 -19.95
C UNK C 3585 54.59 -4.14 -20.37
N UNK C 3586 55.01 -4.32 -21.61
CA UNK C 3586 55.23 -5.65 -22.15
C UNK C 3586 56.30 -6.38 -21.37
N UNK C 3587 57.37 -5.66 -21.00
CA UNK C 3587 58.45 -6.29 -20.27
C UNK C 3587 57.92 -6.79 -18.94
N UNK C 3588 57.11 -5.96 -18.32
CA UNK C 3588 56.53 -6.28 -17.03
C UNK C 3588 55.67 -7.52 -17.14
N UNK C 3589 54.89 -7.57 -18.21
CA UNK C 3589 54.00 -8.69 -18.44
C UNK C 3589 54.79 -9.97 -18.62
N UNK C 3590 55.91 -9.89 -19.33
CA UNK C 3590 56.77 -11.05 -19.53
C UNK C 3590 57.34 -11.54 -18.22
N UNK C 3591 57.72 -10.60 -17.38
CA UNK C 3591 58.26 -10.95 -16.08
C UNK C 3591 57.19 -11.68 -15.31
N UNK C 3592 55.95 -11.20 -15.41
CA UNK C 3592 54.81 -11.81 -14.75
C UNK C 3592 54.55 -13.22 -15.28
N UNK C 3593 54.70 -13.38 -16.57
CA UNK C 3593 54.46 -14.65 -17.22
C UNK C 3593 55.46 -15.64 -16.68
N UNK C 3594 56.68 -15.17 -16.48
CA UNK C 3594 57.75 -16.02 -15.97
C UNK C 3594 57.29 -16.97 -14.86
N UNK C 3595 67.45 -14.03 -12.04
CA UNK C 3595 66.50 -15.10 -11.77
C UNK C 3595 65.09 -14.55 -11.61
N UNK C 3596 64.27 -15.25 -10.84
CA UNK C 3596 62.99 -14.72 -10.44
C UNK C 3596 63.34 -13.48 -9.63
N UNK C 3597 64.42 -13.57 -8.87
CA UNK C 3597 64.94 -12.44 -8.12
C UNK C 3597 65.36 -11.32 -9.07
N UNK C 3598 65.93 -11.70 -10.21
CA UNK C 3598 66.30 -10.69 -11.20
C UNK C 3598 65.07 -9.99 -11.74
N UNK C 3599 64.01 -10.75 -11.98
CA UNK C 3599 62.80 -10.18 -12.49
C UNK C 3599 62.33 -9.22 -11.44
N UNK C 3600 62.48 -9.63 -10.20
CA UNK C 3600 62.01 -8.83 -9.09
C UNK C 3600 62.74 -7.51 -9.04
N UNK C 3601 64.04 -7.55 -9.26
CA UNK C 3601 64.85 -6.35 -9.26
C UNK C 3601 64.44 -5.41 -10.38
N UNK C 3602 64.19 -6.00 -11.55
CA UNK C 3602 63.82 -5.17 -12.69
C UNK C 3602 62.54 -4.48 -12.30
N UNK C 3603 61.66 -5.24 -11.67
CA UNK C 3603 60.35 -4.75 -11.27
C UNK C 3603 60.46 -3.63 -10.25
N UNK C 3604 61.38 -3.77 -9.31
CA UNK C 3604 61.58 -2.74 -8.31
C UNK C 3604 62.06 -1.46 -8.99
N UNK C 3605 62.98 -1.59 -9.93
CA UNK C 3605 63.47 -0.40 -10.60
C UNK C 3605 62.31 0.27 -11.32
N UNK C 3606 61.49 -0.55 -11.95
CA UNK C 3606 60.36 -0.03 -12.71
C UNK C 3606 59.40 0.69 -11.80
N UNK C 3607 59.17 0.11 -10.64
CA UNK C 3607 58.24 0.67 -9.69
C UNK C 3607 58.77 2.02 -9.32
N UNK C 3608 60.06 2.12 -9.05
CA UNK C 3608 60.61 3.39 -8.63
C UNK C 3608 60.40 4.42 -9.72
N UNK C 3609 60.69 4.04 -10.95
CA UNK C 3609 60.61 5.01 -12.02
C UNK C 3609 59.19 5.51 -12.14
N UNK C 3610 58.24 4.59 -12.13
CA UNK C 3610 56.85 5.01 -12.33
C UNK C 3610 56.38 5.89 -11.19
N UNK C 3611 56.76 5.49 -9.98
CA UNK C 3611 56.26 6.10 -8.78
C UNK C 3611 56.67 7.53 -8.85
N UNK C 3612 57.88 7.75 -9.37
CA UNK C 3612 58.32 9.14 -9.57
C UNK C 3612 57.23 9.93 -10.29
N UNK C 3613 52.82 10.95 -17.60
CA UNK C 3613 53.15 10.70 -16.21
C UNK C 3613 53.21 9.21 -15.92
N UNK C 3614 53.81 8.86 -14.78
CA UNK C 3614 53.94 7.46 -14.37
C UNK C 3614 52.63 6.71 -14.58
N UNK C 3615 51.52 7.39 -14.34
CA UNK C 3615 50.20 6.79 -14.49
C UNK C 3615 49.79 6.83 -15.96
N UNK C 3616 50.30 7.79 -16.73
CA UNK C 3616 50.03 7.82 -18.17
C UNK C 3616 50.63 6.59 -18.85
N UNK C 3617 51.84 6.27 -18.41
CA UNK C 3617 52.55 5.10 -18.86
C UNK C 3617 51.72 3.91 -18.45
N UNK C 3618 51.17 4.01 -17.26
CA UNK C 3618 50.31 2.96 -16.71
C UNK C 3618 49.06 2.73 -17.55
N UNK C 3619 48.48 3.82 -18.02
CA UNK C 3619 47.32 3.82 -18.90
C UNK C 3619 47.68 3.16 -20.22
N UNK C 3620 48.88 3.44 -20.71
CA UNK C 3620 49.33 2.79 -21.92
C UNK C 3620 49.43 1.29 -21.69
N UNK C 3621 49.95 0.93 -20.53
CA UNK C 3621 50.11 -0.46 -20.18
C UNK C 3621 48.74 -1.10 -20.10
N UNK C 3622 47.79 -0.34 -19.58
CA UNK C 3622 46.41 -0.74 -19.39
C UNK C 3622 45.76 -1.03 -20.72
N UNK C 3623 46.06 -0.18 -21.70
CA UNK C 3623 45.60 -0.37 -23.07
C UNK C 3623 46.18 -1.65 -23.67
N UNK C 3624 47.46 -1.89 -23.40
CA UNK C 3624 48.08 -3.11 -23.88
C UNK C 3624 47.38 -4.30 -23.25
N UNK C 3625 47.02 -4.15 -21.99
CA UNK C 3625 46.34 -5.19 -21.23
C UNK C 3625 44.97 -5.45 -21.81
N UNK C 3626 44.30 -4.40 -22.22
CA UNK C 3626 42.99 -4.50 -22.83
C UNK C 3626 43.13 -5.29 -24.12
N UNK C 3627 44.19 -5.00 -24.85
CA UNK C 3627 44.45 -5.69 -26.10
C UNK C 3627 44.64 -7.16 -25.82
N UNK C 3628 45.37 -7.47 -24.75
CA UNK C 3628 45.57 -8.85 -24.33
C UNK C 3628 44.70 -9.17 -23.11
N UNK C 3629 48.83 -9.24 -14.62
CA UNK C 3629 48.99 -10.40 -15.48
C UNK C 3629 48.20 -11.52 -14.88
N UNK C 3630 47.73 -12.43 -15.73
CA UNK C 3630 47.27 -13.71 -15.24
C UNK C 3630 48.50 -14.35 -14.62
N UNK C 3631 49.62 -14.14 -15.29
CA UNK C 3631 50.90 -14.54 -14.78
C UNK C 3631 51.06 -13.79 -13.50
N UNK C 3632 50.58 -12.57 -13.47
CA UNK C 3632 50.78 -11.76 -12.31
C UNK C 3632 50.12 -12.42 -11.11
N UNK C 3633 48.89 -12.88 -11.31
CA UNK C 3633 48.11 -13.51 -10.29
C UNK C 3633 48.76 -14.79 -9.84
N UNK C 3634 49.26 -15.50 -10.83
CA UNK C 3634 49.86 -16.78 -10.57
C UNK C 3634 51.04 -16.54 -9.68
N UNK C 3635 51.74 -15.49 -10.05
CA UNK C 3635 52.97 -15.10 -9.46
C UNK C 3635 52.66 -14.76 -8.03
N UNK C 3636 51.54 -14.11 -7.85
CA UNK C 3636 51.11 -13.67 -6.55
C UNK C 3636 50.88 -14.85 -5.65
N UNK C 3637 50.20 -15.84 -6.18
CA UNK C 3637 49.90 -17.00 -5.37
C UNK C 3637 51.23 -17.59 -4.98
N UNK C 3638 52.11 -17.63 -5.96
CA UNK C 3638 53.39 -18.27 -5.80
C UNK C 3638 54.21 -17.59 -4.74
N UNK C 3639 54.15 -16.28 -4.76
CA UNK C 3639 54.91 -15.44 -3.86
C UNK C 3639 54.41 -15.65 -2.46
N UNK C 3640 53.10 -15.74 -2.35
CA UNK C 3640 52.49 -15.90 -1.05
C UNK C 3640 53.04 -17.19 -0.51
N UNK C 3641 53.10 -18.17 -1.40
CA UNK C 3641 53.79 -19.40 -1.11
C UNK C 3641 55.14 -19.13 -0.45
N UNK C 3642 55.76 -21.85 12.64
CA UNK C 3642 55.98 -23.12 13.34
C UNK C 3642 57.30 -23.73 12.91
N UNK C 3643 57.33 -24.21 11.67
CA UNK C 3643 58.52 -24.86 11.18
C UNK C 3643 59.62 -23.83 11.24
N UNK C 3644 59.28 -22.61 10.89
CA UNK C 3644 60.25 -21.52 10.88
C UNK C 3644 60.80 -21.26 12.28
N UNK C 3645 59.94 -21.28 13.28
CA UNK C 3645 60.36 -21.04 14.65
C UNK C 3645 61.31 -22.15 15.11
N UNK C 3646 60.98 -23.38 14.72
CA UNK C 3646 61.80 -24.53 15.08
C UNK C 3646 63.16 -24.35 14.44
N UNK C 3647 63.15 -23.89 13.20
CA UNK C 3647 64.37 -23.70 12.46
C UNK C 3647 65.22 -22.64 13.16
N UNK C 3648 64.58 -21.59 13.64
CA UNK C 3648 65.30 -20.53 14.33
C UNK C 3648 65.94 -21.07 15.62
N UNK C 3649 65.20 -21.89 16.34
CA UNK C 3649 65.75 -22.47 17.56
C UNK C 3649 66.96 -23.32 17.23
N UNK C 3650 66.84 -24.07 16.14
CA UNK C 3650 67.92 -24.94 15.68
C UNK C 3650 69.15 -24.13 15.29
N UNK C 3651 68.92 -23.00 14.64
CA UNK C 3651 70.00 -22.12 14.23
C UNK C 3651 70.70 -21.60 15.48
N UNK C 3652 69.90 -21.28 16.49
CA UNK C 3652 70.45 -20.79 17.75
C UNK C 3652 71.33 -21.85 18.36
N UNK C 3653 70.86 -23.11 18.32
CA UNK C 3653 71.63 -24.22 18.85
C UNK C 3653 72.94 -24.39 18.10
N UNK C 3654 72.88 -24.24 16.78
CA UNK C 3654 74.06 -24.34 15.93
C UNK C 3654 75.07 -23.26 16.27
N UNK C 3655 74.56 -22.07 16.53
CA UNK C 3655 75.40 -20.94 16.93
C UNK C 3655 76.07 -21.24 18.26
N UNK C 3656 75.32 -21.83 19.17
CA UNK C 3656 75.87 -22.18 20.49
C UNK C 3656 76.99 -23.16 20.26
N UNK C 3657 76.77 -24.08 19.33
CA UNK C 3657 77.80 -25.01 18.89
C UNK C 3657 78.90 -24.23 18.18
N UNK C 3658 63.35 -13.37 -0.78
CA UNK C 3658 62.97 -13.42 0.62
C UNK C 3658 62.46 -12.05 1.06
N UNK C 3659 63.17 -11.38 1.96
CA UNK C 3659 62.70 -10.10 2.44
C UNK C 3659 62.65 -9.14 1.25
N UNK C 3660 63.70 -9.18 0.44
CA UNK C 3660 63.78 -8.26 -0.69
C UNK C 3660 62.63 -8.55 -1.64
N UNK C 3661 62.35 -9.83 -1.88
CA UNK C 3661 61.30 -10.21 -2.81
C UNK C 3661 59.96 -9.72 -2.33
N UNK C 3662 59.72 -9.87 -1.03
CA UNK C 3662 58.45 -9.44 -0.47
C UNK C 3662 58.30 -7.94 -0.63
N UNK C 3663 59.38 -7.22 -0.33
CA UNK C 3663 59.28 -5.78 -0.39
C UNK C 3663 58.95 -5.43 -1.82
N UNK C 3664 59.61 -6.11 -2.74
CA UNK C 3664 59.42 -5.81 -4.14
C UNK C 3664 57.99 -6.02 -4.60
N UNK C 3665 57.37 -7.14 -4.23
CA UNK C 3665 56.00 -7.37 -4.65
C UNK C 3665 55.06 -6.31 -4.05
N UNK C 3666 55.27 -6.01 -2.77
CA UNK C 3666 54.36 -5.08 -2.12
C UNK C 3666 54.52 -3.73 -2.80
N UNK C 3667 55.76 -3.42 -3.14
CA UNK C 3667 56.15 -2.17 -3.75
C UNK C 3667 55.54 -2.04 -5.11
N UNK C 3668 55.47 -3.13 -5.84
CA UNK C 3668 54.85 -3.16 -7.16
C UNK C 3668 53.37 -2.85 -7.02
N UNK C 3669 52.76 -3.42 -6.00
CA UNK C 3669 51.34 -3.14 -5.79
C UNK C 3669 51.22 -1.65 -5.52
N UNK C 3670 52.15 -1.13 -4.73
CA UNK C 3670 52.12 0.29 -4.41
C UNK C 3670 52.30 1.18 -5.64
N UNK C 3671 53.20 0.81 -6.53
CA UNK C 3671 53.43 1.60 -7.71
C UNK C 3671 52.15 1.59 -8.52
N UNK C 3672 51.52 0.43 -8.62
CA UNK C 3672 50.33 0.30 -9.42
C UNK C 3672 49.25 1.23 -8.87
N UNK C 3673 49.17 1.30 -7.55
CA UNK C 3673 48.23 2.23 -6.90
C UNK C 3673 48.12 3.59 -7.61
N UNK C 3674 44.48 6.96 -9.99
CA UNK C 3674 44.66 5.54 -10.26
C UNK C 3674 43.39 4.78 -9.97
N UNK C 3675 42.37 5.51 -9.55
CA UNK C 3675 41.13 4.88 -9.12
C UNK C 3675 40.44 4.10 -10.22
N UNK C 3676 40.36 4.68 -11.41
CA UNK C 3676 39.62 4.01 -12.47
C UNK C 3676 40.32 2.71 -12.77
N UNK C 3677 41.64 2.77 -12.88
CA UNK C 3677 42.38 1.60 -13.26
C UNK C 3677 42.21 0.54 -12.19
N UNK C 3678 42.34 0.94 -10.94
CA UNK C 3678 42.31 -0.05 -9.88
C UNK C 3678 40.95 -0.73 -9.87
N UNK C 3679 39.90 0.07 -10.00
CA UNK C 3679 38.56 -0.45 -9.90
C UNK C 3679 38.29 -1.42 -11.03
N UNK C 3680 38.54 -0.99 -12.26
CA UNK C 3680 38.41 -1.90 -13.39
C UNK C 3680 39.53 -2.90 -13.24
N UNK C 3681 40.65 -2.44 -12.71
CA UNK C 3681 41.76 -3.29 -12.41
C UNK C 3681 41.22 -4.29 -11.42
N UNK C 3682 40.39 -3.82 -10.50
CA UNK C 3682 39.91 -4.68 -9.44
C UNK C 3682 39.11 -5.85 -10.00
N UNK C 3683 38.22 -5.57 -10.93
CA UNK C 3683 37.41 -6.62 -11.52
C UNK C 3683 38.28 -7.57 -12.30
N UNK C 3684 39.25 -6.97 -13.03
CA UNK C 3684 40.17 -7.65 -13.96
C UNK C 3684 39.92 -9.14 -14.20
N UNK C 3685 41.26 -6.43 -8.56
CA UNK C 3685 40.10 -6.96 -7.86
C UNK C 3685 40.45 -8.32 -7.21
N UNK C 3686 40.56 -9.31 -8.07
CA UNK C 3686 40.87 -10.65 -7.60
C UNK C 3686 42.19 -10.56 -6.86
N UNK C 3687 43.01 -9.61 -7.29
CA UNK C 3687 44.24 -9.25 -6.63
C UNK C 3687 44.00 -8.75 -5.22
N UNK C 3688 42.92 -8.04 -5.02
CA UNK C 3688 42.61 -7.55 -3.70
C UNK C 3688 42.41 -8.77 -2.85
N UNK C 3689 41.73 -9.73 -3.44
CA UNK C 3689 41.44 -10.93 -2.72
C UNK C 3689 42.76 -11.56 -2.34
N UNK C 3690 43.67 -11.54 -3.27
CA UNK C 3690 44.98 -12.14 -3.11
C UNK C 3690 45.75 -11.49 -1.99
N UNK C 3691 45.65 -10.19 -1.93
CA UNK C 3691 46.38 -9.44 -0.95
C UNK C 3691 45.86 -9.89 0.37
N UNK C 3692 44.56 -10.01 0.44
CA UNK C 3692 43.95 -10.34 1.70
C UNK C 3692 44.49 -11.68 2.15
N UNK C 3693 44.56 -12.61 1.22
CA UNK C 3693 45.03 -13.95 1.56
C UNK C 3693 46.46 -13.99 2.07
N UNK C 3694 47.32 -13.26 1.39
CA UNK C 3694 48.70 -13.27 1.77
C UNK C 3694 48.76 -12.73 3.17
N UNK C 3695 47.94 -11.73 3.39
CA UNK C 3695 47.90 -11.06 4.66
C UNK C 3695 47.49 -12.00 5.76
N UNK C 3696 46.50 -12.82 5.48
CA UNK C 3696 46.03 -13.76 6.47
C UNK C 3696 47.13 -14.71 6.82
N UNK C 3697 47.86 -15.13 5.79
CA UNK C 3697 48.93 -16.08 6.01
C UNK C 3697 49.99 -15.46 6.90
N UNK C 3698 50.24 -14.21 6.61
CA UNK C 3698 51.24 -13.48 7.31
C UNK C 3698 50.83 -13.37 8.76
N UNK C 3699 49.54 -13.17 8.95
CA UNK C 3699 48.99 -12.95 10.26
C UNK C 3699 49.26 -14.19 11.04
N UNK C 3700 49.05 -15.31 10.39
CA UNK C 3700 49.25 -16.56 11.06
C UNK C 3700 50.70 -16.70 11.49
N UNK C 3701 51.61 -16.35 10.59
CA UNK C 3701 53.00 -16.53 10.90
C UNK C 3701 53.32 -15.71 12.12
N UNK C 3702 52.77 -14.52 12.12
CA UNK C 3702 53.03 -13.58 13.18
C UNK C 3702 52.52 -14.05 14.52
N UNK C 3703 51.34 -14.60 14.51
CA UNK C 3703 50.72 -15.05 15.72
C UNK C 3703 51.60 -16.12 16.29
N UNK C 3704 52.13 -16.93 15.38
CA UNK C 3704 52.98 -18.03 15.79
C UNK C 3704 54.20 -17.50 16.49
N UNK C 3705 54.77 -16.47 15.91
CA UNK C 3705 55.96 -15.91 16.47
C UNK C 3705 55.64 -15.41 17.86
N UNK C 3706 54.48 -14.81 18.00
CA UNK C 3706 54.09 -14.24 19.28
C UNK C 3706 54.00 -15.29 20.35
N UNK C 3707 53.36 -16.40 20.00
CA UNK C 3707 53.17 -17.43 20.99
C UNK C 3707 54.54 -17.89 21.42
N UNK C 3708 55.42 -18.05 20.44
CA UNK C 3708 56.73 -18.57 20.73
C UNK C 3708 57.48 -17.66 21.67
N UNK C 3709 57.43 -16.38 21.38
CA UNK C 3709 58.16 -15.42 22.17
C UNK C 3709 57.67 -15.44 23.58
N UNK C 3710 56.34 -15.52 23.74
CA UNK C 3710 55.71 -15.55 25.05
C UNK C 3710 56.43 -16.61 25.87
N UNK C 3711 68.81 -13.40 21.72
CA UNK C 3711 67.68 -12.59 21.33
C UNK C 3711 68.05 -11.66 20.19
N UNK C 3712 69.31 -11.69 19.78
CA UNK C 3712 69.72 -10.89 18.66
C UNK C 3712 68.95 -11.41 17.47
N UNK C 3713 68.81 -12.73 17.41
CA UNK C 3713 68.09 -13.38 16.35
C UNK C 3713 66.64 -12.94 16.38
N UNK C 3714 66.10 -12.86 17.58
CA UNK C 3714 64.70 -12.47 17.74
C UNK C 3714 64.51 -11.08 17.20
N UNK C 3715 65.45 -10.20 17.52
CA UNK C 3715 65.38 -8.83 17.07
C UNK C 3715 65.43 -8.76 15.56
N UNK C 3716 66.31 -9.56 14.95
CA UNK C 3716 66.41 -9.55 13.51
C UNK C 3716 65.10 -9.99 12.89
N UNK C 3717 64.50 -11.02 13.47
CA UNK C 3717 63.25 -11.52 12.94
C UNK C 3717 62.20 -10.44 13.06
N UNK C 3718 62.19 -9.78 14.21
CA UNK C 3718 61.19 -8.78 14.46
C UNK C 3718 61.33 -7.68 13.43
N UNK C 3719 62.56 -7.29 13.14
CA UNK C 3719 62.80 -6.22 12.19
C UNK C 3719 62.31 -6.59 10.80
N UNK C 3720 62.61 -7.81 10.39
CA UNK C 3720 62.21 -8.22 9.05
C UNK C 3720 60.69 -8.17 9.00
N UNK C 3721 60.09 -8.65 10.08
CA UNK C 3721 58.64 -8.75 10.13
C UNK C 3721 58.03 -7.38 10.05
N UNK C 3722 58.61 -6.44 10.77
CA UNK C 3722 58.09 -5.09 10.81
C UNK C 3722 58.16 -4.50 9.43
N UNK C 3723 59.28 -4.72 8.74
CA UNK C 3723 59.41 -4.14 7.42
C UNK C 3723 58.34 -4.70 6.50
N UNK C 3724 58.16 -6.01 6.57
CA UNK C 3724 57.22 -6.64 5.68
C UNK C 3724 55.84 -6.06 5.98
N UNK C 3725 55.56 -5.93 7.26
CA UNK C 3725 54.25 -5.53 7.71
C UNK C 3725 53.96 -4.14 7.20
N UNK C 3726 54.94 -3.25 7.31
CA UNK C 3726 54.71 -1.88 6.91
C UNK C 3726 54.42 -1.85 5.42
N UNK C 3727 55.21 -2.59 4.67
CA UNK C 3727 55.04 -2.52 3.22
C UNK C 3727 53.64 -2.96 2.92
N UNK C 3728 53.24 -4.06 3.55
CA UNK C 3728 51.96 -4.67 3.26
C UNK C 3728 50.79 -3.76 3.59
N UNK C 3729 50.88 -3.13 4.76
CA UNK C 3729 49.78 -2.30 5.20
C UNK C 3729 49.67 -1.17 4.22
N UNK C 3730 50.82 -0.63 3.83
CA UNK C 3730 50.82 0.55 3.00
C UNK C 3730 50.15 0.18 1.70
N UNK C 3731 50.49 -0.99 1.18
CA UNK C 3731 49.96 -1.42 -0.10
C UNK C 3731 48.46 -1.59 -0.05
N UNK C 3732 47.99 -2.23 1.01
CA UNK C 3732 46.57 -2.52 1.09
C UNK C 3732 45.87 -1.18 1.14
N UNK C 3733 46.46 -0.25 1.88
CA UNK C 3733 45.87 1.07 2.07
C UNK C 3733 45.77 1.85 0.78
N UNK C 3734 46.82 1.81 -0.03
CA UNK C 3734 46.76 2.50 -1.30
C UNK C 3734 45.68 1.86 -2.15
N UNK C 3735 45.61 0.54 -2.12
CA UNK C 3735 44.65 -0.14 -2.96
C UNK C 3735 43.30 0.36 -2.55
N UNK C 3736 43.10 0.49 -1.25
CA UNK C 3736 41.84 0.94 -0.68
C UNK C 3736 41.46 2.37 -1.05
N UNK C 3737 42.42 3.29 -1.02
CA UNK C 3737 42.10 4.68 -1.29
C UNK C 3737 41.51 4.86 -2.68
N UNK C 3738 35.64 4.12 -5.17
CA UNK C 3738 36.12 2.76 -5.11
C UNK C 3738 35.14 1.91 -4.35
N UNK C 3739 33.91 2.39 -4.26
CA UNK C 3739 32.90 1.85 -3.36
C UNK C 3739 32.51 0.41 -3.61
N UNK C 3740 32.44 0.04 -4.88
CA UNK C 3740 32.16 -1.34 -5.21
C UNK C 3740 33.32 -2.13 -4.69
N UNK C 3741 34.50 -1.55 -4.84
CA UNK C 3741 35.71 -2.21 -4.45
C UNK C 3741 35.57 -2.45 -2.98
N UNK C 3742 35.05 -1.45 -2.30
CA UNK C 3742 34.86 -1.40 -0.89
C UNK C 3742 33.88 -2.44 -0.38
N UNK C 3743 32.79 -2.66 -1.09
CA UNK C 3743 31.84 -3.70 -0.72
C UNK C 3743 32.43 -5.08 -0.87
N UNK C 3744 33.17 -5.23 -1.95
CA UNK C 3744 33.87 -6.48 -2.17
C UNK C 3744 34.82 -6.64 -1.01
N UNK C 3745 35.38 -5.51 -0.64
CA UNK C 3745 36.37 -5.33 0.36
C UNK C 3745 35.79 -5.74 1.66
N UNK C 3746 34.52 -5.45 1.82
CA UNK C 3746 33.65 -5.74 2.92
C UNK C 3746 33.39 -7.21 3.14
N UNK C 3747 33.22 -7.97 2.05
CA UNK C 3747 33.24 -9.41 2.22
C UNK C 3747 34.66 -9.77 2.68
N UNK C 3748 35.55 -9.11 1.99
CA UNK C 3748 36.96 -9.29 2.25
C UNK C 3748 37.24 -8.81 3.66
N UNK C 3749 36.25 -8.18 4.27
CA UNK C 3749 36.32 -7.28 5.38
C UNK C 3749 35.71 -7.92 6.59
N UNK C 3750 34.91 -8.94 6.34
CA UNK C 3750 34.73 -10.01 7.27
C UNK C 3750 36.11 -10.63 7.37
N UNK C 3751 36.73 -10.78 6.20
CA UNK C 3751 38.09 -11.30 6.25
C UNK C 3751 38.91 -10.29 7.05
N UNK C 3752 38.54 -9.03 6.89
CA UNK C 3752 39.22 -7.90 7.46
C UNK C 3752 39.14 -7.90 8.96
N UNK C 3753 37.97 -8.21 9.45
CA UNK C 3753 37.73 -8.24 10.87
C UNK C 3753 38.64 -9.31 11.38
N UNK C 3754 38.75 -10.39 10.64
CA UNK C 3754 39.62 -11.46 11.07
C UNK C 3754 41.08 -11.00 11.19
N UNK C 3755 41.56 -10.31 10.18
CA UNK C 3755 42.94 -9.85 10.21
C UNK C 3755 43.18 -8.88 11.36
N UNK C 3756 42.17 -8.05 11.58
CA UNK C 3756 42.17 -7.03 12.61
C UNK C 3756 42.25 -7.65 13.98
N UNK C 3757 41.55 -8.76 14.11
CA UNK C 3757 41.52 -9.58 15.29
C UNK C 3757 42.90 -10.15 15.52
N UNK C 3758 43.55 -10.50 14.43
CA UNK C 3758 44.90 -10.99 14.50
C UNK C 3758 45.71 -9.86 15.09
N UNK C 3759 45.39 -8.67 14.63
CA UNK C 3759 46.03 -7.46 15.06
C UNK C 3759 45.84 -7.27 16.55
N UNK C 3760 44.64 -7.57 17.03
CA UNK C 3760 44.25 -7.53 18.43
C UNK C 3760 44.97 -8.52 19.33
N UNK C 3761 45.20 -9.72 18.81
CA UNK C 3761 46.00 -10.71 19.49
C UNK C 3761 47.40 -10.17 19.60
N UNK C 3762 47.78 -9.51 18.53
CA UNK C 3762 49.07 -8.89 18.41
C UNK C 3762 49.13 -7.88 19.51
N UNK C 3763 48.02 -7.20 19.71
CA UNK C 3763 47.87 -6.17 20.68
C UNK C 3763 48.06 -6.73 22.06
N UNK C 3764 47.49 -7.89 22.31
CA UNK C 3764 47.62 -8.49 23.62
C UNK C 3764 49.09 -8.77 23.85
N UNK C 3765 49.72 -9.30 22.81
CA UNK C 3765 51.10 -9.66 22.93
C UNK C 3765 51.97 -8.43 23.18
N UNK C 3766 51.61 -7.37 22.51
CA UNK C 3766 52.29 -6.10 22.57
C UNK C 3766 52.18 -5.51 23.94
N UNK C 3767 51.01 -5.68 24.52
CA UNK C 3767 50.73 -5.21 25.84
C UNK C 3767 51.66 -5.94 26.75
N UNK C 3768 51.77 -7.23 26.47
CA UNK C 3768 52.59 -8.08 27.29
C UNK C 3768 53.99 -7.52 27.24
N UNK C 3769 54.41 -7.13 26.05
CA UNK C 3769 55.62 -6.36 25.88
C UNK C 3769 55.75 -5.28 26.94
N UNK C 3770 62.36 -4.84 28.13
CA UNK C 3770 62.51 -3.40 28.02
C UNK C 3770 63.79 -3.04 27.27
N UNK C 3771 64.43 -4.06 26.71
CA UNK C 3771 65.63 -3.86 25.90
C UNK C 3771 65.31 -3.06 24.65
N UNK C 3772 64.12 -3.30 24.04
CA UNK C 3772 63.77 -2.91 22.61
C UNK C 3772 62.48 -2.06 22.22
N UNK C 3773 62.46 -0.86 22.78
CA UNK C 3773 61.33 0.06 22.61
C UNK C 3773 61.09 0.48 21.16
N UNK C 3774 62.15 0.69 20.40
CA UNK C 3774 62.01 1.15 19.01
C UNK C 3774 61.27 0.16 18.09
N UNK C 3775 61.59 -1.12 18.23
CA UNK C 3775 60.89 -2.16 17.48
C UNK C 3775 59.45 -2.17 17.94
N UNK C 3776 59.26 -1.99 19.24
CA UNK C 3776 57.87 -1.92 19.71
C UNK C 3776 57.12 -0.77 19.01
N UNK C 3777 57.80 0.36 18.87
CA UNK C 3777 57.27 1.55 18.22
C UNK C 3777 56.92 1.31 16.76
N UNK C 3778 57.77 0.55 16.07
CA UNK C 3778 57.49 0.21 14.68
C UNK C 3778 56.20 -0.58 14.58
N UNK C 3779 56.01 -1.51 15.51
CA UNK C 3779 54.77 -2.29 15.49
C UNK C 3779 53.57 -1.35 15.69
N UNK C 3780 53.73 -0.40 16.60
CA UNK C 3780 52.66 0.55 16.86
C UNK C 3780 52.32 1.36 15.62
N UNK C 3781 53.35 1.77 14.89
CA UNK C 3781 53.16 2.56 13.67
C UNK C 3781 52.38 1.78 12.63
N UNK C 3782 52.70 0.49 12.51
CA UNK C 3782 51.98 -0.34 11.56
C UNK C 3782 50.50 -0.41 11.94
N UNK C 3783 50.26 -0.56 13.24
CA UNK C 3783 48.88 -0.61 13.71
C UNK C 3783 48.14 0.68 13.37
N UNK C 3784 48.84 1.79 13.52
CA UNK C 3784 48.29 3.10 13.20
C UNK C 3784 47.91 3.22 11.73
N UNK C 3785 48.76 2.72 10.86
CA UNK C 3785 48.44 2.76 9.43
C UNK C 3785 47.19 1.93 9.16
N UNK C 3786 47.09 0.80 9.83
CA UNK C 3786 45.92 -0.06 9.65
C UNK C 3786 44.64 0.69 10.09
N UNK C 3787 44.76 1.42 11.18
CA UNK C 3787 43.64 2.23 11.67
C UNK C 3787 43.22 3.30 10.68
N UNK C 3788 44.21 3.92 10.04
CA UNK C 3788 43.91 4.92 9.01
C UNK C 3788 43.15 4.28 7.87
N UNK C 3789 43.56 3.08 7.50
CA UNK C 3789 42.87 2.35 6.43
C UNK C 3789 41.43 2.04 6.82
N UNK C 3790 41.25 1.71 8.09
CA UNK C 3790 39.91 1.48 8.63
C UNK C 3790 39.03 2.72 8.55
N UNK C 3791 39.59 3.89 8.87
CA UNK C 3791 38.81 5.11 8.74
C UNK C 3791 38.45 5.25 7.29
N UNK C 3792 39.42 4.91 6.48
CA UNK C 3792 39.40 5.11 5.06
C UNK C 3792 38.20 4.38 4.52
N UNK C 3793 37.91 3.22 5.10
CA UNK C 3793 36.65 2.56 4.77
C UNK C 3793 35.48 3.56 4.77
N UNK C 3794 26.50 2.62 6.84
CA UNK C 3794 27.30 1.42 6.66
C UNK C 3794 27.04 0.40 7.76
N UNK C 3795 26.01 -0.41 7.54
CA UNK C 3795 25.57 -1.37 8.53
C UNK C 3795 26.69 -2.32 8.81
N UNK C 3796 27.39 -2.72 7.75
CA UNK C 3796 28.48 -3.67 7.89
C UNK C 3796 29.58 -3.09 8.77
N UNK C 3797 29.94 -1.83 8.54
CA UNK C 3797 31.00 -1.24 9.34
C UNK C 3797 30.54 -1.22 10.78
N UNK C 3798 29.29 -0.84 11.01
CA UNK C 3798 28.82 -0.77 12.39
C UNK C 3798 28.87 -2.13 13.09
N UNK C 3799 28.45 -3.17 12.39
CA UNK C 3799 28.44 -4.50 12.99
C UNK C 3799 29.85 -4.93 13.30
N UNK C 3800 30.72 -4.65 12.35
CA UNK C 3800 32.07 -5.08 12.46
C UNK C 3800 32.63 -4.40 13.68
N UNK C 3801 32.36 -3.11 13.83
CA UNK C 3801 32.96 -2.38 14.92
C UNK C 3801 32.48 -2.96 16.22
N UNK C 3802 31.18 -3.20 16.34
CA UNK C 3802 30.70 -3.66 17.63
C UNK C 3802 31.34 -4.99 17.97
N UNK C 3803 31.36 -5.90 17.00
CA UNK C 3803 31.87 -7.25 17.29
C UNK C 3803 33.34 -7.21 17.64
N UNK C 3804 34.06 -6.38 16.88
CA UNK C 3804 35.49 -6.26 16.94
C UNK C 3804 35.81 -5.81 18.34
N UNK C 3805 34.96 -4.91 18.83
CA UNK C 3805 34.99 -4.45 20.20
C UNK C 3805 35.34 -5.58 21.16
N UNK C 3806 36.58 -4.84 21.99
CA UNK C 3806 36.43 -6.17 22.53
C UNK C 3806 37.48 -6.43 23.60
N UNK C 3807 37.97 -7.64 23.70
CA UNK C 3807 39.10 -7.92 24.58
C UNK C 3807 40.27 -7.08 24.09
N UNK C 3808 40.28 -6.89 22.78
CA UNK C 3808 41.16 -5.95 22.15
C UNK C 3808 40.81 -4.61 22.74
N UNK C 3809 39.53 -4.36 23.00
CA UNK C 3809 39.15 -3.09 23.59
C UNK C 3809 39.76 -2.92 24.97
N UNK C 3810 39.83 -4.01 25.73
CA UNK C 3810 40.47 -4.07 27.03
C UNK C 3810 41.97 -3.82 26.95
N UNK C 3811 42.58 -4.34 25.91
CA UNK C 3811 43.99 -4.09 25.62
C UNK C 3811 44.19 -2.61 25.31
N UNK C 3812 43.20 -2.06 24.64
CA UNK C 3812 43.14 -0.65 24.29
C UNK C 3812 43.07 0.12 25.56
N UNK C 3813 42.32 -0.44 26.49
CA UNK C 3813 42.09 0.11 27.79
C UNK C 3813 43.42 0.16 28.47
N UNK C 3814 44.22 -0.87 28.26
CA UNK C 3814 45.61 -0.95 28.73
C UNK C 3814 46.56 0.11 28.15
N UNK C 3815 46.41 0.38 26.86
CA UNK C 3815 47.16 1.46 26.23
C UNK C 3815 46.74 2.76 26.90
N UNK C 3816 45.45 2.79 27.21
CA UNK C 3816 44.79 3.89 27.86
C UNK C 3816 45.38 4.08 29.24
N UNK C 3817 45.68 2.96 29.86
CA UNK C 3817 46.30 2.89 31.16
C UNK C 3817 47.68 3.48 31.08
N UNK C 3818 48.38 3.19 30.00
CA UNK C 3818 49.69 3.79 29.79
C UNK C 3818 49.55 5.30 29.71
N UNK C 3819 48.51 5.75 29.04
CA UNK C 3819 48.21 7.19 28.98
C UNK C 3819 47.87 7.81 30.34
N UNK C 3820 47.10 7.07 31.10
CA UNK C 3820 46.69 7.49 32.42
C UNK C 3820 47.96 7.64 33.20
N UNK C 3821 48.90 6.74 32.94
CA UNK C 3821 50.20 6.69 33.53
C UNK C 3821 51.07 7.89 33.23
N UNK C 3822 51.04 8.39 32.00
CA UNK C 3822 51.72 9.65 31.71
C UNK C 3822 51.08 10.82 32.47
N UNK C 3823 49.75 10.78 32.54
CA UNK C 3823 49.05 11.82 33.28
C UNK C 3823 49.52 11.73 34.72
N UNK C 3824 49.72 10.49 35.13
CA UNK C 3824 50.16 10.07 36.43
C UNK C 3824 51.57 10.53 36.76
N UNK C 3825 52.45 10.54 35.77
CA UNK C 3825 53.79 11.04 35.90
C UNK C 3825 53.67 12.52 36.19
N UNK C 3826 52.76 13.16 35.50
CA UNK C 3826 52.53 14.57 35.79
C UNK C 3826 52.09 14.73 37.25
N UNK C 3827 51.21 13.81 37.65
CA UNK C 3827 50.66 13.79 38.99
C UNK C 3827 51.73 13.57 40.06
N UNK C 3828 52.69 12.72 39.73
CA UNK C 3828 53.84 12.38 40.56
C UNK C 3828 54.74 13.57 40.73
N UNK C 3829 54.87 14.34 39.66
CA UNK C 3829 55.63 15.56 39.73
C UNK C 3829 54.92 16.43 40.74
N UNK C 3830 53.60 16.44 40.68
CA UNK C 3830 52.83 17.20 41.66
C UNK C 3830 53.07 16.71 43.09
N UNK C 3831 53.09 15.39 43.25
CA UNK C 3831 53.34 14.77 44.54
C UNK C 3831 54.78 14.95 44.95
N UNK C 3832 55.48 13.84 45.17
CA UNK C 3832 56.88 13.96 45.59
C UNK C 3832 56.97 14.80 46.86
N UNK C 3833 57.98 14.59 47.71
CA UNK C 3833 59.37 14.28 47.37
C UNK C 3833 60.17 13.44 48.36
N UNK C 3834 61.18 12.77 47.82
CA UNK C 3834 62.21 12.08 48.59
C UNK C 3834 63.56 12.52 48.04
N UNK C 3835 64.56 12.61 48.90
CA UNK C 3835 65.88 13.11 48.49
C UNK C 3835 66.60 12.23 47.48
N UNK C 3836 67.30 12.88 46.54
CA UNK C 3836 68.18 12.21 45.57
C UNK C 3836 67.52 11.74 44.27
N UNK C 3837 66.21 11.92 44.15
CA UNK C 3837 65.52 11.66 42.88
C UNK C 3837 65.25 10.18 42.62
N UNK C 3838 65.58 9.32 43.57
CA UNK C 3838 65.38 7.89 43.40
C UNK C 3838 64.19 7.48 44.25
N UNK C 3839 63.21 6.86 43.60
CA UNK C 3839 61.97 6.56 44.28
C UNK C 3839 62.17 5.58 45.41
N UNK C 3840 61.34 5.71 46.42
CA UNK C 3840 60.97 4.57 47.23
C UNK C 3840 59.90 3.84 46.41
N UNK C 3841 60.08 2.55 46.24
CA UNK C 3841 59.11 1.76 45.50
C UNK C 3841 57.81 1.86 46.28
N UNK C 3842 57.96 1.89 47.59
CA UNK C 3842 56.86 2.09 48.52
C UNK C 3842 56.19 3.45 48.37
N UNK C 3843 56.97 4.49 48.09
CA UNK C 3843 56.42 5.81 47.87
C UNK C 3843 55.54 5.70 46.64
N UNK C 3844 56.03 4.93 45.69
CA UNK C 3844 55.33 4.67 44.45
C UNK C 3844 54.03 3.98 44.75
N UNK C 3845 54.08 3.03 45.67
CA UNK C 3845 52.91 2.31 46.08
C UNK C 3845 51.90 3.25 46.71
N UNK C 3846 52.37 4.20 47.49
CA UNK C 3846 51.51 5.19 48.13
C UNK C 3846 50.81 6.04 47.08
N UNK C 3847 51.56 6.40 46.05
CA UNK C 3847 51.01 7.18 44.95
C UNK C 3847 49.92 6.37 44.23
N UNK C 3848 50.20 5.08 44.11
CA UNK C 3848 49.29 4.16 43.48
C UNK C 3848 48.01 4.14 44.29
N UNK C 3849 48.18 4.15 45.60
CA UNK C 3849 47.07 4.11 46.52
C UNK C 3849 46.22 5.34 46.28
N UNK C 3850 46.89 6.47 46.09
CA UNK C 3850 46.16 7.69 45.79
C UNK C 3850 45.34 7.64 44.50
N UNK C 3851 45.92 7.11 43.43
CA UNK C 3851 45.15 6.98 42.17
C UNK C 3851 44.10 5.88 42.29
N UNK C 3852 43.03 5.88 41.49
CA UNK C 3852 42.15 4.74 41.61
C UNK C 3852 42.93 3.48 41.27
N UNK C 3853 43.71 3.56 40.19
CA UNK C 3853 44.73 2.56 39.88
C UNK C 3853 44.21 1.30 39.20
N UNK C 3854 45.17 0.53 38.70
CA UNK C 3854 45.00 -0.56 37.76
C UNK C 3854 44.91 -1.87 38.51
N UNK C 3855 44.57 -1.73 39.78
CA UNK C 3855 44.52 -2.82 40.70
C UNK C 3855 45.98 -2.96 41.02
N UNK C 3856 46.28 -3.73 42.06
CA UNK C 3856 47.65 -3.86 42.46
C UNK C 3856 48.37 -4.45 41.29
N UNK C 3857 47.74 -5.44 40.68
CA UNK C 3857 48.45 -6.15 39.65
C UNK C 3857 48.82 -5.22 38.54
N UNK C 3858 47.86 -4.47 37.99
CA UNK C 3858 48.23 -3.73 36.79
C UNK C 3858 49.22 -2.68 37.19
N UNK C 3859 48.96 -2.04 38.32
CA UNK C 3859 49.76 -0.90 38.65
C UNK C 3859 51.17 -1.38 38.82
N UNK C 3860 51.26 -2.47 39.55
CA UNK C 3860 52.50 -3.02 40.01
C UNK C 3860 53.28 -3.47 38.83
N UNK C 3861 52.58 -4.08 37.90
CA UNK C 3861 53.17 -4.65 36.72
C UNK C 3861 53.76 -3.59 35.86
N UNK C 3862 52.99 -2.53 35.70
CA UNK C 3862 53.45 -1.44 34.87
C UNK C 3862 54.68 -0.89 35.54
N UNK C 3863 54.59 -0.84 36.86
CA UNK C 3863 55.58 -0.24 37.67
C UNK C 3863 56.83 -1.02 37.46
N UNK C 3864 56.71 -2.32 37.49
CA UNK C 3864 57.85 -3.18 37.46
C UNK C 3864 58.48 -2.94 36.11
N UNK C 3865 57.62 -2.89 35.12
CA UNK C 3865 58.11 -2.87 33.77
C UNK C 3865 58.98 -1.66 33.61
N UNK C 3866 58.50 -0.50 34.08
CA UNK C 3866 59.36 0.68 33.98
C UNK C 3866 60.59 0.71 34.90
N UNK C 3867 60.31 0.40 36.15
CA UNK C 3867 61.09 0.76 37.34
C UNK C 3867 62.46 0.16 37.65
N UNK C 3868 62.62 -1.15 37.49
CA UNK C 3868 63.66 -1.77 38.29
C UNK C 3868 64.98 -1.07 38.03
N UNK C 3869 65.30 -0.87 36.75
CA UNK C 3869 66.25 0.15 36.29
C UNK C 3869 67.76 -0.15 36.18
N UNK C 3870 68.28 -1.23 36.75
CA UNK C 3870 67.63 -2.06 37.75
C UNK C 3870 68.45 -2.00 39.03
N UNK C 3871 67.81 -2.22 40.18
CA UNK C 3871 68.42 -2.07 41.52
C UNK C 3871 67.44 -1.83 42.68
N UNK C 3872 66.18 -1.55 42.40
CA UNK C 3872 65.14 -1.64 43.43
C UNK C 3872 64.51 -0.29 43.75
N UNK C 3873 65.19 0.79 43.39
CA UNK C 3873 64.60 2.12 43.44
C UNK C 3873 64.61 2.70 42.03
N UNK C 3874 63.47 3.22 41.56
CA UNK C 3874 63.40 3.94 40.28
C UNK C 3874 64.24 5.22 40.35
N UNK C 3875 63.94 6.10 39.40
CA UNK C 3875 64.23 7.51 39.40
C UNK C 3875 63.06 8.17 38.67
N UNK C 3876 62.58 9.27 39.22
CA UNK C 3876 61.41 9.92 38.69
C UNK C 3876 61.73 10.31 37.27
N UNK C 3877 62.98 10.70 37.06
CA UNK C 3877 63.45 11.09 35.74
C UNK C 3877 63.36 9.92 34.78
N UNK C 3878 63.68 8.73 35.26
CA UNK C 3878 63.60 7.54 34.41
C UNK C 3878 62.17 7.30 33.99
N UNK C 3879 61.27 7.47 34.95
CA UNK C 3879 59.88 7.24 34.67
C UNK C 3879 59.49 8.22 33.61
N UNK C 3880 60.00 9.43 33.75
CA UNK C 3880 59.74 10.53 32.83
C UNK C 3880 60.24 10.29 31.42
N UNK C 3881 61.41 9.71 31.28
CA UNK C 3881 61.97 9.36 29.98
C UNK C 3881 61.07 8.34 29.34
N UNK C 3882 60.63 7.41 30.16
CA UNK C 3882 59.78 6.35 29.65
C UNK C 3882 58.55 7.04 29.12
N UNK C 3883 58.09 8.01 29.88
CA UNK C 3883 56.91 8.80 29.57
C UNK C 3883 57.01 9.61 28.28
N UNK C 3884 58.18 10.16 28.01
CA UNK C 3884 58.45 10.88 26.77
C UNK C 3884 58.41 9.96 25.57
N UNK C 3885 58.97 8.78 25.77
CA UNK C 3885 58.90 7.79 24.72
C UNK C 3885 57.43 7.51 24.51
N UNK C 3886 56.74 7.47 25.63
CA UNK C 3886 55.35 7.17 25.70
C UNK C 3886 54.58 8.19 24.93
N UNK C 3887 54.99 9.44 25.01
CA UNK C 3887 54.43 10.58 24.30
C UNK C 3887 54.59 10.54 22.79
N UNK C 3888 55.75 10.11 22.32
CA UNK C 3888 55.89 9.92 20.87
C UNK C 3888 54.89 8.84 20.49
N UNK C 3889 54.87 7.84 21.36
CA UNK C 3889 54.05 6.68 21.18
C UNK C 3889 52.61 7.16 21.13
N UNK C 3890 52.36 8.17 21.94
CA UNK C 3890 51.12 8.83 22.19
C UNK C 3890 50.58 9.54 20.99
N UNK C 3891 51.45 10.21 20.25
CA UNK C 3891 51.01 10.83 19.01
C UNK C 3891 50.55 9.67 18.14
N UNK C 3892 51.33 8.61 18.20
CA UNK C 3892 50.96 7.45 17.39
C UNK C 3892 49.58 6.87 17.76
N UNK C 3893 49.31 6.76 19.05
CA UNK C 3893 48.05 6.20 19.54
C UNK C 3893 46.92 7.11 19.16
N UNK C 3894 47.22 8.39 19.24
CA UNK C 3894 46.26 9.44 19.04
C UNK C 3894 45.73 9.22 17.66
N UNK C 3895 46.62 8.84 16.75
CA UNK C 3895 46.16 8.30 15.48
C UNK C 3895 44.90 7.42 15.62
CA UNK C 3896 43.44 5.10 16.35
C UNK C 3896 42.48 5.82 17.29
N UNK C 3897 43.00 6.70 18.13
CA UNK C 3897 42.12 7.40 19.07
C UNK C 3897 41.13 8.28 18.30
N UNK C 3898 41.71 8.98 17.36
CA UNK C 3898 41.02 9.85 16.44
C UNK C 3898 40.14 8.98 15.59
N UNK C 3899 40.67 7.80 15.26
CA UNK C 3899 39.88 6.92 14.42
C UNK C 3899 38.58 6.64 15.16
N UNK C 3900 38.71 6.40 16.45
CA UNK C 3900 37.62 6.08 17.34
C UNK C 3900 36.64 7.20 17.48
N UNK C 3901 37.16 8.41 17.55
CA UNK C 3901 36.31 9.57 17.66
C UNK C 3901 35.48 9.69 16.42
N UNK C 3902 36.15 9.43 15.32
CA UNK C 3902 35.51 9.50 14.03
C UNK C 3902 34.44 8.46 14.03
N UNK C 3903 34.77 7.35 14.65
CA UNK C 3903 33.91 6.21 14.74
C UNK C 3903 32.67 6.60 15.48
N UNK C 3904 32.86 7.31 16.56
CA UNK C 3904 31.77 7.68 17.42
C UNK C 3904 30.88 8.52 16.56
N UNK C 3905 31.51 9.38 15.79
CA UNK C 3905 30.81 10.13 14.77
C UNK C 3905 29.85 9.24 13.99
N UNK C 3906 25.35 -1.89 22.21
CA UNK C 3906 24.66 -1.08 21.23
C UNK C 3906 25.48 0.15 20.99
N UNK C 3907 24.83 1.24 20.59
CA UNK C 3907 25.51 2.51 20.52
C UNK C 3907 25.99 2.79 21.94
N UNK C 3908 25.14 2.41 22.89
CA UNK C 3908 25.45 2.47 24.30
C UNK C 3908 26.61 1.58 24.70
N UNK C 3909 26.71 0.40 24.10
CA UNK C 3909 27.82 -0.49 24.43
C UNK C 3909 29.08 0.20 24.00
N UNK C 3910 28.97 0.80 22.84
CA UNK C 3910 30.06 1.48 22.22
C UNK C 3910 30.45 2.56 23.18
N UNK C 3911 29.43 3.19 23.74
CA UNK C 3911 29.52 4.26 24.69
C UNK C 3911 30.17 3.92 26.01
N UNK C 3912 29.97 2.73 26.56
CA UNK C 3912 30.69 2.27 27.75
C UNK C 3912 32.15 2.08 27.43
N UNK C 3913 32.34 1.51 26.25
CA UNK C 3913 33.68 1.35 25.73
C UNK C 3913 34.26 2.76 25.67
N UNK C 3914 33.36 3.67 25.32
CA UNK C 3914 33.45 5.11 25.16
C UNK C 3914 33.69 5.93 26.42
N UNK C 3915 33.25 5.47 27.56
CA UNK C 3915 33.59 6.05 28.83
C UNK C 3915 35.06 5.80 28.98
N UNK C 3916 35.45 4.58 28.64
CA UNK C 3916 36.88 4.32 28.65
C UNK C 3916 37.50 5.28 27.62
N UNK C 3917 36.77 5.35 26.54
CA UNK C 3917 37.15 6.00 25.33
C UNK C 3917 37.32 7.46 25.57
N UNK C 3918 36.66 7.95 26.60
CA UNK C 3918 36.39 9.34 26.85
C UNK C 3918 37.31 9.85 27.90
N UNK C 3919 37.88 8.93 28.68
CA UNK C 3919 39.14 9.27 29.33
C UNK C 3919 40.11 9.49 28.18
N UNK C 3920 40.00 8.57 27.22
CA UNK C 3920 40.83 8.68 26.06
C UNK C 3920 40.50 10.00 25.40
N UNK C 3921 39.25 10.38 25.52
CA UNK C 3921 38.64 11.53 24.89
C UNK C 3921 39.19 12.81 25.40
N UNK C 3922 39.39 12.89 26.70
CA UNK C 3922 39.99 14.07 27.27
C UNK C 3922 41.36 14.15 26.67
N UNK C 3923 41.99 12.99 26.63
CA UNK C 3923 43.35 12.99 26.14
C UNK C 3923 43.34 13.51 24.72
N UNK C 3924 42.41 13.05 23.91
CA UNK C 3924 42.33 13.41 22.51
C UNK C 3924 42.01 14.87 22.32
N UNK C 3925 41.09 15.33 23.14
CA UNK C 3925 40.54 16.66 23.07
C UNK C 3925 41.71 17.57 23.21
N UNK C 3926 42.67 17.16 24.03
CA UNK C 3926 43.94 17.85 24.01
C UNK C 3926 45.07 16.83 23.93
N UNK C 3927 45.39 16.31 22.75
CA UNK C 3927 46.06 16.89 21.60
C UNK C 3927 45.38 18.01 20.84
N UNK C 3928 47.42 20.13 17.96
CA UNK C 3928 47.78 19.82 19.32
C UNK C 3928 49.09 20.54 19.53
N UNK C 3929 50.17 20.01 18.97
CA UNK C 3929 51.37 20.80 18.82
C UNK C 3929 51.07 21.89 17.81
N UNK C 3930 50.43 21.46 16.73
CA UNK C 3930 49.97 22.34 15.67
C UNK C 3930 48.88 23.23 16.20
N UNK C 3931 48.02 22.63 17.01
CA UNK C 3931 46.92 23.37 17.56
C UNK C 3931 47.54 24.45 18.41
N UNK C 3932 48.60 24.08 19.10
CA UNK C 3932 49.29 24.97 20.00
C UNK C 3932 49.90 26.11 19.25
N UNK C 3933 50.49 25.81 18.11
CA UNK C 3933 51.13 26.83 17.32
C UNK C 3933 50.05 27.79 16.89
N UNK C 3934 48.92 27.24 16.49
CA UNK C 3934 47.83 28.03 15.99
C UNK C 3934 47.32 28.93 17.09
N UNK C 3935 47.23 28.37 18.28
CA UNK C 3935 46.72 29.06 19.44
C UNK C 3935 47.63 30.22 19.77
N UNK C 3936 48.91 29.95 19.67
CA UNK C 3936 49.91 30.94 20.00
C UNK C 3936 49.75 32.08 19.04
N UNK C 3937 49.58 31.74 17.78
CA UNK C 3937 49.49 32.76 16.76
C UNK C 3937 48.26 33.62 17.04
N UNK C 3938 47.17 32.96 17.41
CA UNK C 3938 45.93 33.65 17.65
C UNK C 3938 46.07 34.61 18.82
N UNK C 3939 46.74 34.16 19.87
CA UNK C 3939 46.90 35.02 21.02
C UNK C 3939 47.73 36.22 20.59
N UNK C 3940 48.81 35.94 19.87
CA UNK C 3940 49.70 36.99 19.43
C UNK C 3940 49.03 37.93 18.45
N UNK C 3941 47.64 36.50 16.42
CA UNK C 3941 46.72 37.53 16.84
C UNK C 3941 45.29 37.11 16.47
N UNK C 3942 44.43 37.10 17.48
CA UNK C 3942 44.79 37.80 18.69
C UNK C 3942 44.96 39.15 18.04
N UNK C 3943 46.19 39.50 17.67
CA UNK C 3943 46.36 40.57 16.73
C UNK C 3943 45.73 40.09 15.45
N UNK C 3944 45.99 38.82 15.16
CA UNK C 3944 45.49 38.17 13.97
C UNK C 3944 43.98 38.10 14.01
N UNK C 3945 43.46 37.81 15.19
CA UNK C 3945 42.04 37.71 15.44
C UNK C 3945 41.38 39.05 15.22
N UNK C 3946 42.06 40.10 15.65
CA UNK C 3946 41.57 41.44 15.47
C UNK C 3946 41.50 41.72 13.99
N UNK C 3947 42.50 41.24 13.27
CA UNK C 3947 42.55 41.38 11.83
C UNK C 3947 41.40 40.65 11.14
N UNK C 3948 41.08 39.48 11.68
CA UNK C 3948 39.97 38.68 11.22
C UNK C 3948 38.67 39.40 11.46
N UNK C 3949 38.62 40.07 12.60
CA UNK C 3949 37.49 40.83 13.02
C UNK C 3949 37.33 41.93 12.02
N UNK C 3950 38.47 42.45 11.58
CA UNK C 3950 38.55 43.48 10.56
C UNK C 3950 38.01 43.02 9.24
N UNK C 3951 38.36 41.79 8.87
CA UNK C 3951 37.88 41.22 7.65
C UNK C 3951 36.37 41.13 7.76
N UNK C 3952 35.94 40.76 8.96
CA UNK C 3952 34.53 40.59 9.24
C UNK C 3952 33.80 41.92 9.10
N UNK C 3953 34.42 42.97 9.59
CA UNK C 3953 33.86 44.30 9.53
C UNK C 3953 33.74 44.73 8.08
N UNK C 3954 34.77 44.41 7.30
CA UNK C 3954 34.80 44.80 5.90
C UNK C 3954 33.59 44.15 5.26
N UNK C 3955 33.36 42.89 5.60
CA UNK C 3955 32.13 42.21 5.22
C UNK C 3955 31.76 42.44 3.75
N UNK C 3956 33.75 33.56 -1.57
CA UNK C 3956 34.63 34.29 -2.49
C UNK C 3956 35.58 35.19 -1.71
N UNK C 3957 34.99 36.18 -1.07
CA UNK C 3957 35.72 37.16 -0.29
C UNK C 3957 36.43 36.37 0.78
N UNK C 3958 35.74 35.36 1.29
CA UNK C 3958 36.30 34.43 2.27
C UNK C 3958 37.47 33.67 1.69
N UNK C 3959 37.41 33.30 0.42
CA UNK C 3959 38.51 32.56 -0.16
C UNK C 3959 39.71 33.44 -0.05
N UNK C 3960 39.51 34.73 -0.36
CA UNK C 3960 40.61 35.68 -0.26
C UNK C 3960 41.14 35.83 1.18
N UNK C 3961 40.23 35.89 2.12
CA UNK C 3961 40.63 36.02 3.52
C UNK C 3961 41.44 34.81 3.94
N UNK C 3962 41.04 33.63 3.47
CA UNK C 3962 41.73 32.37 3.76
C UNK C 3962 43.12 32.35 3.18
N UNK C 3963 43.24 32.91 1.99
CA UNK C 3963 44.54 33.01 1.38
C UNK C 3963 45.37 33.84 2.29
N UNK C 3964 44.78 34.92 2.78
CA UNK C 3964 45.52 35.82 3.64
C UNK C 3964 45.96 35.11 4.90
N UNK C 3965 45.08 34.31 5.47
CA UNK C 3965 45.39 33.65 6.71
C UNK C 3965 46.59 32.77 6.44
N UNK C 3966 46.58 32.05 5.33
CA UNK C 3966 47.70 31.15 5.01
C UNK C 3966 49.02 31.88 4.79
N UNK C 3967 48.99 33.00 4.10
CA UNK C 3967 50.21 33.75 3.85
C UNK C 3967 50.73 34.24 5.19
N UNK C 3968 49.79 34.66 6.01
CA UNK C 3968 50.12 35.19 7.30
C UNK C 3968 50.81 34.11 8.11
N UNK C 3969 50.27 32.91 8.00
CA UNK C 3969 50.75 31.77 8.74
C UNK C 3969 52.16 31.49 8.31
N UNK C 3970 52.40 31.55 7.01
CA UNK C 3970 53.74 31.29 6.53
C UNK C 3970 54.72 32.31 7.10
N UNK C 3971 54.32 33.57 7.10
CA UNK C 3971 55.19 34.62 7.64
C UNK C 3971 55.47 34.40 9.12
N UNK C 3972 54.41 34.06 9.84
CA UNK C 3972 54.50 33.92 11.26
C UNK C 3972 55.45 32.80 11.53
N UNK C 3973 55.31 31.76 10.73
CA UNK C 3973 56.09 30.57 10.92
C UNK C 3973 57.54 30.88 10.70
N UNK C 3974 57.84 31.65 9.67
CA UNK C 3974 59.23 31.93 9.39
C UNK C 3974 59.79 32.67 10.59
N UNK C 3975 59.04 33.66 11.07
CA UNK C 3975 59.55 34.47 12.16
C UNK C 3975 59.77 33.64 13.42
N UNK C 3976 58.83 32.75 13.68
CA UNK C 3976 58.84 31.88 14.84
C UNK C 3976 60.00 30.90 14.81
N UNK C 3977 79.07 38.32 9.24
CA UNK C 3977 78.92 36.88 9.42
C UNK C 3977 78.35 36.59 10.81
N UNK C 3978 79.24 36.25 11.74
CA UNK C 3978 78.83 35.95 13.11
C UNK C 3978 78.19 37.21 13.64
N UNK C 3979 78.78 38.34 13.28
CA UNK C 3979 78.25 39.63 13.69
C UNK C 3979 76.86 39.81 13.10
N UNK C 3980 76.68 39.38 11.85
CA UNK C 3980 75.39 39.54 11.20
C UNK C 3980 74.34 38.75 11.97
N UNK C 3981 74.70 37.55 12.40
CA UNK C 3981 73.82 36.69 13.19
C UNK C 3981 73.45 37.30 14.54
N UNK C 3982 74.44 37.90 15.19
CA UNK C 3982 74.19 38.54 16.47
C UNK C 3982 73.21 39.67 16.24
N UNK C 3983 73.41 40.35 15.11
CA UNK C 3983 72.58 41.49 14.75
C UNK C 3983 71.17 41.00 14.56
N UNK C 3984 71.04 39.84 13.93
CA UNK C 3984 69.74 39.23 13.71
C UNK C 3984 69.03 38.87 15.00
N UNK C 3985 69.78 38.35 15.97
CA UNK C 3985 69.18 38.03 17.27
C UNK C 3985 68.70 39.30 17.94
N UNK C 3986 69.54 40.32 17.83
CA UNK C 3986 69.25 41.58 18.45
C UNK C 3986 67.98 42.08 17.82
N UNK C 3987 67.89 41.84 16.52
CA UNK C 3987 66.79 42.25 15.65
C UNK C 3987 65.47 41.59 16.00
N UNK C 3988 65.50 40.30 16.33
CA UNK C 3988 64.29 39.63 16.80
C UNK C 3988 63.85 40.26 18.11
N UNK C 3989 64.83 40.54 18.96
CA UNK C 3989 64.51 41.16 20.24
C UNK C 3989 63.83 42.48 19.94
N UNK C 3990 64.35 43.15 18.92
CA UNK C 3990 63.89 44.45 18.44
C UNK C 3990 62.47 44.45 17.89
N UNK C 3991 62.11 43.43 17.13
CA UNK C 3991 60.75 43.33 16.62
C UNK C 3991 59.86 43.18 17.82
N UNK C 3992 60.34 42.40 18.79
CA UNK C 3992 59.55 42.21 19.99
C UNK C 3992 59.32 43.54 20.69
N UNK C 3993 60.36 44.35 20.77
CA UNK C 3993 60.27 45.67 21.38
C UNK C 3993 59.33 46.61 20.61
N UNK C 3994 59.39 46.52 19.29
CA UNK C 3994 58.62 47.38 18.42
C UNK C 3994 57.19 47.09 18.78
N UNK C 3995 56.90 45.82 18.99
CA UNK C 3995 55.71 45.47 19.73
C UNK C 3995 56.05 45.94 21.13
N UNK C 3996 56.21 47.25 21.31
CA UNK C 3996 56.88 47.74 22.50
C UNK C 3996 57.76 48.92 22.15
N UNK C 3997 58.48 48.78 21.05
CA UNK C 3997 59.40 49.83 20.64
C UNK C 3997 58.58 51.08 20.37
N UNK C 3998 57.46 50.91 19.70
CA UNK C 3998 56.66 52.06 19.35
C UNK C 3998 56.20 52.80 20.60
N UNK C 3999 55.69 52.04 21.58
CA UNK C 3999 55.15 52.70 22.75
C UNK C 3999 56.27 53.47 23.41
N UNK C 4000 57.43 52.84 23.52
CA UNK C 4000 58.51 53.48 24.24
C UNK C 4000 58.90 54.78 23.56
N UNK C 4001 59.02 54.72 22.24
CA UNK C 4001 59.48 55.90 21.53
C UNK C 4001 58.49 57.02 21.71
N UNK C 4002 57.21 56.69 21.63
CA UNK C 4002 56.21 57.74 21.74
C UNK C 4002 56.31 58.41 23.09
N UNK C 4003 56.45 57.61 24.14
CA UNK C 4003 56.51 58.21 25.47
C UNK C 4003 57.74 59.10 25.60
N UNK C 4004 58.87 58.64 25.08
CA UNK C 4004 60.08 59.40 25.24
C UNK C 4004 59.89 60.74 24.55
N UNK C 4005 59.29 60.68 23.38
CA UNK C 4005 59.07 61.88 22.59
C UNK C 4005 58.17 62.89 23.30
N UNK C 4006 57.09 62.39 23.89
CA UNK C 4006 56.18 63.29 24.57
C UNK C 4006 56.97 63.95 25.69
N UNK C 4007 57.80 63.19 26.38
CA UNK C 4007 58.56 63.78 27.48
C UNK C 4007 59.52 64.88 27.03
N UNK C 4008 60.24 64.66 25.92
CA UNK C 4008 61.13 65.73 25.45
C UNK C 4008 60.33 66.97 25.06
N UNK C 4009 59.19 66.72 24.42
CA UNK C 4009 58.36 67.82 23.98
C UNK C 4009 57.90 68.61 25.19
N UNK C 4010 57.56 67.90 26.25
CA UNK C 4010 57.13 68.50 27.50
C UNK C 4010 58.21 69.34 28.14
N UNK C 4011 59.46 68.88 28.12
CA UNK C 4011 60.54 69.69 28.65
C UNK C 4011 60.66 70.98 27.85
N UNK C 4012 60.53 70.84 26.53
CA UNK C 4012 60.61 72.01 25.66
C UNK C 4012 59.48 72.98 25.98
N UNK C 4013 58.31 72.43 26.28
CA UNK C 4013 57.12 73.19 26.66
C UNK C 4013 57.33 73.94 27.95
N UNK C 4014 58.00 73.31 28.90
CA UNK C 4014 58.31 73.99 30.15
C UNK C 4014 59.18 75.18 29.83
N UNK C 4015 60.14 74.96 28.94
CA UNK C 4015 61.02 76.07 28.58
C UNK C 4015 60.19 77.20 27.99
N UNK C 4016 59.25 76.85 27.13
CA UNK C 4016 58.37 77.85 26.51
C UNK C 4016 57.43 78.61 27.46
N UNK C 4017 56.86 77.93 28.44
CA UNK C 4017 55.82 78.54 29.26
C UNK C 4017 55.17 77.56 30.24
N UNK C 4018 71.39 69.49 33.26
CA UNK C 4018 70.19 68.66 33.24
C UNK C 4018 69.65 68.53 31.83
N UNK C 4019 69.01 69.60 31.36
CA UNK C 4019 68.40 69.57 30.05
C UNK C 4019 69.45 69.36 28.97
N UNK C 4020 70.59 70.01 29.11
CA UNK C 4020 71.65 69.84 28.13
C UNK C 4020 72.06 68.39 28.17
N UNK C 4021 72.16 67.85 29.37
CA UNK C 4021 72.33 66.41 29.54
C UNK C 4021 71.06 65.81 28.97
N UNK C 4022 69.94 66.48 29.26
CA UNK C 4022 68.64 66.05 28.78
C UNK C 4022 68.59 66.07 27.26
N UNK C 4023 69.19 67.10 26.67
CA UNK C 4023 69.14 67.27 25.23
C UNK C 4023 69.79 66.08 24.57
N UNK C 4024 70.88 65.60 25.17
CA UNK C 4024 71.58 64.45 24.63
C UNK C 4024 70.63 63.27 24.62
N UNK C 4025 69.82 63.17 25.66
CA UNK C 4025 68.87 62.07 25.76
C UNK C 4025 67.92 62.11 24.58
N UNK C 4026 67.50 63.30 24.22
CA UNK C 4026 66.58 63.46 23.10
C UNK C 4026 67.27 62.93 21.86
N UNK C 4027 68.55 63.23 21.72
CA UNK C 4027 69.31 62.77 20.57
C UNK C 4027 69.33 61.25 20.59
N UNK C 4028 69.46 60.68 21.78
CA UNK C 4028 69.49 59.23 21.92
C UNK C 4028 68.17 58.64 21.44
N UNK C 4029 67.08 59.33 21.76
CA UNK C 4029 65.76 58.83 21.45
C UNK C 4029 65.59 58.66 19.95
N UNK C 4030 66.10 59.62 19.19
CA UNK C 4030 65.98 59.55 17.74
C UNK C 4030 66.70 58.31 17.26
N UNK C 4031 67.84 58.03 17.87
CA UNK C 4031 68.68 56.92 17.43
C UNK C 4031 67.91 55.63 17.57
N UNK C 4032 67.14 55.51 18.64
CA UNK C 4032 66.38 54.30 18.89
C UNK C 4032 65.39 54.06 17.76
N UNK C 4033 64.79 55.13 17.28
CA UNK C 4033 63.70 55.01 16.33
C UNK C 4033 64.13 54.32 15.04
N UNK C 4034 65.31 54.64 14.55
CA UNK C 4034 65.72 54.13 13.26
C UNK C 4034 65.74 52.62 13.34
N UNK C 4035 66.20 52.10 14.46
CA UNK C 4035 66.33 50.67 14.64
C UNK C 4035 64.95 50.03 14.52
N UNK C 4036 63.97 50.69 15.12
CA UNK C 4036 62.62 50.17 15.11
C UNK C 4036 62.12 50.10 13.68
N UNK C 4037 62.45 51.13 12.91
CA UNK C 4037 61.98 51.20 11.54
C UNK C 4037 62.51 50.05 10.70
N UNK C 4038 63.78 49.70 10.89
CA UNK C 4038 64.36 48.64 10.08
C UNK C 4038 63.67 47.32 10.33
N UNK C 4039 63.50 46.87 11.57
CA UNK C 4039 62.89 45.55 11.77
C UNK C 4039 61.44 45.48 11.30
N UNK C 4040 60.73 46.54 11.63
CA UNK C 4040 59.33 46.67 11.29
C UNK C 4040 59.27 46.62 9.78
N UNK C 4041 60.29 47.18 9.15
CA UNK C 4041 60.38 47.14 7.71
C UNK C 4041 60.38 45.68 7.32
N UNK C 4042 61.12 44.87 8.06
CA UNK C 4042 61.21 43.46 7.70
C UNK C 4042 59.84 42.76 7.76
N UNK C 4043 59.08 43.04 8.82
CA UNK C 4043 57.74 42.44 8.93
C UNK C 4043 56.80 42.88 7.80
N UNK C 4044 56.89 44.17 7.50
CA UNK C 4044 56.05 44.76 6.49
C UNK C 4044 56.38 44.06 5.19
N UNK C 4045 57.66 43.79 5.03
CA UNK C 4045 58.21 43.15 3.86
C UNK C 4045 57.68 41.74 3.68
N UNK C 4046 57.58 40.99 4.76
CA UNK C 4046 56.99 39.65 4.65
C UNK C 4046 55.56 39.79 4.16
N UNK C 4047 54.84 40.75 4.74
CA UNK C 4047 53.45 40.92 4.33
C UNK C 4047 53.38 41.23 2.83
N UNK C 4048 54.30 42.08 2.41
CA UNK C 4048 54.39 42.53 1.03
C UNK C 4048 54.70 41.41 0.07
N UNK C 4049 55.59 40.51 0.47
CA UNK C 4049 55.94 39.36 -0.36
C UNK C 4049 54.72 38.50 -0.55
N UNK C 4050 53.95 38.34 0.53
CA UNK C 4050 52.73 37.56 0.40
C UNK C 4050 51.77 38.23 -0.58
N UNK C 4051 51.68 39.55 -0.48
CA UNK C 4051 50.82 40.30 -1.36
C UNK C 4051 51.25 40.14 -2.80
N UNK C 4052 52.56 40.13 -3.00
CA UNK C 4052 53.16 39.99 -4.32
C UNK C 4052 52.81 38.65 -4.91
N UNK C 4053 52.87 37.61 -4.08
CA UNK C 4053 52.51 36.28 -4.53
C UNK C 4053 51.05 36.25 -4.97
N UNK C 4054 50.20 36.92 -4.20
CA UNK C 4054 48.78 36.96 -4.53
C UNK C 4054 48.57 37.66 -5.87
N UNK C 4055 49.32 38.73 -6.05
CA UNK C 4055 49.24 39.53 -7.23
C UNK C 4055 49.62 38.65 -8.40
N UNK C 4056 50.64 37.86 -8.16
CA UNK C 4056 51.16 36.97 -9.18
C UNK C 4056 50.09 35.98 -9.60
N UNK C 4057 49.39 35.43 -8.63
CA UNK C 4057 48.34 34.47 -8.97
C UNK C 4057 47.28 35.14 -9.82
N UNK C 4058 46.94 36.36 -9.42
CA UNK C 4058 45.92 37.10 -10.14
C UNK C 4058 46.32 37.37 -11.59
N UNK C 4059 47.58 37.72 -11.79
CA UNK C 4059 48.11 37.97 -13.14
C UNK C 4059 48.11 36.68 -13.94
N UNK C 4060 48.47 35.62 -13.25
CA UNK C 4060 48.59 34.28 -13.78
C UNK C 4060 47.23 33.94 -14.34
N UNK C 4061 46.21 34.51 -13.72
CA UNK C 4061 44.90 34.45 -14.30
C UNK C 4061 44.97 35.07 -15.71
N UNK C 4062 45.73 36.15 -15.93
CA UNK C 4062 45.70 36.74 -17.27
C UNK C 4062 47.03 36.60 -17.99
N UNK C 4063 50.78 47.70 -8.36
CA UNK C 4063 50.44 48.36 -9.62
C UNK C 4063 51.25 47.78 -10.77
N UNK C 4064 50.55 47.39 -11.84
CA UNK C 4064 51.19 46.79 -13.00
C UNK C 4064 52.16 47.70 -13.77
N UNK C 4065 51.79 48.96 -13.95
CA UNK C 4065 52.55 49.81 -14.86
C UNK C 4065 53.98 49.89 -14.35
N UNK C 4066 54.12 50.09 -13.05
CA UNK C 4066 55.32 49.70 -12.32
C UNK C 4066 55.20 48.25 -11.91
N UNK C 4067 54.00 47.87 -11.48
CA UNK C 4067 53.74 46.52 -11.05
C UNK C 4067 53.98 45.61 -12.24
N UNK C 4068 53.51 46.05 -13.40
CA UNK C 4068 53.68 45.29 -14.63
C UNK C 4068 55.14 45.10 -15.00
N UNK C 4069 55.93 46.16 -14.84
CA UNK C 4069 57.35 46.07 -15.15
C UNK C 4069 58.01 45.08 -14.21
N UNK C 4070 57.60 45.12 -12.94
CA UNK C 4070 58.17 44.25 -11.94
C UNK C 4070 57.85 42.81 -12.30
N UNK C 4071 56.63 42.59 -12.77
CA UNK C 4071 56.18 41.27 -13.19
C UNK C 4071 56.97 40.76 -14.40
N UNK C 4072 57.23 41.64 -15.35
CA UNK C 4072 57.97 41.24 -16.53
C UNK C 4072 59.32 40.78 -16.04
N UNK C 4073 59.85 41.45 -15.02
CA UNK C 4073 61.09 40.97 -14.42
C UNK C 4073 61.56 39.69 -15.11
N UNK C 4074 63.72 38.16 -16.89
CA UNK C 4074 62.94 36.94 -16.71
C UNK C 4074 61.68 37.05 -17.55
N UNK C 4075 60.92 38.10 -17.27
CA UNK C 4075 59.62 38.20 -17.85
C UNK C 4075 59.78 38.22 -19.35
N UNK C 4076 60.78 38.92 -19.86
CA UNK C 4076 60.98 39.03 -21.30
C UNK C 4076 61.32 37.73 -22.04
N UNK C 4077 62.22 36.95 -21.45
CA UNK C 4077 62.58 35.67 -22.06
C UNK C 4077 61.33 34.82 -22.04
N UNK C 4078 60.64 34.96 -20.91
CA UNK C 4078 59.48 34.17 -20.66
C UNK C 4078 58.50 34.51 -21.76
N UNK C 4079 58.43 35.80 -22.05
CA UNK C 4079 57.51 36.36 -23.01
C UNK C 4079 57.79 35.82 -24.39
N UNK C 4080 59.06 35.76 -24.76
CA UNK C 4080 59.36 35.25 -26.09
C UNK C 4080 58.88 33.81 -26.17
N UNK C 4081 59.22 33.00 -25.18
CA UNK C 4081 58.83 31.57 -25.26
C UNK C 4081 57.32 31.42 -25.27
N UNK C 4082 56.71 32.30 -24.50
CA UNK C 4082 55.29 32.36 -24.24
C UNK C 4082 54.51 32.68 -25.49
N UNK C 4083 54.95 33.64 -26.30
CA UNK C 4083 54.26 33.84 -27.59
C UNK C 4083 54.54 32.54 -28.30
N UNK C 4084 55.83 32.22 -28.26
CA UNK C 4084 56.50 31.04 -28.77
C UNK C 4084 55.85 29.76 -28.32
N UNK C 4085 54.59 29.86 -27.93
CA UNK C 4085 53.49 29.02 -28.37
C UNK C 4085 52.42 28.86 -27.34
N UNK C 4086 52.74 29.36 -26.17
CA UNK C 4086 52.29 28.73 -24.94
C UNK C 4086 51.24 29.45 -24.14
N UNK C 4087 50.26 28.71 -23.65
CA UNK C 4087 49.49 29.20 -22.52
C UNK C 4087 50.06 28.88 -21.14
N UNK C 4088 49.17 28.76 -20.17
CA UNK C 4088 49.53 28.72 -18.76
C UNK C 4088 50.42 27.54 -18.41
N UNK C 4089 50.15 26.39 -19.01
CA UNK C 4089 50.74 25.16 -18.52
C UNK C 4089 52.24 25.31 -18.57
N UNK C 4090 52.75 25.87 -19.66
CA UNK C 4090 54.17 26.16 -19.73
C UNK C 4090 54.44 27.17 -18.64
N UNK C 4091 53.52 28.11 -18.52
CA UNK C 4091 53.61 29.14 -17.49
C UNK C 4091 53.51 28.48 -16.13
N UNK C 4092 52.63 27.49 -16.04
CA UNK C 4092 52.25 26.96 -14.75
C UNK C 4092 53.47 26.39 -14.06
N UNK C 4093 54.30 25.68 -14.80
CA UNK C 4093 55.46 25.09 -14.18
C UNK C 4093 56.30 26.24 -13.65
N UNK C 4094 56.44 27.29 -14.45
CA UNK C 4094 57.26 28.43 -14.05
C UNK C 4094 56.64 29.05 -12.82
N UNK C 4095 55.32 29.15 -12.83
CA UNK C 4095 54.60 29.75 -11.73
C UNK C 4095 54.76 28.96 -10.44
N UNK C 4096 54.74 27.65 -10.54
CA UNK C 4096 54.66 26.82 -9.36
C UNK C 4096 55.85 27.07 -8.44
N UNK C 4097 57.03 27.20 -9.03
CA UNK C 4097 58.24 27.40 -8.24
C UNK C 4097 58.63 26.12 -7.53
N UNK C 4098 67.55 44.33 -10.38
CA UNK C 4098 66.24 44.80 -10.83
C UNK C 4098 65.18 44.40 -9.81
N UNK C 4099 65.25 43.14 -9.39
CA UNK C 4099 64.26 42.60 -8.48
C UNK C 4099 64.33 43.42 -7.22
N UNK C 4100 65.54 43.75 -6.83
CA UNK C 4100 65.74 44.53 -5.62
C UNK C 4100 65.05 45.86 -5.79
N UNK C 4101 65.17 46.48 -6.97
CA UNK C 4101 64.55 47.79 -7.17
C UNK C 4101 63.03 47.72 -7.07
N UNK C 4102 62.45 46.70 -7.68
CA UNK C 4102 61.01 46.58 -7.66
C UNK C 4102 60.57 46.40 -6.22
N UNK C 4103 61.36 45.60 -5.49
CA UNK C 4103 61.10 45.27 -4.10
C UNK C 4103 61.19 46.51 -3.21
N UNK C 4104 62.17 47.34 -3.48
CA UNK C 4104 62.36 48.58 -2.74
C UNK C 4104 61.14 49.44 -2.98
N UNK C 4105 60.65 49.48 -4.21
CA UNK C 4105 59.46 50.27 -4.51
C UNK C 4105 58.26 49.76 -3.73
N UNK C 4106 58.17 48.44 -3.66
CA UNK C 4106 57.08 47.82 -2.92
C UNK C 4106 57.15 48.18 -1.43
N UNK C 4107 58.36 48.20 -0.88
CA UNK C 4107 58.56 48.59 0.51
C UNK C 4107 58.19 50.05 0.71
N UNK C 4108 58.52 50.84 -0.31
CA UNK C 4108 58.29 52.27 -0.37
C UNK C 4108 56.81 52.59 -0.51
N UNK C 4109 56.02 51.56 -0.80
CA UNK C 4109 54.58 51.64 -0.63
C UNK C 4109 54.16 52.24 0.73
N UNK C 4110 52.89 52.07 1.07
CA UNK C 4110 52.18 52.91 2.04
C UNK C 4110 52.81 52.90 3.42
N UNK C 4111 53.24 51.72 3.86
CA UNK C 4111 53.72 51.57 5.23
C UNK C 4111 54.97 52.39 5.54
N UNK C 4112 55.92 52.40 4.61
CA UNK C 4112 57.20 53.02 4.88
C UNK C 4112 57.01 54.49 5.15
N UNK C 4113 56.13 55.10 4.38
CA UNK C 4113 55.93 56.54 4.45
C UNK C 4113 55.50 56.90 5.85
N UNK C 4114 54.67 56.06 6.45
CA UNK C 4114 54.19 56.31 7.79
C UNK C 4114 55.43 56.38 8.65
N UNK C 4115 56.40 55.53 8.33
CA UNK C 4115 57.68 55.59 9.00
C UNK C 4115 58.31 56.94 8.72
N UNK C 4116 58.17 57.41 7.49
CA UNK C 4116 58.89 58.62 7.06
C UNK C 4116 58.50 59.88 7.84
N UNK C 4117 57.22 60.09 8.07
CA UNK C 4117 56.81 61.23 8.88
C UNK C 4117 57.39 60.99 10.26
N UNK C 4118 57.25 59.76 10.74
CA UNK C 4118 57.91 59.35 11.96
C UNK C 4118 59.42 59.33 11.76
N UNK C 4119 59.86 58.82 10.61
CA UNK C 4119 61.27 58.79 10.30
C UNK C 4119 61.78 60.20 10.18
N UNK C 4120 60.99 61.06 9.55
CA UNK C 4120 61.41 62.42 9.30
C UNK C 4120 61.64 63.10 10.63
N UNK C 4121 60.78 62.80 11.59
CA UNK C 4121 60.87 63.42 12.88
C UNK C 4121 62.24 63.06 13.42
N UNK C 4122 62.65 61.83 13.18
CA UNK C 4122 63.99 61.42 13.57
C UNK C 4122 64.91 62.32 12.78
N UNK C 4123 64.56 62.53 11.52
CA UNK C 4123 65.35 63.38 10.65
C UNK C 4123 65.38 64.80 11.19
N UNK C 4124 64.23 65.26 11.65
CA UNK C 4124 64.06 66.64 12.08
C UNK C 4124 64.99 67.00 13.24
N UNK C 4125 65.20 66.06 14.14
CA UNK C 4125 65.98 66.35 15.34
C UNK C 4125 67.33 66.81 14.85
N UNK C 4126 67.79 66.19 13.77
CA UNK C 4126 68.97 66.63 13.07
C UNK C 4126 69.00 68.16 12.98
N UNK C 4127 67.58 74.56 14.41
CA UNK C 4127 67.56 73.78 13.18
C UNK C 4127 67.17 72.34 13.45
N UNK C 4128 68.15 71.51 13.78
CA UNK C 4128 67.90 70.11 14.03
C UNK C 4128 66.96 69.99 15.23
N UNK C 4129 67.17 70.83 16.23
CA UNK C 4129 66.43 70.73 17.48
C UNK C 4129 64.91 70.95 17.37
N UNK C 4130 64.50 71.92 16.56
CA UNK C 4130 63.10 72.31 16.51
C UNK C 4130 62.15 71.23 16.02
N UNK C 4131 62.55 70.49 15.00
CA UNK C 4131 61.68 69.52 14.34
C UNK C 4131 61.21 68.36 15.23
N UNK C 4132 62.10 67.87 16.09
CA UNK C 4132 61.94 66.57 16.73
C UNK C 4132 60.66 66.44 17.57
N UNK C 4133 60.28 67.51 18.25
CA UNK C 4133 59.12 67.45 19.13
C UNK C 4133 57.87 67.09 18.35
N UNK C 4134 57.76 67.60 17.14
CA UNK C 4134 56.58 67.38 16.32
C UNK C 4134 56.35 65.90 15.99
N UNK C 4135 57.43 65.17 15.75
CA UNK C 4135 57.29 63.80 15.28
C UNK C 4135 56.52 62.98 16.29
N UNK C 4136 56.83 63.21 17.56
CA UNK C 4136 56.05 62.58 18.63
C UNK C 4136 54.64 63.10 18.51
N UNK C 4137 54.52 64.37 18.18
CA UNK C 4137 53.21 65.00 18.05
C UNK C 4137 52.49 64.23 16.98
N UNK C 4138 53.23 63.85 15.94
CA UNK C 4138 52.67 63.07 14.87
C UNK C 4138 52.18 61.74 15.43
N UNK C 4139 52.94 61.22 16.37
CA UNK C 4139 52.76 59.87 16.88
C UNK C 4139 51.42 59.60 17.54
N UNK C 4140 50.89 60.58 18.24
CA UNK C 4140 49.85 60.33 19.23
C UNK C 4140 48.65 59.64 18.61
N UNK C 4141 48.26 60.04 17.40
CA UNK C 4141 47.10 59.45 16.76
C UNK C 4141 47.31 57.94 16.53
N UNK C 4142 48.54 57.57 16.16
CA UNK C 4142 48.87 56.16 15.98
C UNK C 4142 48.31 55.31 17.11
N UNK C 4143 46.13 54.43 19.14
CA UNK C 4143 45.39 53.22 19.44
C UNK C 4143 43.90 53.47 19.33
N UNK C 4144 43.23 53.64 20.46
CA UNK C 4144 41.81 53.94 20.47
C UNK C 4144 41.63 55.26 19.76
N UNK C 4145 42.57 56.16 20.02
CA UNK C 4145 42.59 57.46 19.38
C UNK C 4145 42.76 57.32 17.87
N UNK C 4146 43.62 56.38 17.48
CA UNK C 4146 43.85 56.14 16.06
C UNK C 4146 42.55 55.69 15.42
N UNK C 4147 41.84 54.83 16.14
CA UNK C 4147 40.58 54.30 15.68
C UNK C 4147 39.58 55.43 15.52
N UNK C 4148 39.58 56.34 16.49
CA UNK C 4148 38.68 57.46 16.46
C UNK C 4148 38.96 58.33 15.25
N UNK C 4149 40.24 58.52 14.96
CA UNK C 4149 40.66 59.31 13.81
C UNK C 4149 40.22 58.68 12.50
N UNK C 4150 40.35 57.36 12.43
CA UNK C 4150 39.96 56.62 11.25
C UNK C 4150 38.45 56.79 11.08
N UNK C 4151 37.75 56.76 12.20
CA UNK C 4151 36.31 56.91 12.23
C UNK C 4151 35.90 58.28 11.73
N UNK C 4152 36.65 59.29 12.12
CA UNK C 4152 36.41 60.64 11.68
C UNK C 4152 36.61 60.72 10.18
N UNK C 4153 37.65 60.05 9.69
CA UNK C 4153 37.93 60.05 8.27
C UNK C 4153 36.74 59.43 7.56
N UNK C 4154 36.23 58.35 8.13
CA UNK C 4154 35.10 57.64 7.56
C UNK C 4154 33.87 58.50 7.52
N UNK C 4155 33.70 59.28 8.59
CA UNK C 4155 32.49 60.03 8.87
C UNK C 4155 32.16 61.03 7.77
N UNK C 4156 33.19 61.67 7.21
CA UNK C 4156 32.98 62.66 6.17
C UNK C 4156 32.29 61.99 4.98
N UNK C 4157 32.70 60.76 4.67
CA UNK C 4157 31.97 59.93 3.72
C UNK C 4157 31.64 58.54 4.29
N UNK C 4158 35.01 64.19 2.88
CA UNK C 4158 35.78 64.12 1.64
C UNK C 4158 35.01 64.80 0.51
N UNK C 4159 34.72 64.08 -0.56
CA UNK C 4159 33.99 64.69 -1.65
C UNK C 4159 32.61 65.14 -1.17
N UNK C 4160 31.92 64.29 -0.40
CA UNK C 4160 30.66 64.71 0.19
C UNK C 4160 30.87 65.83 1.18
N UNK C 4161 31.92 65.72 1.99
CA UNK C 4161 32.38 66.86 2.76
C UNK C 4161 32.68 67.96 1.76
N UNK C 4162 33.76 67.77 1.00
CA UNK C 4162 34.06 68.63 -0.14
C UNK C 4162 32.83 69.48 -0.44
N UNK C 4163 31.66 68.85 -0.34
CA UNK C 4163 30.41 69.52 -0.58
C UNK C 4163 30.18 70.64 0.43
N UNK C 4164 30.49 70.39 1.70
CA UNK C 4164 30.36 71.40 2.74
C UNK C 4164 31.30 72.58 2.46
N UNK C 4165 32.50 72.26 2.00
CA UNK C 4165 33.47 73.29 1.65
C UNK C 4165 32.95 74.17 0.52
N UNK C 4166 32.35 73.54 -0.49
CA UNK C 4166 31.79 74.28 -1.61
C UNK C 4166 30.66 75.17 -1.10
N UNK C 4167 29.91 74.61 -0.15
CA UNK C 4167 28.75 75.26 0.42
C UNK C 4167 29.17 76.55 1.07
N UNK C 4168 30.34 76.52 1.72
CA UNK C 4168 30.93 77.76 2.22
C UNK C 4168 30.81 78.88 1.18
N UNK C 4169 31.78 78.94 0.28
CA UNK C 4169 31.82 79.86 -0.84
C UNK C 4169 30.58 80.74 -0.92
N UNK C 4170 29.39 80.16 -0.69
CA UNK C 4170 28.20 81.01 -0.68
C UNK C 4170 28.25 82.04 0.46
N UNK C 4171 28.72 81.56 1.61
CA UNK C 4171 28.83 82.43 2.78
C UNK C 4171 29.80 83.56 2.47
N UNK C 4172 30.86 83.20 1.76
CA UNK C 4172 31.92 84.09 1.31
C UNK C 4172 31.43 85.15 0.35
N UNK C 4173 30.54 84.79 -0.55
CA UNK C 4173 29.97 85.79 -1.43
C UNK C 4173 29.26 86.77 -0.54
N UNK C 4174 28.53 86.26 0.45
CA UNK C 4174 27.85 87.19 1.35
C UNK C 4174 28.82 88.11 2.11
N UNK C 4175 29.93 87.55 2.59
CA UNK C 4175 30.94 88.29 3.32
C UNK C 4175 31.60 89.36 2.46
N UNK C 4176 31.82 89.00 1.20
CA UNK C 4176 32.42 89.88 0.21
C UNK C 4176 31.49 91.04 -0.03
N UNK C 4177 30.20 90.75 -0.08
CA UNK C 4177 29.19 91.79 -0.24
C UNK C 4177 29.26 92.73 0.96
N UNK C 4178 29.43 92.16 2.14
CA UNK C 4178 29.53 92.98 3.34
C UNK C 4178 30.76 93.89 3.26
N UNK C 4179 31.86 93.34 2.77
CA UNK C 4179 33.09 94.10 2.61
C UNK C 4179 32.90 95.26 1.62
N UNK C 4180 32.18 94.98 0.54
CA UNK C 4180 31.91 96.01 -0.46
C UNK C 4180 31.07 97.12 0.15
N UNK C 4181 30.10 96.74 0.97
CA UNK C 4181 29.25 97.72 1.64
C UNK C 4181 30.10 98.60 2.56
N UNK C 4182 31.04 97.97 3.26
CA UNK C 4182 31.93 98.70 4.14
C UNK C 4182 32.79 99.69 3.35
N UNK C 4183 33.26 99.26 2.19
CA UNK C 4183 34.10 100.10 1.34
C UNK C 4183 34.52 99.35 0.07
N UNK C 4184 40.22 94.74 -5.33
CA UNK C 4184 39.72 93.51 -5.93
C UNK C 4184 40.10 92.30 -5.11
N UNK C 4185 41.21 91.66 -5.46
CA UNK C 4185 41.61 90.42 -4.81
C UNK C 4185 41.84 90.66 -3.34
N UNK C 4186 42.47 91.78 -3.01
CA UNK C 4186 42.75 92.10 -1.62
C UNK C 4186 41.44 92.26 -0.86
N UNK C 4187 40.49 92.93 -1.48
CA UNK C 4187 39.22 93.16 -0.82
C UNK C 4187 38.57 91.81 -0.56
N UNK C 4188 38.64 90.92 -1.54
CA UNK C 4188 38.04 89.62 -1.39
C UNK C 4188 38.66 88.87 -0.25
N UNK C 4189 39.99 88.94 -0.16
CA UNK C 4189 40.68 88.22 0.89
C UNK C 4189 40.26 88.75 2.25
N UNK C 4190 40.15 90.05 2.36
CA UNK C 4190 39.76 90.66 3.62
C UNK C 4190 38.37 90.20 3.99
N UNK C 4191 37.51 90.18 3.00
CA UNK C 4191 36.14 89.80 3.23
C UNK C 4191 36.11 88.37 3.73
N UNK C 4192 36.91 87.52 3.11
CA UNK C 4192 36.93 86.12 3.48
C UNK C 4192 37.40 85.95 4.91
N UNK C 4193 38.44 86.68 5.29
CA UNK C 4193 38.95 86.54 6.63
C UNK C 4193 37.88 86.97 7.62
N UNK C 4194 37.24 88.08 7.29
CA UNK C 4194 36.25 88.64 8.19
C UNK C 4194 35.10 87.64 8.35
N UNK C 4195 34.72 87.02 7.25
CA UNK C 4195 33.65 86.04 7.22
C UNK C 4195 33.96 84.81 8.04
N UNK C 4196 35.21 84.38 8.01
CA UNK C 4196 35.63 83.18 8.71
C UNK C 4196 35.32 83.40 10.17
N UNK C 4197 35.55 84.64 10.64
CA UNK C 4197 35.07 85.04 11.95
C UNK C 4197 33.55 84.98 11.88
N UNK C 4198 32.93 84.53 12.98
CA UNK C 4198 31.49 84.29 13.02
C UNK C 4198 30.67 85.56 12.78
N UNK C 4199 31.13 86.67 13.32
CA UNK C 4199 30.34 87.90 13.39
C UNK C 4199 29.91 88.52 12.05
N UNK C 4200 30.78 88.55 11.06
CA UNK C 4200 30.48 89.32 9.86
C UNK C 4200 29.53 90.49 10.12
N UNK C 4201 29.25 91.25 9.07
CA UNK C 4201 28.30 92.36 9.16
C UNK C 4201 28.88 93.63 9.78
N UNK C 4202 30.19 93.65 9.99
CA UNK C 4202 30.84 94.79 10.61
C UNK C 4202 30.77 96.10 9.84
N UNK C 4203 30.93 96.02 8.52
CA UNK C 4203 31.25 97.19 7.69
C UNK C 4203 30.25 98.36 7.61
N UNK C 4204 28.95 98.07 7.48
CA UNK C 4204 27.98 99.12 7.18
C UNK C 4204 27.02 99.44 8.31
N UNK C 4205 26.84 100.72 8.59
CA UNK C 4205 26.10 101.16 9.76
C UNK C 4205 24.64 100.72 9.78
N UNK C 4206 23.95 100.83 8.64
CA UNK C 4206 24.41 101.53 7.45
C UNK C 4206 23.22 102.30 6.90
N UNK C 4207 23.47 103.35 6.11
CA UNK C 4207 22.39 104.17 5.56
C UNK C 4207 22.30 104.16 4.02
N UNK C 4208 15.23 98.15 9.22
CA UNK C 4208 16.56 98.76 9.09
C UNK C 4208 17.70 97.82 9.54
N UNK C 4209 17.92 97.69 10.84
CA UNK C 4209 16.96 97.33 11.86
C UNK C 4209 16.52 95.90 11.60
N UNK C 4210 15.23 95.70 11.33
CA UNK C 4210 14.74 94.36 11.10
C UNK C 4210 15.49 93.74 9.92
N UNK C 4211 15.76 94.54 8.89
CA UNK C 4211 16.49 94.05 7.71
C UNK C 4211 17.91 93.58 8.03
N UNK C 4212 18.62 94.35 8.83
CA UNK C 4212 19.96 93.95 9.25
C UNK C 4212 19.85 92.65 10.04
N UNK C 4213 18.84 92.56 10.88
CA UNK C 4213 18.64 91.37 11.70
C UNK C 4213 18.41 90.15 10.81
N UNK C 4214 17.65 90.36 9.74
CA UNK C 4214 17.36 89.34 8.74
C UNK C 4214 18.60 88.86 7.99
N UNK C 4215 19.48 89.79 7.65
CA UNK C 4215 20.73 89.42 7.00
C UNK C 4215 21.54 88.56 7.97
N UNK C 4216 21.51 88.96 9.25
CA UNK C 4216 22.22 88.23 10.27
C UNK C 4216 21.67 86.82 10.33
N UNK C 4217 20.36 86.72 10.22
CA UNK C 4217 19.66 85.45 10.24
C UNK C 4217 20.03 84.54 9.07
N UNK C 4218 20.18 85.11 7.88
CA UNK C 4218 20.63 84.32 6.73
C UNK C 4218 22.04 83.78 6.96
N UNK C 4219 22.90 84.64 7.53
CA UNK C 4219 24.25 84.21 7.81
C UNK C 4219 24.19 83.04 8.80
N UNK C 4220 23.30 83.18 9.76
CA UNK C 4220 23.09 82.19 10.80
C UNK C 4220 22.62 80.86 10.22
N UNK C 4221 21.75 80.92 9.23
CA UNK C 4221 21.28 79.71 8.57
C UNK C 4221 22.44 79.02 7.89
N UNK C 4222 23.29 79.80 7.23
CA UNK C 4222 24.46 79.20 6.58
C UNK C 4222 25.35 78.51 7.61
N UNK C 4223 25.50 79.16 8.75
CA UNK C 4223 26.30 78.63 9.85
C UNK C 4223 25.71 77.33 10.41
N UNK C 4224 24.39 77.31 10.53
CA UNK C 4224 23.70 76.16 11.06
C UNK C 4224 24.02 75.04 10.10
N UNK C 4225 24.01 75.37 8.82
CA UNK C 4225 24.30 74.39 7.79
C UNK C 4225 25.71 73.80 7.92
N UNK C 4226 26.71 74.63 8.15
CA UNK C 4226 28.06 74.09 8.34
C UNK C 4226 28.15 73.18 9.57
N UNK C 4227 27.49 73.60 10.64
CA UNK C 4227 27.51 72.84 11.88
C UNK C 4227 26.89 71.48 11.61
N UNK C 4228 25.81 71.51 10.83
CA UNK C 4228 25.07 70.33 10.46
C UNK C 4228 25.92 69.36 9.64
N UNK C 4229 26.73 69.90 8.72
CA UNK C 4229 27.63 69.04 7.96
C UNK C 4229 28.63 68.34 8.88
N UNK C 4230 29.14 69.08 9.86
CA UNK C 4230 30.05 68.44 10.81
C UNK C 4230 29.33 67.32 11.57
N UNK C 4231 28.09 67.61 11.97
CA UNK C 4231 27.30 66.67 12.73
C UNK C 4231 27.08 65.43 11.90
N UNK C 4232 26.83 65.64 10.62
CA UNK C 4232 26.58 64.57 9.67
C UNK C 4232 27.79 63.67 9.52
N UNK C 4233 28.99 64.25 9.47
CA UNK C 4233 30.20 63.41 9.43
C UNK C 4233 30.34 62.56 10.70
N UNK C 4234 30.04 63.18 11.84
CA UNK C 4234 30.11 62.43 13.10
C UNK C 4234 29.12 61.28 13.06
N UNK C 4235 27.96 61.59 12.49
CA UNK C 4235 26.86 60.67 12.37
C UNK C 4235 27.26 59.51 11.49
N UNK C 4236 27.99 59.80 10.43
CA UNK C 4236 28.46 58.77 9.51
C UNK C 4236 29.39 57.84 10.25
N UNK C 4237 30.29 58.39 11.06
CA UNK C 4237 31.18 57.51 11.81
C UNK C 4237 30.35 56.61 12.74
N UNK C 4238 29.36 57.20 13.39
CA UNK C 4238 28.52 56.46 14.33
C UNK C 4238 27.75 55.35 13.63
N UNK C 4239 27.26 55.66 12.44
CA UNK C 4239 26.50 54.75 11.62
C UNK C 4239 27.36 53.57 11.21
N UNK C 4240 28.62 53.87 10.89
CA UNK C 4240 29.56 52.83 10.52
C UNK C 4240 29.75 51.89 11.69
N UNK C 4241 29.86 52.48 12.88
CA UNK C 4241 30.02 51.66 14.07
C UNK C 4241 28.80 50.75 14.24
N UNK C 4242 27.63 51.34 14.00
CA UNK C 4242 26.38 50.62 14.14
C UNK C 4242 26.32 49.46 13.17
N UNK C 4243 26.81 49.69 11.96
CA UNK C 4243 26.87 48.69 10.91
C UNK C 4243 27.79 47.54 11.29
N UNK C 4244 28.92 47.89 11.90
CA UNK C 4244 29.84 46.87 12.34
C UNK C 4244 29.12 46.04 13.38
N UNK C 4245 28.37 46.71 14.24
CA UNK C 4245 27.65 46.03 15.30
C UNK C 4245 26.66 45.08 14.68
N UNK C 4246 25.99 45.56 13.63
CA UNK C 4246 25.13 44.75 12.80
C UNK C 4246 25.97 43.57 12.37
N UNK C 4247 27.13 43.86 11.81
CA UNK C 4247 28.05 42.77 11.53
C UNK C 4247 28.01 41.73 12.64
N UNK C 4248 27.98 42.17 13.89
CA UNK C 4248 27.88 41.23 14.99
C UNK C 4248 26.58 40.43 14.94
N UNK C 4249 25.51 41.13 14.63
CA UNK C 4249 24.20 40.53 14.55
C UNK C 4249 24.20 39.48 13.44
N UNK C 4250 24.90 39.82 12.38
CA UNK C 4250 25.07 39.00 11.19
C UNK C 4250 25.84 37.74 11.51
N UNK C 4251 26.83 37.89 12.36
CA UNK C 4251 27.62 36.76 12.80
C UNK C 4251 26.64 35.85 13.49
N UNK C 4252 25.79 36.45 14.31
CA UNK C 4252 24.83 35.65 15.03
C UNK C 4252 23.93 34.88 14.06
N UNK C 4253 23.49 35.55 13.01
CA UNK C 4253 22.66 34.91 11.99
C UNK C 4253 23.33 33.77 11.22
N UNK C 4254 24.58 33.97 10.85
CA UNK C 4254 25.28 33.12 9.88
C UNK C 4254 24.95 31.63 9.96
N UNK C 4255 24.00 26.19 17.09
CA UNK C 4255 25.10 27.06 17.51
C UNK C 4255 26.42 26.33 17.72
N UNK C 4256 26.51 25.61 18.81
CA UNK C 4256 27.77 25.30 19.45
C UNK C 4256 28.74 24.57 18.55
N UNK C 4257 28.26 23.67 17.71
CA UNK C 4257 29.15 23.02 16.74
C UNK C 4257 29.67 24.10 15.78
N UNK C 4258 28.79 25.03 15.46
CA UNK C 4258 29.15 26.17 14.63
C UNK C 4258 30.21 27.00 15.33
N UNK C 4259 30.09 27.14 16.64
CA UNK C 4259 31.07 27.80 17.52
C UNK C 4259 32.43 27.10 17.48
N UNK C 4260 32.44 25.81 17.15
CA UNK C 4260 33.64 25.18 16.60
C UNK C 4260 34.10 25.60 15.17
N UNK C 4261 33.12 25.71 14.28
CA UNK C 4261 33.37 25.56 12.86
C UNK C 4261 34.27 26.56 12.12
N UNK C 4262 34.05 27.86 12.28
CA UNK C 4262 34.78 28.80 11.45
C UNK C 4262 36.23 28.70 11.80
N UNK C 4263 36.51 28.72 13.09
CA UNK C 4263 37.88 28.75 13.50
C UNK C 4263 38.50 27.47 13.04
N UNK C 4264 37.79 26.37 13.25
CA UNK C 4264 38.44 25.10 13.01
C UNK C 4264 38.86 25.01 11.56
N UNK C 4265 37.97 25.42 10.66
CA UNK C 4265 38.15 25.01 9.27
C UNK C 4265 39.37 25.50 8.49
N UNK C 4266 39.67 26.79 8.55
CA UNK C 4266 40.58 27.40 7.59
C UNK C 4266 42.01 26.99 7.89
N UNK C 4267 42.35 27.14 9.17
CA UNK C 4267 43.76 27.07 9.50
C UNK C 4267 44.20 25.70 9.14
N UNK C 4268 43.36 24.78 9.61
CA UNK C 4268 43.77 23.42 9.66
C UNK C 4268 43.96 23.00 8.27
N UNK C 4269 42.99 23.25 7.41
CA UNK C 4269 43.12 22.69 6.07
C UNK C 4269 44.26 23.28 5.25
N UNK C 4270 44.51 24.58 5.34
CA UNK C 4270 45.68 25.11 4.58
C UNK C 4270 47.06 24.57 5.10
N UNK C 4271 47.18 24.50 6.42
CA UNK C 4271 48.34 23.92 7.04
C UNK C 4271 48.43 22.45 6.68
N UNK C 4272 47.31 21.76 6.59
CA UNK C 4272 47.33 20.35 6.35
C UNK C 4272 47.95 20.20 5.00
N UNK C 4273 47.51 21.06 4.08
CA UNK C 4273 48.06 20.92 2.76
C UNK C 4273 49.57 21.15 2.78
N UNK C 4274 50.05 22.23 3.41
CA UNK C 4274 51.48 22.50 3.32
C UNK C 4274 52.22 21.35 3.95
N UNK C 4275 51.65 20.85 5.03
CA UNK C 4275 52.24 19.83 5.88
C UNK C 4275 52.46 18.50 5.19
N UNK C 4276 51.49 18.10 4.37
CA UNK C 4276 51.57 16.92 3.49
C UNK C 4276 50.90 15.64 4.01
N UNK C 4277 39.33 12.23 -0.22
CA UNK C 4277 40.40 12.23 0.76
C UNK C 4277 41.50 13.16 0.30
N UNK C 4278 42.73 12.83 0.65
CA UNK C 4278 43.83 13.73 0.39
C UNK C 4278 43.87 13.97 -1.10
N UNK C 4279 43.44 13.00 -1.89
CA UNK C 4279 43.40 13.21 -3.33
C UNK C 4279 42.48 14.37 -3.59
N UNK C 4280 41.36 14.37 -2.89
CA UNK C 4280 40.38 15.41 -3.10
C UNK C 4280 41.01 16.73 -2.74
N UNK C 4281 41.71 16.78 -1.62
CA UNK C 4281 42.26 18.05 -1.19
C UNK C 4281 43.21 18.53 -2.27
N UNK C 4282 44.05 17.65 -2.79
CA UNK C 4282 45.08 18.11 -3.71
C UNK C 4282 44.43 18.67 -4.94
N UNK C 4283 43.45 17.95 -5.45
CA UNK C 4283 42.87 18.40 -6.70
C UNK C 4283 42.25 19.76 -6.44
N UNK C 4284 41.53 19.87 -5.34
CA UNK C 4284 40.80 21.09 -5.09
C UNK C 4284 41.74 22.27 -4.92
N UNK C 4285 42.83 22.08 -4.18
CA UNK C 4285 43.73 23.18 -3.92
C UNK C 4285 44.34 23.62 -5.22
N UNK C 4286 44.69 22.66 -6.04
CA UNK C 4286 45.32 22.99 -7.29
C UNK C 4286 44.35 23.77 -8.15
N UNK C 4287 43.10 23.37 -8.11
CA UNK C 4287 42.06 24.02 -8.90
C UNK C 4287 41.92 25.46 -8.44
N UNK C 4288 42.01 25.65 -7.14
CA UNK C 4288 41.98 26.98 -6.47
C UNK C 4288 42.38 28.14 -7.36
N ASP D 9 -23.35 5.04 -9.93
CA ASP D 9 -24.42 5.97 -9.58
C ASP D 9 -25.76 5.24 -9.50
N GLU D 10 -26.63 5.71 -8.61
CA GLU D 10 -27.91 5.07 -8.38
C GLU D 10 -29.00 5.49 -9.37
N VAL D 11 -28.62 6.07 -10.49
CA VAL D 11 -29.62 6.50 -11.45
C VAL D 11 -30.18 5.30 -12.20
N GLN D 12 -31.49 5.32 -12.33
CA GLN D 12 -32.21 4.48 -13.25
C GLN D 12 -33.40 5.31 -13.67
N PHE D 13 -33.30 5.94 -14.84
CA PHE D 13 -34.35 6.80 -15.37
C PHE D 13 -34.27 6.85 -16.90
N LEU D 14 -35.40 7.15 -17.53
CA LEU D 14 -35.41 7.33 -18.98
C LEU D 14 -35.39 8.80 -19.34
N ARG D 15 -34.68 9.16 -20.41
CA ARG D 15 -34.60 10.53 -20.85
C ARG D 15 -34.85 10.65 -22.34
N THR D 16 -35.14 11.88 -22.78
CA THR D 16 -35.34 12.18 -24.18
C THR D 16 -34.12 11.74 -24.98
N ASP D 17 -34.37 11.23 -26.20
CA ASP D 17 -33.35 10.71 -27.12
C ASP D 17 -32.77 9.36 -26.70
N ASP D 18 -33.25 8.79 -25.60
CA ASP D 18 -32.94 7.40 -25.29
C ASP D 18 -33.72 6.52 -26.25
N GLU D 19 -33.13 5.37 -26.61
CA GLU D 19 -33.82 4.43 -27.49
C GLU D 19 -34.46 3.32 -26.68
N VAL D 20 -35.73 3.04 -26.94
CA VAL D 20 -36.47 2.07 -26.15
C VAL D 20 -37.30 1.10 -26.99
N VAL D 21 -37.77 0.04 -26.33
CA VAL D 21 -38.80 -0.82 -26.89
C VAL D 21 -40.00 -0.84 -25.95
N LEU D 22 -41.19 -1.03 -26.52
CA LEU D 22 -42.38 -1.15 -25.69
C LEU D 22 -42.76 -2.62 -25.56
N GLN D 23 -42.60 -3.16 -24.36
CA GLN D 23 -42.80 -4.58 -24.13
C GLN D 23 -44.02 -4.88 -23.27
N CYS D 24 -44.80 -5.87 -23.68
CA CYS D 24 -45.88 -6.39 -22.85
C CYS D 24 -45.70 -7.90 -22.69
N SER D 25 -46.55 -8.50 -21.86
CA SER D 25 -46.52 -9.94 -21.70
C SER D 25 -47.91 -10.54 -21.89
N ALA D 26 -47.93 -11.72 -22.50
CA ALA D 26 -49.16 -12.50 -22.60
C ALA D 26 -48.86 -13.91 -22.13
N THR D 27 -49.83 -14.57 -21.52
CA THR D 27 -49.65 -15.96 -21.16
C THR D 27 -50.26 -16.86 -22.24
N VAL D 28 -49.43 -17.70 -22.84
CA VAL D 28 -49.86 -18.64 -23.87
C VAL D 28 -49.20 -19.99 -23.59
N LEU D 29 -49.96 -21.07 -23.79
CA LEU D 29 -49.53 -22.42 -23.42
C LEU D 29 -48.96 -22.45 -22.00
N LYS D 30 -49.74 -21.94 -21.05
CA LYS D 30 -49.31 -21.67 -19.66
C LYS D 30 -47.85 -21.24 -19.55
N GLU D 31 -47.42 -20.41 -20.50
CA GLU D 31 -46.08 -19.83 -20.49
C GLU D 31 -46.17 -18.31 -20.56
N GLN D 32 -45.18 -17.62 -20.03
CA GLN D 32 -45.12 -16.18 -20.20
C GLN D 32 -44.43 -15.86 -21.52
N LEU D 33 -45.11 -15.08 -22.36
CA LEU D 33 -44.55 -14.67 -23.65
C LEU D 33 -44.34 -13.16 -23.65
N LYS D 34 -43.09 -12.74 -23.81
CA LYS D 34 -42.79 -11.32 -23.91
C LYS D 34 -42.87 -10.90 -25.37
N LEU D 35 -43.52 -9.77 -25.62
CA LEU D 35 -43.66 -9.26 -26.98
C LEU D 35 -43.33 -7.76 -27.02
N CYS D 36 -42.72 -7.32 -28.10
CA CYS D 36 -42.38 -5.91 -28.26
C CYS D 36 -43.15 -5.28 -29.41
N LEU D 37 -43.55 -4.02 -29.24
CA LEU D 37 -44.25 -3.29 -30.28
C LEU D 37 -43.33 -3.13 -31.49
N ALA D 38 -43.85 -3.50 -32.67
CA ALA D 38 -43.05 -3.44 -33.88
C ALA D 38 -43.88 -3.02 -35.07
N ALA D 39 -43.22 -2.38 -36.04
CA ALA D 39 -43.84 -1.95 -37.27
C ALA D 39 -42.77 -1.72 -38.32
N GLU D 40 -43.07 -2.04 -39.57
CA GLU D 40 -42.10 -1.83 -40.63
C GLU D 40 -42.13 -0.38 -41.08
N GLY D 41 -43.32 0.20 -41.13
CA GLY D 41 -43.50 1.56 -41.58
C GLY D 41 -43.81 1.60 -43.07
N PHE D 42 -42.76 1.42 -43.86
CA PHE D 42 -42.90 1.35 -45.32
C PHE D 42 -43.56 0.03 -45.71
N GLY D 43 -44.58 0.10 -46.54
CA GLY D 43 -45.32 -1.08 -46.95
C GLY D 43 -46.45 -1.41 -45.99
N ASN D 44 -46.24 -1.14 -44.71
CA ASN D 44 -47.25 -1.38 -43.68
C ASN D 44 -47.04 -0.46 -42.48
N ARG D 45 -48.03 0.39 -42.22
CA ARG D 45 -47.97 1.34 -41.12
C ARG D 45 -48.33 0.69 -39.80
N LEU D 46 -49.18 -0.33 -39.88
CA LEU D 46 -49.77 -0.93 -38.70
C LEU D 46 -48.78 -1.67 -37.82
N CYS D 47 -48.91 -1.49 -36.51
CA CYS D 47 -48.05 -2.16 -35.56
C CYS D 47 -48.49 -3.60 -35.32
N PHE D 48 -47.53 -4.41 -34.93
CA PHE D 48 -47.78 -5.79 -34.53
C PHE D 48 -46.90 -6.10 -33.33
N LEU D 49 -46.88 -7.36 -32.92
CA LEU D 49 -46.01 -7.75 -31.81
C LEU D 49 -44.99 -8.79 -32.22
N GLU D 50 -43.73 -8.51 -31.90
CA GLU D 50 -42.64 -9.45 -32.13
C GLU D 50 -42.31 -10.15 -30.82
N PRO D 51 -42.67 -11.44 -30.71
CA PRO D 51 -42.33 -12.24 -29.54
C PRO D 51 -40.81 -12.28 -29.33
N THR D 52 -40.38 -12.03 -28.11
CA THR D 52 -38.96 -11.89 -27.80
C THR D 52 -38.45 -13.04 -26.93
N SER D 53 -39.39 -13.79 -26.37
CA SER D 53 -39.10 -14.77 -25.32
C SER D 53 -38.06 -15.83 -25.69
N ASN D 54 -38.22 -16.45 -26.85
CA ASN D 54 -37.31 -17.52 -27.25
C ASN D 54 -36.17 -16.99 -28.12
N ALA D 55 -35.52 -15.94 -27.64
CA ALA D 55 -34.40 -15.32 -28.34
C ALA D 55 -33.25 -16.30 -28.54
N GLN D 56 -33.08 -17.21 -27.59
CA GLN D 56 -31.99 -18.19 -27.65
C GLN D 56 -32.14 -19.11 -28.86
N ASN D 57 -33.38 -19.52 -29.14
CA ASN D 57 -33.67 -20.38 -30.27
C ASN D 57 -33.76 -19.55 -31.54
N VAL D 58 -34.67 -18.58 -31.53
CA VAL D 58 -34.89 -17.71 -32.68
C VAL D 58 -34.73 -16.24 -32.29
N PRO D 59 -33.70 -15.58 -32.85
CA PRO D 59 -33.51 -14.14 -32.68
C PRO D 59 -34.69 -13.35 -33.26
N PRO D 60 -35.32 -12.50 -32.44
CA PRO D 60 -36.41 -11.64 -32.93
C PRO D 60 -35.90 -10.53 -33.85
N ASP D 61 -36.80 -9.94 -34.62
CA ASP D 61 -36.45 -8.84 -35.52
C ASP D 61 -36.49 -7.52 -34.75
N LEU D 62 -35.36 -7.16 -34.15
CA LEU D 62 -35.30 -6.05 -33.20
C LEU D 62 -35.21 -4.66 -33.84
N ALA D 63 -34.66 -4.60 -35.05
CA ALA D 63 -34.44 -3.34 -35.75
C ALA D 63 -35.72 -2.52 -35.86
N ILE D 64 -36.84 -3.20 -36.08
CA ILE D 64 -38.14 -2.55 -36.23
C ILE D 64 -38.83 -2.34 -34.89
N CYS D 65 -38.21 -2.80 -33.81
CA CYS D 65 -38.80 -2.66 -32.49
C CYS D 65 -38.36 -1.37 -31.82
N CYS D 66 -37.24 -0.82 -32.27
CA CYS D 66 -36.63 0.33 -31.62
C CYS D 66 -37.39 1.64 -31.86
N PHE D 67 -37.61 2.38 -30.78
CA PHE D 67 -38.18 3.72 -30.87
C PHE D 67 -37.31 4.71 -30.12
N THR D 68 -37.31 5.96 -30.56
CA THR D 68 -36.58 7.02 -29.88
C THR D 68 -37.55 7.97 -29.19
N LEU D 69 -37.24 8.32 -27.94
CA LEU D 69 -38.04 9.28 -27.20
C LEU D 69 -37.70 10.68 -27.69
N GLU D 70 -38.42 11.13 -28.71
CA GLU D 70 -38.16 12.43 -29.33
C GLU D 70 -38.43 13.58 -28.39
N GLN D 71 -39.53 13.46 -27.64
CA GLN D 71 -39.98 14.56 -26.82
C GLN D 71 -40.80 14.08 -25.63
N SER D 72 -40.62 14.75 -24.50
CA SER D 72 -41.45 14.52 -23.33
C SER D 72 -41.81 15.84 -22.65
N LEU D 73 -43.11 16.17 -22.73
CA LEU D 73 -43.68 17.38 -22.14
C LEU D 73 -44.91 16.96 -21.34
N SER D 74 -45.45 17.88 -20.53
CA SER D 74 -46.20 17.48 -19.32
C SER D 74 -47.67 17.18 -19.53
N VAL D 75 -48.51 18.11 -19.10
CA VAL D 75 -49.95 18.02 -19.29
C VAL D 75 -50.55 19.37 -19.65
N ARG D 76 -50.56 20.31 -18.70
CA ARG D 76 -51.06 21.64 -19.01
C ARG D 76 -50.12 22.16 -20.06
N ALA D 77 -48.84 22.01 -19.78
CA ALA D 77 -47.83 22.53 -20.67
C ALA D 77 -47.92 21.81 -22.00
N LEU D 78 -48.13 20.51 -21.97
CA LEU D 78 -48.14 19.76 -23.21
C LEU D 78 -49.27 20.25 -24.10
N GLN D 79 -50.45 20.41 -23.50
CA GLN D 79 -51.61 20.80 -24.27
C GLN D 79 -51.39 22.20 -24.80
N GLU D 80 -50.87 23.04 -23.92
CA GLU D 80 -50.75 24.45 -24.22
C GLU D 80 -49.80 24.53 -25.37
N MET D 81 -48.77 23.69 -25.31
CA MET D 81 -47.71 23.63 -26.29
C MET D 81 -48.16 23.18 -27.65
N LEU D 82 -49.00 22.15 -27.75
CA LEU D 82 -49.50 21.75 -29.06
C LEU D 82 -50.34 22.89 -29.58
N ALA D 83 -51.06 23.46 -28.63
CA ALA D 83 -52.03 24.48 -28.93
C ALA D 83 -51.27 25.60 -29.57
N ASN D 84 -50.08 25.90 -29.02
CA ASN D 84 -49.27 27.05 -29.41
C ASN D 84 -48.29 26.76 -30.52
N THR D 85 -48.14 25.48 -30.83
CA THR D 85 -47.49 25.05 -32.03
C THR D 85 -48.39 25.57 -33.11
N VAL D 86 -49.71 25.40 -32.90
CA VAL D 86 -50.60 26.15 -33.77
C VAL D 86 -50.53 27.67 -33.47
N GLU D 87 -50.55 28.01 -32.19
CA GLU D 87 -50.34 29.36 -31.65
C GLU D 87 -48.94 29.88 -31.83
N ALA D 88 -47.93 29.05 -31.56
CA ALA D 88 -46.62 29.44 -32.03
C ALA D 88 -46.35 28.41 -33.12
N GLY D 89 -47.01 28.48 -34.28
CA GLY D 89 -47.32 29.70 -35.06
C GLY D 89 -46.18 30.70 -35.03
N VAL D 90 -45.12 30.41 -35.79
CA VAL D 90 -44.86 29.09 -36.38
C VAL D 90 -43.35 28.91 -36.52
N GLU D 91 -42.96 27.70 -36.91
CA GLU D 91 -41.59 27.38 -37.33
C GLU D 91 -40.53 27.44 -36.21
N SER D 92 -40.97 27.56 -34.96
CA SER D 92 -40.03 27.63 -33.85
C SER D 92 -39.81 26.25 -33.20
N SER D 93 -38.55 25.81 -33.18
CA SER D 93 -38.19 24.50 -32.64
C SER D 93 -37.15 24.60 -31.53
N GLN D 94 -37.55 24.27 -30.31
CA GLN D 94 -36.61 24.27 -29.20
C GLN D 94 -36.65 22.96 -28.44
N GLY D 95 -35.47 22.42 -28.17
CA GLY D 95 -35.35 21.20 -27.40
C GLY D 95 -34.62 21.46 -26.10
N GLY D 96 -35.03 20.73 -25.06
CA GLY D 96 -34.36 20.81 -23.78
C GLY D 96 -33.45 19.61 -23.60
N GLY D 97 -32.28 19.83 -23.01
CA GLY D 97 -31.31 18.78 -22.79
C GLY D 97 -31.88 17.56 -22.09
N HIS D 98 -31.45 16.38 -22.55
CA HIS D 98 -32.04 15.07 -22.20
C HIS D 98 -32.94 15.03 -20.97
N ARG D 99 -34.13 15.58 -21.12
CA ARG D 99 -35.09 15.66 -20.02
C ARG D 99 -35.58 14.28 -19.59
N THR D 100 -35.52 14.03 -18.29
CA THR D 100 -36.05 12.80 -17.70
C THR D 100 -37.56 12.78 -17.87
N LEU D 101 -38.11 11.60 -18.22
CA LEU D 101 -39.55 11.47 -18.36
C LEU D 101 -40.22 11.60 -17.00
N LEU D 102 -41.29 12.41 -16.93
CA LEU D 102 -42.11 12.47 -15.74
C LEU D 102 -43.44 11.78 -16.02
N TYR D 103 -44.20 11.49 -14.97
CA TYR D 103 -45.39 10.65 -15.09
C TYR D 103 -46.66 11.39 -15.50
N GLY D 104 -46.58 12.70 -15.68
CA GLY D 104 -47.70 13.44 -16.21
C GLY D 104 -47.49 13.61 -17.69
N HIS D 105 -46.24 13.41 -18.11
CA HIS D 105 -45.77 13.79 -19.42
C HIS D 105 -46.42 13.05 -20.60
N ALA D 106 -46.55 13.76 -21.72
CA ALA D 106 -46.92 13.14 -23.00
C ALA D 106 -45.65 12.92 -23.81
N ILE D 107 -45.60 11.81 -24.54
CA ILE D 107 -44.36 11.38 -25.17
C ILE D 107 -44.49 11.15 -26.67
N LEU D 108 -43.48 11.60 -27.41
CA LEU D 108 -43.41 11.38 -28.85
C LEU D 108 -42.39 10.29 -29.17
N LEU D 109 -42.86 9.20 -29.77
CA LEU D 109 -41.99 8.06 -30.08
C LEU D 109 -41.70 7.98 -31.58
N ARG D 110 -40.45 8.18 -31.96
CA ARG D 110 -40.06 8.07 -33.36
C ARG D 110 -39.52 6.68 -33.66
N HIS D 111 -40.07 6.06 -34.69
CA HIS D 111 -39.57 4.79 -35.17
C HIS D 111 -38.15 4.97 -35.69
N ALA D 112 -37.22 4.15 -35.21
CA ALA D 112 -35.81 4.29 -35.57
C ALA D 112 -35.59 4.08 -37.07
N HIS D 113 -36.17 3.01 -37.60
CA HIS D 113 -36.00 2.67 -39.01
C HIS D 113 -36.69 3.64 -39.96
N SER D 114 -38.01 3.73 -39.85
CA SER D 114 -38.83 4.48 -40.80
C SER D 114 -38.86 5.97 -40.52
N ARG D 115 -38.46 6.35 -39.32
CA ARG D 115 -38.49 7.74 -38.86
C ARG D 115 -39.91 8.28 -38.82
N MET D 116 -40.88 7.37 -38.81
CA MET D 116 -42.27 7.72 -38.57
C MET D 116 -42.53 7.70 -37.08
N TYR D 117 -43.73 8.11 -36.68
CA TYR D 117 -44.04 8.23 -35.26
C TYR D 117 -45.20 7.33 -34.86
N LEU D 118 -45.07 6.68 -33.70
CA LEU D 118 -46.14 5.85 -33.18
C LEU D 118 -47.39 6.68 -32.96
N SER D 119 -48.51 6.23 -33.52
CA SER D 119 -49.73 7.01 -33.52
C SER D 119 -50.97 6.14 -33.34
N CYS D 120 -52.03 6.74 -32.82
CA CYS D 120 -53.33 6.09 -32.77
C CYS D 120 -54.08 6.39 -34.06
N LEU D 121 -54.29 5.36 -34.88
CA LEU D 121 -54.92 5.55 -36.18
C LEU D 121 -56.43 5.68 -36.08
N THR D 122 -57.03 6.29 -37.09
CA THR D 122 -58.48 6.45 -37.14
C THR D 122 -59.14 5.12 -37.53
N THR D 123 -58.45 4.35 -38.37
CA THR D 123 -58.96 3.08 -38.85
C THR D 123 -59.04 2.02 -37.76
N SER D 124 -59.75 0.94 -38.04
CA SER D 124 -59.86 -0.20 -37.13
C SER D 124 -59.93 -1.51 -37.89
N ARG D 125 -59.12 -2.48 -37.49
CA ARG D 125 -59.22 -3.81 -38.07
C ARG D 125 -59.66 -4.81 -37.00
N SER D 126 -60.96 -5.09 -37.00
CA SER D 126 -61.60 -5.93 -36.00
C SER D 126 -63.07 -6.12 -36.38
N MET D 127 -63.93 -6.29 -35.39
CA MET D 127 -65.35 -6.36 -35.65
C MET D 127 -65.91 -4.97 -35.94
N LYS D 130 -66.43 -2.41 -32.96
CA LYS D 130 -65.54 -2.33 -31.81
C LYS D 130 -65.03 -0.90 -31.60
N LEU D 131 -64.83 -0.54 -30.34
CA LEU D 131 -64.45 0.81 -29.97
C LEU D 131 -62.93 0.99 -30.09
N ALA D 132 -62.25 -0.12 -30.33
CA ALA D 132 -60.80 -0.14 -30.47
C ALA D 132 -60.34 0.57 -31.74
N PHE D 133 -59.19 1.23 -31.67
CA PHE D 133 -58.56 1.84 -32.83
C PHE D 133 -57.21 1.18 -33.12
N ASP D 134 -56.84 1.11 -34.38
CA ASP D 134 -55.55 0.55 -34.77
C ASP D 134 -54.42 1.45 -34.28
N VAL D 135 -53.32 0.82 -33.85
CA VAL D 135 -52.12 1.58 -33.55
C VAL D 135 -51.11 1.31 -34.65
N GLY D 136 -50.35 2.34 -35.03
CA GLY D 136 -49.42 2.21 -36.13
C GLY D 136 -48.55 3.45 -36.29
N LEU D 137 -47.85 3.53 -37.41
CA LEU D 137 -46.94 4.65 -37.63
C LEU D 137 -47.58 5.75 -38.47
N GLN D 138 -47.38 6.99 -38.05
CA GLN D 138 -47.82 8.14 -38.83
C GLN D 138 -46.61 8.82 -39.44
N GLU D 139 -46.75 9.24 -40.70
CA GLU D 139 -45.63 9.79 -41.46
C GLU D 139 -45.10 11.12 -40.89
N ASP D 140 -45.97 11.89 -40.25
CA ASP D 140 -45.56 13.19 -39.70
C ASP D 140 -46.08 13.40 -38.28
N ALA D 141 -45.43 14.30 -37.54
CA ALA D 141 -45.66 14.45 -36.11
C ALA D 141 -46.78 15.43 -35.75
N THR D 142 -47.44 16.00 -36.76
CA THR D 142 -48.52 16.94 -36.52
C THR D 142 -49.74 16.24 -35.91
N GLY D 143 -50.47 16.97 -35.06
CA GLY D 143 -51.69 16.44 -34.46
C GLY D 143 -51.49 15.81 -33.10
N GLU D 144 -52.59 15.39 -32.48
CA GLU D 144 -52.55 14.76 -31.17
C GLU D 144 -52.27 13.26 -31.25
N ALA D 145 -52.52 12.68 -32.41
CA ALA D 145 -52.48 11.24 -32.62
C ALA D 145 -51.12 10.61 -32.25
N CYS D 146 -50.05 11.37 -32.42
CA CYS D 146 -48.70 10.86 -32.20
C CYS D 146 -48.30 10.91 -30.72
N TRP D 147 -49.07 11.64 -29.92
CA TRP D 147 -48.72 11.85 -28.53
C TRP D 147 -49.38 10.83 -27.60
N TRP D 148 -48.62 10.40 -26.60
CA TRP D 148 -49.11 9.45 -25.61
C TRP D 148 -48.68 9.86 -24.21
N THR D 149 -49.64 9.89 -23.30
CA THR D 149 -49.32 10.18 -21.90
C THR D 149 -49.01 8.88 -21.16
N MET D 150 -47.99 8.91 -20.32
CA MET D 150 -47.69 7.78 -19.46
C MET D 150 -48.34 8.01 -18.10
N HIS D 151 -48.74 6.92 -17.44
CA HIS D 151 -49.32 7.02 -16.10
C HIS D 151 -48.89 5.83 -15.24
N PRO D 152 -48.73 6.05 -13.93
CA PRO D 152 -48.26 5.02 -13.00
C PRO D 152 -49.19 3.80 -12.94
N ALA D 153 -48.60 2.62 -12.96
CA ALA D 153 -49.37 1.38 -12.86
C ALA D 153 -49.90 1.17 -11.44
N SER D 154 -49.14 1.63 -10.46
CA SER D 154 -49.50 1.42 -9.06
C SER D 154 -49.38 2.70 -8.24
N LYS D 155 -49.71 2.58 -6.94
CA LYS D 155 -49.61 3.70 -6.01
C LYS D 155 -48.17 4.08 -5.75
N GLN D 156 -47.26 3.19 -6.12
CA GLN D 156 -45.82 3.39 -5.91
C GLN D 156 -45.32 4.64 -6.62
N ARG D 157 -45.89 4.94 -7.78
CA ARG D 157 -45.54 6.15 -8.53
C ARG D 157 -46.71 7.13 -8.53
N SER D 158 -46.38 8.42 -8.59
CA SER D 158 -47.38 9.47 -8.75
C SER D 158 -46.99 10.33 -9.94
N GLU D 159 -47.93 11.08 -10.49
CA GLU D 159 -47.62 11.94 -11.63
C GLU D 159 -46.76 13.11 -11.17
N GLY D 160 -45.78 13.48 -12.00
CA GLY D 160 -44.79 14.46 -11.61
C GLY D 160 -43.50 13.80 -11.18
N GLU D 161 -43.59 12.51 -10.89
CA GLU D 161 -42.40 11.71 -10.55
C GLU D 161 -41.70 11.24 -11.82
N LYS D 162 -40.40 11.00 -11.72
CA LYS D 162 -39.62 10.51 -12.85
C LYS D 162 -39.95 9.05 -13.15
N VAL D 163 -40.04 8.72 -14.43
CA VAL D 163 -40.30 7.35 -14.85
C VAL D 163 -39.03 6.51 -14.68
N ARG D 164 -39.18 5.35 -14.05
CA ARG D 164 -38.05 4.46 -13.85
C ARG D 164 -38.12 3.23 -14.76
N VAL D 165 -37.03 2.94 -15.46
CA VAL D 165 -36.88 1.68 -16.17
C VAL D 165 -37.27 0.51 -15.27
N GLY D 166 -38.11 -0.38 -15.81
CA GLY D 166 -38.62 -1.49 -15.03
C GLY D 166 -40.01 -1.22 -14.49
N ASP D 167 -40.40 0.06 -14.46
CA ASP D 167 -41.75 0.42 -14.04
C ASP D 167 -42.77 -0.05 -15.07
N ASP D 168 -43.81 -0.70 -14.58
CA ASP D 168 -44.98 -0.97 -15.40
C ASP D 168 -45.65 0.37 -15.72
N LEU D 169 -46.08 0.55 -16.96
CA LEU D 169 -46.69 1.81 -17.37
C LEU D 169 -48.05 1.57 -18.00
N ILE D 170 -48.91 2.59 -17.93
CA ILE D 170 -50.07 2.64 -18.81
C ILE D 170 -49.85 3.77 -19.78
N LEU D 171 -50.24 3.57 -21.04
CA LEU D 171 -50.05 4.58 -22.07
C LEU D 171 -51.39 4.97 -22.66
N VAL D 172 -51.71 6.27 -22.57
CA VAL D 172 -52.99 6.76 -23.07
C VAL D 172 -52.78 7.64 -24.29
N SER D 173 -53.50 7.34 -25.37
CA SER D 173 -53.47 8.16 -26.56
C SER D 173 -54.07 9.52 -26.24
N VAL D 174 -53.42 10.59 -26.70
CA VAL D 174 -53.92 11.93 -26.42
C VAL D 174 -55.16 12.19 -27.26
N SER D 175 -55.16 11.69 -28.49
CA SER D 175 -56.32 11.81 -29.37
C SER D 175 -57.52 11.02 -28.87
N SER D 176 -57.38 9.69 -28.83
CA SER D 176 -58.51 8.82 -28.55
C SER D 176 -58.85 8.73 -27.06
N GLU D 177 -57.89 9.08 -26.21
CA GLU D 177 -58.01 8.96 -24.75
C GLU D 177 -58.16 7.49 -24.34
N ARG D 178 -57.72 6.60 -25.23
CA ARG D 178 -57.81 5.17 -24.97
C ARG D 178 -56.42 4.60 -24.80
N TYR D 179 -56.33 3.45 -24.13
CA TYR D 179 -55.06 2.91 -23.70
C TYR D 179 -54.38 2.10 -24.79
N LEU D 180 -53.06 2.20 -24.87
CA LEU D 180 -52.28 1.26 -25.67
C LEU D 180 -52.57 -0.11 -25.07
N HIS D 181 -53.12 -1.00 -25.89
CA HIS D 181 -53.67 -2.24 -25.36
C HIS D 181 -53.20 -3.47 -26.11
N LEU D 182 -52.94 -4.54 -25.37
CA LEU D 182 -52.69 -5.84 -25.98
C LEU D 182 -53.98 -6.63 -26.05
N SER D 183 -54.46 -6.87 -27.27
CA SER D 183 -55.69 -7.62 -27.45
C SER D 183 -55.41 -8.99 -28.02
N THR D 184 -56.38 -9.89 -27.85
CA THR D 184 -56.29 -11.22 -28.44
C THR D 184 -57.15 -11.29 -29.69
N ALA D 185 -56.57 -10.93 -30.82
CA ALA D 185 -57.18 -11.23 -32.10
C ALA D 185 -57.28 -12.74 -32.19
N SER D 186 -58.35 -13.25 -32.80
CA SER D 186 -58.50 -14.69 -32.93
C SER D 186 -57.37 -15.25 -33.79
N GLY D 187 -56.55 -16.11 -33.19
CA GLY D 187 -55.44 -16.71 -33.90
C GLY D 187 -54.08 -16.14 -33.55
N GLU D 188 -54.05 -14.88 -33.10
CA GLU D 188 -52.78 -14.23 -32.80
C GLU D 188 -52.91 -12.98 -31.93
N LEU D 189 -51.83 -12.65 -31.22
CA LEU D 189 -51.79 -11.46 -30.38
C LEU D 189 -51.73 -10.19 -31.23
N GLN D 190 -52.48 -9.17 -30.82
CA GLN D 190 -52.59 -7.93 -31.59
C GLN D 190 -52.43 -6.71 -30.68
N VAL D 191 -52.08 -5.58 -31.26
CA VAL D 191 -52.07 -4.33 -30.52
C VAL D 191 -53.17 -3.40 -31.03
N ASP D 192 -53.85 -2.74 -30.10
CA ASP D 192 -54.81 -1.71 -30.47
C ASP D 192 -54.84 -0.61 -29.42
N ALA D 193 -55.55 0.47 -29.75
CA ALA D 193 -55.91 1.45 -28.74
C ALA D 193 -57.30 1.09 -28.24
N SER D 194 -57.40 0.62 -26.99
CA SER D 194 -58.70 0.25 -26.47
C SER D 194 -58.96 0.82 -25.09
N PHE D 195 -60.13 0.51 -24.57
CA PHE D 195 -60.55 1.00 -23.27
C PHE D 195 -59.99 0.16 -22.14
N MET D 196 -59.66 -1.09 -22.44
CA MET D 196 -59.03 -1.95 -21.45
C MET D 196 -57.54 -1.63 -21.37
N GLN D 197 -57.00 -1.72 -20.17
CA GLN D 197 -55.63 -1.32 -19.92
C GLN D 197 -54.64 -2.48 -20.07
N THR D 198 -53.44 -2.17 -20.52
CA THR D 198 -52.37 -3.15 -20.59
C THR D 198 -51.08 -2.55 -20.05
N LEU D 199 -50.43 -3.26 -19.14
CA LEU D 199 -49.17 -2.79 -18.58
C LEU D 199 -48.05 -2.95 -19.58
N TRP D 200 -47.24 -1.90 -19.74
CA TRP D 200 -46.14 -1.93 -20.68
C TRP D 200 -44.83 -1.57 -20.01
N ASN D 201 -43.75 -2.20 -20.47
CA ASN D 201 -42.42 -1.86 -20.01
C ASN D 201 -41.66 -1.13 -21.11
N MET D 202 -41.30 0.12 -20.86
CA MET D 202 -40.48 0.88 -21.79
C MET D 202 -39.02 0.57 -21.53
N ASN D 203 -38.54 -0.54 -22.11
CA ASN D 203 -37.17 -0.99 -21.90
C ASN D 203 -36.16 -0.23 -22.74
N PRO D 204 -35.18 0.39 -22.07
CA PRO D 204 -34.12 1.17 -22.72
C PRO D 204 -33.19 0.32 -23.57
N ILE D 205 -33.10 0.62 -24.85
CA ILE D 205 -32.31 -0.18 -25.79
C ILE D 205 -30.82 -0.17 -25.49
N CYS D 206 -30.28 1.00 -25.17
CA CYS D 206 -28.85 1.12 -24.91
C CYS D 206 -28.48 2.33 -24.05
N SER D 207 -27.30 2.25 -23.44
CA SER D 207 -26.71 3.37 -22.72
C SER D 207 -26.18 4.40 -23.71
N CYS D 208 -25.97 5.63 -23.25
CA CYS D 208 -25.46 6.67 -24.13
C CYS D 208 -24.09 6.24 -24.65
N CYS D 209 -23.83 6.54 -25.91
CA CYS D 209 -22.66 5.97 -26.59
C CYS D 209 -21.52 6.93 -26.90
N GLU D 210 -20.14 7.21 -26.03
CA GLU D 210 -18.88 7.85 -26.36
C GLU D 210 -18.70 7.86 -27.86
N GLU D 211 -18.30 9.01 -28.41
CA GLU D 211 -18.12 9.14 -29.85
C GLU D 211 -17.09 8.16 -30.36
N GLY D 212 -17.36 7.57 -31.53
CA GLY D 212 -16.41 6.69 -32.19
C GLY D 212 -16.34 5.28 -31.64
N TYR D 213 -17.23 4.95 -30.69
CA TYR D 213 -17.21 3.62 -30.10
C TYR D 213 -18.34 2.73 -30.60
N VAL D 214 -17.98 1.49 -30.93
CA VAL D 214 -18.94 0.51 -31.43
C VAL D 214 -19.93 0.11 -30.35
N THR D 215 -21.22 0.19 -30.70
CA THR D 215 -22.27 -0.29 -29.81
C THR D 215 -23.05 -1.38 -30.52
N GLY D 216 -23.87 -2.11 -29.77
CA GLY D 216 -24.73 -3.10 -30.38
C GLY D 216 -25.83 -2.41 -31.15
N GLY D 217 -26.37 -3.10 -32.16
CA GLY D 217 -27.46 -2.55 -32.96
C GLY D 217 -26.98 -1.69 -34.12
N HIS D 218 -25.69 -1.35 -34.11
CA HIS D 218 -25.09 -0.56 -35.18
C HIS D 218 -24.88 -1.37 -36.44
N VAL D 219 -25.13 -0.75 -37.59
CA VAL D 219 -24.83 -1.38 -38.87
C VAL D 219 -23.45 -0.93 -39.34
N LEU D 220 -22.59 -1.90 -39.64
CA LEU D 220 -21.21 -1.59 -39.99
C LEU D 220 -20.65 -2.47 -41.09
N ARG D 221 -19.38 -2.27 -41.40
CA ARG D 221 -18.66 -3.12 -42.34
C ARG D 221 -17.36 -3.59 -41.69
N LEU D 222 -16.97 -4.84 -41.96
CA LEU D 222 -15.74 -5.39 -41.42
C LEU D 222 -14.66 -5.42 -42.49
N PHE D 223 -13.61 -4.62 -42.31
CA PHE D 223 -12.57 -4.51 -43.33
C PHE D 223 -11.28 -5.25 -42.95
N HIS D 224 -10.69 -5.94 -43.93
CA HIS D 224 -9.45 -6.69 -43.69
C HIS D 224 -8.26 -6.03 -44.38
N GLY D 225 -7.33 -5.50 -43.58
CA GLY D 225 -6.21 -4.74 -44.09
C GLY D 225 -6.67 -3.42 -44.67
N HIS D 226 -5.98 -2.33 -44.35
CA HIS D 226 -6.40 -1.05 -44.91
C HIS D 226 -6.30 -1.09 -46.43
N MET D 227 -7.36 -1.65 -47.01
CA MET D 227 -7.64 -1.55 -48.43
C MET D 227 -9.14 -1.54 -48.52
N ASP D 228 -9.70 -1.45 -49.72
CA ASP D 228 -11.13 -1.62 -49.86
C ASP D 228 -11.46 -3.10 -49.96
N GLU D 229 -11.33 -3.82 -48.86
CA GLU D 229 -11.66 -5.24 -48.80
C GLU D 229 -12.46 -5.55 -47.53
N CYS D 230 -13.66 -6.11 -47.68
CA CYS D 230 -14.54 -6.29 -46.54
C CYS D 230 -15.24 -7.66 -46.51
N LEU D 231 -15.83 -7.99 -45.36
CA LEU D 231 -16.59 -9.23 -45.23
C LEU D 231 -17.94 -9.07 -45.90
N THR D 232 -18.31 -10.05 -46.72
CA THR D 232 -19.51 -9.96 -47.54
C THR D 232 -19.99 -11.35 -47.96
N ILE D 233 -21.26 -11.45 -48.37
CA ILE D 233 -21.75 -12.63 -49.07
C ILE D 233 -21.90 -12.29 -50.55
N SER D 234 -22.07 -13.31 -51.39
CA SER D 234 -22.14 -13.12 -52.83
C SER D 234 -23.34 -12.26 -53.23
N ALA D 235 -23.43 -11.92 -54.52
CA ALA D 235 -24.43 -10.99 -55.01
C ALA D 235 -25.63 -11.67 -55.66
N ALA D 236 -26.75 -10.94 -55.69
CA ALA D 236 -27.91 -11.29 -56.50
C ALA D 236 -28.40 -12.72 -56.34
N ASP D 237 -28.42 -13.45 -57.45
CA ASP D 237 -28.84 -14.85 -57.45
C ASP D 237 -27.66 -15.76 -57.78
N SER D 238 -26.64 -15.73 -56.93
CA SER D 238 -25.43 -16.52 -57.14
C SER D 238 -25.65 -18.00 -56.90
N ASP D 239 -24.71 -18.82 -57.38
CA ASP D 239 -24.73 -20.26 -57.14
C ASP D 239 -24.62 -20.54 -55.65
N ASP D 240 -23.97 -19.63 -54.93
CA ASP D 240 -23.81 -19.73 -53.49
C ASP D 240 -25.13 -19.88 -52.74
N GLN D 241 -26.21 -19.39 -53.36
CA GLN D 241 -27.49 -19.23 -52.69
C GLN D 241 -27.34 -18.22 -51.56
N ARG D 242 -26.33 -17.37 -51.68
CA ARG D 242 -26.05 -16.30 -50.72
C ARG D 242 -25.66 -16.82 -49.33
N ARG D 243 -25.33 -18.10 -49.24
CA ARG D 243 -25.03 -18.75 -47.97
C ARG D 243 -23.60 -18.50 -47.48
N LEU D 244 -22.66 -18.47 -48.41
CA LEU D 244 -21.24 -18.47 -48.08
C LEU D 244 -20.71 -17.05 -47.84
N VAL D 245 -19.62 -16.96 -47.08
CA VAL D 245 -19.05 -15.67 -46.68
C VAL D 245 -17.68 -15.45 -47.30
N TYR D 246 -17.39 -14.20 -47.66
CA TYR D 246 -16.17 -13.90 -48.40
C TYR D 246 -15.49 -12.61 -47.97
N TYR D 247 -14.19 -12.52 -48.22
CA TYR D 247 -13.49 -11.23 -48.20
C TYR D 247 -13.41 -10.74 -49.63
N GLU D 248 -14.08 -9.63 -49.92
CA GLU D 248 -14.12 -9.12 -51.28
C GLU D 248 -13.76 -7.65 -51.33
N GLY D 249 -13.12 -7.25 -52.42
CA GLY D 249 -12.70 -5.87 -52.59
C GLY D 249 -13.40 -5.19 -53.74
N GLY D 250 -12.94 -3.99 -54.07
CA GLY D 250 -13.53 -3.23 -55.16
C GLY D 250 -14.81 -2.53 -54.74
N ALA D 251 -15.84 -2.66 -55.57
CA ALA D 251 -17.07 -1.88 -55.41
C ALA D 251 -17.95 -2.34 -54.25
N VAL D 252 -17.77 -3.58 -53.81
CA VAL D 252 -18.62 -4.18 -52.78
C VAL D 252 -18.62 -3.37 -51.48
N CYS D 253 -17.51 -2.70 -51.20
CA CYS D 253 -17.39 -1.87 -50.00
C CYS D 253 -18.40 -0.73 -50.01
N THR D 254 -18.97 -0.46 -51.18
CA THR D 254 -20.01 0.55 -51.32
C THR D 254 -21.39 -0.11 -51.28
N HIS D 255 -21.45 -1.38 -51.66
CA HIS D 255 -22.71 -2.09 -51.83
C HIS D 255 -23.35 -2.55 -50.52
N ALA D 256 -24.65 -2.85 -50.60
CA ALA D 256 -25.45 -3.21 -49.43
C ALA D 256 -25.08 -4.58 -48.86
N ARG D 257 -24.54 -5.45 -49.72
CA ARG D 257 -24.23 -6.81 -49.33
C ARG D 257 -23.20 -6.89 -48.21
N SER D 258 -22.37 -5.86 -48.10
CA SER D 258 -21.26 -5.89 -47.15
C SER D 258 -21.66 -5.39 -45.77
N LEU D 259 -22.93 -5.05 -45.60
CA LEU D 259 -23.39 -4.45 -44.35
C LEU D 259 -23.85 -5.50 -43.36
N TRP D 260 -23.44 -5.33 -42.10
CA TRP D 260 -23.81 -6.27 -41.05
C TRP D 260 -24.36 -5.51 -39.84
N ARG D 261 -25.27 -6.16 -39.12
CA ARG D 261 -25.77 -5.58 -37.87
C ARG D 261 -25.30 -6.41 -36.69
N LEU D 262 -24.71 -5.75 -35.71
CA LEU D 262 -24.22 -6.42 -34.52
C LEU D 262 -25.32 -6.50 -33.46
N GLU D 263 -25.59 -7.71 -32.99
CA GLU D 263 -26.67 -7.95 -32.04
C GLU D 263 -26.20 -8.71 -30.81
N PRO D 264 -25.93 -7.98 -29.72
CA PRO D 264 -25.60 -8.60 -28.43
C PRO D 264 -26.73 -9.51 -27.95
N LEU D 265 -26.43 -10.48 -27.12
CA LEU D 265 -27.47 -11.42 -26.68
C LEU D 265 -28.25 -10.86 -25.49
N ARG D 266 -28.98 -9.79 -25.76
CA ARG D 266 -29.84 -9.14 -24.78
C ARG D 266 -30.72 -8.12 -25.50
N ILE D 267 -31.84 -7.75 -24.90
CA ILE D 267 -32.75 -6.78 -25.51
C ILE D 267 -32.55 -5.40 -24.90
N SER D 268 -32.75 -5.31 -23.59
CA SER D 268 -32.48 -4.06 -22.87
C SER D 268 -31.01 -3.72 -23.00
N TRP D 269 -30.75 -2.47 -23.36
CA TRP D 269 -29.40 -1.97 -23.58
C TRP D 269 -28.60 -2.86 -24.54
N SER D 270 -29.25 -3.31 -25.61
CA SER D 270 -28.54 -3.98 -26.69
C SER D 270 -27.60 -3.00 -27.34
N GLY D 271 -27.95 -1.71 -27.26
CA GLY D 271 -27.17 -0.65 -27.86
C GLY D 271 -26.09 -0.09 -26.95
N SER D 272 -25.75 -0.84 -25.91
CA SER D 272 -24.64 -0.45 -25.04
C SER D 272 -23.32 -0.65 -25.79
N HIS D 273 -22.25 -0.07 -25.25
CA HIS D 273 -20.92 -0.26 -25.83
C HIS D 273 -20.59 -1.74 -25.90
N LEU D 274 -20.03 -2.17 -27.03
CA LEU D 274 -19.57 -3.54 -27.17
C LEU D 274 -18.29 -3.73 -26.39
N ARG D 275 -18.14 -4.88 -25.75
CA ARG D 275 -16.90 -5.18 -25.04
C ARG D 275 -16.18 -6.36 -25.67
N TRP D 276 -14.87 -6.39 -25.49
CA TRP D 276 -14.05 -7.49 -25.95
C TRP D 276 -14.48 -8.78 -25.26
N GLY D 277 -14.75 -9.80 -26.05
CA GLY D 277 -15.17 -11.08 -25.51
C GLY D 277 -16.67 -11.20 -25.32
N GLN D 278 -17.39 -10.10 -25.55
CA GLN D 278 -18.85 -10.14 -25.44
C GLN D 278 -19.43 -10.97 -26.57
N PRO D 279 -20.28 -11.94 -26.23
CA PRO D 279 -20.95 -12.70 -27.28
C PRO D 279 -21.93 -11.82 -28.03
N LEU D 280 -21.98 -11.98 -29.34
CA LEU D 280 -22.94 -11.25 -30.16
C LEU D 280 -23.33 -12.08 -31.38
N ARG D 281 -24.44 -11.70 -31.98
CA ARG D 281 -24.84 -12.29 -33.24
C ARG D 281 -24.51 -11.30 -34.35
N ILE D 282 -24.09 -11.82 -35.50
CA ILE D 282 -23.81 -10.96 -36.65
C ILE D 282 -24.87 -11.22 -37.71
N ARG D 283 -25.79 -10.26 -37.87
CA ARG D 283 -26.88 -10.41 -38.81
C ARG D 283 -26.59 -9.70 -40.12
N HIS D 284 -26.77 -10.43 -41.23
CA HIS D 284 -26.70 -9.83 -42.55
C HIS D 284 -27.95 -8.99 -42.76
N VAL D 285 -27.79 -7.72 -43.10
CA VAL D 285 -28.92 -6.80 -43.14
C VAL D 285 -29.91 -7.08 -44.28
N THR D 286 -29.40 -7.26 -45.50
CA THR D 286 -30.27 -7.38 -46.67
C THR D 286 -30.99 -8.72 -46.70
N THR D 287 -30.28 -9.79 -46.34
CA THR D 287 -30.87 -11.12 -46.39
C THR D 287 -31.53 -11.50 -45.06
N GLY D 288 -31.08 -10.87 -43.98
CA GLY D 288 -31.66 -11.12 -42.67
C GLY D 288 -31.16 -12.41 -42.04
N ARG D 289 -30.16 -13.03 -42.66
CA ARG D 289 -29.60 -14.28 -42.16
C ARG D 289 -28.41 -14.01 -41.24
N TYR D 290 -28.03 -15.02 -40.46
CA TYR D 290 -27.03 -14.84 -39.41
C TYR D 290 -25.73 -15.59 -39.67
N LEU D 291 -24.61 -14.91 -39.44
CA LEU D 291 -23.31 -15.56 -39.51
C LEU D 291 -23.26 -16.69 -38.49
N ALA D 292 -22.85 -17.86 -38.94
CA ALA D 292 -22.89 -19.03 -38.06
C ALA D 292 -21.88 -20.09 -38.46
N LEU D 293 -21.52 -20.95 -37.51
CA LEU D 293 -20.73 -22.13 -37.82
C LEU D 293 -21.66 -23.34 -37.91
N THR D 294 -21.57 -24.06 -39.02
CA THR D 294 -22.35 -25.27 -39.22
C THR D 294 -21.39 -26.46 -39.25
N GLU D 295 -21.83 -27.60 -38.72
CA GLU D 295 -20.98 -28.79 -38.63
C GLU D 295 -20.57 -29.28 -40.02
N ASP D 296 -21.55 -29.54 -40.87
CA ASP D 296 -21.30 -30.00 -42.23
C ASP D 296 -20.71 -28.90 -43.12
N GLN D 297 -21.32 -27.73 -43.09
CA GLN D 297 -21.05 -26.69 -44.06
C GLN D 297 -19.89 -25.77 -43.68
N GLY D 298 -19.67 -25.61 -42.38
CA GLY D 298 -18.62 -24.72 -41.89
C GLY D 298 -19.15 -23.32 -41.71
N LEU D 299 -18.34 -22.32 -42.06
CA LEU D 299 -18.78 -20.93 -41.96
C LEU D 299 -19.79 -20.58 -43.03
N VAL D 300 -21.02 -20.29 -42.61
CA VAL D 300 -22.01 -19.73 -43.52
C VAL D 300 -22.90 -18.70 -42.85
N VAL D 301 -23.89 -18.24 -43.59
CA VAL D 301 -24.94 -17.39 -43.07
C VAL D 301 -26.24 -18.19 -43.10
N VAL D 302 -26.98 -18.19 -41.99
CA VAL D 302 -28.10 -19.10 -41.82
C VAL D 302 -29.39 -18.36 -41.44
N ASP D 303 -30.54 -18.92 -41.83
CA ASP D 303 -31.85 -18.37 -41.50
C ASP D 303 -32.02 -18.18 -39.99
N ALA D 304 -32.89 -17.25 -39.60
CA ALA D 304 -33.11 -16.91 -38.20
C ALA D 304 -33.65 -18.08 -37.40
N CYS D 305 -34.34 -18.99 -38.08
CA CYS D 305 -34.91 -20.17 -37.44
C CYS D 305 -33.82 -21.08 -36.85
N LYS D 306 -32.72 -21.21 -37.58
CA LYS D 306 -31.63 -22.10 -37.19
C LYS D 306 -30.53 -21.35 -36.45
N ALA D 307 -30.78 -20.09 -36.12
CA ALA D 307 -29.76 -19.22 -35.56
C ALA D 307 -29.65 -19.33 -34.04
N HIS D 308 -29.66 -20.54 -33.51
CA HIS D 308 -29.48 -20.77 -32.08
C HIS D 308 -28.11 -20.28 -31.63
N THR D 309 -27.98 -19.95 -30.35
CA THR D 309 -26.85 -19.17 -29.85
C THR D 309 -25.47 -19.81 -30.08
N LYS D 310 -25.38 -21.12 -30.06
CA LYS D 310 -24.08 -21.78 -30.17
C LYS D 310 -23.50 -21.69 -31.58
N ALA D 311 -24.35 -21.87 -32.59
CA ALA D 311 -23.90 -21.73 -33.96
C ALA D 311 -23.67 -20.27 -34.31
N THR D 312 -24.37 -19.38 -33.63
CA THR D 312 -24.45 -17.98 -34.04
C THR D 312 -23.54 -17.01 -33.28
N SER D 313 -23.21 -17.31 -32.03
CA SER D 313 -22.46 -16.37 -31.19
C SER D 313 -21.00 -16.21 -31.61
N PHE D 314 -20.61 -14.95 -31.87
CA PHE D 314 -19.22 -14.59 -32.08
C PHE D 314 -18.81 -13.52 -31.07
N CYS D 315 -17.53 -13.16 -31.05
CA CYS D 315 -17.05 -12.09 -30.19
C CYS D 315 -15.84 -11.41 -30.79
N PHE D 316 -15.58 -10.17 -30.37
CA PHE D 316 -14.38 -9.47 -30.80
C PHE D 316 -13.27 -9.65 -29.77
N ARG D 317 -12.05 -9.85 -30.27
CA ARG D 317 -10.95 -10.30 -29.45
C ARG D 317 -9.71 -9.47 -29.69
N VAL D 318 -9.09 -8.99 -28.61
CA VAL D 318 -7.91 -8.14 -28.71
C VAL D 318 -6.81 -8.85 -29.49
N SER D 319 -6.64 -10.13 -29.22
CA SER D 319 -5.71 -10.94 -30.01
C SER D 319 -6.12 -12.41 -30.02
N LYS D 320 -5.15 -13.30 -30.19
CA LYS D 320 -5.45 -14.72 -30.42
C LYS D 320 -5.33 -15.62 -29.20
N GLU D 321 -4.57 -15.18 -28.19
CA GLU D 321 -4.69 -15.79 -26.87
C GLU D 321 -6.15 -15.74 -26.46
N LYS D 322 -6.57 -16.71 -25.67
CA LYS D 322 -7.98 -16.88 -25.37
C LYS D 322 -8.65 -15.64 -24.75
N LEU D 323 -8.01 -14.86 -23.85
CA LEU D 323 -6.96 -15.27 -22.92
C LEU D 323 -7.46 -16.38 -21.98
N ASP D 324 -8.67 -16.31 -21.42
CA ASP D 324 -9.64 -15.19 -21.50
C ASP D 324 -9.31 -13.92 -20.69
N THR D 325 -8.65 -14.00 -19.53
CA THR D 325 -8.40 -15.23 -18.78
C THR D 325 -9.66 -15.53 -18.00
N ALA D 326 -10.53 -14.52 -17.97
CA ALA D 326 -11.81 -14.57 -17.30
C ALA D 326 -12.73 -13.51 -17.90
N PRO D 327 -14.04 -13.79 -17.94
CA PRO D 327 -15.04 -12.80 -18.37
C PRO D 327 -15.57 -11.99 -17.18
N LYS D 328 -15.51 -10.66 -17.28
CA LYS D 328 -16.01 -9.82 -16.20
C LYS D 328 -17.53 -9.84 -16.14
N ARG D 329 -18.12 -9.00 -15.30
CA ARG D 329 -19.56 -9.03 -15.11
C ARG D 329 -20.27 -7.77 -15.60
N ASP D 330 -21.27 -8.02 -16.45
CA ASP D 330 -22.03 -7.01 -17.18
C ASP D 330 -22.61 -5.89 -16.32
N VAL D 331 -22.47 -4.67 -16.82
CA VAL D 331 -23.21 -3.53 -16.29
C VAL D 331 -24.29 -3.19 -17.31
N GLU D 332 -25.51 -2.93 -16.86
CA GLU D 332 -26.62 -2.82 -17.79
C GLU D 332 -26.63 -1.49 -18.53
N GLY D 333 -26.05 -0.46 -17.95
CA GLY D 333 -25.99 0.83 -18.60
C GLY D 333 -25.16 0.81 -19.88
N MET D 334 -24.79 2.00 -20.37
CA MET D 334 -23.96 2.12 -21.57
C MET D 334 -22.69 1.30 -21.44
N GLY D 335 -22.13 1.28 -20.23
CA GLY D 335 -20.93 0.51 -19.96
C GLY D 335 -19.68 1.22 -20.42
N PRO D 336 -18.50 0.65 -20.08
CA PRO D 336 -17.23 1.19 -20.57
C PRO D 336 -17.09 1.04 -22.08
N PRO D 337 -16.73 2.12 -22.77
CA PRO D 337 -16.43 2.12 -24.20
C PRO D 337 -15.08 1.43 -24.48
N GLU D 338 -15.11 0.31 -25.19
CA GLU D 338 -13.91 -0.49 -25.40
C GLU D 338 -13.40 -0.47 -26.85
N ILE D 339 -14.31 -0.64 -27.81
CA ILE D 339 -13.92 -0.76 -29.21
C ILE D 339 -14.23 0.50 -30.00
N LYS D 340 -13.23 1.02 -30.71
CA LYS D 340 -13.40 2.20 -31.53
C LYS D 340 -13.49 1.83 -33.02
N TYR D 341 -14.27 2.61 -33.76
CA TYR D 341 -14.34 2.44 -35.21
C TYR D 341 -13.06 2.91 -35.87
N GLY D 342 -12.49 2.09 -36.75
CA GLY D 342 -11.27 2.43 -37.45
C GLY D 342 -10.02 2.23 -36.60
N GLU D 343 -10.07 2.71 -35.36
CA GLU D 343 -8.92 2.62 -34.45
C GLU D 343 -8.59 1.18 -34.06
N SER D 344 -9.60 0.46 -33.59
CA SER D 344 -9.39 -0.85 -32.99
C SER D 344 -9.24 -1.98 -34.01
N LEU D 345 -8.23 -2.80 -33.82
CA LEU D 345 -8.04 -4.02 -34.58
C LEU D 345 -8.71 -5.18 -33.84
N CYS D 346 -9.61 -5.88 -34.50
CA CYS D 346 -10.40 -6.92 -33.85
C CYS D 346 -10.25 -8.28 -34.51
N PHE D 347 -10.00 -9.30 -33.70
CA PHE D 347 -10.09 -10.68 -34.17
C PHE D 347 -11.49 -11.20 -33.86
N VAL D 348 -12.19 -11.71 -34.87
CA VAL D 348 -13.50 -12.29 -34.66
C VAL D 348 -13.35 -13.76 -34.33
N GLN D 349 -13.95 -14.19 -33.21
CA GLN D 349 -13.84 -15.56 -32.76
C GLN D 349 -15.20 -16.19 -32.52
N HIS D 350 -15.37 -17.42 -33.00
CA HIS D 350 -16.57 -18.18 -32.67
C HIS D 350 -16.52 -18.55 -31.20
N VAL D 351 -17.56 -18.19 -30.47
CA VAL D 351 -17.59 -18.40 -29.04
C VAL D 351 -17.49 -19.88 -28.65
N ALA D 352 -18.41 -20.68 -29.17
CA ALA D 352 -18.48 -22.10 -28.84
C ALA D 352 -17.21 -22.85 -29.24
N SER D 353 -16.78 -22.67 -30.48
CA SER D 353 -15.66 -23.43 -31.01
C SER D 353 -14.31 -22.85 -30.59
N GLY D 354 -14.22 -21.52 -30.56
CA GLY D 354 -12.97 -20.86 -30.26
C GLY D 354 -12.20 -20.65 -31.55
N LEU D 355 -12.84 -20.97 -32.66
CA LEU D 355 -12.24 -20.84 -33.98
C LEU D 355 -12.18 -19.38 -34.41
N TRP D 356 -11.18 -19.06 -35.24
CA TRP D 356 -10.97 -17.69 -35.67
C TRP D 356 -11.51 -17.44 -37.07
N LEU D 357 -12.14 -16.29 -37.26
CA LEU D 357 -12.55 -15.86 -38.59
C LEU D 357 -11.32 -15.58 -39.43
N THR D 358 -11.20 -16.27 -40.55
CA THR D 358 -10.06 -16.08 -41.43
C THR D 358 -10.44 -16.32 -42.88
N TYR D 359 -9.44 -16.26 -43.75
CA TYR D 359 -9.65 -16.49 -45.17
C TYR D 359 -9.03 -17.81 -45.61
N ALA D 360 -9.71 -18.52 -46.49
CA ALA D 360 -9.14 -19.72 -47.07
C ALA D 360 -8.17 -19.29 -48.17
N ALA D 361 -8.73 -18.85 -49.28
CA ALA D 361 -7.97 -18.30 -50.40
C ALA D 361 -8.92 -17.92 -51.52
N PRO D 362 -8.46 -17.05 -52.42
CA PRO D 362 -9.10 -17.06 -53.74
C PRO D 362 -8.60 -18.29 -54.46
N ASP D 363 -8.97 -18.49 -55.71
CA ASP D 363 -8.59 -19.74 -56.32
C ASP D 363 -7.16 -19.78 -56.87
N PRO D 364 -6.53 -18.63 -57.21
CA PRO D 364 -6.83 -17.25 -57.61
C PRO D 364 -6.60 -17.11 -59.10
N LYS D 365 -6.63 -18.26 -59.77
CA LYS D 365 -6.40 -18.35 -61.20
C LYS D 365 -7.26 -19.43 -61.87
N ALA D 366 -7.94 -20.25 -61.06
CA ALA D 366 -8.69 -21.39 -61.60
C ALA D 366 -10.19 -21.48 -61.21
N LEU D 367 -11.02 -21.24 -62.22
CA LEU D 367 -12.48 -21.50 -62.34
C LEU D 367 -13.43 -20.48 -61.66
N ARG D 368 -13.56 -19.36 -62.38
CA ARG D 368 -14.30 -18.11 -62.06
C ARG D 368 -13.33 -17.00 -62.43
N LEU D 369 -12.09 -17.42 -62.61
CA LEU D 369 -10.89 -16.60 -62.43
C LEU D 369 -10.31 -16.09 -63.74
N GLY D 370 -9.54 -15.00 -63.75
CA GLY D 370 -9.11 -14.29 -62.55
C GLY D 370 -9.96 -13.10 -62.13
N VAL D 371 -10.08 -12.92 -60.81
CA VAL D 371 -10.88 -11.88 -60.15
C VAL D 371 -10.48 -11.93 -58.68
N LEU D 372 -10.49 -10.80 -57.97
CA LEU D 372 -10.23 -10.86 -56.53
C LEU D 372 -11.47 -11.39 -55.79
N LYS D 373 -11.28 -12.39 -54.93
CA LYS D 373 -12.35 -12.93 -54.07
C LYS D 373 -11.85 -14.07 -53.17
N LYS D 374 -11.80 -13.83 -51.86
CA LYS D 374 -11.38 -14.87 -50.91
C LYS D 374 -12.56 -15.40 -50.10
N LYS D 375 -12.58 -16.71 -49.85
CA LYS D 375 -13.63 -17.27 -49.01
C LYS D 375 -13.28 -17.13 -47.54
N ALA D 376 -14.27 -16.74 -46.74
CA ALA D 376 -14.12 -16.63 -45.30
C ALA D 376 -14.45 -17.96 -44.62
N ILE D 377 -13.55 -18.43 -43.77
CA ILE D 377 -13.78 -19.64 -43.00
C ILE D 377 -13.38 -19.46 -41.55
N LEU D 378 -13.70 -20.45 -40.73
CA LEU D 378 -13.19 -20.52 -39.38
C LEU D 378 -12.08 -21.55 -39.31
N HIS D 379 -10.96 -21.17 -38.69
CA HIS D 379 -9.88 -22.11 -38.49
C HIS D 379 -9.33 -21.97 -37.07
N GLN D 380 -8.67 -23.03 -36.59
CA GLN D 380 -8.11 -23.03 -35.25
C GLN D 380 -7.00 -22.01 -35.10
N GLU D 381 -6.11 -21.98 -36.08
CA GLU D 381 -4.97 -21.07 -36.06
C GLU D 381 -5.32 -19.71 -36.64
N GLY D 382 -5.90 -19.73 -37.85
CA GLY D 382 -6.10 -18.50 -38.59
C GLY D 382 -4.76 -17.97 -39.06
N HIS D 383 -4.69 -16.70 -39.37
CA HIS D 383 -3.43 -16.08 -39.78
C HIS D 383 -3.10 -14.87 -38.91
N MET D 384 -1.88 -14.37 -39.02
CA MET D 384 -1.44 -13.22 -38.24
C MET D 384 -2.20 -11.96 -38.62
N ASP D 385 -2.58 -11.86 -39.89
CA ASP D 385 -3.24 -10.67 -40.41
C ASP D 385 -4.75 -10.66 -40.21
N ASP D 386 -5.25 -11.61 -39.43
CA ASP D 386 -6.69 -11.82 -39.29
C ASP D 386 -7.46 -10.65 -38.71
N ALA D 387 -6.77 -9.76 -37.99
CA ALA D 387 -7.40 -8.63 -37.33
C ALA D 387 -8.15 -7.72 -38.31
N LEU D 388 -9.41 -7.41 -37.99
CA LEU D 388 -10.22 -6.51 -38.80
C LEU D 388 -10.42 -5.18 -38.09
N PHE D 389 -10.79 -4.14 -38.86
CA PHE D 389 -11.23 -2.90 -38.24
C PHE D 389 -12.66 -2.59 -38.69
N LEU D 390 -13.38 -1.83 -37.89
CA LEU D 390 -14.78 -1.50 -38.21
C LEU D 390 -15.06 -0.01 -38.25
N THR D 391 -15.69 0.44 -39.33
CA THR D 391 -16.12 1.84 -39.45
C THR D 391 -17.63 1.92 -39.73
N ARG D 392 -18.33 2.74 -38.95
CA ARG D 392 -19.77 2.91 -39.15
C ARG D 392 -20.10 3.64 -40.45
N CYS D 393 -21.10 3.14 -41.17
CA CYS D 393 -21.53 3.77 -42.42
C CYS D 393 -22.23 5.12 -42.19
N GLN D 394 -23.50 5.21 -42.60
CA GLN D 394 -24.31 6.41 -42.44
C GLN D 394 -25.79 6.02 -42.36
N GLN D 395 -26.52 7.37 -41.89
CA GLN D 395 -27.94 7.02 -41.74
C GLN D 395 -28.66 6.77 -43.07
N GLU D 396 -28.39 7.59 -44.06
CA GLU D 396 -29.10 7.49 -45.35
C GLU D 396 -28.84 6.13 -46.01
N GLU D 397 -27.64 5.59 -45.83
CA GLU D 397 -27.28 4.32 -46.44
C GLU D 397 -27.80 3.16 -45.61
N SER D 398 -27.71 3.31 -44.29
CA SER D 398 -28.21 2.30 -43.37
C SER D 398 -29.71 2.13 -43.49
N GLN D 399 -30.45 3.24 -43.55
CA GLN D 399 -31.90 3.18 -43.68
C GLN D 399 -32.29 2.59 -45.03
N ALA D 400 -31.59 3.01 -46.09
CA ALA D 400 -31.81 2.47 -47.42
C ALA D 400 -31.62 0.97 -47.41
N ALA D 401 -30.60 0.51 -46.69
CA ALA D 401 -30.26 -0.91 -46.61
C ALA D 401 -31.41 -1.74 -46.06
N ARG D 402 -32.03 -1.29 -44.97
CA ARG D 402 -33.16 -1.99 -44.40
C ARG D 402 -34.38 -1.84 -45.29
N MET D 403 -34.50 -0.69 -45.94
CA MET D 403 -35.55 -0.48 -46.93
C MET D 403 -35.50 -1.57 -47.98
N ILE D 404 -34.29 -1.86 -48.47
CA ILE D 404 -34.08 -2.95 -49.41
C ILE D 404 -34.60 -4.27 -48.84
N HIS D 405 -34.21 -4.54 -47.60
CA HIS D 405 -34.56 -5.77 -46.90
C HIS D 405 -36.07 -6.03 -46.93
N SER D 406 -36.84 -5.07 -46.42
CA SER D 406 -38.29 -5.19 -46.38
C SER D 406 -38.89 -5.20 -47.78
N THR D 407 -38.37 -4.32 -48.63
CA THR D 407 -38.82 -4.20 -50.01
C THR D 407 -38.67 -5.52 -50.77
N ALA D 408 -37.48 -6.10 -50.68
CA ALA D 408 -37.21 -7.39 -51.31
C ALA D 408 -38.14 -8.46 -50.76
N GLY D 409 -38.30 -8.47 -49.43
CA GLY D 409 -39.16 -9.44 -48.77
C GLY D 409 -40.61 -9.36 -49.23
N LEU D 410 -41.12 -8.14 -49.34
CA LEU D 410 -42.52 -7.94 -49.71
C LEU D 410 -42.82 -8.40 -51.14
N TYR D 411 -42.03 -7.92 -52.09
CA TYR D 411 -42.23 -8.26 -53.49
C TYR D 411 -42.03 -9.75 -53.75
N ASN D 412 -41.04 -10.33 -53.07
CA ASN D 412 -40.79 -11.76 -53.20
C ASN D 412 -41.99 -12.58 -52.74
N GLN D 413 -42.62 -12.16 -51.65
CA GLN D 413 -43.85 -12.80 -51.21
C GLN D 413 -44.96 -12.48 -52.20
N PHE D 414 -44.97 -11.26 -52.72
CA PHE D 414 -45.97 -10.85 -53.70
C PHE D 414 -45.88 -11.72 -54.94
N ILE D 415 -44.69 -11.82 -55.51
CA ILE D 415 -44.50 -12.63 -56.70
C ILE D 415 -44.65 -14.12 -56.41
N LYS D 416 -44.36 -14.52 -55.18
CA LYS D 416 -44.52 -15.92 -54.78
C LYS D 416 -46.00 -16.30 -54.81
N GLY D 417 -46.84 -15.37 -54.34
CA GLY D 417 -48.27 -15.56 -54.38
C GLY D 417 -48.77 -15.70 -55.81
N LEU D 418 -48.30 -14.80 -56.68
CA LEU D 418 -48.66 -14.82 -58.09
C LEU D 418 -48.27 -16.12 -58.77
N ASP D 419 -47.09 -16.63 -58.43
CA ASP D 419 -46.59 -17.86 -59.02
C ASP D 419 -47.48 -19.06 -58.66
N SER D 420 -47.99 -19.05 -57.43
CA SER D 420 -48.82 -20.14 -56.95
C SER D 420 -50.10 -20.31 -57.75
N PHE D 421 -50.87 -19.24 -57.88
CA PHE D 421 -52.17 -19.34 -58.55
C PHE D 421 -52.09 -19.13 -60.06
N SER D 422 -50.89 -19.16 -60.63
CA SER D 422 -50.78 -19.00 -62.09
C SER D 422 -51.15 -20.27 -62.82
N GLY D 423 -50.87 -21.44 -62.23
CA GLY D 423 -51.29 -22.71 -62.80
C GLY D 423 -52.77 -22.66 -63.13
N LYS D 424 -53.44 -21.80 -62.37
CA LYS D 424 -54.85 -21.49 -62.47
C LYS D 424 -55.11 -20.45 -63.62
N PRO D 425 -56.07 -20.74 -64.53
CA PRO D 425 -56.49 -19.79 -65.58
C PRO D 425 -58.01 -19.54 -65.82
N ARG D 426 -58.44 -18.28 -65.61
CA ARG D 426 -59.74 -17.69 -66.04
C ARG D 426 -61.01 -18.45 -65.66
N GLY D 427 -61.84 -17.83 -64.82
CA GLY D 427 -63.05 -18.47 -64.34
C GLY D 427 -63.45 -18.10 -62.92
N SER D 428 -64.49 -18.79 -62.45
CA SER D 428 -65.21 -18.50 -61.20
C SER D 428 -65.30 -19.67 -60.23
N GLY D 429 -64.87 -19.48 -58.99
CA GLY D 429 -64.98 -20.50 -57.92
C GLY D 429 -64.56 -19.98 -56.55
N PRO D 430 -64.98 -20.64 -55.45
CA PRO D 430 -64.60 -20.22 -54.09
C PRO D 430 -63.44 -20.99 -53.42
N PRO D 431 -62.26 -20.36 -53.33
CA PRO D 431 -61.09 -20.95 -52.66
C PRO D 431 -60.61 -20.17 -51.43
N ALA D 432 -59.94 -20.85 -50.51
CA ALA D 432 -59.37 -20.19 -49.33
C ALA D 432 -57.85 -20.24 -49.36
N GLY D 433 -57.24 -19.07 -49.31
CA GLY D 433 -55.79 -18.96 -49.28
C GLY D 433 -55.37 -17.58 -48.82
N PRO D 434 -54.12 -17.46 -48.33
CA PRO D 434 -53.59 -16.14 -47.95
C PRO D 434 -53.62 -15.18 -49.14
N ALA D 435 -54.24 -14.02 -48.95
CA ALA D 435 -54.33 -13.03 -50.01
C ALA D 435 -52.98 -12.39 -50.25
N LEU D 436 -52.76 -11.94 -51.48
CA LEU D 436 -51.59 -11.15 -51.82
C LEU D 436 -51.58 -9.88 -50.98
N PRO D 437 -50.44 -9.57 -50.35
CA PRO D 437 -50.34 -8.28 -49.64
C PRO D 437 -50.56 -7.11 -50.60
N ILE D 438 -51.83 -6.88 -50.95
CA ILE D 438 -52.20 -5.82 -51.87
C ILE D 438 -52.00 -4.46 -51.22
N GLU D 439 -52.49 -4.31 -49.99
CA GLU D 439 -52.37 -3.04 -49.28
C GLU D 439 -50.91 -2.66 -49.06
N ALA D 440 -50.09 -3.65 -48.74
CA ALA D 440 -48.69 -3.40 -48.44
C ALA D 440 -47.92 -3.01 -49.69
N VAL D 441 -48.20 -3.71 -50.80
CA VAL D 441 -47.47 -3.46 -52.03
C VAL D 441 -47.83 -2.07 -52.57
N ILE D 442 -49.09 -1.65 -52.43
CA ILE D 442 -49.49 -0.33 -52.88
C ILE D 442 -48.75 0.76 -52.11
N LEU D 443 -48.77 0.66 -50.78
CA LEU D 443 -48.07 1.61 -49.92
C LEU D 443 -46.56 1.63 -50.24
N SER D 444 -45.97 0.44 -50.25
CA SER D 444 -44.55 0.28 -50.55
C SER D 444 -44.16 0.94 -51.86
N LEU D 445 -44.97 0.73 -52.89
CA LEU D 445 -44.73 1.38 -54.18
C LEU D 445 -44.88 2.90 -54.00
N GLN D 446 -45.94 3.31 -53.30
CA GLN D 446 -46.21 4.72 -53.05
C GLN D 446 -45.05 5.45 -52.37
N ASP D 447 -44.57 4.90 -51.25
CA ASP D 447 -43.53 5.55 -50.47
C ASP D 447 -42.17 5.44 -51.14
N LEU D 448 -41.97 4.43 -51.98
CA LEU D 448 -40.73 4.30 -52.74
C LEU D 448 -40.67 5.37 -53.81
N ILE D 449 -41.79 5.58 -54.51
CA ILE D 449 -41.89 6.63 -55.52
C ILE D 449 -41.53 7.99 -54.92
N GLY D 450 -42.08 8.28 -53.75
CA GLY D 450 -41.80 9.50 -53.04
C GLY D 450 -40.34 9.61 -52.63
N TYR D 451 -39.77 8.47 -52.26
CA TYR D 451 -38.36 8.40 -51.88
C TYR D 451 -37.45 8.75 -53.05
N PHE D 452 -37.85 8.34 -54.24
CA PHE D 452 -37.04 8.55 -55.44
C PHE D 452 -37.39 9.85 -56.17
N GLU D 453 -38.38 10.57 -55.66
CA GLU D 453 -38.72 11.88 -56.19
C GLU D 453 -37.50 12.81 -56.19
N PRO D 454 -37.19 13.41 -57.35
CA PRO D 454 -36.15 14.43 -57.43
C PRO D 454 -36.43 15.57 -56.45
N PRO D 455 -35.36 16.23 -55.95
CA PRO D 455 -35.50 17.34 -55.01
C PRO D 455 -36.40 18.45 -55.52
N SER D 456 -36.41 18.66 -56.84
CA SER D 456 -37.37 19.45 -57.64
C SER D 456 -36.80 20.76 -58.18
N GLU D 457 -37.58 21.84 -58.08
CA GLU D 457 -37.23 23.14 -58.63
C GLU D 457 -37.48 24.24 -57.61
N GLU D 458 -37.87 23.83 -56.42
CA GLU D 458 -38.51 24.71 -55.45
C GLU D 458 -37.84 24.56 -54.09
N LEU D 459 -37.03 25.51 -53.63
CA LEU D 459 -36.90 26.90 -54.15
C LEU D 459 -36.47 27.14 -55.62
N GLN D 460 -35.54 26.37 -56.17
CA GLN D 460 -34.58 25.56 -55.42
C GLN D 460 -33.22 26.09 -55.84
N HIS D 461 -32.15 25.52 -55.29
CA HIS D 461 -30.79 25.84 -55.70
C HIS D 461 -30.33 27.26 -55.30
N GLU D 462 -29.08 27.39 -54.85
CA GLU D 462 -28.08 26.33 -54.86
C GLU D 462 -28.38 25.20 -53.87
N GLU D 463 -28.60 25.54 -52.60
CA GLU D 463 -28.93 24.55 -51.57
C GLU D 463 -29.85 23.42 -52.05
N LYS D 464 -29.55 22.20 -51.60
CA LYS D 464 -30.22 20.98 -52.06
C LYS D 464 -29.97 20.72 -53.54
N GLN D 465 -28.88 21.26 -54.07
CA GLN D 465 -28.44 20.95 -55.43
C GLN D 465 -27.88 19.54 -55.46
N SER D 466 -27.16 19.19 -54.40
CA SER D 466 -26.44 17.92 -54.33
C SER D 466 -27.36 16.78 -53.95
N LYS D 467 -28.65 17.08 -53.84
CA LYS D 467 -29.65 16.06 -53.58
C LYS D 467 -29.70 15.04 -54.72
N LEU D 468 -29.36 15.50 -55.92
CA LEU D 468 -29.24 14.62 -57.08
C LEU D 468 -28.20 13.54 -56.82
N ARG D 469 -27.15 13.90 -56.09
CA ARG D 469 -26.11 12.95 -55.70
C ARG D 469 -26.69 11.87 -54.80
N SER D 470 -27.42 12.31 -53.77
CA SER D 470 -28.04 11.40 -52.82
C SER D 470 -29.03 10.48 -53.52
N LEU D 471 -29.86 11.03 -54.39
CA LEU D 471 -30.81 10.23 -55.16
C LEU D 471 -30.08 9.16 -55.94
N ARG D 472 -29.10 9.60 -56.74
CA ARG D 472 -28.28 8.69 -57.55
C ARG D 472 -27.63 7.61 -56.71
N ASN D 473 -27.10 7.99 -55.55
CA ASN D 473 -26.55 7.02 -54.60
C ASN D 473 -27.62 6.05 -54.16
N ARG D 474 -28.72 6.59 -53.64
CA ARG D 474 -29.83 5.79 -53.16
C ARG D 474 -30.39 4.92 -54.29
N GLN D 475 -30.49 5.49 -55.49
CA GLN D 475 -30.84 4.70 -56.66
C GLN D 475 -29.87 3.53 -56.83
N SER D 476 -28.58 3.86 -56.89
CA SER D 476 -27.52 2.87 -57.08
C SER D 476 -27.57 1.76 -56.05
N LEU D 477 -27.85 2.11 -54.79
CA LEU D 477 -27.96 1.14 -53.72
C LEU D 477 -29.05 0.12 -54.02
N PHE D 478 -30.21 0.63 -54.44
CA PHE D 478 -31.33 -0.24 -54.84
C PHE D 478 -30.94 -1.07 -56.06
N GLN D 479 -30.39 -0.43 -57.09
CA GLN D 479 -30.00 -1.11 -58.33
C GLN D 479 -29.06 -2.28 -58.08
N GLU D 480 -28.04 -2.05 -57.27
CA GLU D 480 -27.02 -3.05 -56.99
C GLU D 480 -27.61 -4.25 -56.26
N GLU D 481 -28.68 -4.02 -55.50
CA GLU D 481 -29.37 -5.09 -54.80
C GLU D 481 -30.37 -5.79 -55.71
N GLY D 482 -30.44 -5.35 -56.96
CA GLY D 482 -31.29 -5.97 -57.96
C GLY D 482 -32.75 -5.65 -57.81
N MET D 483 -33.05 -4.42 -57.39
CA MET D 483 -34.43 -3.98 -57.20
C MET D 483 -35.15 -3.82 -58.52
N LEU D 484 -34.41 -3.51 -59.57
CA LEU D 484 -34.99 -3.35 -60.90
C LEU D 484 -35.56 -4.66 -61.38
N SER D 485 -34.72 -5.69 -61.43
CA SER D 485 -35.14 -7.04 -61.79
C SER D 485 -36.37 -7.48 -61.00
N LEU D 486 -36.37 -7.14 -59.70
CA LEU D 486 -37.48 -7.45 -58.82
C LEU D 486 -38.76 -6.75 -59.25
N VAL D 487 -38.65 -5.46 -59.54
CA VAL D 487 -39.77 -4.67 -60.03
C VAL D 487 -40.25 -5.22 -61.38
N LEU D 488 -39.29 -5.51 -62.26
CA LEU D 488 -39.57 -6.08 -63.57
C LEU D 488 -40.29 -7.42 -63.46
N ASN D 489 -39.87 -8.24 -62.49
CA ASN D 489 -40.51 -9.52 -62.25
C ASN D 489 -42.00 -9.35 -61.93
N CYS D 490 -42.30 -8.41 -61.05
CA CYS D 490 -43.68 -8.08 -60.70
C CYS D 490 -44.47 -7.67 -61.93
N ILE D 491 -43.88 -6.78 -62.72
CA ILE D 491 -44.50 -6.29 -63.95
C ILE D 491 -44.85 -7.44 -64.89
N ASP D 492 -43.84 -8.22 -65.26
CA ASP D 492 -44.00 -9.35 -66.18
C ASP D 492 -45.09 -10.33 -65.75
N ARG D 493 -45.09 -10.66 -64.46
CA ARG D 493 -46.06 -11.62 -63.92
C ARG D 493 -47.47 -11.05 -63.95
N LEU D 494 -47.59 -9.76 -63.68
CA LEU D 494 -48.88 -9.09 -63.76
C LEU D 494 -49.33 -8.93 -65.22
N ASN D 495 -48.36 -8.77 -66.11
CA ASN D 495 -48.64 -8.56 -67.53
C ASN D 495 -49.26 -9.76 -68.24
N VAL D 496 -49.07 -10.95 -67.67
CA VAL D 496 -49.62 -12.17 -68.24
C VAL D 496 -51.12 -12.04 -68.45
N TYR D 497 -51.79 -11.45 -67.46
CA TYR D 497 -53.20 -11.12 -67.57
C TYR D 497 -53.36 -9.82 -68.36
N THR D 498 -54.10 -9.89 -69.46
CA THR D 498 -54.33 -8.74 -70.33
C THR D 498 -55.09 -7.65 -69.58
N THR D 499 -56.35 -7.94 -69.25
CA THR D 499 -57.20 -7.02 -68.51
C THR D 499 -56.87 -7.08 -67.02
N ALA D 500 -56.98 -8.29 -66.47
CA ALA D 500 -56.66 -8.62 -65.09
C ALA D 500 -56.99 -10.09 -64.92
N ALA D 501 -57.21 -10.52 -63.69
CA ALA D 501 -57.93 -11.77 -63.48
C ALA D 501 -59.32 -11.54 -64.03
N HIS D 502 -59.66 -12.23 -65.12
CA HIS D 502 -60.90 -11.96 -65.83
C HIS D 502 -62.14 -12.12 -64.95
N PHE D 503 -62.04 -12.99 -63.94
CA PHE D 503 -63.14 -13.31 -63.02
C PHE D 503 -62.68 -13.36 -61.56
N ALA D 504 -63.51 -13.96 -60.73
CA ALA D 504 -63.32 -14.04 -59.28
C ALA D 504 -62.05 -14.80 -58.83
N GLU D 505 -61.86 -16.03 -59.31
CA GLU D 505 -60.63 -16.77 -58.98
C GLU D 505 -59.51 -16.32 -59.92
N TYR D 506 -58.31 -16.88 -59.75
CA TYR D 506 -57.11 -16.56 -60.54
C TYR D 506 -56.51 -15.23 -60.08
N ALA D 507 -56.90 -14.94 -58.84
CA ALA D 507 -56.52 -13.82 -58.01
C ALA D 507 -57.72 -13.79 -57.09
N GLY D 508 -57.84 -12.78 -56.23
CA GLY D 508 -59.07 -12.63 -55.49
C GLY D 508 -60.00 -11.82 -56.35
N GLU D 509 -61.28 -11.76 -55.98
CA GLU D 509 -62.19 -10.81 -56.61
C GLU D 509 -61.73 -9.41 -56.25
N GLU D 510 -61.36 -9.23 -54.99
CA GLU D 510 -60.87 -7.95 -54.50
C GLU D 510 -59.46 -7.66 -55.03
N ALA D 511 -58.69 -8.71 -55.28
CA ALA D 511 -57.33 -8.55 -55.77
C ALA D 511 -57.33 -7.97 -57.19
N ALA D 512 -58.33 -8.36 -57.97
CA ALA D 512 -58.46 -7.90 -59.35
C ALA D 512 -58.69 -6.39 -59.40
N GLU D 513 -59.37 -5.86 -58.39
CA GLU D 513 -59.64 -4.43 -58.29
C GLU D 513 -58.37 -3.61 -58.35
N SER D 514 -57.32 -4.11 -57.72
CA SER D 514 -56.09 -3.34 -57.52
C SER D 514 -55.05 -3.54 -58.61
N TRP D 515 -55.32 -4.42 -59.57
CA TRP D 515 -54.31 -4.78 -60.57
C TRP D 515 -53.77 -3.58 -61.35
N LYS D 516 -54.66 -2.74 -61.86
CA LYS D 516 -54.22 -1.63 -62.70
C LYS D 516 -53.41 -0.62 -61.90
N GLU D 517 -53.86 -0.33 -60.68
CA GLU D 517 -53.10 0.51 -59.76
C GLU D 517 -51.67 0.01 -59.63
N ILE D 518 -51.54 -1.23 -59.16
CA ILE D 518 -50.25 -1.87 -58.89
C ILE D 518 -49.30 -1.84 -60.08
N VAL D 519 -49.73 -2.43 -61.19
CA VAL D 519 -48.98 -2.36 -62.45
C VAL D 519 -48.61 -0.91 -62.75
N ASN D 520 -49.55 -0.01 -62.49
CA ASN D 520 -49.30 1.40 -62.76
C ASN D 520 -48.29 2.02 -61.83
N LEU D 521 -48.19 1.49 -60.61
CA LEU D 521 -47.22 2.02 -59.67
C LEU D 521 -45.84 1.40 -59.89
N LEU D 522 -45.82 0.16 -60.38
CA LEU D 522 -44.55 -0.55 -60.64
C LEU D 522 -43.69 0.16 -61.68
N TYR D 523 -44.29 0.46 -62.84
CA TYR D 523 -43.57 1.18 -63.90
C TYR D 523 -43.13 2.57 -63.43
N GLU D 524 -43.99 3.25 -62.66
CA GLU D 524 -43.66 4.57 -62.13
C GLU D 524 -42.47 4.45 -61.18
N LEU D 525 -42.41 3.33 -60.47
CA LEU D 525 -41.26 3.00 -59.64
C LEU D 525 -40.05 2.75 -60.54
N LEU D 526 -40.21 1.83 -61.49
CA LEU D 526 -39.14 1.50 -62.43
C LEU D 526 -38.59 2.76 -63.08
N ALA D 527 -39.50 3.64 -63.48
CA ALA D 527 -39.15 4.97 -63.96
C ALA D 527 -38.19 5.65 -62.99
N SER D 528 -38.65 5.84 -61.75
CA SER D 528 -37.92 6.56 -60.73
C SER D 528 -36.55 5.96 -60.42
N LEU D 529 -36.43 4.65 -60.59
CA LEU D 529 -35.15 3.97 -60.38
C LEU D 529 -34.12 4.42 -61.40
N ILE D 530 -34.58 4.65 -62.63
CA ILE D 530 -33.71 5.04 -63.72
C ILE D 530 -33.54 6.56 -63.79
N ARG D 531 -34.63 7.27 -63.54
CA ARG D 531 -34.68 8.73 -63.65
C ARG D 531 -33.49 9.46 -63.02
N GLY D 532 -33.08 10.54 -63.65
CA GLY D 532 -31.84 11.22 -63.27
C GLY D 532 -30.73 10.74 -64.19
N ASN D 533 -30.64 11.37 -65.36
CA ASN D 533 -29.69 10.96 -66.38
C ASN D 533 -28.24 11.06 -65.91
N UNK D 590 -28.05 3.07 -62.60
CA UNK D 590 -27.63 4.19 -63.41
C UNK D 590 -27.75 3.86 -64.90
N UNK D 591 -26.85 4.40 -65.70
CA UNK D 591 -26.92 4.24 -67.14
C UNK D 591 -26.80 2.79 -67.58
N UNK D 592 -25.91 2.04 -66.94
CA UNK D 592 -25.73 0.62 -67.23
C UNK D 592 -26.96 -0.22 -66.91
N UNK D 593 -27.58 0.12 -65.78
CA UNK D 593 -28.79 -0.55 -65.37
C UNK D 593 -29.80 -0.25 -66.44
N UNK D 594 -29.76 0.99 -66.90
CA UNK D 594 -30.67 1.45 -67.91
C UNK D 594 -30.51 0.66 -69.20
N UNK D 595 -29.27 0.36 -69.60
CA UNK D 595 -29.00 -0.45 -70.78
C UNK D 595 -29.49 -1.90 -70.67
N UNK D 596 -29.31 -2.49 -69.50
CA UNK D 596 -29.82 -3.85 -69.31
C UNK D 596 -31.34 -3.78 -69.44
N UNK D 597 -31.86 -2.72 -68.85
CA UNK D 597 -33.28 -2.47 -68.77
C UNK D 597 -33.76 -2.35 -70.18
N UNK D 598 -32.93 -1.75 -71.01
CA UNK D 598 -33.11 -1.51 -72.44
C UNK D 598 -33.19 -2.75 -73.30
N UNK D 599 -32.37 -3.76 -73.03
CA UNK D 599 -32.60 -5.04 -73.71
C UNK D 599 -33.96 -5.61 -73.25
N UNK D 600 -34.15 -5.50 -71.95
CA UNK D 600 -35.36 -6.02 -71.36
C UNK D 600 -36.54 -5.28 -71.95
N UNK D 601 -36.26 -4.08 -72.45
CA UNK D 601 -37.25 -3.12 -72.87
C UNK D 601 -37.37 -2.97 -74.36
N UNK D 602 -36.54 -3.69 -75.11
CA UNK D 602 -36.88 -4.18 -76.42
C UNK D 602 -38.01 -5.14 -76.11
N UNK D 603 -37.80 -5.94 -75.06
CA UNK D 603 -38.92 -6.77 -74.62
C UNK D 603 -40.05 -5.83 -74.21
N UNK D 604 -39.70 -4.70 -73.59
CA UNK D 604 -40.67 -3.74 -73.10
C UNK D 604 -41.49 -3.08 -74.21
N UNK D 605 -40.84 -2.79 -75.34
CA UNK D 605 -41.49 -2.21 -76.50
C UNK D 605 -42.47 -3.22 -77.01
N UNK D 606 -42.05 -4.48 -76.99
CA UNK D 606 -42.93 -5.52 -77.43
C UNK D 606 -44.16 -5.52 -76.54
N UNK D 607 -43.94 -5.38 -75.23
CA UNK D 607 -45.02 -5.36 -74.26
C UNK D 607 -45.97 -4.16 -74.47
N UNK D 608 -45.37 -3.02 -74.80
CA UNK D 608 -46.09 -1.77 -75.02
C UNK D 608 -47.02 -1.96 -76.18
N UNK D 609 -49.09 3.18 -71.27
CA UNK D 609 -49.22 4.64 -71.29
C UNK D 609 -48.17 5.24 -70.41
N UNK D 610 -48.41 5.17 -69.10
CA UNK D 610 -47.49 5.70 -68.13
C UNK D 610 -46.19 4.95 -68.31
N UNK D 611 -46.30 3.66 -68.60
CA UNK D 611 -45.13 2.86 -68.87
C UNK D 611 -44.46 3.48 -70.08
N UNK D 612 -45.26 3.97 -71.02
CA UNK D 612 -44.72 4.56 -72.23
C UNK D 612 -43.89 5.81 -71.93
N UNK D 613 -44.40 6.64 -71.03
CA UNK D 613 -43.70 7.83 -70.61
C UNK D 613 -42.41 7.44 -69.92
N UNK D 614 -42.48 6.39 -69.12
CA UNK D 614 -41.30 5.94 -68.41
C UNK D 614 -40.25 5.53 -69.42
N UNK D 615 -40.69 4.84 -70.47
CA UNK D 615 -39.79 4.37 -71.49
C UNK D 615 -39.13 5.54 -72.19
N UNK D 616 -39.93 6.55 -72.47
CA UNK D 616 -39.41 7.73 -73.14
C UNK D 616 -38.35 8.41 -72.27
N UNK D 617 -38.64 8.47 -70.98
CA UNK D 617 -37.71 9.07 -70.03
C UNK D 617 -36.41 8.28 -70.01
N UNK D 618 -36.52 6.96 -70.05
CA UNK D 618 -35.35 6.10 -70.05
C UNK D 618 -34.53 6.34 -71.30
N UNK D 619 -35.22 6.50 -72.43
CA UNK D 619 -34.55 6.76 -73.69
C UNK D 619 -33.80 8.08 -73.61
N UNK D 620 -34.33 9.03 -72.88
CA UNK D 620 -33.61 10.29 -72.77
C UNK D 620 -32.24 10.06 -72.17
N UNK D 621 -32.17 9.20 -71.16
CA UNK D 621 -30.90 8.86 -70.49
C UNK D 621 -29.83 8.15 -71.32
N UNK D 622 -30.24 7.19 -72.14
CA UNK D 622 -29.36 6.16 -72.72
C UNK D 622 -28.25 6.60 -73.68
N UNK D 623 -27.13 5.87 -73.64
CA UNK D 623 -26.01 6.07 -74.56
C UNK D 623 -26.25 5.54 -75.97
N UNK D 624 -25.51 6.10 -76.93
CA UNK D 624 -25.71 5.82 -78.36
C UNK D 624 -25.95 4.33 -78.61
N UNK D 625 -25.23 3.50 -77.87
CA UNK D 625 -25.40 2.06 -77.96
C UNK D 625 -26.82 1.71 -77.51
N UNK D 626 -27.28 2.38 -76.47
CA UNK D 626 -28.61 2.11 -75.95
C UNK D 626 -29.58 2.43 -77.06
N UNK D 627 -29.34 3.56 -77.71
CA UNK D 627 -30.16 3.94 -78.84
C UNK D 627 -30.01 2.93 -79.96
N UNK D 628 -28.77 2.51 -80.21
CA UNK D 628 -28.48 1.69 -81.39
C UNK D 628 -29.20 0.35 -81.37
N UNK D 629 -29.19 -0.30 -80.22
CA UNK D 629 -29.82 -1.60 -80.10
C UNK D 629 -31.32 -1.52 -80.30
N UNK D 630 -31.89 -0.43 -79.82
CA UNK D 630 -33.32 -0.16 -80.02
C UNK D 630 -33.58 0.01 -81.49
N UNK D 631 -32.47 0.31 -82.18
CA UNK D 631 -32.36 0.91 -83.51
C UNK D 631 -32.85 0.23 -84.80
N UNK D 632 -32.66 -1.08 -84.97
CA UNK D 632 -32.98 -1.72 -86.27
C UNK D 632 -34.05 -2.82 -86.20
N UNK D 633 -33.81 -3.79 -85.33
CA UNK D 633 -34.86 -4.63 -84.80
C UNK D 633 -35.72 -3.67 -83.99
N UNK D 634 -35.04 -2.77 -83.28
CA UNK D 634 -35.65 -1.65 -82.61
C UNK D 634 -36.07 -0.58 -83.61
N UNK D 635 -35.57 -0.66 -84.84
CA UNK D 635 -36.11 0.09 -85.98
C UNK D 635 -37.52 -0.38 -86.29
N UNK D 636 -37.67 -1.69 -86.26
CA UNK D 636 -38.98 -2.32 -86.35
C UNK D 636 -39.77 -1.87 -85.13
N UNK D 637 -39.06 -1.76 -84.01
CA UNK D 637 -39.66 -1.34 -82.75
C UNK D 637 -40.20 0.07 -82.89
N UNK D 638 -39.47 0.89 -83.64
CA UNK D 638 -39.76 2.26 -84.03
C UNK D 638 -40.97 2.39 -84.97
N UNK D 639 -41.10 1.44 -85.88
CA UNK D 639 -42.30 1.38 -86.69
C UNK D 639 -43.42 1.12 -85.70
N UNK D 640 -43.13 0.29 -84.71
CA UNK D 640 -44.06 -0.03 -83.63
C UNK D 640 -44.42 1.22 -82.84
N UNK D 641 -43.45 2.08 -82.62
CA UNK D 641 -43.62 3.36 -81.96
C UNK D 641 -44.52 4.31 -82.74
N UNK D 642 -44.35 4.32 -84.05
CA UNK D 642 -45.22 5.11 -84.90
C UNK D 642 -46.63 4.57 -84.76
N UNK D 643 -46.71 3.26 -84.67
CA UNK D 643 -47.98 2.58 -84.49
C UNK D 643 -48.62 2.98 -83.17
N UNK D 644 -47.81 3.08 -82.14
CA UNK D 644 -48.24 3.48 -80.81
C UNK D 644 -48.76 4.91 -80.86
N UNK D 645 -48.09 5.73 -81.64
CA UNK D 645 -48.49 7.11 -81.84
C UNK D 645 -49.87 7.16 -82.48
N UNK D 646 -50.10 6.32 -83.47
CA UNK D 646 -51.42 6.28 -84.08
C UNK D 646 -52.40 5.84 -83.01
N UNK D 647 -51.98 4.84 -82.26
CA UNK D 647 -52.78 4.23 -81.21
C UNK D 647 -53.09 5.22 -80.13
N UNK D 648 -52.12 6.00 -79.70
CA UNK D 648 -52.45 7.06 -78.76
C UNK D 648 -53.61 7.80 -79.35
N PHE D 649 -74.18 17.77 -81.96
CA PHE D 649 -72.73 17.71 -82.07
C PHE D 649 -72.29 16.38 -82.68
N VAL D 650 -71.03 16.32 -83.08
CA VAL D 650 -70.46 15.09 -83.63
C VAL D 650 -69.29 14.63 -82.76
N GLY D 651 -69.30 13.36 -82.39
CA GLY D 651 -68.29 12.83 -81.49
C GLY D 651 -67.64 11.53 -81.95
N ARG D 652 -66.32 11.54 -82.05
CA ARG D 652 -65.57 10.34 -82.39
C ARG D 652 -64.90 9.75 -81.15
N ALA D 653 -64.64 8.45 -81.17
CA ALA D 653 -64.00 7.78 -80.04
C ALA D 653 -62.49 8.01 -80.02
N GLU D 654 -61.81 7.40 -79.05
CA GLU D 654 -60.38 7.65 -78.82
C GLU D 654 -59.45 6.67 -79.54
N GLY D 655 -59.93 5.46 -79.78
CA GLY D 655 -59.12 4.48 -80.46
C GLY D 655 -59.81 3.93 -81.69
N SER D 656 -59.07 3.14 -82.47
CA SER D 656 -59.58 2.64 -83.75
C SER D 656 -58.83 1.40 -84.26
N THR D 657 -59.41 0.71 -85.23
CA THR D 657 -58.74 -0.42 -85.87
C THR D 657 -58.35 -0.04 -87.31
N GLN D 658 -57.05 -0.15 -87.60
CA GLN D 658 -56.51 0.30 -88.88
C GLN D 658 -56.97 -0.42 -90.15
N TYR D 659 -57.06 -1.74 -90.12
CA TYR D 659 -57.31 -2.52 -91.33
C TYR D 659 -58.21 -3.73 -91.14
N GLY D 660 -58.82 -4.19 -92.24
CA GLY D 660 -59.66 -5.38 -92.21
C GLY D 660 -60.96 -5.34 -91.37
N LYS D 661 -61.33 -6.44 -90.72
CA LYS D 661 -62.68 -6.54 -90.15
C LYS D 661 -62.82 -6.16 -88.68
N TRP D 662 -63.63 -5.15 -88.39
CA TRP D 662 -64.02 -4.86 -87.00
C TRP D 662 -65.48 -4.52 -86.92
N TYR D 663 -65.91 -4.35 -85.68
CA TYR D 663 -67.30 -4.18 -85.37
C TYR D 663 -67.39 -3.48 -84.02
N PHE D 664 -68.43 -2.70 -83.86
CA PHE D 664 -68.72 -2.08 -82.57
C PHE D 664 -70.24 -1.96 -82.51
N GLU D 665 -70.77 -1.82 -81.30
CA GLU D 665 -72.21 -1.73 -81.16
C GLU D 665 -72.61 -0.45 -80.45
N VAL D 666 -73.79 0.05 -80.80
CA VAL D 666 -74.31 1.28 -80.22
C VAL D 666 -75.71 1.04 -79.67
N MET D 667 -75.83 1.03 -78.36
CA MET D 667 -77.12 0.77 -77.72
C MET D 667 -77.74 2.06 -77.18
N VAL D 668 -78.92 2.38 -77.68
CA VAL D 668 -79.65 3.56 -77.23
C VAL D 668 -80.26 3.34 -75.85
N ASP D 669 -79.76 4.08 -74.87
CA ASP D 669 -80.28 3.97 -73.51
C ASP D 669 -81.66 4.62 -73.43
N GLU D 670 -81.78 5.83 -73.98
CA GLU D 670 -83.07 6.53 -74.01
C GLU D 670 -83.07 7.71 -74.99
N VAL D 671 -84.26 8.09 -75.44
CA VAL D 671 -84.45 9.23 -76.33
C VAL D 671 -85.48 10.18 -75.71
N VAL D 672 -85.41 11.45 -76.07
CA VAL D 672 -86.40 12.47 -75.70
C VAL D 672 -87.82 12.04 -76.12
N PRO D 673 -88.87 12.78 -75.70
CA PRO D 673 -90.21 12.29 -76.05
C PRO D 673 -90.57 12.30 -77.54
N PHE D 674 -89.59 12.57 -78.41
CA PHE D 674 -89.79 12.64 -79.87
C PHE D 674 -90.65 13.82 -80.27
N LEU D 675 -90.07 14.73 -81.05
CA LEU D 675 -90.74 15.97 -81.46
C LEU D 675 -91.79 15.72 -82.54
N THR D 676 -92.63 16.72 -82.77
CA THR D 676 -93.78 16.58 -83.67
C THR D 676 -93.38 16.55 -85.15
N ALA D 677 -92.13 16.84 -85.45
CA ALA D 677 -91.65 16.81 -86.82
C ALA D 677 -90.81 15.56 -87.08
N GLN D 678 -89.56 15.76 -87.48
CA GLN D 678 -88.65 14.64 -87.75
C GLN D 678 -87.73 14.36 -86.57
N ALA D 679 -87.28 15.43 -85.91
CA ALA D 679 -86.36 15.35 -84.78
C ALA D 679 -86.89 14.44 -83.66
N THR D 680 -86.01 13.85 -82.85
CA THR D 680 -84.56 14.07 -82.91
C THR D 680 -83.80 12.86 -83.44
N HIS D 681 -82.62 13.11 -83.99
CA HIS D 681 -81.86 12.06 -84.66
C HIS D 681 -80.60 11.65 -83.90
N LEU D 682 -80.34 10.35 -83.89
CA LEU D 682 -79.14 9.79 -83.29
C LEU D 682 -78.34 9.06 -84.36
N ARG D 683 -77.73 9.82 -85.26
CA ARG D 683 -77.04 9.26 -86.42
C ARG D 683 -75.74 8.56 -86.03
N VAL D 684 -75.56 7.34 -86.52
CA VAL D 684 -74.39 6.53 -86.17
C VAL D 684 -73.60 6.12 -87.42
N GLY D 685 -72.29 5.96 -87.27
CA GLY D 685 -71.46 5.58 -88.39
C GLY D 685 -69.96 5.54 -88.10
N TRP D 686 -69.16 5.89 -89.11
CA TRP D 686 -67.72 5.86 -89.01
C TRP D 686 -67.13 7.07 -89.74
N ALA D 687 -66.02 7.62 -89.25
CA ALA D 687 -65.48 8.87 -89.79
C ALA D 687 -64.00 9.10 -89.56
N LEU D 688 -63.32 9.58 -90.60
CA LEU D 688 -61.93 10.02 -90.47
C LEU D 688 -61.81 11.19 -89.51
N THR D 689 -60.58 11.61 -89.22
CA THR D 689 -60.32 12.59 -88.15
C THR D 689 -60.48 14.04 -88.57
N GLU D 690 -60.52 14.30 -89.87
CA GLU D 690 -60.84 15.63 -90.36
C GLU D 690 -62.36 15.80 -90.36
N GLY D 691 -63.07 14.77 -89.93
CA GLY D 691 -64.52 14.79 -89.89
C GLY D 691 -65.10 15.84 -88.97
N GLY D 706 -74.82 15.91 -89.12
CA GLY D 706 -74.01 15.04 -88.29
C GLY D 706 -73.05 14.19 -89.09
N VAL D 707 -72.98 12.91 -88.74
CA VAL D 707 -72.05 11.97 -89.37
C VAL D 707 -72.36 11.74 -90.84
N GLY D 708 -71.55 12.33 -91.71
CA GLY D 708 -71.73 12.16 -93.15
C GLY D 708 -72.04 13.46 -93.83
N ASP D 709 -71.84 14.58 -93.13
CA ASP D 709 -72.10 15.89 -93.70
C ASP D 709 -70.89 16.39 -94.47
N ASP D 710 -69.83 15.58 -94.53
CA ASP D 710 -68.63 15.95 -95.26
C ASP D 710 -67.94 14.76 -95.92
N LEU D 711 -66.76 15.03 -96.49
CA LEU D 711 -65.99 14.04 -97.23
C LEU D 711 -65.30 13.01 -96.34
N TYR D 712 -65.40 13.19 -95.02
CA TYR D 712 -64.64 12.34 -94.10
C TYR D 712 -65.50 11.39 -93.28
N SER D 713 -66.82 11.38 -93.51
CA SER D 713 -67.72 10.59 -92.67
C SER D 713 -68.88 9.92 -93.42
N TYR D 714 -69.43 8.88 -92.80
CA TYR D 714 -70.57 8.15 -93.34
C TYR D 714 -71.45 7.65 -92.19
N GLY D 715 -72.77 7.84 -92.28
CA GLY D 715 -73.65 7.44 -91.19
C GLY D 715 -75.13 7.26 -91.51
N PHE D 716 -75.83 6.54 -90.64
CA PHE D 716 -77.24 6.23 -90.82
C PHE D 716 -78.11 6.94 -89.76
N ASP D 717 -79.25 7.47 -90.21
CA ASP D 717 -80.13 8.24 -89.33
C ASP D 717 -81.17 7.36 -88.64
N GLY D 718 -81.41 7.64 -87.36
CA GLY D 718 -82.33 6.84 -86.56
C GLY D 718 -83.80 7.01 -86.92
N LEU D 719 -84.20 8.22 -87.29
CA LEU D 719 -85.60 8.51 -87.59
C LEU D 719 -85.85 8.81 -89.07
N HIS D 720 -84.87 9.44 -89.72
CA HIS D 720 -85.01 9.75 -91.15
C HIS D 720 -84.88 8.47 -91.96
N LEU D 721 -84.13 7.51 -91.41
CA LEU D 721 -83.95 6.18 -91.97
C LEU D 721 -83.19 6.17 -93.28
N TRP D 722 -82.42 7.23 -93.52
CA TRP D 722 -81.56 7.30 -94.70
C TRP D 722 -80.10 7.17 -94.32
N THR D 723 -79.37 6.29 -95.00
CA THR D 723 -77.94 6.18 -94.80
C THR D 723 -77.24 7.25 -95.65
N GLY D 724 -76.54 8.17 -94.97
CA GLY D 724 -75.88 9.26 -95.65
C GLY D 724 -74.41 9.01 -95.90
N HIS D 725 -73.99 9.17 -97.14
CA HIS D 725 -72.59 8.99 -97.51
C HIS D 725 -72.06 10.24 -98.15
N VAL D 726 -71.52 11.13 -97.33
CA VAL D 726 -70.99 12.38 -97.84
C VAL D 726 -72.11 13.06 -98.58
N ALA D 727 -72.70 14.11 -98.02
CA ALA D 727 -73.82 14.76 -98.71
C ALA D 727 -73.27 15.21 -100.05
N ARG D 728 -74.01 14.91 -101.11
CA ARG D 728 -73.44 14.96 -102.44
C ARG D 728 -72.31 13.92 -102.47
N PRO D 729 -72.47 12.74 -103.20
CA PRO D 729 -73.64 12.67 -104.09
C PRO D 729 -74.87 11.90 -103.60
N VAL D 730 -74.89 11.29 -102.40
CA VAL D 730 -76.08 10.50 -102.09
C VAL D 730 -76.36 10.26 -100.60
N THR D 731 -77.58 10.59 -100.20
CA THR D 731 -78.16 10.12 -98.95
C THR D 731 -79.49 9.45 -99.33
N SER D 732 -79.67 8.19 -98.93
CA SER D 732 -80.80 7.40 -99.45
C SER D 732 -81.37 6.42 -98.41
N PRO D 733 -82.67 6.07 -98.55
CA PRO D 733 -83.39 5.17 -97.64
C PRO D 733 -82.70 3.83 -97.41
N GLY D 734 -82.73 3.36 -96.17
CA GLY D 734 -82.10 2.10 -95.81
C GLY D 734 -83.02 1.13 -95.08
N GLN D 735 -83.25 1.37 -93.80
CA GLN D 735 -83.99 0.43 -92.97
C GLN D 735 -85.10 1.07 -92.16
N HIS D 736 -85.52 0.37 -91.11
CA HIS D 736 -86.68 0.75 -90.31
C HIS D 736 -86.31 1.63 -89.12
N LEU D 737 -87.32 2.05 -88.37
CA LEU D 737 -87.16 3.01 -87.29
C LEU D 737 -86.30 2.50 -86.15
N LEU D 738 -85.50 3.40 -85.59
CA LEU D 738 -84.71 3.10 -84.40
C LEU D 738 -85.26 3.87 -83.20
N ALA D 739 -85.09 3.29 -82.01
CA ALA D 739 -85.72 3.80 -80.79
C ALA D 739 -84.93 3.31 -79.58
N PRO D 740 -85.26 3.77 -78.36
CA PRO D 740 -84.56 3.23 -77.19
C PRO D 740 -84.58 1.70 -77.10
N GLU D 741 -83.53 1.14 -76.50
CA GLU D 741 -83.29 -0.30 -76.36
C GLU D 741 -82.73 -0.95 -77.63
N ASP D 742 -82.74 -0.22 -78.75
CA ASP D 742 -82.20 -0.76 -79.99
C ASP D 742 -80.68 -0.80 -79.95
N VAL D 743 -80.12 -1.92 -80.44
CA VAL D 743 -78.67 -2.07 -80.53
C VAL D 743 -78.23 -2.13 -81.99
N VAL D 744 -77.59 -1.08 -82.47
CA VAL D 744 -77.09 -1.03 -83.84
C VAL D 744 -75.64 -1.47 -83.91
N SER D 745 -75.38 -2.54 -84.65
CA SER D 745 -74.03 -3.04 -84.84
C SER D 745 -73.45 -2.53 -86.14
N CYS D 746 -72.29 -1.90 -86.06
CA CYS D 746 -71.63 -1.42 -87.26
C CYS D 746 -70.43 -2.30 -87.58
N CYS D 747 -70.60 -3.18 -88.55
CA CYS D 747 -69.49 -4.01 -89.00
C CYS D 747 -68.89 -3.43 -90.27
N LEU D 748 -67.65 -2.97 -90.15
CA LEU D 748 -66.89 -2.50 -91.29
C LEU D 748 -65.93 -3.59 -91.76
N ASP D 749 -66.36 -4.44 -92.69
CA ASP D 749 -65.44 -5.38 -93.31
C ASP D 749 -64.43 -4.63 -94.17
N LEU D 750 -63.16 -5.02 -94.03
CA LEU D 750 -62.05 -4.37 -94.74
C LEU D 750 -62.02 -4.50 -96.27
N SER D 751 -62.37 -5.69 -96.77
CA SER D 751 -62.00 -6.12 -98.10
C SER D 751 -62.52 -5.33 -99.33
N VAL D 752 -63.79 -4.92 -99.32
CA VAL D 752 -64.35 -4.31 -100.52
C VAL D 752 -63.69 -2.98 -100.96
N PRO D 753 -63.34 -2.02 -100.01
CA PRO D 753 -63.78 -2.28 -98.62
C PRO D 753 -65.29 -2.17 -98.50
N SER D 754 -65.88 -3.09 -97.75
CA SER D 754 -67.33 -3.19 -97.60
C SER D 754 -67.81 -2.99 -96.17
N ILE D 755 -68.72 -2.04 -95.97
CA ILE D 755 -69.19 -1.73 -94.63
C ILE D 755 -70.70 -1.89 -94.48
N SER D 756 -71.13 -2.62 -93.45
CA SER D 756 -72.54 -2.95 -93.27
C SER D 756 -73.02 -2.74 -91.84
N PHE D 757 -74.32 -2.52 -91.68
CA PHE D 757 -74.93 -2.39 -90.37
C PHE D 757 -75.77 -3.62 -90.02
N ARG D 758 -75.95 -3.85 -88.73
CA ARG D 758 -76.92 -4.83 -88.23
C ARG D 758 -77.78 -4.17 -87.18
N ILE D 759 -79.09 -4.40 -87.26
CA ILE D 759 -80.02 -3.80 -86.31
C ILE D 759 -80.68 -4.87 -85.45
N ASN D 760 -80.34 -4.86 -84.16
CA ASN D 760 -80.77 -5.90 -83.22
C ASN D 760 -80.40 -7.29 -83.72
N GLY D 761 -79.23 -7.39 -84.36
CA GLY D 761 -78.73 -8.66 -84.84
C GLY D 761 -78.99 -8.93 -86.30
N CYS D 762 -79.90 -8.15 -86.89
CA CYS D 762 -80.31 -8.37 -88.28
C CYS D 762 -79.52 -7.51 -89.27
N PRO D 763 -78.74 -8.17 -90.14
CA PRO D 763 -77.96 -7.49 -91.18
C PRO D 763 -78.83 -6.66 -92.12
N VAL D 764 -78.40 -5.43 -92.40
CA VAL D 764 -79.13 -4.54 -93.29
C VAL D 764 -78.59 -4.66 -94.72
N GLN D 765 -77.67 -5.61 -94.89
CA GLN D 765 -76.85 -5.80 -96.10
C GLN D 765 -75.73 -4.78 -96.18
N GLY D 766 -74.73 -5.07 -97.02
CA GLY D 766 -73.67 -4.13 -97.31
C GLY D 766 -74.26 -2.91 -97.99
N VAL D 767 -74.06 -1.75 -97.37
CA VAL D 767 -74.64 -0.51 -97.88
C VAL D 767 -73.92 -0.08 -99.16
N PHE D 768 -72.63 0.17 -99.07
CA PHE D 768 -71.81 0.45 -100.25
C PHE D 768 -70.41 -0.13 -100.11
N GLU D 769 -69.65 -0.06 -101.20
CA GLU D 769 -68.26 -0.52 -101.21
C GLU D 769 -67.33 0.56 -101.74
N ALA D 770 -66.02 0.35 -101.54
CA ALA D 770 -64.98 1.27 -102.01
C ALA D 770 -65.15 2.70 -101.49
N PHE D 771 -65.12 2.85 -100.17
CA PHE D 771 -65.30 4.17 -99.55
C PHE D 771 -64.00 4.99 -99.57
N ASN D 772 -64.06 6.20 -99.00
CA ASN D 772 -62.86 7.03 -98.87
C ASN D 772 -62.16 6.67 -97.57
N LEU D 773 -61.35 5.64 -97.65
CA LEU D 773 -60.88 4.92 -96.49
C LEU D 773 -59.40 5.12 -96.37
N ASP D 774 -58.90 5.97 -97.25
CA ASP D 774 -57.56 6.49 -97.24
C ASP D 774 -57.23 7.14 -95.90
N GLY D 775 -57.11 6.34 -94.85
CA GLY D 775 -56.74 6.89 -93.56
C GLY D 775 -57.44 6.30 -92.37
N LEU D 776 -57.67 7.13 -91.37
CA LEU D 776 -58.11 6.64 -90.09
C LEU D 776 -59.47 7.13 -89.66
N PHE D 777 -60.42 6.20 -89.66
CA PHE D 777 -61.74 6.50 -89.15
C PHE D 777 -61.73 6.39 -87.65
N PHE D 778 -62.92 6.56 -87.09
CA PHE D 778 -63.16 6.50 -85.66
C PHE D 778 -64.63 6.20 -85.55
N PRO D 779 -65.03 5.38 -84.55
CA PRO D 779 -66.47 5.18 -84.43
C PRO D 779 -67.13 6.47 -84.01
N VAL D 780 -68.06 6.96 -84.84
CA VAL D 780 -68.61 8.28 -84.64
C VAL D 780 -70.13 8.27 -84.60
N VAL D 781 -70.67 8.97 -83.62
CA VAL D 781 -72.11 9.15 -83.48
C VAL D 781 -72.38 10.63 -83.26
N SER D 782 -73.35 11.17 -83.97
CA SER D 782 -73.73 12.56 -83.81
C SER D 782 -75.08 12.64 -83.13
N PHE D 783 -75.23 13.59 -82.21
CA PHE D 783 -76.43 13.62 -81.38
C PHE D 783 -77.24 14.92 -81.49
N SER D 784 -78.54 14.79 -81.30
CA SER D 784 -79.43 15.94 -81.14
C SER D 784 -80.23 15.76 -79.86
N ALA D 785 -80.37 16.83 -79.09
CA ALA D 785 -81.19 16.79 -77.89
C ALA D 785 -80.46 16.12 -76.73
N GLY D 786 -81.15 16.00 -75.59
CA GLY D 786 -80.63 15.29 -74.44
C GLY D 786 -80.97 13.81 -74.40
N VAL D 787 -80.34 13.04 -75.28
CA VAL D 787 -80.52 11.59 -75.29
C VAL D 787 -79.34 10.93 -74.59
N LYS D 788 -79.39 9.61 -74.44
CA LYS D 788 -78.34 8.88 -73.76
C LYS D 788 -78.06 7.54 -74.46
N VAL D 789 -76.79 7.23 -74.65
CA VAL D 789 -76.37 6.07 -75.43
C VAL D 789 -75.15 5.37 -74.83
N ARG D 790 -75.19 4.05 -74.79
CA ARG D 790 -74.05 3.25 -74.33
C ARG D 790 -73.28 2.66 -75.51
N PHE D 791 -71.97 2.55 -75.37
CA PHE D 791 -71.11 2.08 -76.46
C PHE D 791 -70.38 0.78 -76.15
N LEU D 792 -70.37 -0.12 -77.13
CA LEU D 792 -69.60 -1.36 -77.03
C LEU D 792 -68.59 -1.43 -78.17
N LEU D 793 -67.33 -1.12 -77.86
CA LEU D 793 -66.29 -0.99 -78.88
C LEU D 793 -65.63 -2.31 -79.25
N GLY D 794 -65.90 -3.35 -78.47
CA GLY D 794 -65.35 -4.67 -78.76
C GLY D 794 -64.01 -4.93 -78.07
N GLY D 795 -63.45 -6.11 -78.32
CA GLY D 795 -64.04 -7.08 -79.23
C GLY D 795 -65.04 -8.01 -78.54
N ARG D 796 -65.12 -7.90 -77.22
CA ARG D 796 -66.07 -8.70 -76.45
C ARG D 796 -67.29 -7.87 -76.04
N HIS D 797 -68.45 -8.26 -76.55
CA HIS D 797 -69.69 -7.56 -76.25
C HIS D 797 -70.56 -8.37 -75.28
N GLY D 798 -71.33 -7.66 -74.47
CA GLY D 798 -72.20 -8.30 -73.50
C GLY D 798 -73.41 -8.94 -74.15
N PHE D 851 -90.12 32.71 -101.98
CA PHE D 851 -91.49 33.10 -101.69
C PHE D 851 -92.46 31.97 -101.99
N VAL D 852 -93.20 31.52 -100.97
CA VAL D 852 -94.28 30.57 -101.19
C VAL D 852 -95.59 31.18 -100.71
N PRO D 853 -96.16 32.09 -101.50
CA PRO D 853 -97.43 32.71 -101.15
C PRO D 853 -98.56 31.71 -101.18
N CYS D 854 -99.26 31.59 -100.07
CA CYS D 854 -100.40 30.70 -99.98
C CYS D 854 -101.62 31.48 -99.54
N PRO D 855 -102.50 31.81 -100.50
CA PRO D 855 -103.75 32.51 -100.19
C PRO D 855 -104.63 31.64 -99.31
N VAL D 856 -105.49 32.26 -98.49
CA VAL D 856 -106.39 31.49 -97.65
C VAL D 856 -107.37 30.73 -98.53
N ASP D 857 -107.44 29.41 -98.34
CA ASP D 857 -108.35 28.57 -99.11
C ASP D 857 -109.79 28.76 -98.65
N THR D 858 -110.62 29.29 -99.53
CA THR D 858 -112.02 29.56 -99.21
C THR D 858 -112.97 28.77 -100.11
N VAL D 859 -112.48 27.66 -100.64
CA VAL D 859 -113.24 26.87 -101.60
C VAL D 859 -114.47 26.21 -100.97
N GLN D 860 -114.42 26.04 -99.65
CA GLN D 860 -115.51 25.37 -98.94
C GLN D 860 -116.24 26.28 -97.96
N ILE D 861 -116.07 27.58 -98.14
CA ILE D 861 -116.73 28.56 -97.26
C ILE D 861 -118.12 28.90 -97.75
N VAL D 862 -119.11 28.78 -96.86
CA VAL D 862 -120.46 29.20 -97.17
C VAL D 862 -120.75 30.54 -96.52
N LEU D 863 -121.21 31.49 -97.32
CA LEU D 863 -121.58 32.81 -96.82
C LEU D 863 -122.94 32.76 -96.15
N PRO D 864 -122.98 33.07 -94.84
CA PRO D 864 -124.23 33.07 -94.07
C PRO D 864 -125.18 34.17 -94.55
N PRO D 865 -126.50 33.95 -94.38
CA PRO D 865 -127.57 34.87 -94.82
C PRO D 865 -127.41 36.31 -94.29
N HIS D 866 -126.78 36.46 -93.12
CA HIS D 866 -126.62 37.77 -92.50
C HIS D 866 -125.80 38.75 -93.35
N LEU D 867 -125.07 38.23 -94.34
CA LEU D 867 -124.17 39.04 -95.14
C LEU D 867 -124.70 39.38 -96.52
N GLU D 868 -125.86 38.82 -96.88
CA GLU D 868 -126.44 39.06 -98.19
C GLU D 868 -126.77 40.54 -98.40
N ARG D 869 -127.21 41.20 -97.33
CA ARG D 869 -127.56 42.62 -97.40
C ARG D 869 -126.32 43.48 -97.73
N ILE D 870 -125.18 43.11 -97.17
CA ILE D 870 -123.92 43.81 -97.45
C ILE D 870 -123.50 43.60 -98.90
N ARG D 871 -123.48 42.35 -99.34
CA ARG D 871 -123.05 42.00 -100.70
C ARG D 871 -123.85 42.78 -101.73
N GLU D 872 -125.16 42.82 -101.54
CA GLU D 872 -126.05 43.55 -102.43
C GLU D 872 -125.78 45.07 -102.38
N LYS D 873 -125.62 45.59 -101.17
CA LYS D 873 -125.40 47.02 -100.99
C LYS D 873 -124.02 47.46 -101.49
N LEU D 874 -123.00 46.69 -101.15
CA LEU D 874 -121.64 47.01 -101.57
C LEU D 874 -121.48 46.86 -103.09
N ALA D 875 -122.14 45.86 -103.66
CA ALA D 875 -122.09 45.65 -105.10
C ALA D 875 -122.72 46.82 -105.84
N GLU D 876 -123.84 47.31 -105.33
CA GLU D 876 -124.49 48.47 -105.92
C GLU D 876 -123.57 49.68 -105.86
N ASN D 877 -122.83 49.78 -104.76
CA ASN D 877 -121.89 50.89 -104.57
C ASN D 877 -120.68 50.79 -105.51
N ILE D 878 -120.08 49.61 -105.57
CA ILE D 878 -118.99 49.32 -106.51
C ILE D 878 -119.39 49.75 -107.90
N HIS D 879 -120.65 49.46 -108.23
CA HIS D 879 -121.19 49.76 -109.54
C HIS D 879 -121.33 51.24 -109.81
N GLU D 880 -121.97 51.95 -108.88
CA GLU D 880 -122.17 53.39 -109.01
C GLU D 880 -120.84 54.11 -109.18
N LEU D 881 -119.83 53.60 -108.49
CA LEU D 881 -118.47 54.08 -108.66
C LEU D 881 -117.99 53.83 -110.10
N TRP D 882 -118.16 52.60 -110.56
CA TRP D 882 -117.78 52.22 -111.92
C TRP D 882 -118.52 53.07 -112.94
N ALA D 883 -119.78 53.37 -112.64
CA ALA D 883 -120.63 54.13 -113.55
C ALA D 883 -120.14 55.58 -113.70
N LEU D 884 -119.59 56.12 -112.63
CA LEU D 884 -119.24 57.54 -112.58
C LEU D 884 -118.05 57.87 -113.47
N THR D 885 -117.02 57.02 -113.39
CA THR D 885 -115.81 57.19 -114.17
C THR D 885 -116.13 57.06 -115.65
N ARG D 886 -116.97 56.10 -115.99
CA ARG D 886 -117.41 55.88 -117.37
C ARG D 886 -117.96 57.18 -117.94
N ILE D 887 -118.83 57.86 -117.20
CA ILE D 887 -119.31 59.17 -117.60
C ILE D 887 -118.16 60.16 -117.68
N GLU D 888 -117.40 60.26 -116.59
CA GLU D 888 -116.23 61.15 -116.52
C GLU D 888 -115.31 60.97 -117.73
N GLN D 889 -115.20 59.74 -118.22
CA GLN D 889 -114.40 59.46 -119.40
C GLN D 889 -115.09 59.93 -120.69
N GLY D 890 -116.40 60.14 -120.60
CA GLY D 890 -117.17 60.56 -121.76
C GLY D 890 -118.16 59.53 -122.24
N TRP D 891 -118.41 58.51 -121.43
CA TRP D 891 -119.42 57.52 -121.76
C TRP D 891 -120.79 57.98 -121.25
N THR D 892 -121.85 57.58 -121.96
CA THR D 892 -123.20 57.85 -121.50
C THR D 892 -124.05 56.61 -121.68
N TYR D 893 -125.20 56.57 -121.02
CA TYR D 893 -126.10 55.45 -121.18
C TYR D 893 -126.77 55.49 -122.56
N GLY D 894 -127.02 54.30 -123.11
CA GLY D 894 -127.71 54.16 -124.38
C GLY D 894 -128.24 52.75 -124.50
N PRO D 895 -129.13 52.52 -125.47
CA PRO D 895 -129.70 51.18 -125.64
C PRO D 895 -128.72 50.18 -126.23
N VAL D 896 -127.90 50.62 -127.17
CA VAL D 896 -126.95 49.75 -127.86
C VAL D 896 -125.51 50.14 -127.54
N ARG D 897 -124.70 49.16 -127.14
CA ARG D 897 -123.30 49.40 -126.84
C ARG D 897 -122.52 49.83 -128.08
N ASP D 898 -121.66 50.83 -127.92
CA ASP D 898 -120.81 51.30 -129.00
C ASP D 898 -119.51 51.85 -128.44
N ASP D 899 -118.39 51.41 -129.02
CA ASP D 899 -117.08 51.94 -128.65
C ASP D 899 -116.90 53.35 -129.21
N ASN D 900 -117.33 53.55 -130.45
CA ASN D 900 -117.12 54.80 -131.17
C ASN D 900 -118.03 55.94 -130.73
N LYS D 901 -119.23 55.60 -130.26
CA LYS D 901 -120.15 56.60 -129.75
C LYS D 901 -120.04 56.71 -128.24
N ARG D 902 -119.26 55.81 -127.66
CA ARG D 902 -119.10 55.69 -126.21
C ARG D 902 -120.45 55.58 -125.52
N LEU D 903 -121.23 54.58 -125.95
CA LEU D 903 -122.51 54.29 -125.34
C LEU D 903 -122.42 53.03 -124.50
N HIS D 904 -122.75 53.13 -123.21
CA HIS D 904 -122.75 51.95 -122.37
C HIS D 904 -124.13 51.71 -121.77
N PRO D 905 -124.82 50.65 -122.26
CA PRO D 905 -126.17 50.24 -121.89
C PRO D 905 -126.37 49.95 -120.43
N CYS D 906 -125.60 50.58 -119.56
CA CYS D 906 -125.78 50.33 -118.14
C CYS D 906 -126.52 51.43 -117.43
N LEU D 907 -127.39 51.00 -116.52
CA LEU D 907 -128.34 51.90 -115.88
C LEU D 907 -127.89 52.34 -114.50
N VAL D 908 -128.46 53.45 -114.07
CA VAL D 908 -128.27 53.98 -112.73
C VAL D 908 -128.87 53.03 -111.69
N ASN D 909 -130.14 52.68 -111.88
CA ASN D 909 -130.80 51.66 -111.09
C ASN D 909 -130.05 50.34 -111.21
N PHE D 910 -129.29 49.99 -110.17
CA PHE D 910 -128.46 48.78 -110.20
C PHE D 910 -129.30 47.52 -110.23
N HIS D 911 -130.49 47.60 -109.67
CA HIS D 911 -131.42 46.47 -109.65
C HIS D 911 -131.78 46.02 -111.07
N SER D 912 -131.60 46.90 -112.04
CA SER D 912 -131.96 46.64 -113.43
C SER D 912 -130.97 45.74 -114.17
N LEU D 913 -129.79 45.51 -113.59
CA LEU D 913 -128.83 44.62 -114.23
C LEU D 913 -129.24 43.17 -114.08
N PRO D 914 -129.04 42.36 -115.13
CA PRO D 914 -129.11 40.90 -115.08
C PRO D 914 -128.24 40.33 -113.96
N GLU D 915 -128.45 39.07 -113.62
CA GLU D 915 -127.64 38.40 -112.61
C GLU D 915 -126.17 38.18 -113.02
N PRO D 916 -125.91 37.87 -114.30
CA PRO D 916 -124.51 37.83 -114.73
C PRO D 916 -123.80 39.17 -114.58
N GLU D 917 -124.51 40.26 -114.86
CA GLU D 917 -123.94 41.60 -114.77
C GLU D 917 -123.66 42.01 -113.33
N ARG D 918 -124.57 41.64 -112.42
CA ARG D 918 -124.38 41.91 -111.00
C ARG D 918 -123.24 41.07 -110.43
N ASN D 919 -123.07 39.87 -110.96
CA ASN D 919 -122.04 38.94 -110.47
C ASN D 919 -120.62 39.46 -110.66
N TYR D 920 -120.43 40.38 -111.61
CA TYR D 920 -119.11 40.97 -111.80
C TYR D 920 -118.68 41.73 -110.55
N ASN D 921 -119.66 42.33 -109.88
CA ASN D 921 -119.40 43.07 -108.66
C ASN D 921 -119.48 42.20 -107.41
N LEU D 922 -120.42 41.25 -107.41
CA LEU D 922 -120.67 40.41 -106.25
C LEU D 922 -119.57 39.39 -105.99
N GLN D 923 -118.95 38.89 -107.05
CA GLN D 923 -117.98 37.80 -106.92
C GLN D 923 -116.77 38.18 -106.08
N MET D 924 -116.15 39.32 -106.39
CA MET D 924 -114.97 39.77 -105.66
C MET D 924 -115.31 40.13 -104.22
N SER D 925 -116.51 40.64 -104.00
CA SER D 925 -116.97 40.95 -102.65
C SER D 925 -117.15 39.67 -101.85
N GLY D 926 -117.73 38.66 -102.47
CA GLY D 926 -117.92 37.37 -101.84
C GLY D 926 -116.60 36.71 -101.50
N GLU D 927 -115.63 36.82 -102.40
CA GLU D 927 -114.29 36.29 -102.19
C GLU D 927 -113.61 36.95 -100.99
N THR D 928 -113.82 38.24 -100.86
CA THR D 928 -113.27 39.02 -99.76
C THR D 928 -113.85 38.55 -98.42
N LEU D 929 -115.17 38.45 -98.37
CA LEU D 929 -115.89 38.02 -97.18
C LEU D 929 -115.56 36.59 -96.76
N LYS D 930 -115.12 35.78 -97.71
CA LYS D 930 -114.92 34.35 -97.47
C LYS D 930 -113.68 34.04 -96.67
N THR D 931 -112.66 34.88 -96.83
CA THR D 931 -111.43 34.77 -96.07
C THR D 931 -111.65 35.21 -94.63
N LEU D 932 -112.24 36.39 -94.48
CA LEU D 932 -112.58 36.95 -93.18
C LEU D 932 -113.32 35.98 -92.27
N LEU D 933 -114.25 35.22 -92.85
CA LEU D 933 -114.96 34.21 -92.09
C LEU D 933 -114.02 33.05 -91.77
N ALA D 934 -113.27 32.63 -92.79
CA ALA D 934 -112.33 31.53 -92.65
C ALA D 934 -111.26 31.85 -91.62
N LEU D 935 -110.95 33.14 -91.46
CA LEU D 935 -109.99 33.58 -90.47
C LEU D 935 -110.60 33.63 -89.07
N GLY D 936 -111.92 33.50 -89.01
CA GLY D 936 -112.63 33.45 -87.75
C GLY D 936 -113.06 34.82 -87.23
N CYS D 937 -113.33 35.75 -88.14
CA CYS D 937 -113.80 37.08 -87.75
C CYS D 937 -115.26 37.02 -87.31
N HIS D 938 -115.58 37.80 -86.27
CA HIS D 938 -116.96 37.90 -85.82
C HIS D 938 -117.68 38.94 -86.66
N VAL D 939 -118.84 38.58 -87.20
CA VAL D 939 -119.57 39.48 -88.09
C VAL D 939 -121.01 39.69 -87.61
N GLY D 940 -121.34 40.93 -87.27
CA GLY D 940 -122.67 41.23 -86.77
C GLY D 940 -123.30 42.50 -87.33
N MET D 941 -124.61 42.41 -87.61
CA MET D 941 -125.40 43.58 -87.96
C MET D 941 -125.79 44.31 -86.68
N ALA D 942 -125.76 45.64 -86.71
CA ALA D 942 -126.13 46.43 -85.55
C ALA D 942 -127.33 47.33 -85.84
N ASP D 943 -127.91 47.89 -84.78
CA ASP D 943 -129.16 48.63 -84.90
C ASP D 943 -128.97 50.09 -85.32
N GLU D 944 -127.85 50.70 -84.91
CA GLU D 944 -127.65 52.12 -85.15
C GLU D 944 -126.30 52.46 -85.78
N LYS D 945 -125.64 51.48 -86.39
CA LYS D 945 -124.32 51.72 -86.95
C LYS D 945 -124.37 52.14 -88.42
N ALA D 946 -125.58 52.24 -88.96
CA ALA D 946 -125.75 52.65 -90.35
C ALA D 946 -126.43 54.01 -90.44
N GLU D 947 -126.32 54.79 -89.37
CA GLU D 947 -126.82 56.16 -89.36
C GLU D 947 -125.71 57.12 -88.92
N ASP D 948 -125.69 58.30 -89.50
CA ASP D 948 -124.79 59.37 -89.06
C ASP D 948 -125.54 60.69 -89.10
N ASN D 949 -126.03 61.12 -87.93
CA ASN D 949 -126.89 62.30 -87.80
C ASN D 949 -126.27 63.61 -88.30
N LEU D 950 -125.02 63.55 -88.72
CA LEU D 950 -124.29 64.73 -89.19
C LEU D 950 -124.43 64.99 -90.70
N LYS D 951 -124.82 63.97 -91.45
CA LYS D 951 -124.88 64.05 -92.92
C LYS D 951 -123.53 64.41 -93.54
N LYS D 952 -122.45 63.72 -93.17
CA LYS D 952 -121.12 64.23 -93.52
C LYS D 952 -120.24 63.38 -94.44
N THR D 953 -120.57 62.09 -94.49
CA THR D 953 -119.94 61.09 -95.35
C THR D 953 -121.01 60.57 -96.31
N LYS D 954 -120.56 60.03 -97.45
CA LYS D 954 -121.41 59.81 -98.61
C LYS D 954 -122.62 58.86 -98.48
N LEU D 955 -122.48 57.70 -97.85
CA LEU D 955 -123.59 56.74 -97.86
C LEU D 955 -124.02 56.09 -96.54
N PRO D 956 -124.59 56.94 -95.60
CA PRO D 956 -125.24 56.25 -94.47
C PRO D 956 -126.73 56.59 -94.44
N LYS D 957 -127.64 55.60 -94.34
CA LYS D 957 -129.03 56.00 -94.27
C LYS D 957 -129.21 57.52 -94.19
N THR D 958 -128.33 58.22 -93.48
CA THR D 958 -128.57 59.64 -93.17
C THR D 958 -127.82 60.73 -93.94
N TYR D 959 -126.92 60.40 -94.86
CA TYR D 959 -126.16 61.47 -95.52
C TYR D 959 -127.00 62.16 -96.61
N MET D 960 -126.78 63.45 -96.80
CA MET D 960 -127.65 64.31 -97.62
C MET D 960 -127.73 63.94 -99.09
N MET D 961 -128.69 64.55 -99.79
CA MET D 961 -128.90 64.33 -101.22
C MET D 961 -127.68 64.70 -102.04
N SER D 962 -126.99 65.75 -101.61
CA SER D 962 -125.82 66.23 -102.34
C SER D 962 -124.64 65.27 -102.28
N ASN D 963 -124.71 64.28 -101.39
CA ASN D 963 -123.55 63.44 -101.20
C ASN D 963 -123.37 62.41 -102.32
N GLY D 964 -124.43 62.15 -103.08
CA GLY D 964 -124.33 61.24 -104.20
C GLY D 964 -123.31 61.64 -105.26
N TYR D 965 -123.05 62.94 -105.38
CA TYR D 965 -122.20 63.46 -106.45
C TYR D 965 -120.73 63.69 -106.07
N LYS D 966 -120.42 63.66 -104.77
CA LYS D 966 -119.02 63.70 -104.36
C LYS D 966 -118.29 62.48 -104.93
N PRO D 967 -116.98 62.61 -105.16
CA PRO D 967 -116.20 61.46 -105.65
C PRO D 967 -116.02 60.39 -104.58
N ALA D 968 -115.81 59.14 -104.98
CA ALA D 968 -115.72 58.02 -104.05
C ALA D 968 -114.66 58.13 -102.92
N PRO D 969 -113.43 58.61 -103.20
CA PRO D 969 -112.44 58.65 -102.12
C PRO D 969 -112.62 59.78 -101.10
N LEU D 970 -113.23 60.89 -101.51
CA LEU D 970 -113.53 61.96 -100.56
C LEU D 970 -114.45 61.42 -99.48
N ASP D 971 -115.46 60.66 -99.90
CA ASP D 971 -116.37 60.02 -98.97
C ASP D 971 -115.62 59.06 -98.05
N LEU D 972 -115.00 58.06 -98.66
CA LEU D 972 -114.25 57.04 -97.93
C LEU D 972 -113.28 57.66 -96.94
N SER D 973 -112.69 58.79 -97.31
CA SER D 973 -111.75 59.48 -96.44
C SER D 973 -112.43 60.18 -95.27
N HIS D 974 -113.75 60.23 -95.27
CA HIS D 974 -114.45 60.73 -94.08
C HIS D 974 -114.66 59.58 -93.08
N VAL D 975 -114.37 58.34 -93.49
CA VAL D 975 -114.49 57.19 -92.59
C VAL D 975 -113.16 56.85 -91.92
N ARG D 976 -113.21 56.58 -90.62
CA ARG D 976 -111.98 56.26 -89.91
C ARG D 976 -112.02 54.86 -89.30
N LEU D 977 -110.84 54.25 -89.24
CA LEU D 977 -110.71 52.88 -88.79
C LEU D 977 -109.92 52.79 -87.50
N THR D 978 -110.32 51.87 -86.62
CA THR D 978 -109.61 51.65 -85.36
C THR D 978 -108.27 50.95 -85.66
N PRO D 979 -107.44 50.67 -84.63
CA PRO D 979 -106.25 49.90 -84.96
C PRO D 979 -106.59 48.44 -85.24
N ALA D 980 -107.64 47.96 -84.60
CA ALA D 980 -108.22 46.65 -84.91
C ALA D 980 -108.60 46.58 -86.38
N GLN D 981 -109.11 47.68 -86.91
CA GLN D 981 -109.63 47.69 -88.27
C GLN D 981 -108.52 47.72 -89.32
N THR D 982 -107.37 48.25 -88.96
CA THR D 982 -106.24 48.44 -89.88
C THR D 982 -105.36 47.20 -89.97
N THR D 983 -105.33 46.44 -88.89
CA THR D 983 -104.60 45.17 -88.87
C THR D 983 -105.43 44.14 -89.63
N LEU D 984 -106.75 44.29 -89.53
CA LEU D 984 -107.66 43.56 -90.39
C LEU D 984 -107.44 44.01 -91.82
N VAL D 985 -107.07 45.30 -91.95
CA VAL D 985 -106.74 45.88 -93.23
C VAL D 985 -105.36 45.43 -93.68
N ASP D 986 -104.43 45.24 -92.75
CA ASP D 986 -103.12 44.78 -93.16
C ASP D 986 -103.14 43.28 -93.51
N ARG D 987 -104.18 42.58 -93.06
CA ARG D 987 -104.24 41.12 -93.25
C ARG D 987 -104.76 40.66 -94.62
N LEU D 988 -105.99 41.02 -94.98
CA LEU D 988 -106.54 40.61 -96.29
C LEU D 988 -105.85 41.36 -97.43
N ALA D 989 -105.20 42.48 -97.11
CA ALA D 989 -104.42 43.20 -98.09
C ALA D 989 -103.26 42.31 -98.50
N GLU D 990 -102.62 41.71 -97.50
CA GLU D 990 -101.58 40.72 -97.72
C GLU D 990 -102.13 39.50 -98.45
N ASN D 991 -103.31 39.05 -98.02
CA ASN D 991 -103.93 37.89 -98.65
C ASN D 991 -104.28 38.20 -100.11
N GLY D 992 -104.73 39.43 -100.33
CA GLY D 992 -104.98 39.89 -101.68
C GLY D 992 -103.68 39.67 -102.41
N HIS D 993 -102.59 39.68 -101.65
CA HIS D 993 -101.30 39.30 -102.19
C HIS D 993 -101.31 37.85 -102.60
N ASN D 994 -101.84 36.98 -101.74
CA ASN D 994 -101.89 35.54 -102.04
C ASN D 994 -102.80 35.21 -103.21
N VAL D 995 -103.96 35.84 -103.22
CA VAL D 995 -104.93 35.66 -104.29
C VAL D 995 -104.28 36.18 -105.56
N TRP D 996 -103.56 37.29 -105.41
CA TRP D 996 -102.93 37.92 -106.54
C TRP D 996 -101.94 37.00 -107.13
N ALA D 997 -101.18 36.32 -106.27
CA ALA D 997 -100.18 35.36 -106.69
C ALA D 997 -100.80 34.19 -107.42
N ARG D 998 -101.92 33.70 -106.91
CA ARG D 998 -102.59 32.59 -107.58
C ARG D 998 -103.02 33.03 -108.97
N ASP D 999 -103.55 34.25 -109.04
CA ASP D 999 -104.03 34.80 -110.30
C ASP D 999 -102.87 34.92 -111.28
N ARG D 1000 -101.73 35.37 -110.77
CA ARG D 1000 -100.54 35.55 -111.58
C ARG D 1000 -100.07 34.22 -112.11
N VAL D 1001 -100.12 33.19 -111.27
CA VAL D 1001 -99.68 31.88 -111.73
C VAL D 1001 -100.60 31.46 -112.87
N ALA D 1002 -101.90 31.64 -112.68
CA ALA D 1002 -102.83 31.20 -113.71
C ALA D 1002 -102.56 31.96 -115.01
N GLN D 1003 -102.30 33.24 -114.87
CA GLN D 1003 -102.06 34.13 -116.00
C GLN D 1003 -100.79 33.75 -116.75
N GLY D 1004 -99.74 33.41 -116.01
CA GLY D 1004 -98.49 32.98 -116.57
C GLY D 1004 -98.69 31.69 -117.31
N TRP D 1005 -99.51 30.82 -116.73
CA TRP D 1005 -99.78 29.54 -117.35
C TRP D 1005 -100.44 29.80 -118.67
N SER D 1006 -101.38 30.74 -118.70
CA SER D 1006 -102.06 31.06 -119.94
C SER D 1006 -101.07 31.62 -120.96
N TYR D 1007 -100.24 32.54 -120.50
CA TYR D 1007 -99.08 33.01 -121.25
C TYR D 1007 -97.88 32.15 -120.86
N SER D 1008 -97.90 30.89 -121.25
CA SER D 1008 -96.79 29.99 -120.92
C SER D 1008 -96.57 29.95 -119.42
N ALA D 1015 -93.90 33.43 -115.14
CA ALA D 1015 -95.12 33.97 -115.73
C ALA D 1015 -95.21 35.47 -115.50
N ARG D 1016 -94.20 36.19 -115.98
CA ARG D 1016 -94.17 37.65 -115.86
C ARG D 1016 -93.74 38.09 -114.48
N ARG D 1017 -93.86 39.40 -114.21
CA ARG D 1017 -93.40 39.97 -112.96
C ARG D 1017 -94.59 40.39 -112.09
N ASN D 1018 -94.55 39.99 -110.83
CA ASN D 1018 -95.65 40.26 -109.90
C ASN D 1018 -95.25 41.15 -108.73
N PRO D 1019 -96.04 42.20 -108.51
CA PRO D 1019 -95.79 43.19 -107.45
C PRO D 1019 -95.85 42.62 -106.03
N ARG D 1020 -96.81 41.73 -105.79
CA ARG D 1020 -97.05 41.20 -104.46
C ARG D 1020 -95.87 40.41 -103.92
N LEU D 1021 -95.18 39.69 -104.81
CA LEU D 1021 -94.10 38.80 -104.40
C LEU D 1021 -93.00 39.58 -103.67
N VAL D 1022 -92.45 38.94 -102.64
CA VAL D 1022 -91.58 39.60 -101.67
C VAL D 1022 -92.47 39.87 -100.46
N PRO D 1023 -92.65 38.88 -99.60
CA PRO D 1023 -93.77 38.97 -98.65
C PRO D 1023 -94.37 40.37 -98.61
N TYR D 1024 -95.67 40.45 -98.37
CA TYR D 1024 -96.40 41.72 -98.38
C TYR D 1024 -95.78 42.73 -97.42
N ARG D 1025 -95.34 42.25 -96.27
CA ARG D 1025 -94.81 43.11 -95.21
C ARG D 1025 -93.44 43.69 -95.54
N LEU D 1026 -92.84 43.25 -96.64
CA LEU D 1026 -91.56 43.78 -97.07
C LEU D 1026 -91.75 44.75 -98.24
N LEU D 1027 -92.99 44.93 -98.65
CA LEU D 1027 -93.34 45.90 -99.69
C LEU D 1027 -93.32 47.31 -99.14
N ASP D 1028 -93.05 48.29 -100.01
CA ASP D 1028 -93.17 49.69 -99.62
C ASP D 1028 -94.63 50.14 -99.72
N GLU D 1029 -94.91 51.35 -99.25
CA GLU D 1029 -96.28 51.87 -99.25
C GLU D 1029 -96.87 51.94 -100.65
N ALA D 1030 -96.07 52.40 -101.61
CA ALA D 1030 -96.50 52.52 -102.99
C ALA D 1030 -96.86 51.16 -103.57
N THR D 1031 -96.12 50.14 -103.18
CA THR D 1031 -96.36 48.79 -103.67
C THR D 1031 -97.54 48.14 -102.96
N LYS D 1032 -97.77 48.54 -101.70
CA LYS D 1032 -98.88 48.02 -100.91
C LYS D 1032 -100.22 48.64 -101.28
N ARG D 1033 -100.17 49.80 -101.93
CA ARG D 1033 -101.33 50.68 -102.08
C ARG D 1033 -102.57 50.02 -102.68
N SER D 1034 -102.39 49.28 -103.77
CA SER D 1034 -103.52 48.67 -104.48
C SER D 1034 -104.31 47.71 -103.58
N ASN D 1035 -103.61 46.81 -102.91
CA ASN D 1035 -104.26 45.86 -102.01
C ASN D 1035 -104.72 46.50 -100.71
N ARG D 1036 -103.97 47.50 -100.25
CA ARG D 1036 -104.30 48.21 -99.02
C ARG D 1036 -105.62 48.98 -99.17
N ASP D 1037 -105.79 49.61 -100.32
CA ASP D 1037 -106.99 50.42 -100.60
C ASP D 1037 -108.23 49.57 -100.85
N SER D 1038 -108.06 48.44 -101.54
CA SER D 1038 -109.18 47.56 -101.87
C SER D 1038 -109.92 47.12 -100.61
N LEU D 1039 -109.15 46.83 -99.57
CA LEU D 1039 -109.68 46.30 -98.32
C LEU D 1039 -110.12 47.39 -97.34
N CYS D 1040 -109.30 48.43 -97.21
CA CYS D 1040 -109.70 49.64 -96.47
C CYS D 1040 -111.12 50.00 -96.88
N GLN D 1041 -111.39 49.89 -98.17
CA GLN D 1041 -112.71 50.12 -98.74
C GLN D 1041 -113.78 49.17 -98.20
N ALA D 1042 -113.54 47.87 -98.30
CA ALA D 1042 -114.52 46.87 -97.86
C ALA D 1042 -114.85 47.02 -96.37
N VAL D 1043 -113.81 47.26 -95.57
CA VAL D 1043 -113.96 47.44 -94.14
C VAL D 1043 -114.72 48.73 -93.79
N ARG D 1044 -114.41 49.80 -94.51
CA ARG D 1044 -115.07 51.08 -94.29
C ARG D 1044 -116.54 51.03 -94.71
N THR D 1045 -116.83 50.29 -95.77
CA THR D 1045 -118.21 50.12 -96.23
C THR D 1045 -118.99 49.24 -95.27
N LEU D 1046 -118.30 48.31 -94.63
CA LEU D 1046 -118.91 47.46 -93.61
C LEU D 1046 -119.35 48.30 -92.41
N LEU D 1047 -118.49 49.22 -92.00
CA LEU D 1047 -118.77 50.12 -90.89
C LEU D 1047 -119.96 51.01 -91.20
N GLY D 1048 -119.88 51.70 -92.34
CA GLY D 1048 -120.91 52.63 -92.74
C GLY D 1048 -122.27 51.99 -92.95
N TYR D 1049 -122.30 50.70 -93.30
CA TYR D 1049 -123.55 50.06 -93.64
C TYR D 1049 -124.18 49.30 -92.46
N GLY D 1050 -123.58 49.43 -91.28
CA GLY D 1050 -124.18 48.90 -90.07
C GLY D 1050 -123.63 47.58 -89.56
N TYR D 1051 -122.46 47.20 -90.08
CA TYR D 1051 -121.84 45.93 -89.67
C TYR D 1051 -120.62 46.16 -88.80
N ASN D 1052 -120.45 45.32 -87.79
CA ASN D 1052 -119.26 45.35 -86.95
C ASN D 1052 -118.46 44.07 -87.11
N ILE D 1053 -117.21 44.21 -87.55
CA ILE D 1053 -116.32 43.07 -87.68
C ILE D 1053 -115.32 43.04 -86.54
N ARG D 1073 -62.48 34.32 -103.60
CA ARG D 1073 -63.61 35.11 -103.10
C ARG D 1073 -64.84 34.92 -103.99
N ILE D 1074 -65.95 34.51 -103.37
CA ILE D 1074 -67.21 34.29 -104.09
C ILE D 1074 -68.07 35.55 -104.16
N PHE D 1075 -68.61 35.83 -105.33
CA PHE D 1075 -69.56 36.94 -105.49
C PHE D 1075 -70.92 36.40 -105.97
N ARG D 1076 -71.99 37.00 -105.48
CA ARG D 1076 -73.34 36.53 -105.81
C ARG D 1076 -74.11 37.57 -106.63
N ALA D 1077 -75.11 37.11 -107.37
CA ALA D 1077 -75.88 37.97 -108.29
C ALA D 1077 -76.83 38.88 -107.53
N GLU D 1078 -77.15 40.04 -108.12
CA GLU D 1078 -78.11 40.95 -107.51
C GLU D 1078 -79.48 40.30 -107.41
N LYS D 1079 -79.92 39.74 -108.53
CA LYS D 1079 -81.27 39.23 -108.65
C LYS D 1079 -81.31 37.72 -108.51
N SER D 1080 -82.33 37.24 -107.84
CA SER D 1080 -82.50 35.82 -107.60
C SER D 1080 -83.75 35.31 -108.32
N TYR D 1081 -83.92 35.73 -109.58
CA TYR D 1081 -85.03 35.30 -110.40
C TYR D 1081 -85.11 33.78 -110.40
N THR D 1082 -86.15 33.24 -109.79
CA THR D 1082 -86.08 31.90 -109.30
C THR D 1082 -85.59 31.04 -110.44
N VAL D 1083 -84.55 30.30 -110.10
CA VAL D 1083 -83.88 29.34 -110.98
C VAL D 1083 -84.38 27.94 -110.66
N GLN D 1084 -84.85 27.78 -109.43
CA GLN D 1084 -85.31 26.50 -108.90
C GLN D 1084 -86.25 25.72 -109.83
N SER D 1085 -87.02 26.43 -110.63
CA SER D 1085 -87.97 25.79 -111.55
C SER D 1085 -88.05 26.50 -112.89
N GLY D 1086 -88.14 25.71 -113.96
CA GLY D 1086 -88.20 26.25 -115.31
C GLY D 1086 -86.82 26.27 -115.96
N ARG D 1087 -86.68 27.05 -117.03
CA ARG D 1087 -85.39 27.21 -117.67
C ARG D 1087 -84.77 28.55 -117.34
N TRP D 1088 -83.54 28.53 -116.87
CA TRP D 1088 -82.82 29.76 -116.53
C TRP D 1088 -81.47 29.80 -117.22
N TYR D 1089 -81.10 30.97 -117.73
CA TYR D 1089 -79.83 31.14 -118.40
C TYR D 1089 -79.29 32.54 -118.23
N PHE D 1090 -77.96 32.65 -118.21
CA PHE D 1090 -77.30 33.94 -118.19
C PHE D 1090 -75.96 33.81 -118.91
N GLU D 1091 -75.31 34.94 -119.16
CA GLU D 1091 -73.98 34.92 -119.76
C GLU D 1091 -73.01 35.71 -118.87
N PHE D 1092 -71.73 35.38 -118.97
CA PHE D 1092 -70.72 36.04 -118.15
C PHE D 1092 -69.46 36.34 -118.94
N GLU D 1093 -69.16 37.63 -119.08
CA GLU D 1093 -67.93 38.06 -119.73
C GLU D 1093 -66.85 38.30 -118.68
N ALA D 1094 -65.76 37.55 -118.77
CA ALA D 1094 -64.71 37.63 -117.75
C ALA D 1094 -63.41 38.18 -118.30
N VAL D 1095 -62.83 39.11 -117.55
CA VAL D 1095 -61.50 39.63 -117.83
C VAL D 1095 -60.55 39.13 -116.75
N THR D 1096 -59.96 37.96 -116.97
CA THR D 1096 -59.17 37.33 -115.93
C THR D 1096 -57.91 36.64 -116.45
N THR D 1097 -56.93 36.49 -115.56
CA THR D 1097 -55.71 35.75 -115.85
C THR D 1097 -55.38 34.84 -114.66
N GLY D 1098 -56.12 33.75 -114.55
CA GLY D 1098 -55.97 32.82 -113.44
C GLY D 1098 -57.21 31.99 -113.21
N GLU D 1099 -57.35 31.44 -112.02
CA GLU D 1099 -58.49 30.59 -111.69
C GLU D 1099 -59.77 31.41 -111.45
N MET D 1100 -60.85 30.98 -112.10
CA MET D 1100 -62.15 31.64 -111.93
C MET D 1100 -63.28 30.66 -112.26
N ARG D 1101 -64.24 30.55 -111.35
CA ARG D 1101 -65.32 29.59 -111.50
C ARG D 1101 -66.68 30.28 -111.63
N VAL D 1102 -67.44 29.89 -112.66
CA VAL D 1102 -68.74 30.48 -112.93
C VAL D 1102 -69.84 29.42 -112.92
N GLY D 1103 -70.93 29.70 -112.22
CA GLY D 1103 -72.05 28.79 -112.16
C GLY D 1103 -73.11 29.22 -111.15
N TRP D 1104 -73.62 28.24 -110.39
CA TRP D 1104 -74.64 28.51 -109.38
C TRP D 1104 -74.26 27.90 -108.03
N ALA D 1105 -74.76 28.49 -106.95
CA ALA D 1105 -74.50 28.00 -105.61
C ALA D 1105 -75.75 28.06 -104.73
N ARG D 1106 -75.78 27.22 -103.69
CA ARG D 1106 -76.88 27.21 -102.74
C ARG D 1106 -76.70 28.30 -101.69
N PRO D 1107 -77.79 28.75 -101.06
CA PRO D 1107 -77.74 29.86 -100.09
C PRO D 1107 -76.79 29.66 -98.90
N GLU D 1108 -76.37 28.43 -98.64
CA GLU D 1108 -75.58 28.14 -97.45
C GLU D 1108 -74.07 28.13 -97.69
N LEU D 1109 -73.66 28.30 -98.94
CA LEU D 1109 -72.24 28.20 -99.27
C LEU D 1109 -71.43 29.38 -98.74
N ARG D 1110 -70.26 29.08 -98.19
CA ARG D 1110 -69.39 30.09 -97.60
C ARG D 1110 -68.71 30.93 -98.68
N PRO D 1111 -68.77 32.28 -98.53
CA PRO D 1111 -68.20 33.22 -99.50
C PRO D 1111 -66.67 33.18 -99.59
N ASP D 1112 -66.01 32.53 -98.64
CA ASP D 1112 -64.55 32.57 -98.57
C ASP D 1112 -63.87 31.28 -99.02
N VAL D 1113 -64.65 30.37 -99.61
CA VAL D 1113 -64.09 29.14 -100.17
C VAL D 1113 -64.34 29.11 -101.67
N GLU D 1114 -63.71 28.17 -102.36
CA GLU D 1114 -63.89 28.04 -103.80
C GLU D 1114 -65.27 27.49 -104.13
N LEU D 1115 -65.90 28.02 -105.18
CA LEU D 1115 -67.16 27.48 -105.65
C LEU D 1115 -66.97 26.05 -106.17
N GLY D 1116 -67.81 25.14 -105.72
CA GLY D 1116 -67.72 23.76 -106.15
C GLY D 1116 -66.80 22.92 -105.28
N ALA D 1117 -66.17 23.57 -104.30
CA ALA D 1117 -65.33 22.87 -103.35
C ALA D 1117 -66.20 21.99 -102.44
N ASP D 1118 -67.39 22.49 -102.13
CA ASP D 1118 -68.34 21.72 -101.32
C ASP D 1118 -69.48 21.15 -102.17
N GLU D 1119 -70.51 20.67 -101.50
CA GLU D 1119 -71.69 20.10 -102.15
C GLU D 1119 -72.74 21.15 -102.49
N LEU D 1120 -72.42 22.42 -102.26
CA LEU D 1120 -73.44 23.47 -102.33
C LEU D 1120 -73.40 24.26 -103.64
N ALA D 1121 -72.57 23.83 -104.59
CA ALA D 1121 -72.37 24.60 -105.82
C ALA D 1121 -72.05 23.75 -107.04
N TYR D 1122 -72.51 24.22 -108.21
CA TYR D 1122 -72.19 23.61 -109.48
C TYR D 1122 -71.59 24.65 -110.42
N VAL D 1123 -70.28 24.57 -110.65
CA VAL D 1123 -69.59 25.59 -111.46
C VAL D 1123 -68.61 24.99 -112.46
N PHE D 1124 -68.06 25.85 -113.32
CA PHE D 1124 -67.00 25.47 -114.24
C PHE D 1124 -65.84 26.45 -114.14
N ASN D 1125 -64.63 25.92 -113.98
CA ASN D 1125 -63.44 26.76 -113.84
C ASN D 1125 -62.76 27.00 -115.17
N GLY D 1126 -62.39 28.25 -115.42
CA GLY D 1126 -61.76 28.63 -116.68
C GLY D 1126 -60.31 28.23 -116.80
N HIS D 1127 -59.55 28.32 -115.71
CA HIS D 1127 -58.13 28.02 -115.75
C HIS D 1127 -57.87 26.53 -115.89
N ARG D 1128 -58.76 25.71 -115.36
CA ARG D 1128 -58.55 24.26 -115.31
C ARG D 1128 -59.20 23.51 -116.46
N GLY D 1129 -60.33 24.03 -116.94
CA GLY D 1129 -61.12 23.30 -117.92
C GLY D 1129 -61.82 22.14 -117.24
N GLN D 1130 -62.12 22.31 -115.96
CA GLN D 1130 -62.77 21.29 -115.17
C GLN D 1130 -64.05 21.81 -114.52
N ARG D 1131 -65.05 20.96 -114.42
CA ARG D 1131 -66.30 21.31 -113.75
C ARG D 1131 -66.19 20.98 -112.26
N TRP D 1132 -66.76 21.82 -111.41
CA TRP D 1132 -66.57 21.62 -109.99
C TRP D 1132 -67.87 21.44 -109.21
N HIS D 1133 -67.89 20.33 -108.47
CA HIS D 1133 -68.91 20.02 -107.49
C HIS D 1133 -68.27 19.02 -106.55
N LEU D 1134 -68.04 19.44 -105.31
CA LEU D 1134 -67.30 18.62 -104.35
C LEU D 1134 -65.88 18.38 -104.86
N GLY D 1135 -65.34 19.36 -105.56
CA GLY D 1135 -63.97 19.31 -106.02
C GLY D 1135 -63.59 18.15 -106.92
N SER D 1136 -64.38 17.89 -107.96
CA SER D 1136 -64.04 16.82 -108.90
C SER D 1136 -64.76 16.94 -110.26
N GLU D 1137 -64.05 16.47 -111.29
CA GLU D 1137 -64.52 16.19 -112.66
C GLU D 1137 -64.11 17.22 -113.71
N PRO D 1138 -63.55 16.74 -114.83
CA PRO D 1138 -63.18 17.55 -115.99
C PRO D 1138 -64.36 17.74 -116.95
N PHE D 1139 -64.30 18.75 -117.81
CA PHE D 1139 -65.39 19.01 -118.74
C PHE D 1139 -64.91 19.64 -120.05
N GLY D 1140 -65.01 20.98 -120.13
CA GLY D 1140 -64.76 21.68 -121.38
C GLY D 1140 -63.40 22.33 -121.51
N ARG D 1141 -63.24 23.13 -122.55
CA ARG D 1141 -61.98 23.82 -122.83
C ARG D 1141 -61.78 25.03 -121.93
N PRO D 1142 -60.54 25.25 -121.49
CA PRO D 1142 -60.18 26.38 -120.62
C PRO D 1142 -60.44 27.74 -121.25
N TRP D 1143 -60.71 28.75 -120.43
CA TRP D 1143 -60.94 30.11 -120.94
C TRP D 1143 -60.25 31.16 -120.07
N GLN D 1144 -60.22 32.39 -120.57
CA GLN D 1144 -59.58 33.50 -119.86
C GLN D 1144 -60.19 34.86 -120.22
N SER D 1145 -59.38 35.91 -120.11
CA SER D 1145 -59.82 37.28 -120.36
C SER D 1145 -60.40 37.46 -121.76
N GLY D 1146 -61.58 38.07 -121.83
CA GLY D 1146 -62.24 38.33 -123.10
C GLY D 1146 -63.30 37.30 -123.44
N ASP D 1147 -63.16 36.10 -122.89
CA ASP D 1147 -64.09 35.02 -123.17
C ASP D 1147 -65.45 35.24 -122.50
N VAL D 1148 -66.51 34.90 -123.22
CA VAL D 1148 -67.86 35.00 -122.69
C VAL D 1148 -68.46 33.61 -122.49
N VAL D 1149 -68.75 33.28 -121.23
CA VAL D 1149 -69.32 31.97 -120.91
C VAL D 1149 -70.83 32.06 -120.73
N GLY D 1150 -71.55 31.24 -121.48
CA GLY D 1150 -72.99 31.10 -121.29
C GLY D 1150 -73.26 29.99 -120.30
N CYS D 1151 -74.27 30.19 -119.46
CA CYS D 1151 -74.59 29.23 -118.41
C CYS D 1151 -76.09 29.00 -118.33
N MET D 1152 -76.52 27.76 -118.58
CA MET D 1152 -77.94 27.46 -118.65
C MET D 1152 -78.36 26.29 -117.77
N ILE D 1153 -79.47 26.47 -117.06
CA ILE D 1153 -80.08 25.41 -116.25
C ILE D 1153 -81.46 25.06 -116.78
N ASP D 1154 -81.67 23.79 -117.10
CA ASP D 1154 -82.99 23.30 -117.48
C ASP D 1154 -83.51 22.38 -116.38
N LEU D 1155 -84.50 22.88 -115.62
CA LEU D 1155 -85.03 22.16 -114.47
C LEU D 1155 -85.67 20.84 -114.88
N THR D 1156 -86.66 20.91 -115.76
CA THR D 1156 -87.41 19.74 -116.18
C THR D 1156 -86.49 18.65 -116.74
N GLU D 1157 -85.50 19.07 -117.53
CA GLU D 1157 -84.52 18.15 -118.07
C GLU D 1157 -83.49 17.72 -117.02
N ASN D 1158 -83.43 18.50 -115.94
CA ASN D 1158 -82.49 18.26 -114.84
C ASN D 1158 -81.03 18.33 -115.27
N THR D 1159 -80.67 19.38 -116.00
CA THR D 1159 -79.31 19.49 -116.54
C THR D 1159 -78.67 20.87 -116.32
N ILE D 1160 -77.34 20.86 -116.19
CA ILE D 1160 -76.55 22.09 -116.12
C ILE D 1160 -75.49 22.06 -117.22
N ILE D 1161 -75.58 23.00 -118.15
CA ILE D 1161 -74.65 23.00 -119.28
C ILE D 1161 -74.00 24.38 -119.49
N PHE D 1162 -72.71 24.36 -119.82
CA PHE D 1162 -71.94 25.58 -120.03
C PHE D 1162 -71.54 25.73 -121.50
N THR D 1163 -71.40 26.96 -121.95
CA THR D 1163 -70.91 27.25 -123.30
C THR D 1163 -69.67 28.13 -123.23
N LEU D 1164 -69.17 28.56 -124.39
CA LEU D 1164 -67.95 29.36 -124.44
C LEU D 1164 -67.76 30.03 -125.80
N ASN D 1165 -67.98 31.34 -125.85
CA ASN D 1165 -67.80 32.15 -127.06
C ASN D 1165 -68.63 31.67 -128.25
N GLY D 1166 -69.85 31.22 -127.98
CA GLY D 1166 -70.76 30.79 -129.03
C GLY D 1166 -70.68 29.30 -129.29
N GLU D 1167 -69.79 28.62 -128.58
CA GLU D 1167 -69.62 27.18 -128.73
C GLU D 1167 -69.98 26.45 -127.44
N VAL D 1168 -70.87 25.47 -127.56
CA VAL D 1168 -71.25 24.64 -126.42
C VAL D 1168 -70.08 23.78 -125.97
N LEU D 1169 -69.83 23.75 -124.66
CA LEU D 1169 -68.76 22.93 -124.11
C LEU D 1169 -69.19 21.47 -123.99
N MET D 1170 -68.24 20.57 -124.17
CA MET D 1170 -68.53 19.13 -124.15
C MET D 1170 -67.35 18.32 -123.63
N SER D 1171 -67.61 17.07 -123.24
CA SER D 1171 -66.58 16.22 -122.66
C SER D 1171 -65.68 15.59 -123.72
N ASP D 1172 -64.71 14.78 -123.27
CA ASP D 1172 -63.79 14.12 -124.18
C ASP D 1172 -64.49 13.08 -125.05
N SER D 1173 -65.63 12.59 -124.57
CA SER D 1173 -66.42 11.61 -125.32
C SER D 1173 -67.35 12.32 -126.30
N GLY D 1174 -67.40 13.64 -126.23
CA GLY D 1174 -68.23 14.42 -127.12
C GLY D 1174 -69.65 14.59 -126.61
N SER D 1175 -69.87 14.20 -125.35
CA SER D 1175 -71.19 14.32 -124.73
C SER D 1175 -71.42 15.73 -124.19
N GLU D 1176 -72.67 16.12 -124.05
CA GLU D 1176 -73.01 17.45 -123.58
C GLU D 1176 -73.49 17.45 -122.13
N THR D 1177 -73.63 18.65 -121.57
CA THR D 1177 -74.06 18.88 -120.17
C THR D 1177 -72.96 18.54 -119.16
N ALA D 1178 -72.78 19.39 -118.16
CA ALA D 1178 -71.78 19.20 -117.12
C ALA D 1178 -72.34 18.47 -115.90
N PHE D 1179 -73.52 18.88 -115.45
CA PHE D 1179 -74.13 18.28 -114.26
C PHE D 1179 -75.59 17.87 -114.49
N ARG D 1180 -76.01 16.78 -113.85
CA ARG D 1180 -77.38 16.31 -113.97
C ARG D 1180 -77.96 15.97 -112.59
N GLU D 1181 -79.29 15.76 -112.57
CA GLU D 1181 -80.07 15.43 -111.37
C GLU D 1181 -80.30 16.62 -110.43
N ILE D 1182 -80.79 17.73 -110.99
CA ILE D 1182 -80.92 18.98 -110.22
C ILE D 1182 -82.36 19.48 -110.10
N GLU D 1183 -83.27 18.62 -109.65
CA GLU D 1183 -84.68 18.96 -109.62
C GLU D 1183 -85.07 19.99 -108.56
N ILE D 1184 -86.33 19.98 -108.15
CA ILE D 1184 -86.87 21.01 -107.27
C ILE D 1184 -86.42 20.85 -105.82
N GLY D 1185 -86.54 21.93 -105.05
CA GLY D 1185 -86.16 21.93 -103.66
C GLY D 1185 -84.87 22.69 -103.40
N ASP D 1186 -84.00 22.71 -104.40
CA ASP D 1186 -82.70 23.36 -104.25
C ASP D 1186 -82.67 24.73 -104.90
N GLY D 1187 -82.14 25.72 -104.18
CA GLY D 1187 -81.99 27.05 -104.71
C GLY D 1187 -80.70 27.18 -105.50
N PHE D 1188 -80.77 27.86 -106.64
CA PHE D 1188 -79.60 28.05 -107.49
C PHE D 1188 -79.37 29.53 -107.79
N LEU D 1189 -78.57 30.19 -106.96
CA LEU D 1189 -78.22 31.59 -107.21
C LEU D 1189 -76.95 31.66 -108.05
N PRO D 1190 -77.00 32.39 -109.18
CA PRO D 1190 -75.84 32.63 -110.04
C PRO D 1190 -74.67 33.23 -109.25
N VAL D 1191 -73.50 32.61 -109.37
CA VAL D 1191 -72.35 33.01 -108.56
C VAL D 1191 -71.05 32.99 -109.37
N CYS D 1192 -70.04 33.69 -108.86
CA CYS D 1192 -68.72 33.72 -109.49
C CYS D 1192 -67.61 33.69 -108.45
N SER D 1193 -66.66 32.76 -108.61
CA SER D 1193 -65.52 32.67 -107.71
C SER D 1193 -64.25 33.15 -108.38
N LEU D 1194 -63.64 34.19 -107.85
CA LEU D 1194 -62.48 34.78 -108.50
C LEU D 1194 -61.21 34.74 -107.64
N GLY D 1195 -60.19 34.07 -108.16
CA GLY D 1195 -58.83 34.23 -107.67
C GLY D 1195 -58.32 35.53 -108.26
N PRO D 1196 -57.27 36.11 -107.67
CA PRO D 1196 -56.82 37.51 -107.65
C PRO D 1196 -57.86 38.60 -107.97
N GLY D 1197 -57.33 39.81 -108.18
CA GLY D 1197 -58.14 41.00 -108.34
C GLY D 1197 -58.42 41.33 -109.79
N GLN D 1198 -58.97 40.37 -110.52
CA GLN D 1198 -59.42 40.59 -111.88
C GLN D 1198 -60.84 41.16 -111.83
N VAL D 1199 -61.53 41.13 -112.96
CA VAL D 1199 -62.88 41.68 -113.02
C VAL D 1199 -63.77 40.90 -113.98
N GLY D 1200 -65.02 40.69 -113.58
CA GLY D 1200 -65.97 39.99 -114.41
C GLY D 1200 -67.23 40.82 -114.64
N HIS D 1201 -67.95 40.50 -115.72
CA HIS D 1201 -69.17 41.21 -116.08
C HIS D 1201 -70.33 40.23 -116.19
N LEU D 1202 -71.36 40.43 -115.38
CA LEU D 1202 -72.49 39.52 -115.32
C LEU D 1202 -73.74 40.06 -116.01
N ASN D 1203 -74.31 39.25 -116.90
CA ASN D 1203 -75.56 39.57 -117.56
C ASN D 1203 -76.59 38.47 -117.33
N LEU D 1204 -77.60 38.74 -116.51
CA LEU D 1204 -78.55 37.72 -116.10
C LEU D 1204 -79.67 37.50 -117.13
N GLY D 1205 -79.67 38.28 -118.19
CA GLY D 1205 -80.67 38.12 -119.25
C GLY D 1205 -81.69 39.25 -119.26
N GLN D 1206 -82.73 39.10 -120.07
CA GLN D 1206 -82.93 37.90 -120.89
C GLN D 1206 -82.21 38.01 -122.23
N ASP D 1207 -81.65 39.19 -122.51
CA ASP D 1207 -80.91 39.41 -123.74
C ASP D 1207 -79.46 38.95 -123.58
N VAL D 1208 -79.17 37.74 -124.06
CA VAL D 1208 -77.81 37.21 -124.06
C VAL D 1208 -77.36 36.91 -125.48
N SER D 1209 -76.05 36.77 -125.67
CA SER D 1209 -75.49 36.49 -126.98
C SER D 1209 -75.86 35.08 -127.45
N ASN D 1420 -67.96 45.49 -67.30
CA ASN D 1420 -68.21 44.96 -68.62
C ASN D 1420 -69.66 44.49 -68.77
N ARG D 1421 -70.59 45.15 -68.07
CA ARG D 1421 -71.99 44.75 -68.16
C ARG D 1421 -72.94 45.95 -68.33
N ASP D 1422 -74.23 45.69 -68.51
CA ASP D 1422 -75.29 46.68 -68.66
C ASP D 1422 -76.61 46.16 -68.09
N ASP D 1423 -77.63 47.03 -68.04
CA ASP D 1423 -78.96 46.73 -67.50
C ASP D 1423 -79.93 46.17 -68.53
N PRO D 1424 -80.25 44.87 -68.46
CA PRO D 1424 -81.15 44.30 -69.46
C PRO D 1424 -82.65 44.57 -69.30
N GLU D 1425 -83.04 45.47 -68.42
CA GLU D 1425 -84.44 45.83 -68.26
C GLU D 1425 -84.89 46.92 -69.22
N ILE D 1426 -83.94 47.53 -69.92
CA ILE D 1426 -84.19 48.60 -70.87
C ILE D 1426 -85.22 48.32 -71.96
N ILE D 1427 -84.91 47.38 -72.83
CA ILE D 1427 -85.75 47.06 -73.99
C ILE D 1427 -87.04 46.25 -73.77
N LEU D 1428 -87.73 46.01 -74.89
CA LEU D 1428 -88.89 45.15 -74.99
C LEU D 1428 -88.51 43.94 -75.84
N ASN D 1429 -88.86 42.74 -75.37
CA ASN D 1429 -88.49 41.51 -76.08
C ASN D 1429 -89.09 41.39 -77.47
N THR D 1430 -90.36 41.72 -77.59
CA THR D 1430 -91.10 41.50 -78.82
C THR D 1430 -90.50 42.36 -79.92
N THR D 1431 -90.14 43.56 -79.52
CA THR D 1431 -89.86 44.70 -80.40
C THR D 1431 -88.62 44.47 -81.26
N THR D 1432 -88.71 44.90 -82.52
CA THR D 1432 -87.62 44.73 -83.50
C THR D 1432 -86.64 45.89 -83.31
N TYR D 1433 -85.43 45.59 -82.87
CA TYR D 1433 -84.46 46.64 -82.57
C TYR D 1433 -83.26 46.68 -83.47
N TYR D 1434 -82.84 47.92 -83.68
CA TYR D 1434 -81.67 48.30 -84.42
C TYR D 1434 -80.69 49.00 -83.48
N TYR D 1435 -79.66 48.28 -83.04
CA TYR D 1435 -78.70 48.77 -82.05
C TYR D 1435 -77.33 49.19 -82.55
N SER D 1436 -76.71 50.19 -81.96
CA SER D 1436 -75.34 50.55 -82.30
C SER D 1436 -74.39 50.29 -81.12
N VAL D 1437 -73.37 49.48 -81.35
CA VAL D 1437 -72.39 49.16 -80.32
C VAL D 1437 -71.03 49.71 -80.66
N ARG D 1438 -70.48 50.45 -79.71
CA ARG D 1438 -69.20 51.10 -79.82
C ARG D 1438 -68.13 50.49 -78.93
N VAL D 1439 -67.16 49.85 -79.55
CA VAL D 1439 -66.04 49.21 -78.87
C VAL D 1439 -64.74 49.77 -79.42
N PHE D 1440 -64.06 50.61 -78.65
CA PHE D 1440 -62.87 51.27 -79.13
C PHE D 1440 -61.85 50.30 -79.70
N ALA D 1441 -61.58 50.47 -80.99
CA ALA D 1441 -60.69 49.63 -81.77
C ALA D 1441 -59.30 49.48 -81.16
N GLY D 1442 -58.79 50.52 -80.50
CA GLY D 1442 -57.38 50.57 -80.19
C GLY D 1442 -56.86 49.38 -79.39
N GLN D 1443 -57.61 48.91 -78.40
CA GLN D 1443 -57.22 47.68 -77.72
C GLN D 1443 -58.29 46.59 -77.86
N GLU D 1444 -57.94 45.47 -78.47
CA GLU D 1444 -58.89 44.36 -78.62
C GLU D 1444 -59.33 43.69 -77.31
N PRO D 1445 -58.38 43.42 -76.31
CA PRO D 1445 -56.97 43.47 -76.72
C PRO D 1445 -56.60 42.38 -77.72
N SER D 1446 -57.13 41.17 -77.51
CA SER D 1446 -57.03 40.11 -78.50
C SER D 1446 -58.34 39.45 -78.97
N CYS D 1447 -59.32 39.29 -78.06
CA CYS D 1447 -60.59 38.65 -78.38
C CYS D 1447 -61.80 39.37 -77.75
N VAL D 1448 -62.77 39.71 -78.59
CA VAL D 1448 -64.01 40.40 -78.18
C VAL D 1448 -65.23 39.54 -78.49
N TRP D 1449 -66.10 39.38 -77.48
CA TRP D 1449 -67.29 38.56 -77.67
C TRP D 1449 -68.55 39.40 -77.82
N VAL D 1450 -69.25 39.35 -78.95
CA VAL D 1450 -70.41 40.22 -79.16
C VAL D 1450 -71.72 39.47 -79.44
N GLY D 1451 -72.79 39.78 -78.72
CA GLY D 1451 -74.04 39.09 -79.02
C GLY D 1451 -75.17 39.50 -78.09
N TRP D 1452 -76.00 38.53 -77.71
CA TRP D 1452 -77.14 38.81 -76.85
C TRP D 1452 -77.34 37.78 -75.73
N VAL D 1453 -77.88 38.22 -74.61
CA VAL D 1453 -78.17 37.31 -73.49
C VAL D 1453 -79.55 37.55 -72.96
N THR D 1454 -80.05 36.62 -72.16
CA THR D 1454 -81.31 36.80 -71.46
C THR D 1454 -81.08 37.80 -70.35
N PRO D 1455 -82.22 38.44 -69.87
CA PRO D 1455 -81.95 39.42 -68.81
C PRO D 1455 -81.30 38.73 -67.62
N ASP D 1456 -81.75 37.51 -67.32
CA ASP D 1456 -81.21 36.75 -66.20
C ASP D 1456 -79.72 36.43 -66.35
N TYR D 1457 -79.28 36.08 -67.56
CA TYR D 1457 -77.90 35.68 -67.74
C TYR D 1457 -76.95 36.85 -67.48
N HIS D 1458 -75.72 36.52 -67.09
CA HIS D 1458 -74.66 37.49 -66.83
C HIS D 1458 -73.38 36.73 -66.49
N GLN D 1459 -72.25 37.43 -66.53
CA GLN D 1459 -71.01 36.76 -66.18
C GLN D 1459 -70.80 37.00 -64.70
N HIS D 1460 -70.83 35.91 -63.96
CA HIS D 1460 -70.71 35.90 -62.51
C HIS D 1460 -69.36 36.39 -62.00
N ASP D 1461 -68.31 36.13 -62.77
CA ASP D 1461 -66.93 36.44 -62.43
C ASP D 1461 -66.07 36.57 -63.67
N MET D 1462 -64.79 36.94 -63.50
CA MET D 1462 -63.87 37.07 -64.63
C MET D 1462 -63.55 35.73 -65.30
N ASN D 1463 -63.87 34.64 -64.60
CA ASN D 1463 -63.73 33.28 -65.10
C ASN D 1463 -64.83 32.91 -66.10
N PHE D 1464 -65.85 33.76 -66.18
CA PHE D 1464 -66.99 33.56 -67.06
C PHE D 1464 -66.83 34.37 -68.33
N ASP D 1465 -67.51 33.91 -69.37
CA ASP D 1465 -67.41 34.41 -70.72
C ASP D 1465 -68.71 34.37 -71.46
N LEU D 1466 -69.05 35.44 -72.16
CA LEU D 1466 -70.25 35.48 -72.99
C LEU D 1466 -70.44 34.22 -73.83
N SER D 1467 -69.38 33.65 -74.41
CA SER D 1467 -69.53 32.43 -75.20
C SER D 1467 -69.91 31.18 -74.38
N LYS D 1468 -69.66 31.25 -73.08
CA LYS D 1468 -70.09 30.20 -72.16
C LYS D 1468 -71.61 30.11 -72.09
N VAL D 1469 -72.27 31.26 -72.03
CA VAL D 1469 -73.72 31.33 -71.89
C VAL D 1469 -74.47 30.88 -73.14
N ARG D 1470 -75.55 30.14 -72.94
CA ARG D 1470 -76.41 29.71 -74.04
C ARG D 1470 -77.48 30.75 -74.39
N ALA D 1471 -77.07 31.86 -74.96
CA ALA D 1471 -78.02 32.88 -75.43
C ALA D 1471 -77.82 33.10 -76.92
N VAL D 1472 -76.89 33.96 -77.26
CA VAL D 1472 -76.44 34.14 -78.65
C VAL D 1472 -75.08 34.85 -78.73
N THR D 1473 -74.05 34.25 -79.31
CA THR D 1473 -72.75 34.94 -79.31
C THR D 1473 -71.84 34.78 -80.53
N VAL D 1474 -71.36 35.89 -81.10
CA VAL D 1474 -70.34 35.77 -82.15
C VAL D 1474 -69.00 36.22 -81.56
N THR D 1475 -67.99 35.35 -81.63
CA THR D 1475 -66.69 35.76 -81.12
C THR D 1475 -65.86 36.25 -82.27
N MET D 1476 -65.18 37.39 -82.08
CA MET D 1476 -64.32 37.98 -83.09
C MET D 1476 -62.96 38.34 -82.48
N GLY D 1477 -61.86 37.98 -83.14
CA GLY D 1477 -60.54 38.26 -82.57
C GLY D 1477 -59.74 39.29 -83.36
N ASP D 1478 -58.47 39.45 -82.96
CA ASP D 1478 -57.51 40.33 -83.61
C ASP D 1478 -57.21 39.87 -85.04
N ASN D 1491 -60.74 32.62 -85.46
CA ASN D 1491 -61.70 33.04 -86.47
C ASN D 1491 -63.01 33.63 -85.93
N CYS D 1492 -63.80 34.20 -86.83
CA CYS D 1492 -65.10 34.71 -86.47
C CYS D 1492 -65.97 33.49 -86.29
N TYR D 1493 -66.60 33.34 -85.13
CA TYR D 1493 -67.35 32.11 -84.90
C TYR D 1493 -68.63 32.27 -84.11
N MET D 1494 -69.67 31.60 -84.63
CA MET D 1494 -70.98 31.63 -84.01
C MET D 1494 -71.13 30.62 -82.89
N VAL D 1495 -71.69 31.07 -81.78
CA VAL D 1495 -71.89 30.22 -80.61
C VAL D 1495 -73.31 30.36 -80.07
N TRP D 1496 -74.26 29.73 -80.75
CA TRP D 1496 -75.67 29.78 -80.34
C TRP D 1496 -76.19 28.39 -80.01
N GLY D 1497 -76.82 28.26 -78.85
CA GLY D 1497 -77.37 26.99 -78.41
C GLY D 1497 -76.32 25.91 -78.35
N ILE D 1509 -58.71 35.06 -87.78
CA ILE D 1509 -59.14 36.02 -86.75
C ILE D 1509 -59.55 37.32 -87.41
N SER D 1510 -60.80 37.71 -87.20
CA SER D 1510 -61.32 38.95 -87.76
C SER D 1510 -60.93 40.19 -86.97
N HIS D 1511 -60.07 41.02 -87.57
CA HIS D 1511 -59.68 42.25 -86.89
C HIS D 1511 -60.89 43.09 -86.54
N THR D 1512 -61.03 43.31 -85.24
CA THR D 1512 -62.13 44.08 -84.71
C THR D 1512 -61.55 45.33 -84.06
N ASP D 1513 -62.06 46.48 -84.47
CA ASP D 1513 -61.61 47.77 -83.96
C ASP D 1513 -62.26 48.04 -82.60
N LEU D 1514 -61.86 49.14 -81.97
CA LEU D 1514 -62.37 49.58 -80.68
C LEU D 1514 -63.90 49.57 -80.63
N VAL D 1515 -64.51 50.12 -81.67
CA VAL D 1515 -65.95 50.20 -81.75
C VAL D 1515 -66.51 49.10 -82.63
N ILE D 1516 -67.54 48.42 -82.15
CA ILE D 1516 -68.22 47.38 -82.91
C ILE D 1516 -69.71 47.55 -82.67
N GLY D 1517 -70.50 47.39 -83.70
CA GLY D 1517 -71.92 47.57 -83.54
C GLY D 1517 -72.60 46.22 -83.50
N CYS D 1518 -73.52 46.11 -82.55
CA CYS D 1518 -74.26 44.86 -82.36
C CYS D 1518 -75.68 45.12 -82.83
N LEU D 1519 -76.17 44.30 -83.77
CA LEU D 1519 -77.50 44.52 -84.31
C LEU D 1519 -78.47 43.37 -84.05
N VAL D 1520 -79.59 43.68 -83.39
CA VAL D 1520 -80.61 42.66 -83.11
C VAL D 1520 -81.93 42.95 -83.79
N ASP D 1521 -82.30 42.12 -84.76
CA ASP D 1521 -83.58 42.25 -85.44
C ASP D 1521 -84.52 41.14 -85.03
N LEU D 1522 -85.44 41.44 -84.12
CA LEU D 1522 -86.33 40.41 -83.62
C LEU D 1522 -87.56 40.26 -84.49
N ALA D 1523 -87.77 41.19 -85.40
CA ALA D 1523 -88.89 41.07 -86.33
C ALA D 1523 -88.60 39.90 -87.25
N THR D 1524 -87.33 39.81 -87.69
CA THR D 1524 -86.91 38.70 -88.54
C THR D 1524 -86.25 37.58 -87.72
N GLY D 1525 -85.81 37.89 -86.51
CA GLY D 1525 -85.17 36.89 -85.65
C GLY D 1525 -83.73 36.67 -86.09
N LEU D 1526 -83.03 37.75 -86.43
CA LEU D 1526 -81.65 37.64 -86.87
C LEU D 1526 -80.71 38.49 -86.00
N MET D 1527 -79.46 38.06 -85.88
CA MET D 1527 -78.42 38.79 -85.16
C MET D 1527 -77.13 38.86 -85.96
N THR D 1528 -76.66 40.10 -86.12
CA THR D 1528 -75.46 40.44 -86.88
C THR D 1528 -74.55 41.46 -86.19
N PHE D 1529 -73.33 41.57 -86.70
CA PHE D 1529 -72.39 42.59 -86.26
C PHE D 1529 -71.96 43.51 -87.40
N THR D 1530 -71.61 44.73 -87.01
CA THR D 1530 -71.11 45.75 -87.93
C THR D 1530 -69.74 46.21 -87.42
N ALA D 1531 -68.71 46.08 -88.25
CA ALA D 1531 -67.36 46.48 -87.80
C ALA D 1531 -66.82 47.52 -88.76
N ASN D 1532 -66.40 48.65 -88.20
CA ASN D 1532 -65.85 49.78 -88.96
C ASN D 1532 -66.82 50.27 -90.03
N GLY D 1533 -68.11 50.23 -89.72
CA GLY D 1533 -69.14 50.69 -90.63
C GLY D 1533 -69.49 49.65 -91.70
N LYS D 1534 -68.90 48.45 -91.65
CA LYS D 1534 -69.19 47.44 -92.65
C LYS D 1534 -69.97 46.28 -92.07
N GLU D 1535 -70.85 45.71 -92.88
CA GLU D 1535 -71.67 44.59 -92.45
C GLU D 1535 -70.81 43.34 -92.42
N SER D 1536 -70.79 42.63 -91.28
CA SER D 1536 -70.00 41.42 -91.16
C SER D 1536 -70.79 40.16 -91.50
N ASN D 1537 -72.09 40.34 -91.76
CA ASN D 1537 -73.10 39.36 -92.17
C ASN D 1537 -73.86 38.81 -90.99
N THR D 1538 -74.98 38.17 -91.26
CA THR D 1538 -75.78 37.56 -90.22
C THR D 1538 -75.03 36.39 -89.63
N PHE D 1539 -74.93 36.35 -88.31
CA PHE D 1539 -74.22 35.28 -87.67
C PHE D 1539 -75.20 34.31 -87.05
N PHE D 1540 -76.29 34.84 -86.52
CA PHE D 1540 -77.22 33.95 -85.86
C PHE D 1540 -78.68 34.18 -86.22
N GLN D 1541 -79.48 33.13 -86.08
CA GLN D 1541 -80.92 33.30 -86.22
C GLN D 1541 -81.51 33.02 -84.87
N VAL D 1542 -81.48 34.02 -84.00
CA VAL D 1542 -82.06 33.96 -82.66
C VAL D 1542 -83.50 33.49 -82.77
N GLU D 1543 -83.98 32.79 -81.76
CA GLU D 1543 -85.34 32.30 -81.85
C GLU D 1543 -86.31 33.42 -81.53
N PRO D 1544 -87.48 33.34 -82.13
CA PRO D 1544 -88.49 34.37 -81.90
C PRO D 1544 -89.12 34.19 -80.54
N ASN D 1545 -89.76 35.25 -80.08
CA ASN D 1545 -90.42 35.32 -78.78
C ASN D 1545 -89.46 35.24 -77.58
N THR D 1546 -88.16 35.36 -77.80
CA THR D 1546 -87.18 35.34 -76.72
C THR D 1546 -86.76 36.76 -76.43
N LYS D 1547 -86.03 36.96 -75.34
CA LYS D 1547 -85.54 38.28 -75.00
C LYS D 1547 -84.10 38.19 -74.58
N LEU D 1548 -83.25 38.95 -75.27
CA LEU D 1548 -81.83 38.97 -74.97
C LEU D 1548 -81.33 40.40 -74.88
N PHE D 1549 -80.16 40.56 -74.27
CA PHE D 1549 -79.51 41.86 -74.10
C PHE D 1549 -78.02 41.75 -74.41
N PRO D 1550 -77.40 42.92 -74.83
CA PRO D 1550 -75.96 42.77 -75.14
C PRO D 1550 -75.10 42.42 -73.92
N ALA D 1551 -74.10 41.58 -74.14
CA ALA D 1551 -73.16 41.21 -73.09
C ALA D 1551 -71.80 40.96 -73.73
N VAL D 1552 -70.77 41.46 -73.06
CA VAL D 1552 -69.43 41.22 -73.52
C VAL D 1552 -68.63 40.72 -72.33
N PHE D 1553 -67.97 39.60 -72.54
CA PHE D 1553 -67.20 39.04 -71.47
C PHE D 1553 -65.73 39.23 -71.70
N VAL D 1554 -65.16 39.91 -70.72
CA VAL D 1554 -63.76 40.17 -70.56
C VAL D 1554 -63.48 40.09 -69.08
N LEU D 1555 -62.23 39.75 -68.74
CA LEU D 1555 -61.74 39.83 -67.38
C LEU D 1555 -60.46 40.65 -67.40
N PRO D 1556 -59.45 40.11 -68.20
CA PRO D 1556 -58.29 41.00 -68.37
C PRO D 1556 -58.70 42.14 -69.30
N THR D 1557 -58.05 43.29 -69.19
CA THR D 1557 -56.93 43.50 -68.28
C THR D 1557 -57.52 43.93 -66.95
N HIS D 1558 -56.82 43.62 -65.86
CA HIS D 1558 -57.26 44.15 -64.61
C HIS D 1558 -58.73 43.79 -64.58
N GLN D 1559 -59.51 44.86 -64.47
CA GLN D 1559 -60.96 44.85 -64.37
C GLN D 1559 -61.42 45.73 -65.53
N ASN D 1560 -61.39 45.16 -66.73
CA ASN D 1560 -61.68 45.93 -67.94
C ASN D 1560 -63.06 46.60 -67.94
N VAL D 1561 -63.16 47.71 -68.69
CA VAL D 1561 -64.35 48.54 -68.75
C VAL D 1561 -64.87 48.68 -70.18
N ILE D 1562 -66.12 48.29 -70.38
CA ILE D 1562 -66.76 48.32 -71.70
C ILE D 1562 -68.00 49.21 -71.74
N GLN D 1563 -68.03 50.13 -72.70
CA GLN D 1563 -69.17 51.03 -72.75
C GLN D 1563 -70.20 50.53 -73.74
N PHE D 1564 -71.47 50.72 -73.38
CA PHE D 1564 -72.61 50.32 -74.19
C PHE D 1564 -73.49 51.53 -74.48
N GLU D 1565 -73.65 51.86 -75.76
CA GLU D 1565 -74.43 53.01 -76.19
C GLU D 1565 -75.53 52.69 -77.20
N LEU D 1566 -76.77 53.03 -76.90
CA LEU D 1566 -77.83 52.81 -77.87
C LEU D 1566 -77.63 53.73 -79.07
N GLY D 1567 -77.71 53.21 -80.30
CA GLY D 1567 -77.58 54.08 -81.46
C GLY D 1567 -78.98 54.46 -81.87
N LYS D 1568 -79.77 53.41 -82.10
CA LYS D 1568 -81.17 53.61 -82.44
C LYS D 1568 -82.00 52.35 -82.27
N GLN D 1569 -83.31 52.51 -82.39
CA GLN D 1569 -84.19 51.37 -82.29
C GLN D 1569 -85.44 51.60 -83.12
N LYS D 1570 -86.00 50.50 -83.58
CA LYS D 1570 -87.20 50.40 -84.37
C LYS D 1570 -88.25 49.62 -83.60
N ASN D 1571 -89.22 50.36 -83.08
CA ASN D 1571 -90.33 49.82 -82.31
C ASN D 1571 -91.31 49.08 -83.21
N UNK D 2124 -48.95 14.18 -74.06
CA UNK D 2124 -48.18 12.93 -73.94
C UNK D 2124 -47.42 12.66 -75.25
N UNK D 2125 -48.16 12.81 -76.34
CA UNK D 2125 -47.63 12.61 -77.69
C UNK D 2125 -46.44 13.54 -77.94
N UNK D 2126 -46.67 14.78 -77.57
CA UNK D 2126 -45.66 15.85 -77.73
C UNK D 2126 -44.38 15.47 -76.98
N UNK D 2127 -44.59 15.02 -75.75
CA UNK D 2127 -43.50 14.60 -74.85
C UNK D 2127 -42.69 13.48 -75.50
N UNK D 2128 -43.43 12.52 -76.03
CA UNK D 2128 -42.85 11.35 -76.70
C UNK D 2128 -41.97 11.80 -77.87
N UNK D 2129 -42.52 12.71 -78.65
CA UNK D 2129 -41.85 13.28 -79.81
C UNK D 2129 -40.53 13.92 -79.40
N UNK D 2130 -40.62 14.70 -78.34
CA UNK D 2130 -39.47 15.43 -77.78
C UNK D 2130 -38.37 14.43 -77.39
N UNK D 2131 -38.80 13.39 -76.72
CA UNK D 2131 -37.92 12.31 -76.25
C UNK D 2131 -37.18 11.69 -77.44
N UNK D 2132 -37.95 11.41 -78.48
CA UNK D 2132 -37.46 10.80 -79.72
C UNK D 2132 -36.37 11.69 -80.32
N UNK D 2133 -36.68 12.97 -80.37
CA UNK D 2133 -35.79 14.00 -80.92
C UNK D 2133 -34.46 13.99 -80.16
N UNK D 2134 -34.59 13.97 -78.85
CA UNK D 2134 -33.44 13.95 -77.93
C UNK D 2134 -32.55 12.74 -78.22
N UNK D 2135 -33.21 11.61 -78.36
CA UNK D 2135 -32.54 10.34 -78.65
C UNK D 2135 -31.74 10.44 -79.94
N UNK D 2136 -32.39 11.00 -80.94
CA UNK D 2136 -31.82 11.20 -82.28
C UNK D 2136 -30.55 12.05 -82.17
N UNK D 2137 -30.69 13.12 -81.41
CA UNK D 2137 -29.59 14.07 -81.18
C UNK D 2137 -28.39 13.36 -80.56
N UNK D 2138 -28.70 12.56 -79.56
CA UNK D 2138 -27.71 11.77 -78.82
C UNK D 2138 -26.95 10.85 -79.78
N UNK D 2139 -24.51 10.37 -85.00
CA UNK D 2139 -25.35 11.30 -85.73
C UNK D 2139 -25.94 10.63 -86.95
N UNK D 2140 -25.14 9.84 -87.65
CA UNK D 2140 -25.60 9.18 -88.86
C UNK D 2140 -26.72 8.18 -88.54
N UNK D 2141 -26.57 7.46 -87.44
CA UNK D 2141 -27.59 6.51 -87.00
C UNK D 2141 -28.89 7.22 -86.63
N UNK D 2142 -28.73 8.36 -85.97
CA UNK D 2142 -29.89 9.12 -85.55
C UNK D 2142 -30.58 9.51 -86.83
N UNK D 2143 -29.77 9.86 -87.82
CA UNK D 2143 -30.22 10.28 -89.13
C UNK D 2143 -30.99 9.19 -89.87
N UNK D 2144 -30.53 7.94 -89.79
CA UNK D 2144 -31.25 6.81 -90.38
C UNK D 2144 -32.60 6.62 -89.71
N UNK D 2145 -32.60 6.74 -88.38
CA UNK D 2145 -33.85 6.57 -87.66
C UNK D 2145 -34.79 7.66 -88.14
N UNK D 2146 -34.21 8.83 -88.33
CA UNK D 2146 -34.92 10.02 -88.73
C UNK D 2146 -35.51 9.84 -90.10
N UNK D 2147 -34.76 9.23 -91.00
CA UNK D 2147 -35.23 8.98 -92.34
C UNK D 2147 -36.42 8.05 -92.27
N UNK D 2148 -36.34 7.02 -91.44
CA UNK D 2148 -37.47 6.10 -91.35
C UNK D 2148 -38.70 6.86 -90.87
N UNK D 2149 -38.47 7.74 -89.90
CA UNK D 2149 -39.54 8.54 -89.32
C UNK D 2149 -40.16 9.51 -90.33
N UNK D 2150 -39.31 10.12 -91.13
CA UNK D 2150 -39.71 11.07 -92.15
C UNK D 2150 -40.54 10.33 -93.15
N UNK D 2151 -40.13 9.09 -93.42
CA UNK D 2151 -40.84 8.25 -94.37
C UNK D 2151 -42.24 8.00 -93.86
N UNK D 2152 -42.32 7.70 -92.57
CA UNK D 2152 -43.63 7.45 -91.97
C UNK D 2152 -44.49 8.70 -92.07
N UNK D 2153 -43.86 9.85 -91.82
CA UNK D 2153 -44.57 11.12 -91.86
C UNK D 2153 -45.09 11.41 -93.26
N UNK D 2154 -56.59 24.93 -78.46
CA UNK D 2154 -55.64 24.62 -79.51
C UNK D 2154 -54.22 24.73 -78.97
N UNK D 2155 -54.11 25.01 -77.68
CA UNK D 2155 -52.82 25.16 -77.04
C UNK D 2155 -52.04 23.87 -77.11
N UNK D 2156 -52.74 22.76 -76.93
CA UNK D 2156 -52.10 21.45 -77.01
C UNK D 2156 -51.57 21.32 -78.40
N UNK D 2157 -52.35 21.79 -79.37
CA UNK D 2157 -51.95 21.70 -80.76
C UNK D 2157 -50.69 22.50 -81.02
N UNK D 2158 -50.61 23.69 -80.45
CA UNK D 2158 -49.45 24.55 -80.61
C UNK D 2158 -48.25 23.83 -80.04
N UNK D 2159 -48.42 23.21 -78.88
CA UNK D 2159 -47.32 22.52 -78.24
C UNK D 2159 -46.84 21.39 -79.14
N UNK D 2160 -47.78 20.66 -79.71
CA UNK D 2160 -47.42 19.54 -80.58
C UNK D 2160 -46.65 20.04 -81.79
N UNK D 2161 -47.11 21.14 -82.36
CA UNK D 2161 -46.46 21.65 -83.56
C UNK D 2161 -45.05 22.04 -83.20
N UNK D 2162 -44.88 22.67 -82.05
CA UNK D 2162 -43.57 23.11 -81.62
C UNK D 2162 -42.64 21.93 -81.43
N UNK D 2163 -43.16 20.89 -80.81
CA UNK D 2163 -42.34 19.73 -80.56
C UNK D 2163 -41.92 19.15 -81.89
N UNK D 2164 -42.84 19.11 -82.83
CA UNK D 2164 -42.58 18.53 -84.13
C UNK D 2164 -41.49 19.30 -84.84
N UNK D 2165 -41.58 20.62 -84.75
CA UNK D 2165 -40.61 21.47 -85.40
C UNK D 2165 -39.24 21.24 -84.79
N UNK D 2166 -39.20 21.12 -83.48
CA UNK D 2166 -37.93 20.91 -82.81
C UNK D 2166 -37.34 19.60 -83.28
N UNK D 2167 -38.18 18.58 -83.40
CA UNK D 2167 -37.73 17.27 -83.84
C UNK D 2167 -37.15 17.33 -85.24
N UNK D 2168 -37.84 18.05 -86.11
CA UNK D 2168 -37.37 18.18 -87.49
C UNK D 2168 -36.03 18.87 -87.50
N UNK D 2169 -35.88 19.90 -86.67
CA UNK D 2169 -34.63 20.63 -86.57
C UNK D 2169 -33.49 19.73 -86.11
N UNK D 2170 -33.79 18.86 -85.15
CA UNK D 2170 -32.82 17.91 -84.64
C UNK D 2170 -32.39 16.94 -85.73
N UNK D 2171 -33.37 16.50 -86.51
CA UNK D 2171 -33.10 15.59 -87.61
C UNK D 2171 -32.18 16.28 -88.59
N UNK D 2172 -32.44 17.57 -88.78
CA UNK D 2172 -31.63 18.41 -89.66
C UNK D 2172 -30.20 18.52 -89.19
N UNK D 2173 -30.02 18.70 -87.88
CA UNK D 2173 -28.68 18.78 -87.33
C UNK D 2173 -28.01 17.44 -87.62
N UNK D 2174 -28.78 16.37 -87.45
CA UNK D 2174 -28.34 15.03 -87.80
C UNK D 2174 -27.61 15.04 -89.14
N UNK D 2175 -26.03 16.67 -93.82
CA UNK D 2175 -26.44 17.51 -94.93
C UNK D 2175 -27.44 16.91 -95.91
N UNK D 2176 -27.24 15.68 -96.35
CA UNK D 2176 -28.16 15.09 -97.34
C UNK D 2176 -29.56 14.87 -96.78
N UNK D 2177 -29.61 14.33 -95.57
CA UNK D 2177 -30.87 14.08 -94.93
C UNK D 2177 -31.52 15.42 -94.77
N UNK D 2178 -30.70 16.41 -94.44
CA UNK D 2178 -31.17 17.76 -94.21
C UNK D 2178 -31.79 18.41 -95.44
N UNK D 2179 -31.16 18.23 -96.58
CA UNK D 2179 -31.70 18.78 -97.81
C UNK D 2179 -33.03 18.10 -98.07
N UNK D 2180 -33.07 16.80 -97.84
CA UNK D 2180 -34.29 16.08 -98.12
C UNK D 2180 -35.39 16.63 -97.25
N UNK D 2181 -35.05 16.87 -96.00
CA UNK D 2181 -36.00 17.35 -95.02
C UNK D 2181 -36.51 18.72 -95.38
N UNK D 2182 -35.61 19.58 -95.85
CA UNK D 2182 -35.98 20.92 -96.20
C UNK D 2182 -36.97 20.85 -97.34
N UNK D 2183 -36.68 19.98 -98.30
CA UNK D 2183 -37.57 19.87 -99.45
C UNK D 2183 -38.94 19.38 -99.01
N UNK D 2184 -38.97 18.40 -98.11
CA UNK D 2184 -40.24 17.86 -97.65
C UNK D 2184 -41.04 18.94 -96.94
N UNK D 2185 -40.34 19.74 -96.15
CA UNK D 2185 -40.91 20.94 -95.58
C UNK D 2185 -41.10 21.84 -96.78
N UNK D 2186 -41.96 22.83 -96.66
CA UNK D 2186 -42.35 23.60 -97.83
C UNK D 2186 -41.10 24.19 -98.44
N UNK D 2187 -40.17 24.64 -97.61
CA UNK D 2187 -38.90 25.16 -98.10
C UNK D 2187 -39.21 26.50 -98.72
N UNK D 2188 -40.12 26.51 -99.68
CA UNK D 2188 -40.63 27.76 -100.20
C UNK D 2188 -41.65 28.25 -99.20
N UNK D 2189 -42.38 27.29 -98.63
CA UNK D 2189 -43.34 27.58 -97.59
C UNK D 2189 -42.60 28.18 -96.42
N UNK D 2190 -41.42 27.66 -96.13
CA UNK D 2190 -40.62 28.17 -95.03
C UNK D 2190 -40.24 29.62 -95.26
N UNK D 2191 -39.86 29.95 -96.49
CA UNK D 2191 -39.51 31.30 -96.86
C UNK D 2191 -40.71 32.21 -96.69
N UNK D 2192 -41.87 31.71 -97.09
CA UNK D 2192 -43.10 32.47 -96.98
C UNK D 2192 -43.39 32.76 -95.51
N UNK D 2193 -43.15 31.76 -94.67
CA UNK D 2193 -43.36 31.88 -93.24
C UNK D 2193 -42.44 32.93 -92.65
N UNK D 2194 -41.20 32.92 -93.12
CA UNK D 2194 -40.23 33.87 -92.62
C UNK D 2194 -40.73 35.25 -92.98
N UNK D 2195 -41.24 35.38 -94.20
CA UNK D 2195 -41.73 36.67 -94.66
C UNK D 2195 -42.89 37.14 -93.80
N UNK D 2196 -43.78 36.22 -93.48
CA UNK D 2196 -44.96 36.53 -92.67
C UNK D 2196 -44.57 37.18 -91.35
N UNK D 2197 -43.92 31.01 -80.13
CA UNK D 2197 -43.49 29.76 -80.76
C UNK D 2197 -43.37 29.92 -82.27
N UNK D 2198 -44.15 30.84 -82.83
CA UNK D 2198 -44.11 31.12 -84.27
C UNK D 2198 -42.70 31.60 -84.56
N UNK D 2199 -42.17 32.34 -83.59
CA UNK D 2199 -40.79 32.76 -83.63
C UNK D 2199 -39.95 31.49 -83.62
N UNK D 2200 -40.40 30.47 -82.90
CA UNK D 2200 -39.67 29.20 -82.87
C UNK D 2200 -39.59 28.53 -84.24
N UNK D 2201 -40.67 28.59 -85.01
CA UNK D 2201 -40.69 28.13 -86.41
C UNK D 2201 -39.76 28.95 -87.30
N UNK D 2202 -39.74 30.26 -87.05
CA UNK D 2202 -38.84 31.13 -87.79
C UNK D 2202 -37.46 30.63 -87.49
N UNK D 2203 -37.27 30.25 -86.23
CA UNK D 2203 -36.03 29.72 -85.69
C UNK D 2203 -35.60 28.40 -86.33
N UNK D 2204 -36.56 27.53 -86.62
CA UNK D 2204 -36.34 26.30 -87.38
C UNK D 2204 -35.90 26.55 -88.83
N UNK D 2205 -36.48 27.57 -89.44
CA UNK D 2205 -36.03 28.00 -90.76
C UNK D 2205 -34.60 28.48 -90.60
N UNK D 2206 -34.41 29.14 -89.46
CA UNK D 2206 -33.15 29.71 -89.08
C UNK D 2206 -32.17 28.58 -88.98
N UNK D 2207 -32.67 27.45 -88.52
CA UNK D 2207 -32.04 26.13 -88.37
C UNK D 2207 -31.63 25.40 -89.64
N UNK D 2208 -32.42 25.51 -90.71
CA UNK D 2208 -31.92 25.10 -92.02
C UNK D 2208 -30.75 26.03 -92.36
N UNK D 2209 -30.97 27.29 -92.04
CA UNK D 2209 -29.92 28.28 -92.23
C UNK D 2209 -28.74 27.88 -91.36
N UNK D 2210 -29.08 27.20 -90.27
CA UNK D 2210 -28.27 26.60 -89.22
C UNK D 2210 -27.40 25.43 -89.62
N UNK D 2211 -27.88 24.56 -90.49
CA UNK D 2211 -27.01 23.58 -91.12
C UNK D 2211 -26.04 24.39 -91.96
N UNK D 2212 -26.60 25.42 -92.58
CA UNK D 2212 -25.78 26.28 -93.40
C UNK D 2212 -24.69 26.85 -92.50
N UNK D 2213 -25.07 27.12 -91.26
CA UNK D 2213 -24.19 27.77 -90.30
C UNK D 2213 -23.44 26.84 -89.36
N UNK D 2214 -23.62 25.55 -89.48
CA UNK D 2214 -22.66 24.53 -89.09
C UNK D 2214 -21.52 24.71 -90.05
N UNK D 2215 -21.90 24.91 -91.31
CA UNK D 2215 -20.90 25.29 -92.28
C UNK D 2215 -20.32 26.62 -91.79
N UNK D 2216 -21.88 27.03 -91.30
CA UNK D 2216 -21.45 28.32 -90.78
C UNK D 2216 -20.50 28.17 -89.60
N UNK D 2217 -20.76 27.19 -88.74
CA UNK D 2217 -19.97 26.92 -87.57
C UNK D 2217 -18.60 26.47 -88.01
N UNK D 2218 -18.56 25.65 -89.07
CA UNK D 2218 -17.28 25.23 -89.59
C UNK D 2218 -16.51 26.45 -90.09
N UNK D 2219 -17.23 27.33 -90.77
CA UNK D 2219 -16.62 28.52 -91.32
C UNK D 2219 -16.07 29.36 -90.18
N UNK D 2220 -16.82 29.38 -89.08
CA UNK D 2220 -16.49 30.11 -87.85
C UNK D 2220 -15.25 29.60 -87.16
N UNK D 2221 -15.09 28.28 -87.11
CA UNK D 2221 -13.89 27.71 -86.54
C UNK D 2221 -12.74 28.19 -87.41
N UNK D 2222 -12.99 28.18 -88.72
CA UNK D 2222 -11.96 28.61 -89.65
C UNK D 2222 -11.57 30.06 -89.40
N UNK D 2223 -12.57 30.89 -89.15
CA UNK D 2223 -12.37 32.31 -88.90
C UNK D 2223 -11.57 32.51 -87.63
N UNK D 2224 -11.89 31.72 -86.61
CA UNK D 2224 -11.24 31.86 -85.34
C UNK D 2224 -9.78 31.60 -85.59
N UNK D 2225 -9.51 30.60 -86.43
CA UNK D 2225 -8.15 30.40 -86.89
C UNK D 2225 -7.16 30.37 -85.74
N UNK D 2226 95.63 17.11 -70.70
CA UNK D 2226 96.97 17.30 -70.17
C UNK D 2226 97.11 16.72 -68.76
N UNK D 2227 97.96 17.33 -67.95
CA UNK D 2227 98.18 16.88 -66.58
C UNK D 2227 96.89 17.01 -65.79
N UNK D 2228 96.18 18.11 -66.02
CA UNK D 2228 94.90 18.32 -65.36
C UNK D 2228 93.95 17.23 -65.79
N UNK D 2229 94.01 16.83 -67.05
CA UNK D 2229 93.17 15.76 -67.57
C UNK D 2229 93.47 14.43 -66.89
N UNK D 2230 94.74 14.15 -66.67
CA UNK D 2230 95.16 12.94 -65.98
C UNK D 2230 94.60 12.98 -64.56
N UNK D 2231 94.67 14.17 -63.96
CA UNK D 2231 94.17 14.35 -62.61
C UNK D 2231 92.69 14.08 -62.57
N UNK D 2232 91.97 14.54 -63.59
CA UNK D 2232 90.54 14.33 -63.70
C UNK D 2232 90.21 12.85 -63.83
N UNK D 2233 91.01 12.13 -64.61
CA UNK D 2233 90.80 10.70 -64.75
C UNK D 2233 91.00 10.02 -63.41
N UNK D 2234 92.02 10.48 -62.68
CA UNK D 2234 92.32 9.94 -61.37
C UNK D 2234 91.18 10.18 -60.40
N UNK D 2235 90.58 11.37 -60.49
CA UNK D 2235 89.44 11.76 -59.67
C UNK D 2235 88.24 10.90 -59.98
N UNK D 2236 88.06 10.57 -61.26
CA UNK D 2236 86.99 9.69 -61.70
C UNK D 2236 87.21 8.32 -61.09
N UNK D 2237 88.47 7.90 -61.06
CA UNK D 2237 88.85 6.63 -60.45
C UNK D 2237 88.51 6.66 -58.97
N UNK D 2238 88.78 7.80 -58.33
CA UNK D 2238 88.49 8.00 -56.92
C UNK D 2238 87.00 7.89 -56.65
N UNK D 2239 86.21 8.43 -57.56
CA UNK D 2239 84.75 8.38 -57.43
C UNK D 2239 84.07 8.86 -58.70
N UNK D 2240 90.09 29.49 -61.38
CA UNK D 2240 89.53 29.80 -60.07
C UNK D 2240 88.11 30.36 -60.21
N UNK D 2241 87.91 31.61 -59.80
CA UNK D 2241 86.60 32.24 -59.87
C UNK D 2241 86.15 32.33 -61.32
N UNK D 2242 87.09 32.60 -62.21
CA UNK D 2242 86.83 32.62 -63.65
C UNK D 2242 86.41 31.24 -64.16
N UNK D 2243 87.06 30.21 -63.62
CA UNK D 2243 86.72 28.84 -64.00
C UNK D 2243 85.27 28.62 -63.58
N UNK D 2244 84.94 29.17 -62.42
CA UNK D 2244 83.58 29.10 -61.88
C UNK D 2244 82.57 29.80 -62.78
N UNK D 2245 82.95 30.95 -63.30
CA UNK D 2245 82.10 31.68 -64.23
C UNK D 2245 81.87 30.86 -65.48
N UNK D 2246 82.92 30.20 -65.96
CA UNK D 2246 82.79 29.37 -67.14
C UNK D 2246 81.83 28.23 -66.88
N UNK D 2247 81.96 27.64 -65.71
CA UNK D 2247 81.11 26.53 -65.34
C UNK D 2247 79.66 27.01 -65.29
N UNK D 2248 79.47 28.22 -64.78
CA UNK D 2248 78.16 28.85 -64.68
C UNK D 2248 77.53 29.09 -66.06
N UNK D 2249 78.33 29.51 -67.02
CA UNK D 2249 77.82 29.69 -68.38
C UNK D 2249 77.40 28.34 -68.90
N UNK D 2250 78.22 27.35 -68.58
CA UNK D 2250 77.96 26.00 -69.05
C UNK D 2250 76.63 25.55 -68.46
N UNK D 2251 76.41 25.94 -67.21
CA UNK D 2251 75.20 25.68 -66.46
C UNK D 2251 73.95 26.33 -67.02
N UNK D 2252 74.07 27.55 -67.49
CA UNK D 2252 72.97 28.23 -68.16
C UNK D 2252 72.64 27.46 -69.44
N UNK D 2253 73.71 26.99 -70.08
CA UNK D 2253 73.56 26.19 -71.29
C UNK D 2253 72.78 24.95 -70.94
N UNK D 2254 73.13 24.40 -69.79
CA UNK D 2254 72.53 23.20 -69.25
C UNK D 2254 71.05 23.41 -68.97
N UNK D 2255 70.70 24.59 -68.45
CA UNK D 2255 69.32 24.94 -68.20
C UNK D 2255 68.52 25.01 -69.49
N UNK D 2256 69.13 25.59 -70.51
CA UNK D 2256 68.47 25.63 -71.81
C UNK D 2256 68.26 24.21 -72.32
N UNK D 2257 69.29 23.39 -72.11
CA UNK D 2257 69.28 22.02 -72.57
C UNK D 2257 68.19 21.29 -71.84
N UNK D 2258 68.01 21.64 -70.59
CA UNK D 2258 67.01 21.10 -69.68
C UNK D 2258 65.61 21.43 -70.14
N UNK D 2259 65.44 22.66 -70.61
CA UNK D 2259 64.17 23.06 -71.20
C UNK D 2259 63.90 22.20 -72.43
N UNK D 2260 64.95 21.97 -73.21
CA UNK D 2260 64.84 21.11 -74.38
C UNK D 2260 64.44 19.71 -73.96
N UNK D 2261 65.00 19.25 -72.85
CA UNK D 2261 64.73 17.95 -72.27
C UNK D 2261 63.28 17.82 -71.81
N UNK D 2262 62.77 18.89 -71.21
CA UNK D 2262 61.38 18.94 -70.77
C UNK D 2262 60.50 18.83 -71.99
N UNK D 2263 60.93 19.49 -73.07
CA UNK D 2263 60.20 19.42 -74.33
C UNK D 2263 60.18 17.99 -74.88
N UNK D 2264 61.33 17.31 -74.83
CA UNK D 2264 61.52 16.01 -75.24
C UNK D 2264 60.73 15.25 -74.36
N UNK D 2265 65.38 27.97 -58.02
CA UNK D 2265 65.10 28.89 -59.11
C UNK D 2265 66.28 28.92 -60.08
N UNK D 2266 66.50 30.07 -60.71
CA UNK D 2266 67.62 30.20 -61.62
C UNK D 2266 68.85 29.97 -60.75
N UNK D 2267 68.80 30.52 -59.54
CA UNK D 2267 69.90 30.39 -58.61
C UNK D 2267 70.10 28.92 -58.27
N UNK D 2268 69.00 28.18 -58.10
CA UNK D 2268 69.11 26.77 -57.78
C UNK D 2268 69.76 25.98 -58.91
N UNK D 2269 69.37 26.30 -60.14
CA UNK D 2269 69.93 25.61 -61.29
C UNK D 2269 71.42 25.89 -61.31
N UNK D 2270 71.76 27.14 -61.02
CA UNK D 2270 73.15 27.57 -61.06
C UNK D 2270 73.96 26.83 -60.03
N UNK D 2271 73.38 26.63 -58.85
CA UNK D 2271 73.99 25.86 -57.76
C UNK D 2271 74.19 24.37 -58.08
N UNK D 2272 73.21 23.78 -58.76
CA UNK D 2272 73.35 22.39 -59.19
C UNK D 2272 74.53 22.37 -60.15
N UNK D 2273 74.59 23.39 -60.99
CA UNK D 2273 75.64 23.49 -61.98
C UNK D 2273 76.97 23.59 -61.27
N UNK D 2274 77.04 24.36 -60.20
CA UNK D 2274 78.25 24.55 -59.45
C UNK D 2274 78.72 23.25 -58.82
N UNK D 2275 77.78 22.51 -58.26
CA UNK D 2275 78.16 21.26 -57.63
C UNK D 2275 78.73 20.36 -58.70
N UNK D 2276 78.08 20.35 -59.85
CA UNK D 2276 78.51 19.49 -60.95
C UNK D 2276 79.90 19.87 -61.40
N UNK D 2277 80.16 21.17 -61.49
CA UNK D 2277 81.45 21.69 -61.90
C UNK D 2277 82.53 21.29 -60.92
N UNK D 2278 82.21 21.36 -59.63
CA UNK D 2278 83.18 20.99 -58.61
C UNK D 2278 83.51 19.51 -58.79
N UNK D 2279 82.49 18.71 -59.04
CA UNK D 2279 82.70 17.29 -59.21
C UNK D 2279 83.60 17.05 -60.41
N UNK D 2280 83.37 17.80 -61.47
CA UNK D 2280 84.14 17.68 -62.70
C UNK D 2280 85.60 18.05 -62.46
N UNK D 2281 85.81 19.12 -61.70
CA UNK D 2281 87.15 19.57 -61.43
C UNK D 2281 87.84 18.45 -60.69
N UNK D 2282 87.11 17.86 -59.76
CA UNK D 2282 87.63 16.70 -59.06
C UNK D 2282 87.37 15.49 -59.93
N UNK D 2283 88.66 19.45 -65.92
CA UNK D 2283 87.44 19.08 -66.63
C UNK D 2283 87.01 20.17 -67.60
N UNK D 2284 87.84 21.20 -67.73
CA UNK D 2284 87.56 22.29 -68.65
C UNK D 2284 87.49 21.80 -70.08
N UNK D 2285 88.39 20.88 -70.42
CA UNK D 2285 88.42 20.27 -71.74
C UNK D 2285 87.14 19.47 -72.01
N UNK D 2286 86.67 18.77 -70.98
CA UNK D 2286 85.42 18.02 -71.08
C UNK D 2286 84.26 18.98 -71.31
N UNK D 2287 84.30 20.12 -70.63
CA UNK D 2287 83.29 21.14 -70.78
C UNK D 2287 83.30 21.63 -72.21
N UNK D 2288 84.50 21.79 -72.76
CA UNK D 2288 84.68 22.20 -74.16
C UNK D 2288 84.13 21.19 -75.16
N UNK D 2289 84.31 19.90 -74.87
CA UNK D 2289 83.76 18.84 -75.70
C UNK D 2289 82.24 18.91 -75.64
N UNK D 2290 81.75 19.20 -74.45
CA UNK D 2290 80.32 19.33 -74.22
C UNK D 2290 79.83 20.48 -75.06
N UNK D 2291 80.64 21.52 -75.13
CA UNK D 2291 80.40 22.71 -75.93
C UNK D 2291 80.34 22.41 -77.42
N UNK D 2292 81.21 21.54 -77.90
CA UNK D 2292 81.15 21.09 -79.28
C UNK D 2292 79.84 20.35 -79.53
N UNK D 2293 79.45 19.54 -78.55
CA UNK D 2293 78.20 18.81 -78.64
C UNK D 2293 77.04 19.80 -78.70
N UNK D 2294 77.18 20.87 -77.94
CA UNK D 2294 76.24 21.99 -77.85
C UNK D 2294 76.11 22.75 -79.16
N UNK D 2295 77.24 22.90 -79.85
CA UNK D 2295 77.26 23.50 -81.18
C UNK D 2295 76.48 22.61 -82.11
N UNK D 2296 76.66 21.30 -81.91
CA UNK D 2296 75.93 20.33 -82.70
C UNK D 2296 74.45 20.53 -82.42
N UNK D 2297 74.14 20.78 -81.15
CA UNK D 2297 72.78 21.02 -80.69
C UNK D 2297 72.18 22.27 -81.32
N UNK D 2298 72.97 23.33 -81.43
CA UNK D 2298 72.53 24.56 -82.07
C UNK D 2298 72.22 24.29 -83.52
N UNK D 2299 73.07 23.47 -84.14
CA UNK D 2299 72.88 23.08 -85.53
C UNK D 2299 71.57 22.32 -85.69
N UNK D 2300 71.29 21.46 -84.71
CA UNK D 2300 70.06 20.68 -84.66
C UNK D 2300 68.84 21.60 -84.51
N UNK D 2301 68.99 22.64 -83.72
CA UNK D 2301 67.95 23.64 -83.53
C UNK D 2301 67.69 24.33 -84.87
N UNK D 2302 68.78 24.60 -85.58
CA UNK D 2302 68.68 25.23 -86.90
C UNK D 2302 67.92 24.30 -87.84
N UNK D 2303 68.21 23.00 -87.74
CA UNK D 2303 67.52 21.99 -88.53
C UNK D 2303 66.03 21.92 -88.22
N UNK D 2304 60.85 28.66 -97.48
CA UNK D 2304 60.37 27.51 -96.74
C UNK D 2304 61.20 27.29 -95.48
N UNK D 2305 62.33 26.61 -95.64
CA UNK D 2305 63.17 26.27 -94.51
C UNK D 2305 63.65 27.53 -93.83
N UNK D 2306 64.02 28.53 -94.64
CA UNK D 2306 64.47 29.80 -94.11
C UNK D 2306 63.36 30.48 -93.31
N UNK D 2307 62.13 30.38 -93.79
CA UNK D 2307 61.00 30.97 -93.11
C UNK D 2307 60.82 30.32 -91.76
N UNK D 2308 60.96 28.99 -91.74
CA UNK D 2308 60.82 28.23 -90.51
C UNK D 2308 61.90 28.68 -89.54
N UNK D 2309 63.09 28.87 -90.08
CA UNK D 2309 64.23 29.26 -89.27
C UNK D 2309 63.93 30.61 -88.64
N UNK D 2310 63.35 31.51 -89.44
CA UNK D 2310 63.01 32.84 -88.96
C UNK D 2310 61.98 32.77 -87.85
N UNK D 2311 60.98 31.92 -88.00
CA UNK D 2311 59.96 31.77 -86.96
C UNK D 2311 60.59 31.26 -85.68
N UNK D 2312 61.50 30.30 -85.83
CA UNK D 2312 62.17 29.70 -84.69
C UNK D 2312 62.98 30.77 -83.98
N UNK D 2313 63.62 31.62 -84.76
CA UNK D 2313 64.43 32.70 -84.24
C UNK D 2313 63.58 33.69 -83.48
N UNK D 2314 62.41 34.00 -84.01
CA UNK D 2314 61.52 34.94 -83.35
C UNK D 2314 61.17 34.32 -82.03
N UNK D 2315 60.93 33.02 -82.03
CA UNK D 2315 60.58 32.30 -80.81
C UNK D 2315 61.69 32.32 -79.78
N UNK D 2316 62.93 32.16 -80.23
CA UNK D 2316 64.08 32.20 -79.36
C UNK D 2316 64.20 33.58 -78.73
N UNK D 2317 63.96 34.60 -79.54
CA UNK D 2317 64.01 35.97 -79.04
C UNK D 2317 62.94 36.16 -77.98
N UNK D 2318 66.39 31.72 -74.72
CA UNK D 2318 66.21 30.75 -75.79
C UNK D 2318 67.18 31.04 -76.93
N UNK D 2319 66.78 31.94 -77.82
CA UNK D 2319 67.66 32.38 -78.87
C UNK D 2319 68.84 33.04 -78.17
N UNK D 2320 68.53 33.73 -77.09
CA UNK D 2320 69.55 34.38 -76.30
C UNK D 2320 70.47 33.30 -75.78
N UNK D 2321 69.88 32.18 -75.39
CA UNK D 2321 70.66 31.09 -74.85
C UNK D 2321 71.65 30.56 -75.89
N UNK D 2322 71.17 30.43 -77.13
CA UNK D 2322 72.00 29.99 -78.25
C UNK D 2322 73.16 30.95 -78.53
N UNK D 2323 72.87 32.24 -78.44
CA UNK D 2323 73.92 33.26 -78.60
C UNK D 2323 74.96 33.14 -77.48
N UNK D 2324 74.47 32.86 -76.28
CA UNK D 2324 75.32 32.67 -75.12
C UNK D 2324 76.19 31.47 -75.37
N UNK D 2325 75.63 30.45 -76.01
CA UNK D 2325 76.33 29.24 -76.39
C UNK D 2325 77.43 29.53 -77.38
N UNK D 2326 77.16 30.40 -78.33
CA UNK D 2326 78.18 30.82 -79.27
C UNK D 2326 79.31 31.54 -78.52
N UNK D 2327 78.93 32.34 -77.54
CA UNK D 2327 79.91 33.03 -76.71
C UNK D 2327 80.79 32.03 -75.95
N UNK D 2328 80.17 30.99 -75.45
CA UNK D 2328 80.88 29.91 -74.75
C UNK D 2328 81.83 29.19 -75.68
N UNK D 2329 81.40 29.03 -76.92
CA UNK D 2329 82.21 28.42 -77.95
C UNK D 2329 83.45 29.27 -78.19
N UNK D 2330 83.25 30.58 -78.18
CA UNK D 2330 84.33 31.54 -78.32
C UNK D 2330 85.29 31.41 -77.15
N UNK D 2331 84.73 31.21 -75.96
CA UNK D 2331 85.52 31.03 -74.75
C UNK D 2331 86.37 29.76 -74.89
N UNK D 2332 85.76 28.73 -75.47
CA UNK D 2332 86.46 27.48 -75.74
C UNK D 2332 87.60 27.68 -76.72
N UNK D 2333 87.36 28.51 -77.74
CA UNK D 2333 88.39 28.79 -78.72
C UNK D 2333 89.53 29.49 -78.02
N UNK D 2334 89.18 30.38 -77.09
CA UNK D 2334 90.18 31.05 -76.27
C UNK D 2334 90.86 30.05 -75.36
N UNK D 2335 91.45 14.71 -80.64
CA UNK D 2335 91.64 15.94 -79.87
C UNK D 2335 91.50 17.16 -80.78
N UNK D 2336 92.62 17.68 -81.25
CA UNK D 2336 92.59 18.84 -82.14
C UNK D 2336 91.89 18.51 -83.45
N UNK D 2337 92.15 17.34 -84.02
CA UNK D 2337 91.53 16.94 -85.26
C UNK D 2337 90.03 16.79 -85.14
N UNK D 2338 89.60 16.21 -84.03
CA UNK D 2338 88.19 16.03 -83.76
C UNK D 2338 87.56 17.40 -83.62
N UNK D 2339 88.28 18.28 -82.96
CA UNK D 2339 87.81 19.62 -82.70
C UNK D 2339 87.60 20.30 -84.03
N UNK D 2340 88.53 20.06 -84.96
CA UNK D 2340 88.49 20.55 -86.34
C UNK D 2340 87.35 20.00 -87.23
N UNK D 2341 87.01 18.74 -87.07
CA UNK D 2341 85.85 18.18 -87.75
C UNK D 2341 84.64 18.94 -87.21
N UNK D 2342 84.72 19.20 -85.91
CA UNK D 2342 83.70 19.92 -85.18
C UNK D 2342 83.60 21.31 -85.77
N UNK D 2343 84.75 21.83 -86.12
CA UNK D 2343 84.98 23.11 -86.76
C UNK D 2343 84.38 23.22 -88.16
N UNK D 2344 84.45 22.15 -88.94
CA UNK D 2344 83.73 22.05 -90.21
C UNK D 2344 82.22 22.12 -89.94
N UNK D 2345 81.81 21.42 -88.88
CA UNK D 2345 80.41 21.45 -88.49
C UNK D 2345 80.07 22.90 -88.16
N UNK D 2346 81.03 23.56 -87.53
CA UNK D 2346 80.94 24.93 -87.09
C UNK D 2346 80.80 25.91 -88.24
N UNK D 2347 81.51 25.65 -89.34
CA UNK D 2347 81.38 26.45 -90.56
C UNK D 2347 79.98 26.31 -91.13
N UNK D 2348 79.46 25.09 -91.09
CA UNK D 2348 78.09 24.89 -91.54
C UNK D 2348 77.17 25.72 -90.64
N UNK D 2349 77.48 25.69 -89.35
CA UNK D 2349 76.70 26.39 -88.34
C UNK D 2349 76.75 27.88 -88.62
N UNK D 2350 77.91 28.37 -89.02
CA UNK D 2350 78.10 29.76 -89.30
C UNK D 2350 77.20 30.18 -90.44
N UNK D 2351 77.14 29.37 -91.49
CA UNK D 2351 76.26 29.75 -92.60
C UNK D 2351 74.80 29.80 -92.12
N UNK D 2352 74.42 28.79 -91.35
CA UNK D 2352 73.03 28.72 -90.92
C UNK D 2352 72.70 29.92 -90.05
N UNK D 2353 73.69 30.27 -89.23
CA UNK D 2353 73.63 31.36 -88.27
C UNK D 2353 73.48 32.69 -88.96
N UNK D 2354 74.20 32.87 -90.06
CA UNK D 2354 74.08 34.09 -90.80
C UNK D 2354 72.66 34.18 -91.29
N UNK D 2355 72.14 33.06 -91.78
CA UNK D 2355 70.78 33.10 -92.30
C UNK D 2355 69.83 33.52 -91.19
N UNK D 2356 70.02 32.92 -90.03
CA UNK D 2356 69.14 33.17 -88.90
C UNK D 2356 69.21 34.62 -88.45
N UNK D 2357 70.41 35.18 -88.42
CA UNK D 2357 70.62 36.55 -88.00
C UNK D 2357 69.94 37.51 -88.95
N UNK D 2358 70.04 37.25 -90.25
CA UNK D 2358 69.40 38.13 -91.20
C UNK D 2358 67.91 38.08 -90.94
N UNK D 2359 67.41 36.87 -90.72
CA UNK D 2359 65.97 36.71 -90.54
C UNK D 2359 65.54 37.47 -89.30
N UNK D 2360 66.35 37.36 -88.26
CA UNK D 2360 66.06 37.98 -86.97
C UNK D 2360 66.02 39.49 -87.10
N UNK D 2361 66.97 40.05 -87.84
CA UNK D 2361 67.02 41.48 -88.01
C UNK D 2361 65.76 41.91 -88.73
N UNK D 2362 65.38 41.15 -89.74
CA UNK D 2362 64.20 41.52 -90.50
C UNK D 2362 62.97 41.49 -89.59
N UNK D 2363 62.90 40.47 -88.74
CA UNK D 2363 61.78 40.31 -87.84
C UNK D 2363 61.70 41.46 -86.85
N UNK D 2364 62.86 41.86 -86.33
CA UNK D 2364 62.92 42.95 -85.37
C UNK D 2364 62.44 44.22 -86.04
N UNK D 2365 62.85 44.41 -87.28
CA UNK D 2365 62.45 45.60 -88.02
C UNK D 2365 60.94 45.60 -88.22
N UNK D 2366 60.38 44.44 -88.53
CA UNK D 2366 58.94 44.32 -88.67
C UNK D 2366 58.34 44.01 -87.31
N UNK D 2367 65.82 47.38 -76.32
CA UNK D 2367 65.01 46.34 -75.70
C UNK D 2367 65.53 44.96 -76.08
N UNK D 2368 64.61 43.99 -76.21
CA UNK D 2368 65.02 42.64 -76.53
C UNK D 2368 65.69 42.60 -77.90
N UNK D 2369 65.13 43.32 -78.85
CA UNK D 2369 65.68 43.35 -80.19
C UNK D 2369 67.09 43.93 -80.17
N UNK D 2370 67.27 44.99 -79.39
CA UNK D 2370 68.56 45.63 -79.26
C UNK D 2370 69.59 44.69 -78.65
N UNK D 2371 69.15 43.95 -77.64
CA UNK D 2371 70.04 43.00 -76.99
C UNK D 2371 70.46 41.96 -78.00
N UNK D 2372 69.50 41.54 -78.82
CA UNK D 2372 69.76 40.55 -79.84
C UNK D 2372 70.79 41.06 -80.85
N UNK D 2373 70.64 42.32 -81.25
CA UNK D 2373 71.59 42.91 -82.18
C UNK D 2373 72.99 42.97 -81.60
N UNK D 2374 73.07 43.32 -80.31
CA UNK D 2374 74.37 43.39 -79.66
C UNK D 2374 75.00 42.00 -79.64
N UNK D 2375 74.17 41.01 -79.36
CA UNK D 2375 74.63 39.64 -79.29
C UNK D 2375 75.15 39.20 -80.65
N UNK D 2376 74.45 39.62 -81.70
CA UNK D 2376 74.82 39.31 -83.08
C UNK D 2376 76.18 39.93 -83.44
N UNK D 2377 76.39 41.16 -83.01
CA UNK D 2377 77.67 41.82 -83.24
C UNK D 2377 78.78 41.05 -82.53
N UNK D 2378 78.48 40.63 -81.32
CA UNK D 2378 79.44 39.88 -80.53
C UNK D 2378 79.77 38.60 -81.27
N UNK D 2379 78.74 38.00 -81.84
CA UNK D 2379 78.85 36.75 -82.58
C UNK D 2379 79.73 36.92 -83.81
N UNK D 2380 79.56 38.03 -84.51
CA UNK D 2380 80.40 38.31 -85.68
C UNK D 2380 81.85 38.46 -85.26
N UNK D 2381 82.07 39.13 -84.14
CA UNK D 2381 83.43 39.29 -83.64
C UNK D 2381 84.02 37.93 -83.32
N UNK D 2382 83.20 37.08 -82.72
CA UNK D 2382 83.61 35.75 -82.33
C UNK D 2382 83.98 34.94 -83.57
N UNK D 2383 83.19 35.11 -84.63
CA UNK D 2383 83.43 34.44 -85.88
C UNK D 2383 84.76 34.87 -86.48
N UNK D 2384 85.05 36.16 -86.41
CA UNK D 2384 86.33 36.65 -86.92
C UNK D 2384 87.47 36.02 -86.12
N UNK D 2385 87.29 35.95 -84.80
CA UNK D 2385 88.32 35.38 -83.95
C UNK D 2385 88.54 33.91 -84.30
N UNK D 2386 87.44 33.20 -84.57
CA UNK D 2386 87.49 31.79 -84.94
C UNK D 2386 88.22 31.59 -86.25
N UNK D 2387 87.96 32.49 -87.20
CA UNK D 2387 88.62 32.41 -88.49
C UNK D 2387 90.11 32.58 -88.26
N UNK D 2388 90.45 33.52 -87.38
CA UNK D 2388 91.85 33.78 -87.07
C UNK D 2388 92.50 32.54 -86.45
N UNK D 2389 91.78 31.88 -85.56
CA UNK D 2389 92.28 30.66 -84.93
C UNK D 2389 92.50 29.55 -85.94
N UNK D 2390 91.57 29.42 -86.88
CA UNK D 2390 91.67 28.40 -87.91
C UNK D 2390 92.92 28.69 -88.73
N UNK D 2391 93.13 29.97 -88.99
CA UNK D 2391 94.32 30.42 -89.68
C UNK D 2391 95.44 30.59 -88.66
N UNK D 2392 89.78 19.71 -92.64
CA UNK D 2392 88.68 19.12 -93.42
C UNK D 2392 88.61 19.75 -94.79
N UNK D 2393 89.37 19.23 -95.74
CA UNK D 2393 89.25 19.66 -97.13
C UNK D 2393 87.91 19.28 -97.80
N UNK D 2394 87.48 18.04 -97.60
CA UNK D 2394 86.19 17.56 -98.09
C UNK D 2394 85.04 18.26 -97.39
N UNK D 2395 85.24 18.42 -96.09
CA UNK D 2395 84.27 19.10 -95.26
C UNK D 2395 84.20 20.50 -95.81
N UNK D 2396 85.35 21.02 -96.20
CA UNK D 2396 85.49 22.36 -96.73
C UNK D 2396 84.72 22.53 -98.02
N UNK D 2397 84.79 21.54 -98.90
CA UNK D 2397 84.02 21.58 -100.14
C UNK D 2397 82.51 21.58 -99.87
N UNK D 2398 82.09 20.75 -98.91
CA UNK D 2398 80.67 20.75 -98.56
C UNK D 2398 80.27 22.11 -98.02
N UNK D 2399 81.15 22.67 -97.21
CA UNK D 2399 80.92 23.96 -96.57
C UNK D 2399 80.80 25.03 -97.64
N UNK D 2400 81.62 24.92 -98.67
CA UNK D 2400 81.63 25.80 -99.83
C UNK D 2400 80.32 25.75 -100.62
N UNK D 2401 79.79 24.55 -100.81
CA UNK D 2401 78.48 24.44 -101.45
C UNK D 2401 77.43 25.14 -100.58
N UNK D 2402 77.57 24.95 -99.28
CA UNK D 2402 76.64 25.55 -98.32
C UNK D 2402 76.73 27.05 -98.44
N UNK D 2403 77.95 27.53 -98.60
CA UNK D 2403 78.28 28.94 -98.74
C UNK D 2403 77.68 29.52 -100.01
N UNK D 2404 77.71 28.76 -101.08
CA UNK D 2404 77.09 29.19 -102.33
C UNK D 2404 75.60 29.37 -102.09
N UNK D 2405 75.00 28.42 -101.37
CA UNK D 2405 73.58 28.53 -101.08
C UNK D 2405 73.33 29.80 -100.25
N UNK D 2406 74.21 30.03 -99.29
CA UNK D 2406 74.09 31.18 -98.41
C UNK D 2406 74.21 32.49 -99.18
N UNK D 2407 75.10 32.51 -100.15
CA UNK D 2407 75.32 33.68 -101.00
C UNK D 2407 74.07 33.97 -101.81
N UNK D 2408 73.46 32.91 -102.33
CA UNK D 2408 72.25 33.10 -103.10
C UNK D 2408 71.19 33.71 -102.19
N UNK D 2409 71.14 33.19 -100.96
CA UNK D 2409 70.19 33.68 -99.96
C UNK D 2409 70.41 35.15 -99.62
N UNK D 2410 71.67 35.54 -99.51
CA UNK D 2410 72.07 36.91 -99.22
C UNK D 2410 71.63 37.82 -100.36
N UNK D 2411 71.79 37.34 -101.59
CA UNK D 2411 71.39 38.11 -102.75
C UNK D 2411 69.89 38.32 -102.67
N UNK D 2412 69.19 37.26 -102.27
CA UNK D 2412 67.75 37.35 -102.03
C UNK D 2412 67.43 38.57 -101.18
N UNK D 2413 77.22 43.74 -92.22
CA UNK D 2413 78.57 43.31 -92.53
C UNK D 2413 78.64 41.80 -92.72
N UNK D 2414 77.47 41.18 -92.78
CA UNK D 2414 77.40 39.73 -92.94
C UNK D 2414 78.02 39.30 -94.27
N UNK D 2415 77.73 40.06 -95.32
CA UNK D 2415 78.26 39.74 -96.64
C UNK D 2415 79.78 39.85 -96.64
N UNK D 2416 80.30 40.87 -95.97
CA UNK D 2416 81.74 41.07 -95.86
C UNK D 2416 82.37 39.92 -95.11
N UNK D 2417 81.69 39.48 -94.05
CA UNK D 2417 82.18 38.39 -93.24
C UNK D 2417 82.25 37.16 -94.11
N UNK D 2418 81.23 36.97 -94.93
CA UNK D 2418 81.16 35.82 -95.83
C UNK D 2418 82.29 35.85 -96.84
N UNK D 2419 82.59 37.03 -97.38
CA UNK D 2419 83.67 37.16 -98.33
C UNK D 2419 84.98 36.80 -97.65
N UNK D 2420 85.14 37.25 -96.42
CA UNK D 2420 86.35 36.98 -95.66
C UNK D 2420 86.50 35.48 -95.43
N UNK D 2421 85.39 34.83 -95.11
CA UNK D 2421 85.37 33.41 -94.87
C UNK D 2421 85.77 32.67 -96.13
N UNK D 2422 85.25 33.14 -97.26
CA UNK D 2422 85.53 32.52 -98.54
C UNK D 2422 87.02 32.63 -98.81
N UNK D 2423 87.59 33.79 -98.51
CA UNK D 2423 89.02 34.02 -98.69
C UNK D 2423 89.87 33.10 -97.82
N UNK D 2424 89.44 32.92 -96.57
CA UNK D 2424 90.15 32.04 -95.64
C UNK D 2424 90.10 30.63 -96.21
N UNK D 2425 88.94 30.28 -96.75
CA UNK D 2425 88.73 28.97 -97.31
C UNK D 2425 89.68 28.78 -98.47
N UNK D 2426 89.83 29.83 -99.26
CA UNK D 2426 90.71 29.81 -100.40
C UNK D 2426 92.15 29.60 -99.96
N UNK D 2427 92.55 30.27 -98.89
CA UNK D 2427 93.92 30.10 -98.39
C UNK D 2427 94.13 28.67 -97.93
N UNK D 2428 93.12 28.12 -97.26
CA UNK D 2428 93.22 26.77 -96.76
C UNK D 2428 93.33 25.82 -97.93
N UNK D 2429 92.57 26.10 -98.98
CA UNK D 2429 92.56 25.30 -100.19
C UNK D 2429 93.91 25.32 -100.87
N UNK D 2430 94.54 26.48 -100.89
CA UNK D 2430 95.85 26.62 -101.48
C UNK D 2430 96.83 25.77 -100.69
N UNK D 2431 96.70 25.79 -99.37
CA UNK D 2431 97.57 24.98 -98.52
C UNK D 2431 97.37 23.49 -98.82
N UNK D 2432 96.11 23.10 -98.99
CA UNK D 2432 95.76 21.73 -99.27
C UNK D 2432 96.35 21.29 -100.61
N UNK D 2433 96.30 22.20 -101.57
CA UNK D 2433 96.84 21.98 -102.90
C UNK D 2433 98.35 21.78 -102.83
N UNK D 2434 99.01 22.58 -101.99
CA UNK D 2434 100.44 22.45 -101.81
C UNK D 2434 100.72 21.07 -101.24
N UNK D 2435 99.87 20.65 -100.29
CA UNK D 2435 100.01 19.33 -99.68
C UNK D 2435 99.87 18.22 -100.71
N UNK D 2436 98.90 18.39 -101.62
CA UNK D 2436 98.65 17.41 -102.67
C UNK D 2436 99.86 17.34 -103.61
N UNK D 2437 100.43 18.49 -103.90
CA UNK D 2437 101.60 18.56 -104.77
C UNK D 2437 102.76 17.81 -104.14
N UNK D 2438 94.87 12.11 -109.61
CA UNK D 2438 95.03 11.49 -108.30
C UNK D 2438 93.97 12.00 -107.34
N UNK D 2439 94.20 12.24 -105.57
CA UNK D 2439 93.31 12.77 -104.56
C UNK D 2439 93.36 14.27 -104.73
N UNK D 2440 94.56 14.76 -105.01
CA UNK D 2440 94.77 16.16 -105.26
C UNK D 2440 93.94 16.55 -106.48
N UNK D 2441 93.88 15.67 -107.47
CA UNK D 2441 93.13 15.94 -108.69
C UNK D 2441 91.63 16.11 -108.43
N UNK D 2442 91.09 15.24 -107.56
CA UNK D 2442 89.69 15.32 -107.17
C UNK D 2442 89.44 16.61 -106.40
N UNK D 2443 90.40 16.96 -105.54
CA UNK D 2443 90.26 18.15 -104.74
C UNK D 2443 90.18 19.29 -105.72
N UNK D 2444 90.99 19.21 -106.76
CA UNK D 2444 91.08 20.21 -107.80
C UNK D 2444 89.78 20.36 -108.60
N UNK D 2445 89.13 19.26 -108.93
CA UNK D 2445 87.84 19.34 -109.61
C UNK D 2445 86.80 20.02 -108.71
N UNK D 2446 86.84 19.67 -107.43
CA UNK D 2446 85.90 20.26 -106.49
C UNK D 2446 86.17 21.76 -106.43
N UNK D 2447 87.45 22.09 -106.44
CA UNK D 2447 87.92 23.45 -106.36
C UNK D 2447 87.44 24.23 -107.57
N UNK D 2448 87.46 23.59 -108.73
CA UNK D 2448 86.99 24.20 -109.97
C UNK D 2448 85.50 24.49 -109.89
N UNK D 2449 84.71 23.57 -109.35
CA UNK D 2449 83.29 23.86 -109.18
C UNK D 2449 83.10 25.05 -108.24
N UNK D 2450 83.90 25.05 -107.18
CA UNK D 2450 83.81 26.09 -106.18
C UNK D 2450 84.14 27.42 -106.83
N UNK D 2451 85.13 27.38 -107.72
CA UNK D 2451 85.62 28.52 -108.46
C UNK D 2451 84.58 29.09 -109.41
N UNK D 2452 83.83 28.22 -110.08
CA UNK D 2452 82.76 28.70 -110.94
C UNK D 2452 81.74 29.43 -110.08
N UNK D 2453 81.46 28.84 -108.92
CA UNK D 2453 80.50 29.47 -108.02
C UNK D 2453 81.01 30.84 -107.59
N UNK D 2454 82.31 30.90 -107.32
CA UNK D 2454 82.99 32.11 -106.88
C UNK D 2454 82.95 33.19 -107.96
N UNK D 2455 83.11 32.79 -109.21
CA UNK D 2455 83.04 33.72 -110.33
C UNK D 2455 81.65 34.30 -110.42
N UNK D 2456 80.64 33.44 -110.23
CA UNK D 2456 79.27 33.93 -110.25
C UNK D 2456 79.09 34.96 -109.13
N UNK D 2457 79.66 34.65 -107.97
CA UNK D 2457 79.57 35.53 -106.82
C UNK D 2457 80.24 36.87 -107.08
N UNK D 2458 81.38 36.83 -107.77
CA UNK D 2458 82.13 38.03 -108.12
C UNK D 2458 81.32 38.89 -109.07
N UNK D 2459 80.64 38.22 -110.01
CA UNK D 2459 79.81 38.94 -110.96
C UNK D 2459 78.70 39.64 -110.18
N UNK D 2460 78.17 38.94 -109.19
CA UNK D 2460 77.14 39.51 -108.32
C UNK D 2460 77.63 40.72 -107.51
N UNK D 2461 78.86 40.64 -107.02
CA UNK D 2461 79.45 41.65 -106.15
C UNK D 2461 79.06 43.08 -106.53
N UNK D 2462 85.42 43.72 -101.05
CA UNK D 2462 86.31 44.56 -100.27
C UNK D 2462 87.76 44.15 -100.48
N UNK D 2463 88.59 44.33 -99.45
CA UNK D 2463 89.98 43.92 -99.50
C UNK D 2463 89.98 42.41 -99.71
N UNK D 2464 89.04 41.76 -99.04
CA UNK D 2464 88.84 40.34 -99.19
C UNK D 2464 88.49 40.06 -100.63
N UNK D 2465 87.69 40.93 -101.23
CA UNK D 2465 87.29 40.74 -102.63
C UNK D 2465 88.50 40.80 -103.55
N UNK D 2466 89.40 41.73 -103.28
CA UNK D 2466 90.64 41.86 -104.05
C UNK D 2466 91.51 40.61 -103.90
N UNK D 2467 91.56 40.11 -102.67
CA UNK D 2467 92.33 38.91 -102.39
C UNK D 2467 91.76 37.76 -103.20
N UNK D 2468 90.43 37.72 -103.26
CA UNK D 2468 89.70 36.70 -104.00
C UNK D 2468 90.00 36.78 -105.48
N UNK D 2469 90.07 38.01 -106.01
CA UNK D 2469 90.40 38.20 -107.41
C UNK D 2469 91.80 37.69 -107.67
N UNK D 2470 92.71 37.95 -106.74
CA UNK D 2470 94.08 37.49 -106.87
C UNK D 2470 94.12 35.96 -106.89
N UNK D 2471 93.32 35.36 -106.02
CA UNK D 2471 93.24 33.91 -105.93
C UNK D 2471 92.71 33.34 -107.23
N UNK D 2472 91.73 34.02 -107.80
CA UNK D 2472 91.14 33.59 -109.06
C UNK D 2472 92.18 33.63 -110.16
N UNK D 2473 92.99 34.69 -110.18
CA UNK D 2473 94.04 34.80 -111.17
C UNK D 2473 95.04 33.67 -111.02
N UNK D 2474 95.39 33.37 -109.78
CA UNK D 2474 96.34 32.31 -109.50
C UNK D 2474 95.77 30.98 -110.00
N UNK D 2475 94.48 30.80 -109.79
CA UNK D 2475 93.76 29.60 -110.22
C UNK D 2475 93.75 29.46 -111.74
N UNK D 2476 93.57 30.59 -112.42
CA UNK D 2476 93.58 30.60 -113.87
C UNK D 2476 94.96 30.20 -114.33
N UNK D 2477 95.97 30.69 -113.63
CA UNK D 2477 97.35 30.36 -113.96
C UNK D 2477 97.57 28.86 -113.80
N UNK D 2478 97.02 28.31 -112.72
CA UNK D 2478 97.11 26.88 -112.45
C UNK D 2478 96.45 26.06 -113.54
N UNK D 2479 95.30 26.52 -114.01
CA UNK D 2479 94.57 25.81 -115.07
C UNK D 2479 93.90 26.80 -116.02
N UNK D 2480 83.77 15.88 -113.66
CA UNK D 2480 84.20 17.21 -114.09
C UNK D 2480 83.76 18.27 -113.09
N UNK D 2481 84.56 18.49 -112.06
CA UNK D 2481 84.21 19.45 -111.03
C UNK D 2481 84.09 20.84 -111.63
N UNK D 2482 85.04 21.17 -112.49
CA UNK D 2482 85.03 22.47 -113.15
C UNK D 2482 83.79 22.57 -114.02
N UNK D 2483 83.44 21.48 -114.70
CA UNK D 2483 82.27 21.48 -115.57
C UNK D 2483 81.01 21.74 -114.76
N UNK D 2484 80.93 21.12 -113.60
CA UNK D 2484 79.79 21.32 -112.70
C UNK D 2484 79.72 22.75 -112.21
N UNK D 2485 80.88 23.32 -111.91
CA UNK D 2485 80.93 24.70 -111.44
C UNK D 2485 80.42 25.59 -112.56
N UNK D 2486 80.81 25.25 -113.77
CA UNK D 2486 80.40 25.99 -114.96
C UNK D 2486 78.89 25.91 -115.15
N UNK D 2487 78.32 24.74 -114.92
CA UNK D 2487 76.88 24.55 -115.02
C UNK D 2487 76.15 25.39 -113.97
N UNK D 2488 76.70 25.45 -112.77
CA UNK D 2488 76.12 26.27 -111.72
C UNK D 2488 76.15 27.73 -112.13
N UNK D 2489 77.27 28.11 -112.72
CA UNK D 2489 77.47 29.48 -113.16
C UNK D 2489 76.42 29.79 -114.22
N UNK D 2490 76.17 28.82 -115.08
CA UNK D 2490 75.18 28.93 -116.15
C UNK D 2490 73.77 29.10 -115.62
N UNK D 2491 73.43 28.36 -114.58
CA UNK D 2491 72.12 28.51 -113.98
C UNK D 2491 72.03 29.93 -113.44
N UNK D 2492 73.11 30.38 -112.83
CA UNK D 2492 73.14 31.72 -112.24
C UNK D 2492 72.94 32.78 -113.32
N UNK D 2493 73.59 32.57 -114.46
CA UNK D 2493 73.51 33.48 -115.59
C UNK D 2493 72.10 33.53 -116.17
N UNK D 2494 71.46 32.37 -116.23
CA UNK D 2494 70.10 32.30 -116.73
C UNK D 2494 69.22 33.11 -115.81
N UNK D 2495 69.48 32.97 -114.51
CA UNK D 2495 68.71 33.72 -113.53
C UNK D 2495 68.92 35.22 -113.70
N UNK D 2496 70.16 35.60 -113.96
CA UNK D 2496 70.53 37.00 -114.15
C UNK D 2496 69.83 37.59 -115.37
N UNK D 2497 69.72 36.77 -116.42
CA UNK D 2497 69.10 37.19 -117.67
C UNK D 2497 67.84 38.01 -117.44
N UNK D 2498 77.38 39.09 -120.42
CA UNK D 2498 78.35 39.54 -119.42
C UNK D 2498 79.60 38.65 -119.43
N UNK D 2499 80.61 39.07 -118.68
CA UNK D 2499 81.88 38.36 -118.63
C UNK D 2499 81.70 36.95 -118.08
N UNK D 2500 80.87 36.82 -117.06
CA UNK D 2500 80.57 35.52 -116.48
C UNK D 2500 79.89 34.65 -117.53
N UNK D 2501 79.01 35.25 -118.31
CA UNK D 2501 78.31 34.53 -119.37
C UNK D 2501 79.29 34.03 -120.41
N UNK D 2502 80.28 34.86 -120.72
CA UNK D 2502 81.35 34.50 -121.66
C UNK D 2502 82.18 33.35 -121.13
N UNK D 2503 82.45 33.37 -119.83
CA UNK D 2503 83.19 32.30 -119.18
C UNK D 2503 82.37 31.01 -119.30
N UNK D 2504 81.06 31.14 -119.13
CA UNK D 2504 80.15 30.02 -119.25
C UNK D 2504 80.18 29.44 -120.65
N UNK D 2505 80.24 30.31 -121.65
CA UNK D 2505 80.34 29.89 -123.05
C UNK D 2505 81.64 29.15 -123.31
N UNK D 2506 82.72 29.64 -122.71
CA UNK D 2506 84.02 29.00 -122.84
C UNK D 2506 83.92 27.60 -122.23
N UNK D 2507 83.21 27.53 -121.11
CA UNK D 2507 82.99 26.27 -120.41
C UNK D 2507 82.22 25.31 -121.29
N UNK D 2508 81.22 25.83 -122.00
CA UNK D 2508 80.42 25.05 -122.93
C UNK D 2508 81.28 24.50 -124.05
N UNK D 2509 82.18 25.32 -124.56
CA UNK D 2509 83.10 24.86 -125.60
C UNK D 2509 83.99 23.74 -125.05
N UNK D 2510 84.42 23.93 -123.81
CA UNK D 2510 85.28 22.97 -123.15
C UNK D 2510 84.51 21.67 -123.03
N UNK D 2511 83.22 21.79 -122.74
CA UNK D 2511 82.30 20.67 -122.60
C UNK D 2511 82.14 19.91 -123.90
N UNK D 2512 82.03 20.64 -125.01
CA UNK D 2512 81.94 19.99 -126.31
C UNK D 2512 83.22 19.21 -126.55
N UNK D 2513 84.35 19.82 -126.18
CA UNK D 2513 85.64 19.16 -126.35
C UNK D 2513 85.71 17.88 -125.51
N UNK D 2514 85.17 17.96 -124.30
CA UNK D 2514 85.12 16.83 -123.38
C UNK D 2514 84.26 15.73 -123.94
N UNK D 2515 83.15 16.10 -124.56
CA UNK D 2515 82.26 15.14 -125.16
C UNK D 2515 83.00 14.44 -126.27
N UNK D 2516 83.77 15.20 -127.03
CA UNK D 2516 84.56 14.63 -128.12
C UNK D 2516 85.56 13.64 -127.57
N UNK D 2517 86.21 14.01 -126.47
CA UNK D 2517 87.19 13.13 -125.84
C UNK D 2517 86.54 11.83 -125.36
N UNK D 2518 85.35 11.96 -124.79
CA UNK D 2518 84.60 10.80 -124.30
C UNK D 2518 84.25 9.88 -125.45
N UNK D 2519 83.89 10.48 -126.58
CA UNK D 2519 83.51 9.74 -127.77
C UNK D 2519 83.36 10.68 -128.96
N UNK D 2520 83.05 6.25 -111.44
CA UNK D 2520 82.60 6.43 -110.07
C UNK D 2520 81.10 6.67 -110.03
N UNK D 2521 80.42 6.06 -109.07
CA UNK D 2521 78.98 6.26 -108.89
C UNK D 2521 78.70 7.72 -108.54
N UNK D 2522 79.56 8.29 -107.70
CA UNK D 2522 79.47 9.69 -107.33
C UNK D 2522 79.65 10.59 -108.56
N UNK D 2523 80.58 10.19 -109.42
CA UNK D 2523 80.83 10.91 -110.66
C UNK D 2523 79.58 10.86 -111.53
N UNK D 2524 78.94 9.69 -111.55
CA UNK D 2524 77.70 9.49 -112.28
C UNK D 2524 76.61 10.39 -111.75
N UNK D 2525 76.56 10.54 -110.42
CA UNK D 2525 75.64 11.45 -109.77
C UNK D 2525 75.88 12.90 -110.17
N UNK D 2526 77.15 13.27 -110.27
CA UNK D 2526 77.51 14.62 -110.70
C UNK D 2526 77.02 14.81 -112.12
N UNK D 2527 77.17 13.76 -112.92
CA UNK D 2527 76.75 13.78 -114.30
C UNK D 2527 75.25 13.97 -114.36
N UNK D 2528 74.52 13.30 -113.47
CA UNK D 2528 73.08 13.41 -113.40
C UNK D 2528 72.67 14.83 -113.05
N UNK D 2529 73.39 15.44 -112.11
CA UNK D 2529 73.10 16.83 -111.73
C UNK D 2529 73.31 17.76 -112.92
N UNK D 2530 74.38 17.51 -113.66
CA UNK D 2530 74.70 18.32 -114.81
C UNK D 2530 73.57 18.16 -115.82
N UNK D 2531 73.09 16.94 -115.94
CA UNK D 2531 72.01 16.59 -116.87
C UNK D 2531 70.73 17.31 -116.51
N UNK D 2532 70.44 17.40 -115.21
CA UNK D 2532 69.27 18.11 -114.74
C UNK D 2532 69.40 19.59 -115.11
N UNK D 2533 70.60 20.12 -114.94
CA UNK D 2533 70.83 21.51 -115.29
C UNK D 2533 70.60 21.72 -116.78
N UNK D 2534 71.06 20.74 -117.56
CA UNK D 2534 70.91 20.78 -119.01
C UNK D 2534 69.43 20.74 -119.41
N UNK D 2535 68.67 19.93 -118.70
CA UNK D 2535 67.24 19.82 -118.93
C UNK D 2535 66.56 21.14 -118.64
N UNK D 2536 66.99 21.79 -117.56
CA UNK D 2536 66.43 23.09 -117.21
C UNK D 2536 66.73 24.07 -118.34
N UNK D 2537 67.95 24.00 -118.86
CA UNK D 2537 68.36 24.86 -119.96
C UNK D 2537 67.50 24.62 -121.20
N UNK D 2538 67.22 23.36 -121.49
CA UNK D 2538 66.39 23.00 -122.63
C UNK D 2538 64.99 23.57 -122.45
N UNK D 2539 64.49 23.50 -121.22
CA UNK D 2539 63.16 24.03 -120.93
C UNK D 2539 63.15 25.54 -121.17
N UNK D 2540 64.21 26.21 -120.73
CA UNK D 2540 64.29 27.64 -120.90
C UNK D 2540 64.30 27.96 -122.39
N UNK D 2541 65.02 27.16 -123.16
CA UNK D 2541 65.11 27.35 -124.60
C UNK D 2541 63.76 27.17 -125.29
N UNK D 2542 62.99 26.18 -124.87
CA UNK D 2542 61.71 25.87 -125.50
C UNK D 2542 61.16 24.53 -125.04
N UNK D 2543 71.34 40.52 -124.10
CA UNK D 2543 71.42 39.11 -123.71
C UNK D 2543 71.41 38.20 -124.93
N UNK D 2544 71.52 38.80 -126.11
CA UNK D 2544 71.53 38.03 -127.35
C UNK D 2544 72.75 37.10 -127.41
N UNK D 2545 73.88 37.62 -126.98
CA UNK D 2545 75.11 36.83 -126.95
C UNK D 2545 74.93 35.65 -126.01
N UNK D 2546 74.30 35.91 -124.86
CA UNK D 2546 74.04 34.86 -123.88
C UNK D 2546 73.12 33.78 -124.45
N UNK D 2547 72.11 34.22 -125.20
CA UNK D 2547 71.18 33.27 -125.82
C UNK D 2547 71.94 32.42 -126.83
N UNK D 2548 72.85 33.06 -127.56
CA UNK D 2548 73.67 32.35 -128.54
C UNK D 2548 74.54 31.32 -127.85
N UNK D 2549 75.09 31.70 -126.69
CA UNK D 2549 75.92 30.81 -125.91
C UNK D 2549 75.12 29.60 -125.45
N UNK D 2550 73.87 29.86 -125.05
CA UNK D 2550 72.96 28.80 -124.63
C UNK D 2550 72.69 27.85 -125.79
N UNK D 2551 72.51 28.41 -126.98
CA UNK D 2551 72.28 27.59 -128.16
C UNK D 2551 73.49 26.71 -128.43
N UNK D 2552 74.67 27.29 -128.25
CA UNK D 2552 75.91 26.56 -128.46
C UNK D 2552 76.00 25.42 -127.46
N UNK D 2553 75.61 25.69 -126.24
CA UNK D 2553 75.63 24.67 -125.19
C UNK D 2553 74.68 23.54 -125.53
N UNK D 2554 73.52 23.90 -126.07
CA UNK D 2554 72.53 22.91 -126.49
C UNK D 2554 73.09 22.04 -127.59
N UNK D 2555 73.80 22.67 -128.53
CA UNK D 2555 74.42 21.93 -129.62
C UNK D 2555 75.47 20.97 -129.07
N UNK D 2556 76.21 21.43 -128.08
CA UNK D 2556 77.23 20.60 -127.43
C UNK D 2556 76.58 19.40 -126.76
N UNK D 2557 75.43 19.63 -126.14
CA UNK D 2557 74.66 18.56 -125.51
C UNK D 2557 74.19 17.54 -126.52
N UNK D 2558 73.76 18.04 -127.67
CA UNK D 2558 73.33 17.18 -128.75
C UNK D 2558 74.51 16.32 -129.19
N UNK D 2559 75.68 16.94 -129.24
CA UNK D 2559 76.91 16.25 -129.62
C UNK D 2559 77.24 15.16 -128.62
N UNK D 2560 77.05 15.45 -127.33
CA UNK D 2560 77.29 14.46 -126.30
C UNK D 2560 76.34 13.29 -126.46
N UNK D 2561 75.09 13.59 -126.78
CA UNK D 2561 74.10 12.55 -127.00
C UNK D 2561 74.49 11.69 -128.18
N UNK D 2562 75.02 12.32 -129.22
CA UNK D 2562 75.49 11.63 -130.41
C UNK D 2562 76.67 10.71 -130.08
N UNK D 2563 77.55 11.18 -129.21
CA UNK D 2563 78.68 10.40 -128.75
C UNK D 2563 78.17 9.17 -128.01
N UNK D 2564 77.13 9.37 -127.22
CA UNK D 2564 76.52 8.29 -126.48
C UNK D 2564 75.93 7.26 -127.44
N UNK D 2565 75.31 7.75 -128.51
CA UNK D 2565 74.76 6.87 -129.54
C UNK D 2565 75.87 6.06 -130.21
N UNK D 2566 77.00 6.72 -130.45
CA UNK D 2566 78.15 6.06 -131.05
C UNK D 2566 78.66 4.97 -130.13
N UNK D 2567 78.68 5.25 -128.83
CA UNK D 2567 79.14 4.30 -127.84
C UNK D 2567 78.56 2.91 -128.11
N UNK D 2568 72.64 11.02 -114.63
CA UNK D 2568 71.67 10.38 -113.75
C UNK D 2568 70.44 9.91 -114.51
N UNK D 2569 70.28 8.60 -114.66
CA UNK D 2569 69.13 8.06 -115.37
C UNK D 2569 67.88 8.47 -114.63
N UNK D 2570 67.96 8.41 -113.31
CA UNK D 2570 66.85 8.82 -112.47
C UNK D 2570 66.54 10.29 -112.69
N UNK D 2571 67.58 11.11 -112.81
CA UNK D 2571 67.38 12.53 -113.01
C UNK D 2571 66.65 12.77 -114.31
N UNK D 2572 67.05 12.03 -115.35
CA UNK D 2572 66.43 12.16 -116.65
C UNK D 2572 64.96 11.77 -116.58
N UNK D 2573 64.69 10.69 -115.85
CA UNK D 2573 63.32 10.21 -115.73
C UNK D 2573 62.48 11.27 -115.02
N UNK D 2574 63.05 11.88 -113.99
CA UNK D 2574 62.35 12.90 -113.23
C UNK D 2574 62.03 14.09 -114.12
N UNK D 2575 62.99 14.46 -114.96
CA UNK D 2575 62.80 15.57 -115.87
C UNK D 2575 61.67 15.26 -116.83
N UNK D 2576 61.65 14.02 -117.32
CA UNK D 2576 60.61 13.61 -118.25
C UNK D 2576 59.25 13.69 -117.59
N UNK D 2577 59.19 13.25 -116.34
CA UNK D 2577 57.93 13.27 -115.60
C UNK D 2577 57.46 14.70 -115.43
N UNK D 2578 58.39 15.60 -115.13
CA UNK D 2578 58.07 17.00 -114.94
C UNK D 2578 57.52 17.58 -116.24
N UNK D 2579 58.14 17.19 -117.34
CA UNK D 2579 57.73 17.64 -118.66
C UNK D 2579 56.32 17.18 -118.98
N UNK D 2580 56.01 15.95 -118.60
CA UNK D 2580 54.70 15.36 -118.87
C UNK D 2580 53.57 16.36 -118.59
N UNK D 2581 61.88 20.65 -130.79
CA UNK D 2581 63.22 20.72 -130.24
C UNK D 2581 63.33 19.93 -128.94
N UNK D 2582 62.62 20.39 -127.92
CA UNK D 2582 62.68 19.75 -126.62
C UNK D 2582 62.15 18.31 -126.72
N UNK D 2583 61.08 18.13 -127.48
CA UNK D 2583 60.49 16.80 -127.63
C UNK D 2583 61.49 15.85 -128.30
N UNK D 2584 62.17 16.36 -129.32
CA UNK D 2584 63.16 15.56 -130.03
C UNK D 2584 64.29 15.17 -129.10
N UNK D 2585 64.71 16.13 -128.27
CA UNK D 2585 65.78 15.87 -127.33
C UNK D 2585 65.36 14.78 -126.36
N UNK D 2586 64.11 14.85 -125.92
CA UNK D 2586 63.57 13.87 -125.00
C UNK D 2586 63.56 12.49 -125.63
N UNK D 2587 63.15 12.42 -126.90
CA UNK D 2587 63.12 11.15 -127.62
C UNK D 2587 64.51 10.57 -127.71
N UNK D 2588 65.49 11.43 -127.98
CA UNK D 2588 66.88 10.99 -128.08
C UNK D 2588 67.34 10.43 -126.76
N UNK D 2589 66.97 11.10 -125.67
CA UNK D 2589 67.35 10.67 -124.34
C UNK D 2589 66.74 9.30 -124.06
N UNK D 2590 65.50 9.12 -124.47
CA UNK D 2590 64.80 7.86 -124.26
C UNK D 2590 65.52 6.74 -125.01
N UNK D 2591 65.94 7.04 -126.24
CA UNK D 2591 66.64 6.06 -127.05
C UNK D 2591 67.96 5.68 -126.37
N UNK D 2592 68.65 6.68 -125.83
CA UNK D 2592 69.91 6.44 -125.16
C UNK D 2592 69.69 5.55 -123.95
N UNK D 2593 68.62 5.81 -123.23
CA UNK D 2593 68.30 5.03 -122.04
C UNK D 2593 68.03 3.58 -122.44
N UNK D 2594 67.32 3.40 -123.55
CA UNK D 2594 67.01 2.06 -124.03
C UNK D 2594 68.30 1.32 -124.38
N UNK D 2595 69.21 2.04 -125.02
CA UNK D 2595 70.48 1.45 -125.40
C UNK D 2595 71.27 1.03 -124.18
N UNK D 2596 71.25 1.88 -123.16
CA UNK D 2596 71.96 1.59 -121.92
C UNK D 2596 71.38 0.35 -121.27
N UNK D 2597 70.05 0.25 -121.32
CA UNK D 2597 69.35 -0.90 -120.76
C UNK D 2597 69.76 -2.18 -121.48
N UNK D 2598 69.84 -2.10 -122.81
CA UNK D 2598 70.24 -3.25 -123.60
C UNK D 2598 71.65 -3.66 -123.22
N UNK D 2599 72.51 -2.66 -123.01
CA UNK D 2599 73.89 -2.89 -122.63
C UNK D 2599 73.98 -3.60 -121.28
N UNK D 2600 73.14 -3.20 -120.34
CA UNK D 2600 73.15 -3.80 -119.02
C UNK D 2600 73.17 -5.33 -119.12
N UNK D 2601 76.28 -5.75 -111.44
CA UNK D 2601 75.59 -4.48 -111.23
C UNK D 2601 74.09 -4.68 -111.09
N UNK D 2602 73.70 -5.86 -110.61
CA UNK D 2602 72.29 -6.19 -110.46
C UNK D 2602 71.56 -5.28 -109.47
N UNK D 2603 72.21 -4.96 -108.36
CA UNK D 2603 71.64 -4.07 -107.34
C UNK D 2603 71.44 -2.63 -107.82
N UNK D 2604 72.42 -2.13 -108.56
CA UNK D 2604 72.32 -0.80 -109.15
C UNK D 2604 71.16 -0.86 -110.11
N UNK D 2605 71.07 -2.00 -110.81
CA UNK D 2605 70.04 -2.19 -111.80
C UNK D 2605 68.68 -2.12 -111.12
N UNK D 2606 68.56 -2.72 -109.94
CA UNK D 2606 67.34 -2.70 -109.12
C UNK D 2606 66.93 -1.31 -108.62
N UNK D 2607 67.91 -0.51 -108.21
CA UNK D 2607 67.59 0.87 -107.81
C UNK D 2607 67.05 1.60 -109.03
N UNK D 2608 67.71 1.32 -110.16
CA UNK D 2608 67.35 1.93 -111.42
C UNK D 2608 65.93 1.53 -111.74
N UNK D 2609 65.61 0.29 -111.43
CA UNK D 2609 64.30 -0.33 -111.62
C UNK D 2609 63.22 0.32 -110.80
N UNK D 2610 63.50 0.66 -109.55
CA UNK D 2610 62.53 1.41 -108.76
C UNK D 2610 62.28 2.76 -109.40
N UNK D 2611 63.36 3.40 -109.85
CA UNK D 2611 63.20 4.70 -110.48
C UNK D 2611 62.34 4.53 -111.73
N UNK D 2612 62.60 3.43 -112.41
CA UNK D 2612 61.96 3.05 -113.65
C UNK D 2612 60.48 2.79 -113.46
N UNK D 2613 60.13 2.19 -112.34
CA UNK D 2613 58.74 1.93 -111.97
C UNK D 2613 58.03 3.26 -111.76
N UNK D 2614 58.71 4.20 -111.11
CA UNK D 2614 58.10 5.52 -110.98
C UNK D 2614 57.89 6.14 -112.36
N UNK D 2615 58.88 5.96 -113.21
CA UNK D 2615 58.85 6.49 -114.57
C UNK D 2615 57.70 5.88 -115.36
N UNK D 2616 57.48 4.59 -115.13
CA UNK D 2616 56.42 3.79 -115.73
C UNK D 2616 55.04 4.27 -115.30
N UNK D 2617 54.92 4.64 -114.03
CA UNK D 2617 53.68 5.21 -113.55
C UNK D 2617 53.47 6.52 -114.29
N UNK D 2618 54.55 7.26 -114.47
CA UNK D 2618 54.47 8.52 -115.20
C UNK D 2618 54.00 8.26 -116.62
N UNK D 2619 54.51 7.20 -117.21
CA UNK D 2619 54.16 6.79 -118.56
C UNK D 2619 52.69 6.40 -118.69
N UNK D 2620 52.19 5.69 -117.69
CA UNK D 2620 50.79 5.31 -117.67
C UNK D 2620 49.95 6.57 -117.63
N UNK D 2621 50.39 7.53 -116.82
CA UNK D 2621 49.68 8.80 -116.71
C UNK D 2621 49.67 9.53 -118.05
N UNK D 2622 50.80 9.49 -118.76
CA UNK D 2622 50.90 10.10 -120.08
C UNK D 2622 49.96 9.44 -121.07
N UNK D 2623 49.86 8.11 -121.00
CA UNK D 2623 48.98 7.36 -121.88
C UNK D 2623 47.55 7.80 -121.59
N UNK D 2624 47.24 7.99 -120.32
CA UNK D 2624 45.93 8.45 -119.91
C UNK D 2624 45.78 8.43 -118.40
N UNK D 2625 55.18 17.23 -135.58
CA UNK D 2625 56.11 16.21 -135.12
C UNK D 2625 55.36 15.06 -134.46
N UNK D 2626 54.07 14.99 -134.72
CA UNK D 2626 53.22 13.98 -134.10
C UNK D 2626 53.67 12.59 -134.52
N UNK D 2627 54.01 12.43 -135.79
CA UNK D 2627 54.47 11.14 -136.30
C UNK D 2627 55.75 10.72 -135.60
N UNK D 2628 56.65 11.68 -135.41
CA UNK D 2628 57.92 11.41 -134.75
C UNK D 2628 57.65 10.96 -133.34
N UNK D 2629 56.71 11.63 -132.67
CA UNK D 2629 56.37 11.29 -131.30
C UNK D 2629 55.81 9.88 -131.22
N UNK D 2630 54.97 9.53 -132.19
CA UNK D 2630 54.39 8.20 -132.22
C UNK D 2630 55.48 7.15 -132.40
N UNK D 2631 56.44 7.45 -133.27
CA UNK D 2631 57.52 6.52 -133.53
C UNK D 2631 58.33 6.34 -132.24
N UNK D 2632 58.55 7.43 -131.54
CA UNK D 2632 59.31 7.39 -130.31
C UNK D 2632 58.59 6.53 -129.28
N UNK D 2633 57.27 6.67 -129.21
CA UNK D 2633 56.46 5.88 -128.30
C UNK D 2633 56.53 4.39 -128.62
N UNK D 2634 56.49 4.05 -129.91
CA UNK D 2634 56.60 2.66 -130.32
C UNK D 2634 57.95 2.11 -129.91
N UNK D 2635 58.98 2.94 -130.09
CA UNK D 2635 60.33 2.54 -129.75
C UNK D 2635 60.40 2.29 -128.26
N UNK D 2636 59.73 3.14 -127.51
CA UNK D 2636 59.67 3.04 -126.06
C UNK D 2636 59.01 1.74 -125.62
N UNK D 2637 57.93 1.38 -126.30
CA UNK D 2637 57.24 0.13 -125.98
C UNK D 2637 58.18 -1.04 -126.23
N UNK D 2638 58.90 -0.96 -127.35
CA UNK D 2638 59.82 -2.04 -127.67
C UNK D 2638 60.89 -2.15 -126.61
N UNK D 2639 61.38 -1.00 -126.15
CA UNK D 2639 62.42 -0.94 -125.14
C UNK D 2639 61.93 -1.53 -123.84
N UNK D 2640 60.69 -1.23 -123.48
CA UNK D 2640 60.12 -1.75 -122.27
C UNK D 2640 60.03 -3.26 -122.36
N UNK D 2641 59.63 -3.75 -123.52
CA UNK D 2641 59.51 -5.18 -123.70
C UNK D 2641 60.87 -5.83 -123.54
N UNK D 2642 61.89 -5.19 -124.10
CA UNK D 2642 63.24 -5.70 -124.03
C UNK D 2642 63.73 -5.76 -122.59
N UNK D 2643 63.41 -4.71 -121.84
CA UNK D 2643 63.80 -4.63 -120.44
C UNK D 2643 63.14 -5.75 -119.65
N UNK D 2644 61.88 -6.01 -119.96
CA UNK D 2644 61.14 -7.07 -119.30
C UNK D 2644 61.80 -8.41 -119.59
N UNK D 2645 62.21 -8.58 -120.84
CA UNK D 2645 62.87 -9.81 -121.25
C UNK D 2645 64.18 -9.99 -120.50
N UNK D 2646 64.92 -8.91 -120.35
CA UNK D 2646 66.19 -8.95 -119.63
C UNK D 2646 65.93 -9.35 -118.18
N UNK D 2647 64.88 -8.79 -117.60
CA UNK D 2647 64.52 -9.08 -116.22
C UNK D 2647 64.20 -10.55 -116.06
N UNK D 2648 63.49 -11.09 -117.05
CA UNK D 2648 63.15 -12.51 -117.07
C UNK D 2648 62.69 -13.02 -115.70
N UNK D 2649 62.33 -11.33 -106.66
CA UNK D 2649 60.97 -10.85 -106.44
C UNK D 2649 60.85 -9.40 -106.85
N UNK D 2650 61.98 -8.80 -107.23
CA UNK D 2650 62.02 -7.40 -107.57
C UNK D 2650 61.11 -7.13 -108.76
N UNK D 2651 61.14 -8.05 -109.72
CA UNK D 2651 60.31 -7.90 -110.89
C UNK D 2651 58.86 -7.89 -110.44
N UNK D 2652 58.52 -8.76 -109.51
CA UNK D 2652 57.16 -8.85 -109.02
C UNK D 2652 56.71 -7.57 -108.33
N UNK D 2653 57.61 -6.98 -107.54
CA UNK D 2653 57.31 -5.73 -106.86
C UNK D 2653 57.08 -4.62 -107.88
N UNK D 2654 57.90 -4.62 -108.91
CA UNK D 2654 57.79 -3.61 -109.94
C UNK D 2654 56.44 -3.76 -110.58
N UNK D 2655 56.03 -5.00 -110.82
CA UNK D 2655 54.75 -5.28 -111.44
C UNK D 2655 53.61 -4.78 -110.57
N UNK D 2656 53.70 -5.01 -109.28
CA UNK D 2656 52.64 -4.56 -108.39
C UNK D 2656 52.53 -3.05 -108.45
N UNK D 2657 53.68 -2.37 -108.45
CA UNK D 2657 53.67 -0.92 -108.48
C UNK D 2657 53.05 -0.42 -109.78
N UNK D 2658 53.42 -1.07 -110.88
CA UNK D 2658 52.93 -0.66 -112.18
C UNK D 2658 51.43 -0.85 -112.20
N UNK D 2659 50.98 -1.93 -111.61
CA UNK D 2659 49.57 -2.27 -111.57
C UNK D 2659 48.80 -1.21 -110.80
N UNK D 2660 49.34 -0.76 -109.68
CA UNK D 2660 48.67 0.29 -108.91
C UNK D 2660 48.60 1.59 -109.71
N UNK D 2661 49.69 1.91 -110.40
CA UNK D 2661 49.74 3.14 -111.17
C UNK D 2661 48.66 3.03 -112.22
N UNK D 2662 48.55 1.84 -112.78
CA UNK D 2662 47.59 1.51 -113.82
C UNK D 2662 46.14 1.65 -113.36
N UNK D 2663 45.87 1.21 -112.14
CA UNK D 2663 44.54 1.34 -111.56
C UNK D 2663 44.21 2.80 -111.41
N UNK D 2664 45.21 3.57 -110.99
CA UNK D 2664 45.01 5.01 -110.83
C UNK D 2664 44.67 5.60 -112.19
N UNK D 2665 45.39 5.14 -113.20
CA UNK D 2665 45.20 5.59 -114.57
C UNK D 2665 43.81 5.26 -115.07
N UNK D 2666 43.33 4.06 -114.71
CA UNK D 2666 42.02 3.60 -115.11
C UNK D 2666 40.98 4.51 -114.49
N UNK D 2667 41.21 4.87 -113.23
CA UNK D 2667 40.28 5.74 -112.55
C UNK D 2667 40.25 7.08 -113.26
N UNK D 2668 41.42 7.57 -113.65
CA UNK D 2668 41.49 8.85 -114.34
C UNK D 2668 40.77 8.80 -115.68
N UNK D 2669 40.93 7.69 -116.40
CA UNK D 2669 40.30 7.51 -117.71
C UNK D 2669 38.80 7.51 -117.54
N UNK D 2670 38.34 6.85 -116.48
CA UNK D 2670 36.91 6.78 -116.19
C UNK D 2670 36.47 7.98 -115.39
N UNK D 2671 45.68 1.62 -123.70
CA UNK D 2671 44.41 1.10 -124.20
C UNK D 2671 44.31 -0.41 -124.03
N UNK D 2672 43.65 -1.08 -124.95
CA UNK D 2672 43.50 -2.52 -124.88
C UNK D 2672 44.87 -3.18 -124.94
N UNK D 2673 45.74 -2.63 -125.80
CA UNK D 2673 47.10 -3.12 -125.93
C UNK D 2673 47.88 -2.93 -124.63
N UNK D 2674 47.65 -1.80 -123.98
CA UNK D 2674 48.31 -1.53 -122.71
C UNK D 2674 47.85 -2.56 -121.69
N UNK D 2675 46.57 -2.88 -121.74
CA UNK D 2675 45.98 -3.86 -120.85
C UNK D 2675 46.65 -5.21 -121.10
N UNK D 2676 46.85 -5.53 -122.36
CA UNK D 2676 47.49 -6.77 -122.74
C UNK D 2676 48.93 -6.85 -122.22
N UNK D 2677 49.65 -5.74 -122.29
CA UNK D 2677 51.01 -5.69 -121.77
C UNK D 2677 51.02 -5.90 -120.26
N UNK D 2678 50.04 -5.29 -119.59
CA UNK D 2678 49.93 -5.43 -118.16
C UNK D 2678 49.68 -6.89 -117.85
N UNK D 2679 48.86 -7.50 -118.70
CA UNK D 2679 48.50 -8.92 -118.59
C UNK D 2679 49.73 -9.81 -118.75
N UNK D 2680 50.61 -9.45 -119.68
CA UNK D 2680 51.85 -10.17 -119.88
C UNK D 2680 52.72 -10.09 -118.63
N UNK D 2681 52.76 -8.89 -118.04
CA UNK D 2681 53.51 -8.72 -116.81
C UNK D 2681 52.92 -9.59 -115.70
N UNK D 2682 51.59 -9.65 -115.66
CA UNK D 2682 50.87 -10.45 -114.70
C UNK D 2682 51.17 -11.93 -114.87
N UNK D 2683 51.27 -12.36 -116.13
CA UNK D 2683 51.57 -13.72 -116.46
C UNK D 2683 52.96 -14.02 -115.95
N UNK D 2684 53.86 -13.08 -116.11
CA UNK D 2684 55.22 -13.25 -115.64
C UNK D 2684 55.22 -13.40 -114.12
N UNK D 2685 54.41 -12.60 -113.46
CA UNK D 2685 54.29 -12.65 -112.00
C UNK D 2685 53.75 -14.01 -111.56
N UNK D 2686 52.78 -14.53 -112.30
CA UNK D 2686 52.18 -15.81 -112.01
C UNK D 2686 53.22 -16.89 -112.15
N UNK D 2687 54.05 -16.78 -113.18
CA UNK D 2687 55.12 -17.73 -113.40
C UNK D 2687 56.09 -17.69 -112.24
N UNK D 2688 56.38 -16.48 -111.77
CA UNK D 2688 57.29 -16.29 -110.65
C UNK D 2688 56.73 -16.99 -109.43
N UNK D 2689 55.42 -16.85 -109.24
CA UNK D 2689 54.71 -17.49 -108.14
C UNK D 2689 53.36 -16.81 -108.01
N UNK D 2690 59.92 -13.96 -97.33
CA UNK D 2690 60.49 -13.12 -96.28
C UNK D 2690 60.14 -11.64 -96.49
N UNK D 2691 61.04 -10.76 -96.08
CA UNK D 2691 60.79 -9.32 -96.15
C UNK D 2691 60.60 -8.74 -97.56
N UNK D 2692 61.42 -9.15 -98.51
CA UNK D 2692 61.30 -8.66 -99.88
C UNK D 2692 59.98 -9.09 -100.52
N UNK D 2693 59.67 -10.36 -100.30
CA UNK D 2693 58.45 -10.92 -100.85
C UNK D 2693 57.33 -10.14 -100.21
N UNK D 2694 57.49 -9.81 -98.93
CA UNK D 2694 56.51 -9.05 -98.15
C UNK D 2694 56.27 -7.61 -98.63
N UNK D 2695 57.34 -6.91 -99.01
CA UNK D 2695 57.21 -5.57 -99.56
C UNK D 2695 56.44 -5.69 -100.85
N UNK D 2696 56.80 -6.75 -101.58
CA UNK D 2696 56.19 -6.98 -102.86
C UNK D 2696 54.70 -7.19 -102.60
N UNK D 2697 54.40 -7.90 -101.52
CA UNK D 2697 53.06 -8.23 -101.06
C UNK D 2697 52.21 -7.04 -100.66
N UNK D 2698 52.80 -6.05 -99.98
CA UNK D 2698 52.10 -4.81 -99.68
C UNK D 2698 51.77 -4.07 -100.96
N UNK D 2699 52.73 -4.08 -101.88
CA UNK D 2699 52.50 -3.45 -103.17
C UNK D 2699 51.35 -4.17 -103.82
N UNK D 2700 51.34 -5.49 -103.63
CA UNK D 2700 50.35 -6.40 -104.16
C UNK D 2700 48.97 -6.10 -103.60
N UNK D 2701 48.90 -5.79 -102.33
CA UNK D 2701 47.64 -5.42 -101.69
C UNK D 2701 47.13 -4.15 -102.33
N UNK D 2702 48.03 -3.19 -102.55
CA UNK D 2702 47.58 -1.95 -103.18
C UNK D 2702 47.04 -2.27 -104.58
N UNK D 2703 47.77 -3.14 -105.28
CA UNK D 2703 47.43 -3.50 -106.65
C UNK D 2703 46.08 -4.19 -106.67
N UNK D 2704 45.84 -5.03 -105.67
CA UNK D 2704 44.62 -5.79 -105.53
C UNK D 2704 43.45 -4.87 -105.30
N UNK D 2705 43.66 -3.85 -104.48
CA UNK D 2705 42.60 -2.89 -104.25
C UNK D 2705 42.27 -2.24 -105.58
N UNK D 2706 43.32 -1.90 -106.34
CA UNK D 2706 43.10 -1.26 -107.62
C UNK D 2706 42.32 -2.17 -108.56
N UNK D 2707 42.67 -3.45 -108.56
CA UNK D 2707 42.02 -4.44 -109.41
C UNK D 2707 40.55 -4.59 -109.05
N UNK D 2708 40.28 -4.59 -107.75
CA UNK D 2708 38.90 -4.71 -107.28
C UNK D 2708 38.12 -3.50 -107.76
N UNK D 2709 38.75 -2.33 -107.69
CA UNK D 2709 38.10 -1.12 -108.12
C UNK D 2709 37.78 -1.21 -109.60
N UNK D 2710 38.72 -1.74 -110.35
CA UNK D 2710 38.55 -1.90 -111.78
C UNK D 2710 37.39 -2.83 -112.09
N UNK D 2711 37.30 -3.92 -111.33
CA UNK D 2711 36.26 -4.91 -111.54
C UNK D 2711 34.89 -4.23 -111.56
N UNK D 2712 38.85 -4.52 -118.17
CA UNK D 2712 38.66 -5.34 -119.36
C UNK D 2712 38.54 -6.82 -119.01
N UNK D 2713 38.02 -7.60 -119.95
CA UNK D 2713 37.80 -9.03 -119.76
C UNK D 2713 39.11 -9.76 -119.53
N UNK D 2714 40.15 -9.33 -120.23
CA UNK D 2714 41.48 -9.88 -120.04
C UNK D 2714 41.93 -9.59 -118.62
N UNK D 2715 41.63 -8.38 -118.16
CA UNK D 2715 42.01 -7.98 -116.83
C UNK D 2715 41.31 -8.93 -115.87
N UNK D 2716 40.06 -9.23 -116.16
CA UNK D 2716 39.26 -10.14 -115.34
C UNK D 2716 39.81 -11.57 -115.30
N UNK D 2717 40.29 -12.07 -116.43
CA UNK D 2717 40.91 -13.39 -116.45
C UNK D 2717 42.18 -13.39 -115.62
N UNK D 2718 42.93 -12.29 -115.75
CA UNK D 2718 44.19 -12.17 -115.03
C UNK D 2718 43.81 -12.22 -113.56
N UNK D 2719 42.69 -11.57 -113.25
CA UNK D 2719 42.14 -11.47 -111.91
C UNK D 2719 41.72 -12.81 -111.33
N UNK D 2720 41.12 -13.67 -112.12
CA UNK D 2720 40.79 -15.02 -111.68
C UNK D 2720 42.06 -15.82 -111.38
N UNK D 2721 43.05 -15.66 -112.24
CA UNK D 2721 44.31 -16.36 -112.03
C UNK D 2721 44.87 -15.85 -110.71
N UNK D 2722 44.69 -14.55 -110.52
CA UNK D 2722 45.17 -13.80 -109.39
C UNK D 2722 44.51 -14.27 -108.12
N UNK D 2723 43.23 -14.59 -108.20
CA UNK D 2723 42.43 -15.16 -107.13
C UNK D 2723 42.91 -16.56 -106.73
N UNK D 2724 43.30 -17.35 -107.72
CA UNK D 2724 43.92 -18.64 -107.38
C UNK D 2724 45.22 -18.36 -106.62
N UNK D 2725 45.92 -17.35 -107.11
CA UNK D 2725 47.19 -16.94 -106.53
C UNK D 2725 46.94 -16.49 -105.11
N UNK D 2726 45.79 -15.86 -104.93
CA UNK D 2726 45.27 -15.34 -103.68
C UNK D 2726 44.94 -16.42 -102.68
N UNK D 2727 44.38 -17.52 -103.15
CA UNK D 2727 44.14 -18.66 -102.28
C UNK D 2727 45.52 -19.10 -101.82
N UNK D 2728 46.47 -19.09 -102.75
CA UNK D 2728 47.84 -19.45 -102.41
C UNK D 2728 48.44 -18.50 -101.36
N UNK D 2729 48.18 -17.21 -101.51
CA UNK D 2729 48.65 -16.17 -100.62
C UNK D 2729 48.05 -16.34 -99.24
N UNK D 2730 46.79 -16.73 -99.20
CA UNK D 2730 46.09 -16.99 -97.97
C UNK D 2730 46.76 -18.15 -97.26
N UNK D 2731 47.10 -19.18 -98.01
CA UNK D 2731 47.77 -20.32 -97.42
C UNK D 2731 49.10 -19.86 -96.84
N UNK D 2732 49.76 -18.98 -97.59
CA UNK D 2732 51.06 -18.43 -97.19
C UNK D 2732 50.98 -17.62 -95.91
N UNK D 2733 49.91 -16.85 -95.75
CA UNK D 2733 49.78 -15.94 -94.63
C UNK D 2733 50.84 -14.86 -94.75
N ASN D 2734 38.84 -16.26 -117.68
CA ASN D 2734 37.88 -16.92 -118.57
C ASN D 2734 38.50 -18.06 -119.36
N PHE D 2735 37.72 -19.09 -119.65
CA PHE D 2735 38.24 -20.30 -120.27
C PHE D 2735 37.38 -20.77 -121.44
N ASP D 2736 37.95 -20.73 -122.64
CA ASP D 2736 37.27 -21.21 -123.84
C ASP D 2736 38.13 -22.26 -124.53
N PRO D 2737 38.18 -23.48 -123.97
CA PRO D 2737 39.08 -24.53 -124.44
C PRO D 2737 38.76 -25.01 -125.86
N ARG D 2738 39.80 -25.05 -126.70
CA ARG D 2738 39.65 -25.51 -128.07
C ARG D 2738 40.69 -26.59 -128.38
N PRO D 2739 40.46 -27.82 -127.91
CA PRO D 2739 41.39 -28.91 -128.21
C PRO D 2739 41.49 -29.14 -129.72
N VAL D 2740 42.68 -29.49 -130.22
CA VAL D 2740 42.89 -29.63 -131.65
C VAL D 2740 42.01 -30.74 -132.24
N GLU D 2741 41.46 -30.47 -133.41
CA GLU D 2741 40.53 -31.41 -134.05
C GLU D 2741 41.26 -32.62 -134.63
N THR D 2742 40.93 -33.80 -134.12
CA THR D 2742 41.67 -35.01 -134.47
C THR D 2742 40.86 -36.02 -135.28
N LEU D 2743 39.58 -35.72 -135.51
CA LEU D 2743 38.65 -36.69 -136.10
C LEU D 2743 39.03 -37.16 -137.50
N ASN D 2744 39.55 -36.26 -138.32
CA ASN D 2744 39.93 -36.63 -139.69
C ASN D 2744 41.44 -36.80 -139.85
N VAL D 2745 42.15 -36.84 -138.73
CA VAL D 2745 43.59 -37.04 -138.74
C VAL D 2745 43.93 -38.52 -138.79
N ILE D 2746 44.72 -38.91 -139.79
CA ILE D 2746 45.07 -40.31 -139.96
C ILE D 2746 46.51 -40.60 -139.51
N ILE D 2747 46.65 -41.58 -138.64
CA ILE D 2747 47.96 -42.02 -138.19
C ILE D 2747 48.53 -43.00 -139.22
N PRO D 2748 49.77 -42.75 -139.69
CA PRO D 2748 50.42 -43.63 -140.65
C PRO D 2748 50.51 -45.06 -140.14
N GLU D 2749 50.39 -46.04 -141.03
CA GLU D 2749 50.34 -47.45 -140.64
C GLU D 2749 51.56 -47.93 -139.87
N LYS D 2750 52.70 -47.29 -140.07
CA LYS D 2750 53.93 -47.77 -139.43
C LYS D 2750 54.01 -47.41 -137.95
N LEU D 2751 53.06 -46.61 -137.45
CA LEU D 2751 53.02 -46.29 -136.03
C LEU D 2751 52.17 -47.25 -135.21
N ASP D 2752 51.45 -48.15 -135.88
CA ASP D 2752 50.59 -49.11 -135.19
C ASP D 2752 51.38 -50.00 -134.24
N SER D 2753 52.63 -50.28 -134.59
CA SER D 2753 53.49 -51.11 -133.76
C SER D 2753 53.83 -50.39 -132.45
N PHE D 2754 54.19 -49.12 -132.57
CA PHE D 2754 54.49 -48.32 -131.38
C PHE D 2754 53.26 -48.17 -130.50
N ILE D 2755 52.11 -47.97 -131.13
CA ILE D 2755 50.85 -47.76 -130.44
C ILE D 2755 50.53 -48.93 -129.51
N ASN D 2756 50.68 -50.15 -130.02
CA ASN D 2756 50.45 -51.35 -129.22
C ASN D 2756 51.50 -51.54 -128.14
N LYS D 2757 52.75 -51.23 -128.46
CA LYS D 2757 53.84 -51.35 -127.49
C LYS D 2757 53.65 -50.39 -126.32
N PHE D 2758 53.28 -49.15 -126.64
CA PHE D 2758 53.07 -48.14 -125.61
C PHE D 2758 51.77 -48.42 -124.85
N ALA D 2759 50.79 -48.99 -125.54
CA ALA D 2759 49.54 -49.38 -124.90
C ALA D 2759 49.80 -50.48 -123.89
N GLU D 2760 50.63 -51.44 -124.27
CA GLU D 2760 51.02 -52.52 -123.38
C GLU D 2760 51.78 -51.97 -122.17
N TYR D 2761 52.64 -51.01 -122.42
CA TYR D 2761 53.41 -50.38 -121.35
C TYR D 2761 52.51 -49.72 -120.31
N THR D 2762 51.58 -48.89 -120.79
CA THR D 2762 50.68 -48.16 -119.92
C THR D 2762 49.83 -49.11 -119.09
N HIS D 2763 49.46 -50.24 -119.68
CA HIS D 2763 48.71 -51.25 -118.95
C HIS D 2763 49.57 -51.90 -117.88
N GLU D 2764 50.80 -52.25 -118.26
CA GLU D 2764 51.75 -52.88 -117.35
C GLU D 2764 52.02 -51.99 -116.14
N LYS D 2765 52.20 -50.69 -116.40
CA LYS D 2765 52.45 -49.72 -115.34
C LYS D 2765 51.28 -49.68 -114.36
N TRP D 2766 50.06 -49.65 -114.91
CA TRP D 2766 48.85 -49.64 -114.11
C TRP D 2766 48.72 -50.94 -113.30
N ALA D 2767 48.99 -52.06 -113.97
CA ALA D 2767 48.92 -53.37 -113.32
C ALA D 2767 49.95 -53.52 -112.23
N PHE D 2768 51.17 -53.04 -112.50
CA PHE D 2768 52.24 -53.07 -111.51
C PHE D 2768 51.81 -52.36 -110.23
N ASP D 2769 51.33 -51.13 -110.39
CA ASP D 2769 50.89 -50.31 -109.26
C ASP D 2769 49.76 -50.96 -108.47
N LYS D 2770 48.86 -51.62 -109.19
CA LYS D 2770 47.74 -52.31 -108.55
C LYS D 2770 48.22 -53.51 -107.74
N ILE D 2771 49.15 -54.27 -108.30
CA ILE D 2771 49.66 -55.47 -107.68
C ILE D 2771 50.55 -55.15 -106.46
N GLN D 2772 51.22 -54.01 -106.50
CA GLN D 2772 52.00 -53.57 -105.35
C GLN D 2772 51.07 -53.23 -104.18
N ASN D 2773 49.82 -52.93 -104.50
CA ASN D 2773 48.80 -52.71 -103.48
C ASN D 2773 47.94 -53.95 -103.29
N ASN D 2774 48.52 -55.10 -103.63
CA ASN D 2774 47.91 -56.41 -103.44
C ASN D 2774 46.54 -56.61 -104.11
N TRP D 2775 46.34 -55.96 -105.24
CA TRP D 2775 45.22 -56.29 -106.11
C TRP D 2775 45.55 -57.60 -106.82
N SER D 2776 44.54 -58.35 -107.21
CA SER D 2776 44.75 -59.59 -107.95
C SER D 2776 43.69 -59.73 -109.03
N TYR D 2777 43.83 -60.72 -109.90
CA TYR D 2777 42.79 -60.97 -110.89
C TYR D 2777 41.52 -61.44 -110.21
N GLY D 2778 40.39 -61.03 -110.75
CA GLY D 2778 39.09 -61.49 -110.32
C GLY D 2778 38.15 -61.27 -111.48
N GLU D 2779 37.08 -62.05 -111.56
CA GLU D 2779 36.19 -61.93 -112.71
C GLU D 2779 35.46 -60.58 -112.69
N ASN D 2780 35.23 -60.05 -111.50
CA ASN D 2780 34.58 -58.75 -111.37
C ASN D 2780 35.49 -57.72 -110.73
N VAL D 2781 35.19 -56.45 -110.97
CA VAL D 2781 35.84 -55.36 -110.24
C VAL D 2781 35.24 -55.31 -108.85
N ASP D 2782 36.08 -55.42 -107.84
CA ASP D 2782 35.62 -55.47 -106.46
C ASP D 2782 36.56 -54.69 -105.54
N GLU D 2783 36.10 -53.53 -105.08
CA GLU D 2783 36.93 -52.63 -104.30
C GLU D 2783 37.27 -53.19 -102.91
N GLU D 2784 36.40 -54.02 -102.36
CA GLU D 2784 36.65 -54.60 -101.04
C GLU D 2784 37.66 -55.73 -101.13
N LEU D 2785 37.49 -56.60 -102.12
CA LEU D 2785 38.38 -57.74 -102.32
C LEU D 2785 39.61 -57.36 -103.13
N LYS D 2786 39.59 -56.15 -103.69
CA LYS D 2786 40.66 -55.66 -104.55
C LYS D 2786 40.94 -56.61 -105.70
N THR D 2787 39.91 -56.91 -106.48
CA THR D 2787 40.06 -57.73 -107.68
C THR D 2787 39.75 -56.88 -108.92
N HIS D 2788 40.39 -57.22 -110.03
CA HIS D 2788 40.12 -56.54 -111.30
C HIS D 2788 40.39 -57.49 -112.46
N PRO D 2789 39.41 -57.64 -113.37
CA PRO D 2789 39.48 -58.58 -114.50
C PRO D 2789 40.56 -58.24 -115.52
N MET D 2790 41.09 -57.02 -115.48
CA MET D 2790 42.13 -56.61 -116.41
C MET D 2790 43.52 -56.76 -115.80
N LEU D 2791 43.59 -57.35 -114.62
CA LEU D 2791 44.87 -57.68 -114.02
C LEU D 2791 45.37 -58.99 -114.62
N ARG D 2792 45.78 -58.91 -115.88
CA ARG D 2792 46.28 -60.04 -116.65
C ARG D 2792 47.03 -59.48 -117.85
N PRO D 2793 47.85 -60.31 -118.52
CA PRO D 2793 48.63 -59.79 -119.66
C PRO D 2793 47.81 -59.08 -120.73
N TYR D 2794 48.35 -57.95 -121.21
CA TYR D 2794 47.77 -57.16 -122.28
C TYR D 2794 47.54 -58.02 -123.53
N LYS D 2795 48.39 -59.02 -123.71
CA LYS D 2795 48.34 -59.90 -124.86
C LYS D 2795 47.09 -60.78 -124.86
N THR D 2796 46.49 -60.96 -123.69
CA THR D 2796 45.32 -61.82 -123.55
C THR D 2796 44.03 -61.03 -123.71
N PHE D 2797 44.14 -59.74 -123.99
CA PHE D 2797 42.99 -58.88 -124.15
C PHE D 2797 42.27 -59.08 -125.47
N SER D 2798 40.99 -58.75 -125.50
CA SER D 2798 40.28 -58.62 -126.76
C SER D 2798 40.69 -57.31 -127.39
N GLU D 2799 40.24 -57.05 -128.61
CA GLU D 2799 40.58 -55.79 -129.28
C GLU D 2799 39.90 -54.63 -128.57
N LYS D 2800 38.72 -54.87 -128.03
CA LYS D 2800 37.97 -53.85 -127.30
C LYS D 2800 38.73 -53.40 -126.06
N ASP D 2801 39.31 -54.37 -125.34
CA ASP D 2801 40.01 -54.08 -124.09
C ASP D 2801 41.39 -53.47 -124.36
N LYS D 2802 42.01 -53.83 -125.47
CA LYS D 2802 43.26 -53.22 -125.89
C LYS D 2802 43.03 -51.75 -126.25
N GLU D 2803 41.87 -51.49 -126.85
CA GLU D 2803 41.51 -50.16 -127.32
C GLU D 2803 41.33 -49.19 -126.15
N ILE D 2804 41.07 -49.73 -124.97
CA ILE D 2804 41.00 -48.94 -123.75
C ILE D 2804 42.30 -48.17 -123.55
N TYR D 2805 43.42 -48.81 -123.89
CA TYR D 2805 44.73 -48.20 -123.74
C TYR D 2805 45.22 -47.54 -125.02
N ARG D 2806 44.70 -48.01 -126.17
CA ARG D 2806 45.19 -47.53 -127.46
C ARG D 2806 44.56 -46.21 -127.91
N TRP D 2807 43.30 -45.98 -127.53
CA TRP D 2807 42.59 -44.76 -127.91
C TRP D 2807 43.24 -43.49 -127.39
N PRO D 2808 43.62 -43.47 -126.10
CA PRO D 2808 44.20 -42.19 -125.66
C PRO D 2808 45.53 -41.89 -126.33
N ILE D 2809 46.29 -42.93 -126.62
CA ILE D 2809 47.59 -42.79 -127.28
C ILE D 2809 47.42 -42.32 -128.73
N LYS D 2810 46.39 -42.84 -129.41
CA LYS D 2810 46.11 -42.44 -130.77
C LYS D 2810 45.61 -41.00 -130.84
N GLU D 2811 44.92 -40.57 -129.78
CA GLU D 2811 44.46 -39.19 -129.69
C GLU D 2811 45.64 -38.24 -129.51
N SER D 2812 46.65 -38.69 -128.77
CA SER D 2812 47.84 -37.91 -128.55
C SER D 2812 48.64 -37.76 -129.84
N LEU D 2813 48.82 -38.88 -130.55
CA LEU D 2813 49.58 -38.90 -131.79
C LEU D 2813 48.88 -38.09 -132.89
N LYS D 2814 47.56 -38.13 -132.90
CA LYS D 2814 46.78 -37.38 -133.90
C LYS D 2814 46.91 -35.88 -133.67
N ALA D 2815 47.07 -35.49 -132.42
CA ALA D 2815 47.29 -34.09 -132.08
C ALA D 2815 48.63 -33.62 -132.61
N MET D 2816 49.66 -34.45 -132.43
CA MET D 2816 51.01 -34.15 -132.89
C MET D 2816 51.06 -34.05 -134.42
N ILE D 2817 50.36 -34.96 -135.08
CA ILE D 2817 50.28 -34.98 -136.54
C ILE D 2817 49.51 -33.76 -137.05
N ALA D 2818 48.46 -33.37 -136.32
CA ALA D 2818 47.66 -32.20 -136.68
C ALA D 2818 48.50 -30.93 -136.59
N TRP D 2819 49.42 -30.91 -135.63
CA TRP D 2819 50.33 -29.78 -135.47
C TRP D 2819 51.47 -29.85 -136.49
N GLU D 2820 51.42 -30.87 -137.33
CA GLU D 2820 52.42 -31.12 -138.37
C GLU D 2820 53.81 -31.30 -137.77
N TRP D 2821 53.88 -32.01 -136.65
CA TRP D 2821 55.13 -32.50 -136.11
C TRP D 2821 55.53 -33.74 -136.88
N THR D 2822 56.84 -34.00 -136.97
CA THR D 2822 57.30 -35.21 -137.64
C THR D 2822 57.69 -36.29 -136.62
N ILE D 2823 57.25 -37.52 -136.88
CA ILE D 2823 57.59 -38.66 -136.03
C ILE D 2823 58.23 -39.76 -136.86
N GLU D 2824 59.54 -39.90 -136.74
CA GLU D 2824 60.27 -40.85 -137.58
C GLU D 2824 61.26 -41.72 -136.79
N LYS D 2825 61.26 -43.01 -137.09
CA LYS D 2825 62.16 -43.96 -136.47
C LYS D 2825 63.60 -43.75 -136.96
N ALA D 2826 64.36 -42.99 -136.20
CA ALA D 2826 65.73 -42.63 -136.61
C ALA D 2826 66.76 -43.64 -136.10
N ARG D 2827 66.45 -44.30 -134.99
CA ARG D 2827 67.39 -45.23 -134.38
C ARG D 2827 66.74 -46.57 -134.03
N GLU D 2828 67.55 -47.54 -133.66
CA GLU D 2828 67.06 -48.77 -133.07
C GLU D 2828 66.65 -48.48 -131.63
N GLY D 2829 65.67 -49.22 -131.12
CA GLY D 2829 65.21 -49.04 -129.75
C GLY D 2829 66.27 -49.45 -128.73
N GLU D 2830 66.12 -48.97 -127.50
CA GLU D 2830 67.04 -49.30 -126.43
C GLU D 2830 67.00 -50.78 -126.06
N TYR D 2855 50.39 -63.67 -112.77
CA TYR D 2855 50.72 -62.52 -113.59
C TYR D 2855 51.65 -61.57 -112.84
N ASN D 2856 52.83 -61.33 -113.42
CA ASN D 2856 53.86 -60.54 -112.77
C ASN D 2856 54.48 -59.49 -113.70
N PRO D 2857 53.79 -58.36 -113.88
CA PRO D 2857 54.25 -57.28 -114.76
C PRO D 2857 55.46 -56.52 -114.22
N GLN D 2858 56.49 -56.43 -115.04
CA GLN D 2858 57.66 -55.62 -114.72
C GLN D 2858 57.94 -54.67 -115.87
N PRO D 2859 57.19 -53.56 -115.93
CA PRO D 2859 57.34 -52.59 -117.02
C PRO D 2859 58.68 -51.88 -116.95
N PRO D 2860 59.20 -51.43 -118.11
CA PRO D 2860 60.46 -50.68 -118.13
C PRO D 2860 60.40 -49.40 -117.31
N ASP D 2861 61.54 -49.01 -116.74
CA ASP D 2861 61.61 -47.78 -115.95
C ASP D 2861 61.95 -46.58 -116.84
N LEU D 2862 61.12 -45.56 -116.77
CA LEU D 2862 61.31 -44.37 -117.62
C LEU D 2862 61.92 -43.22 -116.84
N SER D 2863 62.44 -43.51 -115.65
CA SER D 2863 63.04 -42.50 -114.79
C SER D 2863 64.33 -41.95 -115.39
N GLY D 2864 65.08 -42.81 -116.07
CA GLY D 2864 66.38 -42.44 -116.60
C GLY D 2864 66.39 -41.85 -118.00
N VAL D 2865 65.20 -41.63 -118.55
CA VAL D 2865 65.09 -41.05 -119.89
C VAL D 2865 65.04 -39.53 -119.83
N THR D 2866 66.02 -38.88 -120.43
CA THR D 2866 66.09 -37.42 -120.42
C THR D 2866 65.58 -36.82 -121.72
N LEU D 2867 64.63 -35.91 -121.62
CA LEU D 2867 64.13 -35.19 -122.78
C LEU D 2867 64.89 -33.89 -122.96
N SER D 2868 65.17 -33.54 -124.21
CA SER D 2868 65.81 -32.27 -124.52
C SER D 2868 64.88 -31.13 -124.10
N ARG D 2869 65.41 -29.92 -124.01
CA ARG D 2869 64.58 -28.77 -123.67
C ARG D 2869 63.49 -28.59 -124.72
N GLU D 2870 63.85 -28.88 -125.97
CA GLU D 2870 62.90 -28.73 -127.06
C GLU D 2870 61.76 -29.75 -126.95
N LEU D 2871 62.08 -30.97 -126.57
CA LEU D 2871 61.08 -32.01 -126.37
C LEU D 2871 60.22 -31.71 -125.15
N GLN D 2872 60.83 -31.11 -124.13
CA GLN D 2872 60.11 -30.70 -122.93
C GLN D 2872 59.14 -29.57 -123.30
N ALA D 2873 59.56 -28.73 -124.24
CA ALA D 2873 58.72 -27.64 -124.72
C ALA D 2873 57.52 -28.18 -125.50
N MET D 2874 57.75 -29.21 -126.29
CA MET D 2874 56.69 -29.84 -127.06
C MET D 2874 55.71 -30.57 -126.14
N ALA D 2875 56.22 -31.02 -124.99
CA ALA D 2875 55.39 -31.67 -123.99
C ALA D 2875 54.39 -30.69 -123.40
N GLU D 2876 54.77 -29.41 -123.36
CA GLU D 2876 53.91 -28.36 -122.84
C GLU D 2876 52.70 -28.13 -123.73
N GLN D 2877 52.89 -28.23 -125.05
CA GLN D 2877 51.79 -28.08 -125.98
C GLN D 2877 50.84 -29.28 -125.90
N LEU D 2878 51.42 -30.47 -125.70
CA LEU D 2878 50.64 -31.68 -125.51
C LEU D 2878 49.83 -31.61 -124.21
N ALA D 2879 50.50 -31.17 -123.14
CA ALA D 2879 49.86 -31.05 -121.83
C ALA D 2879 48.71 -30.04 -121.87
N GLU D 2880 48.92 -28.94 -122.58
CA GLU D 2880 47.90 -27.90 -122.72
C GLU D 2880 46.67 -28.44 -123.45
N ASN D 2881 46.92 -29.29 -124.44
CA ASN D 2881 45.83 -29.87 -125.23
C ASN D 2881 45.06 -30.91 -124.44
N TYR D 2882 45.76 -31.62 -123.56
CA TYR D 2882 45.12 -32.54 -122.63
C TYR D 2882 44.15 -31.78 -121.73
N HIS D 2883 44.60 -30.63 -121.24
CA HIS D 2883 43.80 -29.78 -120.37
C HIS D 2883 42.60 -29.19 -121.10
N ASN D 2884 42.81 -28.79 -122.35
CA ASN D 2884 41.73 -28.25 -123.17
C ASN D 2884 40.70 -29.31 -123.52
N THR D 2885 41.16 -30.55 -123.68
CA THR D 2885 40.27 -31.66 -123.97
C THR D 2885 39.41 -31.99 -122.75
N TRP D 2886 40.04 -32.02 -121.59
CA TRP D 2886 39.32 -32.22 -120.34
C TRP D 2886 38.35 -31.07 -120.10
N GLY D 2887 38.82 -29.85 -120.32
CA GLY D 2887 38.04 -28.65 -120.08
C GLY D 2887 36.80 -28.57 -120.92
N ARG D 2888 36.93 -28.87 -122.21
CA ARG D 2888 35.80 -28.87 -123.13
C ARG D 2888 34.80 -29.96 -122.77
N LYS D 2889 35.31 -31.12 -122.38
CA LYS D 2889 34.47 -32.23 -121.99
C LYS D 2889 33.78 -31.94 -120.66
N LYS D 2890 34.50 -31.27 -119.77
CA LYS D 2890 33.97 -30.91 -118.46
C LYS D 2890 32.83 -29.89 -118.55
N LYS D 2891 32.99 -28.91 -119.45
CA LYS D 2891 31.96 -27.90 -119.66
C LYS D 2891 30.68 -28.53 -120.16
N GLN D 2892 30.80 -29.53 -121.03
CA GLN D 2892 29.66 -30.23 -121.58
C GLN D 2892 29.02 -31.16 -120.54
N GLU D 2893 29.84 -31.72 -119.67
CA GLU D 2893 29.35 -32.57 -118.60
C GLU D 2893 28.53 -31.75 -117.61
N LEU D 2894 29.05 -30.58 -117.25
CA LEU D 2894 28.40 -29.70 -116.29
C LEU D 2894 27.04 -29.22 -116.79
N GLU D 2895 26.98 -28.80 -118.06
CA GLU D 2895 25.74 -28.33 -118.65
C GLU D 2895 24.70 -29.43 -118.75
N ALA D 2896 25.17 -30.65 -119.01
CA ALA D 2896 24.28 -31.80 -119.12
C ALA D 2896 23.69 -32.17 -117.76
N LYS D 2897 24.37 -31.76 -116.70
CA LYS D 2897 23.94 -32.13 -115.35
C LYS D 2897 23.29 -30.97 -114.59
N GLY D 2898 23.01 -29.89 -115.31
CA GLY D 2898 22.25 -28.78 -114.74
C GLY D 2898 23.04 -27.50 -114.54
N GLY D 2899 24.29 -27.49 -114.97
CA GLY D 2899 25.12 -26.31 -114.83
C GLY D 2899 26.06 -26.43 -113.64
N GLY D 2900 26.77 -25.36 -113.33
CA GLY D 2900 27.74 -25.36 -112.25
C GLY D 2900 29.13 -24.98 -112.73
N THR D 2901 30.12 -25.10 -111.86
CA THR D 2901 31.48 -24.70 -112.20
C THR D 2901 32.53 -25.69 -111.69
N HIS D 2902 33.77 -25.44 -112.10
CA HIS D 2902 34.92 -26.25 -111.67
C HIS D 2902 36.14 -25.33 -111.58
N PRO D 2903 36.89 -25.39 -110.47
CA PRO D 2903 38.01 -24.48 -110.24
C PRO D 2903 39.14 -24.61 -111.26
N LEU D 2904 39.21 -25.73 -111.95
CA LEU D 2904 40.29 -25.97 -112.91
C LEU D 2904 39.89 -25.56 -114.32
N LEU D 2905 38.70 -24.99 -114.48
CA LEU D 2905 38.26 -24.48 -115.77
C LEU D 2905 38.88 -23.10 -116.03
N VAL D 2906 40.20 -23.08 -116.11
CA VAL D 2906 40.96 -21.88 -116.42
C VAL D 2906 42.01 -22.24 -117.47
N PRO D 2907 42.57 -21.24 -118.17
CA PRO D 2907 43.62 -21.55 -119.14
C PRO D 2907 44.80 -22.31 -118.52
N TYR D 2908 45.40 -23.22 -119.29
CA TYR D 2908 46.48 -24.08 -118.82
C TYR D 2908 47.64 -23.29 -118.21
N ASP D 2909 47.97 -22.15 -118.82
CA ASP D 2909 49.10 -21.35 -118.38
C ASP D 2909 48.85 -20.67 -117.02
N THR D 2910 47.59 -20.60 -116.61
CA THR D 2910 47.25 -19.98 -115.34
C THR D 2910 47.21 -21.00 -114.21
N LEU D 2911 47.29 -22.28 -114.56
CA LEU D 2911 47.35 -23.34 -113.57
C LEU D 2911 48.63 -23.24 -112.76
N THR D 2912 48.60 -23.77 -111.53
CA THR D 2912 49.80 -23.86 -110.72
C THR D 2912 50.65 -25.03 -111.21
N ALA D 2913 51.88 -25.09 -110.74
CA ALA D 2913 52.79 -26.18 -111.11
C ALA D 2913 52.22 -27.53 -110.69
N LYS D 2914 51.58 -27.54 -109.51
CA LYS D 2914 50.93 -28.75 -109.00
C LYS D 2914 49.76 -29.18 -109.89
N GLU D 2915 49.01 -28.20 -110.39
CA GLU D 2915 47.84 -28.48 -111.21
C GLU D 2915 48.21 -28.90 -112.62
N LYS D 2916 49.43 -28.57 -113.05
CA LYS D 2916 49.90 -28.91 -114.39
C LYS D 2916 50.54 -30.30 -114.43
N ALA D 2917 50.91 -30.82 -113.26
CA ALA D 2917 51.72 -32.03 -113.14
C ALA D 2917 51.19 -33.24 -113.90
N ARG D 2918 49.89 -33.51 -113.75
CA ARG D 2918 49.28 -34.69 -114.34
C ARG D 2918 49.34 -34.65 -115.87
N ASP D 2919 49.05 -33.49 -116.45
CA ASP D 2919 49.10 -33.33 -117.89
C ASP D 2919 50.53 -33.38 -118.41
N ARG D 2920 51.44 -32.82 -117.62
CA ARG D 2920 52.86 -32.81 -117.98
C ARG D 2920 53.43 -34.22 -117.95
N GLU D 2921 53.02 -35.01 -116.96
CA GLU D 2921 53.52 -36.38 -116.83
C GLU D 2921 53.04 -37.26 -117.98
N LYS D 2922 51.79 -37.06 -118.41
CA LYS D 2922 51.25 -37.83 -119.52
C LYS D 2922 51.99 -37.51 -120.82
N ALA D 2923 52.26 -36.23 -121.03
CA ALA D 2923 53.00 -35.78 -122.21
C ALA D 2923 54.44 -36.28 -122.18
N GLN D 2924 55.05 -36.25 -120.99
CA GLN D 2924 56.42 -36.72 -120.82
C GLN D 2924 56.54 -38.20 -121.14
N GLU D 2925 55.64 -39.00 -120.56
CA GLU D 2925 55.64 -40.45 -120.73
C GLU D 2925 55.60 -40.85 -122.20
N LEU D 2926 54.77 -40.16 -122.98
CA LEU D 2926 54.64 -40.47 -124.40
C LEU D 2926 55.93 -40.16 -125.16
N LEU D 2927 56.49 -38.98 -124.93
CA LEU D 2927 57.71 -38.56 -125.61
C LEU D 2927 58.91 -39.38 -125.16
N LYS D 2928 58.90 -39.81 -123.91
CA LYS D 2928 59.98 -40.64 -123.38
C LYS D 2928 59.98 -42.02 -124.05
N PHE D 2929 58.80 -42.60 -124.19
CA PHE D 2929 58.68 -43.94 -124.76
C PHE D 2929 58.96 -43.92 -126.26
N LEU D 2930 58.61 -42.83 -126.91
CA LEU D 2930 58.95 -42.63 -128.31
C LEU D 2930 60.46 -42.59 -128.49
N GLN D 2931 61.12 -41.81 -127.63
CA GLN D 2931 62.57 -41.66 -127.68
C GLN D 2931 63.28 -42.98 -127.40
N MET D 2932 62.75 -43.74 -126.43
CA MET D 2932 63.34 -45.01 -126.04
C MET D 2932 63.22 -46.05 -127.16
N ASN D 2933 62.17 -45.93 -127.97
CA ASN D 2933 61.97 -46.84 -129.09
C ASN D 2933 62.62 -46.31 -130.37
N GLY D 2934 63.42 -45.26 -130.22
CA GLY D 2934 64.25 -44.76 -131.31
C GLY D 2934 63.60 -43.76 -132.24
N TYR D 2935 62.51 -43.14 -131.80
CA TYR D 2935 61.81 -42.16 -132.61
C TYR D 2935 62.30 -40.74 -132.36
N ALA D 2936 62.51 -40.00 -133.45
CA ALA D 2936 62.84 -38.58 -133.37
C ALA D 2936 61.57 -37.76 -133.58
N VAL D 2937 61.28 -36.87 -132.64
CA VAL D 2937 60.10 -36.03 -132.77
C VAL D 2937 60.50 -34.57 -132.95
N THR D 2938 60.17 -34.02 -134.12
CA THR D 2938 60.53 -32.65 -134.47
C THR D 2938 59.32 -31.89 -135.01
N ARG D 2939 59.42 -30.57 -135.06
CA ARG D 2939 58.37 -29.75 -135.62
C ARG D 2939 58.93 -28.71 -136.60
N UNK D 2940 47.28 -12.17 -92.70
CA UNK D 2940 46.62 -11.74 -93.92
C UNK D 2940 45.44 -10.85 -93.58
N UNK D 2941 45.54 -10.18 -92.44
CA UNK D 2941 44.43 -9.37 -91.95
C UNK D 2941 44.11 -8.28 -92.97
N UNK D 2942 45.15 -7.68 -93.52
CA UNK D 2942 44.96 -6.60 -94.49
C UNK D 2942 44.22 -7.11 -95.72
N UNK D 2943 44.59 -8.30 -96.20
CA UNK D 2943 43.95 -8.88 -97.36
C UNK D 2943 42.49 -9.16 -97.06
N UNK D 2944 42.22 -9.68 -95.87
CA UNK D 2944 40.87 -10.01 -95.49
C UNK D 2944 40.05 -8.73 -95.49
N UNK D 2945 40.68 -7.68 -94.98
CA UNK D 2945 40.04 -6.38 -94.87
C UNK D 2945 39.71 -5.84 -96.25
N UNK D 2946 40.63 -6.00 -97.19
CA UNK D 2946 40.39 -5.51 -98.54
C UNK D 2946 39.22 -6.25 -99.14
N UNK D 2947 39.18 -7.57 -98.93
CA UNK D 2947 38.09 -8.34 -99.49
C UNK D 2947 36.76 -7.87 -98.90
N UNK D 2948 36.75 -7.64 -97.59
CA UNK D 2948 35.54 -7.22 -96.90
C UNK D 2948 35.07 -5.87 -97.41
N UNK D 2949 36.01 -4.97 -97.63
CA UNK D 2949 35.71 -3.63 -98.11
C UNK D 2949 35.12 -3.71 -99.49
N UNK D 2950 35.68 -4.59 -100.31
CA UNK D 2950 35.18 -4.79 -101.66
C UNK D 2950 33.75 -5.29 -101.60
N UNK D 2951 33.48 -6.19 -100.65
CA UNK D 2951 32.14 -6.73 -100.46
C UNK D 2951 31.17 -5.62 -100.06
N UNK D 2952 31.62 -4.73 -99.19
CA UNK D 2952 30.80 -3.61 -98.76
C UNK D 2952 30.49 -2.69 -99.93
N UNK D 2953 31.50 -2.48 -100.78
CA UNK D 2953 31.34 -1.64 -101.96
C UNK D 2953 30.32 -2.26 -102.88
N UNK D 2954 30.38 -3.58 -102.99
CA UNK D 2954 29.46 -4.34 -103.82
C UNK D 2954 28.04 -4.20 -103.28
N UNK D 2955 27.90 -4.22 -101.97
CA UNK D 2955 26.62 -4.02 -101.31
C UNK D 2955 26.09 -2.64 -101.62
N UNK D 2956 27.00 -1.66 -101.63
CA UNK D 2956 26.65 -0.30 -101.98
C UNK D 2956 26.15 -0.22 -103.42
N UNK D 2957 26.81 -0.95 -104.30
CA UNK D 2957 26.41 -1.00 -105.70
C UNK D 2957 25.01 -1.60 -105.81
N UNK D 2958 24.77 -2.64 -105.01
CA UNK D 2958 23.47 -3.30 -104.98
C UNK D 2958 22.55 -2.62 -103.98
N UNK D 2959 30.85 -8.07 -112.26
CA UNK D 2959 31.75 -9.16 -111.88
C UNK D 2959 31.61 -9.50 -110.39
N UNK D 2960 30.50 -9.08 -109.79
CA UNK D 2960 30.26 -9.30 -108.37
C UNK D 2960 30.17 -10.78 -108.02
N UNK D 2961 29.54 -11.57 -108.89
CA UNK D 2961 29.44 -13.00 -108.69
C UNK D 2961 30.82 -13.63 -108.71
N UNK D 2962 31.65 -13.12 -109.62
CA UNK D 2962 33.02 -13.57 -109.73
C UNK D 2962 33.79 -13.25 -108.45
N UNK D 2963 33.55 -12.06 -107.91
CA UNK D 2963 34.20 -11.65 -106.69
C UNK D 2963 33.79 -12.60 -105.58
N UNK D 2964 32.51 -12.96 -105.58
CA UNK D 2964 31.96 -13.88 -104.60
C UNK D 2964 32.61 -15.25 -104.68
N UNK D 2965 32.82 -15.72 -105.91
CA UNK D 2965 33.49 -16.99 -106.13
C UNK D 2965 34.93 -16.93 -105.63
N UNK D 2966 35.58 -15.80 -105.86
CA UNK D 2966 36.94 -15.62 -105.42
C UNK D 2966 36.95 -15.71 -103.91
N UNK D 2967 35.94 -15.11 -103.30
CA UNK D 2967 35.77 -15.08 -101.86
C UNK D 2967 35.58 -16.49 -101.30
N UNK D 2968 34.78 -17.28 -101.98
CA UNK D 2968 34.53 -18.65 -101.57
C UNK D 2968 35.82 -19.44 -101.63
N UNK D 2969 36.60 -19.20 -102.68
CA UNK D 2969 37.88 -19.88 -102.85
C UNK D 2969 38.80 -19.52 -101.69
N UNK D 2970 38.80 -18.25 -101.33
CA UNK D 2970 39.63 -17.77 -100.25
C UNK D 2970 39.22 -18.44 -98.95
N UNK D 2971 37.92 -18.55 -98.73
CA UNK D 2971 37.43 -19.15 -97.52
C UNK D 2971 37.87 -20.60 -97.46
N UNK D 2972 37.79 -21.28 -98.59
CA UNK D 2972 38.16 -22.69 -98.63
C UNK D 2972 39.64 -22.84 -98.33
N UNK D 2973 40.44 -21.95 -98.89
CA UNK D 2973 41.88 -21.99 -98.67
C UNK D 2973 42.19 -21.78 -97.19
N UNK D 2974 41.46 -20.85 -96.58
CA UNK D 2974 41.62 -20.56 -95.17
C UNK D 2974 41.27 -21.76 -94.32
N UNK D 2975 40.21 -22.46 -94.71
CA UNK D 2975 39.77 -23.65 -94.01
C UNK D 2975 40.87 -24.70 -94.10
N UNK D 2976 41.47 -24.81 -95.28
CA UNK D 2976 42.55 -25.78 -95.48
C UNK D 2976 43.73 -25.42 -94.57
N UNK D 2977 44.00 -24.12 -94.46
CA UNK D 2977 45.09 -23.64 -93.63
C UNK D 2977 44.84 -23.98 -92.17
N UNK D 2978 43.60 -23.83 -91.74
CA UNK D 2978 43.23 -24.11 -90.36
C UNK D 2978 44.25 -23.54 -89.38
N UNK D 2979 38.81 -9.12 -88.23
CA UNK D 2979 37.68 -9.84 -87.67
C UNK D 2979 36.42 -8.98 -87.65
N UNK D 2980 36.56 -7.74 -87.19
CA UNK D 2980 35.44 -6.83 -87.11
C UNK D 2980 34.93 -6.64 -88.52
N UNK D 2981 35.87 -6.61 -89.45
CA UNK D 2981 35.55 -6.53 -90.85
C UNK D 2981 34.75 -7.79 -91.16
N UNK D 2982 35.12 -8.89 -90.54
CA UNK D 2982 34.42 -10.16 -90.77
C UNK D 2982 32.95 -10.07 -90.35
N UNK D 2983 32.71 -9.46 -89.21
CA UNK D 2983 31.35 -9.23 -88.73
C UNK D 2983 30.56 -8.32 -89.65
N UNK D 2984 31.25 -7.30 -90.17
CA UNK D 2984 30.61 -6.39 -91.10
C UNK D 2984 30.21 -7.19 -92.33
N UNK D 2985 31.10 -8.06 -92.75
CA UNK D 2985 30.89 -8.88 -93.92
C UNK D 2985 29.69 -9.77 -93.69
N UNK D 2986 29.57 -10.30 -92.48
CA UNK D 2986 28.45 -11.14 -92.11
C UNK D 2986 27.11 -10.41 -92.16
N UNK D 2987 27.09 -9.16 -91.69
CA UNK D 2987 25.87 -8.37 -91.78
C UNK D 2987 25.51 -8.12 -93.26
N UNK D 2988 26.55 -7.85 -94.03
CA UNK D 2988 26.37 -7.57 -95.44
C UNK D 2988 25.78 -8.82 -96.05
N UNK D 2989 26.25 -9.96 -95.57
CA UNK D 2989 25.84 -11.30 -95.96
C UNK D 2989 24.38 -11.62 -95.65
N UNK D 2990 23.89 -11.20 -94.48
CA UNK D 2990 22.48 -11.35 -94.19
C UNK D 2990 21.70 -10.52 -95.21
N UNK D 2991 22.23 -9.33 -95.51
CA UNK D 2991 21.59 -8.48 -96.49
C UNK D 2991 21.55 -9.18 -97.84
N UNK D 2992 22.66 -9.84 -98.16
CA UNK D 2992 22.85 -10.59 -99.39
C UNK D 2992 21.89 -11.77 -99.51
N UNK D 2993 21.63 -12.43 -98.39
CA UNK D 2993 20.68 -13.52 -98.32
C UNK D 2993 19.30 -12.98 -98.64
N UNK D 2994 19.00 -11.81 -98.09
CA UNK D 2994 17.72 -11.19 -98.39
C UNK D 2994 17.64 -10.91 -99.88
N UNK D 2995 18.77 -10.47 -100.42
CA UNK D 2995 18.87 -10.17 -101.85
C UNK D 2995 18.65 -11.41 -102.71
N UNK D 2996 19.23 -12.53 -102.31
CA UNK D 2996 19.05 -13.75 -103.09
C UNK D 2996 17.58 -14.03 -103.06
N UNK D 2997 17.02 -13.92 -101.87
CA UNK D 2997 15.66 -14.37 -101.60
C UNK D 2997 14.75 -13.61 -102.54
N UNK D 2998 15.03 -12.32 -102.73
CA UNK D 2998 14.37 -11.63 -103.84
C UNK D 2998 15.45 -10.94 -104.65
N UNK D 2999 15.88 -11.55 -105.75
CA UNK D 2999 15.13 -11.89 -106.95
C UNK D 2999 14.68 -13.34 -107.11
N UNK D 3000 14.87 -14.13 -106.06
CA UNK D 3000 14.59 -15.56 -106.11
C UNK D 3000 15.70 -16.29 -106.84
N UNK D 3001 28.87 -17.60 -102.72
CA UNK D 3001 27.47 -17.82 -102.35
C UNK D 3001 27.37 -18.96 -101.34
N UNK D 3002 27.05 -20.14 -101.82
CA UNK D 3002 26.93 -21.31 -100.95
C UNK D 3002 28.28 -21.54 -100.31
N UNK D 3003 29.31 -21.31 -101.11
CA UNK D 3003 30.68 -21.42 -100.64
C UNK D 3003 30.85 -20.39 -99.54
N UNK D 3004 30.28 -19.21 -99.73
CA UNK D 3004 30.41 -18.17 -98.74
C UNK D 3004 29.81 -18.62 -97.41
N UNK D 3005 28.64 -19.25 -97.47
CA UNK D 3005 27.99 -19.76 -96.27
C UNK D 3005 28.81 -20.84 -95.57
N UNK D 3006 29.39 -21.74 -96.36
CA UNK D 3006 30.23 -22.79 -95.77
C UNK D 3006 31.44 -22.16 -95.09
N UNK D 3007 31.99 -21.15 -95.75
CA UNK D 3007 33.16 -20.46 -95.26
C UNK D 3007 32.80 -19.81 -93.94
N UNK D 3008 31.60 -19.26 -93.89
CA UNK D 3008 31.12 -18.59 -92.69
C UNK D 3008 31.02 -19.59 -91.55
N UNK D 3009 30.53 -20.79 -91.83
CA UNK D 3009 30.46 -21.81 -90.78
C UNK D 3009 31.86 -22.19 -90.27
N UNK D 3010 32.79 -22.34 -91.21
CA UNK D 3010 34.16 -22.69 -90.82
C UNK D 3010 34.73 -21.56 -89.95
N UNK D 3011 34.40 -20.35 -90.35
CA UNK D 3011 34.86 -19.13 -89.70
C UNK D 3011 34.32 -19.08 -88.29
N UNK D 3012 33.07 -19.52 -88.14
CA UNK D 3012 32.40 -19.59 -86.85
C UNK D 3012 33.11 -20.58 -85.94
N UNK D 3013 33.51 -21.72 -86.50
CA UNK D 3013 34.26 -22.67 -85.68
C UNK D 3013 35.57 -22.02 -85.24
N UNK D 3014 36.20 -21.31 -86.17
CA UNK D 3014 37.47 -20.65 -85.89
C UNK D 3014 37.28 -19.62 -84.79
N UNK D 3015 36.17 -18.90 -84.85
CA UNK D 3015 35.81 -17.87 -83.88
C UNK D 3015 35.58 -18.45 -82.50
N UNK D 3016 34.92 -19.61 -82.45
CA UNK D 3016 34.67 -20.26 -81.19
C UNK D 3016 36.04 -20.60 -80.61
N UNK D 3017 36.93 -21.03 -81.49
CA UNK D 3017 38.30 -21.34 -81.08
C UNK D 3017 39.04 -20.11 -80.54
N UNK D 3018 38.88 -18.97 -81.20
CA UNK D 3018 39.55 -17.75 -80.80
C UNK D 3018 38.91 -17.21 -79.53
N UNK D 3019 31.20 -10.82 -73.18
CA UNK D 3019 29.77 -10.45 -73.15
C UNK D 3019 29.39 -9.76 -74.46
N UNK D 3020 30.22 -8.83 -74.84
CA UNK D 3020 30.05 -8.04 -76.08
C UNK D 3020 29.98 -8.97 -77.28
N UNK D 3021 30.99 -9.84 -77.36
CA UNK D 3021 31.16 -10.78 -78.44
C UNK D 3021 30.01 -11.72 -78.39
N UNK D 3022 29.62 -12.11 -77.18
CA UNK D 3022 28.40 -12.88 -77.06
C UNK D 3022 27.29 -11.99 -77.56
N UNK D 3023 27.28 -10.73 -77.11
CA UNK D 3023 26.21 -9.80 -77.49
C UNK D 3023 26.18 -9.46 -78.98
N UNK D 3024 27.35 -9.18 -79.53
CA UNK D 3024 27.45 -8.83 -80.93
C UNK D 3024 26.98 -10.04 -81.71
N UNK D 3025 27.41 -11.21 -81.24
CA UNK D 3025 27.12 -12.42 -81.94
C UNK D 3025 25.62 -12.62 -81.97
N UNK D 3026 24.99 -12.35 -80.83
CA UNK D 3026 23.55 -12.52 -80.71
C UNK D 3026 22.82 -11.57 -81.63
N UNK D 3027 23.26 -10.32 -81.72
CA UNK D 3027 22.58 -9.39 -82.60
C UNK D 3027 22.70 -9.88 -84.04
N UNK D 3028 23.89 -10.34 -84.39
CA UNK D 3028 24.13 -10.78 -85.75
C UNK D 3028 23.21 -11.96 -86.05
N UNK D 3029 23.11 -12.84 -85.07
CA UNK D 3029 22.32 -14.05 -85.22
C UNK D 3029 20.87 -13.70 -85.41
N UNK D 3030 20.38 -12.73 -84.65
CA UNK D 3030 18.99 -12.32 -84.77
C UNK D 3030 18.74 -11.78 -86.16
N UNK D 3031 19.65 -10.95 -86.65
CA UNK D 3031 19.44 -10.38 -87.98
C UNK D 3031 19.40 -11.50 -89.01
N UNK D 3032 20.30 -12.46 -88.85
CA UNK D 3032 20.41 -13.56 -89.79
C UNK D 3032 19.14 -14.40 -89.78
N UNK D 3033 18.60 -14.61 -88.59
CA UNK D 3033 17.38 -15.38 -88.41
C UNK D 3033 16.21 -14.69 -89.08
N UNK D 3034 16.15 -13.37 -88.93
CA UNK D 3034 15.09 -12.62 -89.57
C UNK D 3034 15.21 -12.77 -91.06
N UNK D 3035 16.44 -12.73 -91.56
CA UNK D 3035 16.67 -12.86 -92.99
C UNK D 3035 16.23 -14.24 -93.48
N UNK D 3036 16.54 -15.27 -92.71
CA UNK D 3036 16.18 -16.63 -93.08
C UNK D 3036 14.67 -16.77 -93.11
N UNK D 3037 14.03 -16.14 -92.14
CA UNK D 3037 12.58 -16.20 -91.99
C UNK D 3037 11.99 -14.80 -91.98
N UNK D 3038 20.90 -24.55 -90.54
CA UNK D 3038 21.26 -25.68 -89.68
C UNK D 3038 22.49 -25.34 -88.84
N UNK D 3039 23.63 -25.21 -89.51
CA UNK D 3039 24.89 -24.92 -88.84
C UNK D 3039 24.73 -23.58 -88.15
N UNK D 3040 24.05 -22.67 -88.82
CA UNK D 3040 23.80 -21.37 -88.24
C UNK D 3040 22.99 -21.58 -86.98
N UNK D 3041 22.04 -22.51 -87.02
CA UNK D 3041 21.20 -22.81 -85.87
C UNK D 3041 21.98 -23.34 -84.67
N UNK D 3042 22.95 -24.22 -84.93
CA UNK D 3042 23.85 -24.73 -83.89
C UNK D 3042 24.71 -23.64 -83.30
N UNK D 3043 25.16 -22.76 -84.18
CA UNK D 3043 25.99 -21.63 -83.79
C UNK D 3043 25.12 -20.82 -82.86
N UNK D 3044 23.84 -20.73 -83.22
CA UNK D 3044 22.81 -20.02 -82.49
C UNK D 3044 22.57 -20.59 -81.09
N UNK D 3045 22.60 -21.92 -80.95
CA UNK D 3045 22.55 -22.58 -79.63
C UNK D 3045 23.78 -22.26 -78.76
N UNK D 3046 24.94 -22.27 -79.41
CA UNK D 3046 26.15 -21.90 -78.69
C UNK D 3046 25.93 -20.46 -78.23
N UNK D 3047 25.27 -19.72 -79.10
CA UNK D 3047 24.88 -18.32 -78.94
C UNK D 3047 23.90 -18.06 -77.79
N UNK D 3048 22.95 -18.96 -77.56
CA UNK D 3048 22.06 -18.96 -76.40
C UNK D 3048 22.83 -19.18 -75.11
N UNK D 3049 23.83 -20.07 -75.18
CA UNK D 3049 24.72 -20.20 -74.03
C UNK D 3049 25.41 -18.86 -73.84
N UNK D 3050 25.78 -18.26 -74.97
CA UNK D 3050 26.45 -16.99 -75.02
C UNK D 3050 25.57 -15.89 -74.46
N UNK D 3051 24.26 -16.05 -74.63
CA UNK D 3051 23.14 -15.26 -74.11
C UNK D 3051 22.92 -15.31 -72.59
N UNK D 3052 23.12 -16.48 -72.00
CA UNK D 3052 23.21 -16.52 -70.54
C UNK D 3052 24.44 -15.69 -70.19
N UNK D 3053 25.46 -15.86 -71.04
CA UNK D 3053 26.70 -15.12 -70.89
C UNK D 3053 26.40 -13.63 -70.99
N UNK D 3054 25.47 -13.29 -71.85
CA UNK D 3054 24.93 -11.97 -72.13
C UNK D 3054 24.17 -11.35 -70.98
N UNK D 3055 23.42 -12.15 -70.25
CA UNK D 3055 22.78 -11.66 -69.03
C UNK D 3055 23.93 -11.27 -68.13
N UNK D 3056 24.96 -12.12 -68.13
CA UNK D 3056 26.15 -11.81 -67.32
C UNK D 3056 26.83 -10.51 -67.77
N UNK D 3057 26.90 -10.34 -69.09
CA UNK D 3057 27.53 -9.19 -69.70
C UNK D 3057 26.76 -7.94 -69.33
N UNK D 3058 25.44 -8.09 -69.26
CA UNK D 3058 24.53 -7.03 -68.88
C UNK D 3058 24.80 -6.63 -67.44
N UNK D 3059 25.05 -7.61 -66.59
CA UNK D 3059 25.42 -7.32 -65.21
C UNK D 3059 26.74 -6.55 -65.19
N UNK D 3060 27.65 -6.96 -66.06
CA UNK D 3060 28.94 -6.31 -66.21
C UNK D 3060 28.76 -4.86 -66.65
N UNK D 3061 27.81 -4.64 -67.55
CA UNK D 3061 27.44 -3.34 -68.05
C UNK D 3061 26.89 -2.47 -66.94
N UNK D 3062 26.08 -3.07 -66.08
CA UNK D 3062 25.53 -2.36 -64.96
C UNK D 3062 26.69 -1.92 -64.10
N UNK D 3063 27.65 -2.81 -63.95
CA UNK D 3063 28.83 -2.51 -63.16
C UNK D 3063 29.64 -1.34 -63.74
N UNK D 3064 29.81 -1.32 -65.05
CA UNK D 3064 30.58 -0.27 -65.72
C UNK D 3064 30.88 -0.63 -67.16
N UNK D 3065 33.31 5.19 -73.64
CA UNK D 3065 34.48 4.40 -73.99
C UNK D 3065 34.09 3.20 -74.84
N UNK D 3066 35.08 2.60 -75.50
CA UNK D 3066 34.78 1.49 -76.39
C UNK D 3066 34.18 0.31 -75.66
N UNK D 3067 34.73 -0.07 -74.50
CA UNK D 3067 34.25 -1.26 -73.82
C UNK D 3067 32.80 -1.06 -73.41
N UNK D 3068 32.52 0.10 -72.84
CA UNK D 3068 31.19 0.38 -72.36
C UNK D 3068 30.24 0.39 -73.54
N UNK D 3069 30.69 1.01 -74.63
CA UNK D 3069 29.84 1.18 -75.78
C UNK D 3069 29.48 -0.20 -76.31
N UNK D 3070 30.49 -1.06 -76.38
CA UNK D 3070 30.31 -2.36 -76.95
C UNK D 3070 29.31 -3.12 -76.10
N UNK D 3071 29.47 -3.04 -74.79
CA UNK D 3071 28.59 -3.79 -73.91
C UNK D 3071 27.15 -3.34 -74.09
N UNK D 3072 26.95 -2.03 -74.14
CA UNK D 3072 25.60 -1.53 -74.27
C UNK D 3072 24.96 -1.96 -75.58
N UNK D 3073 25.76 -1.86 -76.64
CA UNK D 3073 25.24 -2.14 -77.96
C UNK D 3073 24.83 -3.58 -77.93
N UNK D 3074 25.69 -4.40 -77.36
CA UNK D 3074 25.48 -5.82 -77.40
C UNK D 3074 24.20 -6.14 -76.67
N UNK D 3075 23.99 -5.54 -75.50
CA UNK D 3075 22.81 -5.86 -74.73
C UNK D 3075 21.55 -5.48 -75.50
N UNK D 3076 21.53 -4.29 -76.08
CA UNK D 3076 20.32 -3.86 -76.74
C UNK D 3076 20.04 -4.81 -77.90
N UNK D 3077 21.10 -5.09 -78.63
CA UNK D 3077 20.95 -5.85 -79.86
C UNK D 3077 20.41 -7.20 -79.48
N UNK D 3078 20.97 -7.75 -78.40
CA UNK D 3078 20.63 -9.09 -77.97
C UNK D 3078 19.18 -9.21 -77.56
N UNK D 3079 18.70 -8.23 -76.79
CA UNK D 3079 17.32 -8.32 -76.35
C UNK D 3079 16.44 -8.28 -77.59
N UNK D 3080 16.79 -7.35 -78.49
CA UNK D 3080 15.94 -7.15 -79.64
C UNK D 3080 15.91 -8.44 -80.43
N UNK D 3081 17.09 -9.05 -80.55
CA UNK D 3081 17.30 -10.25 -81.32
C UNK D 3081 16.56 -11.44 -80.77
N UNK D 3082 16.51 -11.58 -79.45
CA UNK D 3082 15.75 -12.65 -78.82
C UNK D 3082 14.26 -12.49 -79.09
N UNK D 3083 13.80 -11.25 -79.00
CA UNK D 3083 12.39 -11.01 -79.28
C UNK D 3083 12.17 -11.43 -80.72
N UNK D 3084 13.11 -11.04 -81.55
CA UNK D 3084 13.02 -11.24 -82.98
C UNK D 3084 12.94 -12.72 -83.24
N UNK D 3085 13.74 -13.49 -82.50
CA UNK D 3085 13.81 -14.93 -82.61
C UNK D 3085 12.53 -15.65 -82.24
N UNK D 3086 11.84 -15.24 -81.18
CA UNK D 3086 10.53 -15.85 -80.91
C UNK D 3086 9.56 -15.48 -82.04
N UNK D 3087 9.66 -14.21 -82.40
CA UNK D 3087 8.79 -13.68 -83.42
C UNK D 3087 9.09 -14.41 -84.71
N UNK D 3088 10.29 -14.98 -84.78
CA UNK D 3088 10.90 -15.54 -85.96
C UNK D 3088 10.89 -17.06 -85.99
N UNK D 3089 10.45 -17.69 -84.93
CA UNK D 3089 9.80 -18.98 -84.99
C UNK D 3089 8.51 -18.67 -85.74
N UNK D 3090 7.90 -17.54 -85.36
CA UNK D 3090 6.77 -17.11 -86.16
C UNK D 3090 7.28 -16.82 -87.58
N UNK D 3091 8.50 -16.30 -87.66
CA UNK D 3091 9.12 -15.94 -88.93
C UNK D 3091 9.36 -17.16 -89.79
N UNK D 3092 9.74 -18.27 -89.16
CA UNK D 3092 9.96 -19.52 -89.85
C UNK D 3092 8.64 -19.98 -90.42
N UNK D 3093 7.57 -19.82 -89.65
CA UNK D 3093 6.26 -20.19 -90.18
C UNK D 3093 5.96 -19.33 -91.41
N UNK D 3094 6.27 -18.04 -91.29
CA UNK D 3094 6.03 -17.10 -92.37
C UNK D 3094 6.84 -17.46 -93.61
N UNK D 3095 8.07 -17.88 -93.38
CA UNK D 3095 9.01 -18.27 -94.40
C UNK D 3095 8.49 -19.48 -95.13
N UNK D 3096 7.93 -20.41 -94.37
CA UNK D 3096 7.34 -21.60 -94.96
C UNK D 3096 6.21 -21.17 -95.86
N UNK D 3097 5.42 -20.21 -95.39
CA UNK D 3097 4.31 -19.71 -96.21
C UNK D 3097 4.83 -19.08 -97.51
N UNK D 3098 5.91 -18.30 -97.41
CA UNK D 3098 6.49 -17.66 -98.58
C UNK D 3098 7.00 -18.71 -99.57
N UNK D 3099 7.61 -19.76 -99.02
CA UNK D 3099 8.15 -20.84 -99.82
C UNK D 3099 7.05 -21.55 -100.56
N UNK D 3100 5.91 -21.73 -99.88
CA UNK D 3100 4.76 -22.38 -100.49
C UNK D 3100 4.49 -21.79 -101.88
N UNK D 3101 -10.38 -12.61 -84.11
CA UNK D 3101 -8.93 -12.60 -84.14
C UNK D 3101 -8.37 -13.98 -83.79
N UNK D 3102 -8.50 -14.37 -82.52
CA UNK D 3102 -8.02 -15.66 -82.08
C UNK D 3102 -8.77 -16.76 -82.82
N UNK D 3103 -10.06 -16.54 -83.01
CA UNK D 3103 -10.89 -17.47 -83.75
C UNK D 3103 -10.40 -17.57 -85.19
N UNK D 3104 -10.03 -16.43 -85.76
CA UNK D 3104 -9.53 -16.39 -87.13
C UNK D 3104 -8.25 -17.21 -87.20
N UNK D 3105 -7.42 -17.08 -86.18
CA UNK D 3105 -6.17 -17.82 -86.07
C UNK D 3105 -6.42 -19.32 -85.98
N UNK D 3106 -7.43 -19.71 -85.23
CA UNK D 3106 -7.82 -21.11 -85.12
C UNK D 3106 -8.24 -21.62 -86.48
N UNK D 3107 -8.97 -20.78 -87.20
CA UNK D 3107 -9.40 -21.12 -88.55
C UNK D 3107 -8.21 -21.32 -89.47
N UNK D 3108 -7.22 -20.46 -89.32
CA UNK D 3108 -5.99 -20.55 -90.09
C UNK D 3108 -5.26 -21.85 -89.77
N UNK D 3109 -5.26 -22.22 -88.50
CA UNK D 3109 -4.63 -23.46 -88.06
C UNK D 3109 -5.33 -24.63 -88.71
N UNK D 3110 -6.65 -24.55 -88.77
CA UNK D 3110 -7.44 -25.59 -89.41
C UNK D 3110 -7.11 -25.69 -90.90
N UNK D 3111 -6.94 -24.54 -91.55
CA UNK D 3111 -6.63 -24.49 -92.97
C UNK D 3111 -5.21 -24.98 -93.24
N UNK D 3112 8.32 -27.77 -92.76
CA UNK D 3112 7.03 -27.22 -92.38
C UNK D 3112 6.79 -27.41 -90.88
N UNK D 3113 5.93 -28.36 -90.53
CA UNK D 3113 5.68 -28.68 -89.13
C UNK D 3113 6.98 -29.19 -88.51
N UNK D 3114 7.71 -29.98 -89.28
CA UNK D 3114 9.01 -30.49 -88.88
C UNK D 3114 10.00 -29.35 -88.69
N UNK D 3115 9.93 -28.35 -89.55
CA UNK D 3115 10.77 -27.18 -89.45
C UNK D 3115 10.48 -26.45 -88.14
N UNK D 3116 9.19 -26.40 -87.81
CA UNK D 3116 8.73 -25.80 -86.58
C UNK D 3116 9.26 -26.56 -85.37
N UNK D 3117 9.27 -27.88 -85.47
CA UNK D 3117 9.81 -28.73 -84.42
C UNK D 3117 11.30 -28.45 -84.24
N UNK D 3118 12.00 -28.26 -85.37
CA UNK D 3118 13.41 -27.95 -85.36
C UNK D 3118 13.66 -26.62 -84.68
N UNK D 3119 12.78 -25.66 -84.95
CA UNK D 3119 12.87 -24.35 -84.33
C UNK D 3119 12.68 -24.47 -82.83
N UNK D 3120 11.74 -25.33 -82.44
CA UNK D 3120 11.46 -25.56 -81.03
C UNK D 3120 12.71 -26.15 -80.38
N UNK D 3121 13.37 -27.05 -81.09
CA UNK D 3121 14.59 -27.68 -80.61
C UNK D 3121 15.69 -26.64 -80.43
N UNK D 3122 15.79 -25.71 -81.36
CA UNK D 3122 16.76 -24.64 -81.27
C UNK D 3122 16.48 -23.78 -80.04
N UNK D 3123 15.20 -23.53 -79.79
CA UNK D 3123 14.78 -22.76 -78.62
C UNK D 3123 15.15 -23.47 -77.33
N UNK D 3124 14.97 -24.79 -77.32
CA UNK D 3124 15.25 -25.60 -76.14
C UNK D 3124 14.14 -25.44 -75.11
N UNK D 3125 7.94 -20.08 -68.82
CA UNK D 3125 9.08 -19.24 -68.46
C UNK D 3125 8.95 -17.85 -69.07
N UNK D 3126 7.94 -17.65 -69.91
CA UNK D 3126 7.78 -16.39 -70.60
C UNK D 3126 7.53 -15.16 -69.72
N UNK D 3127 6.63 -15.25 -68.75
CA UNK D 3127 6.32 -14.10 -67.89
C UNK D 3127 7.46 -13.64 -66.98
N UNK D 3128 8.14 -14.61 -66.39
CA UNK D 3128 9.32 -14.37 -65.58
C UNK D 3128 10.41 -13.82 -66.48
N UNK D 3129 10.45 -14.36 -67.70
CA UNK D 3129 11.46 -13.96 -68.66
C UNK D 3129 11.21 -12.49 -68.93
N UNK D 3130 9.92 -12.16 -68.98
CA UNK D 3130 9.40 -10.82 -69.17
C UNK D 3130 9.77 -9.84 -68.06
N UNK D 3131 9.75 -10.30 -66.80
CA UNK D 3131 10.28 -9.51 -65.68
C UNK D 3131 11.79 -9.26 -65.79
N UNK D 3132 12.50 -10.30 -66.23
CA UNK D 3132 13.92 -10.17 -66.47
C UNK D 3132 14.08 -9.12 -67.57
N UNK D 3133 13.13 -9.17 -68.49
CA UNK D 3133 13.02 -8.30 -69.64
C UNK D 3133 12.80 -6.86 -69.22
N UNK D 3134 12.01 -6.67 -68.19
CA UNK D 3134 11.78 -5.37 -67.60
C UNK D 3134 13.08 -4.84 -67.02
N UNK D 3135 13.84 -5.69 -66.36
CA UNK D 3135 15.15 -5.24 -65.89
C UNK D 3135 16.01 -4.81 -67.08
N UNK D 3136 15.93 -5.61 -68.13
CA UNK D 3136 16.69 -5.35 -69.34
C UNK D 3136 16.28 -4.03 -69.97
N UNK D 3137 14.98 -3.76 -69.92
CA UNK D 3137 14.36 -2.57 -70.43
C UNK D 3137 14.82 -1.35 -69.68
N UNK D 3138 14.97 -1.49 -68.37
CA UNK D 3138 15.51 -0.41 -67.56
C UNK D 3138 16.93 -0.13 -68.01
N UNK D 3139 17.68 -1.20 -68.27
CA UNK D 3139 19.04 -1.03 -68.76
C UNK D 3139 19.04 -0.31 -70.11
N UNK D 3140 18.07 -0.65 -70.93
CA UNK D 3140 17.86 -0.06 -72.25
C UNK D 3140 17.53 1.42 -72.19
N UNK D 3141 16.74 1.79 -71.18
CA UNK D 3141 16.40 3.17 -70.90
C UNK D 3141 17.66 3.90 -70.53
N UNK D 3142 18.50 3.23 -69.75
CA UNK D 3142 19.78 3.81 -69.37
C UNK D 3142 20.61 4.04 -70.63
N UNK D 3143 20.54 3.12 -71.56
CA UNK D 3143 21.26 3.20 -72.83
C UNK D 3143 20.79 4.29 -73.79
N UNK D 3144 20.91 3.48 -74.51
CA UNK D 3144 20.81 4.20 -75.76
C UNK D 3144 20.87 5.66 -75.38
N UNK D 3145 22.26 2.08 -78.93
CA UNK D 3145 22.62 2.93 -80.06
C UNK D 3145 21.38 3.35 -80.83
N UNK D 3146 21.57 4.03 -81.95
CA UNK D 3146 20.47 4.33 -82.86
C UNK D 3146 19.87 2.98 -83.20
N UNK D 3147 20.75 1.99 -83.33
CA UNK D 3147 20.36 0.61 -83.54
C UNK D 3147 19.55 0.18 -82.34
N UNK D 3148 19.93 0.63 -81.15
CA UNK D 3148 19.20 0.27 -79.95
C UNK D 3148 17.76 0.80 -80.03
N UNK D 3149 17.60 2.02 -80.53
CA UNK D 3149 16.28 2.61 -80.70
C UNK D 3149 15.44 1.83 -81.70
N UNK D 3150 16.10 1.41 -82.79
CA UNK D 3150 15.41 0.64 -83.82
C UNK D 3150 14.94 -0.67 -83.22
N UNK D 3151 15.78 -1.24 -82.37
CA UNK D 3151 15.49 -2.48 -81.66
C UNK D 3151 14.32 -2.33 -80.70
N UNK D 3152 14.22 -1.18 -80.04
CA UNK D 3152 13.07 -0.86 -79.19
C UNK D 3152 11.79 -0.78 -80.03
N UNK D 3153 11.92 -0.21 -81.21
CA UNK D 3153 10.80 -0.15 -82.13
C UNK D 3153 10.40 -1.57 -82.50
N UNK D 3154 11.41 -2.41 -82.67
CA UNK D 3154 11.26 -3.83 -82.95
C UNK D 3154 10.56 -4.58 -81.82
N UNK D 3155 10.89 -4.23 -80.59
CA UNK D 3155 10.28 -4.82 -79.43
C UNK D 3155 8.82 -4.47 -79.48
N UNK D 3156 8.54 -3.23 -79.86
CA UNK D 3156 7.16 -2.79 -79.98
C UNK D 3156 6.44 -3.60 -81.05
N UNK D 3157 7.11 -3.86 -82.16
CA UNK D 3157 6.56 -4.66 -83.25
C UNK D 3157 6.26 -6.09 -82.83
N UNK D 3158 7.16 -6.65 -82.02
CA UNK D 3158 6.99 -8.00 -81.48
C UNK D 3158 5.79 -8.03 -80.55
N UNK D 3159 5.65 -6.97 -79.77
CA UNK D 3159 4.56 -6.86 -78.82
C UNK D 3159 3.31 -6.90 -79.66
N UNK D 3160 3.38 -6.23 -80.80
CA UNK D 3160 2.37 -6.35 -81.85
C UNK D 3160 2.43 -7.74 -82.46
N UNK D 3161 1.14 -20.97 -78.90
CA UNK D 3161 -0.28 -20.99 -79.22
C UNK D 3161 -1.03 -19.84 -78.56
N UNK D 3162 -2.29 -20.06 -78.22
CA UNK D 3162 -3.13 -19.01 -77.65
C UNK D 3162 -2.58 -18.51 -76.33
N UNK D 3163 -2.12 -19.45 -75.51
CA UNK D 3163 -1.55 -19.08 -74.22
C UNK D 3163 -0.33 -18.21 -74.48
N UNK D 3164 0.46 -18.58 -75.49
CA UNK D 3164 1.66 -17.85 -75.80
C UNK D 3164 1.32 -16.41 -76.21
N UNK D 3165 0.29 -16.27 -77.04
CA UNK D 3165 -0.11 -14.94 -77.49
C UNK D 3165 -0.56 -14.09 -76.30
N UNK D 3166 -1.29 -14.73 -75.38
CA UNK D 3166 -1.76 -14.02 -74.19
C UNK D 3166 -0.59 -13.56 -73.34
N UNK D 3167 0.41 -14.42 -73.21
CA UNK D 3167 1.57 -14.09 -72.41
C UNK D 3167 2.25 -12.89 -73.04
N UNK D 3168 2.35 -12.90 -74.37
CA UNK D 3168 3.01 -11.80 -75.04
C UNK D 3168 2.28 -10.48 -74.81
N UNK D 3169 0.94 -10.53 -74.89
CA UNK D 3169 0.17 -9.31 -74.68
C UNK D 3169 0.35 -8.79 -73.26
N UNK D 3170 0.40 -9.71 -72.30
CA UNK D 3170 0.60 -9.36 -70.89
C UNK D 3170 1.95 -8.73 -70.69
N UNK D 3171 2.94 -9.28 -71.39
CA UNK D 3171 4.30 -8.80 -71.33
C UNK D 3171 4.27 -7.39 -71.85
N UNK D 3172 3.50 -7.19 -72.90
CA UNK D 3172 3.33 -5.90 -73.53
C UNK D 3172 2.72 -4.86 -72.59
N UNK D 3173 1.71 -5.26 -71.83
CA UNK D 3173 1.10 -4.36 -70.84
C UNK D 3173 2.10 -3.98 -69.74
N UNK D 3174 2.87 -4.98 -69.32
CA UNK D 3174 3.86 -4.74 -68.29
C UNK D 3174 4.82 -3.73 -68.86
N UNK D 3175 5.13 -3.95 -70.12
CA UNK D 3175 6.13 -3.18 -70.82
C UNK D 3175 5.63 -1.77 -70.83
N UNK D 3176 4.34 -1.61 -71.05
CA UNK D 3176 3.66 -0.33 -71.08
C UNK D 3176 3.66 0.47 -69.77
N UNK D 3177 3.48 -0.17 -68.61
CA UNK D 3177 3.70 0.58 -67.36
C UNK D 3177 5.18 0.96 -67.20
N UNK D 3178 5.99 -0.03 -67.51
CA UNK D 3178 7.41 0.17 -67.42
C UNK D 3178 7.78 1.25 -68.43
N UNK D 3179 6.85 1.54 -69.34
CA UNK D 3179 7.04 2.36 -70.51
C UNK D 3179 6.28 3.66 -70.50
N UNK D 3180 5.56 3.92 -69.42
CA UNK D 3180 5.42 5.23 -68.84
C UNK D 3180 6.84 5.56 -68.41
N UNK D 3181 7.49 4.55 -67.81
CA UNK D 3181 8.92 4.74 -67.61
C UNK D 3181 9.61 4.86 -68.99
N UNK D 3182 9.11 4.11 -69.98
CA UNK D 3182 9.68 4.18 -71.32
C UNK D 3182 9.44 5.53 -71.94
N UNK D 3183 8.36 6.16 -71.56
CA UNK D 3183 8.02 7.48 -72.05
C UNK D 3183 9.08 8.41 -71.57
N UNK D 3184 9.44 8.30 -70.30
CA UNK D 3184 10.49 9.17 -69.81
C UNK D 3184 11.74 8.90 -70.64
N UNK D 3185 12.01 7.62 -70.86
CA UNK D 3185 13.21 7.22 -71.58
C UNK D 3185 13.27 7.75 -73.01
N UNK D 3186 12.12 7.70 -73.68
CA UNK D 3186 11.93 8.13 -75.05
C UNK D 3186 12.10 9.62 -75.18
N UNK D 3187 11.62 10.35 -74.19
CA UNK D 3187 11.79 11.78 -74.20
C UNK D 3187 13.27 12.00 -74.16
N UNK D 3188 13.94 11.22 -73.33
CA UNK D 3188 15.38 11.33 -73.19
C UNK D 3188 16.09 11.03 -74.52
N UNK D 3189 15.63 10.00 -75.22
CA UNK D 3189 16.21 9.62 -76.50
C UNK D 3189 16.04 10.69 -77.55
N UNK D 3190 14.87 11.32 -77.57
CA UNK D 3190 14.58 12.31 -78.60
C UNK D 3190 14.23 13.64 -77.97
N UNK D 3191 16.01 10.80 -85.13
CA UNK D 3191 16.17 9.36 -85.09
C UNK D 3191 15.40 8.75 -83.93
N UNK D 3192 15.67 9.21 -82.71
CA UNK D 3192 14.97 8.73 -81.54
C UNK D 3192 13.51 9.08 -81.71
N UNK D 3193 13.29 10.29 -82.21
CA UNK D 3193 11.94 10.76 -82.49
C UNK D 3193 11.33 9.85 -83.53
N UNK D 3194 12.14 9.44 -84.49
CA UNK D 3194 11.65 8.59 -85.57
C UNK D 3194 11.14 7.27 -85.01
N UNK D 3195 11.91 6.71 -84.08
CA UNK D 3195 11.51 5.46 -83.45
C UNK D 3195 10.21 5.65 -82.67
N UNK D 3196 10.10 6.77 -81.96
CA UNK D 3196 8.90 7.01 -81.18
C UNK D 3196 7.71 7.09 -82.13
N UNK D 3197 7.92 7.76 -83.26
CA UNK D 3197 6.87 7.95 -84.25
C UNK D 3197 6.43 6.61 -84.83
N UNK D 3198 7.40 5.76 -85.09
CA UNK D 3198 7.12 4.44 -85.64
C UNK D 3198 6.30 3.63 -84.65
N UNK D 3199 6.65 3.74 -83.37
CA UNK D 3199 5.92 3.03 -82.32
C UNK D 3199 4.48 3.52 -82.28
N UNK D 3200 4.32 4.83 -82.42
CA UNK D 3200 3.00 5.43 -82.42
C UNK D 3200 2.19 4.90 -83.59
N UNK D 3201 2.85 4.77 -84.73
CA UNK D 3201 2.23 4.25 -85.94
C UNK D 3201 1.78 2.81 -85.73
N UNK D 3202 2.61 2.02 -85.08
CA UNK D 3202 2.26 0.64 -84.80
C UNK D 3202 1.03 0.59 -83.90
N UNK D 3203 1.02 1.49 -82.93
CA UNK D 3203 -0.11 1.59 -82.00
C UNK D 3203 0.28 2.47 -80.82
N UNK D 3204 -3.58 0.20 -75.55
CA UNK D 3204 -2.71 1.13 -74.84
C UNK D 3204 -2.97 2.54 -75.34
N UNK D 3205 -4.23 2.91 -75.37
CA UNK D 3205 -4.64 4.17 -75.95
C UNK D 3205 -4.04 5.40 -75.26
N UNK D 3206 -4.03 5.41 -73.94
CA UNK D 3206 -3.51 6.56 -73.20
C UNK D 3206 -2.00 6.76 -73.40
N UNK D 3207 -1.29 5.66 -73.37
CA UNK D 3207 0.14 5.69 -73.56
C UNK D 3207 0.34 6.22 -74.96
N UNK D 3208 -0.51 5.73 -75.85
CA UNK D 3208 -0.39 6.07 -77.25
C UNK D 3208 -0.56 7.57 -77.40
N UNK D 3209 -1.54 8.13 -76.72
CA UNK D 3209 -1.80 9.55 -76.81
C UNK D 3209 -0.64 10.39 -76.28
N UNK D 3210 -0.05 9.99 -75.16
CA UNK D 3210 1.08 10.76 -74.64
C UNK D 3210 2.25 10.71 -75.61
N UNK D 3211 2.45 9.51 -76.14
CA UNK D 3211 3.56 9.26 -77.04
C UNK D 3211 3.34 10.12 -78.26
N UNK D 3212 2.08 10.24 -78.67
CA UNK D 3212 1.64 11.02 -79.80
C UNK D 3212 1.88 12.50 -79.64
N UNK D 3213 1.66 13.01 -78.44
CA UNK D 3213 1.96 14.41 -78.18
C UNK D 3213 3.47 14.57 -78.37
N UNK D 3214 4.22 13.61 -77.86
CA UNK D 3214 5.67 13.70 -78.02
C UNK D 3214 6.06 13.70 -79.50
N UNK D 3215 5.40 12.84 -80.26
CA UNK D 3215 5.64 12.67 -81.69
C UNK D 3215 5.32 13.93 -82.47
N UNK D 3216 4.24 14.58 -82.05
CA UNK D 3216 3.80 15.82 -82.64
C UNK D 3216 4.85 16.89 -82.41
N UNK D 3217 5.38 16.92 -81.20
CA UNK D 3217 6.41 17.90 -80.90
C UNK D 3217 7.54 17.63 -81.85
N UNK D 3218 7.81 16.35 -82.05
CA UNK D 3218 8.75 15.91 -83.07
C UNK D 3218 8.28 16.16 -84.51
N UNK D 3219 8.92 15.85 -89.49
CA UNK D 3219 7.46 15.82 -89.53
C UNK D 3219 6.96 14.84 -90.58
N UNK D 3220 7.85 14.38 -91.45
CA UNK D 3220 7.48 13.41 -92.46
C UNK D 3220 7.03 12.11 -91.81
N UNK D 3221 7.76 11.71 -90.78
CA UNK D 3221 7.43 10.50 -90.05
C UNK D 3221 6.06 10.65 -89.39
N UNK D 3222 5.82 11.82 -88.83
CA UNK D 3222 4.56 12.08 -88.16
C UNK D 3222 3.43 11.98 -89.17
N UNK D 3223 3.66 12.51 -90.37
CA UNK D 3223 2.68 12.47 -91.44
C UNK D 3223 2.38 11.03 -91.85
N UNK D 3224 3.44 10.23 -91.95
CA UNK D 3224 3.27 8.84 -92.33
C UNK D 3224 2.42 8.18 -91.25
N UNK D 3225 2.68 8.54 -90.00
CA UNK D 3225 1.95 8.01 -88.86
C UNK D 3225 0.47 8.38 -88.90
N UNK D 3226 0.19 9.62 -89.28
CA UNK D 3226 -1.18 10.07 -89.39
C UNK D 3226 -1.88 9.26 -90.46
N UNK D 3227 -1.17 9.01 -91.56
CA UNK D 3227 -1.72 8.22 -92.64
C UNK D 3227 -2.02 6.79 -92.20
N UNK D 3228 -1.11 6.25 -91.39
CA UNK D 3228 -1.25 4.92 -90.85
C UNK D 3228 -2.48 4.88 -89.97
N UNK D 3229 -2.67 5.94 -89.22
CA UNK D 3229 -3.81 6.07 -88.33
C UNK D 3229 -5.09 6.07 -89.14
N UNK D 3230 -5.08 6.77 -90.27
CA UNK D 3230 -6.25 6.80 -91.14
C UNK D 3230 -6.54 5.40 -91.64
N UNK D 3231 -5.49 4.68 -92.01
CA UNK D 3231 -5.66 3.32 -92.50
C UNK D 3231 -6.27 2.45 -91.42
N UNK D 3232 -5.80 2.64 -90.20
CA UNK D 3232 -6.28 1.89 -89.05
C UNK D 3232 -7.75 2.17 -88.82
N UNK D 3233 -8.14 3.43 -88.95
CA UNK D 3233 -9.53 3.81 -88.76
C UNK D 3233 -10.38 3.12 -89.82
N UNK D 3234 -9.87 3.09 -91.05
CA UNK D 3234 -10.63 2.46 -92.13
C UNK D 3234 -10.80 0.98 -91.82
N UNK D 3235 -9.75 0.35 -91.33
CA UNK D 3235 -9.80 -1.06 -91.01
C UNK D 3235 -10.82 -1.32 -89.91
N UNK D 3236 -10.84 -0.44 -88.92
CA UNK D 3236 -11.76 -0.56 -87.81
C UNK D 3236 -13.20 -0.46 -88.30
N UNK D 3237 -13.41 0.46 -89.23
CA UNK D 3237 -14.74 0.66 -89.80
C UNK D 3237 -15.73 1.12 -88.73
N UNK D 3238 -13.43 1.24 -78.14
CA UNK D 3238 -12.78 1.12 -79.44
C UNK D 3238 -13.10 2.31 -80.31
N UNK D 3239 -14.40 2.51 -80.56
CA UNK D 3239 -14.90 3.59 -81.40
C UNK D 3239 -14.53 4.93 -80.78
N UNK D 3240 -14.58 4.98 -79.46
CA UNK D 3240 -14.17 6.16 -78.73
C UNK D 3240 -12.69 6.37 -79.04
N UNK D 3241 -11.96 5.27 -79.09
CA UNK D 3241 -10.54 5.34 -79.36
C UNK D 3241 -10.31 5.95 -80.74
N UNK D 3242 -11.12 5.53 -81.70
CA UNK D 3242 -11.04 6.03 -83.06
C UNK D 3242 -11.35 7.52 -83.12
N UNK D 3243 -12.35 7.93 -82.35
CA UNK D 3243 -12.74 9.32 -82.32
C UNK D 3243 -11.58 10.13 -81.77
N UNK D 3244 -10.95 9.60 -80.74
CA UNK D 3244 -9.82 10.26 -80.12
C UNK D 3244 -8.68 10.39 -81.12
N UNK D 3245 -8.47 9.33 -81.89
CA UNK D 3245 -7.40 9.32 -82.86
C UNK D 3245 -7.69 10.40 -83.87
N UNK D 3246 -8.95 10.51 -84.27
CA UNK D 3246 -9.31 11.50 -85.26
C UNK D 3246 -9.04 12.89 -84.72
N UNK D 3247 -9.38 13.13 -83.46
CA UNK D 3247 -9.16 14.44 -82.87
C UNK D 3247 -7.68 14.79 -82.81
N UNK D 3248 -6.89 13.80 -82.43
CA UNK D 3248 -5.45 14.01 -82.30
C UNK D 3248 -4.91 14.35 -83.67
N UNK D 3249 -5.44 13.65 -84.65
CA UNK D 3249 -5.02 13.81 -86.03
C UNK D 3249 -5.32 15.22 -86.45
N UNK D 3250 -6.49 15.71 -86.09
CA UNK D 3250 -6.88 17.04 -86.46
C UNK D 3250 -5.92 18.05 -85.86
N UNK D 3251 -5.57 17.87 -84.59
CA UNK D 3251 -4.66 18.82 -83.96
C UNK D 3251 -3.31 18.80 -84.67
N UNK D 3252 -2.85 17.60 -84.97
CA UNK D 3252 -1.56 17.43 -85.60
C UNK D 3252 -1.57 18.12 -86.94
N UNK D 3253 -2.69 17.97 -87.63
CA UNK D 3253 -2.93 18.53 -88.95
C UNK D 3253 -2.92 20.05 -88.93
N UNK D 3254 -3.52 20.63 -87.90
CA UNK D 3254 -3.51 22.08 -87.74
C UNK D 3254 -2.08 22.55 -87.56
N UNK D 3255 -1.31 21.80 -86.77
CA UNK D 3255 0.10 22.15 -86.59
C UNK D 3255 0.85 22.06 -87.92
N UNK D 3256 0.53 21.05 -88.70
CA UNK D 3256 1.12 20.82 -90.01
C UNK D 3256 0.80 21.95 -90.97
N UNK D 3257 -0.43 22.45 -90.87
CA UNK D 3257 -0.89 23.56 -91.66
C UNK D 3257 -0.09 24.78 -91.31
N UNK D 3258 0.17 24.97 -90.02
CA UNK D 3258 0.98 26.10 -89.61
C UNK D 3258 2.35 25.94 -90.23
N UNK D 3259 2.82 24.70 -90.21
CA UNK D 3259 4.19 24.34 -90.54
C UNK D 3259 4.55 24.68 -91.98
N UNK D 3260 3.60 24.46 -92.89
CA UNK D 3260 3.84 24.65 -94.32
C UNK D 3260 4.56 23.46 -94.93
N UNK D 3261 5.71 20.47 -94.91
CA UNK D 3261 6.09 21.08 -96.17
C UNK D 3261 4.84 21.47 -96.96
N UNK D 3262 4.91 22.62 -97.60
CA UNK D 3262 3.77 23.15 -98.32
C UNK D 3262 3.39 22.16 -99.41
N UNK D 3263 4.41 21.62 -100.07
CA UNK D 3263 4.16 20.52 -101.00
C UNK D 3263 3.89 19.19 -100.28
N UNK D 3264 4.66 18.95 -99.22
CA UNK D 3264 4.50 17.74 -98.44
C UNK D 3264 3.11 17.83 -97.88
N UNK D 3265 2.76 19.04 -97.45
CA UNK D 3265 1.48 19.30 -96.83
C UNK D 3265 0.35 19.01 -97.81
N UNK D 3266 0.52 19.41 -99.07
CA UNK D 3266 -0.46 19.16 -100.12
C UNK D 3266 -0.64 17.66 -100.41
N UNK D 3267 0.45 16.92 -100.44
CA UNK D 3267 0.34 15.48 -100.65
C UNK D 3267 -0.43 14.87 -99.48
N UNK D 3268 -0.12 15.39 -98.30
CA UNK D 3268 -0.73 14.95 -97.06
C UNK D 3268 -2.21 15.24 -97.10
N UNK D 3269 -2.55 16.38 -97.66
CA UNK D 3269 -3.91 16.84 -97.84
C UNK D 3269 -4.66 15.91 -98.76
N UNK D 3270 -4.01 15.46 -99.82
CA UNK D 3270 -4.65 14.50 -100.71
C UNK D 3270 -4.96 13.24 -99.93
N UNK D 3271 -3.99 12.81 -99.12
CA UNK D 3271 -4.19 11.61 -98.34
C UNK D 3271 -5.35 11.79 -97.37
N UNK D 3272 -5.43 12.98 -96.80
CA UNK D 3272 -6.45 13.36 -95.85
C UNK D 3272 -7.83 13.36 -96.48
N UNK D 3273 -7.89 13.83 -97.72
CA UNK D 3273 -9.13 13.86 -98.46
C UNK D 3273 -9.58 12.42 -98.65
N UNK D 3274 -8.62 11.56 -98.98
CA UNK D 3274 -8.98 10.17 -99.17
C UNK D 3274 -9.54 9.61 -97.87
N UNK D 3275 -8.90 9.97 -96.76
CA UNK D 3275 -9.30 9.48 -95.45
C UNK D 3275 -10.70 9.97 -95.09
N UNK D 3276 -10.98 11.21 -95.41
CA UNK D 3276 -12.26 11.82 -95.14
C UNK D 3276 -13.33 11.09 -95.92
N UNK D 3277 -12.99 10.77 -97.17
CA UNK D 3277 -13.92 10.06 -98.03
C UNK D 3277 -14.22 8.70 -97.45
N UNK D 3278 -13.19 8.04 -96.95
CA UNK D 3278 -13.37 6.73 -96.34
C UNK D 3278 -14.28 6.83 -95.13
N UNK D 3279 -14.06 7.88 -94.33
CA UNK D 3279 -14.86 8.09 -93.14
C UNK D 3279 -16.31 8.29 -93.51
N UNK D 3280 -16.53 9.07 -94.58
CA UNK D 3280 -17.87 9.36 -95.04
C UNK D 3280 -18.55 8.08 -95.47
N UNK D 3281 -17.80 7.23 -96.17
CA UNK D 3281 -18.34 5.98 -96.64
C UNK D 3281 -18.73 5.11 -95.45
N UNK D 3282 -17.88 5.09 -94.44
CA UNK D 3282 -18.15 4.28 -93.26
C UNK D 3282 -19.43 4.76 -92.62
N UNK D 3283 -19.56 6.07 -92.54
CA UNK D 3283 -20.70 6.72 -91.90
C UNK D 3283 -20.30 8.16 -91.59
N UNK D 3284 -19.67 11.26 -84.43
CA UNK D 3284 -20.44 11.92 -85.47
C UNK D 3284 -19.98 13.35 -85.70
N UNK D 3285 -20.29 14.23 -84.75
CA UNK D 3285 -20.06 15.65 -84.93
C UNK D 3285 -18.59 15.94 -85.14
N UNK D 3286 -17.74 15.27 -84.37
CA UNK D 3286 -16.31 15.46 -84.50
C UNK D 3286 -15.88 15.03 -85.89
N UNK D 3287 -16.48 13.94 -86.38
CA UNK D 3287 -16.15 13.42 -87.69
C UNK D 3287 -16.49 14.43 -88.77
N UNK D 3288 -17.64 15.08 -88.62
CA UNK D 3288 -18.07 16.11 -89.54
C UNK D 3288 -17.13 17.31 -89.51
N UNK D 3289 -16.68 17.65 -88.32
CA UNK D 3289 -15.73 18.75 -88.16
C UNK D 3289 -14.45 18.41 -88.90
N UNK D 3290 -14.05 17.14 -88.81
CA UNK D 3290 -12.89 16.60 -89.50
C UNK D 3290 -13.03 16.66 -91.03
N UNK D 3291 -14.21 16.35 -91.52
CA UNK D 3291 -14.50 16.45 -92.94
C UNK D 3291 -14.36 17.89 -93.36
N UNK D 3292 -14.81 18.78 -92.49
CA UNK D 3292 -14.73 20.20 -92.75
C UNK D 3292 -13.27 20.59 -92.85
N UNK D 3293 -12.46 20.01 -91.97
CA UNK D 3293 -11.04 20.28 -91.94
C UNK D 3293 -10.42 19.83 -93.25
N UNK D 3294 -10.85 18.67 -93.74
CA UNK D 3294 -10.34 18.16 -94.99
C UNK D 3294 -10.70 19.11 -96.13
N UNK D 3295 -11.92 19.62 -96.11
CA UNK D 3295 -12.36 20.54 -97.15
C UNK D 3295 -11.51 21.81 -97.11
N UNK D 3296 -11.23 22.27 -95.91
CA UNK D 3296 -10.42 23.47 -95.72
C UNK D 3296 -9.02 23.24 -96.27
N UNK D 3297 -8.48 22.05 -96.03
CA UNK D 3297 -7.16 21.70 -96.51
C UNK D 3297 -7.15 21.71 -98.03
N UNK D 3298 -8.21 21.18 -98.61
CA UNK D 3298 -8.30 21.14 -100.06
C UNK D 3298 -8.33 22.56 -100.59
N UNK D 3299 -9.07 23.42 -99.91
CA UNK D 3299 -9.19 24.80 -100.34
C UNK D 3299 -7.82 25.48 -100.28
N UNK D 3300 -7.08 25.19 -99.22
CA UNK D 3300 -5.78 25.77 -99.03
C UNK D 3300 -4.85 25.33 -100.15
N UNK D 3301 -4.93 24.06 -100.50
CA UNK D 3301 -4.10 23.52 -101.56
C UNK D 3301 -4.42 24.19 -102.88
N UNK D 3302 -5.72 24.41 -103.13
CA UNK D 3302 -6.16 25.04 -104.36
C UNK D 3302 -5.52 26.42 -104.50
N UNK D 3303 -5.52 27.16 -103.42
CA UNK D 3303 -4.95 28.50 -103.39
C UNK D 3303 -3.49 28.49 -103.82
N UNK D 3304 -30.51 33.81 -100.12
CA UNK D 3304 -30.48 34.84 -101.14
C UNK D 3304 -30.01 36.17 -100.56
N UNK D 3305 -29.22 36.90 -101.34
CA UNK D 3305 -28.72 38.21 -100.94
C UNK D 3305 -29.95 39.08 -100.72
N UNK D 3306 -30.94 38.85 -101.56
CA UNK D 3306 -32.21 39.51 -101.42
C UNK D 3306 -32.76 39.12 -100.07
N UNK D 3307 -32.56 37.87 -99.68
CA UNK D 3307 -33.05 37.39 -98.40
C UNK D 3307 -32.41 38.18 -97.26
N UNK D 3308 -31.11 38.39 -97.37
CA UNK D 3308 -30.37 39.14 -96.37
C UNK D 3308 -30.88 40.58 -96.30
N UNK D 3309 -31.18 41.15 -97.46
CA UNK D 3309 -31.72 42.51 -97.52
C UNK D 3309 -33.08 42.60 -96.84
N UNK D 3310 -33.89 41.57 -97.06
CA UNK D 3310 -35.21 41.48 -96.46
C UNK D 3310 -35.04 41.40 -94.95
N UNK D 3311 -34.00 40.68 -94.55
CA UNK D 3311 -33.64 40.50 -93.15
C UNK D 3311 -33.27 41.84 -92.53
N UNK D 3312 -32.53 42.63 -93.30
CA UNK D 3312 -32.14 43.96 -92.86
C UNK D 3312 -33.39 44.82 -92.67
N UNK D 3313 -34.34 44.67 -93.59
CA UNK D 3313 -35.60 45.40 -93.48
C UNK D 3313 -36.35 44.98 -92.23
N UNK D 3314 -36.35 43.68 -91.95
CA UNK D 3314 -37.02 43.17 -90.77
C UNK D 3314 -36.37 43.76 -89.53
N UNK D 3315 -35.04 43.84 -89.56
CA UNK D 3315 -34.29 44.39 -88.44
C UNK D 3315 -34.66 45.84 -88.21
N UNK D 3316 -34.77 46.57 -89.31
CA UNK D 3316 -35.11 47.98 -89.23
C UNK D 3316 -36.50 48.11 -88.63
N UNK D 3317 -37.40 47.23 -89.04
CA UNK D 3317 -38.76 47.26 -88.56
C UNK D 3317 -38.79 47.01 -87.06
N UNK D 3318 -37.98 46.06 -86.62
CA UNK D 3318 -37.91 45.72 -85.21
C UNK D 3318 -37.41 46.92 -84.42
N UNK D 3319 -36.39 47.58 -84.96
CA UNK D 3319 -35.82 48.73 -84.31
C UNK D 3319 -36.85 49.83 -84.17
N UNK D 3320 -37.63 50.00 -85.23
CA UNK D 3320 -38.69 51.00 -85.26
C UNK D 3320 -39.77 50.69 -84.23
N UNK D 3321 -40.13 49.42 -84.12
CA UNK D 3321 -41.17 49.02 -83.17
C UNK D 3321 -40.63 49.37 -81.82
N UNK D 3322 -39.35 49.14 -81.65
CA UNK D 3322 -38.63 49.60 -80.49
C UNK D 3322 -38.97 51.06 -80.23
N UNK D 3323 -43.66 40.17 -78.12
CA UNK D 3323 -43.16 40.57 -76.82
C UNK D 3323 -41.67 40.26 -76.66
N UNK D 3324 -41.27 39.92 -75.44
CA UNK D 3324 -39.87 39.65 -75.17
C UNK D 3324 -39.41 38.48 -76.02
N UNK D 3325 -40.25 37.46 -76.10
CA UNK D 3325 -39.93 36.28 -76.89
C UNK D 3325 -39.75 36.65 -78.36
N UNK D 3326 -40.62 37.52 -78.86
CA UNK D 3326 -40.54 37.91 -80.25
C UNK D 3326 -39.22 38.61 -80.49
N UNK D 3327 -38.86 39.50 -79.58
CA UNK D 3327 -37.65 40.26 -79.74
C UNK D 3327 -36.47 39.30 -79.77
N UNK D 3328 -36.51 38.32 -78.88
CA UNK D 3328 -35.45 37.32 -78.79
C UNK D 3328 -35.30 36.48 -80.05
N UNK D 3329 -36.42 36.08 -80.65
CA UNK D 3329 -36.36 35.32 -81.89
C UNK D 3329 -35.73 36.17 -82.97
N UNK D 3330 -36.13 37.44 -83.00
CA UNK D 3330 -35.59 38.32 -84.02
C UNK D 3330 -34.10 38.39 -83.83
N UNK D 3331 -33.69 38.47 -82.57
CA UNK D 3331 -32.27 38.59 -82.23
C UNK D 3331 -31.48 37.36 -82.66
N UNK D 3332 -32.06 36.18 -82.47
CA UNK D 3332 -31.41 34.95 -82.87
C UNK D 3332 -31.22 34.95 -84.37
N UNK D 3333 -32.25 35.41 -85.07
CA UNK D 3333 -32.17 35.46 -86.52
C UNK D 3333 -31.05 36.39 -86.92
N UNK D 3334 -30.95 37.51 -86.23
CA UNK D 3334 -29.95 38.50 -86.55
C UNK D 3334 -28.57 37.90 -86.36
N UNK D 3335 -28.41 37.15 -85.28
CA UNK D 3335 -27.12 36.55 -84.99
C UNK D 3335 -26.72 35.56 -86.06
N UNK D 3336 -27.69 34.74 -86.46
CA UNK D 3336 -27.37 33.72 -87.44
C UNK D 3336 -26.93 34.45 -88.69
N UNK D 3337 -27.63 35.52 -89.00
CA UNK D 3337 -27.36 36.29 -90.20
C UNK D 3337 -25.95 36.89 -90.18
N UNK D 3338 -25.57 37.44 -89.05
CA UNK D 3338 -24.26 38.06 -88.95
C UNK D 3338 -23.23 36.99 -89.18
N UNK D 3339 -23.46 35.84 -88.58
CA UNK D 3339 -22.47 34.78 -88.69
C UNK D 3339 -22.33 34.38 -90.16
N UNK D 3340 -23.47 34.27 -90.83
CA UNK D 3340 -23.50 33.87 -92.23
C UNK D 3340 -22.78 34.86 -93.13
N UNK D 3341 -22.98 36.14 -92.86
CA UNK D 3341 -22.43 37.20 -93.72
C UNK D 3341 -20.99 36.94 -94.12
N UNK D 3342 -23.95 49.20 -94.51
CA UNK D 3342 -24.93 48.25 -93.99
C UNK D 3342 -24.55 47.84 -92.59
N UNK D 3343 -23.30 47.42 -92.45
CA UNK D 3343 -22.81 47.00 -91.16
C UNK D 3343 -22.88 48.17 -90.21
N UNK D 3344 -22.59 49.37 -90.72
CA UNK D 3344 -22.61 50.58 -89.90
C UNK D 3344 -24.00 50.89 -89.36
N UNK D 3345 -25.00 50.76 -90.22
CA UNK D 3345 -26.37 51.00 -89.80
C UNK D 3345 -26.70 49.97 -88.76
N UNK D 3346 -26.24 48.75 -88.99
CA UNK D 3346 -26.52 47.66 -88.08
C UNK D 3346 -25.95 47.97 -86.71
N UNK D 3347 -24.73 48.51 -86.68
CA UNK D 3347 -24.06 48.88 -85.43
C UNK D 3347 -24.82 49.98 -84.71
N UNK D 3348 -25.28 50.97 -85.46
CA UNK D 3348 -26.02 52.06 -84.85
C UNK D 3348 -27.25 51.47 -84.20
N UNK D 3349 -27.86 50.53 -84.91
CA UNK D 3349 -29.07 49.87 -84.46
C UNK D 3349 -28.81 49.10 -83.17
N UNK D 3350 -27.69 48.42 -83.13
CA UNK D 3350 -27.32 47.63 -81.96
C UNK D 3350 -27.16 48.57 -80.78
N UNK D 3351 -26.54 49.72 -81.02
CA UNK D 3351 -26.33 50.69 -79.96
C UNK D 3351 -27.68 51.18 -79.43
N UNK D 3352 -28.61 51.46 -80.33
CA UNK D 3352 -29.92 51.93 -79.92
C UNK D 3352 -30.64 50.87 -79.10
N UNK D 3353 -30.52 49.62 -79.52
CA UNK D 3353 -31.16 48.52 -78.80
C UNK D 3353 -30.59 48.40 -77.39
N UNK D 3354 -29.28 48.56 -77.28
CA UNK D 3354 -28.64 48.50 -75.98
C UNK D 3354 -29.14 49.62 -75.10
N UNK D 3355 -29.29 50.81 -75.67
CA UNK D 3355 -29.79 51.94 -74.90
C UNK D 3355 -31.20 51.63 -74.41
N UNK D 3356 -31.98 50.99 -75.27
CA UNK D 3356 -33.35 50.62 -74.94
C UNK D 3356 -33.43 49.62 -73.80
N UNK D 3357 -32.52 48.64 -73.80
CA UNK D 3357 -32.46 47.68 -72.70
C UNK D 3357 -33.83 47.14 -72.30
N UNK D 3358 -35.87 40.28 -70.36
CA UNK D 3358 -35.18 40.55 -71.62
C UNK D 3358 -33.80 39.92 -71.60
N UNK D 3359 -33.55 39.10 -70.58
CA UNK D 3359 -32.21 38.57 -70.35
C UNK D 3359 -31.70 37.66 -71.46
N UNK D 3360 -32.56 36.81 -71.99
CA UNK D 3360 -32.14 35.90 -73.05
C UNK D 3360 -31.74 36.68 -74.29
N UNK D 3361 -32.53 37.71 -74.58
CA UNK D 3361 -32.28 38.57 -75.71
C UNK D 3361 -30.97 39.30 -75.50
N UNK D 3362 -30.73 39.72 -74.27
CA UNK D 3362 -29.51 40.42 -73.94
C UNK D 3362 -28.33 39.51 -74.21
N UNK D 3363 -28.47 38.24 -73.85
CA UNK D 3363 -27.43 37.24 -74.10
C UNK D 3363 -27.16 37.03 -75.58
N UNK D 3364 -28.22 36.99 -76.38
CA UNK D 3364 -28.05 36.86 -77.81
C UNK D 3364 -27.31 38.07 -78.36
N UNK D 3365 -27.65 39.23 -77.81
CA UNK D 3365 -27.05 40.49 -78.18
C UNK D 3365 -25.56 40.46 -77.87
N UNK D 3366 -25.25 39.88 -76.72
CA UNK D 3366 -23.89 39.73 -76.27
C UNK D 3366 -23.15 38.85 -77.24
N UNK D 3367 -23.80 37.80 -77.70
CA UNK D 3367 -23.17 36.91 -78.64
C UNK D 3367 -22.83 37.72 -79.89
N UNK D 3368 -23.76 38.56 -80.33
CA UNK D 3368 -23.50 39.36 -81.52
C UNK D 3368 -22.32 40.32 -81.33
N UNK D 3369 -22.30 40.96 -80.17
CA UNK D 3369 -21.26 41.93 -79.88
C UNK D 3369 -19.94 41.20 -79.91
N UNK D 3370 -19.95 40.01 -79.35
CA UNK D 3370 -18.77 39.21 -79.23
C UNK D 3370 -18.24 38.84 -80.59
N UNK D 3371 -19.14 38.47 -81.50
CA UNK D 3371 -18.70 38.10 -82.82
C UNK D 3371 -18.04 39.30 -83.48
N UNK D 3372 -18.66 40.47 -83.33
CA UNK D 3372 -18.10 41.64 -83.98
C UNK D 3372 -16.71 41.90 -83.42
N UNK D 3373 -16.59 41.77 -82.11
CA UNK D 3373 -15.32 42.02 -81.43
C UNK D 3373 -14.23 41.05 -81.85
N UNK D 3374 -14.61 39.81 -82.03
CA UNK D 3374 -13.69 38.77 -82.45
C UNK D 3374 -13.19 39.06 -83.84
N UNK D 3375 -14.10 39.55 -84.68
CA UNK D 3375 -13.75 39.93 -86.04
C UNK D 3375 -12.71 41.04 -85.96
N UNK D 3376 -12.93 41.95 -85.02
CA UNK D 3376 -12.01 43.05 -84.77
C UNK D 3376 -10.62 42.57 -84.32
N UNK D 3377 -10.60 41.54 -83.49
CA UNK D 3377 -9.35 40.91 -83.04
C UNK D 3377 -8.61 40.29 -84.22
N UNK D 3378 -9.36 39.66 -85.10
CA UNK D 3378 -8.75 39.05 -86.28
C UNK D 3378 -8.14 40.18 -87.07
N UNK D 3379 -8.86 41.30 -87.10
CA UNK D 3379 -8.40 42.49 -87.81
C UNK D 3379 -7.11 43.02 -87.23
N UNK D 3380 -7.00 43.03 -85.92
CA UNK D 3380 -5.78 43.50 -85.27
C UNK D 3380 -4.65 42.58 -85.69
N UNK D 3381 -4.92 41.28 -85.70
CA UNK D 3381 -3.89 40.33 -86.08
C UNK D 3381 -3.44 40.57 -87.52
N UNK D 3382 -4.41 40.84 -88.39
CA UNK D 3382 -4.15 41.09 -89.79
C UNK D 3382 -3.30 42.34 -89.98
N UNK D 3383 -3.60 43.36 -89.20
CA UNK D 3383 -2.84 44.59 -89.25
C UNK D 3383 -1.42 44.31 -88.82
N UNK D 3384 -1.29 43.48 -87.80
CA UNK D 3384 0.02 43.13 -87.29
C UNK D 3384 0.78 42.44 -88.39
N UNK D 3385 0.08 41.59 -89.13
CA UNK D 3385 0.67 40.87 -90.25
C UNK D 3385 1.16 41.80 -91.36
N UNK D 3386 0.39 42.85 -91.65
CA UNK D 3386 0.82 43.89 -92.62
C UNK D 3386 2.04 44.69 -92.14
N UNK D 3387 2.04 44.99 -90.85
CA UNK D 3387 3.17 45.69 -90.25
C UNK D 3387 4.35 44.76 -90.45
N UNK D 3388 4.07 43.46 -90.33
CA UNK D 3388 5.00 42.36 -90.51
C UNK D 3388 5.55 42.28 -91.92
N UNK D 3389 4.73 42.50 -92.93
CA UNK D 3389 5.21 42.57 -94.29
C UNK D 3389 6.18 43.75 -94.42
N UNK D 3390 5.82 44.87 -93.79
CA UNK D 3390 6.72 46.01 -93.84
C UNK D 3390 8.04 45.65 -93.17
N UNK D 3391 7.92 44.92 -92.07
CA UNK D 3391 9.05 44.48 -91.27
C UNK D 3391 9.93 43.55 -92.07
N UNK D 3392 9.30 42.71 -92.88
CA UNK D 3392 9.95 41.77 -93.77
C UNK D 3392 10.76 42.52 -94.82
N UNK D 3393 10.19 43.60 -95.33
CA UNK D 3393 10.92 44.43 -96.28
C UNK D 3393 12.14 45.02 -95.58
N UNK D 3394 11.94 45.44 -94.34
CA UNK D 3394 13.04 46.01 -93.56
C UNK D 3394 14.13 44.97 -93.37
N UNK D 3395 13.70 43.73 -93.11
CA UNK D 3395 14.58 42.61 -92.89
C UNK D 3395 15.40 42.32 -94.13
N UNK D 3396 14.76 42.39 -95.28
CA UNK D 3396 15.45 42.18 -96.55
C UNK D 3396 16.52 43.25 -96.72
N UNK D 3397 16.17 44.48 -96.40
CA UNK D 3397 17.14 45.56 -96.54
C UNK D 3397 18.32 45.27 -95.63
N UNK D 3398 18.01 44.81 -94.42
CA UNK D 3398 19.04 44.52 -93.43
C UNK D 3398 19.95 43.40 -93.91
N UNK D 3399 19.37 42.38 -94.52
CA UNK D 3399 20.13 41.25 -95.07
C UNK D 3399 21.05 41.71 -96.19
N UNK D 3400 20.56 42.61 -97.04
CA UNK D 3400 21.38 43.13 -98.11
C UNK D 3400 22.56 43.87 -97.48
N UNK D 3401 22.26 44.60 -96.42
CA UNK D 3401 23.27 45.36 -95.69
C UNK D 3401 24.32 44.44 -95.08
N UNK D 3402 23.88 43.31 -94.55
CA UNK D 3402 24.75 42.31 -93.96
C UNK D 3402 25.66 41.74 -95.03
N UNK D 3403 25.09 41.50 -96.21
CA UNK D 3403 25.87 41.00 -97.32
C UNK D 3403 26.93 42.01 -97.69
N UNK D 3404 26.56 43.29 -97.67
CA UNK D 3404 27.47 44.38 -97.98
C UNK D 3404 28.62 44.43 -96.96
N UNK D 3405 28.28 44.20 -95.70
CA UNK D 3405 29.26 44.18 -94.63
C UNK D 3405 30.24 43.03 -94.84
N UNK D 3406 29.69 41.88 -95.26
CA UNK D 3406 30.51 40.71 -95.54
C UNK D 3406 31.47 41.04 -96.67
N UNK D 3407 30.96 41.75 -97.67
CA UNK D 3407 31.76 42.16 -98.81
C UNK D 3407 32.89 43.08 -98.37
N UNK D 3408 32.58 43.99 -97.47
CA UNK D 3408 33.57 44.92 -96.94
C UNK D 3408 34.65 44.14 -96.21
N UNK D 3409 34.23 43.14 -95.46
CA UNK D 3409 35.16 42.28 -94.73
C UNK D 3409 36.26 41.79 -95.66
N UNK D 3410 35.26 40.75 -85.52
CA UNK D 3410 34.29 39.91 -84.84
C UNK D 3410 34.08 38.61 -85.61
N UNK D 3411 35.04 37.70 -85.52
CA UNK D 3411 34.98 36.43 -86.24
C UNK D 3411 33.78 35.61 -85.80
N UNK D 3412 33.53 35.59 -84.48
CA UNK D 3412 32.40 34.86 -83.94
C UNK D 3412 31.11 35.46 -84.46
N UNK D 3413 31.07 36.79 -84.54
CA UNK D 3413 29.88 37.49 -85.03
C UNK D 3413 29.64 37.09 -86.49
N UNK D 3414 30.71 37.03 -87.25
CA UNK D 3414 30.60 36.65 -88.66
C UNK D 3414 30.06 35.24 -88.78
N UNK D 3415 30.55 34.35 -87.92
CA UNK D 3415 30.10 32.97 -87.94
C UNK D 3415 28.61 32.89 -87.62
N UNK D 3416 28.19 33.69 -86.65
CA UNK D 3416 26.79 33.72 -86.25
C UNK D 3416 25.93 34.20 -87.41
N UNK D 3417 26.41 35.21 -88.12
CA UNK D 3417 25.69 35.76 -89.25
C UNK D 3417 25.56 34.69 -90.33
N UNK D 3418 26.64 33.93 -90.50
CA UNK D 3418 26.67 32.84 -91.47
C UNK D 3418 25.66 31.74 -91.12
N UNK D 3419 25.53 31.43 -89.84
CA UNK D 3419 24.70 30.31 -89.40
C UNK D 3419 23.20 30.65 -89.29
N UNK D 3420 20.51 31.15 -89.23
CA UNK D 3420 19.44 30.24 -88.86
C UNK D 3420 18.34 30.98 -88.13
N UNK D 3421 17.37 30.22 -87.61
CA UNK D 3421 16.30 30.81 -86.83
C UNK D 3421 16.93 31.45 -85.63
N UNK D 3422 17.93 30.78 -85.07
CA UNK D 3422 18.64 31.30 -83.91
C UNK D 3422 19.32 32.60 -84.26
N UNK D 3423 19.91 32.67 -85.45
CA UNK D 3423 20.58 33.88 -85.89
C UNK D 3423 19.59 35.03 -86.01
N UNK D 3424 18.43 34.72 -86.56
CA UNK D 3424 17.40 35.72 -86.76
C UNK D 3424 17.00 36.23 -85.41
N UNK D 3425 16.89 35.31 -84.46
CA UNK D 3425 16.49 35.63 -83.12
C UNK D 3425 17.51 36.56 -82.49
N UNK D 3426 18.79 36.29 -82.71
CA UNK D 3426 19.85 37.13 -82.19
C UNK D 3426 19.79 38.54 -82.76
N UNK D 3427 19.52 38.63 -84.06
CA UNK D 3427 19.42 39.95 -84.68
C UNK D 3427 18.26 40.70 -84.07
N UNK D 3428 17.17 39.96 -83.86
CA UNK D 3428 15.95 40.52 -83.29
C UNK D 3428 16.22 41.02 -81.89
N UNK D 3429 17.03 40.28 -81.15
CA UNK D 3429 17.44 40.61 -79.80
C UNK D 3429 18.26 41.89 -79.76
N UNK D 3430 19.15 42.04 -80.74
CA UNK D 3430 19.93 43.27 -80.84
C UNK D 3430 18.95 44.42 -81.08
N UNK D 3431 17.96 44.16 -81.92
CA UNK D 3431 16.96 45.17 -82.23
C UNK D 3431 16.18 45.57 -80.97
N UNK D 3432 15.87 44.57 -80.15
CA UNK D 3432 15.17 44.76 -78.88
C UNK D 3432 15.99 45.58 -77.90
N UNK D 3433 17.29 45.32 -77.89
CA UNK D 3433 18.20 46.07 -77.05
C UNK D 3433 18.18 47.52 -77.52
N UNK D 3434 18.13 47.71 -78.83
CA UNK D 3434 18.07 49.04 -79.41
C UNK D 3434 16.78 49.71 -78.95
N UNK D 3435 15.71 48.93 -78.93
CA UNK D 3435 14.45 49.36 -78.34
C UNK D 3435 14.57 49.30 -76.82
N UNK D 3436 20.30 50.27 -89.54
CA UNK D 3436 19.87 49.27 -88.56
C UNK D 3436 19.31 49.96 -87.32
N UNK D 3437 20.05 50.92 -86.80
CA UNK D 3437 19.64 51.67 -85.61
C UNK D 3437 18.33 52.41 -85.85
N UNK D 3438 18.17 52.96 -87.05
CA UNK D 3438 16.95 53.68 -87.41
C UNK D 3438 15.76 52.71 -87.43
N UNK D 3439 16.02 51.47 -87.82
CA UNK D 3439 14.96 50.46 -87.88
C UNK D 3439 14.50 50.05 -86.49
N UNK D 3440 15.40 50.14 -85.52
CA UNK D 3440 15.07 49.81 -84.13
C UNK D 3440 14.08 50.81 -83.56
N UNK D 3441 14.35 52.10 -83.77
CA UNK D 3441 13.47 53.16 -83.32
C UNK D 3441 12.12 53.08 -84.03
N UNK D 3442 12.15 52.59 -85.27
CA UNK D 3442 10.93 52.42 -86.06
C UNK D 3442 10.08 51.28 -85.51
N UNK D 3443 10.74 50.32 -84.89
CA UNK D 3443 10.03 49.19 -84.27
C UNK D 3443 9.37 49.62 -82.97
N UNK D 3444 10.05 50.53 -82.25
CA UNK D 3444 9.51 51.08 -81.02
C UNK D 3444 8.28 51.93 -81.32
N UNK D 3445 8.30 52.57 -82.49
CA UNK D 3445 7.17 53.37 -82.94
C UNK D 3445 6.01 52.46 -83.36
N UNK D 3446 6.34 51.41 -84.09
CA UNK D 3446 5.35 50.43 -84.53
C UNK D 3446 4.62 49.80 -83.35
N UNK D 3447 5.39 49.47 -82.30
CA UNK D 3447 4.82 48.89 -81.10
C UNK D 3447 3.97 49.90 -80.35
N UNK D 3448 4.46 51.14 -80.27
CA UNK D 3448 3.75 52.20 -79.57
C UNK D 3448 2.45 52.56 -80.28
N UNK D 3449 2.47 52.48 -81.61
CA UNK D 3449 1.27 52.72 -82.40
C UNK D 3449 0.26 51.61 -82.13
N UNK D 3450 0.76 50.39 -81.92
CA UNK D 3450 -0.08 49.24 -81.60
C UNK D 3450 -0.65 49.38 -80.20
N UNK D 3451 0.16 49.94 -79.29
CA UNK D 3451 -0.28 50.19 -77.92
C UNK D 3451 -1.38 51.24 -77.90
N UNK D 3452 -1.25 52.24 -78.76
CA UNK D 3452 -2.27 53.27 -78.90
C UNK D 3452 -3.54 52.68 -79.51
N UNK D 3453 -3.37 51.70 -80.39
CA UNK D 3453 -4.49 51.02 -81.01
C UNK D 3453 -5.23 50.15 -80.00
N UNK D 3454 -4.46 49.47 -79.15
CA UNK D 3454 -5.04 48.58 -78.15
C UNK D 3454 -5.90 49.32 -77.14
N UNK D 3455 -15.96 52.66 -77.24
CA UNK D 3455 -15.59 51.47 -78.00
C UNK D 3455 -15.75 50.21 -77.16
N UNK D 3456 -14.69 49.42 -77.06
CA UNK D 3456 -14.70 48.22 -76.26
C UNK D 3456 -14.91 48.56 -74.78
N UNK D 3457 -14.35 49.70 -74.37
CA UNK D 3457 -14.53 50.18 -73.00
C UNK D 3457 -15.98 50.59 -72.77
N UNK D 3458 -16.59 51.16 -73.79
CA UNK D 3458 -18.00 51.52 -73.74
C UNK D 3458 -18.87 50.27 -73.62
N UNK D 3459 -18.44 49.21 -74.30
CA UNK D 3459 -19.14 47.93 -74.23
C UNK D 3459 -19.02 47.35 -72.83
N UNK D 3460 -17.85 47.49 -72.23
CA UNK D 3460 -17.62 47.05 -70.86
C UNK D 3460 -18.50 47.84 -69.90
N UNK D 3461 -18.67 49.13 -70.19
CA UNK D 3461 -19.51 49.99 -69.38
C UNK D 3461 -20.98 49.57 -69.49
N UNK D 3462 -21.39 49.19 -70.70
CA UNK D 3462 -22.75 48.72 -70.93
C UNK D 3462 -23.00 47.42 -70.20
N UNK D 3463 -21.98 46.55 -70.18
CA UNK D 3463 -22.06 45.29 -69.44
C UNK D 3463 -22.15 45.57 -67.95
N UNK D 3464 -21.45 46.60 -67.50
CA UNK D 3464 -21.50 47.01 -66.11
C UNK D 3464 -22.88 47.55 -65.76
N UNK D 3465 -23.49 48.24 -66.72
CA UNK D 3465 -24.84 48.77 -66.55
C UNK D 3465 -25.85 47.62 -66.46
N UNK D 3466 -25.58 46.55 -67.21
CA UNK D 3466 -26.39 45.34 -67.14
C UNK D 3466 -26.19 44.66 -65.79
N UNK D 3467 -24.95 44.70 -65.30
CA UNK D 3467 -24.60 44.09 -64.02
C UNK D 3467 -25.30 44.78 -62.85
N UNK D 3468 -25.68 46.03 -63.05
CA UNK D 3468 -26.27 46.84 -61.98
C UNK D 3468 -27.60 46.26 -61.50
N UNK D 3469 -29.81 31.39 -65.63
CA UNK D 3469 -28.97 32.58 -65.61
C UNK D 3469 -27.53 32.21 -65.94
N UNK D 3470 -27.29 30.92 -66.11
CA UNK D 3470 -25.96 30.44 -66.36
C UNK D 3470 -25.41 30.99 -67.66
N UNK D 3471 -26.27 31.05 -68.67
CA UNK D 3471 -25.85 31.57 -69.95
C UNK D 3471 -25.43 33.02 -69.77
N UNK D 3472 -26.20 33.74 -68.97
CA UNK D 3472 -25.95 35.15 -68.73
C UNK D 3472 -24.60 35.35 -68.03
N UNK D 3473 -24.31 34.46 -67.09
CA UNK D 3473 -23.05 34.49 -66.37
C UNK D 3473 -21.90 34.22 -67.31
N UNK D 3474 -22.11 33.28 -68.22
CA UNK D 3474 -21.09 32.94 -69.18
C UNK D 3474 -20.84 34.20 -69.99
N UNK D 3475 -21.93 34.90 -70.30
CA UNK D 3475 -21.86 36.13 -71.05
C UNK D 3475 -21.08 37.23 -70.33
N UNK D 3476 -21.28 37.35 -69.03
CA UNK D 3476 -20.54 38.33 -68.25
C UNK D 3476 -19.07 37.98 -68.30
N UNK D 3477 -18.79 36.70 -68.22
CA UNK D 3477 -17.41 36.23 -68.29
C UNK D 3477 -16.80 36.57 -69.62
N UNK D 3478 -17.58 36.41 -70.68
CA UNK D 3478 -17.14 36.73 -72.03
C UNK D 3478 -16.82 38.20 -72.13
N UNK D 3479 -17.66 39.02 -71.50
CA UNK D 3479 -17.46 40.45 -71.49
C UNK D 3479 -16.16 40.79 -70.79
N UNK D 3480 -15.91 40.13 -69.67
CA UNK D 3480 -14.70 40.38 -68.92
C UNK D 3480 -13.51 40.01 -69.78
N UNK D 3481 -13.65 38.90 -70.50
CA UNK D 3481 -12.61 38.39 -71.35
C UNK D 3481 -12.31 39.37 -72.46
N UNK D 3482 -13.34 39.97 -73.01
CA UNK D 3482 -13.22 40.98 -74.05
C UNK D 3482 -12.52 42.22 -73.49
N UNK D 3483 -12.83 42.57 -72.26
CA UNK D 3483 -12.19 43.71 -71.62
C UNK D 3483 -10.71 43.42 -71.51
N UNK D 3484 -10.37 42.18 -71.17
CA UNK D 3484 -8.97 41.79 -71.10
C UNK D 3484 -8.32 41.87 -72.49
N UNK D 3485 -9.05 41.38 -73.49
CA UNK D 3485 -8.66 41.36 -74.90
C UNK D 3485 -7.17 41.32 -75.11
N UNK D 3486 -6.71 42.06 -76.12
CA UNK D 3486 -5.30 42.38 -76.31
C UNK D 3486 -4.32 41.21 -76.17
N UNK D 3487 -3.39 41.31 -75.23
CA UNK D 3487 -2.22 40.46 -75.19
C UNK D 3487 -2.64 39.01 -75.05
N UNK D 3488 -3.68 38.76 -74.26
CA UNK D 3488 -4.14 37.41 -74.09
C UNK D 3488 -4.58 36.91 -75.46
N UNK D 3489 -5.24 37.79 -76.20
CA UNK D 3489 -5.73 37.42 -77.51
C UNK D 3489 -4.58 37.06 -78.43
N UNK D 3490 -3.53 37.86 -78.38
CA UNK D 3490 -2.38 37.62 -79.24
C UNK D 3490 -1.75 36.28 -78.89
N UNK D 3491 -1.68 36.00 -77.59
CA UNK D 3491 -1.09 34.76 -77.13
C UNK D 3491 -1.92 33.59 -77.65
N UNK D 3492 -3.23 33.73 -77.59
CA UNK D 3492 -4.12 32.69 -78.06
C UNK D 3492 -3.95 32.46 -79.56
N UNK D 3493 -3.79 33.55 -80.30
CA UNK D 3493 -3.61 33.48 -81.74
C UNK D 3493 -2.35 32.71 -82.04
N UNK D 3494 -1.31 32.97 -81.26
CA UNK D 3494 -0.06 32.25 -81.40
C UNK D 3494 -0.33 30.75 -81.53
N UNK D 3495 11.15 32.96 -97.17
CA UNK D 3495 10.23 33.96 -97.67
C UNK D 3495 9.02 34.08 -96.76
N UNK D 3496 7.93 33.40 -97.12
CA UNK D 3496 6.73 33.42 -96.32
C UNK D 3496 7.06 32.81 -94.97
N UNK D 3497 7.88 31.78 -95.00
CA UNK D 3497 8.30 31.12 -93.78
C UNK D 3497 9.09 32.11 -92.94
N UNK D 3498 9.90 32.91 -93.60
CA UNK D 3498 10.72 33.90 -92.92
C UNK D 3498 9.83 34.90 -92.22
N UNK D 3499 8.77 35.32 -92.90
CA UNK D 3499 7.82 36.26 -92.34
C UNK D 3499 7.13 35.66 -91.12
N UNK D 3500 6.79 34.38 -91.21
CA UNK D 3500 6.16 33.69 -90.09
C UNK D 3500 7.10 33.64 -88.89
N UNK D 3501 8.38 33.39 -89.17
CA UNK D 3501 9.39 33.34 -88.12
C UNK D 3501 9.51 34.70 -87.49
N UNK D 3502 9.43 35.72 -88.32
CA UNK D 3502 9.53 37.09 -87.88
C UNK D 3502 8.38 37.34 -86.93
N UNK D 3503 7.21 36.83 -87.30
CA UNK D 3503 6.04 36.98 -86.47
C UNK D 3503 6.24 36.32 -85.12
N UNK D 3504 6.79 35.12 -85.11
CA UNK D 3504 6.97 34.43 -83.84
C UNK D 3504 7.91 35.26 -82.96
N UNK D 3505 8.97 35.77 -83.58
CA UNK D 3505 9.97 36.51 -82.82
C UNK D 3505 9.36 37.77 -82.25
N UNK D 3506 8.57 38.44 -83.07
CA UNK D 3506 7.98 39.70 -82.69
C UNK D 3506 7.06 39.43 -81.53
N UNK D 3507 6.36 38.32 -81.61
CA UNK D 3507 5.40 37.94 -80.61
C UNK D 3507 6.12 37.76 -79.29
N UNK D 3508 7.25 37.06 -79.33
CA UNK D 3508 7.98 36.82 -78.10
C UNK D 3508 8.41 38.16 -77.52
N UNK D 3509 8.91 39.04 -78.37
CA UNK D 3509 9.42 40.31 -77.86
C UNK D 3509 8.31 41.11 -77.21
N UNK D 3510 6.32 42.00 -70.40
CA UNK D 3510 5.84 41.98 -69.02
C UNK D 3510 5.18 43.28 -68.58
N UNK D 3511 5.72 44.42 -69.00
CA UNK D 3511 5.20 45.73 -68.58
C UNK D 3511 3.77 46.01 -69.01
N UNK D 3512 3.44 45.63 -70.25
CA UNK D 3512 2.09 45.79 -70.77
C UNK D 3512 1.14 44.91 -69.98
N UNK D 3513 1.63 43.74 -69.61
CA UNK D 3513 0.91 42.79 -68.76
C UNK D 3513 0.64 43.38 -67.40
N UNK D 3514 1.61 44.13 -66.87
CA UNK D 3514 1.46 44.85 -65.63
C UNK D 3514 0.36 45.89 -65.77
N UNK D 3515 0.35 46.54 -66.92
CA UNK D 3515 -0.69 47.53 -67.20
C UNK D 3515 -2.04 46.84 -67.19
N UNK D 3516 -2.09 45.64 -67.77
CA UNK D 3516 -3.30 44.83 -67.81
C UNK D 3516 -3.77 44.42 -66.42
N UNK D 3517 -2.82 44.09 -65.55
CA UNK D 3517 -3.10 43.75 -64.17
C UNK D 3517 -3.69 44.95 -63.44
N UNK D 3518 -3.16 46.14 -63.75
CA UNK D 3518 -3.71 47.39 -63.21
C UNK D 3518 -5.14 47.64 -63.69
N UNK D 3519 -5.37 47.31 -64.97
CA UNK D 3519 -6.70 47.43 -65.54
C UNK D 3519 -7.62 46.49 -64.81
N UNK D 3520 -7.06 45.34 -64.45
CA UNK D 3520 -7.71 44.29 -63.68
C UNK D 3520 -8.07 44.74 -62.27
N UNK D 3521 -7.19 45.53 -61.65
CA UNK D 3521 -7.45 46.16 -60.36
C UNK D 3521 -8.63 47.10 -60.54
N UNK D 3522 -8.62 47.80 -61.67
CA UNK D 3522 -9.71 48.69 -62.02
C UNK D 3522 -11.01 47.90 -62.13
N UNK D 3523 -10.89 46.71 -62.70
CA UNK D 3523 -11.98 45.76 -62.87
C UNK D 3523 -12.52 45.29 -61.53
N UNK D 3524 -11.63 45.06 -60.60
CA UNK D 3524 -12.03 44.67 -59.25
C UNK D 3524 -12.82 45.81 -58.66
N UNK D 3525 -12.33 47.02 -58.89
CA UNK D 3525 -13.00 48.20 -58.37
C UNK D 3525 -14.40 48.26 -58.96
N UNK D 3526 -14.49 47.94 -60.24
CA UNK D 3526 -15.76 47.95 -60.95
C UNK D 3526 -16.73 46.92 -60.40
N UNK D 3527 -16.23 45.71 -60.12
CA UNK D 3527 -17.09 44.66 -59.61
C UNK D 3527 -17.63 45.16 -58.30
N UNK D 3528 -16.76 45.85 -57.57
CA UNK D 3528 -17.18 46.54 -56.36
C UNK D 3528 -18.49 47.29 -56.61
N UNK D 3529 -23.69 41.97 -55.87
CA UNK D 3529 -22.72 42.79 -56.60
C UNK D 3529 -22.01 41.98 -57.67
N UNK D 3530 -21.11 42.61 -58.40
CA UNK D 3530 -20.42 41.93 -59.48
C UNK D 3530 -19.56 40.79 -58.95
N UNK D 3531 -18.85 41.05 -57.86
CA UNK D 3531 -17.97 40.04 -57.27
C UNK D 3531 -18.76 38.85 -56.76
N UNK D 3532 -19.87 39.14 -56.10
CA UNK D 3532 -20.74 38.10 -55.57
C UNK D 3532 -21.29 37.30 -56.73
N UNK D 3533 -21.60 37.98 -57.82
CA UNK D 3533 -22.12 37.33 -59.01
C UNK D 3533 -21.10 36.38 -59.60
N UNK D 3534 -19.83 36.80 -59.63
CA UNK D 3534 -18.79 35.95 -60.15
C UNK D 3534 -18.70 34.73 -59.26
N UNK D 3535 -18.82 34.96 -57.96
CA UNK D 3535 -18.72 33.88 -57.01
C UNK D 3535 -19.83 32.87 -57.24
N UNK D 3536 -21.03 33.38 -57.49
CA UNK D 3536 -22.20 32.56 -57.72
C UNK D 3536 -22.02 31.75 -58.99
N UNK D 3537 -21.44 32.35 -60.01
CA UNK D 3537 -21.21 31.65 -61.27
C UNK D 3537 -20.23 30.51 -61.04
N UNK D 3538 -19.21 30.78 -60.24
CA UNK D 3538 -18.22 29.77 -59.92
C UNK D 3538 -18.91 28.62 -59.20
N UNK D 3539 -19.82 28.98 -58.30
CA UNK D 3539 -20.62 28.01 -57.54
C UNK D 3539 -21.52 27.15 -58.41
N UNK D 3540 -22.12 27.77 -59.41
CA UNK D 3540 -22.97 27.06 -60.35
C UNK D 3540 -22.09 26.08 -61.07
N UNK D 3541 -20.87 26.53 -61.37
CA UNK D 3541 -19.88 25.70 -62.03
C UNK D 3541 -19.53 24.49 -61.18
N UNK D 3542 -19.38 24.69 -59.88
CA UNK D 3542 -19.10 23.60 -58.97
C UNK D 3542 -20.24 22.61 -58.98
N UNK D 3543 -21.47 23.14 -58.97
CA UNK D 3543 -22.69 22.34 -59.07
C UNK D 3543 -23.91 23.14 -58.62
N UNK D 3544 -13.65 23.66 -69.48
CA UNK D 3544 -12.53 23.48 -68.57
C UNK D 3544 -11.46 24.54 -68.81
N UNK D 3545 -11.03 24.68 -70.06
CA UNK D 3545 -10.02 25.66 -70.39
C UNK D 3545 -10.56 27.04 -70.09
N UNK D 3546 -11.81 27.29 -70.44
CA UNK D 3546 -12.40 28.60 -70.24
C UNK D 3546 -12.47 28.95 -68.75
N UNK D 3547 -12.89 27.99 -67.96
CA UNK D 3547 -13.02 28.20 -66.52
C UNK D 3547 -11.64 28.47 -65.98
N UNK D 3548 -10.67 27.71 -66.48
CA UNK D 3548 -9.32 27.84 -66.00
C UNK D 3548 -8.82 29.24 -66.27
N UNK D 3549 -9.12 29.74 -67.46
CA UNK D 3549 -8.70 31.08 -67.83
C UNK D 3549 -9.34 32.12 -66.95
N UNK D 3550 -10.62 31.95 -66.67
CA UNK D 3550 -11.31 32.90 -65.82
C UNK D 3550 -10.70 32.91 -64.42
N UNK D 3551 -10.38 31.71 -63.94
CA UNK D 3551 -9.80 31.55 -62.62
C UNK D 3551 -8.43 32.21 -62.60
N UNK D 3552 -7.70 32.04 -63.69
CA UNK D 3552 -6.38 32.59 -63.80
C UNK D 3552 -6.50 34.09 -63.71
N UNK D 3553 -7.50 34.64 -64.38
CA UNK D 3553 -7.70 36.08 -64.36
C UNK D 3553 -8.02 36.60 -62.96
N UNK D 3554 -8.86 35.87 -62.24
CA UNK D 3554 -9.21 36.29 -60.89
C UNK D 3554 -7.95 36.24 -60.03
N UNK D 3555 -7.17 35.19 -60.25
CA UNK D 3555 -5.97 34.95 -59.50
C UNK D 3555 -5.00 36.07 -59.77
N UNK D 3556 -4.98 36.53 -61.01
CA UNK D 3556 -4.18 37.64 -61.49
C UNK D 3556 -4.54 38.97 -60.86
N UNK D 3557 -5.83 39.22 -60.68
CA UNK D 3557 -6.26 40.40 -59.95
C UNK D 3557 -5.74 40.29 -58.53
N UNK D 3558 -5.83 39.08 -58.00
CA UNK D 3558 -5.41 38.77 -56.65
C UNK D 3558 -3.93 39.07 -56.56
N UNK D 3559 -3.24 38.76 -57.65
CA UNK D 3559 -1.80 38.96 -57.91
C UNK D 3559 -1.37 40.41 -57.97
N UNK D 3560 -2.19 41.25 -58.57
CA UNK D 3560 -1.94 42.68 -58.55
C UNK D 3560 -2.01 43.07 -57.08
N UNK D 3561 -2.99 42.49 -56.40
CA UNK D 3561 -3.12 42.78 -54.98
C UNK D 3561 -1.87 42.35 -54.21
N UNK D 3562 -1.34 41.17 -54.55
CA UNK D 3562 -0.17 40.64 -53.88
C UNK D 3562 1.03 41.54 -54.12
N UNK D 3563 1.14 42.02 -55.35
CA UNK D 3563 2.24 42.87 -55.75
C UNK D 3563 2.20 44.16 -54.95
N UNK D 3564 8.28 53.54 -40.96
CA UNK D 3564 7.65 52.77 -42.04
C UNK D 3564 6.41 52.07 -41.51
N UNK D 3565 6.08 52.34 -40.26
CA UNK D 3565 4.99 51.63 -39.62
C UNK D 3565 3.72 51.94 -40.40
N UNK D 3566 3.59 53.19 -40.83
CA UNK D 3566 2.39 53.60 -41.55
C UNK D 3566 2.27 52.83 -42.84
N UNK D 3567 3.39 52.68 -43.54
CA UNK D 3567 3.39 51.97 -44.81
C UNK D 3567 2.99 50.52 -44.59
N UNK D 3568 3.51 49.90 -43.53
CA UNK D 3568 3.19 48.52 -43.25
C UNK D 3568 1.69 48.40 -42.98
N UNK D 3569 1.17 49.36 -42.23
CA UNK D 3569 -0.24 49.36 -41.87
C UNK D 3569 -1.08 49.46 -43.12
N UNK D 3570 -0.64 50.31 -44.04
CA UNK D 3570 -1.34 50.50 -45.29
C UNK D 3570 -1.35 49.22 -46.11
N UNK D 3571 -0.23 48.53 -46.13
CA UNK D 3571 -0.16 47.30 -46.90
C UNK D 3571 -1.15 46.33 -46.31
N UNK D 3572 -1.17 46.27 -44.98
CA UNK D 3572 -2.03 45.31 -44.31
C UNK D 3572 -3.47 45.62 -44.65
N UNK D 3573 -3.80 46.90 -44.63
CA UNK D 3573 -5.16 47.33 -44.86
C UNK D 3573 -5.57 46.96 -46.26
N UNK D 3574 -4.68 47.16 -47.23
CA UNK D 3574 -5.01 46.83 -48.60
C UNK D 3574 -5.26 45.35 -48.75
N UNK D 3575 -4.42 44.56 -48.11
CA UNK D 3575 -4.56 43.12 -48.25
C UNK D 3575 -5.92 42.74 -47.70
N UNK D 3576 -6.25 43.32 -46.55
CA UNK D 3576 -7.50 42.98 -45.89
C UNK D 3576 -8.67 43.36 -46.76
N UNK D 3577 -8.62 44.53 -47.37
CA UNK D 3577 -9.74 44.99 -48.18
C UNK D 3577 -9.93 44.05 -49.36
N UNK D 3578 -8.83 43.66 -50.00
CA UNK D 3578 -8.96 42.81 -51.17
C UNK D 3578 -9.58 41.47 -50.74
N UNK D 3579 -9.12 40.95 -49.62
CA UNK D 3579 -9.61 39.67 -49.15
C UNK D 3579 -11.10 39.74 -48.83
N UNK D 3580 -11.51 40.83 -48.20
CA UNK D 3580 -12.89 41.02 -47.82
C UNK D 3580 -13.76 41.09 -49.06
N UNK D 3581 -13.25 41.76 -50.09
CA UNK D 3581 -13.96 41.89 -51.35
C UNK D 3581 -14.14 40.52 -51.98
N UNK D 3582 -13.08 39.71 -51.91
CA UNK D 3582 -13.14 38.36 -52.45
C UNK D 3582 -14.18 37.53 -51.71
N UNK D 3583 -14.25 37.72 -50.40
CA UNK D 3583 -15.22 37.03 -49.54
C UNK D 3583 -16.59 36.86 -50.21
N UNK D 3584 -15.78 30.80 -52.30
CA UNK D 3584 -15.03 30.99 -51.06
C UNK D 3584 -14.57 29.63 -50.53
N UNK D 3585 -14.95 29.31 -49.30
CA UNK D 3585 -14.51 28.07 -48.69
C UNK D 3585 -15.00 26.97 -49.59
N UNK D 3586 -16.20 27.16 -50.11
CA UNK D 3586 -16.81 26.21 -51.02
C UNK D 3586 -15.97 26.06 -52.27
N UNK D 3587 -15.46 27.18 -52.78
CA UNK D 3587 -14.67 27.13 -53.99
C UNK D 3587 -13.43 26.28 -53.74
N UNK D 3588 -12.84 26.50 -52.58
CA UNK D 3588 -11.63 25.79 -52.20
C UNK D 3588 -11.92 24.30 -52.11
N UNK D 3589 -13.06 23.98 -51.53
CA UNK D 3589 -13.46 22.59 -51.37
C UNK D 3589 -13.65 21.93 -52.72
N UNK D 3590 -14.24 22.66 -53.67
CA UNK D 3590 -14.43 22.13 -55.02
C UNK D 3590 -13.10 21.87 -55.70
N UNK D 3591 -12.16 22.78 -55.48
CA UNK D 3591 -10.84 22.61 -56.06
C UNK D 3591 -10.23 21.35 -55.49
N UNK D 3592 -10.43 21.14 -54.20
CA UNK D 3592 -9.93 19.96 -53.52
C UNK D 3592 -10.57 18.68 -54.06
N UNK D 3593 -11.85 18.77 -54.33
CA UNK D 3593 -12.61 17.64 -54.84
C UNK D 3593 -12.03 17.25 -56.17
N UNK D 3594 -11.68 18.26 -56.95
CA UNK D 3594 -11.12 18.03 -58.28
C UNK D 3594 -10.13 16.87 -58.33
N UNK D 3595 -6.11 24.30 -65.29
CA UNK D 3595 -6.02 22.87 -65.02
C UNK D 3595 -5.96 22.60 -63.53
N UNK D 3596 -5.33 21.50 -63.17
CA UNK D 3596 -5.02 21.23 -61.78
C UNK D 3596 -4.10 22.38 -61.38
N UNK D 3597 -3.23 22.77 -62.31
CA UNK D 3597 -2.37 23.92 -62.12
C UNK D 3597 -3.20 25.18 -61.94
N UNK D 3598 -4.29 25.30 -62.68
CA UNK D 3598 -5.17 26.45 -62.52
C UNK D 3598 -5.79 26.47 -61.13
N UNK D 3599 -6.17 25.30 -60.64
CA UNK D 3599 -6.77 25.21 -59.33
C UNK D 3599 -5.71 25.68 -58.38
N UNK D 3600 -4.49 25.26 -58.66
CA UNK D 3600 -3.37 25.58 -57.79
C UNK D 3600 -3.16 27.07 -57.71
N UNK D 3601 -3.25 27.74 -58.85
CA UNK D 3601 -3.09 29.17 -58.91
C UNK D 3601 -4.19 29.88 -58.12
N UNK D 3602 -5.42 29.39 -58.28
CA UNK D 3602 -6.52 30.02 -57.59
C UNK D 3602 -6.22 29.90 -56.12
N UNK D 3603 -5.72 28.73 -55.74
CA UNK D 3603 -5.43 28.42 -54.35
C UNK D 3603 -4.34 29.32 -53.80
N UNK D 3604 -3.31 29.57 -54.61
CA UNK D 3604 -2.23 30.44 -54.19
C UNK D 3604 -2.77 31.85 -53.97
N UNK D 3605 -3.64 32.31 -54.86
CA UNK D 3605 -4.16 33.66 -54.69
C UNK D 3605 -4.94 33.71 -53.39
N UNK D 3606 -5.70 32.65 -53.15
CA UNK D 3606 -6.54 32.59 -51.96
C UNK D 3606 -5.68 32.61 -50.72
N UNK D 3607 -4.59 31.87 -50.77
CA UNK D 3607 -3.71 31.76 -49.64
C UNK D 3607 -3.20 33.14 -49.35
N UNK D 3608 -2.81 33.86 -50.39
CA UNK D 3608 -2.23 35.17 -50.17
C UNK D 3608 -3.27 36.07 -49.50
N UNK D 3609 -4.49 36.02 -50.02
CA UNK D 3609 -5.49 36.93 -49.49
C UNK D 3609 -5.72 36.63 -48.03
N UNK D 3610 -5.87 35.36 -47.70
CA UNK D 3610 -6.18 35.02 -46.31
C UNK D 3610 -5.03 35.40 -45.39
N UNK D 3611 -3.83 35.12 -45.86
CA UNK D 3611 -2.64 35.24 -45.06
C UNK D 3611 -2.57 36.69 -44.66
N UNK D 3612 -2.94 37.55 -45.60
CA UNK D 3612 -3.01 38.97 -45.26
C UNK D 3612 -3.78 39.17 -43.95
N UNK D 3613 -11.42 38.56 -40.03
CA UNK D 3613 -10.01 38.37 -40.38
C UNK D 3613 -9.81 37.10 -41.20
N UNK D 3614 -8.65 36.98 -41.83
CA UNK D 3614 -8.33 35.81 -42.65
C UNK D 3614 -8.72 34.53 -41.95
N UNK D 3615 -8.54 34.50 -40.63
CA UNK D 3615 -8.87 33.34 -39.84
C UNK D 3615 -10.36 33.31 -39.54
N UNK D 3616 -11.01 34.47 -39.51
CA UNK D 3616 -12.47 34.52 -39.33
C UNK D 3616 -13.16 33.88 -40.52
N UNK D 3617 -12.63 34.17 -41.70
CA UNK D 3617 -13.09 33.59 -42.94
C UNK D 3617 -12.84 32.11 -42.84
N UNK D 3618 -11.70 31.78 -42.26
CA UNK D 3618 -11.32 30.38 -42.05
C UNK D 3618 -12.30 29.64 -41.14
N UNK D 3619 -12.76 30.31 -40.11
CA UNK D 3619 -13.74 29.80 -39.17
C UNK D 3619 -15.05 29.57 -39.88
N UNK D 3620 -15.40 30.49 -40.78
CA UNK D 3620 -16.59 30.32 -41.56
C UNK D 3620 -16.46 29.06 -42.42
N UNK D 3621 -15.29 28.89 -42.99
CA UNK D 3621 -15.01 27.76 -43.84
C UNK D 3621 -15.13 26.50 -43.01
N UNK D 3622 -14.65 26.60 -41.78
CA UNK D 3622 -14.63 25.52 -40.81
C UNK D 3622 -16.03 25.09 -40.47
N UNK D 3623 -16.92 26.07 -40.33
CA UNK D 3623 -18.33 25.82 -40.10
C UNK D 3623 -18.96 25.11 -41.30
N UNK D 3624 -18.57 25.53 -42.50
CA UNK D 3624 -19.06 24.87 -43.69
C UNK D 3624 -18.61 23.42 -43.69
N UNK D 3625 -17.37 23.22 -43.25
CA UNK D 3625 -16.76 21.91 -43.17
C UNK D 3625 -17.49 21.04 -42.18
N UNK D 3626 -17.89 21.64 -41.07
CA UNK D 3626 -18.64 20.94 -40.04
C UNK D 3626 -19.95 20.48 -40.64
N UNK D 3627 -20.55 21.36 -41.42
CA UNK D 3627 -21.82 21.04 -42.07
C UNK D 3627 -21.62 19.86 -42.99
N UNK D 3628 -20.50 19.86 -43.72
CA UNK D 3628 -20.15 18.75 -44.59
C UNK D 3628 -19.05 17.88 -43.96
N UNK D 3629 -10.22 19.03 -47.08
CA UNK D 3629 -11.13 18.22 -47.86
C UNK D 3629 -10.70 16.80 -47.75
N UNK D 3630 -11.64 15.88 -47.87
CA UNK D 3630 -11.30 14.50 -48.12
C UNK D 3630 -10.61 14.52 -49.47
N UNK D 3631 -11.14 15.36 -50.35
CA UNK D 3631 -10.54 15.62 -51.62
C UNK D 3631 -9.20 16.19 -51.30
N UNK D 3632 -9.13 16.98 -50.25
CA UNK D 3632 -7.89 17.64 -49.94
C UNK D 3632 -6.83 16.60 -49.66
N UNK D 3633 -7.18 15.61 -48.87
CA UNK D 3633 -6.28 14.55 -48.48
C UNK D 3633 -5.86 13.76 -49.68
N UNK D 3634 -6.84 13.52 -50.53
CA UNK D 3634 -6.61 12.71 -51.70
C UNK D 3634 -5.59 13.44 -52.53
N UNK D 3635 -5.82 14.72 -52.59
CA UNK D 3635 -5.07 15.62 -53.41
C UNK D 3635 -3.68 15.60 -52.90
N UNK D 3636 -3.56 15.55 -51.59
CA UNK D 3636 -2.29 15.55 -50.93
C UNK D 3636 -1.49 14.34 -51.30
N UNK D 3637 -2.16 13.20 -51.29
CA UNK D 3637 -1.46 11.98 -51.58
C UNK D 3637 -0.98 12.12 -53.01
N UNK D 3638 -1.86 12.64 -53.83
CA UNK D 3638 -1.62 12.75 -55.24
C UNK D 3638 -0.43 13.63 -55.53
N UNK D 3639 -0.37 14.72 -54.80
CA UNK D 3639 0.65 15.72 -54.96
C UNK D 3639 1.97 15.13 -54.58
N UNK D 3640 1.94 14.36 -53.50
CA UNK D 3640 3.16 13.77 -52.99
C UNK D 3640 3.66 12.89 -54.12
N UNK D 3641 2.72 12.20 -54.73
CA UNK D 3641 3.01 11.47 -55.94
C UNK D 3641 3.81 12.33 -56.91
N UNK D 3642 16.68 8.89 -58.21
CA UNK D 3642 17.30 7.85 -59.02
C UNK D 3642 16.97 8.06 -60.48
N UNK D 3643 15.72 7.81 -60.82
CA UNK D 3643 15.30 7.93 -62.21
C UNK D 3643 15.55 9.36 -62.60
N UNK D 3644 15.25 10.27 -61.68
CA UNK D 3644 15.41 11.69 -61.95
C UNK D 3644 16.87 12.05 -62.20
N UNK D 3645 17.78 11.48 -61.42
CA UNK D 3645 19.20 11.74 -61.59
C UNK D 3645 19.67 11.24 -62.96
N UNK D 3646 19.16 10.07 -63.33
CA UNK D 3646 19.53 9.47 -64.61
C UNK D 3646 19.04 10.40 -65.71
N UNK D 3647 17.85 10.91 -65.53
CA UNK D 3647 17.24 11.81 -66.50
C UNK D 3647 18.09 13.06 -66.64
N UNK D 3648 18.57 13.57 -65.52
CA UNK D 3648 19.41 14.75 -65.55
C UNK D 3648 20.71 14.49 -66.30
N UNK D 3649 21.30 13.33 -66.07
CA UNK D 3649 22.53 12.99 -66.77
C UNK D 3649 22.26 12.93 -68.26
N UNK D 3650 21.12 12.36 -68.62
CA UNK D 3650 20.71 12.23 -70.01
C UNK D 3650 20.51 13.59 -70.65
N UNK D 3651 19.91 14.50 -69.89
CA UNK D 3651 19.68 15.85 -70.38
C UNK D 3651 21.01 16.52 -70.62
N UNK D 3652 21.95 16.27 -69.73
CA UNK D 3652 23.29 16.83 -69.87
C UNK D 3652 23.92 16.30 -71.15
N UNK D 3653 23.74 15.01 -71.42
CA UNK D 3653 24.28 14.40 -72.62
C UNK D 3653 23.65 15.02 -73.88
N UNK D 3654 22.35 15.27 -73.80
CA UNK D 3654 21.62 15.87 -74.90
C UNK D 3654 22.12 17.27 -75.17
N UNK D 3655 22.41 18.00 -74.10
CA UNK D 3655 22.97 19.34 -74.20
C UNK D 3655 24.34 19.29 -74.86
N UNK D 3656 25.14 18.30 -74.49
CA UNK D 3656 26.46 18.14 -75.07
C UNK D 3656 26.29 17.92 -76.57
N UNK D 3657 25.28 17.12 -76.90
CA UNK D 3657 24.88 16.92 -78.28
C UNK D 3657 24.34 18.22 -78.85
N UNK D 3658 4.69 21.51 -60.89
CA UNK D 3658 6.04 21.11 -60.52
C UNK D 3658 6.52 21.95 -59.35
N UNK D 3659 7.54 22.79 -59.55
CA UNK D 3659 8.05 23.59 -58.46
C UNK D 3659 6.93 24.51 -57.97
N UNK D 3660 6.23 25.11 -58.92
CA UNK D 3660 5.18 26.04 -58.57
C UNK D 3660 4.09 25.31 -57.79
N UNK D 3661 3.75 24.10 -58.24
CA UNK D 3661 2.69 23.35 -57.60
C UNK D 3661 3.07 23.02 -56.17
N UNK D 3662 4.33 22.63 -55.97
CA UNK D 3662 4.78 22.28 -54.64
C UNK D 3662 4.70 23.48 -53.74
N UNK D 3663 5.16 24.61 -54.27
CA UNK D 3663 5.20 25.80 -53.43
C UNK D 3663 3.77 26.09 -53.04
N UNK D 3664 2.86 25.94 -54.00
CA UNK D 3664 1.47 26.26 -53.76
C UNK D 3664 0.86 25.38 -52.67
N UNK D 3665 1.10 24.08 -52.71
CA UNK D 3665 0.52 23.23 -51.68
C UNK D 3665 1.10 23.57 -50.31
N UNK D 3666 2.41 23.79 -50.26
CA UNK D 3666 3.02 24.05 -48.97
C UNK D 3666 2.46 25.34 -48.43
N UNK D 3667 2.26 26.28 -49.34
CA UNK D 3667 1.78 27.61 -49.05
C UNK D 3667 0.38 27.56 -48.52
N UNK D 3668 -0.43 26.68 -49.07
CA UNK D 3668 -1.80 26.48 -48.62
C UNK D 3668 -1.79 25.97 -47.20
N UNK D 3669 -0.89 25.04 -46.93
CA UNK D 3669 -0.80 24.53 -45.57
C UNK D 3669 -0.43 25.71 -44.67
N UNK D 3670 0.47 26.54 -45.14
CA UNK D 3670 0.89 27.70 -44.37
C UNK D 3670 -0.26 28.67 -44.11
N UNK D 3671 -1.08 28.92 -45.12
CA UNK D 3671 -2.17 29.84 -44.95
C UNK D 3671 -3.10 29.26 -43.92
N UNK D 3672 -3.33 27.96 -43.99
CA UNK D 3672 -4.27 27.34 -43.08
C UNK D 3672 -3.77 27.50 -41.66
N UNK D 3673 -2.45 27.36 -41.48
CA UNK D 3673 -1.84 27.59 -40.17
C UNK D 3673 -2.46 28.78 -39.39
N UNK D 3674 -4.96 30.02 -34.66
CA UNK D 3674 -5.31 28.94 -35.57
C UNK D 3674 -5.20 27.61 -34.87
N UNK D 3675 -4.84 27.65 -33.60
CA UNK D 3675 -4.57 26.43 -32.85
C UNK D 3675 -5.80 25.54 -32.74
N UNK D 3676 -6.95 26.11 -32.41
CA UNK D 3676 -8.12 25.28 -32.19
C UNK D 3676 -8.43 24.57 -33.48
N UNK D 3677 -8.40 25.32 -34.58
CA UNK D 3677 -8.78 24.75 -35.85
C UNK D 3677 -7.81 23.64 -36.20
N UNK D 3678 -6.52 23.91 -36.04
CA UNK D 3678 -5.55 22.93 -36.48
C UNK D 3678 -5.73 21.66 -35.68
N UNK D 3679 -5.90 21.81 -34.37
CA UNK D 3679 -5.97 20.67 -33.50
C UNK D 3679 -7.19 19.83 -33.84
N UNK D 3680 -8.35 20.45 -33.88
CA UNK D 3680 -9.55 19.74 -34.31
C UNK D 3680 -9.37 19.45 -35.77
N UNK D 3681 -8.70 20.36 -36.46
CA UNK D 3681 -8.34 20.18 -37.83
C UNK D 3681 -7.47 18.95 -37.86
N UNK D 3682 -6.62 18.81 -36.85
CA UNK D 3682 -5.68 17.73 -36.85
C UNK D 3682 -6.38 16.38 -36.81
N UNK D 3683 -7.38 16.26 -35.94
CA UNK D 3683 -8.12 15.01 -35.83
C UNK D 3683 -8.87 14.75 -37.11
N UNK D 3684 -9.44 15.82 -37.66
CA UNK D 3684 -10.32 15.83 -38.85
C UNK D 3684 -10.69 14.46 -39.43
N UNK D 3685 -4.77 16.82 -38.87
CA UNK D 3685 -4.23 15.71 -38.13
C UNK D 3685 -3.64 14.66 -39.10
N UNK D 3686 -4.55 13.97 -39.76
CA UNK D 3686 -4.16 12.94 -40.69
C UNK D 3686 -3.28 13.62 -41.74
N UNK D 3687 -3.56 14.90 -41.95
CA UNK D 3687 -2.76 15.77 -42.78
C UNK D 3687 -1.34 15.91 -42.25
N UNK D 3688 -1.21 15.93 -40.93
CA UNK D 3688 0.11 16.04 -40.36
C UNK D 3688 0.86 14.81 -40.79
N UNK D 3689 0.13 13.71 -40.73
CA UNK D 3689 0.74 12.46 -41.08
C UNK D 3689 1.21 12.56 -42.51
N UNK D 3690 0.36 13.17 -43.32
CA UNK D 3690 0.62 13.31 -44.74
C UNK D 3690 1.86 14.13 -45.00
N UNK D 3691 1.99 15.18 -44.23
CA UNK D 3691 3.08 16.08 -44.40
C UNK D 3691 4.32 15.28 -44.14
N UNK D 3692 4.24 14.50 -43.10
CA UNK D 3692 5.41 13.77 -42.68
C UNK D 3692 5.82 12.85 -43.82
N UNK D 3693 4.85 12.22 -44.43
CA UNK D 3693 5.14 11.28 -45.49
C UNK D 3693 5.79 11.92 -46.71
N UNK D 3694 5.25 13.06 -47.09
CA UNK D 3694 5.76 13.73 -48.26
C UNK D 3694 7.20 14.06 -47.95
N UNK D 3695 7.40 14.46 -46.72
CA UNK D 3695 8.69 14.87 -46.27
C UNK D 3695 9.68 13.74 -46.37
N UNK D 3696 9.26 12.56 -45.96
CA UNK D 3696 10.13 11.42 -46.00
C UNK D 3696 10.51 11.14 -47.43
N UNK D 3697 9.55 11.27 -48.31
CA UNK D 3697 9.81 11.00 -49.70
C UNK D 3697 10.83 11.97 -50.23
N UNK D 3698 10.66 13.19 -49.81
CA UNK D 3698 11.50 14.26 -50.24
C UNK D 3698 12.91 13.97 -49.77
N UNK D 3699 12.98 13.46 -48.56
CA UNK D 3699 14.24 13.21 -47.90
C UNK D 3699 14.96 12.21 -48.74
N UNK D 3700 14.21 11.23 -49.19
CA UNK D 3700 14.81 10.20 -49.97
C UNK D 3700 15.38 10.78 -51.26
N UNK D 3701 14.61 11.64 -51.90
CA UNK D 3701 15.04 12.18 -53.17
C UNK D 3701 16.33 12.90 -52.94
N UNK D 3702 16.36 13.63 -51.84
CA UNK D 3702 17.50 14.44 -51.51
C UNK D 3702 18.76 13.64 -51.26
N UNK D 3703 18.58 12.56 -50.55
CA UNK D 3703 19.70 11.72 -50.20
C UNK D 3703 20.27 11.20 -51.49
N UNK D 3704 19.36 10.89 -52.41
CA UNK D 3704 19.79 10.35 -53.67
C UNK D 3704 20.65 11.35 -54.40
N UNK D 3705 20.19 12.59 -54.38
CA UNK D 3705 20.91 13.62 -55.07
C UNK D 3705 22.29 13.72 -54.47
N UNK D 3706 22.36 13.62 -53.16
CA UNK D 3706 23.62 13.77 -52.47
C UNK D 3706 24.59 12.70 -52.89
N UNK D 3707 24.12 11.47 -52.94
CA UNK D 3707 25.01 10.39 -53.27
C UNK D 3707 25.53 10.67 -54.66
N UNK D 3708 24.64 11.09 -55.52
CA UNK D 3708 25.03 11.29 -56.91
C UNK D 3708 26.10 12.35 -57.03
N UNK D 3709 25.90 13.44 -56.31
CA UNK D 3709 26.81 14.55 -56.40
C UNK D 3709 28.17 14.11 -55.92
N UNK D 3710 28.18 13.36 -54.83
CA UNK D 3710 29.42 12.85 -54.25
C UNK D 3710 30.24 12.23 -55.37
N UNK D 3711 27.58 21.82 -64.42
CA UNK D 3711 27.12 21.95 -63.04
C UNK D 3711 26.10 23.06 -62.93
N UNK D 3712 25.83 23.74 -64.04
CA UNK D 3712 24.80 24.75 -64.03
C UNK D 3712 23.50 24.04 -63.70
N UNK D 3713 23.35 22.86 -64.28
CA UNK D 3713 22.17 22.05 -64.06
C UNK D 3713 22.09 21.67 -62.60
N UNK D 3714 23.23 21.33 -62.03
CA UNK D 3714 23.28 20.92 -60.64
C UNK D 3714 22.82 22.06 -59.77
N UNK D 3715 23.29 23.26 -60.10
CA UNK D 3715 22.93 24.44 -59.34
C UNK D 3715 21.44 24.69 -59.43
N UNK D 3716 20.87 24.52 -60.61
CA UNK D 3716 19.44 24.75 -60.77
C UNK D 3716 18.67 23.76 -59.91
N UNK D 3717 19.11 22.51 -59.92
CA UNK D 3717 18.43 21.50 -59.15
C UNK D 3717 18.52 21.86 -57.67
N UNK D 3718 19.69 22.30 -57.26
CA UNK D 3718 19.92 22.60 -55.88
C UNK D 3718 18.99 23.72 -55.47
N UNK D 3719 18.85 24.72 -56.34
CA UNK D 3719 18.00 25.86 -56.01
C UNK D 3719 16.55 25.44 -55.87
N UNK D 3720 16.08 24.61 -56.78
CA UNK D 3720 14.70 24.20 -56.72
C UNK D 3720 14.50 23.46 -55.41
N UNK D 3721 15.46 22.62 -55.09
CA UNK D 3721 15.37 21.78 -53.92
C UNK D 3721 15.32 22.63 -52.68
N UNK D 3722 16.15 23.66 -52.65
CA UNK D 3722 16.23 24.52 -51.50
C UNK D 3722 14.91 25.22 -51.32
N UNK D 3723 14.33 25.69 -52.41
CA UNK D 3723 13.06 26.39 -52.29
C UNK D 3723 12.00 25.47 -51.71
N UNK D 3724 11.97 24.25 -52.25
CA UNK D 3724 10.95 23.34 -51.82
C UNK D 3724 11.15 23.07 -50.34
N UNK D 3725 12.39 22.90 -49.96
CA UNK D 3725 12.73 22.52 -48.61
C UNK D 3725 12.30 23.60 -47.67
N UNK D 3726 12.56 24.84 -48.02
CA UNK D 3726 12.24 25.93 -47.14
C UNK D 3726 10.74 25.98 -46.95
N UNK D 3727 10.01 25.84 -48.04
CA UNK D 3727 8.57 25.98 -47.94
C UNK D 3727 8.10 24.90 -46.99
N UNK D 3728 8.61 23.70 -47.19
CA UNK D 3728 8.15 22.55 -46.44
C UNK D 3728 8.43 22.68 -44.96
N UNK D 3729 9.62 23.13 -44.64
CA UNK D 3729 10.01 23.22 -43.26
C UNK D 3729 9.10 24.24 -42.61
N UNK D 3730 8.88 25.33 -43.32
CA UNK D 3730 8.13 26.42 -42.75
C UNK D 3730 6.75 25.91 -42.44
N UNK D 3731 6.19 25.14 -43.36
CA UNK D 3731 4.84 24.66 -43.20
C UNK D 3731 4.73 23.72 -42.02
N UNK D 3732 5.68 22.81 -41.90
CA UNK D 3732 5.60 21.84 -40.84
C UNK D 3732 5.67 22.61 -39.54
N UNK D 3733 6.52 23.62 -39.51
CA UNK D 3733 6.74 24.41 -38.32
C UNK D 3733 5.51 25.16 -37.89
N UNK D 3734 4.81 25.76 -38.84
CA UNK D 3734 3.58 26.46 -38.49
C UNK D 3734 2.59 25.45 -37.96
N UNK D 3735 2.53 24.28 -38.59
CA UNK D 3735 1.55 23.31 -38.16
C UNK D 3735 1.84 22.98 -36.73
N UNK D 3736 3.14 22.85 -36.43
CA UNK D 3736 3.60 22.53 -35.10
C UNK D 3736 3.29 23.58 -34.04
N UNK D 3737 3.49 24.85 -34.38
CA UNK D 3737 3.28 25.90 -33.39
C UNK D 3737 1.85 25.90 -32.87
N UNK D 3738 -1.25 22.51 -28.37
CA UNK D 3738 -1.25 21.59 -29.51
C UNK D 3738 -0.64 20.28 -29.08
N UNK D 3739 -0.65 20.04 -27.78
CA UNK D 3739 0.11 18.96 -27.15
C UNK D 3739 -0.28 17.56 -27.59
N UNK D 3740 -1.57 17.36 -27.79
CA UNK D 3740 -2.02 16.09 -28.29
C UNK D 3740 -1.44 15.95 -29.66
N UNK D 3741 -1.44 17.08 -30.37
CA UNK D 3741 -0.97 17.09 -31.72
C UNK D 3741 0.46 16.65 -31.66
N UNK D 3742 1.14 17.17 -30.66
CA UNK D 3742 2.54 16.94 -30.40
C UNK D 3742 2.87 15.50 -30.09
N UNK D 3743 2.05 14.83 -29.31
CA UNK D 3743 2.23 13.41 -29.02
C UNK D 3743 2.06 12.56 -30.27
N UNK D 3744 1.05 12.95 -31.03
CA UNK D 3744 0.82 12.27 -32.28
C UNK D 3744 2.06 12.48 -33.12
N UNK D 3745 2.56 13.69 -32.98
CA UNK D 3745 3.66 14.26 -33.68
C UNK D 3745 4.86 13.47 -33.33
N UNK D 3746 4.90 13.04 -32.10
CA UNK D 3746 5.90 12.21 -31.46
C UNK D 3746 5.99 10.80 -31.99
N UNK D 3747 4.85 10.20 -32.30
CA UNK D 3747 4.92 8.96 -33.06
C UNK D 3747 5.48 9.34 -34.43
N UNK D 3748 4.94 10.44 -34.89
CA UNK D 3748 5.32 10.99 -36.15
C UNK D 3748 6.78 11.38 -36.08
N UNK D 3749 7.33 11.34 -34.88
CA UNK D 3749 8.51 12.01 -34.40
C UNK D 3749 9.59 11.02 -34.16
N UNK D 3750 9.21 9.77 -34.04
CA UNK D 3750 10.05 8.67 -34.39
C UNK D 3750 10.24 8.85 -35.88
N UNK D 3751 9.13 9.16 -36.55
CA UNK D 3751 9.28 9.43 -37.97
C UNK D 3751 10.23 10.62 -38.11
N UNK D 3752 10.11 11.51 -37.14
CA UNK D 3752 10.83 12.76 -37.09
C UNK D 3752 12.30 12.55 -36.95
N UNK D 3753 12.65 11.63 -36.09
CA UNK D 3753 14.02 11.33 -35.83
C UNK D 3753 14.56 10.84 -37.15
N UNK D 3754 13.75 10.05 -37.83
CA UNK D 3754 14.20 9.55 -39.11
C UNK D 3754 14.49 10.68 -40.12
N UNK D 3755 13.60 11.63 -40.21
CA UNK D 3755 13.79 12.73 -41.15
C UNK D 3755 15.02 13.55 -40.77
N UNK D 3756 15.20 13.70 -39.48
CA UNK D 3756 16.29 14.46 -38.90
C UNK D 3756 17.61 13.82 -39.20
N UNK D 3757 17.59 12.50 -39.20
CA UNK D 3757 18.71 11.66 -39.54
C UNK D 3757 19.04 11.86 -40.99
N UNK D 3758 18.00 12.02 -41.78
CA UNK D 3758 18.16 12.30 -43.19
C UNK D 3758 18.91 13.60 -43.25
N UNK D 3759 18.49 14.50 -42.38
CA UNK D 3759 19.08 15.82 -42.28
C UNK D 3759 20.56 15.71 -41.93
N UNK D 3760 20.88 14.79 -41.05
CA UNK D 3760 22.24 14.47 -40.63
C UNK D 3760 23.13 13.90 -41.71
N UNK D 3761 22.56 13.06 -42.56
CA UNK D 3761 23.26 12.55 -43.73
C UNK D 3761 23.54 13.72 -44.63
N UNK D 3762 22.56 14.60 -44.65
CA UNK D 3762 22.62 15.80 -45.43
C UNK D 3762 23.78 16.57 -44.89
N UNK D 3763 23.91 16.55 -43.59
CA UNK D 3763 24.94 17.25 -42.87
C UNK D 3763 26.28 16.71 -43.26
N UNK D 3764 26.40 15.41 -43.36
CA UNK D 3764 27.66 14.82 -43.73
C UNK D 3764 28.01 15.31 -45.11
N UNK D 3765 27.02 15.31 -45.97
CA UNK D 3765 27.24 15.71 -47.34
C UNK D 3765 27.67 17.16 -47.41
N UNK D 3766 27.04 17.96 -46.59
CA UNK D 3766 27.25 19.39 -46.51
C UNK D 3766 28.65 19.67 -46.03
N UNK D 3767 29.08 18.84 -45.10
CA UNK D 3767 30.41 18.97 -44.54
C UNK D 3767 31.34 18.73 -45.67
N UNK D 3768 31.00 17.72 -46.45
CA UNK D 3768 31.84 17.34 -47.56
C UNK D 3768 31.96 18.54 -48.45
N UNK D 3769 30.85 19.22 -48.66
CA UNK D 3769 30.85 20.51 -49.31
C UNK D 3769 32.00 21.38 -48.79
N UNK D 3770 33.87 25.04 -54.11
CA UNK D 3770 33.87 26.35 -53.50
C UNK D 3770 33.28 27.40 -54.44
N UNK D 3771 32.72 26.93 -55.55
CA UNK D 3771 32.06 27.81 -56.49
C UNK D 3771 30.84 28.46 -55.87
N UNK D 3772 30.09 27.71 -55.01
CA UNK D 3772 28.66 28.01 -54.58
C UNK D 3772 28.21 28.11 -53.06
N UNK D 3773 28.84 29.06 -52.38
CA UNK D 3773 28.62 29.28 -50.96
C UNK D 3773 27.19 29.66 -50.60
N UNK D 3774 26.55 30.48 -51.44
CA UNK D 3774 25.19 30.95 -51.14
C UNK D 3774 24.13 29.84 -51.09
N UNK D 3775 24.22 28.89 -52.01
CA UNK D 3775 23.34 27.73 -52.01
C UNK D 3775 23.64 26.93 -50.76
N UNK D 3776 24.94 26.84 -50.44
CA UNK D 3776 25.26 26.12 -49.19
C UNK D 3776 24.56 26.79 -47.98
N UNK D 3777 24.57 28.12 -47.98
CA UNK D 3777 23.96 28.93 -46.94
C UNK D 3777 22.46 28.70 -46.84
N UNK D 3778 21.80 28.58 -48.00
CA UNK D 3778 20.37 28.30 -48.01
C UNK D 3778 20.10 26.97 -47.33
N UNK D 3779 20.93 25.98 -47.62
CA UNK D 3779 20.73 24.68 -46.97
C UNK D 3779 20.87 24.84 -45.44
N UNK D 3780 21.86 25.62 -45.05
CA UNK D 3780 22.07 25.85 -43.62
C UNK D 3780 20.86 26.50 -42.97
N UNK D 3781 20.27 27.46 -43.66
CA UNK D 3781 19.11 28.16 -43.15
C UNK D 3781 17.93 27.21 -42.95
N UNK D 3782 17.76 26.29 -43.90
CA UNK D 3782 16.68 25.32 -43.77
C UNK D 3782 16.91 24.45 -42.53
N UNK D 3783 18.16 24.06 -42.34
CA UNK D 3783 18.48 23.25 -41.16
C UNK D 3783 18.16 24.00 -39.88
N UNK D 3784 18.45 25.30 -39.90
CA UNK D 3784 18.18 26.15 -38.75
C UNK D 3784 16.68 26.22 -38.43
N UNK D 3785 15.87 26.33 -39.47
CA UNK D 3785 14.42 26.36 -39.24
C UNK D 3785 13.98 25.05 -38.62
N UNK D 3786 14.56 23.95 -39.10
CA UNK D 3786 14.20 22.64 -38.56
C UNK D 3786 14.55 22.56 -37.08
N UNK D 3787 15.70 23.12 -36.72
CA UNK D 3787 16.14 23.18 -35.34
C UNK D 3787 15.18 23.98 -34.47
N UNK D 3788 14.69 25.09 -35.01
CA UNK D 3788 13.71 25.89 -34.28
C UNK D 3788 12.45 25.08 -34.02
N UNK D 3789 12.04 24.32 -35.03
CA UNK D 3789 10.86 23.46 -34.88
C UNK D 3789 11.08 22.41 -33.79
N UNK D 3790 12.30 21.90 -33.75
CA UNK D 3790 12.69 20.96 -32.71
C UNK D 3790 12.60 21.56 -31.31
N UNK D 3791 13.05 22.80 -31.16
CA UNK D 3791 12.93 23.44 -29.86
C UNK D 3791 11.47 23.55 -29.55
N UNK D 3792 10.74 23.85 -30.60
CA UNK D 3792 9.34 24.17 -30.55
C UNK D 3792 8.63 22.98 -29.94
N UNK D 3793 9.10 21.78 -30.27
CA UNK D 3793 8.60 20.61 -29.56
C UNK D 3793 8.55 20.85 -28.04
N UNK D 3794 9.64 15.18 -20.80
CA UNK D 3794 9.46 14.60 -22.12
C UNK D 3794 10.45 13.48 -22.37
N UNK D 3795 10.07 12.28 -21.93
CA UNK D 3795 10.95 11.13 -22.01
C UNK D 3795 11.28 10.87 -23.46
N UNK D 3796 10.27 11.02 -24.32
CA UNK D 3796 10.46 10.75 -25.72
C UNK D 3796 11.47 11.72 -26.31
N UNK D 3797 11.37 13.00 -25.97
CA UNK D 3797 12.31 13.96 -26.52
C UNK D 3797 13.70 13.58 -26.04
N UNK D 3798 13.82 13.23 -24.78
CA UNK D 3798 15.15 12.89 -24.26
C UNK D 3798 15.75 11.69 -25.00
N UNK D 3799 14.95 10.67 -25.21
CA UNK D 3799 15.46 9.47 -25.87
C UNK D 3799 15.88 9.80 -27.27
N UNK D 3800 15.04 10.59 -27.92
CA UNK D 3800 15.26 10.91 -29.29
C UNK D 3800 16.57 11.64 -29.35
N UNK D 3801 16.78 12.58 -28.43
CA UNK D 3801 17.97 13.39 -28.51
C UNK D 3801 19.16 12.51 -28.34
N UNK D 3802 19.14 11.61 -27.35
CA UNK D 3802 20.35 10.84 -27.12
C UNK D 3802 20.66 10.00 -28.34
N UNK D 3803 19.63 9.34 -28.89
CA UNK D 3803 19.88 8.43 -30.01
C UNK D 3803 20.38 9.19 -31.23
N UNK D 3804 19.76 10.35 -31.44
CA UNK D 3804 19.97 11.18 -32.59
C UNK D 3804 21.42 11.57 -32.54
N UNK D 3805 21.88 11.84 -31.33
CA UNK D 3805 23.28 12.10 -31.04
C UNK D 3805 24.18 11.21 -31.88
N UNK D 3806 25.19 12.40 -32.51
CA UNK D 3806 25.60 11.12 -33.07
C UNK D 3806 26.77 11.33 -34.02
N UNK D 3807 26.83 10.55 -35.09
CA UNK D 3807 27.80 10.80 -36.15
C UNK D 3807 27.48 12.17 -36.72
N UNK D 3808 26.20 12.48 -36.69
CA UNK D 3808 25.73 13.80 -36.98
C UNK D 3808 26.38 14.69 -35.95
N UNK D 3809 26.52 14.21 -34.72
CA UNK D 3809 27.16 15.03 -33.70
C UNK D 3809 28.60 15.34 -34.06
N UNK D 3810 29.28 14.37 -34.66
CA UNK D 3810 30.63 14.49 -35.17
C UNK D 3810 30.72 15.50 -36.30
N UNK D 3811 29.72 15.48 -37.16
CA UNK D 3811 29.58 16.46 -38.23
C UNK D 3811 29.40 17.85 -37.65
N UNK D 3812 28.67 17.88 -36.55
CA UNK D 3812 28.41 19.08 -35.78
C UNK D 3812 29.72 19.57 -35.24
N UNK D 3813 30.52 18.60 -34.85
CA UNK D 3813 31.83 18.80 -34.31
C UNK D 3813 32.65 19.46 -35.39
N UNK D 3814 32.45 19.03 -36.62
CA UNK D 3814 33.05 19.62 -37.81
C UNK D 3814 32.64 21.07 -38.09
N UNK D 3815 31.37 21.37 -37.88
CA UNK D 3815 30.89 22.74 -37.99
C UNK D 3815 31.60 23.55 -36.92
N UNK D 3816 31.77 22.87 -35.80
CA UNK D 3816 32.42 23.39 -34.62
C UNK D 3816 33.86 23.71 -34.96
N UNK D 3817 34.45 22.84 -35.77
CA UNK D 3817 35.80 22.97 -36.27
C UNK D 3817 35.89 24.20 -37.13
N UNK D 3818 34.86 24.43 -37.93
CA UNK D 3818 34.82 25.63 -38.75
C UNK D 3818 34.84 26.86 -37.83
N UNK D 3819 34.10 26.77 -36.75
CA UNK D 3819 34.10 27.84 -35.74
C UNK D 3819 35.46 28.05 -35.06
N UNK D 3820 36.09 26.93 -34.76
CA UNK D 3820 37.39 26.93 -34.12
C UNK D 3820 38.31 27.63 -35.08
N UNK D 3821 38.08 27.38 -36.36
CA UNK D 3821 38.80 27.95 -37.48
C UNK D 3821 38.66 29.45 -37.59
N UNK D 3822 37.47 30.00 -37.37
CA UNK D 3822 37.33 31.45 -37.29
C UNK D 3822 38.11 32.02 -36.11
N UNK D 3823 38.05 31.29 -34.99
CA UNK D 3823 38.77 31.73 -33.81
C UNK D 3823 40.25 31.75 -34.19
N UNK D 3824 40.59 30.75 -34.98
CA UNK D 3824 41.90 30.48 -35.51
C UNK D 3824 42.40 31.55 -36.45
N UNK D 3825 41.50 32.12 -37.25
CA UNK D 3825 41.81 33.23 -38.12
C UNK D 3825 42.18 34.39 -37.24
N UNK D 3826 41.44 34.55 -36.15
CA UNK D 3826 41.80 35.60 -35.20
C UNK D 3826 43.21 35.33 -34.67
N UNK D 3827 43.46 34.07 -34.38
CA UNK D 3827 44.74 33.61 -33.86
C UNK D 3827 45.89 33.85 -34.83
N UNK D 3828 45.60 33.66 -36.12
CA UNK D 3828 46.52 33.88 -37.22
C UNK D 3828 46.87 35.34 -37.36
N UNK D 3829 45.87 36.17 -37.12
CA UNK D 3829 46.09 37.60 -37.13
C UNK D 3829 47.08 37.86 -36.02
N UNK D 3830 46.89 37.19 -34.89
CA UNK D 3830 47.84 37.34 -33.79
C UNK D 3830 49.24 36.88 -34.17
N UNK D 3831 49.32 35.75 -34.87
CA UNK D 3831 50.58 35.20 -35.34
C UNK D 3831 51.15 36.06 -36.45
N UNK D 3832 51.36 35.47 -37.61
CA UNK D 3832 51.92 36.24 -38.73
C UNK D 3832 53.25 36.87 -38.30
N UNK D 3833 54.19 37.11 -39.22
CA UNK D 3833 53.96 37.60 -40.60
C UNK D 3833 54.98 37.19 -41.66
N UNK D 3834 54.49 37.21 -42.90
CA UNK D 3834 55.31 37.06 -44.09
C UNK D 3834 54.93 38.19 -45.04
N UNK D 3835 55.89 38.70 -45.81
CA UNK D 3835 55.66 39.84 -46.68
C UNK D 3835 54.65 39.58 -47.80
N UNK D 3836 53.84 40.60 -48.10
CA UNK D 3836 52.92 40.59 -49.25
C UNK D 3836 51.53 40.00 -49.00
N UNK D 3837 51.30 39.48 -47.80
CA UNK D 3837 49.96 39.05 -47.43
C UNK D 3837 49.56 37.68 -47.98
N UNK D 3838 50.49 37.03 -48.67
CA UNK D 3838 50.20 35.73 -49.24
C UNK D 3838 50.88 34.66 -48.41
N UNK D 3839 50.11 33.70 -47.93
CA UNK D 3839 50.63 32.73 -47.00
C UNK D 3839 51.72 31.88 -47.63
N UNK D 3840 52.65 31.46 -46.81
CA UNK D 3840 53.32 30.21 -47.04
C UNK D 3840 52.36 29.12 -46.56
N UNK D 3841 52.11 28.13 -47.41
CA UNK D 3841 51.23 27.04 -47.03
C UNK D 3841 51.88 26.37 -45.84
N UNK D 3842 53.20 26.33 -45.87
CA UNK D 3842 54.03 25.82 -44.79
C UNK D 3842 53.90 26.65 -43.51
N UNK D 3843 53.77 27.97 -43.66
CA UNK D 3843 53.58 28.83 -42.50
C UNK D 3843 52.28 28.42 -41.87
N UNK D 3844 51.33 28.12 -42.74
CA UNK D 3844 50.01 27.69 -42.34
C UNK D 3844 50.12 26.38 -41.57
N UNK D 3845 50.98 25.51 -42.07
CA UNK D 3845 51.23 24.24 -41.43
C UNK D 3845 51.81 24.45 -40.05
N UNK D 3846 52.69 25.41 -39.92
CA UNK D 3846 53.30 25.74 -38.64
C UNK D 3846 52.26 26.21 -37.65
N UNK D 3847 51.34 27.02 -38.15
CA UNK D 3847 50.23 27.51 -37.33
C UNK D 3847 49.36 26.36 -36.87
N UNK D 3848 49.18 25.42 -37.79
CA UNK D 3848 48.40 24.23 -37.53
C UNK D 3848 49.07 23.46 -36.41
N UNK D 3849 50.40 23.41 -36.48
CA UNK D 3849 51.20 22.71 -35.50
C UNK D 3849 50.95 23.35 -34.15
N UNK D 3850 50.90 24.66 -34.13
CA UNK D 3850 50.62 25.36 -32.89
C UNK D 3850 49.25 25.04 -32.29
N UNK D 3851 48.21 24.99 -33.11
CA UNK D 3851 46.88 24.63 -32.58
C UNK D 3851 46.81 23.14 -32.26
N UNK D 3852 45.91 22.68 -31.39
CA UNK D 3852 45.88 21.23 -31.23
C UNK D 3852 45.52 20.62 -32.59
N UNK D 3853 44.54 21.20 -33.25
CA UNK D 3853 44.26 20.91 -34.67
C UNK D 3853 43.45 19.64 -34.92
N UNK D 3854 43.00 19.55 -36.16
CA UNK D 3854 41.97 18.63 -36.63
C UNK D 3854 42.62 17.40 -37.21
N UNK D 3855 43.86 17.19 -36.78
CA UNK D 3855 44.69 16.14 -37.26
C UNK D 3855 45.14 16.74 -38.56
N UNK D 3856 46.15 16.13 -39.16
CA UNK D 3856 46.68 16.69 -40.38
C UNK D 3856 45.56 16.68 -41.36
N UNK D 3857 44.81 15.60 -41.38
CA UNK D 3857 43.82 15.46 -42.40
C UNK D 3857 42.81 16.56 -42.28
N UNK D 3858 42.22 16.78 -41.10
CA UNK D 3858 41.12 17.73 -41.10
C UNK D 3858 41.69 19.09 -41.37
N UNK D 3859 42.83 19.36 -40.75
CA UNK D 3859 43.32 20.71 -40.80
C UNK D 3859 43.59 21.00 -42.26
N UNK D 3860 44.25 20.06 -42.87
CA UNK D 3860 44.80 20.18 -44.18
C UNK D 3860 43.67 20.33 -45.14
N UNK D 3861 42.64 19.55 -44.92
CA UNK D 3861 41.49 19.50 -45.79
C UNK D 3861 40.76 20.80 -45.77
N UNK D 3862 40.59 21.32 -44.57
CA UNK D 3862 39.90 22.58 -44.42
C UNK D 3862 40.72 23.60 -45.15
N UNK D 3863 42.02 23.45 -44.97
CA UNK D 3863 42.98 24.39 -45.47
C UNK D 3863 42.84 24.39 -46.95
N UNK D 3864 42.77 23.21 -47.52
CA UNK D 3864 42.79 23.09 -48.95
C UNK D 3864 41.54 23.76 -49.42
N UNK D 3865 40.45 23.47 -48.73
CA UNK D 3865 39.17 23.88 -49.20
C UNK D 3865 39.19 25.39 -49.30
N UNK D 3866 39.68 26.08 -48.28
CA UNK D 3866 39.75 27.54 -48.39
C UNK D 3866 40.79 28.09 -49.37
N UNK D 3867 41.99 27.54 -49.22
CA UNK D 3867 43.27 28.13 -49.64
C UNK D 3867 43.67 28.28 -51.10
N UNK D 3868 43.44 27.28 -51.93
CA UNK D 3868 44.30 27.19 -53.10
C UNK D 3868 44.21 28.50 -53.87
N UNK D 3869 42.99 28.98 -54.11
CA UNK D 3869 42.70 30.38 -54.40
C UNK D 3869 42.72 30.92 -55.84
N UNK D 3870 43.27 30.21 -56.83
CA UNK D 3870 44.13 29.05 -56.66
C UNK D 3870 45.50 29.40 -57.26
N UNK D 3871 46.56 28.74 -56.77
CA UNK D 3871 47.96 29.04 -57.15
C UNK D 3871 49.03 28.62 -56.13
N UNK D 3872 48.64 28.23 -54.92
CA UNK D 3872 49.56 27.50 -54.03
C UNK D 3872 49.91 28.29 -52.77
N UNK D 3873 49.69 29.60 -52.81
CA UNK D 3873 49.77 30.42 -51.61
C UNK D 3873 48.40 31.07 -51.38
N UNK D 3874 47.86 30.96 -50.16
CA UNK D 3874 46.63 31.68 -49.79
C UNK D 3874 46.88 33.20 -49.83
N UNK D 3875 45.96 33.90 -49.16
CA UNK D 3875 46.08 35.25 -48.67
C UNK D 3875 45.29 35.28 -47.37
N UNK D 3876 45.87 35.91 -46.36
CA UNK D 3876 45.26 35.91 -45.04
C UNK D 3876 43.91 36.56 -45.19
N UNK D 3877 43.86 37.57 -46.05
CA UNK D 3877 42.63 38.28 -46.32
C UNK D 3877 41.57 37.36 -46.90
N UNK D 3878 41.99 36.45 -47.78
CA UNK D 3878 41.07 35.50 -48.38
C UNK D 3878 40.49 34.60 -47.30
N UNK D 3879 41.37 34.17 -46.41
CA UNK D 3879 40.95 33.29 -45.35
C UNK D 3879 39.90 34.04 -44.56
N UNK D 3880 40.18 35.31 -44.35
CA UNK D 3880 39.32 36.21 -43.60
C UNK D 3880 37.95 36.43 -44.22
N UNK D 3881 37.90 36.55 -45.53
CA UNK D 3881 36.63 36.69 -46.25
C UNK D 3881 35.84 35.43 -46.05
N UNK D 3882 36.54 34.31 -46.13
CA UNK D 3882 35.88 33.04 -45.99
C UNK D 3882 35.27 33.04 -44.61
N UNK D 3883 36.05 33.55 -43.67
CA UNK D 3883 35.67 33.64 -42.27
C UNK D 3883 34.46 34.52 -42.00
N UNK D 3884 34.34 35.63 -42.70
CA UNK D 3884 33.19 36.52 -42.62
C UNK D 3884 31.93 35.85 -43.13
N UNK D 3885 32.11 35.11 -44.22
CA UNK D 3885 30.99 34.35 -44.74
C UNK D 3885 30.62 33.37 -43.64
N UNK D 3886 31.66 32.86 -43.02
CA UNK D 3886 31.57 31.87 -41.99
C UNK D 3886 30.79 32.43 -40.84
N UNK D 3887 31.00 33.70 -40.53
CA UNK D 3887 30.31 34.45 -39.49
C UNK D 3887 28.83 34.67 -39.72
N UNK D 3888 28.45 34.95 -40.96
CA UNK D 3888 27.03 35.02 -41.24
C UNK D 3888 26.46 33.64 -40.99
N UNK D 3889 27.26 32.68 -41.45
CA UNK D 3889 26.92 31.29 -41.37
C UNK D 3889 26.76 30.95 -39.89
N UNK D 3890 27.60 31.60 -39.11
CA UNK D 3890 27.77 31.49 -37.69
C UNK D 3890 26.58 31.95 -36.93
N UNK D 3891 25.97 33.05 -37.35
CA UNK D 3891 24.74 33.48 -36.72
C UNK D 3891 23.75 32.35 -36.98
N UNK D 3892 23.81 31.85 -38.19
CA UNK D 3892 22.91 30.77 -38.53
C UNK D 3892 23.09 29.53 -37.64
N UNK D 3893 24.34 29.14 -37.41
CA UNK D 3893 24.66 27.97 -36.60
C UNK D 3893 24.22 28.19 -35.18
N UNK D 3894 24.42 29.42 -34.76
CA UNK D 3894 24.20 29.84 -33.40
C UNK D 3894 22.76 29.55 -33.14
N UNK D 3895 21.93 29.77 -34.14
CA UNK D 3895 20.57 29.22 -34.10
C UNK D 3895 20.53 27.80 -33.48
CA UNK D 3896 20.95 25.00 -33.42
C UNK D 3896 21.84 25.01 -32.19
N UNK D 3897 22.78 25.93 -32.12
CA UNK D 3897 23.67 25.96 -30.95
C UNK D 3897 22.87 26.29 -29.69
N UNK D 3898 22.04 27.29 -29.86
CA UNK D 3898 21.11 27.77 -28.88
C UNK D 3898 20.13 26.67 -28.63
N UNK D 3899 19.77 25.98 -29.70
CA UNK D 3899 18.80 24.92 -29.53
C UNK D 3899 19.38 23.92 -28.54
N UNK D 3900 20.66 23.65 -28.72
CA UNK D 3900 21.41 22.71 -27.91
C UNK D 3900 21.53 23.15 -26.48
N UNK D 3901 21.74 24.43 -26.29
CA UNK D 3901 21.85 24.95 -24.95
C UNK D 3901 20.53 24.77 -24.25
N UNK D 3902 19.48 25.02 -25.00
CA UNK D 3902 18.15 24.89 -24.49
C UNK D 3902 17.97 23.45 -24.12
N UNK D 3903 18.55 22.61 -24.95
CA UNK D 3903 18.47 21.19 -24.82
C UNK D 3903 19.10 20.80 -23.52
N UNK D 3904 20.25 21.38 -23.26
CA UNK D 3904 21.02 21.05 -22.09
C UNK D 3904 20.13 21.39 -20.93
N UNK D 3905 19.49 22.53 -21.06
CA UNK D 3905 18.45 22.91 -20.12
C UNK D 3905 17.53 21.75 -19.81
N UNK D 3906 24.48 9.07 -21.41
CA UNK D 3906 23.49 9.51 -20.44
C UNK D 3906 23.41 11.00 -20.51
N UNK D 3907 23.03 11.64 -19.41
CA UNK D 3907 23.11 13.07 -19.32
C UNK D 3907 24.58 13.40 -19.51
N UNK D 3908 25.42 12.54 -18.94
CA UNK D 3908 26.85 12.59 -19.11
C UNK D 3908 27.30 12.39 -20.54
N UNK D 3909 26.64 11.51 -21.28
CA UNK D 3909 27.02 11.29 -22.66
C UNK D 3909 26.78 12.57 -23.40
N UNK D 3910 25.65 13.15 -23.04
CA UNK D 3910 25.19 14.36 -23.65
C UNK D 3910 26.25 15.37 -23.37
N UNK D 3911 26.75 15.32 -22.14
CA UNK D 3911 27.77 16.17 -21.60
C UNK D 3911 29.13 16.08 -22.27
N UNK D 3912 29.57 14.90 -22.69
CA UNK D 3912 30.79 14.75 -23.49
C UNK D 3912 30.61 15.38 -24.84
N UNK D 3913 29.41 15.12 -25.36
CA UNK D 3913 29.04 15.73 -26.61
C UNK D 3913 29.12 17.24 -26.37
N UNK D 3914 28.75 17.59 -25.16
CA UNK D 3914 28.69 18.87 -24.48
C UNK D 3914 30.02 19.56 -24.19
N UNK D 3915 31.08 18.81 -24.00
CA UNK D 3915 32.41 19.34 -23.91
C UNK D 3915 32.69 19.87 -25.29
N UNK D 3916 32.31 19.07 -26.28
CA UNK D 3916 32.45 19.60 -27.64
C UNK D 3916 31.55 20.83 -27.71
N UNK D 3917 30.41 20.64 -27.10
CA UNK D 3917 29.29 21.52 -27.14
C UNK D 3917 29.64 22.83 -26.51
N UNK D 3918 30.64 22.78 -25.64
CA UNK D 3918 30.95 23.79 -24.67
C UNK D 3918 32.13 24.59 -25.14
N UNK D 3919 32.89 24.02 -26.06
CA UNK D 3919 33.68 24.89 -26.92
C UNK D 3919 32.65 25.70 -27.69
N UNK D 3920 31.63 24.97 -28.13
CA UNK D 3920 30.57 25.61 -28.83
C UNK D 3920 29.97 26.64 -27.90
N UNK D 3921 29.99 26.30 -26.62
CA UNK D 3921 29.39 27.03 -25.54
C UNK D 3921 30.04 28.34 -25.31
N UNK D 3922 31.36 28.37 -25.37
CA UNK D 3922 32.05 29.63 -25.23
C UNK D 3922 31.59 30.47 -26.39
N UNK D 3923 31.55 29.81 -27.53
CA UNK D 3923 31.19 30.57 -28.71
C UNK D 3923 29.82 31.16 -28.50
N UNK D 3924 28.89 30.37 -27.99
CA UNK D 3924 27.52 30.80 -27.82
C UNK D 3924 27.39 31.89 -26.78
N UNK D 3925 28.15 31.72 -25.72
CA UNK D 3925 28.11 32.57 -24.56
C UNK D 3925 28.43 33.93 -25.07
N UNK D 3926 29.31 33.99 -26.05
CA UNK D 3926 29.47 35.24 -26.79
C UNK D 3926 29.44 34.96 -28.27
N UNK D 3927 28.26 34.82 -28.87
CA UNK D 3927 27.23 35.77 -29.20
C UNK D 3927 26.48 36.46 -28.08
N UNK D 3928 23.97 39.64 -28.84
CA UNK D 3928 25.33 39.41 -29.24
C UNK D 3928 25.72 40.67 -29.98
N UNK D 3929 25.23 40.84 -31.19
CA UNK D 3929 25.26 42.15 -31.81
C UNK D 3929 24.30 43.03 -31.03
N UNK D 3930 23.14 42.46 -30.77
CA UNK D 3930 22.11 43.08 -29.97
C UNK D 3930 22.59 43.23 -28.55
N UNK D 3931 23.26 42.18 -28.09
CA UNK D 3931 23.75 42.17 -26.75
C UNK D 3931 24.71 43.31 -26.66
N UNK D 3932 25.48 43.47 -27.72
CA UNK D 3932 26.51 44.48 -27.79
C UNK D 3932 25.90 45.85 -27.75
N UNK D 3933 24.80 46.03 -28.47
CA UNK D 3933 24.15 47.31 -28.51
C UNK D 3933 23.68 47.63 -27.12
N UNK D 3934 23.13 46.61 -26.47
CA UNK D 3934 22.59 46.77 -25.15
C UNK D 3934 23.70 47.16 -24.19
N UNK D 3935 24.83 46.50 -24.35
CA UNK D 3935 25.97 46.70 -23.49
C UNK D 3935 26.47 48.10 -23.64
N UNK D 3936 26.48 48.55 -24.88
CA UNK D 3936 26.98 49.87 -25.19
C UNK D 3936 26.09 50.87 -24.51
N UNK D 3937 24.79 50.63 -24.61
CA UNK D 3937 23.84 51.56 -24.04
C UNK D 3937 24.06 51.62 -22.54
N UNK D 3938 24.27 50.45 -21.94
CA UNK D 3938 24.43 50.37 -20.51
C UNK D 3938 25.67 51.13 -20.07
N UNK D 3939 26.75 50.99 -20.82
CA UNK D 3939 27.97 51.67 -20.44
C UNK D 3939 27.70 53.16 -20.54
N UNK D 3940 27.07 53.56 -21.64
CA UNK D 3940 26.80 54.96 -21.88
C UNK D 3940 25.82 55.53 -20.86
N UNK D 3941 23.58 53.82 -20.53
CA UNK D 3941 23.97 54.16 -19.19
C UNK D 3941 23.43 53.11 -18.20
N UNK D 3942 24.35 52.56 -17.43
CA UNK D 3942 25.63 53.20 -17.31
C UNK D 3942 25.09 54.50 -16.78
N UNK D 3943 24.87 55.48 -17.66
CA UNK D 3943 24.03 56.59 -17.29
C UNK D 3943 22.66 55.97 -17.06
N UNK D 3944 22.30 55.07 -17.97
CA UNK D 3944 21.03 54.39 -17.94
C UNK D 3944 20.92 53.54 -16.69
N UNK D 3945 22.02 52.90 -16.35
CA UNK D 3945 22.11 52.06 -15.18
C UNK D 3945 21.92 52.88 -13.93
N UNK D 3946 22.49 54.07 -13.93
CA UNK D 3946 22.35 54.98 -12.83
C UNK D 3946 20.89 55.34 -12.69
N UNK D 3947 20.25 55.54 -13.83
CA UNK D 3947 18.82 55.83 -13.88
C UNK D 3947 17.99 54.70 -13.31
N UNK D 3948 18.41 53.48 -13.63
CA UNK D 3948 17.78 52.27 -13.12
C UNK D 3948 17.95 52.19 -11.63
N UNK D 3949 19.11 52.60 -11.19
CA UNK D 3949 19.47 52.62 -9.79
C UNK D 3949 18.53 53.59 -9.14
N UNK D 3950 18.25 54.66 -9.85
CA UNK D 3950 17.32 55.70 -9.43
C UNK D 3950 15.91 55.16 -9.29
N UNK D 3951 15.51 54.35 -10.24
CA UNK D 3951 14.20 53.74 -10.19
C UNK D 3951 14.16 52.88 -8.96
N UNK D 3952 15.27 52.21 -8.72
CA UNK D 3952 15.41 51.31 -7.59
C UNK D 3952 15.28 52.07 -6.29
N UNK D 3953 15.90 53.23 -6.25
CA UNK D 3953 15.87 54.08 -5.08
C UNK D 3953 14.45 54.53 -4.83
N UNK D 3954 13.75 54.88 -5.90
CA UNK D 3954 12.40 55.38 -5.78
C UNK D 3954 11.59 54.28 -5.14
N UNK D 3955 11.84 53.05 -5.59
CA UNK D 3955 11.28 51.88 -4.91
C UNK D 3955 9.80 52.04 -4.55
N UNK D 3956 4.12 46.13 -11.17
CA UNK D 3956 3.34 47.30 -11.57
C UNK D 3956 4.27 48.47 -11.88
N UNK D 3957 4.92 48.93 -10.83
CA UNK D 3957 5.83 50.06 -10.89
C UNK D 3957 6.91 49.64 -11.86
N UNK D 3958 7.28 48.37 -11.77
CA UNK D 3958 8.25 47.77 -12.69
C UNK D 3958 7.74 47.77 -14.11
N UNK D 3959 6.45 47.58 -14.31
CA UNK D 3959 5.93 47.58 -15.66
C UNK D 3959 6.21 48.95 -16.22
N UNK D 3960 5.98 49.95 -15.40
CA UNK D 3960 6.25 51.33 -15.81
C UNK D 3960 7.74 51.57 -16.11
N UNK D 3961 8.60 51.05 -15.26
CA UNK D 3961 10.03 51.22 -15.47
C UNK D 3961 10.45 50.55 -16.77
N UNK D 3962 9.86 49.41 -17.08
CA UNK D 3962 10.13 48.66 -18.30
C UNK D 3962 9.70 49.42 -19.53
N UNK D 3963 8.57 50.09 -19.40
CA UNK D 3963 8.10 50.91 -20.48
C UNK D 3963 9.14 51.95 -20.70
N UNK D 3964 9.64 52.50 -19.61
CA UNK D 3964 10.63 53.56 -19.73
C UNK D 3964 11.88 53.03 -20.41
N UNK D 3965 12.29 51.84 -20.05
CA UNK D 3965 13.50 51.30 -20.60
C UNK D 3965 13.31 51.21 -22.08
N UNK D 3966 12.16 50.72 -22.52
CA UNK D 3966 11.89 50.57 -23.96
C UNK D 3966 11.86 51.90 -24.71
N UNK D 3967 11.23 52.91 -24.12
CA UNK D 3967 11.17 54.20 -24.79
C UNK D 3967 12.58 54.73 -24.91
N UNK D 3968 13.33 54.51 -23.85
CA UNK D 3968 14.69 54.99 -23.79
C UNK D 3968 15.48 54.35 -24.88
N UNK D 3969 15.24 53.06 -25.07
CA UNK D 3969 15.94 52.26 -26.04
C UNK D 3969 15.64 52.79 -27.40
N UNK D 3970 14.38 53.12 -27.65
CA UNK D 3970 14.01 53.63 -28.95
C UNK D 3970 14.75 54.95 -29.22
N UNK D 3971 14.80 55.81 -28.20
CA UNK D 3971 15.49 57.09 -28.37
C UNK D 3971 16.97 56.89 -28.65
N UNK D 3972 17.55 55.97 -27.90
CA UNK D 3972 18.97 55.74 -27.96
C UNK D 3972 19.25 55.26 -29.35
N UNK D 3973 18.37 54.39 -29.82
CA UNK D 3973 18.56 53.75 -31.10
C UNK D 3973 18.51 54.79 -32.18
N UNK D 3974 17.56 55.71 -32.08
CA UNK D 3974 17.45 56.71 -33.13
C UNK D 3974 18.74 57.50 -33.16
N UNK D 3975 19.21 57.89 -31.98
CA UNK D 3975 20.41 58.72 -31.94
C UNK D 3975 21.62 57.99 -32.50
N UNK D 3976 21.72 56.72 -32.15
CA UNK D 3976 22.82 55.85 -32.55
C UNK D 3976 22.83 55.63 -34.06
N UNK D 3977 19.73 72.40 -46.66
CA UNK D 3977 19.80 71.08 -47.26
C UNK D 3977 21.10 70.39 -46.87
N UNK D 3978 22.08 70.46 -47.76
CA UNK D 3978 23.37 69.84 -47.49
C UNK D 3978 23.93 70.51 -46.25
N UNK D 3979 23.71 71.82 -46.20
CA UNK D 3979 24.15 72.60 -45.05
C UNK D 3979 23.44 72.10 -43.81
N UNK D 3980 22.16 71.78 -43.94
CA UNK D 3980 21.39 71.31 -42.80
C UNK D 3980 21.99 70.02 -42.27
N UNK D 3981 22.37 69.14 -43.19
CA UNK D 3981 23.00 67.87 -42.85
C UNK D 3981 24.35 68.04 -42.15
N UNK D 3982 25.14 69.00 -42.64
CA UNK D 3982 26.42 69.26 -42.02
C UNK D 3982 26.17 69.74 -40.62
N UNK D 3983 25.13 70.56 -40.47
CA UNK D 3983 24.76 71.12 -39.21
C UNK D 3983 24.40 70.00 -38.28
N UNK D 3984 23.68 69.01 -38.79
CA UNK D 3984 23.29 67.86 -38.02
C UNK D 3984 24.48 67.05 -37.55
N UNK D 3985 25.48 66.88 -38.40
CA UNK D 3985 26.68 66.15 -38.00
C UNK D 3985 27.39 66.92 -36.89
N UNK D 3986 27.43 68.23 -37.07
CA UNK D 3986 28.10 69.08 -36.14
C UNK D 3986 27.38 68.91 -34.83
N UNK D 3987 26.07 68.82 -34.94
CA UNK D 3987 25.12 68.68 -33.84
C UNK D 3987 25.29 67.39 -33.03
N UNK D 3988 25.54 66.28 -33.71
CA UNK D 3988 25.84 65.03 -33.03
C UNK D 3988 27.13 65.20 -32.25
N UNK D 3989 28.10 65.85 -32.90
CA UNK D 3989 29.38 66.06 -32.24
C UNK D 3989 29.10 66.87 -30.98
N UNK D 3990 28.18 67.82 -31.13
CA UNK D 3990 27.75 68.73 -30.07
C UNK D 3990 27.06 68.07 -28.90
N UNK D 3991 26.20 67.10 -29.16
CA UNK D 3991 25.55 66.37 -28.09
C UNK D 3991 26.65 65.66 -27.33
N UNK D 3992 27.60 65.13 -28.10
CA UNK D 3992 28.70 64.42 -27.48
C UNK D 3992 29.46 65.36 -26.55
N UNK D 3993 29.70 66.58 -27.01
CA UNK D 3993 30.38 67.58 -26.21
C UNK D 3993 29.60 67.97 -24.96
N UNK D 3994 28.28 68.08 -25.12
CA UNK D 3994 27.40 68.51 -24.05
C UNK D 3994 27.60 67.48 -22.97
N UNK D 3995 27.68 66.24 -23.39
CA UNK D 3995 28.27 65.25 -22.52
C UNK D 3995 29.74 65.66 -22.49
N UNK D 3996 30.03 66.82 -21.93
CA UNK D 3996 31.29 67.46 -22.19
C UNK D 3996 31.12 68.95 -22.34
N UNK D 3997 30.09 69.33 -23.08
CA UNK D 3997 29.84 70.74 -23.32
C UNK D 3997 29.58 71.41 -22.00
N UNK D 3998 28.79 70.76 -21.16
CA UNK D 3998 28.45 71.37 -19.89
C UNK D 3998 29.69 71.61 -19.05
N UNK D 3999 30.55 70.61 -18.97
CA UNK D 3999 31.71 70.75 -18.10
C UNK D 3999 32.53 71.91 -18.61
N UNK D 4000 32.71 71.97 -19.93
CA UNK D 4000 33.58 72.98 -20.48
C UNK D 4000 33.02 74.37 -20.16
N UNK D 4001 31.73 74.53 -20.36
CA UNK D 4001 31.14 75.84 -20.17
C UNK D 4001 31.31 76.26 -18.72
N UNK D 4002 31.08 75.33 -17.81
CA UNK D 4002 31.15 75.69 -16.41
C UNK D 4002 32.56 76.16 -16.07
N UNK D 4003 33.55 75.44 -16.56
CA UNK D 4003 34.91 75.83 -16.24
C UNK D 4003 35.23 77.22 -16.80
N UNK D 4004 34.80 77.46 -18.02
CA UNK D 4004 35.13 78.71 -18.65
C UNK D 4004 34.52 79.83 -17.83
N UNK D 4005 33.29 79.59 -17.40
CA UNK D 4005 32.57 80.59 -16.64
C UNK D 4005 33.25 80.90 -15.30
N UNK D 4006 33.70 79.85 -14.62
CA UNK D 4006 34.34 80.08 -13.33
C UNK D 4006 35.58 80.92 -13.60
N UNK D 4007 36.30 80.62 -14.67
CA UNK D 4007 37.50 81.39 -14.96
C UNK D 4007 37.23 82.87 -15.22
N UNK D 4008 36.18 83.18 -15.99
CA UNK D 4008 35.87 84.60 -16.22
C UNK D 4008 35.50 85.28 -14.91
N UNK D 4009 34.73 84.56 -14.11
CA UNK D 4009 34.28 85.11 -12.84
C UNK D 4009 35.49 85.41 -11.99
N UNK D 4010 36.46 84.52 -12.02
CA UNK D 4010 37.69 84.66 -11.27
C UNK D 4010 38.50 85.88 -11.72
N UNK D 4011 38.57 86.12 -13.01
CA UNK D 4011 39.26 87.31 -13.48
C UNK D 4011 38.56 88.56 -12.95
N UNK D 4012 37.23 88.51 -12.98
CA UNK D 4012 36.45 89.65 -12.47
C UNK D 4012 36.73 89.85 -10.99
N UNK D 4013 36.87 88.75 -10.27
CA UNK D 4013 37.17 88.74 -8.84
C UNK D 4013 38.53 89.33 -8.55
N UNK D 4014 39.50 89.05 -9.42
CA UNK D 4014 40.82 89.64 -9.27
C UNK D 4014 40.66 91.14 -9.40
N UNK D 4015 39.87 91.56 -10.37
CA UNK D 4015 39.67 92.98 -10.55
C UNK D 4015 39.08 93.57 -9.28
N UNK D 4016 38.10 92.89 -8.70
CA UNK D 4016 37.47 93.36 -7.46
C UNK D 4016 38.37 93.41 -6.22
N UNK D 4017 39.24 92.43 -6.05
CA UNK D 4017 40.00 92.33 -4.80
C UNK D 4017 40.83 91.04 -4.71
N UNK D 4018 44.92 92.23 -22.58
CA UNK D 4018 44.72 90.91 -22.00
C UNK D 4018 43.26 90.69 -21.68
N UNK D 4019 42.79 91.31 -20.60
CA UNK D 4019 41.42 91.12 -20.15
C UNK D 4019 40.45 91.59 -21.21
N UNK D 4020 40.75 92.73 -21.84
CA UNK D 4020 39.88 93.25 -22.87
C UNK D 4020 39.85 92.22 -23.99
N UNK D 4021 41.02 91.67 -24.29
CA UNK D 4021 41.10 90.52 -25.17
C UNK D 4021 40.37 89.42 -24.44
N UNK D 4022 40.58 89.38 -23.13
CA UNK D 4022 39.95 88.39 -22.28
C UNK D 4022 38.44 88.55 -22.29
N UNK D 4023 37.98 89.79 -22.29
CA UNK D 4023 36.57 90.08 -22.23
C UNK D 4023 35.89 89.48 -23.46
N UNK D 4024 36.57 89.56 -24.59
CA UNK D 4024 36.03 89.02 -25.82
C UNK D 4024 35.84 87.52 -25.63
N UNK D 4025 36.78 86.89 -24.94
CA UNK D 4025 36.72 85.46 -24.71
C UNK D 4025 35.45 85.13 -23.94
N UNK D 4026 35.13 85.97 -22.97
CA UNK D 4026 33.94 85.75 -22.17
C UNK D 4026 32.73 85.79 -23.08
N UNK D 4027 32.75 86.72 -24.02
CA UNK D 4027 31.66 86.85 -24.97
C UNK D 4027 31.57 85.57 -25.78
N UNK D 4028 32.73 85.02 -26.14
CA UNK D 4028 32.77 83.80 -26.91
C UNK D 4028 32.12 82.68 -26.12
N UNK D 4029 32.37 82.65 -24.82
CA UNK D 4029 31.90 81.58 -23.97
C UNK D 4029 30.39 81.51 -23.99
N UNK D 4030 29.75 82.67 -23.96
CA UNK D 4030 28.30 82.72 -23.96
C UNK D 4030 27.80 82.10 -25.26
N UNK D 4031 28.50 82.38 -26.35
CA UNK D 4031 28.08 81.92 -27.66
C UNK D 4031 28.05 80.41 -27.68
N UNK D 4032 29.02 79.79 -27.02
CA UNK D 4032 29.12 78.34 -27.00
C UNK D 4032 27.89 77.74 -26.35
N UNK D 4033 27.42 78.40 -25.30
CA UNK D 4033 26.35 77.84 -24.49
C UNK D 4033 25.07 77.61 -25.28
N UNK D 4034 24.72 78.56 -26.14
CA UNK D 4034 23.45 78.47 -26.82
C UNK D 4034 23.42 77.20 -27.63
N UNK D 4035 24.55 76.87 -28.23
CA UNK D 4035 24.64 75.69 -29.08
C UNK D 4035 24.34 74.47 -28.25
N UNK D 4036 24.89 74.44 -27.04
CA UNK D 4036 24.71 73.30 -26.17
C UNK D 4036 23.23 73.16 -25.85
N UNK D 4037 22.56 74.28 -25.63
CA UNK D 4037 21.16 74.26 -25.26
C UNK D 4037 20.31 73.63 -26.36
N UNK D 4038 20.60 73.97 -27.60
CA UNK D 4038 19.79 73.47 -28.70
C UNK D 4038 19.87 71.95 -28.79
N UNK D 4039 21.05 71.35 -28.82
CA UNK D 4039 21.10 69.89 -28.99
C UNK D 4039 20.49 69.14 -27.81
N UNK D 4040 20.82 69.64 -26.62
CA UNK D 4040 20.35 69.06 -25.38
C UNK D 4040 18.84 69.15 -25.44
N UNK D 4041 18.35 70.22 -26.06
CA UNK D 4041 16.93 70.40 -26.21
C UNK D 4041 16.44 69.21 -27.01
N UNK D 4042 17.20 68.81 -28.02
CA UNK D 4042 16.75 67.70 -28.85
C UNK D 4042 16.63 66.39 -28.05
N UNK D 4043 17.62 66.12 -27.21
CA UNK D 4043 17.56 64.90 -26.37
C UNK D 4043 16.37 64.92 -25.40
N UNK D 4044 16.17 66.10 -24.82
CA UNK D 4044 15.12 66.26 -23.84
C UNK D 4044 13.82 65.99 -24.55
N UNK D 4045 13.77 66.45 -25.80
CA UNK D 4045 12.62 66.31 -26.67
C UNK D 4045 12.29 64.86 -26.97
N UNK D 4046 13.31 64.04 -27.21
CA UNK D 4046 13.05 62.63 -27.42
C UNK D 4046 12.42 62.05 -26.15
N UNK D 4047 12.98 62.43 -25.01
CA UNK D 4047 12.45 61.90 -23.76
C UNK D 4047 10.98 62.31 -23.62
N UNK D 4048 10.72 63.55 -23.97
CA UNK D 4048 9.39 64.12 -23.88
C UNK D 4048 8.38 63.44 -24.78
N UNK D 4049 8.81 63.08 -25.99
CA UNK D 4049 7.94 62.39 -26.93
C UNK D 4049 7.58 61.05 -26.35
N UNK D 4050 8.56 60.39 -25.74
CA UNK D 4050 8.26 59.12 -25.11
C UNK D 4050 7.22 59.30 -24.00
N UNK D 4051 7.40 60.36 -23.22
CA UNK D 4051 6.51 60.65 -22.12
C UNK D 4051 5.10 60.89 -22.67
N UNK D 4052 5.04 61.58 -23.79
CA UNK D 4052 3.78 61.92 -24.44
C UNK D 4052 3.07 60.66 -24.87
N UNK D 4053 3.82 59.73 -25.41
CA UNK D 4053 3.25 58.47 -25.84
C UNK D 4053 2.67 57.72 -24.63
N UNK D 4054 3.39 57.76 -23.52
CA UNK D 4054 2.92 57.11 -22.30
C UNK D 4054 1.62 57.74 -21.83
N UNK D 4055 1.59 59.06 -21.93
CA UNK D 4055 0.45 59.83 -21.49
C UNK D 4055 -0.72 59.41 -22.33
N UNK D 4056 -0.44 59.24 -23.61
CA UNK D 4056 -1.46 58.86 -24.56
C UNK D 4056 -2.04 57.52 -24.20
N UNK D 4057 -1.18 56.57 -23.83
CA UNK D 4057 -1.69 55.26 -23.46
C UNK D 4057 -2.60 55.37 -22.25
N UNK D 4058 -2.15 56.19 -21.30
CA UNK D 4058 -2.93 56.37 -20.08
C UNK D 4058 -4.30 56.96 -20.36
N UNK D 4059 -4.36 57.94 -21.25
CA UNK D 4059 -5.62 58.57 -21.65
C UNK D 4059 -6.51 57.57 -22.36
N UNK D 4060 -5.85 56.77 -23.19
CA UNK D 4060 -6.47 55.75 -24.02
C UNK D 4060 -7.17 54.82 -23.07
N UNK D 4061 -6.63 54.71 -21.87
CA UNK D 4061 -7.35 54.05 -20.82
C UNK D 4061 -8.68 54.77 -20.63
N UNK D 4062 -8.75 56.10 -20.71
CA UNK D 4062 -10.04 56.73 -20.44
C UNK D 4062 -10.64 57.38 -21.69
N UNK D 4063 0.05 67.68 -18.57
CA UNK D 4063 -1.19 68.21 -18.00
C UNK D 4063 -2.29 68.26 -19.06
N UNK D 4064 -3.45 67.68 -18.72
CA UNK D 4064 -4.57 67.63 -19.63
C UNK D 4064 -5.18 68.99 -20.01
N UNK D 4065 -5.31 69.90 -19.06
CA UNK D 4065 -6.08 71.12 -19.30
C UNK D 4065 -5.42 71.86 -20.45
N UNK D 4066 -4.10 71.95 -20.39
CA UNK D 4066 -3.28 72.16 -21.58
C UNK D 4066 -2.99 70.82 -22.23
N UNK D 4067 -2.72 69.84 -21.38
CA UNK D 4067 -2.41 68.51 -21.85
C UNK D 4067 -3.62 68.00 -22.59
N UNK D 4068 -4.79 68.26 -22.02
CA UNK D 4068 -6.05 67.83 -22.62
C UNK D 4068 -6.27 68.47 -23.98
N UNK D 4069 -5.97 69.76 -24.09
CA UNK D 4069 -6.14 70.45 -25.36
C UNK D 4069 -5.21 69.83 -26.38
N UNK D 4070 -3.99 69.54 -25.95
CA UNK D 4070 -3.00 68.97 -26.84
C UNK D 4070 -3.49 67.62 -27.34
N UNK D 4071 -4.09 66.86 -26.44
CA UNK D 4071 -4.65 65.55 -26.78
C UNK D 4071 -5.79 65.65 -27.78
N UNK D 4072 -6.65 66.64 -27.58
CA UNK D 4072 -7.77 66.81 -28.48
C UNK D 4072 -7.18 67.07 -29.85
N UNK D 4073 -6.08 67.80 -29.90
CA UNK D 4073 -5.39 67.97 -31.17
C UNK D 4073 -6.11 67.19 -32.27
N UNK D 4074 -7.76 67.22 -35.01
CA UNK D 4074 -7.75 65.76 -34.97
C UNK D 4074 -8.69 65.30 -33.89
N UNK D 4075 -8.43 65.76 -32.67
CA UNK D 4075 -9.13 65.24 -31.53
C UNK D 4075 -10.60 65.50 -31.75
N UNK D 4076 -10.95 66.68 -32.26
CA UNK D 4076 -12.36 67.03 -32.45
C UNK D 4076 -13.14 66.18 -33.46
N UNK D 4077 -12.53 65.91 -34.59
CA UNK D 4077 -13.18 65.08 -35.60
C UNK D 4077 -13.33 63.71 -34.98
N UNK D 4078 -12.29 63.35 -34.26
CA UNK D 4078 -12.20 62.05 -33.67
C UNK D 4078 -13.36 61.97 -32.73
N UNK D 4079 -13.58 63.05 -32.00
CA UNK D 4079 -14.59 63.15 -30.98
C UNK D 4079 -15.97 62.99 -31.56
N UNK D 4080 -16.21 63.64 -32.69
CA UNK D 4080 -17.52 63.51 -33.29
C UNK D 4080 -17.75 62.05 -33.64
N UNK D 4081 -16.80 61.41 -34.30
CA UNK D 4081 -17.00 60.03 -34.73
C UNK D 4081 -17.18 59.11 -33.52
N UNK D 4082 -16.42 59.47 -32.50
CA UNK D 4082 -16.31 58.74 -31.25
C UNK D 4082 -17.59 58.74 -30.48
N UNK D 4083 -18.28 59.89 -30.38
CA UNK D 4083 -19.63 59.83 -29.76
C UNK D 4083 -20.39 58.95 -30.72
N UNK D 4084 -20.24 59.34 -31.97
CA UNK D 4084 -20.77 58.75 -33.18
C UNK D 4084 -20.47 57.27 -33.30
N UNK D 4085 -20.20 56.68 -32.14
CA UNK D 4085 -20.81 55.43 -31.68
C UNK D 4085 -19.91 54.63 -30.80
N UNK D 4086 -18.67 55.09 -30.76
CA UNK D 4086 -17.55 54.19 -30.64
C UNK D 4086 -16.81 54.17 -29.33
N UNK D 4087 -16.47 52.97 -28.85
CA UNK D 4087 -15.39 52.88 -27.88
C UNK D 4087 -13.99 52.74 -28.47
N UNK D 4088 -13.11 52.08 -27.72
CA UNK D 4088 -11.69 52.07 -27.99
C UNK D 4088 -11.33 51.49 -29.34
N UNK D 4089 -12.03 50.43 -29.74
CA UNK D 4089 -11.57 49.65 -30.86
C UNK D 4089 -11.45 50.55 -32.06
N UNK D 4090 -12.45 51.41 -32.26
CA UNK D 4090 -12.36 52.40 -33.32
C UNK D 4090 -11.19 53.28 -32.97
N UNK D 4091 -11.09 53.59 -31.68
CA UNK D 4091 -9.99 54.39 -31.17
C UNK D 4091 -8.69 53.64 -31.35
N UNK D 4092 -8.76 52.33 -31.12
CA UNK D 4092 -7.56 51.54 -31.02
C UNK D 4092 -6.78 51.61 -32.31
N UNK D 4093 -7.48 51.52 -33.43
CA UNK D 4093 -6.79 51.56 -34.70
C UNK D 4093 -6.10 52.90 -34.79
N UNK D 4094 -6.81 53.95 -34.40
CA UNK D 4094 -6.25 55.29 -34.48
C UNK D 4094 -5.05 55.37 -33.56
N UNK D 4095 -5.18 54.78 -32.38
CA UNK D 4095 -4.13 54.79 -31.39
C UNK D 4095 -2.89 54.06 -31.87
N UNK D 4096 -3.08 52.95 -32.56
CA UNK D 4096 -1.96 52.08 -32.87
C UNK D 4096 -0.92 52.80 -33.69
N UNK D 4097 -1.38 53.58 -34.66
CA UNK D 4097 -0.46 54.29 -35.54
C UNK D 4097 0.20 53.32 -36.53
N UNK D 4098 -0.51 73.72 -34.70
CA UNK D 4098 -1.04 73.48 -33.37
C UNK D 4098 -0.16 72.48 -32.63
N UNK D 4099 0.18 71.41 -33.32
CA UNK D 4099 0.94 70.33 -32.71
C UNK D 4099 2.25 70.93 -32.28
N UNK D 4100 2.79 71.80 -33.12
CA UNK D 4100 4.06 72.42 -32.81
C UNK D 4100 3.91 73.22 -31.54
N UNK D 4101 2.80 73.93 -31.38
CA UNK D 4101 2.62 74.74 -30.18
C UNK D 4101 2.57 73.90 -28.92
N UNK D 4102 1.83 72.79 -28.99
CA UNK D 4102 1.69 71.94 -27.81
C UNK D 4102 3.07 71.41 -27.48
N UNK D 4103 3.81 71.05 -28.52
CA UNK D 4103 5.15 70.48 -28.40
C UNK D 4103 6.13 71.48 -27.79
N UNK D 4104 6.01 72.73 -28.20
CA UNK D 4104 6.85 73.79 -27.68
C UNK D 4104 6.56 73.92 -26.20
N UNK D 4105 5.28 73.84 -25.83
CA UNK D 4105 4.92 73.93 -24.42
C UNK D 4105 5.54 72.79 -23.62
N UNK D 4106 5.51 71.61 -24.22
CA UNK D 4106 6.09 70.44 -23.60
C UNK D 4106 7.60 70.61 -23.39
N UNK D 4107 8.27 71.20 -24.38
CA UNK D 4107 9.70 71.48 -24.28
C UNK D 4107 9.95 72.51 -23.18
N UNK D 4108 9.03 73.47 -23.11
CA UNK D 4108 9.04 74.57 -22.16
C UNK D 4108 8.79 74.08 -20.75
N UNK D 4109 8.35 72.84 -20.63
CA UNK D 4109 8.38 72.14 -19.35
C UNK D 4109 9.72 72.29 -18.60
N UNK D 4110 9.92 71.44 -17.60
CA UNK D 4110 10.86 71.68 -16.51
C UNK D 4110 12.30 71.85 -16.99
N UNK D 4111 12.69 71.02 -17.95
CA UNK D 4111 14.09 70.98 -18.36
C UNK D 4111 14.58 72.29 -18.97
N UNK D 4112 13.76 72.89 -19.82
CA UNK D 4112 14.21 74.05 -20.58
C UNK D 4112 14.54 75.18 -19.63
N UNK D 4113 13.74 75.33 -18.59
CA UNK D 4113 13.88 76.44 -17.67
C UNK D 4113 15.26 76.37 -17.04
N UNK D 4114 15.71 75.16 -16.76
CA UNK D 4114 17.01 74.97 -16.14
C UNK D 4114 17.99 75.58 -17.11
N UNK D 4115 17.71 75.39 -18.40
CA UNK D 4115 18.51 76.03 -19.43
C UNK D 4115 18.38 77.53 -19.28
N UNK D 4116 17.18 78.00 -18.98
CA UNK D 4116 16.92 79.43 -18.96
C UNK D 4116 17.73 80.23 -17.94
N UNK D 4117 17.85 79.72 -16.72
CA UNK D 4117 18.69 80.39 -15.75
C UNK D 4117 20.10 80.33 -16.29
N UNK D 4118 20.47 79.16 -16.79
CA UNK D 4118 21.73 79.01 -17.52
C UNK D 4118 21.67 79.80 -18.82
N UNK D 4119 20.54 79.72 -19.50
CA UNK D 4119 20.37 80.46 -20.74
C UNK D 4119 20.41 81.94 -20.45
N UNK D 4120 19.76 82.33 -19.35
CA UNK D 4120 19.65 83.73 -19.00
C UNK D 4120 21.04 84.27 -18.79
N UNK D 4121 21.87 83.47 -18.16
CA UNK D 4121 23.21 83.91 -17.84
C UNK D 4121 23.86 84.23 -19.16
N UNK D 4122 23.59 83.43 -20.18
CA UNK D 4122 24.09 83.74 -21.50
C UNK D 4122 23.45 85.06 -21.87
N UNK D 4123 22.17 85.20 -21.51
CA UNK D 4123 21.45 86.43 -21.79
C UNK D 4123 22.08 87.60 -21.03
N UNK D 4124 22.47 87.33 -19.80
CA UNK D 4124 22.96 88.37 -18.90
C UNK D 4124 24.23 89.02 -19.45
N UNK D 4125 25.09 88.24 -20.08
CA UNK D 4125 26.37 88.75 -20.52
C UNK D 4125 26.05 89.89 -21.46
N UNK D 4126 24.98 89.72 -22.23
CA UNK D 4126 24.44 90.80 -23.04
C UNK D 4126 24.45 92.11 -22.27
N UNK D 4127 26.16 96.65 -17.63
CA UNK D 4127 24.88 96.12 -18.09
C UNK D 4127 25.02 94.66 -18.49
N UNK D 4128 25.38 94.43 -19.74
CA UNK D 4128 25.52 93.08 -20.25
C UNK D 4128 26.60 92.36 -19.46
N UNK D 4129 27.68 93.08 -19.15
CA UNK D 4129 28.84 92.47 -18.51
C UNK D 4129 28.58 91.89 -17.11
N UNK D 4130 27.81 92.59 -16.29
CA UNK D 4130 27.64 92.20 -14.89
C UNK D 4130 26.99 90.83 -14.68
N UNK D 4131 25.97 90.53 -15.46
CA UNK D 4131 25.16 89.34 -15.26
C UNK D 4131 25.91 88.01 -15.42
N UNK D 4132 26.83 87.95 -16.39
CA UNK D 4132 27.36 86.70 -16.90
C UNK D 4132 28.05 85.84 -15.85
N UNK D 4133 28.76 86.47 -14.93
CA UNK D 4133 29.52 85.72 -13.93
C UNK D 4133 28.59 84.86 -13.10
N UNK D 4134 27.41 85.38 -12.79
CA UNK D 4134 26.47 84.66 -11.94
C UNK D 4134 26.02 83.32 -12.54
N UNK D 4135 25.83 83.28 -13.85
CA UNK D 4135 25.25 82.12 -14.49
C UNK D 4135 26.14 80.91 -14.20
N UNK D 4136 27.45 81.11 -14.28
CA UNK D 4136 28.39 80.06 -13.90
C UNK D 4136 28.15 79.78 -12.43
N UNK D 4137 27.90 80.84 -11.68
CA UNK D 4137 27.68 80.71 -10.25
C UNK D 4137 26.49 79.80 -10.09
N UNK D 4138 25.52 79.98 -10.96
CA UNK D 4138 24.33 79.14 -10.95
C UNK D 4138 24.75 77.70 -11.20
N UNK D 4139 25.74 77.55 -12.08
CA UNK D 4139 26.12 76.25 -12.61
C UNK D 4139 26.63 75.26 -11.57
N UNK D 4140 27.34 75.74 -10.57
CA UNK D 4140 28.19 74.88 -9.78
C UNK D 4140 27.41 73.75 -9.15
N UNK D 4141 26.21 74.02 -8.67
CA UNK D 4141 25.40 72.98 -8.03
C UNK D 4141 25.10 71.85 -9.00
N UNK D 4142 24.83 72.20 -10.26
CA UNK D 4142 24.59 71.20 -11.29
C UNK D 4142 25.60 70.05 -11.21
N UNK D 4143 27.34 67.97 -9.71
CA UNK D 4143 27.47 66.51 -9.70
C UNK D 4143 27.23 65.96 -8.30
N UNK D 4144 28.30 65.64 -7.59
CA UNK D 4144 28.19 65.16 -6.23
C UNK D 4144 27.55 66.26 -5.42
N UNK D 4145 27.97 67.49 -5.72
CA UNK D 4145 27.42 68.67 -5.09
C UNK D 4145 25.94 68.80 -5.40
N UNK D 4146 25.56 68.50 -6.64
CA UNK D 4146 24.16 68.57 -7.03
C UNK D 4146 23.37 67.59 -6.19
N UNK D 4147 23.95 66.41 -6.00
CA UNK D 4147 23.33 65.36 -5.23
C UNK D 4147 23.15 65.82 -3.80
N UNK D 4148 24.17 66.48 -3.27
CA UNK D 4148 24.13 66.97 -1.91
C UNK D 4148 23.01 67.99 -1.77
N UNK D 4149 22.87 68.85 -2.78
CA UNK D 4149 21.83 69.86 -2.78
C UNK D 4149 20.44 69.23 -2.80
N UNK D 4150 20.30 68.20 -3.60
CA UNK D 4150 19.03 67.50 -3.70
C UNK D 4150 18.72 66.88 -2.35
N UNK D 4151 19.76 66.37 -1.71
CA UNK D 4151 19.67 65.75 -0.40
C UNK D 4151 19.21 66.75 0.63
N UNK D 4152 19.74 67.96 0.54
CA UNK D 4152 19.37 69.04 1.43
C UNK D 4152 17.91 69.36 1.23
N UNK D 4153 17.48 69.38 -0.02
CA UNK D 4153 16.11 69.69 -0.34
C UNK D 4153 15.23 68.62 0.30
N UNK D 4154 15.67 67.38 0.20
CA UNK D 4154 14.94 66.26 0.76
C UNK D 4154 14.85 66.36 2.27
N UNK D 4155 15.94 66.82 2.87
CA UNK D 4155 16.15 66.80 4.31
C UNK D 4155 15.09 67.60 5.05
N UNK D 4156 14.69 68.72 4.48
CA UNK D 4156 13.69 69.58 5.13
C UNK D 4156 12.40 68.79 5.31
N UNK D 4157 12.05 67.99 4.29
CA UNK D 4157 10.99 67.00 4.43
C UNK D 4157 11.42 65.60 4.02
N UNK D 4158 10.75 72.29 4.03
CA UNK D 4158 9.58 72.77 3.29
C UNK D 4158 8.44 73.07 4.23
N UNK D 4159 7.29 72.43 4.05
CA UNK D 4159 6.17 72.68 4.94
C UNK D 4159 6.55 72.30 6.37
N UNK D 4160 7.18 71.15 6.55
CA UNK D 4160 7.67 70.78 7.88
C UNK D 4160 8.75 71.74 8.34
N UNK D 4161 9.65 72.09 7.43
CA UNK D 4161 10.55 73.21 7.67
C UNK D 4161 9.65 74.41 7.94
N UNK D 4162 8.99 74.89 6.89
CA UNK D 4162 7.95 75.90 7.03
C UNK D 4162 7.59 76.01 8.50
N UNK D 4163 7.53 74.87 9.16
CA UNK D 4163 7.21 74.81 10.58
C UNK D 4163 8.27 75.54 11.41
N UNK D 4164 9.53 75.34 11.06
CA UNK D 4164 10.63 76.03 11.76
C UNK D 4164 10.52 77.55 11.57
N UNK D 4165 10.15 77.94 10.36
CA UNK D 4165 9.98 79.36 10.06
C UNK D 4165 8.86 79.96 10.90
N UNK D 4166 7.76 79.22 11.03
CA UNK D 4166 6.64 79.68 11.85
C UNK D 4166 7.10 79.80 13.30
N UNK D 4167 7.92 78.84 13.70
CA UNK D 4167 8.41 78.72 15.05
C UNK D 4167 9.20 79.97 15.39
N UNK D 4168 9.95 80.47 14.42
CA UNK D 4168 10.59 81.77 14.59
C UNK D 4168 9.62 82.78 15.23
N UNK D 4169 8.83 83.43 14.38
CA UNK D 4169 7.78 84.35 14.77
C UNK D 4169 7.64 84.46 16.29
N UNK D 4170 7.71 83.34 17.01
CA UNK D 4170 7.66 83.44 18.47
C UNK D 4170 8.87 84.22 19.01
N UNK D 4171 10.03 83.92 18.43
CA UNK D 4171 11.26 84.59 18.85
C UNK D 4171 11.13 86.08 18.60
N UNK D 4172 10.49 86.40 17.48
CA UNK D 4172 10.22 87.76 17.02
C UNK D 4172 9.29 88.52 17.94
N UNK D 4173 8.28 87.84 18.47
CA UNK D 4173 7.41 88.49 19.43
C UNK D 4173 8.30 88.86 20.60
N UNK D 4174 9.17 87.94 21.00
CA UNK D 4174 10.07 88.28 22.11
C UNK D 4174 10.98 89.48 21.81
N UNK D 4175 11.52 89.51 20.59
CA UNK D 4175 12.41 90.59 20.16
C UNK D 4175 11.68 91.93 20.11
N UNK D 4176 10.43 91.89 19.67
CA UNK D 4176 9.57 93.06 19.58
C UNK D 4176 9.31 93.59 20.96
N UNK D 4177 9.12 92.68 21.91
CA UNK D 4177 8.93 93.05 23.30
C UNK D 4177 10.18 93.76 23.80
N UNK D 4178 11.34 93.23 23.42
CA UNK D 4178 12.60 93.85 23.81
C UNK D 4178 12.71 95.26 23.24
N UNK D 4179 12.28 95.42 21.99
CA UNK D 4179 12.30 96.72 21.34
C UNK D 4179 11.39 97.71 22.06
N UNK D 4180 10.22 97.23 22.47
CA UNK D 4180 9.27 98.07 23.18
C UNK D 4180 9.87 98.51 24.51
N UNK D 4181 10.56 97.59 25.18
CA UNK D 4181 11.20 97.92 26.45
C UNK D 4181 12.26 98.99 26.24
N UNK D 4182 13.01 98.86 25.14
CA UNK D 4182 14.02 99.86 24.81
C UNK D 4182 13.40 101.23 24.56
N UNK D 4183 12.26 101.23 23.87
CA UNK D 4183 11.56 102.46 23.56
C UNK D 4183 10.30 102.19 22.75
N UNK D 4184 5.19 101.83 15.21
CA UNK D 4184 4.45 100.59 14.97
C UNK D 4184 5.23 99.67 14.05
N UNK D 4185 4.94 99.73 12.75
CA UNK D 4185 5.54 98.82 11.79
C UNK D 4185 7.06 98.98 11.79
N UNK D 4186 7.51 100.22 11.87
CA UNK D 4186 8.94 100.48 11.87
C UNK D 4186 9.59 99.85 13.10
N UNK D 4187 8.91 100.00 14.23
CA UNK D 4187 9.45 99.46 15.46
C UNK D 4187 9.55 97.95 15.32
N UNK D 4188 8.54 97.35 14.73
CA UNK D 4188 8.53 95.91 14.59
C UNK D 4188 9.67 95.47 13.71
N UNK D 4189 9.90 96.21 12.63
CA UNK D 4189 10.97 95.84 11.71
C UNK D 4189 12.31 95.91 12.41
N UNK D 4190 12.49 96.96 13.20
CA UNK D 4190 13.75 97.14 13.91
C UNK D 4190 13.94 95.99 14.86
N UNK D 4191 12.87 95.62 15.55
CA UNK D 4191 12.93 94.58 16.53
C UNK D 4191 13.33 93.30 15.82
N UNK D 4192 12.74 93.06 14.67
CA UNK D 4192 13.01 91.84 13.93
C UNK D 4192 14.47 91.77 13.52
N UNK D 4193 15.00 92.89 13.03
CA UNK D 4193 16.37 92.88 12.58
C UNK D 4193 17.27 92.58 13.78
N UNK D 4194 16.96 93.23 14.89
CA UNK D 4194 17.80 93.09 16.07
C UNK D 4194 17.78 91.64 16.53
N UNK D 4195 16.60 91.04 16.46
CA UNK D 4195 16.39 89.66 16.87
C UNK D 4195 17.16 88.68 16.01
N UNK D 4196 17.22 88.97 14.71
CA UNK D 4196 17.88 88.09 13.76
C UNK D 4196 19.32 87.96 14.22
N UNK D 4197 19.88 89.06 14.69
CA UNK D 4197 21.16 89.02 15.38
C UNK D 4197 20.94 88.18 16.63
N UNK D 4198 21.93 87.38 16.98
CA UNK D 4198 21.81 86.42 18.08
C UNK D 4198 21.58 87.08 19.43
N UNK D 4199 22.24 88.22 19.65
CA UNK D 4199 22.31 88.85 20.96
C UNK D 4199 20.99 89.30 21.60
N UNK D 4200 20.08 89.88 20.81
CA UNK D 4200 18.92 90.51 21.42
C UNK D 4200 19.15 90.98 22.85
N UNK D 4201 18.14 91.61 23.44
CA UNK D 4201 18.21 92.04 24.83
C UNK D 4201 18.96 93.36 25.03
N UNK D 4202 19.30 94.02 23.94
CA UNK D 4202 20.08 95.25 24.01
C UNK D 4202 19.38 96.42 24.73
N UNK D 4203 18.08 96.58 24.49
CA UNK D 4203 17.37 97.82 24.78
C UNK D 4203 17.28 98.31 26.24
N UNK D 4204 17.00 97.41 27.18
CA UNK D 4204 16.66 97.84 28.54
C UNK D 4204 17.72 97.48 29.58
N UNK D 4205 18.06 98.45 30.42
CA UNK D 4205 19.19 98.31 31.35
C UNK D 4205 19.01 97.18 32.36
N UNK D 4206 17.83 97.04 32.94
CA UNK D 4206 16.74 98.00 32.85
C UNK D 4206 16.13 98.11 34.25
N UNK D 4207 15.45 99.22 34.54
CA UNK D 4207 14.84 99.42 35.86
C UNK D 4207 13.31 99.52 35.85
N UNK D 4208 17.35 90.20 38.97
CA UNK D 4208 17.40 91.41 38.17
C UNK D 4208 17.90 91.16 36.72
N UNK D 4209 19.20 91.01 36.53
CA UNK D 4209 20.09 90.11 37.21
C UNK D 4209 19.68 88.68 36.83
N UNK D 4210 19.27 87.88 37.80
CA UNK D 4210 18.90 86.52 37.51
C UNK D 4210 17.77 86.52 36.48
N UNK D 4211 16.83 87.45 36.62
CA UNK D 4211 15.69 87.53 35.68
C UNK D 4211 16.12 87.84 34.24
N UNK D 4212 17.05 88.77 34.09
CA UNK D 4212 17.57 89.06 32.76
C UNK D 4212 18.26 87.82 32.21
N UNK D 4213 18.99 87.12 33.06
CA UNK D 4213 19.69 85.92 32.65
C UNK D 4213 18.70 84.89 32.15
N UNK D 4214 17.58 84.77 32.86
CA UNK D 4214 16.49 83.86 32.52
C UNK D 4214 15.84 84.18 31.18
N UNK D 4215 15.65 85.47 30.91
CA UNK D 4215 15.11 85.87 29.61
C UNK D 4215 16.09 85.45 28.53
N UNK D 4216 17.38 85.63 28.82
CA UNK D 4216 18.42 85.27 27.88
C UNK D 4216 18.32 83.79 27.62
N UNK D 4217 18.08 83.03 28.68
CA UNK D 4217 17.94 81.58 28.61
C UNK D 4217 16.76 81.14 27.76
N UNK D 4218 15.63 81.83 27.87
CA UNK D 4218 14.48 81.52 27.01
C UNK D 4218 14.81 81.77 25.54
N UNK D 4219 15.52 82.87 25.29
CA UNK D 4219 15.91 83.18 23.92
C UNK D 4219 16.80 82.06 23.41
N UNK D 4220 17.68 81.59 24.30
CA UNK D 4220 18.62 80.54 24.01
C UNK D 4220 17.91 79.24 23.67
N UNK D 4221 16.85 78.93 24.41
CA UNK D 4221 16.06 77.74 24.14
C UNK D 4221 15.45 77.82 22.75
N UNK D 4222 14.93 79.01 22.40
CA UNK D 4222 14.37 79.16 21.06
C UNK D 4222 15.43 78.93 20.00
N UNK D 4223 16.63 79.44 20.27
CA UNK D 4223 17.76 79.28 19.36
C UNK D 4223 18.17 77.81 19.21
N UNK D 4224 18.15 77.09 20.32
CA UNK D 4224 18.53 75.70 20.35
C UNK D 4224 17.54 75.02 19.44
N UNK D 4225 16.29 75.45 19.55
CA UNK D 4225 15.23 74.87 18.74
C UNK D 4225 15.45 75.08 17.23
N UNK D 4226 15.83 76.28 16.83
CA UNK D 4226 16.13 76.50 15.41
C UNK D 4226 17.30 75.63 14.92
N UNK D 4227 18.33 75.54 15.77
CA UNK D 4227 19.51 74.76 15.39
C UNK D 4227 19.08 73.31 15.21
N UNK D 4228 18.21 72.87 16.10
CA UNK D 4228 17.67 71.52 16.09
C UNK D 4228 16.87 71.23 14.83
N UNK D 4229 16.09 72.20 14.36
CA UNK D 4229 15.37 72.04 13.11
C UNK D 4229 16.33 71.85 11.95
N UNK D 4230 17.40 72.63 11.94
CA UNK D 4230 18.40 72.45 10.88
C UNK D 4230 19.02 71.05 10.95
N UNK D 4231 19.30 70.62 12.17
CA UNK D 4231 19.92 69.32 12.40
C UNK D 4231 18.98 68.24 11.89
N UNK D 4232 17.70 68.43 12.15
CA UNK D 4232 16.66 67.51 11.75
C UNK D 4232 16.56 67.38 10.24
N UNK D 4233 16.67 68.49 9.52
CA UNK D 4233 16.69 68.41 8.06
C UNK D 4233 17.92 67.63 7.55
N UNK D 4234 19.07 67.87 8.19
CA UNK D 4234 20.27 67.14 7.79
C UNK D 4234 20.05 65.65 8.04
N UNK D 4235 19.40 65.37 9.16
CA UNK D 4235 19.10 64.03 9.60
C UNK D 4235 18.19 63.36 8.61
N UNK D 4236 17.22 64.09 8.09
CA UNK D 4236 16.30 63.58 7.10
C UNK D 4236 17.06 63.18 5.86
N UNK D 4237 17.99 64.02 5.44
CA UNK D 4237 18.76 63.65 4.25
C UNK D 4237 19.54 62.36 4.52
N UNK D 4238 20.13 62.28 5.72
CA UNK D 4238 20.92 61.11 6.09
C UNK D 4238 20.07 59.84 6.12
N UNK D 4239 18.87 59.99 6.64
CA UNK D 4239 17.92 58.90 6.77
C UNK D 4239 17.52 58.41 5.40
N UNK D 4240 17.35 59.33 4.47
CA UNK D 4240 17.01 58.99 3.11
C UNK D 4240 18.12 58.17 2.51
N UNK D 4241 19.36 58.58 2.78
CA UNK D 4241 20.49 57.83 2.27
C UNK D 4241 20.48 56.43 2.85
N UNK D 4242 20.16 56.34 4.14
CA UNK D 4242 20.13 55.07 4.83
C UNK D 4242 19.07 54.16 4.23
N UNK D 4243 17.94 54.75 3.87
CA UNK D 4243 16.84 54.03 3.24
C UNK D 4243 17.23 53.49 1.88
N UNK D 4244 17.97 54.31 1.13
CA UNK D 4244 18.43 53.87 -0.16
C UNK D 4244 19.34 52.68 0.06
N UNK D 4245 20.17 52.77 1.10
CA UNK D 4245 21.10 51.70 1.40
C UNK D 4245 20.31 50.44 1.72
N UNK D 4246 19.25 50.62 2.48
CA UNK D 4246 18.27 49.58 2.74
C UNK D 4246 17.85 49.06 1.39
N UNK D 4247 17.43 49.97 0.53
CA UNK D 4247 17.17 49.55 -0.83
C UNK D 4247 18.19 48.53 -1.29
N UNK D 4248 19.47 48.75 -0.97
CA UNK D 4248 20.49 47.77 -1.33
C UNK D 4248 20.25 46.43 -0.65
N UNK D 4249 19.88 46.52 0.63
CA UNK D 4249 19.63 45.32 1.42
C UNK D 4249 18.46 44.56 0.81
N UNK D 4250 17.50 45.33 0.35
CA UNK D 4250 16.28 44.85 -0.29
C UNK D 4250 16.59 44.14 -1.59
N UNK D 4251 17.55 44.68 -2.32
CA UNK D 4251 17.99 44.09 -3.55
C UNK D 4251 18.51 42.74 -3.17
N UNK D 4252 19.28 42.71 -2.09
CA UNK D 4252 19.84 41.45 -1.66
C UNK D 4252 18.73 40.45 -1.34
N UNK D 4253 17.69 40.90 -0.67
CA UNK D 4253 16.55 40.04 -0.35
C UNK D 4253 15.78 39.50 -1.54
N UNK D 4254 15.55 40.37 -2.54
CA UNK D 4254 14.61 40.11 -3.62
C UNK D 4254 14.55 38.67 -4.10
N UNK D 4255 21.17 32.77 -5.80
CA UNK D 4255 21.75 34.03 -6.26
C UNK D 4255 22.03 34.07 -7.75
N UNK D 4256 23.09 33.38 -8.15
CA UNK D 4256 23.83 33.70 -9.36
C UNK D 4256 22.98 33.69 -10.61
N UNK D 4257 22.04 32.77 -10.72
CA UNK D 4257 21.12 32.78 -11.86
C UNK D 4257 20.29 34.07 -11.79
N UNK D 4258 19.96 34.45 -10.56
CA UNK D 4258 19.24 35.69 -10.31
C UNK D 4258 20.09 36.88 -10.74
N UNK D 4259 21.40 36.77 -10.50
CA UNK D 4259 22.41 37.75 -10.95
C UNK D 4259 22.46 37.86 -12.47
N UNK D 4260 22.04 36.81 -13.17
CA UNK D 4260 21.58 36.94 -14.56
C UNK D 4260 20.23 37.70 -14.79
N UNK D 4261 19.25 37.38 -13.94
CA UNK D 4261 17.85 37.55 -14.31
C UNK D 4261 17.28 38.95 -14.59
N UNK D 4262 17.51 39.91 -13.71
CA UNK D 4262 16.83 41.18 -13.88
C UNK D 4262 17.31 41.81 -15.15
N UNK D 4263 18.62 41.83 -15.31
CA UNK D 4263 19.17 42.51 -16.45
C UNK D 4263 18.68 41.79 -17.67
N UNK D 4264 18.75 40.47 -17.62
CA UNK D 4264 18.49 39.75 -18.86
C UNK D 4264 17.08 40.06 -19.33
N UNK D 4265 16.13 40.04 -18.40
CA UNK D 4265 14.74 39.94 -18.85
C UNK D 4265 14.12 41.08 -19.66
N UNK D 4266 14.30 42.32 -19.24
CA UNK D 4266 13.48 43.41 -19.75
C UNK D 4266 13.89 43.77 -21.15
N UNK D 4267 15.21 43.93 -21.31
CA UNK D 4267 15.67 44.57 -22.52
C UNK D 4267 15.27 43.66 -23.63
N UNK D 4268 15.58 42.41 -23.38
CA UNK D 4268 15.59 41.46 -24.43
C UNK D 4268 14.20 41.36 -24.88
N UNK D 4269 13.27 41.16 -23.98
CA UNK D 4269 11.91 40.89 -24.44
C UNK D 4269 11.25 42.08 -25.15
N UNK D 4270 11.45 43.31 -24.67
CA UNK D 4270 10.86 44.45 -25.43
C UNK D 4270 11.46 44.63 -26.86
N UNK D 4271 12.78 44.49 -26.92
CA UNK D 4271 13.48 44.53 -28.19
C UNK D 4271 13.03 43.37 -29.06
N UNK D 4272 12.79 42.21 -28.46
CA UNK D 4272 12.45 41.05 -29.24
C UNK D 4272 11.16 41.40 -29.91
N UNK D 4273 10.26 42.00 -29.13
CA UNK D 4273 8.99 42.32 -29.73
C UNK D 4273 9.18 43.29 -30.90
N UNK D 4274 9.93 44.37 -30.71
CA UNK D 4274 10.02 45.36 -31.78
C UNK D 4274 10.63 44.70 -32.98
N UNK D 4275 11.61 43.86 -32.72
CA UNK D 4275 12.44 43.21 -33.71
C UNK D 4275 11.69 42.27 -34.63
N UNK D 4276 10.74 41.51 -34.06
CA UNK D 4276 9.80 40.65 -34.79
C UNK D 4276 10.17 39.17 -34.85
N UNK D 4277 4.58 30.76 -27.02
CA UNK D 4277 5.65 31.20 -27.88
C UNK D 4277 5.38 32.61 -28.36
N UNK D 4278 5.81 32.93 -29.56
CA UNK D 4278 5.73 34.28 -30.04
C UNK D 4278 4.28 34.67 -30.02
N UNK D 4279 3.38 33.72 -30.20
CA UNK D 4279 1.97 34.04 -30.13
C UNK D 4279 1.68 34.57 -28.75
N UNK D 4280 2.28 33.91 -27.76
CA UNK D 4280 2.03 34.32 -26.39
C UNK D 4280 2.54 35.73 -26.22
N UNK D 4281 3.73 36.00 -26.73
CA UNK D 4281 4.29 37.31 -26.51
C UNK D 4281 3.36 38.34 -27.12
N UNK D 4282 2.87 38.08 -28.32
CA UNK D 4282 2.09 39.10 -29.00
C UNK D 4282 0.84 39.38 -28.21
N UNK D 4283 0.18 38.31 -27.78
CA UNK D 4283 -1.08 38.54 -27.12
C UNK D 4283 -0.80 39.34 -25.87
N UNK D 4284 0.23 38.94 -25.15
CA UNK D 4284 0.49 39.58 -23.88
C UNK D 4284 0.84 41.05 -24.04
N UNK D 4285 1.65 41.36 -25.04
CA UNK D 4285 2.08 42.74 -25.20
C UNK D 4285 0.89 43.57 -25.56
N UNK D 4286 0.04 43.02 -26.41
CA UNK D 4286 -1.11 43.77 -26.83
C UNK D 4286 -2.00 44.02 -25.64
N UNK D 4287 -2.13 43.02 -24.78
CA UNK D 4287 -2.97 43.14 -23.60
C UNK D 4287 -2.44 44.24 -22.70
N UNK D 4288 -1.11 44.30 -22.60
CA UNK D 4288 -0.37 45.33 -21.87
C UNK D 4288 -1.13 46.62 -21.64
#